data_7QIZ
#
_entry.id   7QIZ
#
_cell.length_a   1.00
_cell.length_b   1.00
_cell.length_c   1.00
_cell.angle_alpha   90.00
_cell.angle_beta   90.00
_cell.angle_gamma   90.00
#
_symmetry.space_group_name_H-M   'P 1'
#
loop_
_entity.id
_entity.type
_entity.pdbx_description
1 polymer '60S ribosomal protein L8'
2 polymer 'Ribos_L4_asso_C domain-containing protein'
3 polymer 'Ribosomal protein L3'
4 polymer 'Ribosomal_L18_c domain-containing protein'
5 polymer 'Ribosomal_L6e_N domain-containing protein'
6 polymer 'Thaliana 60S ribosomal protein L7'
7 polymer 'Ribosomal_L7Ae domain-containing protein'
8 polymer '60S ribosomal protein uL6'
9 polymer '60S ribosomal protein L10'
10 polymer '60S ribosomal protein uL5'
11 polymer '60S ribosomal protein L13'
12 polymer 'Ribosomal_L14e domain-containing protein'
13 polymer 'Ribosomal protein L15'
14 polymer Pectinesterase
15 polymer '50S ribosomal protein L22, chloroplastic'
16 polymer 'Ribosomal_L18e/L15P domain-containing protein'
17 polymer 'Ribosomal protein L19'
18 polymer '60S ribosomal protein L18a'
19 polymer '60S ribosomal protein eL21'
20 polymer '60S ribosomal protein eL22'
21 polymer '60S ribosomal protein uL14'
22 polymer 'TRASH domain-containing protein'
23 polymer 'Ribosomal_L23eN domain-containing protein'
24 polymer 'KOW domain-containing protein'
25 polymer '60S ribosomal protein L27'
26 polymer 'Ribosomal_L18e/L15P domain-containing protein'
27 polymer '60S ribosomal protein L29'
28 polymer '60S ribosomal protein eL30'
29 polymer '60S ribosomal protein eL31'
30 polymer '60S ribosomal protein eL32'
31 polymer '60S ribosomal protein eL33'
32 polymer '60S ribosomal protein eL34'
33 polymer 'Similar to 60S ribosomal protein L35'
34 polymer '60S ribosomal protein L36'
35 polymer 'Ribosomal protein L37'
36 polymer '60S ribosomal protein L38'
37 polymer '60S ribosomal protein eL39'
38 polymer Ubiquitin
39 polymer '60S ribosomal protein eL42'
40 polymer '60S ribosomal protein eL43'
41 polymer 'Ribosomal_L28e domain-containing protein'
42 polymer tRNA
43 polymer '25S rRNA'
44 polymer '5S rRNA'
45 polymer '5.8S rRNA'
46 polymer 18S
47 polymer 'KH type-2 domain-containing protein'
48 polymer 'Ribosomal_S7 domain-containing protein'
49 polymer 'S10_plectin domain-containing protein'
50 polymer '40S ribosomal protein uS19'
51 polymer '40S ribosomal protein uS9'
52 polymer '40S ribosomal protein uS13'
53 polymer '40S ribosomal protein eS19'
54 polymer 'Ribosomal_S10 domain-containing protein'
55 polymer '40S ribosomal protein eS28'
56 polymer '40S ribosomal protein uS14'
57 polymer 'Mitogen-activated protein kinase'
58 polymer '40S ribosomal protein S25'
59 polymer tRNA_1
60 polymer mRNA
61 polymer '60S ribosomal protein L41'
62 polymer '40S ribosomal protein SA'
63 polymer '40S ribosomal protein S3a'
64 polymer '40S ribosomal protein S4'
65 polymer '40S ribosomal protein S7'
66 polymer '40S ribosomal protein S8'
67 polymer 'Ribosomal_S17_N domain-containing protein'
68 polymer '40S ribosomal protein S17'
69 polymer '40S ribosomal protein S21'
70 polymer '40S body ribosomal protein uS12'
71 polymer '40S ribosomal protein S26'
72 polymer 'S5 DRBM domain-containing protein'
73 polymer '40S ribosomal protein S6'
74 polymer '40S body ribosomal protein uS4'
75 polymer '30S ribosomal protein S15, chloroplastic'
76 polymer 'Ribosomal protein S14'
77 polymer '40S ribosomal protein S24'
78 polymer '40S ribosomal protein S27'
79 polymer '40S ribosomal protein S30'
80 polymer '40S ribosomal protein S15a-1'
81 non-polymer 'POTASSIUM ION'
82 non-polymer 'MAGNESIUM ION'
83 non-polymer 'ZINC ION'
84 non-polymer SPERMINE
85 non-polymer SPERMIDINE
86 non-polymer 1,4-DIAMINOBUTANE
87 non-polymer beta-D-glucopyranose
88 water water
#
loop_
_entity_poly.entity_id
_entity_poly.type
_entity_poly.pdbx_seq_one_letter_code
_entity_poly.pdbx_strand_id
1 'polypeptide(L)'
;MGRVIRAQRKGAGSVFKSHTHHRKGPARFRTLDFGERNGYLKGVITEVIHDPGRGAPLARVTFRHPFRYKHQKELFVAAE
GMYTGQFVYCGKKATLMVGNVLPLRSIPEGAVVCNVEHKVGDRGVFARCSGDYAIVISHNPDNGTTRVKLPSGAKKIVPS
GCRAMIGQVAGGGRTEKPMLKAGNAYHKYRVKRNCWPKVRGVAMNPVEHPHGGGNHQHIGHASTVRRDAPPGQKVGLIAA
RRTGRLRGQARATAAKADKA
;
D
2 'polypeptide(L)'
;MATAAAIPTTTVQSLENDMATDSAAVPLPAVMKAPIRPDVVTYVHSNISKNARQPYAVSRKAGHQTSAESWGTGRAVSRI
PRVPGGGTHRAGQGAFGNMCRGGRMFAPTQTWRRWHRKIPVNQKRYAVASAIAASSVPSLVLARGHRIESVPELPLVVSD
SVEGIEKTSNAIKALKQIGAYPDAEKAKDSHAIRPGKGKMRNRRYISRKGPLIVYGTEGAKLVKAFRNIPGVEICHVDRL
NLLKLAPGGHLGRFIIWTKCAYEKLDAIYGTFDKPSQEKKGYLLPRPKMVNADLARIINSDEVQSVVRPIKKDVNKRATL
KKNPLKNLNVLLKLNPYAKTARRMSLLAEAQRVKAKKEKLDKKRHAITKEEASAIKGASHSWYKTMISDSDYAEFDNFTK
WLGVSQ
;
F
3 'polypeptide(L)'
;MSHRKFEHPRHGSLGFLPRKRAARHRGKVKAFPKDDPSKPCKLTAFLGYKAGMTHIVREVEKPGSKLHKKETCEAVTIVE
TPPMVIVGVVGYVKTPRGLRCLNTVWAQHLSEDIKRRFYKNWCKSKKKAFLKYSKKYETDEGKKDIQAQLEKLKKYACVI
RVLAHTQIRKMKGLKQKKAHLMEIQVNGGSIAQKVDFAYGFFEKQVPVDAVFQKDEMIDIIGVTKGKGYEGVVTRWGVTR
LPRKT(HIC)RGLRKVACIGAWHPARVSFTVARAGQNGYHHRTEMNKKVYKLGKVGQESHTALTEFDRTEKDITPIGGFP
HYGVVKEDYLLIKGCCVGTKKRVVTLRQSLLNQTSRVALEEIKLKFIDTSSKFGHGRFQTTQEKQKFYGRLKA
;
E
4 'polypeptide(L)'
;MAFIKVQKTRAYFKRFQVKFKRRREGKTDYRARNRLINQDKNKYNTPKYRFVVRFTNKDIIAQIVSASIAGDMILASAYA
NELPHYGLEVGLTNYAAAYCTGLLLARRVLKKLEMDEEYEGNLEVNGEDYSVEPAESRRPFRALLDVGLLRTTTGNRVFG
ALKGALDGGLDIPHSEKRFAGFSKDSKQLDADVHRKYIYGGHVATYMQTLIEDEPEKYQTHFSQYIKKGFEADGLEEMYK
KVHAAIRADPSPKKSEKQPPKQHKRYNLKKLTYEERKAKLIERLNALNSAAGNDDDDEDDE
;
G
5 'polypeptide(L)'
;MAAKKTIRNPELIRGVGKFSRSKMYHKKGLWAIKKKNGGKLPLHEKKPAVAVAAVKPPKFYPADDVKKPLVNKHKPKPTK
LRASITPGTVLIILAGRFKGKRVVFLKQLTSGLLLVTGPFKLNGVPLRRVNQAYVIGTSTKVDVSGVNVEKIDDKYFAKQ
VEKKQKKGEGEFFEDKKEEKNVLPQEKKDEQKTVDSALLKAIEGIPELKAYLSARFSLKSGMKPHELVF
;
H
6 'polypeptide(L)'
;MGEGGVVVPESVLKKQKRNEEWALVKKQELAVAKKKSVENRKLIYNRAKQYAKEYSEQEKELIRLKREARLKGGFYVDPE
AKLLFIIRIRGINAMPPQTKKILQLLRLRQIFNGVFLKVNKATVNMLHRVEPYVTYGYPNLKSIKELIYKRGYGKVDKQR
IALTDNAVVEQVLGKHGIICIEDLVHEIITVGPHFKEANNFLWPFQLKAPLGGLKKKRNHYVEGGDAGNRENFINELIRR
MN
;
I
7 'polypeptide(L)'
;MAPKKGVAVSAKKKPEKAKVLNPLFEKRPKQFGIGGALPPKKDVTRNVRWPRNVTLQRKKRILKMRLKVPPALNQFTKTL
DKNLATTLFKMLLKYRPEDKAAKKERLVKRAQAEAEGKTPETKKPIIVKYGLKHITYLIEQNKAQLVVIAHDVDPIELVV
WLPALCRKMEIPYCIVKGKARLGSIVHKKTASALCLTTVKNEDKMEFSRVLEAIKANFNDKYEENRKKWGGGIMGSKSQA
RTKAKERVLAKEAAQRLN
;
J
8 'polypeptide(L)'
;MKTILSSETMDIPDGITIKVKAKQIEVEGPRGKLTRNFKHLNLDFQLIKDEETGKKKLKIDAWFGSRKTTAAIRTALSHV
ENLITGVTKGYRYKMRFVYAHFPINASISGGNKSIEIRNFLGEKKVRKVDMLDGVTVVRSEKVKDELVLDGNDIELVSRS
AALINQKCHVKNKDIRKFLDGIYVSEKGRIAEEE
;
K
9 'polypeptide(L)'
;MGRRPARCYRQIKNKPYPKSRFCRGVPDPKIRIYDVGMKKKGVDEFPFCVHLVSWEKENVSSEALEAARIACNKYMTKSA
GKDAFHLRVRVHPFHVLRINKMLSCAGADRLQTGMRGAFGKPQGVCARVAIGQVLLSVRCKDGNANHAQEALRRAKFKFP
GRQKIIVSRKWGFTKFSRTDYLKYKSENRIVPDGVNAKLLGCHGRLAARQPGRAFLEAAN
;
L
10 'polypeptide(L)'
;MASEKKLSNPMRDIKVQKLVLNISVGESGDRLTRAAKVLEQLSGQSPVFSKARYTVRSFGIRRNEKIACYVTVRGEKAMQ
LLESGLKVKEYELLRRNFSETGCFGFGIQEHIDLGIKYDPSTGIYGMDFYVVLERPGYRVARRRRCKSRVGIQHRVTKED
SMKWFQVKYEGVILNKSSNIQ
;
M
11 'polypeptide(L)'
;MKHNNVIPNGHFKKHWQNYVRTWFNQPARKTRRRAARQKKAATIFPRPTAGSLRPIVHGQTLKYNMKVRAGRGFSLEELK
AAGIPKKLAPTIGIAVDHRRRNRSLEGLQTNVQRLKTYKAKLVIFPRRAKKVKAGDSSAEELANATQVQGPYLPIVRDQP
AIELVKITDEMKSFKAYGKLRIERTNARHFGARLKRAAEAEKEEKK
;
N
12 'polypeptide(L)'
;MPFKRFVEIGRVALINYGKDYGRLVVIVDVIDQNRALVDAPDMVRSQMNFKRLSLTDIKIDIKRIPKKKTLVEAMEAADV
KTKWENSSWGRKLIVQKRRAALNDFDRFKLMLAKIKRAGVVRQELAKLKKIAA
;
O
13 'polypeptide(L)'
;MGAYTYVSELWRKKQSDVMRFLQRVRCWEYRQLPSIVRVTRPTRPDKARRLGYKAKQGYVVYRVRVKRGGRKRPVSKGIV
YGKPTNQGVTQLKFQRSKRSVAEERAGRKLGGLKVLNSYWINEDSTYKYFEVILVDQAHAAIRNDPRINWICNPVHKHRE
LRGLTSAGKKYRGLRGRGHLHHKARPSRRATWKRNQTLSLRRYR
;
P
14 'polypeptide(L)'
;MVSGSGISARRIVVDARHHMLGRLSSILAKELLNGQRVVVVRCEEICLSGGLVRQKMKYLRFLRKRMNTKPSHGPIHFRA
PSKILWRTIRGMIPHKTKRGAAALARLKVYEGVPPPYDKIKRMVIPDALKVLRLQSGHKYCLLGKLSSEVGWNHYDTIKE
LENKRKERAQVAYERRKQLAKLRVKAEKAAEEKLGPQLAVIEPIKY
;
Q
15 'polypeptide(L)'
;MVKYSREPDNPTKSCKSRGSSLRVHFKNTRETAHALRKMPLDKAKSYLEDVLAHKQAIPFTRFCRGVGRTAQAKNRHSNG
QGRWPVKSAGFILDLLKNAESNAEVKGLDVDSLYISHIQVNEAQKQRRRTYRAHGRINPYMSHPCHIELILSEKEESVKK
EPETQLAPRKAKA
;
R
16 'polypeptide(L)'
;MGIDLVAGGKSKKTKRTAPKSDDVYLKLLVKLYRFLARRTGSKFNAVILKRLFMSKINKPPLSLSRLITYATGKGDNIVV
LVGTVTDDVRAYEVPKIKVCALKFTETARARIEKAGGECLTFDQLALRAPLGQNTLLLRGPKNSREAVKHFGPAPGVPHS
HTKPYVRAKGRKFERARGKRNSRGYKA
;
S
17 'polypeptide(L)'
;MVSLKLQKRLAASVLKCGRGKVWLDPNEGNEISMANSRQNIRKLVKDGFIIRKPTKIHSRSRARRMKEAKRKGRHSGYGK
RKGTREARLPTKVLWMRRLRVLRRLLRKYRESKKIDKHMYHDMYMKVKGNVFKNKRVLMENIHKTKAEKAREKTLSDQFE
ARRAKNKASRERKFARRKKRLAQGPGGEKPVQPAAPAAAAPAQPAQGSKKSKK
;
T
18 'polypeptide(L)'
;MVTYKFHQYQVVGRALPSENDEHPKIYRMKLWATNEVRAKSKFWYFLRKLKKVKKSNGQMLAINEIFEKYPTTIKNYGIW
LRYQSRTGYHNMYKEYRDTTLNGAVEQMYTEMASRHRVRHHCIQIIKTATIPAKLCKRESTKQFHDSKIKFPLVFKKVRP
PSRKLKTTYKATKPNLFM
;
U
19 'polypeptide(L)'
;MPAGHGLRSRTRDSFSRAFRKKGTIALSTYLRIFKIGDYVDIKVNGAIHKGMPHKFYHGRTGRVWNVTKRAVGVEVNKQV
RNKILRKRIHVRIEHVQQSRCTEEVRERIKKNDQLKADAKARGEVISTKRQPLGPKPGFMVEGATLETVTPIPYDVVNDL
KGGY
;
V
20 'polypeptide(L)'
;MSRAAAAVKGGKKKGASFVIDCSKPVEDSIMEIASLDKFLQERIKVGGKAGALGDSVTVTRDKNKITVTCNSTFSKRYLK
YLVKKYLKKNNVRDWLRVIASNKDRNVYELRYFNIAENEADEED
;
W
21 'polypeptide(L)'
;MSKRGRGGSAGNKFRMSLGLPVAATVNCADNTGAKNLYIISVKGIKGRLNRLPSACVGDMVMATVKKGKPDLRKKVMPAV
IVRQRKPWRRKDGVFMYFEDNAGVIVNPKGEMKGSAITGPIGKECADLWPRIASAANAIV
;
X
22 'polypeptide(L)'
;MMVLKTELCRFSGAKIYPGRGIRFIRSDSQVFLFVNSKCKHYFHNKLKPSKLTWTAMYRKQHKKDIAQEAAKKRRRTTKK
PYSRSIVGATLEVIQKKRTERPEVRDAAREAALREIKERIKKTKDEKKAKKAEVQAKSQKAGGKGNMSKGGASKGPKLGG
GGGKR
;
Y
23 'polypeptide(L)'
;MAPAKVDLTKKKDPKAQAVKAAKAVKSGSTFKKKSSKIRTKVTFHRPKTLKKDRSPKYPRVSAPGRNRLDQYAILKYPLT
TESAMKKIEDNNTLVFIVDIKADKKKIKDAVKKMYDIQIKKVNTLIRPDGTKKAYVRLTPDYDALDVANKIGII
;
Z
24 'polypeptide(L)'
;MKYNPRVSSSRRKSRKAHFTAPSSVRRVLMSAPLSSELRAKYNVRSMPVRKDDEVQVVRGTYKGREGKVVQVYRKKWVIH
IERITREKVNGSTVNVGINPSKVVVSKLRLDKDRRSLLDRKAKGRAAADKDKGTKFTTEEIMQAID
;
a
25 'polypeptide(L)'
;MVKFLKPNKAVILLQGKYAGRKAVIVRAFDEGTRDRPYGHCLVAGISKYPKKVIRKDSAKKQAKKSRVKAFIKLVNYNHI
MPTRYTLDVDLKDVVNADVLQARDKKVTAAKETKARFEERFKTGKNRWFFTKLRF
;
b
26 'polypeptide(L)'
;MTTRFKKNRKKRGHVSAGHGRIGKHRKHPGGRGNAGGMHHHRILFDKYHPGYFGKVGMRYFHKLRNKFYCPTVNIDTLWS
LVPQEVKDKAAANKGTAPLIDVTQFGYFKVLGKGVLPTGQPVVVKAKLISKNAEKKIKENGGAVVLTA
;
c
27 'polypeptide(L)' MAKSKNHTAHNQSYKAHRNGIKKPKSHRHSSTKGMDPKFLRNQRYARKHNKKNGETAAEE d
28 'polypeptide(L)'
;MVAAKKTKKTHESINNRLALVMKSGKYTLGYKTVLKTIRSSKGKLVIIANNCPPLRKSEIEYYAMLAKVGVHHYNGNNVD
LGTACGKYYRVSCLSIIDPGDSDIIKSLPSDQ
;
e
29 'polypeptide(L)'
;MVEKTKGRKEEVVSREYTINLHKRLHGCTFKKKAPTAIKEIRKFAQKAMGTKDVRVDVKLNKQIWSRGIRSVPRRVRVRI
ARKRNDDEDAKEELYSLVTVAEIPAEGLKGLGTKIIEDEE
;
f
30 'polypeptide(L)'
;MAVPLLNKKVVKKRVKRFIRPQSDRRITVKESWRRPKGIDSRVRRKFKGCVLMPNIGYGSDKKTRHYLPNGFKKFVVHNA
SELEILMMHNRTYCAEIAHNVSTRKRKEIVERAAQLDVVITNKLARLHSQEDE
;
g
31 'polypeptide(L)'
;MVKGRQGERIRLYVRGTVLGYKRSKSNQYPNTSLIQIEGVNTKEEVDWYLGKRLGYIYKAKTKKNNSHYRCIWGKVCRPH
GNSGVVRAKFKSNLPPKSMGAKVRVFMYPSNI
;
h
32 'polypeptide(L)'
;MVQRLTYRKRHSYATKSNQHRVVKTPGGKLIYQTTKKRANGPKCPVTGKRIQGIPHLRPAEYKRSRLSRNRRTVNRAYGG
VLSGSAVRERIIRAFLVEEQKIVKKVLKIQKAKEKLASKS
;
i
33 'polypeptide(L)'
;MARIKVHELRNKSKTELLAQLKDLKAELALLRVAKVTGGAPNKLSKIKVVRLSIAQVLTVISQKQKAALREVYKNKKYLP
LDLRPKKTRAIRKRLTKHQSSLKTEREKKKEMYFPLRKYAIKV
;
j
34 'polypeptide(L)'
;MAPKQPNTGISVGLNKGHVVTKKELAPRPSDRKGKTSKRIHFVRSLIREVAGFAPYEKRITELLKVGKDKRALKVAKRKL
GTHKRAKKKREEMSSVLRKMRATGGGEKKK
;
k
35 'polypeptide(L)'
;MGKGTGSFGKRRNKTHTLCVRCGRRSFHLQKSRCSACAYPAARLRSYNWSVKAIRRKTTGTGRMRYLRNVPRRFKTNFRE
GTEAAPRKKGTAASA
;
l
36 'polypeptide(L)' MPKQIHEIKDFLLTARRKDARTVKIKKNKDMVKFKVRCSKYLYTLCVSDFEKADKLKQSLPPGLSVQDL m
37 'polypeptide(L)' MPSHKSFMIKKKLAKKQRQNRPIPYWIRMRTDNTIRYNAKRRHWRRTKLGF n
38 'polypeptide(L)'
;MQIFVKTLTGKTITLEVESSDTIDNVKAKIQDKEGIPPDQQRLIFAGKQLEDGRTLADYNIQKESTLHLVLRLRGGIIEP
SLMALARKYNQEKMICRKCYARLHPRAVNCRKRKCGHSNQLRPKKKIK
;
o
39 'polypeptide(L)'
;MVNVPKTKKTYCKSKECKKHTLHKVTQYKKGKDSLAAQGKRRYDRKQSGYGGQTKPVFHKKAKTTKKIVLRLQCQGCKHV
SQHPIKRCKHFEIGGDKKGKGTSLF
;
p
40 'polypeptide(L)'
;MTKRTKKAGIVGKYGTRYGASLRKQIKKMEVSQHSKYFCEFCGKYAVKRKAVGIWGCKDCGKVKAGGAYTLNTASAVTVR
STIRRLREQTES
;
q
41 'polypeptide(L)'
;M(THC)TVPGQLVWEIVKKNNSFLVKEFGNGTAGVVFSKEPNNLYNLHSYKHSGLANKKTVTIQPDGKDKSVLLATSKTK
KQNKPSRLLNKSVMKKEFSRMAKAVTNQVGDNYYRPDLKKAALARLSAVHRSLKVTKSGAKKRNRQA
;
r
42 'polyribonucleotide' CA s
43 'polyribonucleotide'
;GCGACCCCAGGUCAGGCGGGAUUACCCGCUGAGU(PSU)UAAGCAUA(OMU)CAA(OMU)AAGCGGAGGAAAAGAAACU
(PSU)ACAAGGAUUCCCCUAGUAACGGCGAGCGAACCGGGAACAGCCCAGCCUUAGAAUCGGGCGGCUCCGUCGUCCGAA
(OMU)UGUAGUCUGGAGAAGCGUCCUCAGCGGCGGACCGGGCCCAAGUCCCCUGGAAGGGGGCGCCGGAGAGGGUGAGAG
CCCCGUCGUGCCCGGACCCUGUCGCACCACGAGGCGCUGUCUACGAGUCGGGUUGUUUGGGAAUGCAGCCCAAAUCGGGC
GGUGAAUUCCGUCCAAGGCUAAAUACUGGCGAGAGACCGAUAGCGAACAAGUACCGCGAGGGAAAGAUG(A2M)AAAGGA
CU(PSU)UGAAAAGAGAGUCAAAGAGU(OMG)CUUGAAAUUGUCGGGAGGGAAGCGGAUGGGGGCCGGCGAUGCGCCCCG
GUCGGAUGUGGAACGGCGACGAGCCGGUCCGCCGAUCGACUCGGGGCGUGGACCAGCGUGGAUUGGGGGGGCGGCCAAAG
CCCGGGCUCUCGAUACGCCCGUGGAACGCCGUCUCCCCGAUUGUGGAAGGCAGCGCGCGCCUCCGGCGUGCUUCGGCAUC
UGCGCGCUCCGGACGCUGGCCUGUGGGCUCCCCAUUCGACCCGUCUUG(1MA)AAC(A2M)CGGACCAAGGAGU(OMC)
(OMU)GACAUGUGUGCGAGUCAACGGGCGAGUAAACCCGUAAGGCGUAAGGAAGCUGAUUGGUGGGAUCCCCCUGAGGGG
UGCACCGCCGACCGACCUUGAUCUUCUGAGAAGGGUUCGAGUGUGAGCAUACC(OMU)GUCGGGACCC(OMG)A(A2M)A
GAUGGUGA(A2M)C(PSU)AUGCCUGAGCGGGGCGAAGCCAGAGGAAACUCUGGUGGAGGCCCGCAGCGAUACUG(A2M)
CGUGCAAA(PSU)CGUUCGUCUGACUUGGGUAUAG(OMG)GGCGAAAGACUAAUCGAACCGUCUAGU(A2M)GCUGGUUC
CCUCCGAAGUUUCCC(PSU)CAGGAUAGCUGGAGCUCGCGUGCGAGUUCUA(PSU)CGGGUAAAGCCAA(PSU)GAUUAG
AGGCCUCGGGGGCGCAACGCCCUCGACCUAU(PSU)CUCAAACUU(PSU)AAA(OMU)AGGUAGGACGGCGCGGCUGCUU
UGUUGAGCCGCGCCACGGAAUCAAGAGCUCCAAGUGGGCCAU(PSU)(PSU)(PSU)UGGUAAGC(A2M)GAACUGGCGA
UGCGGGAUGAACCGGAAGCCGGGUUACGGUGCCAAACUGCGCGCUAACCUAGAUCCCACAAAGGGUGUUGGUCGA(PSU)
UAAGACAGCAGGACGGUGGUCAUGGAAGUCGAAAUCCGCUAAGGAGUGUGUAACAACUCACCUGCCGAAUCAACUAGCCC
CGAAAAUGGAUGGCGCUUAAGCGCGCGACCUACACCCGGCCGUCGGGGCAAGUGCCAGGCCCCGAUG(A2M)GUAGGAGG
GCGCGGCGGUCGCUGCAAAACCUUGGGCGCGAGCCUGGGCGGAGCGGCCGUCGGUGCAGAU(OMC)UUGGUGGUAGU
(A2M)(OMG)CAAAUAUUCAAA(PSU)GAGAA(OMC)U(PSU)UGAAGGCCGAAGAGGGGAAAGGUUCCAUGUGAACGGC
ACUUGCACAUGGGUUAG(OMU)CGAUCCUAAGGGUCGGGGGAACCCCGACAGAUAGCGCGUUUCGCGCGUACUCCGAAAG
GGAAUCGGGUUAAAAUUCCUGAACCGGGACGUGGCGGUUGACGGCAACGUUAGGAAGUCCGGAGACGUCGGCGGGAGCCU
CGGGAAGAGUUAUCUUUUCUGUUUAACAGCCUGCCCACCCUGGAAUCGGCUCAGCCGGAGGUAGGGUCCAGCGGCUGGAA
GAGCACCGCACGUCGCGUGGUGUCCGGUGCGCUCCCGGCGGCCCUUGAAAAUCCGGAGGACCGAAUGCCGUCCACGCCCG
GUCGUACUCAUAA(OMC)CG(OMC)AUCA(OMG)GUCU(OMC)CAAGGUGAACAGCCUCUGGUCGAUGGAACAA(OMU)G
UAGGCAAGGGAAG(PSU)CGGCAAAAUGGAUCCGUAACUUCGGGAAAAGGAUUGGCUCUGAGGGCUGGGCACGGGGGUCC
CAGUCCCGAACCCGUCGGCUGUCGGUGGACUGCUCGAGCUGCUCCCGCGGCGAGAGCGGGUCGCCGCGUGCCGGCCGGGG
GACGGACUGGGAACGGUUCCUUCGGGGGCCUUCCCCGGGCGUCGAACAGCCAACUCAGAACUGG(OMU)ACGGACAAG
(OMG)(OMG)G(A2M)AUCCGAC(PSU)G(PSU)UUAAUUAAAACAAAGCAUUGCGAUGGUCCCAACGGAUGUUUACGCA
AUGUGAUU(PSU)CUGCC(OMC)AGUGCUCUGAAUG(PSU)CAAAGUGA(A2M)GAAA(PSU)UCAACCAAGC(OMG)CG
GGUAAACGGCGGGAG(PSU)A(A2M)C(PSU)A(PSU)GAC(PSU)C(PSU)CUUAAGGUAGC(5MC)AA(A2M)UGCCU
C(OMG)UCAU(OMC)UAAUUAGUGACGCGCAUGAA(PSU)GGA(PSU)UA(A2M)CGAG(A2M)UUCCCACUGU(OMC)C
CUGUCUAC(OMU)A(PSU)CCAGCGAAACCACAG(OMC)CAAGGGAACGGGCUUGGCAGAAUCA(OMG)CGG(OMG)GAA
AGAAGACCCU(OMG)(OMU)UGAGC(PSU)UGAC(OMU)CUAGUCCGAC(PSU)UUGUGAAAUGACUUGAGAGGUGUAGU
AUAAGUGGGAGCCGAAAGGCGAAAGUGAAAUACCACUACUUUUAACGUUAUUUUACUUA(PSU)UCCGUGAAUCGGAAGC
GGGGCACUGCCCCUCUUUUUGGACCCAAGGCUCGCUUCGCGGGCCGAUCCGGGCGGAAGACAUUGUCAGGUGGGGAGUU
(PSU)GGCUG(OMG)GGCGGCACAUCUGUUAAAAG(A2M)UAACGCAGG(OMU)(OMG)UCCUAAGAUGAGCUCAACGAG
AACAGAAAU(OMC)UCGUGUGGAACAGAAGGGUAAAAGCUCGU(PSU)UGAU(OMU)CUGAUUUCCAG(OMU)ACGAA
(OMU)ACGAACCG(PSU)GAAAGCGUGGCCUAACGAUCCUUUAGACCUUCGGAAUUCGAAGCUA(OMG)A(OMG)GUGUC
AGAAAAGUUACCACAG(OMG)GAUAACUGGC(PSU)UGUGGCAGC(OMC)AAGCGU(PSU)CAUAGCGACG(PSU)UGCU
UUUUGA(PSU)CCUU(5MC)GAUGUCGG(OMC)(PSU)CU(OMU)CCUAUCAUUG(PSU)GAAGCAGAAUUCACCA
(A2M)GUGUU(OMG)GAU(OMU)(OMG)(PSU)UCACCCACCAAUAGGGAACG(PSU)G(A2M)G(OMC)UGGG(UR3)U
(PSU)AGA(OMC)CGUCGUGAGACAGGU(PSU)AGUUUUACCCUACUGA(PSU)GACAGUGUCGCAAUAGUAAUUCAACC
UAGUACGAGAGGAACCGUUGAUUCACACAAUUGGCCAUCGCGCUUGGUUGAAAAGCCAGUGGCGCGAAGCUACCGUGUGC
UGGAUUAUGAC(PSU)GAACGCCUCUAAGUCAGAAUCCGGGCUAGAAGCGACGCAUGCGCCCGCCGUCCGCUUGCCGACC
CGCAGUAGGGGCCUUUGGCCCCCAAGGGCACGUGUCGUUGGCUAAGUCGCCGCGACGGAAGCGUCGCGGUGACCGCCUUG
AAGUACAAUUUCCAUCGAGCGGCGGGUAGAAUCCUUUGCAGACGAC(OMU)UAAAUACGCGACGGGGUAUUGUAAGUGGC
AGAGUGGCCUUGCUGCCACGAUCCACUGAGAUUCAGCCCUUUGUCGCUCCGAUUCGU
;
2
44 'polyribonucleotide'
;GGAUGCGAUCAUACCAGCACUAACGCACCGGAUCCCAUCAGAACUCCGAAGUUAAGCGUGCUUGGGCGAGAGUAGUACUA
GGAUGGGUGACCCCCUGGGAAGUCCUCGUGUUGCAUCCCU
;
5
45 'polyribonucleotide'
;ACAAACGACUCUCGGCAACGGA(PSU)AUCUCGGCUCUCGCAUCGAUGAAG(A2M)ACGUAGCGAAAUGCGAUACUUGGU
GUGAAU(PSU)(OMG)CAGAAUCCCGUGAACCAUCGAGUCUUUGAACGCAAGUUGCGCCCGAAGCCAUUUGGCCGAGGGC
ACGUCUGCCUGGGCGUCACGC
;
8
46 'polyribonucleotide'
;UACCUGGUUGAUCCUGCCAGUAGUCAU(A2M)UGCUUGUCU(OMC)AAAGAUUAAGCCAUGCAUGUGUAAGUAUGAACAA
AUUCAGACUGUGAAACUGCGAAUGGCUCAU(PSU)AAAUCAG(PSU)UAUAGUUUG(PSU)U(OMU)GAUGGUAUCUACU
ACU(OMC)GGAUAACCGUAGUAAUUCUAG(A2M)GCUAAUACGUGCAACAAACCCCGACUUCUGGAAGGGAUGCAUUUA
(PSU)UAGAUAAAAGGUCGACGCGGGCUCUGCCCGUUGCUGC(OMG)AUGAUUCA(PSU)GA(PSU)AACUCGACGGAUC
GCACGGCCAUCGUGCCGGCGACGCAUCA(PSU)UCAAA(PSU)UUCUGCCCUAUCAACUUUCGAUGGUAGGAUAGUGGCC
UACCAUGGUGGUGACGGG(PSU)GACGGAGAAUUAGGGUUCGA(PSU)UCCGGAGA(OMG)GGAGCCUGAGAAACGGCUA
CCACAU(OMC)CAAGGAAGGCAGCAGGCGCGC(A2M)AAUUACCCAA(PSU)CCUGACACGGGGAGGU(A2M)GUGA
(OMC)AAUAAAUAACAAUACCGGGCUCUAUGAGUCUGGUAAUUGGAAUGAGUACAAUCUAAAUCCCUUAACGAGG(A2M)
UCCAUUGGAGGGCAAGUCUGGUGCCAGCAGCCGCGG(OMU)AA(PSU)UCCAGCUCCAAUA(OMG)CGUA(UY1)A
(PSU)UUAAGUUG(OMU)UGCAGUU(A2M)AAAAGCUCGUAG(PSU)UGGACUUUGGGAUGGGCCGGCCGGUCCGCCCUA
GGUGUGCACCGGUCGUCUCGUCCCUUCUGUCGGCGAUGCGCUCCUGGCCUUAAUUGGCCGGGUCGUGCCUCCGGCGCUGU
UACU(PSU)UGAAGAAA(PSU)UAGAGUGCUCAAAGCAAGCCUACGCUCUGUAUACAUU(A2M)GCAUGGGA(PSU)AAC
AUUAUAGGAUUUCGGUCCUAUUACGUUGGCCUUCGGGAUCGGAGUAAUGAUUAACAGGGACAGUCGGGGGCAUUCGUAUU
UCAUAGUCAGAGGUGAAAU(PSU)CUUGGAUUUAUGAAAGACGAACAACUGCGAAAGCAU(PSU)(PSU)GCCAAGGAUG
UUUUCAUUAAUCAAGA(A2M)CGAAAGUUGGGGGCUCGAAGACGA(PSU)CAGAUACCG(OMU)CCUAGUCUCAACCA
(PSU)AAACGAUGCCGACCAGGGAUCGGCGGAUGUUGCUUUUAGGACUCCGCCGGCACCUUAUGAGAAAUCAAAGUUUUU
GGG(PSU)UCCGGGGGGAGUA(PSU)GGUCGCAAGGCUGAAACUUAAAGGAAUUGACGGAAGGGCACCACCAGGAGUGGA
GCC(PSU)GCGGC(PSU)UAAUU(PSU)GAC(I2T)CAACACGGGGAAACU(PSU)ACCAGG(PSU)(OMC)CAGACAUA
GUAAGGAUUGACAGACUGAGAGCUCUUUCUUGAUUC(OMU)A(OMU)GGGUGG(OMU)G(OMG)UGCAUGGC(4AC)GUU
CUUAGU(PSU)GGUGGAGCGA(PSU)UUG(PSU)CUGG(PSU)UAAUUCCGUUAACGA(A2M)CGAGACCUCAGCCUGCU
AACUAGCUAUGCGGAGGUAUCCCUUCGCGGCCAGCU(OMU)CUUAGAGGGACUACGGCCUUUUAGGCCGCGGAAGUUUGA
GGCAAUAACA(OMG)GUCUGUGAUGCCC(OMU)UAGAUGUUCUGGGCCGCACGCGCGCUACACUGAUGUA(PSU)UCAAC
GAGCUUAUAGCCUUGGCCGACAGGCCCGGGUAAUCUUUGAAAUU(PSU)CA(PSU)CGUGAUGGGGAUAGAUCAUUGCAA
UUGU(PSU)GGUCUUCAACG(A2M)G(7MG)AAUUCCUAGUAAGCGCGAGUCAUCAGCUCGCGUUGACUACGUCCCUGCC
CUU(PSU)GUACACACCG(OMC)CCGUCGCUCCUACCGAUUGAAUGAUCCGGUGAAAUGUUCGGAUCGCGGCGACGUGGG
CGGUUCGCUGCCCGCGACGUCGCGAGAAGUCCAUUGAACCUUAUCAUUUAGAGGA(A2M)GGAGAAGUCGUA(6MZ)CAA
GGUUUC(4AC)GUAGGUG(MA6)(MA6)CCUGCGGAAGGAUCAUUG
;
S2
47 'polypeptide(L)'
;MAKQSVQMSKKRKFVADGVFFAELNEVLTRELAEDGYSGVEVRVTPMRTEIIIRATRTQNVLGDKGRRIRELTSVVQKRF
NFDENTVELYAEKVNNRGLCAIAQAESLRYKLLGGLAVRRACYGVLRFIMESGAKGCEVIVSGKLRAQRAKSMKFKDGYM
ISSGQPVKEYIDSAVRHVLLRQGVLGIKVKIMLDWDPKGKQGPTTPLPDLVTIHPPKEEEEYLRLPVAAPVEIDPPIVV
;
NA
48 'polypeptide(L)'
;MEEASVVAVDNQKPQQEKPHTDVLLFNRWSYDGVQIADMSVEDYITATANKHPTYMPHTAGRYQAKRFRKAQCPIVERLT
NSLMMHGRNNGKKLMAVRIIKHAMEIIHLLTDQNPIQVIVDAVINSGPREDATRIGSAGVVRRQAVDISPLRRVNQAIYL
LTTGARESAFRNIKTIAECLADELINAAKGSSNSYAIKKKDEIERVAKANR
;
OA
49 'polypeptide(L)'
;MIIPEKNRREISKYLFQEGVCFAKKDYNLAKHPNIDVPNLQVIKLMQSFKSKEYVRETFAWMHYYWYLTNDGIEFLRTYL
NLPSEIVPATLKKSAKPLGRPMGGPPGDRPRGPPRFEGDRPRFGDRDGYRAGPRGPPGEFGGEKGGAPADYQPAFRGGGG
RPGFGRGAGGFGGAPPSSSS
;
PA
50 'polypeptide(L)'
;MAEVEADVATGQPRKRTFKKFSYRGVDLDSLLDMSTDELVKLYPARPRRRFQRGLKRKPMALIKKLRKAKREAPQGEKPE
VVRTHLRNMIIVPEMIGSVIGIYNGKTFNQIEVKPEMISHYLAEFSISYKPVKHGRPGIGATHSSRFIPLK
;
QA
51 'polypeptide(L)'
;MQAAPATVESVQCFGRKKTAVAVTHCKRGRGLIKINGVPIELVQPEILRYKAFEPILLLGRHRFAGVDMRIRVKGGGHTS
QIYAIRQSIAKALVAFYQKYVDEQQKKEIKDILIRYDRTLLVADPRRCEPKKFGGRGARSRFQKSYR
;
RA
52 'polypeptide(L)'
;MSLVANEEFQHILRVQNTNVDGKQKIMFALTSIKGIGRRFANIACKKADIDMNKRAGELTAAELDSLMVVVANPRQFKIP
DWFLNRQKDYKDGKFSQVTSNALDMKLRDDLERLKKIRNHRGLRHYWGLRVRGQHTKTTGRRGKTVGVSKKR
;
TA
53 'polypeptide(L)'
;MEPARSVKDVSPHDFVKAYAAHLKRSGKLELPEWTDIVKTGKLKELAPYDPDWYYIRAASMARKIYLRGGIGVGGFRRIY
GGNQRNGSRPRHFCKSSGSVARHILQQLQTMNIIDFDPKGGRRITSNGQRDLDQVAGRISAAN
;
UA
54 'polypeptide(L)'
;MAAYAAMKPTKPGLEEPAEMIHKIRITLSSKNVKNLEKVCADLVRGAKDKRLRVKGPVRMPTKVLNITTRKSPCGEGTNT
WDRFELRVHKRVIDLFSSPDVVKQITSITIEPGVEVEVTIAES
;
VA
55 'polypeptide(L)' MESVTKHAIVIKIMGRTGSRGQVTQVRVKFLDDQNRFIMRNVKGPVREGDILTLLESEREARRLR WA
56 'polypeptide(L)' MGHSNIWNAHPKNYGPGSRTCRVCGNPHAIIRKYGLMCCRQCFRSNAKEIGFIKYR XA
57 'polypeptide(L)'
;MSQESLVLRGTMKAHTDWVTAIATPIDNSDMIVTSSRDKSIIVWSLTKDGSQYGVPRRRLTGHGHFVEDVVLSSDGMFAL
SGSWDGELRLWDLQAGTTARRFVGHTKDVLSVAFSVDNRQIVSASRDKTIKLWNTLGECKYTIQEQDSHSDWVSCVRFSP
NNLQPTIVSGSWDRTVKIWNLTNCKLRSTLAGHSGYVNTVAVSPDGSLCASGGKDGVILLWDLAEGKKLYSLDAGSIIHT
LCFSPNRYWLCAATESSIKIWDLESKSIVVDLKVDLKQESEMFGTAATDSKTKVIYCTSLSWSADGSTLFSGYTDGLIRV
WGIGRY
;
YA
58 'polypeptide(L)'
;MAPKKEKAPPPSSKPAKSGGGKQKKKKWSKGKQKEKVNNMVLFDKGTYDKLITEAPKYKLITPSVLSDRLRISGSLARKA
IRELMAKGLIRMVSAHASQQIYTRATNT
;
ZA
59 'polyribonucleotide' AGGCUGAUAACCUA aA
60 'polyribonucleotide' AUC bA
61 'polypeptide(L)' MRAKWKKKRMRRLKRKRRKMRQRSK t
62 'polypeptide(L)'
;MATQDVRTLSTKEADIQMMLAAEVHLGTKNCDFQMERYAFKRRNDGIYIINLGKTWEKLQMAARVIVAIENPQDIIVQSA
RPYGQRAVLKFAQYTGAHAIAGRHTPGTFTNQLQTSYSEPRLLILTDPRTDHQPIKEAALGNIPTIAFCDTDSPMRYVDI
GIPANNKGKHSIGVLFWILARMVLQMRGAINQGPKWDVMVDLFFYREPEEAKEQEEEVPAIADYADYSASAALGGDWTSS
QIPEAQWTADAAAPAVGGGWAGDGAADGGWDAAAAPAPVPLPVPDVAPTSGATGWE
;
u
63 'polypeptide(L)'
;MAVGKNKRISKGKKGGKKKAADPYAKKDWYDIKAPSVFEVRNVGKTLVTRTQGTKIASEGLKHRVFEVSLADLQNDEDHS
FRKIRLRAEDVQGRNVLTNFHGMDFTTDKLRSLVKKWQSLIEAHVDVKTTDSYTLRMFCIAFTKKRPNQQKRTCYAQSSQ
IRQIRRKMVEIMRNQAQSCDLKDLVLKFIPESIGREIEKATSSIFPLQNVFIRKVKILKAPKFDLGRLMEVHGDYSEDVG
VKVDRPAEDIATEPTEVVGA
;
v
64 'polypeptide(L)'
;MARGLKKHLKRLNAPKHWMLDKLGGAFAPKPSSGPHKSRECLPLVIILRNRLKYALTYREVISILMQRQVMVDGKVRTDK
TYPAGFMDVVTIPKTNESFRLLYDTKGRFRLHSLRDEEAKFKLCKVRSVQFGQKGIPYLNTYDGRTIRYPDPLIKANDTI
KLDLDSNKIVDFIKFDVGNVVMVTGGRNRGRVGILKNREKHKGSFETVHIQDSQGHEFATRLGNVFTLGKGSKPWVSLPK
GKGIKLSIIEEARKRMAAQSATPA
;
w
65 'polypeptide(L)'
;MYTSKQKIHKDKAAEPSEHEVSVGQAFFDLENTNQELKSELKDLYINSATQIDVSGNRKAVVIHVPYRLRKAFRKVHVRL
VRELEKKFSGKDVIFIATRRIVRPPKRGSAAQRPRTRTLTSVHDAILEDLVVPAEIVGKRTRYRVDGSKIMKVYLDPKER
NNTEYKLETFSAVYRKLSGKDVVFEYPITEA
;
x
66 'polypeptide(L)'
;MGISRDSMHKRRATGGKKKSWRKKRKYELGRQPANTKISSNKTVRRIRVRGGNVKWRALRLDTGNFSWGSEAVTRKTRIL
DVVYNASNNELVRTQTLVKSAIVQVDAAPFKQWYLQHYGIDIGRKKKGAAKKETTTEEGDAAEEAKKSNHVVRKIENRQA
DRKLDSHLEEQFASGRLLACISSRPGQCGRADGYILEGKELEFYMKKLQKKKGKASGASA
;
y
67 'polypeptide(L)'
;MAEQTEKAFLKQPGVFLSSKKTGKGKRPGKGGNRYFKSIGLGFKTPREATEGTYIDKKCPFTGNVSIRGRILAGTCHSAK
MNRTIIVRRNYLHYVKKYQRYEKRHSNIPAHISPCFRVKEGDHVTIGQCRPLSKTVRFNVLKVIPAGSGGVGKKAFTGM
;
z
68 'polypeptide(L)'
;MGRVRTKTVKKSSRQVIERYYSKMTLDFHTNKKILEEVAIIPSKRLRNKIAGFSTHLMKRIQKGPVRGISLKLQEEERER
RMDFVPEESAIKTDLIEVDKETLDMLSALGMSDLPGVVKQAAEPQAVAALPSYGRGGGGFGRKY
;
AA
69 'polypeptide(L)'
;MQNDEGQNMDLYIPRKCSATNRLITSKDHASVQLNVGHLDESGVYTGQFTTYALCGFIRAQGDADSAMDRLWQKKKAEVG
QQ
;
BA
70 'polypeptide(L)'
;MGKTRGMGAGRKLKSHRRRQRWADKSYKKSHLGNEWKKPFAGSSHAKGIVLEKIGIEAKQPNSAIRKCARVQLIKNGKKI
AAFVPNDGCLNYIEENDEVLIAGFGRKGHAVGDIPGVRFKVVKVSGVSLLALFKEKKEKPRS
;
CA
71 'polypeptide(L)'
;MTFKRRNGGRNKHGRGHVKFIRCSNCGKCCPKDKAIKRFLVRNIVEQAAVRDVQEACAFELYTLPKLYLKMQYCVSCAIH
SKVVRVRSRTDRRVREPPQRFRRPRDDLPKTGQAPRPAGGPPAAPRT
;
DA
72 'polypeptide(L)'
;MAERGAGDRGGFGRGFGGRGGRGGDRGGRGRGGRRPRRETEEEKWVPVTKLGRLVKDGKIRSLEQIYLHSLPIKEFQIID
TLIGPSLKDEVMKIMPVQKQTRAGQRTRFKAFVVVGDGNGHVGLGVKCSKEVATAIRGGIILAKLSVIPVRRGYWGNKIG
KPHTVPCKVTGKCGSVTVRMVPAPRGAGIVAARVPKKVLQFAGIEDVFTSSRGSTKTLGNFVKATFDCLMKTYGFLTPDF
WKETRFTKSPFQEYFDILAKPANKVIVYATEEAAPERVEA
;
EA
73 'polypeptide(L)'
;MKFNIANPTTGCQKKLEIDDDQKLRAFFDKRISQEVSGDSLGEEFKGYVFKIMGGCDKQGFPMKQGVLTPGRVRLLLYRG
TPCFRGYGRRNGERRRKSVRGCIVSPDLSVLNLVIVKKGENDLPGLTDTEKPRMRGPKRASKIRKLFNLSKEDDVRKYVN
TYRRNFTTKTGKNASKAPKIQRLVTPLTLQRKRARIADKKKRIAKAKSEAADYQKLLASRLKEQRERRSESLAKKRSRLS
AASKPSIAA
;
FA
74 'polypeptide(L)'
;MVHVSFYRNYGKTFKKPRRPYEKERLDAELKLVGEYGLRCKRELWRVQYALSRIRNAARMLLTLDEKDPRRIFEGEALLR
RMNRYGLLDESQNKLDYVLALTVENFLERRLQTLVFKTGMAKSIHHARVLIRQRHIRVGRQVVNVASFMVRVDSQKHIDF
SLTSPFGGGRPGRVKRKNQKSAAKKAAGGDGDEEDEE
;
GA
75 'polypeptide(L)'
;MGRMHSRGKGISASALPYKRTPPSWLKISAPDVEDNICKFAKKGLTPSQIGVILRDSHGIAQVKSVTGSKILRILKAHGL
APEIPEDLYHLIKKAVAIRKHLERNRKDKDSKFRLILVESRIHRLARYYKKTKKLPPVWKYESTTASTLVA
;
HA
76 'polypeptide(L)'
;MSKRRTREPKEETVTLGPSVREGELVFGVAHIFASFNDTFIHVTDLSGRETMVRITGGMKVKADRDESSPYAAMLAAQDV
SQRCKELGINALHIKLRATGGNKTKTPGPGAQSALRALARSGMKIGRIEDVTPIPT(IAS)STRRKGGRRGRRL
;
IA
77 'polypeptide(L)'
;MADKAVTIRTRKFMTNRLLARKQFIIDVLHPGRANVSKAELKEKLSRMYEVKDPNAIFVFKFRTHFGGGKSTGFGLIYDS
VENAKKYEPKYRLIRNGLDTKVEKSRKQMKERKNRAKKVRGVKKTKAGDAKKK
;
KA
78 'polypeptide(L)'
;MVLPNDVDLLNPPAEHEKKKHKLKRLVQSPNSFFMDVKCQGCFNITTVFSHSQTVVVCGNCQTVLCQPTGGRARLIEGCS
FRRKGD
;
LA
79 'polypeptide(L)' MGKVHGSLARAGKVRGQTPKVAKQDKKKKPRGRAHKRMQYNRRFVTAVVGFGKKRGPNSSEK MA
80 'polypeptide(L)'
;MVRVSVLNDALKSMYNAEKAGKAQVELRPSSKVIIKFLIVMQKHGYIGDFQYVDDHRVGKIVVELNGRLNKCGVISPRFD
VGVATIEGWTARLLPSRQFGYIVLTTSAGIMDHEEARRKNVGGKVLGFFY
;
JA
#
# COMPACT_ATOMS: atom_id res chain seq x y z
N GLY A 2 -24.62 12.18 19.73
CA GLY A 2 -23.33 12.71 20.14
C GLY A 2 -23.38 13.39 21.49
N ARG A 3 -22.22 13.80 22.00
CA ARG A 3 -22.12 14.53 23.25
C ARG A 3 -21.39 15.85 23.02
N VAL A 4 -21.37 16.67 24.07
CA VAL A 4 -20.73 17.98 23.98
C VAL A 4 -19.23 17.79 23.83
N ILE A 5 -18.66 18.36 22.77
CA ILE A 5 -17.25 18.18 22.46
C ILE A 5 -16.41 19.03 23.42
N ARG A 6 -15.09 18.79 23.43
CA ARG A 6 -14.22 19.49 24.35
C ARG A 6 -14.28 21.00 24.15
N ALA A 7 -14.25 21.45 22.89
CA ALA A 7 -14.25 22.88 22.62
C ALA A 7 -15.48 23.56 23.23
N GLN A 8 -16.60 22.86 23.27
CA GLN A 8 -17.84 23.46 23.80
C GLN A 8 -17.82 23.56 25.32
N ARG A 9 -17.16 22.62 26.01
CA ARG A 9 -17.20 22.61 27.47
C ARG A 9 -16.38 23.74 28.09
N LYS A 10 -15.50 24.38 27.33
CA LYS A 10 -14.64 25.41 27.91
C LYS A 10 -15.42 26.66 28.28
N GLY A 11 -16.46 26.99 27.51
CA GLY A 11 -17.21 28.21 27.77
C GLY A 11 -17.97 28.22 29.07
N ALA A 12 -18.32 27.05 29.60
CA ALA A 12 -19.06 26.97 30.86
C ALA A 12 -18.23 27.35 32.07
N GLY A 13 -16.93 27.52 31.91
CA GLY A 13 -16.06 27.82 33.05
C GLY A 13 -15.58 26.53 33.73
N SER A 14 -16.04 26.30 34.96
CA SER A 14 -15.72 25.09 35.71
C SER A 14 -14.22 24.83 35.71
N VAL A 15 -13.78 23.68 35.16
CA VAL A 15 -12.38 23.30 35.24
C VAL A 15 -11.51 23.99 34.20
N PHE A 16 -12.08 24.91 33.42
CA PHE A 16 -11.32 25.63 32.39
C PHE A 16 -11.09 27.10 32.74
N LYS A 17 -11.40 27.50 33.97
CA LYS A 17 -11.13 28.87 34.39
C LYS A 17 -9.62 29.11 34.52
N SER A 18 -9.24 30.38 34.40
CA SER A 18 -7.83 30.74 34.47
C SER A 18 -7.29 30.53 35.89
N HIS A 19 -6.07 30.02 35.97
CA HIS A 19 -5.40 29.82 37.26
C HIS A 19 -4.73 31.12 37.66
N THR A 20 -5.31 31.82 38.64
CA THR A 20 -4.88 33.18 38.99
C THR A 20 -4.61 33.34 40.48
N HIS A 21 -4.40 32.25 41.21
CA HIS A 21 -4.27 32.36 42.66
C HIS A 21 -3.04 33.18 43.06
N HIS A 22 -1.92 32.98 42.35
CA HIS A 22 -0.65 33.61 42.72
C HIS A 22 -0.32 34.83 41.88
N ARG A 23 -1.28 35.34 41.11
CA ARG A 23 -1.01 36.50 40.26
C ARG A 23 -1.02 37.78 41.08
N LYS A 24 -0.15 38.72 40.69
CA LYS A 24 0.11 39.91 41.47
C LYS A 24 -0.92 41.02 41.25
N GLY A 25 -1.86 40.84 40.33
CA GLY A 25 -2.86 41.84 40.05
C GLY A 25 -2.75 42.36 38.63
N PRO A 26 -3.76 43.11 38.18
CA PRO A 26 -3.71 43.65 36.82
C PRO A 26 -2.61 44.69 36.66
N ALA A 27 -1.90 44.59 35.54
CA ALA A 27 -0.82 45.52 35.20
C ALA A 27 -1.35 46.56 34.23
N ARG A 28 -1.28 47.83 34.61
CA ARG A 28 -1.92 48.88 33.84
C ARG A 28 -1.31 50.23 34.21
N PHE A 29 -1.51 51.21 33.33
CA PHE A 29 -1.08 52.57 33.60
C PHE A 29 -1.87 53.15 34.77
N ARG A 30 -1.46 54.35 35.20
CA ARG A 30 -2.27 55.12 36.13
C ARG A 30 -3.57 55.53 35.45
N THR A 31 -4.57 55.84 36.27
CA THR A 31 -5.79 56.42 35.76
C THR A 31 -5.49 57.80 35.21
N LEU A 32 -5.95 58.09 33.99
CA LEU A 32 -5.70 59.38 33.38
C LEU A 32 -6.28 60.49 34.24
N ASP A 33 -5.46 61.50 34.53
CA ASP A 33 -5.86 62.60 35.40
C ASP A 33 -5.27 63.89 34.84
N PHE A 34 -5.46 64.99 35.58
CA PHE A 34 -5.00 66.29 35.12
C PHE A 34 -3.50 66.31 34.96
N GLY A 35 -2.76 65.71 35.90
CA GLY A 35 -1.31 65.78 35.85
C GLY A 35 -0.73 65.22 34.58
N GLU A 36 -1.22 64.05 34.15
CA GLU A 36 -0.69 63.44 32.93
C GLU A 36 -1.21 64.13 31.67
N ARG A 37 -2.43 64.67 31.71
CA ARG A 37 -2.98 65.32 30.52
C ARG A 37 -2.22 66.58 30.15
N ASN A 38 -1.75 67.33 31.15
CA ASN A 38 -1.13 68.63 30.93
C ASN A 38 0.38 68.63 31.15
N GLY A 39 0.84 68.13 32.30
CA GLY A 39 2.25 68.15 32.61
C GLY A 39 2.86 66.76 32.68
N TYR A 40 3.56 66.46 33.77
CA TYR A 40 4.11 65.14 33.99
C TYR A 40 4.14 64.86 35.49
N LEU A 41 4.13 63.57 35.82
CA LEU A 41 4.21 63.11 37.21
C LEU A 41 5.35 62.11 37.33
N LYS A 42 6.18 62.28 38.35
CA LYS A 42 7.35 61.44 38.54
C LYS A 42 7.01 60.24 39.41
N GLY A 43 7.49 59.07 38.97
CA GLY A 43 7.37 57.86 39.77
C GLY A 43 8.71 57.20 39.91
N VAL A 44 8.81 56.30 40.88
CA VAL A 44 10.03 55.59 41.19
C VAL A 44 9.75 54.09 41.16
N ILE A 45 10.59 53.34 40.46
CA ILE A 45 10.46 51.89 40.40
C ILE A 45 11.05 51.30 41.68
N THR A 46 10.25 50.50 42.39
CA THR A 46 10.67 49.91 43.65
C THR A 46 11.15 48.48 43.50
N GLU A 47 10.53 47.67 42.62
CA GLU A 47 10.97 46.31 42.42
C GLU A 47 10.43 45.80 41.09
N VAL A 48 11.20 44.91 40.46
CA VAL A 48 10.80 44.22 39.25
C VAL A 48 10.51 42.78 39.63
N ILE A 49 9.26 42.35 39.41
CA ILE A 49 8.78 41.08 39.94
C ILE A 49 8.32 40.18 38.80
N HIS A 50 8.20 38.90 39.11
CA HIS A 50 7.71 37.88 38.20
C HIS A 50 6.23 37.65 38.45
N ASP A 51 5.45 37.58 37.38
CA ASP A 51 4.02 37.32 37.48
C ASP A 51 3.72 35.92 36.93
N PRO A 52 3.30 34.97 37.75
CA PRO A 52 3.06 33.61 37.22
C PRO A 52 2.08 33.62 36.08
N GLY A 53 2.40 32.85 35.04
CA GLY A 53 1.60 32.80 33.84
C GLY A 53 1.89 33.89 32.83
N ARG A 54 2.66 34.91 33.20
CA ARG A 54 3.00 36.02 32.32
C ARG A 54 4.51 36.03 32.10
N GLY A 55 4.92 35.93 30.83
CA GLY A 55 6.35 35.95 30.55
C GLY A 55 6.99 37.29 30.89
N ALA A 56 6.33 38.38 30.54
CA ALA A 56 6.90 39.70 30.74
C ALA A 56 7.00 40.02 32.23
N PRO A 57 8.13 40.53 32.72
CA PRO A 57 8.20 40.98 34.11
C PRO A 57 7.36 42.23 34.34
N LEU A 58 7.00 42.44 35.60
CA LEU A 58 6.21 43.58 36.03
C LEU A 58 7.03 44.47 36.95
N ALA A 59 6.72 45.76 36.94
CA ALA A 59 7.42 46.76 37.74
C ALA A 59 6.45 47.41 38.70
N ARG A 60 6.82 47.47 39.98
CA ARG A 60 6.07 48.20 40.97
C ARG A 60 6.59 49.64 41.03
N VAL A 61 5.69 50.60 40.84
CA VAL A 61 6.04 52.02 40.82
C VAL A 61 5.23 52.73 41.88
N THR A 62 5.89 53.62 42.60
CA THR A 62 5.26 54.44 43.63
C THR A 62 5.15 55.87 43.12
N PHE A 63 3.96 56.47 43.26
CA PHE A 63 3.71 57.84 42.86
C PHE A 63 3.20 58.64 44.05
N ARG A 64 3.45 59.95 44.00
CA ARG A 64 2.86 60.86 44.96
C ARG A 64 1.45 61.22 44.50
N HIS A 65 0.47 61.01 45.38
CA HIS A 65 -0.91 61.25 45.00
C HIS A 65 -1.11 62.74 44.68
N PRO A 66 -1.80 63.07 43.58
CA PRO A 66 -1.89 64.50 43.19
C PRO A 66 -2.51 65.39 44.26
N PHE A 67 -3.53 64.93 44.99
CA PHE A 67 -4.22 65.80 45.93
C PHE A 67 -4.49 65.16 47.30
N ARG A 68 -4.09 63.92 47.51
CA ARG A 68 -4.23 63.26 48.81
C ARG A 68 -2.85 63.05 49.42
N TYR A 69 -2.79 63.14 50.75
CA TYR A 69 -1.54 62.87 51.47
C TYR A 69 -1.42 61.37 51.65
N LYS A 70 -0.84 60.71 50.65
CA LYS A 70 -0.61 59.27 50.68
C LYS A 70 0.16 58.89 49.43
N HIS A 71 0.71 57.68 49.46
CA HIS A 71 1.40 57.13 48.30
C HIS A 71 0.41 56.43 47.38
N GLN A 72 0.73 56.42 46.09
CA GLN A 72 -0.11 55.80 45.07
C GLN A 72 0.69 54.68 44.41
N LYS A 73 0.29 53.45 44.66
CA LYS A 73 1.01 52.27 44.17
C LYS A 73 0.47 51.89 42.79
N GLU A 74 1.36 51.46 41.91
CA GLU A 74 1.00 51.08 40.56
C GLU A 74 1.80 49.85 40.14
N LEU A 75 1.25 49.11 39.18
CA LEU A 75 1.89 47.92 38.64
C LEU A 75 1.91 48.04 37.11
N PHE A 76 3.11 48.22 36.56
CA PHE A 76 3.29 48.40 35.12
C PHE A 76 3.94 47.16 34.51
N VAL A 77 3.63 46.90 33.25
CA VAL A 77 4.37 45.91 32.48
C VAL A 77 5.77 46.46 32.25
N ALA A 78 6.78 45.71 32.69
CA ALA A 78 8.14 46.22 32.66
C ALA A 78 8.66 46.33 31.23
N ALA A 79 9.24 47.47 30.89
CA ALA A 79 9.88 47.67 29.61
C ALA A 79 11.35 47.25 29.70
N GLU A 80 11.87 46.77 28.58
CA GLU A 80 13.28 46.40 28.52
C GLU A 80 14.15 47.59 28.90
N GLY A 81 15.05 47.38 29.86
CA GLY A 81 15.95 48.41 30.33
C GLY A 81 15.57 49.03 31.67
N MET A 82 14.33 48.83 32.12
CA MET A 82 13.92 49.37 33.41
C MET A 82 14.73 48.74 34.54
N TYR A 83 14.94 49.53 35.59
CA TYR A 83 15.69 49.06 36.75
C TYR A 83 15.13 49.70 38.00
N THR A 84 15.40 49.05 39.14
CA THR A 84 14.92 49.56 40.42
C THR A 84 15.64 50.85 40.79
N GLY A 85 14.89 51.79 41.37
CA GLY A 85 15.42 53.11 41.68
C GLY A 85 15.33 54.09 40.55
N GLN A 86 14.93 53.65 39.36
CA GLN A 86 14.78 54.55 38.23
C GLN A 86 13.57 55.44 38.40
N PHE A 87 13.69 56.68 37.92
CA PHE A 87 12.57 57.60 37.89
C PHE A 87 11.80 57.45 36.58
N VAL A 88 10.49 57.28 36.69
CA VAL A 88 9.61 57.12 35.54
C VAL A 88 8.67 58.31 35.49
N TYR A 89 8.58 58.95 34.34
CA TYR A 89 7.79 60.15 34.16
C TYR A 89 6.62 59.86 33.24
N CYS A 90 5.41 60.17 33.69
CA CYS A 90 4.19 59.94 32.92
C CYS A 90 3.47 61.27 32.73
N GLY A 91 3.13 61.57 31.49
CA GLY A 91 2.37 62.76 31.19
C GLY A 91 2.64 63.24 29.78
N LYS A 92 1.95 64.34 29.43
CA LYS A 92 2.08 64.90 28.08
C LYS A 92 3.48 65.43 27.84
N LYS A 93 4.10 66.04 28.85
CA LYS A 93 5.39 66.69 28.69
C LYS A 93 6.56 65.82 29.16
N ALA A 94 6.32 64.54 29.42
CA ALA A 94 7.42 63.66 29.79
C ALA A 94 8.37 63.47 28.62
N THR A 95 9.66 63.41 28.93
CA THR A 95 10.67 63.30 27.88
C THR A 95 10.63 61.91 27.23
N LEU A 96 11.13 61.85 26.00
CA LEU A 96 11.14 60.61 25.22
C LEU A 96 12.32 59.75 25.67
N MET A 97 12.07 58.93 26.68
CA MET A 97 13.08 58.00 27.20
C MET A 97 12.41 56.67 27.52
N VAL A 98 13.18 55.59 27.40
CA VAL A 98 12.63 54.26 27.63
C VAL A 98 12.14 54.15 29.05
N GLY A 99 10.86 53.77 29.21
CA GLY A 99 10.22 53.64 30.50
C GLY A 99 9.14 54.68 30.76
N ASN A 100 9.31 55.88 30.21
CA ASN A 100 8.32 56.93 30.39
C ASN A 100 7.04 56.60 29.62
N VAL A 101 5.92 57.12 30.13
CA VAL A 101 4.61 56.92 29.51
C VAL A 101 4.16 58.27 28.97
N LEU A 102 3.93 58.33 27.66
CA LEU A 102 3.55 59.55 26.97
C LEU A 102 2.32 59.33 26.12
N PRO A 103 1.53 60.37 25.87
CA PRO A 103 0.49 60.27 24.85
C PRO A 103 1.09 60.16 23.46
N LEU A 104 0.40 59.42 22.59
CA LEU A 104 0.90 59.22 21.23
C LEU A 104 1.13 60.54 20.51
N ARG A 105 0.37 61.58 20.89
CA ARG A 105 0.53 62.89 20.24
C ARG A 105 1.95 63.42 20.41
N SER A 106 2.60 63.12 21.53
CA SER A 106 3.93 63.64 21.83
C SER A 106 5.05 62.69 21.42
N ILE A 107 4.74 61.57 20.80
CA ILE A 107 5.73 60.57 20.43
C ILE A 107 5.99 60.70 18.93
N PRO A 108 7.22 60.95 18.49
CA PRO A 108 7.48 61.14 17.06
C PRO A 108 7.35 59.84 16.30
N GLU A 109 7.30 59.97 14.97
CA GLU A 109 7.14 58.83 14.10
C GLU A 109 8.38 57.93 14.15
N GLY A 110 8.16 56.62 14.07
CA GLY A 110 9.23 55.65 14.12
C GLY A 110 9.61 55.19 15.51
N ALA A 111 8.99 55.74 16.56
CA ALA A 111 9.32 55.34 17.91
C ALA A 111 8.79 53.95 18.22
N VAL A 112 9.44 53.29 19.15
CA VAL A 112 9.03 51.96 19.62
C VAL A 112 8.32 52.14 20.95
N VAL A 113 7.08 51.64 21.04
CA VAL A 113 6.25 51.80 22.21
C VAL A 113 5.59 50.46 22.55
N CYS A 114 5.08 50.38 23.77
CA CYS A 114 4.41 49.17 24.24
C CYS A 114 3.29 49.56 25.20
N ASN A 115 2.38 48.62 25.43
CA ASN A 115 1.21 48.85 26.28
C ASN A 115 0.43 50.07 25.81
N VAL A 116 0.11 50.09 24.52
CA VAL A 116 -0.56 51.23 23.91
C VAL A 116 -2.05 51.16 24.20
N GLU A 117 -2.62 52.28 24.62
CA GLU A 117 -4.06 52.35 24.85
C GLU A 117 -4.82 52.32 23.52
N HIS A 118 -5.96 51.64 23.52
CA HIS A 118 -6.88 51.68 22.39
C HIS A 118 -7.88 52.82 22.54
N LYS A 119 -8.45 52.97 23.73
CA LYS A 119 -9.31 54.10 24.06
C LYS A 119 -8.59 54.96 25.10
N VAL A 120 -8.76 56.27 24.98
CA VAL A 120 -8.08 57.20 25.87
C VAL A 120 -8.51 56.92 27.31
N GLY A 121 -7.56 56.48 28.13
CA GLY A 121 -7.81 56.18 29.52
C GLY A 121 -8.08 54.72 29.84
N ASP A 122 -8.05 53.83 28.85
CA ASP A 122 -8.27 52.41 29.12
C ASP A 122 -7.07 51.74 29.77
N ARG A 123 -5.93 52.43 29.83
CA ARG A 123 -4.75 52.02 30.60
C ARG A 123 -3.93 50.93 29.93
N GLY A 124 -4.14 50.68 28.64
CA GLY A 124 -3.21 49.89 27.85
C GLY A 124 -3.72 48.50 27.51
N VAL A 125 -3.87 48.21 26.21
CA VAL A 125 -4.36 46.91 25.77
C VAL A 125 -3.45 46.29 24.72
N PHE A 126 -2.58 47.09 24.10
CA PHE A 126 -1.81 46.67 22.94
C PHE A 126 -0.34 46.46 23.29
N ALA A 127 0.26 45.43 22.70
CA ALA A 127 1.70 45.19 22.79
C ALA A 127 2.15 45.08 24.26
N ARG A 128 1.63 44.03 24.93
CA ARG A 128 1.91 43.82 26.34
C ARG A 128 2.73 42.56 26.61
N CYS A 129 2.91 41.68 25.62
CA CYS A 129 3.64 40.45 25.84
C CYS A 129 5.14 40.68 25.71
N SER A 130 5.91 39.74 26.28
CA SER A 130 7.35 39.88 26.33
C SER A 130 7.95 40.02 24.94
N GLY A 131 8.81 41.01 24.76
CA GLY A 131 9.50 41.22 23.50
C GLY A 131 8.67 41.85 22.41
N ASP A 132 7.42 42.21 22.68
CA ASP A 132 6.54 42.81 21.69
C ASP A 132 6.50 44.32 21.86
N TYR A 133 6.15 45.00 20.78
CA TYR A 133 6.14 46.46 20.75
C TYR A 133 5.28 46.91 19.59
N ALA A 134 4.96 48.19 19.60
CA ALA A 134 4.27 48.85 18.49
C ALA A 134 5.14 49.98 17.97
N ILE A 135 4.99 50.26 16.67
CA ILE A 135 5.78 51.29 15.99
C ILE A 135 4.83 52.40 15.55
N VAL A 136 5.15 53.63 15.93
CA VAL A 136 4.37 54.78 15.49
C VAL A 136 4.66 55.05 14.03
N ILE A 137 3.62 55.08 13.21
CA ILE A 137 3.78 55.21 11.76
C ILE A 137 3.68 56.68 11.37
N SER A 138 2.55 57.31 11.68
CA SER A 138 2.32 58.69 11.27
C SER A 138 1.25 59.30 12.17
N HIS A 139 1.14 60.62 12.12
CA HIS A 139 0.15 61.38 12.85
C HIS A 139 -0.78 62.10 11.88
N ASN A 140 -2.02 62.31 12.31
CA ASN A 140 -3.04 63.00 11.53
C ASN A 140 -3.60 64.13 12.37
N PRO A 141 -2.98 65.31 12.33
CA PRO A 141 -3.48 66.42 13.18
C PRO A 141 -4.92 66.79 12.91
N ASP A 142 -5.38 66.68 11.67
CA ASP A 142 -6.76 67.04 11.35
C ASP A 142 -7.75 66.17 12.10
N ASN A 143 -7.58 64.85 12.01
CA ASN A 143 -8.46 63.91 12.69
C ASN A 143 -8.08 63.69 14.15
N GLY A 144 -6.90 64.13 14.56
CA GLY A 144 -6.44 63.86 15.92
C GLY A 144 -6.23 62.39 16.19
N THR A 145 -5.68 61.65 15.21
CA THR A 145 -5.48 60.23 15.33
C THR A 145 -4.05 59.89 14.95
N THR A 146 -3.63 58.68 15.32
CA THR A 146 -2.27 58.20 15.07
C THR A 146 -2.34 56.80 14.46
N ARG A 147 -1.37 56.50 13.60
CA ARG A 147 -1.22 55.19 13.00
C ARG A 147 -0.07 54.45 13.67
N VAL A 148 -0.33 53.22 14.10
CA VAL A 148 0.67 52.39 14.74
C VAL A 148 0.63 51.00 14.10
N LYS A 149 1.77 50.33 14.12
CA LYS A 149 1.89 48.96 13.62
C LYS A 149 1.92 48.02 14.81
N LEU A 150 0.98 47.08 14.84
CA LEU A 150 0.86 46.15 15.96
C LEU A 150 1.80 44.96 15.78
N PRO A 151 2.05 44.20 16.84
CA PRO A 151 2.99 43.07 16.73
C PRO A 151 2.63 42.09 15.63
N SER A 152 1.34 41.86 15.37
CA SER A 152 0.95 40.95 14.31
C SER A 152 1.23 41.49 12.91
N GLY A 153 1.61 42.77 12.80
CA GLY A 153 1.84 43.38 11.52
C GLY A 153 0.65 44.15 10.96
N ALA A 154 -0.40 44.35 11.75
CA ALA A 154 -1.58 45.08 11.31
C ALA A 154 -1.45 46.55 11.69
N LYS A 155 -1.95 47.42 10.81
CA LYS A 155 -1.95 48.86 11.04
C LYS A 155 -3.31 49.28 11.59
N LYS A 156 -3.29 50.07 12.65
CA LYS A 156 -4.52 50.47 13.33
C LYS A 156 -4.51 51.97 13.59
N ILE A 157 -5.72 52.55 13.59
CA ILE A 157 -5.92 53.96 13.88
C ILE A 157 -6.35 54.09 15.33
N VAL A 158 -5.64 54.92 16.09
CA VAL A 158 -5.98 55.17 17.49
C VAL A 158 -5.95 56.67 17.73
N PRO A 159 -6.79 57.20 18.63
CA PRO A 159 -6.73 58.64 18.92
C PRO A 159 -5.38 59.03 19.50
N SER A 160 -4.93 60.24 19.16
CA SER A 160 -3.61 60.69 19.58
C SER A 160 -3.50 60.84 21.09
N GLY A 161 -4.62 60.89 21.82
CA GLY A 161 -4.56 60.98 23.26
C GLY A 161 -4.18 59.69 23.95
N CYS A 162 -4.24 58.56 23.24
CA CYS A 162 -3.88 57.29 23.84
C CYS A 162 -2.44 57.31 24.33
N ARG A 163 -2.23 56.76 25.53
CA ARG A 163 -0.92 56.74 26.14
C ARG A 163 -0.16 55.47 25.75
N ALA A 164 1.17 55.56 25.83
CA ALA A 164 2.02 54.42 25.51
C ALA A 164 3.35 54.59 26.22
N MET A 165 3.92 53.48 26.64
CA MET A 165 5.23 53.47 27.29
C MET A 165 6.32 53.34 26.23
N ILE A 166 7.38 54.13 26.40
CA ILE A 166 8.48 54.13 25.44
C ILE A 166 9.33 52.88 25.65
N GLY A 167 9.61 52.18 24.56
CA GLY A 167 10.42 50.97 24.60
C GLY A 167 9.60 49.74 24.28
N GLN A 168 10.26 48.59 24.37
CA GLN A 168 9.63 47.29 24.14
C GLN A 168 9.50 46.54 25.45
N VAL A 169 8.60 45.56 25.46
CA VAL A 169 8.36 44.77 26.66
C VAL A 169 9.57 43.90 26.95
N ALA A 170 9.96 43.85 28.22
CA ALA A 170 11.11 43.07 28.64
C ALA A 170 10.82 41.57 28.56
N GLY A 171 11.89 40.77 28.61
CA GLY A 171 11.75 39.34 28.57
C GLY A 171 11.66 38.74 27.18
N GLY A 172 12.05 39.49 26.16
CA GLY A 172 11.95 38.99 24.79
C GLY A 172 12.87 37.82 24.52
N GLY A 173 12.51 37.04 23.51
CA GLY A 173 13.26 35.84 23.16
C GLY A 173 12.88 34.61 23.95
N ARG A 174 11.82 34.67 24.75
CA ARG A 174 11.44 33.55 25.59
C ARG A 174 11.11 32.31 24.76
N THR A 175 10.34 32.48 23.69
CA THR A 175 9.84 31.33 22.94
C THR A 175 10.92 30.67 22.08
N GLU A 176 12.10 31.27 21.96
CA GLU A 176 13.16 30.67 21.16
C GLU A 176 13.70 29.39 21.80
N LYS A 177 13.70 29.32 23.13
CA LYS A 177 14.26 28.17 23.82
C LYS A 177 13.33 26.97 23.72
N PRO A 178 13.78 25.82 23.22
CA PRO A 178 12.90 24.64 23.19
C PRO A 178 12.58 24.13 24.59
N MET A 179 11.37 23.60 24.74
CA MET A 179 10.94 23.06 26.03
C MET A 179 11.61 21.72 26.30
N LEU A 180 11.72 20.87 25.28
CA LEU A 180 12.42 19.59 25.32
C LEU A 180 11.69 18.50 26.09
N LYS A 181 10.65 18.85 26.84
CA LYS A 181 10.04 17.90 27.76
C LYS A 181 8.57 18.18 27.92
N ALA A 182 7.78 17.12 28.07
CA ALA A 182 6.38 17.28 28.42
C ALA A 182 6.24 17.98 29.77
N GLY A 183 7.11 17.63 30.72
CA GLY A 183 7.02 18.22 32.04
C GLY A 183 7.18 19.73 32.03
N ASN A 184 8.07 20.24 31.18
CA ASN A 184 8.23 21.69 31.07
C ASN A 184 6.94 22.33 30.56
N ALA A 185 6.28 21.70 29.58
CA ALA A 185 4.97 22.18 29.15
C ALA A 185 3.96 22.09 30.28
N TYR A 186 4.03 21.01 31.06
CA TYR A 186 3.12 20.86 32.19
C TYR A 186 3.26 22.01 33.17
N HIS A 187 4.49 22.37 33.52
CA HIS A 187 4.71 23.47 34.46
C HIS A 187 4.27 24.80 33.85
N LYS A 188 4.47 24.97 32.54
CA LYS A 188 4.07 26.21 31.90
C LYS A 188 2.57 26.43 32.01
N TYR A 189 1.78 25.43 31.65
CA TYR A 189 0.33 25.58 31.65
C TYR A 189 -0.31 25.30 33.00
N ARG A 190 0.45 24.74 33.96
CA ARG A 190 -0.10 24.57 35.30
C ARG A 190 -0.53 25.90 35.91
N VAL A 191 0.15 26.98 35.54
CA VAL A 191 -0.13 28.31 36.09
C VAL A 191 -0.86 29.19 35.10
N LYS A 192 -1.36 28.63 34.00
CA LYS A 192 -2.14 29.41 33.03
C LYS A 192 -3.61 29.00 33.01
N ARG A 193 -3.90 27.75 32.68
CA ARG A 193 -5.28 27.26 32.58
C ARG A 193 -5.21 25.78 32.21
N ASN A 194 -6.37 25.13 32.22
CA ASN A 194 -6.46 23.69 31.98
C ASN A 194 -6.68 23.45 30.48
N CYS A 195 -5.58 23.53 29.73
CA CYS A 195 -5.61 23.34 28.28
C CYS A 195 -4.58 22.34 27.77
N TRP A 196 -3.83 21.69 28.65
CA TRP A 196 -2.75 20.80 28.27
C TRP A 196 -2.82 19.55 29.14
N PRO A 197 -2.59 18.35 28.58
CA PRO A 197 -2.29 18.02 27.18
C PRO A 197 -3.53 18.08 26.30
N LYS A 198 -3.33 18.02 24.98
CA LYS A 198 -4.41 18.04 24.01
C LYS A 198 -4.51 16.68 23.35
N VAL A 199 -5.72 16.12 23.30
CA VAL A 199 -5.99 14.86 22.63
C VAL A 199 -6.54 15.17 21.24
N ARG A 200 -5.99 14.49 20.24
CA ARG A 200 -6.42 14.73 18.87
C ARG A 200 -7.83 14.19 18.64
N GLY A 201 -8.62 14.94 17.86
CA GLY A 201 -9.97 14.51 17.59
C GLY A 201 -10.04 13.18 16.85
N VAL A 202 -9.13 12.96 15.91
CA VAL A 202 -9.12 11.70 15.16
C VAL A 202 -8.86 10.51 16.06
N ALA A 203 -8.36 10.73 17.27
CA ALA A 203 -8.16 9.65 18.23
C ALA A 203 -9.39 9.39 19.09
N MET A 204 -10.42 10.20 18.98
CA MET A 204 -11.64 10.05 19.75
C MET A 204 -12.66 9.21 18.99
N ASN A 205 -13.75 8.91 19.66
CA ASN A 205 -14.87 8.24 19.02
C ASN A 205 -15.82 9.25 18.40
N PRO A 206 -16.66 8.82 17.45
CA PRO A 206 -17.57 9.78 16.79
C PRO A 206 -18.46 10.53 17.76
N VAL A 207 -18.84 9.91 18.88
CA VAL A 207 -19.80 10.53 19.79
C VAL A 207 -19.32 11.89 20.26
N GLU A 208 -18.00 12.07 20.39
CA GLU A 208 -17.46 13.26 21.03
C GLU A 208 -16.61 14.15 20.13
N HIS A 209 -16.50 13.85 18.83
CA HIS A 209 -15.78 14.75 17.95
C HIS A 209 -16.12 14.45 16.49
N PRO A 210 -16.28 15.47 15.65
CA PRO A 210 -16.56 15.19 14.23
C PRO A 210 -15.47 14.37 13.55
N HIS A 211 -14.23 14.47 14.00
CA HIS A 211 -13.13 13.72 13.40
C HIS A 211 -13.01 12.29 13.92
N GLY A 212 -13.81 11.90 14.91
CA GLY A 212 -13.65 10.60 15.53
C GLY A 212 -14.16 9.45 14.67
N GLY A 213 -13.72 8.25 15.05
CA GLY A 213 -14.22 7.03 14.44
C GLY A 213 -13.45 6.61 13.21
N GLY A 214 -13.91 5.51 12.63
CA GLY A 214 -13.30 4.93 11.44
C GLY A 214 -12.29 3.87 11.76
N ASN A 215 -12.18 2.89 10.86
CA ASN A 215 -11.21 1.81 11.04
C ASN A 215 -9.78 2.27 10.78
N HIS A 216 -9.59 3.49 10.27
CA HIS A 216 -8.30 4.14 10.21
C HIS A 216 -8.45 5.53 10.82
N GLN A 217 -7.37 6.04 11.40
CA GLN A 217 -7.38 7.40 11.92
C GLN A 217 -7.27 8.37 10.74
N HIS A 218 -8.38 9.02 10.42
CA HIS A 218 -8.42 9.99 9.33
C HIS A 218 -9.63 10.89 9.54
N ILE A 219 -9.55 12.11 9.01
CA ILE A 219 -10.62 13.07 9.20
C ILE A 219 -11.88 12.64 8.44
N GLY A 220 -11.72 12.22 7.19
CA GLY A 220 -12.83 11.77 6.38
C GLY A 220 -13.60 12.86 5.68
N HIS A 221 -13.38 14.12 6.04
CA HIS A 221 -14.00 15.24 5.35
C HIS A 221 -13.08 16.45 5.51
N ALA A 222 -13.27 17.44 4.65
CA ALA A 222 -12.41 18.62 4.67
C ALA A 222 -12.36 19.21 6.07
N SER A 223 -11.15 19.40 6.59
CA SER A 223 -10.98 19.98 7.91
C SER A 223 -11.28 21.47 7.94
N THR A 224 -11.39 22.12 6.78
CA THR A 224 -11.78 23.53 6.72
C THR A 224 -13.29 23.65 6.89
N VAL A 225 -13.73 24.36 7.91
CA VAL A 225 -15.14 24.54 8.21
C VAL A 225 -15.48 26.02 8.05
N ARG A 226 -16.73 26.28 7.67
CA ARG A 226 -17.16 27.64 7.38
C ARG A 226 -17.29 28.46 8.66
N ARG A 227 -17.36 29.78 8.47
CA ARG A 227 -17.44 30.70 9.61
C ARG A 227 -18.72 30.49 10.40
N ASP A 228 -19.84 30.24 9.72
CA ASP A 228 -21.15 30.19 10.36
C ASP A 228 -21.51 28.82 10.92
N ALA A 229 -20.58 27.87 10.91
CA ALA A 229 -20.89 26.56 11.46
C ALA A 229 -21.25 26.68 12.93
N PRO A 230 -22.25 25.95 13.41
CA PRO A 230 -22.70 26.09 14.81
C PRO A 230 -21.68 25.48 15.77
N PRO A 231 -21.72 25.86 17.04
CA PRO A 231 -20.82 25.24 18.03
C PRO A 231 -21.03 23.73 18.08
N GLY A 232 -19.93 23.01 18.19
CA GLY A 232 -19.92 21.57 18.12
C GLY A 232 -19.62 21.02 16.74
N GLN A 233 -19.91 21.80 15.70
CA GLN A 233 -19.52 21.46 14.34
C GLN A 233 -18.29 22.22 13.88
N LYS A 234 -17.97 23.35 14.51
CA LYS A 234 -16.86 24.20 14.10
C LYS A 234 -15.58 23.72 14.77
N VAL A 235 -14.95 22.73 14.12
CA VAL A 235 -13.67 22.19 14.55
C VAL A 235 -12.75 22.16 13.35
N GLY A 236 -11.44 22.17 13.62
CA GLY A 236 -10.45 22.17 12.57
C GLY A 236 -10.05 23.57 12.14
N LEU A 237 -9.81 23.75 10.85
CA LEU A 237 -9.35 25.03 10.31
C LEU A 237 -10.58 25.90 10.05
N ILE A 238 -10.82 26.86 10.92
CA ILE A 238 -12.04 27.66 10.89
C ILE A 238 -11.90 28.76 9.84
N ALA A 239 -12.79 28.75 8.86
CA ALA A 239 -12.85 29.80 7.84
C ALA A 239 -11.50 30.02 7.18
N ALA A 240 -10.82 28.92 6.86
CA ALA A 240 -9.48 28.98 6.29
C ALA A 240 -9.54 29.58 4.89
N ARG A 241 -8.84 30.70 4.69
CA ARG A 241 -8.72 31.26 3.35
C ARG A 241 -7.81 30.40 2.48
N ARG A 242 -6.87 29.69 3.09
CA ARG A 242 -5.97 28.79 2.38
C ARG A 242 -5.44 27.78 3.38
N THR A 243 -4.74 26.78 2.87
CA THR A 243 -4.12 25.75 3.68
C THR A 243 -2.78 25.38 3.07
N GLY A 244 -2.05 24.50 3.73
CA GLY A 244 -0.76 24.03 3.25
C GLY A 244 0.37 24.95 3.66
N ARG A 245 1.59 24.49 3.34
CA ARG A 245 2.78 25.22 3.72
C ARG A 245 2.76 26.62 3.11
N LEU A 246 3.05 27.63 3.92
CA LEU A 246 3.03 29.02 3.48
C LEU A 246 4.33 29.32 2.75
N ARG A 247 4.27 29.27 1.42
CA ARG A 247 5.40 29.61 0.56
C ARG A 247 5.07 30.86 -0.24
N GLY A 248 6.10 31.60 -0.61
CA GLY A 248 5.88 32.80 -1.40
C GLY A 248 5.26 33.91 -0.56
N GLN A 249 4.67 34.89 -1.26
CA GLN A 249 4.15 36.07 -0.59
C GLN A 249 3.17 35.73 0.53
N ALA A 250 2.66 34.49 0.57
CA ALA A 250 1.71 34.12 1.62
C ALA A 250 2.33 34.22 3.00
N ARG A 251 3.59 33.78 3.14
CA ARG A 251 4.26 33.76 4.44
C ARG A 251 4.89 35.11 4.80
N ALA A 252 4.55 36.18 4.09
CA ALA A 252 5.11 37.49 4.38
C ALA A 252 4.54 38.05 5.67
N ILE B 7 -123.86 -12.04 41.92
CA ILE B 7 -122.51 -11.47 41.98
C ILE B 7 -121.84 -11.92 43.27
N PRO B 8 -120.65 -12.52 43.17
CA PRO B 8 -119.98 -13.02 44.38
C PRO B 8 -119.69 -11.91 45.37
N THR B 9 -119.81 -12.23 46.64
CA THR B 9 -119.56 -11.29 47.73
C THR B 9 -118.67 -11.94 48.77
N THR B 10 -117.96 -11.10 49.52
CA THR B 10 -117.03 -11.54 50.56
C THR B 10 -117.54 -11.10 51.92
N THR B 11 -117.63 -12.05 52.85
CA THR B 11 -118.08 -11.73 54.19
C THR B 11 -117.02 -10.91 54.93
N VAL B 12 -117.50 -9.98 55.76
CA VAL B 12 -116.63 -9.12 56.55
C VAL B 12 -116.67 -9.61 57.99
N GLN B 13 -115.52 -10.08 58.47
CA GLN B 13 -115.43 -10.53 59.86
C GLN B 13 -115.55 -9.36 60.81
N SER B 14 -116.26 -9.59 61.92
CA SER B 14 -116.50 -8.56 62.93
C SER B 14 -115.70 -8.87 64.18
N LEU B 15 -115.10 -7.83 64.76
CA LEU B 15 -114.36 -7.96 66.01
C LEU B 15 -115.29 -7.74 67.19
N GLU B 16 -114.89 -8.30 68.33
CA GLU B 16 -115.69 -8.14 69.54
C GLU B 16 -115.76 -6.68 69.95
N ASN B 17 -116.90 -6.28 70.51
CA ASN B 17 -117.21 -4.94 70.98
C ASN B 17 -117.59 -4.00 69.83
N ASP B 18 -117.67 -4.50 68.60
CA ASP B 18 -118.08 -3.66 67.48
C ASP B 18 -119.56 -3.31 67.59
N SER B 23 -124.33 -3.44 56.83
CA SER B 23 -123.66 -4.18 55.76
C SER B 23 -122.62 -5.14 56.33
N ALA B 24 -122.68 -6.39 55.89
CA ALA B 24 -121.75 -7.42 56.33
C ALA B 24 -121.06 -8.14 55.19
N ALA B 25 -121.35 -7.79 53.94
CA ALA B 25 -120.73 -8.40 52.78
C ALA B 25 -120.29 -7.33 51.80
N VAL B 26 -119.24 -7.63 51.04
CA VAL B 26 -118.71 -6.72 50.03
C VAL B 26 -118.56 -7.48 48.73
N PRO B 27 -118.89 -6.90 47.58
CA PRO B 27 -118.69 -7.61 46.32
C PRO B 27 -117.22 -7.90 46.08
N LEU B 28 -116.95 -9.02 45.43
CA LEU B 28 -115.59 -9.44 45.16
C LEU B 28 -114.97 -8.52 44.11
N PRO B 29 -113.87 -7.82 44.40
CA PRO B 29 -113.28 -6.94 43.38
C PRO B 29 -112.70 -7.73 42.22
N ALA B 30 -112.67 -7.06 41.05
CA ALA B 30 -112.23 -7.73 39.84
C ALA B 30 -110.77 -8.17 39.94
N VAL B 31 -109.96 -7.47 40.72
CA VAL B 31 -108.53 -7.80 40.80
C VAL B 31 -108.32 -9.21 41.34
N MET B 32 -109.27 -9.72 42.13
CA MET B 32 -109.14 -11.07 42.67
C MET B 32 -109.30 -12.15 41.61
N LYS B 33 -109.87 -11.81 40.45
CA LYS B 33 -110.00 -12.75 39.35
C LYS B 33 -108.92 -12.55 38.29
N ALA B 34 -107.89 -11.76 38.59
CA ALA B 34 -106.83 -11.52 37.63
C ALA B 34 -106.03 -12.81 37.41
N PRO B 35 -105.36 -12.92 36.26
CA PRO B 35 -104.57 -14.13 36.00
C PRO B 35 -103.45 -14.29 37.01
N ILE B 36 -103.14 -15.55 37.32
CA ILE B 36 -102.00 -15.90 38.15
C ILE B 36 -100.85 -16.28 37.22
N ARG B 37 -99.78 -15.49 37.24
CA ARG B 37 -98.65 -15.67 36.33
C ARG B 37 -97.38 -15.76 37.16
N PRO B 38 -97.05 -16.95 37.68
CA PRO B 38 -95.82 -17.07 38.47
C PRO B 38 -94.57 -16.71 37.70
N ASP B 39 -94.53 -16.96 36.38
CA ASP B 39 -93.37 -16.58 35.60
C ASP B 39 -93.18 -15.06 35.60
N VAL B 40 -94.27 -14.31 35.44
CA VAL B 40 -94.18 -12.85 35.45
C VAL B 40 -93.79 -12.36 36.83
N VAL B 41 -94.39 -12.93 37.88
CA VAL B 41 -94.11 -12.47 39.23
C VAL B 41 -92.65 -12.67 39.59
N THR B 42 -92.12 -13.86 39.30
CA THR B 42 -90.72 -14.12 39.60
C THR B 42 -89.79 -13.17 38.85
N TYR B 43 -90.07 -12.95 37.56
CA TYR B 43 -89.21 -12.07 36.77
C TYR B 43 -89.21 -10.66 37.33
N VAL B 44 -90.38 -10.14 37.68
CA VAL B 44 -90.47 -8.78 38.22
C VAL B 44 -89.85 -8.71 39.61
N HIS B 45 -90.12 -9.71 40.44
CA HIS B 45 -89.66 -9.67 41.83
C HIS B 45 -88.13 -9.65 41.91
N SER B 46 -87.47 -10.50 41.13
CA SER B 46 -86.01 -10.57 41.20
C SER B 46 -85.37 -9.27 40.73
N ASN B 47 -85.88 -8.69 39.65
CA ASN B 47 -85.26 -7.48 39.10
C ASN B 47 -85.44 -6.29 40.03
N ILE B 48 -86.65 -6.11 40.59
CA ILE B 48 -86.88 -4.94 41.42
C ILE B 48 -86.23 -5.07 42.79
N SER B 49 -85.96 -6.29 43.27
CA SER B 49 -85.28 -6.45 44.55
C SER B 49 -83.83 -6.00 44.48
N LYS B 50 -83.28 -5.83 43.27
CA LYS B 50 -81.93 -5.29 43.12
C LYS B 50 -81.87 -3.79 43.36
N ASN B 51 -83.01 -3.10 43.28
CA ASN B 51 -83.01 -1.64 43.26
C ASN B 51 -82.70 -1.02 44.62
N ALA B 52 -82.73 -1.78 45.70
CA ALA B 52 -82.38 -1.28 47.02
C ALA B 52 -80.92 -1.55 47.39
N ARG B 53 -80.13 -2.10 46.46
CA ARG B 53 -78.76 -2.49 46.77
C ARG B 53 -77.84 -1.28 46.88
N GLN B 54 -76.89 -1.36 47.81
CA GLN B 54 -75.81 -0.38 47.89
C GLN B 54 -74.57 -0.90 47.16
N PRO B 55 -73.88 -0.05 46.41
CA PRO B 55 -72.70 -0.52 45.67
C PRO B 55 -71.57 -0.92 46.61
N TYR B 56 -70.78 -1.90 46.16
CA TYR B 56 -69.55 -2.28 46.82
C TYR B 56 -68.45 -2.37 45.77
N ALA B 57 -67.23 -2.02 46.17
CA ALA B 57 -66.09 -2.08 45.27
C ALA B 57 -64.80 -2.00 46.07
N VAL B 58 -63.78 -2.69 45.58
CA VAL B 58 -62.46 -2.62 46.19
C VAL B 58 -61.86 -1.25 45.88
N SER B 59 -60.83 -0.87 46.62
CA SER B 59 -60.17 0.40 46.38
C SER B 59 -59.51 0.41 45.00
N ARG B 60 -59.60 1.55 44.31
CA ARG B 60 -59.03 1.66 42.98
C ARG B 60 -57.52 1.48 42.98
N LYS B 61 -56.85 1.86 44.08
CA LYS B 61 -55.41 1.77 44.17
C LYS B 61 -54.91 0.48 44.82
N ALA B 62 -55.80 -0.44 45.16
CA ALA B 62 -55.40 -1.63 45.90
C ALA B 62 -54.47 -2.50 45.05
N GLY B 63 -53.36 -2.91 45.66
CA GLY B 63 -52.41 -3.78 45.00
C GLY B 63 -51.43 -3.10 44.07
N HIS B 64 -51.54 -1.78 43.88
CA HIS B 64 -50.65 -1.04 42.99
C HIS B 64 -49.89 0.07 43.70
N GLN B 65 -49.89 0.09 45.03
CA GLN B 65 -49.12 1.07 45.79
C GLN B 65 -47.67 0.59 45.91
N THR B 66 -47.04 0.40 44.76
CA THR B 66 -45.72 -0.20 44.70
C THR B 66 -45.03 0.24 43.41
N SER B 67 -43.71 0.35 43.48
CA SER B 67 -42.87 0.65 42.32
C SER B 67 -42.22 -0.61 41.74
N ALA B 68 -42.89 -1.76 41.88
CA ALA B 68 -42.30 -3.02 41.46
C ALA B 68 -42.11 -3.07 39.94
N GLU B 69 -41.04 -3.76 39.54
CA GLU B 69 -40.72 -3.94 38.13
C GLU B 69 -40.19 -5.35 37.92
N SER B 70 -40.37 -5.84 36.70
CA SER B 70 -39.89 -7.18 36.37
C SER B 70 -38.36 -7.21 36.35
N TRP B 71 -37.81 -8.29 36.90
CA TRP B 71 -36.37 -8.52 36.80
C TRP B 71 -35.94 -8.92 35.39
N GLY B 72 -36.88 -9.29 34.53
CA GLY B 72 -36.54 -9.81 33.23
C GLY B 72 -36.11 -11.26 33.32
N THR B 73 -35.70 -11.79 32.18
CA THR B 73 -35.27 -13.18 32.10
C THR B 73 -33.75 -13.28 32.31
N GLY B 74 -33.28 -14.50 32.53
CA GLY B 74 -31.88 -14.73 32.79
C GLY B 74 -31.51 -14.81 34.25
N ARG B 75 -32.48 -14.88 35.16
CA ARG B 75 -32.20 -14.96 36.59
C ARG B 75 -32.95 -16.12 37.24
N ALA B 76 -33.38 -17.11 36.47
CA ALA B 76 -33.92 -18.35 36.99
C ALA B 76 -35.17 -18.13 37.83
N VAL B 77 -35.92 -17.07 37.54
CA VAL B 77 -37.19 -16.80 38.23
C VAL B 77 -38.20 -16.33 37.19
N SER B 78 -39.47 -16.40 37.57
CA SER B 78 -40.54 -15.94 36.70
C SER B 78 -40.40 -14.45 36.41
N ARG B 79 -41.08 -14.00 35.36
CA ARG B 79 -40.97 -12.63 34.89
C ARG B 79 -41.97 -11.68 35.57
N ILE B 80 -42.65 -12.14 36.62
CA ILE B 80 -43.61 -11.28 37.32
C ILE B 80 -42.89 -10.06 37.90
N PRO B 81 -43.51 -8.88 37.95
CA PRO B 81 -42.84 -7.75 38.59
C PRO B 81 -42.57 -8.02 40.06
N ARG B 82 -41.48 -7.42 40.57
CA ARG B 82 -41.02 -7.69 41.92
C ARG B 82 -40.67 -6.39 42.63
N VAL B 83 -40.87 -6.39 43.94
CA VAL B 83 -40.59 -5.20 44.76
C VAL B 83 -39.08 -4.96 44.78
N PRO B 84 -38.61 -3.73 44.61
CA PRO B 84 -37.17 -3.46 44.69
C PRO B 84 -36.73 -3.29 46.14
N GLY B 85 -35.45 -2.95 46.32
CA GLY B 85 -34.91 -2.67 47.63
C GLY B 85 -34.38 -3.90 48.33
N GLY B 86 -34.16 -3.73 49.63
CA GLY B 86 -33.63 -4.81 50.44
C GLY B 86 -33.81 -4.50 51.92
N GLY B 87 -33.31 -5.41 52.75
CA GLY B 87 -33.40 -5.26 54.18
C GLY B 87 -34.77 -5.52 54.76
N THR B 88 -35.65 -6.17 54.00
CA THR B 88 -36.99 -6.50 54.46
C THR B 88 -37.49 -7.68 53.66
N HIS B 89 -38.29 -8.53 54.30
CA HIS B 89 -38.82 -9.71 53.61
C HIS B 89 -39.57 -9.32 52.35
N ARG B 90 -40.16 -8.11 52.32
CA ARG B 90 -40.94 -7.69 51.16
C ARG B 90 -40.07 -7.57 49.92
N ALA B 91 -38.78 -7.26 50.07
CA ALA B 91 -37.92 -7.06 48.93
C ALA B 91 -37.84 -8.31 48.07
N GLY B 92 -37.94 -8.13 46.75
CA GLY B 92 -37.85 -9.22 45.82
C GLY B 92 -39.11 -10.03 45.63
N GLN B 93 -40.19 -9.71 46.35
CA GLN B 93 -41.43 -10.46 46.23
C GLN B 93 -42.24 -10.00 45.03
N GLY B 94 -43.07 -10.90 44.51
CA GLY B 94 -43.92 -10.56 43.39
C GLY B 94 -44.98 -9.54 43.74
N ALA B 95 -45.46 -8.83 42.72
CA ALA B 95 -46.45 -7.78 42.92
C ALA B 95 -47.24 -7.57 41.63
N PHE B 96 -48.37 -6.87 41.77
CA PHE B 96 -49.20 -6.43 40.66
C PHE B 96 -50.00 -7.57 40.03
N GLY B 97 -49.77 -8.80 40.44
CA GLY B 97 -50.39 -9.96 39.80
C GLY B 97 -51.60 -10.45 40.58
N ASN B 98 -52.67 -10.75 39.85
CA ASN B 98 -53.83 -11.37 40.46
C ASN B 98 -53.48 -12.70 41.10
N MET B 99 -52.40 -13.35 40.65
CA MET B 99 -51.94 -14.59 41.26
C MET B 99 -50.90 -14.36 42.35
N CYS B 100 -50.60 -13.12 42.68
CA CYS B 100 -49.55 -12.79 43.64
C CYS B 100 -50.16 -12.43 44.99
N ARG B 101 -49.50 -12.87 46.06
CA ARG B 101 -49.84 -12.39 47.39
C ARG B 101 -49.69 -10.88 47.45
N GLY B 102 -50.72 -10.21 47.95
CA GLY B 102 -50.68 -8.77 48.05
C GLY B 102 -50.85 -8.03 46.74
N GLY B 103 -51.23 -8.72 45.67
CA GLY B 103 -51.39 -8.12 44.37
C GLY B 103 -52.78 -7.52 44.18
N ARG B 104 -53.14 -7.36 42.90
CA ARG B 104 -54.41 -6.77 42.50
C ARG B 104 -55.31 -7.85 41.93
N MET B 105 -56.55 -7.90 42.41
CA MET B 105 -57.48 -8.93 41.95
C MET B 105 -57.77 -8.75 40.46
N PHE B 106 -58.12 -9.86 39.82
CA PHE B 106 -58.56 -9.80 38.43
C PHE B 106 -59.87 -9.05 38.31
N ALA B 107 -59.97 -8.20 37.29
CA ALA B 107 -61.16 -7.42 37.01
C ALA B 107 -61.73 -6.82 38.30
N PRO B 108 -61.04 -5.86 38.90
CA PRO B 108 -61.50 -5.32 40.19
C PRO B 108 -62.93 -4.78 40.08
N THR B 109 -63.71 -5.07 41.12
CA THR B 109 -65.09 -4.60 41.15
C THR B 109 -65.13 -3.08 41.17
N GLN B 110 -66.04 -2.51 40.40
CA GLN B 110 -66.19 -1.06 40.26
C GLN B 110 -67.57 -0.65 40.76
N THR B 111 -67.66 0.61 41.23
CA THR B 111 -68.93 1.10 41.73
C THR B 111 -69.95 1.30 40.62
N TRP B 112 -69.51 1.56 39.39
CA TRP B 112 -70.41 1.83 38.29
C TRP B 112 -70.91 0.56 37.60
N ARG B 113 -70.87 -0.57 38.31
CA ARG B 113 -71.66 -1.73 37.89
C ARG B 113 -73.12 -1.34 37.80
N ARG B 114 -73.85 -1.98 36.89
CA ARG B 114 -75.27 -1.67 36.69
C ARG B 114 -76.08 -2.43 37.74
N TRP B 115 -76.23 -1.79 38.91
CA TRP B 115 -76.91 -2.44 40.04
C TRP B 115 -78.41 -2.51 39.83
N HIS B 116 -79.01 -1.42 39.36
CA HIS B 116 -80.47 -1.28 39.35
C HIS B 116 -81.06 -1.82 38.05
N ARG B 117 -82.38 -2.03 38.09
CA ARG B 117 -83.15 -2.48 36.94
C ARG B 117 -84.46 -1.69 36.90
N LYS B 118 -84.88 -1.29 35.70
CA LYS B 118 -86.15 -0.59 35.51
C LYS B 118 -87.07 -1.47 34.66
N ILE B 119 -87.92 -2.24 35.33
CA ILE B 119 -88.93 -3.04 34.65
C ILE B 119 -90.04 -2.09 34.19
N PRO B 120 -90.65 -2.30 33.02
CA PRO B 120 -91.74 -1.41 32.60
C PRO B 120 -92.86 -1.38 33.63
N VAL B 121 -93.46 -0.20 33.79
CA VAL B 121 -94.48 -0.02 34.82
C VAL B 121 -95.62 -1.01 34.63
N ASN B 122 -96.05 -1.22 33.38
CA ASN B 122 -97.18 -2.10 33.15
C ASN B 122 -96.89 -3.54 33.58
N GLN B 123 -95.65 -4.00 33.40
CA GLN B 123 -95.29 -5.34 33.88
C GLN B 123 -95.32 -5.39 35.41
N LYS B 124 -94.84 -4.35 36.07
CA LYS B 124 -94.89 -4.32 37.53
C LYS B 124 -96.32 -4.35 38.03
N ARG B 125 -97.22 -3.63 37.36
CA ARG B 125 -98.63 -3.67 37.73
C ARG B 125 -99.23 -5.05 37.47
N TYR B 126 -98.79 -5.71 36.40
CA TYR B 126 -99.23 -7.07 36.12
C TYR B 126 -98.84 -8.00 37.26
N ALA B 127 -97.58 -7.90 37.72
CA ALA B 127 -97.11 -8.78 38.78
C ALA B 127 -97.87 -8.56 40.08
N VAL B 128 -98.17 -7.31 40.41
CA VAL B 128 -98.91 -7.02 41.64
C VAL B 128 -100.30 -7.62 41.59
N ALA B 129 -100.99 -7.47 40.45
CA ALA B 129 -102.34 -8.00 40.32
C ALA B 129 -102.34 -9.52 40.49
N SER B 130 -101.36 -10.20 39.90
CA SER B 130 -101.27 -11.65 40.06
C SER B 130 -101.06 -12.02 41.52
N ALA B 131 -100.18 -11.28 42.22
CA ALA B 131 -99.94 -11.57 43.63
C ALA B 131 -101.20 -11.35 44.46
N ILE B 132 -101.93 -10.27 44.18
CA ILE B 132 -103.17 -10.00 44.91
C ILE B 132 -104.18 -11.12 44.68
N ALA B 133 -104.31 -11.56 43.43
CA ALA B 133 -105.24 -12.63 43.11
C ALA B 133 -104.83 -13.94 43.79
N ALA B 134 -103.53 -14.22 43.84
CA ALA B 134 -103.07 -15.46 44.47
C ALA B 134 -103.37 -15.50 45.95
N SER B 135 -103.45 -14.33 46.60
CA SER B 135 -103.68 -14.29 48.03
C SER B 135 -105.09 -14.74 48.41
N SER B 136 -106.01 -14.78 47.45
CA SER B 136 -107.38 -15.20 47.70
C SER B 136 -107.59 -16.69 47.45
N VAL B 137 -106.55 -17.43 47.08
CA VAL B 137 -106.65 -18.86 46.81
C VAL B 137 -106.07 -19.58 48.02
N PRO B 138 -106.88 -20.26 48.84
CA PRO B 138 -106.32 -20.91 50.04
C PRO B 138 -105.26 -21.94 49.72
N SER B 139 -105.36 -22.64 48.59
CA SER B 139 -104.34 -23.63 48.24
C SER B 139 -102.98 -22.96 48.03
N LEU B 140 -102.96 -21.80 47.39
CA LEU B 140 -101.69 -21.09 47.19
C LEU B 140 -101.16 -20.54 48.50
N VAL B 141 -102.04 -20.02 49.36
CA VAL B 141 -101.59 -19.48 50.63
C VAL B 141 -100.99 -20.58 51.51
N LEU B 142 -101.65 -21.74 51.55
CA LEU B 142 -101.09 -22.88 52.27
C LEU B 142 -99.78 -23.33 51.62
N ALA B 143 -99.74 -23.37 50.29
CA ALA B 143 -98.55 -23.83 49.59
C ALA B 143 -97.33 -22.96 49.91
N ARG B 144 -97.55 -21.70 50.29
CA ARG B 144 -96.46 -20.80 50.60
C ARG B 144 -95.99 -20.92 52.05
N GLY B 145 -96.62 -21.79 52.84
CA GLY B 145 -96.20 -22.03 54.20
C GLY B 145 -97.01 -21.32 55.27
N HIS B 146 -98.08 -20.63 54.91
CA HIS B 146 -98.91 -19.95 55.90
C HIS B 146 -99.86 -20.93 56.57
N ARG B 147 -100.08 -20.73 57.86
CA ARG B 147 -101.00 -21.57 58.64
C ARG B 147 -102.34 -20.84 58.72
N ILE B 148 -103.25 -21.20 57.80
CA ILE B 148 -104.56 -20.56 57.72
C ILE B 148 -105.64 -21.60 57.96
N GLU B 149 -105.34 -22.62 58.77
CA GLU B 149 -106.30 -23.68 58.99
C GLU B 149 -107.52 -23.20 59.77
N SER B 150 -107.35 -22.18 60.62
CA SER B 150 -108.44 -21.64 61.42
C SER B 150 -108.99 -20.34 60.87
N VAL B 151 -108.60 -19.95 59.66
CA VAL B 151 -109.10 -18.70 59.09
C VAL B 151 -110.54 -18.89 58.63
N PRO B 152 -111.48 -18.02 59.03
CA PRO B 152 -112.88 -18.24 58.63
C PRO B 152 -113.11 -18.23 57.13
N GLU B 153 -112.38 -17.40 56.38
CA GLU B 153 -112.63 -17.28 54.96
C GLU B 153 -111.52 -16.48 54.30
N LEU B 154 -111.27 -16.77 53.02
CA LEU B 154 -110.37 -16.01 52.19
C LEU B 154 -111.11 -15.48 50.98
N PRO B 155 -110.97 -14.19 50.62
CA PRO B 155 -110.16 -13.17 51.30
C PRO B 155 -110.69 -12.83 52.68
N LEU B 156 -109.77 -12.54 53.61
CA LEU B 156 -110.12 -12.25 54.99
C LEU B 156 -110.29 -10.74 55.13
N VAL B 157 -111.55 -10.31 55.27
CA VAL B 157 -111.88 -8.90 55.41
C VAL B 157 -112.44 -8.67 56.81
N VAL B 158 -111.89 -7.68 57.51
CA VAL B 158 -112.24 -7.42 58.89
C VAL B 158 -112.84 -6.02 59.00
N SER B 159 -113.53 -5.78 60.11
CA SER B 159 -114.17 -4.49 60.33
C SER B 159 -113.12 -3.39 60.44
N ASP B 160 -113.52 -2.19 60.01
CA ASP B 160 -112.63 -1.04 60.03
C ASP B 160 -112.24 -0.62 61.45
N SER B 161 -112.94 -1.11 62.47
CA SER B 161 -112.59 -0.76 63.84
C SER B 161 -111.19 -1.21 64.20
N VAL B 162 -110.62 -2.17 63.47
CA VAL B 162 -109.26 -2.62 63.74
C VAL B 162 -108.27 -1.49 63.52
N GLU B 163 -108.62 -0.52 62.67
CA GLU B 163 -107.72 0.59 62.40
C GLU B 163 -107.57 1.52 63.60
N GLY B 164 -108.48 1.47 64.56
CA GLY B 164 -108.40 2.27 65.76
C GLY B 164 -107.60 1.67 66.88
N ILE B 165 -107.09 0.45 66.72
CA ILE B 165 -106.32 -0.21 67.78
C ILE B 165 -105.01 0.55 67.98
N GLU B 166 -104.66 0.81 69.24
CA GLU B 166 -103.46 1.56 69.59
C GLU B 166 -102.45 0.76 70.39
N LYS B 167 -102.88 -0.26 71.12
CA LYS B 167 -101.99 -1.05 71.96
C LYS B 167 -101.67 -2.38 71.29
N THR B 168 -100.42 -2.82 71.43
CA THR B 168 -100.03 -4.10 70.84
C THR B 168 -100.81 -5.26 71.47
N SER B 169 -101.13 -5.15 72.76
CA SER B 169 -101.90 -6.22 73.40
C SER B 169 -103.27 -6.36 72.76
N ASN B 170 -103.93 -5.23 72.45
CA ASN B 170 -105.21 -5.30 71.76
C ASN B 170 -105.06 -5.75 70.33
N ALA B 171 -103.92 -5.43 69.69
CA ALA B 171 -103.68 -5.89 68.33
C ALA B 171 -103.62 -7.40 68.26
N ILE B 172 -102.97 -8.03 69.24
CA ILE B 172 -102.86 -9.48 69.23
C ILE B 172 -104.22 -10.13 69.47
N LYS B 173 -105.04 -9.53 70.34
CA LYS B 173 -106.37 -10.07 70.55
C LYS B 173 -107.20 -10.03 69.27
N ALA B 174 -107.02 -8.99 68.47
CA ALA B 174 -107.72 -8.92 67.18
C ALA B 174 -107.32 -10.07 66.28
N LEU B 175 -106.02 -10.40 66.25
CA LEU B 175 -105.55 -11.51 65.43
C LEU B 175 -106.17 -12.83 65.89
N LYS B 176 -106.28 -13.03 67.21
CA LYS B 176 -106.88 -14.25 67.73
C LYS B 176 -108.33 -14.38 67.30
N GLN B 177 -109.09 -13.29 67.34
CA GLN B 177 -110.51 -13.35 67.02
C GLN B 177 -110.73 -13.77 65.57
N ILE B 178 -109.93 -13.22 64.64
CA ILE B 178 -110.10 -13.53 63.22
C ILE B 178 -109.37 -14.79 62.80
N GLY B 179 -108.66 -15.44 63.72
CA GLY B 179 -107.97 -16.68 63.40
C GLY B 179 -106.62 -16.51 62.74
N ALA B 180 -106.05 -15.31 62.73
CA ALA B 180 -104.75 -15.06 62.14
C ALA B 180 -103.60 -15.22 63.13
N TYR B 181 -103.89 -15.41 64.41
CA TYR B 181 -102.82 -15.54 65.40
C TYR B 181 -101.90 -16.73 65.12
N PRO B 182 -102.38 -17.92 64.78
CA PRO B 182 -101.47 -19.05 64.57
C PRO B 182 -100.37 -18.75 63.56
N ASP B 183 -100.69 -18.03 62.48
CA ASP B 183 -99.66 -17.65 61.53
C ASP B 183 -98.68 -16.67 62.14
N ALA B 184 -99.18 -15.71 62.94
CA ALA B 184 -98.29 -14.79 63.65
C ALA B 184 -97.43 -15.54 64.67
N GLU B 185 -98.01 -16.52 65.36
CA GLU B 185 -97.25 -17.31 66.31
C GLU B 185 -96.15 -18.11 65.62
N LYS B 186 -96.40 -18.57 64.39
CA LYS B 186 -95.37 -19.28 63.64
C LYS B 186 -94.14 -18.40 63.43
N ALA B 187 -94.35 -17.12 63.09
CA ALA B 187 -93.22 -16.24 62.82
C ALA B 187 -92.34 -16.07 64.05
N LYS B 188 -92.96 -15.85 65.22
CA LYS B 188 -92.18 -15.65 66.43
C LYS B 188 -91.39 -16.90 66.81
N ASP B 189 -92.02 -18.08 66.67
CA ASP B 189 -91.34 -19.31 67.02
C ASP B 189 -90.19 -19.65 66.07
N SER B 190 -90.15 -19.03 64.89
CA SER B 190 -89.08 -19.27 63.94
C SER B 190 -87.92 -18.30 64.09
N HIS B 191 -87.97 -17.40 65.07
CA HIS B 191 -86.87 -16.48 65.31
C HIS B 191 -85.58 -17.24 65.56
N ALA B 192 -84.55 -16.91 64.79
CA ALA B 192 -83.28 -17.63 64.89
C ALA B 192 -82.18 -16.76 64.30
N ILE B 193 -80.94 -17.14 64.58
CA ILE B 193 -79.77 -16.44 64.08
C ILE B 193 -79.47 -16.89 62.66
N ARG B 194 -79.09 -15.94 61.81
CA ARG B 194 -78.83 -16.24 60.41
C ARG B 194 -77.56 -17.09 60.28
N PRO B 195 -77.62 -18.25 59.63
CA PRO B 195 -76.39 -19.00 59.37
C PRO B 195 -75.47 -18.27 58.40
N GLY B 196 -74.18 -18.53 58.53
CA GLY B 196 -73.20 -18.00 57.60
C GLY B 196 -72.70 -16.62 57.97
N LYS B 197 -71.98 -16.02 57.01
CA LYS B 197 -71.33 -14.73 57.23
C LYS B 197 -72.34 -13.60 57.39
N GLY B 198 -73.60 -13.81 57.02
CA GLY B 198 -74.56 -12.73 57.10
C GLY B 198 -74.79 -12.23 58.51
N LYS B 199 -74.58 -13.09 59.52
CA LYS B 199 -74.89 -12.70 60.88
C LYS B 199 -74.02 -11.55 61.36
N MET B 200 -72.78 -11.47 60.89
CA MET B 200 -71.89 -10.37 61.25
C MET B 200 -72.01 -9.18 60.32
N ARG B 201 -72.89 -9.25 59.32
CA ARG B 201 -73.14 -8.15 58.39
C ARG B 201 -74.38 -7.35 58.77
N ASN B 202 -74.67 -7.23 60.06
CA ASN B 202 -75.84 -6.51 60.55
C ASN B 202 -77.14 -7.12 60.03
N ARG B 203 -77.13 -8.43 59.80
CA ARG B 203 -78.30 -9.20 59.41
C ARG B 203 -78.46 -10.39 60.36
N ARG B 204 -78.46 -10.08 61.66
CA ARG B 204 -78.29 -11.11 62.69
C ARG B 204 -79.40 -12.15 62.63
N TYR B 205 -80.65 -11.72 62.54
CA TYR B 205 -81.80 -12.59 62.78
C TYR B 205 -82.64 -12.75 61.53
N ILE B 206 -83.24 -13.94 61.40
CA ILE B 206 -84.17 -14.27 60.33
C ILE B 206 -85.41 -14.91 60.95
N SER B 207 -86.50 -14.91 60.20
CA SER B 207 -87.75 -15.51 60.66
C SER B 207 -88.70 -15.64 59.48
N ARG B 208 -89.73 -16.46 59.68
CA ARG B 208 -90.76 -16.66 58.67
C ARG B 208 -91.68 -15.45 58.58
N LYS B 209 -92.30 -15.29 57.42
CA LYS B 209 -93.22 -14.19 57.19
C LYS B 209 -94.58 -14.49 57.80
N GLY B 210 -95.15 -13.48 58.45
CA GLY B 210 -96.48 -13.60 59.02
C GLY B 210 -97.53 -13.00 58.10
N PRO B 211 -98.70 -12.70 58.65
CA PRO B 211 -99.75 -12.09 57.82
C PRO B 211 -99.41 -10.66 57.42
N LEU B 212 -99.94 -10.27 56.27
CA LEU B 212 -99.84 -8.89 55.79
C LEU B 212 -101.19 -8.22 55.99
N ILE B 213 -101.18 -7.08 56.69
CA ILE B 213 -102.39 -6.32 56.98
C ILE B 213 -102.44 -5.12 56.06
N VAL B 214 -103.55 -4.97 55.34
CA VAL B 214 -103.75 -3.88 54.39
C VAL B 214 -104.86 -2.98 54.92
N TYR B 215 -104.55 -1.69 55.07
CA TYR B 215 -105.50 -0.71 55.56
C TYR B 215 -105.65 0.41 54.53
N GLY B 216 -106.82 1.05 54.55
CA GLY B 216 -107.15 2.04 53.54
C GLY B 216 -107.29 3.46 54.05
N THR B 217 -107.01 3.69 55.34
CA THR B 217 -107.15 5.00 55.95
C THR B 217 -105.77 5.54 56.28
N GLU B 218 -105.47 6.73 55.77
CA GLU B 218 -104.18 7.36 56.07
C GLU B 218 -104.10 7.76 57.53
N GLY B 219 -102.94 7.51 58.14
CA GLY B 219 -102.72 7.87 59.53
C GLY B 219 -103.40 6.96 60.53
N ALA B 220 -103.87 5.78 60.10
CA ALA B 220 -104.52 4.87 61.04
C ALA B 220 -103.55 4.45 62.13
N LYS B 221 -104.07 4.32 63.35
CA LYS B 221 -103.23 4.02 64.51
C LYS B 221 -102.79 2.56 64.57
N LEU B 222 -103.40 1.67 63.79
CA LEU B 222 -102.98 0.27 63.83
C LEU B 222 -101.59 0.06 63.25
N VAL B 223 -101.06 1.04 62.52
CA VAL B 223 -99.73 0.89 61.94
C VAL B 223 -98.69 0.70 63.02
N LYS B 224 -98.91 1.31 64.20
CA LYS B 224 -97.96 1.23 65.30
C LYS B 224 -98.34 0.20 66.35
N ALA B 225 -99.60 -0.24 66.38
CA ALA B 225 -100.00 -1.29 67.30
C ALA B 225 -99.51 -2.67 66.86
N PHE B 226 -99.37 -2.87 65.55
CA PHE B 226 -98.98 -4.17 65.00
C PHE B 226 -97.50 -4.29 64.66
N ARG B 227 -96.77 -3.17 64.60
CA ARG B 227 -95.43 -3.20 64.02
C ARG B 227 -94.43 -3.96 64.89
N ASN B 228 -94.67 -4.08 66.19
CA ASN B 228 -93.74 -4.78 67.06
C ASN B 228 -93.91 -6.30 66.99
N ILE B 229 -94.96 -6.79 66.36
CA ILE B 229 -95.21 -8.23 66.28
C ILE B 229 -94.32 -8.82 65.18
N PRO B 230 -93.44 -9.76 65.49
CA PRO B 230 -92.56 -10.30 64.45
C PRO B 230 -93.35 -10.96 63.33
N GLY B 231 -92.90 -10.75 62.10
CA GLY B 231 -93.51 -11.35 60.94
C GLY B 231 -94.73 -10.64 60.40
N VAL B 232 -95.27 -9.66 61.12
CA VAL B 232 -96.48 -8.95 60.71
C VAL B 232 -96.06 -7.68 59.99
N GLU B 233 -96.53 -7.52 58.76
CA GLU B 233 -96.26 -6.34 57.94
C GLU B 233 -97.54 -5.56 57.72
N ILE B 234 -97.42 -4.24 57.66
CA ILE B 234 -98.53 -3.33 57.45
C ILE B 234 -98.25 -2.52 56.20
N CYS B 235 -99.24 -2.44 55.31
CA CYS B 235 -99.10 -1.70 54.06
C CYS B 235 -100.41 -1.00 53.73
N HIS B 236 -100.30 0.22 53.21
CA HIS B 236 -101.47 0.96 52.75
C HIS B 236 -101.92 0.43 51.39
N VAL B 237 -103.24 0.40 51.19
CA VAL B 237 -103.79 -0.24 50.00
C VAL B 237 -103.38 0.51 48.73
N ASP B 238 -103.26 1.83 48.81
CA ASP B 238 -102.96 2.62 47.62
C ASP B 238 -101.54 2.41 47.10
N ARG B 239 -100.66 1.81 47.89
CA ARG B 239 -99.26 1.65 47.51
C ARG B 239 -98.76 0.24 47.84
N LEU B 240 -99.50 -0.77 47.38
CA LEU B 240 -99.10 -2.15 47.62
C LEU B 240 -97.75 -2.43 46.97
N ASN B 241 -96.93 -3.23 47.66
CA ASN B 241 -95.57 -3.53 47.24
C ASN B 241 -95.45 -5.01 46.90
N LEU B 242 -94.90 -5.31 45.73
CA LEU B 242 -94.79 -6.70 45.30
C LEU B 242 -93.86 -7.50 46.21
N LEU B 243 -92.77 -6.88 46.68
CA LEU B 243 -91.81 -7.60 47.50
C LEU B 243 -92.47 -8.15 48.77
N LYS B 244 -93.52 -7.50 49.26
CA LYS B 244 -94.26 -8.01 50.40
C LYS B 244 -95.45 -8.88 50.01
N LEU B 245 -95.98 -8.70 48.79
CA LEU B 245 -97.09 -9.53 48.34
C LEU B 245 -96.64 -10.93 47.94
N ALA B 246 -95.43 -11.07 47.41
CA ALA B 246 -94.87 -12.37 47.02
C ALA B 246 -93.43 -12.45 47.52
N PRO B 247 -93.26 -12.51 48.85
CA PRO B 247 -91.89 -12.58 49.38
C PRO B 247 -91.15 -13.80 48.85
N GLY B 248 -89.89 -13.59 48.48
CA GLY B 248 -89.11 -14.64 47.85
C GLY B 248 -89.56 -14.98 46.44
N GLY B 249 -90.37 -14.12 45.82
CA GLY B 249 -90.93 -14.43 44.52
C GLY B 249 -91.92 -15.58 44.54
N HIS B 250 -92.56 -15.82 45.68
CA HIS B 250 -93.49 -16.92 45.85
C HIS B 250 -94.89 -16.39 46.08
N LEU B 251 -95.84 -16.87 45.30
CA LEU B 251 -97.22 -16.43 45.40
C LEU B 251 -97.89 -17.03 46.63
N GLY B 252 -98.94 -16.35 47.09
CA GLY B 252 -99.77 -16.88 48.16
C GLY B 252 -99.50 -16.27 49.52
N ARG B 253 -99.32 -14.95 49.57
CA ARG B 253 -99.14 -14.27 50.84
C ARG B 253 -100.48 -14.20 51.58
N PHE B 254 -100.43 -14.43 52.88
CA PHE B 254 -101.62 -14.34 53.72
C PHE B 254 -101.90 -12.87 54.02
N ILE B 255 -103.04 -12.37 53.55
CA ILE B 255 -103.36 -10.95 53.60
C ILE B 255 -104.64 -10.76 54.40
N ILE B 256 -104.61 -9.83 55.35
CA ILE B 256 -105.78 -9.43 56.11
C ILE B 256 -106.19 -8.04 55.62
N TRP B 257 -107.38 -7.96 55.02
CA TRP B 257 -107.89 -6.72 54.46
C TRP B 257 -108.83 -6.04 55.46
N THR B 258 -108.66 -4.73 55.63
CA THR B 258 -109.69 -3.96 56.28
C THR B 258 -110.83 -3.70 55.30
N LYS B 259 -112.01 -3.38 55.83
CA LYS B 259 -113.17 -3.17 54.96
C LYS B 259 -112.92 -2.01 54.00
N CYS B 260 -112.37 -0.91 54.50
CA CYS B 260 -112.11 0.24 53.64
C CYS B 260 -111.10 -0.09 52.55
N ALA B 261 -110.03 -0.80 52.91
CA ALA B 261 -109.02 -1.16 51.92
C ALA B 261 -109.59 -2.10 50.87
N TYR B 262 -110.42 -3.06 51.30
CA TYR B 262 -110.99 -4.03 50.37
C TYR B 262 -111.90 -3.36 49.36
N GLU B 263 -112.66 -2.35 49.80
CA GLU B 263 -113.59 -1.68 48.90
C GLU B 263 -112.89 -0.76 47.91
N LYS B 264 -111.63 -0.40 48.16
CA LYS B 264 -110.88 0.47 47.26
C LYS B 264 -110.21 -0.29 46.12
N LEU B 265 -110.20 -1.62 46.16
CA LEU B 265 -109.45 -2.38 45.16
C LEU B 265 -110.01 -2.15 43.76
N ASP B 266 -111.33 -2.08 43.62
CA ASP B 266 -111.91 -1.82 42.30
C ASP B 266 -111.49 -0.46 41.78
N ALA B 267 -111.53 0.57 42.63
CA ALA B 267 -111.13 1.90 42.19
C ALA B 267 -109.65 1.96 41.84
N ILE B 268 -108.80 1.33 42.66
CA ILE B 268 -107.36 1.43 42.45
C ILE B 268 -106.95 0.67 41.19
N TYR B 269 -107.44 -0.56 41.03
CA TYR B 269 -107.02 -1.42 39.95
C TYR B 269 -108.05 -1.57 38.84
N GLY B 270 -109.24 -0.99 39.00
CA GLY B 270 -110.23 -1.06 37.95
C GLY B 270 -110.76 -2.48 37.79
N THR B 271 -111.39 -2.70 36.63
CA THR B 271 -111.97 -4.00 36.32
C THR B 271 -111.61 -4.40 34.89
N PHE B 272 -112.20 -5.49 34.40
CA PHE B 272 -111.98 -5.89 33.01
C PHE B 272 -112.73 -5.00 32.03
N ASP B 273 -113.78 -4.30 32.48
CA ASP B 273 -114.60 -3.47 31.62
C ASP B 273 -114.17 -2.00 31.62
N LYS B 274 -114.08 -1.39 32.79
CA LYS B 274 -113.70 0.00 32.92
C LYS B 274 -112.31 0.13 33.52
N PRO B 275 -111.62 1.24 33.28
CA PRO B 275 -110.25 1.38 33.74
C PRO B 275 -110.15 1.89 35.18
N SER B 276 -108.93 1.84 35.71
CA SER B 276 -108.69 2.29 37.07
C SER B 276 -108.89 3.79 37.20
N GLN B 277 -109.23 4.23 38.40
CA GLN B 277 -109.38 5.65 38.69
C GLN B 277 -108.07 6.31 39.11
N GLU B 278 -107.13 5.54 39.66
CA GLU B 278 -105.87 6.07 40.13
C GLU B 278 -104.67 5.65 39.29
N LYS B 279 -104.83 4.65 38.42
CA LYS B 279 -103.81 4.25 37.46
C LYS B 279 -104.34 4.64 36.08
N LYS B 280 -103.95 5.82 35.61
CA LYS B 280 -104.50 6.39 34.39
C LYS B 280 -104.40 5.42 33.23
N GLY B 281 -105.55 5.07 32.65
CA GLY B 281 -105.56 4.25 31.46
C GLY B 281 -105.15 2.81 31.67
N TYR B 282 -105.29 2.29 32.88
CA TYR B 282 -104.87 0.92 33.18
C TYR B 282 -106.08 -0.01 33.22
N LEU B 283 -105.93 -1.17 32.58
CA LEU B 283 -106.94 -2.22 32.60
C LEU B 283 -106.30 -3.52 33.05
N LEU B 284 -107.09 -4.33 33.74
CA LEU B 284 -106.57 -5.60 34.23
C LEU B 284 -106.22 -6.51 33.05
N PRO B 285 -105.12 -7.26 33.14
CA PRO B 285 -104.74 -8.12 32.02
C PRO B 285 -105.69 -9.29 31.84
N ARG B 286 -105.75 -9.79 30.59
CA ARG B 286 -106.56 -10.95 30.26
C ARG B 286 -105.68 -12.19 30.16
N PRO B 287 -106.19 -13.36 30.53
CA PRO B 287 -105.45 -14.60 30.31
C PRO B 287 -105.68 -15.17 28.91
N LYS B 288 -104.72 -15.96 28.46
CA LYS B 288 -104.85 -16.65 27.18
C LYS B 288 -105.89 -17.76 27.21
N MET B 289 -106.40 -18.11 28.38
CA MET B 289 -107.36 -19.20 28.54
C MET B 289 -108.47 -18.73 29.46
N VAL B 290 -109.68 -18.59 28.91
CA VAL B 290 -110.80 -18.10 29.70
C VAL B 290 -111.12 -19.06 30.83
N ASN B 291 -111.17 -20.36 30.52
CA ASN B 291 -111.46 -21.40 31.50
C ASN B 291 -110.26 -22.33 31.58
N ALA B 292 -109.59 -22.32 32.72
CA ALA B 292 -108.39 -23.14 32.93
C ALA B 292 -108.72 -24.56 33.38
N ASP B 293 -110.00 -24.91 33.48
CA ASP B 293 -110.41 -26.25 33.90
C ASP B 293 -110.41 -27.16 32.68
N LEU B 294 -109.29 -27.87 32.47
CA LEU B 294 -109.17 -28.75 31.32
C LEU B 294 -110.22 -29.85 31.36
N ALA B 295 -110.48 -30.41 32.55
CA ALA B 295 -111.42 -31.53 32.64
C ALA B 295 -112.77 -31.18 32.02
N ARG B 296 -113.27 -29.96 32.29
CA ARG B 296 -114.54 -29.57 31.70
C ARG B 296 -114.46 -29.50 30.19
N ILE B 297 -113.38 -28.92 29.64
CA ILE B 297 -113.25 -28.81 28.20
C ILE B 297 -113.05 -30.19 27.57
N ILE B 298 -112.13 -30.97 28.11
CA ILE B 298 -111.80 -32.26 27.49
C ILE B 298 -112.97 -33.22 27.61
N ASN B 299 -113.67 -33.21 28.75
CA ASN B 299 -114.79 -34.11 28.98
C ASN B 299 -116.13 -33.51 28.59
N SER B 300 -116.12 -32.38 27.89
CA SER B 300 -117.37 -31.78 27.43
C SER B 300 -118.01 -32.65 26.35
N ASP B 301 -119.31 -32.43 26.15
CA ASP B 301 -120.02 -33.18 25.12
C ASP B 301 -119.49 -32.85 23.73
N GLU B 302 -119.15 -31.58 23.49
CA GLU B 302 -118.69 -31.18 22.16
C GLU B 302 -117.40 -31.92 21.78
N VAL B 303 -116.44 -31.95 22.70
CA VAL B 303 -115.16 -32.59 22.40
C VAL B 303 -115.34 -34.11 22.34
N GLN B 304 -116.06 -34.68 23.31
CA GLN B 304 -116.18 -36.13 23.38
C GLN B 304 -117.03 -36.72 22.27
N SER B 305 -117.72 -35.90 21.49
CA SER B 305 -118.52 -36.40 20.38
C SER B 305 -117.70 -36.64 19.12
N VAL B 306 -116.46 -36.17 19.06
CA VAL B 306 -115.62 -36.31 17.87
C VAL B 306 -114.35 -37.10 18.13
N VAL B 307 -114.05 -37.47 19.38
CA VAL B 307 -112.86 -38.25 19.65
C VAL B 307 -113.05 -39.66 19.12
N ARG B 308 -111.99 -40.24 18.58
CA ARG B 308 -112.01 -41.61 18.12
C ARG B 308 -111.97 -42.57 19.32
N PRO B 309 -112.36 -43.83 19.12
CA PRO B 309 -112.39 -44.77 20.25
C PRO B 309 -111.01 -44.91 20.88
N ILE B 310 -111.01 -45.07 22.21
CA ILE B 310 -109.75 -45.21 22.95
C ILE B 310 -109.05 -46.50 22.53
N LYS B 311 -107.74 -46.42 22.37
CA LYS B 311 -106.94 -47.58 22.00
C LYS B 311 -106.25 -48.18 23.23
N ARG B 317 -96.55 -55.79 22.91
CA ARG B 317 -95.13 -55.99 23.14
C ARG B 317 -94.52 -56.83 22.03
N ALA B 318 -93.21 -56.69 21.82
CA ALA B 318 -92.55 -57.37 20.73
C ALA B 318 -92.66 -58.89 20.90
N THR B 319 -92.94 -59.57 19.79
CA THR B 319 -93.05 -61.02 19.78
C THR B 319 -91.68 -61.64 19.56
N LEU B 320 -91.26 -62.51 20.49
CA LEU B 320 -89.98 -63.17 20.35
C LEU B 320 -89.95 -63.97 19.06
N LYS B 321 -89.09 -63.57 18.13
CA LYS B 321 -88.99 -64.25 16.85
C LYS B 321 -88.44 -65.66 17.05
N LYS B 322 -89.11 -66.64 16.45
CA LYS B 322 -88.68 -68.03 16.50
C LYS B 322 -88.40 -68.52 15.09
N ASN B 323 -87.46 -69.46 14.99
CA ASN B 323 -87.01 -69.97 13.71
C ASN B 323 -88.03 -70.98 13.16
N PRO B 324 -88.79 -70.63 12.12
CA PRO B 324 -89.74 -71.61 11.55
C PRO B 324 -89.06 -72.84 10.97
N LEU B 325 -87.78 -72.74 10.58
CA LEU B 325 -87.08 -73.90 10.05
C LEU B 325 -86.89 -74.99 11.10
N LYS B 326 -87.07 -74.66 12.38
CA LYS B 326 -86.94 -75.63 13.46
C LYS B 326 -88.22 -75.81 14.26
N ASN B 327 -88.97 -74.74 14.51
CA ASN B 327 -90.20 -74.80 15.31
C ASN B 327 -91.37 -75.07 14.37
N LEU B 328 -92.00 -76.23 14.53
CA LEU B 328 -93.04 -76.66 13.60
C LEU B 328 -94.24 -75.72 13.64
N ASN B 329 -94.76 -75.43 14.84
CA ASN B 329 -95.96 -74.61 14.96
C ASN B 329 -95.74 -73.24 14.36
N VAL B 330 -94.54 -72.67 14.54
CA VAL B 330 -94.24 -71.37 13.95
C VAL B 330 -94.31 -71.45 12.42
N LEU B 331 -93.76 -72.52 11.85
CA LEU B 331 -93.80 -72.68 10.40
C LEU B 331 -95.23 -72.80 9.89
N LEU B 332 -96.06 -73.59 10.58
CA LEU B 332 -97.44 -73.77 10.14
C LEU B 332 -98.22 -72.46 10.22
N LYS B 333 -97.87 -71.60 11.18
CA LYS B 333 -98.55 -70.31 11.28
C LYS B 333 -98.30 -69.46 10.04
N LEU B 334 -97.07 -69.50 9.52
CA LEU B 334 -96.75 -68.72 8.32
C LEU B 334 -97.18 -69.44 7.05
N ASN B 335 -96.93 -70.75 6.95
CA ASN B 335 -97.21 -71.53 5.76
C ASN B 335 -98.02 -72.75 6.14
N PRO B 336 -99.36 -72.64 6.15
CA PRO B 336 -100.16 -73.82 6.52
C PRO B 336 -99.93 -75.02 5.63
N TYR B 337 -99.58 -74.81 4.35
CA TYR B 337 -99.34 -75.92 3.45
C TYR B 337 -98.09 -76.71 3.81
N ALA B 338 -97.22 -76.15 4.67
CA ALA B 338 -96.02 -76.87 5.05
C ALA B 338 -96.34 -78.21 5.70
N LYS B 339 -97.47 -78.30 6.40
CA LYS B 339 -97.84 -79.56 7.02
C LYS B 339 -98.12 -80.63 5.97
N THR B 340 -98.82 -80.27 4.91
CA THR B 340 -99.09 -81.24 3.85
C THR B 340 -97.80 -81.69 3.18
N ALA B 341 -96.88 -80.76 2.93
CA ALA B 341 -95.60 -81.13 2.34
C ALA B 341 -94.82 -82.05 3.27
N ARG B 342 -94.85 -81.78 4.58
CA ARG B 342 -94.14 -82.62 5.54
C ARG B 342 -94.72 -84.03 5.55
N ARG B 343 -96.06 -84.14 5.59
CA ARG B 343 -96.68 -85.46 5.65
C ARG B 343 -96.38 -86.27 4.39
N MET B 344 -96.46 -85.64 3.22
CA MET B 344 -96.22 -86.38 1.98
C MET B 344 -94.78 -86.87 1.89
N SER B 345 -93.83 -86.03 2.31
CA SER B 345 -92.43 -86.45 2.26
C SER B 345 -92.18 -87.63 3.20
N LEU B 346 -92.76 -87.60 4.40
CA LEU B 346 -92.58 -88.70 5.34
C LEU B 346 -93.22 -89.98 4.80
N LEU B 347 -94.45 -89.88 4.28
CA LEU B 347 -95.12 -91.05 3.73
C LEU B 347 -94.38 -91.58 2.50
N ALA B 348 -93.91 -90.69 1.63
CA ALA B 348 -93.20 -91.13 0.44
C ALA B 348 -91.93 -91.88 0.81
N GLU B 349 -91.19 -91.38 1.79
CA GLU B 349 -89.97 -92.08 2.22
C GLU B 349 -90.30 -93.44 2.81
N ALA B 350 -91.38 -93.53 3.58
CA ALA B 350 -91.75 -94.80 4.19
C ALA B 350 -92.03 -95.86 3.13
N GLN B 351 -92.73 -95.48 2.05
CA GLN B 351 -92.99 -96.45 0.99
C GLN B 351 -91.71 -96.92 0.33
N ARG B 352 -90.77 -96.00 0.08
CA ARG B 352 -89.51 -96.40 -0.56
C ARG B 352 -88.72 -97.33 0.34
N VAL B 353 -88.66 -97.05 1.64
CA VAL B 353 -87.94 -97.92 2.56
C VAL B 353 -88.58 -99.31 2.58
N LYS B 354 -89.90 -99.36 2.64
CA LYS B 354 -90.58 -100.65 2.63
C LYS B 354 -90.36 -101.37 1.30
N ALA B 355 -90.40 -100.64 0.19
CA ALA B 355 -90.23 -101.28 -1.11
C ALA B 355 -88.86 -101.93 -1.24
N LYS B 356 -87.81 -101.26 -0.76
CA LYS B 356 -86.47 -101.82 -0.87
C LYS B 356 -86.34 -103.12 -0.07
N LYS B 357 -86.92 -103.15 1.13
CA LYS B 357 -86.83 -104.36 1.95
C LYS B 357 -87.51 -105.54 1.28
N GLU B 358 -88.66 -105.30 0.66
CA GLU B 358 -89.40 -106.36 -0.03
C GLU B 358 -88.78 -106.73 -1.37
N LYS B 359 -87.73 -106.03 -1.82
CA LYS B 359 -87.09 -106.30 -3.10
C LYS B 359 -88.08 -106.16 -4.25
N LEU B 360 -88.98 -105.19 -4.13
CA LEU B 360 -89.96 -104.94 -5.18
C LEU B 360 -89.26 -104.39 -6.42
N ASP B 361 -89.66 -104.90 -7.58
CA ASP B 361 -89.06 -104.48 -8.84
C ASP B 361 -89.29 -103.00 -9.09
N HIS B 365 -89.94 -99.46 -15.75
CA HIS B 365 -89.64 -98.82 -17.03
C HIS B 365 -90.67 -97.74 -17.36
N ALA B 366 -90.18 -96.62 -17.90
CA ALA B 366 -91.04 -95.51 -18.30
C ALA B 366 -90.69 -95.01 -19.70
N ILE B 367 -89.84 -95.71 -20.43
CA ILE B 367 -89.43 -95.31 -21.78
C ILE B 367 -89.53 -96.53 -22.69
N THR B 368 -89.95 -96.28 -23.93
CA THR B 368 -90.06 -97.37 -24.90
C THR B 368 -88.68 -97.95 -25.21
N LYS B 369 -88.67 -99.23 -25.57
CA LYS B 369 -87.40 -99.91 -25.83
C LYS B 369 -86.65 -99.25 -26.96
N GLU B 370 -87.35 -98.87 -28.04
CA GLU B 370 -86.69 -98.19 -29.15
C GLU B 370 -86.18 -96.81 -28.71
N GLU B 371 -86.96 -96.10 -27.90
CA GLU B 371 -86.53 -94.80 -27.42
C GLU B 371 -85.28 -94.91 -26.57
N ALA B 372 -85.19 -95.94 -25.73
CA ALA B 372 -84.01 -96.11 -24.89
C ALA B 372 -82.76 -96.30 -25.74
N SER B 373 -82.86 -97.07 -26.82
CA SER B 373 -81.70 -97.25 -27.69
C SER B 373 -81.25 -95.93 -28.31
N ALA B 374 -82.21 -95.10 -28.75
CA ALA B 374 -81.85 -93.81 -29.33
C ALA B 374 -81.19 -92.91 -28.30
N ILE B 375 -81.68 -92.93 -27.07
CA ILE B 375 -81.10 -92.09 -26.01
C ILE B 375 -79.65 -92.48 -25.76
N LYS B 376 -79.38 -93.79 -25.66
CA LYS B 376 -78.02 -94.25 -25.43
C LYS B 376 -77.10 -93.84 -26.56
N GLY B 377 -77.57 -93.99 -27.81
CA GLY B 377 -76.73 -93.62 -28.94
C GLY B 377 -76.42 -92.13 -28.98
N ALA B 378 -77.43 -91.29 -28.72
CA ALA B 378 -77.21 -89.85 -28.74
C ALA B 378 -76.22 -89.43 -27.65
N SER B 379 -76.38 -89.96 -26.44
CA SER B 379 -75.46 -89.61 -25.37
C SER B 379 -74.05 -90.12 -25.67
N HIS B 380 -73.94 -91.33 -26.20
CA HIS B 380 -72.63 -91.86 -26.54
C HIS B 380 -71.96 -91.03 -27.62
N SER B 381 -72.73 -90.61 -28.64
CA SER B 381 -72.17 -89.75 -29.67
C SER B 381 -71.73 -88.41 -29.10
N TRP B 382 -72.53 -87.85 -28.18
CA TRP B 382 -72.15 -86.59 -27.56
C TRP B 382 -70.87 -86.71 -26.77
N TYR B 383 -70.69 -87.83 -26.07
CA TYR B 383 -69.47 -88.03 -25.29
C TYR B 383 -68.24 -88.10 -26.19
N LYS B 384 -68.39 -88.69 -27.39
CA LYS B 384 -67.26 -88.76 -28.30
C LYS B 384 -66.78 -87.37 -28.69
N THR B 385 -67.71 -86.45 -28.95
CA THR B 385 -67.32 -85.08 -29.24
C THR B 385 -66.68 -84.40 -28.04
N MET B 386 -67.13 -84.75 -26.82
CA MET B 386 -66.55 -84.13 -25.63
C MET B 386 -65.07 -84.44 -25.51
N ILE B 387 -64.67 -85.68 -25.78
CA ILE B 387 -63.27 -86.07 -25.65
C ILE B 387 -62.49 -85.92 -26.95
N SER B 388 -63.13 -85.47 -28.02
CA SER B 388 -62.43 -85.29 -29.28
C SER B 388 -61.33 -84.24 -29.15
N ASP B 389 -60.20 -84.48 -29.82
CA ASP B 389 -59.06 -83.60 -29.77
C ASP B 389 -58.85 -82.92 -31.12
N SER B 390 -58.14 -81.79 -31.07
CA SER B 390 -57.78 -81.09 -32.30
C SER B 390 -56.73 -81.88 -33.07
N ASP B 391 -56.69 -81.66 -34.39
CA ASP B 391 -55.70 -82.30 -35.23
C ASP B 391 -54.34 -81.61 -35.13
N TYR B 392 -54.28 -80.40 -34.60
CA TYR B 392 -53.02 -79.67 -34.44
C TYR B 392 -52.28 -79.55 -35.76
N ALA B 393 -53.04 -79.30 -36.84
CA ALA B 393 -52.45 -79.14 -38.16
C ALA B 393 -52.02 -77.71 -38.44
N GLU B 394 -52.66 -76.73 -37.83
CA GLU B 394 -52.30 -75.33 -38.04
C GLU B 394 -50.95 -74.97 -37.43
N PHE B 395 -50.39 -75.83 -36.59
CA PHE B 395 -49.08 -75.59 -35.98
C PHE B 395 -48.03 -76.37 -36.78
N ASP B 396 -47.70 -75.83 -37.96
CA ASP B 396 -46.79 -76.53 -38.86
C ASP B 396 -45.36 -76.56 -38.32
N ASN B 397 -44.97 -75.55 -37.56
CA ASN B 397 -43.61 -75.48 -37.03
C ASN B 397 -43.39 -76.40 -35.84
N PHE B 398 -44.45 -76.94 -35.24
CA PHE B 398 -44.35 -77.80 -34.06
C PHE B 398 -44.98 -79.17 -34.29
N THR B 399 -44.99 -79.62 -35.55
CA THR B 399 -45.59 -80.92 -35.86
C THR B 399 -44.84 -82.05 -35.15
N LYS B 400 -43.51 -82.05 -35.23
CA LYS B 400 -42.73 -83.09 -34.57
C LYS B 400 -42.88 -83.03 -33.05
N TRP B 401 -42.81 -81.83 -32.48
CA TRP B 401 -42.90 -81.70 -31.03
C TRP B 401 -44.26 -82.15 -30.52
N LEU B 402 -45.33 -81.78 -31.22
CA LEU B 402 -46.67 -82.15 -30.80
C LEU B 402 -46.99 -83.61 -31.07
N GLY B 403 -46.21 -84.29 -31.90
CA GLY B 403 -46.45 -85.68 -32.22
C GLY B 403 -47.68 -85.88 -33.08
N SER C 2 -12.04 -40.83 15.64
CA SER C 2 -10.96 -40.98 14.67
C SER C 2 -9.84 -41.83 15.26
N HIS C 3 -9.01 -42.40 14.39
CA HIS C 3 -7.92 -43.26 14.82
C HIS C 3 -6.91 -42.48 15.66
N ARG C 4 -6.30 -43.17 16.62
CA ARG C 4 -5.25 -42.54 17.42
C ARG C 4 -4.09 -42.14 16.52
N LYS C 5 -3.50 -40.97 16.83
CA LYS C 5 -2.52 -40.37 15.93
C LYS C 5 -1.31 -41.28 15.74
N PHE C 6 -0.79 -41.83 16.85
CA PHE C 6 0.40 -42.67 16.80
C PHE C 6 0.16 -43.94 17.62
N GLU C 7 0.89 -44.99 17.27
CA GLU C 7 0.69 -46.31 17.84
C GLU C 7 1.77 -46.62 18.87
N HIS C 8 1.35 -47.08 20.05
CA HIS C 8 2.24 -47.69 21.01
C HIS C 8 1.48 -48.80 21.73
N PRO C 9 2.18 -49.81 22.25
CA PRO C 9 1.49 -50.88 22.98
C PRO C 9 0.80 -50.35 24.23
N ARG C 10 -0.27 -51.04 24.63
CA ARG C 10 -1.00 -50.63 25.81
C ARG C 10 -0.14 -50.79 27.07
N HIS C 11 -0.47 -50.02 28.10
CA HIS C 11 0.22 -50.08 29.37
C HIS C 11 -0.38 -51.20 30.24
N GLY C 12 0.49 -52.08 30.73
CA GLY C 12 0.07 -53.13 31.62
C GLY C 12 -0.48 -54.34 30.88
N SER C 13 -0.70 -55.41 31.66
CA SER C 13 -1.18 -56.68 31.15
C SER C 13 -2.61 -56.90 31.62
N LEU C 14 -3.49 -57.29 30.69
CA LEU C 14 -4.86 -57.66 31.05
C LEU C 14 -4.97 -59.09 31.53
N GLY C 15 -3.88 -59.86 31.48
CA GLY C 15 -3.88 -61.23 31.96
C GLY C 15 -3.65 -61.39 33.45
N PHE C 16 -3.42 -60.30 34.17
CA PHE C 16 -3.21 -60.33 35.62
C PHE C 16 -4.32 -59.55 36.33
N LEU C 17 -5.53 -59.61 35.78
CA LEU C 17 -6.66 -58.92 36.39
C LEU C 17 -7.51 -59.89 37.20
N PRO C 18 -8.23 -59.40 38.23
CA PRO C 18 -8.15 -58.03 38.74
C PRO C 18 -6.88 -57.82 39.56
N ARG C 19 -6.42 -56.57 39.66
CA ARG C 19 -5.27 -56.22 40.49
C ARG C 19 -5.72 -55.99 41.93
N LYS C 20 -6.28 -57.04 42.52
CA LYS C 20 -6.81 -57.02 43.87
C LYS C 20 -5.83 -57.68 44.83
N ARG C 21 -6.07 -57.49 46.12
CA ARG C 21 -5.33 -58.22 47.13
C ARG C 21 -5.63 -59.71 47.00
N ALA C 22 -4.58 -60.52 47.02
CA ALA C 22 -4.76 -61.96 46.96
C ALA C 22 -5.59 -62.44 48.14
N ALA C 23 -6.45 -63.42 47.91
CA ALA C 23 -7.28 -64.00 48.95
C ALA C 23 -6.53 -65.01 49.81
N ARG C 24 -5.20 -65.03 49.72
CA ARG C 24 -4.38 -65.94 50.49
C ARG C 24 -3.03 -65.29 50.75
N HIS C 25 -2.37 -65.75 51.81
CA HIS C 25 -1.01 -65.33 52.13
C HIS C 25 0.03 -66.34 51.67
N ARG C 26 -0.28 -67.62 51.78
CA ARG C 26 0.59 -68.68 51.30
C ARG C 26 0.34 -68.94 49.83
N GLY C 27 1.42 -69.06 49.06
CA GLY C 27 1.30 -69.34 47.64
C GLY C 27 0.59 -70.64 47.35
N LYS C 28 -0.43 -70.58 46.50
CA LYS C 28 -1.20 -71.77 46.15
C LYS C 28 -0.68 -72.37 44.85
N VAL C 29 -0.52 -73.69 44.83
CA VAL C 29 -0.13 -74.40 43.62
C VAL C 29 -1.37 -74.60 42.77
N LYS C 30 -1.45 -73.86 41.66
CA LYS C 30 -2.60 -73.98 40.76
C LYS C 30 -2.55 -75.27 39.94
N ALA C 31 -1.35 -75.76 39.62
CA ALA C 31 -1.21 -76.95 38.79
C ALA C 31 0.05 -77.70 39.22
N PHE C 32 -0.08 -79.02 39.38
CA PHE C 32 1.04 -79.87 39.73
C PHE C 32 1.63 -80.52 38.49
N PRO C 33 2.88 -80.97 38.55
CA PRO C 33 3.49 -81.61 37.38
C PRO C 33 2.71 -82.85 36.95
N LYS C 34 2.69 -83.09 35.65
CA LYS C 34 2.03 -84.28 35.11
C LYS C 34 2.65 -85.54 35.71
N ASP C 35 1.80 -86.49 36.08
CA ASP C 35 2.25 -87.68 36.77
C ASP C 35 2.74 -88.73 35.78
N ASP C 36 3.92 -89.28 36.04
CA ASP C 36 4.49 -90.36 35.24
C ASP C 36 4.53 -91.63 36.07
N PRO C 37 3.65 -92.60 35.84
CA PRO C 37 3.62 -93.79 36.72
C PRO C 37 4.93 -94.56 36.74
N SER C 38 5.70 -94.55 35.64
CA SER C 38 6.90 -95.37 35.57
C SER C 38 8.00 -94.91 36.51
N LYS C 39 7.90 -93.71 37.08
CA LYS C 39 8.92 -93.18 37.96
C LYS C 39 8.60 -93.47 39.42
N PRO C 40 9.60 -93.49 40.30
CA PRO C 40 9.33 -93.72 41.71
C PRO C 40 8.51 -92.60 42.33
N CYS C 41 7.79 -92.95 43.40
CA CYS C 41 7.02 -91.95 44.13
C CYS C 41 7.92 -90.84 44.64
N LYS C 42 7.50 -89.60 44.44
CA LYS C 42 8.30 -88.45 44.83
C LYS C 42 7.38 -87.25 45.01
N LEU C 43 7.73 -86.38 45.96
CA LEU C 43 6.99 -85.16 46.17
C LEU C 43 7.28 -84.15 45.06
N THR C 44 6.34 -83.25 44.85
CA THR C 44 6.41 -82.29 43.75
C THR C 44 6.57 -80.84 44.22
N ALA C 45 6.41 -80.56 45.50
CA ALA C 45 6.46 -79.19 45.99
C ALA C 45 7.06 -79.17 47.38
N PHE C 46 7.37 -77.96 47.85
CA PHE C 46 8.03 -77.76 49.13
C PHE C 46 7.81 -76.30 49.55
N LEU C 47 7.76 -76.08 50.86
CA LEU C 47 7.59 -74.74 51.41
C LEU C 47 8.92 -74.22 51.93
N GLY C 48 9.12 -72.91 51.78
CA GLY C 48 10.33 -72.25 52.24
C GLY C 48 10.02 -70.84 52.69
N TYR C 49 11.05 -70.18 53.21
CA TYR C 49 10.92 -68.81 53.69
C TYR C 49 12.05 -67.98 53.11
N LYS C 50 11.69 -66.82 52.54
CA LYS C 50 12.67 -65.95 51.91
C LYS C 50 13.52 -65.27 52.98
N ALA C 51 14.81 -65.56 52.99
CA ALA C 51 15.72 -65.01 53.99
C ALA C 51 16.35 -63.70 53.54
N GLY C 52 16.80 -63.63 52.30
CA GLY C 52 17.44 -62.43 51.80
C GLY C 52 18.16 -62.71 50.50
N MET C 53 18.90 -61.71 50.04
CA MET C 53 19.63 -61.80 48.79
C MET C 53 21.11 -61.52 49.01
N THR C 54 21.93 -62.06 48.10
CA THR C 54 23.34 -61.77 48.02
C THR C 54 23.77 -62.03 46.58
N HIS C 55 25.06 -61.84 46.31
CA HIS C 55 25.61 -62.07 44.98
C HIS C 55 26.73 -63.08 45.05
N ILE C 56 26.91 -63.82 43.96
CA ILE C 56 27.96 -64.82 43.85
C ILE C 56 28.75 -64.55 42.57
N VAL C 57 29.92 -65.15 42.49
CA VAL C 57 30.77 -65.09 41.31
C VAL C 57 31.09 -66.51 40.89
N ARG C 58 30.92 -66.79 39.60
CA ARG C 58 31.20 -68.11 39.05
C ARG C 58 31.82 -67.96 37.67
N GLU C 59 32.56 -68.99 37.25
CA GLU C 59 33.16 -69.02 35.92
C GLU C 59 32.19 -69.69 34.96
N VAL C 60 31.76 -68.95 33.94
CA VAL C 60 30.76 -69.44 33.01
C VAL C 60 31.39 -70.43 32.05
N GLU C 61 30.63 -71.45 31.68
CA GLU C 61 31.02 -72.44 30.67
C GLU C 61 29.90 -72.47 29.64
N LYS C 62 29.97 -71.56 28.67
CA LYS C 62 28.95 -71.40 27.64
C LYS C 62 29.66 -71.29 26.30
N PRO C 63 29.93 -72.42 25.62
CA PRO C 63 30.61 -72.36 24.34
C PRO C 63 29.87 -71.45 23.36
N GLY C 64 30.63 -70.62 22.64
CA GLY C 64 30.07 -69.67 21.71
C GLY C 64 29.59 -68.39 22.33
N SER C 65 29.76 -68.20 23.62
CA SER C 65 29.31 -67.00 24.33
C SER C 65 30.47 -66.10 24.65
N LYS C 66 30.18 -64.79 24.77
CA LYS C 66 31.20 -63.84 25.17
C LYS C 66 31.72 -64.13 26.57
N LEU C 67 30.90 -64.76 27.40
CA LEU C 67 31.26 -65.07 28.78
C LEU C 67 31.96 -66.42 28.95
N HIS C 68 32.21 -67.14 27.85
CA HIS C 68 32.82 -68.45 27.95
C HIS C 68 34.17 -68.35 28.66
N LYS C 69 34.34 -69.17 29.70
CA LYS C 69 35.56 -69.20 30.50
C LYS C 69 35.84 -67.87 31.20
N LYS C 70 34.83 -67.02 31.32
CA LYS C 70 34.94 -65.77 32.06
C LYS C 70 34.10 -65.84 33.33
N GLU C 71 34.28 -64.85 34.19
CA GLU C 71 33.58 -64.77 35.46
C GLU C 71 32.41 -63.79 35.35
N THR C 72 31.30 -64.14 35.98
CA THR C 72 30.11 -63.29 36.01
C THR C 72 29.59 -63.20 37.43
N CYS C 73 29.14 -62.01 37.81
CA CYS C 73 28.51 -61.77 39.11
C CYS C 73 27.00 -61.70 38.92
N GLU C 74 26.27 -62.53 39.66
CA GLU C 74 24.83 -62.61 39.51
C GLU C 74 24.17 -62.70 40.88
N ALA C 75 23.05 -62.00 41.03
CA ALA C 75 22.32 -62.00 42.29
C ALA C 75 21.65 -63.35 42.54
N VAL C 76 21.57 -63.72 43.82
CA VAL C 76 20.91 -64.95 44.24
C VAL C 76 20.04 -64.64 45.44
N THR C 77 19.03 -65.48 45.66
CA THR C 77 18.14 -65.38 46.79
C THR C 77 18.30 -66.60 47.68
N ILE C 78 18.34 -66.38 48.98
CA ILE C 78 18.46 -67.45 49.97
C ILE C 78 17.06 -67.78 50.48
N VAL C 79 16.67 -69.04 50.33
CA VAL C 79 15.38 -69.53 50.82
C VAL C 79 15.68 -70.63 51.84
N GLU C 80 15.35 -70.36 53.10
CA GLU C 80 15.58 -71.34 54.16
C GLU C 80 14.47 -72.39 54.11
N THR C 81 14.86 -73.65 53.92
CA THR C 81 13.93 -74.75 53.67
C THR C 81 14.20 -75.88 54.67
N PRO C 82 13.80 -75.72 55.92
CA PRO C 82 13.90 -76.83 56.87
C PRO C 82 12.95 -77.96 56.49
N PRO C 83 13.23 -79.18 56.92
CA PRO C 83 12.39 -80.31 56.50
C PRO C 83 10.95 -80.14 56.94
N MET C 84 10.04 -80.63 56.10
CA MET C 84 8.62 -80.62 56.40
C MET C 84 8.21 -81.95 57.03
N VAL C 85 7.09 -81.92 57.75
CA VAL C 85 6.57 -83.07 58.46
C VAL C 85 5.25 -83.49 57.82
N ILE C 86 5.16 -84.75 57.44
CA ILE C 86 3.93 -85.30 56.86
C ILE C 86 2.97 -85.64 58.00
N VAL C 87 1.75 -85.14 57.92
CA VAL C 87 0.74 -85.34 58.96
C VAL C 87 -0.55 -85.94 58.43
N GLY C 88 -0.65 -86.19 57.14
CA GLY C 88 -1.88 -86.77 56.61
C GLY C 88 -1.75 -87.05 55.12
N VAL C 89 -2.79 -87.69 54.60
CA VAL C 89 -2.89 -88.03 53.18
C VAL C 89 -4.32 -87.81 52.73
N VAL C 90 -4.49 -87.33 51.50
CA VAL C 90 -5.80 -87.06 50.92
C VAL C 90 -5.84 -87.63 49.51
N GLY C 91 -6.95 -88.25 49.15
CA GLY C 91 -7.13 -88.84 47.84
C GLY C 91 -8.28 -88.20 47.10
N TYR C 92 -8.13 -88.08 45.78
CA TYR C 92 -9.13 -87.48 44.92
C TYR C 92 -9.56 -88.49 43.86
N VAL C 93 -10.83 -88.41 43.46
CA VAL C 93 -11.41 -89.27 42.43
C VAL C 93 -11.70 -88.41 41.21
N LYS C 94 -11.41 -88.95 40.03
CA LYS C 94 -11.66 -88.24 38.78
C LYS C 94 -13.13 -88.41 38.40
N THR C 95 -13.85 -87.29 38.33
CA THR C 95 -15.27 -87.27 38.04
C THR C 95 -15.55 -86.35 36.86
N PRO C 96 -16.73 -86.48 36.23
CA PRO C 96 -17.07 -85.55 35.15
C PRO C 96 -17.09 -84.09 35.59
N ARG C 97 -17.14 -83.82 36.89
CA ARG C 97 -17.07 -82.46 37.42
C ARG C 97 -15.70 -82.15 38.04
N GLY C 98 -14.65 -82.80 37.55
CA GLY C 98 -13.32 -82.57 38.07
C GLY C 98 -13.00 -83.46 39.26
N LEU C 99 -11.85 -83.18 39.86
CA LEU C 99 -11.38 -83.94 41.00
C LEU C 99 -12.23 -83.62 42.23
N ARG C 100 -12.69 -84.66 42.93
CA ARG C 100 -13.45 -84.51 44.16
C ARG C 100 -12.71 -85.19 45.29
N CYS C 101 -12.59 -84.51 46.42
CA CYS C 101 -11.91 -85.08 47.58
C CYS C 101 -12.73 -86.23 48.16
N LEU C 102 -12.11 -87.40 48.24
CA LEU C 102 -12.79 -88.60 48.73
C LEU C 102 -12.72 -88.70 50.25
N ASN C 103 -11.52 -88.68 50.81
CA ASN C 103 -11.35 -88.83 52.24
C ASN C 103 -10.00 -88.26 52.63
N THR C 104 -9.86 -87.95 53.92
CA THR C 104 -8.62 -87.43 54.48
C THR C 104 -8.26 -88.24 55.72
N VAL C 105 -7.03 -88.75 55.75
CA VAL C 105 -6.52 -89.54 56.86
C VAL C 105 -5.35 -88.80 57.48
N TRP C 106 -5.39 -88.62 58.80
CA TRP C 106 -4.38 -87.88 59.53
C TRP C 106 -3.52 -88.82 60.35
N ALA C 107 -2.34 -88.32 60.74
CA ALA C 107 -1.44 -89.06 61.60
C ALA C 107 -1.95 -89.06 63.04
N GLN C 108 -1.47 -90.02 63.83
CA GLN C 108 -1.91 -90.14 65.21
C GLN C 108 -1.48 -88.93 66.02
N HIS C 109 -0.25 -88.47 65.84
CA HIS C 109 0.33 -87.39 66.63
C HIS C 109 0.52 -86.15 65.76
N LEU C 110 0.03 -85.01 66.22
CA LEU C 110 0.21 -83.74 65.56
C LEU C 110 0.91 -82.76 66.49
N SER C 111 1.89 -82.05 65.96
CA SER C 111 2.66 -81.11 66.76
C SER C 111 1.81 -79.92 67.18
N GLU C 112 2.28 -79.22 68.20
CA GLU C 112 1.59 -78.00 68.65
C GLU C 112 1.61 -76.94 67.55
N ASP C 113 2.70 -76.86 66.79
CA ASP C 113 2.82 -75.82 65.77
C ASP C 113 1.73 -75.97 64.71
N ILE C 114 1.48 -77.20 64.27
CA ILE C 114 0.44 -77.41 63.27
C ILE C 114 -0.95 -77.20 63.89
N LYS C 115 -1.15 -77.64 65.12
CA LYS C 115 -2.45 -77.46 65.76
C LYS C 115 -2.81 -75.98 65.89
N ARG C 116 -1.80 -75.10 65.99
CA ARG C 116 -2.08 -73.67 66.03
C ARG C 116 -2.73 -73.19 64.75
N ARG C 117 -2.46 -73.86 63.62
CA ARG C 117 -3.06 -73.46 62.35
C ARG C 117 -4.57 -73.62 62.36
N PHE C 118 -5.12 -74.40 63.28
CA PHE C 118 -6.56 -74.66 63.34
C PHE C 118 -7.29 -73.71 64.28
N TYR C 119 -6.61 -72.73 64.86
CA TYR C 119 -7.21 -71.84 65.83
C TYR C 119 -6.90 -70.39 65.47
N LYS C 120 -7.82 -69.50 65.82
CA LYS C 120 -7.58 -68.06 65.73
C LYS C 120 -6.97 -67.50 67.01
N ASN C 121 -7.22 -68.14 68.15
CA ASN C 121 -6.59 -67.78 69.43
C ASN C 121 -6.25 -69.10 70.13
N TRP C 122 -5.04 -69.61 69.87
CA TRP C 122 -4.65 -70.91 70.40
C TRP C 122 -4.58 -70.90 71.93
N CYS C 123 -4.00 -69.84 72.50
CA CYS C 123 -3.79 -69.83 73.95
C CYS C 123 -5.10 -69.82 74.71
N LYS C 124 -6.09 -69.08 74.22
CA LYS C 124 -7.36 -68.98 74.93
C LYS C 124 -8.24 -70.21 74.76
N SER C 125 -7.96 -71.05 73.75
CA SER C 125 -8.79 -72.21 73.49
C SER C 125 -8.43 -73.36 74.43
N LYS C 126 -9.29 -74.37 74.44
CA LYS C 126 -9.04 -75.57 75.22
C LYS C 126 -8.13 -76.57 74.51
N LYS C 127 -7.81 -76.31 73.24
CA LYS C 127 -6.86 -77.15 72.49
C LYS C 127 -7.41 -78.57 72.33
N LYS C 128 -8.65 -78.66 71.86
CA LYS C 128 -9.32 -79.94 71.67
C LYS C 128 -9.13 -80.52 70.28
N ALA C 129 -8.44 -79.82 69.39
CA ALA C 129 -8.32 -80.26 68.00
C ALA C 129 -7.68 -81.64 67.93
N PHE C 130 -8.31 -82.52 67.15
CA PHE C 130 -7.82 -83.87 66.86
C PHE C 130 -7.63 -84.73 68.11
N LEU C 131 -8.17 -84.31 69.25
CA LEU C 131 -8.05 -85.15 70.44
C LEU C 131 -8.89 -86.42 70.32
N LYS C 132 -10.16 -86.28 69.92
CA LYS C 132 -10.99 -87.46 69.72
C LYS C 132 -10.52 -88.27 68.52
N TYR C 133 -10.05 -87.59 67.48
CA TYR C 133 -9.55 -88.30 66.30
C TYR C 133 -8.33 -89.16 66.66
N SER C 134 -7.43 -88.63 67.50
CA SER C 134 -6.23 -89.36 67.85
C SER C 134 -6.52 -90.59 68.69
N LYS C 135 -7.68 -90.67 69.33
CA LYS C 135 -7.97 -91.79 70.21
C LYS C 135 -8.19 -93.09 69.45
N LYS C 136 -8.80 -93.02 68.26
CA LYS C 136 -9.08 -94.25 67.52
C LYS C 136 -7.81 -94.95 67.04
N TYR C 137 -6.65 -94.30 67.11
CA TYR C 137 -5.39 -95.00 66.91
C TYR C 137 -5.03 -95.89 68.08
N GLU C 138 -5.73 -95.77 69.22
CA GLU C 138 -5.40 -96.48 70.43
C GLU C 138 -6.18 -97.78 70.62
N THR C 139 -7.07 -98.11 69.69
CA THR C 139 -7.89 -99.32 69.79
C THR C 139 -7.74 -100.15 68.52
N ASP C 140 -7.82 -101.48 68.70
CA ASP C 140 -7.69 -102.37 67.56
C ASP C 140 -8.79 -102.13 66.54
N GLU C 141 -10.03 -101.95 67.00
CA GLU C 141 -11.12 -101.64 66.07
C GLU C 141 -10.88 -100.31 65.38
N GLY C 142 -10.36 -99.32 66.11
CA GLY C 142 -10.06 -98.04 65.48
C GLY C 142 -8.94 -98.14 64.47
N LYS C 143 -7.90 -98.93 64.78
CA LYS C 143 -6.81 -99.13 63.84
C LYS C 143 -7.31 -99.80 62.56
N LYS C 144 -8.21 -100.77 62.68
CA LYS C 144 -8.78 -101.40 61.49
C LYS C 144 -9.52 -100.38 60.64
N ASP C 145 -10.26 -99.47 61.28
CA ASP C 145 -10.97 -98.43 60.53
C ASP C 145 -9.99 -97.54 59.78
N ILE C 146 -8.89 -97.16 60.44
CA ILE C 146 -7.88 -96.32 59.77
C ILE C 146 -7.31 -97.05 58.56
N GLN C 147 -6.99 -98.33 58.72
CA GLN C 147 -6.46 -99.11 57.61
C GLN C 147 -7.51 -99.27 56.51
N ALA C 148 -8.78 -99.42 56.91
CA ALA C 148 -9.84 -99.54 55.91
C ALA C 148 -9.93 -98.28 55.06
N GLN C 149 -9.81 -97.10 55.69
CA GLN C 149 -9.84 -95.86 54.93
C GLN C 149 -8.68 -95.79 53.93
N LEU C 150 -7.50 -96.25 54.35
CA LEU C 150 -6.36 -96.25 53.44
C LEU C 150 -6.60 -97.19 52.26
N GLU C 151 -7.18 -98.36 52.51
CA GLU C 151 -7.50 -99.26 51.41
C GLU C 151 -8.55 -98.67 50.48
N LYS C 152 -9.46 -97.85 51.03
CA LYS C 152 -10.46 -97.20 50.20
C LYS C 152 -9.81 -96.22 49.24
N LEU C 153 -8.79 -95.50 49.70
CA LEU C 153 -8.05 -94.61 48.80
C LEU C 153 -7.33 -95.39 47.71
N LYS C 154 -6.72 -96.53 48.07
CA LYS C 154 -6.01 -97.32 47.08
C LYS C 154 -6.93 -97.80 45.97
N LYS C 155 -8.22 -98.00 46.27
CA LYS C 155 -9.14 -98.58 45.31
C LYS C 155 -9.76 -97.55 44.37
N TYR C 156 -10.09 -96.36 44.89
CA TYR C 156 -10.83 -95.37 44.12
C TYR C 156 -10.04 -94.12 43.79
N ALA C 157 -9.04 -93.76 44.59
CA ALA C 157 -8.33 -92.51 44.37
C ALA C 157 -7.52 -92.57 43.08
N CYS C 158 -7.50 -91.44 42.36
CA CYS C 158 -6.66 -91.27 41.19
C CYS C 158 -5.53 -90.30 41.41
N VAL C 159 -5.68 -89.36 42.34
CA VAL C 159 -4.64 -88.40 42.70
C VAL C 159 -4.45 -88.47 44.21
N ILE C 160 -3.19 -88.58 44.63
CA ILE C 160 -2.83 -88.66 46.04
C ILE C 160 -1.95 -87.48 46.39
N ARG C 161 -2.33 -86.76 47.45
CA ARG C 161 -1.54 -85.65 47.98
C ARG C 161 -1.32 -85.87 49.47
N VAL C 162 -0.14 -85.46 49.94
CA VAL C 162 0.21 -85.57 51.35
C VAL C 162 0.00 -84.23 52.02
N LEU C 163 -0.41 -84.28 53.28
CA LEU C 163 -0.52 -83.08 54.11
C LEU C 163 0.80 -82.88 54.83
N ALA C 164 1.47 -81.76 54.54
CA ALA C 164 2.79 -81.48 55.09
C ALA C 164 2.80 -80.06 55.65
N HIS C 165 3.49 -79.87 56.76
CA HIS C 165 3.62 -78.57 57.40
C HIS C 165 5.08 -78.28 57.71
N THR C 166 5.40 -77.00 57.81
CA THR C 166 6.76 -76.57 58.09
C THR C 166 7.02 -76.55 59.59
N GLN C 167 8.30 -76.64 59.94
CA GLN C 167 8.73 -76.53 61.33
C GLN C 167 9.17 -75.09 61.60
N ILE C 168 8.17 -74.20 61.64
CA ILE C 168 8.42 -72.77 61.71
C ILE C 168 9.09 -72.36 63.01
N ARG C 169 8.98 -73.19 64.06
CA ARG C 169 9.63 -72.86 65.33
C ARG C 169 11.14 -72.81 65.19
N LYS C 170 11.71 -73.58 64.27
CA LYS C 170 13.15 -73.65 64.12
C LYS C 170 13.77 -72.37 63.55
N MET C 171 12.94 -71.44 63.08
CA MET C 171 13.42 -70.15 62.56
C MET C 171 12.87 -69.07 63.48
N LYS C 172 13.61 -68.77 64.55
CA LYS C 172 13.13 -67.82 65.55
C LYS C 172 12.94 -66.43 64.96
N GLY C 173 13.66 -66.11 63.89
CA GLY C 173 13.53 -64.79 63.29
C GLY C 173 12.12 -64.51 62.78
N LEU C 174 11.40 -65.55 62.35
CA LEU C 174 10.05 -65.35 61.85
C LEU C 174 9.09 -64.90 62.93
N LYS C 175 9.40 -65.14 64.21
CA LYS C 175 8.55 -64.74 65.32
C LYS C 175 7.15 -65.33 65.21
N GLN C 176 7.03 -66.50 64.60
CA GLN C 176 5.74 -67.15 64.39
C GLN C 176 5.81 -68.59 64.88
N LYS C 177 4.75 -69.01 65.56
CA LYS C 177 4.63 -70.39 66.05
C LYS C 177 3.58 -71.19 65.28
N LYS C 178 2.74 -70.53 64.49
CA LYS C 178 1.68 -71.20 63.74
C LYS C 178 2.26 -71.66 62.40
N ALA C 179 2.40 -72.97 62.23
CA ALA C 179 3.04 -73.52 61.04
C ALA C 179 2.13 -73.40 59.82
N HIS C 180 2.72 -73.54 58.65
CA HIS C 180 2.01 -73.48 57.38
C HIS C 180 1.78 -74.89 56.86
N LEU C 181 0.54 -75.19 56.48
CA LEU C 181 0.14 -76.51 56.01
C LEU C 181 -0.29 -76.41 54.55
N MET C 182 0.07 -77.42 53.76
CA MET C 182 -0.34 -77.47 52.36
C MET C 182 -0.42 -78.91 51.90
N GLU C 183 -1.10 -79.11 50.77
CA GLU C 183 -1.18 -80.42 50.13
C GLU C 183 -0.11 -80.50 49.05
N ILE C 184 0.71 -81.54 49.10
CA ILE C 184 1.78 -81.78 48.13
C ILE C 184 1.47 -83.06 47.40
N GLN C 185 1.34 -82.97 46.07
CA GLN C 185 0.98 -84.13 45.27
C GLN C 185 2.15 -85.11 45.17
N VAL C 186 1.82 -86.39 45.10
CA VAL C 186 2.80 -87.46 44.96
C VAL C 186 2.73 -87.96 43.53
N ASN C 187 3.85 -87.91 42.82
CA ASN C 187 3.94 -88.37 41.44
C ASN C 187 4.84 -89.60 41.37
N GLY C 188 4.50 -90.52 40.49
CA GLY C 188 5.25 -91.72 40.30
C GLY C 188 4.61 -92.92 40.98
N GLY C 189 4.77 -94.09 40.37
CA GLY C 189 4.22 -95.31 40.92
C GLY C 189 2.72 -95.41 40.75
N SER C 190 2.18 -96.54 41.20
CA SER C 190 0.75 -96.77 41.16
C SER C 190 0.08 -96.10 42.36
N ILE C 191 -1.25 -96.11 42.34
CA ILE C 191 -2.01 -95.48 43.44
C ILE C 191 -1.69 -96.17 44.76
N ALA C 192 -1.59 -97.51 44.75
CA ALA C 192 -1.27 -98.23 45.97
C ALA C 192 0.09 -97.80 46.52
N GLN C 193 1.09 -97.66 45.64
CA GLN C 193 2.41 -97.22 46.08
C GLN C 193 2.35 -95.81 46.66
N LYS C 194 1.56 -94.94 46.05
CA LYS C 194 1.43 -93.57 46.57
C LYS C 194 0.88 -93.57 47.98
N VAL C 195 -0.16 -94.36 48.24
CA VAL C 195 -0.74 -94.42 49.58
C VAL C 195 0.27 -94.99 50.57
N ASP C 196 0.95 -96.08 50.17
CA ASP C 196 1.99 -96.64 51.03
C ASP C 196 3.13 -95.66 51.23
N PHE C 197 3.50 -94.93 50.17
CA PHE C 197 4.53 -93.91 50.29
C PHE C 197 4.11 -92.83 51.27
N ALA C 198 2.85 -92.38 51.18
CA ALA C 198 2.38 -91.32 52.05
C ALA C 198 2.25 -91.79 53.49
N TYR C 199 1.64 -92.95 53.70
CA TYR C 199 1.42 -93.45 55.06
C TYR C 199 2.74 -93.75 55.77
N GLY C 200 3.77 -94.16 55.02
CA GLY C 200 5.05 -94.44 55.63
C GLY C 200 5.73 -93.21 56.21
N PHE C 201 5.40 -92.03 55.72
CA PHE C 201 6.02 -90.79 56.20
C PHE C 201 5.23 -90.11 57.31
N PHE C 202 4.14 -90.71 57.77
CA PHE C 202 3.35 -90.09 58.83
C PHE C 202 4.22 -89.78 60.04
N GLU C 203 4.23 -88.51 60.44
CA GLU C 203 4.99 -87.98 61.56
C GLU C 203 6.49 -87.92 61.28
N LYS C 204 6.93 -88.24 60.07
CA LYS C 204 8.35 -88.20 59.71
C LYS C 204 8.66 -86.93 58.93
N GLN C 205 9.95 -86.65 58.80
CA GLN C 205 10.44 -85.44 58.16
C GLN C 205 10.90 -85.74 56.74
N VAL C 206 10.56 -84.85 55.81
CA VAL C 206 11.00 -84.94 54.42
C VAL C 206 11.95 -83.78 54.12
N PRO C 207 13.24 -84.03 53.91
CA PRO C 207 14.15 -82.92 53.62
C PRO C 207 13.92 -82.35 52.23
N VAL C 208 14.37 -81.10 52.05
CA VAL C 208 14.21 -80.43 50.77
C VAL C 208 14.97 -81.17 49.67
N ASP C 209 16.07 -81.85 50.03
CA ASP C 209 16.84 -82.58 49.03
C ASP C 209 16.02 -83.70 48.40
N ALA C 210 15.05 -84.24 49.12
CA ALA C 210 14.22 -85.31 48.57
C ALA C 210 13.30 -84.81 47.47
N VAL C 211 13.08 -83.50 47.38
CA VAL C 211 12.20 -82.91 46.38
C VAL C 211 13.00 -82.28 45.25
N PHE C 212 13.92 -81.39 45.58
CA PHE C 212 14.72 -80.66 44.60
C PHE C 212 16.19 -81.06 44.72
N GLN C 213 16.98 -80.58 43.78
CA GLN C 213 18.41 -80.83 43.78
C GLN C 213 19.12 -79.64 43.16
N LYS C 214 20.44 -79.75 43.00
CA LYS C 214 21.24 -78.67 42.46
C LYS C 214 21.17 -78.66 40.94
N ASP C 215 21.17 -77.46 40.37
CA ASP C 215 21.23 -77.18 38.92
C ASP C 215 19.92 -77.43 38.19
N GLU C 216 18.81 -77.64 38.89
CA GLU C 216 17.53 -77.86 38.23
C GLU C 216 16.68 -76.59 38.29
N MET C 217 15.77 -76.47 37.33
CA MET C 217 14.87 -75.33 37.24
C MET C 217 13.61 -75.60 38.05
N ILE C 218 13.21 -74.61 38.86
CA ILE C 218 12.02 -74.72 39.69
C ILE C 218 11.15 -73.49 39.48
N ASP C 219 9.90 -73.60 39.89
CA ASP C 219 8.95 -72.51 39.87
C ASP C 219 8.71 -72.04 41.31
N ILE C 220 8.67 -70.72 41.50
CA ILE C 220 8.47 -70.12 42.82
C ILE C 220 7.12 -69.42 42.81
N ILE C 221 6.30 -69.72 43.82
CA ILE C 221 4.95 -69.19 43.93
C ILE C 221 4.83 -68.45 45.26
N GLY C 222 4.19 -67.30 45.24
CA GLY C 222 4.02 -66.53 46.44
C GLY C 222 3.20 -65.28 46.17
N VAL C 223 3.09 -64.45 47.20
CA VAL C 223 2.37 -63.19 47.13
C VAL C 223 3.38 -62.05 47.14
N THR C 224 3.25 -61.14 46.17
CA THR C 224 4.20 -60.05 46.03
C THR C 224 4.11 -59.09 47.20
N LYS C 225 5.11 -58.20 47.29
CA LYS C 225 5.13 -57.20 48.34
C LYS C 225 3.94 -56.26 48.21
N GLY C 226 3.31 -55.96 49.34
CA GLY C 226 2.16 -55.07 49.33
C GLY C 226 2.56 -53.61 49.29
N LYS C 227 1.74 -52.81 48.61
CA LYS C 227 2.03 -51.38 48.45
C LYS C 227 0.80 -50.49 48.58
N GLY C 228 -0.37 -51.04 48.87
CA GLY C 228 -1.53 -50.22 49.16
C GLY C 228 -2.10 -49.50 47.95
N TYR C 229 -2.95 -48.52 48.24
CA TYR C 229 -3.59 -47.72 47.21
C TYR C 229 -2.52 -47.00 46.38
N GLU C 230 -2.63 -47.09 45.06
CA GLU C 230 -1.63 -46.51 44.17
C GLU C 230 -2.29 -45.92 42.94
N GLY C 231 -1.66 -44.87 42.41
CA GLY C 231 -2.17 -44.20 41.22
C GLY C 231 -1.81 -44.93 39.94
N VAL C 232 -2.41 -44.45 38.85
CA VAL C 232 -2.27 -45.13 37.56
C VAL C 232 -0.83 -45.11 37.08
N VAL C 233 -0.13 -44.00 37.30
CA VAL C 233 1.24 -43.88 36.79
C VAL C 233 2.12 -44.97 37.36
N THR C 234 2.09 -45.15 38.69
CA THR C 234 2.87 -46.21 39.31
C THR C 234 2.23 -47.58 39.12
N ARG C 235 0.89 -47.65 39.22
CA ARG C 235 0.22 -48.95 39.16
C ARG C 235 0.30 -49.56 37.76
N TRP C 236 0.04 -48.76 36.73
CA TRP C 236 -0.08 -49.27 35.36
C TRP C 236 1.04 -48.80 34.43
N GLY C 237 1.81 -47.78 34.81
CA GLY C 237 2.90 -47.32 33.97
C GLY C 237 2.50 -46.34 32.88
N VAL C 238 1.36 -45.67 33.03
CA VAL C 238 0.98 -44.65 32.07
C VAL C 238 1.88 -43.42 32.24
N THR C 239 2.16 -42.74 31.13
CA THR C 239 3.05 -41.59 31.17
C THR C 239 2.40 -40.41 31.87
N ARG C 240 3.24 -39.58 32.50
CA ARG C 240 2.74 -38.39 33.17
C ARG C 240 2.29 -37.33 32.16
N LEU C 241 1.36 -36.49 32.58
CA LEU C 241 0.85 -35.41 31.76
C LEU C 241 1.76 -34.19 31.88
N PRO C 242 1.59 -33.20 31.01
CA PRO C 242 2.46 -32.02 31.05
C PRO C 242 2.42 -31.31 32.38
N ARG C 243 3.46 -30.49 32.62
CA ARG C 243 3.62 -29.79 33.89
C ARG C 243 2.44 -28.85 34.15
N LYS C 244 1.91 -28.22 33.10
CA LYS C 244 0.90 -27.18 33.25
C LYS C 244 -0.53 -27.74 33.25
N THR C 245 -0.71 -29.01 33.59
CA THR C 245 -2.04 -29.61 33.60
C THR C 245 -2.83 -29.17 34.82
N ARG C 247 -5.51 -29.44 37.69
CA ARG C 247 -6.08 -30.53 38.48
C ARG C 247 -5.19 -31.79 38.50
N GLY C 248 -3.91 -31.63 38.18
CA GLY C 248 -2.96 -32.71 38.35
C GLY C 248 -2.57 -33.36 37.03
N LEU C 249 -1.40 -34.01 37.06
CA LEU C 249 -0.83 -34.63 35.87
C LEU C 249 -0.57 -36.12 36.01
N ARG C 250 -0.78 -36.70 37.18
CA ARG C 250 -0.63 -38.15 37.37
C ARG C 250 -1.97 -38.83 37.16
N LYS C 251 -2.40 -38.86 35.91
CA LYS C 251 -3.72 -39.35 35.54
C LYS C 251 -3.69 -39.90 34.13
N VAL C 252 -4.74 -40.63 33.78
CA VAL C 252 -5.05 -40.95 32.39
C VAL C 252 -5.98 -39.86 31.87
N ALA C 253 -5.57 -39.20 30.79
CA ALA C 253 -6.33 -38.07 30.28
C ALA C 253 -7.74 -38.49 29.87
N CYS C 254 -7.84 -39.37 28.87
CA CYS C 254 -9.11 -39.86 28.37
C CYS C 254 -9.29 -41.30 28.82
N ILE C 255 -10.36 -41.56 29.59
CA ILE C 255 -10.65 -42.89 30.07
C ILE C 255 -11.69 -43.60 29.19
N GLY C 256 -12.00 -43.04 28.03
CA GLY C 256 -12.91 -43.70 27.11
C GLY C 256 -13.53 -42.77 26.09
N ALA C 257 -13.90 -43.32 24.94
CA ALA C 257 -14.62 -42.54 23.94
C ALA C 257 -16.05 -42.28 24.40
N TRP C 258 -16.76 -41.45 23.62
CA TRP C 258 -18.16 -41.19 23.93
C TRP C 258 -18.97 -42.48 23.92
N HIS C 259 -18.75 -43.32 22.91
CA HIS C 259 -19.40 -44.61 22.82
C HIS C 259 -18.36 -45.72 22.74
N PRO C 260 -18.51 -46.81 23.49
CA PRO C 260 -19.63 -47.12 24.40
C PRO C 260 -19.72 -46.15 25.57
N ALA C 261 -20.93 -45.84 26.01
CA ALA C 261 -21.13 -44.85 27.07
C ALA C 261 -20.82 -45.44 28.43
N ARG C 262 -19.64 -46.03 28.57
CA ARG C 262 -19.23 -46.71 29.79
C ARG C 262 -17.71 -46.75 29.83
N VAL C 263 -17.17 -46.79 31.05
CA VAL C 263 -15.75 -47.03 31.23
C VAL C 263 -15.49 -48.51 31.06
N SER C 264 -14.53 -48.87 30.21
CA SER C 264 -14.19 -50.25 29.96
C SER C 264 -13.25 -50.78 31.04
N PHE C 265 -13.16 -52.11 31.12
CA PHE C 265 -12.26 -52.76 32.08
C PHE C 265 -10.81 -52.73 31.63
N THR C 266 -10.53 -52.30 30.40
CA THR C 266 -9.17 -52.23 29.88
C THR C 266 -8.48 -50.90 30.18
N VAL C 267 -9.17 -49.96 30.80
CA VAL C 267 -8.61 -48.64 31.08
C VAL C 267 -7.90 -48.68 32.43
N ALA C 268 -6.71 -48.09 32.48
CA ALA C 268 -5.96 -48.01 33.73
C ALA C 268 -6.72 -47.21 34.78
N ARG C 269 -6.81 -47.75 35.98
CA ARG C 269 -7.48 -47.09 37.09
C ARG C 269 -6.63 -47.25 38.34
N ALA C 270 -6.74 -46.28 39.25
CA ALA C 270 -6.01 -46.36 40.51
C ALA C 270 -6.67 -47.38 41.45
N GLY C 271 -5.85 -48.02 42.26
CA GLY C 271 -6.35 -49.02 43.19
C GLY C 271 -5.21 -49.77 43.86
N GLN C 272 -5.53 -50.96 44.34
CA GLN C 272 -4.55 -51.77 45.05
C GLN C 272 -3.37 -52.11 44.15
N ASN C 273 -2.16 -51.92 44.70
CA ASN C 273 -0.92 -52.28 44.03
C ASN C 273 -0.13 -53.20 44.94
N GLY C 274 0.36 -54.30 44.39
CA GLY C 274 1.12 -55.26 45.17
C GLY C 274 0.21 -56.23 45.92
N TYR C 275 0.86 -57.12 46.66
CA TYR C 275 0.18 -58.20 47.38
C TYR C 275 -0.70 -59.00 46.43
N HIS C 276 -0.13 -59.38 45.29
CA HIS C 276 -0.80 -60.18 44.28
C HIS C 276 -0.15 -61.55 44.21
N HIS C 277 -0.97 -62.57 43.94
CA HIS C 277 -0.47 -63.92 43.75
C HIS C 277 0.25 -64.02 42.41
N ARG C 278 1.45 -64.59 42.43
CA ARG C 278 2.25 -64.72 41.21
C ARG C 278 2.93 -66.08 41.18
N THR C 279 3.10 -66.60 39.97
CA THR C 279 3.81 -67.86 39.72
C THR C 279 4.91 -67.56 38.71
N GLU C 280 6.16 -67.63 39.16
CA GLU C 280 7.31 -67.33 38.33
C GLU C 280 8.06 -68.61 37.98
N MET C 281 8.47 -68.72 36.72
CA MET C 281 9.01 -69.96 36.17
C MET C 281 10.53 -69.89 36.02
N ASN C 282 11.13 -71.08 35.93
CA ASN C 282 12.52 -71.25 35.50
C ASN C 282 13.49 -70.46 36.38
N LYS C 283 13.51 -70.86 37.65
CA LYS C 283 14.48 -70.34 38.62
C LYS C 283 15.47 -71.47 38.91
N LYS C 284 16.72 -71.27 38.53
CA LYS C 284 17.73 -72.31 38.66
C LYS C 284 18.25 -72.38 40.09
N VAL C 285 18.48 -73.61 40.56
CA VAL C 285 19.01 -73.85 41.89
C VAL C 285 20.53 -73.90 41.79
N TYR C 286 21.21 -72.92 42.40
CA TYR C 286 22.65 -72.85 42.36
C TYR C 286 23.33 -73.65 43.46
N LYS C 287 22.65 -73.86 44.59
CA LYS C 287 23.28 -74.49 45.73
C LYS C 287 22.20 -74.99 46.69
N LEU C 288 22.43 -76.16 47.27
CA LEU C 288 21.57 -76.73 48.29
C LEU C 288 22.40 -76.96 49.53
N GLY C 289 22.07 -76.25 50.61
CA GLY C 289 22.81 -76.33 51.85
C GLY C 289 22.19 -77.31 52.81
N LYS C 290 22.93 -78.36 53.15
CA LYS C 290 22.50 -79.38 54.09
C LYS C 290 23.21 -79.16 55.42
N VAL C 291 22.44 -78.99 56.49
CA VAL C 291 23.03 -78.76 57.80
C VAL C 291 23.97 -79.91 58.15
N GLY C 292 25.07 -79.57 58.81
CA GLY C 292 26.07 -80.56 59.19
C GLY C 292 27.02 -80.95 58.08
N GLN C 293 26.96 -80.30 56.93
CA GLN C 293 27.82 -80.60 55.81
C GLN C 293 28.48 -79.32 55.31
N GLU C 294 29.59 -79.50 54.59
CA GLU C 294 30.30 -78.34 54.04
C GLU C 294 29.44 -77.56 53.06
N SER C 295 28.41 -78.21 52.48
CA SER C 295 27.52 -77.50 51.57
C SER C 295 26.73 -76.40 52.27
N HIS C 296 26.54 -76.50 53.59
CA HIS C 296 25.80 -75.47 54.31
C HIS C 296 26.60 -74.18 54.45
N THR C 297 27.92 -74.26 54.42
CA THR C 297 28.76 -73.08 54.53
C THR C 297 28.97 -72.44 53.16
N ALA C 298 29.45 -71.20 53.18
CA ALA C 298 29.71 -70.43 51.98
C ALA C 298 31.08 -70.72 51.37
N LEU C 299 31.70 -71.84 51.72
CA LEU C 299 32.98 -72.22 51.14
C LEU C 299 32.80 -72.63 49.67
N THR C 300 33.86 -72.42 48.90
CA THR C 300 33.90 -72.83 47.50
C THR C 300 35.25 -73.48 47.24
N GLU C 301 35.34 -74.19 46.12
CA GLU C 301 36.59 -74.84 45.75
C GLU C 301 37.72 -73.84 45.54
N PHE C 302 37.40 -72.58 45.27
CA PHE C 302 38.40 -71.54 45.06
C PHE C 302 38.60 -70.65 46.27
N ASP C 303 37.54 -70.37 47.03
CA ASP C 303 37.61 -69.56 48.24
C ASP C 303 37.51 -70.49 49.44
N ARG C 304 38.58 -70.59 50.21
CA ARG C 304 38.64 -71.49 51.35
C ARG C 304 38.40 -70.77 52.68
N THR C 305 37.99 -69.50 52.64
CA THR C 305 37.67 -68.79 53.87
C THR C 305 36.55 -69.49 54.61
N GLU C 306 36.73 -69.69 55.91
CA GLU C 306 35.74 -70.39 56.73
C GLU C 306 34.66 -69.39 57.14
N LYS C 307 33.46 -69.53 56.57
CA LYS C 307 32.38 -68.61 56.85
C LYS C 307 31.05 -69.27 56.52
N ASP C 308 29.99 -68.76 57.13
CA ASP C 308 28.65 -69.27 56.93
C ASP C 308 27.94 -68.49 55.82
N ILE C 309 26.76 -68.98 55.45
CA ILE C 309 25.98 -68.31 54.41
C ILE C 309 25.49 -66.95 54.90
N THR C 310 25.13 -66.86 56.18
CA THR C 310 24.56 -65.63 56.70
C THR C 310 25.60 -64.51 56.68
N PRO C 311 25.28 -63.34 56.14
CA PRO C 311 26.23 -62.22 56.21
C PRO C 311 26.40 -61.72 57.64
N ILE C 312 27.56 -61.13 57.91
CA ILE C 312 27.84 -60.62 59.25
C ILE C 312 26.79 -59.58 59.62
N GLY C 313 26.30 -59.67 60.85
CA GLY C 313 25.17 -58.87 61.29
C GLY C 313 23.83 -59.52 61.06
N GLY C 314 23.78 -60.68 60.40
CA GLY C 314 22.55 -61.38 60.15
C GLY C 314 21.86 -60.88 58.89
N PHE C 315 20.98 -61.72 58.36
CA PHE C 315 20.13 -61.31 57.24
C PHE C 315 19.19 -60.22 57.73
N PRO C 316 19.16 -59.04 57.10
CA PRO C 316 18.30 -57.98 57.61
C PRO C 316 16.84 -58.40 57.66
N HIS C 317 16.19 -58.07 58.78
CA HIS C 317 14.77 -58.32 58.98
C HIS C 317 14.43 -59.82 59.00
N TYR C 318 15.43 -60.69 58.88
CA TYR C 318 15.18 -62.12 58.89
C TYR C 318 15.87 -62.82 60.06
N GLY C 319 17.19 -62.70 60.18
CA GLY C 319 17.92 -63.41 61.22
C GLY C 319 19.08 -64.22 60.67
N VAL C 320 19.39 -65.33 61.34
CA VAL C 320 20.51 -66.19 60.99
C VAL C 320 19.96 -67.50 60.43
N VAL C 321 20.46 -67.89 59.26
CA VAL C 321 20.03 -69.14 58.63
C VAL C 321 20.82 -70.29 59.23
N LYS C 322 20.13 -71.23 59.87
CA LYS C 322 20.74 -72.40 60.47
C LYS C 322 20.24 -73.72 59.92
N GLU C 323 19.11 -73.72 59.21
CA GLU C 323 18.53 -74.94 58.66
C GLU C 323 18.95 -75.10 57.21
N ASP C 324 18.42 -76.13 56.56
CA ASP C 324 18.66 -76.34 55.14
C ASP C 324 18.13 -75.14 54.35
N TYR C 325 18.84 -74.80 53.28
CA TYR C 325 18.47 -73.65 52.47
C TYR C 325 18.78 -73.95 51.01
N LEU C 326 18.16 -73.14 50.14
CA LEU C 326 18.41 -73.20 48.71
C LEU C 326 18.94 -71.85 48.23
N LEU C 327 19.95 -71.88 47.38
CA LEU C 327 20.47 -70.69 46.73
C LEU C 327 19.91 -70.66 45.31
N ILE C 328 19.04 -69.69 45.04
CA ILE C 328 18.29 -69.63 43.79
C ILE C 328 18.71 -68.39 43.03
N LYS C 329 19.02 -68.57 41.74
CA LYS C 329 19.39 -67.45 40.90
C LYS C 329 18.25 -66.45 40.78
N GLY C 330 18.59 -65.17 40.77
CA GLY C 330 17.61 -64.13 40.56
C GLY C 330 16.91 -63.70 41.83
N CYS C 331 15.71 -63.17 41.64
CA CYS C 331 14.91 -62.60 42.72
C CYS C 331 13.67 -63.44 42.97
N CYS C 332 13.18 -63.38 44.19
CA CYS C 332 12.02 -64.15 44.63
C CYS C 332 10.89 -63.22 45.02
N VAL C 333 9.66 -63.68 44.78
CA VAL C 333 8.47 -62.89 45.11
C VAL C 333 8.37 -62.72 46.62
N GLY C 334 7.83 -61.56 47.04
CA GLY C 334 7.50 -61.34 48.43
C GLY C 334 8.59 -60.64 49.23
N THR C 335 8.21 -60.25 50.44
CA THR C 335 9.12 -59.59 51.37
C THR C 335 10.03 -60.62 52.04
N LYS C 336 10.97 -60.14 52.85
CA LYS C 336 11.70 -61.02 53.74
C LYS C 336 10.74 -61.69 54.72
N LYS C 337 11.02 -62.95 55.04
CA LYS C 337 10.27 -63.80 55.95
C LYS C 337 9.01 -64.38 55.31
N ARG C 338 8.65 -63.97 54.09
CA ARG C 338 7.42 -64.46 53.49
C ARG C 338 7.57 -65.92 53.07
N VAL C 339 6.57 -66.73 53.41
CA VAL C 339 6.57 -68.13 53.01
C VAL C 339 6.37 -68.23 51.51
N VAL C 340 7.19 -69.04 50.86
CA VAL C 340 7.13 -69.22 49.41
C VAL C 340 6.97 -70.70 49.11
N THR C 341 6.31 -70.99 48.01
CA THR C 341 6.05 -72.37 47.57
C THR C 341 6.96 -72.70 46.41
N LEU C 342 7.75 -73.76 46.56
CA LEU C 342 8.62 -74.25 45.51
C LEU C 342 7.95 -75.42 44.81
N ARG C 343 7.92 -75.38 43.48
CA ARG C 343 7.25 -76.39 42.69
C ARG C 343 8.19 -76.88 41.59
N GLN C 344 8.14 -78.18 41.31
CA GLN C 344 8.88 -78.72 40.19
C GLN C 344 8.35 -78.18 38.88
N SER C 345 9.26 -78.01 37.92
CA SER C 345 8.89 -77.44 36.63
C SER C 345 7.87 -78.33 35.92
N LEU C 346 6.87 -77.70 35.29
CA LEU C 346 5.88 -78.43 34.52
C LEU C 346 6.38 -78.74 33.11
N LEU C 347 7.42 -78.09 32.65
CA LEU C 347 7.98 -78.29 31.32
C LEU C 347 9.14 -79.27 31.38
N ASN C 348 9.55 -79.74 30.20
CA ASN C 348 10.74 -80.58 30.07
C ASN C 348 11.94 -79.67 29.86
N GLN C 349 12.83 -79.63 30.84
CA GLN C 349 14.00 -78.75 30.79
C GLN C 349 15.05 -79.36 29.88
N THR C 350 15.25 -78.73 28.72
CA THR C 350 16.22 -79.21 27.73
C THR C 350 17.18 -78.15 27.24
N SER C 351 16.96 -76.88 27.55
CA SER C 351 17.85 -75.83 27.09
C SER C 351 19.22 -75.96 27.76
N ARG C 352 20.23 -75.40 27.10
CA ARG C 352 21.59 -75.46 27.63
C ARG C 352 21.68 -74.77 28.99
N VAL C 353 20.97 -73.66 29.16
CA VAL C 353 20.97 -72.97 30.45
C VAL C 353 20.42 -73.88 31.53
N ALA C 354 19.36 -74.62 31.23
CA ALA C 354 18.79 -75.53 32.22
C ALA C 354 19.76 -76.64 32.59
N LEU C 355 20.52 -77.14 31.61
CA LEU C 355 21.45 -78.24 31.84
C LEU C 355 22.84 -77.78 32.23
N GLU C 356 23.06 -76.47 32.35
CA GLU C 356 24.38 -75.97 32.70
C GLU C 356 24.75 -76.38 34.11
N GLU C 357 26.02 -76.77 34.29
CA GLU C 357 26.53 -77.21 35.58
C GLU C 357 27.14 -76.01 36.30
N ILE C 358 26.58 -75.65 37.44
CA ILE C 358 27.01 -74.46 38.16
C ILE C 358 28.22 -74.81 39.02
N LYS C 359 29.15 -73.86 39.13
CA LYS C 359 30.36 -74.02 39.95
C LYS C 359 30.68 -72.65 40.54
N LEU C 360 30.25 -72.42 41.78
CA LEU C 360 30.44 -71.13 42.41
C LEU C 360 31.91 -70.94 42.79
N LYS C 361 32.42 -69.73 42.54
CA LYS C 361 33.76 -69.34 42.95
C LYS C 361 33.78 -68.55 44.25
N PHE C 362 32.81 -67.66 44.45
CA PHE C 362 32.79 -66.79 45.62
C PHE C 362 31.35 -66.48 46.00
N ILE C 363 31.08 -66.47 47.29
CA ILE C 363 29.77 -66.12 47.84
C ILE C 363 29.98 -64.96 48.80
N ASP C 364 29.33 -63.84 48.53
CA ASP C 364 29.51 -62.65 49.33
C ASP C 364 28.75 -62.76 50.65
N THR C 365 29.45 -62.50 51.75
CA THR C 365 28.85 -62.53 53.08
C THR C 365 29.10 -61.23 53.84
N SER C 366 29.40 -60.15 53.14
CA SER C 366 29.55 -58.86 53.79
C SER C 366 28.18 -58.35 54.26
N SER C 367 28.22 -57.39 55.17
CA SER C 367 26.97 -56.85 55.74
C SER C 367 26.11 -56.24 54.64
N LYS C 368 24.82 -56.57 54.64
CA LYS C 368 23.86 -56.00 53.72
C LYS C 368 23.12 -54.81 54.30
N PHE C 369 23.42 -54.43 55.54
CA PHE C 369 22.85 -53.24 56.16
C PHE C 369 23.72 -52.01 55.95
N GLY C 370 24.51 -51.99 54.88
CA GLY C 370 25.39 -50.88 54.60
C GLY C 370 26.34 -51.26 53.48
N HIS C 371 27.39 -50.46 53.33
CA HIS C 371 28.44 -50.75 52.34
C HIS C 371 29.48 -51.68 52.97
N GLY C 372 29.04 -52.91 53.21
CA GLY C 372 29.88 -53.90 53.85
C GLY C 372 31.16 -54.19 53.11
N ARG C 373 32.29 -54.20 53.84
CA ARG C 373 33.60 -54.45 53.25
C ARG C 373 34.35 -55.57 53.96
N PHE C 374 33.73 -56.24 54.94
CA PHE C 374 34.35 -57.36 55.64
C PHE C 374 33.48 -58.60 55.45
N GLN C 375 34.11 -59.68 54.98
CA GLN C 375 33.37 -60.93 54.76
C GLN C 375 33.11 -61.67 56.06
N THR C 376 33.95 -61.49 57.07
CA THR C 376 33.81 -62.19 58.34
C THR C 376 34.05 -61.21 59.48
N THR C 377 33.51 -61.55 60.65
CA THR C 377 33.73 -60.72 61.83
C THR C 377 35.19 -60.74 62.25
N GLN C 378 35.86 -61.89 62.12
CA GLN C 378 37.27 -61.96 62.45
C GLN C 378 38.10 -61.03 61.56
N GLU C 379 37.78 -60.97 60.27
CA GLU C 379 38.49 -60.06 59.38
C GLU C 379 38.33 -58.62 59.84
N LYS C 380 37.11 -58.23 60.22
CA LYS C 380 36.89 -56.86 60.70
C LYS C 380 37.68 -56.61 61.98
N GLN C 381 37.67 -57.56 62.91
CA GLN C 381 38.39 -57.37 64.17
C GLN C 381 39.89 -57.26 63.94
N LYS C 382 40.43 -58.11 63.06
CA LYS C 382 41.86 -58.03 62.75
C LYS C 382 42.20 -56.72 62.06
N PHE C 383 41.26 -56.16 61.29
CA PHE C 383 41.51 -54.90 60.61
C PHE C 383 41.75 -53.77 61.62
N TYR C 384 40.95 -53.72 62.68
CA TYR C 384 41.05 -52.68 63.69
C TYR C 384 41.92 -53.10 64.87
N GLY C 385 42.85 -54.03 64.67
CA GLY C 385 43.68 -54.50 65.75
C GLY C 385 42.86 -55.09 66.88
N ARG C 386 41.88 -55.92 66.52
CA ARG C 386 40.93 -56.56 67.42
C ARG C 386 39.93 -55.57 68.02
N LEU C 387 40.04 -54.29 67.69
CA LEU C 387 39.08 -53.28 68.14
C LEU C 387 38.81 -53.37 69.64
N ALA D 2 -32.85 -28.30 -65.54
CA ALA D 2 -32.74 -29.59 -64.88
C ALA D 2 -34.13 -30.12 -64.53
N PHE D 3 -34.18 -31.34 -63.99
CA PHE D 3 -35.46 -31.90 -63.56
C PHE D 3 -36.06 -31.04 -62.47
N ILE D 4 -37.36 -30.76 -62.59
CA ILE D 4 -38.08 -29.91 -61.65
C ILE D 4 -38.95 -30.78 -60.77
N LYS D 5 -38.92 -30.51 -59.46
CA LYS D 5 -39.74 -31.26 -58.52
C LYS D 5 -41.22 -31.12 -58.87
N VAL D 6 -41.94 -32.23 -58.80
CA VAL D 6 -43.37 -32.20 -59.10
C VAL D 6 -44.07 -31.31 -58.08
N GLN D 7 -44.82 -30.32 -58.57
CA GLN D 7 -45.53 -29.43 -57.66
C GLN D 7 -46.75 -30.11 -57.04
N LYS D 8 -47.51 -30.86 -57.85
CA LYS D 8 -48.74 -31.51 -57.39
C LYS D 8 -48.41 -32.96 -57.05
N THR D 9 -47.80 -33.15 -55.89
CA THR D 9 -47.47 -34.48 -55.39
C THR D 9 -48.65 -35.06 -54.60
N ARG D 10 -48.43 -36.24 -54.03
CA ARG D 10 -49.47 -36.84 -53.19
C ARG D 10 -49.77 -35.95 -51.99
N ALA D 11 -48.74 -35.39 -51.36
CA ALA D 11 -48.94 -34.55 -50.19
C ALA D 11 -49.80 -33.33 -50.54
N TYR D 12 -49.61 -32.77 -51.73
CA TYR D 12 -50.39 -31.60 -52.13
C TYR D 12 -51.88 -31.92 -52.16
N PHE D 13 -52.25 -33.08 -52.70
CA PHE D 13 -53.66 -33.42 -52.81
C PHE D 13 -54.25 -33.88 -51.48
N LYS D 14 -53.42 -34.47 -50.60
CA LYS D 14 -53.93 -34.92 -49.32
C LYS D 14 -54.45 -33.75 -48.48
N ARG D 15 -53.72 -32.64 -48.49
CA ARG D 15 -54.06 -31.49 -47.66
C ARG D 15 -54.90 -30.45 -48.40
N PHE D 16 -55.24 -30.70 -49.66
CA PHE D 16 -56.03 -29.73 -50.43
C PHE D 16 -57.47 -29.75 -49.97
N GLN D 17 -58.02 -28.56 -49.72
CA GLN D 17 -59.44 -28.39 -49.39
C GLN D 17 -60.13 -27.71 -50.56
N VAL D 18 -61.15 -28.37 -51.10
CA VAL D 18 -61.89 -27.83 -52.24
C VAL D 18 -62.83 -26.75 -51.74
N LYS D 19 -62.93 -25.66 -52.50
CA LYS D 19 -63.91 -24.64 -52.21
C LYS D 19 -65.31 -25.15 -52.55
N PHE D 20 -66.32 -24.37 -52.16
CA PHE D 20 -67.69 -24.74 -52.47
C PHE D 20 -67.87 -24.86 -53.97
N LYS D 21 -68.72 -25.81 -54.38
CA LYS D 21 -68.90 -26.09 -55.79
C LYS D 21 -69.31 -24.85 -56.57
N ARG D 22 -70.24 -24.07 -56.02
CA ARG D 22 -70.65 -22.84 -56.69
C ARG D 22 -69.50 -21.84 -56.78
N ARG D 23 -68.63 -21.82 -55.78
CA ARG D 23 -67.49 -20.89 -55.81
C ARG D 23 -66.47 -21.30 -56.87
N ARG D 24 -66.10 -22.58 -56.91
CA ARG D 24 -65.12 -23.01 -57.89
C ARG D 24 -65.69 -23.06 -59.29
N GLU D 25 -67.01 -23.03 -59.44
CA GLU D 25 -67.65 -22.82 -60.73
C GLU D 25 -67.78 -21.35 -61.09
N GLY D 26 -67.41 -20.46 -60.18
CA GLY D 26 -67.44 -19.03 -60.46
C GLY D 26 -68.84 -18.47 -60.71
N LYS D 27 -69.81 -18.84 -59.88
CA LYS D 27 -71.17 -18.39 -60.05
C LYS D 27 -71.79 -17.77 -58.81
N THR D 28 -71.29 -18.05 -57.61
CA THR D 28 -71.87 -17.54 -56.37
C THR D 28 -70.79 -16.86 -55.54
N ASP D 29 -71.10 -15.64 -55.08
CA ASP D 29 -70.26 -14.93 -54.12
C ASP D 29 -70.86 -15.17 -52.74
N TYR D 30 -70.25 -16.09 -51.99
CA TYR D 30 -70.87 -16.52 -50.73
C TYR D 30 -70.79 -15.43 -49.65
N ARG D 31 -69.81 -14.54 -49.74
CA ARG D 31 -69.80 -13.39 -48.83
C ARG D 31 -71.05 -12.54 -49.02
N ALA D 32 -71.41 -12.27 -50.27
CA ALA D 32 -72.62 -11.50 -50.53
C ALA D 32 -73.88 -12.32 -50.22
N ARG D 33 -73.88 -13.60 -50.57
CA ARG D 33 -75.04 -14.43 -50.32
C ARG D 33 -75.36 -14.54 -48.83
N ASN D 34 -74.32 -14.71 -48.00
CA ASN D 34 -74.54 -14.84 -46.57
C ASN D 34 -75.22 -13.60 -46.01
N ARG D 35 -74.76 -12.42 -46.41
CA ARG D 35 -75.33 -11.17 -45.92
C ARG D 35 -76.68 -10.85 -46.55
N LEU D 36 -77.06 -11.55 -47.62
CA LEU D 36 -78.35 -11.34 -48.24
C LEU D 36 -79.45 -12.17 -47.62
N ILE D 37 -79.17 -13.41 -47.23
CA ILE D 37 -80.19 -14.32 -46.75
C ILE D 37 -80.24 -14.41 -45.22
N ASN D 38 -79.20 -13.98 -44.52
CA ASN D 38 -79.16 -14.09 -43.06
C ASN D 38 -80.23 -13.19 -42.45
N GLN D 39 -81.26 -13.80 -41.89
CA GLN D 39 -82.37 -13.08 -41.27
C GLN D 39 -82.14 -12.96 -39.77
N ASP D 40 -82.66 -11.88 -39.19
CA ASP D 40 -82.59 -11.71 -37.75
C ASP D 40 -83.24 -12.90 -37.05
N LYS D 41 -82.59 -13.39 -36.01
CA LYS D 41 -83.09 -14.58 -35.33
C LYS D 41 -84.38 -14.31 -34.58
N ASN D 42 -84.59 -13.06 -34.14
CA ASN D 42 -85.84 -12.69 -33.49
C ASN D 42 -86.96 -12.43 -34.48
N LYS D 43 -86.75 -12.71 -35.77
CA LYS D 43 -87.82 -12.74 -36.76
C LYS D 43 -88.25 -14.15 -37.13
N TYR D 44 -87.48 -15.17 -36.72
CA TYR D 44 -87.88 -16.58 -36.84
C TYR D 44 -88.09 -16.90 -38.31
N ASN D 45 -89.18 -17.56 -38.70
CA ASN D 45 -89.38 -17.99 -40.08
C ASN D 45 -90.02 -16.86 -40.89
N THR D 46 -89.24 -15.79 -41.05
CA THR D 46 -89.63 -14.67 -41.89
C THR D 46 -88.79 -14.70 -43.15
N PRO D 47 -89.32 -15.10 -44.30
CA PRO D 47 -88.49 -15.19 -45.51
C PRO D 47 -87.91 -13.83 -45.88
N LYS D 48 -86.68 -13.86 -46.37
CA LYS D 48 -86.00 -12.68 -46.89
C LYS D 48 -85.86 -12.87 -48.40
N TYR D 49 -86.75 -12.25 -49.16
CA TYR D 49 -86.80 -12.47 -50.60
C TYR D 49 -85.73 -11.66 -51.32
N ARG D 50 -85.11 -12.28 -52.31
CA ARG D 50 -84.10 -11.64 -53.14
C ARG D 50 -84.65 -11.43 -54.55
N PHE D 51 -84.46 -10.22 -55.08
CA PHE D 51 -84.77 -9.92 -56.48
C PHE D 51 -83.54 -10.27 -57.29
N VAL D 52 -83.50 -11.49 -57.80
CA VAL D 52 -82.36 -12.00 -58.54
C VAL D 52 -82.51 -11.61 -60.01
N VAL D 53 -81.52 -10.89 -60.53
CA VAL D 53 -81.48 -10.50 -61.94
C VAL D 53 -80.17 -10.99 -62.52
N ARG D 54 -80.24 -11.79 -63.58
CA ARG D 54 -79.07 -12.34 -64.24
C ARG D 54 -79.16 -12.10 -65.73
N PHE D 55 -78.04 -11.74 -66.34
CA PHE D 55 -77.96 -11.47 -67.77
C PHE D 55 -77.10 -12.51 -68.44
N THR D 56 -77.64 -13.16 -69.46
CA THR D 56 -76.89 -14.05 -70.32
C THR D 56 -76.53 -13.31 -71.61
N ASN D 57 -75.85 -14.01 -72.52
CA ASN D 57 -75.47 -13.40 -73.79
C ASN D 57 -76.68 -13.03 -74.64
N LYS D 58 -77.82 -13.72 -74.45
CA LYS D 58 -79.00 -13.45 -75.27
C LYS D 58 -80.30 -13.44 -74.48
N ASP D 59 -80.26 -13.44 -73.15
CA ASP D 59 -81.49 -13.49 -72.38
C ASP D 59 -81.27 -12.81 -71.03
N ILE D 60 -82.38 -12.40 -70.41
CA ILE D 60 -82.40 -11.81 -69.08
C ILE D 60 -83.28 -12.69 -68.20
N ILE D 61 -82.77 -13.08 -67.04
CA ILE D 61 -83.48 -13.93 -66.09
C ILE D 61 -83.74 -13.12 -64.83
N ALA D 62 -85.01 -13.06 -64.42
CA ALA D 62 -85.40 -12.38 -63.20
C ALA D 62 -86.21 -13.34 -62.34
N GLN D 63 -85.93 -13.35 -61.04
CA GLN D 63 -86.58 -14.30 -60.13
C GLN D 63 -86.73 -13.66 -58.76
N ILE D 64 -87.81 -14.03 -58.08
CA ILE D 64 -88.01 -13.72 -56.67
C ILE D 64 -87.72 -14.99 -55.89
N VAL D 65 -86.71 -14.95 -55.03
CA VAL D 65 -86.14 -16.15 -54.42
C VAL D 65 -86.11 -15.99 -52.91
N SER D 66 -86.45 -17.08 -52.21
CA SER D 66 -86.28 -17.18 -50.77
C SER D 66 -85.45 -18.42 -50.46
N ALA D 67 -84.65 -18.33 -49.40
CA ALA D 67 -83.70 -19.38 -49.07
C ALA D 67 -84.30 -20.39 -48.11
N SER D 68 -83.85 -21.64 -48.23
CA SER D 68 -84.28 -22.72 -47.35
C SER D 68 -83.16 -23.75 -47.29
N ILE D 69 -83.26 -24.65 -46.31
CA ILE D 69 -82.23 -25.66 -46.13
C ILE D 69 -82.15 -26.57 -47.36
N ALA D 70 -83.30 -26.99 -47.88
CA ALA D 70 -83.31 -27.85 -49.07
C ALA D 70 -82.82 -27.11 -50.31
N GLY D 71 -82.87 -25.78 -50.31
CA GLY D 71 -82.45 -25.01 -51.46
C GLY D 71 -83.30 -23.77 -51.59
N ASP D 72 -83.00 -22.99 -52.62
CA ASP D 72 -83.75 -21.78 -52.91
C ASP D 72 -85.12 -22.11 -53.48
N MET D 73 -86.13 -21.35 -53.07
CA MET D 73 -87.49 -21.51 -53.55
C MET D 73 -87.86 -20.33 -54.42
N ILE D 74 -88.40 -20.61 -55.59
CA ILE D 74 -88.74 -19.57 -56.56
C ILE D 74 -90.19 -19.16 -56.35
N LEU D 75 -90.41 -17.90 -55.99
CA LEU D 75 -91.77 -17.38 -55.83
C LEU D 75 -92.35 -16.96 -57.17
N ALA D 76 -91.56 -16.26 -57.99
CA ALA D 76 -91.99 -15.85 -59.32
C ALA D 76 -90.76 -15.65 -60.18
N SER D 77 -90.92 -15.88 -61.48
CA SER D 77 -89.82 -15.75 -62.42
C SER D 77 -90.30 -15.04 -63.68
N ALA D 78 -89.36 -14.39 -64.36
CA ALA D 78 -89.66 -13.68 -65.60
C ALA D 78 -88.43 -13.74 -66.50
N TYR D 79 -88.63 -14.18 -67.74
CA TYR D 79 -87.56 -14.30 -68.72
C TYR D 79 -87.80 -13.32 -69.85
N ALA D 80 -86.74 -12.68 -70.32
CA ALA D 80 -86.85 -11.79 -71.46
C ALA D 80 -87.20 -12.53 -72.74
N ASN D 81 -86.95 -13.83 -72.80
CA ASN D 81 -87.22 -14.60 -74.01
C ASN D 81 -88.71 -14.79 -74.24
N GLU D 82 -89.56 -14.54 -73.23
CA GLU D 82 -90.99 -14.64 -73.38
C GLU D 82 -91.66 -13.28 -73.60
N LEU D 83 -90.87 -12.21 -73.73
CA LEU D 83 -91.40 -10.88 -74.03
C LEU D 83 -92.01 -10.81 -75.42
N PRO D 84 -91.53 -11.59 -76.40
CA PRO D 84 -92.20 -11.59 -77.70
C PRO D 84 -93.69 -11.90 -77.62
N HIS D 85 -94.11 -12.67 -76.61
CA HIS D 85 -95.53 -12.88 -76.39
C HIS D 85 -96.25 -11.57 -76.12
N TYR D 86 -95.54 -10.53 -75.68
CA TYR D 86 -96.13 -9.24 -75.39
C TYR D 86 -95.89 -8.21 -76.50
N GLY D 87 -94.94 -8.44 -77.39
CA GLY D 87 -94.71 -7.54 -78.51
C GLY D 87 -93.25 -7.27 -78.79
N LEU D 88 -92.39 -7.36 -77.78
CA LEU D 88 -90.97 -7.05 -77.94
C LEU D 88 -90.27 -8.22 -78.61
N GLU D 89 -89.79 -8.00 -79.84
CA GLU D 89 -89.20 -9.06 -80.64
C GLU D 89 -87.68 -8.97 -80.74
N VAL D 90 -87.09 -7.79 -80.54
CA VAL D 90 -85.66 -7.59 -80.72
C VAL D 90 -85.09 -6.86 -79.51
N GLY D 91 -83.77 -6.92 -79.38
CA GLY D 91 -83.08 -6.26 -78.29
C GLY D 91 -83.50 -6.80 -76.94
N LEU D 92 -83.54 -8.13 -76.80
CA LEU D 92 -83.99 -8.78 -75.58
C LEU D 92 -82.92 -8.78 -74.48
N THR D 93 -81.83 -8.03 -74.65
CA THR D 93 -80.81 -7.93 -73.62
C THR D 93 -80.34 -6.50 -73.38
N ASN D 94 -81.06 -5.50 -73.88
CA ASN D 94 -80.66 -4.11 -73.72
C ASN D 94 -81.29 -3.52 -72.45
N TYR D 95 -81.04 -2.24 -72.23
CA TYR D 95 -81.56 -1.58 -71.04
C TYR D 95 -83.09 -1.60 -71.02
N ALA D 96 -83.71 -1.33 -72.17
CA ALA D 96 -85.18 -1.30 -72.23
C ALA D 96 -85.77 -2.68 -71.94
N ALA D 97 -85.15 -3.73 -72.47
CA ALA D 97 -85.64 -5.08 -72.21
C ALA D 97 -85.53 -5.41 -70.73
N ALA D 98 -84.45 -4.99 -70.08
CA ALA D 98 -84.30 -5.22 -68.65
C ALA D 98 -85.44 -4.55 -67.87
N TYR D 99 -85.80 -3.32 -68.26
CA TYR D 99 -86.92 -2.65 -67.62
C TYR D 99 -88.21 -3.44 -67.81
N CYS D 100 -88.45 -3.94 -69.02
CA CYS D 100 -89.65 -4.73 -69.26
C CYS D 100 -89.65 -6.01 -68.43
N THR D 101 -88.50 -6.69 -68.36
CA THR D 101 -88.42 -7.93 -67.58
C THR D 101 -88.69 -7.66 -66.11
N GLY D 102 -88.12 -6.59 -65.56
CA GLY D 102 -88.40 -6.24 -64.18
C GLY D 102 -89.86 -5.89 -63.94
N LEU D 103 -90.47 -5.16 -64.88
CA LEU D 103 -91.88 -4.82 -64.75
C LEU D 103 -92.74 -6.08 -64.78
N LEU D 104 -92.43 -7.02 -65.68
CA LEU D 104 -93.23 -8.24 -65.77
C LEU D 104 -93.16 -9.04 -64.48
N LEU D 105 -91.97 -9.15 -63.89
CA LEU D 105 -91.84 -9.89 -62.64
C LEU D 105 -92.64 -9.22 -61.52
N ALA D 106 -92.61 -7.89 -61.47
CA ALA D 106 -93.32 -7.18 -60.41
C ALA D 106 -94.82 -7.43 -60.49
N ARG D 107 -95.38 -7.40 -61.69
CA ARG D 107 -96.82 -7.64 -61.83
C ARG D 107 -97.17 -9.10 -61.56
N ARG D 108 -96.27 -10.03 -61.92
CA ARG D 108 -96.55 -11.44 -61.69
C ARG D 108 -96.56 -11.77 -60.21
N VAL D 109 -95.56 -11.28 -59.47
CA VAL D 109 -95.48 -11.59 -58.04
C VAL D 109 -96.66 -10.96 -57.29
N LEU D 110 -97.00 -9.71 -57.64
CA LEU D 110 -98.18 -9.10 -57.03
C LEU D 110 -99.45 -9.84 -57.40
N LYS D 111 -99.53 -10.37 -58.62
CA LYS D 111 -100.68 -11.19 -59.00
C LYS D 111 -100.75 -12.45 -58.13
N LYS D 112 -99.61 -13.09 -57.89
CA LYS D 112 -99.59 -14.30 -57.07
C LYS D 112 -99.94 -13.99 -55.62
N LEU D 113 -99.54 -12.83 -55.11
CA LEU D 113 -99.83 -12.44 -53.74
C LEU D 113 -101.21 -11.83 -53.57
N GLU D 114 -101.98 -11.70 -54.65
CA GLU D 114 -103.34 -11.16 -54.58
C GLU D 114 -103.36 -9.75 -54.00
N MET D 115 -102.35 -8.96 -54.35
CA MET D 115 -102.29 -7.57 -53.92
C MET D 115 -101.94 -6.62 -55.06
N ASP D 116 -102.14 -7.05 -56.31
CA ASP D 116 -101.81 -6.19 -57.45
C ASP D 116 -102.80 -5.04 -57.59
N GLU D 117 -104.05 -5.22 -57.18
CA GLU D 117 -105.03 -4.14 -57.26
C GLU D 117 -104.65 -2.98 -56.36
N GLU D 118 -104.19 -3.29 -55.15
CA GLU D 118 -103.84 -2.23 -54.21
C GLU D 118 -102.64 -1.42 -54.69
N TYR D 119 -101.64 -2.08 -55.28
CA TYR D 119 -100.43 -1.42 -55.77
C TYR D 119 -100.39 -1.54 -57.28
N GLU D 120 -100.68 -0.44 -57.97
CA GLU D 120 -100.62 -0.38 -59.42
C GLU D 120 -99.27 0.12 -59.94
N GLY D 121 -98.37 0.49 -59.05
CA GLY D 121 -97.06 0.95 -59.48
C GLY D 121 -97.09 2.40 -59.96
N ASN D 122 -96.07 2.74 -60.74
CA ASN D 122 -95.91 4.09 -61.26
C ASN D 122 -96.68 4.21 -62.57
N LEU D 123 -97.58 5.20 -62.65
CA LEU D 123 -98.38 5.42 -63.84
C LEU D 123 -97.79 6.45 -64.77
N GLU D 124 -96.87 7.30 -64.29
CA GLU D 124 -96.24 8.34 -65.09
C GLU D 124 -94.73 8.07 -65.09
N VAL D 125 -94.27 7.29 -66.06
CA VAL D 125 -92.85 6.95 -66.19
C VAL D 125 -92.16 8.14 -66.83
N ASN D 126 -91.54 8.99 -66.01
CA ASN D 126 -90.85 10.19 -66.49
C ASN D 126 -89.35 10.15 -66.21
N GLY D 127 -88.82 9.01 -65.79
CA GLY D 127 -87.40 8.88 -65.48
C GLY D 127 -86.99 9.34 -64.11
N GLU D 128 -87.92 9.84 -63.30
CA GLU D 128 -87.60 10.25 -61.93
C GLU D 128 -87.60 9.04 -61.01
N ASP D 129 -86.85 9.14 -59.92
CA ASP D 129 -86.82 8.09 -58.92
C ASP D 129 -88.21 7.89 -58.33
N TYR D 130 -88.63 6.63 -58.23
CA TYR D 130 -89.97 6.28 -57.78
C TYR D 130 -89.90 5.22 -56.71
N SER D 131 -90.84 5.32 -55.76
CA SER D 131 -90.97 4.33 -54.70
C SER D 131 -92.44 4.25 -54.33
N VAL D 132 -93.03 3.06 -54.45
CA VAL D 132 -94.47 2.92 -54.22
C VAL D 132 -94.78 3.27 -52.78
N GLU D 133 -95.70 4.22 -52.59
CA GLU D 133 -96.09 4.61 -51.25
C GLU D 133 -96.91 3.49 -50.60
N PRO D 134 -96.77 3.30 -49.27
CA PRO D 134 -97.55 2.25 -48.61
C PRO D 134 -99.05 2.48 -48.76
N ALA D 135 -99.78 1.38 -48.87
CA ALA D 135 -101.24 1.43 -48.98
C ALA D 135 -101.84 1.63 -47.60
N GLU D 136 -103.17 1.51 -47.50
CA GLU D 136 -103.85 1.75 -46.24
C GLU D 136 -103.72 0.57 -45.28
N SER D 137 -104.20 -0.60 -45.70
CA SER D 137 -104.27 -1.77 -44.83
C SER D 137 -103.25 -2.84 -45.22
N ARG D 138 -102.19 -2.47 -45.93
CA ARG D 138 -101.20 -3.45 -46.35
C ARG D 138 -99.93 -2.79 -46.87
N ARG D 139 -98.78 -3.23 -46.37
CA ARG D 139 -97.52 -2.68 -46.84
C ARG D 139 -97.11 -3.31 -48.17
N PRO D 140 -96.33 -2.61 -48.98
CA PRO D 140 -95.91 -3.18 -50.26
C PRO D 140 -94.93 -4.34 -50.08
N PHE D 141 -94.95 -5.26 -51.04
CA PHE D 141 -94.02 -6.37 -51.01
C PHE D 141 -92.58 -5.86 -51.07
N ARG D 142 -91.73 -6.40 -50.21
CA ARG D 142 -90.34 -5.95 -50.08
C ARG D 142 -89.41 -7.05 -50.56
N ALA D 143 -88.42 -6.66 -51.36
CA ALA D 143 -87.41 -7.59 -51.85
C ALA D 143 -86.07 -6.88 -51.95
N LEU D 144 -85.01 -7.66 -51.97
CA LEU D 144 -83.65 -7.14 -52.02
C LEU D 144 -83.00 -7.52 -53.34
N LEU D 145 -82.31 -6.57 -53.95
CA LEU D 145 -81.66 -6.78 -55.24
C LEU D 145 -80.40 -7.62 -55.06
N ASP D 146 -80.31 -8.71 -55.81
CA ASP D 146 -79.13 -9.58 -55.83
C ASP D 146 -78.51 -9.49 -57.22
N VAL D 147 -77.48 -8.66 -57.35
CA VAL D 147 -76.89 -8.40 -58.66
C VAL D 147 -75.95 -9.50 -59.12
N GLY D 148 -75.45 -10.33 -58.20
CA GLY D 148 -74.55 -11.40 -58.58
C GLY D 148 -73.10 -10.95 -58.70
N LEU D 149 -72.42 -11.43 -59.73
CA LEU D 149 -70.99 -11.17 -59.91
C LEU D 149 -70.70 -10.04 -60.89
N LEU D 150 -71.73 -9.34 -61.36
CA LEU D 150 -71.49 -8.25 -62.30
C LEU D 150 -71.05 -6.98 -61.57
N ARG D 151 -70.49 -6.06 -62.34
CA ARG D 151 -70.03 -4.79 -61.80
C ARG D 151 -71.19 -3.81 -61.71
N THR D 152 -71.41 -3.23 -60.53
CA THR D 152 -72.51 -2.29 -60.31
C THR D 152 -72.05 -0.90 -60.72
N THR D 153 -72.05 -0.67 -62.03
CA THR D 153 -71.68 0.60 -62.62
C THR D 153 -72.91 1.43 -62.92
N THR D 154 -72.71 2.74 -63.03
CA THR D 154 -73.81 3.64 -63.35
C THR D 154 -74.35 3.31 -64.73
N GLY D 155 -75.68 3.22 -64.84
CA GLY D 155 -76.32 2.87 -66.08
C GLY D 155 -76.34 1.39 -66.40
N ASN D 156 -75.97 0.53 -65.45
CA ASN D 156 -75.98 -0.90 -65.68
C ASN D 156 -77.40 -1.39 -65.92
N ARG D 157 -77.52 -2.41 -66.77
CA ARG D 157 -78.84 -2.95 -67.09
C ARG D 157 -79.57 -3.45 -65.86
N VAL D 158 -78.82 -3.93 -64.85
CA VAL D 158 -79.47 -4.48 -63.66
C VAL D 158 -80.31 -3.41 -62.98
N PHE D 159 -79.82 -2.17 -62.96
CA PHE D 159 -80.60 -1.07 -62.40
C PHE D 159 -81.74 -0.64 -63.31
N GLY D 160 -81.65 -0.96 -64.60
CA GLY D 160 -82.82 -0.76 -65.46
C GLY D 160 -83.94 -1.71 -65.09
N ALA D 161 -83.61 -2.96 -64.80
CA ALA D 161 -84.63 -3.90 -64.29
C ALA D 161 -85.11 -3.49 -62.91
N LEU D 162 -84.24 -2.89 -62.09
CA LEU D 162 -84.66 -2.38 -60.79
C LEU D 162 -85.73 -1.32 -60.95
N LYS D 163 -85.53 -0.40 -61.90
CA LYS D 163 -86.54 0.64 -62.13
C LYS D 163 -87.86 0.04 -62.57
N GLY D 164 -87.82 -0.97 -63.44
CA GLY D 164 -89.05 -1.63 -63.85
C GLY D 164 -89.77 -2.29 -62.70
N ALA D 165 -89.02 -2.95 -61.81
CA ALA D 165 -89.64 -3.55 -60.64
C ALA D 165 -90.23 -2.48 -59.72
N LEU D 166 -89.52 -1.38 -59.53
CA LEU D 166 -90.06 -0.28 -58.72
C LEU D 166 -91.32 0.29 -59.34
N ASP D 167 -91.32 0.51 -60.66
CA ASP D 167 -92.51 1.01 -61.34
C ASP D 167 -93.64 -0.01 -61.34
N GLY D 168 -93.33 -1.29 -61.14
CA GLY D 168 -94.36 -2.30 -61.07
C GLY D 168 -95.07 -2.39 -59.74
N GLY D 169 -94.56 -1.69 -58.72
CA GLY D 169 -95.20 -1.66 -57.41
C GLY D 169 -94.47 -2.41 -56.31
N LEU D 170 -93.22 -2.81 -56.53
CA LEU D 170 -92.45 -3.54 -55.53
C LEU D 170 -91.56 -2.57 -54.75
N ASP D 171 -91.46 -2.81 -53.44
CA ASP D 171 -90.58 -2.05 -52.57
C ASP D 171 -89.21 -2.70 -52.59
N ILE D 172 -88.22 -2.00 -53.11
CA ILE D 172 -86.85 -2.49 -53.19
C ILE D 172 -85.93 -1.39 -52.67
N PRO D 173 -85.23 -1.60 -51.55
CA PRO D 173 -84.29 -0.57 -51.09
C PRO D 173 -83.27 -0.25 -52.16
N HIS D 174 -83.02 1.04 -52.36
CA HIS D 174 -82.15 1.49 -53.45
C HIS D 174 -81.88 2.97 -53.29
N SER D 175 -81.01 3.47 -54.17
CA SER D 175 -80.78 4.89 -54.35
C SER D 175 -80.65 5.17 -55.83
N GLU D 176 -80.66 6.45 -56.19
CA GLU D 176 -80.64 6.87 -57.59
C GLU D 176 -79.23 7.05 -58.13
N LYS D 177 -78.19 6.73 -57.34
CA LYS D 177 -76.83 6.99 -57.75
C LYS D 177 -76.36 6.14 -58.92
N ARG D 178 -77.11 5.10 -59.30
CA ARG D 178 -76.67 4.18 -60.34
C ARG D 178 -77.65 4.06 -61.50
N PHE D 179 -78.77 4.75 -61.46
CA PHE D 179 -79.67 4.76 -62.61
C PHE D 179 -79.02 5.48 -63.79
N ALA D 180 -79.37 5.03 -65.00
CA ALA D 180 -78.85 5.67 -66.19
C ALA D 180 -79.24 7.14 -66.22
N GLY D 181 -78.28 8.01 -66.51
CA GLY D 181 -78.48 9.43 -66.49
C GLY D 181 -77.93 10.15 -65.27
N PHE D 182 -77.60 9.41 -64.21
CA PHE D 182 -77.00 10.02 -63.04
C PHE D 182 -75.60 10.52 -63.36
N SER D 183 -75.26 11.70 -62.86
CA SER D 183 -73.99 12.35 -63.15
C SER D 183 -73.09 12.28 -61.92
N LYS D 184 -71.85 11.85 -62.12
CA LYS D 184 -70.91 11.75 -61.01
C LYS D 184 -70.59 13.12 -60.43
N ASP D 185 -70.38 14.11 -61.28
CA ASP D 185 -69.99 15.44 -60.81
C ASP D 185 -71.17 16.21 -60.24
N SER D 186 -72.27 16.27 -60.99
CA SER D 186 -73.45 17.00 -60.52
C SER D 186 -74.13 16.30 -59.35
N LYS D 187 -73.93 14.99 -59.20
CA LYS D 187 -74.59 14.22 -58.15
C LYS D 187 -76.10 14.38 -58.21
N GLN D 188 -76.64 14.39 -59.42
CA GLN D 188 -78.08 14.49 -59.65
C GLN D 188 -78.48 13.48 -60.71
N LEU D 189 -79.75 13.08 -60.68
CA LEU D 189 -80.32 12.17 -61.65
C LEU D 189 -81.01 12.98 -62.74
N ASP D 190 -80.58 12.78 -63.99
CA ASP D 190 -81.19 13.46 -65.13
C ASP D 190 -82.36 12.63 -65.62
N ALA D 191 -83.58 13.11 -65.37
CA ALA D 191 -84.77 12.33 -65.71
C ALA D 191 -84.86 12.10 -67.22
N ASP D 192 -84.53 13.11 -68.02
CA ASP D 192 -84.66 12.98 -69.47
C ASP D 192 -83.77 11.86 -70.00
N VAL D 193 -82.52 11.81 -69.54
CA VAL D 193 -81.61 10.75 -69.99
C VAL D 193 -82.08 9.40 -69.47
N HIS D 194 -82.52 9.34 -68.21
CA HIS D 194 -83.00 8.08 -67.67
C HIS D 194 -84.24 7.60 -68.43
N ARG D 195 -85.17 8.51 -68.72
CA ARG D 195 -86.34 8.13 -69.53
C ARG D 195 -85.93 7.71 -70.93
N LYS D 196 -84.87 8.30 -71.47
CA LYS D 196 -84.39 7.91 -72.80
C LYS D 196 -83.98 6.45 -72.82
N TYR D 197 -83.28 6.00 -71.79
CA TYR D 197 -82.82 4.61 -71.75
C TYR D 197 -83.98 3.64 -71.52
N ILE D 198 -85.02 4.06 -70.79
CA ILE D 198 -86.13 3.16 -70.50
C ILE D 198 -86.85 2.77 -71.78
N TYR D 199 -86.96 3.69 -72.73
CA TYR D 199 -87.65 3.44 -73.99
C TYR D 199 -86.69 3.15 -75.13
N GLY D 200 -85.43 2.85 -74.82
CA GLY D 200 -84.48 2.53 -75.86
C GLY D 200 -84.02 3.70 -76.70
N GLY D 201 -84.11 4.92 -76.16
CA GLY D 201 -83.68 6.07 -76.93
C GLY D 201 -82.22 6.00 -77.33
N HIS D 202 -81.37 5.49 -76.45
CA HIS D 202 -79.96 5.36 -76.78
C HIS D 202 -79.76 4.37 -77.93
N VAL D 203 -80.54 3.29 -77.96
CA VAL D 203 -80.47 2.36 -79.08
C VAL D 203 -80.95 3.05 -80.36
N ALA D 204 -82.04 3.80 -80.27
CA ALA D 204 -82.54 4.51 -81.44
C ALA D 204 -81.52 5.52 -81.96
N THR D 205 -80.86 6.24 -81.03
CA THR D 205 -79.87 7.23 -81.45
C THR D 205 -78.73 6.59 -82.22
N TYR D 206 -78.25 5.43 -81.75
CA TYR D 206 -77.15 4.76 -82.45
C TYR D 206 -77.60 4.27 -83.82
N MET D 207 -78.84 3.79 -83.94
CA MET D 207 -79.34 3.36 -85.23
C MET D 207 -79.35 4.51 -86.23
N GLN D 208 -79.81 5.68 -85.80
CA GLN D 208 -79.82 6.84 -86.69
C GLN D 208 -78.41 7.29 -87.04
N THR D 209 -77.48 7.20 -86.09
CA THR D 209 -76.11 7.63 -86.36
C THR D 209 -75.47 6.80 -87.46
N LEU D 210 -75.69 5.48 -87.43
CA LEU D 210 -75.11 4.62 -88.45
C LEU D 210 -75.71 4.89 -89.82
N ILE D 211 -77.02 5.14 -89.88
CA ILE D 211 -77.67 5.36 -91.17
C ILE D 211 -77.06 6.55 -91.89
N GLU D 212 -76.87 7.65 -91.15
CA GLU D 212 -76.34 8.86 -91.77
C GLU D 212 -74.88 8.70 -92.16
N ASP D 213 -74.11 7.95 -91.37
CA ASP D 213 -72.67 7.85 -91.56
C ASP D 213 -72.26 6.55 -92.26
N GLU D 214 -72.68 5.40 -91.75
CA GLU D 214 -72.24 4.10 -92.24
C GLU D 214 -73.46 3.24 -92.54
N PRO D 215 -74.15 3.49 -93.66
CA PRO D 215 -75.33 2.67 -93.97
C PRO D 215 -75.01 1.19 -94.09
N GLU D 216 -73.84 0.84 -94.61
CA GLU D 216 -73.47 -0.57 -94.73
C GLU D 216 -73.37 -1.22 -93.36
N LYS D 217 -72.80 -0.51 -92.38
CA LYS D 217 -72.71 -1.05 -91.03
C LYS D 217 -74.09 -1.15 -90.37
N TYR D 218 -75.00 -0.23 -90.71
CA TYR D 218 -76.33 -0.27 -90.12
C TYR D 218 -77.08 -1.54 -90.52
N GLN D 219 -76.91 -1.98 -91.77
CA GLN D 219 -77.61 -3.16 -92.23
C GLN D 219 -77.21 -4.40 -91.45
N THR D 220 -75.91 -4.54 -91.16
CA THR D 220 -75.43 -5.73 -90.46
C THR D 220 -75.62 -5.61 -88.96
N HIS D 221 -75.30 -4.44 -88.39
CA HIS D 221 -75.36 -4.29 -86.93
C HIS D 221 -76.78 -4.40 -86.40
N PHE D 222 -77.78 -4.09 -87.23
CA PHE D 222 -79.18 -4.14 -86.84
C PHE D 222 -79.99 -4.97 -87.83
N SER D 223 -79.47 -6.13 -88.22
CA SER D 223 -80.15 -6.94 -89.22
C SER D 223 -81.50 -7.41 -88.71
N GLN D 224 -81.59 -7.85 -87.45
CA GLN D 224 -82.85 -8.34 -86.92
C GLN D 224 -83.86 -7.23 -86.78
N TYR D 225 -83.42 -6.03 -86.39
CA TYR D 225 -84.33 -4.89 -86.32
C TYR D 225 -84.91 -4.58 -87.70
N ILE D 226 -84.08 -4.59 -88.74
CA ILE D 226 -84.56 -4.33 -90.08
C ILE D 226 -85.43 -5.47 -90.57
N LYS D 227 -85.07 -6.71 -90.22
CA LYS D 227 -85.83 -7.86 -90.68
C LYS D 227 -87.27 -7.84 -90.20
N LYS D 228 -87.55 -7.14 -89.10
CA LYS D 228 -88.89 -7.07 -88.53
C LYS D 228 -89.51 -5.68 -88.65
N GLY D 229 -88.96 -4.84 -89.51
CA GLY D 229 -89.56 -3.54 -89.78
C GLY D 229 -89.64 -2.62 -88.57
N PHE D 230 -88.57 -2.57 -87.78
CA PHE D 230 -88.49 -1.67 -86.63
C PHE D 230 -87.52 -0.55 -86.96
N GLU D 231 -87.99 0.69 -86.83
CA GLU D 231 -87.19 1.88 -87.09
C GLU D 231 -86.81 2.55 -85.78
N ALA D 232 -85.79 3.41 -85.86
CA ALA D 232 -85.31 4.09 -84.66
C ALA D 232 -86.40 4.94 -84.03
N ASP D 233 -87.17 5.66 -84.85
CA ASP D 233 -88.23 6.52 -84.32
C ASP D 233 -89.40 5.73 -83.77
N GLY D 234 -89.56 4.47 -84.16
CA GLY D 234 -90.66 3.65 -83.72
C GLY D 234 -90.40 2.80 -82.50
N LEU D 235 -89.23 2.91 -81.88
CA LEU D 235 -88.92 2.08 -80.73
C LEU D 235 -89.67 2.54 -79.48
N GLU D 236 -89.77 3.86 -79.28
CA GLU D 236 -90.44 4.36 -78.08
C GLU D 236 -91.89 3.93 -78.04
N GLU D 237 -92.59 3.99 -79.18
CA GLU D 237 -93.98 3.55 -79.21
C GLU D 237 -94.09 2.05 -78.95
N MET D 238 -93.11 1.28 -79.43
CA MET D 238 -93.14 -0.16 -79.23
C MET D 238 -93.08 -0.50 -77.74
N TYR D 239 -92.11 0.08 -77.03
CA TYR D 239 -91.95 -0.24 -75.61
C TYR D 239 -93.16 0.20 -74.80
N LYS D 240 -93.72 1.37 -75.11
CA LYS D 240 -94.92 1.81 -74.41
C LYS D 240 -96.07 0.83 -74.64
N LYS D 241 -96.18 0.27 -75.85
CA LYS D 241 -97.18 -0.75 -76.10
C LYS D 241 -96.88 -2.02 -75.30
N VAL D 242 -95.61 -2.40 -75.22
CA VAL D 242 -95.24 -3.60 -74.47
C VAL D 242 -95.56 -3.42 -73.00
N HIS D 243 -95.27 -2.25 -72.44
CA HIS D 243 -95.55 -2.01 -71.02
C HIS D 243 -97.04 -2.13 -70.74
N ALA D 244 -97.88 -1.59 -71.61
CA ALA D 244 -99.32 -1.70 -71.43
C ALA D 244 -99.76 -3.16 -71.51
N ALA D 245 -99.17 -3.92 -72.44
CA ALA D 245 -99.54 -5.33 -72.56
C ALA D 245 -99.18 -6.11 -71.31
N ILE D 246 -98.01 -5.82 -70.72
CA ILE D 246 -97.58 -6.55 -69.53
C ILE D 246 -98.57 -6.33 -68.39
N ARG D 247 -99.00 -5.09 -68.19
CA ARG D 247 -99.99 -4.80 -67.15
C ARG D 247 -101.35 -5.39 -67.46
N ALA D 248 -101.63 -5.72 -68.72
CA ALA D 248 -102.94 -6.26 -69.08
C ALA D 248 -103.08 -7.71 -68.63
N ASP D 249 -102.03 -8.51 -68.80
CA ASP D 249 -102.10 -9.94 -68.46
C ASP D 249 -100.70 -10.49 -68.23
N PRO D 250 -100.17 -10.42 -67.00
CA PRO D 250 -98.84 -10.96 -66.72
C PRO D 250 -98.87 -12.42 -66.27
N HIS D 263 -87.56 -40.51 -72.53
CA HIS D 263 -86.46 -39.58 -72.78
C HIS D 263 -85.24 -40.30 -73.34
N LYS D 264 -84.97 -40.09 -74.61
CA LYS D 264 -83.78 -40.67 -75.23
C LYS D 264 -82.53 -40.03 -74.63
N ARG D 265 -81.50 -40.84 -74.43
CA ARG D 265 -80.24 -40.41 -73.83
C ARG D 265 -79.17 -40.31 -74.90
N TYR D 266 -78.42 -39.21 -74.88
CA TYR D 266 -77.35 -38.98 -75.85
C TYR D 266 -75.96 -38.98 -75.20
N ASN D 267 -75.88 -39.04 -73.88
CA ASN D 267 -74.61 -39.10 -73.17
C ASN D 267 -74.29 -40.54 -72.80
N LEU D 268 -73.01 -40.89 -72.89
CA LEU D 268 -72.59 -42.25 -72.54
C LEU D 268 -72.97 -42.56 -71.10
N LYS D 269 -73.07 -43.86 -70.82
CA LYS D 269 -73.43 -44.36 -69.50
C LYS D 269 -72.24 -45.08 -68.89
N LYS D 270 -72.10 -44.93 -67.57
CA LYS D 270 -70.96 -45.54 -66.88
C LYS D 270 -70.92 -47.04 -67.12
N LEU D 271 -69.74 -47.54 -67.45
CA LEU D 271 -69.56 -48.97 -67.64
C LEU D 271 -69.77 -49.72 -66.34
N THR D 272 -70.32 -50.93 -66.44
CA THR D 272 -70.48 -51.78 -65.27
C THR D 272 -69.13 -52.36 -64.85
N TYR D 273 -69.11 -52.94 -63.65
CA TYR D 273 -67.88 -53.52 -63.15
C TYR D 273 -67.40 -54.66 -64.05
N GLU D 274 -68.32 -55.52 -64.50
CA GLU D 274 -67.93 -56.64 -65.34
C GLU D 274 -67.37 -56.15 -66.68
N GLU D 275 -68.01 -55.16 -67.29
CA GLU D 275 -67.51 -54.65 -68.57
C GLU D 275 -66.14 -54.02 -68.40
N ARG D 276 -65.95 -53.23 -67.35
CA ARG D 276 -64.66 -52.58 -67.14
C ARG D 276 -63.56 -53.61 -66.88
N LYS D 277 -63.85 -54.65 -66.10
CA LYS D 277 -62.86 -55.68 -65.84
C LYS D 277 -62.49 -56.42 -67.11
N ALA D 278 -63.48 -56.74 -67.95
CA ALA D 278 -63.20 -57.48 -69.18
C ALA D 278 -62.27 -56.71 -70.10
N LYS D 279 -62.51 -55.40 -70.25
CA LYS D 279 -61.62 -54.59 -71.08
C LYS D 279 -60.23 -54.50 -70.48
N LEU D 280 -60.14 -54.45 -69.15
CA LEU D 280 -58.83 -54.41 -68.50
C LEU D 280 -58.03 -55.67 -68.83
N ILE D 281 -58.68 -56.84 -68.79
CA ILE D 281 -57.98 -58.08 -69.09
C ILE D 281 -57.41 -58.07 -70.50
N GLU D 282 -58.20 -57.57 -71.46
CA GLU D 282 -57.73 -57.52 -72.84
C GLU D 282 -56.48 -56.64 -72.96
N ARG D 283 -56.48 -55.48 -72.33
CA ARG D 283 -55.30 -54.62 -72.36
C ARG D 283 -54.12 -55.30 -71.66
N LEU D 284 -54.37 -55.95 -70.54
CA LEU D 284 -53.30 -56.62 -69.80
C LEU D 284 -52.64 -57.70 -70.66
N ASN D 285 -53.46 -58.53 -71.31
CA ASN D 285 -52.92 -59.60 -72.14
C ASN D 285 -52.14 -59.03 -73.33
N ALA D 286 -52.66 -57.97 -73.95
CA ALA D 286 -51.96 -57.36 -75.08
C ALA D 286 -50.60 -56.84 -74.66
N LEU D 287 -50.53 -56.18 -73.50
CA LEU D 287 -49.23 -55.67 -73.04
C LEU D 287 -48.26 -56.81 -72.77
N ASN D 288 -48.75 -57.89 -72.14
CA ASN D 288 -47.87 -59.04 -71.88
C ASN D 288 -47.41 -59.69 -73.17
N SER D 289 -48.31 -59.83 -74.14
CA SER D 289 -47.94 -60.46 -75.41
C SER D 289 -46.94 -59.63 -76.20
N ALA D 290 -46.83 -58.33 -75.90
CA ALA D 290 -45.90 -57.48 -76.62
C ALA D 290 -44.45 -57.84 -76.26
N ALA D 291 -43.55 -57.50 -77.17
CA ALA D 291 -42.13 -57.78 -76.98
C ALA D 291 -41.89 -59.27 -76.74
N ALA E 3 -118.07 -96.46 21.66
CA ALA E 3 -117.29 -95.35 21.11
C ALA E 3 -116.03 -95.87 20.42
N LYS E 4 -115.24 -94.95 19.87
CA LYS E 4 -114.03 -95.33 19.17
C LYS E 4 -113.04 -95.97 20.13
N LYS E 5 -112.41 -97.05 19.67
CA LYS E 5 -111.49 -97.82 20.50
C LYS E 5 -110.02 -97.45 20.28
N THR E 6 -109.68 -96.90 19.12
CA THR E 6 -108.29 -96.56 18.80
C THR E 6 -108.24 -95.17 18.17
N ILE E 7 -107.08 -94.54 18.29
CA ILE E 7 -106.89 -93.21 17.73
C ILE E 7 -107.10 -93.22 16.22
N ARG E 8 -107.81 -92.21 15.73
CA ARG E 8 -108.13 -92.16 14.30
C ARG E 8 -106.90 -91.79 13.48
N ASN E 9 -106.07 -90.87 13.99
CA ASN E 9 -104.96 -90.29 13.22
C ASN E 9 -103.65 -90.57 13.92
N PRO E 10 -102.95 -91.64 13.57
CA PRO E 10 -101.60 -91.86 14.12
C PRO E 10 -100.63 -90.80 13.61
N GLU E 11 -99.64 -90.49 14.42
CA GLU E 11 -98.69 -89.42 14.15
C GLU E 11 -97.44 -90.00 13.48
N LEU E 12 -97.12 -89.50 12.29
CA LEU E 12 -95.85 -89.85 11.66
C LEU E 12 -94.68 -89.27 12.45
N ILE E 13 -94.79 -88.01 12.84
CA ILE E 13 -93.85 -87.37 13.75
C ILE E 13 -94.64 -86.61 14.81
N ARG E 14 -93.94 -86.07 15.80
CA ARG E 14 -94.58 -85.33 16.87
C ARG E 14 -95.30 -84.11 16.30
N GLY E 15 -96.62 -84.12 16.35
CA GLY E 15 -97.43 -82.99 15.93
C GLY E 15 -97.94 -83.06 14.50
N VAL E 16 -97.67 -84.13 13.77
CA VAL E 16 -98.14 -84.30 12.40
C VAL E 16 -98.85 -85.65 12.29
N GLY E 17 -100.11 -85.61 11.89
CA GLY E 17 -100.87 -86.84 11.74
C GLY E 17 -100.63 -87.53 10.42
N LYS E 18 -101.03 -88.79 10.36
CA LYS E 18 -100.83 -89.59 9.15
C LYS E 18 -101.84 -89.25 8.06
N PHE E 19 -103.02 -88.76 8.43
CA PHE E 19 -104.10 -88.50 7.50
C PHE E 19 -104.41 -87.01 7.41
N SER E 20 -104.85 -86.58 6.24
CA SER E 20 -105.12 -85.18 5.99
C SER E 20 -106.51 -84.80 6.49
N ARG E 21 -106.85 -83.52 6.36
CA ARG E 21 -108.16 -83.04 6.81
C ARG E 21 -109.28 -83.69 6.02
N SER E 22 -109.11 -83.83 4.70
CA SER E 22 -110.15 -84.46 3.89
C SER E 22 -110.36 -85.91 4.31
N LYS E 23 -109.28 -86.64 4.56
CA LYS E 23 -109.40 -88.03 5.02
C LYS E 23 -110.05 -88.08 6.39
N MET E 24 -109.67 -87.17 7.29
CA MET E 24 -110.22 -87.19 8.64
C MET E 24 -111.72 -86.90 8.65
N TYR E 25 -112.19 -86.07 7.72
CA TYR E 25 -113.62 -85.79 7.64
C TYR E 25 -114.41 -87.07 7.40
N HIS E 26 -113.91 -87.93 6.51
CA HIS E 26 -114.55 -89.22 6.30
C HIS E 26 -114.49 -90.09 7.55
N LYS E 27 -113.33 -90.11 8.22
CA LYS E 27 -113.17 -90.98 9.39
C LYS E 27 -113.93 -90.43 10.59
N LYS E 28 -113.95 -89.11 10.76
CA LYS E 28 -114.70 -88.51 11.86
C LYS E 28 -116.19 -88.80 11.76
N GLY E 29 -116.69 -89.08 10.56
CA GLY E 29 -118.11 -89.36 10.40
C GLY E 29 -118.98 -88.13 10.38
N LEU E 30 -118.40 -86.94 10.18
CA LEU E 30 -119.21 -85.72 10.15
C LEU E 30 -120.28 -85.79 9.07
N TRP E 31 -120.00 -86.49 7.96
CA TRP E 31 -121.02 -86.68 6.94
C TRP E 31 -122.21 -87.45 7.49
N ALA E 32 -121.95 -88.50 8.26
CA ALA E 32 -123.05 -89.26 8.86
C ALA E 32 -123.79 -88.41 9.90
N ILE E 33 -123.06 -87.63 10.69
CA ILE E 33 -123.69 -86.79 11.70
C ILE E 33 -124.56 -85.74 11.03
N LYS E 34 -124.13 -85.23 9.87
CA LYS E 34 -124.91 -84.22 9.17
C LYS E 34 -126.27 -84.76 8.75
N LYS E 35 -126.32 -86.00 8.27
CA LYS E 35 -127.59 -86.58 7.85
C LYS E 35 -128.54 -86.72 9.03
N LYS E 36 -128.04 -87.19 10.17
CA LYS E 36 -128.90 -87.46 11.31
C LYS E 36 -129.48 -86.20 11.94
N ASN E 37 -128.92 -85.03 11.61
CA ASN E 37 -129.35 -83.76 12.18
C ASN E 37 -129.91 -82.84 11.09
N GLY E 38 -130.69 -83.41 10.18
CA GLY E 38 -131.32 -82.61 9.13
C GLY E 38 -130.34 -81.91 8.23
N GLY E 39 -129.27 -82.60 7.82
CA GLY E 39 -128.29 -81.99 6.94
C GLY E 39 -127.60 -80.78 7.52
N LYS E 40 -127.36 -80.78 8.83
CA LYS E 40 -126.67 -79.68 9.49
C LYS E 40 -125.89 -80.24 10.67
N LEU E 41 -124.68 -79.72 10.87
CA LEU E 41 -123.88 -80.12 12.02
C LEU E 41 -124.44 -79.49 13.29
N PRO E 42 -124.76 -80.28 14.32
CA PRO E 42 -125.39 -79.70 15.51
C PRO E 42 -124.50 -78.66 16.18
N LEU E 43 -125.13 -77.62 16.70
CA LEU E 43 -124.45 -76.53 17.40
C LEU E 43 -124.76 -76.61 18.89
N HIS E 44 -123.71 -76.64 19.70
CA HIS E 44 -123.85 -76.69 21.14
C HIS E 44 -123.70 -75.29 21.73
N GLU E 45 -123.74 -75.21 23.06
CA GLU E 45 -123.63 -73.95 23.78
C GLU E 45 -122.40 -73.98 24.69
N LYS E 46 -121.81 -72.81 24.90
CA LYS E 46 -120.64 -72.71 25.75
C LYS E 46 -120.97 -73.17 27.17
N LYS E 47 -120.01 -73.85 27.80
CA LYS E 47 -120.18 -74.34 29.16
C LYS E 47 -120.53 -73.20 30.09
N PRO E 48 -121.76 -73.13 30.62
CA PRO E 48 -122.12 -72.03 31.52
C PRO E 48 -121.51 -72.16 32.91
N VAL E 55 -114.12 -63.36 48.22
CA VAL E 55 -115.49 -63.14 48.68
C VAL E 55 -115.47 -62.49 50.06
N LYS E 56 -114.75 -63.11 50.98
CA LYS E 56 -114.63 -62.56 52.32
C LYS E 56 -113.91 -61.20 52.24
N PRO E 57 -114.39 -60.19 52.96
CA PRO E 57 -113.76 -58.87 52.89
C PRO E 57 -112.30 -58.94 53.31
N PRO E 58 -111.40 -58.23 52.61
CA PRO E 58 -109.99 -58.27 53.00
C PRO E 58 -109.77 -57.68 54.37
N LYS E 59 -108.79 -58.23 55.09
CA LYS E 59 -108.36 -57.69 56.37
C LYS E 59 -107.23 -56.68 56.24
N PHE E 60 -106.70 -56.48 55.04
CA PHE E 60 -105.58 -55.57 54.83
C PHE E 60 -105.50 -55.26 53.33
N TYR E 61 -105.40 -53.98 53.02
CA TYR E 61 -105.30 -53.53 51.62
C TYR E 61 -103.87 -53.12 51.32
N PRO E 62 -103.16 -53.79 50.43
CA PRO E 62 -101.79 -53.38 50.13
C PRO E 62 -101.73 -52.03 49.44
N ALA E 63 -100.67 -51.28 49.73
CA ALA E 63 -100.47 -49.98 49.10
C ALA E 63 -100.00 -50.12 47.66
N ASP E 64 -99.25 -51.17 47.35
CA ASP E 64 -98.72 -51.40 46.01
C ASP E 64 -99.52 -52.52 45.34
N ASP E 65 -99.99 -52.25 44.12
CA ASP E 65 -100.76 -53.26 43.40
C ASP E 65 -99.93 -54.52 43.19
N VAL E 66 -100.54 -55.67 43.47
CA VAL E 66 -99.84 -56.94 43.31
C VAL E 66 -99.72 -57.26 41.83
N LYS E 67 -98.59 -57.85 41.46
CA LYS E 67 -98.32 -58.26 40.08
C LYS E 67 -98.31 -59.78 40.00
N LYS E 68 -99.10 -60.33 39.08
CA LYS E 68 -99.17 -61.77 38.88
C LYS E 68 -98.42 -62.17 37.62
N PRO E 69 -97.62 -63.23 37.66
CA PRO E 69 -96.83 -63.60 36.49
C PRO E 69 -97.71 -63.99 35.31
N LEU E 70 -97.20 -63.74 34.11
CA LEU E 70 -97.91 -64.12 32.91
C LEU E 70 -98.01 -65.64 32.80
N VAL E 71 -98.95 -66.10 31.99
CA VAL E 71 -99.20 -67.53 31.83
C VAL E 71 -98.08 -68.16 31.01
N ASN E 72 -97.58 -69.29 31.47
CA ASN E 72 -96.61 -70.09 30.74
C ASN E 72 -97.30 -71.38 30.30
N LYS E 73 -97.27 -71.64 29.00
CA LYS E 73 -97.97 -72.79 28.43
C LYS E 73 -97.14 -74.07 28.45
N HIS E 74 -95.88 -74.00 28.86
CA HIS E 74 -95.03 -75.17 28.89
C HIS E 74 -95.26 -75.95 30.17
N LYS E 75 -95.52 -77.26 30.04
CA LYS E 75 -95.76 -78.13 31.18
C LYS E 75 -94.62 -79.13 31.31
N PRO E 76 -94.06 -79.34 32.50
CA PRO E 76 -92.99 -80.33 32.63
C PRO E 76 -93.46 -81.73 32.24
N LYS E 77 -92.55 -82.48 31.64
CA LYS E 77 -92.79 -83.86 31.24
C LYS E 77 -92.03 -84.81 32.16
N PRO E 78 -92.48 -86.07 32.26
CA PRO E 78 -91.78 -87.02 33.14
C PRO E 78 -90.34 -87.23 32.71
N THR E 79 -89.48 -87.46 33.70
CA THR E 79 -88.07 -87.70 33.42
C THR E 79 -87.92 -88.94 32.55
N LYS E 80 -87.11 -88.83 31.51
CA LYS E 80 -86.90 -89.94 30.59
C LYS E 80 -85.90 -90.94 31.17
N LEU E 81 -86.03 -92.19 30.76
CA LEU E 81 -85.16 -93.27 31.22
C LEU E 81 -84.16 -93.62 30.13
N ARG E 82 -82.87 -93.62 30.48
CA ARG E 82 -81.83 -93.91 29.52
C ARG E 82 -82.02 -95.30 28.92
N ALA E 83 -81.81 -95.40 27.60
CA ALA E 83 -82.03 -96.66 26.92
C ALA E 83 -81.13 -97.77 27.47
N SER E 84 -79.92 -97.41 27.92
CA SER E 84 -79.00 -98.40 28.45
C SER E 84 -79.51 -99.02 29.75
N ILE E 85 -80.42 -98.37 30.44
CA ILE E 85 -80.90 -98.81 31.75
C ILE E 85 -82.22 -99.55 31.55
N THR E 86 -82.23 -100.83 31.89
CA THR E 86 -83.40 -101.68 31.83
C THR E 86 -83.49 -102.46 33.13
N PRO E 87 -84.69 -102.93 33.49
CA PRO E 87 -84.82 -103.65 34.78
C PRO E 87 -83.87 -104.83 34.85
N GLY E 88 -83.22 -104.97 36.00
CA GLY E 88 -82.21 -105.98 36.19
C GLY E 88 -80.82 -105.57 35.74
N THR E 89 -80.66 -104.36 35.20
CA THR E 89 -79.35 -103.91 34.75
C THR E 89 -78.46 -103.57 35.94
N VAL E 90 -77.18 -103.87 35.81
CA VAL E 90 -76.19 -103.54 36.83
C VAL E 90 -75.71 -102.12 36.60
N LEU E 91 -75.80 -101.28 37.63
CA LEU E 91 -75.42 -99.88 37.54
C LEU E 91 -74.20 -99.62 38.43
N ILE E 92 -73.38 -98.66 38.01
CA ILE E 92 -72.21 -98.24 38.77
C ILE E 92 -72.50 -96.84 39.31
N ILE E 93 -72.41 -96.68 40.62
CA ILE E 93 -72.65 -95.39 41.26
C ILE E 93 -71.39 -94.55 41.15
N LEU E 94 -71.55 -93.30 40.71
CA LEU E 94 -70.42 -92.42 40.44
C LEU E 94 -70.19 -91.37 41.51
N ALA E 95 -71.12 -91.21 42.46
CA ALA E 95 -71.02 -90.14 43.45
C ALA E 95 -71.66 -90.60 44.75
N GLY E 96 -71.33 -89.90 45.82
CA GLY E 96 -71.87 -90.20 47.12
C GLY E 96 -71.03 -91.22 47.88
N ARG E 97 -71.57 -91.62 49.04
CA ARG E 97 -70.85 -92.57 49.89
C ARG E 97 -70.69 -93.93 49.22
N PHE E 98 -71.61 -94.29 48.32
CA PHE E 98 -71.55 -95.57 47.62
C PHE E 98 -70.89 -95.45 46.25
N LYS E 99 -70.03 -94.45 46.06
CA LYS E 99 -69.38 -94.26 44.77
C LYS E 99 -68.53 -95.50 44.43
N GLY E 100 -68.68 -95.98 43.21
CA GLY E 100 -67.93 -97.12 42.72
C GLY E 100 -68.60 -98.46 42.91
N LYS E 101 -69.58 -98.56 43.81
CA LYS E 101 -70.25 -99.83 44.05
C LYS E 101 -71.18 -100.18 42.90
N ARG E 102 -71.30 -101.48 42.64
CA ARG E 102 -72.16 -102.00 41.59
C ARG E 102 -73.46 -102.48 42.21
N VAL E 103 -74.58 -101.94 41.73
CA VAL E 103 -75.90 -102.24 42.26
C VAL E 103 -76.78 -102.77 41.13
N VAL E 104 -77.95 -103.27 41.51
CA VAL E 104 -78.91 -103.84 40.56
C VAL E 104 -80.08 -102.87 40.43
N PHE E 105 -80.42 -102.53 39.19
CA PHE E 105 -81.53 -101.62 38.92
C PHE E 105 -82.85 -102.39 38.95
N LEU E 106 -83.81 -101.89 39.74
CA LEU E 106 -85.11 -102.53 39.88
C LEU E 106 -86.18 -101.85 39.05
N LYS E 107 -86.40 -100.55 39.25
CA LYS E 107 -87.41 -99.82 38.51
C LYS E 107 -87.15 -98.33 38.66
N GLN E 108 -87.91 -97.54 37.91
CA GLN E 108 -87.88 -96.09 37.98
C GLN E 108 -89.11 -95.60 38.73
N LEU E 109 -88.89 -94.75 39.72
CA LEU E 109 -89.99 -94.23 40.53
C LEU E 109 -90.71 -93.11 39.77
N THR E 110 -91.84 -92.67 40.34
CA THR E 110 -92.61 -91.60 39.71
C THR E 110 -91.83 -90.29 39.66
N SER E 111 -90.95 -90.06 40.63
CA SER E 111 -90.16 -88.84 40.65
C SER E 111 -89.08 -88.82 39.58
N GLY E 112 -88.87 -89.93 38.88
CA GLY E 112 -87.82 -90.03 37.88
C GLY E 112 -86.53 -90.63 38.39
N LEU E 113 -86.40 -90.84 39.69
CA LEU E 113 -85.22 -91.47 40.25
C LEU E 113 -85.27 -92.98 40.02
N LEU E 114 -84.10 -93.60 40.12
CA LEU E 114 -83.97 -95.04 39.91
C LEU E 114 -83.94 -95.76 41.25
N LEU E 115 -84.71 -96.83 41.36
CA LEU E 115 -84.71 -97.68 42.54
C LEU E 115 -83.68 -98.79 42.33
N VAL E 116 -82.69 -98.86 43.23
CA VAL E 116 -81.60 -99.81 43.11
C VAL E 116 -81.44 -100.57 44.42
N THR E 117 -80.85 -101.75 44.32
CA THR E 117 -80.49 -102.55 45.49
C THR E 117 -79.10 -103.10 45.28
N GLY E 118 -78.39 -103.33 46.37
CA GLY E 118 -77.02 -103.78 46.32
C GLY E 118 -76.85 -105.04 45.51
N PRO E 119 -77.42 -106.17 45.99
CA PRO E 119 -78.23 -106.28 47.20
C PRO E 119 -77.44 -106.04 48.49
N PHE E 120 -78.14 -105.65 49.55
CA PHE E 120 -77.49 -105.25 50.78
C PHE E 120 -76.56 -106.34 51.31
N LYS E 121 -76.92 -107.61 51.12
CA LYS E 121 -76.10 -108.69 51.66
C LYS E 121 -74.72 -108.72 51.00
N LEU E 122 -74.67 -108.50 49.69
CA LEU E 122 -73.41 -108.66 48.96
C LEU E 122 -72.48 -107.47 49.17
N ASN E 123 -72.99 -106.24 49.07
CA ASN E 123 -72.15 -105.05 49.14
C ASN E 123 -72.64 -104.00 50.15
N GLY E 124 -73.70 -104.28 50.90
CA GLY E 124 -74.15 -103.35 51.90
C GLY E 124 -74.88 -102.13 51.38
N VAL E 125 -75.42 -102.18 50.16
CA VAL E 125 -76.20 -101.09 49.60
C VAL E 125 -77.67 -101.48 49.68
N PRO E 126 -78.48 -100.81 50.50
CA PRO E 126 -79.88 -101.19 50.64
C PRO E 126 -80.73 -100.62 49.51
N LEU E 127 -82.05 -100.84 49.61
CA LEU E 127 -82.98 -100.19 48.71
C LEU E 127 -82.80 -98.68 48.80
N ARG E 128 -82.39 -98.07 47.70
CA ARG E 128 -82.02 -96.67 47.70
C ARG E 128 -82.41 -96.04 46.38
N ARG E 129 -82.61 -94.72 46.42
CA ARG E 129 -82.89 -93.93 45.22
C ARG E 129 -81.59 -93.29 44.75
N VAL E 130 -81.28 -93.47 43.46
CA VAL E 130 -80.09 -92.90 42.85
C VAL E 130 -80.50 -92.11 41.62
N ASN E 131 -79.97 -90.89 41.50
CA ASN E 131 -80.26 -90.07 40.34
C ASN E 131 -79.60 -90.67 39.10
N GLN E 132 -80.33 -90.64 37.98
CA GLN E 132 -79.84 -91.26 36.76
C GLN E 132 -78.56 -90.59 36.26
N ALA E 133 -78.39 -89.31 36.55
CA ALA E 133 -77.22 -88.58 36.07
C ALA E 133 -75.93 -89.00 36.77
N TYR E 134 -76.00 -89.74 37.87
CA TYR E 134 -74.82 -90.12 38.65
C TYR E 134 -74.57 -91.63 38.61
N VAL E 135 -75.03 -92.30 37.55
CA VAL E 135 -74.82 -93.75 37.39
C VAL E 135 -74.43 -94.04 35.96
N ILE E 136 -73.81 -95.20 35.78
CA ILE E 136 -73.47 -95.73 34.46
C ILE E 136 -74.11 -97.10 34.32
N GLY E 137 -74.85 -97.29 33.22
CA GLY E 137 -75.50 -98.57 32.98
C GLY E 137 -74.61 -99.52 32.21
N THR E 138 -74.30 -100.66 32.82
CA THR E 138 -73.45 -101.65 32.18
C THR E 138 -74.28 -102.57 31.29
N SER E 139 -73.59 -103.54 30.67
CA SER E 139 -74.24 -104.50 29.80
C SER E 139 -74.66 -105.78 30.52
N THR E 140 -74.40 -105.88 31.82
CA THR E 140 -74.74 -107.07 32.58
C THR E 140 -76.18 -106.99 33.08
N LYS E 141 -76.95 -108.03 32.83
CA LYS E 141 -78.35 -108.10 33.23
C LYS E 141 -78.54 -109.28 34.18
N VAL E 142 -79.23 -109.04 35.29
CA VAL E 142 -79.59 -110.08 36.24
C VAL E 142 -81.10 -110.15 36.33
N ASP E 143 -81.65 -111.36 36.22
CA ASP E 143 -83.09 -111.53 36.22
C ASP E 143 -83.69 -111.01 37.52
N VAL E 144 -84.76 -110.22 37.39
CA VAL E 144 -85.46 -109.66 38.54
C VAL E 144 -86.95 -109.96 38.41
N SER E 145 -87.28 -111.02 37.67
CA SER E 145 -88.69 -111.38 37.48
C SER E 145 -89.35 -111.74 38.81
N GLY E 146 -88.64 -112.46 39.66
CA GLY E 146 -89.17 -112.84 40.96
C GLY E 146 -89.11 -111.78 42.02
N VAL E 147 -88.57 -110.60 41.71
CA VAL E 147 -88.48 -109.51 42.65
C VAL E 147 -89.76 -108.70 42.58
N ASN E 148 -90.38 -108.47 43.74
CA ASN E 148 -91.61 -107.70 43.85
C ASN E 148 -91.33 -106.44 44.65
N VAL E 149 -91.46 -105.28 44.00
CA VAL E 149 -91.22 -104.00 44.65
C VAL E 149 -92.42 -103.07 44.43
N GLU E 150 -93.59 -103.67 44.17
CA GLU E 150 -94.79 -102.86 43.97
C GLU E 150 -95.13 -102.05 45.22
N LYS E 151 -94.71 -102.53 46.39
CA LYS E 151 -94.97 -101.83 47.64
C LYS E 151 -94.07 -100.61 47.84
N ILE E 152 -92.96 -100.53 47.10
CA ILE E 152 -92.00 -99.46 47.25
C ILE E 152 -92.36 -98.31 46.33
N ASP E 153 -92.16 -97.09 46.80
CA ASP E 153 -92.48 -95.89 46.04
C ASP E 153 -91.68 -94.73 46.62
N ASP E 154 -91.95 -93.52 46.14
CA ASP E 154 -91.22 -92.35 46.63
C ASP E 154 -91.46 -92.14 48.12
N LYS E 155 -92.70 -92.33 48.58
CA LYS E 155 -93.02 -92.13 49.99
C LYS E 155 -92.24 -93.06 50.89
N TYR E 156 -91.77 -94.20 50.38
CA TYR E 156 -91.00 -95.13 51.18
C TYR E 156 -89.66 -94.57 51.62
N PHE E 157 -89.16 -93.54 50.92
CA PHE E 157 -87.87 -92.94 51.22
C PHE E 157 -88.00 -91.51 51.75
N ALA E 158 -89.15 -91.16 52.29
CA ALA E 158 -89.42 -89.81 52.78
C ALA E 158 -89.14 -89.72 54.26
N LYS E 159 -88.45 -88.65 54.66
CA LYS E 159 -88.15 -88.43 56.07
C LYS E 159 -89.43 -88.10 56.83
N GLN E 160 -89.27 -87.91 58.14
CA GLN E 160 -90.39 -87.57 59.02
C GLN E 160 -90.15 -86.22 59.69
N ASN E 181 -79.82 -91.76 64.94
CA ASN E 181 -81.02 -92.29 64.32
C ASN E 181 -80.92 -93.80 64.17
N VAL E 182 -82.02 -94.50 64.46
CA VAL E 182 -82.08 -95.95 64.41
C VAL E 182 -83.00 -96.37 63.27
N LEU E 183 -82.52 -97.26 62.42
CA LEU E 183 -83.31 -97.77 61.32
C LEU E 183 -84.38 -98.71 61.84
N PRO E 184 -85.67 -98.46 61.57
CA PRO E 184 -86.70 -99.36 62.10
C PRO E 184 -86.53 -100.78 61.56
N GLN E 185 -86.87 -101.75 62.42
CA GLN E 185 -86.77 -103.15 62.02
C GLN E 185 -87.66 -103.49 60.84
N GLU E 186 -88.71 -102.69 60.61
CA GLU E 186 -89.61 -102.98 59.50
C GLU E 186 -88.90 -102.89 58.16
N LYS E 187 -88.05 -101.87 57.98
CA LYS E 187 -87.33 -101.73 56.72
C LYS E 187 -86.27 -102.82 56.54
N LYS E 188 -85.65 -103.26 57.64
CA LYS E 188 -84.66 -104.32 57.53
C LYS E 188 -85.29 -105.60 57.01
N ASP E 189 -86.48 -105.95 57.50
CA ASP E 189 -87.17 -107.13 56.99
C ASP E 189 -87.57 -106.93 55.53
N GLU E 190 -88.04 -105.73 55.18
CA GLU E 190 -88.41 -105.47 53.80
C GLU E 190 -87.21 -105.64 52.86
N GLN E 191 -86.03 -105.20 53.31
CA GLN E 191 -84.83 -105.37 52.50
C GLN E 191 -84.55 -106.86 52.26
N LYS E 192 -84.70 -107.68 53.31
CA LYS E 192 -84.38 -109.10 53.17
C LYS E 192 -85.37 -109.80 52.23
N THR E 193 -86.64 -109.44 52.30
CA THR E 193 -87.63 -110.07 51.43
C THR E 193 -87.31 -109.81 49.96
N VAL E 194 -87.00 -108.55 49.62
CA VAL E 194 -86.59 -108.24 48.26
C VAL E 194 -85.24 -108.85 47.94
N ASP E 195 -84.32 -108.80 48.91
CA ASP E 195 -82.98 -109.34 48.68
C ASP E 195 -83.01 -110.84 48.42
N SER E 196 -83.83 -111.57 49.18
CA SER E 196 -83.81 -113.03 49.10
C SER E 196 -84.15 -113.51 47.69
N ALA E 197 -85.18 -112.93 47.07
CA ALA E 197 -85.56 -113.35 45.73
C ALA E 197 -84.47 -113.05 44.72
N LEU E 198 -83.62 -112.06 44.99
CA LEU E 198 -82.58 -111.66 44.05
C LEU E 198 -81.30 -112.45 44.20
N LEU E 199 -81.03 -112.99 45.40
CA LEU E 199 -79.80 -113.75 45.60
C LEU E 199 -79.77 -114.99 44.73
N LYS E 200 -80.90 -115.69 44.62
CA LYS E 200 -80.93 -116.92 43.83
C LYS E 200 -80.58 -116.64 42.37
N ALA E 201 -81.13 -115.57 41.81
CA ALA E 201 -80.80 -115.22 40.43
C ALA E 201 -79.33 -114.87 40.28
N ILE E 202 -78.77 -114.14 41.25
CA ILE E 202 -77.36 -113.77 41.18
C ILE E 202 -76.48 -115.01 41.27
N GLU E 203 -76.80 -115.93 42.17
CA GLU E 203 -76.00 -117.13 42.33
C GLU E 203 -75.98 -117.99 41.07
N GLY E 204 -77.00 -117.86 40.21
CA GLY E 204 -77.02 -118.65 39.00
C GLY E 204 -75.88 -118.33 38.06
N ILE E 205 -75.57 -117.04 37.91
CA ILE E 205 -74.51 -116.60 37.02
C ILE E 205 -73.17 -116.80 37.72
N PRO E 206 -72.23 -117.57 37.17
CA PRO E 206 -70.93 -117.74 37.83
C PRO E 206 -70.21 -116.40 37.96
N GLU E 207 -69.52 -116.23 39.09
CA GLU E 207 -68.67 -115.09 39.38
C GLU E 207 -69.44 -113.77 39.46
N LEU E 208 -70.77 -113.81 39.41
CA LEU E 208 -71.56 -112.59 39.50
C LEU E 208 -71.63 -112.08 40.94
N LYS E 209 -71.62 -112.97 41.92
CA LYS E 209 -71.65 -112.55 43.32
C LYS E 209 -70.41 -111.73 43.66
N ALA E 210 -69.24 -112.19 43.23
CA ALA E 210 -68.01 -111.43 43.47
C ALA E 210 -67.99 -110.14 42.67
N TYR E 211 -68.57 -110.16 41.46
CA TYR E 211 -68.60 -108.95 40.64
C TYR E 211 -69.39 -107.84 41.33
N LEU E 212 -70.53 -108.19 41.93
CA LEU E 212 -71.35 -107.21 42.64
C LEU E 212 -70.76 -106.84 44.01
N SER E 213 -69.79 -107.60 44.50
CA SER E 213 -69.18 -107.33 45.80
C SER E 213 -67.93 -106.46 45.70
N ALA E 214 -67.52 -106.08 44.50
CA ALA E 214 -66.32 -105.29 44.29
C ALA E 214 -66.68 -103.96 43.63
N ARG E 215 -66.04 -102.89 44.07
CA ARG E 215 -66.28 -101.57 43.52
C ARG E 215 -65.48 -101.38 42.23
N PHE E 216 -66.07 -100.62 41.31
CA PHE E 216 -65.38 -100.26 40.08
C PHE E 216 -64.39 -99.13 40.35
N SER E 217 -63.23 -99.20 39.70
CA SER E 217 -62.21 -98.18 39.86
C SER E 217 -61.39 -98.09 38.58
N LEU E 218 -60.74 -96.95 38.40
CA LEU E 218 -59.88 -96.70 37.24
C LEU E 218 -58.44 -96.93 37.64
N LYS E 219 -57.73 -97.73 36.85
CA LYS E 219 -56.32 -98.00 37.07
C LYS E 219 -55.48 -97.24 36.04
N SER E 220 -54.17 -97.41 36.12
CA SER E 220 -53.27 -96.70 35.23
C SER E 220 -53.54 -97.08 33.78
N GLY E 221 -53.62 -96.06 32.91
CA GLY E 221 -53.86 -96.29 31.50
C GLY E 221 -55.28 -96.62 31.14
N MET E 222 -56.21 -96.55 32.08
CA MET E 222 -57.61 -96.86 31.83
C MET E 222 -58.33 -95.57 31.42
N LYS E 223 -58.85 -95.55 30.20
CA LYS E 223 -59.47 -94.37 29.64
C LYS E 223 -60.99 -94.51 29.70
N PRO E 224 -61.70 -93.70 30.50
CA PRO E 224 -63.16 -93.89 30.59
C PRO E 224 -63.87 -93.81 29.25
N HIS E 225 -63.43 -92.91 28.36
CA HIS E 225 -64.12 -92.74 27.08
C HIS E 225 -63.91 -93.93 26.14
N GLU E 226 -62.99 -94.84 26.46
CA GLU E 226 -62.78 -96.05 25.67
C GLU E 226 -63.36 -97.29 26.32
N LEU E 227 -63.70 -97.25 27.60
CA LEU E 227 -64.20 -98.43 28.29
C LEU E 227 -65.58 -98.82 27.77
N VAL E 228 -65.79 -100.12 27.60
CA VAL E 228 -67.10 -100.67 27.27
C VAL E 228 -67.75 -101.14 28.57
N PHE E 229 -68.99 -100.74 28.77
CA PHE E 229 -69.72 -101.11 29.99
C PHE E 229 -70.92 -102.00 29.64
N GLY F 4 -133.81 -45.41 46.54
CA GLY F 4 -133.07 -46.64 46.76
C GLY F 4 -131.71 -46.63 46.11
N GLY F 5 -130.67 -46.44 46.91
CA GLY F 5 -129.31 -46.41 46.41
C GLY F 5 -128.90 -45.04 45.89
N VAL F 6 -127.60 -44.86 45.76
CA VAL F 6 -127.05 -43.59 45.28
C VAL F 6 -127.42 -43.41 43.80
N VAL F 7 -127.92 -42.23 43.46
CA VAL F 7 -128.30 -41.95 42.09
C VAL F 7 -127.06 -41.79 41.23
N VAL F 8 -126.99 -42.56 40.15
CA VAL F 8 -125.81 -42.49 39.26
C VAL F 8 -125.79 -41.13 38.57
N PRO F 9 -124.69 -40.39 38.64
CA PRO F 9 -124.65 -39.08 37.98
C PRO F 9 -124.70 -39.22 36.46
N GLU F 10 -125.17 -38.14 35.82
CA GLU F 10 -125.34 -38.16 34.37
C GLU F 10 -124.03 -38.42 33.66
N SER F 11 -122.93 -37.86 34.17
CA SER F 11 -121.64 -38.04 33.51
C SER F 11 -121.24 -39.52 33.45
N VAL F 12 -121.45 -40.25 34.54
CA VAL F 12 -121.11 -41.68 34.55
C VAL F 12 -121.97 -42.43 33.54
N LEU F 13 -123.27 -42.10 33.47
CA LEU F 13 -124.15 -42.78 32.54
C LEU F 13 -123.72 -42.54 31.09
N LYS F 14 -123.35 -41.32 30.76
CA LYS F 14 -122.93 -41.01 29.39
C LYS F 14 -121.68 -41.79 29.02
N LYS F 15 -120.69 -41.84 29.91
CA LYS F 15 -119.48 -42.60 29.64
C LYS F 15 -119.79 -44.09 29.51
N GLN F 16 -120.63 -44.62 30.39
CA GLN F 16 -120.95 -46.05 30.35
C GLN F 16 -121.69 -46.39 29.06
N LYS F 17 -122.59 -45.52 28.62
CA LYS F 17 -123.34 -45.78 27.39
C LYS F 17 -122.39 -45.89 26.19
N ARG F 18 -121.40 -44.99 26.11
CA ARG F 18 -120.50 -45.01 24.97
C ARG F 18 -119.53 -46.19 25.03
N ASN F 19 -119.18 -46.64 26.25
CA ASN F 19 -118.26 -47.76 26.37
C ASN F 19 -118.80 -49.02 25.70
N GLU F 20 -120.08 -49.33 25.93
CA GLU F 20 -120.67 -50.51 25.32
C GLU F 20 -120.77 -50.36 23.81
N GLU F 21 -121.07 -49.16 23.32
CA GLU F 21 -121.09 -48.94 21.87
C GLU F 21 -119.72 -49.20 21.26
N TRP F 22 -118.67 -48.67 21.88
CA TRP F 22 -117.32 -48.98 21.41
C TRP F 22 -117.01 -50.46 21.54
N ALA F 23 -117.42 -51.06 22.67
CA ALA F 23 -117.21 -52.50 22.85
C ALA F 23 -117.96 -53.30 21.80
N LEU F 24 -119.19 -52.90 21.49
CA LEU F 24 -119.96 -53.62 20.47
C LEU F 24 -119.26 -53.54 19.11
N VAL F 25 -118.88 -52.33 18.69
CA VAL F 25 -118.18 -52.17 17.42
C VAL F 25 -116.84 -52.90 17.47
N LYS F 26 -116.11 -52.78 18.58
CA LYS F 26 -114.85 -53.50 18.72
C LYS F 26 -115.07 -55.00 18.67
N LYS F 27 -116.13 -55.50 19.32
CA LYS F 27 -116.41 -56.92 19.30
C LYS F 27 -116.69 -57.43 17.88
N GLN F 28 -117.43 -56.64 17.09
CA GLN F 28 -117.75 -57.07 15.74
C GLN F 28 -116.50 -57.27 14.89
N GLU F 29 -115.44 -56.52 15.18
CA GLU F 29 -114.21 -56.65 14.39
C GLU F 29 -113.65 -58.06 14.49
N LEU F 30 -113.66 -58.64 15.69
CA LEU F 30 -113.15 -60.00 15.86
C LEU F 30 -113.94 -60.99 15.01
N ALA F 31 -115.27 -60.89 15.03
CA ALA F 31 -116.09 -61.79 14.22
C ALA F 31 -115.83 -61.59 12.74
N VAL F 32 -115.78 -60.33 12.30
CA VAL F 32 -115.51 -60.04 10.89
C VAL F 32 -114.09 -60.44 10.54
N ALA F 33 -113.12 -60.07 11.39
CA ALA F 33 -111.73 -60.42 11.13
C ALA F 33 -111.53 -61.93 11.16
N LYS F 34 -112.19 -62.62 12.09
CA LYS F 34 -112.02 -64.07 12.19
C LYS F 34 -112.48 -64.76 10.92
N LYS F 35 -113.63 -64.36 10.38
CA LYS F 35 -114.10 -64.95 9.13
C LYS F 35 -113.15 -64.62 7.97
N LYS F 36 -112.66 -63.38 7.93
CA LYS F 36 -111.69 -63.03 6.90
C LYS F 36 -110.41 -63.84 7.04
N SER F 37 -109.96 -64.05 8.29
CA SER F 37 -108.75 -64.84 8.52
C SER F 37 -108.96 -66.28 8.07
N VAL F 38 -110.14 -66.85 8.37
CA VAL F 38 -110.40 -68.24 8.00
C VAL F 38 -110.33 -68.42 6.49
N GLU F 39 -110.93 -67.50 5.73
CA GLU F 39 -110.86 -67.59 4.28
C GLU F 39 -109.44 -67.44 3.79
N ASN F 40 -108.66 -66.55 4.41
CA ASN F 40 -107.28 -66.33 3.98
C ASN F 40 -106.43 -67.59 4.16
N ARG F 41 -106.65 -68.33 5.25
CA ARG F 41 -105.87 -69.55 5.47
C ARG F 41 -106.08 -70.53 4.33
N LYS F 42 -107.32 -70.68 3.86
CA LYS F 42 -107.55 -71.52 2.69
C LYS F 42 -106.88 -70.94 1.45
N LEU F 43 -106.94 -69.61 1.30
CA LEU F 43 -106.33 -68.98 0.12
C LEU F 43 -104.83 -69.21 0.08
N ILE F 44 -104.13 -68.91 1.17
CA ILE F 44 -102.68 -69.05 1.17
C ILE F 44 -102.30 -70.52 1.07
N TYR F 45 -103.11 -71.41 1.65
CA TYR F 45 -102.83 -72.84 1.54
C TYR F 45 -102.84 -73.29 0.08
N ASN F 46 -103.83 -72.84 -0.69
CA ASN F 46 -103.91 -73.22 -2.09
C ASN F 46 -102.82 -72.55 -2.92
N ARG F 47 -102.50 -71.30 -2.63
CA ARG F 47 -101.42 -70.63 -3.34
C ARG F 47 -100.09 -71.33 -3.08
N ALA F 48 -99.82 -71.67 -1.82
CA ALA F 48 -98.58 -72.38 -1.50
C ALA F 48 -98.54 -73.73 -2.20
N LYS F 49 -99.66 -74.44 -2.24
CA LYS F 49 -99.73 -75.69 -2.99
C LYS F 49 -99.47 -75.45 -4.46
N GLN F 50 -100.05 -74.39 -5.03
CA GLN F 50 -99.81 -74.08 -6.43
C GLN F 50 -98.36 -73.74 -6.69
N TYR F 51 -97.76 -72.91 -5.82
CA TYR F 51 -96.36 -72.53 -6.00
C TYR F 51 -95.44 -73.75 -5.93
N ALA F 52 -95.70 -74.64 -4.97
CA ALA F 52 -94.86 -75.83 -4.83
C ALA F 52 -94.90 -76.67 -6.11
N LYS F 53 -96.09 -76.83 -6.69
CA LYS F 53 -96.19 -77.58 -7.94
C LYS F 53 -95.43 -76.90 -9.07
N GLU F 54 -95.51 -75.56 -9.13
CA GLU F 54 -94.83 -74.84 -10.20
C GLU F 54 -93.31 -75.03 -10.11
N TYR F 55 -92.76 -74.99 -8.90
CA TYR F 55 -91.31 -75.14 -8.76
C TYR F 55 -90.85 -76.50 -9.26
N SER F 56 -91.56 -77.57 -8.91
CA SER F 56 -91.19 -78.90 -9.36
C SER F 56 -91.30 -79.01 -10.88
N GLU F 57 -92.36 -78.44 -11.46
CA GLU F 57 -92.54 -78.52 -12.90
C GLU F 57 -91.41 -77.83 -13.64
N GLN F 58 -91.00 -76.64 -13.16
CA GLN F 58 -89.91 -75.92 -13.83
C GLN F 58 -88.62 -76.74 -13.78
N GLU F 59 -88.32 -77.35 -12.63
CA GLU F 59 -87.11 -78.15 -12.52
C GLU F 59 -87.13 -79.31 -13.51
N LYS F 60 -88.26 -80.01 -13.61
CA LYS F 60 -88.37 -81.11 -14.56
C LYS F 60 -88.44 -80.60 -15.99
N GLU F 61 -89.04 -79.43 -16.21
CA GLU F 61 -89.11 -78.86 -17.56
C GLU F 61 -87.71 -78.58 -18.10
N LEU F 62 -86.83 -78.02 -17.26
CA LEU F 62 -85.47 -77.76 -17.70
C LEU F 62 -84.74 -79.05 -18.05
N ILE F 63 -84.91 -80.09 -17.24
CA ILE F 63 -84.25 -81.36 -17.52
C ILE F 63 -84.74 -81.94 -18.84
N ARG F 64 -86.05 -81.87 -19.09
CA ARG F 64 -86.59 -82.43 -20.33
C ARG F 64 -86.03 -81.70 -21.55
N LEU F 65 -85.96 -80.37 -21.48
CA LEU F 65 -85.46 -79.61 -22.63
C LEU F 65 -84.01 -79.94 -22.93
N LYS F 66 -83.18 -80.04 -21.89
CA LYS F 66 -81.76 -80.37 -22.10
C LYS F 66 -81.62 -81.75 -22.73
N ARG F 67 -82.41 -82.72 -22.26
CA ARG F 67 -82.38 -84.05 -22.86
C ARG F 67 -82.88 -84.01 -24.30
N GLU F 68 -83.92 -83.21 -24.56
CA GLU F 68 -84.45 -83.12 -25.93
C GLU F 68 -83.41 -82.56 -26.88
N ALA F 69 -82.67 -81.53 -26.46
CA ALA F 69 -81.61 -80.99 -27.31
C ALA F 69 -80.51 -82.03 -27.53
N ARG F 70 -80.18 -82.79 -26.50
CA ARG F 70 -79.15 -83.82 -26.64
C ARG F 70 -79.57 -84.86 -27.67
N LEU F 71 -80.83 -85.28 -27.65
CA LEU F 71 -81.29 -86.31 -28.57
C LEU F 71 -81.19 -85.83 -30.02
N LYS F 72 -81.54 -84.57 -30.27
CA LYS F 72 -81.48 -84.00 -31.62
C LYS F 72 -80.07 -83.57 -32.02
N GLY F 73 -79.09 -83.65 -31.11
CA GLY F 73 -77.73 -83.30 -31.43
C GLY F 73 -77.41 -81.82 -31.35
N GLY F 74 -78.33 -81.01 -30.83
CA GLY F 74 -78.11 -79.59 -30.70
C GLY F 74 -77.76 -79.18 -29.29
N PHE F 75 -77.97 -77.89 -29.00
CA PHE F 75 -77.70 -77.32 -27.69
C PHE F 75 -78.95 -76.58 -27.20
N TYR F 76 -79.12 -76.58 -25.89
CA TYR F 76 -80.20 -75.81 -25.24
C TYR F 76 -79.54 -74.80 -24.31
N VAL F 77 -79.68 -73.51 -24.64
CA VAL F 77 -79.15 -72.46 -23.80
C VAL F 77 -80.14 -72.18 -22.68
N ASP F 78 -79.71 -72.37 -21.44
CA ASP F 78 -80.60 -72.13 -20.31
C ASP F 78 -80.93 -70.64 -20.22
N PRO F 79 -82.13 -70.29 -19.77
CA PRO F 79 -82.47 -68.87 -19.62
C PRO F 79 -81.52 -68.19 -18.64
N GLU F 80 -81.15 -66.95 -18.96
CA GLU F 80 -80.23 -66.21 -18.10
C GLU F 80 -80.88 -65.95 -16.75
N ALA F 81 -80.06 -65.99 -15.69
CA ALA F 81 -80.57 -65.79 -14.35
C ALA F 81 -81.26 -64.44 -14.24
N LYS F 82 -82.44 -64.43 -13.64
CA LYS F 82 -83.21 -63.21 -13.43
C LYS F 82 -82.97 -62.59 -12.07
N LEU F 83 -82.49 -63.36 -11.10
CA LEU F 83 -82.34 -62.92 -9.72
C LEU F 83 -80.91 -63.12 -9.26
N LEU F 84 -80.39 -62.14 -8.53
CA LEU F 84 -79.07 -62.22 -7.92
C LEU F 84 -79.18 -62.01 -6.42
N PHE F 85 -78.27 -62.63 -5.68
CA PHE F 85 -78.08 -62.35 -4.26
C PHE F 85 -76.68 -61.81 -4.07
N ILE F 86 -76.56 -60.64 -3.44
CA ILE F 86 -75.30 -59.92 -3.33
C ILE F 86 -74.95 -59.81 -1.85
N ILE F 87 -73.70 -60.13 -1.51
CA ILE F 87 -73.20 -60.09 -0.15
C ILE F 87 -71.96 -59.21 -0.12
N ARG F 88 -71.91 -58.29 0.84
CA ARG F 88 -70.74 -57.44 1.00
C ARG F 88 -69.68 -58.17 1.80
N ILE F 89 -68.46 -58.23 1.27
CA ILE F 89 -67.37 -58.98 1.89
C ILE F 89 -66.24 -58.09 2.40
N ARG F 90 -66.25 -56.81 2.07
CA ARG F 90 -65.24 -55.87 2.56
C ARG F 90 -65.89 -54.87 3.51
N GLY F 91 -65.07 -54.33 4.40
CA GLY F 91 -65.53 -53.38 5.39
C GLY F 91 -65.78 -52.00 4.81
N ILE F 92 -66.01 -51.05 5.72
CA ILE F 92 -66.36 -49.68 5.35
C ILE F 92 -65.17 -48.73 5.47
N ASN F 93 -63.96 -49.26 5.60
CA ASN F 93 -62.76 -48.43 5.71
C ASN F 93 -62.19 -48.15 4.33
N ALA F 94 -61.67 -46.93 4.15
CA ALA F 94 -60.97 -46.53 2.93
C ALA F 94 -61.84 -46.77 1.69
N MET F 95 -63.00 -46.09 1.67
CA MET F 95 -63.97 -46.28 0.60
C MET F 95 -63.78 -45.21 -0.46
N PRO F 96 -63.50 -45.58 -1.72
CA PRO F 96 -63.56 -44.58 -2.79
C PRO F 96 -64.98 -44.08 -2.97
N PRO F 97 -65.15 -42.82 -3.38
CA PRO F 97 -66.51 -42.25 -3.40
C PRO F 97 -67.48 -42.98 -4.29
N GLN F 98 -67.05 -43.48 -5.45
CA GLN F 98 -67.97 -44.14 -6.37
C GLN F 98 -68.48 -45.45 -5.78
N THR F 99 -67.58 -46.28 -5.27
CA THR F 99 -68.00 -47.54 -4.65
C THR F 99 -68.92 -47.28 -3.46
N LYS F 100 -68.59 -46.27 -2.64
CA LYS F 100 -69.39 -45.98 -1.47
C LYS F 100 -70.83 -45.63 -1.86
N LYS F 101 -71.00 -44.83 -2.91
CA LYS F 101 -72.34 -44.47 -3.36
C LYS F 101 -73.10 -45.69 -3.88
N ILE F 102 -72.44 -46.53 -4.69
CA ILE F 102 -73.14 -47.66 -5.31
C ILE F 102 -73.60 -48.66 -4.25
N LEU F 103 -72.74 -48.95 -3.27
CA LEU F 103 -73.13 -49.87 -2.20
C LEU F 103 -74.32 -49.34 -1.42
N GLN F 104 -74.40 -48.02 -1.23
CA GLN F 104 -75.57 -47.44 -0.58
C GLN F 104 -76.83 -47.66 -1.40
N LEU F 105 -76.75 -47.48 -2.73
CA LEU F 105 -77.91 -47.71 -3.57
C LEU F 105 -78.34 -49.17 -3.55
N LEU F 106 -77.39 -50.09 -3.34
CA LEU F 106 -77.70 -51.50 -3.19
C LEU F 106 -78.11 -51.86 -1.77
N ARG F 107 -78.12 -50.89 -0.85
CA ARG F 107 -78.48 -51.14 0.54
C ARG F 107 -77.54 -52.15 1.19
N LEU F 108 -76.24 -52.04 0.88
CA LEU F 108 -75.19 -52.84 1.50
C LEU F 108 -74.28 -51.87 2.26
N ARG F 109 -74.69 -51.53 3.48
CA ARG F 109 -73.98 -50.56 4.31
C ARG F 109 -73.11 -51.21 5.38
N GLN F 110 -73.08 -52.54 5.45
CA GLN F 110 -72.36 -53.25 6.49
C GLN F 110 -71.83 -54.56 5.90
N ILE F 111 -70.64 -54.96 6.34
CA ILE F 111 -70.04 -56.17 5.82
C ILE F 111 -70.94 -57.36 6.15
N PHE F 112 -71.04 -58.28 5.19
CA PHE F 112 -71.86 -59.50 5.29
C PHE F 112 -73.35 -59.23 5.23
N ASN F 113 -73.77 -57.98 5.00
CA ASN F 113 -75.16 -57.74 4.67
C ASN F 113 -75.47 -58.27 3.28
N GLY F 114 -76.72 -58.68 3.08
CA GLY F 114 -77.13 -59.29 1.82
C GLY F 114 -78.46 -58.75 1.36
N VAL F 115 -78.65 -58.73 0.04
CA VAL F 115 -79.88 -58.27 -0.59
C VAL F 115 -80.06 -59.01 -1.91
N PHE F 116 -81.31 -59.06 -2.37
CA PHE F 116 -81.61 -59.53 -3.70
C PHE F 116 -81.57 -58.37 -4.69
N LEU F 117 -81.35 -58.70 -5.96
CA LEU F 117 -81.24 -57.69 -7.00
C LEU F 117 -81.70 -58.28 -8.33
N LYS F 118 -82.64 -57.61 -8.99
CA LYS F 118 -83.09 -58.04 -10.30
C LYS F 118 -81.98 -57.83 -11.32
N VAL F 119 -81.96 -58.69 -12.33
CA VAL F 119 -80.92 -58.67 -13.35
C VAL F 119 -81.39 -57.84 -14.53
N ASN F 120 -80.66 -56.76 -14.81
CA ASN F 120 -80.82 -56.01 -16.05
C ASN F 120 -79.55 -55.21 -16.28
N LYS F 121 -79.38 -54.73 -17.51
CA LYS F 121 -78.13 -54.07 -17.88
C LYS F 121 -77.83 -52.91 -16.95
N ALA F 122 -78.84 -52.20 -16.48
CA ALA F 122 -78.60 -51.08 -15.57
C ALA F 122 -78.01 -51.56 -14.25
N THR F 123 -78.59 -52.61 -13.67
CA THR F 123 -78.10 -53.09 -12.37
C THR F 123 -76.79 -53.85 -12.50
N VAL F 124 -76.61 -54.61 -13.58
CA VAL F 124 -75.40 -55.39 -13.75
C VAL F 124 -74.20 -54.47 -13.89
N ASN F 125 -74.34 -53.38 -14.64
CA ASN F 125 -73.23 -52.45 -14.82
C ASN F 125 -72.87 -51.76 -13.50
N MET F 126 -73.87 -51.44 -12.68
CA MET F 126 -73.58 -50.92 -11.35
C MET F 126 -72.80 -51.94 -10.53
N LEU F 127 -73.22 -53.20 -10.57
CA LEU F 127 -72.56 -54.24 -9.78
C LEU F 127 -71.13 -54.47 -10.26
N HIS F 128 -70.87 -54.30 -11.55
CA HIS F 128 -69.53 -54.49 -12.08
C HIS F 128 -68.54 -53.49 -11.48
N ARG F 129 -69.02 -52.35 -11.03
CA ARG F 129 -68.16 -51.29 -10.50
C ARG F 129 -67.87 -51.44 -9.01
N VAL F 130 -68.43 -52.44 -8.34
CA VAL F 130 -68.12 -52.71 -6.94
C VAL F 130 -67.71 -54.17 -6.79
N GLU F 131 -67.14 -54.74 -7.86
CA GLU F 131 -66.81 -56.16 -7.87
C GLU F 131 -65.94 -56.61 -6.72
N PRO F 132 -64.82 -55.93 -6.40
CA PRO F 132 -63.96 -56.43 -5.31
C PRO F 132 -64.57 -56.30 -3.93
N TYR F 133 -65.64 -55.53 -3.75
CA TYR F 133 -66.26 -55.35 -2.45
C TYR F 133 -67.43 -56.30 -2.19
N VAL F 134 -67.85 -57.08 -3.18
CA VAL F 134 -69.02 -57.94 -3.04
C VAL F 134 -68.75 -59.30 -3.66
N THR F 135 -69.58 -60.26 -3.28
CA THR F 135 -69.69 -61.54 -3.97
C THR F 135 -71.17 -61.83 -4.16
N TYR F 136 -71.51 -62.42 -5.31
CA TYR F 136 -72.91 -62.62 -5.65
C TYR F 136 -73.05 -63.85 -6.53
N GLY F 137 -74.30 -64.22 -6.79
CA GLY F 137 -74.58 -65.37 -7.62
C GLY F 137 -76.07 -65.57 -7.77
N TYR F 138 -76.44 -66.77 -8.20
CA TYR F 138 -77.83 -67.09 -8.48
C TYR F 138 -78.41 -67.91 -7.32
N PRO F 139 -79.31 -67.36 -6.51
CA PRO F 139 -79.85 -68.13 -5.39
C PRO F 139 -80.90 -69.13 -5.84
N ASN F 140 -80.84 -70.33 -5.26
CA ASN F 140 -81.83 -71.36 -5.54
C ASN F 140 -83.02 -71.18 -4.61
N LEU F 141 -84.05 -72.02 -4.81
CA LEU F 141 -85.27 -71.90 -4.01
C LEU F 141 -84.97 -72.09 -2.53
N LYS F 142 -84.12 -73.06 -2.19
CA LYS F 142 -83.79 -73.29 -0.79
C LYS F 142 -83.20 -72.05 -0.14
N SER F 143 -82.24 -71.40 -0.81
CA SER F 143 -81.62 -70.23 -0.23
C SER F 143 -82.63 -69.11 0.02
N ILE F 144 -83.53 -68.87 -0.94
CA ILE F 144 -84.52 -67.82 -0.76
C ILE F 144 -85.44 -68.12 0.42
N LYS F 145 -85.84 -69.39 0.56
CA LYS F 145 -86.70 -69.76 1.69
C LYS F 145 -85.98 -69.51 3.02
N GLU F 146 -84.75 -70.01 3.16
CA GLU F 146 -84.06 -69.89 4.44
C GLU F 146 -83.85 -68.43 4.82
N LEU F 147 -83.44 -67.60 3.86
CA LEU F 147 -83.18 -66.20 4.16
C LEU F 147 -84.44 -65.49 4.64
N ILE F 148 -85.55 -65.67 3.92
CA ILE F 148 -86.78 -64.96 4.28
C ILE F 148 -87.37 -65.54 5.56
N TYR F 149 -87.31 -66.86 5.74
CA TYR F 149 -87.92 -67.47 6.92
C TYR F 149 -87.10 -67.21 8.18
N LYS F 150 -85.77 -67.35 8.09
CA LYS F 150 -84.93 -67.22 9.28
C LYS F 150 -84.52 -65.78 9.56
N ARG F 151 -84.11 -65.04 8.53
CA ARG F 151 -83.57 -63.69 8.72
C ARG F 151 -84.37 -62.64 7.96
N GLY F 152 -85.64 -62.92 7.68
CA GLY F 152 -86.48 -61.97 6.97
C GLY F 152 -87.12 -60.95 7.88
N TYR F 153 -86.92 -59.67 7.58
CA TYR F 153 -87.52 -58.56 8.30
C TYR F 153 -88.16 -57.61 7.30
N GLY F 154 -89.35 -57.12 7.62
CA GLY F 154 -90.07 -56.21 6.75
C GLY F 154 -89.92 -54.77 7.21
N LYS F 155 -89.84 -53.87 6.23
CA LYS F 155 -89.74 -52.43 6.49
C LYS F 155 -91.15 -51.86 6.53
N VAL F 156 -91.63 -51.56 7.73
CA VAL F 156 -92.97 -51.01 7.95
C VAL F 156 -92.79 -49.63 8.55
N ASP F 157 -93.20 -48.60 7.81
CA ASP F 157 -93.05 -47.22 8.26
C ASP F 157 -91.61 -46.90 8.62
N LYS F 158 -90.68 -47.40 7.79
CA LYS F 158 -89.24 -47.20 7.99
C LYS F 158 -88.77 -47.83 9.31
N GLN F 159 -89.37 -48.93 9.71
CA GLN F 159 -88.95 -49.68 10.88
C GLN F 159 -88.75 -51.14 10.51
N ARG F 160 -87.78 -51.77 11.17
CA ARG F 160 -87.42 -53.16 10.89
C ARG F 160 -88.30 -54.07 11.75
N ILE F 161 -89.18 -54.82 11.10
CA ILE F 161 -90.17 -55.65 11.78
C ILE F 161 -89.94 -57.10 11.39
N ALA F 162 -89.79 -57.96 12.38
CA ALA F 162 -89.61 -59.39 12.12
C ALA F 162 -90.86 -59.97 11.50
N LEU F 163 -90.68 -60.86 10.52
CA LEU F 163 -91.79 -61.49 9.81
C LEU F 163 -92.33 -62.67 10.62
N THR F 164 -92.85 -62.35 11.80
CA THR F 164 -93.38 -63.38 12.70
C THR F 164 -94.76 -63.86 12.25
N ASP F 165 -95.55 -63.00 11.62
CA ASP F 165 -96.90 -63.34 11.18
C ASP F 165 -97.11 -62.81 9.78
N ASN F 166 -98.05 -63.44 9.06
CA ASN F 166 -98.39 -62.98 7.71
C ASN F 166 -99.05 -61.61 7.72
N ALA F 167 -99.59 -61.17 8.87
CA ALA F 167 -100.18 -59.84 8.93
C ALA F 167 -99.16 -58.75 8.62
N VAL F 168 -97.91 -58.95 9.02
CA VAL F 168 -96.87 -57.97 8.71
C VAL F 168 -96.69 -57.83 7.20
N VAL F 169 -96.65 -58.96 6.50
CA VAL F 169 -96.50 -58.92 5.04
C VAL F 169 -97.69 -58.23 4.40
N GLU F 170 -98.90 -58.56 4.85
CA GLU F 170 -100.10 -57.97 4.26
C GLU F 170 -100.21 -56.47 4.56
N GLN F 171 -99.66 -56.02 5.69
CA GLN F 171 -99.81 -54.62 6.08
C GLN F 171 -99.18 -53.69 5.05
N VAL F 172 -98.14 -54.14 4.35
CA VAL F 172 -97.41 -53.33 3.39
C VAL F 172 -97.68 -53.78 1.95
N LEU F 173 -97.52 -55.08 1.69
CA LEU F 173 -97.65 -55.62 0.34
C LEU F 173 -99.05 -56.13 0.03
N GLY F 174 -100.02 -55.88 0.91
CA GLY F 174 -101.36 -56.38 0.68
C GLY F 174 -101.96 -55.87 -0.62
N LYS F 175 -101.76 -54.58 -0.91
CA LYS F 175 -102.34 -54.01 -2.12
C LYS F 175 -101.77 -54.61 -3.39
N HIS F 176 -100.60 -55.23 -3.32
CA HIS F 176 -99.97 -55.87 -4.47
C HIS F 176 -100.32 -57.35 -4.60
N GLY F 177 -101.22 -57.85 -3.73
CA GLY F 177 -101.64 -59.24 -3.78
C GLY F 177 -100.81 -60.18 -2.93
N ILE F 178 -99.72 -59.71 -2.34
CA ILE F 178 -98.88 -60.52 -1.48
C ILE F 178 -99.41 -60.43 -0.06
N ILE F 179 -99.97 -61.54 0.43
CA ILE F 179 -100.59 -61.58 1.75
C ILE F 179 -99.90 -62.54 2.71
N CYS F 180 -99.01 -63.40 2.23
CA CYS F 180 -98.34 -64.37 3.08
C CYS F 180 -96.87 -64.45 2.69
N ILE F 181 -96.08 -65.10 3.54
CA ILE F 181 -94.65 -65.22 3.30
C ILE F 181 -94.40 -66.05 2.05
N GLU F 182 -95.24 -67.05 1.78
CA GLU F 182 -95.08 -67.85 0.56
C GLU F 182 -95.27 -67.00 -0.68
N ASP F 183 -96.26 -66.09 -0.67
CA ASP F 183 -96.40 -65.16 -1.78
C ASP F 183 -95.14 -64.30 -1.93
N LEU F 184 -94.57 -63.85 -0.82
CA LEU F 184 -93.34 -63.07 -0.88
C LEU F 184 -92.20 -63.88 -1.48
N VAL F 185 -92.10 -65.16 -1.11
CA VAL F 185 -91.07 -66.02 -1.69
C VAL F 185 -91.29 -66.16 -3.18
N HIS F 186 -92.54 -66.39 -3.60
CA HIS F 186 -92.83 -66.58 -5.02
C HIS F 186 -92.49 -65.33 -5.83
N GLU F 187 -92.81 -64.15 -5.29
CA GLU F 187 -92.52 -62.92 -6.02
C GLU F 187 -91.02 -62.74 -6.23
N ILE F 188 -90.21 -63.06 -5.21
CA ILE F 188 -88.77 -62.88 -5.31
C ILE F 188 -88.18 -63.89 -6.29
N ILE F 189 -88.54 -65.16 -6.16
CA ILE F 189 -87.89 -66.20 -6.97
C ILE F 189 -88.21 -66.01 -8.45
N THR F 190 -89.47 -65.71 -8.78
CA THR F 190 -89.87 -65.55 -10.17
C THR F 190 -89.66 -64.13 -10.69
N VAL F 191 -89.28 -63.18 -9.82
CA VAL F 191 -89.14 -61.79 -10.21
C VAL F 191 -90.43 -61.35 -10.88
N GLY F 192 -91.52 -61.34 -10.12
CA GLY F 192 -92.81 -61.01 -10.65
C GLY F 192 -92.97 -59.52 -10.91
N PRO F 193 -94.17 -59.13 -11.35
CA PRO F 193 -94.39 -57.72 -11.67
C PRO F 193 -94.17 -56.79 -10.48
N HIS F 194 -94.43 -57.25 -9.27
CA HIS F 194 -94.25 -56.43 -8.06
C HIS F 194 -92.97 -56.77 -7.32
N PHE F 195 -91.91 -57.14 -8.05
CA PHE F 195 -90.64 -57.46 -7.39
C PHE F 195 -90.07 -56.24 -6.69
N LYS F 196 -90.15 -55.07 -7.33
CA LYS F 196 -89.55 -53.87 -6.75
C LYS F 196 -90.11 -53.59 -5.36
N GLU F 197 -91.43 -53.61 -5.22
CA GLU F 197 -92.03 -53.36 -3.91
C GLU F 197 -91.76 -54.50 -2.95
N ALA F 198 -91.89 -55.74 -3.41
CA ALA F 198 -91.65 -56.88 -2.53
C ALA F 198 -90.20 -56.92 -2.05
N ASN F 199 -89.25 -56.67 -2.95
CA ASN F 199 -87.84 -56.72 -2.56
C ASN F 199 -87.47 -55.56 -1.66
N ASN F 200 -87.94 -54.35 -1.99
CA ASN F 200 -87.64 -53.20 -1.14
C ASN F 200 -88.28 -53.35 0.23
N PHE F 201 -89.41 -54.04 0.32
CA PHE F 201 -90.05 -54.28 1.61
C PHE F 201 -89.14 -55.08 2.53
N LEU F 202 -88.28 -55.93 1.98
CA LEU F 202 -87.38 -56.73 2.79
C LEU F 202 -86.20 -55.89 3.26
N TRP F 203 -86.01 -55.83 4.57
CA TRP F 203 -84.83 -55.17 5.12
C TRP F 203 -83.58 -55.94 4.68
N PRO F 204 -82.48 -55.27 4.37
CA PRO F 204 -81.26 -56.01 3.99
C PRO F 204 -80.90 -57.04 5.04
N PHE F 205 -80.59 -58.25 4.57
CA PHE F 205 -80.37 -59.37 5.47
C PHE F 205 -79.07 -59.20 6.24
N GLN F 206 -79.15 -59.36 7.56
CA GLN F 206 -77.99 -59.23 8.44
C GLN F 206 -77.42 -60.63 8.66
N LEU F 207 -76.54 -61.05 7.75
CA LEU F 207 -75.95 -62.37 7.84
C LEU F 207 -74.78 -62.39 8.82
N LYS F 208 -74.44 -63.58 9.27
CA LYS F 208 -73.32 -63.77 10.18
C LYS F 208 -72.03 -64.04 9.41
N ALA F 209 -70.91 -64.00 10.12
CA ALA F 209 -69.65 -64.36 9.51
C ALA F 209 -69.71 -65.82 9.04
N PRO F 210 -69.14 -66.13 7.87
CA PRO F 210 -69.31 -67.48 7.33
C PRO F 210 -68.70 -68.53 8.24
N LEU F 211 -69.46 -69.59 8.48
CA LEU F 211 -68.92 -70.76 9.19
C LEU F 211 -67.94 -71.47 8.29
N GLY F 212 -66.68 -71.55 8.72
CA GLY F 212 -65.61 -72.07 7.90
C GLY F 212 -64.74 -71.01 7.27
N GLY F 213 -65.18 -69.75 7.30
CA GLY F 213 -64.35 -68.66 6.84
C GLY F 213 -64.33 -68.51 5.33
N LEU F 214 -63.57 -67.52 4.88
CA LEU F 214 -63.39 -67.21 3.48
C LEU F 214 -62.01 -67.64 3.02
N LYS F 215 -61.83 -67.72 1.70
CA LYS F 215 -60.52 -68.09 1.15
C LYS F 215 -59.60 -66.87 1.11
N LYS F 216 -59.96 -65.86 0.33
CA LYS F 216 -59.18 -64.63 0.22
C LYS F 216 -60.12 -63.55 -0.29
N LYS F 217 -60.51 -62.62 0.58
CA LYS F 217 -61.43 -61.58 0.15
C LYS F 217 -60.79 -60.60 -0.82
N ARG F 218 -59.46 -60.58 -0.91
CA ARG F 218 -58.77 -59.60 -1.75
C ARG F 218 -58.66 -60.04 -3.21
N ASN F 219 -58.99 -61.28 -3.53
CA ASN F 219 -58.88 -61.79 -4.89
C ASN F 219 -60.26 -62.18 -5.41
N HIS F 220 -60.39 -62.18 -6.73
CA HIS F 220 -61.64 -62.58 -7.37
C HIS F 220 -61.86 -64.07 -7.21
N TYR F 221 -63.14 -64.46 -7.19
CA TYR F 221 -63.48 -65.87 -7.04
C TYR F 221 -62.84 -66.72 -8.15
N VAL F 222 -62.63 -66.15 -9.33
CA VAL F 222 -62.00 -66.89 -10.41
C VAL F 222 -60.54 -67.20 -10.07
N GLU F 223 -59.86 -66.28 -9.40
CA GLU F 223 -58.46 -66.47 -9.03
C GLU F 223 -58.30 -67.37 -7.81
N GLY F 224 -59.38 -67.87 -7.25
CA GLY F 224 -59.34 -68.60 -6.01
C GLY F 224 -59.72 -67.78 -4.79
N GLY F 225 -60.17 -66.55 -4.98
CA GLY F 225 -60.59 -65.69 -3.88
C GLY F 225 -62.07 -65.83 -3.59
N ASP F 226 -62.68 -64.72 -3.16
CA ASP F 226 -64.07 -64.72 -2.75
C ASP F 226 -64.91 -63.62 -3.39
N ALA F 227 -64.31 -62.70 -4.13
CA ALA F 227 -65.06 -61.58 -4.70
C ALA F 227 -65.59 -61.91 -6.09
N GLY F 228 -66.68 -61.26 -6.45
CA GLY F 228 -67.23 -61.37 -7.79
C GLY F 228 -68.35 -62.37 -7.90
N ASN F 229 -68.65 -62.72 -9.15
CA ASN F 229 -69.75 -63.64 -9.46
C ASN F 229 -69.29 -65.08 -9.28
N ARG F 230 -69.96 -65.82 -8.40
CA ARG F 230 -69.71 -67.25 -8.26
C ARG F 230 -70.91 -68.07 -8.71
N GLU F 231 -71.88 -67.45 -9.38
CA GLU F 231 -73.00 -68.14 -10.06
C GLU F 231 -73.73 -69.00 -9.03
N ASN F 232 -73.91 -70.31 -9.28
CA ASN F 232 -74.70 -71.14 -8.37
C ASN F 232 -73.96 -71.47 -7.08
N PHE F 233 -72.67 -71.17 -6.99
CA PHE F 233 -71.92 -71.43 -5.77
C PHE F 233 -72.21 -70.42 -4.67
N ILE F 234 -73.00 -69.39 -4.95
CA ILE F 234 -73.44 -68.48 -3.89
C ILE F 234 -74.29 -69.24 -2.88
N ASN F 235 -75.01 -70.26 -3.33
CA ASN F 235 -75.84 -71.06 -2.42
C ASN F 235 -74.98 -71.72 -1.35
N GLU F 236 -73.83 -72.28 -1.74
CA GLU F 236 -72.95 -72.91 -0.76
C GLU F 236 -72.52 -71.90 0.29
N LEU F 237 -72.24 -70.66 -0.13
CA LEU F 237 -71.89 -69.63 0.84
C LEU F 237 -73.07 -69.21 1.69
N ILE F 238 -74.29 -69.21 1.12
CA ILE F 238 -75.46 -68.81 1.88
C ILE F 238 -75.73 -69.78 3.01
N ARG F 239 -75.48 -71.07 2.80
CA ARG F 239 -75.65 -72.04 3.87
C ARG F 239 -74.76 -71.72 5.07
N ARG F 240 -73.51 -71.37 4.81
CA ARG F 240 -72.55 -71.13 5.87
C ARG F 240 -72.69 -69.75 6.52
N MET F 241 -73.46 -68.85 5.92
CA MET F 241 -73.65 -67.51 6.46
C MET F 241 -75.05 -67.25 7.00
N ASN F 242 -75.98 -68.17 6.81
CA ASN F 242 -77.35 -67.97 7.29
C ASN F 242 -77.62 -68.82 8.53
N ASN G 22 7.01 91.85 64.98
CA ASN G 22 7.82 90.75 65.51
C ASN G 22 8.60 90.10 64.37
N PRO G 23 9.94 90.14 64.39
CA PRO G 23 10.70 89.52 63.29
C PRO G 23 10.52 88.02 63.18
N LEU G 24 10.04 87.35 64.25
CA LEU G 24 9.91 85.92 64.21
C LEU G 24 8.85 85.44 63.22
N PHE G 25 7.84 86.26 62.95
CA PHE G 25 6.82 85.90 61.97
C PHE G 25 7.39 86.00 60.56
N GLU G 26 6.98 85.08 59.70
CA GLU G 26 7.48 85.03 58.33
C GLU G 26 6.40 84.47 57.42
N LYS G 27 6.56 84.73 56.13
CA LYS G 27 5.68 84.19 55.11
C LYS G 27 6.22 82.86 54.61
N ARG G 28 5.38 81.83 54.63
CA ARG G 28 5.74 80.52 54.13
C ARG G 28 4.89 80.18 52.91
N PRO G 29 5.16 80.79 51.76
CA PRO G 29 4.33 80.55 50.58
C PRO G 29 4.45 79.11 50.10
N LYS G 30 3.36 78.63 49.49
CA LYS G 30 3.30 77.30 48.91
C LYS G 30 3.25 77.41 47.39
N GLN G 31 4.09 76.63 46.73
CA GLN G 31 4.17 76.63 45.27
C GLN G 31 3.30 75.49 44.75
N PHE G 32 2.16 75.82 44.18
CA PHE G 32 1.23 74.83 43.65
C PHE G 32 1.63 74.47 42.22
N GLY G 33 0.76 73.73 41.54
CA GLY G 33 1.03 73.27 40.19
C GLY G 33 1.22 71.76 40.15
N ILE G 34 1.42 71.26 38.93
CA ILE G 34 1.60 69.83 38.72
C ILE G 34 2.89 69.39 39.40
N GLY G 35 2.79 68.41 40.29
CA GLY G 35 3.94 67.92 41.01
C GLY G 35 4.41 68.81 42.13
N GLY G 36 3.67 69.85 42.47
CA GLY G 36 4.03 70.79 43.51
C GLY G 36 3.36 70.48 44.83
N ALA G 37 3.20 71.51 45.66
CA ALA G 37 2.55 71.33 46.95
C ALA G 37 1.10 70.88 46.75
N LEU G 38 0.63 70.02 47.63
CA LEU G 38 -0.73 69.52 47.53
C LEU G 38 -1.71 70.68 47.57
N PRO G 39 -2.64 70.78 46.63
CA PRO G 39 -3.56 71.92 46.63
C PRO G 39 -4.48 71.87 47.84
N PRO G 40 -4.96 73.01 48.32
CA PRO G 40 -5.88 73.00 49.46
C PRO G 40 -7.24 72.45 49.08
N LYS G 41 -8.15 72.35 50.04
CA LYS G 41 -9.49 71.87 49.76
C LYS G 41 -10.15 72.76 48.70
N LYS G 42 -10.72 72.13 47.69
CA LYS G 42 -11.37 72.83 46.60
C LYS G 42 -12.82 72.37 46.48
N ASP G 43 -13.65 73.24 45.90
CA ASP G 43 -15.04 72.91 45.66
C ASP G 43 -15.15 71.99 44.46
N VAL G 44 -15.59 70.75 44.70
CA VAL G 44 -15.71 69.74 43.64
C VAL G 44 -17.18 69.45 43.42
N THR G 45 -18.03 70.46 43.64
CA THR G 45 -19.47 70.25 43.57
C THR G 45 -19.89 69.76 42.18
N ARG G 46 -19.33 70.35 41.13
CA ARG G 46 -19.73 69.96 39.78
C ARG G 46 -19.27 68.57 39.39
N ASN G 47 -18.39 67.95 40.19
CA ASN G 47 -17.90 66.61 39.91
C ASN G 47 -18.44 65.57 40.88
N VAL G 48 -19.36 65.96 41.78
CA VAL G 48 -19.90 65.03 42.76
C VAL G 48 -20.68 63.94 42.05
N ARG G 49 -20.49 62.70 42.50
CA ARG G 49 -21.25 61.55 41.99
C ARG G 49 -22.56 61.50 42.77
N TRP G 50 -23.57 62.20 42.25
CA TRP G 50 -24.82 62.36 42.97
C TRP G 50 -25.62 61.06 42.98
N PRO G 51 -26.57 60.94 43.91
CA PRO G 51 -27.45 59.77 43.90
C PRO G 51 -28.25 59.67 42.61
N ARG G 52 -28.93 58.53 42.46
CA ARG G 52 -29.73 58.30 41.25
C ARG G 52 -30.82 59.34 41.10
N ASN G 53 -31.52 59.67 42.19
CA ASN G 53 -32.64 60.61 42.10
C ASN G 53 -32.18 61.97 41.60
N VAL G 54 -31.06 62.48 42.12
CA VAL G 54 -30.56 63.77 41.68
C VAL G 54 -30.17 63.73 40.21
N THR G 55 -29.49 62.66 39.79
CA THR G 55 -29.03 62.57 38.41
C THR G 55 -30.19 62.57 37.43
N LEU G 56 -31.25 61.81 37.74
CA LEU G 56 -32.37 61.71 36.81
C LEU G 56 -33.09 63.04 36.65
N GLN G 57 -33.33 63.75 37.74
CA GLN G 57 -34.06 65.02 37.63
C GLN G 57 -33.25 66.07 36.87
N ARG G 58 -31.92 66.01 36.96
CA ARG G 58 -31.10 66.95 36.20
C ARG G 58 -31.07 66.57 34.72
N LYS G 59 -30.97 65.27 34.42
CA LYS G 59 -31.05 64.84 33.02
C LYS G 59 -32.42 65.12 32.44
N LYS G 60 -33.47 65.03 33.26
CA LYS G 60 -34.82 65.33 32.77
C LYS G 60 -34.93 66.77 32.31
N ARG G 61 -34.38 67.71 33.09
CA ARG G 61 -34.40 69.11 32.70
C ARG G 61 -33.67 69.33 31.38
N ILE G 62 -32.49 68.72 31.24
CA ILE G 62 -31.70 68.89 30.03
C ILE G 62 -32.43 68.32 28.83
N LEU G 63 -33.00 67.12 28.98
CA LEU G 63 -33.62 66.46 27.84
C LEU G 63 -34.78 67.27 27.28
N LYS G 64 -35.55 67.92 28.15
CA LYS G 64 -36.69 68.69 27.68
C LYS G 64 -36.26 69.81 26.74
N MET G 65 -35.18 70.53 27.08
CA MET G 65 -34.74 71.64 26.26
C MET G 65 -33.91 71.19 25.06
N ARG G 66 -33.41 69.94 25.07
CA ARG G 66 -32.69 69.45 23.90
C ARG G 66 -33.65 69.11 22.76
N LEU G 67 -34.79 68.51 23.08
CA LEU G 67 -35.77 68.13 22.08
C LEU G 67 -36.62 69.34 21.68
N LYS G 68 -37.17 69.26 20.47
CA LYS G 68 -38.08 70.30 20.01
C LYS G 68 -39.40 70.18 20.75
N VAL G 69 -39.87 71.30 21.30
CA VAL G 69 -41.09 71.35 22.10
C VAL G 69 -42.24 71.78 21.20
N PRO G 70 -43.30 70.98 21.07
CA PRO G 70 -44.41 71.40 20.23
C PRO G 70 -45.05 72.66 20.77
N PRO G 71 -45.66 73.47 19.90
CA PRO G 71 -46.17 74.79 20.36
C PRO G 71 -47.14 74.70 21.52
N ALA G 72 -48.00 73.68 21.55
CA ALA G 72 -48.98 73.59 22.63
C ALA G 72 -48.33 73.49 24.00
N LEU G 73 -47.14 72.88 24.06
CA LEU G 73 -46.40 72.81 25.32
C LEU G 73 -45.44 73.98 25.50
N ASN G 74 -44.97 74.58 24.40
CA ASN G 74 -44.03 75.70 24.50
C ASN G 74 -44.70 76.97 25.02
N GLN G 75 -46.02 77.08 24.90
CA GLN G 75 -46.70 78.29 25.35
C GLN G 75 -46.64 78.46 26.87
N PHE G 76 -46.35 77.39 27.60
CA PHE G 76 -46.27 77.47 29.05
C PHE G 76 -44.94 78.04 29.55
N THR G 77 -43.93 78.13 28.69
CA THR G 77 -42.69 78.80 29.07
C THR G 77 -42.85 80.32 29.08
N LYS G 78 -43.84 80.84 28.35
CA LYS G 78 -44.07 82.29 28.27
C LYS G 78 -45.03 82.71 29.38
N THR G 79 -44.50 82.67 30.60
CA THR G 79 -45.30 82.98 31.78
C THR G 79 -45.48 84.48 31.95
N LEU G 80 -46.38 84.84 32.87
CA LEU G 80 -46.66 86.25 33.13
C LEU G 80 -45.42 86.94 33.69
N ASP G 81 -45.26 88.22 33.35
CA ASP G 81 -44.08 88.96 33.77
C ASP G 81 -44.04 89.09 35.28
N LYS G 82 -42.82 89.21 35.82
CA LYS G 82 -42.64 89.29 37.26
C LYS G 82 -43.34 90.51 37.83
N ASN G 83 -43.21 91.67 37.15
CA ASN G 83 -43.82 92.89 37.67
C ASN G 83 -45.33 92.79 37.73
N LEU G 84 -45.95 92.26 36.67
CA LEU G 84 -47.40 92.14 36.66
C LEU G 84 -47.87 90.99 37.55
N ALA G 85 -47.04 89.96 37.73
CA ALA G 85 -47.44 88.83 38.56
C ALA G 85 -47.67 89.27 40.00
N THR G 86 -46.78 90.12 40.54
CA THR G 86 -46.93 90.57 41.91
C THR G 86 -48.24 91.33 42.10
N THR G 87 -48.59 92.19 41.15
CA THR G 87 -49.85 92.92 41.26
C THR G 87 -51.04 91.95 41.21
N LEU G 88 -50.99 90.97 40.32
CA LEU G 88 -52.09 90.00 40.22
C LEU G 88 -52.20 89.18 41.51
N PHE G 89 -51.06 88.70 42.02
CA PHE G 89 -51.10 87.89 43.24
C PHE G 89 -51.53 88.73 44.44
N LYS G 90 -51.19 90.02 44.47
CA LYS G 90 -51.63 90.87 45.57
C LYS G 90 -53.15 90.97 45.60
N MET G 91 -53.77 91.11 44.42
CA MET G 91 -55.23 91.15 44.36
C MET G 91 -55.84 89.83 44.81
N LEU G 92 -55.22 88.71 44.42
CA LEU G 92 -55.75 87.41 44.81
C LEU G 92 -55.76 87.25 46.32
N LEU G 93 -54.71 87.75 46.99
CA LEU G 93 -54.66 87.65 48.44
C LEU G 93 -55.84 88.36 49.11
N LYS G 94 -56.47 89.30 48.43
CA LYS G 94 -57.63 89.99 48.98
C LYS G 94 -58.92 89.22 48.79
N TYR G 95 -58.88 88.08 48.09
CA TYR G 95 -60.05 87.24 47.87
C TYR G 95 -59.78 85.80 48.30
N ARG G 96 -58.95 85.61 49.32
CA ARG G 96 -58.61 84.27 49.76
C ARG G 96 -59.84 83.57 50.32
N PRO G 97 -60.02 82.28 50.06
CA PRO G 97 -61.08 81.53 50.74
C PRO G 97 -60.83 81.45 52.23
N GLU G 98 -61.92 81.32 52.98
CA GLU G 98 -61.82 81.26 54.44
C GLU G 98 -61.08 80.00 54.87
N ASP G 99 -60.41 80.10 56.02
CA ASP G 99 -59.65 78.98 56.55
C ASP G 99 -60.57 78.01 57.28
N LYS G 100 -59.98 76.89 57.71
CA LYS G 100 -60.74 75.90 58.47
C LYS G 100 -61.26 76.50 59.77
N ALA G 101 -60.40 77.24 60.49
CA ALA G 101 -60.84 77.88 61.72
C ALA G 101 -61.86 78.98 61.44
N ALA G 102 -61.62 79.78 60.40
CA ALA G 102 -62.57 80.83 60.05
C ALA G 102 -63.91 80.23 59.60
N LYS G 103 -63.84 79.13 58.85
CA LYS G 103 -65.07 78.51 58.36
C LYS G 103 -65.94 78.02 59.52
N LYS G 104 -65.31 77.40 60.53
CA LYS G 104 -66.06 76.96 61.70
C LYS G 104 -66.59 78.14 62.49
N GLU G 105 -65.82 79.24 62.55
CA GLU G 105 -66.21 80.38 63.36
C GLU G 105 -67.50 81.02 62.87
N ARG G 106 -67.71 81.06 61.55
CA ARG G 106 -68.94 81.65 61.03
C ARG G 106 -70.13 80.72 61.19
N LEU G 107 -69.91 79.41 61.11
CA LEU G 107 -71.02 78.47 61.25
C LEU G 107 -71.62 78.48 62.65
N VAL G 108 -70.82 78.78 63.67
CA VAL G 108 -71.37 78.91 65.02
C VAL G 108 -72.08 80.24 65.19
N LYS G 109 -71.65 81.28 64.47
CA LYS G 109 -72.37 82.56 64.50
C LYS G 109 -73.74 82.45 63.84
N ARG G 110 -73.88 81.58 62.84
CA ARG G 110 -75.17 81.35 62.20
C ARG G 110 -76.09 80.49 63.05
N ALA G 111 -75.53 79.49 63.74
CA ALA G 111 -76.36 78.64 64.60
C ALA G 111 -77.02 79.45 65.70
N GLN G 112 -76.26 80.34 66.34
CA GLN G 112 -76.84 81.23 67.34
C GLN G 112 -77.86 82.18 66.70
N ALA G 113 -77.54 82.68 65.51
CA ALA G 113 -78.49 83.55 64.81
C ALA G 113 -79.79 82.82 64.50
N GLU G 114 -79.70 81.57 64.05
CA GLU G 114 -80.90 80.79 63.80
C GLU G 114 -81.71 80.60 65.08
N ALA G 115 -81.03 80.32 66.19
CA ALA G 115 -81.73 80.18 67.46
C ALA G 115 -82.42 81.48 67.86
N GLU G 116 -81.75 82.62 67.65
CA GLU G 116 -82.32 83.92 67.96
C GLU G 116 -83.09 84.45 66.75
N GLY G 117 -84.10 83.68 66.34
CA GLY G 117 -84.92 84.04 65.20
C GLY G 117 -84.14 84.13 63.91
N THR G 122 -74.96 86.89 55.20
CA THR G 122 -76.18 87.31 54.53
C THR G 122 -75.89 87.79 53.12
N LYS G 123 -74.66 88.25 52.88
CA LYS G 123 -74.22 88.71 51.58
C LYS G 123 -73.40 87.63 50.89
N LYS G 124 -73.53 87.56 49.57
CA LYS G 124 -72.79 86.57 48.80
C LYS G 124 -71.30 86.88 48.86
N PRO G 125 -70.46 85.94 49.29
CA PRO G 125 -69.02 86.21 49.36
C PRO G 125 -68.39 86.34 47.98
N ILE G 126 -67.29 87.08 47.93
CA ILE G 126 -66.50 87.26 46.72
C ILE G 126 -65.13 86.66 47.01
N ILE G 127 -64.89 85.45 46.50
CA ILE G 127 -63.64 84.73 46.76
C ILE G 127 -63.17 84.06 45.47
N VAL G 128 -61.90 83.65 45.48
CA VAL G 128 -61.31 83.00 44.33
C VAL G 128 -61.87 81.59 44.20
N LYS G 129 -62.09 81.15 42.97
CA LYS G 129 -62.55 79.80 42.67
C LYS G 129 -61.36 78.95 42.26
N TYR G 130 -61.24 77.77 42.86
CA TYR G 130 -60.15 76.85 42.57
C TYR G 130 -60.73 75.48 42.27
N GLY G 131 -59.86 74.58 41.83
CA GLY G 131 -60.27 73.25 41.41
C GLY G 131 -60.43 73.16 39.91
N LEU G 132 -59.66 72.29 39.27
CA LEU G 132 -59.70 72.20 37.81
C LEU G 132 -61.08 71.82 37.32
N LYS G 133 -61.73 70.87 38.01
CA LYS G 133 -63.07 70.46 37.60
C LYS G 133 -64.06 71.61 37.69
N HIS G 134 -64.00 72.38 38.77
CA HIS G 134 -64.94 73.49 38.94
C HIS G 134 -64.62 74.65 38.01
N ILE G 135 -63.32 74.94 37.81
CA ILE G 135 -62.94 76.04 36.94
C ILE G 135 -63.37 75.77 35.51
N THR G 136 -63.16 74.54 35.04
CA THR G 136 -63.54 74.19 33.67
C THR G 136 -65.04 74.38 33.46
N TYR G 137 -65.84 74.05 34.46
CA TYR G 137 -67.29 74.29 34.37
C TYR G 137 -67.58 75.78 34.25
N LEU G 138 -66.90 76.61 35.03
CA LEU G 138 -67.13 78.05 34.96
C LEU G 138 -66.74 78.61 33.61
N ILE G 139 -65.63 78.12 33.05
CA ILE G 139 -65.19 78.59 31.73
C ILE G 139 -66.21 78.24 30.67
N GLU G 140 -66.70 76.98 30.70
CA GLU G 140 -67.67 76.56 29.69
C GLU G 140 -68.98 77.34 29.82
N GLN G 141 -69.39 77.65 31.05
CA GLN G 141 -70.59 78.43 31.28
C GLN G 141 -70.38 79.92 31.05
N ASN G 142 -69.15 80.34 30.79
CA ASN G 142 -68.83 81.74 30.49
C ASN G 142 -69.04 82.65 31.69
N LYS G 143 -68.91 82.11 32.90
CA LYS G 143 -69.00 82.89 34.13
C LYS G 143 -67.64 83.24 34.71
N ALA G 144 -66.55 82.92 34.02
CA ALA G 144 -65.21 83.20 34.49
C ALA G 144 -64.69 84.48 33.82
N GLN G 145 -64.12 85.38 34.61
CA GLN G 145 -63.56 86.62 34.10
C GLN G 145 -62.05 86.62 34.01
N LEU G 146 -61.38 85.66 34.66
CA LEU G 146 -59.93 85.57 34.60
C LEU G 146 -59.52 84.18 35.07
N VAL G 147 -58.65 83.53 34.30
CA VAL G 147 -58.15 82.20 34.61
C VAL G 147 -56.64 82.27 34.78
N VAL G 148 -56.16 81.80 35.92
CA VAL G 148 -54.74 81.75 36.22
C VAL G 148 -54.30 80.28 36.19
N ILE G 149 -53.30 79.98 35.37
CA ILE G 149 -52.87 78.61 35.12
C ILE G 149 -51.44 78.46 35.61
N ALA G 150 -51.17 77.36 36.31
CA ALA G 150 -49.82 77.03 36.73
C ALA G 150 -49.03 76.45 35.57
N HIS G 151 -47.76 76.83 35.48
CA HIS G 151 -46.90 76.37 34.40
C HIS G 151 -46.25 75.03 34.68
N ASP G 152 -46.32 74.52 35.91
CA ASP G 152 -45.58 73.33 36.33
C ASP G 152 -46.53 72.24 36.80
N VAL G 153 -47.61 72.01 36.05
CA VAL G 153 -48.54 70.93 36.36
C VAL G 153 -48.00 69.64 35.75
N ASP G 154 -47.87 68.60 36.58
CA ASP G 154 -47.37 67.30 36.13
C ASP G 154 -48.39 66.24 36.56
N PRO G 155 -49.02 65.51 35.63
CA PRO G 155 -48.86 65.58 34.16
C PRO G 155 -49.41 66.85 33.54
N ILE G 156 -48.77 67.33 32.47
CA ILE G 156 -49.14 68.60 31.86
C ILE G 156 -50.45 68.48 31.06
N GLU G 157 -50.88 67.25 30.73
CA GLU G 157 -52.11 67.10 29.95
C GLU G 157 -53.32 67.65 30.69
N LEU G 158 -53.23 67.82 32.01
CA LEU G 158 -54.36 68.33 32.77
C LEU G 158 -54.74 69.75 32.38
N VAL G 159 -53.76 70.56 31.96
CA VAL G 159 -53.99 71.97 31.68
C VAL G 159 -53.43 72.39 30.33
N VAL G 160 -52.85 71.48 29.55
CA VAL G 160 -52.29 71.86 28.25
C VAL G 160 -53.37 72.38 27.32
N TRP G 161 -54.64 72.05 27.58
CA TRP G 161 -55.76 72.46 26.74
C TRP G 161 -56.49 73.68 27.28
N LEU G 162 -56.20 74.10 28.51
CA LEU G 162 -56.91 75.24 29.09
C LEU G 162 -56.74 76.51 28.26
N PRO G 163 -55.54 76.90 27.82
CA PRO G 163 -55.43 78.12 27.01
C PRO G 163 -56.31 78.10 25.77
N ALA G 164 -56.42 76.95 25.11
CA ALA G 164 -57.28 76.85 23.94
C ALA G 164 -58.74 77.04 24.32
N LEU G 165 -59.17 76.44 25.43
CA LEU G 165 -60.56 76.60 25.86
C LEU G 165 -60.86 78.05 26.22
N CYS G 166 -59.96 78.71 26.94
CA CYS G 166 -60.17 80.11 27.31
C CYS G 166 -60.22 80.99 26.06
N ARG G 167 -59.32 80.75 25.11
CA ARG G 167 -59.32 81.53 23.87
C ARG G 167 -60.63 81.35 23.11
N LYS G 168 -61.12 80.11 23.03
CA LYS G 168 -62.36 79.85 22.30
C LYS G 168 -63.56 80.50 22.98
N MET G 169 -63.52 80.63 24.31
CA MET G 169 -64.59 81.24 25.06
C MET G 169 -64.40 82.74 25.28
N GLU G 170 -63.33 83.32 24.74
CA GLU G 170 -63.05 84.75 24.88
C GLU G 170 -63.01 85.16 26.36
N ILE G 171 -62.24 84.40 27.15
CA ILE G 171 -62.03 84.69 28.56
C ILE G 171 -60.53 84.91 28.76
N PRO G 172 -60.10 86.07 29.26
CA PRO G 172 -58.66 86.29 29.44
C PRO G 172 -58.05 85.28 30.39
N TYR G 173 -56.83 84.86 30.07
CA TYR G 173 -56.11 83.88 30.88
C TYR G 173 -54.65 84.28 30.95
N CYS G 174 -53.98 83.82 32.00
CA CYS G 174 -52.55 84.04 32.17
C CYS G 174 -51.93 82.77 32.73
N ILE G 175 -50.64 82.58 32.42
CA ILE G 175 -49.85 81.46 32.94
C ILE G 175 -48.82 82.04 33.90
N VAL G 176 -48.94 81.67 35.17
CA VAL G 176 -48.06 82.17 36.21
C VAL G 176 -47.19 81.03 36.70
N LYS G 177 -46.06 81.38 37.31
CA LYS G 177 -45.10 80.41 37.79
C LYS G 177 -45.48 79.95 39.20
N GLY G 178 -45.60 78.64 39.38
CA GLY G 178 -45.78 78.07 40.70
C GLY G 178 -47.19 77.60 40.99
N LYS G 179 -47.42 76.29 40.90
CA LYS G 179 -48.66 75.74 41.41
C LYS G 179 -48.71 75.77 42.94
N ALA G 180 -47.54 75.70 43.58
CA ALA G 180 -47.48 75.83 45.03
C ALA G 180 -47.90 77.22 45.46
N ARG G 181 -47.50 78.25 44.71
CA ARG G 181 -47.89 79.62 45.04
C ARG G 181 -49.41 79.79 44.91
N LEU G 182 -50.00 79.21 43.86
CA LEU G 182 -51.46 79.26 43.72
C LEU G 182 -52.13 78.51 44.85
N GLY G 183 -51.59 77.36 45.25
CA GLY G 183 -52.19 76.60 46.33
C GLY G 183 -52.17 77.36 47.65
N SER G 184 -51.11 78.12 47.90
CA SER G 184 -51.02 78.86 49.15
C SER G 184 -52.16 79.88 49.28
N ILE G 185 -52.64 80.41 48.16
CA ILE G 185 -53.74 81.36 48.21
C ILE G 185 -55.00 80.69 48.73
N VAL G 186 -55.26 79.47 48.30
CA VAL G 186 -56.48 78.75 48.67
C VAL G 186 -56.22 77.78 49.83
N HIS G 187 -55.13 77.97 50.57
CA HIS G 187 -54.82 77.15 51.74
C HIS G 187 -54.70 75.68 51.36
N LYS G 188 -53.98 75.42 50.27
CA LYS G 188 -53.72 74.07 49.80
C LYS G 188 -52.25 73.96 49.41
N LYS G 189 -51.75 72.72 49.41
CA LYS G 189 -50.35 72.51 49.05
C LYS G 189 -50.07 72.97 47.63
N THR G 190 -50.97 72.65 46.69
CA THR G 190 -50.81 73.07 45.30
C THR G 190 -52.18 73.29 44.69
N ALA G 191 -52.21 74.08 43.63
CA ALA G 191 -53.43 74.35 42.88
C ALA G 191 -53.08 74.48 41.41
N SER G 192 -53.72 73.68 40.56
CA SER G 192 -53.41 73.70 39.14
C SER G 192 -53.80 75.04 38.51
N ALA G 193 -54.94 75.59 38.91
CA ALA G 193 -55.41 76.84 38.32
C ALA G 193 -56.38 77.52 39.26
N LEU G 194 -56.53 78.82 39.09
CA LEU G 194 -57.46 79.63 39.86
C LEU G 194 -58.34 80.43 38.91
N CYS G 195 -59.53 80.78 39.39
CA CYS G 195 -60.50 81.52 38.58
C CYS G 195 -61.13 82.62 39.42
N LEU G 196 -61.47 83.73 38.75
CA LEU G 196 -62.17 84.86 39.36
C LEU G 196 -63.44 85.09 38.57
N THR G 197 -64.59 84.72 39.17
CA THR G 197 -65.88 84.93 38.51
C THR G 197 -66.31 86.39 38.57
N THR G 198 -65.95 87.10 39.63
CA THR G 198 -66.33 88.50 39.78
C THR G 198 -65.53 89.11 40.92
N VAL G 199 -65.08 90.34 40.72
CA VAL G 199 -64.32 91.06 41.73
C VAL G 199 -65.25 92.06 42.42
N LYS G 200 -64.86 92.48 43.62
CA LYS G 200 -65.67 93.43 44.37
C LYS G 200 -65.68 94.78 43.65
N ASN G 201 -66.83 95.46 43.71
CA ASN G 201 -67.01 96.69 42.95
C ASN G 201 -66.01 97.78 43.33
N GLU G 202 -65.48 97.75 44.55
CA GLU G 202 -64.57 98.80 45.00
C GLU G 202 -63.25 98.79 44.23
N ASP G 203 -62.90 97.69 43.58
CA ASP G 203 -61.63 97.57 42.87
C ASP G 203 -61.83 96.96 41.50
N LYS G 204 -62.87 97.40 40.79
CA LYS G 204 -63.12 96.95 39.42
C LYS G 204 -62.34 97.75 38.39
N MET G 205 -61.69 98.84 38.79
CA MET G 205 -60.92 99.63 37.83
C MET G 205 -59.53 99.05 37.62
N GLU G 206 -58.79 98.83 38.71
CA GLU G 206 -57.46 98.23 38.58
C GLU G 206 -57.55 96.82 38.03
N PHE G 207 -58.58 96.07 38.43
CA PHE G 207 -58.77 94.72 37.88
C PHE G 207 -58.98 94.78 36.38
N SER G 208 -59.74 95.77 35.91
CA SER G 208 -59.95 95.91 34.47
C SER G 208 -58.63 96.16 33.74
N ARG G 209 -57.77 97.00 34.33
CA ARG G 209 -56.47 97.27 33.71
C ARG G 209 -55.63 96.00 33.62
N VAL G 210 -55.66 95.18 34.68
CA VAL G 210 -54.90 93.93 34.67
C VAL G 210 -55.37 93.03 33.54
N LEU G 211 -56.69 92.99 33.30
CA LEU G 211 -57.22 92.15 32.23
C LEU G 211 -56.67 92.59 30.87
N GLU G 212 -56.58 93.90 30.63
CA GLU G 212 -56.08 94.38 29.35
C GLU G 212 -54.64 93.93 29.12
N ALA G 213 -53.80 94.05 30.14
CA ALA G 213 -52.41 93.60 30.00
C ALA G 213 -52.33 92.10 29.82
N ILE G 214 -53.10 91.35 30.59
CA ILE G 214 -53.10 89.89 30.46
C ILE G 214 -53.64 89.47 29.10
N LYS G 215 -54.74 90.08 28.68
CA LYS G 215 -55.35 89.69 27.41
C LYS G 215 -54.44 90.04 26.23
N ALA G 216 -53.64 91.08 26.36
CA ALA G 216 -52.74 91.48 25.28
C ALA G 216 -51.49 90.62 25.19
N ASN G 217 -51.18 89.85 26.25
CA ASN G 217 -49.97 89.04 26.27
C ASN G 217 -50.24 87.56 25.99
N PHE G 218 -51.42 87.06 26.31
CA PHE G 218 -51.74 85.64 26.14
C PHE G 218 -52.82 85.42 25.09
N ASN G 219 -53.99 86.04 25.25
CA ASN G 219 -55.08 85.80 24.30
C ASN G 219 -54.73 86.34 22.92
N ASP G 220 -54.16 87.54 22.85
CA ASP G 220 -53.86 88.14 21.55
C ASP G 220 -52.72 87.43 20.84
N LYS G 221 -51.78 86.87 21.59
CA LYS G 221 -50.64 86.16 21.01
C LYS G 221 -50.89 84.67 20.83
N TYR G 222 -52.10 84.19 21.14
CA TYR G 222 -52.36 82.75 21.05
C TYR G 222 -52.19 82.25 19.62
N GLU G 223 -52.71 82.99 18.64
CA GLU G 223 -52.64 82.53 17.26
C GLU G 223 -51.21 82.44 16.77
N GLU G 224 -50.39 83.44 17.08
CA GLU G 224 -49.01 83.45 16.61
C GLU G 224 -48.14 82.44 17.34
N ASN G 225 -48.51 82.05 18.56
CA ASN G 225 -47.75 81.07 19.32
C ASN G 225 -48.05 79.63 18.90
N ARG G 226 -49.04 79.42 18.04
CA ARG G 226 -49.40 78.08 17.62
C ARG G 226 -48.38 77.46 16.68
N LYS G 227 -47.44 78.25 16.14
CA LYS G 227 -46.41 77.75 15.25
C LYS G 227 -45.01 77.91 15.82
N LYS G 228 -44.88 78.36 17.06
CA LYS G 228 -43.58 78.58 17.69
C LYS G 228 -43.14 77.29 18.37
N TRP G 229 -42.29 76.52 17.70
CA TRP G 229 -41.67 75.34 18.30
C TRP G 229 -40.56 75.77 19.24
N GLY G 230 -40.58 75.21 20.46
CA GLY G 230 -39.57 75.50 21.45
C GLY G 230 -38.47 74.46 21.47
N GLY G 231 -37.62 74.56 22.49
CA GLY G 231 -36.56 73.60 22.67
C GLY G 231 -35.47 73.73 21.61
N GLY G 232 -34.76 72.61 21.39
CA GLY G 232 -33.68 72.60 20.44
C GLY G 232 -32.44 73.33 20.90
N ILE G 233 -32.29 73.55 22.20
CA ILE G 233 -31.16 74.30 22.75
C ILE G 233 -30.07 73.31 23.15
N MET G 234 -28.90 73.46 22.53
CA MET G 234 -27.78 72.58 22.83
C MET G 234 -27.07 73.04 24.11
N GLY G 235 -26.16 72.20 24.58
CA GLY G 235 -25.42 72.51 25.79
C GLY G 235 -24.40 73.62 25.56
N SER G 236 -23.91 74.15 26.69
CA SER G 236 -22.97 75.27 26.62
C SER G 236 -21.70 74.87 25.88
N LYS G 237 -21.16 73.69 26.16
CA LYS G 237 -19.97 73.24 25.46
C LYS G 237 -20.25 73.05 23.97
N SER G 238 -21.40 72.47 23.64
CA SER G 238 -21.76 72.29 22.24
C SER G 238 -21.91 73.62 21.52
N GLN G 239 -22.55 74.59 22.17
CA GLN G 239 -22.73 75.90 21.55
C GLN G 239 -21.39 76.57 21.30
N ALA G 240 -20.49 76.54 22.28
CA ALA G 240 -19.18 77.14 22.10
C ALA G 240 -18.41 76.46 20.98
N ARG G 241 -18.47 75.13 20.92
CA ARG G 241 -17.80 74.40 19.85
C ARG G 241 -18.41 74.75 18.50
N THR G 242 -19.74 74.85 18.43
CA THR G 242 -20.38 75.21 17.16
C THR G 242 -20.03 76.64 16.76
N LYS G 243 -20.00 77.57 17.71
CA LYS G 243 -19.67 78.95 17.38
C LYS G 243 -18.25 79.08 16.85
N ALA G 244 -17.33 78.27 17.36
CA ALA G 244 -15.96 78.31 16.85
C ALA G 244 -15.91 77.86 15.40
N LYS G 245 -16.68 76.83 15.04
CA LYS G 245 -16.65 76.32 13.68
C LYS G 245 -17.15 77.36 12.68
N GLU G 246 -18.24 78.06 13.01
CA GLU G 246 -18.81 79.04 12.10
C GLU G 246 -17.93 80.27 11.96
N ARG G 247 -17.09 80.57 12.96
CA ARG G 247 -16.16 81.69 12.83
C ARG G 247 -15.17 81.43 11.71
N VAL G 248 -14.71 80.19 11.56
CA VAL G 248 -13.80 79.85 10.47
C VAL G 248 -14.47 80.10 9.13
N LEU G 249 -15.72 79.66 8.99
CA LEU G 249 -16.46 79.91 7.76
C LEU G 249 -16.65 81.40 7.53
N ALA G 250 -17.03 82.13 8.58
CA ALA G 250 -17.20 83.58 8.44
C ALA G 250 -15.89 84.26 8.13
N LYS G 251 -14.80 83.83 8.78
CA LYS G 251 -13.50 84.44 8.53
C LYS G 251 -13.03 84.19 7.10
N GLU G 252 -13.45 83.09 6.50
CA GLU G 252 -13.10 82.78 5.12
C GLU G 252 -14.06 83.41 4.11
N ALA G 253 -15.17 83.99 4.57
CA ALA G 253 -16.11 84.63 3.65
C ALA G 253 -15.58 85.95 3.12
N ALA G 254 -14.93 86.74 4.00
CA ALA G 254 -14.40 88.03 3.58
C ALA G 254 -13.26 87.88 2.59
N GLN G 255 -12.50 86.79 2.65
CA GLN G 255 -11.39 86.55 1.74
C GLN G 255 -11.80 85.64 0.60
N MET H 1 -34.33 -87.39 -10.55
CA MET H 1 -34.46 -88.70 -11.23
C MET H 1 -33.71 -89.78 -10.45
N LYS H 2 -34.45 -90.55 -9.66
CA LYS H 2 -33.88 -91.63 -8.86
C LYS H 2 -34.12 -92.96 -9.58
N THR H 3 -33.03 -93.59 -10.02
CA THR H 3 -33.13 -94.91 -10.63
C THR H 3 -33.60 -95.92 -9.60
N ILE H 4 -34.48 -96.83 -10.02
CA ILE H 4 -35.05 -97.81 -9.09
C ILE H 4 -33.95 -98.70 -8.51
N LEU H 5 -33.08 -99.21 -9.38
CA LEU H 5 -32.05 -100.15 -8.95
C LEU H 5 -30.78 -99.92 -9.74
N SER H 6 -29.67 -99.69 -9.03
CA SER H 6 -28.33 -99.65 -9.61
C SER H 6 -27.49 -100.69 -8.87
N SER H 7 -26.92 -101.63 -9.62
CA SER H 7 -26.19 -102.74 -9.02
C SER H 7 -24.92 -103.02 -9.81
N GLU H 8 -23.88 -103.44 -9.09
CA GLU H 8 -22.64 -103.89 -9.69
C GLU H 8 -22.13 -105.09 -8.91
N THR H 9 -21.39 -105.96 -9.58
CA THR H 9 -20.90 -107.20 -8.99
C THR H 9 -19.43 -107.39 -9.32
N MET H 10 -18.73 -108.09 -8.43
CA MET H 10 -17.34 -108.44 -8.63
C MET H 10 -17.13 -109.88 -8.20
N ASP H 11 -16.11 -110.52 -8.77
CA ASP H 11 -15.81 -111.91 -8.48
C ASP H 11 -14.75 -112.01 -7.40
N ILE H 12 -15.02 -112.83 -6.39
CA ILE H 12 -14.09 -113.04 -5.27
C ILE H 12 -13.15 -114.19 -5.64
N PRO H 13 -11.84 -114.02 -5.58
CA PRO H 13 -10.93 -115.13 -5.91
C PRO H 13 -11.18 -116.34 -5.03
N ASP H 14 -10.57 -117.45 -5.44
CA ASP H 14 -10.78 -118.71 -4.72
C ASP H 14 -10.06 -118.74 -3.39
N GLY H 15 -8.87 -118.15 -3.31
CA GLY H 15 -8.08 -118.21 -2.10
C GLY H 15 -8.22 -116.99 -1.22
N ILE H 16 -9.44 -116.48 -1.09
CA ILE H 16 -9.74 -115.30 -0.28
C ILE H 16 -10.92 -115.61 0.63
N THR H 17 -10.81 -115.26 1.90
CA THR H 17 -11.89 -115.41 2.88
C THR H 17 -12.47 -114.02 3.13
N ILE H 18 -13.62 -113.74 2.51
CA ILE H 18 -14.26 -112.44 2.62
C ILE H 18 -15.46 -112.57 3.57
N LYS H 19 -15.53 -111.67 4.55
CA LYS H 19 -16.59 -111.65 5.53
C LYS H 19 -17.22 -110.28 5.55
N VAL H 20 -18.55 -110.22 5.41
CA VAL H 20 -19.30 -108.98 5.34
C VAL H 20 -20.41 -109.02 6.38
N LYS H 21 -20.55 -107.95 7.15
CA LYS H 21 -21.62 -107.85 8.14
C LYS H 21 -21.86 -106.37 8.43
N ALA H 22 -23.05 -105.88 8.10
CA ALA H 22 -23.44 -104.51 8.39
C ALA H 22 -22.43 -103.53 7.80
N LYS H 23 -22.09 -103.73 6.53
CA LYS H 23 -21.18 -102.85 5.81
C LYS H 23 -19.80 -102.82 6.45
N GLN H 24 -19.43 -103.89 7.13
CA GLN H 24 -18.09 -104.06 7.70
C GLN H 24 -17.46 -105.26 6.99
N ILE H 25 -16.54 -104.98 6.07
CA ILE H 25 -15.93 -106.00 5.22
C ILE H 25 -14.57 -106.36 5.79
N GLU H 26 -14.32 -107.65 5.95
CA GLU H 26 -13.04 -108.18 6.38
C GLU H 26 -12.53 -109.17 5.36
N VAL H 27 -11.32 -108.95 4.87
CA VAL H 27 -10.70 -109.81 3.85
C VAL H 27 -9.43 -110.40 4.43
N GLU H 28 -9.31 -111.72 4.33
CA GLU H 28 -8.14 -112.44 4.83
C GLU H 28 -7.49 -113.21 3.69
N GLY H 29 -6.16 -113.16 3.63
CA GLY H 29 -5.42 -113.84 2.60
C GLY H 29 -4.07 -114.32 3.10
N PRO H 30 -3.26 -114.88 2.21
CA PRO H 30 -1.94 -115.38 2.64
C PRO H 30 -1.05 -114.31 3.23
N ARG H 31 -1.13 -113.07 2.73
CA ARG H 31 -0.28 -111.99 3.23
C ARG H 31 -0.76 -111.43 4.55
N GLY H 32 -2.05 -111.50 4.85
CA GLY H 32 -2.56 -110.98 6.10
C GLY H 32 -4.06 -110.74 6.01
N LYS H 33 -4.52 -109.84 6.88
CA LYS H 33 -5.94 -109.50 6.98
C LYS H 33 -6.11 -108.00 6.86
N LEU H 34 -7.15 -107.58 6.13
CA LEU H 34 -7.50 -106.18 5.97
C LEU H 34 -8.98 -105.99 6.25
N THR H 35 -9.32 -104.87 6.86
CA THR H 35 -10.70 -104.56 7.19
C THR H 35 -10.96 -103.08 6.93
N ARG H 36 -12.11 -102.77 6.33
CA ARG H 36 -12.53 -101.41 6.08
C ARG H 36 -13.96 -101.21 6.53
N ASN H 37 -14.25 -100.02 7.03
CA ASN H 37 -15.58 -99.68 7.53
C ASN H 37 -16.33 -98.90 6.44
N PHE H 38 -17.41 -99.50 5.93
CA PHE H 38 -18.24 -98.88 4.91
C PHE H 38 -19.61 -98.44 5.45
N LYS H 39 -19.71 -98.26 6.77
CA LYS H 39 -20.98 -97.85 7.35
C LYS H 39 -21.43 -96.47 6.87
N HIS H 40 -20.52 -95.68 6.30
CA HIS H 40 -20.87 -94.37 5.77
C HIS H 40 -21.54 -94.45 4.41
N LEU H 41 -21.63 -95.63 3.81
CA LEU H 41 -22.27 -95.81 2.51
C LEU H 41 -23.68 -96.35 2.73
N ASN H 42 -24.65 -95.71 2.07
CA ASN H 42 -26.05 -96.11 2.18
C ASN H 42 -26.39 -97.12 1.08
N LEU H 43 -25.66 -98.22 1.08
CA LEU H 43 -25.76 -99.27 0.07
C LEU H 43 -26.10 -100.59 0.73
N ASP H 44 -26.37 -101.60 -0.10
CA ASP H 44 -26.71 -102.95 0.35
C ASP H 44 -25.66 -103.91 -0.17
N PHE H 45 -24.80 -104.39 0.73
CA PHE H 45 -23.77 -105.35 0.39
C PHE H 45 -24.29 -106.77 0.60
N GLN H 46 -23.96 -107.67 -0.32
CA GLN H 46 -24.44 -109.04 -0.24
C GLN H 46 -23.43 -109.96 -0.92
N LEU H 47 -23.19 -111.12 -0.30
CA LEU H 47 -22.35 -112.17 -0.87
C LEU H 47 -23.26 -113.26 -1.41
N ILE H 48 -23.08 -113.61 -2.69
CA ILE H 48 -23.91 -114.60 -3.37
C ILE H 48 -23.00 -115.73 -3.83
N LYS H 49 -23.41 -116.96 -3.52
CA LYS H 49 -22.61 -118.13 -3.87
C LYS H 49 -23.50 -119.37 -3.98
N LYS H 56 -17.98 -117.44 -5.81
CA LYS H 56 -18.31 -116.39 -4.86
C LYS H 56 -18.29 -115.02 -5.53
N LYS H 57 -19.27 -114.19 -5.21
CA LYS H 57 -19.36 -112.84 -5.77
C LYS H 57 -19.86 -111.89 -4.70
N LEU H 58 -19.52 -110.61 -4.89
CA LEU H 58 -19.97 -109.53 -4.01
C LEU H 58 -20.88 -108.62 -4.81
N LYS H 59 -22.10 -108.41 -4.31
CA LYS H 59 -23.10 -107.60 -4.99
C LYS H 59 -23.41 -106.37 -4.15
N ILE H 60 -23.35 -105.20 -4.78
CA ILE H 60 -23.66 -103.94 -4.13
C ILE H 60 -24.80 -103.29 -4.89
N ASP H 61 -25.88 -102.96 -4.18
CA ASP H 61 -27.08 -102.40 -4.78
C ASP H 61 -27.42 -101.06 -4.13
N ALA H 62 -27.94 -100.15 -4.94
CA ALA H 62 -28.47 -98.88 -4.47
C ALA H 62 -29.90 -98.73 -5.00
N TRP H 63 -30.84 -98.49 -4.10
CA TRP H 63 -32.24 -98.38 -4.45
C TRP H 63 -32.68 -96.93 -4.37
N PHE H 64 -33.31 -96.44 -5.45
CA PHE H 64 -33.83 -95.08 -5.50
C PHE H 64 -32.79 -94.06 -5.07
N GLY H 65 -31.58 -94.21 -5.60
CA GLY H 65 -30.47 -93.32 -5.28
C GLY H 65 -30.23 -92.32 -6.40
N SER H 66 -29.91 -91.09 -6.03
CA SER H 66 -29.54 -90.08 -7.00
C SER H 66 -28.23 -90.47 -7.67
N ARG H 67 -27.82 -89.66 -8.66
CA ARG H 67 -26.59 -89.95 -9.39
C ARG H 67 -25.38 -89.91 -8.46
N LYS H 68 -25.37 -89.01 -7.47
CA LYS H 68 -24.28 -88.99 -6.51
C LYS H 68 -24.25 -90.27 -5.68
N THR H 69 -25.41 -90.75 -5.23
CA THR H 69 -25.45 -91.96 -4.40
C THR H 69 -24.95 -93.16 -5.18
N THR H 70 -25.36 -93.31 -6.44
CA THR H 70 -24.92 -94.44 -7.24
C THR H 70 -23.43 -94.38 -7.56
N ALA H 71 -22.82 -93.20 -7.46
CA ALA H 71 -21.39 -93.08 -7.74
C ALA H 71 -20.56 -93.87 -6.73
N ALA H 72 -21.10 -94.10 -5.53
CA ALA H 72 -20.38 -94.84 -4.49
C ALA H 72 -20.38 -96.34 -4.72
N ILE H 73 -21.20 -96.85 -5.63
CA ILE H 73 -21.25 -98.29 -5.88
C ILE H 73 -19.90 -98.75 -6.43
N ARG H 74 -19.40 -98.08 -7.46
CA ARG H 74 -18.12 -98.46 -8.04
C ARG H 74 -16.97 -98.16 -7.09
N THR H 75 -17.07 -97.08 -6.31
CA THR H 75 -16.04 -96.79 -5.33
C THR H 75 -15.91 -97.91 -4.31
N ALA H 76 -17.05 -98.43 -3.84
CA ALA H 76 -17.00 -99.52 -2.86
C ALA H 76 -16.35 -100.77 -3.45
N LEU H 77 -16.70 -101.11 -4.69
CA LEU H 77 -16.11 -102.29 -5.32
C LEU H 77 -14.61 -102.13 -5.49
N SER H 78 -14.16 -100.94 -5.92
CA SER H 78 -12.73 -100.73 -6.12
C SER H 78 -11.97 -100.87 -4.81
N HIS H 79 -12.52 -100.32 -3.72
CA HIS H 79 -11.89 -100.47 -2.41
C HIS H 79 -11.79 -101.95 -2.02
N VAL H 80 -12.87 -102.70 -2.23
CA VAL H 80 -12.84 -104.13 -1.91
C VAL H 80 -11.83 -104.86 -2.79
N GLU H 81 -11.76 -104.49 -4.06
CA GLU H 81 -10.77 -105.10 -4.95
C GLU H 81 -9.36 -104.81 -4.48
N ASN H 82 -9.11 -103.59 -4.00
CA ASN H 82 -7.78 -103.25 -3.49
C ASN H 82 -7.42 -104.11 -2.29
N LEU H 83 -8.39 -104.35 -1.39
CA LEU H 83 -8.13 -105.19 -0.23
C LEU H 83 -7.77 -106.61 -0.67
N ILE H 84 -8.47 -107.14 -1.68
CA ILE H 84 -8.18 -108.48 -2.16
C ILE H 84 -6.77 -108.55 -2.73
N THR H 85 -6.39 -107.56 -3.52
CA THR H 85 -5.04 -107.52 -4.07
C THR H 85 -4.00 -107.29 -2.97
N GLY H 86 -4.36 -106.55 -1.92
CA GLY H 86 -3.42 -106.30 -0.85
C GLY H 86 -3.01 -107.56 -0.11
N VAL H 87 -3.98 -108.44 0.16
CA VAL H 87 -3.70 -109.67 0.89
C VAL H 87 -3.19 -110.79 0.01
N THR H 88 -3.23 -110.63 -1.31
CA THR H 88 -2.78 -111.65 -2.25
C THR H 88 -1.42 -111.32 -2.86
N LYS H 89 -1.31 -110.13 -3.46
CA LYS H 89 -0.08 -109.72 -4.13
C LYS H 89 0.67 -108.61 -3.40
N GLY H 90 -0.01 -107.80 -2.61
CA GLY H 90 0.62 -106.68 -1.95
C GLY H 90 0.78 -105.50 -2.90
N TYR H 91 1.32 -104.41 -2.33
CA TYR H 91 1.55 -103.19 -3.09
C TYR H 91 2.99 -102.73 -2.88
N ARG H 92 3.62 -102.27 -3.96
CA ARG H 92 5.01 -101.84 -3.94
C ARG H 92 5.11 -100.50 -4.65
N TYR H 93 5.41 -99.45 -3.90
CA TYR H 93 5.61 -98.11 -4.44
C TYR H 93 7.09 -97.80 -4.45
N LYS H 94 7.60 -97.37 -5.61
CA LYS H 94 9.01 -97.04 -5.79
C LYS H 94 9.17 -95.54 -5.94
N MET H 95 10.14 -94.97 -5.23
CA MET H 95 10.44 -93.55 -5.28
C MET H 95 11.89 -93.35 -5.70
N ARG H 96 12.14 -92.25 -6.40
CA ARG H 96 13.47 -91.92 -6.90
C ARG H 96 13.90 -90.57 -6.35
N PHE H 97 15.14 -90.49 -5.87
CA PHE H 97 15.71 -89.23 -5.46
C PHE H 97 16.10 -88.41 -6.68
N VAL H 98 15.71 -87.14 -6.69
CA VAL H 98 16.06 -86.21 -7.76
C VAL H 98 16.84 -85.07 -7.12
N TYR H 99 18.05 -84.82 -7.61
CA TYR H 99 18.87 -83.74 -7.12
C TYR H 99 19.85 -83.33 -8.20
N ALA H 100 20.28 -82.07 -8.15
CA ALA H 100 21.22 -81.52 -9.12
C ALA H 100 22.65 -81.47 -8.59
N HIS H 101 22.85 -80.89 -7.40
CA HIS H 101 24.18 -80.75 -6.82
C HIS H 101 24.35 -81.54 -5.54
N PHE H 102 23.45 -81.38 -4.57
CA PHE H 102 23.61 -82.01 -3.27
C PHE H 102 23.01 -83.41 -3.29
N PRO H 103 23.79 -84.47 -3.09
CA PRO H 103 23.18 -85.80 -2.96
C PRO H 103 22.26 -85.87 -1.75
N ILE H 104 21.19 -86.64 -1.91
CA ILE H 104 20.21 -86.85 -0.85
C ILE H 104 20.58 -88.13 -0.11
N ASN H 105 20.84 -88.02 1.19
CA ASN H 105 21.24 -89.14 2.01
C ASN H 105 20.06 -89.64 2.82
N ALA H 106 19.76 -90.94 2.69
CA ALA H 106 18.65 -91.56 3.39
C ALA H 106 19.19 -92.57 4.41
N SER H 107 18.55 -92.61 5.57
CA SER H 107 18.96 -93.51 6.66
C SER H 107 17.74 -94.29 7.12
N ILE H 108 17.68 -95.57 6.78
CA ILE H 108 16.59 -96.43 7.22
C ILE H 108 16.90 -96.93 8.62
N SER H 109 15.89 -96.92 9.49
CA SER H 109 16.07 -97.31 10.87
C SER H 109 14.74 -97.79 11.43
N GLY H 110 14.81 -98.42 12.61
CA GLY H 110 13.62 -98.92 13.27
C GLY H 110 12.94 -100.07 12.54
N GLY H 111 13.71 -101.02 12.02
CA GLY H 111 13.12 -102.15 11.32
C GLY H 111 12.40 -101.75 10.04
N ASN H 112 13.00 -100.84 9.27
CA ASN H 112 12.44 -100.38 8.00
C ASN H 112 11.12 -99.63 8.18
N LYS H 113 10.84 -99.18 9.40
CA LYS H 113 9.62 -98.44 9.69
C LYS H 113 9.84 -96.93 9.79
N SER H 114 11.05 -96.46 9.47
CA SER H 114 11.36 -95.04 9.56
C SER H 114 12.47 -94.72 8.57
N ILE H 115 12.55 -93.45 8.21
CA ILE H 115 13.58 -92.96 7.28
C ILE H 115 13.92 -91.53 7.64
N GLU H 116 15.19 -91.17 7.49
CA GLU H 116 15.66 -89.81 7.74
C GLU H 116 16.38 -89.31 6.49
N ILE H 117 16.03 -88.11 6.06
CA ILE H 117 16.59 -87.50 4.86
C ILE H 117 17.51 -86.37 5.31
N ARG H 118 18.74 -86.39 4.80
CA ARG H 118 19.74 -85.37 5.12
C ARG H 118 20.34 -84.82 3.84
N ASN H 119 20.85 -83.59 3.94
CA ASN H 119 21.56 -82.94 2.83
C ASN H 119 20.65 -82.64 1.65
N PHE H 120 19.36 -82.42 1.91
CA PHE H 120 18.44 -82.03 0.84
C PHE H 120 18.69 -80.57 0.49
N LEU H 121 19.24 -80.32 -0.69
CA LEU H 121 19.62 -78.97 -1.12
C LEU H 121 20.64 -78.36 -0.16
N GLY H 122 21.44 -79.18 0.49
CA GLY H 122 22.47 -78.71 1.39
C GLY H 122 21.98 -78.29 2.76
N GLU H 123 20.69 -78.42 3.03
CA GLU H 123 20.16 -78.00 4.33
C GLU H 123 20.69 -78.90 5.44
N LYS H 124 20.96 -78.30 6.60
CA LYS H 124 21.40 -79.04 7.76
C LYS H 124 20.25 -79.67 8.55
N LYS H 125 19.01 -79.25 8.29
CA LYS H 125 17.87 -79.83 8.98
C LYS H 125 17.70 -81.29 8.56
N VAL H 126 17.33 -82.13 9.52
CA VAL H 126 17.10 -83.55 9.28
C VAL H 126 15.60 -83.78 9.20
N ARG H 127 15.16 -84.37 8.10
CA ARG H 127 13.75 -84.66 7.87
C ARG H 127 13.48 -86.11 8.22
N LYS H 128 12.56 -86.33 9.16
CA LYS H 128 12.23 -87.66 9.65
C LYS H 128 10.80 -88.00 9.29
N VAL H 129 10.62 -89.17 8.68
CA VAL H 129 9.31 -89.66 8.28
C VAL H 129 9.14 -91.08 8.81
N ASP H 130 8.00 -91.34 9.46
CA ASP H 130 7.70 -92.65 10.01
C ASP H 130 6.65 -93.33 9.13
N MET H 131 6.95 -94.56 8.70
CA MET H 131 6.02 -95.30 7.87
C MET H 131 4.77 -95.67 8.65
N LEU H 132 3.65 -95.75 7.94
CA LEU H 132 2.39 -96.09 8.56
C LEU H 132 2.34 -97.59 8.87
N ASP H 133 1.28 -98.00 9.57
CA ASP H 133 1.16 -99.38 10.02
C ASP H 133 1.22 -100.33 8.83
N GLY H 134 2.03 -101.38 8.96
CA GLY H 134 2.14 -102.39 7.93
C GLY H 134 2.96 -101.99 6.72
N VAL H 135 3.66 -100.86 6.77
CA VAL H 135 4.42 -100.34 5.65
C VAL H 135 5.89 -100.35 6.03
N THR H 136 6.73 -100.91 5.17
CA THR H 136 8.17 -100.95 5.36
C THR H 136 8.87 -100.29 4.18
N VAL H 137 9.90 -99.50 4.47
CA VAL H 137 10.65 -98.77 3.46
C VAL H 137 12.06 -99.35 3.42
N VAL H 138 12.53 -99.66 2.22
CA VAL H 138 13.85 -100.24 2.00
C VAL H 138 14.49 -99.56 0.81
N ARG H 139 15.79 -99.25 0.92
CA ARG H 139 16.53 -98.68 -0.19
C ARG H 139 16.85 -99.77 -1.20
N SER H 140 16.53 -99.51 -2.47
CA SER H 140 16.81 -100.47 -3.53
C SER H 140 18.30 -100.50 -3.83
N GLU H 141 18.79 -101.69 -4.19
CA GLU H 141 20.19 -101.88 -4.56
C GLU H 141 20.39 -101.99 -6.06
N LYS H 142 19.43 -102.54 -6.80
CA LYS H 142 19.57 -102.66 -8.24
C LYS H 142 19.60 -101.28 -8.91
N VAL H 143 18.78 -100.35 -8.43
CA VAL H 143 18.67 -99.02 -9.01
C VAL H 143 19.36 -98.02 -8.11
N LYS H 144 19.90 -96.96 -8.72
CA LYS H 144 20.63 -95.94 -7.97
C LYS H 144 19.65 -94.95 -7.36
N ASP H 145 19.78 -94.71 -6.06
CA ASP H 145 18.98 -93.73 -5.34
C ASP H 145 17.49 -93.99 -5.54
N GLU H 146 17.04 -95.15 -5.07
CA GLU H 146 15.66 -95.56 -5.19
C GLU H 146 15.17 -96.14 -3.86
N LEU H 147 13.96 -95.76 -3.48
CA LEU H 147 13.30 -96.28 -2.29
C LEU H 147 12.15 -97.19 -2.69
N VAL H 148 11.90 -98.21 -1.88
CA VAL H 148 10.84 -99.18 -2.12
C VAL H 148 9.98 -99.28 -0.86
N LEU H 149 8.70 -98.99 -1.01
CA LEU H 149 7.73 -99.10 0.08
C LEU H 149 6.79 -100.26 -0.22
N ASP H 150 6.62 -101.16 0.75
CA ASP H 150 5.81 -102.35 0.59
C ASP H 150 4.79 -102.44 1.71
N GLY H 151 3.65 -103.02 1.40
CA GLY H 151 2.60 -103.20 2.38
C GLY H 151 1.38 -103.84 1.75
N ASN H 152 0.37 -104.06 2.58
CA ASN H 152 -0.89 -104.64 2.15
C ASN H 152 -1.95 -103.61 1.82
N ASP H 153 -2.13 -102.59 2.65
CA ASP H 153 -3.13 -101.56 2.42
C ASP H 153 -2.57 -100.53 1.44
N ILE H 154 -3.26 -100.35 0.30
CA ILE H 154 -2.79 -99.42 -0.70
C ILE H 154 -2.79 -97.99 -0.15
N GLU H 155 -3.82 -97.64 0.63
CA GLU H 155 -3.90 -96.28 1.16
C GLU H 155 -2.72 -95.98 2.09
N LEU H 156 -2.35 -96.93 2.95
CA LEU H 156 -1.23 -96.69 3.85
C LEU H 156 0.09 -96.62 3.10
N VAL H 157 0.29 -97.53 2.13
CA VAL H 157 1.53 -97.51 1.36
C VAL H 157 1.62 -96.26 0.51
N SER H 158 0.53 -95.92 -0.20
CA SER H 158 0.53 -94.72 -1.02
C SER H 158 0.66 -93.47 -0.17
N ARG H 159 -0.01 -93.45 0.98
CA ARG H 159 0.06 -92.28 1.86
C ARG H 159 1.45 -92.13 2.47
N SER H 160 2.13 -93.25 2.76
CA SER H 160 3.49 -93.17 3.26
C SER H 160 4.42 -92.52 2.23
N ALA H 161 4.25 -92.88 0.95
CA ALA H 161 5.06 -92.26 -0.10
C ALA H 161 4.77 -90.77 -0.21
N ALA H 162 3.50 -90.38 -0.06
CA ALA H 162 3.14 -88.97 -0.12
C ALA H 162 3.82 -88.18 1.00
N LEU H 163 3.90 -88.78 2.19
CA LEU H 163 4.56 -88.09 3.31
C LEU H 163 6.02 -87.79 2.99
N ILE H 164 6.72 -88.76 2.39
CA ILE H 164 8.12 -88.54 2.04
C ILE H 164 8.23 -87.46 0.98
N ASN H 165 7.36 -87.50 -0.04
CA ASN H 165 7.44 -86.52 -1.11
C ASN H 165 7.20 -85.11 -0.61
N GLN H 166 6.19 -84.91 0.23
CA GLN H 166 5.87 -83.58 0.71
C GLN H 166 6.83 -83.09 1.79
N LYS H 167 7.57 -84.00 2.43
CA LYS H 167 8.56 -83.58 3.41
C LYS H 167 9.76 -82.92 2.75
N CYS H 168 9.93 -83.07 1.44
CA CYS H 168 11.10 -82.57 0.73
C CYS H 168 10.72 -81.60 -0.37
N HIS H 169 9.81 -80.66 -0.06
CA HIS H 169 9.43 -79.62 -1.00
C HIS H 169 10.41 -78.47 -0.96
N VAL H 170 10.81 -78.00 -2.13
CA VAL H 170 11.68 -76.83 -2.24
C VAL H 170 10.86 -75.57 -2.01
N LYS H 171 11.45 -74.59 -1.34
CA LYS H 171 10.75 -73.37 -0.97
C LYS H 171 11.62 -72.16 -1.29
N ASN H 172 10.94 -71.04 -1.60
CA ASN H 172 11.60 -69.79 -1.92
C ASN H 172 12.50 -69.92 -3.15
N LYS H 173 12.14 -70.81 -4.06
CA LYS H 173 12.90 -71.03 -5.28
C LYS H 173 11.94 -71.39 -6.41
N ASP H 174 12.42 -71.24 -7.64
CA ASP H 174 11.67 -71.61 -8.83
C ASP H 174 11.70 -73.13 -8.95
N ILE H 175 10.60 -73.78 -8.58
CA ILE H 175 10.57 -75.24 -8.58
C ILE H 175 10.71 -75.81 -9.98
N ARG H 176 10.47 -75.00 -11.01
CA ARG H 176 10.67 -75.47 -12.38
C ARG H 176 12.14 -75.81 -12.63
N LYS H 177 13.04 -74.99 -12.11
CA LYS H 177 14.47 -75.25 -12.27
C LYS H 177 15.04 -76.07 -11.12
N PHE H 178 14.65 -75.75 -9.88
CA PHE H 178 15.09 -76.51 -8.71
C PHE H 178 14.17 -77.72 -8.55
N LEU H 179 14.46 -78.74 -9.34
CA LEU H 179 13.65 -79.95 -9.40
C LEU H 179 14.02 -80.97 -8.31
N ASP H 180 14.75 -80.55 -7.28
CA ASP H 180 15.15 -81.48 -6.23
C ASP H 180 13.94 -81.99 -5.47
N GLY H 181 13.98 -83.26 -5.10
CA GLY H 181 12.91 -83.86 -4.35
C GLY H 181 12.90 -85.36 -4.52
N ILE H 182 11.96 -85.99 -3.80
CA ILE H 182 11.73 -87.43 -3.86
C ILE H 182 10.34 -87.63 -4.44
N TYR H 183 10.26 -88.38 -5.54
CA TYR H 183 9.03 -88.54 -6.30
C TYR H 183 8.73 -90.01 -6.51
N VAL H 184 7.44 -90.33 -6.59
CA VAL H 184 7.00 -91.69 -6.87
C VAL H 184 7.19 -91.95 -8.36
N SER H 185 7.91 -93.02 -8.70
CA SER H 185 8.18 -93.38 -10.09
C SER H 185 7.37 -94.57 -10.58
N GLU H 186 7.01 -95.50 -9.69
CA GLU H 186 6.24 -96.67 -10.07
C GLU H 186 5.17 -96.93 -9.01
N LYS H 187 3.98 -97.28 -9.47
CA LYS H 187 2.87 -97.69 -8.61
C LYS H 187 2.51 -99.12 -9.01
N GLY H 188 3.18 -100.09 -8.40
CA GLY H 188 2.97 -101.48 -8.75
C GLY H 188 2.64 -102.35 -7.56
N ARG H 189 2.86 -103.66 -7.70
CA ARG H 189 2.56 -104.61 -6.65
C ARG H 189 3.66 -105.66 -6.59
N ILE H 190 3.84 -106.25 -5.42
CA ILE H 190 4.90 -107.23 -5.20
C ILE H 190 4.64 -108.47 -6.05
N GLY I 2 -15.33 -36.35 -15.23
CA GLY I 2 -15.91 -36.05 -16.52
C GLY I 2 -17.33 -36.55 -16.66
N ARG I 3 -17.57 -37.38 -17.66
CA ARG I 3 -18.90 -37.92 -17.90
C ARG I 3 -19.33 -38.83 -16.75
N ARG I 4 -20.59 -38.71 -16.35
CA ARG I 4 -21.11 -39.49 -15.25
C ARG I 4 -21.23 -40.97 -15.64
N PRO I 5 -21.24 -41.87 -14.67
CA PRO I 5 -21.49 -43.28 -14.99
C PRO I 5 -22.87 -43.46 -15.60
N ALA I 6 -22.96 -44.41 -16.53
CA ALA I 6 -24.20 -44.59 -17.28
C ALA I 6 -25.40 -44.91 -16.40
N ARG I 7 -25.17 -45.45 -15.20
CA ARG I 7 -26.29 -45.79 -14.32
C ARG I 7 -27.11 -44.56 -13.95
N CYS I 8 -26.53 -43.36 -14.02
CA CYS I 8 -27.25 -42.17 -13.61
C CYS I 8 -28.46 -41.92 -14.50
N TYR I 9 -28.33 -42.16 -15.80
CA TYR I 9 -29.40 -41.92 -16.76
C TYR I 9 -29.86 -43.20 -17.45
N ARG I 10 -29.84 -44.33 -16.72
CA ARG I 10 -30.24 -45.59 -17.32
C ARG I 10 -31.75 -45.68 -17.50
N GLN I 11 -32.50 -45.20 -16.51
CA GLN I 11 -33.96 -45.35 -16.51
C GLN I 11 -34.61 -44.19 -17.26
N ILE I 12 -35.63 -44.51 -18.06
CA ILE I 12 -36.40 -43.51 -18.78
C ILE I 12 -37.37 -42.87 -17.78
N LYS I 13 -37.05 -41.67 -17.34
CA LYS I 13 -37.84 -40.98 -16.33
C LYS I 13 -38.51 -39.70 -16.82
N ASN I 14 -37.97 -39.06 -17.86
CA ASN I 14 -38.49 -37.80 -18.37
C ASN I 14 -39.11 -38.00 -19.75
N LYS I 15 -39.91 -37.02 -20.16
CA LYS I 15 -40.45 -37.01 -21.50
C LYS I 15 -39.33 -36.79 -22.50
N PRO I 16 -39.54 -37.15 -23.76
CA PRO I 16 -38.49 -36.92 -24.77
C PRO I 16 -38.08 -35.47 -24.80
N TYR I 17 -36.78 -35.24 -24.89
CA TYR I 17 -36.18 -33.90 -24.85
C TYR I 17 -35.21 -33.77 -26.02
N PRO I 18 -35.73 -33.76 -27.24
CA PRO I 18 -34.84 -33.73 -28.41
C PRO I 18 -34.27 -32.34 -28.67
N LYS I 19 -33.23 -32.32 -29.51
CA LYS I 19 -32.64 -31.06 -29.94
C LYS I 19 -33.64 -30.30 -30.81
N SER I 20 -33.82 -29.02 -30.50
CA SER I 20 -34.78 -28.18 -31.21
C SER I 20 -34.42 -26.72 -30.95
N ARG I 21 -35.29 -25.81 -31.37
CA ARG I 21 -35.07 -24.39 -31.12
C ARG I 21 -35.19 -24.04 -29.65
N PHE I 22 -35.73 -24.93 -28.81
CA PHE I 22 -35.85 -24.68 -27.39
C PHE I 22 -34.64 -25.19 -26.61
N CYS I 23 -34.03 -26.29 -27.05
CA CYS I 23 -32.84 -26.84 -26.43
C CYS I 23 -31.66 -26.59 -27.37
N ARG I 24 -30.78 -25.68 -26.98
CA ARG I 24 -29.65 -25.28 -27.79
C ARG I 24 -28.35 -25.63 -27.07
N GLY I 25 -27.26 -25.68 -27.84
CA GLY I 25 -25.97 -26.05 -27.30
C GLY I 25 -25.85 -27.52 -26.94
N VAL I 26 -26.41 -28.40 -27.76
CA VAL I 26 -26.38 -29.84 -27.51
C VAL I 26 -25.15 -30.43 -28.19
N PRO I 27 -24.29 -31.16 -27.49
CA PRO I 27 -23.14 -31.78 -28.15
C PRO I 27 -23.57 -32.85 -29.14
N ASP I 28 -22.73 -33.05 -30.16
CA ASP I 28 -23.06 -34.01 -31.20
C ASP I 28 -23.02 -35.44 -30.65
N PRO I 29 -23.79 -36.35 -31.24
CA PRO I 29 -23.75 -37.74 -30.77
C PRO I 29 -22.39 -38.38 -31.02
N LYS I 30 -22.02 -39.30 -30.13
CA LYS I 30 -20.76 -40.02 -30.30
C LYS I 30 -20.80 -40.88 -31.56
N ILE I 31 -21.92 -41.51 -31.85
CA ILE I 31 -22.07 -42.36 -33.02
C ILE I 31 -22.60 -41.52 -34.17
N ARG I 32 -21.89 -41.57 -35.31
CA ARG I 32 -22.30 -40.86 -36.52
C ARG I 32 -22.47 -41.77 -37.72
N ILE I 33 -21.93 -42.99 -37.69
CA ILE I 33 -22.05 -43.96 -38.77
C ILE I 33 -22.92 -45.11 -38.29
N TYR I 34 -23.96 -45.42 -39.06
CA TYR I 34 -24.92 -46.46 -38.69
C TYR I 34 -24.87 -47.67 -39.60
N ASP I 35 -24.15 -47.61 -40.72
CA ASP I 35 -24.02 -48.74 -41.64
C ASP I 35 -22.54 -49.00 -41.89
N VAL I 36 -22.14 -50.26 -41.73
CA VAL I 36 -20.75 -50.66 -41.86
C VAL I 36 -20.69 -51.92 -42.74
N GLY I 37 -19.52 -52.16 -43.31
CA GLY I 37 -19.34 -53.28 -44.20
C GLY I 37 -19.78 -52.94 -45.62
N MET I 38 -20.06 -53.99 -46.38
CA MET I 38 -20.49 -53.85 -47.77
C MET I 38 -21.97 -53.45 -47.77
N LYS I 39 -22.21 -52.15 -47.66
CA LYS I 39 -23.56 -51.61 -47.66
C LYS I 39 -24.12 -51.42 -49.06
N LYS I 40 -23.31 -51.62 -50.10
CA LYS I 40 -23.76 -51.51 -51.48
C LYS I 40 -24.17 -52.85 -52.07
N LYS I 41 -24.05 -53.95 -51.31
CA LYS I 41 -24.40 -55.26 -51.83
C LYS I 41 -25.90 -55.33 -52.14
N GLY I 42 -26.23 -56.10 -53.17
CA GLY I 42 -27.61 -56.25 -53.56
C GLY I 42 -28.41 -57.06 -52.57
N VAL I 43 -29.74 -56.96 -52.70
CA VAL I 43 -30.63 -57.67 -51.79
C VAL I 43 -30.47 -59.17 -51.92
N ASP I 44 -30.07 -59.65 -53.10
CA ASP I 44 -29.97 -61.09 -53.35
C ASP I 44 -28.64 -61.68 -52.89
N GLU I 45 -27.72 -60.86 -52.37
CA GLU I 45 -26.40 -61.35 -51.99
C GLU I 45 -26.36 -61.91 -50.58
N PHE I 46 -27.10 -61.32 -49.64
CA PHE I 46 -27.07 -61.72 -48.23
C PHE I 46 -28.47 -62.13 -47.80
N PRO I 47 -28.80 -63.43 -47.87
CA PRO I 47 -30.12 -63.87 -47.42
C PRO I 47 -30.25 -63.93 -45.90
N PHE I 48 -29.19 -64.33 -45.23
CA PHE I 48 -29.23 -64.50 -43.78
C PHE I 48 -29.30 -63.14 -43.08
N CYS I 49 -29.99 -63.12 -41.94
CA CYS I 49 -30.12 -61.90 -41.15
C CYS I 49 -30.32 -62.28 -39.69
N VAL I 50 -29.57 -61.63 -38.81
CA VAL I 50 -29.65 -61.87 -37.36
C VAL I 50 -29.70 -60.53 -36.65
N HIS I 51 -30.50 -60.45 -35.60
CA HIS I 51 -30.72 -59.20 -34.87
C HIS I 51 -30.24 -59.34 -33.42
N LEU I 52 -29.78 -58.22 -32.87
CA LEU I 52 -29.52 -58.09 -31.44
C LEU I 52 -30.68 -57.27 -30.87
N VAL I 53 -31.60 -57.94 -30.20
CA VAL I 53 -32.87 -57.36 -29.80
C VAL I 53 -32.81 -56.98 -28.32
N SER I 54 -33.25 -55.76 -28.01
CA SER I 54 -33.33 -55.33 -26.63
C SER I 54 -34.46 -56.04 -25.91
N TRP I 55 -34.24 -56.36 -24.63
CA TRP I 55 -35.24 -57.02 -23.79
C TRP I 55 -35.61 -56.18 -22.57
N GLU I 56 -35.23 -54.91 -22.55
CA GLU I 56 -35.54 -54.02 -21.44
C GLU I 56 -35.95 -52.66 -21.98
N LYS I 57 -36.64 -51.89 -21.13
CA LYS I 57 -36.99 -50.51 -21.43
C LYS I 57 -36.00 -49.63 -20.69
N GLU I 58 -35.02 -49.09 -21.42
CA GLU I 58 -33.94 -48.33 -20.80
C GLU I 58 -33.39 -47.33 -21.81
N ASN I 59 -32.54 -46.44 -21.31
CA ASN I 59 -31.79 -45.52 -22.16
C ASN I 59 -30.44 -46.14 -22.50
N VAL I 60 -30.06 -46.01 -23.77
CA VAL I 60 -28.77 -46.48 -24.26
C VAL I 60 -28.00 -45.27 -24.76
N SER I 61 -26.85 -45.00 -24.15
CA SER I 61 -26.05 -43.83 -24.52
C SER I 61 -25.49 -43.99 -25.93
N SER I 62 -25.30 -42.85 -26.60
CA SER I 62 -24.68 -42.87 -27.91
C SER I 62 -23.26 -43.42 -27.85
N GLU I 63 -22.58 -43.22 -26.72
CA GLU I 63 -21.23 -43.76 -26.56
C GLU I 63 -21.23 -45.28 -26.62
N ALA I 64 -22.20 -45.91 -25.96
CA ALA I 64 -22.28 -47.37 -25.99
C ALA I 64 -22.63 -47.88 -27.38
N LEU I 65 -23.48 -47.15 -28.11
CA LEU I 65 -23.87 -47.59 -29.45
C LEU I 65 -22.66 -47.65 -30.37
N GLU I 66 -21.80 -46.63 -30.34
CA GLU I 66 -20.60 -46.65 -31.17
C GLU I 66 -19.67 -47.78 -30.73
N ALA I 67 -19.51 -47.98 -29.42
CA ALA I 67 -18.63 -49.03 -28.93
C ALA I 67 -19.11 -50.40 -29.41
N ALA I 68 -20.42 -50.64 -29.34
CA ALA I 68 -20.95 -51.91 -29.83
C ALA I 68 -20.71 -52.08 -31.32
N ARG I 69 -20.90 -51.02 -32.10
CA ARG I 69 -20.70 -51.10 -33.54
C ARG I 69 -19.24 -51.42 -33.87
N ILE I 70 -18.31 -50.75 -33.20
CA ILE I 70 -16.89 -50.99 -33.48
C ILE I 70 -16.50 -52.41 -33.10
N ALA I 71 -16.94 -52.86 -31.93
CA ALA I 71 -16.59 -54.21 -31.48
C ALA I 71 -17.18 -55.26 -32.43
N CYS I 72 -18.44 -55.09 -32.82
CA CYS I 72 -19.05 -56.02 -33.76
C CYS I 72 -18.37 -55.97 -35.12
N ASN I 73 -18.03 -54.77 -35.58
CA ASN I 73 -17.43 -54.63 -36.91
C ASN I 73 -16.07 -55.31 -36.98
N LYS I 74 -15.24 -55.13 -35.95
CA LYS I 74 -13.87 -55.66 -35.99
C LYS I 74 -13.87 -57.18 -36.06
N TYR I 75 -14.63 -57.83 -35.18
CA TYR I 75 -14.63 -59.28 -35.16
C TYR I 75 -15.17 -59.85 -36.47
N MET I 76 -16.25 -59.27 -36.99
CA MET I 76 -16.84 -59.77 -38.23
C MET I 76 -15.87 -59.61 -39.40
N THR I 77 -15.14 -58.50 -39.44
CA THR I 77 -14.18 -58.28 -40.51
C THR I 77 -13.10 -59.36 -40.48
N LYS I 78 -12.55 -59.64 -39.30
CA LYS I 78 -11.51 -60.65 -39.18
C LYS I 78 -12.07 -62.05 -39.42
N SER I 79 -13.19 -62.37 -38.75
CA SER I 79 -13.72 -63.73 -38.80
C SER I 79 -14.23 -64.08 -40.19
N ALA I 80 -14.94 -63.16 -40.84
CA ALA I 80 -15.58 -63.43 -42.11
C ALA I 80 -14.97 -62.68 -43.29
N GLY I 81 -14.49 -61.46 -43.07
CA GLY I 81 -13.91 -60.67 -44.14
C GLY I 81 -14.53 -59.29 -44.24
N LYS I 82 -13.86 -58.40 -44.98
CA LYS I 82 -14.33 -57.02 -45.11
C LYS I 82 -15.53 -56.90 -46.04
N ASP I 83 -15.77 -57.89 -46.90
CA ASP I 83 -16.83 -57.84 -47.90
C ASP I 83 -17.71 -59.09 -47.80
N ALA I 84 -18.08 -59.46 -46.58
CA ALA I 84 -18.91 -60.63 -46.35
C ALA I 84 -20.06 -60.36 -45.40
N PHE I 85 -20.33 -59.10 -45.06
CA PHE I 85 -21.38 -58.79 -44.10
C PHE I 85 -21.81 -57.34 -44.30
N HIS I 86 -22.96 -57.02 -43.72
CA HIS I 86 -23.47 -55.65 -43.70
C HIS I 86 -24.09 -55.41 -42.33
N LEU I 87 -23.48 -54.54 -41.53
CA LEU I 87 -23.95 -54.24 -40.19
C LEU I 87 -24.65 -52.89 -40.18
N ARG I 88 -25.86 -52.86 -39.64
CA ARG I 88 -26.66 -51.64 -39.56
C ARG I 88 -27.10 -51.42 -38.12
N VAL I 89 -26.83 -50.22 -37.60
CA VAL I 89 -27.31 -49.84 -36.27
C VAL I 89 -28.74 -49.34 -36.42
N ARG I 90 -29.66 -49.97 -35.69
CA ARG I 90 -31.08 -49.73 -35.84
C ARG I 90 -31.63 -48.71 -34.85
N VAL I 91 -30.76 -48.08 -34.06
CA VAL I 91 -31.17 -47.15 -33.01
C VAL I 91 -30.41 -45.85 -33.17
N HIS I 92 -31.11 -44.73 -33.09
CA HIS I 92 -30.53 -43.40 -33.19
C HIS I 92 -30.77 -42.63 -31.89
N PRO I 93 -29.73 -42.03 -31.29
CA PRO I 93 -29.94 -41.26 -30.05
C PRO I 93 -30.47 -39.87 -30.35
N PHE I 94 -31.74 -39.64 -30.00
CA PHE I 94 -32.38 -38.35 -30.18
C PHE I 94 -32.77 -37.68 -28.87
N HIS I 95 -32.57 -38.34 -27.74
CA HIS I 95 -32.92 -37.79 -26.43
C HIS I 95 -31.71 -37.12 -25.81
N VAL I 96 -31.90 -35.90 -25.30
CA VAL I 96 -30.83 -35.11 -24.71
C VAL I 96 -30.91 -35.25 -23.19
N LEU I 97 -29.75 -35.50 -22.57
CA LEU I 97 -29.65 -35.62 -21.12
C LEU I 97 -29.12 -34.33 -20.53
N ARG I 98 -29.71 -33.92 -19.41
CA ARG I 98 -29.36 -32.68 -18.74
C ARG I 98 -28.57 -32.96 -17.47
N ILE I 99 -27.74 -31.99 -17.08
CA ILE I 99 -26.93 -32.09 -15.87
C ILE I 99 -27.00 -30.75 -15.13
N ASN I 100 -27.19 -30.83 -13.82
CA ASN I 100 -27.21 -29.64 -12.96
C ASN I 100 -25.86 -29.55 -12.26
N LYS I 101 -24.97 -28.71 -12.80
CA LYS I 101 -23.62 -28.59 -12.26
C LYS I 101 -23.61 -27.74 -11.00
N GLY I 114 -27.22 -24.50 -4.61
CA GLY I 114 -28.21 -25.43 -4.10
C GLY I 114 -29.18 -25.88 -5.18
N MET I 115 -30.42 -26.14 -4.78
CA MET I 115 -31.46 -26.57 -5.70
C MET I 115 -32.16 -25.41 -6.41
N ARG I 116 -31.82 -24.17 -6.06
CA ARG I 116 -32.41 -23.02 -6.74
C ARG I 116 -32.04 -23.05 -8.22
N GLY I 117 -33.05 -22.91 -9.07
CA GLY I 117 -32.84 -22.94 -10.51
C GLY I 117 -31.98 -24.11 -10.95
N ALA I 118 -32.48 -25.32 -10.75
CA ALA I 118 -31.68 -26.53 -10.95
C ALA I 118 -31.82 -27.11 -12.36
N PHE I 119 -32.59 -26.49 -13.24
CA PHE I 119 -32.74 -27.02 -14.59
C PHE I 119 -31.38 -27.13 -15.25
N GLY I 120 -30.97 -28.36 -15.56
CA GLY I 120 -29.61 -28.61 -16.00
C GLY I 120 -29.38 -28.24 -17.45
N LYS I 121 -28.10 -28.09 -17.78
CA LYS I 121 -27.64 -27.87 -19.14
C LYS I 121 -27.51 -29.20 -19.88
N PRO I 122 -27.60 -29.19 -21.20
CA PRO I 122 -27.46 -30.46 -21.94
C PRO I 122 -26.07 -31.05 -21.77
N GLN I 123 -26.04 -32.34 -21.42
CA GLN I 123 -24.79 -33.07 -21.22
C GLN I 123 -24.43 -33.91 -22.43
N GLY I 124 -25.32 -34.81 -22.84
CA GLY I 124 -25.09 -35.66 -23.98
C GLY I 124 -26.38 -36.11 -24.61
N VAL I 125 -26.33 -37.22 -25.37
CA VAL I 125 -27.50 -37.76 -26.02
C VAL I 125 -27.57 -39.27 -25.75
N CYS I 126 -28.77 -39.81 -25.87
CA CYS I 126 -29.00 -41.23 -25.65
C CYS I 126 -30.24 -41.64 -26.43
N ALA I 127 -30.43 -42.96 -26.53
CA ALA I 127 -31.55 -43.54 -27.26
C ALA I 127 -32.52 -44.17 -26.26
N ARG I 128 -33.81 -43.91 -26.46
CA ARG I 128 -34.86 -44.45 -25.60
C ARG I 128 -35.35 -45.75 -26.22
N VAL I 129 -34.82 -46.87 -25.72
CA VAL I 129 -35.11 -48.19 -26.28
C VAL I 129 -36.27 -48.81 -25.53
N ALA I 130 -37.05 -49.62 -26.24
CA ALA I 130 -38.19 -50.33 -25.67
C ALA I 130 -37.93 -51.83 -25.70
N ILE I 131 -38.83 -52.57 -25.07
CA ILE I 131 -38.71 -54.02 -25.00
C ILE I 131 -38.97 -54.61 -26.39
N GLY I 132 -38.10 -55.51 -26.82
CA GLY I 132 -38.23 -56.16 -28.11
C GLY I 132 -37.74 -55.34 -29.28
N GLN I 133 -37.15 -54.17 -29.05
CA GLN I 133 -36.69 -53.33 -30.13
C GLN I 133 -35.31 -53.78 -30.60
N VAL I 134 -35.13 -53.85 -31.92
CA VAL I 134 -33.87 -54.27 -32.50
C VAL I 134 -32.82 -53.17 -32.28
N LEU I 135 -31.65 -53.57 -31.81
CA LEU I 135 -30.51 -52.67 -31.63
C LEU I 135 -29.55 -52.71 -32.81
N LEU I 136 -29.10 -53.91 -33.19
CA LEU I 136 -28.17 -54.10 -34.30
C LEU I 136 -28.69 -55.21 -35.21
N SER I 137 -28.41 -55.06 -36.50
CA SER I 137 -28.80 -56.06 -37.49
C SER I 137 -27.61 -56.33 -38.41
N VAL I 138 -27.42 -57.61 -38.73
CA VAL I 138 -26.34 -58.04 -39.61
C VAL I 138 -26.93 -59.00 -40.64
N ARG I 139 -26.61 -58.77 -41.92
CA ARG I 139 -27.00 -59.67 -42.99
C ARG I 139 -25.76 -60.15 -43.71
N CYS I 140 -25.74 -61.44 -44.05
CA CYS I 140 -24.61 -62.06 -44.70
C CYS I 140 -25.09 -63.35 -45.36
N LYS I 141 -24.15 -64.16 -45.84
CA LYS I 141 -24.49 -65.44 -46.43
C LYS I 141 -24.68 -66.50 -45.35
N ASP I 142 -25.33 -67.60 -45.74
CA ASP I 142 -25.63 -68.65 -44.78
C ASP I 142 -24.37 -69.25 -44.18
N GLY I 143 -23.26 -69.24 -44.94
CA GLY I 143 -22.02 -69.82 -44.44
C GLY I 143 -21.39 -69.05 -43.32
N ASN I 144 -21.74 -67.78 -43.14
CA ASN I 144 -21.18 -66.93 -42.10
C ASN I 144 -22.15 -66.68 -40.96
N ALA I 145 -23.17 -67.53 -40.81
CA ALA I 145 -24.15 -67.33 -39.74
C ALA I 145 -23.50 -67.43 -38.37
N ASN I 146 -22.58 -68.38 -38.19
CA ASN I 146 -21.94 -68.54 -36.89
C ASN I 146 -21.13 -67.30 -36.52
N HIS I 147 -20.39 -66.75 -37.49
CA HIS I 147 -19.59 -65.55 -37.20
C HIS I 147 -20.47 -64.37 -36.85
N ALA I 148 -21.58 -64.20 -37.57
CA ALA I 148 -22.47 -63.07 -37.31
C ALA I 148 -23.02 -63.12 -35.90
N GLN I 149 -23.47 -64.31 -35.46
CA GLN I 149 -23.99 -64.44 -34.11
C GLN I 149 -22.91 -64.18 -33.07
N GLU I 150 -21.70 -64.68 -33.30
CA GLU I 150 -20.61 -64.45 -32.36
C GLU I 150 -20.25 -62.97 -32.28
N ALA I 151 -20.28 -62.26 -33.41
CA ALA I 151 -19.97 -60.84 -33.39
C ALA I 151 -20.98 -60.07 -32.54
N LEU I 152 -22.27 -60.41 -32.66
CA LEU I 152 -23.27 -59.76 -31.84
C LEU I 152 -23.12 -60.11 -30.36
N ARG I 153 -22.59 -61.30 -30.07
CA ARG I 153 -22.38 -61.67 -28.68
C ARG I 153 -21.39 -60.72 -28.01
N ARG I 154 -20.30 -60.37 -28.71
CA ARG I 154 -19.35 -59.43 -28.15
C ARG I 154 -19.98 -58.06 -27.94
N ALA I 155 -20.80 -57.61 -28.89
CA ALA I 155 -21.46 -56.32 -28.75
C ALA I 155 -22.42 -56.29 -27.58
N LYS I 156 -22.92 -57.44 -27.14
CA LYS I 156 -23.86 -57.48 -26.03
C LYS I 156 -23.23 -56.95 -24.75
N PHE I 157 -21.93 -57.18 -24.56
CA PHE I 157 -21.25 -56.71 -23.36
C PHE I 157 -21.07 -55.20 -23.32
N LYS I 158 -21.30 -54.51 -24.43
CA LYS I 158 -21.18 -53.06 -24.47
C LYS I 158 -22.47 -52.35 -24.05
N PHE I 159 -23.60 -53.09 -23.92
CA PHE I 159 -24.87 -52.46 -23.59
C PHE I 159 -25.20 -52.66 -22.11
N PRO I 160 -25.97 -51.74 -21.52
CA PRO I 160 -26.20 -51.80 -20.07
C PRO I 160 -27.20 -52.87 -19.64
N GLY I 161 -28.22 -53.11 -20.44
CA GLY I 161 -29.30 -54.01 -20.08
C GLY I 161 -29.09 -55.42 -20.56
N ARG I 162 -30.20 -56.13 -20.79
CA ARG I 162 -30.20 -57.51 -21.25
C ARG I 162 -30.73 -57.56 -22.68
N GLN I 163 -29.96 -58.17 -23.57
CA GLN I 163 -30.32 -58.31 -24.98
C GLN I 163 -30.51 -59.79 -25.31
N LYS I 164 -30.84 -60.05 -26.58
CA LYS I 164 -31.09 -61.41 -27.04
C LYS I 164 -30.76 -61.49 -28.52
N ILE I 165 -30.23 -62.64 -28.93
CA ILE I 165 -29.86 -62.88 -30.33
C ILE I 165 -30.98 -63.68 -30.98
N ILE I 166 -31.59 -63.12 -32.01
CA ILE I 166 -32.69 -63.76 -32.72
C ILE I 166 -32.33 -63.82 -34.20
N VAL I 167 -32.42 -65.01 -34.78
CA VAL I 167 -32.15 -65.21 -36.20
C VAL I 167 -33.43 -64.90 -36.96
N SER I 168 -33.36 -63.92 -37.86
CA SER I 168 -34.53 -63.50 -38.61
C SER I 168 -34.93 -64.57 -39.63
N ARG I 169 -36.24 -64.68 -39.86
CA ARG I 169 -36.78 -65.53 -40.91
C ARG I 169 -37.00 -64.78 -42.22
N LYS I 170 -36.61 -63.51 -42.28
CA LYS I 170 -36.77 -62.69 -43.46
C LYS I 170 -35.49 -62.65 -44.28
N TRP I 171 -35.63 -62.30 -45.56
CA TRP I 171 -34.51 -62.23 -46.48
C TRP I 171 -33.74 -60.94 -46.24
N GLY I 172 -32.59 -61.05 -45.58
CA GLY I 172 -31.77 -59.87 -45.34
C GLY I 172 -32.56 -58.81 -44.58
N PHE I 173 -32.47 -57.57 -45.07
CA PHE I 173 -33.16 -56.44 -44.45
C PHE I 173 -34.53 -56.19 -45.06
N THR I 174 -34.98 -57.04 -45.97
CA THR I 174 -36.30 -56.87 -46.56
C THR I 174 -37.39 -57.28 -45.56
N LYS I 175 -38.63 -56.95 -45.89
CA LYS I 175 -39.77 -57.29 -45.05
C LYS I 175 -40.45 -58.58 -45.49
N PHE I 176 -39.89 -59.29 -46.47
CA PHE I 176 -40.47 -60.52 -46.96
C PHE I 176 -39.76 -61.72 -46.33
N SER I 177 -40.54 -62.74 -46.00
CA SER I 177 -39.96 -63.98 -45.52
C SER I 177 -39.15 -64.64 -46.63
N ARG I 178 -38.12 -65.41 -46.23
CA ARG I 178 -37.26 -66.04 -47.22
C ARG I 178 -38.06 -66.92 -48.17
N THR I 179 -39.06 -67.64 -47.64
CA THR I 179 -39.92 -68.43 -48.51
C THR I 179 -40.71 -67.55 -49.46
N ASP I 180 -41.24 -66.42 -48.97
CA ASP I 180 -42.00 -65.53 -49.82
C ASP I 180 -41.11 -64.85 -50.85
N TYR I 181 -39.89 -64.48 -50.47
CA TYR I 181 -39.00 -63.80 -51.40
C TYR I 181 -38.70 -64.67 -52.61
N LEU I 182 -38.42 -65.96 -52.39
CA LEU I 182 -38.21 -66.87 -53.51
C LEU I 182 -39.50 -67.07 -54.30
N LYS I 183 -40.64 -67.13 -53.60
CA LYS I 183 -41.91 -67.28 -54.28
C LYS I 183 -42.18 -66.10 -55.21
N TYR I 184 -41.97 -64.88 -54.71
CA TYR I 184 -42.20 -63.70 -55.55
C TYR I 184 -41.15 -63.59 -56.64
N LYS I 185 -39.88 -63.87 -56.31
CA LYS I 185 -38.83 -63.75 -57.30
C LYS I 185 -39.02 -64.74 -58.44
N SER I 186 -39.44 -65.96 -58.12
CA SER I 186 -39.71 -66.94 -59.18
C SER I 186 -40.84 -66.48 -60.09
N GLU I 187 -41.80 -65.72 -59.55
CA GLU I 187 -42.89 -65.18 -60.33
C GLU I 187 -42.54 -63.87 -61.03
N ASN I 188 -41.31 -63.37 -60.84
CA ASN I 188 -40.85 -62.13 -61.47
C ASN I 188 -41.57 -60.91 -60.92
N ARG I 189 -41.92 -60.93 -59.64
CA ARG I 189 -42.59 -59.83 -58.97
C ARG I 189 -41.64 -58.98 -58.14
N ILE I 190 -40.35 -59.26 -58.17
CA ILE I 190 -39.37 -58.59 -57.33
C ILE I 190 -38.54 -57.66 -58.21
N VAL I 191 -38.49 -56.38 -57.84
CA VAL I 191 -37.68 -55.37 -58.52
C VAL I 191 -36.60 -54.94 -57.54
N PRO I 192 -35.34 -55.34 -57.72
CA PRO I 192 -34.29 -54.93 -56.77
C PRO I 192 -34.18 -53.42 -56.69
N ASP I 193 -33.95 -52.93 -55.49
CA ASP I 193 -33.80 -51.50 -55.20
C ASP I 193 -32.60 -51.27 -54.29
N GLY I 194 -31.48 -51.91 -54.63
CA GLY I 194 -30.30 -51.85 -53.79
C GLY I 194 -30.38 -52.82 -52.64
N VAL I 195 -30.42 -52.30 -51.41
CA VAL I 195 -30.63 -53.16 -50.25
C VAL I 195 -32.10 -53.52 -50.06
N ASN I 196 -33.01 -52.71 -50.57
CA ASN I 196 -34.43 -52.95 -50.45
C ASN I 196 -34.93 -53.80 -51.61
N ALA I 197 -36.17 -54.30 -51.47
CA ALA I 197 -36.84 -55.06 -52.51
C ALA I 197 -38.24 -54.51 -52.68
N LYS I 198 -38.64 -54.31 -53.94
CA LYS I 198 -39.95 -53.76 -54.27
C LYS I 198 -40.83 -54.87 -54.82
N LEU I 199 -42.06 -54.95 -54.32
CA LEU I 199 -43.02 -55.95 -54.76
C LEU I 199 -44.01 -55.32 -55.72
N LEU I 200 -44.17 -55.93 -56.89
CA LEU I 200 -45.06 -55.41 -57.92
C LEU I 200 -46.48 -55.93 -57.69
N GLY I 201 -47.43 -55.02 -57.62
CA GLY I 201 -48.84 -55.35 -57.44
C GLY I 201 -49.59 -55.31 -58.75
N CYS I 202 -50.85 -54.86 -58.69
CA CYS I 202 -51.72 -54.73 -59.85
C CYS I 202 -52.39 -53.37 -59.85
N HIS I 203 -51.62 -52.32 -59.59
CA HIS I 203 -52.13 -50.97 -59.52
C HIS I 203 -51.22 -50.04 -60.30
N GLY I 204 -51.72 -48.83 -60.57
CA GLY I 204 -50.99 -47.85 -61.32
C GLY I 204 -51.28 -47.92 -62.81
N ARG I 205 -50.70 -46.97 -63.54
CA ARG I 205 -50.89 -46.93 -64.99
C ARG I 205 -50.39 -48.22 -65.62
N LEU I 206 -51.20 -48.80 -66.51
CA LEU I 206 -50.82 -50.04 -67.16
C LEU I 206 -49.62 -49.85 -68.08
N ALA I 207 -49.53 -48.72 -68.76
CA ALA I 207 -48.41 -48.48 -69.67
C ALA I 207 -47.08 -48.40 -68.93
N ALA I 208 -47.10 -48.08 -67.64
CA ALA I 208 -45.86 -47.97 -66.88
C ALA I 208 -45.17 -49.32 -66.73
N ARG I 209 -45.93 -50.40 -66.71
CA ARG I 209 -45.36 -51.73 -66.53
C ARG I 209 -44.66 -52.19 -67.81
N GLN I 210 -43.83 -53.21 -67.66
CA GLN I 210 -43.12 -53.84 -68.76
C GLN I 210 -43.85 -55.10 -69.21
N PRO I 211 -43.60 -55.57 -70.44
CA PRO I 211 -44.30 -56.75 -70.94
C PRO I 211 -44.37 -57.89 -69.94
N GLY I 212 -43.25 -58.20 -69.29
CA GLY I 212 -43.19 -59.33 -68.38
C GLY I 212 -43.46 -58.97 -66.93
N ARG I 213 -43.96 -57.76 -66.68
CA ARG I 213 -44.17 -57.28 -65.32
C ARG I 213 -45.53 -56.62 -65.18
N ALA I 214 -46.56 -57.25 -65.75
CA ALA I 214 -47.94 -56.82 -65.58
C ALA I 214 -48.76 -58.00 -65.06
N PHE I 215 -49.53 -57.76 -64.01
CA PHE I 215 -50.25 -58.82 -63.32
C PHE I 215 -51.70 -58.42 -63.11
N LEU I 216 -52.58 -59.42 -63.05
CA LEU I 216 -54.00 -59.19 -62.89
C LEU I 216 -54.45 -59.21 -61.43
N GLU I 217 -53.73 -59.93 -60.57
CA GLU I 217 -54.11 -60.08 -59.18
C GLU I 217 -52.95 -59.70 -58.28
N ALA I 218 -53.27 -59.22 -57.08
CA ALA I 218 -52.25 -58.84 -56.12
C ALA I 218 -51.47 -60.06 -55.65
N ALA I 219 -50.22 -59.85 -55.28
CA ALA I 219 -49.35 -60.92 -54.80
C ALA I 219 -49.81 -61.36 -53.43
N ASN I 220 -50.49 -62.51 -53.36
CA ASN I 220 -51.00 -63.03 -52.10
C ASN I 220 -50.55 -64.46 -51.88
N LEU J 7 -59.90 -29.45 -86.39
CA LEU J 7 -58.55 -28.92 -86.32
C LEU J 7 -58.39 -27.71 -87.24
N SER J 8 -59.17 -27.68 -88.32
CA SER J 8 -59.17 -26.57 -89.26
C SER J 8 -60.32 -25.60 -89.00
N ASN J 9 -60.92 -25.67 -87.81
CA ASN J 9 -62.04 -24.79 -87.51
C ASN J 9 -61.58 -23.34 -87.52
N PRO J 10 -62.42 -22.41 -87.97
CA PRO J 10 -62.00 -20.99 -87.96
C PRO J 10 -61.68 -20.48 -86.57
N MET J 11 -62.26 -21.07 -85.52
CA MET J 11 -62.03 -20.64 -84.15
C MET J 11 -60.66 -21.07 -83.63
N ARG J 12 -59.86 -21.78 -84.42
CA ARG J 12 -58.52 -22.17 -84.02
C ARG J 12 -57.44 -21.28 -84.65
N ASP J 13 -57.83 -20.19 -85.29
CA ASP J 13 -56.86 -19.31 -85.91
C ASP J 13 -56.07 -18.53 -84.85
N ILE J 14 -54.76 -18.50 -85.00
CA ILE J 14 -53.90 -17.79 -84.05
C ILE J 14 -53.89 -16.32 -84.40
N LYS J 15 -53.73 -15.48 -83.37
CA LYS J 15 -53.73 -14.04 -83.53
C LYS J 15 -52.90 -13.43 -82.41
N VAL J 16 -52.42 -12.21 -82.65
CA VAL J 16 -51.63 -11.48 -81.67
C VAL J 16 -52.57 -10.86 -80.65
N GLN J 17 -52.54 -11.36 -79.42
CA GLN J 17 -53.41 -10.82 -78.38
C GLN J 17 -52.99 -9.39 -78.02
N LYS J 18 -51.70 -9.16 -77.78
CA LYS J 18 -51.23 -7.85 -77.41
C LYS J 18 -49.73 -7.77 -77.66
N LEU J 19 -49.23 -6.53 -77.75
CA LEU J 19 -47.81 -6.25 -77.85
C LEU J 19 -47.40 -5.37 -76.68
N VAL J 20 -46.38 -5.79 -75.95
CA VAL J 20 -45.91 -5.08 -74.77
C VAL J 20 -44.49 -4.59 -75.04
N LEU J 21 -44.29 -3.28 -74.90
CA LEU J 21 -42.97 -2.66 -75.06
C LEU J 21 -42.48 -2.22 -73.70
N ASN J 22 -41.38 -2.82 -73.24
CA ASN J 22 -40.81 -2.55 -71.93
C ASN J 22 -39.45 -1.88 -72.09
N ILE J 23 -39.26 -0.77 -71.37
CA ILE J 23 -38.00 -0.03 -71.37
C ILE J 23 -37.55 0.06 -69.91
N SER J 24 -36.62 -0.81 -69.52
CA SER J 24 -36.10 -0.82 -68.16
C SER J 24 -34.85 0.05 -68.11
N VAL J 25 -35.07 1.36 -67.94
CA VAL J 25 -33.95 2.29 -67.87
C VAL J 25 -33.11 2.02 -66.62
N GLY J 26 -33.74 1.61 -65.53
CA GLY J 26 -33.01 1.27 -64.32
C GLY J 26 -32.74 2.42 -63.38
N GLU J 27 -33.38 3.57 -63.57
CA GLU J 27 -33.18 4.72 -62.71
C GLU J 27 -34.24 5.77 -63.03
N SER J 28 -34.64 6.52 -62.00
CA SER J 28 -35.63 7.57 -62.17
C SER J 28 -34.96 8.83 -62.70
N GLY J 29 -35.71 9.93 -62.71
CA GLY J 29 -35.16 11.21 -63.13
C GLY J 29 -35.55 11.60 -64.54
N ASP J 30 -34.69 12.39 -65.20
CA ASP J 30 -35.01 12.87 -66.53
C ASP J 30 -35.05 11.74 -67.55
N ARG J 31 -34.17 10.75 -67.41
CA ARG J 31 -34.11 9.67 -68.39
C ARG J 31 -35.44 8.93 -68.47
N LEU J 32 -36.02 8.61 -67.30
CA LEU J 32 -37.30 7.90 -67.31
C LEU J 32 -38.39 8.73 -67.96
N THR J 33 -38.42 10.04 -67.67
CA THR J 33 -39.42 10.91 -68.29
C THR J 33 -39.26 10.93 -69.81
N ARG J 34 -38.03 11.06 -70.28
CA ARG J 34 -37.79 11.03 -71.72
C ARG J 34 -38.14 9.66 -72.31
N ALA J 35 -37.78 8.59 -71.61
CA ALA J 35 -38.09 7.25 -72.11
C ALA J 35 -39.59 7.04 -72.23
N ALA J 36 -40.36 7.52 -71.25
CA ALA J 36 -41.81 7.39 -71.32
C ALA J 36 -42.37 8.13 -72.54
N LYS J 37 -41.84 9.32 -72.83
CA LYS J 37 -42.30 10.07 -73.98
C LYS J 37 -42.07 9.31 -75.28
N VAL J 38 -41.01 8.50 -75.34
CA VAL J 38 -40.75 7.71 -76.54
C VAL J 38 -41.87 6.71 -76.78
N LEU J 39 -42.29 6.02 -75.73
CA LEU J 39 -43.38 5.04 -75.86
C LEU J 39 -44.68 5.72 -76.24
N GLU J 40 -44.96 6.88 -75.64
CA GLU J 40 -46.24 7.54 -75.89
C GLU J 40 -46.39 7.92 -77.36
N GLN J 41 -45.34 8.46 -77.96
CA GLN J 41 -45.39 8.80 -79.38
C GLN J 41 -45.27 7.57 -80.26
N LEU J 42 -44.51 6.56 -79.82
CA LEU J 42 -44.35 5.35 -80.62
C LEU J 42 -45.60 4.48 -80.58
N SER J 43 -46.35 4.51 -79.46
CA SER J 43 -47.54 3.70 -79.30
C SER J 43 -48.84 4.50 -79.35
N GLY J 44 -48.78 5.81 -79.11
CA GLY J 44 -49.97 6.63 -79.13
C GLY J 44 -50.81 6.59 -77.88
N GLN J 45 -50.28 6.07 -76.77
CA GLN J 45 -51.02 6.01 -75.52
C GLN J 45 -50.05 6.17 -74.36
N SER J 46 -50.59 6.61 -73.23
CA SER J 46 -49.75 6.89 -72.08
C SER J 46 -49.16 5.61 -71.51
N PRO J 47 -47.85 5.53 -71.29
CA PRO J 47 -47.26 4.33 -70.71
C PRO J 47 -47.43 4.29 -69.19
N VAL J 48 -47.07 3.15 -68.62
CA VAL J 48 -47.13 2.93 -67.18
C VAL J 48 -45.71 2.93 -66.64
N PHE J 49 -45.56 3.48 -65.43
CA PHE J 49 -44.26 3.55 -64.76
C PHE J 49 -44.19 2.43 -63.73
N SER J 50 -43.23 1.53 -63.91
CA SER J 50 -43.02 0.43 -62.97
C SER J 50 -42.04 0.84 -61.89
N LYS J 51 -42.25 0.31 -60.69
CA LYS J 51 -41.43 0.64 -59.53
C LYS J 51 -40.68 -0.59 -59.05
N ALA J 52 -39.47 -0.37 -58.54
CA ALA J 52 -38.65 -1.47 -58.07
C ALA J 52 -39.31 -2.19 -56.91
N ARG J 53 -39.28 -3.52 -56.95
CA ARG J 53 -39.87 -4.30 -55.87
C ARG J 53 -38.99 -4.27 -54.62
N TYR J 54 -37.67 -4.38 -54.80
CA TYR J 54 -36.74 -4.38 -53.69
C TYR J 54 -35.56 -3.46 -54.01
N THR J 55 -35.00 -2.87 -52.96
CA THR J 55 -33.83 -2.02 -53.13
C THR J 55 -32.59 -2.88 -53.36
N VAL J 56 -31.84 -2.54 -54.41
CA VAL J 56 -30.60 -3.24 -54.75
C VAL J 56 -29.52 -2.18 -54.94
N ARG J 57 -28.47 -2.26 -54.11
CA ARG J 57 -27.38 -1.29 -54.23
C ARG J 57 -26.49 -1.59 -55.42
N SER J 58 -26.35 -2.86 -55.79
CA SER J 58 -25.53 -3.22 -56.95
C SER J 58 -26.08 -2.57 -58.22
N PHE J 59 -27.40 -2.63 -58.41
CA PHE J 59 -28.03 -2.00 -59.55
C PHE J 59 -28.33 -0.52 -59.31
N GLY J 60 -28.17 -0.04 -58.07
CA GLY J 60 -28.45 1.35 -57.77
C GLY J 60 -29.91 1.73 -57.89
N ILE J 61 -30.81 0.88 -57.40
CA ILE J 61 -32.24 1.14 -57.44
C ILE J 61 -32.81 1.01 -56.04
N ARG J 62 -33.63 1.98 -55.65
CA ARG J 62 -34.28 1.97 -54.35
C ARG J 62 -35.71 1.45 -54.48
N ARG J 63 -36.21 0.86 -53.40
CA ARG J 63 -37.56 0.30 -53.40
C ARG J 63 -38.60 1.38 -53.62
N ASN J 64 -39.68 1.02 -54.29
CA ASN J 64 -40.78 1.94 -54.57
C ASN J 64 -40.29 3.18 -55.33
N GLU J 65 -39.36 2.96 -56.26
CA GLU J 65 -38.83 4.00 -57.13
C GLU J 65 -39.07 3.63 -58.58
N LYS J 66 -39.58 4.57 -59.35
CA LYS J 66 -39.87 4.33 -60.77
C LYS J 66 -38.56 4.13 -61.52
N ILE J 67 -38.33 2.91 -61.98
CA ILE J 67 -37.11 2.57 -62.71
C ILE J 67 -37.36 2.08 -64.12
N ALA J 68 -38.62 1.87 -64.51
CA ALA J 68 -38.92 1.33 -65.83
C ALA J 68 -40.30 1.81 -66.26
N CYS J 69 -40.53 1.74 -67.57
CA CYS J 69 -41.81 2.12 -68.15
C CYS J 69 -42.17 1.13 -69.25
N TYR J 70 -43.46 0.79 -69.33
CA TYR J 70 -43.94 -0.15 -70.33
C TYR J 70 -45.32 0.28 -70.80
N VAL J 71 -45.74 -0.29 -71.92
CA VAL J 71 -47.04 0.04 -72.52
C VAL J 71 -47.56 -1.19 -73.26
N THR J 72 -48.87 -1.35 -73.26
CA THR J 72 -49.54 -2.47 -73.92
C THR J 72 -50.31 -1.95 -75.13
N VAL J 73 -50.14 -2.61 -76.27
CA VAL J 73 -50.77 -2.21 -77.52
C VAL J 73 -51.51 -3.40 -78.09
N ARG J 74 -52.74 -3.19 -78.54
CA ARG J 74 -53.58 -4.22 -79.14
C ARG J 74 -54.17 -3.70 -80.44
N GLY J 75 -54.52 -4.64 -81.31
CA GLY J 75 -55.20 -4.30 -82.55
C GLY J 75 -54.28 -4.08 -83.72
N GLU J 76 -54.72 -3.26 -84.68
CA GLU J 76 -53.92 -3.03 -85.88
C GLU J 76 -52.57 -2.41 -85.55
N LYS J 77 -52.54 -1.43 -84.65
CA LYS J 77 -51.29 -0.77 -84.32
C LYS J 77 -50.27 -1.75 -83.75
N ALA J 78 -50.73 -2.80 -83.07
CA ALA J 78 -49.81 -3.84 -82.62
C ALA J 78 -49.17 -4.54 -83.79
N MET J 79 -49.95 -4.86 -84.82
CA MET J 79 -49.38 -5.45 -86.03
C MET J 79 -48.49 -4.46 -86.76
N GLN J 80 -48.92 -3.20 -86.86
CA GLN J 80 -48.11 -2.20 -87.53
C GLN J 80 -46.80 -1.98 -86.78
N LEU J 81 -46.85 -1.94 -85.46
CA LEU J 81 -45.67 -1.72 -84.65
C LEU J 81 -44.85 -3.00 -84.46
N LEU J 82 -45.41 -4.16 -84.78
CA LEU J 82 -44.67 -5.41 -84.66
C LEU J 82 -43.82 -5.67 -85.89
N GLU J 83 -44.36 -5.39 -87.08
CA GLU J 83 -43.59 -5.59 -88.31
C GLU J 83 -42.36 -4.69 -88.34
N SER J 84 -42.49 -3.47 -87.82
CA SER J 84 -41.34 -2.57 -87.76
C SER J 84 -40.22 -3.17 -86.92
N GLY J 85 -40.56 -3.75 -85.77
CA GLY J 85 -39.54 -4.37 -84.95
C GLY J 85 -38.90 -5.57 -85.64
N LEU J 86 -39.71 -6.40 -86.28
CA LEU J 86 -39.16 -7.55 -87.00
C LEU J 86 -38.35 -7.10 -88.20
N LYS J 87 -38.76 -6.02 -88.87
CA LYS J 87 -38.01 -5.51 -90.00
C LYS J 87 -36.60 -5.09 -89.57
N VAL J 88 -36.49 -4.42 -88.42
CA VAL J 88 -35.17 -4.09 -87.89
C VAL J 88 -34.41 -5.36 -87.54
N LYS J 89 -35.12 -6.38 -87.07
CA LYS J 89 -34.50 -7.66 -86.70
C LYS J 89 -34.21 -8.54 -87.92
N GLU J 90 -34.62 -8.11 -89.12
CA GLU J 90 -34.39 -8.86 -90.36
C GLU J 90 -35.24 -10.12 -90.43
N TYR J 91 -36.37 -10.13 -89.72
CA TYR J 91 -37.32 -11.25 -89.76
C TYR J 91 -36.62 -12.57 -89.42
N GLU J 92 -35.70 -12.53 -88.46
CA GLU J 92 -35.02 -13.71 -87.97
C GLU J 92 -35.03 -13.70 -86.44
N LEU J 93 -35.35 -14.85 -85.86
CA LEU J 93 -35.39 -14.99 -84.40
C LEU J 93 -34.73 -16.30 -84.02
N LEU J 94 -34.17 -16.35 -82.82
CA LEU J 94 -33.57 -17.56 -82.30
C LEU J 94 -34.65 -18.55 -81.88
N ARG J 95 -34.35 -19.83 -82.00
CA ARG J 95 -35.32 -20.86 -81.67
C ARG J 95 -35.71 -20.81 -80.20
N ARG J 96 -34.82 -20.31 -79.35
CA ARG J 96 -35.10 -20.23 -77.91
C ARG J 96 -35.96 -19.03 -77.55
N ASN J 97 -36.18 -18.09 -78.48
CA ASN J 97 -36.99 -16.91 -78.17
C ASN J 97 -38.47 -17.22 -78.02
N PHE J 98 -38.90 -18.43 -78.36
CA PHE J 98 -40.30 -18.82 -78.26
C PHE J 98 -40.50 -19.61 -76.97
N SER J 99 -41.38 -19.12 -76.10
CA SER J 99 -41.65 -19.78 -74.84
C SER J 99 -42.58 -20.98 -75.05
N GLU J 100 -42.64 -21.84 -74.04
CA GLU J 100 -43.47 -23.03 -74.12
C GLU J 100 -44.96 -22.70 -74.12
N THR J 101 -45.35 -21.51 -73.67
CA THR J 101 -46.74 -21.11 -73.61
C THR J 101 -47.20 -20.34 -74.85
N GLY J 102 -46.56 -20.57 -76.00
CA GLY J 102 -46.97 -19.92 -77.23
C GLY J 102 -46.74 -18.42 -77.25
N CYS J 103 -45.62 -17.96 -76.71
CA CYS J 103 -45.28 -16.54 -76.72
C CYS J 103 -43.82 -16.38 -77.12
N PHE J 104 -43.50 -15.22 -77.68
CA PHE J 104 -42.14 -14.93 -78.09
C PHE J 104 -41.90 -13.43 -77.95
N GLY J 105 -40.61 -13.06 -77.94
CA GLY J 105 -40.24 -11.66 -77.82
C GLY J 105 -38.84 -11.44 -78.32
N PHE J 106 -38.53 -10.16 -78.56
CA PHE J 106 -37.20 -9.76 -79.01
C PHE J 106 -36.92 -8.36 -78.48
N GLY J 107 -35.69 -7.91 -78.67
CA GLY J 107 -35.29 -6.61 -78.19
C GLY J 107 -34.47 -5.82 -79.20
N ILE J 108 -34.75 -4.54 -79.33
CA ILE J 108 -33.99 -3.64 -80.20
C ILE J 108 -33.23 -2.66 -79.32
N GLN J 109 -32.08 -2.20 -79.82
CA GLN J 109 -31.20 -1.31 -79.08
C GLN J 109 -30.89 -0.04 -79.89
N GLU J 110 -31.80 0.35 -80.78
CA GLU J 110 -31.59 1.53 -81.61
C GLU J 110 -32.76 2.48 -81.51
N HIS J 111 -33.96 1.95 -81.29
CA HIS J 111 -35.16 2.78 -81.23
C HIS J 111 -35.30 3.63 -82.48
N THR J 122 -34.53 13.85 -76.84
CA THR J 122 -34.83 12.71 -75.99
C THR J 122 -33.59 11.85 -75.78
N GLY J 123 -33.17 11.17 -76.84
CA GLY J 123 -32.01 10.31 -76.81
C GLY J 123 -32.32 8.98 -77.47
N ILE J 124 -31.49 7.98 -77.17
CA ILE J 124 -31.64 6.64 -77.70
C ILE J 124 -31.86 5.67 -76.55
N TYR J 125 -32.95 4.91 -76.62
CA TYR J 125 -33.31 3.94 -75.59
C TYR J 125 -33.55 2.59 -76.24
N GLY J 126 -33.09 1.53 -75.57
CA GLY J 126 -33.34 0.18 -76.03
C GLY J 126 -34.69 -0.32 -75.53
N MET J 127 -35.48 -0.86 -76.46
CA MET J 127 -36.82 -1.34 -76.16
C MET J 127 -36.84 -2.85 -76.09
N ASP J 128 -37.90 -3.38 -75.48
CA ASP J 128 -38.08 -4.82 -75.29
C ASP J 128 -39.44 -5.20 -75.87
N PHE J 129 -39.42 -5.99 -76.95
CA PHE J 129 -40.63 -6.41 -77.64
C PHE J 129 -41.00 -7.81 -77.20
N TYR J 130 -42.23 -7.99 -76.71
CA TYR J 130 -42.76 -9.29 -76.36
C TYR J 130 -44.16 -9.42 -76.93
N VAL J 131 -44.43 -10.55 -77.58
CA VAL J 131 -45.69 -10.80 -78.27
C VAL J 131 -46.41 -11.96 -77.61
N VAL J 132 -47.71 -11.80 -77.40
CA VAL J 132 -48.56 -12.85 -76.83
C VAL J 132 -49.53 -13.29 -77.92
N LEU J 133 -49.49 -14.58 -78.25
CA LEU J 133 -50.35 -15.17 -79.27
C LEU J 133 -51.45 -15.97 -78.59
N GLU J 134 -52.70 -15.74 -79.01
CA GLU J 134 -53.83 -16.44 -78.43
C GLU J 134 -54.87 -16.70 -79.52
N ARG J 135 -55.56 -17.82 -79.38
CA ARG J 135 -56.70 -18.15 -80.21
C ARG J 135 -57.97 -17.56 -79.62
N PRO J 136 -59.02 -17.37 -80.42
CA PRO J 136 -60.30 -16.93 -79.85
C PRO J 136 -60.81 -17.95 -78.84
N GLY J 137 -61.43 -17.44 -77.77
CA GLY J 137 -61.91 -18.28 -76.68
C GLY J 137 -61.07 -18.19 -75.42
N TYR J 138 -59.97 -17.44 -75.43
CA TYR J 138 -59.17 -17.25 -74.23
C TYR J 138 -59.90 -16.41 -73.18
N ARG J 139 -61.02 -15.79 -73.53
CA ARG J 139 -61.80 -15.04 -72.55
C ARG J 139 -62.24 -15.89 -71.37
N VAL J 140 -62.38 -17.21 -71.57
CA VAL J 140 -62.86 -18.07 -70.48
C VAL J 140 -61.95 -17.95 -69.26
N ALA J 141 -60.66 -17.76 -69.47
CA ALA J 141 -59.69 -17.62 -68.39
C ALA J 141 -59.53 -16.18 -67.93
N ARG J 142 -60.17 -15.22 -68.60
CA ARG J 142 -60.06 -13.81 -68.26
C ARG J 142 -61.32 -13.21 -67.69
N ARG J 143 -62.49 -13.75 -68.03
CA ARG J 143 -63.75 -13.22 -67.53
C ARG J 143 -63.86 -13.44 -66.02
N ARG J 144 -64.64 -12.58 -65.38
CA ARG J 144 -64.79 -12.67 -63.93
C ARG J 144 -65.72 -13.80 -63.52
N ARG J 145 -66.79 -14.03 -64.27
CA ARG J 145 -67.77 -15.05 -63.96
C ARG J 145 -67.48 -16.33 -64.73
N CYS J 146 -67.57 -17.47 -64.04
CA CYS J 146 -67.30 -18.77 -64.65
C CYS J 146 -65.89 -18.82 -65.23
N LYS J 147 -64.94 -18.24 -64.52
CA LYS J 147 -63.54 -18.29 -64.94
C LYS J 147 -63.08 -19.75 -64.98
N SER J 148 -62.42 -20.12 -66.08
CA SER J 148 -62.03 -21.51 -66.31
C SER J 148 -60.65 -21.52 -66.95
N ARG J 149 -60.24 -22.70 -67.42
CA ARG J 149 -58.96 -22.89 -68.09
C ARG J 149 -59.20 -23.26 -69.55
N VAL J 150 -58.38 -22.69 -70.43
CA VAL J 150 -58.46 -23.05 -71.85
C VAL J 150 -58.04 -24.50 -72.03
N GLY J 151 -58.74 -25.20 -72.91
CA GLY J 151 -58.39 -26.59 -73.17
C GLY J 151 -56.97 -26.74 -73.65
N ILE J 152 -56.34 -27.86 -73.26
CA ILE J 152 -54.93 -28.07 -73.58
C ILE J 152 -54.74 -28.12 -75.10
N GLN J 153 -55.64 -28.81 -75.81
CA GLN J 153 -55.51 -28.90 -77.25
C GLN J 153 -55.69 -27.53 -77.91
N HIS J 154 -56.46 -26.64 -77.29
CA HIS J 154 -56.75 -25.34 -77.86
C HIS J 154 -55.69 -24.29 -77.53
N ARG J 155 -54.78 -24.57 -76.59
CA ARG J 155 -53.73 -23.62 -76.27
C ARG J 155 -52.70 -23.55 -77.38
N VAL J 156 -52.08 -22.39 -77.52
CA VAL J 156 -51.01 -22.20 -78.50
C VAL J 156 -49.72 -22.74 -77.91
N THR J 157 -49.10 -23.67 -78.62
CA THR J 157 -47.89 -24.33 -78.15
C THR J 157 -46.66 -23.65 -78.74
N LYS J 158 -45.48 -24.13 -78.34
CA LYS J 158 -44.24 -23.60 -78.87
C LYS J 158 -44.14 -23.82 -80.38
N GLU J 159 -44.54 -25.01 -80.85
CA GLU J 159 -44.48 -25.30 -82.27
C GLU J 159 -45.45 -24.43 -83.05
N ASP J 160 -46.66 -24.21 -82.52
CA ASP J 160 -47.65 -23.41 -83.23
C ASP J 160 -47.16 -21.98 -83.42
N SER J 161 -46.54 -21.40 -82.39
CA SER J 161 -46.05 -20.03 -82.50
C SER J 161 -44.98 -19.91 -83.58
N MET J 162 -44.09 -20.89 -83.68
CA MET J 162 -43.05 -20.85 -84.69
C MET J 162 -43.65 -20.88 -86.10
N LYS J 163 -44.62 -21.76 -86.33
CA LYS J 163 -45.25 -21.85 -87.64
C LYS J 163 -45.95 -20.55 -87.99
N TRP J 164 -46.62 -19.94 -87.02
CA TRP J 164 -47.28 -18.66 -87.27
C TRP J 164 -46.29 -17.59 -87.70
N PHE J 165 -45.13 -17.54 -87.04
CA PHE J 165 -44.11 -16.56 -87.40
C PHE J 165 -43.50 -16.87 -88.76
N GLN J 166 -43.48 -18.15 -89.16
CA GLN J 166 -42.92 -18.55 -90.44
C GLN J 166 -43.88 -18.39 -91.60
N VAL J 167 -45.14 -18.06 -91.35
CA VAL J 167 -46.13 -17.88 -92.41
C VAL J 167 -46.66 -16.46 -92.38
N LYS J 168 -46.66 -15.83 -91.21
CA LYS J 168 -47.12 -14.45 -91.10
C LYS J 168 -46.09 -13.49 -91.67
N TYR J 169 -44.81 -13.71 -91.38
CA TYR J 169 -43.73 -12.85 -91.83
C TYR J 169 -42.68 -13.62 -92.63
N GLU J 170 -42.95 -14.88 -92.99
CA GLU J 170 -42.00 -15.74 -93.69
C GLU J 170 -40.59 -15.56 -93.12
N GLY J 171 -40.51 -15.61 -91.79
CA GLY J 171 -39.24 -15.45 -91.11
C GLY J 171 -38.44 -16.75 -91.04
N VAL J 172 -37.28 -16.65 -90.43
CA VAL J 172 -36.35 -17.77 -90.29
C VAL J 172 -36.02 -17.95 -88.81
N ILE J 173 -35.93 -19.20 -88.37
CA ILE J 173 -35.60 -19.54 -86.99
C ILE J 173 -34.19 -20.11 -87.00
N LEU J 174 -33.28 -19.45 -86.29
CA LEU J 174 -31.88 -19.86 -86.23
C LEU J 174 -31.63 -20.57 -84.91
N ASN J 175 -31.35 -21.88 -84.98
CA ASN J 175 -31.08 -22.63 -83.77
C ASN J 175 -29.80 -22.16 -83.09
N LYS J 176 -28.76 -21.88 -83.88
CA LYS J 176 -27.46 -21.49 -83.35
C LYS J 176 -26.97 -22.51 -82.33
N MET K 1 -61.95 -6.87 14.07
CA MET K 1 -63.25 -6.54 13.43
C MET K 1 -63.67 -7.66 12.49
N LYS K 2 -64.91 -8.13 12.64
CA LYS K 2 -65.36 -9.33 11.95
C LYS K 2 -66.87 -9.27 11.77
N HIS K 3 -67.34 -9.96 10.73
CA HIS K 3 -68.77 -10.13 10.48
C HIS K 3 -69.43 -8.85 10.01
N ASN K 4 -70.75 -8.89 9.82
CA ASN K 4 -71.53 -7.72 9.44
C ASN K 4 -72.08 -7.08 10.69
N ASN K 5 -71.48 -5.96 11.08
CA ASN K 5 -71.93 -5.19 12.24
C ASN K 5 -71.82 -3.72 11.92
N VAL K 6 -72.60 -2.91 12.64
CA VAL K 6 -72.44 -1.46 12.54
C VAL K 6 -70.99 -1.11 12.90
N ILE K 7 -70.46 -0.09 12.24
CA ILE K 7 -69.10 0.35 12.51
C ILE K 7 -69.05 0.93 13.92
N PRO K 8 -68.22 0.40 14.81
CA PRO K 8 -68.19 0.93 16.19
C PRO K 8 -67.55 2.31 16.24
N ASN K 9 -68.06 3.14 17.14
CA ASN K 9 -67.52 4.48 17.37
C ASN K 9 -67.48 4.80 18.85
N GLY K 10 -67.06 3.85 19.67
CA GLY K 10 -67.00 4.08 21.11
C GLY K 10 -65.95 5.12 21.46
N HIS K 11 -66.37 6.14 22.21
CA HIS K 11 -65.47 7.22 22.63
C HIS K 11 -64.89 6.88 24.00
N PHE K 12 -64.08 5.83 24.04
CA PHE K 12 -63.49 5.34 25.28
C PHE K 12 -61.98 5.15 25.13
N LYS K 13 -61.32 6.12 24.50
CA LYS K 13 -59.87 6.09 24.33
C LYS K 13 -59.14 7.01 25.29
N LYS K 14 -59.84 7.88 26.01
CA LYS K 14 -59.23 8.74 27.01
C LYS K 14 -59.26 8.04 28.37
N HIS K 15 -58.95 8.78 29.43
CA HIS K 15 -59.04 8.26 30.80
C HIS K 15 -60.45 8.46 31.36
N TRP K 16 -61.42 7.85 30.68
CA TRP K 16 -62.82 8.10 31.01
C TRP K 16 -63.17 7.60 32.41
N GLN K 17 -62.51 6.55 32.88
CA GLN K 17 -62.83 6.00 34.19
C GLN K 17 -62.61 7.01 35.31
N ASN K 18 -61.82 8.05 35.07
CA ASN K 18 -61.64 9.11 36.05
C ASN K 18 -62.72 10.17 35.98
N TYR K 19 -63.65 10.08 35.03
CA TYR K 19 -64.68 11.08 34.83
C TYR K 19 -66.07 10.46 34.80
N VAL K 20 -66.26 9.34 35.50
CA VAL K 20 -67.57 8.71 35.59
C VAL K 20 -68.39 9.41 36.65
N ARG K 21 -69.61 9.78 36.32
CA ARG K 21 -70.53 10.44 37.25
C ARG K 21 -71.61 9.43 37.62
N THR K 22 -71.54 8.91 38.84
CA THR K 22 -72.55 8.00 39.34
C THR K 22 -73.74 8.80 39.88
N TRP K 23 -74.85 8.10 40.12
CA TRP K 23 -76.08 8.72 40.56
C TRP K 23 -76.63 8.06 41.82
N PHE K 24 -75.74 7.49 42.65
CA PHE K 24 -76.18 6.84 43.88
C PHE K 24 -76.76 7.83 44.87
N ASN K 25 -76.45 9.11 44.73
CA ASN K 25 -77.00 10.16 45.58
C ASN K 25 -78.31 10.72 45.04
N GLN K 26 -78.85 10.16 43.95
CA GLN K 26 -80.09 10.69 43.39
C GLN K 26 -81.22 10.68 44.41
N PRO K 27 -81.48 9.60 45.15
CA PRO K 27 -82.49 9.69 46.22
C PRO K 27 -82.16 10.75 47.26
N ALA K 28 -80.89 10.89 47.63
CA ALA K 28 -80.52 11.90 48.61
C ALA K 28 -80.75 13.31 48.09
N ARG K 29 -80.46 13.54 46.80
CA ARG K 29 -80.70 14.85 46.22
C ARG K 29 -82.18 15.22 46.28
N LYS K 30 -83.04 14.25 45.97
CA LYS K 30 -84.48 14.49 46.08
C LYS K 30 -84.86 14.88 47.51
N THR K 31 -84.28 14.19 48.50
CA THR K 31 -84.57 14.52 49.89
C THR K 31 -84.10 15.93 50.24
N ARG K 32 -82.88 16.29 49.82
CA ARG K 32 -82.35 17.60 50.19
C ARG K 32 -83.14 18.72 49.54
N ARG K 33 -83.51 18.57 48.27
CA ARG K 33 -84.29 19.61 47.60
C ARG K 33 -85.68 19.76 48.21
N ARG K 34 -86.31 18.64 48.58
CA ARG K 34 -87.60 18.73 49.25
C ARG K 34 -87.49 19.44 50.59
N ALA K 35 -86.43 19.15 51.35
CA ALA K 35 -86.21 19.85 52.61
C ALA K 35 -86.00 21.33 52.39
N ALA K 36 -85.24 21.69 51.35
CA ALA K 36 -85.02 23.11 51.05
C ALA K 36 -86.34 23.80 50.71
N ARG K 37 -87.19 23.17 49.90
CA ARG K 37 -88.48 23.75 49.57
C ARG K 37 -89.36 23.88 50.80
N GLN K 38 -89.39 22.84 51.65
CA GLN K 38 -90.19 22.90 52.86
C GLN K 38 -89.71 24.01 53.78
N LYS K 39 -88.39 24.16 53.93
CA LYS K 39 -87.86 25.24 54.73
C LYS K 39 -88.18 26.61 54.12
N LYS K 40 -88.09 26.71 52.80
CA LYS K 40 -88.37 27.98 52.14
C LYS K 40 -89.84 28.38 52.32
N ALA K 41 -90.75 27.41 52.27
CA ALA K 41 -92.17 27.72 52.38
C ALA K 41 -92.48 28.37 53.72
N ALA K 42 -91.89 27.87 54.81
CA ALA K 42 -92.12 28.46 56.12
C ALA K 42 -91.53 29.85 56.23
N THR K 43 -90.40 30.09 55.57
CA THR K 43 -89.76 31.41 55.64
C THR K 43 -90.64 32.48 55.01
N ILE K 44 -91.25 32.18 53.86
CA ILE K 44 -92.01 33.16 53.10
C ILE K 44 -93.50 33.13 53.43
N PHE K 45 -93.89 32.40 54.47
CA PHE K 45 -95.31 32.33 54.82
C PHE K 45 -95.82 33.73 55.12
N PRO K 46 -97.04 34.08 54.66
CA PRO K 46 -98.01 33.30 53.90
C PRO K 46 -97.88 33.42 52.38
N ARG K 47 -96.75 33.90 51.88
CA ARG K 47 -96.58 34.07 50.44
C ARG K 47 -96.64 32.71 49.75
N PRO K 48 -97.20 32.65 48.53
CA PRO K 48 -97.37 31.35 47.87
C PRO K 48 -96.04 30.65 47.64
N THR K 49 -96.07 29.32 47.78
CA THR K 49 -94.85 28.52 47.61
C THR K 49 -94.43 28.41 46.14
N ALA K 50 -95.31 28.76 45.19
CA ALA K 50 -94.95 28.67 43.79
C ALA K 50 -93.98 29.76 43.37
N GLY K 51 -93.80 30.80 44.18
CA GLY K 51 -92.90 31.88 43.85
C GLY K 51 -93.60 33.02 43.12
N SER K 52 -92.79 33.83 42.44
CA SER K 52 -93.28 35.02 41.78
C SER K 52 -94.15 34.66 40.58
N LEU K 53 -95.02 35.59 40.21
CA LEU K 53 -95.85 35.41 39.03
C LEU K 53 -95.00 35.56 37.77
N ARG K 54 -95.13 34.61 36.84
CA ARG K 54 -94.39 34.64 35.59
C ARG K 54 -95.34 34.91 34.43
N PRO K 55 -94.85 35.56 33.37
CA PRO K 55 -95.70 35.85 32.22
C PRO K 55 -95.87 34.65 31.31
N ILE K 56 -96.74 34.80 30.32
CA ILE K 56 -96.96 33.81 29.28
C ILE K 56 -96.14 34.23 28.06
N VAL K 57 -95.32 33.32 27.54
CA VAL K 57 -94.48 33.60 26.39
C VAL K 57 -94.59 32.45 25.40
N HIS K 58 -94.34 32.75 24.13
CA HIS K 58 -94.37 31.74 23.09
C HIS K 58 -93.05 30.98 23.04
N GLY K 59 -93.11 29.75 22.57
CA GLY K 59 -91.89 29.00 22.31
C GLY K 59 -91.15 29.58 21.11
N GLN K 60 -89.84 29.38 21.12
CA GLN K 60 -88.98 29.96 20.10
C GLN K 60 -88.84 29.04 18.90
N THR K 61 -88.55 29.64 17.74
CA THR K 61 -88.35 28.92 16.49
C THR K 61 -89.67 28.40 15.93
N LEU K 62 -89.63 27.90 14.70
CA LEU K 62 -90.82 27.39 14.03
C LEU K 62 -91.35 26.13 14.70
N LYS K 63 -90.49 25.38 15.40
CA LYS K 63 -90.90 24.09 15.96
C LYS K 63 -91.78 24.25 17.20
N TYR K 64 -91.66 25.35 17.95
CA TYR K 64 -92.35 25.49 19.21
C TYR K 64 -93.16 26.79 19.30
N ASN K 65 -93.42 27.45 18.18
CA ASN K 65 -94.15 28.71 18.24
C ASN K 65 -95.66 28.52 18.45
N MET K 66 -96.15 27.29 18.41
CA MET K 66 -97.56 27.03 18.63
C MET K 66 -97.93 26.86 20.10
N LYS K 67 -96.95 26.77 20.99
CA LYS K 67 -97.20 26.57 22.40
C LYS K 67 -96.78 27.79 23.21
N VAL K 68 -97.19 27.80 24.48
CA VAL K 68 -96.86 28.87 25.40
C VAL K 68 -96.26 28.26 26.65
N ARG K 69 -95.45 29.06 27.34
CA ARG K 69 -94.78 28.63 28.56
C ARG K 69 -94.56 29.84 29.45
N ALA K 70 -94.05 29.57 30.66
CA ALA K 70 -93.71 30.62 31.59
C ALA K 70 -92.42 31.29 31.15
N GLY K 71 -92.42 32.63 31.16
CA GLY K 71 -91.23 33.41 30.87
C GLY K 71 -90.52 33.84 32.14
N ARG K 72 -89.55 34.75 31.95
CA ARG K 72 -88.77 35.23 33.09
C ARG K 72 -89.56 36.25 33.91
N GLY K 73 -90.02 37.32 33.26
CA GLY K 73 -90.74 38.36 33.97
C GLY K 73 -91.51 39.24 33.03
N PHE K 74 -92.46 39.98 33.59
CA PHE K 74 -93.29 40.87 32.80
C PHE K 74 -92.48 42.06 32.30
N SER K 75 -92.71 42.42 31.04
CA SER K 75 -91.99 43.53 30.44
C SER K 75 -92.43 44.86 31.06
N LEU K 76 -91.59 45.87 30.88
CA LEU K 76 -91.92 47.20 31.41
C LEU K 76 -93.18 47.75 30.76
N GLU K 77 -93.35 47.52 29.46
CA GLU K 77 -94.56 47.97 28.79
C GLU K 77 -95.80 47.30 29.35
N GLU K 78 -95.71 46.00 29.64
CA GLU K 78 -96.85 45.28 30.23
C GLU K 78 -97.19 45.84 31.60
N LEU K 79 -96.17 46.10 32.44
CA LEU K 79 -96.42 46.64 33.77
C LEU K 79 -97.08 48.01 33.70
N LYS K 80 -96.60 48.87 32.80
CA LYS K 80 -97.19 50.20 32.67
C LYS K 80 -98.64 50.13 32.22
N ALA K 81 -98.94 49.22 31.29
CA ALA K 81 -100.32 49.06 30.83
C ALA K 81 -101.22 48.59 31.98
N ALA K 82 -100.70 47.72 32.84
CA ALA K 82 -101.45 47.24 34.00
C ALA K 82 -101.45 48.23 35.15
N GLY K 83 -100.75 49.35 35.02
CA GLY K 83 -100.71 50.34 36.09
C GLY K 83 -99.99 49.89 37.34
N ILE K 84 -98.88 49.17 37.18
CA ILE K 84 -98.08 48.72 38.32
C ILE K 84 -96.67 49.28 38.14
N PRO K 85 -96.20 50.18 39.01
CA PRO K 85 -94.84 50.68 38.85
C PRO K 85 -93.81 49.57 38.95
N LYS K 86 -92.76 49.68 38.13
CA LYS K 86 -91.80 48.59 38.02
C LYS K 86 -91.05 48.34 39.32
N LYS K 87 -90.84 49.38 40.12
CA LYS K 87 -90.12 49.21 41.39
C LYS K 87 -90.99 48.53 42.44
N LEU K 88 -92.31 48.61 42.32
CA LEU K 88 -93.20 47.95 43.28
C LEU K 88 -93.51 46.51 42.89
N ALA K 89 -93.46 46.18 41.60
CA ALA K 89 -93.85 44.85 41.15
C ALA K 89 -93.06 43.74 41.83
N PRO K 90 -91.72 43.79 41.89
CA PRO K 90 -90.99 42.67 42.50
C PRO K 90 -91.29 42.49 43.98
N THR K 91 -91.76 43.52 44.67
CA THR K 91 -92.02 43.42 46.10
C THR K 91 -93.38 42.79 46.42
N ILE K 92 -94.20 42.51 45.41
CA ILE K 92 -95.51 41.90 45.63
C ILE K 92 -95.62 40.63 44.80
N GLY K 93 -94.49 39.98 44.55
CA GLY K 93 -94.50 38.68 43.88
C GLY K 93 -94.72 38.72 42.40
N ILE K 94 -94.26 39.77 41.71
CA ILE K 94 -94.37 39.87 40.26
C ILE K 94 -92.95 39.94 39.70
N ALA K 95 -92.61 38.99 38.84
CA ALA K 95 -91.30 38.99 38.20
C ALA K 95 -91.24 40.06 37.12
N VAL K 96 -90.11 40.77 37.06
CA VAL K 96 -89.91 41.87 36.13
C VAL K 96 -88.74 41.52 35.22
N ASP K 97 -88.93 41.69 33.92
CA ASP K 97 -87.88 41.45 32.92
C ASP K 97 -87.78 42.70 32.05
N HIS K 98 -86.75 43.51 32.29
CA HIS K 98 -86.58 44.75 31.55
C HIS K 98 -86.04 44.55 30.15
N ARG K 99 -85.66 43.33 29.79
CA ARG K 99 -85.11 43.06 28.46
C ARG K 99 -86.17 42.69 27.44
N ARG K 100 -87.29 42.11 27.87
CA ARG K 100 -88.25 41.55 26.93
C ARG K 100 -88.97 42.64 26.17
N ARG K 101 -89.05 42.48 24.84
CA ARG K 101 -89.76 43.39 23.97
C ARG K 101 -91.20 42.91 23.75
N ASN K 102 -92.01 43.78 23.15
CA ASN K 102 -93.40 43.47 22.80
C ASN K 102 -93.59 43.80 21.32
N ARG K 103 -93.51 42.77 20.47
CA ARG K 103 -93.65 42.96 19.03
C ARG K 103 -95.10 42.91 18.55
N SER K 104 -96.04 42.47 19.38
CA SER K 104 -97.42 42.29 18.95
C SER K 104 -98.37 42.74 20.05
N LEU K 105 -99.59 43.09 19.64
CA LEU K 105 -100.62 43.49 20.59
C LEU K 105 -101.18 42.30 21.35
N GLU K 106 -101.31 41.15 20.67
CA GLU K 106 -101.87 39.97 21.32
C GLU K 106 -101.02 39.53 22.50
N GLY K 107 -99.70 39.48 22.31
CA GLY K 107 -98.82 39.12 23.42
C GLY K 107 -98.89 40.10 24.57
N LEU K 108 -98.93 41.39 24.25
CA LEU K 108 -99.04 42.41 25.30
C LEU K 108 -100.34 42.28 26.07
N GLN K 109 -101.46 42.05 25.35
CA GLN K 109 -102.75 41.99 26.01
C GLN K 109 -102.90 40.73 26.87
N THR K 110 -102.30 39.62 26.44
CA THR K 110 -102.42 38.38 27.20
C THR K 110 -101.81 38.54 28.59
N ASN K 111 -100.63 39.16 28.69
CA ASN K 111 -99.97 39.32 29.98
C ASN K 111 -100.59 40.45 30.80
N VAL K 112 -101.14 41.47 30.16
CA VAL K 112 -101.79 42.55 30.90
C VAL K 112 -103.00 42.02 31.66
N GLN K 113 -103.80 41.16 31.01
CA GLN K 113 -104.92 40.55 31.70
C GLN K 113 -104.44 39.63 32.81
N ARG K 114 -103.32 38.93 32.59
CA ARG K 114 -102.77 38.06 33.63
C ARG K 114 -102.40 38.86 34.87
N LEU K 115 -101.80 40.04 34.67
CA LEU K 115 -101.47 40.91 35.80
C LEU K 115 -102.72 41.38 36.53
N LYS K 116 -103.76 41.77 35.79
CA LYS K 116 -104.99 42.24 36.42
C LYS K 116 -105.67 41.13 37.21
N THR K 117 -105.67 39.90 36.66
CA THR K 117 -106.23 38.78 37.39
C THR K 117 -105.45 38.52 38.68
N TYR K 118 -104.12 38.62 38.62
CA TYR K 118 -103.31 38.42 39.82
C TYR K 118 -103.61 39.46 40.87
N LYS K 119 -103.75 40.73 40.46
CA LYS K 119 -104.05 41.79 41.42
C LYS K 119 -105.43 41.60 42.04
N ALA K 120 -106.36 40.99 41.31
CA ALA K 120 -107.70 40.81 41.84
C ALA K 120 -107.70 39.93 43.09
N LYS K 121 -106.89 38.87 43.09
CA LYS K 121 -106.83 37.93 44.19
C LYS K 121 -105.51 38.06 44.96
N LEU K 122 -105.04 39.28 45.13
CA LEU K 122 -103.81 39.57 45.87
C LEU K 122 -104.15 40.33 47.14
N VAL K 123 -103.71 39.79 48.28
CA VAL K 123 -103.91 40.42 49.58
C VAL K 123 -102.55 40.93 50.05
N ILE K 124 -102.49 42.22 50.37
CA ILE K 124 -101.25 42.88 50.79
C ILE K 124 -101.42 43.31 52.24
N PHE K 125 -100.55 42.80 53.11
CA PHE K 125 -100.56 43.20 54.50
C PHE K 125 -99.90 44.57 54.65
N PRO K 126 -100.36 45.39 55.60
CA PRO K 126 -99.71 46.69 55.82
C PRO K 126 -98.30 46.52 56.36
N ARG K 127 -97.45 47.50 56.03
CA ARG K 127 -96.07 47.45 56.50
C ARG K 127 -96.00 47.51 58.02
N ARG K 128 -96.84 48.35 58.63
CA ARG K 128 -96.94 48.45 60.08
C ARG K 128 -98.33 48.04 60.52
N ALA K 129 -98.43 47.61 61.79
CA ALA K 129 -99.62 46.91 62.26
C ALA K 129 -100.88 47.76 62.08
N LYS K 130 -100.96 48.90 62.76
CA LYS K 130 -102.22 49.60 62.89
C LYS K 130 -102.55 50.42 61.65
N LYS K 131 -101.70 51.40 61.32
CA LYS K 131 -102.00 52.31 60.23
C LYS K 131 -102.02 51.57 58.89
N VAL K 132 -103.02 51.86 58.07
CA VAL K 132 -103.22 51.22 56.78
C VAL K 132 -102.96 52.24 55.69
N LYS K 133 -102.17 51.86 54.70
CA LYS K 133 -101.77 52.73 53.60
C LYS K 133 -102.39 52.24 52.30
N ALA K 134 -102.16 53.00 51.23
CA ALA K 134 -102.73 52.67 49.93
C ALA K 134 -102.20 51.33 49.43
N GLY K 135 -103.09 50.55 48.82
CA GLY K 135 -102.74 49.25 48.29
C GLY K 135 -102.93 48.10 49.25
N ASP K 136 -103.05 48.38 50.55
CA ASP K 136 -103.21 47.33 51.54
C ASP K 136 -104.67 46.90 51.63
N SER K 137 -104.86 45.66 52.06
CA SER K 137 -106.20 45.10 52.24
C SER K 137 -106.71 45.39 53.66
N SER K 138 -108.02 45.27 53.84
CA SER K 138 -108.66 45.49 55.12
C SER K 138 -109.67 44.39 55.38
N ALA K 139 -109.56 43.75 56.54
CA ALA K 139 -110.51 42.72 56.96
C ALA K 139 -110.31 41.42 56.18
N GLU K 140 -109.39 41.42 55.22
CA GLU K 140 -109.06 40.23 54.45
C GLU K 140 -107.76 39.59 54.91
N GLU K 141 -107.05 40.22 55.85
CA GLU K 141 -105.78 39.67 56.31
C GLU K 141 -105.97 38.42 57.15
N LEU K 142 -107.19 38.14 57.60
CA LEU K 142 -107.48 36.97 58.41
C LEU K 142 -108.50 36.03 57.78
N ALA K 143 -109.38 36.53 56.93
CA ALA K 143 -110.43 35.69 56.36
C ALA K 143 -109.83 34.55 55.52
N ASN K 144 -109.10 34.92 54.47
CA ASN K 144 -108.54 33.95 53.53
C ASN K 144 -107.06 34.18 53.32
N ALA K 145 -106.34 34.50 54.40
CA ALA K 145 -104.90 34.73 54.34
C ALA K 145 -104.19 33.42 54.68
N THR K 146 -104.08 32.56 53.67
CA THR K 146 -103.41 31.27 53.80
C THR K 146 -102.38 31.13 52.70
N GLN K 147 -101.40 30.25 52.95
CA GLN K 147 -100.34 30.00 51.98
C GLN K 147 -100.83 29.00 50.94
N VAL K 148 -100.87 29.43 49.68
CA VAL K 148 -101.33 28.57 48.59
C VAL K 148 -100.16 27.70 48.13
N GLN K 149 -100.41 26.40 48.05
CA GLN K 149 -99.42 25.44 47.57
C GLN K 149 -99.72 25.11 46.11
N GLY K 150 -98.66 25.02 45.30
CA GLY K 150 -98.80 24.73 43.89
C GLY K 150 -99.15 25.97 43.11
N PRO K 151 -99.27 25.83 41.78
CA PRO K 151 -99.58 26.98 40.95
C PRO K 151 -100.97 27.53 41.26
N TYR K 152 -101.11 28.85 41.10
CA TYR K 152 -102.39 29.53 41.29
C TYR K 152 -102.94 30.14 40.01
N LEU K 153 -102.10 30.42 39.02
CA LEU K 153 -102.53 30.88 37.70
C LEU K 153 -101.83 30.01 36.65
N PRO K 154 -102.18 28.74 36.56
CA PRO K 154 -101.43 27.82 35.69
C PRO K 154 -101.48 28.25 34.23
N ILE K 155 -100.36 28.06 33.54
CA ILE K 155 -100.27 28.29 32.10
C ILE K 155 -100.51 26.96 31.43
N VAL K 156 -101.68 26.81 30.80
CA VAL K 156 -102.10 25.53 30.22
C VAL K 156 -102.62 25.77 28.82
N ARG K 157 -102.66 24.68 28.05
CA ARG K 157 -103.21 24.71 26.71
C ARG K 157 -104.73 24.59 26.75
N ASP K 158 -105.39 25.34 25.88
CA ASP K 158 -106.84 25.27 25.71
C ASP K 158 -107.11 24.85 24.27
N GLN K 159 -107.14 23.54 24.04
CA GLN K 159 -107.33 23.01 22.70
C GLN K 159 -108.78 23.25 22.26
N PRO K 160 -109.02 23.91 21.13
CA PRO K 160 -110.41 24.09 20.68
C PRO K 160 -111.03 22.78 20.25
N ALA K 161 -112.34 22.68 20.44
CA ALA K 161 -113.08 21.52 19.99
C ALA K 161 -113.28 21.56 18.48
N ILE K 162 -113.41 20.38 17.87
CA ILE K 162 -113.63 20.31 16.44
C ILE K 162 -114.94 21.01 16.11
N GLU K 163 -114.88 21.93 15.15
CA GLU K 163 -116.05 22.68 14.70
C GLU K 163 -116.46 22.19 13.32
N LEU K 164 -117.76 22.00 13.12
CA LEU K 164 -118.31 21.56 11.85
C LEU K 164 -118.84 22.77 11.09
N VAL K 165 -118.28 23.01 9.90
CA VAL K 165 -118.64 24.16 9.09
C VAL K 165 -119.39 23.67 7.85
N LYS K 166 -119.93 24.63 7.11
CA LYS K 166 -120.62 24.36 5.86
C LYS K 166 -119.69 24.67 4.70
N ILE K 167 -119.49 23.70 3.82
CA ILE K 167 -118.52 23.82 2.72
C ILE K 167 -119.19 24.65 1.63
N THR K 168 -118.60 25.81 1.32
CA THR K 168 -119.09 26.67 0.27
C THR K 168 -118.35 26.38 -1.04
N ASP K 169 -118.99 26.75 -2.15
CA ASP K 169 -118.37 26.54 -3.45
C ASP K 169 -117.06 27.30 -3.57
N GLU K 170 -116.91 28.40 -2.84
CA GLU K 170 -115.66 29.14 -2.89
C GLU K 170 -114.50 28.31 -2.34
N MET K 171 -114.74 27.60 -1.24
CA MET K 171 -113.68 26.79 -0.64
C MET K 171 -113.37 25.56 -1.50
N LYS K 172 -114.40 24.99 -2.13
CA LYS K 172 -114.18 23.82 -2.98
C LYS K 172 -113.34 24.15 -4.20
N SER K 173 -113.45 25.38 -4.72
CA SER K 173 -112.68 25.80 -5.88
C SER K 173 -111.26 26.24 -5.53
N PHE K 174 -110.97 26.45 -4.25
CA PHE K 174 -109.64 26.89 -3.86
C PHE K 174 -108.62 25.79 -4.12
N LYS K 175 -107.51 26.16 -4.78
CA LYS K 175 -106.46 25.21 -5.13
C LYS K 175 -105.30 25.43 -4.14
N ALA K 176 -105.30 24.64 -3.06
CA ALA K 176 -104.30 24.80 -2.01
C ALA K 176 -102.90 24.54 -2.55
N TYR K 177 -102.72 23.44 -3.28
CA TYR K 177 -101.39 23.10 -3.79
C TYR K 177 -100.89 24.16 -4.76
N GLY K 178 -101.76 24.63 -5.67
CA GLY K 178 -101.36 25.66 -6.60
C GLY K 178 -100.94 26.94 -5.90
N LYS K 179 -101.64 27.29 -4.81
CA LYS K 179 -101.27 28.48 -4.05
C LYS K 179 -99.87 28.33 -3.47
N LEU K 180 -99.56 27.16 -2.91
CA LEU K 180 -98.25 26.95 -2.30
C LEU K 180 -97.14 27.06 -3.34
N ARG K 181 -97.33 26.44 -4.50
CA ARG K 181 -96.30 26.48 -5.53
C ARG K 181 -96.10 27.90 -6.05
N ILE K 182 -97.18 28.64 -6.25
CA ILE K 182 -97.06 30.02 -6.72
C ILE K 182 -96.34 30.87 -5.68
N GLU K 183 -96.69 30.70 -4.41
CA GLU K 183 -96.06 31.49 -3.35
C GLU K 183 -94.58 31.17 -3.24
N ARG K 184 -94.22 29.88 -3.33
CA ARG K 184 -92.81 29.50 -3.31
C ARG K 184 -92.08 30.12 -4.49
N THR K 185 -92.67 30.06 -5.69
CA THR K 185 -92.01 30.60 -6.87
C THR K 185 -91.79 32.10 -6.76
N ASN K 186 -92.79 32.83 -6.26
CA ASN K 186 -92.64 34.27 -6.11
C ASN K 186 -91.56 34.62 -5.09
N ALA K 187 -91.34 33.75 -4.10
CA ALA K 187 -90.35 34.05 -3.07
C ALA K 187 -88.93 33.94 -3.61
N ARG K 188 -88.63 32.89 -4.36
CA ARG K 188 -87.27 32.68 -4.85
C ARG K 188 -86.96 33.44 -6.13
N HIS K 189 -87.93 34.15 -6.70
CA HIS K 189 -87.69 35.03 -7.83
C HIS K 189 -87.89 36.50 -7.47
N PHE K 190 -88.11 36.80 -6.19
CA PHE K 190 -88.30 38.18 -5.77
C PHE K 190 -87.08 39.04 -6.08
N GLY K 191 -85.89 38.51 -5.81
CA GLY K 191 -84.68 39.28 -6.06
C GLY K 191 -84.44 39.53 -7.53
N ALA K 192 -84.61 38.51 -8.38
CA ALA K 192 -84.37 38.68 -9.80
C ALA K 192 -85.36 39.66 -10.41
N ARG K 193 -86.64 39.55 -10.04
CA ARG K 193 -87.65 40.45 -10.61
C ARG K 193 -87.41 41.89 -10.17
N LEU K 194 -87.04 42.10 -8.91
CA LEU K 194 -86.72 43.45 -8.46
C LEU K 194 -85.49 44.00 -9.15
N LYS K 195 -84.54 43.12 -9.51
CA LYS K 195 -83.35 43.56 -10.21
C LYS K 195 -83.70 44.14 -11.58
N ARG K 196 -84.47 43.39 -12.39
CA ARG K 196 -84.78 43.85 -13.74
C ARG K 196 -85.65 45.11 -13.70
N ALA K 197 -86.55 45.21 -12.72
CA ALA K 197 -87.35 46.42 -12.60
C ALA K 197 -86.47 47.64 -12.35
N ALA K 198 -85.48 47.50 -11.47
CA ALA K 198 -84.55 48.60 -11.22
C ALA K 198 -83.74 48.93 -12.47
N GLU K 199 -83.26 47.89 -13.17
CA GLU K 199 -82.49 48.12 -14.39
C GLU K 199 -83.34 48.80 -15.46
N ALA K 200 -84.63 48.47 -15.51
CA ALA K 200 -85.52 49.12 -16.47
C ALA K 200 -85.59 50.62 -16.21
N GLU K 201 -85.62 51.02 -14.94
CA GLU K 201 -85.66 52.45 -14.61
C GLU K 201 -84.40 53.16 -15.11
N LYS K 202 -83.24 52.52 -14.95
CA LYS K 202 -82.00 53.13 -15.43
C LYS K 202 -82.04 53.35 -16.93
N GLU K 203 -82.50 52.35 -17.68
CA GLU K 203 -82.62 52.51 -19.13
C GLU K 203 -83.66 53.58 -19.47
N GLU K 204 -84.78 53.60 -18.76
CA GLU K 204 -85.83 54.58 -18.99
C GLU K 204 -85.55 55.88 -18.24
N PRO L 2 -29.28 -108.05 2.32
CA PRO L 2 -30.42 -108.78 1.78
C PRO L 2 -31.74 -108.42 2.45
N PHE L 3 -32.60 -107.68 1.75
CA PHE L 3 -33.88 -107.28 2.29
C PHE L 3 -34.86 -108.44 2.27
N LYS L 4 -35.77 -108.45 3.24
CA LYS L 4 -36.71 -109.56 3.39
C LYS L 4 -38.00 -109.36 2.62
N ARG L 5 -38.47 -108.13 2.48
CA ARG L 5 -39.74 -107.82 1.84
C ARG L 5 -39.52 -106.83 0.71
N PHE L 6 -40.22 -107.06 -0.41
CA PHE L 6 -40.11 -106.20 -1.58
C PHE L 6 -41.49 -105.84 -2.09
N VAL L 7 -41.58 -104.67 -2.71
CA VAL L 7 -42.81 -104.26 -3.39
C VAL L 7 -42.85 -104.94 -4.74
N GLU L 8 -43.82 -105.83 -4.94
CA GLU L 8 -43.95 -106.56 -6.19
C GLU L 8 -45.40 -106.99 -6.36
N ILE L 9 -45.74 -107.34 -7.60
CA ILE L 9 -47.11 -107.77 -7.91
C ILE L 9 -47.39 -109.06 -7.16
N GLY L 10 -48.46 -109.07 -6.37
CA GLY L 10 -48.81 -110.20 -5.53
C GLY L 10 -48.47 -110.00 -4.07
N ARG L 11 -47.65 -109.01 -3.73
CA ARG L 11 -47.32 -108.75 -2.34
C ARG L 11 -48.57 -108.34 -1.57
N VAL L 12 -48.74 -108.91 -0.39
CA VAL L 12 -49.86 -108.56 0.49
C VAL L 12 -49.37 -107.52 1.48
N ALA L 13 -50.12 -106.42 1.60
CA ALA L 13 -49.72 -105.31 2.44
C ALA L 13 -50.84 -104.97 3.42
N LEU L 14 -50.44 -104.44 4.56
CA LEU L 14 -51.36 -104.00 5.60
C LEU L 14 -51.44 -102.48 5.60
N ILE L 15 -52.66 -101.95 5.60
CA ILE L 15 -52.87 -100.52 5.71
C ILE L 15 -52.61 -100.11 7.15
N ASN L 16 -51.57 -99.32 7.36
CA ASN L 16 -51.14 -98.92 8.71
C ASN L 16 -51.62 -97.53 9.10
N TYR L 17 -52.38 -96.85 8.26
CA TYR L 17 -52.83 -95.50 8.56
C TYR L 17 -54.12 -95.21 7.81
N GLY L 18 -54.99 -94.43 8.44
CA GLY L 18 -56.21 -93.97 7.81
C GLY L 18 -57.43 -94.76 8.23
N LYS L 19 -58.48 -94.65 7.41
CA LYS L 19 -59.73 -95.35 7.70
C LYS L 19 -59.63 -96.84 7.42
N ASP L 20 -58.87 -97.23 6.40
CA ASP L 20 -58.70 -98.64 6.03
C ASP L 20 -57.70 -99.36 6.91
N TYR L 21 -57.33 -98.79 8.05
CA TYR L 21 -56.34 -99.42 8.92
C TYR L 21 -56.81 -100.81 9.33
N GLY L 22 -55.88 -101.76 9.32
CA GLY L 22 -56.15 -103.12 9.70
C GLY L 22 -56.57 -104.03 8.58
N ARG L 23 -56.83 -103.51 7.39
CA ARG L 23 -57.25 -104.31 6.26
C ARG L 23 -56.06 -104.78 5.45
N LEU L 24 -56.22 -105.92 4.79
CA LEU L 24 -55.22 -106.49 3.91
C LEU L 24 -55.54 -106.17 2.46
N VAL L 25 -54.53 -105.76 1.71
CA VAL L 25 -54.68 -105.47 0.29
C VAL L 25 -53.52 -106.13 -0.45
N VAL L 26 -53.72 -106.31 -1.76
CA VAL L 26 -52.73 -106.94 -2.63
C VAL L 26 -52.25 -105.90 -3.62
N ILE L 27 -50.93 -105.76 -3.74
CA ILE L 27 -50.34 -104.86 -4.72
C ILE L 27 -50.46 -105.52 -6.08
N VAL L 28 -51.34 -104.98 -6.92
CA VAL L 28 -51.57 -105.53 -8.25
C VAL L 28 -50.84 -104.77 -9.35
N ASP L 29 -50.35 -103.55 -9.06
CA ASP L 29 -49.56 -102.79 -10.01
C ASP L 29 -48.91 -101.63 -9.26
N VAL L 30 -47.84 -101.11 -9.84
CA VAL L 30 -47.08 -100.01 -9.26
C VAL L 30 -47.19 -98.81 -10.18
N ILE L 31 -47.60 -97.67 -9.62
CA ILE L 31 -47.72 -96.45 -10.40
C ILE L 31 -46.37 -95.76 -10.51
N ASP L 32 -45.79 -95.39 -9.38
CA ASP L 32 -44.48 -94.74 -9.34
C ASP L 32 -43.80 -95.14 -8.03
N GLN L 33 -42.74 -94.40 -7.67
CA GLN L 33 -42.00 -94.74 -6.46
C GLN L 33 -42.87 -94.63 -5.20
N ASN L 34 -43.83 -93.70 -5.20
CA ASN L 34 -44.59 -93.40 -3.99
C ASN L 34 -45.97 -94.05 -3.96
N ARG L 35 -46.48 -94.52 -5.09
CA ARG L 35 -47.86 -95.00 -5.17
C ARG L 35 -47.91 -96.37 -5.83
N ALA L 36 -48.88 -97.17 -5.39
CA ALA L 36 -49.14 -98.49 -5.96
C ALA L 36 -50.64 -98.67 -6.15
N LEU L 37 -51.00 -99.56 -7.06
CA LEU L 37 -52.37 -99.93 -7.31
C LEU L 37 -52.69 -101.17 -6.49
N VAL L 38 -53.63 -101.04 -5.55
CA VAL L 38 -53.95 -102.11 -4.61
C VAL L 38 -55.40 -102.52 -4.83
N ASP L 39 -55.67 -103.81 -4.56
CA ASP L 39 -57.01 -104.36 -4.71
C ASP L 39 -57.25 -105.37 -3.60
N ALA L 40 -58.48 -105.41 -3.11
CA ALA L 40 -58.89 -106.35 -2.08
C ALA L 40 -60.24 -106.93 -2.47
N PRO L 41 -60.61 -108.09 -1.93
CA PRO L 41 -61.90 -108.69 -2.30
C PRO L 41 -63.09 -107.81 -2.00
N ASP L 42 -63.05 -107.02 -0.92
CA ASP L 42 -64.19 -106.26 -0.47
C ASP L 42 -64.07 -104.76 -0.78
N MET L 43 -63.16 -104.38 -1.67
CA MET L 43 -62.98 -102.98 -2.02
C MET L 43 -62.71 -102.85 -3.51
N VAL L 44 -62.94 -101.65 -4.03
CA VAL L 44 -62.67 -101.35 -5.43
C VAL L 44 -61.19 -101.08 -5.61
N ARG L 45 -60.64 -101.53 -6.73
CA ARG L 45 -59.23 -101.30 -7.03
C ARG L 45 -58.95 -99.80 -7.04
N SER L 46 -57.90 -99.40 -6.34
CA SER L 46 -57.58 -97.98 -6.18
C SER L 46 -56.10 -97.84 -5.86
N GLN L 47 -55.62 -96.61 -6.00
CA GLN L 47 -54.23 -96.29 -5.69
C GLN L 47 -54.11 -95.77 -4.27
N MET L 48 -52.93 -95.98 -3.68
CA MET L 48 -52.64 -95.42 -2.37
C MET L 48 -51.13 -95.31 -2.20
N ASN L 49 -50.72 -94.38 -1.34
CA ASN L 49 -49.30 -94.13 -1.11
C ASN L 49 -48.69 -95.24 -0.27
N PHE L 50 -47.40 -95.52 -0.53
CA PHE L 50 -46.69 -96.52 0.28
C PHE L 50 -46.55 -96.09 1.73
N LYS L 51 -46.66 -94.78 2.02
CA LYS L 51 -46.55 -94.32 3.40
C LYS L 51 -47.67 -94.87 4.27
N ARG L 52 -48.76 -95.35 3.68
CA ARG L 52 -49.88 -95.92 4.42
C ARG L 52 -49.91 -97.45 4.37
N LEU L 53 -48.84 -98.08 3.89
CA LEU L 53 -48.80 -99.53 3.71
C LEU L 53 -47.63 -100.12 4.48
N SER L 54 -47.85 -101.29 5.07
CA SER L 54 -46.80 -102.07 5.73
C SER L 54 -46.74 -103.43 5.06
N LEU L 55 -45.64 -103.70 4.36
CA LEU L 55 -45.49 -104.96 3.66
C LEU L 55 -45.44 -106.13 4.64
N THR L 56 -46.08 -107.24 4.26
CA THR L 56 -46.08 -108.45 5.05
C THR L 56 -45.23 -109.51 4.35
N ASP L 57 -45.13 -110.68 4.98
CA ASP L 57 -44.38 -111.80 4.43
C ASP L 57 -45.20 -112.64 3.45
N ILE L 58 -46.48 -112.35 3.30
CA ILE L 58 -47.35 -113.11 2.41
C ILE L 58 -47.25 -112.54 1.00
N LYS L 59 -47.24 -113.42 0.01
CA LYS L 59 -47.14 -113.00 -1.39
C LYS L 59 -47.84 -114.05 -2.25
N ILE L 60 -48.95 -113.66 -2.87
CA ILE L 60 -49.70 -114.56 -3.74
C ILE L 60 -49.13 -114.49 -5.14
N ASP L 61 -49.49 -115.47 -5.96
CA ASP L 61 -49.00 -115.57 -7.34
C ASP L 61 -50.12 -115.11 -8.28
N ILE L 62 -50.03 -113.86 -8.74
CA ILE L 62 -51.00 -113.28 -9.66
C ILE L 62 -50.26 -112.52 -10.75
N LYS L 63 -50.96 -112.28 -11.86
CA LYS L 63 -50.47 -111.43 -12.91
C LYS L 63 -50.89 -109.98 -12.65
N ARG L 64 -50.33 -109.07 -13.44
CA ARG L 64 -50.60 -107.65 -13.24
C ARG L 64 -52.08 -107.34 -13.45
N ILE L 65 -52.62 -106.51 -12.57
CA ILE L 65 -54.03 -106.08 -12.59
C ILE L 65 -54.94 -107.24 -12.97
N PRO L 66 -55.08 -108.26 -12.13
CA PRO L 66 -55.97 -109.38 -12.44
C PRO L 66 -57.43 -109.02 -12.18
N LYS L 67 -58.31 -109.87 -12.69
CA LYS L 67 -59.73 -109.72 -12.42
C LYS L 67 -60.04 -110.09 -10.97
N LYS L 68 -61.16 -109.57 -10.46
CA LYS L 68 -61.52 -109.79 -9.08
C LYS L 68 -61.68 -111.28 -8.78
N LYS L 69 -62.32 -112.02 -9.68
CA LYS L 69 -62.47 -113.46 -9.47
C LYS L 69 -61.12 -114.14 -9.43
N THR L 70 -60.20 -113.76 -10.32
CA THR L 70 -58.87 -114.33 -10.31
C THR L 70 -58.12 -113.95 -9.03
N LEU L 71 -58.26 -112.71 -8.59
CA LEU L 71 -57.61 -112.28 -7.36
C LEU L 71 -58.15 -113.04 -6.15
N VAL L 72 -59.47 -113.21 -6.08
CA VAL L 72 -60.07 -113.85 -4.91
C VAL L 72 -59.60 -115.29 -4.79
N GLU L 73 -59.62 -116.04 -5.89
CA GLU L 73 -59.19 -117.44 -5.82
C GLU L 73 -57.71 -117.55 -5.48
N ALA L 74 -56.89 -116.63 -5.97
CA ALA L 74 -55.46 -116.66 -5.65
C ALA L 74 -55.24 -116.49 -4.15
N MET L 75 -55.96 -115.56 -3.52
CA MET L 75 -55.83 -115.37 -2.08
C MET L 75 -56.30 -116.61 -1.32
N GLU L 76 -57.42 -117.19 -1.74
CA GLU L 76 -57.91 -118.39 -1.08
C GLU L 76 -56.96 -119.56 -1.28
N ALA L 77 -56.34 -119.66 -2.45
CA ALA L 77 -55.39 -120.74 -2.70
C ALA L 77 -54.19 -120.65 -1.77
N ALA L 78 -53.71 -119.44 -1.48
CA ALA L 78 -52.57 -119.23 -0.61
C ALA L 78 -52.96 -119.07 0.85
N ASP L 79 -54.25 -119.11 1.17
CA ASP L 79 -54.73 -118.97 2.55
C ASP L 79 -54.19 -117.68 3.16
N VAL L 80 -54.38 -116.57 2.44
CA VAL L 80 -53.84 -115.30 2.89
C VAL L 80 -54.44 -114.91 4.24
N LYS L 81 -55.76 -114.98 4.36
CA LYS L 81 -56.41 -114.58 5.60
C LYS L 81 -56.01 -115.49 6.75
N THR L 82 -55.98 -116.80 6.52
CA THR L 82 -55.62 -117.73 7.58
C THR L 82 -54.18 -117.53 8.03
N LYS L 83 -53.25 -117.36 7.08
CA LYS L 83 -51.86 -117.16 7.43
C LYS L 83 -51.67 -115.89 8.24
N TRP L 84 -52.31 -114.80 7.82
CA TRP L 84 -52.13 -113.52 8.51
C TRP L 84 -52.67 -113.60 9.94
N GLU L 85 -53.88 -114.11 10.12
CA GLU L 85 -54.47 -114.18 11.45
C GLU L 85 -53.73 -115.14 12.35
N ASN L 86 -53.23 -116.25 11.81
CA ASN L 86 -52.46 -117.19 12.60
C ASN L 86 -51.07 -116.69 12.93
N SER L 87 -50.54 -115.73 12.16
CA SER L 87 -49.23 -115.18 12.45
C SER L 87 -49.27 -114.29 13.68
N SER L 88 -48.10 -114.14 14.32
CA SER L 88 -48.03 -113.32 15.52
C SER L 88 -48.35 -111.87 15.21
N TRP L 89 -47.87 -111.36 14.07
CA TRP L 89 -48.13 -109.97 13.71
C TRP L 89 -49.62 -109.73 13.50
N GLY L 90 -50.29 -110.63 12.77
CA GLY L 90 -51.70 -110.46 12.52
C GLY L 90 -52.56 -110.68 13.76
N ARG L 91 -52.08 -111.52 14.68
CA ARG L 91 -52.83 -111.75 15.92
C ARG L 91 -52.80 -110.52 16.82
N LYS L 92 -51.74 -109.72 16.73
CA LYS L 92 -51.65 -108.53 17.58
C LYS L 92 -52.82 -107.58 17.32
N LEU L 93 -53.15 -107.36 16.05
CA LEU L 93 -54.27 -106.48 15.73
C LEU L 93 -55.59 -107.04 16.26
N ILE L 94 -55.79 -108.35 16.12
CA ILE L 94 -57.02 -108.97 16.60
C ILE L 94 -57.14 -108.84 18.11
N VAL L 95 -56.03 -109.08 18.83
CA VAL L 95 -56.07 -109.04 20.29
C VAL L 95 -56.38 -107.63 20.76
N GLN L 96 -55.81 -106.62 20.11
CA GLN L 96 -56.06 -105.24 20.52
C GLN L 96 -57.54 -104.89 20.43
N LYS L 97 -58.20 -105.34 19.35
CA LYS L 97 -59.64 -105.10 19.23
C LYS L 97 -60.41 -105.85 20.32
N ARG L 98 -60.02 -107.09 20.60
CA ARG L 98 -60.72 -107.87 21.62
C ARG L 98 -60.62 -107.22 22.99
N ARG L 99 -59.42 -106.75 23.35
CA ARG L 99 -59.24 -106.12 24.66
C ARG L 99 -60.10 -104.88 24.81
N ALA L 100 -60.17 -104.06 23.75
CA ALA L 100 -60.98 -102.85 23.80
C ALA L 100 -62.47 -103.14 23.83
N ALA L 101 -62.87 -104.34 23.42
CA ALA L 101 -64.28 -104.71 23.36
C ALA L 101 -64.77 -105.40 24.63
N LEU L 102 -63.91 -105.63 25.60
CA LEU L 102 -64.33 -106.29 26.83
C LEU L 102 -65.19 -105.36 27.66
N ASN L 103 -66.33 -105.88 28.14
CA ASN L 103 -67.22 -105.10 28.99
C ASN L 103 -66.73 -105.12 30.43
N ASP L 104 -67.45 -104.42 31.31
CA ASP L 104 -67.01 -104.32 32.70
C ASP L 104 -66.98 -105.68 33.38
N PHE L 105 -68.01 -106.50 33.14
CA PHE L 105 -68.04 -107.82 33.76
C PHE L 105 -66.93 -108.71 33.23
N ASP L 106 -66.67 -108.67 31.92
CA ASP L 106 -65.60 -109.47 31.35
C ASP L 106 -64.24 -109.09 31.91
N ARG L 107 -64.00 -107.78 32.08
CA ARG L 107 -62.73 -107.35 32.66
C ARG L 107 -62.57 -107.88 34.07
N PHE L 108 -63.67 -107.92 34.84
CA PHE L 108 -63.59 -108.47 36.19
C PHE L 108 -63.21 -109.93 36.17
N LYS L 109 -63.80 -110.71 35.26
CA LYS L 109 -63.45 -112.13 35.17
C LYS L 109 -61.98 -112.30 34.78
N LEU L 110 -61.49 -111.50 33.83
CA LEU L 110 -60.10 -111.59 33.43
C LEU L 110 -59.18 -111.23 34.58
N MET L 111 -59.58 -110.27 35.42
CA MET L 111 -58.78 -109.91 36.58
C MET L 111 -58.61 -111.10 37.52
N LEU L 112 -59.70 -111.81 37.79
CA LEU L 112 -59.63 -112.96 38.69
C LEU L 112 -58.73 -114.04 38.12
N ALA L 113 -58.85 -114.33 36.82
CA ALA L 113 -58.02 -115.34 36.21
C ALA L 113 -56.54 -114.96 36.27
N LYS L 114 -56.22 -113.70 35.98
CA LYS L 114 -54.84 -113.26 36.03
C LYS L 114 -54.29 -113.31 37.45
N ILE L 115 -55.09 -112.87 38.43
CA ILE L 115 -54.64 -112.86 39.82
C ILE L 115 -54.33 -114.29 40.28
N LYS L 116 -55.24 -115.22 39.97
CA LYS L 116 -55.01 -116.61 40.36
C LYS L 116 -53.84 -117.21 39.59
N ARG L 117 -53.71 -116.87 38.30
CA ARG L 117 -52.59 -117.38 37.52
C ARG L 117 -51.27 -116.90 38.08
N ALA L 118 -51.18 -115.62 38.46
CA ALA L 118 -49.94 -115.10 39.00
C ALA L 118 -49.57 -115.78 40.32
N GLY L 119 -50.56 -116.00 41.19
CA GLY L 119 -50.26 -116.63 42.47
C GLY L 119 -49.68 -118.02 42.33
N VAL L 120 -50.26 -118.83 41.43
CA VAL L 120 -49.75 -120.19 41.24
C VAL L 120 -48.36 -120.15 40.62
N VAL L 121 -48.14 -119.26 39.65
CA VAL L 121 -46.84 -119.19 38.98
C VAL L 121 -45.75 -118.80 39.96
N ARG L 122 -46.05 -117.85 40.86
CA ARG L 122 -45.05 -117.44 41.85
C ARG L 122 -44.67 -118.61 42.75
N GLN L 123 -45.64 -119.42 43.15
CA GLN L 123 -45.34 -120.58 43.98
C GLN L 123 -44.45 -121.56 43.22
N GLU L 124 -44.72 -121.77 41.94
CA GLU L 124 -43.87 -122.67 41.15
C GLU L 124 -42.45 -122.15 41.06
N LEU L 125 -42.29 -120.84 40.89
CA LEU L 125 -40.93 -120.27 40.83
C LEU L 125 -40.17 -120.52 42.12
N ALA L 126 -40.85 -120.36 43.27
CA ALA L 126 -40.17 -120.56 44.54
C ALA L 126 -39.59 -121.97 44.64
N LYS L 127 -40.35 -122.98 44.21
CA LYS L 127 -39.83 -124.34 44.22
C LYS L 127 -38.63 -124.47 43.30
N LEU L 128 -38.68 -123.84 42.12
CA LEU L 128 -37.55 -123.87 41.19
C LEU L 128 -36.34 -123.09 41.72
N LYS L 129 -36.52 -122.26 42.75
CA LYS L 129 -35.42 -121.54 43.36
C LYS L 129 -34.73 -122.37 44.43
N LYS L 130 -35.51 -122.93 45.37
CA LYS L 130 -34.93 -123.76 46.42
C LYS L 130 -34.28 -125.00 45.84
N ILE L 131 -34.95 -125.65 44.88
CA ILE L 131 -34.43 -126.90 44.33
C ILE L 131 -33.34 -126.61 43.30
N ALA L 132 -33.68 -125.89 42.25
CA ALA L 132 -32.72 -125.56 41.18
C ALA L 132 -32.08 -124.21 41.45
N ALA L 133 -31.33 -124.14 42.55
CA ALA L 133 -30.64 -122.91 42.93
C ALA L 133 -29.57 -122.55 41.91
N GLY M 2 -65.89 69.91 34.72
CA GLY M 2 -65.68 68.66 34.00
C GLY M 2 -64.48 68.71 33.08
N ALA M 3 -63.30 68.39 33.61
CA ALA M 3 -62.06 68.46 32.87
C ALA M 3 -61.57 67.08 32.40
N TYR M 4 -62.15 65.99 32.89
CA TYR M 4 -61.63 64.67 32.57
C TYR M 4 -61.84 64.31 31.10
N THR M 5 -62.92 64.79 30.50
CA THR M 5 -63.17 64.48 29.09
C THR M 5 -62.05 65.04 28.21
N TYR M 6 -61.61 66.27 28.49
CA TYR M 6 -60.49 66.84 27.73
C TYR M 6 -59.26 65.96 27.83
N VAL M 7 -58.93 65.51 29.04
CA VAL M 7 -57.75 64.68 29.24
C VAL M 7 -57.92 63.35 28.51
N SER M 8 -59.10 62.74 28.64
CA SER M 8 -59.33 61.45 28.00
C SER M 8 -59.26 61.56 26.48
N GLU M 9 -59.86 62.61 25.92
CA GLU M 9 -59.83 62.78 24.46
C GLU M 9 -58.41 63.06 23.99
N LEU M 10 -57.64 63.82 24.77
CA LEU M 10 -56.25 64.08 24.39
C LEU M 10 -55.45 62.78 24.35
N TRP M 11 -55.68 61.89 25.32
CA TRP M 11 -54.99 60.61 25.32
C TRP M 11 -55.44 59.67 24.22
N ARG M 12 -56.54 59.97 23.53
CA ARG M 12 -56.92 59.22 22.34
C ARG M 12 -56.07 59.61 21.13
N LYS M 13 -55.44 60.79 21.15
CA LYS M 13 -54.56 61.21 20.08
C LYS M 13 -53.11 60.96 20.49
N LYS M 14 -52.72 59.69 20.44
CA LYS M 14 -51.39 59.30 20.88
C LYS M 14 -50.30 59.63 19.86
N GLN M 15 -50.67 59.80 18.59
CA GLN M 15 -49.71 60.11 17.54
C GLN M 15 -49.59 61.61 17.26
N SER M 16 -50.26 62.45 18.04
CA SER M 16 -50.11 63.89 17.88
C SER M 16 -48.75 64.34 18.43
N ASP M 17 -48.35 65.54 18.01
CA ASP M 17 -47.04 66.06 18.43
C ASP M 17 -46.98 66.24 19.94
N VAL M 18 -48.07 66.72 20.55
CA VAL M 18 -48.06 66.96 22.00
C VAL M 18 -47.86 65.65 22.75
N MET M 19 -48.59 64.61 22.36
CA MET M 19 -48.50 63.35 23.09
C MET M 19 -47.21 62.61 22.76
N ARG M 20 -46.75 62.68 21.51
CA ARG M 20 -45.49 62.04 21.15
C ARG M 20 -44.34 62.62 21.95
N PHE M 21 -44.36 63.94 22.18
CA PHE M 21 -43.30 64.56 22.97
C PHE M 21 -43.37 64.14 24.43
N LEU M 22 -44.56 64.21 25.03
CA LEU M 22 -44.70 63.85 26.44
C LEU M 22 -44.37 62.39 26.68
N GLN M 23 -44.85 61.50 25.82
CA GLN M 23 -44.57 60.08 25.98
C GLN M 23 -43.10 59.78 25.77
N ARG M 24 -42.45 60.49 24.84
CA ARG M 24 -41.03 60.26 24.60
C ARG M 24 -40.20 60.60 25.84
N VAL M 25 -40.51 61.72 26.50
CA VAL M 25 -39.76 62.11 27.69
C VAL M 25 -40.05 61.13 28.83
N ARG M 26 -41.33 60.77 29.01
CA ARG M 26 -41.67 59.83 30.08
C ARG M 26 -41.04 58.46 29.85
N CYS M 27 -41.00 58.01 28.60
CA CYS M 27 -40.44 56.71 28.30
C CYS M 27 -38.96 56.65 28.69
N TRP M 28 -38.22 57.74 28.43
CA TRP M 28 -36.83 57.80 28.87
C TRP M 28 -36.73 57.73 30.38
N GLU M 29 -37.58 58.49 31.08
CA GLU M 29 -37.50 58.54 32.54
C GLU M 29 -37.76 57.18 33.16
N TYR M 30 -38.74 56.45 32.64
CA TYR M 30 -39.07 55.14 33.21
C TYR M 30 -37.94 54.14 33.01
N ARG M 31 -37.23 54.22 31.89
CA ARG M 31 -36.16 53.27 31.61
C ARG M 31 -35.06 53.35 32.66
N GLN M 32 -34.83 54.52 33.25
CA GLN M 32 -33.74 54.69 34.20
C GLN M 32 -34.08 54.20 35.60
N LEU M 33 -35.35 53.96 35.89
CA LEU M 33 -35.80 53.55 37.21
C LEU M 33 -36.07 52.05 37.25
N PRO M 34 -36.14 51.45 38.45
CA PRO M 34 -36.34 50.01 38.54
C PRO M 34 -37.67 49.57 37.93
N SER M 35 -37.81 48.25 37.78
CA SER M 35 -38.93 47.68 37.05
C SER M 35 -40.27 47.86 37.78
N ILE M 36 -40.25 48.00 39.10
CA ILE M 36 -41.47 48.28 39.88
C ILE M 36 -41.18 49.46 40.80
N VAL M 37 -41.98 50.51 40.66
CA VAL M 37 -41.75 51.75 41.40
C VAL M 37 -43.09 52.29 41.88
N ARG M 38 -43.12 52.74 43.13
CA ARG M 38 -44.26 53.48 43.65
C ARG M 38 -44.29 54.87 43.01
N VAL M 39 -45.47 55.29 42.58
CA VAL M 39 -45.70 56.64 42.07
C VAL M 39 -46.61 57.38 43.03
N THR M 40 -46.35 58.68 43.21
CA THR M 40 -47.11 59.46 44.17
C THR M 40 -48.58 59.57 43.78
N ARG M 41 -48.87 59.63 42.49
CA ARG M 41 -50.25 59.75 42.01
C ARG M 41 -50.31 59.18 40.60
N PRO M 42 -51.49 58.76 40.16
CA PRO M 42 -51.59 58.17 38.82
C PRO M 42 -51.18 59.16 37.74
N THR M 43 -50.48 58.65 36.71
CA THR M 43 -50.13 59.48 35.57
C THR M 43 -51.36 59.83 34.74
N ARG M 44 -52.43 59.05 34.84
CA ARG M 44 -53.67 59.26 34.08
C ARG M 44 -54.84 59.26 35.05
N PRO M 45 -55.04 60.35 35.78
CA PRO M 45 -56.12 60.35 36.78
C PRO M 45 -57.49 60.04 36.19
N ASP M 46 -57.79 60.56 34.99
CA ASP M 46 -59.07 60.26 34.36
C ASP M 46 -59.21 58.78 34.06
N LYS M 47 -58.15 58.17 33.51
CA LYS M 47 -58.19 56.74 33.23
C LYS M 47 -58.26 55.93 34.53
N ALA M 48 -57.55 56.38 35.57
CA ALA M 48 -57.51 55.65 36.82
C ALA M 48 -58.89 55.59 37.46
N ARG M 49 -59.58 56.73 37.53
CA ARG M 49 -60.83 56.79 38.27
C ARG M 49 -61.96 56.04 37.58
N ARG M 50 -61.90 55.85 36.26
CA ARG M 50 -62.90 55.04 35.58
C ARG M 50 -62.66 53.54 35.76
N LEU M 51 -61.49 53.15 36.27
CA LEU M 51 -61.21 51.77 36.62
C LEU M 51 -61.37 51.49 38.11
N GLY M 52 -61.84 52.47 38.88
CA GLY M 52 -62.12 52.30 40.29
C GLY M 52 -61.25 53.10 41.23
N TYR M 53 -60.20 53.76 40.73
CA TYR M 53 -59.32 54.51 41.61
C TYR M 53 -60.06 55.68 42.24
N LYS M 54 -59.78 55.93 43.52
CA LYS M 54 -60.30 57.07 44.24
C LYS M 54 -59.16 57.76 44.97
N ALA M 55 -59.19 59.10 44.98
CA ALA M 55 -58.13 59.88 45.62
C ALA M 55 -58.38 59.93 47.12
N LYS M 56 -58.13 58.79 47.77
CA LYS M 56 -58.32 58.67 49.20
C LYS M 56 -57.31 57.68 49.75
N GLN M 57 -57.04 57.79 51.05
CA GLN M 57 -56.04 56.94 51.69
C GLN M 57 -56.43 55.48 51.57
N GLY M 58 -55.47 54.65 51.18
CA GLY M 58 -55.67 53.23 50.91
C GLY M 58 -55.41 52.84 49.48
N TYR M 59 -55.65 53.75 48.55
CA TYR M 59 -55.35 53.52 47.13
C TYR M 59 -53.90 53.91 46.85
N VAL M 60 -53.17 53.03 46.19
CA VAL M 60 -51.79 53.29 45.80
C VAL M 60 -51.61 52.88 44.34
N VAL M 61 -50.66 53.52 43.67
CA VAL M 61 -50.36 53.28 42.27
C VAL M 61 -48.91 52.90 42.14
N TYR M 62 -48.63 51.86 41.35
CA TYR M 62 -47.28 51.41 41.06
C TYR M 62 -47.11 51.31 39.55
N ARG M 63 -45.93 51.70 39.07
CA ARG M 63 -45.58 51.53 37.66
C ARG M 63 -44.76 50.26 37.50
N VAL M 64 -45.18 49.40 36.58
CA VAL M 64 -44.54 48.11 36.34
C VAL M 64 -43.98 48.10 34.93
N ARG M 65 -42.76 47.62 34.79
CA ARG M 65 -42.08 47.48 33.50
C ARG M 65 -41.99 46.00 33.16
N VAL M 66 -42.40 45.64 31.95
CA VAL M 66 -42.35 44.26 31.47
C VAL M 66 -41.69 44.25 30.11
N LYS M 67 -40.86 43.23 29.86
CA LYS M 67 -40.19 43.10 28.58
C LYS M 67 -41.19 42.66 27.51
N ARG M 68 -40.93 43.09 26.28
CA ARG M 68 -41.83 42.81 25.17
C ARG M 68 -41.38 41.57 24.40
N GLY M 69 -42.25 41.09 23.53
CA GLY M 69 -41.95 39.97 22.66
C GLY M 69 -42.67 38.70 23.09
N GLY M 70 -42.36 37.63 22.37
CA GLY M 70 -42.98 36.34 22.59
C GLY M 70 -42.35 35.59 23.75
N ARG M 71 -42.62 34.30 23.80
CA ARG M 71 -42.12 33.41 24.86
C ARG M 71 -41.29 32.31 24.21
N LYS M 72 -39.97 32.48 24.21
CA LYS M 72 -39.09 31.40 23.83
C LYS M 72 -39.25 30.24 24.80
N ARG M 73 -39.35 29.03 24.29
CA ARG M 73 -39.59 27.87 25.15
C ARG M 73 -38.37 27.69 26.06
N PRO M 74 -38.54 27.73 27.39
CA PRO M 74 -37.37 27.66 28.29
C PRO M 74 -36.78 26.27 28.39
N VAL M 75 -36.16 25.82 27.29
CA VAL M 75 -35.59 24.49 27.17
C VAL M 75 -34.12 24.64 26.81
N SER M 76 -33.28 23.78 27.39
CA SER M 76 -31.84 23.92 27.23
C SER M 76 -31.44 23.67 25.78
N LYS M 77 -30.68 24.62 25.21
CA LYS M 77 -30.13 24.52 23.86
C LYS M 77 -31.19 24.42 22.79
N GLY M 78 -32.45 24.73 23.10
CA GLY M 78 -33.51 24.62 22.12
C GLY M 78 -33.73 23.21 21.61
N ILE M 79 -33.52 22.21 22.47
CA ILE M 79 -33.71 20.81 22.10
C ILE M 79 -35.02 20.33 22.71
N VAL M 80 -35.89 19.76 21.88
CA VAL M 80 -37.16 19.19 22.32
C VAL M 80 -37.12 17.70 22.02
N TYR M 81 -37.43 16.89 23.03
CA TYR M 81 -37.50 15.44 22.88
C TYR M 81 -38.96 15.07 22.64
N GLY M 82 -39.35 15.08 21.37
CA GLY M 82 -40.72 14.80 21.02
C GLY M 82 -40.92 14.90 19.53
N LYS M 83 -42.18 14.67 19.13
CA LYS M 83 -42.51 14.64 17.72
C LYS M 83 -42.42 16.04 17.12
N PRO M 84 -42.28 16.13 15.79
CA PRO M 84 -42.04 17.44 15.16
C PRO M 84 -43.09 18.49 15.50
N THR M 85 -44.34 18.11 15.71
CA THR M 85 -45.38 19.10 16.00
C THR M 85 -45.03 19.92 17.24
N ASN M 86 -44.26 19.36 18.17
CA ASN M 86 -43.89 20.05 19.40
C ASN M 86 -42.44 20.54 19.39
N GLN M 87 -41.75 20.46 18.25
CA GLN M 87 -40.34 20.84 18.21
C GLN M 87 -40.12 22.34 18.07
N GLY M 88 -41.19 23.13 17.95
CA GLY M 88 -41.01 24.58 17.87
C GLY M 88 -40.42 25.12 19.16
N VAL M 89 -39.57 26.14 19.02
CA VAL M 89 -38.91 26.79 20.15
C VAL M 89 -39.20 28.28 20.18
N THR M 90 -39.07 28.96 19.04
CA THR M 90 -39.41 30.37 18.92
C THR M 90 -40.77 30.51 18.22
N GLN M 91 -41.20 31.76 18.06
CA GLN M 91 -42.52 32.09 17.53
C GLN M 91 -43.64 31.52 18.38
N LEU M 92 -43.37 31.26 19.66
CA LEU M 92 -44.38 30.80 20.60
C LEU M 92 -44.83 31.98 21.46
N LYS M 93 -46.13 32.06 21.73
CA LYS M 93 -46.71 33.19 22.42
C LYS M 93 -47.29 32.74 23.76
N PHE M 94 -47.05 33.57 24.79
CA PHE M 94 -47.62 33.34 26.10
C PHE M 94 -49.13 33.53 26.05
N GLN M 95 -49.87 32.65 26.73
CA GLN M 95 -51.32 32.76 26.72
C GLN M 95 -51.83 33.95 27.51
N ARG M 96 -51.06 34.45 28.47
CA ARG M 96 -51.42 35.66 29.19
C ARG M 96 -50.76 36.87 28.54
N SER M 97 -51.38 38.03 28.73
CA SER M 97 -50.93 39.26 28.10
C SER M 97 -49.90 39.97 28.97
N LYS M 98 -49.21 40.94 28.36
CA LYS M 98 -48.25 41.74 29.10
C LYS M 98 -48.91 42.51 30.24
N ARG M 99 -50.16 42.94 30.05
CA ARG M 99 -50.89 43.60 31.12
C ARG M 99 -51.08 42.66 32.30
N SER M 100 -51.41 41.39 32.03
CA SER M 100 -51.53 40.42 33.11
C SER M 100 -50.22 40.21 33.83
N VAL M 101 -49.11 40.13 33.09
CA VAL M 101 -47.81 39.93 33.71
C VAL M 101 -47.48 41.09 34.65
N ALA M 102 -47.77 42.32 34.21
CA ALA M 102 -47.48 43.48 35.04
C ALA M 102 -48.24 43.41 36.36
N GLU M 103 -49.52 43.02 36.30
CA GLU M 103 -50.31 42.86 37.53
C GLU M 103 -49.71 41.78 38.43
N GLU M 104 -49.31 40.65 37.86
CA GLU M 104 -48.75 39.56 38.66
C GLU M 104 -47.44 39.99 39.32
N ARG M 105 -46.59 40.69 38.59
CA ARG M 105 -45.33 41.16 39.17
C ARG M 105 -45.59 42.06 40.36
N ALA M 106 -46.53 42.99 40.23
CA ALA M 106 -46.86 43.87 41.35
C ALA M 106 -47.53 43.10 42.48
N GLY M 107 -48.44 42.17 42.14
CA GLY M 107 -49.15 41.43 43.17
C GLY M 107 -48.23 40.59 44.03
N ARG M 108 -47.33 39.83 43.40
CA ARG M 108 -46.42 38.99 44.16
C ARG M 108 -45.51 39.82 45.05
N LYS M 109 -44.96 40.92 44.51
CA LYS M 109 -44.07 41.76 45.31
C LYS M 109 -44.82 42.43 46.45
N LEU M 110 -46.02 42.93 46.19
CA LEU M 110 -46.80 43.67 47.18
C LEU M 110 -47.84 42.76 47.84
N GLY M 111 -47.34 41.75 48.55
CA GLY M 111 -48.20 40.73 49.12
C GLY M 111 -49.20 41.26 50.11
N GLY M 112 -48.94 42.40 50.72
CA GLY M 112 -49.84 43.00 51.70
C GLY M 112 -50.94 43.84 51.12
N LEU M 113 -51.08 43.89 49.80
CA LEU M 113 -52.07 44.72 49.13
C LEU M 113 -52.89 43.87 48.17
N LYS M 114 -54.08 44.38 47.81
CA LYS M 114 -54.95 43.73 46.87
C LYS M 114 -54.91 44.49 45.54
N VAL M 115 -54.73 43.75 44.45
CA VAL M 115 -54.69 44.36 43.12
C VAL M 115 -56.12 44.62 42.66
N LEU M 116 -56.39 45.88 42.30
CA LEU M 116 -57.72 46.26 41.81
C LEU M 116 -57.79 46.23 40.28
N ASN M 117 -56.95 47.01 39.62
CA ASN M 117 -56.96 47.11 38.17
C ASN M 117 -55.64 47.71 37.71
N SER M 118 -55.50 47.89 36.40
CA SER M 118 -54.29 48.44 35.82
C SER M 118 -54.63 49.03 34.46
N TYR M 119 -53.69 49.82 33.92
CA TYR M 119 -53.89 50.42 32.62
C TYR M 119 -52.54 50.72 31.97
N TRP M 120 -52.55 50.74 30.64
CA TRP M 120 -51.36 51.05 29.85
C TRP M 120 -50.99 52.52 30.00
N ILE M 121 -49.69 52.81 30.06
CA ILE M 121 -49.22 54.18 30.10
C ILE M 121 -48.16 54.50 29.06
N ASN M 122 -47.39 53.55 28.55
CA ASN M 122 -46.31 53.86 27.63
C ASN M 122 -45.70 52.55 27.14
N GLU M 123 -44.90 52.65 26.08
CA GLU M 123 -44.21 51.47 25.54
C GLU M 123 -43.08 51.92 24.64
N ASP M 124 -42.06 51.09 24.56
CA ASP M 124 -41.00 51.21 23.56
C ASP M 124 -40.82 49.87 22.88
N SER M 125 -39.79 49.73 22.04
CA SER M 125 -39.58 48.46 21.35
C SER M 125 -39.18 47.35 22.32
N THR M 126 -38.57 47.69 23.45
CA THR M 126 -38.08 46.69 24.39
C THR M 126 -38.98 46.48 25.60
N TYR M 127 -39.63 47.54 26.09
CA TYR M 127 -40.39 47.46 27.32
C TYR M 127 -41.81 47.98 27.11
N LYS M 128 -42.71 47.49 27.95
CA LYS M 128 -44.09 47.97 28.01
C LYS M 128 -44.37 48.38 29.45
N TYR M 129 -45.02 49.53 29.62
CA TYR M 129 -45.21 50.13 30.93
C TYR M 129 -46.70 50.17 31.28
N PHE M 130 -47.00 49.80 32.52
CA PHE M 130 -48.36 49.80 33.05
C PHE M 130 -48.35 50.42 34.44
N GLU M 131 -49.50 50.96 34.82
CA GLU M 131 -49.74 51.40 36.19
C GLU M 131 -50.81 50.51 36.81
N VAL M 132 -50.48 49.94 37.97
CA VAL M 132 -51.35 48.99 38.66
C VAL M 132 -51.93 49.69 39.89
N ILE M 133 -53.25 49.59 40.05
CA ILE M 133 -53.94 50.18 41.19
C ILE M 133 -54.09 49.09 42.24
N LEU M 134 -53.56 49.34 43.43
CA LEU M 134 -53.65 48.41 44.54
C LEU M 134 -54.34 49.08 45.71
N VAL M 135 -54.98 48.27 46.54
CA VAL M 135 -55.78 48.74 47.67
C VAL M 135 -55.26 48.10 48.94
N ASP M 136 -55.06 48.92 49.98
CA ASP M 136 -54.70 48.43 51.30
C ASP M 136 -55.99 48.02 52.01
N GLN M 137 -56.32 46.73 51.94
CA GLN M 137 -57.59 46.27 52.49
C GLN M 137 -57.67 46.45 54.00
N ALA M 138 -56.53 46.57 54.68
CA ALA M 138 -56.51 46.73 56.13
C ALA M 138 -56.74 48.16 56.58
N HIS M 139 -56.64 49.14 55.68
CA HIS M 139 -56.83 50.53 56.06
C HIS M 139 -58.29 50.79 56.39
N ALA M 140 -58.53 51.57 57.45
CA ALA M 140 -59.89 51.81 57.92
C ALA M 140 -60.73 52.50 56.85
N ALA M 141 -60.14 53.48 56.14
CA ALA M 141 -60.89 54.20 55.13
C ALA M 141 -61.45 53.26 54.07
N ILE M 142 -60.68 52.26 53.68
CA ILE M 142 -61.16 51.29 52.70
C ILE M 142 -62.24 50.40 53.30
N ARG M 143 -62.02 49.92 54.52
CA ARG M 143 -62.95 48.98 55.13
C ARG M 143 -64.30 49.62 55.44
N ASN M 144 -64.35 50.95 55.59
CA ASN M 144 -65.59 51.66 55.85
C ASN M 144 -66.25 52.19 54.58
N ASP M 145 -65.70 51.87 53.40
CA ASP M 145 -66.25 52.36 52.14
C ASP M 145 -67.06 51.25 51.49
N PRO M 146 -68.39 51.37 51.40
CA PRO M 146 -69.19 50.24 50.89
C PRO M 146 -68.91 49.88 49.44
N ARG M 147 -68.34 50.79 48.65
CA ARG M 147 -68.13 50.51 47.23
C ARG M 147 -66.86 49.72 46.95
N ILE M 148 -65.94 49.61 47.90
CA ILE M 148 -64.66 48.95 47.64
C ILE M 148 -64.36 47.92 48.72
N ASN M 149 -65.10 47.95 49.83
CA ASN M 149 -64.79 47.04 50.93
C ASN M 149 -65.05 45.59 50.58
N TRP M 150 -65.70 45.31 49.45
CA TRP M 150 -65.85 43.93 49.00
C TRP M 150 -64.51 43.26 48.80
N ILE M 151 -63.48 44.02 48.41
CA ILE M 151 -62.17 43.44 48.15
C ILE M 151 -61.46 43.03 49.44
N CYS M 152 -61.99 43.41 50.61
CA CYS M 152 -61.43 42.98 51.88
C CYS M 152 -61.79 41.54 52.23
N ASN M 153 -62.72 40.92 51.50
CA ASN M 153 -63.15 39.57 51.81
C ASN M 153 -62.12 38.54 51.35
N PRO M 154 -62.01 37.40 52.06
CA PRO M 154 -60.95 36.44 51.73
C PRO M 154 -61.05 35.85 50.34
N VAL M 155 -62.24 35.81 49.74
CA VAL M 155 -62.38 35.22 48.41
C VAL M 155 -61.60 36.00 47.36
N HIS M 156 -61.24 37.24 47.65
CA HIS M 156 -60.55 38.10 46.70
C HIS M 156 -59.04 38.19 46.98
N LYS M 157 -58.45 37.14 47.53
CA LYS M 157 -57.01 37.08 47.73
C LYS M 157 -56.31 36.77 46.41
N HIS M 158 -55.32 37.59 46.05
CA HIS M 158 -54.54 37.41 44.84
C HIS M 158 -55.45 37.19 43.62
N ARG M 159 -56.26 38.21 43.33
CA ARG M 159 -57.11 38.15 42.16
C ARG M 159 -56.29 38.00 40.88
N GLU M 160 -55.15 38.69 40.82
CA GLU M 160 -54.34 38.67 39.59
C GLU M 160 -53.74 37.30 39.32
N LEU M 161 -53.44 36.53 40.36
CA LEU M 161 -52.83 35.22 40.18
C LEU M 161 -53.86 34.14 39.84
N ARG M 162 -55.15 34.43 39.95
CA ARG M 162 -56.20 33.52 39.51
C ARG M 162 -56.90 34.01 38.24
N GLY M 163 -56.37 35.05 37.60
CA GLY M 163 -56.99 35.59 36.41
C GLY M 163 -58.36 36.19 36.64
N LEU M 164 -58.53 36.92 37.73
CA LEU M 164 -59.82 37.51 38.08
C LEU M 164 -59.85 39.03 37.89
N THR M 165 -58.76 39.64 37.44
CA THR M 165 -58.75 41.07 37.16
C THR M 165 -59.37 41.34 35.80
N SER M 166 -59.43 42.62 35.42
CA SER M 166 -59.95 42.97 34.11
C SER M 166 -59.12 42.35 33.00
N ALA M 167 -57.79 42.40 33.14
CA ALA M 167 -56.92 41.71 32.19
C ALA M 167 -57.11 40.20 32.25
N GLY M 168 -57.35 39.67 33.45
CA GLY M 168 -57.55 38.23 33.57
C GLY M 168 -58.75 37.73 32.81
N LYS M 169 -59.86 38.46 32.87
CA LYS M 169 -61.05 38.07 32.14
C LYS M 169 -60.81 38.07 30.64
N LYS M 170 -59.99 39.00 30.15
CA LYS M 170 -59.74 39.08 28.72
C LYS M 170 -59.05 37.82 28.21
N TYR M 171 -57.93 37.42 28.85
CA TYR M 171 -57.17 36.30 28.32
C TYR M 171 -57.80 34.95 28.64
N ARG M 172 -58.74 34.89 29.58
CA ARG M 172 -59.51 33.68 29.79
C ARG M 172 -60.65 33.52 28.79
N GLY M 173 -60.92 34.53 27.98
CA GLY M 173 -61.99 34.47 27.01
C GLY M 173 -63.35 34.87 27.53
N LEU M 174 -63.42 35.55 28.67
CA LEU M 174 -64.68 35.91 29.29
C LEU M 174 -65.23 37.25 28.81
N ARG M 175 -64.45 38.04 28.08
CA ARG M 175 -64.93 39.30 27.53
C ARG M 175 -65.72 38.99 26.26
N GLY M 176 -67.01 38.73 26.45
CA GLY M 176 -67.86 38.30 25.35
C GLY M 176 -68.63 37.05 25.72
N ARG M 177 -69.76 36.84 25.05
CA ARG M 177 -70.61 35.69 25.29
C ARG M 177 -71.22 35.26 23.95
N GLY M 178 -72.04 34.22 23.99
CA GLY M 178 -72.65 33.71 22.78
C GLY M 178 -71.82 32.62 22.12
N HIS M 179 -72.05 32.47 20.81
CA HIS M 179 -71.46 31.36 20.08
C HIS M 179 -69.94 31.47 19.93
N LEU M 180 -69.38 32.67 20.10
CA LEU M 180 -67.94 32.84 19.93
C LEU M 180 -67.15 32.67 21.23
N HIS M 181 -67.80 32.74 22.39
CA HIS M 181 -67.10 32.66 23.68
C HIS M 181 -67.70 31.62 24.63
N HIS M 182 -68.58 30.74 24.15
CA HIS M 182 -69.36 29.93 25.08
C HIS M 182 -68.49 28.91 25.83
N LYS M 183 -67.40 28.44 25.21
CA LYS M 183 -66.55 27.45 25.86
C LYS M 183 -65.74 28.04 27.02
N ALA M 184 -65.74 29.35 27.20
CA ALA M 184 -64.96 29.98 28.26
C ALA M 184 -65.69 30.06 29.60
N ARG M 185 -66.98 29.72 29.64
CA ARG M 185 -67.75 29.79 30.88
C ARG M 185 -68.27 28.42 31.28
N PRO M 186 -68.31 28.10 32.59
CA PRO M 186 -67.84 28.94 33.70
C PRO M 186 -66.31 29.04 33.73
N SER M 187 -65.66 28.05 33.13
CA SER M 187 -64.23 28.09 32.86
C SER M 187 -63.94 27.09 31.77
N ARG M 188 -62.82 27.30 31.07
CA ARG M 188 -62.49 26.42 29.95
C ARG M 188 -62.30 24.98 30.41
N ARG M 189 -61.61 24.79 31.54
CA ARG M 189 -61.40 23.44 32.05
C ARG M 189 -62.68 22.85 32.64
N ALA M 190 -63.53 23.69 33.24
CA ALA M 190 -64.82 23.20 33.73
C ALA M 190 -65.68 22.72 32.58
N THR M 191 -65.67 23.44 31.45
CA THR M 191 -66.42 23.00 30.29
C THR M 191 -65.92 21.65 29.79
N TRP M 192 -64.59 21.48 29.73
CA TRP M 192 -64.03 20.22 29.27
C TRP M 192 -64.45 19.06 30.17
N LYS M 193 -64.29 19.22 31.49
CA LYS M 193 -64.63 18.14 32.40
C LYS M 193 -66.11 17.79 32.30
N ARG M 194 -66.98 18.81 32.21
CA ARG M 194 -68.40 18.54 32.09
C ARG M 194 -68.71 17.75 30.82
N ASN M 195 -68.11 18.14 29.70
CA ASN M 195 -68.42 17.48 28.43
C ASN M 195 -67.80 16.09 28.35
N GLN M 196 -66.70 15.85 29.06
CA GLN M 196 -66.09 14.53 29.08
C GLN M 196 -66.75 13.57 30.05
N THR M 197 -67.62 14.07 30.94
CA THR M 197 -68.20 13.22 31.96
C THR M 197 -69.05 12.12 31.34
N LEU M 198 -68.85 10.89 31.80
CA LEU M 198 -69.66 9.74 31.40
C LEU M 198 -70.72 9.55 32.48
N SER M 199 -71.94 10.00 32.21
CA SER M 199 -73.01 9.95 33.20
C SER M 199 -73.65 8.57 33.17
N LEU M 200 -73.46 7.80 34.25
CA LEU M 200 -74.02 6.47 34.39
C LEU M 200 -75.11 6.54 35.46
N ARG M 201 -76.35 6.74 35.01
CA ARG M 201 -77.48 6.84 35.91
C ARG M 201 -77.82 5.47 36.50
N ARG M 202 -78.54 5.50 37.63
CA ARG M 202 -78.96 4.25 38.26
C ARG M 202 -79.81 3.41 37.31
N TYR M 203 -80.85 4.03 36.74
CA TYR M 203 -81.77 3.34 35.84
C TYR M 203 -81.40 3.77 34.42
N ARG M 204 -80.57 2.94 33.77
CA ARG M 204 -80.08 3.25 32.44
C ARG M 204 -80.17 2.03 31.54
N VAL N 2 -47.44 -78.83 19.44
CA VAL N 2 -47.04 -79.52 20.67
C VAL N 2 -47.84 -78.98 21.84
N SER N 3 -48.82 -79.76 22.29
CA SER N 3 -49.66 -79.35 23.42
C SER N 3 -49.14 -79.88 24.76
N GLY N 4 -48.44 -81.00 24.75
CA GLY N 4 -47.91 -81.60 25.97
C GLY N 4 -48.34 -83.04 26.10
N SER N 5 -47.52 -83.82 26.82
CA SER N 5 -47.84 -85.24 27.02
C SER N 5 -49.13 -85.40 27.79
N GLY N 6 -49.31 -84.62 28.86
CA GLY N 6 -50.51 -84.71 29.67
C GLY N 6 -50.54 -85.88 30.63
N ILE N 7 -49.44 -86.60 30.80
CA ILE N 7 -49.38 -87.75 31.68
C ILE N 7 -49.11 -87.29 33.10
N SER N 8 -49.58 -88.07 34.06
CA SER N 8 -49.35 -87.80 35.48
C SER N 8 -48.19 -88.65 35.95
N ALA N 9 -47.05 -88.02 36.22
CA ALA N 9 -45.86 -88.73 36.66
C ALA N 9 -45.10 -87.86 37.65
N ARG N 10 -44.53 -88.52 38.67
CA ARG N 10 -43.71 -87.80 39.63
C ARG N 10 -42.43 -87.26 38.99
N ARG N 11 -41.92 -87.95 37.97
CA ARG N 11 -40.65 -87.60 37.37
C ARG N 11 -40.51 -88.39 36.07
N ILE N 12 -39.91 -87.76 35.07
CA ILE N 12 -39.67 -88.39 33.77
C ILE N 12 -38.17 -88.33 33.49
N VAL N 13 -37.58 -89.49 33.20
CA VAL N 13 -36.17 -89.59 32.87
C VAL N 13 -36.06 -89.85 31.37
N VAL N 14 -35.37 -88.97 30.66
CA VAL N 14 -35.25 -89.02 29.21
C VAL N 14 -33.81 -89.36 28.86
N ASP N 15 -33.64 -90.37 28.00
CA ASP N 15 -32.34 -90.68 27.42
C ASP N 15 -32.22 -89.93 26.10
N ALA N 16 -31.31 -88.96 26.05
CA ALA N 16 -31.20 -88.04 24.93
C ALA N 16 -30.30 -88.56 23.81
N ARG N 17 -29.84 -89.81 23.91
CA ARG N 17 -28.97 -90.36 22.89
C ARG N 17 -29.65 -90.33 21.53
N HIS N 18 -28.94 -89.81 20.53
CA HIS N 18 -29.44 -89.75 19.15
C HIS N 18 -30.79 -89.03 19.08
N HIS N 19 -30.92 -87.93 19.81
CA HIS N 19 -32.05 -87.02 19.69
C HIS N 19 -31.58 -85.71 19.09
N MET N 20 -32.40 -85.12 18.23
CA MET N 20 -32.07 -83.83 17.64
C MET N 20 -32.18 -82.74 18.71
N LEU N 21 -31.16 -81.90 18.79
CA LEU N 21 -31.06 -80.95 19.91
C LEU N 21 -32.28 -80.03 19.95
N GLY N 22 -32.58 -79.37 18.84
CA GLY N 22 -33.65 -78.38 18.84
C GLY N 22 -35.03 -78.97 19.05
N ARG N 23 -35.29 -80.12 18.41
CA ARG N 23 -36.61 -80.74 18.55
C ARG N 23 -36.79 -81.32 19.95
N LEU N 24 -35.73 -81.89 20.53
CA LEU N 24 -35.79 -82.32 21.92
C LEU N 24 -36.04 -81.12 22.84
N SER N 25 -35.39 -79.99 22.56
CA SER N 25 -35.55 -78.82 23.42
C SER N 25 -36.98 -78.31 23.41
N SER N 26 -37.57 -78.21 22.21
CA SER N 26 -38.92 -77.64 22.12
C SER N 26 -39.93 -78.52 22.85
N ILE N 27 -39.83 -79.83 22.69
CA ILE N 27 -40.76 -80.74 23.37
C ILE N 27 -40.57 -80.66 24.88
N LEU N 28 -39.31 -80.71 25.33
CA LEU N 28 -39.05 -80.65 26.76
C LEU N 28 -39.47 -79.31 27.35
N ALA N 29 -39.26 -78.23 26.61
CA ALA N 29 -39.68 -76.91 27.09
C ALA N 29 -41.17 -76.88 27.36
N LYS N 30 -41.97 -77.46 26.46
CA LYS N 30 -43.42 -77.50 26.67
C LYS N 30 -43.78 -78.37 27.87
N GLU N 31 -43.10 -79.50 28.03
CA GLU N 31 -43.35 -80.35 29.19
C GLU N 31 -43.06 -79.61 30.49
N LEU N 32 -41.94 -78.89 30.53
CA LEU N 32 -41.59 -78.13 31.73
C LEU N 32 -42.62 -77.05 32.03
N LEU N 33 -43.08 -76.35 30.99
CA LEU N 33 -44.07 -75.30 31.19
C LEU N 33 -45.41 -75.84 31.67
N ASN N 34 -45.72 -77.10 31.38
CA ASN N 34 -46.94 -77.71 31.86
C ASN N 34 -46.81 -78.26 33.28
N GLY N 35 -45.69 -78.02 33.95
CA GLY N 35 -45.51 -78.48 35.31
C GLY N 35 -44.89 -79.85 35.46
N GLN N 36 -44.27 -80.37 34.41
CA GLN N 36 -43.67 -81.71 34.43
C GLN N 36 -42.20 -81.61 34.79
N ARG N 37 -41.77 -82.44 35.73
CA ARG N 37 -40.36 -82.51 36.12
C ARG N 37 -39.64 -83.51 35.21
N VAL N 38 -38.54 -83.08 34.60
CA VAL N 38 -37.83 -83.86 33.60
C VAL N 38 -36.36 -83.96 33.99
N VAL N 39 -35.81 -85.16 33.83
CA VAL N 39 -34.39 -85.41 33.99
C VAL N 39 -33.85 -85.96 32.68
N VAL N 40 -32.79 -85.33 32.18
CA VAL N 40 -32.17 -85.71 30.90
C VAL N 40 -30.79 -86.27 31.19
N VAL N 41 -30.50 -87.44 30.63
CA VAL N 41 -29.22 -88.11 30.83
C VAL N 41 -28.58 -88.34 29.45
N ARG N 42 -27.26 -88.54 29.48
CA ARG N 42 -26.48 -88.75 28.27
C ARG N 42 -26.67 -87.61 27.26
N CYS N 43 -26.52 -86.39 27.76
CA CYS N 43 -26.62 -85.22 26.89
C CYS N 43 -25.47 -85.13 25.90
N GLU N 44 -24.33 -85.76 26.20
CA GLU N 44 -23.21 -85.75 25.28
C GLU N 44 -23.51 -86.50 23.98
N GLU N 45 -24.53 -87.33 23.97
CA GLU N 45 -24.90 -88.11 22.79
C GLU N 45 -25.98 -87.44 21.96
N ILE N 46 -26.44 -86.25 22.34
CA ILE N 46 -27.38 -85.51 21.52
C ILE N 46 -26.75 -85.24 20.15
N CYS N 47 -27.60 -85.18 19.13
CA CYS N 47 -27.17 -84.98 17.76
C CYS N 47 -27.62 -83.61 17.25
N LEU N 48 -26.75 -82.96 16.49
CA LEU N 48 -27.05 -81.68 15.86
C LEU N 48 -26.88 -81.82 14.36
N SER N 49 -27.91 -81.44 13.61
CA SER N 49 -27.84 -81.51 12.16
C SER N 49 -26.94 -80.43 11.60
N GLY N 50 -26.45 -80.66 10.38
CA GLY N 50 -25.58 -79.74 9.69
C GLY N 50 -24.10 -80.12 9.73
N GLY N 51 -23.71 -81.01 10.63
CA GLY N 51 -22.34 -81.48 10.70
C GLY N 51 -21.51 -80.71 11.70
N LEU N 52 -20.36 -81.28 12.05
CA LEU N 52 -19.49 -80.68 13.05
C LEU N 52 -18.95 -79.34 12.60
N VAL N 53 -18.54 -79.23 11.33
CA VAL N 53 -17.92 -78.01 10.85
C VAL N 53 -18.87 -76.82 10.98
N ARG N 54 -20.11 -76.98 10.50
CA ARG N 54 -21.07 -75.89 10.61
C ARG N 54 -21.40 -75.58 12.06
N GLN N 55 -21.63 -76.62 12.88
CA GLN N 55 -21.96 -76.40 14.28
C GLN N 55 -20.78 -75.78 15.03
N LYS N 56 -19.55 -76.21 14.71
CA LYS N 56 -18.39 -75.59 15.34
C LYS N 56 -18.30 -74.11 14.98
N MET N 57 -18.53 -73.77 13.72
CA MET N 57 -18.50 -72.38 13.30
C MET N 57 -19.57 -71.57 14.04
N LYS N 58 -20.76 -72.14 14.21
CA LYS N 58 -21.82 -71.43 14.91
C LYS N 58 -21.43 -71.13 16.35
N TYR N 59 -20.83 -72.10 17.04
CA TYR N 59 -20.44 -71.88 18.42
C TYR N 59 -19.30 -70.86 18.52
N LEU N 60 -18.39 -70.86 17.54
CA LEU N 60 -17.32 -69.86 17.55
C LEU N 60 -17.89 -68.46 17.39
N ARG N 61 -18.92 -68.29 16.55
CA ARG N 61 -19.59 -67.01 16.48
C ARG N 61 -20.23 -66.65 17.80
N PHE N 62 -20.77 -67.64 18.51
CA PHE N 62 -21.33 -67.40 19.83
C PHE N 62 -20.25 -66.94 20.80
N LEU N 63 -19.06 -67.52 20.73
CA LEU N 63 -17.96 -67.11 21.58
C LEU N 63 -17.54 -65.67 21.34
N ARG N 64 -17.81 -65.12 20.15
CA ARG N 64 -17.46 -63.73 19.89
C ARG N 64 -18.28 -62.77 20.74
N LYS N 65 -19.54 -63.10 21.01
CA LYS N 65 -20.43 -62.20 21.72
C LYS N 65 -19.95 -62.03 23.17
N ARG N 66 -19.62 -60.80 23.54
CA ARG N 66 -19.27 -60.50 24.92
C ARG N 66 -19.40 -59.00 25.13
N MET N 67 -19.85 -58.61 26.33
CA MET N 67 -19.94 -57.19 26.68
C MET N 67 -18.55 -56.57 26.61
N ASN N 68 -18.36 -55.65 25.67
CA ASN N 68 -17.04 -55.11 25.41
C ASN N 68 -16.43 -54.47 26.67
N THR N 69 -17.24 -53.73 27.43
CA THR N 69 -16.74 -53.02 28.60
C THR N 69 -16.60 -53.88 29.84
N LYS N 70 -17.21 -55.07 29.86
CA LYS N 70 -17.19 -55.92 31.04
C LYS N 70 -17.54 -57.36 30.66
N PRO N 71 -16.58 -58.14 30.15
CA PRO N 71 -16.92 -59.48 29.65
C PRO N 71 -17.55 -60.39 30.69
N SER N 72 -17.26 -60.17 31.98
CA SER N 72 -17.88 -61.00 33.02
C SER N 72 -19.38 -60.80 33.08
N HIS N 73 -19.90 -59.71 32.53
CA HIS N 73 -21.33 -59.42 32.53
C HIS N 73 -22.10 -60.21 31.47
N GLY N 74 -21.47 -61.20 30.85
CA GLY N 74 -22.15 -62.03 29.89
C GLY N 74 -21.94 -61.57 28.45
N PRO N 75 -22.40 -62.39 27.48
CA PRO N 75 -23.05 -63.68 27.68
C PRO N 75 -22.10 -64.76 28.20
N ILE N 76 -22.64 -65.75 28.89
CA ILE N 76 -21.85 -66.86 29.42
C ILE N 76 -21.88 -68.00 28.42
N HIS N 77 -20.70 -68.49 28.03
CA HIS N 77 -20.56 -69.52 27.00
C HIS N 77 -20.19 -70.83 27.69
N PHE N 78 -21.21 -71.58 28.09
CA PHE N 78 -20.98 -72.89 28.68
C PHE N 78 -20.51 -73.88 27.61
N ARG N 79 -19.53 -74.72 27.98
CA ARG N 79 -18.94 -75.67 27.05
C ARG N 79 -19.48 -77.09 27.22
N ALA N 80 -19.91 -77.47 28.41
CA ALA N 80 -20.33 -78.84 28.65
C ALA N 80 -21.62 -79.15 27.89
N PRO N 81 -21.78 -80.39 27.41
CA PRO N 81 -23.03 -80.73 26.69
C PRO N 81 -24.28 -80.49 27.51
N SER N 82 -24.26 -80.80 28.81
CA SER N 82 -25.46 -80.62 29.63
C SER N 82 -25.87 -79.16 29.70
N LYS N 83 -24.90 -78.26 29.87
CA LYS N 83 -25.23 -76.83 29.96
C LYS N 83 -25.67 -76.28 28.63
N ILE N 84 -25.12 -76.77 27.52
CA ILE N 84 -25.56 -76.33 26.21
C ILE N 84 -27.01 -76.69 25.98
N LEU N 85 -27.40 -77.92 26.35
CA LEU N 85 -28.80 -78.29 26.28
C LEU N 85 -29.64 -77.42 27.20
N TRP N 86 -29.15 -77.16 28.41
CA TRP N 86 -29.88 -76.32 29.34
C TRP N 86 -30.10 -74.92 28.77
N ARG N 87 -29.06 -74.34 28.16
CA ARG N 87 -29.19 -73.01 27.58
C ARG N 87 -30.08 -73.04 26.35
N THR N 88 -30.03 -74.11 25.57
CA THR N 88 -30.90 -74.24 24.41
C THR N 88 -32.37 -74.24 24.83
N ILE N 89 -32.69 -74.97 25.90
CA ILE N 89 -34.07 -74.99 26.39
C ILE N 89 -34.44 -73.62 26.96
N ARG N 90 -33.48 -72.93 27.60
CA ARG N 90 -33.77 -71.63 28.16
C ARG N 90 -34.26 -70.64 27.10
N GLY N 91 -33.75 -70.76 25.87
CA GLY N 91 -34.19 -69.88 24.80
C GLY N 91 -35.61 -70.12 24.35
N MET N 92 -36.19 -71.26 24.72
CA MET N 92 -37.57 -71.61 24.36
C MET N 92 -38.52 -71.46 25.55
N ILE N 93 -38.11 -70.72 26.58
CA ILE N 93 -38.91 -70.54 27.78
C ILE N 93 -38.86 -69.06 28.17
N PRO N 94 -39.95 -68.46 28.63
CA PRO N 94 -39.88 -67.07 29.10
C PRO N 94 -39.17 -66.99 30.45
N HIS N 95 -37.86 -67.22 30.44
CA HIS N 95 -37.11 -67.43 31.68
C HIS N 95 -36.99 -66.17 32.53
N LYS N 96 -37.33 -65.00 32.00
CA LYS N 96 -37.27 -63.77 32.76
C LYS N 96 -38.51 -63.54 33.62
N THR N 97 -39.52 -64.40 33.51
CA THR N 97 -40.69 -64.35 34.36
C THR N 97 -40.62 -65.43 35.43
N LYS N 98 -41.43 -65.27 36.49
CA LYS N 98 -41.49 -66.27 37.53
C LYS N 98 -41.97 -67.61 36.98
N ARG N 99 -42.96 -67.59 36.10
CA ARG N 99 -43.46 -68.81 35.49
C ARG N 99 -42.36 -69.54 34.73
N GLY N 100 -41.58 -68.78 33.94
CA GLY N 100 -40.48 -69.40 33.22
C GLY N 100 -39.38 -69.89 34.14
N ALA N 101 -39.05 -69.12 35.18
CA ALA N 101 -38.00 -69.51 36.10
C ALA N 101 -38.35 -70.80 36.83
N ALA N 102 -39.60 -70.94 37.26
CA ALA N 102 -40.03 -72.16 37.92
C ALA N 102 -39.95 -73.35 36.97
N ALA N 103 -40.30 -73.15 35.70
CA ALA N 103 -40.22 -74.24 34.72
C ALA N 103 -38.79 -74.73 34.56
N LEU N 104 -37.82 -73.81 34.50
CA LEU N 104 -36.43 -74.20 34.37
C LEU N 104 -35.93 -74.92 35.62
N ALA N 105 -36.45 -74.54 36.80
CA ALA N 105 -36.04 -75.18 38.04
C ALA N 105 -36.52 -76.61 38.14
N ARG N 106 -37.40 -77.05 37.26
CA ARG N 106 -37.88 -78.44 37.22
C ARG N 106 -37.09 -79.30 36.25
N LEU N 107 -36.03 -78.77 35.64
CA LEU N 107 -35.22 -79.49 34.68
C LEU N 107 -33.87 -79.85 35.28
N LYS N 108 -33.42 -81.08 35.02
CA LYS N 108 -32.10 -81.54 35.42
C LYS N 108 -31.44 -82.22 34.24
N VAL N 109 -30.17 -81.89 34.00
CA VAL N 109 -29.42 -82.36 32.85
C VAL N 109 -28.08 -82.90 33.32
N TYR N 110 -27.68 -84.06 32.79
CA TYR N 110 -26.42 -84.69 33.16
C TYR N 110 -25.76 -85.27 31.91
N GLU N 111 -24.43 -85.26 31.92
CA GLU N 111 -23.66 -86.08 31.00
C GLU N 111 -23.59 -87.50 31.55
N GLY N 112 -23.70 -88.48 30.66
CA GLY N 112 -23.70 -89.86 31.12
C GLY N 112 -24.97 -90.17 31.90
N VAL N 113 -24.88 -91.21 32.72
CA VAL N 113 -26.01 -91.65 33.54
C VAL N 113 -25.55 -91.81 34.98
N PRO N 114 -25.39 -90.73 35.74
CA PRO N 114 -24.95 -90.85 37.13
C PRO N 114 -26.06 -91.45 37.99
N PRO N 115 -25.72 -92.02 39.14
CA PRO N 115 -26.75 -92.53 40.05
C PRO N 115 -27.64 -91.40 40.54
N PRO N 116 -28.89 -91.69 40.94
CA PRO N 116 -29.52 -93.02 40.95
C PRO N 116 -30.19 -93.38 39.62
N TYR N 117 -30.03 -92.52 38.62
CA TYR N 117 -30.74 -92.71 37.36
C TYR N 117 -30.22 -93.88 36.55
N ASP N 118 -29.07 -94.46 36.91
CA ASP N 118 -28.56 -95.62 36.20
C ASP N 118 -29.45 -96.84 36.40
N LYS N 119 -30.28 -96.86 37.44
CA LYS N 119 -31.18 -97.98 37.72
C LYS N 119 -32.64 -97.56 37.60
N ILE N 120 -32.92 -96.55 36.80
CA ILE N 120 -34.26 -96.03 36.58
C ILE N 120 -34.58 -96.13 35.10
N LYS N 121 -35.81 -96.50 34.77
CA LYS N 121 -36.21 -96.64 33.38
C LYS N 121 -36.08 -95.30 32.66
N ARG N 122 -35.50 -95.34 31.46
CA ARG N 122 -35.25 -94.16 30.66
C ARG N 122 -36.06 -94.24 29.37
N MET N 123 -36.80 -93.16 29.08
CA MET N 123 -37.70 -93.11 27.94
C MET N 123 -37.08 -92.29 26.80
N VAL N 124 -37.66 -92.43 25.62
CA VAL N 124 -37.24 -91.70 24.44
C VAL N 124 -38.42 -90.89 23.91
N ILE N 125 -38.13 -89.92 23.07
CA ILE N 125 -39.11 -89.02 22.49
C ILE N 125 -39.09 -89.19 20.98
N PRO N 126 -40.07 -89.91 20.40
CA PRO N 126 -40.01 -90.20 18.96
C PRO N 126 -39.93 -88.97 18.08
N ASP N 127 -40.60 -87.87 18.46
CA ASP N 127 -40.61 -86.68 17.61
C ASP N 127 -39.24 -86.02 17.51
N ALA N 128 -38.28 -86.42 18.34
CA ALA N 128 -36.93 -85.85 18.29
C ALA N 128 -35.87 -86.87 17.90
N LEU N 129 -36.25 -88.11 17.59
CA LEU N 129 -35.27 -89.14 17.28
C LEU N 129 -34.62 -88.88 15.92
N LYS N 130 -33.30 -89.09 15.87
CA LYS N 130 -32.59 -88.89 14.61
C LYS N 130 -33.04 -89.86 13.53
N VAL N 131 -33.30 -91.12 13.92
CA VAL N 131 -33.67 -92.14 12.95
C VAL N 131 -34.96 -91.77 12.22
N LEU N 132 -35.80 -90.94 12.83
CA LEU N 132 -37.04 -90.52 12.19
C LEU N 132 -36.98 -89.12 11.59
N ARG N 133 -36.05 -88.28 12.04
CA ARG N 133 -36.02 -86.89 11.63
C ARG N 133 -34.92 -86.55 10.64
N LEU N 134 -33.82 -87.30 10.62
CA LEU N 134 -32.68 -86.99 9.77
C LEU N 134 -32.53 -88.09 8.72
N GLN N 135 -32.48 -87.68 7.45
CA GLN N 135 -32.31 -88.64 6.36
C GLN N 135 -30.89 -89.20 6.40
N SER N 136 -30.79 -90.52 6.26
CA SER N 136 -29.48 -91.17 6.28
C SER N 136 -28.59 -90.60 5.19
N GLY N 137 -27.35 -90.28 5.56
CA GLY N 137 -26.40 -89.68 4.66
C GLY N 137 -26.20 -88.19 4.84
N HIS N 138 -27.06 -87.52 5.60
CA HIS N 138 -26.91 -86.10 5.86
C HIS N 138 -26.00 -85.87 7.05
N LYS N 139 -25.30 -84.75 7.03
CA LYS N 139 -24.30 -84.47 8.05
C LYS N 139 -24.94 -84.24 9.41
N TYR N 140 -24.26 -84.74 10.44
CA TYR N 140 -24.66 -84.46 11.82
C TYR N 140 -23.46 -84.70 12.71
N CYS N 141 -23.50 -84.11 13.90
CA CYS N 141 -22.44 -84.27 14.88
C CYS N 141 -23.05 -84.52 16.26
N LEU N 142 -22.29 -85.18 17.11
CA LEU N 142 -22.70 -85.39 18.49
C LEU N 142 -22.33 -84.19 19.34
N LEU N 143 -23.20 -83.84 20.30
CA LEU N 143 -22.95 -82.69 21.14
C LEU N 143 -21.69 -82.87 21.97
N GLY N 144 -21.38 -84.11 22.38
CA GLY N 144 -20.15 -84.34 23.11
C GLY N 144 -18.91 -84.06 22.30
N LYS N 145 -18.92 -84.45 21.02
CA LYS N 145 -17.79 -84.15 20.14
C LYS N 145 -17.63 -82.64 19.97
N LEU N 146 -18.74 -81.93 19.76
CA LEU N 146 -18.66 -80.47 19.61
C LEU N 146 -18.13 -79.82 20.89
N SER N 147 -18.61 -80.27 22.05
CA SER N 147 -18.19 -79.66 23.31
C SER N 147 -16.69 -79.84 23.52
N SER N 148 -16.14 -80.98 23.14
CA SER N 148 -14.71 -81.22 23.34
C SER N 148 -13.87 -80.21 22.59
N GLU N 149 -14.25 -79.90 21.35
CA GLU N 149 -13.47 -78.99 20.52
C GLU N 149 -13.65 -77.53 20.91
N VAL N 150 -14.59 -77.20 21.78
CA VAL N 150 -14.80 -75.83 22.23
C VAL N 150 -14.42 -75.66 23.69
N GLY N 151 -13.81 -76.67 24.31
CA GLY N 151 -13.22 -76.50 25.62
C GLY N 151 -13.85 -77.31 26.74
N TRP N 152 -14.40 -78.47 26.41
CA TRP N 152 -14.92 -79.41 27.40
C TRP N 152 -13.93 -80.56 27.50
N ASN N 153 -13.28 -80.70 28.65
CA ASN N 153 -12.18 -81.62 28.83
C ASN N 153 -12.57 -82.89 29.58
N HIS N 154 -13.85 -83.14 29.81
CA HIS N 154 -14.31 -84.30 30.55
C HIS N 154 -14.85 -85.41 29.66
N TYR N 155 -14.65 -85.32 28.34
CA TYR N 155 -15.23 -86.30 27.43
C TYR N 155 -14.70 -87.70 27.74
N ASP N 156 -13.38 -87.82 27.95
CA ASP N 156 -12.80 -89.13 28.25
C ASP N 156 -13.34 -89.68 29.57
N THR N 157 -13.46 -88.82 30.58
CA THR N 157 -13.95 -89.28 31.88
C THR N 157 -15.35 -89.87 31.75
N ILE N 158 -16.23 -89.19 31.02
CA ILE N 158 -17.58 -89.71 30.80
C ILE N 158 -17.52 -91.01 30.01
N LYS N 159 -16.63 -91.08 29.02
CA LYS N 159 -16.55 -92.27 28.18
C LYS N 159 -16.16 -93.50 28.99
N GLU N 160 -15.20 -93.36 29.90
CA GLU N 160 -14.79 -94.50 30.72
C GLU N 160 -15.89 -94.91 31.68
N LEU N 161 -16.54 -93.93 32.33
CA LEU N 161 -17.62 -94.25 33.26
C LEU N 161 -18.78 -94.91 32.54
N GLU N 162 -19.10 -94.45 31.34
CA GLU N 162 -20.19 -95.06 30.58
C GLU N 162 -19.89 -96.50 30.23
N ASN N 163 -18.65 -96.80 29.83
CA ASN N 163 -18.29 -98.18 29.52
C ASN N 163 -18.43 -99.07 30.76
N LYS N 164 -18.02 -98.56 31.92
CA LYS N 164 -18.19 -99.33 33.14
C LYS N 164 -19.66 -99.58 33.46
N ARG N 165 -20.50 -98.56 33.28
CA ARG N 165 -21.93 -98.72 33.53
C ARG N 165 -22.54 -99.73 32.57
N LYS N 166 -22.17 -99.66 31.30
CA LYS N 166 -22.75 -100.57 30.31
C LYS N 166 -22.41 -102.02 30.62
N GLU N 167 -21.17 -102.28 31.02
CA GLU N 167 -20.77 -103.65 31.35
C GLU N 167 -21.56 -104.16 32.55
N ARG N 168 -21.75 -103.32 33.58
CA ARG N 168 -22.57 -103.72 34.72
C ARG N 168 -24.01 -103.96 34.29
N ALA N 169 -24.54 -103.11 33.42
CA ALA N 169 -25.90 -103.31 32.93
C ALA N 169 -26.01 -104.62 32.16
N GLN N 170 -24.97 -104.98 31.40
CA GLN N 170 -24.99 -106.25 30.68
C GLN N 170 -25.08 -107.43 31.64
N VAL N 171 -24.33 -107.37 32.74
CA VAL N 171 -24.39 -108.44 33.74
C VAL N 171 -25.80 -108.53 34.33
N ALA N 172 -26.38 -107.38 34.68
CA ALA N 172 -27.73 -107.38 35.22
C ALA N 172 -28.73 -107.89 34.18
N TYR N 173 -28.53 -107.54 32.91
CA TYR N 173 -29.42 -108.02 31.86
C TYR N 173 -29.40 -109.54 31.77
N GLU N 174 -28.22 -110.14 31.90
CA GLU N 174 -28.13 -111.60 31.85
C GLU N 174 -28.86 -112.24 33.02
N ARG N 175 -28.75 -111.65 34.22
CA ARG N 175 -29.46 -112.19 35.36
C ARG N 175 -30.97 -112.19 35.14
N ARG N 176 -31.51 -111.08 34.63
CA ARG N 176 -32.94 -111.06 34.30
C ARG N 176 -33.24 -112.03 33.16
N LYS N 177 -32.34 -112.15 32.18
CA LYS N 177 -32.56 -113.07 31.08
C LYS N 177 -32.66 -114.50 31.58
N GLN N 178 -31.77 -114.90 32.50
CA GLN N 178 -31.86 -116.24 33.08
C GLN N 178 -33.11 -116.39 33.93
N LEU N 179 -33.46 -115.35 34.69
CA LEU N 179 -34.67 -115.41 35.51
C LEU N 179 -35.91 -115.58 34.64
N ALA N 180 -35.94 -114.94 33.48
CA ALA N 180 -37.07 -115.13 32.56
C ALA N 180 -37.17 -116.58 32.09
N LYS N 181 -36.02 -117.19 31.76
CA LYS N 181 -36.03 -118.59 31.36
C LYS N 181 -36.51 -119.49 32.49
N LEU N 182 -36.24 -119.11 33.74
CA LEU N 182 -36.71 -119.89 34.88
C LEU N 182 -38.20 -119.69 35.12
N ARG N 183 -38.78 -118.62 34.58
CA ARG N 183 -40.20 -118.34 34.78
C ARG N 183 -41.08 -119.00 33.72
N VAL N 184 -40.55 -119.20 32.50
CA VAL N 184 -41.33 -119.91 31.49
C VAL N 184 -41.55 -121.36 31.90
N LYS N 185 -40.59 -121.96 32.60
CA LYS N 185 -40.79 -123.29 33.15
C LYS N 185 -41.89 -123.29 34.22
N ALA N 186 -41.91 -122.26 35.06
CA ALA N 186 -42.89 -122.20 36.14
C ALA N 186 -44.31 -122.17 35.60
N GLU N 187 -44.57 -121.35 34.58
CA GLU N 187 -45.91 -121.28 34.01
C GLU N 187 -46.32 -122.61 33.40
N LYS N 188 -45.38 -123.30 32.74
CA LYS N 188 -45.69 -124.60 32.16
C LYS N 188 -46.08 -125.60 33.25
N ALA N 189 -45.36 -125.59 34.37
CA ALA N 189 -45.73 -126.44 35.50
C ALA N 189 -47.10 -126.06 36.05
N ALA N 190 -47.38 -124.76 36.14
CA ALA N 190 -48.67 -124.29 36.62
C ALA N 190 -49.79 -124.52 35.62
N GLU N 191 -49.47 -124.93 34.39
CA GLU N 191 -50.50 -125.11 33.37
C GLU N 191 -51.52 -126.16 33.80
N GLU N 192 -51.06 -127.26 34.39
CA GLU N 192 -51.98 -128.31 34.81
C GLU N 192 -52.96 -127.81 35.85
N LYS N 193 -52.48 -127.05 36.83
CA LYS N 193 -53.36 -126.54 37.87
C LYS N 193 -54.40 -125.57 37.32
N LEU N 194 -53.98 -124.71 36.40
CA LEU N 194 -54.82 -123.62 35.89
C LEU N 194 -55.39 -124.05 34.54
N GLY N 195 -56.53 -124.73 34.58
CA GLY N 195 -57.23 -125.12 33.36
C GLY N 195 -58.26 -124.09 32.96
N PRO N 196 -59.19 -123.78 33.86
CA PRO N 196 -60.20 -122.76 33.55
C PRO N 196 -59.60 -121.38 33.36
N GLN N 197 -58.57 -121.03 34.13
CA GLN N 197 -58.02 -119.67 34.07
C GLN N 197 -57.39 -119.38 32.72
N LEU N 198 -56.65 -120.35 32.17
CA LEU N 198 -56.00 -120.14 30.88
C LEU N 198 -57.02 -119.98 29.76
N ALA N 199 -58.18 -120.65 29.88
CA ALA N 199 -59.21 -120.52 28.84
C ALA N 199 -59.70 -119.09 28.73
N VAL N 200 -59.90 -118.41 29.87
CA VAL N 200 -60.37 -117.03 29.85
C VAL N 200 -59.31 -116.12 29.25
N ILE N 201 -58.03 -116.36 29.58
CA ILE N 201 -56.96 -115.49 29.11
C ILE N 201 -56.56 -115.79 27.67
N GLU N 202 -56.94 -116.96 27.13
CA GLU N 202 -56.51 -117.32 25.79
C GLU N 202 -56.90 -116.31 24.73
N PRO N 203 -58.16 -115.86 24.63
CA PRO N 203 -58.50 -114.87 23.59
C PRO N 203 -57.79 -113.54 23.76
N ILE N 204 -57.32 -113.23 24.97
CA ILE N 204 -56.67 -111.94 25.21
C ILE N 204 -55.15 -112.02 25.08
N LYS N 205 -54.56 -113.20 25.24
CA LYS N 205 -53.11 -113.33 25.19
C LYS N 205 -52.61 -113.07 23.77
N TYR N 206 -51.49 -112.36 23.67
CA TYR N 206 -50.88 -112.10 22.38
C TYR N 206 -50.16 -113.34 21.85
N VAL O 2 -46.05 -36.20 78.46
CA VAL O 2 -47.48 -36.33 78.69
C VAL O 2 -47.97 -37.68 78.17
N LYS O 3 -48.22 -37.77 76.87
CA LYS O 3 -48.61 -39.01 76.22
C LYS O 3 -47.44 -39.51 75.38
N TYR O 4 -47.07 -40.77 75.59
CA TYR O 4 -46.00 -41.39 74.84
C TYR O 4 -46.57 -42.15 73.65
N SER O 5 -45.77 -42.26 72.59
CA SER O 5 -46.25 -42.89 71.36
C SER O 5 -46.73 -44.31 71.61
N ARG O 6 -46.11 -45.01 72.55
CA ARG O 6 -46.49 -46.38 72.89
C ARG O 6 -46.66 -46.49 74.40
N GLU O 7 -47.73 -47.15 74.82
CA GLU O 7 -47.99 -47.29 76.24
C GLU O 7 -47.47 -48.62 76.77
N PRO O 8 -46.96 -48.67 77.99
CA PRO O 8 -46.49 -49.94 78.54
C PRO O 8 -47.64 -50.92 78.72
N ASP O 9 -47.33 -52.21 78.55
CA ASP O 9 -48.34 -53.24 78.74
C ASP O 9 -48.86 -53.24 80.18
N ASN O 10 -47.96 -53.09 81.15
CA ASN O 10 -48.32 -53.02 82.56
C ASN O 10 -47.86 -51.68 83.12
N PRO O 11 -48.74 -50.68 83.20
CA PRO O 11 -48.31 -49.37 83.71
C PRO O 11 -47.75 -49.42 85.12
N THR O 12 -48.25 -50.31 85.97
CA THR O 12 -47.78 -50.37 87.35
C THR O 12 -46.32 -50.85 87.43
N LYS O 13 -45.86 -51.62 86.44
CA LYS O 13 -44.52 -52.19 86.45
C LYS O 13 -43.57 -51.46 85.51
N SER O 14 -43.88 -50.22 85.12
CA SER O 14 -43.08 -49.49 84.17
C SER O 14 -42.84 -48.06 84.65
N CYS O 15 -41.72 -47.50 84.22
CA CYS O 15 -41.39 -46.11 84.45
C CYS O 15 -40.93 -45.50 83.12
N LYS O 16 -40.92 -44.18 83.06
CA LYS O 16 -40.64 -43.50 81.81
C LYS O 16 -40.03 -42.12 82.08
N SER O 17 -39.37 -41.60 81.05
CA SER O 17 -38.81 -40.25 81.09
C SER O 17 -38.71 -39.75 79.65
N ARG O 18 -38.67 -38.42 79.50
CA ARG O 18 -38.65 -37.81 78.18
C ARG O 18 -37.80 -36.55 78.22
N GLY O 19 -37.32 -36.16 77.05
CA GLY O 19 -36.61 -34.90 76.89
C GLY O 19 -37.03 -34.22 75.61
N SER O 20 -37.21 -32.90 75.65
CA SER O 20 -37.74 -32.14 74.53
C SER O 20 -36.75 -31.08 74.09
N SER O 21 -36.63 -30.90 72.77
CA SER O 21 -35.79 -29.85 72.17
C SER O 21 -34.35 -29.95 72.67
N LEU O 22 -33.84 -31.17 72.76
CA LEU O 22 -32.46 -31.38 73.18
C LEU O 22 -31.51 -30.99 72.06
N ARG O 23 -30.49 -30.19 72.38
CA ARG O 23 -29.54 -29.69 71.39
C ARG O 23 -28.53 -30.79 71.09
N VAL O 24 -28.96 -31.76 70.29
CA VAL O 24 -28.12 -32.85 69.85
C VAL O 24 -28.65 -33.33 68.50
N HIS O 25 -27.73 -33.77 67.64
CA HIS O 25 -28.12 -34.14 66.28
C HIS O 25 -29.16 -35.25 66.30
N PHE O 26 -30.25 -35.03 65.55
CA PHE O 26 -31.32 -36.02 65.48
C PHE O 26 -30.81 -37.34 64.91
N LYS O 27 -30.05 -37.27 63.80
CA LYS O 27 -29.61 -38.51 63.15
C LYS O 27 -28.68 -39.31 64.04
N ASN O 28 -27.74 -38.65 64.72
CA ASN O 28 -26.85 -39.37 65.64
C ASN O 28 -27.64 -40.00 66.78
N THR O 29 -28.60 -39.26 67.34
CA THR O 29 -29.35 -39.76 68.47
C THR O 29 -30.25 -40.94 68.08
N ARG O 30 -30.81 -40.91 66.87
CA ARG O 30 -31.64 -42.03 66.42
C ARG O 30 -30.83 -43.31 66.35
N GLU O 31 -29.60 -43.24 65.83
CA GLU O 31 -28.77 -44.43 65.76
C GLU O 31 -28.45 -44.97 67.15
N THR O 32 -28.15 -44.08 68.10
CA THR O 32 -27.89 -44.53 69.47
C THR O 32 -29.12 -45.19 70.08
N ALA O 33 -30.30 -44.59 69.90
CA ALA O 33 -31.51 -45.18 70.41
C ALA O 33 -31.80 -46.51 69.74
N HIS O 34 -31.55 -46.60 68.44
CA HIS O 34 -31.82 -47.84 67.72
C HIS O 34 -30.98 -49.00 68.25
N ALA O 35 -29.82 -48.71 68.82
CA ALA O 35 -28.94 -49.74 69.36
C ALA O 35 -29.30 -50.14 70.78
N LEU O 36 -30.17 -49.40 71.46
CA LEU O 36 -30.52 -49.68 72.85
C LEU O 36 -31.86 -50.38 73.01
N ARG O 37 -32.64 -50.50 71.94
CA ARG O 37 -34.00 -51.01 72.08
C ARG O 37 -34.00 -52.46 72.56
N LYS O 38 -34.91 -52.77 73.49
CA LYS O 38 -35.06 -54.11 74.02
C LYS O 38 -33.77 -54.59 74.69
N MET O 39 -33.15 -53.71 75.46
CA MET O 39 -31.90 -53.99 76.13
C MET O 39 -32.04 -53.81 77.64
N PRO O 40 -31.46 -54.70 78.45
CA PRO O 40 -31.54 -54.51 79.90
C PRO O 40 -30.91 -53.20 80.33
N LEU O 41 -31.49 -52.60 81.38
CA LEU O 41 -31.03 -51.29 81.83
C LEU O 41 -29.58 -51.33 82.26
N ASP O 42 -29.18 -52.37 83.00
CA ASP O 42 -27.80 -52.46 83.47
C ASP O 42 -26.84 -52.58 82.30
N LYS O 43 -27.16 -53.41 81.31
CA LYS O 43 -26.30 -53.54 80.14
C LYS O 43 -26.29 -52.26 79.31
N ALA O 44 -27.44 -51.60 79.17
CA ALA O 44 -27.51 -50.38 78.39
C ALA O 44 -26.61 -49.30 78.97
N LYS O 45 -26.63 -49.13 80.30
CA LYS O 45 -25.79 -48.10 80.92
C LYS O 45 -24.31 -48.39 80.69
N SER O 46 -23.90 -49.65 80.87
CA SER O 46 -22.50 -50.00 80.63
C SER O 46 -22.15 -49.85 79.16
N TYR O 47 -23.08 -50.19 78.26
CA TYR O 47 -22.82 -50.05 76.84
C TYR O 47 -22.59 -48.59 76.45
N LEU O 48 -23.40 -47.68 76.99
CA LEU O 48 -23.22 -46.27 76.68
C LEU O 48 -21.93 -45.73 77.29
N GLU O 49 -21.57 -46.19 78.48
CA GLU O 49 -20.33 -45.75 79.10
C GLU O 49 -19.12 -46.22 78.27
N ASP O 50 -19.19 -47.41 77.70
CA ASP O 50 -18.12 -47.87 76.83
C ASP O 50 -18.02 -47.02 75.57
N VAL O 51 -19.15 -46.51 75.07
CA VAL O 51 -19.11 -45.60 73.93
C VAL O 51 -18.37 -44.33 74.30
N LEU O 52 -18.64 -43.79 75.48
CA LEU O 52 -17.94 -42.59 75.93
C LEU O 52 -16.45 -42.85 76.09
N ALA O 53 -16.06 -44.09 76.36
CA ALA O 53 -14.66 -44.47 76.48
C ALA O 53 -14.06 -44.96 75.18
N HIS O 54 -14.82 -44.93 74.09
CA HIS O 54 -14.35 -45.35 72.77
C HIS O 54 -13.96 -46.83 72.76
N LYS O 55 -14.61 -47.63 73.60
CA LYS O 55 -14.38 -49.07 73.65
C LYS O 55 -15.45 -49.86 72.91
N GLN O 56 -16.67 -49.32 72.81
CA GLN O 56 -17.73 -49.92 72.01
C GLN O 56 -18.31 -48.84 71.11
N ALA O 57 -18.72 -49.24 69.92
CA ALA O 57 -19.23 -48.32 68.91
C ALA O 57 -20.72 -48.50 68.73
N ILE O 58 -21.38 -47.43 68.30
CA ILE O 58 -22.81 -47.44 67.98
C ILE O 58 -22.94 -47.63 66.48
N PRO O 59 -23.52 -48.74 66.01
CA PRO O 59 -23.62 -48.94 64.56
C PRO O 59 -24.57 -47.94 63.92
N PHE O 60 -24.24 -47.53 62.70
CA PHE O 60 -25.05 -46.62 61.90
C PHE O 60 -25.64 -47.39 60.73
N THR O 61 -26.97 -47.52 60.72
CA THR O 61 -27.66 -48.33 59.72
C THR O 61 -28.46 -47.51 58.71
N ARG O 62 -29.12 -46.43 59.15
CA ARG O 62 -29.95 -45.62 58.27
C ARG O 62 -29.22 -44.36 57.80
N PHE O 63 -28.76 -43.53 58.73
CA PHE O 63 -28.05 -42.30 58.40
C PHE O 63 -26.54 -42.57 58.43
N CYS O 64 -26.09 -43.37 57.45
CA CYS O 64 -24.76 -43.94 57.48
C CYS O 64 -23.92 -43.59 56.26
N ARG O 65 -24.41 -42.75 55.35
CA ARG O 65 -23.64 -42.44 54.15
C ARG O 65 -22.40 -41.66 54.53
N GLY O 66 -21.23 -42.15 54.11
CA GLY O 66 -19.98 -41.53 54.44
C GLY O 66 -19.42 -41.87 55.80
N VAL O 67 -20.12 -42.67 56.59
CA VAL O 67 -19.63 -43.05 57.91
C VAL O 67 -18.47 -44.03 57.77
N GLY O 68 -17.46 -43.86 58.61
CA GLY O 68 -16.29 -44.72 58.56
C GLY O 68 -16.60 -46.12 59.04
N ARG O 69 -15.62 -47.00 58.82
CA ARG O 69 -15.74 -48.41 59.16
C ARG O 69 -14.81 -48.73 60.32
N THR O 70 -15.33 -49.44 61.32
CA THR O 70 -14.58 -49.77 62.52
C THR O 70 -14.86 -51.22 62.91
N ALA O 71 -13.86 -51.84 63.53
CA ALA O 71 -14.02 -53.22 63.98
C ALA O 71 -14.93 -53.34 65.19
N GLN O 72 -15.08 -52.27 65.98
CA GLN O 72 -15.92 -52.32 67.18
C GLN O 72 -17.40 -52.50 66.87
N ALA O 73 -17.82 -52.32 65.62
CA ALA O 73 -19.22 -52.43 65.25
C ALA O 73 -19.56 -53.70 64.48
N LYS O 74 -18.57 -54.57 64.22
CA LYS O 74 -18.85 -55.76 63.40
C LYS O 74 -19.79 -56.72 64.11
N ASN O 75 -19.72 -56.81 65.43
CA ASN O 75 -20.57 -57.75 66.16
C ASN O 75 -22.05 -57.43 65.96
N ARG O 76 -22.40 -56.15 65.99
CA ARG O 76 -23.78 -55.73 65.84
C ARG O 76 -24.13 -55.36 64.40
N HIS O 77 -23.16 -54.96 63.59
CA HIS O 77 -23.39 -54.53 62.21
C HIS O 77 -22.26 -55.09 61.36
N SER O 78 -22.58 -56.06 60.51
CA SER O 78 -21.53 -56.84 59.84
C SER O 78 -20.61 -55.97 59.00
N ASN O 79 -21.19 -55.02 58.23
CA ASN O 79 -20.36 -54.24 57.32
C ASN O 79 -19.42 -53.28 58.05
N GLY O 80 -19.61 -53.07 59.34
CA GLY O 80 -18.64 -52.34 60.14
C GLY O 80 -18.84 -50.85 60.24
N GLN O 81 -19.96 -50.31 59.77
CA GLN O 81 -20.22 -48.88 59.88
C GLN O 81 -20.67 -48.55 61.30
N GLY O 82 -19.93 -47.68 61.97
CA GLY O 82 -20.25 -47.29 63.33
C GLY O 82 -19.47 -46.05 63.72
N ARG O 83 -19.88 -45.47 64.85
CA ARG O 83 -19.27 -44.25 65.36
C ARG O 83 -19.42 -44.22 66.87
N TRP O 84 -18.97 -43.12 67.47
CA TRP O 84 -19.01 -42.94 68.92
C TRP O 84 -19.65 -41.59 69.23
N PRO O 85 -20.95 -41.45 68.98
CA PRO O 85 -21.61 -40.16 69.24
C PRO O 85 -21.79 -39.90 70.73
N VAL O 86 -20.74 -39.36 71.36
CA VAL O 86 -20.74 -39.19 72.81
C VAL O 86 -21.85 -38.23 73.23
N LYS O 87 -22.07 -37.17 72.45
CA LYS O 87 -23.08 -36.19 72.84
C LYS O 87 -24.47 -36.81 72.89
N SER O 88 -24.81 -37.64 71.89
CA SER O 88 -26.08 -38.36 71.94
C SER O 88 -26.12 -39.32 73.11
N ALA O 89 -25.01 -40.03 73.37
CA ALA O 89 -24.97 -40.95 74.49
C ALA O 89 -25.17 -40.23 75.81
N GLY O 90 -24.58 -39.05 75.96
CA GLY O 90 -24.73 -38.30 77.19
C GLY O 90 -26.18 -37.95 77.50
N PHE O 91 -26.92 -37.47 76.50
CA PHE O 91 -28.31 -37.13 76.72
C PHE O 91 -29.14 -38.36 77.08
N ILE O 92 -28.91 -39.47 76.37
CA ILE O 92 -29.67 -40.68 76.64
C ILE O 92 -29.30 -41.26 78.00
N LEU O 93 -28.03 -41.17 78.38
CA LEU O 93 -27.62 -41.65 79.69
C LEU O 93 -28.34 -40.90 80.81
N ASP O 94 -28.49 -39.59 80.65
CA ASP O 94 -29.22 -38.82 81.65
C ASP O 94 -30.68 -39.25 81.72
N LEU O 95 -31.29 -39.52 80.56
CA LEU O 95 -32.68 -39.98 80.54
C LEU O 95 -32.83 -41.31 81.25
N LEU O 96 -31.90 -42.24 81.02
CA LEU O 96 -31.97 -43.53 81.69
C LEU O 96 -31.88 -43.38 83.20
N LYS O 97 -30.98 -42.51 83.68
CA LYS O 97 -30.87 -42.28 85.12
C LYS O 97 -32.14 -41.66 85.68
N ASN O 98 -32.75 -40.73 84.94
CA ASN O 98 -33.99 -40.14 85.39
C ASN O 98 -35.10 -41.19 85.47
N ALA O 99 -35.20 -42.06 84.46
CA ALA O 99 -36.20 -43.11 84.50
C ALA O 99 -35.93 -44.08 85.64
N GLU O 100 -34.66 -44.37 85.92
CA GLU O 100 -34.32 -45.26 87.02
C GLU O 100 -34.76 -44.67 88.35
N SER O 101 -34.56 -43.37 88.54
CA SER O 101 -35.01 -42.72 89.77
C SER O 101 -36.52 -42.79 89.90
N ASN O 102 -37.24 -42.64 88.79
CA ASN O 102 -38.70 -42.78 88.82
C ASN O 102 -39.09 -44.18 89.23
N ALA O 103 -38.31 -45.19 88.81
CA ALA O 103 -38.58 -46.57 89.22
C ALA O 103 -38.45 -46.73 90.72
N GLU O 104 -37.43 -46.10 91.32
CA GLU O 104 -37.23 -46.22 92.76
C GLU O 104 -38.40 -45.66 93.53
N VAL O 105 -38.94 -44.52 93.09
CA VAL O 105 -40.10 -43.93 93.75
C VAL O 105 -41.29 -44.88 93.67
N LYS O 106 -41.44 -45.56 92.55
CA LYS O 106 -42.52 -46.53 92.38
C LYS O 106 -42.22 -47.88 93.02
N GLY O 107 -41.01 -48.07 93.54
CA GLY O 107 -40.66 -49.35 94.16
C GLY O 107 -40.60 -50.50 93.19
N LEU O 108 -40.03 -50.28 92.01
CA LEU O 108 -39.87 -51.34 91.02
C LEU O 108 -38.53 -52.06 91.21
N ASP O 109 -38.42 -53.23 90.60
CA ASP O 109 -37.18 -54.01 90.64
C ASP O 109 -36.25 -53.46 89.56
N VAL O 110 -35.30 -52.63 89.99
CA VAL O 110 -34.42 -51.97 89.03
C VAL O 110 -33.55 -53.00 88.30
N ASP O 111 -33.15 -54.07 88.98
CA ASP O 111 -32.26 -55.05 88.37
C ASP O 111 -32.90 -55.74 87.17
N SER O 112 -34.22 -55.84 87.14
CA SER O 112 -34.92 -56.54 86.06
C SER O 112 -35.45 -55.60 84.98
N LEU O 113 -35.17 -54.31 85.08
CA LEU O 113 -35.69 -53.36 84.11
C LEU O 113 -34.99 -53.51 82.77
N TYR O 114 -35.74 -53.34 81.68
CA TYR O 114 -35.20 -53.34 80.33
C TYR O 114 -35.91 -52.26 79.54
N ILE O 115 -35.23 -51.79 78.48
CA ILE O 115 -35.79 -50.74 77.64
C ILE O 115 -36.88 -51.33 76.75
N SER O 116 -38.14 -51.06 77.10
CA SER O 116 -39.26 -51.56 76.34
C SER O 116 -39.72 -50.61 75.23
N HIS O 117 -39.35 -49.35 75.31
CA HIS O 117 -39.71 -48.38 74.28
C HIS O 117 -38.74 -47.22 74.32
N ILE O 118 -38.27 -46.81 73.15
CA ILE O 118 -37.43 -45.62 73.01
C ILE O 118 -37.53 -45.13 71.58
N GLN O 119 -37.75 -43.83 71.41
CA GLN O 119 -37.84 -43.25 70.08
C GLN O 119 -37.35 -41.81 70.11
N VAL O 120 -36.85 -41.35 68.96
CA VAL O 120 -36.36 -40.00 68.79
C VAL O 120 -37.19 -39.33 67.71
N ASN O 121 -37.71 -38.15 68.00
CA ASN O 121 -38.47 -37.35 67.06
C ASN O 121 -37.74 -36.04 66.79
N GLU O 122 -37.90 -35.53 65.58
CA GLU O 122 -37.29 -34.25 65.21
C GLU O 122 -38.01 -33.11 65.92
N ALA O 123 -37.24 -32.21 66.52
CA ALA O 123 -37.78 -31.02 67.15
C ALA O 123 -37.71 -29.84 66.20
N GLN O 124 -38.11 -28.67 66.68
CA GLN O 124 -38.03 -27.47 65.87
C GLN O 124 -36.57 -27.14 65.54
N LYS O 125 -36.32 -26.84 64.27
CA LYS O 125 -34.98 -26.48 63.84
C LYS O 125 -34.61 -25.08 64.31
N GLN O 126 -33.35 -24.89 64.64
CA GLN O 126 -32.81 -23.60 65.08
C GLN O 126 -31.96 -23.02 63.96
N ARG O 127 -32.02 -21.70 63.80
CA ARG O 127 -31.51 -21.03 62.61
C ARG O 127 -30.30 -20.17 62.94
N ARG O 128 -29.19 -20.44 62.27
CA ARG O 128 -28.05 -19.55 62.12
C ARG O 128 -27.80 -19.39 60.62
N ARG O 129 -26.72 -18.70 60.26
CA ARG O 129 -26.39 -18.50 58.86
C ARG O 129 -24.87 -18.58 58.68
N THR O 130 -24.48 -18.91 57.44
CA THR O 130 -23.09 -18.98 57.04
C THR O 130 -22.90 -18.16 55.77
N TYR O 131 -21.68 -17.69 55.57
CA TYR O 131 -21.35 -16.79 54.48
C TYR O 131 -20.65 -17.55 53.36
N ARG O 132 -21.11 -17.35 52.14
CA ARG O 132 -20.62 -18.08 50.98
C ARG O 132 -19.97 -17.11 50.00
N ALA O 133 -19.30 -17.67 49.00
CA ALA O 133 -18.57 -16.87 48.03
C ALA O 133 -19.55 -16.02 47.21
N HIS O 134 -19.04 -14.89 46.72
CA HIS O 134 -19.82 -13.96 45.91
C HIS O 134 -20.93 -13.30 46.71
N GLY O 135 -20.70 -13.05 47.99
CA GLY O 135 -21.65 -12.32 48.82
C GLY O 135 -23.00 -13.00 48.94
N ARG O 136 -23.02 -14.30 49.18
CA ARG O 136 -24.26 -15.06 49.36
C ARG O 136 -24.33 -15.60 50.78
N ILE O 137 -25.56 -15.70 51.29
CA ILE O 137 -25.84 -16.21 52.63
C ILE O 137 -26.67 -17.48 52.50
N ASN O 138 -26.28 -18.52 53.21
CA ASN O 138 -26.99 -19.79 53.24
C ASN O 138 -27.44 -20.11 54.66
N PRO O 139 -28.45 -20.97 54.81
CA PRO O 139 -28.84 -21.40 56.16
C PRO O 139 -27.75 -22.20 56.85
N TYR O 140 -27.72 -22.08 58.18
CA TYR O 140 -26.80 -22.84 59.02
C TYR O 140 -27.65 -23.35 60.19
N MET O 141 -28.27 -24.51 60.00
CA MET O 141 -29.31 -24.99 60.89
C MET O 141 -28.78 -26.08 61.82
N SER O 142 -29.47 -26.25 62.94
CA SER O 142 -29.29 -27.38 63.83
C SER O 142 -30.58 -28.21 63.84
N HIS O 143 -30.44 -29.48 64.24
CA HIS O 143 -31.53 -30.45 64.17
C HIS O 143 -31.70 -31.10 65.54
N PRO O 144 -32.29 -30.38 66.49
CA PRO O 144 -32.57 -30.98 67.80
C PRO O 144 -33.70 -32.00 67.70
N CYS O 145 -33.87 -32.76 68.78
CA CYS O 145 -34.80 -33.88 68.77
C CYS O 145 -35.47 -34.03 70.13
N HIS O 146 -36.66 -34.63 70.11
CA HIS O 146 -37.33 -35.09 71.31
C HIS O 146 -36.99 -36.55 71.54
N ILE O 147 -36.79 -36.93 72.81
CA ILE O 147 -36.48 -38.29 73.18
C ILE O 147 -37.47 -38.74 74.25
N GLU O 148 -38.02 -39.93 74.09
CA GLU O 148 -38.88 -40.54 75.10
C GLU O 148 -38.50 -42.01 75.23
N LEU O 149 -38.50 -42.52 76.46
CA LEU O 149 -38.20 -43.92 76.69
C LEU O 149 -39.06 -44.44 77.84
N ILE O 150 -39.28 -45.74 77.83
CA ILE O 150 -40.06 -46.43 78.87
C ILE O 150 -39.29 -47.67 79.29
N LEU O 151 -39.14 -47.86 80.60
CA LEU O 151 -38.50 -49.03 81.17
C LEU O 151 -39.56 -49.91 81.82
N SER O 152 -39.57 -51.19 81.49
CA SER O 152 -40.54 -52.14 82.01
C SER O 152 -39.81 -53.27 82.74
N GLU O 153 -40.42 -53.76 83.81
CA GLU O 153 -39.88 -54.91 84.52
C GLU O 153 -39.97 -56.17 83.65
N LYS O 154 -38.96 -57.03 83.78
CA LYS O 154 -38.96 -58.30 83.07
C LYS O 154 -39.84 -59.29 83.82
N GLU O 155 -40.98 -59.62 83.23
CA GLU O 155 -41.93 -60.53 83.87
C GLU O 155 -41.44 -61.97 83.75
N GLU O 156 -41.66 -62.74 84.82
CA GLU O 156 -41.25 -64.14 84.85
C GLU O 156 -42.23 -65.01 84.09
N GLY P 2 -68.78 -51.90 11.69
CA GLY P 2 -69.21 -50.56 11.37
C GLY P 2 -70.41 -50.52 10.44
N ILE P 3 -71.11 -49.39 10.43
CA ILE P 3 -72.29 -49.20 9.60
C ILE P 3 -72.12 -47.89 8.83
N ASP P 4 -72.31 -47.94 7.52
CA ASP P 4 -72.12 -46.78 6.65
C ASP P 4 -73.37 -45.90 6.69
N LEU P 5 -73.44 -45.06 7.71
CA LEU P 5 -74.53 -44.10 7.88
C LEU P 5 -73.94 -42.76 8.24
N VAL P 6 -74.81 -41.76 8.40
CA VAL P 6 -74.41 -40.42 8.80
C VAL P 6 -74.92 -40.17 10.21
N ALA P 7 -74.02 -39.82 11.12
CA ALA P 7 -74.36 -39.59 12.53
C ALA P 7 -75.11 -40.78 13.10
N GLY P 8 -74.67 -41.98 12.73
CA GLY P 8 -75.32 -43.19 13.22
C GLY P 8 -76.78 -43.29 12.85
N GLY P 9 -77.18 -42.72 11.72
CA GLY P 9 -78.55 -42.76 11.28
C GLY P 9 -79.51 -41.87 12.04
N LYS P 10 -79.00 -40.99 12.88
CA LYS P 10 -79.85 -40.13 13.70
C LYS P 10 -80.12 -38.80 13.00
N SER P 11 -81.25 -38.20 13.35
CA SER P 11 -81.62 -36.91 12.75
C SER P 11 -80.76 -35.79 13.32
N LYS P 12 -80.39 -34.86 12.44
CA LYS P 12 -79.65 -33.65 12.83
C LYS P 12 -80.52 -32.40 12.73
N LYS P 13 -81.83 -32.57 12.63
CA LYS P 13 -82.78 -31.47 12.57
C LYS P 13 -83.36 -31.19 13.94
N THR P 14 -83.64 -29.91 14.21
CA THR P 14 -84.21 -29.48 15.48
C THR P 14 -85.52 -28.75 15.23
N LYS P 15 -86.56 -29.17 15.93
CA LYS P 15 -87.85 -28.49 15.91
C LYS P 15 -88.35 -28.38 17.34
N ARG P 16 -89.24 -27.41 17.57
CA ARG P 16 -89.80 -27.20 18.89
C ARG P 16 -90.85 -28.27 19.19
N THR P 17 -90.62 -29.07 20.21
CA THR P 17 -91.58 -30.05 20.68
C THR P 17 -92.45 -29.54 21.82
N ALA P 18 -92.22 -28.31 22.27
CA ALA P 18 -92.96 -27.73 23.38
C ALA P 18 -92.72 -26.22 23.37
N PRO P 19 -93.60 -25.44 23.99
CA PRO P 19 -93.33 -24.00 24.11
C PRO P 19 -92.12 -23.74 24.98
N LYS P 20 -91.34 -22.72 24.60
CA LYS P 20 -90.24 -22.28 25.44
C LYS P 20 -90.70 -21.44 26.61
N SER P 21 -91.93 -20.91 26.54
CA SER P 21 -92.46 -20.05 27.59
C SER P 21 -92.82 -20.86 28.83
N ASP P 22 -92.81 -20.17 29.97
CA ASP P 22 -93.28 -20.72 31.23
C ASP P 22 -94.72 -20.31 31.55
N ASP P 23 -95.38 -19.58 30.65
CA ASP P 23 -96.76 -19.16 30.87
C ASP P 23 -97.64 -20.36 31.20
N VAL P 24 -98.22 -20.34 32.40
CA VAL P 24 -99.01 -21.48 32.85
C VAL P 24 -100.24 -21.67 31.97
N TYR P 25 -100.83 -20.55 31.50
CA TYR P 25 -102.02 -20.66 30.67
C TYR P 25 -101.68 -21.26 29.31
N LEU P 26 -100.53 -20.89 28.74
CA LEU P 26 -100.13 -21.47 27.46
C LEU P 26 -99.91 -22.98 27.59
N LYS P 27 -99.31 -23.42 28.68
CA LYS P 27 -99.09 -24.84 28.88
C LYS P 27 -100.40 -25.60 29.00
N LEU P 28 -101.41 -24.98 29.64
CA LEU P 28 -102.72 -25.60 29.69
C LEU P 28 -103.33 -25.73 28.30
N LEU P 29 -103.18 -24.69 27.46
CA LEU P 29 -103.64 -24.77 26.09
C LEU P 29 -102.90 -25.87 25.33
N VAL P 30 -101.59 -25.99 25.56
CA VAL P 30 -100.82 -27.04 24.91
C VAL P 30 -101.32 -28.41 25.33
N LYS P 31 -101.60 -28.60 26.62
CA LYS P 31 -102.17 -29.86 27.06
C LYS P 31 -103.52 -30.12 26.41
N LEU P 32 -104.35 -29.08 26.28
CA LEU P 32 -105.66 -29.24 25.67
C LEU P 32 -105.52 -29.71 24.22
N TYR P 33 -104.62 -29.10 23.46
CA TYR P 33 -104.49 -29.42 22.05
C TYR P 33 -103.54 -30.58 21.76
N ARG P 34 -102.74 -31.01 22.74
CA ARG P 34 -102.10 -32.33 22.63
C ARG P 34 -103.16 -33.43 22.61
N PHE P 35 -104.16 -33.31 23.47
CA PHE P 35 -105.23 -34.31 23.51
C PHE P 35 -106.06 -34.28 22.24
N LEU P 36 -106.42 -33.08 21.77
CA LEU P 36 -107.28 -32.98 20.58
C LEU P 36 -106.60 -33.55 19.35
N ALA P 37 -105.31 -33.25 19.17
CA ALA P 37 -104.60 -33.75 18.00
C ALA P 37 -104.48 -35.28 18.04
N ARG P 38 -104.21 -35.84 19.22
CA ARG P 38 -104.00 -37.27 19.32
C ARG P 38 -105.30 -38.04 19.11
N ARG P 39 -106.39 -37.59 19.73
CA ARG P 39 -107.64 -38.36 19.77
C ARG P 39 -108.56 -38.06 18.60
N THR P 40 -108.23 -37.11 17.73
CA THR P 40 -109.07 -36.79 16.58
C THR P 40 -108.37 -36.97 15.24
N GLY P 41 -107.05 -36.88 15.19
CA GLY P 41 -106.36 -36.95 13.92
C GLY P 41 -106.67 -35.81 12.99
N SER P 42 -107.24 -34.73 13.51
CA SER P 42 -107.60 -33.59 12.68
C SER P 42 -106.35 -32.80 12.29
N LYS P 43 -106.23 -32.48 11.01
CA LYS P 43 -105.09 -31.68 10.55
C LYS P 43 -105.12 -30.29 11.15
N PHE P 44 -106.31 -29.74 11.38
CA PHE P 44 -106.41 -28.43 12.01
C PHE P 44 -105.81 -28.45 13.41
N ASN P 45 -106.14 -29.47 14.20
CA ASN P 45 -105.61 -29.55 15.56
C ASN P 45 -104.10 -29.70 15.56
N ALA P 46 -103.56 -30.50 14.64
CA ALA P 46 -102.11 -30.67 14.57
C ALA P 46 -101.41 -29.34 14.25
N VAL P 47 -101.96 -28.57 13.31
CA VAL P 47 -101.37 -27.28 12.98
C VAL P 47 -101.43 -26.33 14.17
N ILE P 48 -102.57 -26.30 14.85
CA ILE P 48 -102.72 -25.41 16.01
C ILE P 48 -101.70 -25.77 17.08
N LEU P 49 -101.53 -27.07 17.34
CA LEU P 49 -100.59 -27.49 18.38
C LEU P 49 -99.17 -27.03 18.06
N LYS P 50 -98.74 -27.19 16.80
CA LYS P 50 -97.39 -26.80 16.44
C LYS P 50 -97.17 -25.30 16.61
N ARG P 51 -98.15 -24.49 16.18
CA ARG P 51 -97.99 -23.04 16.24
C ARG P 51 -97.99 -22.52 17.67
N LEU P 52 -98.54 -23.27 18.62
CA LEU P 52 -98.47 -22.85 20.02
C LEU P 52 -97.06 -22.95 20.59
N PHE P 53 -96.20 -23.78 20.00
CA PHE P 53 -94.82 -23.88 20.46
C PHE P 53 -93.96 -22.71 20.00
N MET P 54 -94.38 -21.99 18.97
CA MET P 54 -93.48 -21.10 18.24
C MET P 54 -93.13 -19.86 19.06
N SER P 55 -91.99 -19.26 18.70
CA SER P 55 -91.50 -18.08 19.38
C SER P 55 -92.32 -16.85 19.00
N LYS P 56 -92.00 -15.72 19.62
CA LYS P 56 -92.77 -14.49 19.41
C LYS P 56 -92.72 -14.06 17.94
N ILE P 57 -91.53 -14.05 17.34
CA ILE P 57 -91.40 -13.60 15.95
C ILE P 57 -92.09 -14.57 14.98
N ASN P 58 -92.25 -15.83 15.37
CA ASN P 58 -92.99 -16.80 14.57
C ASN P 58 -94.48 -16.77 14.85
N LYS P 59 -94.95 -15.83 15.67
CA LYS P 59 -96.37 -15.59 15.89
C LYS P 59 -96.66 -14.11 15.69
N PRO P 60 -96.48 -13.60 14.47
CA PRO P 60 -96.60 -12.16 14.25
C PRO P 60 -98.03 -11.70 14.44
N PRO P 61 -98.23 -10.42 14.78
CA PRO P 61 -99.60 -9.91 14.94
C PRO P 61 -100.32 -9.78 13.62
N LEU P 62 -101.64 -9.77 13.70
CA LEU P 62 -102.51 -9.55 12.54
C LEU P 62 -103.33 -8.30 12.78
N SER P 63 -103.24 -7.34 11.87
CA SER P 63 -103.99 -6.11 12.00
C SER P 63 -105.48 -6.37 11.78
N LEU P 64 -106.30 -5.55 12.43
CA LEU P 64 -107.75 -5.70 12.29
C LEU P 64 -108.19 -5.46 10.84
N SER P 65 -107.58 -4.48 10.17
CA SER P 65 -107.94 -4.20 8.79
C SER P 65 -107.66 -5.41 7.90
N ARG P 66 -106.49 -6.03 8.06
CA ARG P 66 -106.17 -7.22 7.28
C ARG P 66 -107.09 -8.38 7.64
N LEU P 67 -107.50 -8.46 8.91
CA LEU P 67 -108.46 -9.48 9.33
C LEU P 67 -109.79 -9.29 8.62
N ILE P 68 -110.24 -8.04 8.48
CA ILE P 68 -111.53 -7.78 7.84
C ILE P 68 -111.49 -8.18 6.38
N THR P 69 -110.41 -7.86 5.67
CA THR P 69 -110.33 -8.18 4.26
C THR P 69 -110.36 -9.68 4.02
N TYR P 70 -109.63 -10.45 4.84
CA TYR P 70 -109.61 -11.89 4.67
C TYR P 70 -110.90 -12.55 5.14
N ALA P 71 -111.68 -11.87 5.96
CA ALA P 71 -112.97 -12.39 6.43
C ALA P 71 -114.14 -11.93 5.59
N THR P 72 -113.90 -11.13 4.55
CA THR P 72 -114.99 -10.67 3.70
C THR P 72 -115.63 -11.85 2.99
N GLY P 73 -116.97 -11.90 3.04
CA GLY P 73 -117.69 -13.01 2.44
C GLY P 73 -117.62 -14.30 3.21
N LYS P 74 -117.12 -14.29 4.44
CA LYS P 74 -116.98 -15.48 5.28
C LYS P 74 -117.46 -15.18 6.69
N GLY P 75 -118.65 -14.57 6.79
CA GLY P 75 -119.17 -14.21 8.11
C GLY P 75 -119.43 -15.43 8.97
N ASP P 76 -119.95 -16.50 8.37
CA ASP P 76 -120.27 -17.70 9.15
C ASP P 76 -119.01 -18.32 9.75
N ASN P 77 -117.91 -18.33 9.01
CA ASN P 77 -116.69 -18.96 9.49
C ASN P 77 -116.11 -18.21 10.68
N ILE P 78 -115.39 -18.94 11.52
CA ILE P 78 -114.71 -18.39 12.69
C ILE P 78 -113.24 -18.18 12.33
N VAL P 79 -112.76 -16.96 12.54
CA VAL P 79 -111.36 -16.64 12.25
C VAL P 79 -110.49 -17.13 13.40
N VAL P 80 -109.42 -17.84 13.07
CA VAL P 80 -108.50 -18.39 14.05
C VAL P 80 -107.11 -17.86 13.78
N LEU P 81 -106.47 -17.29 14.80
CA LEU P 81 -105.12 -16.74 14.68
C LEU P 81 -104.33 -17.17 15.90
N VAL P 82 -103.19 -17.83 15.68
CA VAL P 82 -102.26 -18.16 16.77
C VAL P 82 -101.33 -16.96 16.88
N GLY P 83 -101.78 -15.95 17.63
CA GLY P 83 -101.05 -14.71 17.73
C GLY P 83 -101.93 -13.61 18.28
N THR P 84 -101.48 -12.37 18.13
CA THR P 84 -102.16 -11.21 18.67
C THR P 84 -102.88 -10.46 17.54
N VAL P 85 -104.06 -9.95 17.85
CA VAL P 85 -104.84 -9.14 16.93
C VAL P 85 -104.76 -7.69 17.39
N THR P 86 -104.25 -6.83 16.51
CA THR P 86 -104.09 -5.41 16.81
C THR P 86 -105.16 -4.58 16.10
N ASP P 87 -105.37 -3.38 16.60
CA ASP P 87 -106.32 -2.45 16.00
C ASP P 87 -105.64 -1.64 14.90
N ASP P 88 -106.42 -1.31 13.88
CA ASP P 88 -105.94 -0.53 12.74
C ASP P 88 -106.82 0.67 12.54
N VAL P 89 -106.26 1.86 12.75
CA VAL P 89 -107.01 3.10 12.59
C VAL P 89 -107.41 3.34 11.14
N ARG P 90 -106.72 2.70 10.20
CA ARG P 90 -107.01 2.88 8.78
C ARG P 90 -108.28 2.15 8.35
N ALA P 91 -108.84 1.29 9.19
CA ALA P 91 -110.09 0.60 8.91
C ALA P 91 -111.23 1.35 9.58
N TYR P 92 -112.28 1.66 8.80
CA TYR P 92 -113.40 2.45 9.28
C TYR P 92 -114.61 1.60 9.64
N GLU P 93 -115.02 0.71 8.75
CA GLU P 93 -116.19 -0.14 8.97
C GLU P 93 -115.73 -1.52 9.44
N VAL P 94 -116.17 -1.91 10.63
CA VAL P 94 -115.84 -3.20 11.22
C VAL P 94 -117.12 -4.04 11.25
N PRO P 95 -117.25 -5.07 10.42
CA PRO P 95 -118.43 -5.94 10.49
C PRO P 95 -118.33 -6.90 11.68
N LYS P 96 -119.48 -7.42 12.07
CA LYS P 96 -119.52 -8.42 13.13
C LYS P 96 -118.79 -9.68 12.69
N ILE P 97 -117.88 -10.16 13.51
CA ILE P 97 -117.04 -11.31 13.17
C ILE P 97 -116.69 -12.05 14.44
N LYS P 98 -116.57 -13.37 14.31
CA LYS P 98 -116.15 -14.24 15.40
C LYS P 98 -114.66 -14.56 15.22
N VAL P 99 -113.84 -14.12 16.17
CA VAL P 99 -112.39 -14.21 16.05
C VAL P 99 -111.85 -14.90 17.30
N CYS P 100 -111.00 -15.92 17.09
CA CYS P 100 -110.28 -16.57 18.17
C CYS P 100 -108.80 -16.26 18.02
N ALA P 101 -108.19 -15.76 19.10
CA ALA P 101 -106.78 -15.41 19.08
C ALA P 101 -106.19 -15.57 20.47
N LEU P 102 -104.87 -15.72 20.52
CA LEU P 102 -104.20 -15.79 21.81
C LEU P 102 -104.37 -14.52 22.63
N LYS P 103 -104.43 -13.37 21.96
CA LYS P 103 -104.48 -12.10 22.65
C LYS P 103 -105.11 -11.05 21.74
N PHE P 104 -105.90 -10.17 22.33
CA PHE P 104 -106.48 -9.03 21.63
C PHE P 104 -106.01 -7.76 22.32
N THR P 105 -105.55 -6.78 21.54
CA THR P 105 -105.23 -5.49 22.10
C THR P 105 -106.50 -4.82 22.60
N GLU P 106 -106.33 -3.89 23.55
CA GLU P 106 -107.49 -3.25 24.17
C GLU P 106 -108.37 -2.56 23.14
N THR P 107 -107.77 -1.84 22.20
CA THR P 107 -108.56 -1.17 21.17
C THR P 107 -109.21 -2.17 20.23
N ALA P 108 -108.47 -3.22 19.84
CA ALA P 108 -109.04 -4.21 18.93
C ALA P 108 -110.23 -4.92 19.55
N ARG P 109 -110.14 -5.26 20.84
CA ARG P 109 -111.25 -5.92 21.51
C ARG P 109 -112.47 -5.02 21.55
N ALA P 110 -112.28 -3.73 21.86
CA ALA P 110 -113.40 -2.81 21.95
C ALA P 110 -114.11 -2.66 20.61
N ARG P 111 -113.33 -2.52 19.53
CA ARG P 111 -113.94 -2.35 18.21
C ARG P 111 -114.71 -3.58 17.78
N ILE P 112 -114.16 -4.77 18.01
CA ILE P 112 -114.85 -6.00 17.62
C ILE P 112 -116.12 -6.18 18.43
N GLU P 113 -116.06 -5.92 19.74
CA GLU P 113 -117.24 -6.08 20.57
C GLU P 113 -118.30 -5.04 20.25
N LYS P 114 -117.89 -3.82 19.90
CA LYS P 114 -118.86 -2.79 19.54
C LYS P 114 -119.63 -3.19 18.29
N ALA P 115 -118.95 -3.78 17.31
CA ALA P 115 -119.56 -4.17 16.05
C ALA P 115 -120.42 -5.43 16.17
N GLY P 116 -120.67 -5.92 17.38
CA GLY P 116 -121.44 -7.12 17.57
C GLY P 116 -120.66 -8.41 17.43
N GLY P 117 -119.35 -8.34 17.22
CA GLY P 117 -118.53 -9.52 17.12
C GLY P 117 -118.18 -10.08 18.48
N GLU P 118 -117.42 -11.18 18.46
CA GLU P 118 -117.03 -11.88 19.67
C GLU P 118 -115.54 -12.20 19.61
N CYS P 119 -114.85 -11.98 20.73
CA CYS P 119 -113.44 -12.33 20.88
C CYS P 119 -113.36 -13.61 21.70
N LEU P 120 -112.77 -14.65 21.11
CA LEU P 120 -112.72 -15.96 21.73
C LEU P 120 -111.27 -16.36 22.02
N THR P 121 -111.11 -17.23 23.00
CA THR P 121 -109.84 -17.88 23.28
C THR P 121 -109.86 -19.29 22.71
N PHE P 122 -108.67 -19.92 22.70
CA PHE P 122 -108.56 -21.24 22.09
C PHE P 122 -109.23 -22.32 22.92
N ASP P 123 -109.49 -22.08 24.21
CA ASP P 123 -110.27 -23.02 24.99
C ASP P 123 -111.75 -22.94 24.64
N GLN P 124 -112.24 -21.73 24.31
CA GLN P 124 -113.61 -21.60 23.84
C GLN P 124 -113.77 -22.14 22.43
N LEU P 125 -112.74 -22.03 21.60
CA LEU P 125 -112.80 -22.56 20.24
C LEU P 125 -112.98 -24.07 20.26
N ALA P 126 -112.30 -24.76 21.17
CA ALA P 126 -112.42 -26.21 21.25
C ALA P 126 -113.86 -26.64 21.51
N LEU P 127 -114.62 -25.83 22.26
CA LEU P 127 -116.01 -26.16 22.50
C LEU P 127 -116.87 -25.92 21.27
N ARG P 128 -116.54 -24.91 20.47
CA ARG P 128 -117.34 -24.56 19.30
C ARG P 128 -116.88 -25.25 18.02
N ALA P 129 -115.59 -25.56 17.91
CA ALA P 129 -115.04 -26.21 16.73
C ALA P 129 -113.93 -27.18 17.15
N PRO P 130 -114.30 -28.30 17.76
CA PRO P 130 -113.26 -29.25 18.22
C PRO P 130 -112.37 -29.75 17.11
N LEU P 131 -112.89 -29.91 15.89
CA LEU P 131 -112.10 -30.33 14.74
C LEU P 131 -111.74 -29.16 13.83
N GLY P 132 -112.00 -27.93 14.26
CA GLY P 132 -111.75 -26.78 13.41
C GLY P 132 -112.78 -26.58 12.31
N GLN P 133 -113.98 -27.11 12.48
CA GLN P 133 -115.00 -26.98 11.45
C GLN P 133 -115.35 -25.51 11.22
N ASN P 134 -115.50 -25.13 9.95
CA ASN P 134 -115.94 -23.80 9.56
C ASN P 134 -115.04 -22.72 10.19
N THR P 135 -113.74 -22.92 10.08
CA THR P 135 -112.75 -21.99 10.62
C THR P 135 -111.93 -21.40 9.48
N LEU P 136 -111.48 -20.17 9.69
CA LEU P 136 -110.59 -19.47 8.76
C LEU P 136 -109.25 -19.29 9.48
N LEU P 137 -108.28 -20.14 9.13
CA LEU P 137 -106.98 -20.12 9.77
C LEU P 137 -106.10 -19.09 9.09
N LEU P 138 -105.58 -18.13 9.87
CA LEU P 138 -104.82 -17.01 9.33
C LEU P 138 -103.49 -16.87 10.08
N ARG P 139 -102.50 -16.32 9.38
CA ARG P 139 -101.21 -16.01 9.95
C ARG P 139 -100.85 -14.56 9.61
N GLY P 140 -100.18 -13.89 10.54
CA GLY P 140 -99.70 -12.55 10.31
C GLY P 140 -98.45 -12.55 9.45
N PRO P 141 -98.07 -11.35 9.00
CA PRO P 141 -96.87 -11.23 8.15
C PRO P 141 -95.59 -11.54 8.92
N LYS P 142 -94.94 -12.65 8.56
CA LYS P 142 -93.78 -13.11 9.31
C LYS P 142 -92.55 -12.26 9.01
N ASN P 143 -92.36 -11.87 7.74
CA ASN P 143 -91.14 -11.23 7.30
C ASN P 143 -91.22 -9.71 7.27
N SER P 144 -92.27 -9.12 7.83
CA SER P 144 -92.42 -7.67 7.88
C SER P 144 -91.87 -7.17 9.21
N ARG P 145 -90.54 -7.11 9.29
CA ARG P 145 -89.87 -6.56 10.47
C ARG P 145 -88.48 -6.10 10.06
N GLU P 146 -87.91 -5.24 10.91
CA GLU P 146 -86.64 -4.59 10.56
C GLU P 146 -85.52 -5.60 10.32
N ALA P 147 -85.44 -6.63 11.16
CA ALA P 147 -84.33 -7.57 11.06
C ALA P 147 -84.26 -8.20 9.68
N VAL P 148 -85.41 -8.57 9.11
CA VAL P 148 -85.41 -9.27 7.83
C VAL P 148 -84.84 -8.39 6.73
N LYS P 149 -84.99 -7.07 6.83
CA LYS P 149 -84.46 -6.19 5.81
C LYS P 149 -82.94 -6.32 5.69
N HIS P 150 -82.26 -6.69 6.78
CA HIS P 150 -80.81 -6.85 6.76
C HIS P 150 -80.37 -8.24 6.33
N PHE P 151 -81.30 -9.15 6.07
CA PHE P 151 -80.96 -10.52 5.71
C PHE P 151 -80.86 -10.66 4.19
N GLY P 152 -80.19 -11.72 3.75
CA GLY P 152 -80.02 -12.00 2.35
C GLY P 152 -78.61 -11.64 1.88
N PRO P 153 -78.44 -11.41 0.58
CA PRO P 153 -77.12 -11.04 0.07
C PRO P 153 -76.63 -9.74 0.68
N ALA P 154 -75.32 -9.63 0.83
CA ALA P 154 -74.74 -8.49 1.49
C ALA P 154 -75.04 -7.21 0.71
N PRO P 155 -75.11 -6.06 1.37
CA PRO P 155 -75.43 -4.82 0.65
C PRO P 155 -74.47 -4.50 -0.49
N GLY P 156 -73.21 -4.89 -0.37
CA GLY P 156 -72.21 -4.50 -1.35
C GLY P 156 -72.14 -5.36 -2.60
N VAL P 157 -72.87 -6.47 -2.66
CA VAL P 157 -72.81 -7.35 -3.82
C VAL P 157 -73.79 -6.87 -4.88
N PRO P 158 -73.59 -7.21 -6.15
CA PRO P 158 -74.53 -6.78 -7.19
C PRO P 158 -75.92 -7.37 -7.01
N HIS P 159 -76.92 -6.63 -7.47
CA HIS P 159 -78.31 -7.06 -7.43
C HIS P 159 -78.80 -7.25 -6.00
N SER P 160 -78.32 -6.42 -5.08
CA SER P 160 -78.68 -6.50 -3.68
C SER P 160 -79.43 -5.24 -3.26
N HIS P 161 -80.54 -5.43 -2.56
CA HIS P 161 -81.27 -4.34 -1.93
C HIS P 161 -81.30 -4.50 -0.41
N THR P 162 -80.39 -5.29 0.14
CA THR P 162 -80.34 -5.50 1.58
C THR P 162 -79.95 -4.21 2.29
N LYS P 163 -80.66 -3.91 3.36
CA LYS P 163 -80.41 -2.69 4.12
C LYS P 163 -79.14 -2.86 4.97
N PRO P 164 -78.18 -1.95 4.87
CA PRO P 164 -76.96 -2.06 5.67
C PRO P 164 -77.18 -1.58 7.10
N TYR P 165 -76.23 -1.93 7.96
CA TYR P 165 -76.22 -1.48 9.35
C TYR P 165 -75.41 -0.18 9.43
N VAL P 166 -76.09 0.93 9.74
CA VAL P 166 -75.46 2.22 9.89
C VAL P 166 -76.07 2.91 11.11
N ARG P 167 -75.23 3.64 11.86
CA ARG P 167 -75.70 4.28 13.08
C ARG P 167 -76.54 5.51 12.84
N ALA P 168 -76.53 6.07 11.63
CA ALA P 168 -77.29 7.27 11.33
C ALA P 168 -77.55 7.32 9.83
N LYS P 169 -78.47 8.19 9.43
CA LYS P 169 -78.88 8.35 8.05
C LYS P 169 -78.55 9.76 7.57
N GLY P 170 -77.82 9.86 6.47
CA GLY P 170 -77.44 11.15 5.95
C GLY P 170 -76.37 11.01 4.89
N ARG P 171 -75.98 12.17 4.34
CA ARG P 171 -75.01 12.17 3.25
C ARG P 171 -73.66 11.60 3.69
N LYS P 172 -73.33 11.72 4.97
CA LYS P 172 -72.01 11.30 5.46
C LYS P 172 -71.98 9.84 5.90
N PHE P 173 -73.09 9.10 5.77
CA PHE P 173 -73.18 7.73 6.27
C PHE P 173 -73.42 6.79 5.09
N GLU P 174 -72.34 6.21 4.59
CA GLU P 174 -72.37 5.21 3.53
C GLU P 174 -73.14 5.69 2.30
N ARG P 175 -72.66 6.81 1.75
CA ARG P 175 -73.14 7.33 0.48
C ARG P 175 -72.01 7.55 -0.52
N ALA P 176 -70.76 7.31 -0.10
CA ALA P 176 -69.55 7.63 -0.84
C ALA P 176 -69.13 6.41 -1.67
N ARG P 177 -67.84 6.34 -2.01
CA ARG P 177 -67.27 5.25 -2.80
C ARG P 177 -67.97 3.92 -2.54
N GLY P 178 -68.41 3.28 -3.63
CA GLY P 178 -69.16 2.06 -3.58
C GLY P 178 -70.67 2.25 -3.66
N LYS P 179 -71.16 3.48 -3.56
CA LYS P 179 -72.58 3.77 -3.63
C LYS P 179 -72.95 4.70 -4.77
N ARG P 180 -72.00 5.05 -5.63
CA ARG P 180 -72.29 5.88 -6.79
C ARG P 180 -71.09 5.87 -7.73
N ASN P 181 -71.36 6.03 -9.02
CA ASN P 181 -70.31 5.95 -10.03
C ASN P 181 -69.28 7.06 -9.84
N SER P 182 -69.69 8.21 -9.33
CA SER P 182 -68.77 9.34 -9.17
C SER P 182 -67.71 9.10 -8.09
N ARG P 183 -67.85 8.04 -7.29
CA ARG P 183 -66.86 7.66 -6.28
C ARG P 183 -66.48 6.20 -6.50
N GLY P 184 -65.49 5.96 -7.36
CA GLY P 184 -64.98 4.62 -7.55
C GLY P 184 -65.92 3.72 -8.34
N TYR P 185 -67.05 3.35 -7.74
CA TYR P 185 -68.03 2.48 -8.38
C TYR P 185 -69.29 2.53 -7.54
N LYS P 186 -70.37 1.94 -8.09
CA LYS P 186 -71.69 2.02 -7.46
C LYS P 186 -72.10 0.77 -6.71
N ALA P 187 -71.55 -0.40 -7.06
CA ALA P 187 -71.93 -1.65 -6.42
C ALA P 187 -73.39 -1.99 -6.70
N VAL Q 2 -10.02 -18.84 89.71
CA VAL Q 2 -10.09 -17.44 90.12
C VAL Q 2 -9.31 -16.58 89.14
N SER Q 3 -10.02 -15.69 88.44
CA SER Q 3 -9.40 -14.80 87.48
C SER Q 3 -8.68 -13.67 88.21
N LEU Q 4 -7.44 -13.39 87.80
CA LEU Q 4 -6.65 -12.30 88.34
C LEU Q 4 -6.31 -11.27 87.28
N LYS Q 5 -7.17 -11.14 86.26
CA LYS Q 5 -6.90 -10.20 85.18
C LYS Q 5 -6.83 -8.77 85.70
N LEU Q 6 -7.77 -8.39 86.57
CA LEU Q 6 -7.77 -7.04 87.11
C LEU Q 6 -6.50 -6.75 87.91
N GLN Q 7 -6.10 -7.70 88.77
CA GLN Q 7 -4.92 -7.47 89.60
C GLN Q 7 -3.67 -7.34 88.75
N LYS Q 8 -3.54 -8.16 87.72
CA LYS Q 8 -2.37 -8.08 86.85
C LYS Q 8 -2.32 -6.76 86.11
N ARG Q 9 -3.48 -6.27 85.64
CA ARG Q 9 -3.52 -5.00 84.93
C ARG Q 9 -3.14 -3.86 85.87
N LEU Q 10 -3.70 -3.84 87.08
CA LEU Q 10 -3.37 -2.79 88.04
C LEU Q 10 -1.91 -2.87 88.46
N ALA Q 11 -1.40 -4.10 88.66
CA ALA Q 11 -0.01 -4.26 89.07
C ALA Q 11 0.93 -3.68 88.02
N ALA Q 12 0.64 -3.91 86.74
CA ALA Q 12 1.47 -3.35 85.69
C ALA Q 12 1.50 -1.83 85.75
N SER Q 13 0.34 -1.20 85.95
CA SER Q 13 0.29 0.25 86.05
C SER Q 13 1.01 0.74 87.29
N VAL Q 14 0.78 0.08 88.43
CA VAL Q 14 1.44 0.50 89.67
C VAL Q 14 2.94 0.32 89.58
N LEU Q 15 3.39 -0.80 89.02
CA LEU Q 15 4.81 -1.08 88.87
C LEU Q 15 5.44 -0.34 87.70
N LYS Q 16 4.64 0.36 86.90
CA LYS Q 16 5.15 1.11 85.74
C LYS Q 16 5.91 0.18 84.78
N CYS Q 17 5.36 -1.01 84.55
CA CYS Q 17 5.98 -2.00 83.69
C CYS Q 17 4.89 -2.68 82.86
N GLY Q 18 5.33 -3.50 81.91
CA GLY Q 18 4.40 -4.28 81.13
C GLY Q 18 3.81 -5.44 81.90
N ARG Q 19 2.64 -5.89 81.45
CA ARG Q 19 1.99 -7.02 82.09
C ARG Q 19 2.86 -8.29 82.03
N GLY Q 20 3.76 -8.37 81.06
CA GLY Q 20 4.65 -9.53 80.98
C GLY Q 20 5.71 -9.57 82.06
N LYS Q 21 6.00 -8.43 82.69
CA LYS Q 21 6.99 -8.36 83.76
C LYS Q 21 6.35 -8.39 85.14
N VAL Q 22 5.04 -8.57 85.23
CA VAL Q 22 4.34 -8.64 86.51
C VAL Q 22 4.36 -10.08 87.01
N TRP Q 23 4.74 -10.27 88.26
CA TRP Q 23 4.78 -11.58 88.89
C TRP Q 23 3.79 -11.60 90.05
N LEU Q 24 2.76 -12.43 89.94
CA LEU Q 24 1.80 -12.63 91.00
C LEU Q 24 2.09 -13.96 91.68
N ASP Q 25 2.28 -13.93 93.00
CA ASP Q 25 2.65 -15.12 93.75
C ASP Q 25 1.64 -16.24 93.51
N PRO Q 26 2.03 -17.34 92.86
CA PRO Q 26 1.05 -18.40 92.58
C PRO Q 26 0.48 -19.05 93.82
N ASN Q 27 1.16 -18.96 94.96
CA ASN Q 27 0.70 -19.56 96.20
C ASN Q 27 -0.21 -18.65 97.01
N GLU Q 28 -0.41 -17.41 96.58
CA GLU Q 28 -1.26 -16.44 97.26
C GLU Q 28 -2.33 -15.90 96.31
N GLY Q 29 -2.93 -16.79 95.52
CA GLY Q 29 -3.97 -16.35 94.61
C GLY Q 29 -5.18 -15.78 95.33
N ASN Q 30 -5.61 -16.44 96.41
CA ASN Q 30 -6.77 -15.96 97.15
C ASN Q 30 -6.50 -14.59 97.77
N GLU Q 31 -5.31 -14.41 98.35
CA GLU Q 31 -4.98 -13.12 98.95
C GLU Q 31 -4.93 -12.01 97.91
N ILE Q 32 -4.32 -12.30 96.75
CA ILE Q 32 -4.23 -11.30 95.70
C ILE Q 32 -5.61 -11.02 95.11
N SER Q 33 -6.44 -12.05 94.97
CA SER Q 33 -7.76 -11.87 94.38
C SER Q 33 -8.63 -10.91 95.19
N MET Q 34 -8.30 -10.66 96.45
CA MET Q 34 -9.05 -9.74 97.28
C MET Q 34 -8.69 -8.28 97.03
N ALA Q 35 -7.60 -8.01 96.32
CA ALA Q 35 -7.15 -6.65 96.05
C ALA Q 35 -7.84 -6.14 94.79
N ASN Q 36 -8.79 -5.22 94.95
CA ASN Q 36 -9.53 -4.65 93.83
C ASN Q 36 -9.27 -3.16 93.64
N SER Q 37 -8.27 -2.60 94.33
CA SER Q 37 -7.96 -1.19 94.22
C SER Q 37 -6.44 -1.02 94.14
N ARG Q 38 -6.02 0.13 93.60
CA ARG Q 38 -4.59 0.40 93.49
C ARG Q 38 -3.93 0.49 94.85
N GLN Q 39 -4.65 0.96 95.87
CA GLN Q 39 -4.12 0.94 97.23
C GLN Q 39 -3.81 -0.48 97.69
N ASN Q 40 -4.73 -1.41 97.44
CA ASN Q 40 -4.49 -2.80 97.82
C ASN Q 40 -3.32 -3.39 97.06
N ILE Q 41 -3.20 -3.07 95.77
CA ILE Q 41 -2.08 -3.56 94.98
C ILE Q 41 -0.76 -3.02 95.52
N ARG Q 42 -0.74 -1.73 95.88
CA ARG Q 42 0.49 -1.14 96.39
C ARG Q 42 0.92 -1.83 97.69
N LYS Q 43 -0.03 -2.16 98.56
CA LYS Q 43 0.32 -2.88 99.78
C LYS Q 43 0.93 -4.25 99.45
N LEU Q 44 0.36 -4.96 98.49
CA LEU Q 44 0.88 -6.27 98.12
C LEU Q 44 2.28 -6.16 97.53
N VAL Q 45 2.60 -5.04 96.87
CA VAL Q 45 3.95 -4.85 96.36
C VAL Q 45 4.95 -4.78 97.50
N LYS Q 46 4.62 -4.04 98.57
CA LYS Q 46 5.51 -3.95 99.71
C LYS Q 46 5.67 -5.31 100.38
N ASP Q 47 4.58 -6.07 100.50
CA ASP Q 47 4.64 -7.37 101.14
C ASP Q 47 5.39 -8.41 100.31
N GLY Q 48 5.72 -8.10 99.06
CA GLY Q 48 6.44 -9.01 98.21
C GLY Q 48 5.60 -10.03 97.48
N PHE Q 49 4.28 -9.96 97.59
CA PHE Q 49 3.42 -10.89 96.86
C PHE Q 49 3.34 -10.54 95.37
N ILE Q 50 3.56 -9.27 95.02
CA ILE Q 50 3.60 -8.83 93.63
C ILE Q 50 4.98 -8.22 93.39
N ILE Q 51 5.67 -8.73 92.36
CA ILE Q 51 7.05 -8.36 92.10
C ILE Q 51 7.21 -8.09 90.60
N ARG Q 52 8.01 -7.09 90.26
CA ARG Q 52 8.37 -6.84 88.88
C ARG Q 52 9.58 -7.71 88.53
N LYS Q 53 9.42 -8.56 87.53
CA LYS Q 53 10.50 -9.44 87.13
C LYS Q 53 11.59 -8.65 86.40
N PRO Q 54 12.84 -9.12 86.46
CA PRO Q 54 13.92 -8.41 85.77
C PRO Q 54 13.77 -8.48 84.26
N THR Q 55 14.33 -7.47 83.59
CA THR Q 55 14.31 -7.45 82.14
C THR Q 55 15.09 -8.65 81.59
N LYS Q 56 14.60 -9.21 80.49
CA LYS Q 56 15.29 -10.32 79.85
C LYS Q 56 16.68 -9.88 79.41
N ILE Q 57 17.66 -10.76 79.58
CA ILE Q 57 19.05 -10.41 79.37
C ILE Q 57 19.33 -10.25 77.88
N HIS Q 58 20.01 -9.16 77.52
CA HIS Q 58 20.54 -8.95 76.17
C HIS Q 58 21.89 -8.25 76.36
N SER Q 59 22.95 -9.05 76.44
CA SER Q 59 24.27 -8.54 76.75
C SER Q 59 24.96 -8.03 75.48
N ARG Q 60 25.82 -7.03 75.67
CA ARG Q 60 26.64 -6.48 74.60
C ARG Q 60 28.08 -7.00 74.62
N SER Q 61 28.37 -8.02 75.43
CA SER Q 61 29.74 -8.51 75.52
C SER Q 61 30.23 -9.00 74.17
N ARG Q 62 29.39 -9.73 73.43
CA ARG Q 62 29.79 -10.22 72.13
C ARG Q 62 30.06 -9.07 71.17
N ALA Q 63 29.20 -8.05 71.16
CA ALA Q 63 29.42 -6.91 70.29
C ALA Q 63 30.69 -6.15 70.66
N ARG Q 64 30.92 -5.94 71.96
CA ARG Q 64 32.14 -5.28 72.39
C ARG Q 64 33.36 -6.12 72.07
N ARG Q 65 33.26 -7.44 72.24
CA ARG Q 65 34.38 -8.31 71.95
C ARG Q 65 34.72 -8.29 70.46
N MET Q 66 33.71 -8.26 69.60
CA MET Q 66 33.95 -8.21 68.16
C MET Q 66 34.59 -6.88 67.75
N LYS Q 67 34.17 -5.78 68.38
CA LYS Q 67 34.75 -4.48 68.05
C LYS Q 67 36.24 -4.43 68.36
N GLU Q 68 36.67 -5.12 69.42
CA GLU Q 68 38.10 -5.23 69.70
C GLU Q 68 38.82 -5.94 68.56
N ALA Q 69 38.24 -7.03 68.06
CA ALA Q 69 38.85 -7.74 66.93
C ALA Q 69 38.92 -6.85 65.69
N LYS Q 70 37.85 -6.10 65.42
CA LYS Q 70 37.87 -5.19 64.27
C LYS Q 70 38.92 -4.10 64.46
N ARG Q 71 39.05 -3.58 65.68
CA ARG Q 71 40.05 -2.56 65.95
C ARG Q 71 41.46 -3.06 65.64
N LYS Q 72 41.67 -4.37 65.70
CA LYS Q 72 42.95 -4.98 65.35
C LYS Q 72 43.04 -5.37 63.88
N GLY Q 73 41.98 -5.15 63.10
CA GLY Q 73 41.99 -5.47 61.69
C GLY Q 73 41.36 -6.80 61.32
N ARG Q 74 40.68 -7.47 62.24
CA ARG Q 74 40.03 -8.73 61.93
C ARG Q 74 38.71 -8.51 61.19
N HIS Q 75 38.32 -9.52 60.41
CA HIS Q 75 37.02 -9.51 59.73
C HIS Q 75 36.87 -8.29 58.84
N SER Q 76 37.96 -7.88 58.18
CA SER Q 76 37.96 -6.70 57.32
C SER Q 76 38.46 -7.02 55.92
N GLY Q 77 38.47 -8.29 55.53
CA GLY Q 77 38.93 -8.68 54.22
C GLY Q 77 37.90 -8.42 53.15
N TYR Q 78 38.29 -8.75 51.90
CA TYR Q 78 37.40 -8.52 50.77
C TYR Q 78 36.13 -9.36 50.88
N GLY Q 79 36.20 -10.51 51.55
CA GLY Q 79 35.05 -11.37 51.71
C GLY Q 79 34.07 -10.92 52.77
N LYS Q 80 34.38 -9.83 53.48
CA LYS Q 80 33.50 -9.28 54.50
C LYS Q 80 32.95 -7.91 54.13
N ARG Q 81 33.12 -7.47 52.89
CA ARG Q 81 32.68 -6.17 52.44
C ARG Q 81 31.51 -6.33 51.48
N LYS Q 82 30.40 -5.66 51.77
CA LYS Q 82 29.20 -5.71 50.95
C LYS Q 82 28.91 -4.41 50.23
N GLY Q 83 29.17 -3.26 50.85
CA GLY Q 83 29.03 -1.99 50.18
C GLY Q 83 30.28 -1.60 49.44
N THR Q 84 30.12 -0.68 48.48
CA THR Q 84 31.28 -0.17 47.76
C THR Q 84 32.18 0.62 48.71
N ARG Q 85 33.41 0.86 48.27
CA ARG Q 85 34.32 1.65 49.08
C ARG Q 85 33.72 3.02 49.38
N GLU Q 86 33.05 3.62 48.39
CA GLU Q 86 32.39 4.91 48.62
C GLU Q 86 31.29 4.78 49.66
N ALA Q 87 30.48 3.72 49.58
CA ALA Q 87 29.41 3.54 50.55
C ALA Q 87 29.97 3.36 51.96
N ARG Q 88 31.04 2.58 52.09
CA ARG Q 88 31.65 2.38 53.39
C ARG Q 88 32.25 3.68 53.93
N LEU Q 89 32.93 4.43 53.08
CA LEU Q 89 33.51 5.72 53.47
C LEU Q 89 33.62 6.63 52.25
N PRO Q 90 32.75 7.63 52.10
CA PRO Q 90 32.76 8.43 50.88
C PRO Q 90 34.10 9.12 50.66
N THR Q 91 34.49 9.21 49.38
CA THR Q 91 35.70 9.95 49.03
C THR Q 91 35.59 11.40 49.43
N LYS Q 92 34.38 11.97 49.39
CA LYS Q 92 34.20 13.36 49.80
C LYS Q 92 34.55 13.55 51.26
N VAL Q 93 34.23 12.56 52.10
CA VAL Q 93 34.58 12.65 53.52
C VAL Q 93 36.10 12.68 53.69
N LEU Q 94 36.80 11.81 52.96
CA LEU Q 94 38.26 11.79 53.06
C LEU Q 94 38.86 13.10 52.58
N TRP Q 95 38.35 13.65 51.47
CA TRP Q 95 38.86 14.91 50.96
C TRP Q 95 38.63 16.04 51.96
N MET Q 96 37.44 16.07 52.58
CA MET Q 96 37.14 17.12 53.53
C MET Q 96 38.07 17.06 54.74
N ARG Q 97 38.36 15.86 55.24
CA ARG Q 97 39.28 15.73 56.36
C ARG Q 97 40.66 16.26 56.00
N ARG Q 98 41.15 15.92 54.81
CA ARG Q 98 42.51 16.31 54.42
C ARG Q 98 42.62 17.83 54.28
N LEU Q 99 41.65 18.46 53.62
CA LEU Q 99 41.71 19.91 53.45
C LEU Q 99 41.64 20.62 54.79
N ARG Q 100 40.76 20.18 55.69
CA ARG Q 100 40.67 20.80 57.00
C ARG Q 100 41.96 20.59 57.79
N VAL Q 101 42.58 19.42 57.66
CA VAL Q 101 43.85 19.17 58.34
C VAL Q 101 44.95 20.05 57.76
N LEU Q 102 45.06 20.09 56.43
CA LEU Q 102 46.15 20.83 55.80
C LEU Q 102 45.96 22.33 55.93
N ARG Q 103 44.73 22.81 55.77
CA ARG Q 103 44.47 24.24 55.94
C ARG Q 103 44.72 24.66 57.39
N ARG Q 104 44.38 23.80 58.34
CA ARG Q 104 44.69 24.09 59.75
C ARG Q 104 46.19 24.19 59.97
N LEU Q 105 46.96 23.29 59.36
CA LEU Q 105 48.41 23.32 59.52
C LEU Q 105 49.01 24.58 58.94
N LEU Q 106 48.54 25.00 57.75
CA LEU Q 106 49.09 26.20 57.12
C LEU Q 106 48.81 27.44 57.96
N ARG Q 107 47.61 27.52 58.54
CA ARG Q 107 47.26 28.70 59.34
C ARG Q 107 48.18 28.83 60.55
N LYS Q 108 48.49 27.71 61.22
CA LYS Q 108 49.31 27.79 62.42
C LYS Q 108 50.75 28.18 62.08
N TYR Q 109 51.28 27.68 60.97
CA TYR Q 109 52.61 28.10 60.54
C TYR Q 109 52.65 29.58 60.21
N ARG Q 110 51.60 30.08 59.56
CA ARG Q 110 51.53 31.52 59.30
C ARG Q 110 51.42 32.31 60.59
N GLU Q 111 50.62 31.81 61.54
CA GLU Q 111 50.47 32.51 62.81
C GLU Q 111 51.79 32.55 63.58
N SER Q 112 52.53 31.44 63.58
CA SER Q 112 53.81 31.38 64.24
C SER Q 112 54.93 32.04 63.45
N LYS Q 113 54.62 32.57 62.26
CA LYS Q 113 55.57 33.27 61.40
C LYS Q 113 56.66 32.35 60.86
N LYS Q 114 56.42 31.05 60.85
CA LYS Q 114 57.35 30.15 60.17
C LYS Q 114 57.33 30.38 58.67
N ILE Q 115 56.15 30.71 58.12
CA ILE Q 115 56.00 31.00 56.71
C ILE Q 115 55.31 32.36 56.57
N ASP Q 116 55.80 33.15 55.62
CA ASP Q 116 55.20 34.44 55.34
C ASP Q 116 53.96 34.25 54.45
N LYS Q 117 53.12 35.28 54.41
CA LYS Q 117 51.88 35.18 53.65
C LYS Q 117 52.15 34.88 52.18
N HIS Q 118 53.32 35.29 51.67
CA HIS Q 118 53.69 34.95 50.30
C HIS Q 118 53.80 33.45 50.12
N MET Q 119 54.45 32.77 51.07
CA MET Q 119 54.56 31.31 51.00
C MET Q 119 53.27 30.62 51.42
N TYR Q 120 52.52 31.21 52.35
CA TYR Q 120 51.24 30.63 52.75
C TYR Q 120 50.29 30.55 51.57
N HIS Q 121 50.23 31.61 50.76
CA HIS Q 121 49.35 31.61 49.60
C HIS Q 121 49.75 30.52 48.62
N ASP Q 122 51.05 30.33 48.41
CA ASP Q 122 51.52 29.30 47.50
C ASP Q 122 51.10 27.91 47.98
N MET Q 123 51.16 27.67 49.29
CA MET Q 123 50.77 26.37 49.82
C MET Q 123 49.26 26.20 49.89
N TYR Q 124 48.52 27.27 50.13
CA TYR Q 124 47.08 27.15 50.28
C TYR Q 124 46.44 26.63 49.00
N MET Q 125 46.83 27.19 47.86
CA MET Q 125 46.23 26.79 46.59
C MET Q 125 46.73 25.43 46.13
N LYS Q 126 47.99 25.10 46.40
CA LYS Q 126 48.49 23.77 46.07
C LYS Q 126 47.75 22.70 46.85
N VAL Q 127 47.42 22.97 48.11
CA VAL Q 127 46.61 22.04 48.89
C VAL Q 127 45.25 21.86 48.22
N LYS Q 128 44.63 22.97 47.79
CA LYS Q 128 43.39 22.88 47.03
C LYS Q 128 43.57 22.14 45.72
N GLY Q 129 44.79 22.10 45.18
CA GLY Q 129 45.08 21.45 43.93
C GLY Q 129 45.47 20.00 44.04
N ASN Q 130 45.36 19.39 45.23
CA ASN Q 130 45.64 17.97 45.43
C ASN Q 130 47.14 17.68 45.23
N VAL Q 131 47.99 18.56 45.75
CA VAL Q 131 49.43 18.37 45.63
C VAL Q 131 50.00 17.62 46.83
N PHE Q 132 49.54 17.95 48.04
CA PHE Q 132 50.01 17.31 49.27
C PHE Q 132 48.93 16.35 49.75
N LYS Q 133 49.29 15.07 49.86
CA LYS Q 133 48.34 14.03 50.21
C LYS Q 133 48.20 13.82 51.71
N ASN Q 134 49.04 14.45 52.54
CA ASN Q 134 48.96 14.26 53.98
C ASN Q 134 49.79 15.35 54.65
N LYS Q 135 49.81 15.32 55.97
CA LYS Q 135 50.47 16.35 56.75
C LYS Q 135 51.99 16.26 56.64
N ARG Q 136 52.53 15.03 56.58
CA ARG Q 136 53.98 14.85 56.56
C ARG Q 136 54.59 15.42 55.29
N VAL Q 137 54.02 15.09 54.13
CA VAL Q 137 54.60 15.54 52.86
C VAL Q 137 54.57 17.06 52.79
N LEU Q 138 53.51 17.68 53.29
CA LEU Q 138 53.43 19.13 53.30
C LEU Q 138 54.56 19.74 54.12
N MET Q 139 54.85 19.15 55.29
CA MET Q 139 55.91 19.69 56.13
C MET Q 139 57.28 19.57 55.46
N GLU Q 140 57.56 18.45 54.82
CA GLU Q 140 58.88 18.26 54.20
C GLU Q 140 59.10 19.25 53.07
N ASN Q 141 58.08 19.51 52.26
CA ASN Q 141 58.22 20.46 51.17
C ASN Q 141 58.52 21.85 51.69
N ILE Q 142 57.87 22.25 52.78
CA ILE Q 142 58.11 23.58 53.35
C ILE Q 142 59.57 23.73 53.76
N HIS Q 143 60.11 22.73 54.45
CA HIS Q 143 61.53 22.79 54.81
C HIS Q 143 62.41 22.81 53.57
N LYS Q 144 62.08 21.99 52.58
CA LYS Q 144 62.83 22.03 51.32
C LYS Q 144 62.63 23.36 50.61
N THR Q 145 61.40 23.87 50.56
CA THR Q 145 61.15 25.14 49.90
C THR Q 145 61.84 26.28 50.64
N LYS Q 146 61.74 26.29 51.98
CA LYS Q 146 62.46 27.28 52.76
C LYS Q 146 63.96 27.14 52.59
N ALA Q 147 64.42 25.97 52.17
CA ALA Q 147 65.79 25.80 51.72
C ALA Q 147 65.87 26.08 50.22
N GLU Q 148 67.09 26.37 49.77
CA GLU Q 148 67.33 26.77 48.39
C GLU Q 148 66.86 28.19 48.17
N LYS Q 149 66.25 28.81 49.18
CA LYS Q 149 65.92 30.23 49.18
C LYS Q 149 66.89 31.06 49.99
N ALA Q 150 67.32 30.55 51.16
CA ALA Q 150 68.38 31.21 51.90
C ALA Q 150 69.70 31.10 51.14
N ARG Q 151 69.90 30.00 50.42
CA ARG Q 151 71.10 29.84 49.61
C ARG Q 151 71.23 30.95 48.59
N GLU Q 152 70.16 31.20 47.83
CA GLU Q 152 70.19 32.26 46.83
C GLU Q 152 70.13 33.64 47.48
N LYS Q 153 69.41 33.76 48.60
CA LYS Q 153 69.37 35.04 49.30
C LYS Q 153 70.74 35.44 49.80
N THR Q 154 71.47 34.51 50.42
CA THR Q 154 72.80 34.83 50.94
C THR Q 154 73.75 35.22 49.80
N LEU Q 155 73.73 34.47 48.70
CA LEU Q 155 74.59 34.79 47.57
C LEU Q 155 74.21 36.15 46.98
N SER Q 156 72.91 36.39 46.80
CA SER Q 156 72.47 37.66 46.26
C SER Q 156 72.78 38.81 47.21
N ASP Q 157 72.52 38.62 48.50
CA ASP Q 157 72.77 39.68 49.47
C ASP Q 157 74.26 40.02 49.57
N GLN Q 158 75.11 39.01 49.60
CA GLN Q 158 76.54 39.27 49.71
C GLN Q 158 77.10 39.81 48.41
N PHE Q 159 76.63 39.29 47.27
CA PHE Q 159 77.10 39.79 45.98
C PHE Q 159 76.73 41.25 45.80
N GLU Q 160 75.50 41.62 46.15
CA GLU Q 160 75.09 43.02 46.05
C GLU Q 160 75.83 43.91 47.03
N ALA Q 161 76.41 43.33 48.09
CA ALA Q 161 77.16 44.12 49.06
C ALA Q 161 78.52 44.52 48.50
N ARG Q 162 79.36 43.54 48.17
CA ARG Q 162 80.68 43.84 47.63
C ARG Q 162 80.57 44.54 46.27
N ARG Q 163 79.50 44.27 45.52
CA ARG Q 163 79.31 44.94 44.24
C ARG Q 163 79.20 46.45 44.44
N ALA Q 164 78.46 46.89 45.46
CA ALA Q 164 78.39 48.30 45.77
C ALA Q 164 79.69 48.82 46.37
N LYS Q 165 80.34 48.00 47.20
CA LYS Q 165 81.60 48.43 47.80
C LYS Q 165 82.66 48.69 46.74
N ASN Q 166 82.76 47.81 45.74
CA ASN Q 166 83.74 48.01 44.68
C ASN Q 166 83.47 49.31 43.92
N LYS Q 167 82.21 49.60 43.65
CA LYS Q 167 81.88 50.84 42.95
C LYS Q 167 82.32 52.06 43.76
N ALA Q 168 82.08 52.03 45.08
CA ALA Q 168 82.53 53.12 45.93
C ALA Q 168 84.06 53.21 45.94
N SER Q 169 84.74 52.07 45.98
CA SER Q 169 86.20 52.08 46.01
C SER Q 169 86.77 52.69 44.74
N ARG Q 170 86.22 52.33 43.58
CA ARG Q 170 86.72 52.89 42.33
C ARG Q 170 86.51 54.41 42.29
N GLU Q 171 85.35 54.88 42.73
CA GLU Q 171 85.11 56.31 42.76
C GLU Q 171 86.08 57.02 43.70
N ARG Q 172 86.34 56.43 44.87
CA ARG Q 172 87.30 57.01 45.79
C ARG Q 172 88.70 57.03 45.17
N LYS Q 173 89.11 55.93 44.53
CA LYS Q 173 90.43 55.88 43.90
C LYS Q 173 90.52 56.88 42.76
N PHE Q 174 89.45 57.01 41.97
CA PHE Q 174 89.46 57.95 40.85
C PHE Q 174 89.65 59.38 41.35
N ALA Q 175 88.97 59.74 42.44
CA ALA Q 175 89.09 61.11 42.96
C ALA Q 175 90.52 61.41 43.38
N ARG Q 176 91.19 60.44 44.02
CA ARG Q 176 92.57 60.67 44.44
C ARG Q 176 93.50 60.79 43.25
N ARG Q 177 93.20 60.08 42.15
CA ARG Q 177 94.09 60.11 40.99
C ARG Q 177 94.05 61.47 40.29
N LYS Q 178 92.94 62.19 40.38
CA LYS Q 178 92.85 63.49 39.74
C LYS Q 178 93.87 64.46 40.30
N LYS Q 179 94.23 64.31 41.57
CA LYS Q 179 95.21 65.19 42.21
C LYS Q 179 96.51 64.45 42.50
N VAL R 2 -62.55 -89.91 -6.81
CA VAL R 2 -63.66 -89.40 -6.02
C VAL R 2 -63.66 -87.88 -6.03
N THR R 3 -62.60 -87.29 -5.49
CA THR R 3 -62.41 -85.84 -5.46
C THR R 3 -61.10 -85.49 -6.15
N TYR R 4 -61.16 -84.52 -7.05
CA TYR R 4 -59.98 -84.04 -7.76
C TYR R 4 -59.85 -82.54 -7.56
N LYS R 5 -58.60 -82.08 -7.42
CA LYS R 5 -58.34 -80.65 -7.38
C LYS R 5 -58.73 -79.99 -8.70
N PHE R 6 -58.43 -80.64 -9.82
CA PHE R 6 -58.68 -80.09 -11.15
C PHE R 6 -59.65 -80.98 -11.90
N HIS R 7 -60.60 -80.34 -12.59
CA HIS R 7 -61.60 -81.02 -13.37
C HIS R 7 -61.48 -80.62 -14.84
N GLN R 8 -61.78 -81.55 -15.73
CA GLN R 8 -61.74 -81.32 -17.16
C GLN R 8 -63.15 -81.04 -17.68
N TYR R 9 -63.28 -79.98 -18.47
CA TYR R 9 -64.58 -79.58 -19.01
C TYR R 9 -64.46 -79.35 -20.51
N GLN R 10 -65.54 -79.65 -21.22
CA GLN R 10 -65.74 -79.18 -22.58
C GLN R 10 -66.66 -77.96 -22.52
N VAL R 11 -66.16 -76.82 -22.98
CA VAL R 11 -66.93 -75.58 -23.01
C VAL R 11 -67.21 -75.24 -24.47
N VAL R 12 -68.47 -74.98 -24.78
CA VAL R 12 -68.92 -74.67 -26.13
C VAL R 12 -69.55 -73.30 -26.13
N GLY R 13 -69.11 -72.43 -27.04
CA GLY R 13 -69.63 -71.09 -27.12
C GLY R 13 -69.51 -70.55 -28.53
N ARG R 14 -70.09 -69.37 -28.73
CA ARG R 14 -70.10 -68.73 -30.05
C ARG R 14 -70.30 -67.24 -29.86
N ALA R 15 -70.04 -66.49 -30.93
CA ALA R 15 -70.39 -65.09 -30.95
C ALA R 15 -71.90 -64.92 -31.07
N LEU R 16 -72.40 -63.81 -30.54
CA LEU R 16 -73.83 -63.56 -30.61
C LEU R 16 -74.28 -63.47 -32.06
N PRO R 17 -75.41 -64.07 -32.44
CA PRO R 17 -75.88 -63.95 -33.82
C PRO R 17 -76.12 -62.50 -34.20
N SER R 18 -75.79 -62.17 -35.45
CA SER R 18 -75.95 -60.83 -35.99
C SER R 18 -76.59 -60.92 -37.36
N GLU R 19 -76.97 -59.75 -37.89
CA GLU R 19 -77.61 -59.71 -39.20
C GLU R 19 -76.67 -60.23 -40.29
N ASN R 20 -75.39 -59.86 -40.21
CA ASN R 20 -74.41 -60.35 -41.19
C ASN R 20 -74.18 -61.84 -41.04
N ASP R 21 -74.11 -62.33 -39.81
CA ASP R 21 -73.88 -63.75 -39.52
C ASP R 21 -74.95 -64.22 -38.53
N GLU R 22 -76.01 -64.85 -39.04
CA GLU R 22 -77.05 -65.40 -38.19
C GLU R 22 -76.66 -66.74 -37.57
N HIS R 23 -75.63 -67.39 -38.11
CA HIS R 23 -75.14 -68.67 -37.61
C HIS R 23 -73.63 -68.60 -37.48
N PRO R 24 -73.14 -67.87 -36.47
CA PRO R 24 -71.69 -67.77 -36.28
C PRO R 24 -71.08 -69.12 -35.90
N LYS R 25 -69.79 -69.24 -36.18
CA LYS R 25 -69.08 -70.48 -35.90
C LYS R 25 -69.15 -70.83 -34.42
N ILE R 26 -69.29 -72.12 -34.14
CA ILE R 26 -69.35 -72.64 -32.77
C ILE R 26 -67.98 -73.19 -32.41
N TYR R 27 -67.41 -72.72 -31.32
CA TYR R 27 -66.08 -73.12 -30.87
C TYR R 27 -66.19 -73.98 -29.62
N ARG R 28 -65.33 -74.99 -29.54
CA ARG R 28 -65.25 -75.85 -28.36
C ARG R 28 -63.81 -75.90 -27.86
N MET R 29 -63.68 -76.04 -26.54
CA MET R 29 -62.38 -76.19 -25.91
C MET R 29 -62.48 -77.24 -24.81
N LYS R 30 -61.36 -77.90 -24.55
CA LYS R 30 -61.20 -78.79 -23.40
C LYS R 30 -60.30 -78.08 -22.40
N LEU R 31 -60.89 -77.61 -21.30
CA LEU R 31 -60.20 -76.78 -20.32
C LEU R 31 -60.16 -77.48 -18.98
N TRP R 32 -59.11 -77.18 -18.22
CA TRP R 32 -58.94 -77.69 -16.87
C TRP R 32 -59.13 -76.54 -15.87
N ALA R 33 -59.96 -76.79 -14.86
CA ALA R 33 -60.24 -75.78 -13.84
C ALA R 33 -60.70 -76.49 -12.58
N THR R 34 -60.75 -75.74 -11.48
CA THR R 34 -61.19 -76.30 -10.21
C THR R 34 -62.70 -76.42 -10.12
N ASN R 35 -63.46 -75.70 -10.94
CA ASN R 35 -64.91 -75.86 -10.99
C ASN R 35 -65.43 -75.23 -12.27
N GLU R 36 -66.74 -75.32 -12.46
CA GLU R 36 -67.37 -74.86 -13.70
C GLU R 36 -67.18 -73.36 -13.90
N VAL R 37 -67.34 -72.57 -12.84
CA VAL R 37 -67.27 -71.12 -12.98
C VAL R 37 -65.91 -70.69 -13.53
N ARG R 38 -64.84 -71.28 -13.00
CA ARG R 38 -63.50 -70.90 -13.44
C ARG R 38 -63.19 -71.47 -14.83
N ALA R 39 -63.81 -72.59 -15.18
CA ALA R 39 -63.65 -73.13 -16.54
C ALA R 39 -64.24 -72.18 -17.57
N LYS R 40 -65.41 -71.62 -17.28
CA LYS R 40 -66.04 -70.67 -18.20
C LYS R 40 -65.17 -69.42 -18.38
N SER R 41 -64.61 -68.92 -17.27
CA SER R 41 -63.80 -67.71 -17.35
C SER R 41 -62.59 -67.91 -18.25
N LYS R 42 -61.92 -69.06 -18.14
CA LYS R 42 -60.76 -69.32 -18.98
C LYS R 42 -61.16 -69.61 -20.42
N PHE R 43 -62.38 -70.10 -20.65
CA PHE R 43 -62.85 -70.28 -22.02
C PHE R 43 -62.96 -68.95 -22.76
N TRP R 44 -63.51 -67.93 -22.10
CA TRP R 44 -63.63 -66.62 -22.74
C TRP R 44 -62.27 -65.94 -22.88
N TYR R 45 -61.32 -66.28 -22.01
CA TYR R 45 -59.97 -65.73 -22.15
C TYR R 45 -59.36 -66.13 -23.49
N PHE R 46 -59.46 -67.41 -23.84
CA PHE R 46 -58.86 -67.87 -25.10
C PHE R 46 -59.68 -67.41 -26.30
N LEU R 47 -61.00 -67.46 -26.21
CA LEU R 47 -61.82 -66.97 -27.32
C LEU R 47 -61.58 -65.49 -27.57
N ARG R 48 -61.41 -64.71 -26.51
CA ARG R 48 -61.10 -63.29 -26.68
C ARG R 48 -59.77 -63.10 -27.39
N LYS R 49 -58.75 -63.87 -27.02
CA LYS R 49 -57.40 -63.67 -27.53
C LYS R 49 -57.07 -64.52 -28.75
N LEU R 50 -57.85 -65.56 -29.03
CA LEU R 50 -57.60 -66.42 -30.18
C LEU R 50 -58.61 -66.26 -31.30
N LYS R 51 -59.88 -65.99 -30.99
CA LYS R 51 -60.92 -65.80 -31.99
C LYS R 51 -61.53 -64.40 -31.96
N LYS R 52 -61.04 -63.51 -31.10
CA LYS R 52 -61.52 -62.13 -31.04
C LYS R 52 -63.02 -62.09 -30.71
N VAL R 53 -63.45 -62.96 -29.82
CA VAL R 53 -64.85 -63.01 -29.37
C VAL R 53 -64.84 -62.85 -27.86
N LYS R 54 -65.25 -61.67 -27.39
CA LYS R 54 -65.33 -61.41 -25.97
C LYS R 54 -66.65 -61.94 -25.40
N LYS R 55 -66.67 -62.15 -24.09
CA LYS R 55 -67.88 -62.65 -23.44
C LYS R 55 -69.02 -61.66 -23.57
N SER R 56 -68.73 -60.36 -23.59
CA SER R 56 -69.79 -59.36 -23.72
C SER R 56 -70.53 -59.49 -25.03
N ASN R 57 -69.85 -59.98 -26.08
CA ASN R 57 -70.47 -60.21 -27.38
C ASN R 57 -70.44 -61.68 -27.76
N GLY R 58 -70.45 -62.57 -26.75
CA GLY R 58 -70.43 -63.99 -26.99
C GLY R 58 -71.59 -64.67 -26.29
N GLN R 59 -71.72 -65.97 -26.56
CA GLN R 59 -72.82 -66.76 -26.02
C GLN R 59 -72.30 -68.11 -25.57
N MET R 60 -72.63 -68.48 -24.33
CA MET R 60 -72.25 -69.77 -23.77
C MET R 60 -73.32 -70.80 -24.11
N LEU R 61 -72.93 -71.89 -24.76
CA LEU R 61 -73.87 -72.89 -25.23
C LEU R 61 -73.94 -74.11 -24.30
N ALA R 62 -72.80 -74.76 -24.07
CA ALA R 62 -72.80 -75.98 -23.27
C ALA R 62 -71.50 -76.08 -22.48
N ILE R 63 -71.59 -76.67 -21.29
CA ILE R 63 -70.43 -76.97 -20.46
C ILE R 63 -70.66 -78.33 -19.81
N ASN R 64 -69.74 -79.27 -20.06
CA ASN R 64 -69.84 -80.62 -19.53
C ASN R 64 -68.49 -81.05 -19.00
N GLU R 65 -68.51 -81.75 -17.87
CA GLU R 65 -67.29 -82.27 -17.26
C GLU R 65 -66.95 -83.64 -17.84
N ILE R 66 -65.67 -83.86 -18.12
CA ILE R 66 -65.18 -85.10 -18.70
C ILE R 66 -64.56 -85.94 -17.59
N PHE R 67 -65.00 -87.19 -17.47
CA PHE R 67 -64.51 -88.11 -16.46
C PHE R 67 -63.68 -89.22 -17.09
N GLU R 68 -62.69 -89.69 -16.34
CA GLU R 68 -61.86 -90.79 -16.82
C GLU R 68 -62.72 -92.02 -17.08
N LYS R 69 -62.46 -92.69 -18.21
CA LYS R 69 -63.24 -93.87 -18.56
C LYS R 69 -62.94 -95.04 -17.64
N TYR R 70 -61.65 -95.36 -17.47
CA TYR R 70 -61.22 -96.47 -16.63
C TYR R 70 -60.41 -95.93 -15.46
N PRO R 71 -61.05 -95.50 -14.37
CA PRO R 71 -60.30 -94.95 -13.23
C PRO R 71 -59.59 -96.00 -12.38
N THR R 72 -59.69 -97.28 -12.72
CA THR R 72 -59.04 -98.33 -11.94
C THR R 72 -57.73 -98.81 -12.53
N THR R 73 -57.49 -98.55 -13.82
CA THR R 73 -56.25 -98.97 -14.46
C THR R 73 -55.24 -97.82 -14.45
N ILE R 74 -54.01 -98.14 -14.83
CA ILE R 74 -52.92 -97.17 -14.89
C ILE R 74 -52.65 -96.83 -16.35
N LYS R 75 -52.58 -95.54 -16.65
CA LYS R 75 -52.28 -95.05 -17.99
C LYS R 75 -51.12 -94.08 -17.92
N ASN R 76 -50.38 -93.98 -19.02
CA ASN R 76 -49.32 -93.00 -19.17
C ASN R 76 -49.88 -91.79 -19.92
N TYR R 77 -49.70 -90.61 -19.33
CA TYR R 77 -50.28 -89.37 -19.85
C TYR R 77 -49.16 -88.42 -20.25
N GLY R 78 -49.21 -87.93 -21.49
CA GLY R 78 -48.33 -86.88 -21.96
C GLY R 78 -49.07 -85.56 -22.01
N ILE R 79 -48.40 -84.50 -21.55
CA ILE R 79 -48.98 -83.17 -21.50
C ILE R 79 -48.04 -82.20 -22.19
N TRP R 80 -48.51 -81.59 -23.26
CA TRP R 80 -47.80 -80.50 -23.92
C TRP R 80 -48.31 -79.18 -23.36
N LEU R 81 -47.41 -78.33 -22.88
CA LEU R 81 -47.80 -77.12 -22.20
C LEU R 81 -46.89 -75.97 -22.60
N ARG R 82 -47.42 -74.76 -22.40
CA ARG R 82 -46.67 -73.51 -22.55
C ARG R 82 -46.73 -72.79 -21.23
N TYR R 83 -45.59 -72.27 -20.78
CA TYR R 83 -45.53 -71.58 -19.49
C TYR R 83 -44.65 -70.35 -19.61
N GLN R 84 -44.83 -69.43 -18.67
CA GLN R 84 -44.06 -68.20 -18.60
C GLN R 84 -43.06 -68.29 -17.45
N SER R 85 -41.79 -68.07 -17.75
CA SER R 85 -40.75 -67.99 -16.73
C SER R 85 -40.58 -66.52 -16.33
N ARG R 86 -39.56 -66.23 -15.52
CA ARG R 86 -39.29 -64.86 -15.12
C ARG R 86 -38.74 -64.02 -16.26
N THR R 87 -38.35 -64.64 -17.38
CA THR R 87 -37.71 -63.92 -18.47
C THR R 87 -38.34 -64.16 -19.84
N GLY R 88 -39.39 -64.98 -19.93
CA GLY R 88 -40.01 -65.22 -21.22
C GLY R 88 -40.94 -66.42 -21.17
N TYR R 89 -41.25 -66.93 -22.35
CA TYR R 89 -42.16 -68.06 -22.53
C TYR R 89 -41.41 -69.26 -23.08
N HIS R 90 -41.90 -70.45 -22.74
CA HIS R 90 -41.24 -71.68 -23.13
C HIS R 90 -42.29 -72.77 -23.35
N ASN R 91 -41.91 -73.76 -24.14
CA ASN R 91 -42.72 -74.95 -24.38
C ASN R 91 -42.00 -76.17 -23.81
N MET R 92 -42.78 -77.08 -23.21
CA MET R 92 -42.20 -78.31 -22.68
C MET R 92 -43.22 -79.42 -22.74
N TYR R 93 -42.71 -80.65 -22.78
CA TYR R 93 -43.52 -81.86 -22.80
C TYR R 93 -43.21 -82.68 -21.56
N LYS R 94 -44.26 -83.10 -20.86
CA LYS R 94 -44.13 -83.85 -19.62
C LYS R 94 -44.96 -85.13 -19.69
N GLU R 95 -44.49 -86.16 -19.00
CA GLU R 95 -45.19 -87.43 -18.92
C GLU R 95 -45.46 -87.78 -17.45
N TYR R 96 -46.59 -88.45 -17.22
CA TYR R 96 -46.97 -88.84 -15.88
C TYR R 96 -47.71 -90.17 -15.94
N ARG R 97 -47.69 -90.90 -14.83
CA ARG R 97 -48.43 -92.14 -14.67
C ARG R 97 -49.48 -91.92 -13.58
N ASP R 98 -50.74 -92.18 -13.90
CA ASP R 98 -51.81 -92.00 -12.95
C ASP R 98 -53.02 -92.81 -13.42
N THR R 99 -53.95 -93.04 -12.49
CA THR R 99 -55.17 -93.76 -12.82
C THR R 99 -56.15 -92.91 -13.60
N THR R 100 -56.11 -91.59 -13.42
CA THR R 100 -56.96 -90.67 -14.15
C THR R 100 -56.14 -89.50 -14.65
N LEU R 101 -56.56 -88.91 -15.77
CA LEU R 101 -55.88 -87.74 -16.29
C LEU R 101 -55.99 -86.55 -15.34
N ASN R 102 -57.01 -86.53 -14.48
CA ASN R 102 -57.10 -85.48 -13.47
C ASN R 102 -55.92 -85.52 -12.52
N GLY R 103 -55.53 -86.72 -12.07
CA GLY R 103 -54.36 -86.85 -11.22
C GLY R 103 -53.09 -86.44 -11.92
N ALA R 104 -52.94 -86.83 -13.19
CA ALA R 104 -51.75 -86.48 -13.95
C ALA R 104 -51.63 -84.97 -14.10
N VAL R 105 -52.76 -84.29 -14.36
CA VAL R 105 -52.72 -82.83 -14.47
C VAL R 105 -52.37 -82.20 -13.14
N GLU R 106 -52.87 -82.77 -12.03
CA GLU R 106 -52.49 -82.28 -10.71
C GLU R 106 -50.99 -82.43 -10.49
N GLN R 107 -50.42 -83.57 -10.89
CA GLN R 107 -48.98 -83.75 -10.78
C GLN R 107 -48.22 -82.72 -11.59
N MET R 108 -48.71 -82.42 -12.80
CA MET R 108 -48.03 -81.45 -13.65
C MET R 108 -47.96 -80.09 -12.98
N TYR R 109 -49.07 -79.62 -12.42
CA TYR R 109 -49.06 -78.32 -11.75
C TYR R 109 -48.13 -78.34 -10.55
N THR R 110 -48.13 -79.43 -9.78
CA THR R 110 -47.24 -79.53 -8.63
C THR R 110 -45.78 -79.52 -9.06
N GLU R 111 -45.45 -80.27 -10.12
CA GLU R 111 -44.07 -80.32 -10.59
C GLU R 111 -43.61 -78.96 -11.11
N MET R 112 -44.45 -78.30 -11.91
CA MET R 112 -44.07 -77.00 -12.45
C MET R 112 -43.82 -75.99 -11.33
N ALA R 113 -44.63 -76.04 -10.28
CA ALA R 113 -44.40 -75.17 -9.12
C ALA R 113 -43.07 -75.49 -8.46
N SER R 114 -42.72 -76.77 -8.35
CA SER R 114 -41.51 -77.17 -7.65
C SER R 114 -40.26 -76.86 -8.47
N ARG R 115 -40.18 -77.41 -9.68
CA ARG R 115 -38.95 -77.36 -10.46
C ARG R 115 -38.74 -76.04 -11.18
N HIS R 116 -39.78 -75.21 -11.31
CA HIS R 116 -39.67 -73.99 -12.10
C HIS R 116 -40.31 -72.78 -11.44
N ARG R 117 -40.91 -72.92 -10.26
CA ARG R 117 -41.52 -71.79 -9.55
C ARG R 117 -42.57 -71.11 -10.42
N VAL R 118 -43.30 -71.92 -11.20
CA VAL R 118 -44.33 -71.42 -12.11
C VAL R 118 -45.67 -71.56 -11.42
N ARG R 119 -46.36 -70.45 -11.23
CA ARG R 119 -47.68 -70.47 -10.63
C ARG R 119 -48.71 -70.99 -11.64
N HIS R 120 -49.90 -71.31 -11.13
CA HIS R 120 -50.92 -71.95 -11.96
C HIS R 120 -51.32 -71.05 -13.13
N HIS R 121 -51.51 -69.75 -12.88
CA HIS R 121 -52.02 -68.86 -13.92
C HIS R 121 -50.99 -68.58 -15.01
N CYS R 122 -49.75 -69.03 -14.87
CA CYS R 122 -48.72 -68.84 -15.87
C CYS R 122 -48.52 -70.07 -16.75
N ILE R 123 -49.50 -70.98 -16.79
CA ILE R 123 -49.40 -72.22 -17.55
C ILE R 123 -50.60 -72.33 -18.49
N GLN R 124 -50.34 -72.70 -19.73
CA GLN R 124 -51.38 -73.01 -20.70
C GLN R 124 -51.15 -74.44 -21.20
N ILE R 125 -52.18 -75.27 -21.08
CA ILE R 125 -52.09 -76.66 -21.53
C ILE R 125 -52.45 -76.70 -23.01
N ILE R 126 -51.50 -77.14 -23.84
CA ILE R 126 -51.70 -77.20 -25.28
C ILE R 126 -52.39 -78.49 -25.69
N LYS R 127 -51.93 -79.62 -25.15
CA LYS R 127 -52.43 -80.92 -25.57
C LYS R 127 -52.24 -81.92 -24.44
N THR R 128 -53.16 -82.88 -24.37
CA THR R 128 -53.04 -84.03 -23.48
C THR R 128 -53.40 -85.29 -24.27
N ALA R 129 -52.84 -86.41 -23.84
CA ALA R 129 -53.08 -87.67 -24.54
C ALA R 129 -52.65 -88.83 -23.65
N THR R 130 -53.23 -89.99 -23.94
CA THR R 130 -52.84 -91.24 -23.29
C THR R 130 -51.79 -91.91 -24.16
N ILE R 131 -50.55 -91.94 -23.69
CA ILE R 131 -49.43 -92.47 -24.45
C ILE R 131 -49.28 -93.96 -24.14
N PRO R 132 -49.21 -94.83 -25.14
CA PRO R 132 -48.90 -96.23 -24.86
C PRO R 132 -47.49 -96.38 -24.33
N ALA R 133 -47.28 -97.47 -23.58
CA ALA R 133 -46.00 -97.66 -22.90
C ALA R 133 -44.83 -97.59 -23.88
N LYS R 134 -44.98 -98.20 -25.06
CA LYS R 134 -43.87 -98.26 -26.01
C LYS R 134 -43.56 -96.93 -26.67
N LEU R 135 -44.45 -95.93 -26.56
CA LEU R 135 -44.23 -94.63 -27.17
C LEU R 135 -43.85 -93.56 -26.16
N CYS R 136 -43.61 -93.93 -24.90
CA CYS R 136 -43.21 -92.95 -23.91
C CYS R 136 -41.76 -92.51 -24.16
N LYS R 137 -41.46 -91.29 -23.74
CA LYS R 137 -40.15 -90.69 -23.96
C LYS R 137 -39.36 -90.45 -22.69
N ARG R 138 -40.02 -90.14 -21.57
CA ARG R 138 -39.31 -89.83 -20.33
C ARG R 138 -38.92 -91.10 -19.61
N GLU R 139 -37.69 -91.12 -19.08
CA GLU R 139 -37.20 -92.29 -18.38
C GLU R 139 -37.87 -92.47 -17.02
N SER R 140 -38.38 -91.39 -16.42
CA SER R 140 -39.11 -91.52 -15.16
C SER R 140 -40.35 -92.39 -15.34
N THR R 141 -40.88 -92.47 -16.55
CA THR R 141 -42.04 -93.31 -16.84
C THR R 141 -41.63 -94.68 -17.37
N LYS R 142 -40.52 -94.76 -18.10
CA LYS R 142 -40.11 -96.03 -18.69
C LYS R 142 -39.73 -97.05 -17.61
N GLN R 143 -39.02 -96.59 -16.57
CA GLN R 143 -38.47 -97.54 -15.60
C GLN R 143 -39.54 -98.35 -14.89
N PHE R 144 -40.78 -97.87 -14.88
CA PHE R 144 -41.90 -98.62 -14.29
C PHE R 144 -42.63 -99.48 -15.30
N HIS R 145 -42.17 -99.51 -16.56
CA HIS R 145 -42.70 -100.44 -17.56
C HIS R 145 -41.93 -101.75 -17.48
N ASP R 146 -42.14 -102.46 -16.37
CA ASP R 146 -41.46 -103.73 -16.12
C ASP R 146 -42.48 -104.71 -15.56
N SER R 147 -42.60 -105.87 -16.20
CA SER R 147 -43.52 -106.89 -15.71
C SER R 147 -43.07 -107.45 -14.37
N LYS R 148 -41.77 -107.40 -14.09
CA LYS R 148 -41.19 -107.91 -12.85
C LYS R 148 -40.75 -106.78 -11.94
N ILE R 149 -41.52 -105.68 -11.92
CA ILE R 149 -41.19 -104.56 -11.06
C ILE R 149 -41.01 -105.04 -9.64
N LYS R 150 -39.88 -104.67 -9.02
CA LYS R 150 -39.54 -105.15 -7.70
C LYS R 150 -38.57 -104.18 -7.04
N PHE R 151 -38.89 -103.77 -5.82
CA PHE R 151 -38.03 -102.86 -5.05
C PHE R 151 -38.54 -102.83 -3.61
N PRO R 152 -37.68 -102.48 -2.67
CA PRO R 152 -38.13 -102.34 -1.27
C PRO R 152 -38.53 -100.90 -0.96
N LEU R 153 -39.12 -100.72 0.22
CA LEU R 153 -39.49 -99.41 0.72
C LEU R 153 -38.33 -98.87 1.53
N VAL R 154 -37.45 -98.12 0.86
CA VAL R 154 -36.24 -97.62 1.51
C VAL R 154 -36.58 -96.66 2.63
N PHE R 155 -37.55 -95.77 2.41
CA PHE R 155 -37.97 -94.78 3.39
C PHE R 155 -39.38 -95.09 3.84
N LYS R 156 -39.58 -95.19 5.16
CA LYS R 156 -40.87 -95.46 5.75
C LYS R 156 -41.24 -94.33 6.70
N LYS R 157 -42.53 -94.10 6.88
CA LYS R 157 -43.04 -93.09 7.79
C LYS R 157 -43.56 -93.79 9.03
N VAL R 158 -42.89 -93.57 10.16
CA VAL R 158 -43.27 -94.18 11.43
C VAL R 158 -44.29 -93.28 12.10
N ARG R 159 -45.44 -93.86 12.45
CA ARG R 159 -46.50 -93.10 13.09
C ARG R 159 -47.59 -94.06 13.56
N PRO R 160 -48.34 -93.72 14.60
CA PRO R 160 -49.47 -94.56 15.00
C PRO R 160 -50.57 -94.50 13.95
N PRO R 161 -51.44 -95.51 13.89
CA PRO R 161 -52.54 -95.46 12.91
C PRO R 161 -53.39 -94.22 13.05
N SER R 162 -53.54 -93.70 14.27
CA SER R 162 -54.28 -92.49 14.53
C SER R 162 -53.62 -91.78 15.70
N ARG R 163 -53.95 -90.50 15.86
CA ARG R 163 -53.37 -89.74 16.95
C ARG R 163 -53.86 -90.21 18.32
N LYS R 164 -54.89 -91.07 18.36
CA LYS R 164 -55.33 -91.63 19.62
C LYS R 164 -54.22 -92.43 20.30
N LEU R 165 -53.37 -93.09 19.52
CA LEU R 165 -52.27 -93.88 20.06
C LEU R 165 -50.96 -93.11 20.07
N LYS R 166 -51.01 -91.78 20.06
CA LYS R 166 -49.82 -90.96 20.12
C LYS R 166 -49.45 -90.68 21.57
N THR R 167 -48.19 -90.92 21.91
CA THR R 167 -47.65 -90.59 23.23
C THR R 167 -46.32 -89.87 23.05
N THR R 168 -46.07 -88.88 23.90
CA THR R 168 -44.81 -88.14 23.83
C THR R 168 -43.63 -89.04 24.14
N TYR R 169 -43.77 -89.91 25.14
CA TYR R 169 -42.68 -90.75 25.60
C TYR R 169 -42.94 -92.21 25.27
N LYS R 170 -41.88 -92.93 24.91
CA LYS R 170 -41.96 -94.36 24.66
C LYS R 170 -40.74 -95.03 25.28
N ALA R 171 -40.91 -96.29 25.66
CA ALA R 171 -39.86 -97.01 26.38
C ALA R 171 -38.70 -97.42 25.47
N THR R 172 -38.94 -97.56 24.17
CA THR R 172 -37.90 -98.02 23.26
C THR R 172 -38.04 -97.27 21.94
N LYS R 173 -36.94 -97.25 21.19
CA LYS R 173 -36.90 -96.59 19.90
C LYS R 173 -37.61 -97.43 18.84
N PRO R 174 -38.03 -96.81 17.74
CA PRO R 174 -38.68 -97.58 16.67
C PRO R 174 -37.75 -98.66 16.13
N ASN R 175 -38.33 -99.81 15.82
CA ASN R 175 -37.61 -100.94 15.23
C ASN R 175 -38.00 -101.00 13.76
N LEU R 176 -37.06 -100.66 12.89
CA LEU R 176 -37.31 -100.54 11.46
C LEU R 176 -36.37 -101.45 10.68
N PHE R 177 -36.92 -102.11 9.66
CA PHE R 177 -36.12 -102.98 8.80
C PHE R 177 -36.87 -103.13 7.48
N MET R 178 -36.11 -103.15 6.38
CA MET R 178 -36.69 -103.27 5.06
C MET R 178 -36.93 -104.74 4.69
N PRO S 2 -57.28 -12.69 -17.01
CA PRO S 2 -56.78 -11.94 -15.85
C PRO S 2 -56.12 -12.86 -14.81
N ALA S 3 -55.30 -12.27 -13.94
CA ALA S 3 -54.68 -13.00 -12.84
C ALA S 3 -53.91 -14.23 -13.32
N GLY S 4 -53.14 -14.05 -14.39
CA GLY S 4 -52.24 -15.08 -14.88
C GLY S 4 -52.72 -15.88 -16.07
N HIS S 5 -53.91 -15.61 -16.59
CA HIS S 5 -54.42 -16.32 -17.76
C HIS S 5 -55.31 -15.40 -18.57
N GLY S 6 -55.06 -15.35 -19.87
CA GLY S 6 -55.89 -14.57 -20.78
C GLY S 6 -57.20 -15.27 -21.08
N LEU S 7 -58.05 -14.55 -21.82
CA LEU S 7 -59.39 -15.07 -22.13
C LEU S 7 -59.30 -16.37 -22.92
N ARG S 8 -58.38 -16.45 -23.89
CA ARG S 8 -58.28 -17.59 -24.78
C ARG S 8 -57.04 -18.44 -24.49
N SER S 9 -56.56 -18.43 -23.25
CA SER S 9 -55.42 -19.27 -22.89
C SER S 9 -55.80 -20.74 -22.96
N ARG S 10 -54.87 -21.56 -23.45
CA ARG S 10 -55.05 -23.01 -23.55
C ARG S 10 -56.12 -23.39 -24.56
N THR S 11 -56.34 -22.57 -25.59
CA THR S 11 -57.33 -22.86 -26.63
C THR S 11 -56.68 -23.21 -27.97
N ARG S 12 -55.43 -23.69 -27.94
CA ARG S 12 -54.75 -24.00 -29.20
C ARG S 12 -55.51 -25.05 -30.00
N ASP S 13 -56.01 -26.09 -29.33
CA ASP S 13 -56.74 -27.17 -29.98
C ASP S 13 -58.25 -26.98 -29.94
N SER S 14 -58.79 -26.47 -28.83
CA SER S 14 -60.25 -26.39 -28.69
C SER S 14 -60.85 -25.43 -29.72
N PHE S 15 -60.20 -24.29 -29.95
CA PHE S 15 -60.74 -23.26 -30.82
C PHE S 15 -60.22 -23.34 -32.25
N SER S 16 -59.43 -24.35 -32.58
CA SER S 16 -58.93 -24.50 -33.95
C SER S 16 -59.97 -25.22 -34.81
N ARG S 17 -60.00 -24.86 -36.10
CA ARG S 17 -60.91 -25.48 -37.03
C ARG S 17 -60.49 -26.91 -37.33
N ALA S 18 -61.45 -27.72 -37.77
CA ALA S 18 -61.16 -29.10 -38.12
C ALA S 18 -60.34 -29.15 -39.42
N PHE S 19 -59.62 -30.27 -39.58
CA PHE S 19 -58.75 -30.43 -40.73
C PHE S 19 -59.55 -30.40 -42.03
N ARG S 20 -59.08 -29.60 -42.98
CA ARG S 20 -59.74 -29.44 -44.28
C ARG S 20 -61.20 -29.02 -44.14
N LYS S 21 -61.50 -28.23 -43.11
CA LYS S 21 -62.84 -27.69 -42.91
C LYS S 21 -62.76 -26.23 -42.50
N LYS S 22 -61.89 -25.48 -43.18
CA LYS S 22 -61.70 -24.06 -42.93
C LYS S 22 -62.37 -23.25 -44.05
N GLY S 23 -62.24 -21.93 -43.95
CA GLY S 23 -62.77 -21.05 -44.98
C GLY S 23 -64.22 -20.70 -44.80
N THR S 24 -64.96 -20.65 -45.91
CA THR S 24 -66.34 -20.20 -45.87
C THR S 24 -67.19 -21.12 -45.00
N ILE S 25 -68.05 -20.52 -44.19
CA ILE S 25 -69.00 -21.27 -43.37
C ILE S 25 -70.25 -21.53 -44.19
N ALA S 26 -70.69 -22.79 -44.22
CA ALA S 26 -71.89 -23.15 -44.96
C ALA S 26 -73.09 -22.39 -44.41
N LEU S 27 -74.00 -22.00 -45.31
CA LEU S 27 -75.09 -21.09 -44.96
C LEU S 27 -76.24 -21.78 -44.24
N SER S 28 -76.25 -23.11 -44.14
CA SER S 28 -77.25 -23.76 -43.30
C SER S 28 -77.11 -23.35 -41.85
N THR S 29 -75.92 -22.89 -41.44
CA THR S 29 -75.75 -22.38 -40.09
C THR S 29 -76.61 -21.15 -39.85
N TYR S 30 -76.70 -20.27 -40.85
CA TYR S 30 -77.46 -19.02 -40.71
C TYR S 30 -78.95 -19.19 -40.98
N LEU S 31 -79.38 -20.35 -41.46
CA LEU S 31 -80.79 -20.61 -41.71
C LEU S 31 -81.48 -21.35 -40.57
N ARG S 32 -80.74 -21.66 -39.50
CA ARG S 32 -81.34 -22.33 -38.35
C ARG S 32 -82.28 -21.38 -37.61
N ILE S 33 -83.36 -21.94 -37.07
CA ILE S 33 -84.34 -21.20 -36.29
C ILE S 33 -84.21 -21.60 -34.83
N PHE S 34 -84.09 -20.61 -33.96
CA PHE S 34 -83.92 -20.85 -32.52
C PHE S 34 -85.10 -20.26 -31.78
N LYS S 35 -85.69 -21.04 -30.88
CA LYS S 35 -86.81 -20.62 -30.06
C LYS S 35 -86.46 -20.73 -28.59
N ILE S 36 -87.21 -20.00 -27.77
CA ILE S 36 -87.03 -20.08 -26.32
C ILE S 36 -87.35 -21.49 -25.86
N GLY S 37 -86.48 -22.05 -25.01
CA GLY S 37 -86.67 -23.38 -24.47
C GLY S 37 -85.98 -24.48 -25.25
N ASP S 38 -85.47 -24.19 -26.44
CA ASP S 38 -84.74 -25.19 -27.20
C ASP S 38 -83.39 -25.47 -26.56
N TYR S 39 -82.88 -26.68 -26.78
CA TYR S 39 -81.56 -27.08 -26.31
C TYR S 39 -80.55 -26.96 -27.44
N VAL S 40 -79.39 -26.40 -27.13
CA VAL S 40 -78.34 -26.17 -28.12
C VAL S 40 -77.01 -26.58 -27.51
N ASP S 41 -76.14 -27.14 -28.34
CA ASP S 41 -74.78 -27.48 -27.95
C ASP S 41 -73.83 -26.39 -28.42
N ILE S 42 -72.98 -25.91 -27.53
CA ILE S 42 -72.06 -24.82 -27.83
C ILE S 42 -70.80 -25.42 -28.44
N LYS S 43 -70.50 -25.02 -29.68
CA LYS S 43 -69.29 -25.44 -30.38
C LYS S 43 -68.65 -24.21 -31.01
N VAL S 44 -67.54 -23.76 -30.45
CA VAL S 44 -66.92 -22.51 -30.88
C VAL S 44 -66.35 -22.69 -32.28
N ASN S 45 -66.69 -21.77 -33.18
CA ASN S 45 -66.10 -21.70 -34.51
C ASN S 45 -64.93 -20.72 -34.46
N GLY S 46 -63.74 -21.20 -34.83
CA GLY S 46 -62.55 -20.39 -34.69
C GLY S 46 -62.47 -19.19 -35.61
N ALA S 47 -63.22 -19.23 -36.72
CA ALA S 47 -63.17 -18.12 -37.68
C ALA S 47 -63.96 -16.90 -37.20
N ILE S 48 -65.05 -17.11 -36.48
CA ILE S 48 -65.89 -16.01 -36.00
C ILE S 48 -65.35 -15.59 -34.63
N HIS S 49 -64.82 -14.37 -34.56
CA HIS S 49 -64.19 -13.87 -33.34
C HIS S 49 -65.14 -13.05 -32.47
N LYS S 50 -66.34 -12.76 -32.95
CA LYS S 50 -67.32 -11.99 -32.20
C LYS S 50 -68.36 -12.90 -31.59
N GLY S 51 -68.88 -12.49 -30.44
CA GLY S 51 -69.89 -13.27 -29.75
C GLY S 51 -69.47 -14.67 -29.43
N MET S 52 -68.17 -14.92 -29.30
CA MET S 52 -67.72 -16.28 -29.03
C MET S 52 -67.67 -16.53 -27.52
N PRO S 53 -68.15 -17.67 -27.05
CA PRO S 53 -68.18 -17.93 -25.61
C PRO S 53 -66.80 -18.26 -25.07
N HIS S 54 -66.68 -18.13 -23.75
CA HIS S 54 -65.45 -18.52 -23.07
C HIS S 54 -65.22 -20.02 -23.24
N LYS S 55 -63.94 -20.41 -23.20
CA LYS S 55 -63.57 -21.79 -23.50
C LYS S 55 -64.31 -22.78 -22.63
N PHE S 56 -64.69 -22.39 -21.41
CA PHE S 56 -65.40 -23.31 -20.53
C PHE S 56 -66.70 -23.80 -21.17
N TYR S 57 -67.45 -22.90 -21.80
CA TYR S 57 -68.75 -23.25 -22.35
C TYR S 57 -68.65 -24.07 -23.62
N HIS S 58 -67.47 -24.16 -24.24
CA HIS S 58 -67.29 -25.02 -25.39
C HIS S 58 -67.56 -26.47 -25.01
N GLY S 59 -68.36 -27.16 -25.83
CA GLY S 59 -68.71 -28.53 -25.54
C GLY S 59 -69.75 -28.71 -24.46
N ARG S 60 -70.53 -27.67 -24.14
CA ARG S 60 -71.58 -27.74 -23.14
C ARG S 60 -72.93 -27.54 -23.82
N THR S 61 -73.96 -28.15 -23.23
CA THR S 61 -75.33 -28.01 -23.71
C THR S 61 -76.12 -27.13 -22.76
N GLY S 62 -76.89 -26.21 -23.33
CA GLY S 62 -77.67 -25.28 -22.54
C GLY S 62 -79.06 -25.08 -23.14
N ARG S 63 -79.85 -24.26 -22.46
CA ARG S 63 -81.22 -23.97 -22.85
C ARG S 63 -81.33 -22.52 -23.28
N VAL S 64 -82.05 -22.28 -24.37
CA VAL S 64 -82.19 -20.93 -24.93
C VAL S 64 -83.19 -20.15 -24.10
N TRP S 65 -82.77 -18.96 -23.63
CA TRP S 65 -83.62 -18.09 -22.84
C TRP S 65 -83.83 -16.72 -23.46
N ASN S 66 -83.17 -16.41 -24.57
CA ASN S 66 -83.36 -15.14 -25.24
C ASN S 66 -82.90 -15.26 -26.68
N VAL S 67 -83.48 -14.44 -27.55
CA VAL S 67 -83.14 -14.41 -28.97
C VAL S 67 -82.95 -12.96 -29.39
N THR S 68 -81.81 -12.67 -30.01
CA THR S 68 -81.49 -11.34 -30.51
C THR S 68 -81.30 -11.43 -32.04
N LYS S 69 -80.86 -10.32 -32.63
CA LYS S 69 -80.71 -10.29 -34.09
C LYS S 69 -79.69 -11.32 -34.56
N ARG S 70 -78.54 -11.40 -33.89
CA ARG S 70 -77.45 -12.26 -34.34
C ARG S 70 -77.00 -13.27 -33.29
N ALA S 71 -77.62 -13.30 -32.11
CA ALA S 71 -77.17 -14.16 -31.03
C ALA S 71 -78.36 -14.73 -30.29
N VAL S 72 -78.10 -15.79 -29.53
CA VAL S 72 -79.09 -16.44 -28.67
C VAL S 72 -78.54 -16.48 -27.25
N GLY S 73 -79.38 -16.15 -26.28
CA GLY S 73 -79.01 -16.30 -24.88
C GLY S 73 -79.13 -17.75 -24.45
N VAL S 74 -78.10 -18.27 -23.80
CA VAL S 74 -78.02 -19.67 -23.44
C VAL S 74 -77.76 -19.78 -21.94
N GLU S 75 -78.49 -20.69 -21.28
CA GLU S 75 -78.29 -20.99 -19.87
C GLU S 75 -77.45 -22.26 -19.76
N VAL S 76 -76.31 -22.15 -19.08
CA VAL S 76 -75.38 -23.26 -18.93
C VAL S 76 -75.10 -23.46 -17.45
N ASN S 77 -75.20 -24.71 -16.99
CA ASN S 77 -74.84 -25.03 -15.62
C ASN S 77 -73.32 -24.99 -15.44
N LYS S 78 -72.89 -24.42 -14.32
CA LYS S 78 -71.48 -24.32 -13.99
C LYS S 78 -71.30 -24.62 -12.51
N GLN S 79 -70.46 -25.60 -12.20
CA GLN S 79 -70.23 -26.02 -10.82
C GLN S 79 -69.12 -25.17 -10.22
N VAL S 80 -69.45 -24.45 -9.15
CA VAL S 80 -68.49 -23.63 -8.43
C VAL S 80 -68.54 -24.10 -6.97
N ARG S 81 -67.51 -24.85 -6.56
CA ARG S 81 -67.42 -25.38 -5.19
C ARG S 81 -68.64 -26.25 -4.93
N ASN S 82 -69.48 -25.94 -3.95
CA ASN S 82 -70.58 -26.80 -3.55
C ASN S 82 -71.90 -26.43 -4.21
N LYS S 83 -71.88 -25.54 -5.20
CA LYS S 83 -73.10 -25.07 -5.85
C LYS S 83 -72.99 -25.22 -7.35
N ILE S 84 -74.15 -25.32 -8.00
CA ILE S 84 -74.27 -25.21 -9.46
C ILE S 84 -74.86 -23.86 -9.77
N LEU S 85 -74.19 -23.10 -10.63
CA LEU S 85 -74.65 -21.78 -11.03
C LEU S 85 -75.30 -21.86 -12.41
N ARG S 86 -76.39 -21.11 -12.58
CA ARG S 86 -77.05 -20.98 -13.88
C ARG S 86 -76.43 -19.79 -14.59
N LYS S 87 -75.42 -20.06 -15.41
CA LYS S 87 -74.72 -19.01 -16.14
C LYS S 87 -75.50 -18.67 -17.41
N ARG S 88 -75.89 -17.41 -17.54
CA ARG S 88 -76.57 -16.92 -18.73
C ARG S 88 -75.58 -16.16 -19.59
N ILE S 89 -75.35 -16.65 -20.81
CA ILE S 89 -74.42 -16.03 -21.74
C ILE S 89 -75.11 -15.86 -23.08
N HIS S 90 -74.68 -14.84 -23.82
CA HIS S 90 -75.12 -14.63 -25.19
C HIS S 90 -74.03 -15.09 -26.14
N VAL S 91 -74.42 -15.83 -27.18
CA VAL S 91 -73.49 -16.42 -28.12
C VAL S 91 -74.02 -16.22 -29.53
N ARG S 92 -73.15 -15.82 -30.44
CA ARG S 92 -73.54 -15.72 -31.84
C ARG S 92 -73.86 -17.10 -32.39
N ILE S 93 -74.87 -17.16 -33.27
CA ILE S 93 -75.40 -18.43 -33.73
C ILE S 93 -74.38 -19.26 -34.48
N GLU S 94 -73.26 -18.68 -34.90
CA GLU S 94 -72.22 -19.48 -35.54
C GLU S 94 -71.59 -20.48 -34.58
N HIS S 95 -71.65 -20.23 -33.27
CA HIS S 95 -71.00 -21.08 -32.29
C HIS S 95 -71.95 -22.09 -31.64
N VAL S 96 -73.20 -22.17 -32.08
CA VAL S 96 -74.20 -23.03 -31.46
C VAL S 96 -74.76 -23.99 -32.49
N GLN S 97 -74.99 -25.23 -32.07
CA GLN S 97 -75.65 -26.25 -32.89
C GLN S 97 -76.88 -26.74 -32.13
N GLN S 98 -77.97 -26.94 -32.87
CA GLN S 98 -79.19 -27.46 -32.25
C GLN S 98 -78.94 -28.89 -31.76
N SER S 99 -79.17 -29.11 -30.47
CA SER S 99 -78.84 -30.40 -29.86
C SER S 99 -79.96 -31.40 -30.08
N ARG S 100 -79.59 -32.66 -30.25
CA ARG S 100 -80.54 -33.77 -30.39
C ARG S 100 -80.62 -34.59 -29.11
N CYS S 101 -80.47 -33.95 -27.95
CA CYS S 101 -80.53 -34.68 -26.67
C CYS S 101 -81.96 -35.06 -26.31
N THR S 102 -82.94 -34.28 -26.77
CA THR S 102 -84.35 -34.55 -26.47
C THR S 102 -85.13 -34.98 -27.70
N GLU S 103 -84.43 -35.50 -28.73
CA GLU S 103 -85.12 -35.84 -29.97
C GLU S 103 -86.13 -36.96 -29.77
N GLU S 104 -85.88 -37.87 -28.84
CA GLU S 104 -86.76 -39.00 -28.62
C GLU S 104 -87.94 -38.68 -27.71
N VAL S 105 -87.93 -37.53 -27.03
CA VAL S 105 -88.97 -37.26 -26.04
C VAL S 105 -90.32 -37.04 -26.70
N ARG S 106 -90.38 -36.11 -27.65
CA ARG S 106 -91.67 -35.74 -28.23
C ARG S 106 -92.34 -36.94 -28.90
N GLU S 107 -91.58 -37.71 -29.67
CA GLU S 107 -92.16 -38.88 -30.34
C GLU S 107 -92.57 -39.94 -29.32
N ARG S 108 -91.82 -40.08 -28.24
CA ARG S 108 -92.15 -41.07 -27.22
C ARG S 108 -93.45 -40.74 -26.52
N ILE S 109 -93.68 -39.45 -26.24
CA ILE S 109 -94.90 -39.04 -25.53
C ILE S 109 -96.13 -39.44 -26.33
N LYS S 110 -96.12 -39.17 -27.64
CA LYS S 110 -97.28 -39.50 -28.47
C LYS S 110 -97.55 -41.00 -28.46
N LYS S 111 -96.50 -41.82 -28.58
CA LYS S 111 -96.70 -43.26 -28.56
C LYS S 111 -97.28 -43.72 -27.22
N ASN S 112 -96.79 -43.15 -26.12
CA ASN S 112 -97.33 -43.50 -24.81
C ASN S 112 -98.79 -43.11 -24.70
N ASP S 113 -99.14 -41.92 -25.22
CA ASP S 113 -100.52 -41.44 -25.10
C ASP S 113 -101.49 -42.37 -25.83
N GLN S 114 -101.14 -42.80 -27.05
CA GLN S 114 -102.04 -43.66 -27.80
C GLN S 114 -102.13 -45.05 -27.18
N LEU S 115 -101.02 -45.57 -26.67
CA LEU S 115 -101.05 -46.89 -26.04
C LEU S 115 -101.95 -46.88 -24.81
N LYS S 116 -101.87 -45.83 -24.00
CA LYS S 116 -102.77 -45.71 -22.84
C LYS S 116 -104.21 -45.52 -23.29
N ALA S 117 -104.43 -44.74 -24.34
CA ALA S 117 -105.79 -44.54 -24.84
C ALA S 117 -106.39 -45.84 -25.35
N ASP S 118 -105.62 -46.62 -26.10
CA ASP S 118 -106.11 -47.91 -26.58
C ASP S 118 -106.37 -48.86 -25.42
N ALA S 119 -105.52 -48.85 -24.41
CA ALA S 119 -105.71 -49.71 -23.25
C ALA S 119 -106.88 -49.24 -22.38
N LYS S 120 -107.12 -47.93 -22.32
CA LYS S 120 -108.20 -47.42 -21.50
C LYS S 120 -109.56 -47.90 -22.02
N ALA S 121 -109.74 -47.91 -23.33
CA ALA S 121 -111.02 -48.32 -23.90
C ALA S 121 -111.35 -49.76 -23.55
N ARG S 122 -110.34 -50.61 -23.39
CA ARG S 122 -110.54 -52.02 -23.07
C ARG S 122 -110.39 -52.32 -21.59
N GLY S 123 -110.23 -51.29 -20.76
CA GLY S 123 -110.17 -51.49 -19.32
C GLY S 123 -109.03 -52.39 -18.88
N GLU S 124 -107.84 -52.21 -19.46
CA GLU S 124 -106.65 -52.98 -19.12
C GLU S 124 -105.55 -52.00 -18.72
N VAL S 125 -105.23 -51.95 -17.43
CA VAL S 125 -104.20 -51.06 -16.94
C VAL S 125 -102.84 -51.59 -17.36
N ILE S 126 -102.03 -50.73 -17.99
CA ILE S 126 -100.71 -51.09 -18.48
C ILE S 126 -99.72 -49.99 -18.06
N SER S 127 -98.46 -50.20 -18.41
CA SER S 127 -97.39 -49.24 -18.15
C SER S 127 -96.61 -49.01 -19.43
N THR S 128 -96.39 -47.74 -19.75
CA THR S 128 -95.64 -47.37 -20.96
C THR S 128 -94.16 -47.13 -20.69
N LYS S 129 -93.70 -47.38 -19.46
CA LYS S 129 -92.30 -47.15 -19.14
C LYS S 129 -91.38 -48.03 -19.98
N ARG S 130 -90.24 -47.47 -20.37
CA ARG S 130 -89.19 -48.28 -20.96
C ARG S 130 -88.54 -49.14 -19.88
N GLN S 131 -87.81 -50.16 -20.32
CA GLN S 131 -87.07 -51.02 -19.42
C GLN S 131 -85.69 -51.29 -19.99
N PRO S 132 -84.68 -51.46 -19.14
CA PRO S 132 -83.35 -51.82 -19.65
C PRO S 132 -83.33 -53.27 -20.12
N LEU S 133 -82.28 -53.59 -20.87
CA LEU S 133 -82.13 -54.95 -21.38
C LEU S 133 -82.17 -55.96 -20.24
N GLY S 134 -83.09 -56.92 -20.33
CA GLY S 134 -83.23 -57.95 -19.33
C GLY S 134 -82.59 -59.26 -19.76
N PRO S 135 -82.68 -60.27 -18.90
CA PRO S 135 -82.13 -61.57 -19.24
C PRO S 135 -82.86 -62.21 -20.41
N LYS S 136 -82.11 -62.94 -21.23
CA LYS S 136 -82.69 -63.60 -22.39
C LYS S 136 -83.36 -64.91 -21.97
N PRO S 137 -84.39 -65.33 -22.71
CA PRO S 137 -85.04 -66.61 -22.40
C PRO S 137 -84.25 -67.78 -22.97
N GLY S 138 -84.64 -68.98 -22.55
CA GLY S 138 -84.00 -70.18 -23.05
C GLY S 138 -84.42 -70.49 -24.48
N PHE S 139 -83.53 -71.15 -25.20
CA PHE S 139 -83.78 -71.51 -26.59
C PHE S 139 -82.83 -72.64 -26.97
N MET S 140 -83.14 -73.28 -28.10
CA MET S 140 -82.33 -74.36 -28.63
C MET S 140 -81.54 -73.89 -29.84
N VAL S 141 -80.29 -74.32 -29.93
CA VAL S 141 -79.40 -74.00 -31.04
C VAL S 141 -79.08 -75.30 -31.77
N GLU S 142 -79.35 -75.32 -33.07
CA GLU S 142 -79.13 -76.53 -33.86
C GLU S 142 -77.64 -76.87 -33.90
N GLY S 143 -77.33 -78.15 -33.79
CA GLY S 143 -75.95 -78.58 -33.81
C GLY S 143 -75.29 -78.31 -35.14
N ALA S 144 -73.99 -78.04 -35.11
CA ALA S 144 -73.21 -77.77 -36.30
C ALA S 144 -71.78 -78.25 -36.06
N THR S 145 -70.95 -78.12 -37.10
CA THR S 145 -69.55 -78.50 -36.97
C THR S 145 -68.88 -77.67 -35.89
N LEU S 146 -68.13 -78.34 -35.02
CA LEU S 146 -67.46 -77.69 -33.90
C LEU S 146 -65.99 -77.51 -34.23
N GLU S 147 -65.53 -76.26 -34.18
CA GLU S 147 -64.12 -75.94 -34.41
C GLU S 147 -63.40 -75.92 -33.07
N THR S 148 -62.36 -76.73 -32.94
CA THR S 148 -61.62 -76.84 -31.69
C THR S 148 -60.58 -75.74 -31.59
N VAL S 149 -60.58 -75.04 -30.46
CA VAL S 149 -59.62 -73.98 -30.18
C VAL S 149 -58.70 -74.47 -29.07
N THR S 150 -57.40 -74.35 -29.29
CA THR S 150 -56.39 -74.75 -28.33
C THR S 150 -55.33 -73.67 -28.22
N PRO S 151 -54.62 -73.60 -27.09
CA PRO S 151 -53.51 -72.65 -26.99
C PRO S 151 -52.44 -72.92 -28.04
N ILE S 152 -51.79 -71.87 -28.49
CA ILE S 152 -50.78 -71.95 -29.55
C ILE S 152 -49.40 -72.13 -28.92
N PRO S 153 -48.57 -73.03 -29.44
CA PRO S 153 -47.19 -73.10 -28.94
C PRO S 153 -46.46 -71.78 -29.16
N TYR S 154 -45.62 -71.42 -28.21
CA TYR S 154 -44.93 -70.13 -28.25
C TYR S 154 -43.78 -70.16 -29.25
N ASP S 155 -43.56 -69.02 -29.91
CA ASP S 155 -42.45 -68.84 -30.84
C ASP S 155 -41.91 -67.44 -30.65
N VAL S 156 -40.61 -67.34 -30.32
CA VAL S 156 -40.02 -66.04 -30.04
C VAL S 156 -40.02 -65.17 -31.28
N VAL S 157 -39.82 -65.77 -32.46
CA VAL S 157 -39.73 -65.00 -33.70
C VAL S 157 -41.01 -64.22 -33.97
N ASN S 158 -42.13 -64.62 -33.38
CA ASN S 158 -43.41 -63.97 -33.62
C ASN S 158 -43.71 -62.86 -32.61
N ASP S 159 -42.79 -62.56 -31.69
CA ASP S 159 -43.00 -61.49 -30.72
C ASP S 159 -42.60 -60.13 -31.29
N LEU S 160 -43.18 -59.80 -32.45
CA LEU S 160 -42.95 -58.51 -33.09
C LEU S 160 -43.93 -58.41 -34.26
N LYS S 161 -44.46 -57.21 -34.48
CA LYS S 161 -45.39 -57.00 -35.58
C LYS S 161 -44.76 -57.45 -36.88
N GLY S 162 -45.33 -58.50 -37.49
CA GLY S 162 -44.77 -59.07 -38.70
C GLY S 162 -43.66 -60.07 -38.47
N GLY S 163 -43.23 -60.27 -37.23
CA GLY S 163 -42.16 -61.20 -36.93
C GLY S 163 -40.79 -60.57 -37.11
N TYR S 164 -39.77 -61.33 -36.71
CA TYR S 164 -38.38 -60.90 -36.85
C TYR S 164 -37.81 -61.39 -38.18
N GLY T 15 44.88 6.18 98.42
CA GLY T 15 44.69 5.10 99.37
C GLY T 15 43.25 4.68 99.52
N ALA T 16 43.03 3.42 99.88
CA ALA T 16 41.68 2.89 100.06
C ALA T 16 41.72 1.80 101.12
N SER T 17 40.61 1.70 101.86
CA SER T 17 40.48 0.68 102.90
C SER T 17 39.03 0.24 102.95
N PHE T 18 38.80 -1.06 102.84
CA PHE T 18 37.45 -1.62 102.83
C PHE T 18 37.36 -2.72 103.89
N VAL T 19 36.15 -2.89 104.43
CA VAL T 19 35.90 -3.82 105.52
C VAL T 19 34.76 -4.74 105.13
N ILE T 20 34.88 -6.01 105.48
CA ILE T 20 33.83 -7.01 105.26
C ILE T 20 33.39 -7.48 106.64
N ASP T 21 32.31 -6.88 107.15
CA ASP T 21 31.82 -7.20 108.49
C ASP T 21 31.16 -8.58 108.46
N CYS T 22 31.87 -9.58 108.96
CA CYS T 22 31.38 -10.95 109.06
C CYS T 22 31.06 -11.23 110.52
N SER T 23 29.83 -10.89 110.94
CA SER T 23 29.39 -11.07 112.31
C SER T 23 28.24 -12.05 112.42
N LYS T 24 27.16 -11.85 111.66
CA LYS T 24 26.02 -12.76 111.73
C LYS T 24 26.41 -14.19 111.42
N PRO T 25 27.15 -14.49 110.34
CA PRO T 25 27.47 -15.89 110.05
C PRO T 25 28.54 -16.46 110.96
N VAL T 26 29.52 -15.65 111.38
CA VAL T 26 30.58 -16.15 112.25
C VAL T 26 30.00 -16.61 113.58
N GLU T 27 29.09 -15.81 114.16
CA GLU T 27 28.48 -16.18 115.43
C GLU T 27 27.70 -17.48 115.31
N ASP T 28 26.99 -17.66 114.19
CA ASP T 28 26.19 -18.85 113.96
C ASP T 28 27.01 -19.99 113.36
N SER T 29 28.33 -19.84 113.27
CA SER T 29 29.21 -20.88 112.73
C SER T 29 28.80 -21.28 111.32
N ILE T 30 28.42 -20.28 110.52
CA ILE T 30 28.05 -20.54 109.13
C ILE T 30 29.27 -20.54 108.22
N MET T 31 30.35 -19.87 108.61
CA MET T 31 31.56 -19.80 107.81
C MET T 31 32.76 -19.68 108.73
N GLU T 32 33.94 -19.66 108.13
CA GLU T 32 35.20 -19.47 108.86
C GLU T 32 35.84 -18.19 108.33
N ILE T 33 35.96 -17.19 109.20
CA ILE T 33 36.53 -15.91 108.78
C ILE T 33 37.96 -16.09 108.29
N ALA T 34 38.70 -17.03 108.88
CA ALA T 34 40.06 -17.29 108.43
C ALA T 34 40.07 -17.77 106.98
N SER T 35 39.12 -18.62 106.62
CA SER T 35 39.07 -19.14 105.25
C SER T 35 38.86 -18.01 104.24
N LEU T 36 37.98 -17.05 104.57
CA LEU T 36 37.74 -15.94 103.66
C LEU T 36 39.01 -15.12 103.44
N ASP T 37 39.82 -14.96 104.49
CA ASP T 37 41.07 -14.23 104.34
C ASP T 37 41.99 -14.91 103.33
N LYS T 38 42.08 -16.24 103.40
CA LYS T 38 42.89 -16.97 102.44
C LYS T 38 42.36 -16.78 101.02
N PHE T 39 41.04 -16.84 100.85
CA PHE T 39 40.45 -16.71 99.52
C PHE T 39 40.79 -15.36 98.91
N LEU T 40 40.65 -14.29 99.69
CA LEU T 40 40.91 -12.95 99.16
C LEU T 40 42.38 -12.79 98.77
N GLN T 41 43.30 -13.28 99.60
CA GLN T 41 44.71 -13.13 99.30
C GLN T 41 45.09 -13.82 98.01
N GLU T 42 44.56 -15.03 97.79
CA GLU T 42 44.92 -15.80 96.60
C GLU T 42 44.27 -15.24 95.34
N ARG T 43 43.01 -14.81 95.44
CA ARG T 43 42.24 -14.45 94.26
C ARG T 43 42.35 -12.98 93.89
N ILE T 44 42.69 -12.10 94.83
CA ILE T 44 42.80 -10.68 94.50
C ILE T 44 43.89 -10.49 93.46
N LYS T 45 43.58 -9.72 92.43
CA LYS T 45 44.51 -9.46 91.33
C LYS T 45 45.10 -8.06 91.49
N VAL T 46 46.43 -7.98 91.53
CA VAL T 46 47.15 -6.72 91.54
C VAL T 46 48.05 -6.70 90.31
N GLY T 47 47.88 -5.70 89.46
CA GLY T 47 48.62 -5.65 88.21
C GLY T 47 48.17 -6.65 87.19
N GLY T 48 46.97 -7.20 87.34
CA GLY T 48 46.44 -8.17 86.40
C GLY T 48 46.73 -9.62 86.71
N LYS T 49 47.51 -9.89 87.76
CA LYS T 49 47.87 -11.26 88.15
C LYS T 49 47.34 -11.54 89.54
N ALA T 50 46.67 -12.68 89.69
CA ALA T 50 46.10 -13.05 90.98
C ALA T 50 47.18 -13.52 91.94
N GLY T 51 47.03 -13.14 93.21
CA GLY T 51 47.93 -13.57 94.26
C GLY T 51 49.17 -12.72 94.44
N ALA T 52 49.39 -11.74 93.57
CA ALA T 52 50.57 -10.88 93.67
C ALA T 52 50.24 -9.61 94.46
N LEU T 53 49.80 -9.82 95.70
CA LEU T 53 49.40 -8.69 96.55
C LEU T 53 50.56 -7.72 96.73
N GLY T 54 51.73 -8.23 97.11
CA GLY T 54 52.87 -7.37 97.34
C GLY T 54 52.59 -6.35 98.42
N ASP T 55 53.26 -5.21 98.31
CA ASP T 55 53.04 -4.12 99.27
C ASP T 55 51.75 -3.36 98.97
N SER T 56 51.30 -3.37 97.72
CA SER T 56 50.14 -2.57 97.34
C SER T 56 48.89 -2.99 98.13
N VAL T 57 48.61 -4.29 98.18
CA VAL T 57 47.40 -4.81 98.79
C VAL T 57 47.79 -5.63 100.02
N THR T 58 47.12 -5.36 101.14
CA THR T 58 47.32 -6.10 102.38
C THR T 58 45.97 -6.51 102.93
N VAL T 59 45.86 -7.75 103.38
CA VAL T 59 44.63 -8.31 103.93
C VAL T 59 44.88 -8.66 105.38
N THR T 60 44.10 -8.06 106.28
CA THR T 60 44.19 -8.32 107.71
C THR T 60 42.83 -8.73 108.22
N ARG T 61 42.79 -9.80 109.02
CA ARG T 61 41.54 -10.33 109.55
C ARG T 61 41.46 -10.11 111.05
N ASP T 62 40.26 -10.27 111.58
CA ASP T 62 40.00 -10.15 113.01
C ASP T 62 39.03 -11.26 113.40
N LYS T 63 38.48 -11.16 114.62
CA LYS T 63 37.56 -12.19 115.08
C LYS T 63 36.30 -12.24 114.23
N ASN T 64 35.76 -11.08 113.85
CA ASN T 64 34.54 -11.04 113.07
C ASN T 64 34.58 -9.97 111.97
N LYS T 65 35.76 -9.54 111.54
CA LYS T 65 35.87 -8.51 110.53
C LYS T 65 37.10 -8.74 109.66
N ILE T 66 36.95 -8.50 108.37
CA ILE T 66 38.04 -8.58 107.40
C ILE T 66 38.30 -7.19 106.87
N THR T 67 39.58 -6.79 106.81
CA THR T 67 39.99 -5.49 106.35
C THR T 67 40.93 -5.64 105.17
N VAL T 68 40.71 -4.86 104.12
CA VAL T 68 41.54 -4.86 102.93
C VAL T 68 41.98 -3.43 102.66
N THR T 69 43.28 -3.23 102.53
CA THR T 69 43.86 -1.91 102.28
C THR T 69 44.70 -1.96 101.02
N CYS T 70 44.59 -0.91 100.19
CA CYS T 70 45.29 -0.83 98.93
C CYS T 70 46.08 0.48 98.87
N ASN T 71 47.31 0.39 98.34
CA ASN T 71 48.13 1.58 98.17
C ASN T 71 47.67 2.46 97.01
N SER T 72 46.91 1.91 96.08
CA SER T 72 46.42 2.67 94.93
C SER T 72 44.91 2.53 94.82
N THR T 73 44.33 3.02 93.72
CA THR T 73 42.89 2.91 93.53
C THR T 73 42.45 1.46 93.56
N PHE T 74 41.42 1.18 94.34
CA PHE T 74 40.87 -0.17 94.47
C PHE T 74 39.36 -0.09 94.44
N SER T 75 38.74 -0.90 93.59
CA SER T 75 37.30 -0.86 93.43
C SER T 75 36.61 -1.60 94.58
N LYS T 76 35.67 -0.92 95.23
CA LYS T 76 34.92 -1.57 96.30
C LYS T 76 34.07 -2.70 95.75
N ARG T 77 33.44 -2.50 94.59
CA ARG T 77 32.61 -3.56 94.02
C ARG T 77 33.43 -4.78 93.64
N TYR T 78 34.72 -4.59 93.35
CA TYR T 78 35.58 -5.74 93.10
C TYR T 78 35.68 -6.63 94.32
N LEU T 79 35.76 -6.03 95.51
CA LEU T 79 35.75 -6.82 96.73
C LEU T 79 34.46 -7.60 96.88
N LYS T 80 33.32 -6.96 96.54
CA LYS T 80 32.04 -7.66 96.59
C LYS T 80 32.02 -8.83 95.60
N TYR T 81 32.62 -8.64 94.43
CA TYR T 81 32.67 -9.70 93.43
C TYR T 81 33.42 -10.91 93.98
N LEU T 82 34.56 -10.68 94.64
CA LEU T 82 35.33 -11.79 95.19
C LEU T 82 34.60 -12.45 96.36
N VAL T 83 33.99 -11.65 97.24
CA VAL T 83 33.28 -12.22 98.38
C VAL T 83 32.11 -13.06 97.91
N LYS T 84 31.35 -12.56 96.94
CA LYS T 84 30.24 -13.34 96.40
C LYS T 84 30.74 -14.64 95.78
N LYS T 85 31.90 -14.58 95.12
CA LYS T 85 32.47 -15.80 94.55
C LYS T 85 32.83 -16.80 95.64
N TYR T 86 33.35 -16.32 96.77
CA TYR T 86 33.67 -17.20 97.88
C TYR T 86 32.41 -17.86 98.42
N LEU T 87 31.32 -17.10 98.56
CA LEU T 87 30.09 -17.67 99.07
C LEU T 87 29.55 -18.76 98.15
N LYS T 88 29.63 -18.54 96.84
CA LYS T 88 29.15 -19.54 95.89
C LYS T 88 29.95 -20.84 96.01
N LYS T 89 31.28 -20.73 96.17
CA LYS T 89 32.10 -21.93 96.25
C LYS T 89 31.78 -22.75 97.50
N ASN T 90 31.33 -22.09 98.57
CA ASN T 90 30.97 -22.78 99.81
C ASN T 90 29.50 -23.14 99.88
N ASN T 91 28.74 -22.89 98.81
CA ASN T 91 27.32 -23.24 98.77
C ASN T 91 26.55 -22.56 99.90
N VAL T 92 26.77 -21.26 100.05
CA VAL T 92 26.11 -20.46 101.08
C VAL T 92 25.46 -19.21 100.52
N ARG T 93 25.48 -19.00 99.19
CA ARG T 93 24.84 -17.81 98.63
C ARG T 93 23.34 -17.83 98.85
N ASP T 94 22.73 -19.01 98.80
CA ASP T 94 21.29 -19.11 99.02
C ASP T 94 20.89 -18.67 100.42
N TRP T 95 21.84 -18.62 101.35
CA TRP T 95 21.57 -18.18 102.72
C TRP T 95 22.18 -16.82 103.05
N LEU T 96 23.29 -16.46 102.43
CA LEU T 96 24.01 -15.24 102.75
C LEU T 96 24.04 -14.31 101.54
N ARG T 97 24.16 -13.02 101.82
CA ARG T 97 24.20 -12.01 100.77
C ARG T 97 25.03 -10.82 101.26
N VAL T 98 25.85 -10.27 100.37
CA VAL T 98 26.70 -9.13 100.68
C VAL T 98 25.90 -7.86 100.47
N ILE T 99 25.84 -7.02 101.51
CA ILE T 99 25.05 -5.80 101.48
C ILE T 99 25.88 -4.67 102.05
N ALA T 100 25.82 -3.50 101.40
CA ALA T 100 26.52 -2.32 101.88
C ALA T 100 25.85 -1.79 103.14
N SER T 101 26.62 -1.09 103.96
CA SER T 101 26.16 -0.54 105.22
C SER T 101 25.77 0.92 105.04
N ASN T 102 24.57 1.27 105.52
CA ASN T 102 24.13 2.66 105.47
C ASN T 102 24.97 3.57 106.37
N LYS T 103 25.65 3.01 107.35
CA LYS T 103 26.44 3.82 108.27
C LYS T 103 27.76 4.25 107.63
N ASP T 104 28.56 3.29 107.17
CA ASP T 104 29.83 3.56 106.53
C ASP T 104 29.77 3.10 105.07
N ARG T 105 30.37 3.88 104.19
CA ARG T 105 30.34 3.60 102.75
C ARG T 105 31.47 2.69 102.30
N ASN T 106 32.36 2.28 103.20
CA ASN T 106 33.48 1.41 102.86
C ASN T 106 33.38 0.06 103.58
N VAL T 107 32.16 -0.38 103.89
CA VAL T 107 31.93 -1.59 104.66
C VAL T 107 30.86 -2.42 103.97
N TYR T 108 31.10 -3.72 103.87
CA TYR T 108 30.11 -4.69 103.42
C TYR T 108 29.71 -5.58 104.59
N GLU T 109 28.43 -5.93 104.65
CA GLU T 109 27.88 -6.75 105.72
C GLU T 109 27.26 -8.01 105.13
N LEU T 110 27.39 -9.12 105.84
CA LEU T 110 26.81 -10.39 105.44
C LEU T 110 25.52 -10.59 106.22
N ARG T 111 24.41 -10.75 105.50
CA ARG T 111 23.08 -10.85 106.09
C ARG T 111 22.35 -12.04 105.49
N TYR T 112 21.26 -12.41 106.13
CA TYR T 112 20.41 -13.51 105.68
C TYR T 112 19.18 -12.97 104.95
N PHE T 113 18.64 -13.80 104.06
CA PHE T 113 17.41 -13.46 103.35
C PHE T 113 16.23 -13.52 104.30
N ASN T 114 15.30 -12.58 104.14
CA ASN T 114 14.10 -12.52 104.98
C ASN T 114 13.01 -13.43 104.39
N ILE T 115 13.32 -14.72 104.34
CA ILE T 115 12.39 -15.71 103.82
C ILE T 115 11.14 -15.76 104.70
N ALA U 10 32.83 -66.78 19.92
CA ALA U 10 32.67 -65.37 19.55
C ALA U 10 31.65 -64.68 20.45
N GLY U 11 30.38 -64.73 20.06
CA GLY U 11 29.32 -64.12 20.83
C GLY U 11 29.13 -62.65 20.51
N ASN U 12 27.95 -62.15 20.88
CA ASN U 12 27.59 -60.76 20.68
C ASN U 12 27.67 -59.99 22.00
N LYS U 13 27.80 -58.67 21.89
CA LYS U 13 27.95 -57.84 23.07
C LYS U 13 26.65 -57.77 23.85
N PHE U 14 26.77 -57.79 25.18
CA PHE U 14 25.60 -57.66 26.03
C PHE U 14 25.15 -56.21 26.11
N ARG U 15 23.91 -56.02 26.57
CA ARG U 15 23.36 -54.68 26.64
C ARG U 15 24.13 -53.83 27.65
N MET U 16 24.21 -52.54 27.36
CA MET U 16 24.89 -51.58 28.23
C MET U 16 23.92 -50.43 28.52
N SER U 17 24.15 -49.76 29.65
CA SER U 17 23.36 -48.58 29.96
C SER U 17 23.54 -47.54 28.87
N LEU U 18 22.42 -46.98 28.41
CA LEU U 18 22.44 -45.99 27.34
C LEU U 18 22.54 -44.60 27.96
N GLY U 19 23.60 -43.88 27.64
CA GLY U 19 23.83 -42.57 28.24
C GLY U 19 23.86 -41.42 27.26
N LEU U 20 23.67 -41.68 25.97
CA LEU U 20 23.82 -40.68 24.92
C LEU U 20 22.58 -40.66 24.03
N PRO U 21 21.54 -39.94 24.43
CA PRO U 21 20.38 -39.77 23.55
C PRO U 21 20.66 -38.75 22.44
N VAL U 22 19.73 -38.69 21.50
CA VAL U 22 19.81 -37.74 20.38
C VAL U 22 19.99 -36.33 20.95
N ALA U 23 20.70 -35.48 20.21
CA ALA U 23 21.11 -34.13 20.56
C ALA U 23 22.33 -34.13 21.47
N ALA U 24 22.83 -35.29 21.90
CA ALA U 24 24.04 -35.34 22.69
C ALA U 24 25.24 -34.94 21.83
N THR U 25 26.13 -34.14 22.39
CA THR U 25 27.32 -33.67 21.70
C THR U 25 28.54 -34.24 22.42
N VAL U 26 29.28 -35.10 21.72
CA VAL U 26 30.43 -35.78 22.29
C VAL U 26 31.70 -35.28 21.60
N ASN U 27 32.82 -35.46 22.29
CA ASN U 27 34.11 -35.09 21.72
C ASN U 27 34.50 -36.06 20.61
N CYS U 28 35.24 -35.54 19.63
CA CYS U 28 35.78 -36.37 18.57
C CYS U 28 37.16 -36.86 18.99
N ALA U 29 37.32 -38.18 19.04
CA ALA U 29 38.54 -38.79 19.56
C ALA U 29 39.58 -39.10 18.49
N ASP U 30 39.29 -38.81 17.23
CA ASP U 30 40.24 -39.07 16.15
C ASP U 30 40.87 -37.75 15.70
N ASN U 31 41.72 -37.83 14.68
CA ASN U 31 42.46 -36.68 14.17
C ASN U 31 41.95 -36.25 12.79
N THR U 32 40.64 -36.41 12.55
CA THR U 32 40.06 -36.01 11.27
C THR U 32 39.90 -34.51 11.15
N GLY U 33 40.07 -33.76 12.24
CA GLY U 33 39.85 -32.32 12.26
C GLY U 33 38.58 -31.90 12.95
N ALA U 34 37.64 -32.83 13.16
CA ALA U 34 36.43 -32.52 13.91
C ALA U 34 36.75 -32.45 15.41
N LYS U 35 36.05 -31.54 16.09
CA LYS U 35 36.23 -31.36 17.53
C LYS U 35 35.08 -31.90 18.36
N ASN U 36 33.89 -32.03 17.79
CA ASN U 36 32.76 -32.62 18.49
C ASN U 36 31.83 -33.29 17.48
N LEU U 37 31.01 -34.19 17.98
CA LEU U 37 30.03 -34.91 17.17
C LEU U 37 28.65 -34.73 17.77
N TYR U 38 27.70 -34.31 16.96
CA TYR U 38 26.32 -34.08 17.39
C TYR U 38 25.47 -35.25 16.89
N ILE U 39 24.95 -36.02 17.83
CA ILE U 39 24.21 -37.24 17.49
C ILE U 39 22.81 -36.89 17.04
N ILE U 40 22.43 -37.36 15.86
CA ILE U 40 21.08 -37.16 15.34
C ILE U 40 20.26 -38.43 15.30
N SER U 41 20.90 -39.60 15.30
CA SER U 41 20.18 -40.87 15.34
C SER U 41 21.16 -41.97 15.71
N VAL U 42 20.60 -43.13 16.05
CA VAL U 42 21.36 -44.30 16.46
C VAL U 42 20.91 -45.48 15.61
N LYS U 43 21.87 -46.19 15.02
CA LYS U 43 21.54 -47.33 14.20
C LYS U 43 21.04 -48.49 15.05
N GLY U 44 20.12 -49.26 14.48
CA GLY U 44 19.54 -50.40 15.16
C GLY U 44 18.37 -50.08 16.07
N ILE U 45 18.00 -48.82 16.22
CA ILE U 45 16.90 -48.43 17.09
C ILE U 45 15.59 -48.59 16.34
N LYS U 46 14.69 -49.41 16.89
CA LYS U 46 13.33 -49.51 16.35
C LYS U 46 12.40 -48.52 17.04
N GLY U 47 12.58 -48.31 18.33
CA GLY U 47 11.99 -47.17 19.01
C GLY U 47 10.67 -47.44 19.68
N ARG U 48 10.22 -46.40 20.38
CA ARG U 48 8.96 -46.38 21.11
C ARG U 48 8.43 -44.96 21.04
N LEU U 49 7.11 -44.81 21.14
CA LEU U 49 6.54 -43.48 21.11
C LEU U 49 7.14 -42.62 22.21
N ASN U 50 7.65 -41.45 21.83
CA ASN U 50 8.24 -40.43 22.70
C ASN U 50 9.63 -40.79 23.20
N ARG U 51 10.14 -41.99 22.92
CA ARG U 51 11.43 -42.42 23.45
C ARG U 51 12.54 -41.94 22.53
N LEU U 52 13.48 -41.19 23.09
CA LEU U 52 14.61 -40.70 22.31
C LEU U 52 15.57 -41.85 22.01
N PRO U 53 16.00 -42.04 20.76
CA PRO U 53 17.06 -43.01 20.49
C PRO U 53 18.33 -42.67 21.26
N SER U 54 18.98 -43.70 21.80
CA SER U 54 20.16 -43.51 22.63
C SER U 54 21.22 -44.55 22.27
N ALA U 55 22.48 -44.18 22.50
CA ALA U 55 23.63 -44.99 22.12
C ALA U 55 24.54 -45.20 23.31
N CYS U 56 25.33 -46.27 23.23
CA CYS U 56 26.32 -46.61 24.24
C CYS U 56 27.66 -46.85 23.54
N VAL U 57 28.68 -47.17 24.34
CA VAL U 57 30.00 -47.45 23.77
C VAL U 57 29.89 -48.63 22.81
N GLY U 58 30.45 -48.45 21.61
CA GLY U 58 30.39 -49.47 20.58
C GLY U 58 29.24 -49.31 19.61
N ASP U 59 28.25 -48.47 19.90
CA ASP U 59 27.15 -48.24 18.99
C ASP U 59 27.58 -47.32 17.85
N MET U 60 27.06 -47.59 16.66
CA MET U 60 27.25 -46.72 15.51
C MET U 60 26.10 -45.72 15.47
N VAL U 61 26.44 -44.45 15.30
CA VAL U 61 25.46 -43.37 15.27
C VAL U 61 25.71 -42.50 14.05
N MET U 62 24.66 -41.80 13.63
CA MET U 62 24.78 -40.77 12.62
C MET U 62 24.94 -39.42 13.32
N ALA U 63 25.94 -38.65 12.91
CA ALA U 63 26.29 -37.43 13.62
C ALA U 63 26.67 -36.34 12.63
N THR U 64 26.71 -35.11 13.13
CA THR U 64 27.18 -33.96 12.39
C THR U 64 28.24 -33.24 13.21
N VAL U 65 29.18 -32.61 12.52
CA VAL U 65 30.27 -31.90 13.17
C VAL U 65 29.83 -30.46 13.36
N LYS U 66 29.57 -30.08 14.61
CA LYS U 66 29.18 -28.71 14.93
C LYS U 66 30.37 -27.78 15.10
N LYS U 67 31.57 -28.31 15.25
CA LYS U 67 32.76 -27.49 15.42
C LYS U 67 33.96 -28.27 14.88
N GLY U 68 34.61 -27.73 13.86
CA GLY U 68 35.74 -28.40 13.25
C GLY U 68 36.04 -27.79 11.89
N LYS U 69 36.77 -28.56 11.09
CA LYS U 69 37.14 -28.09 9.76
C LYS U 69 35.88 -27.85 8.93
N PRO U 70 35.86 -26.82 8.09
CA PRO U 70 34.65 -26.57 7.28
C PRO U 70 34.29 -27.74 6.39
N ASP U 71 35.28 -28.51 5.93
CA ASP U 71 35.00 -29.63 5.04
C ASP U 71 34.16 -30.71 5.71
N LEU U 72 34.17 -30.78 7.04
CA LEU U 72 33.44 -31.81 7.78
C LEU U 72 32.11 -31.31 8.33
N ARG U 73 31.77 -30.04 8.13
CA ARG U 73 30.55 -29.48 8.69
C ARG U 73 29.39 -29.58 7.70
N LYS U 74 28.18 -29.36 8.22
CA LYS U 74 26.96 -29.37 7.41
C LYS U 74 26.79 -30.69 6.66
N LYS U 75 27.20 -31.79 7.28
CA LYS U 75 27.19 -33.09 6.64
C LYS U 75 26.82 -34.15 7.66
N VAL U 76 26.21 -35.23 7.17
CA VAL U 76 25.81 -36.36 8.00
C VAL U 76 26.75 -37.52 7.71
N MET U 77 27.41 -38.03 8.76
CA MET U 77 28.35 -39.12 8.63
C MET U 77 28.19 -40.07 9.81
N PRO U 78 28.47 -41.35 9.62
CA PRO U 78 28.42 -42.30 10.75
C PRO U 78 29.62 -42.14 11.67
N ALA U 79 29.41 -42.54 12.93
CA ALA U 79 30.44 -42.48 13.94
C ALA U 79 30.20 -43.59 14.96
N VAL U 80 31.23 -43.89 15.74
CA VAL U 80 31.18 -44.95 16.75
C VAL U 80 31.56 -44.34 18.10
N ILE U 81 30.77 -44.65 19.12
CA ILE U 81 31.04 -44.18 20.48
C ILE U 81 32.15 -45.02 21.08
N VAL U 82 33.18 -44.37 21.63
CA VAL U 82 34.30 -45.07 22.23
C VAL U 82 34.38 -44.86 23.73
N ARG U 83 33.84 -43.75 24.25
CA ARG U 83 33.81 -43.48 25.68
C ARG U 83 32.46 -42.89 26.06
N GLN U 84 32.06 -43.11 27.31
CA GLN U 84 30.84 -42.53 27.82
C GLN U 84 31.00 -42.28 29.32
N ARG U 85 30.25 -41.29 29.82
CA ARG U 85 30.28 -40.96 31.23
C ARG U 85 29.25 -41.72 32.05
N LYS U 86 28.19 -42.21 31.43
CA LYS U 86 27.17 -42.97 32.16
C LYS U 86 27.76 -44.32 32.59
N PRO U 87 27.77 -44.64 33.87
CA PRO U 87 28.29 -45.95 34.29
C PRO U 87 27.49 -47.09 33.69
N TRP U 88 28.19 -48.16 33.34
CA TRP U 88 27.57 -49.38 32.84
C TRP U 88 28.18 -50.57 33.55
N ARG U 89 27.42 -51.67 33.62
CA ARG U 89 27.78 -52.83 34.41
C ARG U 89 28.52 -53.83 33.54
N ARG U 90 29.74 -54.17 33.94
CA ARG U 90 30.43 -55.32 33.37
C ARG U 90 29.84 -56.61 33.94
N LYS U 91 30.01 -57.70 33.20
CA LYS U 91 29.45 -58.98 33.65
C LYS U 91 30.06 -59.41 34.98
N ASP U 92 31.29 -58.99 35.27
CA ASP U 92 31.93 -59.33 36.53
C ASP U 92 31.44 -58.49 37.70
N GLY U 93 30.38 -57.70 37.51
CA GLY U 93 29.77 -56.95 38.60
C GLY U 93 30.38 -55.60 38.89
N VAL U 94 31.33 -55.15 38.08
CA VAL U 94 32.00 -53.86 38.29
C VAL U 94 31.37 -52.84 37.36
N PHE U 95 31.07 -51.65 37.89
CA PHE U 95 30.54 -50.55 37.10
C PHE U 95 31.68 -49.65 36.67
N MET U 96 31.74 -49.35 35.38
CA MET U 96 32.81 -48.57 34.78
C MET U 96 32.23 -47.31 34.13
N TYR U 97 33.06 -46.27 34.05
CA TYR U 97 32.70 -45.06 33.32
C TYR U 97 33.96 -44.28 33.01
N PHE U 98 33.91 -43.51 31.93
CA PHE U 98 35.00 -42.64 31.52
C PHE U 98 34.75 -41.22 32.00
N GLU U 99 35.78 -40.39 31.86
CA GLU U 99 35.70 -39.00 32.29
C GLU U 99 34.90 -38.12 31.33
N ASP U 100 34.72 -38.56 30.08
CA ASP U 100 33.98 -37.77 29.11
C ASP U 100 33.31 -38.69 28.10
N ASN U 101 32.58 -38.10 27.17
CA ASN U 101 31.93 -38.81 26.08
C ASN U 101 32.70 -38.54 24.80
N ALA U 102 33.02 -39.61 24.06
CA ALA U 102 33.85 -39.47 22.87
C ALA U 102 33.40 -40.45 21.80
N GLY U 103 33.73 -40.11 20.55
CA GLY U 103 33.44 -40.97 19.42
C GLY U 103 34.42 -40.68 18.29
N VAL U 104 34.41 -41.56 17.30
CA VAL U 104 35.30 -41.47 16.15
C VAL U 104 34.47 -41.59 14.88
N ILE U 105 34.79 -40.77 13.89
CA ILE U 105 34.10 -40.79 12.61
C ILE U 105 34.58 -41.98 11.80
N VAL U 106 33.63 -42.73 11.23
CA VAL U 106 33.92 -43.90 10.41
C VAL U 106 33.07 -43.81 9.14
N ASN U 107 33.19 -44.82 8.30
CA ASN U 107 32.36 -45.01 7.13
C ASN U 107 31.29 -46.05 7.41
N PRO U 108 30.34 -46.24 6.49
CA PRO U 108 29.27 -47.21 6.76
C PRO U 108 29.79 -48.62 7.05
N LYS U 109 31.01 -48.95 6.64
CA LYS U 109 31.60 -50.24 6.90
C LYS U 109 32.42 -50.28 8.18
N GLY U 110 32.44 -49.19 8.95
CA GLY U 110 33.16 -49.15 10.20
C GLY U 110 34.64 -48.86 10.10
N GLU U 111 35.12 -48.44 8.93
CA GLU U 111 36.53 -48.08 8.77
C GLU U 111 36.73 -46.64 9.20
N MET U 112 37.78 -46.40 9.99
CA MET U 112 38.03 -45.06 10.51
C MET U 112 38.36 -44.10 9.38
N LYS U 113 37.77 -42.90 9.46
CA LYS U 113 38.12 -41.84 8.52
C LYS U 113 39.48 -41.25 8.86
N GLY U 114 39.79 -41.13 10.15
CA GLY U 114 41.08 -40.67 10.60
C GLY U 114 42.08 -41.82 10.64
N SER U 115 43.18 -41.58 11.36
CA SER U 115 44.24 -42.58 11.49
C SER U 115 44.71 -42.80 12.92
N ALA U 116 44.35 -41.94 13.87
CA ALA U 116 44.80 -42.07 15.25
C ALA U 116 43.64 -41.76 16.18
N ILE U 117 43.74 -42.27 17.40
CA ILE U 117 42.73 -42.07 18.44
C ILE U 117 43.42 -41.47 19.65
N THR U 118 42.82 -40.44 20.24
CA THR U 118 43.33 -39.81 21.44
C THR U 118 42.60 -40.35 22.66
N GLY U 119 43.35 -40.79 23.66
CA GLY U 119 42.77 -41.30 24.88
C GLY U 119 42.40 -42.76 24.79
N PRO U 120 41.94 -43.33 25.90
CA PRO U 120 41.54 -44.74 25.91
C PRO U 120 40.17 -44.93 25.27
N ILE U 121 39.85 -46.19 24.99
CA ILE U 121 38.55 -46.57 24.46
C ILE U 121 38.06 -47.79 25.22
N GLY U 122 36.74 -47.92 25.31
CA GLY U 122 36.15 -49.05 26.00
C GLY U 122 36.43 -50.35 25.29
N LYS U 123 36.56 -51.42 26.08
CA LYS U 123 36.80 -52.74 25.50
C LYS U 123 35.62 -53.22 24.65
N GLU U 124 34.41 -52.81 25.02
CA GLU U 124 33.23 -53.24 24.26
C GLU U 124 33.30 -52.75 22.83
N CYS U 125 33.70 -51.49 22.62
CA CYS U 125 33.79 -50.95 21.27
C CYS U 125 34.90 -51.62 20.48
N ALA U 126 36.03 -51.93 21.14
CA ALA U 126 37.16 -52.51 20.43
C ALA U 126 36.81 -53.88 19.85
N ASP U 127 36.06 -54.69 20.58
CA ASP U 127 35.71 -56.03 20.11
C ASP U 127 34.86 -55.95 18.85
N LEU U 128 33.89 -55.03 18.80
CA LEU U 128 32.98 -54.95 17.66
C LEU U 128 33.62 -54.37 16.42
N TRP U 129 34.61 -53.47 16.59
CA TRP U 129 35.19 -52.72 15.48
C TRP U 129 36.70 -52.95 15.46
N PRO U 130 37.17 -53.98 14.74
CA PRO U 130 38.62 -54.22 14.72
C PRO U 130 39.43 -53.06 14.15
N ARG U 131 38.88 -52.33 13.19
CA ARG U 131 39.61 -51.19 12.63
C ARG U 131 39.85 -50.12 13.70
N ILE U 132 38.84 -49.83 14.52
CA ILE U 132 39.01 -48.85 15.58
C ILE U 132 40.03 -49.34 16.60
N ALA U 133 39.98 -50.64 16.95
CA ALA U 133 40.93 -51.18 17.91
C ALA U 133 42.36 -51.09 17.40
N SER U 134 42.56 -51.21 16.08
CA SER U 134 43.91 -51.16 15.55
C SER U 134 44.58 -49.82 15.82
N ALA U 135 43.82 -48.73 15.68
CA ALA U 135 44.36 -47.39 15.89
C ALA U 135 44.29 -46.94 17.35
N ALA U 136 43.74 -47.77 18.24
CA ALA U 136 43.59 -47.40 19.63
C ALA U 136 44.93 -47.47 20.37
N ASN U 137 45.04 -46.68 21.44
CA ASN U 137 46.22 -46.69 22.28
C ASN U 137 46.06 -47.65 23.45
N ALA U 138 45.05 -47.41 24.29
CA ALA U 138 44.76 -48.24 25.45
C ALA U 138 43.32 -48.70 25.38
N ILE U 139 43.10 -49.99 25.54
CA ILE U 139 41.78 -50.60 25.50
C ILE U 139 41.45 -51.07 26.91
N VAL U 140 40.48 -50.41 27.54
CA VAL U 140 40.09 -50.74 28.90
C VAL U 140 38.64 -51.20 28.93
N VAL V 3 43.16 -69.04 45.69
CA VAL V 3 43.02 -67.81 46.45
C VAL V 3 42.31 -66.76 45.60
N LEU V 4 41.36 -66.05 46.21
CA LEU V 4 40.61 -65.03 45.48
C LEU V 4 41.50 -63.86 45.11
N LYS V 5 41.24 -63.27 43.95
CA LYS V 5 41.91 -62.05 43.52
C LYS V 5 41.07 -60.86 43.98
N THR V 6 41.62 -60.06 44.88
CA THR V 6 40.94 -58.89 45.42
C THR V 6 41.72 -57.64 45.06
N GLU V 7 41.00 -56.59 44.64
CA GLU V 7 41.60 -55.31 44.33
C GLU V 7 41.63 -54.43 45.57
N LEU V 8 42.29 -53.28 45.44
CA LEU V 8 42.39 -52.30 46.52
C LEU V 8 41.79 -50.97 46.05
N CYS V 9 41.05 -50.33 46.94
CA CYS V 9 40.49 -49.02 46.64
C CYS V 9 41.61 -48.00 46.51
N ARG V 10 41.66 -47.33 45.35
CA ARG V 10 42.73 -46.36 45.12
C ARG V 10 42.67 -45.20 46.10
N PHE V 11 41.47 -44.85 46.56
CA PHE V 11 41.32 -43.71 47.46
C PHE V 11 41.57 -44.09 48.90
N SER V 12 40.82 -45.06 49.42
CA SER V 12 40.89 -45.42 50.82
C SER V 12 41.84 -46.58 51.10
N GLY V 13 42.23 -47.34 50.08
CA GLY V 13 43.07 -48.50 50.29
C GLY V 13 42.33 -49.73 50.78
N ALA V 14 41.01 -49.67 50.86
CA ALA V 14 40.23 -50.80 51.34
C ALA V 14 40.25 -51.94 50.32
N LYS V 15 40.16 -53.16 50.83
CA LYS V 15 40.10 -54.33 49.96
C LYS V 15 38.74 -54.42 49.30
N ILE V 16 38.73 -54.69 48.00
CA ILE V 16 37.50 -54.81 47.21
C ILE V 16 37.34 -56.26 46.80
N TYR V 17 36.24 -56.88 47.24
CA TYR V 17 35.97 -58.27 46.94
C TYR V 17 35.26 -58.39 45.60
N PRO V 18 35.37 -59.55 44.95
CA PRO V 18 34.79 -59.69 43.61
C PRO V 18 33.28 -59.53 43.61
N GLY V 19 32.77 -58.98 42.52
CA GLY V 19 31.34 -58.74 42.36
C GLY V 19 30.88 -57.33 42.65
N ARG V 20 31.79 -56.44 43.05
CA ARG V 20 31.41 -55.05 43.31
C ARG V 20 32.62 -54.18 42.98
N GLY V 21 32.49 -52.89 43.26
CA GLY V 21 33.53 -51.92 42.97
C GLY V 21 33.11 -50.95 41.88
N ILE V 22 33.70 -49.76 41.94
CA ILE V 22 33.46 -48.70 40.97
C ILE V 22 34.79 -48.36 40.32
N ARG V 23 34.85 -48.44 38.99
CA ARG V 23 36.08 -48.22 38.25
C ARG V 23 35.93 -46.94 37.41
N PHE V 24 36.85 -46.01 37.61
CA PHE V 24 36.86 -44.73 36.90
C PHE V 24 38.11 -44.66 36.02
N ILE V 25 37.91 -44.30 34.76
CA ILE V 25 39.01 -44.16 33.81
C ILE V 25 39.22 -42.66 33.58
N ARG V 26 40.36 -42.15 34.02
CA ARG V 26 40.66 -40.74 33.85
C ARG V 26 41.12 -40.48 32.42
N SER V 27 41.05 -39.20 32.01
CA SER V 27 41.36 -38.83 30.63
C SER V 27 42.76 -39.25 30.24
N ASP V 28 43.67 -39.37 31.20
CA ASP V 28 45.04 -39.80 30.92
C ASP V 28 45.22 -41.31 31.02
N SER V 29 44.14 -42.08 30.87
CA SER V 29 44.14 -43.53 30.87
C SER V 29 44.42 -44.14 32.24
N GLN V 30 44.49 -43.32 33.28
CA GLN V 30 44.65 -43.85 34.63
C GLN V 30 43.37 -44.55 35.08
N VAL V 31 43.54 -45.69 35.76
CA VAL V 31 42.42 -46.50 36.23
C VAL V 31 42.32 -46.34 37.74
N PHE V 32 41.13 -46.01 38.23
CA PHE V 32 40.87 -45.81 39.65
C PHE V 32 39.74 -46.74 40.08
N LEU V 33 40.01 -47.57 41.09
CA LEU V 33 39.01 -48.46 41.66
C LEU V 33 38.55 -47.91 43.00
N PHE V 34 37.24 -47.73 43.16
CA PHE V 34 36.65 -47.25 44.39
C PHE V 34 35.82 -48.35 45.03
N VAL V 35 35.88 -48.44 46.36
CA VAL V 35 35.13 -49.47 47.06
C VAL V 35 33.66 -49.09 47.20
N ASN V 36 33.34 -47.80 47.22
CA ASN V 36 31.97 -47.36 47.38
C ASN V 36 31.86 -45.91 46.88
N SER V 37 30.62 -45.41 46.85
CA SER V 37 30.38 -44.06 46.37
C SER V 37 30.97 -43.00 47.29
N LYS V 38 31.19 -43.33 48.56
CA LYS V 38 31.85 -42.39 49.47
C LYS V 38 33.24 -42.02 48.95
N CYS V 39 34.04 -43.01 48.59
CA CYS V 39 35.36 -42.75 48.04
C CYS V 39 35.26 -42.07 46.68
N LYS V 40 34.29 -42.49 45.86
CA LYS V 40 34.11 -41.88 44.55
C LYS V 40 33.82 -40.38 44.66
N HIS V 41 32.86 -40.02 45.52
CA HIS V 41 32.48 -38.62 45.65
C HIS V 41 33.65 -37.79 46.18
N TYR V 42 34.35 -38.29 47.20
CA TYR V 42 35.47 -37.54 47.75
C TYR V 42 36.58 -37.37 46.72
N PHE V 43 36.84 -38.40 45.92
CA PHE V 43 37.85 -38.29 44.87
C PHE V 43 37.46 -37.22 43.86
N HIS V 44 36.21 -37.25 43.38
CA HIS V 44 35.76 -36.27 42.41
C HIS V 44 35.61 -34.88 43.01
N ASN V 45 35.51 -34.78 44.33
CA ASN V 45 35.51 -33.48 45.00
C ASN V 45 36.91 -32.95 45.25
N LYS V 46 37.94 -33.66 44.79
CA LYS V 46 39.33 -33.23 44.86
C LYS V 46 39.86 -33.24 46.29
N LEU V 47 39.36 -34.15 47.13
CA LEU V 47 39.88 -34.33 48.47
C LEU V 47 41.04 -35.31 48.44
N LYS V 48 42.10 -34.97 49.16
CA LYS V 48 43.30 -35.81 49.17
C LYS V 48 43.17 -36.89 50.24
N PRO V 49 43.40 -38.17 49.91
CA PRO V 49 43.33 -39.21 50.95
C PRO V 49 44.26 -38.97 52.11
N SER V 50 45.43 -38.38 51.86
CA SER V 50 46.37 -38.10 52.94
C SER V 50 45.79 -37.19 54.00
N LYS V 51 44.76 -36.41 53.66
CA LYS V 51 44.14 -35.49 54.61
C LYS V 51 42.98 -36.09 55.37
N LEU V 52 42.47 -37.26 54.97
CA LEU V 52 41.33 -37.89 55.62
C LEU V 52 41.85 -38.93 56.61
N THR V 53 41.42 -38.80 57.86
CA THR V 53 42.01 -39.60 58.94
C THR V 53 41.79 -41.09 58.72
N TRP V 54 40.60 -41.47 58.26
CA TRP V 54 40.24 -42.88 58.16
C TRP V 54 40.92 -43.61 57.01
N THR V 55 41.53 -42.90 56.06
CA THR V 55 42.13 -43.55 54.91
C THR V 55 43.43 -44.25 55.28
N ALA V 56 43.77 -45.27 54.50
CA ALA V 56 45.02 -45.99 54.71
C ALA V 56 46.23 -45.12 54.42
N MET V 57 46.13 -44.22 53.44
CA MET V 57 47.23 -43.33 53.11
C MET V 57 47.55 -42.42 54.29
N TYR V 58 46.53 -41.91 54.97
CA TYR V 58 46.75 -41.07 56.14
C TYR V 58 47.45 -41.85 57.25
N ARG V 59 47.01 -43.08 57.50
CA ARG V 59 47.57 -43.86 58.60
C ARG V 59 49.01 -44.26 58.33
N LYS V 60 49.34 -44.58 57.08
CA LYS V 60 50.72 -44.93 56.75
C LYS V 60 51.66 -43.74 56.96
N GLN V 61 51.22 -42.54 56.55
CA GLN V 61 52.07 -41.36 56.71
C GLN V 61 52.22 -40.96 58.17
N HIS V 62 51.17 -41.17 58.97
CA HIS V 62 51.20 -40.84 60.39
C HIS V 62 51.67 -41.99 61.26
N LYS V 63 52.09 -43.10 60.66
CA LYS V 63 52.62 -44.25 61.41
C LYS V 63 51.62 -44.73 62.46
N LYS V 64 50.35 -44.81 62.07
CA LYS V 64 49.31 -45.31 62.95
C LYS V 64 49.33 -46.83 63.00
N ILE W 38 -20.47 74.35 49.98
CA ILE W 38 -19.61 73.67 49.01
C ILE W 38 -19.28 72.26 49.50
N ARG W 39 -18.87 71.41 48.57
CA ARG W 39 -18.52 70.02 48.86
C ARG W 39 -17.07 69.79 48.49
N THR W 40 -16.29 69.27 49.43
CA THR W 40 -14.89 68.94 49.20
C THR W 40 -14.67 67.46 48.89
N LYS W 41 -15.74 66.66 48.88
CA LYS W 41 -15.65 65.24 48.58
C LYS W 41 -16.45 64.96 47.32
N VAL W 42 -15.85 64.23 46.37
CA VAL W 42 -16.56 63.86 45.16
C VAL W 42 -17.53 62.71 45.40
N THR W 43 -17.34 61.94 46.46
CA THR W 43 -18.25 60.84 46.78
C THR W 43 -19.37 61.35 47.68
N PHE W 44 -20.60 61.13 47.25
CA PHE W 44 -21.76 61.53 48.04
C PHE W 44 -22.00 60.53 49.16
N HIS W 45 -22.21 61.03 50.36
CA HIS W 45 -22.51 60.20 51.53
C HIS W 45 -23.89 60.56 52.05
N ARG W 46 -24.65 59.54 52.43
CA ARG W 46 -25.97 59.75 52.98
C ARG W 46 -25.87 60.60 54.25
N PRO W 47 -26.56 61.74 54.34
CA PRO W 47 -26.45 62.56 55.55
C PRO W 47 -27.07 61.87 56.75
N LYS W 48 -26.54 62.19 57.93
CA LYS W 48 -27.10 61.66 59.17
C LYS W 48 -28.47 62.28 59.42
N THR W 49 -29.40 61.43 59.83
CA THR W 49 -30.77 61.85 60.14
C THR W 49 -31.16 61.34 61.52
N LEU W 50 -32.10 62.03 62.13
CA LEU W 50 -32.52 61.70 63.48
C LEU W 50 -33.21 60.34 63.52
N LYS W 51 -32.97 59.60 64.59
CA LYS W 51 -33.61 58.31 64.82
C LYS W 51 -34.21 58.31 66.22
N LYS W 52 -35.48 57.94 66.33
CA LYS W 52 -36.17 57.88 67.60
C LYS W 52 -36.13 56.47 68.17
N ASP W 53 -36.24 56.39 69.50
CA ASP W 53 -36.38 55.12 70.19
C ASP W 53 -37.85 54.71 70.24
N ARG W 54 -38.09 53.41 70.26
CA ARG W 54 -39.46 52.91 70.29
C ARG W 54 -40.17 53.35 71.57
N SER W 55 -41.39 53.83 71.42
CA SER W 55 -42.26 54.20 72.54
C SER W 55 -43.63 53.59 72.30
N PRO W 56 -43.76 52.28 72.41
CA PRO W 56 -45.02 51.62 72.02
C PRO W 56 -46.20 52.11 72.86
N LYS W 57 -47.36 52.21 72.20
CA LYS W 57 -48.58 52.59 72.90
C LYS W 57 -49.11 51.45 73.77
N TYR W 58 -48.73 50.21 73.48
CA TYR W 58 -49.08 49.07 74.31
C TYR W 58 -47.88 48.13 74.37
N PRO W 59 -47.69 47.44 75.49
CA PRO W 59 -46.63 46.42 75.55
C PRO W 59 -47.03 45.17 74.79
N ARG W 60 -46.07 44.62 74.04
CA ARG W 60 -46.36 43.41 73.27
C ARG W 60 -46.64 42.23 74.18
N VAL W 61 -46.04 42.19 75.37
CA VAL W 61 -46.29 41.16 76.36
C VAL W 61 -46.88 41.83 77.60
N SER W 62 -47.97 41.26 78.13
CA SER W 62 -48.67 41.90 79.23
C SER W 62 -47.79 42.00 80.47
N ALA W 63 -47.03 40.95 80.78
CA ALA W 63 -46.19 40.94 81.96
C ALA W 63 -44.94 40.12 81.67
N PRO W 64 -43.86 40.34 82.42
CA PRO W 64 -42.65 39.53 82.21
C PRO W 64 -42.90 38.07 82.54
N GLY W 65 -42.20 37.19 81.83
CA GLY W 65 -42.29 35.77 82.10
C GLY W 65 -41.63 35.42 83.43
N ARG W 66 -42.15 34.37 84.05
CA ARG W 66 -41.59 33.92 85.32
C ARG W 66 -40.22 33.30 85.11
N ASN W 67 -39.38 33.39 86.14
CA ASN W 67 -38.04 32.84 86.07
C ASN W 67 -38.10 31.31 86.02
N ARG W 68 -37.61 30.73 84.94
CA ARG W 68 -37.64 29.29 84.73
C ARG W 68 -36.35 28.59 85.16
N LEU W 69 -35.39 29.34 85.71
CA LEU W 69 -34.10 28.79 86.11
C LEU W 69 -33.72 29.29 87.50
N ASP W 70 -34.67 29.17 88.43
CA ASP W 70 -34.44 29.59 89.80
C ASP W 70 -33.49 28.61 90.50
N GLN W 71 -33.23 28.87 91.78
CA GLN W 71 -32.27 28.05 92.51
C GLN W 71 -32.70 26.59 92.55
N TYR W 72 -33.99 26.33 92.80
CA TYR W 72 -34.48 24.96 92.83
C TYR W 72 -34.40 24.31 91.46
N ALA W 73 -34.73 25.07 90.41
CA ALA W 73 -34.62 24.52 89.06
C ALA W 73 -33.17 24.22 88.69
N ILE W 74 -32.24 25.08 89.09
CA ILE W 74 -30.84 24.89 88.75
C ILE W 74 -30.28 23.64 89.42
N LEU W 75 -30.53 23.50 90.72
CA LEU W 75 -29.99 22.38 91.52
C LEU W 75 -31.08 21.32 91.62
N LYS W 76 -30.97 20.27 90.81
CA LYS W 76 -31.97 19.21 90.80
C LYS W 76 -31.81 18.28 92.00
N TYR W 77 -30.62 17.70 92.16
CA TYR W 77 -30.35 16.85 93.30
C TYR W 77 -28.87 16.50 93.38
N PRO W 78 -28.33 16.26 94.57
CA PRO W 78 -26.93 15.85 94.69
C PRO W 78 -26.73 14.42 94.19
N LEU W 79 -25.50 14.15 93.76
CA LEU W 79 -25.12 12.82 93.30
C LEU W 79 -24.56 12.03 94.46
N THR W 80 -25.11 10.83 94.68
CA THR W 80 -24.76 10.01 95.84
C THR W 80 -24.04 8.73 95.44
N THR W 81 -23.31 8.76 94.33
CA THR W 81 -22.53 7.60 93.92
C THR W 81 -21.27 7.49 94.77
N GLU W 82 -20.68 6.29 94.77
CA GLU W 82 -19.46 6.06 95.54
C GLU W 82 -18.34 6.97 95.08
N SER W 83 -18.20 7.15 93.76
CA SER W 83 -17.19 8.07 93.24
C SER W 83 -17.46 9.50 93.69
N ALA W 84 -18.73 9.91 93.68
CA ALA W 84 -19.08 11.26 94.12
C ALA W 84 -18.81 11.45 95.60
N MET W 85 -19.10 10.43 96.42
CA MET W 85 -18.93 10.57 97.86
C MET W 85 -17.48 10.80 98.24
N LYS W 86 -16.55 10.11 97.58
CA LYS W 86 -15.14 10.24 97.93
C LYS W 86 -14.65 11.67 97.74
N LYS W 87 -15.27 12.43 96.83
CA LYS W 87 -14.88 13.81 96.61
C LYS W 87 -15.39 14.76 97.68
N ILE W 88 -16.33 14.32 98.53
CA ILE W 88 -16.82 15.18 99.59
C ILE W 88 -15.72 15.45 100.61
N GLU W 89 -14.93 14.43 100.95
CA GLU W 89 -13.87 14.57 101.94
C GLU W 89 -12.48 14.72 101.32
N ASP W 90 -12.20 14.00 100.23
CA ASP W 90 -10.89 14.11 99.60
C ASP W 90 -10.63 15.49 99.04
N ASN W 91 -11.64 16.11 98.41
CA ASN W 91 -11.48 17.38 97.75
C ASN W 91 -12.40 18.47 98.27
N ASN W 92 -13.20 18.20 99.30
CA ASN W 92 -14.15 19.18 99.83
C ASN W 92 -15.11 19.65 98.74
N THR W 93 -15.50 18.71 97.87
CA THR W 93 -16.29 19.01 96.69
C THR W 93 -17.65 18.34 96.78
N LEU W 94 -18.68 19.06 96.37
CA LEU W 94 -20.04 18.54 96.29
C LEU W 94 -20.42 18.33 94.82
N VAL W 95 -20.94 17.15 94.52
CA VAL W 95 -21.33 16.79 93.16
C VAL W 95 -22.84 16.95 93.04
N PHE W 96 -23.28 17.76 92.07
CA PHE W 96 -24.69 18.04 91.85
C PHE W 96 -25.08 17.72 90.42
N ILE W 97 -26.32 17.28 90.25
CA ILE W 97 -26.94 17.19 88.93
C ILE W 97 -27.75 18.46 88.74
N VAL W 98 -27.48 19.19 87.66
CA VAL W 98 -28.04 20.52 87.46
C VAL W 98 -28.71 20.58 86.09
N ASP W 99 -29.56 21.59 85.93
CA ASP W 99 -30.22 21.82 84.65
C ASP W 99 -29.17 22.06 83.56
N ILE W 100 -29.40 21.45 82.40
CA ILE W 100 -28.43 21.53 81.32
C ILE W 100 -28.25 22.96 80.82
N LYS W 101 -29.24 23.82 81.05
CA LYS W 101 -29.18 25.21 80.62
C LYS W 101 -28.50 26.13 81.64
N ALA W 102 -28.04 25.59 82.77
CA ALA W 102 -27.39 26.38 83.80
C ALA W 102 -25.90 26.46 83.52
N ASP W 103 -25.35 27.66 83.59
CA ASP W 103 -23.92 27.89 83.44
C ASP W 103 -23.26 28.01 84.81
N LYS W 104 -21.93 28.03 84.80
CA LYS W 104 -21.17 28.07 86.05
C LYS W 104 -21.51 29.30 86.87
N LYS W 105 -21.78 30.42 86.21
CA LYS W 105 -22.14 31.64 86.93
C LYS W 105 -23.44 31.46 87.71
N LYS W 106 -24.45 30.84 87.07
CA LYS W 106 -25.72 30.66 87.75
C LYS W 106 -25.67 29.55 88.79
N ILE W 107 -24.85 28.51 88.56
CA ILE W 107 -24.69 27.46 89.55
C ILE W 107 -24.07 28.02 90.82
N LYS W 108 -23.08 28.91 90.68
CA LYS W 108 -22.45 29.49 91.85
C LYS W 108 -23.44 30.27 92.69
N ASP W 109 -24.30 31.07 92.03
CA ASP W 109 -25.28 31.86 92.76
C ASP W 109 -26.36 30.98 93.37
N ALA W 110 -26.75 29.91 92.67
CA ALA W 110 -27.78 29.02 93.20
C ALA W 110 -27.30 28.33 94.48
N VAL W 111 -26.06 27.87 94.50
CA VAL W 111 -25.52 27.22 95.69
C VAL W 111 -25.44 28.22 96.84
N LYS W 112 -25.09 29.46 96.55
CA LYS W 112 -25.02 30.48 97.59
C LYS W 112 -26.39 30.71 98.22
N LYS W 113 -27.42 30.88 97.38
CA LYS W 113 -28.76 31.10 97.91
C LYS W 113 -29.29 29.85 98.60
N MET W 114 -29.01 28.67 98.04
CA MET W 114 -29.59 27.44 98.57
C MET W 114 -28.99 27.08 99.93
N TYR W 115 -27.67 26.85 99.96
CA TYR W 115 -27.01 26.33 101.16
C TYR W 115 -26.18 27.38 101.89
N ASP W 116 -26.14 28.62 101.39
CA ASP W 116 -25.41 29.70 102.05
C ASP W 116 -23.95 29.33 102.26
N ILE W 117 -23.29 28.92 101.17
CA ILE W 117 -21.89 28.54 101.21
C ILE W 117 -21.18 29.18 100.02
N GLN W 118 -19.89 29.43 100.20
CA GLN W 118 -19.05 30.02 99.16
C GLN W 118 -18.32 28.91 98.39
N ILE W 119 -18.11 29.15 97.10
CA ILE W 119 -17.53 28.16 96.19
C ILE W 119 -16.17 28.64 95.75
N LYS W 120 -15.19 27.73 95.74
CA LYS W 120 -13.86 28.05 95.24
C LYS W 120 -13.83 28.02 93.72
N LYS W 121 -14.35 26.94 93.12
CA LYS W 121 -14.48 26.86 91.67
C LYS W 121 -15.54 25.82 91.35
N VAL W 122 -16.09 25.92 90.13
CA VAL W 122 -17.11 25.00 89.64
C VAL W 122 -16.63 24.41 88.33
N ASN W 123 -16.62 23.08 88.25
CA ASN W 123 -16.35 22.36 87.01
C ASN W 123 -17.61 21.63 86.59
N THR W 124 -17.94 21.69 85.30
CA THR W 124 -19.16 21.12 84.77
C THR W 124 -18.85 20.19 83.61
N LEU W 125 -19.70 19.20 83.42
CA LEU W 125 -19.63 18.31 82.28
C LEU W 125 -21.03 17.81 81.97
N ILE W 126 -21.24 17.41 80.72
CA ILE W 126 -22.49 16.82 80.27
C ILE W 126 -22.29 15.31 80.21
N ARG W 127 -23.09 14.57 80.98
CA ARG W 127 -22.92 13.13 81.07
C ARG W 127 -23.44 12.45 79.80
N PRO W 128 -23.04 11.20 79.56
CA PRO W 128 -23.52 10.49 78.36
C PRO W 128 -25.03 10.34 78.31
N ASP W 129 -25.73 10.45 79.44
CA ASP W 129 -27.17 10.35 79.46
C ASP W 129 -27.86 11.69 79.16
N GLY W 130 -27.11 12.72 78.82
CA GLY W 130 -27.67 14.00 78.44
C GLY W 130 -27.88 14.98 79.57
N THR W 131 -27.61 14.60 80.81
CA THR W 131 -27.73 15.50 81.95
C THR W 131 -26.40 16.14 82.26
N LYS W 132 -26.46 17.25 83.00
CA LYS W 132 -25.27 18.03 83.34
C LYS W 132 -24.89 17.77 84.79
N LYS W 133 -23.60 17.53 85.03
CA LYS W 133 -23.06 17.32 86.37
C LYS W 133 -22.11 18.45 86.71
N ALA W 134 -22.20 18.94 87.94
CA ALA W 134 -21.37 20.04 88.42
C ALA W 134 -20.53 19.58 89.61
N TYR W 135 -19.22 19.79 89.52
CA TYR W 135 -18.32 19.56 90.64
C TYR W 135 -18.10 20.89 91.33
N VAL W 136 -18.65 21.03 92.54
CA VAL W 136 -18.63 22.28 93.28
C VAL W 136 -17.67 22.11 94.45
N ARG W 137 -16.55 22.83 94.41
CA ARG W 137 -15.57 22.81 95.47
C ARG W 137 -15.78 24.02 96.37
N LEU W 138 -16.00 23.76 97.66
CA LEU W 138 -16.21 24.84 98.62
C LEU W 138 -14.87 25.42 99.06
N THR W 139 -14.92 26.64 99.57
CA THR W 139 -13.73 27.27 100.10
C THR W 139 -13.32 26.60 101.41
N PRO W 140 -12.07 26.78 101.84
CA PRO W 140 -11.65 26.17 103.11
C PRO W 140 -12.49 26.62 104.30
N ASP W 141 -13.07 27.82 104.24
CA ASP W 141 -13.91 28.29 105.34
C ASP W 141 -15.11 27.38 105.57
N TYR W 142 -15.51 26.60 104.58
CA TYR W 142 -16.65 25.70 104.69
C TYR W 142 -16.19 24.26 104.52
N ASP W 143 -16.87 23.35 105.19
CA ASP W 143 -16.56 21.92 105.14
C ASP W 143 -17.66 21.21 104.37
N ALA W 144 -17.28 20.52 103.30
CA ALA W 144 -18.27 19.83 102.48
C ALA W 144 -18.96 18.73 103.25
N LEU W 145 -18.21 18.00 104.09
CA LEU W 145 -18.82 16.92 104.87
C LEU W 145 -19.91 17.45 105.78
N ASP W 146 -19.65 18.60 106.44
CA ASP W 146 -20.67 19.20 107.28
C ASP W 146 -21.89 19.61 106.46
N VAL W 147 -21.66 20.22 105.29
CA VAL W 147 -22.78 20.63 104.44
C VAL W 147 -23.51 19.41 103.90
N ALA W 148 -22.77 18.34 103.59
CA ALA W 148 -23.40 17.14 103.06
C ALA W 148 -24.40 16.55 104.07
N ASN W 149 -24.04 16.55 105.35
CA ASN W 149 -24.95 16.04 106.36
C ASN W 149 -26.23 16.90 106.42
N LYS W 150 -26.08 18.22 106.29
CA LYS W 150 -27.25 19.09 106.28
C LYS W 150 -28.17 18.78 105.11
N ILE W 151 -27.58 18.50 103.94
CA ILE W 151 -28.39 18.15 102.77
C ILE W 151 -29.17 16.88 103.02
N GLY W 152 -28.52 15.88 103.61
CA GLY W 152 -29.19 14.63 103.95
C GLY W 152 -28.79 13.48 103.04
N ILE W 153 -27.57 13.51 102.52
CA ILE W 153 -27.07 12.45 101.66
C ILE W 153 -26.17 11.52 102.46
N ILE W 154 -25.54 12.07 103.49
CA ILE W 154 -24.69 11.28 104.37
C ILE W 154 -25.44 10.97 105.66
N MET X 1 -87.94 -1.67 66.70
CA MET X 1 -87.06 -0.96 65.73
C MET X 1 -86.74 0.44 66.22
N LYS X 2 -85.50 0.88 65.98
CA LYS X 2 -85.07 2.22 66.35
C LYS X 2 -85.35 3.19 65.20
N TYR X 3 -85.58 4.45 65.57
CA TYR X 3 -85.82 5.50 64.59
C TYR X 3 -84.93 6.72 64.77
N ASN X 4 -84.14 6.79 65.83
CA ASN X 4 -83.27 7.93 66.04
C ASN X 4 -82.13 7.90 65.03
N PRO X 5 -81.96 8.92 64.18
CA PRO X 5 -80.84 8.91 63.23
C PRO X 5 -79.48 8.95 63.89
N ARG X 6 -79.39 9.40 65.14
CA ARG X 6 -78.12 9.46 65.86
C ARG X 6 -77.74 8.13 66.50
N VAL X 7 -78.59 7.12 66.40
CA VAL X 7 -78.36 5.81 67.01
C VAL X 7 -78.03 4.82 65.91
N SER X 8 -76.98 4.04 66.13
CA SER X 8 -76.53 3.04 65.16
C SER X 8 -76.96 1.65 65.59
N SER X 9 -77.35 0.83 64.62
CA SER X 9 -77.63 -0.58 64.83
C SER X 9 -76.48 -1.47 64.38
N SER X 10 -75.30 -0.90 64.16
CA SER X 10 -74.16 -1.68 63.73
C SER X 10 -73.59 -2.48 64.90
N ARG X 11 -73.41 -3.77 64.69
CA ARG X 11 -72.80 -4.62 65.71
C ARG X 11 -71.38 -4.16 66.02
N ARG X 12 -70.62 -3.83 64.98
CA ARG X 12 -69.24 -3.39 65.17
C ARG X 12 -69.17 -2.15 66.05
N LYS X 13 -70.04 -1.17 65.79
CA LYS X 13 -70.00 0.08 66.56
C LYS X 13 -70.44 -0.14 68.00
N SER X 14 -71.47 -0.96 68.22
CA SER X 14 -71.94 -1.21 69.58
C SER X 14 -70.84 -1.85 70.42
N ARG X 15 -70.16 -2.86 69.87
CA ARG X 15 -69.10 -3.53 70.62
C ARG X 15 -67.95 -2.59 70.92
N LYS X 16 -67.56 -1.77 69.94
CA LYS X 16 -66.47 -0.82 70.18
C LYS X 16 -66.85 0.18 71.26
N ALA X 17 -68.07 0.69 71.24
CA ALA X 17 -68.50 1.65 72.25
C ALA X 17 -68.51 1.02 73.64
N HIS X 18 -68.87 -0.25 73.74
CA HIS X 18 -68.94 -0.91 75.04
C HIS X 18 -67.54 -1.13 75.62
N PHE X 19 -66.62 -1.65 74.82
CA PHE X 19 -65.31 -2.06 75.31
C PHE X 19 -64.31 -0.92 75.36
N THR X 20 -64.61 0.23 74.77
CA THR X 20 -63.79 1.43 74.89
C THR X 20 -64.44 2.49 75.76
N ALA X 21 -65.50 2.16 76.47
CA ALA X 21 -66.23 3.15 77.26
C ALA X 21 -65.36 3.65 78.42
N PRO X 22 -65.37 4.95 78.70
CA PRO X 22 -64.59 5.46 79.84
C PRO X 22 -65.16 4.98 81.16
N SER X 23 -64.39 5.25 82.23
CA SER X 23 -64.75 4.74 83.55
C SER X 23 -66.12 5.24 83.98
N SER X 24 -66.41 6.52 83.72
CA SER X 24 -67.71 7.07 84.11
C SER X 24 -68.84 6.35 83.40
N VAL X 25 -68.67 6.04 82.12
CA VAL X 25 -69.70 5.32 81.37
C VAL X 25 -69.81 3.89 81.89
N ARG X 26 -68.68 3.25 82.19
CA ARG X 26 -68.73 1.88 82.68
C ARG X 26 -69.50 1.75 83.99
N ARG X 27 -69.60 2.83 84.76
CA ARG X 27 -70.39 2.79 85.99
C ARG X 27 -71.84 2.47 85.69
N VAL X 28 -72.42 3.12 84.69
CA VAL X 28 -73.81 2.85 84.34
C VAL X 28 -73.95 1.47 83.71
N LEU X 29 -72.99 1.07 82.87
CA LEU X 29 -73.05 -0.24 82.25
C LEU X 29 -72.97 -1.35 83.29
N MET X 30 -72.35 -1.08 84.43
CA MET X 30 -72.20 -2.07 85.50
C MET X 30 -73.30 -1.89 86.55
N SER X 31 -74.54 -2.08 86.10
CA SER X 31 -75.72 -1.94 86.96
C SER X 31 -76.24 -3.31 87.36
N ALA X 32 -76.90 -3.35 88.51
CA ALA X 32 -77.49 -4.57 89.04
C ALA X 32 -78.93 -4.31 89.44
N PRO X 33 -79.79 -5.32 89.34
CA PRO X 33 -81.18 -5.14 89.76
C PRO X 33 -81.30 -5.09 91.28
N LEU X 34 -82.23 -4.27 91.76
CA LEU X 34 -82.55 -4.24 93.18
C LEU X 34 -83.38 -5.46 93.55
N SER X 35 -83.29 -5.83 94.83
CA SER X 35 -84.09 -6.94 95.32
C SER X 35 -85.57 -6.58 95.31
N SER X 36 -86.40 -7.62 95.28
CA SER X 36 -87.85 -7.40 95.26
C SER X 36 -88.31 -6.56 96.44
N GLU X 37 -87.60 -6.66 97.58
CA GLU X 37 -87.96 -5.85 98.73
C GLU X 37 -87.60 -4.38 98.52
N LEU X 38 -86.40 -4.12 97.99
CA LEU X 38 -86.00 -2.74 97.73
C LEU X 38 -86.78 -2.13 96.57
N ARG X 39 -87.13 -2.95 95.57
CA ARG X 39 -87.91 -2.44 94.43
C ARG X 39 -89.25 -1.89 94.89
N ALA X 40 -89.94 -2.63 95.77
CA ALA X 40 -91.23 -2.16 96.26
C ALA X 40 -91.07 -0.95 97.18
N LYS X 41 -89.91 -0.80 97.82
CA LYS X 41 -89.69 0.30 98.74
C LYS X 41 -89.40 1.59 98.00
N TYR X 42 -88.34 1.61 97.20
CA TYR X 42 -87.93 2.81 96.48
C TYR X 42 -88.57 2.95 95.11
N ASN X 43 -89.31 1.93 94.64
CA ASN X 43 -89.92 1.98 93.33
C ASN X 43 -88.88 2.16 92.24
N VAL X 44 -87.75 1.48 92.38
CA VAL X 44 -86.64 1.55 91.44
C VAL X 44 -86.25 0.12 91.06
N ARG X 45 -85.91 -0.07 89.78
CA ARG X 45 -85.61 -1.41 89.28
C ARG X 45 -84.12 -1.72 89.32
N SER X 46 -83.28 -0.81 88.81
CA SER X 46 -81.85 -1.05 88.67
C SER X 46 -81.08 0.11 89.29
N MET X 47 -79.84 -0.19 89.68
CA MET X 47 -78.96 0.79 90.30
C MET X 47 -77.52 0.40 90.00
N PRO X 48 -76.64 1.36 89.69
CA PRO X 48 -75.22 1.03 89.55
C PRO X 48 -74.67 0.50 90.87
N VAL X 49 -73.86 -0.56 90.79
CA VAL X 49 -73.30 -1.17 91.98
C VAL X 49 -72.25 -0.24 92.57
N ARG X 50 -72.18 -0.21 93.90
CA ARG X 50 -71.25 0.63 94.64
C ARG X 50 -70.36 -0.24 95.52
N LYS X 51 -69.28 0.36 96.01
CA LYS X 51 -68.29 -0.41 96.75
C LYS X 51 -68.86 -1.01 98.02
N ASP X 52 -69.66 -0.25 98.76
CA ASP X 52 -70.13 -0.68 100.08
C ASP X 52 -71.52 -1.30 100.04
N ASP X 53 -72.06 -1.58 98.86
CA ASP X 53 -73.36 -2.23 98.78
C ASP X 53 -73.27 -3.70 99.20
N GLU X 54 -74.41 -4.25 99.60
CA GLU X 54 -74.55 -5.67 99.89
C GLU X 54 -75.39 -6.30 98.80
N VAL X 55 -74.88 -7.40 98.23
CA VAL X 55 -75.52 -8.05 97.09
C VAL X 55 -75.62 -9.54 97.36
N GLN X 56 -76.49 -10.19 96.59
CA GLN X 56 -76.65 -11.64 96.61
C GLN X 56 -76.46 -12.16 95.20
N VAL X 57 -75.64 -13.20 95.06
CA VAL X 57 -75.39 -13.80 93.75
C VAL X 57 -76.56 -14.71 93.40
N VAL X 58 -77.14 -14.51 92.22
CA VAL X 58 -78.29 -15.27 91.77
C VAL X 58 -77.98 -16.15 90.56
N ARG X 59 -76.75 -16.09 90.03
CA ARG X 59 -76.35 -16.90 88.90
C ARG X 59 -74.93 -17.37 89.10
N GLY X 60 -74.59 -18.48 88.42
CA GLY X 60 -73.25 -19.03 88.48
C GLY X 60 -73.09 -20.05 89.58
N THR X 61 -71.85 -20.53 89.72
CA THR X 61 -71.54 -21.54 90.72
C THR X 61 -71.68 -21.01 92.14
N TYR X 62 -71.66 -19.68 92.33
CA TYR X 62 -71.82 -19.08 93.64
C TYR X 62 -73.24 -18.59 93.88
N LYS X 63 -74.22 -19.16 93.17
CA LYS X 63 -75.61 -18.77 93.35
C LYS X 63 -76.03 -19.00 94.79
N GLY X 64 -76.69 -18.00 95.38
CA GLY X 64 -77.14 -18.05 96.75
C GLY X 64 -76.20 -17.37 97.73
N ARG X 65 -74.95 -17.15 97.34
CA ARG X 65 -74.00 -16.47 98.22
C ARG X 65 -74.41 -15.02 98.43
N GLU X 66 -74.24 -14.54 99.66
CA GLU X 66 -74.56 -13.17 100.02
C GLU X 66 -73.33 -12.55 100.68
N GLY X 67 -73.07 -11.29 100.37
CA GLY X 67 -71.91 -10.62 100.93
C GLY X 67 -71.92 -9.15 100.60
N LYS X 68 -70.87 -8.47 101.06
CA LYS X 68 -70.71 -7.04 100.86
C LYS X 68 -69.70 -6.81 99.74
N VAL X 69 -70.03 -5.89 98.83
CA VAL X 69 -69.10 -5.52 97.78
C VAL X 69 -67.84 -4.95 98.42
N VAL X 70 -66.68 -5.33 97.87
CA VAL X 70 -65.40 -4.84 98.37
C VAL X 70 -64.59 -4.12 97.31
N GLN X 71 -64.91 -4.27 96.02
CA GLN X 71 -64.17 -3.59 94.98
C GLN X 71 -64.94 -3.64 93.66
N VAL X 72 -65.09 -2.49 93.02
CA VAL X 72 -65.72 -2.40 91.71
C VAL X 72 -64.58 -2.24 90.70
N TYR X 73 -64.12 -3.36 90.16
CA TYR X 73 -62.99 -3.38 89.22
C TYR X 73 -63.52 -3.10 87.82
N ARG X 74 -63.77 -1.81 87.56
CA ARG X 74 -64.40 -1.42 86.30
C ARG X 74 -63.57 -1.84 85.10
N LYS X 75 -62.23 -1.83 85.23
CA LYS X 75 -61.39 -2.21 84.11
C LYS X 75 -61.66 -3.64 83.66
N LYS X 76 -62.08 -4.51 84.59
CA LYS X 76 -62.35 -5.91 84.28
C LYS X 76 -63.84 -6.23 84.20
N TRP X 77 -64.72 -5.25 84.34
CA TRP X 77 -66.17 -5.46 84.21
C TRP X 77 -66.70 -6.44 85.26
N VAL X 78 -66.12 -6.41 86.47
CA VAL X 78 -66.53 -7.33 87.53
C VAL X 78 -66.48 -6.59 88.87
N ILE X 79 -67.09 -7.22 89.88
CA ILE X 79 -67.04 -6.75 91.25
C ILE X 79 -66.55 -7.90 92.13
N HIS X 80 -65.96 -7.53 93.27
CA HIS X 80 -65.48 -8.50 94.25
C HIS X 80 -66.37 -8.42 95.47
N ILE X 81 -66.76 -9.60 95.98
CA ILE X 81 -67.70 -9.71 97.09
C ILE X 81 -66.99 -10.43 98.24
N GLU X 82 -67.12 -9.88 99.44
CA GLU X 82 -66.45 -10.43 100.60
C GLU X 82 -66.82 -11.89 100.81
N ARG X 83 -65.83 -12.74 101.03
CA ARG X 83 -65.93 -14.17 101.30
C ARG X 83 -66.20 -14.98 100.02
N ILE X 84 -66.41 -14.34 98.87
CA ILE X 84 -66.60 -15.05 97.62
C ILE X 84 -65.21 -15.20 97.00
N THR X 85 -64.51 -16.26 97.38
CA THR X 85 -63.12 -16.45 97.01
C THR X 85 -62.89 -17.91 96.65
N ARG X 86 -61.76 -18.17 95.99
CA ARG X 86 -61.28 -19.51 95.71
C ARG X 86 -59.81 -19.59 96.11
N GLU X 87 -59.32 -20.82 96.21
CA GLU X 87 -57.94 -21.08 96.63
C GLU X 87 -57.08 -21.41 95.42
N LYS X 88 -55.92 -20.76 95.34
CA LYS X 88 -54.96 -21.06 94.28
C LYS X 88 -54.28 -22.40 94.55
N VAL X 89 -53.46 -22.83 93.58
CA VAL X 89 -52.72 -24.07 93.75
C VAL X 89 -51.78 -23.99 94.95
N ASN X 90 -51.28 -22.79 95.26
CA ASN X 90 -50.38 -22.59 96.39
C ASN X 90 -51.11 -22.35 97.70
N GLY X 91 -52.44 -22.40 97.71
CA GLY X 91 -53.22 -22.23 98.91
C GLY X 91 -53.64 -20.81 99.20
N SER X 92 -53.17 -19.82 98.44
CA SER X 92 -53.57 -18.45 98.65
C SER X 92 -55.03 -18.24 98.23
N THR X 93 -55.63 -17.20 98.79
CA THR X 93 -57.03 -16.88 98.55
C THR X 93 -57.13 -15.67 97.62
N VAL X 94 -57.96 -15.79 96.58
CA VAL X 94 -58.18 -14.72 95.61
C VAL X 94 -59.67 -14.55 95.42
N ASN X 95 -60.12 -13.30 95.38
CA ASN X 95 -61.53 -13.01 95.14
C ASN X 95 -61.92 -13.37 93.72
N VAL X 96 -63.16 -13.82 93.55
CA VAL X 96 -63.70 -14.20 92.26
C VAL X 96 -64.55 -13.06 91.72
N GLY X 97 -64.25 -12.62 90.50
CA GLY X 97 -65.01 -11.54 89.90
C GLY X 97 -66.36 -12.02 89.39
N ILE X 98 -67.39 -11.21 89.62
CA ILE X 98 -68.75 -11.52 89.22
C ILE X 98 -69.33 -10.32 88.50
N ASN X 99 -70.03 -10.57 87.41
CA ASN X 99 -70.66 -9.49 86.65
C ASN X 99 -71.82 -8.92 87.45
N PRO X 100 -71.95 -7.60 87.58
CA PRO X 100 -73.03 -7.04 88.42
C PRO X 100 -74.42 -7.37 87.94
N SER X 101 -74.61 -7.73 86.66
CA SER X 101 -75.93 -8.11 86.19
C SER X 101 -76.35 -9.49 86.69
N LYS X 102 -75.44 -10.24 87.30
CA LYS X 102 -75.73 -11.58 87.81
C LYS X 102 -75.92 -11.62 89.31
N VAL X 103 -76.06 -10.46 89.96
CA VAL X 103 -76.32 -10.37 91.39
C VAL X 103 -77.54 -9.50 91.61
N VAL X 104 -78.01 -9.47 92.87
CA VAL X 104 -79.14 -8.65 93.28
C VAL X 104 -78.72 -7.86 94.50
N VAL X 105 -79.00 -6.55 94.48
CA VAL X 105 -78.62 -5.67 95.59
C VAL X 105 -79.63 -5.84 96.71
N SER X 106 -79.16 -6.30 97.87
CA SER X 106 -80.01 -6.49 99.03
C SER X 106 -80.05 -5.27 99.93
N LYS X 107 -78.93 -4.58 100.08
CA LYS X 107 -78.86 -3.36 100.88
C LYS X 107 -78.04 -2.32 100.13
N LEU X 108 -78.47 -1.07 100.21
CA LEU X 108 -77.84 0.03 99.49
C LEU X 108 -76.98 0.86 100.42
N ARG X 109 -75.82 1.30 99.92
CA ARG X 109 -74.97 2.25 100.63
C ARG X 109 -75.55 3.64 100.37
N LEU X 110 -76.46 4.06 101.23
CA LEU X 110 -77.13 5.33 101.06
C LEU X 110 -76.21 6.49 101.40
N ASP X 111 -76.38 7.59 100.67
CA ASP X 111 -75.66 8.83 100.94
C ASP X 111 -76.48 9.98 100.34
N LYS X 112 -75.93 11.18 100.44
CA LYS X 112 -76.67 12.35 99.95
C LYS X 112 -76.94 12.25 98.45
N ASP X 113 -75.95 11.81 97.67
CA ASP X 113 -76.15 11.68 96.24
C ASP X 113 -77.00 10.45 95.91
N ARG X 114 -76.78 9.35 96.63
CA ARG X 114 -77.52 8.12 96.34
C ARG X 114 -79.02 8.32 96.56
N ARG X 115 -79.39 8.99 97.65
CA ARG X 115 -80.80 9.25 97.92
C ARG X 115 -81.41 10.13 96.83
N SER X 116 -80.68 11.16 96.39
CA SER X 116 -81.18 12.01 95.33
C SER X 116 -81.35 11.24 94.03
N LEU X 117 -80.41 10.33 93.73
CA LEU X 117 -80.54 9.51 92.53
C LEU X 117 -81.79 8.64 92.60
N LEU X 118 -82.08 8.07 93.77
CA LEU X 118 -83.27 7.25 93.93
C LEU X 118 -84.53 8.04 93.62
N ASP X 119 -84.59 9.30 94.08
CA ASP X 119 -85.77 10.11 93.83
C ASP X 119 -85.98 10.33 92.34
N ARG X 120 -84.91 10.63 91.59
CA ARG X 120 -85.05 10.87 90.16
C ARG X 120 -85.53 9.62 89.43
N LYS X 121 -84.98 8.46 89.80
CA LYS X 121 -85.41 7.22 89.17
C LYS X 121 -86.88 6.93 89.45
N ALA X 122 -87.31 7.16 90.70
CA ALA X 122 -88.70 6.91 91.06
C ALA X 122 -89.63 7.97 90.47
N LYS X 123 -89.14 9.21 90.32
CA LYS X 123 -90.00 10.28 89.82
C LYS X 123 -90.53 9.96 88.43
N GLY X 124 -89.67 9.48 87.54
CA GLY X 124 -90.12 9.14 86.19
C GLY X 124 -91.10 7.98 86.18
N ARG X 125 -90.80 6.92 86.94
CA ARG X 125 -91.71 5.78 86.97
C ARG X 125 -93.05 6.15 87.56
N ALA X 126 -93.06 6.98 88.61
CA ALA X 126 -94.32 7.36 89.25
C ALA X 126 -95.21 8.17 88.30
N ALA X 127 -94.64 8.75 87.25
CA ALA X 127 -95.40 9.59 86.32
C ALA X 127 -95.51 8.98 84.93
N ALA X 128 -94.38 8.65 84.30
CA ALA X 128 -94.41 8.14 82.93
C ALA X 128 -95.01 6.75 82.83
N ASP X 129 -94.97 5.96 83.91
CA ASP X 129 -95.46 4.59 83.89
C ASP X 129 -96.84 4.46 84.53
N LYS X 130 -97.13 5.22 85.57
CA LYS X 130 -98.38 5.11 86.30
C LYS X 130 -99.41 6.14 85.87
N ASP X 131 -99.07 7.43 85.91
CA ASP X 131 -100.02 8.47 85.54
C ASP X 131 -100.44 8.38 84.08
N LYS X 132 -99.63 7.74 83.23
CA LYS X 132 -99.96 7.59 81.82
C LYS X 132 -100.81 6.34 81.60
N VAL Y 2 40.07 71.50 58.92
CA VAL Y 2 41.22 72.37 58.83
C VAL Y 2 40.83 73.70 58.18
N LYS Y 3 40.16 73.62 57.03
CA LYS Y 3 39.74 74.80 56.29
C LYS Y 3 38.30 75.18 56.57
N PHE Y 4 37.35 74.26 56.41
CA PHE Y 4 35.95 74.54 56.64
C PHE Y 4 35.38 73.93 57.91
N LEU Y 5 36.04 72.90 58.47
CA LEU Y 5 35.62 72.32 59.74
C LEU Y 5 36.23 73.14 60.87
N LYS Y 6 35.60 74.28 61.14
CA LYS Y 6 36.04 75.24 62.12
C LYS Y 6 34.86 75.68 62.98
N PRO Y 7 35.12 76.25 64.15
CA PRO Y 7 34.00 76.65 65.03
C PRO Y 7 33.07 77.63 64.34
N ASN Y 8 31.80 77.55 64.72
CA ASN Y 8 30.68 78.32 64.16
C ASN Y 8 30.20 77.74 62.83
N LYS Y 9 30.73 76.59 62.42
CA LYS Y 9 30.31 75.96 61.18
C LYS Y 9 29.14 75.01 61.47
N ALA Y 10 28.01 75.25 60.82
CA ALA Y 10 26.85 74.41 61.03
C ALA Y 10 27.04 73.05 60.36
N VAL Y 11 26.65 72.00 61.08
CA VAL Y 11 26.76 70.63 60.59
C VAL Y 11 25.46 69.90 60.87
N ILE Y 12 25.31 68.74 60.24
CA ILE Y 12 24.15 67.87 60.44
C ILE Y 12 24.66 66.51 60.87
N LEU Y 13 24.16 66.01 62.00
CA LEU Y 13 24.57 64.70 62.49
C LEU Y 13 24.00 63.61 61.59
N LEU Y 14 24.83 62.60 61.32
CA LEU Y 14 24.46 61.51 60.42
C LEU Y 14 24.23 60.17 61.11
N GLN Y 15 24.66 60.02 62.36
CA GLN Y 15 24.51 58.76 63.08
C GLN Y 15 24.22 59.06 64.54
N GLY Y 16 24.02 58.00 65.31
CA GLY Y 16 23.68 58.14 66.72
C GLY Y 16 22.21 58.48 66.92
N LYS Y 17 21.86 58.73 68.17
CA LYS Y 17 20.47 59.04 68.51
C LYS Y 17 20.05 60.42 68.04
N TYR Y 18 20.99 61.27 67.62
CA TYR Y 18 20.68 62.61 67.13
C TYR Y 18 20.87 62.72 65.62
N ALA Y 19 20.86 61.60 64.90
CA ALA Y 19 20.99 61.64 63.46
C ALA Y 19 19.90 62.51 62.85
N GLY Y 20 20.30 63.38 61.93
CA GLY Y 20 19.39 64.33 61.32
C GLY Y 20 19.25 65.64 62.06
N ARG Y 21 19.91 65.80 63.21
CA ARG Y 21 19.87 67.05 63.95
C ARG Y 21 20.93 68.01 63.45
N LYS Y 22 20.61 69.30 63.49
CA LYS Y 22 21.54 70.35 63.11
C LYS Y 22 22.35 70.79 64.33
N ALA Y 23 23.63 71.04 64.11
CA ALA Y 23 24.53 71.41 65.19
C ALA Y 23 25.59 72.36 64.66
N VAL Y 24 26.26 73.05 65.58
CA VAL Y 24 27.31 74.00 65.27
C VAL Y 24 28.58 73.56 65.98
N ILE Y 25 29.70 73.58 65.25
CA ILE Y 25 30.97 73.17 65.83
C ILE Y 25 31.44 74.22 66.83
N VAL Y 26 31.83 73.76 68.01
CA VAL Y 26 32.39 74.63 69.04
C VAL Y 26 33.91 74.54 69.07
N ARG Y 27 34.45 73.31 69.05
CA ARG Y 27 35.88 73.09 68.94
C ARG Y 27 36.13 71.93 67.99
N ALA Y 28 37.16 72.07 67.15
CA ALA Y 28 37.53 71.07 66.18
C ALA Y 28 38.89 70.49 66.53
N PHE Y 29 38.99 69.16 66.47
CA PHE Y 29 40.24 68.43 66.73
C PHE Y 29 40.57 67.65 65.47
N ASP Y 30 41.25 68.30 64.53
CA ASP Y 30 41.63 67.62 63.29
C ASP Y 30 42.66 66.55 63.54
N GLU Y 31 43.65 66.83 64.40
CA GLU Y 31 44.68 65.85 64.71
C GLU Y 31 44.15 64.74 65.61
N GLY Y 32 43.18 65.06 66.47
CA GLY Y 32 42.64 64.09 67.39
C GLY Y 32 43.43 64.04 68.69
N THR Y 33 42.72 64.04 69.82
CA THR Y 33 43.38 64.00 71.12
C THR Y 33 44.05 62.64 71.33
N ARG Y 34 44.75 62.52 72.46
CA ARG Y 34 45.44 61.27 72.75
C ARG Y 34 44.45 60.12 72.91
N ASP Y 35 43.33 60.36 73.59
CA ASP Y 35 42.35 59.31 73.80
C ASP Y 35 41.62 58.94 72.50
N ARG Y 36 41.37 59.92 71.64
CA ARG Y 36 40.68 59.70 70.38
C ARG Y 36 41.63 59.99 69.23
N PRO Y 37 42.29 58.96 68.63
CA PRO Y 37 43.21 59.20 67.52
C PRO Y 37 42.52 59.31 66.16
N TYR Y 38 41.46 60.11 66.11
CA TYR Y 38 40.76 60.37 64.85
C TYR Y 38 40.13 61.76 64.92
N GLY Y 39 39.92 62.34 63.75
CA GLY Y 39 39.33 63.66 63.66
C GLY Y 39 37.94 63.72 64.26
N HIS Y 40 37.73 64.65 65.20
CA HIS Y 40 36.45 64.82 65.84
C HIS Y 40 36.32 66.27 66.28
N CYS Y 41 35.11 66.63 66.71
CA CYS Y 41 34.83 68.00 67.12
C CYS Y 41 33.79 67.99 68.22
N LEU Y 42 33.73 69.10 68.95
CA LEU Y 42 32.73 69.33 69.98
C LEU Y 42 31.63 70.20 69.40
N VAL Y 43 30.41 69.67 69.38
CA VAL Y 43 29.28 70.34 68.74
C VAL Y 43 28.19 70.57 69.77
N ALA Y 44 27.41 71.63 69.55
CA ALA Y 44 26.25 71.95 70.38
C ALA Y 44 25.04 72.02 69.45
N GLY Y 45 24.27 70.93 69.40
CA GLY Y 45 23.14 70.83 68.49
C GLY Y 45 21.81 71.07 69.19
N ILE Y 46 20.75 70.96 68.39
CA ILE Y 46 19.38 71.14 68.84
C ILE Y 46 18.74 69.77 68.94
N SER Y 47 18.45 69.33 70.18
CA SER Y 47 17.72 68.07 70.36
C SER Y 47 16.24 68.23 70.07
N LYS Y 48 15.67 69.38 70.39
CA LYS Y 48 14.25 69.65 70.19
C LYS Y 48 14.13 71.01 69.49
N TYR Y 49 13.64 70.99 68.25
CA TYR Y 49 13.50 72.24 67.50
C TYR Y 49 12.30 73.04 68.02
N PRO Y 50 12.34 74.36 67.88
CA PRO Y 50 11.16 75.16 68.24
C PRO Y 50 10.02 74.89 67.29
N LYS Y 51 8.80 75.05 67.81
CA LYS Y 51 7.61 74.79 67.02
C LYS Y 51 7.38 75.92 66.02
N LYS Y 52 6.31 75.79 65.25
CA LYS Y 52 5.93 76.79 64.26
C LYS Y 52 5.23 77.94 64.97
N VAL Y 53 5.85 79.12 64.95
CA VAL Y 53 5.30 80.29 65.62
C VAL Y 53 4.49 81.09 64.61
N ILE Y 54 3.22 81.35 64.94
CA ILE Y 54 2.31 82.03 64.04
C ILE Y 54 1.59 83.14 64.81
N ARG Y 55 1.07 84.11 64.04
CA ARG Y 55 0.49 85.30 64.65
C ARG Y 55 -0.74 84.97 65.49
N LYS Y 56 -1.59 84.07 65.01
CA LYS Y 56 -2.86 83.83 65.70
C LYS Y 56 -2.66 83.24 67.10
N ASP Y 57 -1.50 82.63 67.37
CA ASP Y 57 -1.25 82.09 68.69
C ASP Y 57 -1.15 83.20 69.73
N SER Y 58 -1.58 82.90 70.94
CA SER Y 58 -1.51 83.85 72.03
C SER Y 58 -0.06 84.04 72.49
N ALA Y 59 0.16 85.11 73.25
CA ALA Y 59 1.51 85.41 73.71
C ALA Y 59 2.06 84.28 74.57
N LYS Y 60 1.24 83.75 75.48
CA LYS Y 60 1.67 82.62 76.29
C LYS Y 60 1.95 81.39 75.42
N LYS Y 61 1.08 81.13 74.44
CA LYS Y 61 1.27 79.99 73.56
C LYS Y 61 2.52 80.15 72.71
N GLN Y 62 2.76 81.36 72.20
CA GLN Y 62 3.94 81.59 71.37
C GLN Y 62 5.22 81.40 72.17
N ALA Y 63 5.23 81.81 73.43
CA ALA Y 63 6.44 81.69 74.25
C ALA Y 63 6.85 80.23 74.40
N LYS Y 64 5.88 79.34 74.65
CA LYS Y 64 6.19 77.93 74.77
C LYS Y 64 6.71 77.36 73.45
N LYS Y 65 6.10 77.77 72.33
CA LYS Y 65 6.50 77.26 71.03
C LYS Y 65 7.85 77.77 70.58
N SER Y 66 8.41 78.78 71.26
CA SER Y 66 9.73 79.30 70.94
C SER Y 66 10.84 78.60 71.71
N ARG Y 67 10.51 77.65 72.59
CA ARG Y 67 11.50 76.97 73.39
C ARG Y 67 12.39 76.09 72.53
N VAL Y 68 13.65 75.97 72.94
CA VAL Y 68 14.63 75.11 72.28
C VAL Y 68 15.32 74.27 73.34
N LYS Y 69 15.74 73.08 72.95
CA LYS Y 69 16.53 72.19 73.81
C LYS Y 69 17.77 71.76 73.05
N ALA Y 70 18.93 71.92 73.68
CA ALA Y 70 20.21 71.67 73.04
C ALA Y 70 20.94 70.52 73.71
N PHE Y 71 21.91 69.96 72.99
CA PHE Y 71 22.76 68.89 73.49
C PHE Y 71 24.21 69.22 73.17
N ILE Y 72 25.11 68.79 74.05
CA ILE Y 72 26.54 68.95 73.87
C ILE Y 72 27.15 67.57 73.70
N LYS Y 73 27.95 67.41 72.64
CA LYS Y 73 28.42 66.08 72.28
C LYS Y 73 29.72 66.18 71.49
N LEU Y 74 30.54 65.14 71.62
CA LEU Y 74 31.71 64.94 70.78
C LEU Y 74 31.35 63.96 69.68
N VAL Y 75 31.66 64.32 68.43
CA VAL Y 75 31.25 63.54 67.27
C VAL Y 75 32.42 63.38 66.32
N ASN Y 76 32.57 62.18 65.77
CA ASN Y 76 33.56 61.91 64.75
C ASN Y 76 33.24 62.69 63.48
N TYR Y 77 34.29 63.09 62.76
CA TYR Y 77 34.09 63.82 61.51
C TYR Y 77 33.29 63.00 60.50
N ASN Y 78 33.48 61.68 60.49
CA ASN Y 78 32.78 60.82 59.55
C ASN Y 78 31.29 60.70 59.87
N HIS Y 79 30.85 61.20 61.02
CA HIS Y 79 29.45 61.10 61.44
C HIS Y 79 28.74 62.45 61.38
N ILE Y 80 29.29 63.43 60.69
CA ILE Y 80 28.65 64.72 60.51
C ILE Y 80 28.71 65.10 59.03
N MET Y 81 27.76 65.93 58.61
CA MET Y 81 27.73 66.44 57.24
C MET Y 81 27.95 67.95 57.29
N PRO Y 82 29.13 68.45 56.91
CA PRO Y 82 29.35 69.90 56.95
C PRO Y 82 28.44 70.62 55.96
N THR Y 83 28.01 71.81 56.36
CA THR Y 83 27.15 72.66 55.53
C THR Y 83 27.87 73.98 55.26
N ARG Y 84 27.27 74.78 54.39
CA ARG Y 84 27.79 76.11 54.08
C ARG Y 84 27.26 77.18 55.02
N TYR Y 85 26.38 76.83 55.95
CA TYR Y 85 25.78 77.80 56.86
C TYR Y 85 26.68 78.03 58.06
N THR Y 86 26.47 79.18 58.71
CA THR Y 86 27.26 79.59 59.86
C THR Y 86 26.32 80.09 60.96
N LEU Y 87 26.66 79.77 62.20
CA LEU Y 87 25.91 80.22 63.37
C LEU Y 87 26.90 80.92 64.31
N ASP Y 88 26.85 82.25 64.33
CA ASP Y 88 27.79 83.05 65.13
C ASP Y 88 27.17 83.31 66.50
N VAL Y 89 27.33 82.33 67.38
CA VAL Y 89 26.89 82.44 68.77
C VAL Y 89 28.07 82.09 69.66
N ASP Y 90 28.33 82.94 70.66
CA ASP Y 90 29.47 82.74 71.54
C ASP Y 90 29.23 81.52 72.43
N LEU Y 91 30.09 80.50 72.29
CA LEU Y 91 29.97 79.29 73.09
C LEU Y 91 31.32 78.78 73.56
N LYS Y 92 32.41 79.53 73.39
CA LYS Y 92 33.72 79.06 73.79
C LYS Y 92 33.78 78.83 75.30
N ASP Y 93 33.23 79.75 76.08
CA ASP Y 93 33.24 79.60 77.54
C ASP Y 93 32.12 78.69 78.03
N VAL Y 94 30.96 78.72 77.38
CA VAL Y 94 29.83 77.92 77.84
C VAL Y 94 30.11 76.44 77.65
N VAL Y 95 30.60 76.06 76.48
CA VAL Y 95 30.81 74.67 76.11
C VAL Y 95 32.31 74.39 76.05
N ASN Y 96 32.75 73.36 76.76
CA ASN Y 96 34.16 73.00 76.81
C ASN Y 96 34.27 71.49 76.94
N ALA Y 97 35.46 70.98 76.65
CA ALA Y 97 35.70 69.54 76.77
C ALA Y 97 35.55 69.08 78.22
N ASP Y 98 36.05 69.87 79.17
CA ASP Y 98 35.95 69.52 80.57
C ASP Y 98 34.51 69.41 81.04
N VAL Y 99 33.58 70.08 80.35
CA VAL Y 99 32.19 70.07 80.78
C VAL Y 99 31.62 68.66 80.72
N LEU Y 100 31.92 67.92 79.66
CA LEU Y 100 31.35 66.59 79.49
C LEU Y 100 31.80 65.61 80.56
N GLN Y 101 32.86 65.93 81.31
CA GLN Y 101 33.37 64.98 82.30
C GLN Y 101 32.34 64.70 83.39
N ALA Y 102 31.66 65.75 83.87
CA ALA Y 102 30.72 65.62 84.97
C ALA Y 102 29.30 65.89 84.49
N ARG Y 103 28.34 65.12 85.02
CA ARG Y 103 26.95 65.30 84.64
C ARG Y 103 26.43 66.68 85.03
N ASP Y 104 26.77 67.13 86.24
CA ASP Y 104 26.28 68.43 86.70
C ASP Y 104 26.80 69.56 85.81
N LYS Y 105 28.07 69.49 85.42
CA LYS Y 105 28.62 70.50 84.51
C LYS Y 105 27.92 70.45 83.16
N LYS Y 106 27.65 69.25 82.65
CA LYS Y 106 27.00 69.13 81.35
C LYS Y 106 25.62 69.75 81.35
N VAL Y 107 24.86 69.55 82.43
CA VAL Y 107 23.52 70.11 82.51
C VAL Y 107 23.58 71.63 82.49
N THR Y 108 24.51 72.22 83.24
CA THR Y 108 24.61 73.67 83.29
C THR Y 108 24.96 74.24 81.93
N ALA Y 109 25.91 73.62 81.22
CA ALA Y 109 26.27 74.12 79.89
C ALA Y 109 25.11 74.00 78.92
N ALA Y 110 24.36 72.90 79.00
CA ALA Y 110 23.19 72.74 78.13
C ALA Y 110 22.16 73.83 78.38
N LYS Y 111 21.91 74.14 79.66
CA LYS Y 111 20.97 75.22 79.98
C LYS Y 111 21.48 76.56 79.48
N GLU Y 112 22.77 76.83 79.65
CA GLU Y 112 23.33 78.08 79.16
C GLU Y 112 23.32 78.12 77.63
N THR Y 113 23.66 77.01 76.99
CA THR Y 113 23.57 76.95 75.53
C THR Y 113 22.14 77.11 75.05
N LYS Y 114 21.18 76.60 75.82
CA LYS Y 114 19.77 76.77 75.47
C LYS Y 114 19.39 78.24 75.43
N ALA Y 115 19.85 79.02 76.41
CA ALA Y 115 19.49 80.43 76.47
C ALA Y 115 20.01 81.19 75.25
N ARG Y 116 21.23 80.89 74.81
CA ARG Y 116 21.81 81.62 73.70
C ARG Y 116 21.19 81.20 72.37
N PHE Y 117 20.76 79.94 72.25
CA PHE Y 117 20.04 79.52 71.04
C PHE Y 117 18.66 80.15 70.97
N GLU Y 118 17.95 80.20 72.10
CA GLU Y 118 16.60 80.75 72.10
C GLU Y 118 16.60 82.23 71.74
N GLU Y 119 17.53 83.01 72.32
CA GLU Y 119 17.57 84.43 72.03
C GLU Y 119 17.92 84.68 70.56
N ARG Y 120 18.82 83.89 70.00
CA ARG Y 120 19.13 84.02 68.58
C ARG Y 120 17.93 83.66 67.73
N PHE Y 121 17.19 82.62 68.13
CA PHE Y 121 16.01 82.20 67.36
C PHE Y 121 14.96 83.30 67.32
N LYS Y 122 14.74 83.99 68.46
CA LYS Y 122 13.70 85.01 68.53
C LYS Y 122 14.02 86.21 67.65
N THR Y 123 15.29 86.43 67.29
CA THR Y 123 15.65 87.55 66.44
C THR Y 123 15.28 87.34 64.98
N GLY Y 124 14.86 86.14 64.59
CA GLY Y 124 14.51 85.85 63.23
C GLY Y 124 15.68 85.50 62.32
N LYS Y 125 16.90 85.51 62.84
CA LYS Y 125 18.08 85.18 62.06
C LYS Y 125 18.37 83.69 62.15
N ASN Y 126 19.15 83.19 61.19
CA ASN Y 126 19.55 81.79 61.15
C ASN Y 126 18.33 80.88 61.18
N ARG Y 127 17.34 81.22 60.34
CA ARG Y 127 16.12 80.42 60.29
C ARG Y 127 16.39 78.98 59.87
N TRP Y 128 17.39 78.78 59.01
CA TRP Y 128 17.70 77.42 58.56
C TRP Y 128 18.15 76.55 59.73
N PHE Y 129 18.98 77.10 60.61
CA PHE Y 129 19.53 76.30 61.71
C PHE Y 129 18.42 75.78 62.61
N PHE Y 130 17.44 76.62 62.92
CA PHE Y 130 16.35 76.23 63.80
C PHE Y 130 15.21 75.53 63.08
N THR Y 131 15.32 75.36 61.76
CA THR Y 131 14.31 74.63 61.00
C THR Y 131 14.62 73.15 61.01
N LYS Y 132 13.59 72.34 61.24
CA LYS Y 132 13.77 70.90 61.31
C LYS Y 132 14.06 70.33 59.93
N LEU Y 133 15.06 69.47 59.85
CA LEU Y 133 15.38 68.79 58.60
C LEU Y 133 14.40 67.63 58.40
N ARG Y 134 13.86 67.52 57.19
CA ARG Y 134 12.83 66.54 56.88
C ARG Y 134 13.40 65.51 55.92
N PHE Y 135 13.33 64.24 56.31
CA PHE Y 135 13.88 63.15 55.51
C PHE Y 135 13.10 61.87 55.77
N THR Z 2 -75.32 -12.48 34.20
CA THR Z 2 -75.49 -13.63 35.09
C THR Z 2 -74.33 -14.61 34.90
N THR Z 3 -73.47 -14.70 35.93
CA THR Z 3 -72.23 -15.44 35.78
C THR Z 3 -72.49 -16.93 35.57
N ARG Z 4 -73.47 -17.49 36.26
CA ARG Z 4 -73.67 -18.94 36.22
C ARG Z 4 -74.15 -19.43 34.85
N PHE Z 5 -74.66 -18.54 34.00
CA PHE Z 5 -75.06 -18.91 32.64
C PHE Z 5 -73.99 -18.63 31.60
N LYS Z 6 -72.90 -17.94 31.97
CA LYS Z 6 -71.85 -17.64 31.01
C LYS Z 6 -71.14 -18.93 30.58
N LYS Z 7 -70.86 -19.03 29.28
CA LYS Z 7 -70.32 -20.27 28.74
C LYS Z 7 -68.88 -20.50 29.16
N ASN Z 8 -68.18 -19.49 29.66
CA ASN Z 8 -66.84 -19.72 30.18
C ASN Z 8 -66.85 -20.74 31.31
N ARG Z 9 -67.92 -20.74 32.12
CA ARG Z 9 -68.04 -21.71 33.20
C ARG Z 9 -68.10 -23.12 32.66
N LYS Z 10 -68.82 -23.33 31.56
CA LYS Z 10 -68.88 -24.65 30.94
C LYS Z 10 -67.54 -25.08 30.38
N LYS Z 11 -66.62 -24.14 30.14
CA LYS Z 11 -65.32 -24.44 29.56
C LYS Z 11 -64.22 -24.60 30.59
N ARG Z 12 -64.53 -24.48 31.88
CA ARG Z 12 -63.53 -24.70 32.92
C ARG Z 12 -62.95 -26.10 32.81
N GLY Z 13 -61.62 -26.19 32.82
CA GLY Z 13 -60.94 -27.47 32.68
C GLY Z 13 -60.68 -27.90 31.25
N HIS Z 14 -60.86 -27.01 30.27
CA HIS Z 14 -60.65 -27.35 28.87
C HIS Z 14 -59.47 -26.60 28.25
N VAL Z 15 -58.59 -26.05 29.09
CA VAL Z 15 -57.30 -25.50 28.67
C VAL Z 15 -57.48 -24.18 27.92
N SER Z 16 -57.92 -24.25 26.67
CA SER Z 16 -57.88 -23.09 25.77
C SER Z 16 -59.07 -22.16 25.94
N ALA Z 17 -60.03 -22.47 26.81
CA ALA Z 17 -61.22 -21.64 27.00
C ALA Z 17 -61.97 -21.43 25.68
N GLY Z 18 -61.92 -22.42 24.79
CA GLY Z 18 -62.65 -22.35 23.54
C GLY Z 18 -62.03 -21.49 22.46
N HIS Z 19 -60.82 -20.98 22.65
CA HIS Z 19 -60.17 -20.14 21.65
C HIS Z 19 -59.13 -20.89 20.83
N GLY Z 20 -59.02 -22.19 20.99
CA GLY Z 20 -58.15 -22.98 20.13
C GLY Z 20 -56.74 -23.08 20.66
N ARG Z 21 -56.06 -24.17 20.29
CA ARG Z 21 -54.66 -24.36 20.63
C ARG Z 21 -53.74 -23.73 19.61
N ILE Z 22 -54.12 -23.78 18.33
CA ILE Z 22 -53.27 -23.23 17.27
C ILE Z 22 -53.35 -21.70 17.25
N GLY Z 23 -54.55 -21.18 16.97
CA GLY Z 23 -54.70 -19.74 16.80
C GLY Z 23 -54.47 -18.97 18.10
N LYS Z 24 -54.99 -19.48 19.21
CA LYS Z 24 -54.89 -18.81 20.51
C LYS Z 24 -55.71 -17.53 20.52
N HIS Z 25 -55.78 -16.88 21.68
CA HIS Z 25 -56.49 -15.62 21.85
C HIS Z 25 -55.45 -14.55 22.21
N ARG Z 26 -54.92 -13.89 21.18
CA ARG Z 26 -53.92 -12.85 21.37
C ARG Z 26 -54.61 -11.49 21.51
N LYS Z 27 -53.81 -10.44 21.71
CA LYS Z 27 -54.36 -9.15 22.11
C LYS Z 27 -55.14 -8.48 20.98
N HIS Z 28 -54.45 -8.14 19.89
CA HIS Z 28 -55.07 -7.41 18.77
C HIS Z 28 -54.43 -7.86 17.48
N PRO Z 29 -54.67 -9.09 17.05
CA PRO Z 29 -53.94 -9.64 15.90
C PRO Z 29 -54.42 -9.10 14.55
N GLY Z 30 -55.34 -8.14 14.56
CA GLY Z 30 -55.77 -7.50 13.33
C GLY Z 30 -55.87 -6.00 13.45
N GLY Z 31 -55.24 -5.43 14.48
CA GLY Z 31 -55.35 -4.01 14.75
C GLY Z 31 -56.58 -3.67 15.57
N ARG Z 32 -56.57 -2.46 16.11
CA ARG Z 32 -57.63 -2.02 17.01
C ARG Z 32 -58.76 -1.32 16.24
N GLY Z 33 -59.98 -1.57 16.68
CA GLY Z 33 -61.12 -0.84 16.15
C GLY Z 33 -61.27 -1.01 14.65
N ASN Z 34 -61.37 0.13 13.96
CA ASN Z 34 -61.57 0.16 12.51
C ASN Z 34 -60.25 0.22 11.75
N ALA Z 35 -59.19 -0.35 12.29
CA ALA Z 35 -57.89 -0.34 11.63
C ALA Z 35 -57.95 -1.08 10.30
N GLY Z 36 -57.15 -0.61 9.35
CA GLY Z 36 -56.99 -1.32 8.08
C GLY Z 36 -58.24 -1.43 7.25
N GLY Z 37 -59.10 -0.42 7.29
CA GLY Z 37 -60.32 -0.48 6.51
C GLY Z 37 -60.08 -0.57 5.01
N MET Z 38 -58.94 -0.05 4.54
CA MET Z 38 -58.60 -0.09 3.13
C MET Z 38 -57.55 -1.13 2.78
N HIS Z 39 -56.98 -1.83 3.77
CA HIS Z 39 -55.83 -2.69 3.51
C HIS Z 39 -56.10 -4.16 3.78
N HIS Z 40 -56.34 -4.57 5.03
CA HIS Z 40 -56.57 -5.98 5.32
C HIS Z 40 -57.98 -6.26 5.80
N HIS Z 41 -58.81 -5.24 5.99
CA HIS Z 41 -60.25 -5.40 6.17
C HIS Z 41 -61.02 -4.83 4.98
N ARG Z 42 -60.38 -4.76 3.81
CA ARG Z 42 -61.00 -4.15 2.64
C ARG Z 42 -62.25 -4.89 2.23
N ILE Z 43 -62.18 -6.22 2.15
CA ILE Z 43 -63.33 -7.01 1.70
C ILE Z 43 -64.51 -6.77 2.64
N LEU Z 44 -64.26 -6.74 3.94
CA LEU Z 44 -65.34 -6.59 4.91
C LEU Z 44 -66.09 -5.28 4.69
N PHE Z 45 -65.34 -4.18 4.53
CA PHE Z 45 -65.98 -2.87 4.33
C PHE Z 45 -66.75 -2.82 3.03
N ASP Z 46 -66.16 -3.31 1.93
CA ASP Z 46 -66.84 -3.24 0.65
C ASP Z 46 -68.07 -4.14 0.62
N LYS Z 47 -68.00 -5.30 1.26
CA LYS Z 47 -69.09 -6.26 1.19
C LYS Z 47 -70.28 -5.82 2.04
N TYR Z 48 -70.02 -5.31 3.25
CA TYR Z 48 -71.07 -4.98 4.19
C TYR Z 48 -71.31 -3.48 4.36
N HIS Z 49 -70.34 -2.63 4.00
CA HIS Z 49 -70.46 -1.19 4.19
C HIS Z 49 -70.08 -0.44 2.93
N PRO Z 50 -70.80 -0.65 1.83
CA PRO Z 50 -70.58 0.16 0.64
C PRO Z 50 -70.86 1.62 0.93
N GLY Z 51 -70.03 2.50 0.35
CA GLY Z 51 -70.16 3.92 0.56
C GLY Z 51 -69.44 4.48 1.76
N TYR Z 52 -68.72 3.63 2.51
CA TYR Z 52 -68.13 4.09 3.77
C TYR Z 52 -67.10 5.18 3.55
N PHE Z 53 -66.19 4.99 2.60
CA PHE Z 53 -65.09 5.92 2.38
C PHE Z 53 -65.46 6.95 1.31
N GLY Z 54 -65.12 8.20 1.58
CA GLY Z 54 -65.29 9.28 0.62
C GLY Z 54 -66.19 10.38 1.15
N LYS Z 55 -66.43 11.35 0.28
CA LYS Z 55 -67.16 12.57 0.61
C LYS Z 55 -68.25 12.82 -0.42
N VAL Z 56 -69.41 13.27 0.04
CA VAL Z 56 -70.54 13.52 -0.85
C VAL Z 56 -71.32 14.72 -0.33
N GLY Z 57 -71.77 15.58 -1.25
CA GLY Z 57 -72.69 16.64 -0.93
C GLY Z 57 -72.03 17.90 -0.40
N MET Z 58 -72.89 18.84 -0.03
CA MET Z 58 -72.49 20.16 0.46
C MET Z 58 -72.53 20.20 1.98
N ARG Z 59 -71.55 20.91 2.55
CA ARG Z 59 -71.57 21.15 3.99
C ARG Z 59 -72.60 22.21 4.33
N TYR Z 60 -73.03 22.20 5.60
CA TYR Z 60 -74.00 23.16 6.12
C TYR Z 60 -73.50 23.55 7.52
N PHE Z 61 -72.80 24.68 7.59
CA PHE Z 61 -72.28 25.15 8.87
C PHE Z 61 -73.41 25.58 9.79
N HIS Z 62 -73.36 25.12 11.05
CA HIS Z 62 -74.33 25.51 12.07
C HIS Z 62 -75.76 25.22 11.61
N LYS Z 63 -76.01 23.97 11.28
CA LYS Z 63 -77.33 23.54 10.81
C LYS Z 63 -78.24 23.30 12.00
N LEU Z 64 -79.36 24.02 12.05
CA LEU Z 64 -80.33 23.90 13.14
C LEU Z 64 -81.55 23.12 12.64
N ARG Z 65 -81.94 22.10 13.40
CA ARG Z 65 -82.98 21.18 12.95
C ARG Z 65 -84.38 21.76 13.12
N ASN Z 66 -84.56 22.79 13.95
CA ASN Z 66 -85.89 23.37 14.14
C ASN Z 66 -86.40 24.01 12.85
N LYS Z 67 -85.50 24.59 12.05
CA LYS Z 67 -85.91 25.21 10.80
C LYS Z 67 -86.55 24.20 9.86
N PHE Z 68 -86.13 22.94 9.93
CA PHE Z 68 -86.59 21.89 9.03
C PHE Z 68 -87.73 21.06 9.60
N TYR Z 69 -88.26 21.44 10.78
CA TYR Z 69 -89.31 20.66 11.41
C TYR Z 69 -90.56 20.67 10.54
N CYS Z 70 -91.03 19.48 10.17
CA CYS Z 70 -92.18 19.35 9.29
C CYS Z 70 -92.83 17.98 9.45
N PRO Z 71 -93.49 17.72 10.58
CA PRO Z 71 -94.19 16.43 10.74
C PRO Z 71 -95.30 16.29 9.72
N THR Z 72 -95.49 15.06 9.23
CA THR Z 72 -96.43 14.76 8.18
C THR Z 72 -97.46 13.75 8.64
N VAL Z 73 -98.68 13.86 8.10
CA VAL Z 73 -99.76 12.93 8.36
C VAL Z 73 -100.42 12.57 7.04
N ASN Z 74 -100.75 11.29 6.88
CA ASN Z 74 -101.34 10.80 5.65
C ASN Z 74 -102.87 10.90 5.69
N ILE Z 75 -103.47 10.75 4.51
CA ILE Z 75 -104.93 10.81 4.40
C ILE Z 75 -105.57 9.71 5.23
N ASP Z 76 -105.02 8.50 5.16
CA ASP Z 76 -105.62 7.36 5.85
C ASP Z 76 -105.67 7.57 7.37
N THR Z 77 -104.71 8.33 7.91
CA THR Z 77 -104.65 8.57 9.35
C THR Z 77 -105.42 9.81 9.77
N LEU Z 78 -105.92 10.61 8.82
CA LEU Z 78 -106.56 11.87 9.17
C LEU Z 78 -107.83 11.64 9.99
N TRP Z 79 -108.62 10.63 9.62
CA TRP Z 79 -109.89 10.40 10.31
C TRP Z 79 -109.66 9.98 11.77
N SER Z 80 -108.56 9.29 12.05
CA SER Z 80 -108.30 8.83 13.41
C SER Z 80 -108.06 9.98 14.39
N LEU Z 81 -107.71 11.17 13.89
CA LEU Z 81 -107.51 12.31 14.78
C LEU Z 81 -108.81 12.81 15.37
N VAL Z 82 -109.91 12.67 14.65
CA VAL Z 82 -111.21 13.18 15.13
C VAL Z 82 -111.62 12.37 16.36
N PRO Z 83 -112.12 13.00 17.43
CA PRO Z 83 -112.62 12.22 18.56
C PRO Z 83 -113.82 11.37 18.18
N GLN Z 84 -113.97 10.25 18.88
CA GLN Z 84 -115.06 9.32 18.57
C GLN Z 84 -116.41 10.02 18.67
N GLU Z 85 -116.61 10.84 19.69
CA GLU Z 85 -117.88 11.56 19.82
C GLU Z 85 -118.12 12.49 18.63
N VAL Z 86 -117.06 13.03 18.05
CA VAL Z 86 -117.21 13.90 16.89
C VAL Z 86 -117.47 13.08 15.62
N LYS Z 87 -116.98 11.85 15.57
CA LYS Z 87 -117.25 11.00 14.40
C LYS Z 87 -118.74 10.72 14.26
N ASP Z 88 -119.43 10.48 15.38
CA ASP Z 88 -120.86 10.24 15.32
C ASP Z 88 -121.60 11.46 14.79
N LYS Z 89 -121.21 12.65 15.21
CA LYS Z 89 -121.84 13.86 14.71
C LYS Z 89 -121.63 14.01 13.21
N ALA Z 90 -120.46 13.64 12.71
CA ALA Z 90 -120.19 13.76 11.28
C ALA Z 90 -121.16 12.92 10.46
N ALA Z 91 -121.47 11.70 10.94
CA ALA Z 91 -122.41 10.83 10.25
C ALA Z 91 -123.86 11.19 10.55
N ALA Z 92 -124.12 12.08 11.52
CA ALA Z 92 -125.47 12.45 11.88
C ALA Z 92 -126.00 13.65 11.09
N ASN Z 93 -125.11 14.43 10.47
CA ASN Z 93 -125.52 15.58 9.67
C ASN Z 93 -124.59 15.67 8.48
N LYS Z 94 -125.12 15.42 7.28
CA LYS Z 94 -124.32 15.47 6.06
C LYS Z 94 -124.20 16.87 5.50
N GLY Z 95 -124.99 17.83 5.99
CA GLY Z 95 -124.90 19.19 5.48
C GLY Z 95 -123.56 19.84 5.80
N THR Z 96 -123.09 19.67 7.03
CA THR Z 96 -121.82 20.24 7.48
C THR Z 96 -120.73 19.17 7.44
N ALA Z 97 -119.49 19.63 7.56
CA ALA Z 97 -118.33 18.75 7.57
C ALA Z 97 -117.40 19.14 8.72
N PRO Z 98 -116.77 18.17 9.37
CA PRO Z 98 -115.82 18.50 10.44
C PRO Z 98 -114.60 19.22 9.89
N LEU Z 99 -114.06 20.11 10.72
CA LEU Z 99 -112.84 20.86 10.40
C LEU Z 99 -111.70 20.22 11.17
N ILE Z 100 -110.82 19.52 10.46
CA ILE Z 100 -109.68 18.83 11.07
C ILE Z 100 -108.47 19.73 10.89
N ASP Z 101 -108.04 20.37 11.97
CA ASP Z 101 -106.86 21.23 11.97
C ASP Z 101 -105.69 20.38 12.45
N VAL Z 102 -104.89 19.87 11.51
CA VAL Z 102 -103.83 18.94 11.85
C VAL Z 102 -102.76 19.60 12.71
N THR Z 103 -102.57 20.92 12.55
CA THR Z 103 -101.57 21.60 13.37
C THR Z 103 -101.88 21.48 14.85
N GLN Z 104 -103.16 21.41 15.22
CA GLN Z 104 -103.52 21.22 16.62
C GLN Z 104 -103.08 19.86 17.14
N PHE Z 105 -102.76 18.91 16.26
CA PHE Z 105 -102.28 17.59 16.64
C PHE Z 105 -100.81 17.39 16.32
N GLY Z 106 -100.07 18.48 16.16
CA GLY Z 106 -98.64 18.40 15.91
C GLY Z 106 -98.26 17.91 14.53
N TYR Z 107 -99.00 18.33 13.50
CA TYR Z 107 -98.69 18.00 12.12
C TYR Z 107 -98.70 19.26 11.28
N PHE Z 108 -97.75 19.37 10.36
CA PHE Z 108 -97.66 20.51 9.45
C PHE Z 108 -98.20 20.21 8.06
N LYS Z 109 -97.73 19.13 7.44
CA LYS Z 109 -98.07 18.81 6.06
C LYS Z 109 -98.97 17.58 6.02
N VAL Z 110 -99.87 17.56 5.04
CA VAL Z 110 -100.80 16.45 4.83
C VAL Z 110 -100.40 15.77 3.53
N LEU Z 111 -100.01 14.50 3.63
CA LEU Z 111 -99.68 13.68 2.48
C LEU Z 111 -100.89 12.85 2.08
N GLY Z 112 -100.78 12.16 0.95
CA GLY Z 112 -101.93 11.54 0.33
C GLY Z 112 -101.91 10.03 0.23
N LYS Z 113 -101.43 9.34 1.27
CA LYS Z 113 -101.47 7.89 1.27
C LYS Z 113 -102.83 7.42 1.79
N GLY Z 114 -103.42 6.45 1.09
CA GLY Z 114 -104.68 5.88 1.51
C GLY Z 114 -105.88 6.69 1.04
N VAL Z 115 -107.02 6.34 1.62
CA VAL Z 115 -108.30 6.93 1.24
C VAL Z 115 -109.03 7.42 2.48
N LEU Z 116 -109.96 8.34 2.28
CA LEU Z 116 -110.82 8.87 3.32
C LEU Z 116 -112.03 7.96 3.52
N PRO Z 117 -112.74 8.12 4.63
CA PRO Z 117 -114.00 7.39 4.81
C PRO Z 117 -114.98 7.71 3.69
N THR Z 118 -115.72 6.70 3.26
CA THR Z 118 -116.68 6.89 2.16
C THR Z 118 -117.80 7.81 2.58
N GLY Z 119 -118.20 8.70 1.67
CA GLY Z 119 -119.32 9.58 1.90
C GLY Z 119 -119.18 10.44 3.13
N GLN Z 120 -118.00 11.04 3.32
CA GLN Z 120 -117.74 11.89 4.47
C GLN Z 120 -116.82 13.03 4.04
N PRO Z 121 -117.37 14.20 3.74
CA PRO Z 121 -116.51 15.34 3.42
C PRO Z 121 -115.82 15.87 4.68
N VAL Z 122 -114.58 16.32 4.51
CA VAL Z 122 -113.78 16.85 5.60
C VAL Z 122 -113.08 18.12 5.12
N VAL Z 123 -113.04 19.12 5.97
CA VAL Z 123 -112.30 20.35 5.71
C VAL Z 123 -110.98 20.25 6.47
N VAL Z 124 -109.87 20.19 5.73
CA VAL Z 124 -108.55 19.96 6.31
C VAL Z 124 -107.82 21.28 6.39
N LYS Z 125 -107.32 21.61 7.58
CA LYS Z 125 -106.57 22.83 7.83
C LYS Z 125 -105.13 22.45 8.14
N ALA Z 126 -104.20 22.88 7.29
CA ALA Z 126 -102.80 22.49 7.44
C ALA Z 126 -101.91 23.56 6.83
N LYS Z 127 -100.64 23.53 7.21
CA LYS Z 127 -99.65 24.44 6.62
C LYS Z 127 -99.36 24.08 5.18
N LEU Z 128 -99.12 22.79 4.92
CA LEU Z 128 -98.73 22.31 3.61
C LEU Z 128 -99.55 21.08 3.26
N ILE Z 129 -99.62 20.76 1.97
CA ILE Z 129 -100.37 19.61 1.49
C ILE Z 129 -99.85 19.23 0.12
N SER Z 130 -99.82 17.93 -0.15
CA SER Z 130 -99.44 17.43 -1.46
C SER Z 130 -100.63 17.51 -2.42
N LYS Z 131 -100.34 17.48 -3.72
CA LYS Z 131 -101.40 17.60 -4.71
C LYS Z 131 -102.34 16.40 -4.67
N ASN Z 132 -101.79 15.19 -4.47
CA ASN Z 132 -102.65 14.01 -4.36
C ASN Z 132 -103.55 14.12 -3.13
N ALA Z 133 -103.02 14.59 -2.01
CA ALA Z 133 -103.83 14.74 -0.81
C ALA Z 133 -104.97 15.71 -1.04
N GLU Z 134 -104.69 16.84 -1.68
CA GLU Z 134 -105.74 17.82 -1.99
C GLU Z 134 -106.78 17.22 -2.93
N LYS Z 135 -106.33 16.48 -3.93
CA LYS Z 135 -107.26 15.88 -4.89
C LYS Z 135 -108.20 14.90 -4.19
N LYS Z 136 -107.66 14.06 -3.31
CA LYS Z 136 -108.51 13.09 -2.61
C LYS Z 136 -109.51 13.78 -1.71
N ILE Z 137 -109.09 14.86 -1.03
CA ILE Z 137 -110.00 15.60 -0.18
C ILE Z 137 -111.12 16.23 -1.00
N LYS Z 138 -110.78 16.81 -2.15
CA LYS Z 138 -111.79 17.47 -2.97
C LYS Z 138 -112.78 16.47 -3.55
N GLU Z 139 -112.27 15.35 -4.09
CA GLU Z 139 -113.15 14.37 -4.72
C GLU Z 139 -114.08 13.70 -3.71
N ASN Z 140 -113.78 13.83 -2.41
CA ASN Z 140 -114.65 13.31 -1.37
C ASN Z 140 -115.65 14.35 -0.87
N GLY Z 141 -115.64 15.55 -1.45
CA GLY Z 141 -116.55 16.61 -1.06
C GLY Z 141 -116.02 17.60 -0.04
N GLY Z 142 -114.72 17.56 0.25
CA GLY Z 142 -114.13 18.43 1.26
C GLY Z 142 -113.46 19.65 0.66
N ALA Z 143 -112.65 20.30 1.50
CA ALA Z 143 -111.91 21.48 1.10
C ALA Z 143 -110.65 21.58 1.95
N VAL Z 144 -109.69 22.37 1.46
CA VAL Z 144 -108.41 22.54 2.11
C VAL Z 144 -108.24 24.02 2.45
N VAL Z 145 -107.86 24.29 3.70
CA VAL Z 145 -107.57 25.64 4.17
C VAL Z 145 -106.12 25.68 4.63
N LEU Z 146 -105.43 26.77 4.29
CA LEU Z 146 -104.02 26.94 4.62
C LEU Z 146 -103.87 27.85 5.84
N THR Z 147 -102.87 27.54 6.65
CA THR Z 147 -102.60 28.30 7.87
C THR Z 147 -101.09 28.44 8.04
N ALA Z 148 -100.67 28.94 9.19
CA ALA Z 148 -99.25 29.11 9.50
C ALA Z 148 -99.07 29.41 10.98
N ASN AA 6 -47.75 -24.06 -1.41
CA ASN AA 6 -48.23 -22.97 -2.26
C ASN AA 6 -49.70 -23.15 -2.62
N HIS AA 7 -50.04 -24.26 -3.25
CA HIS AA 7 -51.39 -24.51 -3.72
C HIS AA 7 -51.66 -26.01 -3.73
N THR AA 8 -52.93 -26.37 -3.54
CA THR AA 8 -53.35 -27.75 -3.73
C THR AA 8 -54.87 -27.81 -3.66
N ALA AA 9 -55.46 -28.69 -4.46
CA ALA AA 9 -56.89 -28.94 -4.44
C ALA AA 9 -57.26 -30.11 -3.52
N HIS AA 10 -56.30 -30.63 -2.77
CA HIS AA 10 -56.57 -31.76 -1.89
C HIS AA 10 -57.66 -31.42 -0.90
N ASN AA 11 -58.62 -32.33 -0.74
CA ASN AA 11 -59.74 -32.27 0.20
C ASN AA 11 -60.83 -31.30 -0.26
N GLN AA 12 -60.64 -30.55 -1.34
CA GLN AA 12 -61.62 -29.54 -1.71
C GLN AA 12 -62.89 -30.17 -2.27
N SER AA 13 -62.76 -31.25 -3.03
CA SER AA 13 -63.95 -31.95 -3.51
C SER AA 13 -64.71 -32.57 -2.34
N TYR AA 14 -64.00 -33.08 -1.33
CA TYR AA 14 -64.66 -33.61 -0.15
C TYR AA 14 -65.47 -32.53 0.56
N LYS AA 15 -64.90 -31.33 0.69
CA LYS AA 15 -65.63 -30.23 1.32
C LYS AA 15 -66.87 -29.87 0.51
N ALA AA 16 -66.75 -29.84 -0.82
CA ALA AA 16 -67.88 -29.43 -1.65
C ALA AA 16 -69.05 -30.40 -1.50
N HIS AA 17 -68.77 -31.69 -1.35
CA HIS AA 17 -69.81 -32.71 -1.28
C HIS AA 17 -70.40 -32.89 0.10
N ARG AA 18 -69.87 -32.22 1.13
CA ARG AA 18 -70.47 -32.34 2.46
C ARG AA 18 -71.93 -31.91 2.42
N ASN AA 19 -72.20 -30.73 1.86
CA ASN AA 19 -73.56 -30.23 1.70
C ASN AA 19 -73.97 -30.08 0.24
N GLY AA 20 -73.04 -30.24 -0.71
CA GLY AA 20 -73.35 -30.16 -2.12
C GLY AA 20 -73.38 -31.53 -2.77
N ILE AA 21 -73.47 -31.54 -4.10
CA ILE AA 21 -73.56 -30.34 -4.92
C ILE AA 21 -75.00 -29.82 -4.94
N LYS AA 22 -75.18 -28.55 -4.60
CA LYS AA 22 -76.51 -27.97 -4.50
C LYS AA 22 -76.92 -27.36 -5.83
N LYS AA 23 -78.00 -27.88 -6.40
CA LYS AA 23 -78.51 -27.29 -7.63
C LYS AA 23 -79.45 -26.12 -7.31
N PRO AA 24 -79.46 -25.07 -8.11
CA PRO AA 24 -80.32 -23.92 -7.81
C PRO AA 24 -81.78 -24.29 -7.94
N LYS AA 25 -82.60 -23.66 -7.09
CA LYS AA 25 -84.04 -23.90 -7.13
C LYS AA 25 -84.61 -23.42 -8.45
N SER AA 26 -85.37 -24.28 -9.11
CA SER AA 26 -85.93 -23.97 -10.43
C SER AA 26 -87.41 -23.66 -10.28
N HIS AA 27 -87.80 -22.47 -10.73
CA HIS AA 27 -89.19 -22.04 -10.68
C HIS AA 27 -89.81 -22.08 -12.07
N ARG AA 28 -91.14 -22.14 -12.11
CA ARG AA 28 -91.84 -22.20 -13.39
C ARG AA 28 -91.57 -20.97 -14.23
N HIS AA 29 -91.56 -19.80 -13.61
CA HIS AA 29 -91.30 -18.53 -14.30
C HIS AA 29 -89.91 -18.04 -13.94
N SER AA 30 -89.14 -17.69 -14.96
CA SER AA 30 -87.79 -17.18 -14.78
C SER AA 30 -87.76 -15.66 -14.96
N SER AA 31 -86.72 -15.04 -14.43
CA SER AA 31 -86.57 -13.60 -14.53
C SER AA 31 -86.39 -13.18 -15.98
N THR AA 32 -86.98 -12.03 -16.34
CA THR AA 32 -86.86 -11.48 -17.68
C THR AA 32 -85.74 -10.45 -17.80
N LYS AA 33 -84.98 -10.22 -16.73
CA LYS AA 33 -83.88 -9.28 -16.79
C LYS AA 33 -82.82 -9.77 -17.77
N GLY AA 34 -82.33 -8.86 -18.61
CA GLY AA 34 -81.33 -9.20 -19.60
C GLY AA 34 -81.88 -9.64 -20.94
N MET AA 35 -83.19 -9.81 -21.07
CA MET AA 35 -83.77 -10.17 -22.35
C MET AA 35 -83.96 -8.91 -23.21
N ASP AA 36 -84.24 -9.13 -24.49
CA ASP AA 36 -84.39 -8.04 -25.45
C ASP AA 36 -85.42 -7.03 -24.95
N PRO AA 37 -85.02 -5.79 -24.67
CA PRO AA 37 -86.00 -4.81 -24.19
C PRO AA 37 -87.14 -4.56 -25.16
N LYS AA 38 -86.87 -4.64 -26.46
CA LYS AA 38 -87.93 -4.43 -27.45
C LYS AA 38 -89.00 -5.50 -27.31
N PHE AA 39 -88.60 -6.76 -27.12
CA PHE AA 39 -89.57 -7.82 -26.90
C PHE AA 39 -90.30 -7.64 -25.57
N LEU AA 40 -89.56 -7.30 -24.50
CA LEU AA 40 -90.18 -7.17 -23.19
C LEU AA 40 -91.19 -6.02 -23.16
N ARG AA 41 -90.84 -4.89 -23.76
CA ARG AA 41 -91.74 -3.73 -23.73
C ARG AA 41 -93.06 -4.04 -24.41
N ASN AA 42 -93.02 -4.71 -25.56
CA ASN AA 42 -94.26 -5.07 -26.24
C ASN AA 42 -95.07 -6.07 -25.41
N GLN AA 43 -94.40 -7.03 -24.77
CA GLN AA 43 -95.11 -7.99 -23.95
C GLN AA 43 -95.86 -7.32 -22.81
N ARG AA 44 -95.26 -6.28 -22.22
CA ARG AA 44 -95.94 -5.54 -21.16
C ARG AA 44 -97.20 -4.86 -21.70
N TYR AA 45 -97.13 -4.29 -22.91
CA TYR AA 45 -98.31 -3.68 -23.51
C TYR AA 45 -99.37 -4.73 -23.84
N ALA AA 46 -98.94 -5.91 -24.30
CA ALA AA 46 -99.89 -6.96 -24.65
C ALA AA 46 -100.68 -7.39 -23.42
N ARG AA 47 -100.01 -7.54 -22.28
CA ARG AA 47 -100.72 -7.89 -21.04
C ARG AA 47 -101.62 -6.76 -20.57
N LYS AA 48 -101.21 -5.52 -20.80
CA LYS AA 48 -102.01 -4.38 -20.36
C LYS AA 48 -103.39 -4.38 -21.00
N HIS AA 49 -103.44 -4.65 -22.30
CA HIS AA 49 -104.70 -4.66 -23.05
C HIS AA 49 -105.34 -6.04 -23.11
N ASN AA 50 -104.77 -7.03 -22.44
CA ASN AA 50 -105.35 -8.37 -22.43
C ASN AA 50 -106.70 -8.35 -21.74
N LYS AA 51 -107.65 -9.10 -22.28
CA LYS AA 51 -109.00 -9.12 -21.75
C LYS AA 51 -109.67 -10.47 -22.00
N SER BA 13 42.28 62.71 26.23
CA SER BA 13 42.05 62.22 27.58
C SER BA 13 43.17 62.64 28.51
N ILE BA 14 42.99 62.38 29.81
CA ILE BA 14 43.96 62.75 30.83
C ILE BA 14 44.74 61.54 31.33
N ASN BA 15 44.66 60.42 30.63
CA ASN BA 15 45.36 59.21 31.08
C ASN BA 15 46.87 59.43 31.11
N ASN BA 16 47.41 60.09 30.08
CA ASN BA 16 48.85 60.29 30.00
C ASN BA 16 49.35 61.13 31.17
N ARG BA 17 48.64 62.21 31.48
CA ARG BA 17 49.02 63.05 32.62
C ARG BA 17 48.82 62.30 33.93
N LEU BA 18 47.72 61.56 34.05
CA LEU BA 18 47.44 60.83 35.28
C LEU BA 18 48.51 59.78 35.56
N ALA BA 19 49.04 59.16 34.50
CA ALA BA 19 50.05 58.12 34.69
C ALA BA 19 51.30 58.68 35.34
N LEU BA 20 51.68 59.92 35.00
CA LEU BA 20 52.85 60.53 35.59
C LEU BA 20 52.70 60.67 37.11
N VAL BA 21 51.50 61.04 37.56
CA VAL BA 21 51.27 61.22 39.00
C VAL BA 21 51.47 59.90 39.73
N MET BA 22 51.01 58.80 39.14
CA MET BA 22 51.07 57.50 39.81
C MET BA 22 52.49 57.08 40.15
N LYS BA 23 53.48 57.64 39.46
CA LYS BA 23 54.88 57.27 39.69
C LYS BA 23 55.73 58.42 40.19
N SER BA 24 55.20 59.63 40.29
CA SER BA 24 55.97 60.78 40.76
C SER BA 24 55.26 61.63 41.80
N GLY BA 25 53.94 61.58 41.90
CA GLY BA 25 53.18 62.43 42.79
C GLY BA 25 52.61 61.68 43.98
N LYS BA 26 51.69 62.35 44.66
CA LYS BA 26 50.97 61.80 45.81
C LYS BA 26 49.48 61.75 45.51
N TYR BA 27 48.83 60.69 45.95
CA TYR BA 27 47.41 60.49 45.65
C TYR BA 27 46.80 59.57 46.68
N THR BA 28 45.48 59.59 46.74
CA THR BA 28 44.69 58.65 47.55
C THR BA 28 43.56 58.12 46.70
N LEU BA 29 43.40 56.80 46.68
CA LEU BA 29 42.37 56.14 45.89
C LEU BA 29 41.30 55.61 46.81
N GLY BA 30 40.04 55.93 46.51
CA GLY BA 30 38.92 55.46 47.29
C GLY BA 30 38.07 56.59 47.83
N TYR BA 31 36.83 56.28 48.22
CA TYR BA 31 35.91 57.31 48.66
C TYR BA 31 36.25 57.81 50.06
N LYS BA 32 36.62 56.91 50.97
CA LYS BA 32 36.87 57.32 52.35
C LYS BA 32 38.10 58.22 52.45
N THR BA 33 39.16 57.90 51.73
CA THR BA 33 40.37 58.72 51.80
C THR BA 33 40.20 60.05 51.09
N VAL BA 34 39.38 60.09 50.03
CA VAL BA 34 39.15 61.35 49.32
C VAL BA 34 38.50 62.37 50.24
N LEU BA 35 37.52 61.94 51.02
CA LEU BA 35 36.91 62.85 51.99
C LEU BA 35 37.92 63.31 53.03
N LYS BA 36 38.80 62.40 53.47
CA LYS BA 36 39.83 62.77 54.44
C LYS BA 36 40.74 63.86 53.89
N THR BA 37 41.16 63.74 52.63
CA THR BA 37 42.03 64.75 52.05
C THR BA 37 41.33 66.08 51.90
N ILE BA 38 40.03 66.07 51.58
CA ILE BA 38 39.29 67.32 51.46
C ILE BA 38 39.13 67.97 52.83
N ARG BA 39 38.92 67.17 53.88
CA ARG BA 39 38.79 67.73 55.22
C ARG BA 39 40.09 68.43 55.65
N SER BA 40 41.23 67.82 55.35
CA SER BA 40 42.52 68.37 55.72
C SER BA 40 43.09 69.33 54.66
N SER BA 41 42.38 69.54 53.57
CA SER BA 41 42.78 70.46 52.50
C SER BA 41 44.04 69.98 51.77
N LYS BA 42 44.42 68.72 51.96
CA LYS BA 42 45.56 68.17 51.24
C LYS BA 42 45.24 67.84 49.79
N GLY BA 43 43.96 67.68 49.45
CA GLY BA 43 43.57 67.36 48.08
C GLY BA 43 43.50 68.60 47.24
N LYS BA 44 44.10 68.53 46.03
CA LYS BA 44 44.10 69.64 45.10
C LYS BA 44 43.18 69.42 43.90
N LEU BA 45 42.93 68.17 43.53
CA LEU BA 45 42.04 67.85 42.42
C LEU BA 45 41.36 66.53 42.70
N VAL BA 46 40.05 66.47 42.49
CA VAL BA 46 39.25 65.28 42.72
C VAL BA 46 38.73 64.79 41.37
N ILE BA 47 38.92 63.50 41.11
CA ILE BA 47 38.48 62.87 39.87
C ILE BA 47 37.44 61.81 40.22
N ILE BA 48 36.31 61.85 39.51
CA ILE BA 48 35.16 61.00 39.82
C ILE BA 48 34.76 60.24 38.55
N ALA BA 49 34.53 58.94 38.70
CA ALA BA 49 34.07 58.11 37.59
C ALA BA 49 32.61 58.41 37.27
N ASN BA 50 32.21 58.06 36.05
CA ASN BA 50 30.87 58.40 35.58
C ASN BA 50 29.79 57.50 36.17
N ASN BA 51 30.15 56.32 36.68
CA ASN BA 51 29.19 55.42 37.29
C ASN BA 51 29.23 55.49 38.82
N CYS BA 52 29.81 56.54 39.38
CA CYS BA 52 29.81 56.71 40.82
C CYS BA 52 28.36 56.86 41.30
N PRO BA 53 28.02 56.35 42.48
CA PRO BA 53 26.64 56.49 42.97
C PRO BA 53 26.22 57.95 42.97
N PRO BA 54 25.01 58.25 42.46
CA PRO BA 54 24.62 59.67 42.37
C PRO BA 54 24.70 60.40 43.70
N LEU BA 55 24.28 59.78 44.79
CA LEU BA 55 24.35 60.44 46.09
C LEU BA 55 25.80 60.68 46.50
N ARG BA 56 26.67 59.67 46.29
CA ARG BA 56 28.08 59.84 46.61
C ARG BA 56 28.70 60.93 45.75
N LYS BA 57 28.34 60.99 44.47
CA LYS BA 57 28.88 62.01 43.58
C LYS BA 57 28.52 63.41 44.07
N SER BA 58 27.26 63.61 44.49
CA SER BA 58 26.85 64.91 44.97
C SER BA 58 27.56 65.28 46.27
N GLU BA 59 27.75 64.30 47.16
CA GLU BA 59 28.44 64.57 48.41
C GLU BA 59 29.87 65.01 48.18
N ILE BA 60 30.58 64.33 47.28
CA ILE BA 60 31.97 64.69 47.00
C ILE BA 60 32.04 66.10 46.41
N GLU BA 61 31.15 66.41 45.46
CA GLU BA 61 31.15 67.73 44.87
C GLU BA 61 30.84 68.80 45.91
N TYR BA 62 29.92 68.51 46.82
CA TYR BA 62 29.62 69.47 47.89
C TYR BA 62 30.82 69.67 48.79
N TYR BA 63 31.53 68.58 49.12
CA TYR BA 63 32.75 68.71 49.91
C TYR BA 63 33.81 69.53 49.17
N ALA BA 64 33.99 69.25 47.88
CA ALA BA 64 34.99 69.96 47.10
C ALA BA 64 34.63 71.44 46.98
N MET BA 65 33.35 71.75 46.77
CA MET BA 65 32.92 73.14 46.72
C MET BA 65 33.16 73.83 48.05
N LEU BA 66 32.94 73.13 49.16
CA LEU BA 66 33.16 73.72 50.47
C LEU BA 66 34.64 74.00 50.71
N ALA BA 67 35.52 73.14 50.20
CA ALA BA 67 36.96 73.29 50.39
C ALA BA 67 37.64 74.02 49.25
N LYS BA 68 36.89 74.50 48.26
CA LYS BA 68 37.45 75.24 47.13
C LYS BA 68 38.45 74.36 46.36
N VAL BA 69 38.03 73.14 46.07
CA VAL BA 69 38.86 72.16 45.36
C VAL BA 69 38.18 71.83 44.04
N GLY BA 70 38.94 71.89 42.95
CA GLY BA 70 38.40 71.58 41.65
C GLY BA 70 38.01 70.11 41.53
N VAL BA 71 36.96 69.86 40.75
CA VAL BA 71 36.44 68.52 40.53
C VAL BA 71 36.40 68.27 39.03
N HIS BA 72 36.93 67.14 38.60
CA HIS BA 72 36.92 66.73 37.20
C HIS BA 72 36.20 65.39 37.08
N HIS BA 73 35.34 65.27 36.08
CA HIS BA 73 34.56 64.06 35.86
C HIS BA 73 35.30 63.17 34.85
N TYR BA 74 35.76 62.01 35.31
CA TYR BA 74 36.49 61.09 34.46
C TYR BA 74 35.58 60.53 33.38
N ASN BA 75 36.12 60.36 32.18
CA ASN BA 75 35.37 59.84 31.04
C ASN BA 75 35.42 58.31 31.06
N GLY BA 76 34.67 57.74 31.99
CA GLY BA 76 34.59 56.30 32.12
C GLY BA 76 34.05 55.91 33.47
N ASN BA 77 33.86 54.60 33.64
CA ASN BA 77 33.37 54.05 34.89
C ASN BA 77 34.53 53.81 35.85
N ASN BA 78 34.20 53.28 37.04
CA ASN BA 78 35.23 53.04 38.05
C ASN BA 78 36.27 52.04 37.56
N VAL BA 79 35.89 51.14 36.66
CA VAL BA 79 36.84 50.14 36.16
C VAL BA 79 37.95 50.81 35.38
N ASP BA 80 37.59 51.72 34.46
CA ASP BA 80 38.59 52.37 33.62
C ASP BA 80 39.55 53.21 34.46
N LEU BA 81 39.02 53.92 35.46
CA LEU BA 81 39.86 54.81 36.26
C LEU BA 81 40.95 54.04 36.97
N GLY BA 82 40.62 52.88 37.54
CA GLY BA 82 41.63 52.08 38.22
C GLY BA 82 42.72 51.59 37.27
N THR BA 83 42.32 51.15 36.08
CA THR BA 83 43.31 50.68 35.11
C THR BA 83 44.24 51.81 34.69
N ALA BA 84 43.70 53.01 34.45
CA ALA BA 84 44.54 54.13 34.07
C ALA BA 84 45.55 54.47 35.16
N CYS BA 85 45.21 54.17 36.41
CA CYS BA 85 46.11 54.40 37.54
C CYS BA 85 47.13 53.30 37.73
N GLY BA 86 47.14 52.29 36.86
CA GLY BA 86 48.04 51.16 37.03
C GLY BA 86 47.73 50.30 38.23
N LYS BA 87 46.45 49.99 38.46
CA LYS BA 87 46.02 49.19 39.59
C LYS BA 87 45.03 48.13 39.14
N TYR BA 88 44.80 47.16 40.01
CA TYR BA 88 43.95 46.00 39.70
C TYR BA 88 42.61 46.04 40.44
N TYR BA 89 42.16 47.21 40.88
CA TYR BA 89 40.89 47.32 41.60
C TYR BA 89 40.15 48.56 41.15
N ARG BA 90 38.82 48.48 41.21
CA ARG BA 90 37.97 49.59 40.79
C ARG BA 90 38.18 50.80 41.69
N VAL BA 91 38.11 51.99 41.10
CA VAL BA 91 38.21 53.24 41.83
C VAL BA 91 37.05 54.13 41.40
N SER BA 92 36.17 54.46 42.34
CA SER BA 92 35.07 55.37 42.04
C SER BA 92 35.55 56.82 41.99
N CYS BA 93 36.49 57.19 42.86
CA CYS BA 93 37.01 58.54 42.91
C CYS BA 93 38.40 58.51 43.49
N LEU BA 94 39.14 59.60 43.26
CA LEU BA 94 40.49 59.73 43.80
C LEU BA 94 40.81 61.21 43.95
N SER BA 95 41.82 61.50 44.77
CA SER BA 95 42.27 62.85 45.03
C SER BA 95 43.76 62.95 44.76
N ILE BA 96 44.17 64.06 44.15
CA ILE BA 96 45.57 64.31 43.83
C ILE BA 96 46.13 65.27 44.87
N ILE BA 97 47.14 64.83 45.60
CA ILE BA 97 47.76 65.65 46.63
C ILE BA 97 48.91 66.47 46.05
N ASP BA 98 49.78 65.84 45.27
CA ASP BA 98 50.87 66.52 44.58
C ASP BA 98 50.67 66.36 43.09
N PRO BA 99 50.56 67.45 42.32
CA PRO BA 99 50.33 67.29 40.86
C PRO BA 99 51.41 66.51 40.17
N GLY BA 100 52.66 66.63 40.62
CA GLY BA 100 53.76 65.90 40.01
C GLY BA 100 54.31 66.58 38.78
N ASP BA 101 53.59 66.52 37.67
CA ASP BA 101 54.03 67.12 36.41
C ASP BA 101 52.81 67.61 35.65
N SER BA 102 52.50 68.91 35.79
CA SER BA 102 51.53 69.59 34.96
C SER BA 102 50.24 68.78 34.82
N ASP BA 103 49.61 68.54 35.97
CA ASP BA 103 48.35 67.84 36.04
C ASP BA 103 47.20 68.72 36.50
N ILE BA 104 47.43 69.59 37.48
CA ILE BA 104 46.39 70.50 37.93
C ILE BA 104 46.28 71.73 37.04
N ILE BA 105 47.35 72.09 36.35
CA ILE BA 105 47.34 73.32 35.55
C ILE BA 105 46.36 73.20 34.40
N LYS BA 106 46.59 72.23 33.51
CA LYS BA 106 45.73 72.01 32.35
C LYS BA 106 44.70 70.94 32.70
N SER BA 107 43.61 71.37 33.31
CA SER BA 107 42.53 70.47 33.70
C SER BA 107 41.17 71.16 33.58
N LYS CA 9 2.08 -56.34 93.31
CA LYS CA 9 2.69 -56.82 94.55
C LYS CA 9 2.51 -55.79 95.66
N GLU CA 10 3.12 -54.62 95.48
CA GLU CA 10 3.00 -53.52 96.42
C GLU CA 10 2.51 -52.29 95.66
N GLU CA 11 1.44 -51.68 96.15
CA GLU CA 11 0.84 -50.56 95.43
C GLU CA 11 1.80 -49.39 95.34
N VAL CA 12 2.53 -49.09 96.41
CA VAL CA 12 3.47 -47.99 96.46
C VAL CA 12 4.84 -48.53 96.10
N VAL CA 13 5.35 -48.16 94.92
CA VAL CA 13 6.65 -48.61 94.46
C VAL CA 13 7.25 -47.52 93.57
N SER CA 14 8.56 -47.37 93.65
CA SER CA 14 9.30 -46.40 92.84
C SER CA 14 10.44 -47.11 92.11
N ARG CA 15 10.62 -46.77 90.85
CA ARG CA 15 11.68 -47.35 90.04
C ARG CA 15 12.26 -46.26 89.13
N GLU CA 16 13.49 -46.50 88.68
CA GLU CA 16 14.16 -45.62 87.73
C GLU CA 16 14.28 -46.32 86.39
N TYR CA 17 13.82 -45.65 85.33
CA TYR CA 17 13.82 -46.18 83.99
C TYR CA 17 14.66 -45.30 83.08
N THR CA 18 15.20 -45.90 82.02
CA THR CA 18 15.81 -45.18 80.91
C THR CA 18 14.89 -45.34 79.71
N ILE CA 19 14.24 -44.26 79.32
CA ILE CA 19 13.31 -44.28 78.19
C ILE CA 19 14.06 -43.90 76.92
N ASN CA 20 13.93 -44.72 75.90
CA ASN CA 20 14.55 -44.45 74.59
C ASN CA 20 13.56 -43.64 73.77
N LEU CA 21 13.64 -42.31 73.91
CA LEU CA 21 12.74 -41.44 73.16
C LEU CA 21 13.09 -41.38 71.68
N HIS CA 22 14.34 -41.66 71.31
CA HIS CA 22 14.76 -41.51 69.92
C HIS CA 22 13.96 -42.43 69.01
N LYS CA 23 13.81 -43.70 69.38
CA LYS CA 23 13.10 -44.64 68.52
C LYS CA 23 11.59 -44.42 68.59
N ARG CA 24 11.09 -43.92 69.72
CA ARG CA 24 9.65 -43.66 69.84
C ARG CA 24 9.24 -42.42 69.04
N LEU CA 25 10.13 -41.46 68.87
CA LEU CA 25 9.85 -40.23 68.15
C LEU CA 25 10.42 -40.24 66.73
N HIS CA 26 10.87 -41.40 66.25
CA HIS CA 26 11.49 -41.47 64.94
C HIS CA 26 10.51 -41.04 63.85
N GLY CA 27 10.97 -40.16 62.98
CA GLY CA 27 10.15 -39.68 61.88
C GLY CA 27 8.99 -38.80 62.28
N CYS CA 28 9.05 -38.18 63.46
CA CYS CA 28 7.97 -37.33 63.92
C CYS CA 28 8.12 -35.91 63.38
N THR CA 29 6.98 -35.26 63.17
CA THR CA 29 6.98 -33.89 62.69
C THR CA 29 7.61 -32.95 63.71
N PHE CA 30 8.39 -31.98 63.22
CA PHE CA 30 9.16 -31.12 64.12
C PHE CA 30 8.27 -30.38 65.09
N LYS CA 31 7.18 -29.80 64.61
CA LYS CA 31 6.32 -28.99 65.47
C LYS CA 31 5.58 -29.82 66.51
N LYS CA 32 5.58 -31.15 66.39
CA LYS CA 32 4.92 -32.01 67.35
C LYS CA 32 5.89 -32.96 68.05
N LYS CA 33 7.20 -32.76 67.87
CA LYS CA 33 8.16 -33.72 68.39
C LYS CA 33 8.22 -33.68 69.91
N ALA CA 34 8.53 -32.51 70.48
CA ALA CA 34 8.54 -32.39 71.94
C ALA CA 34 7.16 -32.65 72.53
N PRO CA 35 6.07 -32.09 72.01
CA PRO CA 35 4.74 -32.48 72.54
C PRO CA 35 4.49 -33.97 72.46
N THR CA 36 4.94 -34.63 71.40
CA THR CA 36 4.76 -36.08 71.29
C THR CA 36 5.60 -36.82 72.33
N ALA CA 37 6.75 -36.25 72.72
CA ALA CA 37 7.56 -36.88 73.75
C ALA CA 37 6.80 -36.96 75.07
N ILE CA 38 6.03 -35.92 75.40
CA ILE CA 38 5.24 -35.94 76.62
C ILE CA 38 4.22 -37.07 76.57
N LYS CA 39 3.56 -37.25 75.43
CA LYS CA 39 2.59 -38.34 75.28
C LYS CA 39 3.27 -39.69 75.38
N GLU CA 40 4.45 -39.84 74.76
CA GLU CA 40 5.15 -41.13 74.82
C GLU CA 40 5.56 -41.46 76.24
N ILE CA 41 6.04 -40.48 77.00
CA ILE CA 41 6.39 -40.72 78.40
C ILE CA 41 5.15 -41.08 79.20
N ARG CA 42 4.03 -40.41 78.93
CA ARG CA 42 2.79 -40.74 79.63
C ARG CA 42 2.36 -42.18 79.31
N LYS CA 43 2.48 -42.58 78.04
CA LYS CA 43 2.17 -43.96 77.69
C LYS CA 43 3.15 -44.93 78.34
N PHE CA 44 4.44 -44.56 78.40
CA PHE CA 44 5.44 -45.44 79.00
C PHE CA 44 5.11 -45.72 80.46
N ALA CA 45 4.71 -44.69 81.21
CA ALA CA 45 4.37 -44.88 82.61
C ALA CA 45 3.17 -45.79 82.77
N GLN CA 46 2.17 -45.64 81.89
CA GLN CA 46 0.97 -46.48 82.01
C GLN CA 46 1.30 -47.95 81.87
N LYS CA 47 2.15 -48.30 80.90
CA LYS CA 47 2.53 -49.70 80.72
C LYS CA 47 3.41 -50.19 81.87
N ALA CA 48 4.33 -49.36 82.32
CA ALA CA 48 5.27 -49.78 83.36
C ALA CA 48 4.61 -49.85 84.73
N MET CA 49 3.52 -49.11 84.97
CA MET CA 49 2.85 -49.08 86.25
C MET CA 49 1.40 -49.49 86.20
N GLY CA 50 0.76 -49.49 85.03
CA GLY CA 50 -0.63 -49.88 84.94
C GLY CA 50 -1.60 -48.86 85.49
N THR CA 51 -1.20 -47.60 85.57
CA THR CA 51 -2.05 -46.53 86.09
C THR CA 51 -2.33 -45.55 84.97
N LYS CA 52 -3.61 -45.34 84.67
CA LYS CA 52 -3.99 -44.37 83.64
C LYS CA 52 -3.57 -42.96 84.06
N ASP CA 53 -3.74 -42.61 85.33
CA ASP CA 53 -3.43 -41.27 85.82
C ASP CA 53 -1.92 -41.15 85.96
N VAL CA 54 -1.30 -40.39 85.07
CA VAL CA 54 0.14 -40.14 85.07
C VAL CA 54 0.37 -38.64 85.13
N ARG CA 55 1.20 -38.21 86.08
CA ARG CA 55 1.53 -36.80 86.26
C ARG CA 55 3.00 -36.59 85.97
N VAL CA 56 3.31 -35.56 85.19
CA VAL CA 56 4.68 -35.27 84.75
C VAL CA 56 5.17 -34.07 85.55
N ASP CA 57 6.24 -34.27 86.31
CA ASP CA 57 6.80 -33.18 87.10
C ASP CA 57 7.28 -32.07 86.18
N VAL CA 58 7.11 -30.82 86.65
CA VAL CA 58 7.47 -29.67 85.82
C VAL CA 58 8.95 -29.70 85.46
N LYS CA 59 9.79 -30.20 86.36
CA LYS CA 59 11.22 -30.29 86.05
C LYS CA 59 11.46 -31.22 84.86
N LEU CA 60 10.77 -32.36 84.83
CA LEU CA 60 10.90 -33.26 83.69
C LEU CA 60 10.39 -32.62 82.42
N ASN CA 61 9.27 -31.89 82.51
CA ASN CA 61 8.79 -31.15 81.34
C ASN CA 61 9.82 -30.13 80.88
N LYS CA 62 10.49 -29.46 81.81
CA LYS CA 62 11.53 -28.51 81.45
C LYS CA 62 12.67 -29.19 80.72
N GLN CA 63 13.08 -30.37 81.20
CA GLN CA 63 14.17 -31.09 80.54
C GLN CA 63 13.78 -31.51 79.13
N ILE CA 64 12.54 -31.94 78.94
CA ILE CA 64 12.08 -32.36 77.61
C ILE CA 64 12.15 -31.19 76.63
N TRP CA 65 11.78 -30.00 77.09
CA TRP CA 65 11.77 -28.80 76.25
C TRP CA 65 13.06 -28.01 76.33
N SER CA 66 14.10 -28.55 76.98
CA SER CA 66 15.32 -27.76 77.20
C SER CA 66 15.95 -27.34 75.87
N ARG CA 67 15.99 -28.24 74.89
CA ARG CA 67 16.60 -27.97 73.60
C ARG CA 67 15.57 -27.62 72.52
N GLY CA 68 14.48 -26.97 72.89
CA GLY CA 68 13.49 -26.56 71.92
C GLY CA 68 12.53 -27.69 71.54
N ILE CA 69 11.71 -27.39 70.54
CA ILE CA 69 10.62 -28.29 70.16
C ILE CA 69 11.08 -29.42 69.24
N ARG CA 70 12.26 -29.31 68.62
CA ARG CA 70 12.73 -30.33 67.69
C ARG CA 70 13.60 -31.38 68.37
N SER CA 71 14.68 -30.94 69.03
CA SER CA 71 15.73 -31.84 69.50
C SER CA 71 15.41 -32.31 70.92
N VAL CA 72 14.60 -33.36 71.03
CA VAL CA 72 14.35 -34.02 72.30
C VAL CA 72 15.54 -34.91 72.62
N PRO CA 73 15.90 -35.11 73.88
CA PRO CA 73 17.04 -35.99 74.19
C PRO CA 73 16.80 -37.40 73.69
N ARG CA 74 17.87 -38.04 73.21
CA ARG CA 74 17.76 -39.40 72.68
C ARG CA 74 17.32 -40.37 73.78
N ARG CA 75 17.92 -40.27 74.97
CA ARG CA 75 17.56 -41.11 76.10
C ARG CA 75 17.43 -40.24 77.34
N VAL CA 76 16.44 -40.55 78.17
CA VAL CA 76 16.16 -39.80 79.39
C VAL CA 76 16.01 -40.78 80.54
N ARG CA 77 16.64 -40.46 81.67
CA ARG CA 77 16.56 -41.25 82.89
C ARG CA 77 15.51 -40.61 83.81
N VAL CA 78 14.46 -41.37 84.13
CA VAL CA 78 13.34 -40.85 84.88
C VAL CA 78 13.03 -41.78 86.05
N ARG CA 79 12.37 -41.21 87.05
CA ARG CA 79 11.87 -41.95 88.20
C ARG CA 79 10.35 -41.94 88.17
N ILE CA 80 9.74 -43.12 88.22
CA ILE CA 80 8.30 -43.27 88.21
C ILE CA 80 7.89 -43.79 89.58
N ALA CA 81 7.07 -43.02 90.29
CA ALA CA 81 6.62 -43.35 91.65
C ALA CA 81 5.12 -43.54 91.62
N ARG CA 82 4.66 -44.78 91.78
CA ARG CA 82 3.25 -45.07 91.89
C ARG CA 82 2.83 -44.89 93.34
N LYS CA 83 1.74 -44.15 93.55
CA LYS CA 83 1.29 -43.82 94.90
C LYS CA 83 -0.21 -43.63 94.90
N ARG CA 84 -0.80 -43.70 96.09
CA ARG CA 84 -2.24 -43.62 96.26
C ARG CA 84 -2.71 -42.17 96.24
N ASN CA 85 -3.84 -41.94 95.58
CA ASN CA 85 -4.45 -40.62 95.56
C ASN CA 85 -5.44 -40.50 96.72
N ASP CA 86 -5.29 -39.44 97.50
CA ASP CA 86 -6.06 -39.25 98.73
C ASP CA 86 -6.96 -38.02 98.63
N ASP CA 87 -7.66 -37.89 97.50
CA ASP CA 87 -8.62 -36.81 97.30
C ASP CA 87 -10.02 -37.39 97.20
N GLU CA 88 -11.00 -36.61 97.65
CA GLU CA 88 -12.38 -37.06 97.71
C GLU CA 88 -12.86 -37.52 96.34
N ASP CA 89 -13.33 -38.77 96.28
CA ASP CA 89 -13.90 -39.35 95.07
C ASP CA 89 -12.97 -39.16 93.87
N ALA CA 90 -11.72 -39.59 94.05
CA ALA CA 90 -10.77 -39.57 92.96
C ALA CA 90 -11.19 -40.55 91.87
N LYS CA 91 -11.00 -40.14 90.61
CA LYS CA 91 -11.39 -41.00 89.49
C LYS CA 91 -10.67 -42.35 89.55
N GLU CA 92 -9.42 -42.36 90.00
CA GLU CA 92 -8.64 -43.59 90.10
C GLU CA 92 -7.98 -43.65 91.47
N GLU CA 93 -7.86 -44.88 91.99
CA GLU CA 93 -7.26 -45.06 93.32
C GLU CA 93 -5.79 -44.68 93.32
N LEU CA 94 -5.06 -45.06 92.28
CA LEU CA 94 -3.62 -44.84 92.20
C LEU CA 94 -3.30 -43.88 91.07
N TYR CA 95 -2.06 -43.37 91.10
CA TYR CA 95 -1.54 -42.54 90.02
C TYR CA 95 -0.02 -42.61 90.06
N SER CA 96 0.58 -42.32 88.91
CA SER CA 96 2.03 -42.37 88.75
C SER CA 96 2.57 -40.96 88.57
N LEU CA 97 3.67 -40.66 89.27
CA LEU CA 97 4.36 -39.39 89.16
C LEU CA 97 5.73 -39.64 88.52
N VAL CA 98 5.97 -39.02 87.37
CA VAL CA 98 7.22 -39.17 86.64
C VAL CA 98 8.06 -37.93 86.89
N THR CA 99 9.29 -38.12 87.38
CA THR CA 99 10.18 -37.01 87.69
C THR CA 99 11.57 -37.35 87.16
N VAL CA 100 12.43 -36.33 87.16
CA VAL CA 100 13.79 -36.50 86.66
C VAL CA 100 14.60 -37.33 87.65
N ALA CA 101 15.60 -38.05 87.13
CA ALA CA 101 16.47 -38.88 87.95
C ALA CA 101 17.92 -38.53 87.65
N GLU CA 102 18.76 -38.69 88.67
CA GLU CA 102 20.18 -38.41 88.51
C GLU CA 102 20.85 -39.48 87.66
N ILE CA 103 21.82 -39.06 86.86
CA ILE CA 103 22.59 -39.96 85.99
C ILE CA 103 23.95 -40.18 86.63
N PRO CA 104 24.42 -41.42 86.77
CA PRO CA 104 25.73 -41.64 87.41
C PRO CA 104 26.88 -41.07 86.61
N ALA CA 105 28.09 -41.14 87.17
CA ALA CA 105 29.25 -40.56 86.50
C ALA CA 105 29.50 -41.22 85.16
N GLU CA 106 29.40 -42.54 85.10
CA GLU CA 106 29.64 -43.25 83.84
C GLU CA 106 28.55 -42.98 82.81
N GLY CA 107 27.45 -42.36 83.18
CA GLY CA 107 26.38 -42.05 82.25
C GLY CA 107 25.29 -43.09 82.22
N LEU CA 108 24.74 -43.36 81.04
CA LEU CA 108 23.68 -44.35 80.87
C LEU CA 108 24.23 -45.70 80.42
N LYS CA 109 25.51 -45.97 80.66
CA LYS CA 109 26.14 -47.21 80.23
C LYS CA 109 25.96 -48.29 81.29
N GLY CA 110 25.46 -49.45 80.87
CA GLY CA 110 25.25 -50.55 81.78
C GLY CA 110 24.24 -50.26 82.87
N LEU CA 111 23.33 -49.32 82.65
CA LEU CA 111 22.37 -48.88 83.66
C LEU CA 111 20.99 -49.41 83.28
N GLY CA 112 20.52 -50.42 84.00
CA GLY CA 112 19.22 -51.00 83.80
C GLY CA 112 18.17 -50.38 84.70
N THR CA 113 17.03 -51.06 84.80
CA THR CA 113 15.97 -50.61 85.69
C THR CA 113 16.36 -50.90 87.14
N LYS CA 114 16.17 -49.91 88.01
CA LYS CA 114 16.52 -50.03 89.41
C LYS CA 114 15.32 -49.68 90.27
N ILE CA 115 15.11 -50.46 91.32
CA ILE CA 115 14.04 -50.21 92.29
C ILE CA 115 14.58 -49.31 93.38
N ILE CA 116 13.87 -48.23 93.67
CA ILE CA 116 14.27 -47.29 94.70
C ILE CA 116 13.72 -47.76 96.04
N GLU CA 117 14.57 -47.73 97.07
CA GLU CA 117 14.17 -48.20 98.39
C GLU CA 117 13.29 -47.17 99.08
N ASP CA 118 12.94 -47.44 100.33
CA ASP CA 118 12.10 -46.55 101.11
C ASP CA 118 12.84 -45.24 101.41
N ALA DA 2 -90.79 -55.44 56.97
CA ALA DA 2 -91.17 -55.01 55.62
C ALA DA 2 -90.52 -55.90 54.58
N VAL DA 3 -91.30 -56.31 53.59
CA VAL DA 3 -90.83 -57.15 52.49
C VAL DA 3 -90.55 -56.25 51.29
N PRO DA 4 -89.32 -56.18 50.80
CA PRO DA 4 -89.03 -55.30 49.66
C PRO DA 4 -89.85 -55.70 48.44
N LEU DA 5 -90.33 -54.69 47.72
CA LEU DA 5 -91.12 -54.93 46.52
C LEU DA 5 -90.25 -55.33 45.33
N LEU DA 6 -89.02 -54.83 45.27
CA LEU DA 6 -88.13 -55.16 44.16
C LEU DA 6 -87.90 -56.67 44.08
N ASN DA 7 -87.92 -57.19 42.86
CA ASN DA 7 -87.70 -58.61 42.62
C ASN DA 7 -86.61 -58.91 41.62
N LYS DA 8 -86.25 -57.98 40.73
CA LYS DA 8 -85.18 -58.23 39.78
C LYS DA 8 -83.83 -58.11 40.45
N LYS DA 9 -82.92 -59.02 40.12
CA LYS DA 9 -81.59 -58.99 40.71
C LYS DA 9 -80.81 -57.76 40.26
N VAL DA 10 -79.98 -57.25 41.16
CA VAL DA 10 -79.16 -56.08 40.88
C VAL DA 10 -77.89 -56.53 40.16
N VAL DA 11 -77.66 -55.99 38.97
CA VAL DA 11 -76.50 -56.33 38.15
C VAL DA 11 -75.64 -55.07 38.05
N LYS DA 12 -74.47 -55.10 38.68
CA LYS DA 12 -73.53 -53.99 38.61
C LYS DA 12 -72.58 -54.24 37.45
N LYS DA 13 -72.62 -53.35 36.45
CA LYS DA 13 -71.71 -53.49 35.32
C LYS DA 13 -70.26 -53.31 35.74
N ARG DA 14 -70.01 -52.49 36.76
CA ARG DA 14 -68.67 -52.28 37.29
C ARG DA 14 -68.77 -51.90 38.75
N VAL DA 15 -67.95 -52.53 39.59
CA VAL DA 15 -67.97 -52.28 41.02
C VAL DA 15 -66.76 -51.44 41.42
N LYS DA 16 -65.69 -51.55 40.65
CA LYS DA 16 -64.52 -50.70 40.88
C LYS DA 16 -64.83 -49.25 40.54
N ARG DA 17 -64.17 -48.35 41.25
CA ARG DA 17 -64.34 -46.93 40.99
C ARG DA 17 -63.45 -46.47 39.85
N PHE DA 18 -63.77 -45.29 39.31
CA PHE DA 18 -62.98 -44.68 38.24
C PHE DA 18 -62.02 -43.69 38.90
N ILE DA 19 -60.75 -44.09 39.01
CA ILE DA 19 -59.73 -43.29 39.68
C ILE DA 19 -59.08 -42.36 38.68
N ARG DA 20 -58.84 -41.13 39.10
CA ARG DA 20 -58.23 -40.15 38.22
C ARG DA 20 -56.85 -40.63 37.78
N PRO DA 21 -56.46 -40.44 36.52
CA PRO DA 21 -55.12 -40.88 36.09
C PRO DA 21 -54.03 -40.20 36.89
N GLN DA 22 -53.00 -40.98 37.22
CA GLN DA 22 -51.79 -40.52 37.89
C GLN DA 22 -52.05 -39.98 39.30
N SER DA 23 -53.25 -40.17 39.84
CA SER DA 23 -53.48 -39.75 41.22
C SER DA 23 -52.60 -40.54 42.19
N ASP DA 24 -52.21 -41.75 41.81
CA ASP DA 24 -51.25 -42.51 42.61
C ASP DA 24 -49.90 -41.82 42.66
N ARG DA 25 -49.42 -41.31 41.52
CA ARG DA 25 -48.09 -40.73 41.46
C ARG DA 25 -48.00 -39.46 42.30
N ARG DA 26 -48.94 -38.54 42.13
CA ARG DA 26 -48.87 -37.23 42.75
C ARG DA 26 -49.89 -37.14 43.88
N ILE DA 27 -49.42 -36.69 45.05
CA ILE DA 27 -50.32 -36.49 46.18
C ILE DA 27 -51.32 -35.38 45.89
N THR DA 28 -50.88 -34.31 45.22
CA THR DA 28 -51.75 -33.17 44.97
C THR DA 28 -52.85 -33.49 43.97
N VAL DA 29 -52.70 -34.56 43.18
CA VAL DA 29 -53.72 -34.96 42.22
C VAL DA 29 -54.68 -35.92 42.93
N LYS DA 30 -55.89 -35.46 43.20
CA LYS DA 30 -56.86 -36.23 43.96
C LYS DA 30 -57.51 -37.30 43.11
N GLU DA 31 -58.13 -38.27 43.77
CA GLU DA 31 -58.68 -39.44 43.09
C GLU DA 31 -59.98 -39.16 42.36
N SER DA 32 -60.71 -38.10 42.73
CA SER DA 32 -61.98 -37.80 42.08
C SER DA 32 -61.77 -37.65 40.58
N TRP DA 33 -62.69 -38.24 39.80
CA TRP DA 33 -62.46 -38.37 38.37
C TRP DA 33 -62.36 -37.01 37.68
N ARG DA 34 -61.41 -36.91 36.76
CA ARG DA 34 -61.30 -35.78 35.85
C ARG DA 34 -61.00 -36.31 34.47
N ARG DA 35 -61.73 -35.82 33.47
CA ARG DA 35 -61.48 -36.22 32.09
C ARG DA 35 -60.14 -35.66 31.64
N PRO DA 36 -59.20 -36.49 31.19
CA PRO DA 36 -57.91 -35.95 30.72
C PRO DA 36 -58.07 -35.26 29.37
N LYS DA 37 -57.62 -34.01 29.28
CA LYS DA 37 -57.76 -33.20 28.09
C LYS DA 37 -56.49 -33.12 27.26
N GLY DA 38 -55.41 -33.79 27.68
CA GLY DA 38 -54.14 -33.62 27.01
C GLY DA 38 -54.15 -34.13 25.58
N ILE DA 39 -53.30 -33.51 24.75
CA ILE DA 39 -53.23 -33.91 23.35
C ILE DA 39 -52.66 -35.31 23.22
N ASP DA 40 -51.61 -35.63 23.99
CA ASP DA 40 -50.96 -36.93 23.91
C ASP DA 40 -51.48 -37.94 24.91
N SER DA 41 -52.42 -37.55 25.78
CA SER DA 41 -52.87 -38.42 26.86
C SER DA 41 -53.25 -39.80 26.35
N ARG DA 42 -52.51 -40.82 26.81
CA ARG DA 42 -52.82 -42.18 26.41
C ARG DA 42 -54.12 -42.68 27.04
N VAL DA 43 -54.48 -42.13 28.20
CA VAL DA 43 -55.77 -42.47 28.81
C VAL DA 43 -56.91 -41.93 27.96
N ARG DA 44 -56.80 -40.68 27.51
CA ARG DA 44 -57.84 -40.12 26.66
C ARG DA 44 -57.98 -40.89 25.37
N ARG DA 45 -56.85 -41.29 24.78
CA ARG DA 45 -56.86 -42.02 23.51
C ARG DA 45 -57.21 -43.50 23.68
N LYS DA 46 -57.36 -43.97 24.91
CA LYS DA 46 -57.88 -45.31 25.20
C LYS DA 46 -56.93 -46.40 24.71
N PHE DA 47 -55.63 -46.24 24.96
CA PHE DA 47 -54.70 -47.33 24.73
C PHE DA 47 -54.94 -48.44 25.74
N LYS DA 48 -54.83 -49.68 25.28
CA LYS DA 48 -55.09 -50.81 26.16
C LYS DA 48 -54.04 -50.88 27.27
N GLY DA 49 -54.47 -51.40 28.42
CA GLY DA 49 -53.60 -51.42 29.58
C GLY DA 49 -53.51 -50.12 30.33
N CYS DA 50 -54.43 -49.19 30.08
CA CYS DA 50 -54.44 -47.89 30.72
C CYS DA 50 -55.69 -47.73 31.57
N VAL DA 51 -55.74 -46.63 32.32
CA VAL DA 51 -56.90 -46.32 33.13
C VAL DA 51 -58.13 -46.19 32.24
N LEU DA 52 -59.26 -46.67 32.73
CA LEU DA 52 -60.52 -46.62 32.00
C LEU DA 52 -61.27 -45.34 32.31
N MET DA 53 -61.99 -44.83 31.31
CA MET DA 53 -62.78 -43.63 31.50
C MET DA 53 -64.25 -43.98 31.65
N PRO DA 54 -65.00 -43.27 32.48
CA PRO DA 54 -66.43 -43.57 32.64
C PRO DA 54 -67.24 -43.05 31.46
N ASN DA 55 -68.15 -43.88 30.97
CA ASN DA 55 -69.05 -43.51 29.88
C ASN DA 55 -70.42 -44.09 30.16
N ILE DA 56 -71.40 -43.62 29.37
CA ILE DA 56 -72.79 -43.95 29.59
C ILE DA 56 -73.07 -45.44 29.46
N GLY DA 57 -72.19 -46.18 28.76
CA GLY DA 57 -72.41 -47.60 28.60
C GLY DA 57 -72.46 -48.34 29.93
N TYR DA 58 -71.76 -47.84 30.94
CA TYR DA 58 -71.76 -48.45 32.27
C TYR DA 58 -73.05 -48.21 33.05
N GLY DA 59 -74.02 -47.51 32.47
CA GLY DA 59 -75.25 -47.19 33.17
C GLY DA 59 -75.98 -48.42 33.69
N SER DA 60 -76.39 -48.37 34.96
CA SER DA 60 -77.05 -49.51 35.57
C SER DA 60 -78.51 -49.60 35.11
N ASP DA 61 -79.09 -50.79 35.27
CA ASP DA 61 -80.48 -51.00 34.88
C ASP DA 61 -81.38 -50.02 35.60
N LYS DA 62 -82.29 -49.40 34.85
CA LYS DA 62 -83.16 -48.38 35.43
C LYS DA 62 -84.09 -48.96 36.50
N LYS DA 63 -84.42 -50.24 36.40
CA LYS DA 63 -85.32 -50.86 37.36
C LYS DA 63 -84.64 -51.15 38.69
N THR DA 64 -83.32 -51.34 38.69
CA THR DA 64 -82.58 -51.62 39.92
C THR DA 64 -81.64 -50.49 40.30
N ARG DA 65 -81.82 -49.30 39.73
CA ARG DA 65 -80.91 -48.19 39.98
C ARG DA 65 -81.23 -47.52 41.32
N HIS DA 66 -80.19 -47.20 42.07
CA HIS DA 66 -80.27 -46.54 43.37
C HIS DA 66 -80.86 -47.45 44.46
N TYR DA 67 -80.93 -48.76 44.22
CA TYR DA 67 -81.45 -49.68 45.22
C TYR DA 67 -80.30 -50.19 46.08
N LEU DA 68 -80.47 -50.10 47.40
CA LEU DA 68 -79.47 -50.58 48.33
C LEU DA 68 -79.45 -52.11 48.31
N PRO DA 69 -78.38 -52.71 48.84
CA PRO DA 69 -78.33 -54.19 48.86
C PRO DA 69 -79.50 -54.82 49.59
N ASN DA 70 -80.09 -54.13 50.56
CA ASN DA 70 -81.24 -54.67 51.29
C ASN DA 70 -82.50 -54.73 50.44
N GLY DA 71 -82.51 -54.09 49.27
CA GLY DA 71 -83.67 -54.12 48.39
C GLY DA 71 -84.56 -52.90 48.46
N PHE DA 72 -84.15 -51.85 49.15
CA PHE DA 72 -84.93 -50.62 49.28
C PHE DA 72 -84.14 -49.45 48.73
N LYS DA 73 -84.84 -48.33 48.54
CA LYS DA 73 -84.21 -47.06 48.21
C LYS DA 73 -84.13 -46.19 49.48
N LYS DA 74 -83.06 -45.41 49.57
CA LYS DA 74 -82.81 -44.62 50.75
C LYS DA 74 -83.52 -43.27 50.68
N PHE DA 75 -84.09 -42.85 51.80
CA PHE DA 75 -84.62 -41.51 51.99
C PHE DA 75 -84.13 -40.99 53.34
N VAL DA 76 -83.50 -39.82 53.34
CA VAL DA 76 -82.90 -39.29 54.56
C VAL DA 76 -83.97 -38.55 55.36
N VAL DA 77 -84.07 -38.87 56.64
CA VAL DA 77 -85.06 -38.28 57.53
C VAL DA 77 -84.34 -37.51 58.62
N HIS DA 78 -84.88 -36.34 58.97
CA HIS DA 78 -84.29 -35.49 59.98
C HIS DA 78 -85.12 -35.37 61.25
N ASN DA 79 -86.35 -35.88 61.24
CA ASN DA 79 -87.20 -35.83 62.43
C ASN DA 79 -88.34 -36.84 62.25
N ALA DA 80 -89.19 -36.92 63.27
CA ALA DA 80 -90.30 -37.88 63.24
C ALA DA 80 -91.30 -37.55 62.15
N SER DA 81 -91.59 -36.27 61.94
CA SER DA 81 -92.59 -35.88 60.96
C SER DA 81 -92.18 -36.34 59.55
N GLU DA 82 -90.93 -36.12 59.19
CA GLU DA 82 -90.46 -36.52 57.87
C GLU DA 82 -90.48 -38.04 57.72
N LEU DA 83 -90.36 -38.77 58.82
CA LEU DA 83 -90.43 -40.23 58.75
C LEU DA 83 -91.80 -40.71 58.30
N GLU DA 84 -92.86 -39.98 58.69
CA GLU DA 84 -94.22 -40.40 58.35
C GLU DA 84 -94.50 -40.35 56.86
N ILE DA 85 -93.69 -39.60 56.09
CA ILE DA 85 -93.89 -39.51 54.65
C ILE DA 85 -93.72 -40.87 53.98
N LEU DA 86 -93.00 -41.79 54.62
CA LEU DA 86 -92.71 -43.10 54.06
C LEU DA 86 -93.70 -44.18 54.50
N MET DA 87 -94.80 -43.78 55.14
CA MET DA 87 -95.76 -44.78 55.64
C MET DA 87 -96.32 -45.62 54.50
N MET DA 88 -96.66 -44.98 53.38
CA MET DA 88 -97.25 -45.67 52.24
C MET DA 88 -96.21 -46.19 51.25
N HIS DA 89 -94.92 -46.05 51.56
CA HIS DA 89 -93.85 -46.52 50.69
C HIS DA 89 -92.87 -47.38 51.46
N ASN DA 90 -93.33 -48.05 52.51
CA ASN DA 90 -92.43 -48.83 53.36
C ASN DA 90 -91.90 -50.06 52.67
N ARG DA 91 -92.53 -50.51 51.58
CA ARG DA 91 -92.01 -51.62 50.80
C ARG DA 91 -91.03 -51.19 49.71
N THR DA 92 -90.89 -49.88 49.48
CA THR DA 92 -89.99 -49.36 48.46
C THR DA 92 -88.86 -48.53 49.03
N TYR DA 93 -89.15 -47.66 50.00
CA TYR DA 93 -88.17 -46.73 50.54
C TYR DA 93 -87.84 -47.08 51.98
N CYS DA 94 -86.56 -47.03 52.32
CA CYS DA 94 -86.08 -47.16 53.68
C CYS DA 94 -85.53 -45.82 54.15
N ALA DA 95 -85.70 -45.55 55.44
CA ALA DA 95 -85.26 -44.29 56.02
C ALA DA 95 -83.84 -44.42 56.54
N GLU DA 96 -83.12 -43.29 56.49
CA GLU DA 96 -81.82 -43.17 57.13
C GLU DA 96 -81.79 -41.87 57.91
N ILE DA 97 -81.53 -41.96 59.21
CA ILE DA 97 -81.48 -40.77 60.05
C ILE DA 97 -80.28 -39.94 59.67
N ALA DA 98 -80.47 -38.62 59.59
CA ALA DA 98 -79.39 -37.74 59.18
C ALA DA 98 -78.25 -37.78 60.19
N HIS DA 99 -77.04 -37.57 59.69
CA HIS DA 99 -75.84 -37.76 60.50
C HIS DA 99 -75.81 -36.85 61.72
N ASN DA 100 -76.47 -35.70 61.65
CA ASN DA 100 -76.37 -34.67 62.69
C ASN DA 100 -77.55 -34.66 63.64
N VAL DA 101 -78.40 -35.68 63.61
CA VAL DA 101 -79.53 -35.75 64.54
C VAL DA 101 -79.03 -36.24 65.89
N SER DA 102 -79.53 -35.63 66.96
CA SER DA 102 -79.12 -35.99 68.30
C SER DA 102 -79.59 -37.40 68.66
N THR DA 103 -78.88 -38.01 69.61
CA THR DA 103 -79.26 -39.35 70.05
C THR DA 103 -80.65 -39.35 70.67
N ARG DA 104 -81.01 -38.28 71.36
CA ARG DA 104 -82.35 -38.20 71.96
C ARG DA 104 -83.44 -38.24 70.89
N LYS DA 105 -83.26 -37.50 69.80
CA LYS DA 105 -84.25 -37.48 68.73
C LYS DA 105 -84.19 -38.73 67.87
N ARG DA 106 -83.07 -39.44 67.85
CA ARG DA 106 -83.01 -40.70 67.12
C ARG DA 106 -83.90 -41.75 67.76
N LYS DA 107 -83.98 -41.75 69.09
CA LYS DA 107 -84.85 -42.71 69.77
C LYS DA 107 -86.30 -42.54 69.36
N GLU DA 108 -86.76 -41.29 69.25
CA GLU DA 108 -88.12 -41.04 68.80
C GLU DA 108 -88.33 -41.53 67.37
N ILE DA 109 -87.36 -41.27 66.49
CA ILE DA 109 -87.49 -41.70 65.10
C ILE DA 109 -87.50 -43.22 65.01
N VAL DA 110 -86.60 -43.88 65.74
CA VAL DA 110 -86.53 -45.33 65.70
C VAL DA 110 -87.82 -45.94 66.24
N GLU DA 111 -88.33 -45.39 67.35
CA GLU DA 111 -89.58 -45.91 67.91
C GLU DA 111 -90.74 -45.72 66.94
N ARG DA 112 -90.82 -44.54 66.32
CA ARG DA 112 -91.89 -44.28 65.37
C ARG DA 112 -91.78 -45.19 64.14
N ALA DA 113 -90.55 -45.44 63.68
CA ALA DA 113 -90.37 -46.28 62.51
C ALA DA 113 -90.83 -47.70 62.76
N ALA DA 114 -90.66 -48.20 63.99
CA ALA DA 114 -91.14 -49.54 64.32
C ALA DA 114 -92.66 -49.62 64.21
N GLN DA 115 -93.35 -48.57 64.67
CA GLN DA 115 -94.81 -48.57 64.58
C GLN DA 115 -95.27 -48.55 63.13
N LEU DA 116 -94.57 -47.80 62.28
CA LEU DA 116 -94.92 -47.68 60.86
C LEU DA 116 -94.30 -48.78 60.01
N ASP DA 117 -93.52 -49.68 60.60
CA ASP DA 117 -92.84 -50.74 59.84
C ASP DA 117 -91.98 -50.15 58.72
N VAL DA 118 -91.24 -49.10 59.05
CA VAL DA 118 -90.34 -48.45 58.11
C VAL DA 118 -88.91 -48.86 58.45
N VAL DA 119 -88.19 -49.35 57.44
CA VAL DA 119 -86.83 -49.82 57.66
C VAL DA 119 -85.90 -48.63 57.92
N ILE DA 120 -85.04 -48.76 58.93
CA ILE DA 120 -84.04 -47.77 59.27
C ILE DA 120 -82.67 -48.39 59.02
N THR DA 121 -81.86 -47.74 58.20
CA THR DA 121 -80.58 -48.31 57.80
C THR DA 121 -79.53 -48.20 58.89
N ASN DA 122 -79.60 -47.16 59.70
CA ASN DA 122 -78.58 -46.83 60.71
C ASN DA 122 -79.23 -46.66 62.07
N LYS DA 123 -80.12 -47.60 62.43
CA LYS DA 123 -80.91 -47.43 63.65
C LYS DA 123 -80.09 -47.61 64.92
N LEU DA 124 -78.89 -48.19 64.82
CA LEU DA 124 -78.03 -48.39 65.98
C LEU DA 124 -77.06 -47.24 66.20
N ALA DA 125 -77.19 -46.15 65.44
CA ALA DA 125 -76.21 -45.07 65.50
C ALA DA 125 -76.24 -44.36 66.84
N ARG DA 126 -75.07 -44.12 67.41
CA ARG DA 126 -74.86 -43.29 68.60
C ARG DA 126 -75.99 -43.47 69.62
N LEU DA 127 -76.14 -44.71 70.07
CA LEU DA 127 -77.01 -45.04 71.19
C LEU DA 127 -76.28 -45.66 72.36
N HIS DA 128 -74.99 -45.97 72.22
CA HIS DA 128 -74.21 -46.56 73.30
C HIS DA 128 -73.77 -45.48 74.29
N VAL EA 2 -48.66 -106.90 46.57
CA VAL EA 2 -49.09 -106.12 47.72
C VAL EA 2 -48.17 -104.92 47.90
N LYS EA 3 -48.75 -103.78 48.27
CA LYS EA 3 -47.99 -102.54 48.47
C LYS EA 3 -48.15 -101.96 49.86
N GLY EA 4 -49.31 -102.13 50.50
CA GLY EA 4 -49.54 -101.49 51.78
C GLY EA 4 -49.78 -100.00 51.71
N ARG EA 5 -50.15 -99.50 50.53
CA ARG EA 5 -50.37 -98.07 50.36
C ARG EA 5 -51.57 -97.59 51.16
N GLN EA 6 -51.51 -96.35 51.61
CA GLN EA 6 -52.63 -95.68 52.24
C GLN EA 6 -53.07 -94.53 51.34
N GLY EA 7 -54.35 -94.50 51.00
CA GLY EA 7 -54.88 -93.49 50.12
C GLY EA 7 -56.25 -93.88 49.63
N GLU EA 8 -56.74 -93.10 48.65
CA GLU EA 8 -58.03 -93.39 48.05
C GLU EA 8 -58.05 -94.80 47.50
N ARG EA 9 -59.10 -95.54 47.82
CA ARG EA 9 -59.22 -96.93 47.38
C ARG EA 9 -59.90 -97.07 46.02
N ILE EA 10 -60.69 -96.08 45.62
CA ILE EA 10 -61.34 -96.08 44.32
C ILE EA 10 -61.12 -94.72 43.67
N ARG EA 11 -60.75 -94.73 42.40
CA ARG EA 11 -60.57 -93.51 41.61
C ARG EA 11 -61.63 -93.50 40.50
N LEU EA 12 -62.57 -92.56 40.59
CA LEU EA 12 -63.63 -92.41 39.60
C LEU EA 12 -63.45 -91.12 38.79
N TYR EA 13 -62.21 -90.69 38.62
CA TYR EA 13 -61.91 -89.48 37.87
C TYR EA 13 -60.58 -89.66 37.16
N VAL EA 14 -60.34 -88.81 36.17
CA VAL EA 14 -59.07 -88.76 35.47
C VAL EA 14 -58.46 -87.38 35.70
N ARG EA 15 -57.13 -87.32 35.69
CA ARG EA 15 -56.43 -86.08 35.97
C ARG EA 15 -56.37 -85.21 34.72
N GLY EA 16 -56.49 -83.91 34.92
CA GLY EA 16 -56.34 -82.95 33.85
C GLY EA 16 -55.41 -81.83 34.26
N THR EA 17 -54.59 -81.38 33.33
CA THR EA 17 -53.60 -80.34 33.59
C THR EA 17 -54.14 -78.99 33.15
N VAL EA 18 -54.00 -77.99 34.01
CA VAL EA 18 -54.41 -76.63 33.70
C VAL EA 18 -53.29 -75.99 32.87
N LEU EA 19 -53.57 -75.74 31.59
CA LEU EA 19 -52.56 -75.20 30.68
C LEU EA 19 -52.53 -73.67 30.69
N GLY EA 20 -53.64 -73.03 30.99
CA GLY EA 20 -53.72 -71.59 30.97
C GLY EA 20 -55.13 -71.15 30.64
N TYR EA 21 -55.23 -69.92 30.11
CA TYR EA 21 -56.50 -69.33 29.73
C TYR EA 21 -56.61 -69.25 28.22
N LYS EA 22 -57.85 -69.12 27.75
CA LYS EA 22 -58.09 -68.75 26.36
C LYS EA 22 -57.40 -67.44 26.08
N ARG EA 23 -56.61 -67.40 25.00
CA ARG EA 23 -55.75 -66.24 24.79
C ARG EA 23 -55.39 -66.14 23.32
N SER EA 24 -54.89 -64.96 22.95
CA SER EA 24 -54.25 -64.68 21.69
C SER EA 24 -52.78 -64.38 21.94
N LYS EA 25 -52.08 -63.98 20.88
CA LYS EA 25 -50.69 -63.57 21.03
C LYS EA 25 -50.55 -62.35 21.92
N SER EA 26 -51.61 -61.56 22.10
CA SER EA 26 -51.52 -60.30 22.82
C SER EA 26 -52.65 -60.05 23.81
N ASN EA 27 -53.60 -60.97 23.98
CA ASN EA 27 -54.70 -60.77 24.91
C ASN EA 27 -55.00 -62.08 25.61
N GLN EA 28 -55.57 -61.98 26.81
CA GLN EA 28 -55.90 -63.12 27.65
C GLN EA 28 -57.33 -62.98 28.14
N TYR EA 29 -58.03 -64.10 28.23
CA TYR EA 29 -59.44 -64.13 28.65
C TYR EA 29 -59.59 -65.11 29.80
N PRO EA 30 -59.42 -64.64 31.04
CA PRO EA 30 -59.40 -65.58 32.18
C PRO EA 30 -60.73 -66.29 32.42
N ASN EA 31 -61.84 -65.80 31.85
CA ASN EA 31 -63.12 -66.45 32.07
C ASN EA 31 -63.18 -67.86 31.49
N THR EA 32 -62.25 -68.22 30.62
CA THR EA 32 -62.18 -69.56 30.05
C THR EA 32 -60.79 -70.13 30.29
N SER EA 33 -60.73 -71.40 30.68
CA SER EA 33 -59.48 -72.09 30.95
C SER EA 33 -59.29 -73.23 29.96
N LEU EA 34 -58.03 -73.49 29.62
CA LEU EA 34 -57.67 -74.60 28.74
C LEU EA 34 -57.14 -75.74 29.59
N ILE EA 35 -57.79 -76.90 29.47
CA ILE EA 35 -57.47 -78.07 30.28
C ILE EA 35 -57.09 -79.21 29.34
N GLN EA 36 -55.99 -79.88 29.65
CA GLN EA 36 -55.61 -81.11 28.96
C GLN EA 36 -55.98 -82.29 29.83
N ILE EA 37 -56.77 -83.20 29.28
CA ILE EA 37 -57.26 -84.38 30.01
C ILE EA 37 -56.36 -85.55 29.65
N GLU EA 38 -55.84 -86.23 30.67
CA GLU EA 38 -54.96 -87.37 30.44
C GLU EA 38 -55.69 -88.45 29.66
N GLY EA 39 -55.06 -88.94 28.60
CA GLY EA 39 -55.61 -89.99 27.79
C GLY EA 39 -56.43 -89.53 26.60
N VAL EA 40 -56.74 -88.24 26.51
CA VAL EA 40 -57.52 -87.68 25.40
C VAL EA 40 -56.54 -87.01 24.45
N ASN EA 41 -56.45 -87.53 23.22
CA ASN EA 41 -55.46 -87.08 22.25
C ASN EA 41 -56.06 -86.55 20.96
N THR EA 42 -57.38 -86.49 20.84
CA THR EA 42 -58.02 -85.99 19.63
C THR EA 42 -59.29 -85.24 19.99
N LYS EA 43 -59.72 -84.38 19.05
CA LYS EA 43 -60.95 -83.64 19.24
C LYS EA 43 -62.16 -84.58 19.31
N GLU EA 44 -62.12 -85.67 18.54
CA GLU EA 44 -63.24 -86.62 18.55
C GLU EA 44 -63.40 -87.26 19.93
N GLU EA 45 -62.30 -87.64 20.56
CA GLU EA 45 -62.37 -88.24 21.90
C GLU EA 45 -62.93 -87.27 22.93
N VAL EA 46 -62.82 -85.96 22.69
CA VAL EA 46 -63.30 -84.97 23.65
C VAL EA 46 -64.82 -85.03 23.81
N ASP EA 47 -65.55 -85.50 22.78
CA ASP EA 47 -67.01 -85.46 22.84
C ASP EA 47 -67.54 -86.22 24.04
N TRP EA 48 -66.85 -87.27 24.47
CA TRP EA 48 -67.32 -88.05 25.62
C TRP EA 48 -67.30 -87.23 26.90
N TYR EA 49 -66.34 -86.31 27.04
CA TYR EA 49 -66.18 -85.54 28.26
C TYR EA 49 -66.96 -84.24 28.27
N LEU EA 50 -67.67 -83.90 27.19
CA LEU EA 50 -68.41 -82.65 27.15
C LEU EA 50 -69.49 -82.63 28.23
N GLY EA 51 -69.50 -81.56 29.03
CA GLY EA 51 -70.44 -81.43 30.12
C GLY EA 51 -70.00 -82.08 31.41
N LYS EA 52 -68.90 -82.83 31.42
CA LYS EA 52 -68.45 -83.48 32.63
C LYS EA 52 -67.99 -82.47 33.67
N ARG EA 53 -68.26 -82.76 34.93
CA ARG EA 53 -67.92 -81.86 36.02
C ARG EA 53 -66.42 -81.88 36.29
N LEU EA 54 -65.88 -80.72 36.64
CA LEU EA 54 -64.46 -80.56 36.93
C LEU EA 54 -64.29 -80.04 38.35
N GLY EA 55 -63.24 -80.52 39.02
CA GLY EA 55 -62.94 -80.06 40.36
C GLY EA 55 -61.48 -79.66 40.53
N TYR EA 56 -61.25 -78.41 40.91
CA TYR EA 56 -59.90 -77.91 41.17
C TYR EA 56 -59.72 -77.87 42.69
N ILE EA 57 -59.01 -78.86 43.22
CA ILE EA 57 -58.79 -79.00 44.66
C ILE EA 57 -57.43 -78.44 45.00
N TYR EA 58 -57.38 -77.57 46.01
CA TYR EA 58 -56.13 -76.98 46.45
C TYR EA 58 -56.22 -76.75 47.96
N LYS EA 59 -55.08 -76.44 48.57
CA LYS EA 59 -54.96 -76.27 50.01
C LYS EA 59 -54.76 -74.80 50.35
N ALA EA 60 -55.55 -74.31 51.30
CA ALA EA 60 -55.40 -72.97 51.83
C ALA EA 60 -54.75 -73.04 53.21
N LYS EA 61 -54.30 -71.87 53.68
CA LYS EA 61 -53.58 -71.82 54.96
C LYS EA 61 -54.52 -71.97 56.15
N THR EA 62 -55.69 -71.36 56.09
CA THR EA 62 -56.65 -71.44 57.19
C THR EA 62 -57.56 -72.64 57.03
N LYS EA 63 -58.32 -72.93 58.08
CA LYS EA 63 -59.25 -74.04 58.12
C LYS EA 63 -60.67 -73.53 57.93
N LYS EA 64 -61.38 -74.09 56.95
CA LYS EA 64 -62.79 -73.82 56.72
C LYS EA 64 -63.56 -75.12 56.79
N ASN EA 65 -64.59 -75.17 57.64
CA ASN EA 65 -65.32 -76.40 57.88
C ASN EA 65 -64.38 -77.51 58.36
N ASN EA 66 -63.37 -77.13 59.14
CA ASN EA 66 -62.42 -78.07 59.72
C ASN EA 66 -61.59 -78.77 58.63
N SER EA 67 -61.09 -77.99 57.68
CA SER EA 67 -60.25 -78.55 56.62
C SER EA 67 -59.51 -77.41 55.92
N HIS EA 68 -58.30 -77.73 55.45
CA HIS EA 68 -57.51 -76.81 54.65
C HIS EA 68 -57.81 -76.92 53.16
N TYR EA 69 -58.60 -77.89 52.74
CA TYR EA 69 -58.90 -78.09 51.33
C TYR EA 69 -59.95 -77.11 50.84
N ARG EA 70 -59.77 -76.64 49.61
CA ARG EA 70 -60.75 -75.81 48.92
C ARG EA 70 -61.01 -76.43 47.55
N CYS EA 71 -62.23 -76.27 47.05
CA CYS EA 71 -62.62 -76.80 45.76
C CYS EA 71 -63.33 -75.73 44.95
N ILE EA 72 -62.94 -75.58 43.70
CA ILE EA 72 -63.62 -74.72 42.74
C ILE EA 72 -64.17 -75.62 41.64
N TRP EA 73 -65.48 -75.54 41.42
CA TRP EA 73 -66.15 -76.43 40.48
C TRP EA 73 -66.22 -75.82 39.09
N GLY EA 74 -66.19 -76.69 38.09
CA GLY EA 74 -66.33 -76.28 36.71
C GLY EA 74 -66.82 -77.45 35.88
N LYS EA 75 -66.79 -77.27 34.56
CA LYS EA 75 -67.20 -78.33 33.66
C LYS EA 75 -66.54 -78.13 32.30
N VAL EA 76 -66.51 -79.21 31.53
CA VAL EA 76 -65.96 -79.17 30.18
C VAL EA 76 -67.02 -78.60 29.24
N CYS EA 77 -66.66 -77.55 28.51
CA CYS EA 77 -67.60 -76.84 27.65
C CYS EA 77 -67.48 -77.23 26.18
N ARG EA 78 -66.28 -77.19 25.61
CA ARG EA 78 -66.08 -77.47 24.21
C ARG EA 78 -64.63 -77.87 24.01
N PRO EA 79 -64.32 -78.57 22.92
CA PRO EA 79 -62.91 -78.88 22.61
C PRO EA 79 -62.16 -77.66 22.14
N HIS EA 80 -60.83 -77.73 22.28
CA HIS EA 80 -59.93 -76.66 21.88
C HIS EA 80 -58.84 -77.26 21.00
N GLY EA 81 -58.76 -76.80 19.75
CA GLY EA 81 -57.76 -77.33 18.85
C GLY EA 81 -58.13 -78.72 18.35
N ASN EA 82 -57.10 -79.43 17.87
CA ASN EA 82 -57.26 -80.75 17.29
C ASN EA 82 -56.62 -81.86 18.12
N SER EA 83 -55.94 -81.52 19.22
CA SER EA 83 -55.14 -82.48 19.97
C SER EA 83 -55.77 -82.85 21.31
N GLY EA 84 -57.07 -82.66 21.48
CA GLY EA 84 -57.76 -83.11 22.66
C GLY EA 84 -57.85 -82.11 23.80
N VAL EA 85 -57.23 -80.94 23.67
CA VAL EA 85 -57.41 -79.90 24.67
C VAL EA 85 -58.86 -79.43 24.66
N VAL EA 86 -59.34 -79.01 25.83
CA VAL EA 86 -60.74 -78.60 25.99
C VAL EA 86 -60.78 -77.23 26.66
N ARG EA 87 -61.90 -76.54 26.45
CA ARG EA 87 -62.17 -75.28 27.11
C ARG EA 87 -63.09 -75.54 28.30
N ALA EA 88 -62.77 -74.95 29.44
CA ALA EA 88 -63.49 -75.20 30.67
C ALA EA 88 -63.87 -73.89 31.35
N LYS EA 89 -65.02 -73.91 32.01
CA LYS EA 89 -65.49 -72.77 32.79
C LYS EA 89 -65.73 -73.21 34.23
N PHE EA 90 -65.35 -72.35 35.17
CA PHE EA 90 -65.50 -72.61 36.59
C PHE EA 90 -66.38 -71.53 37.22
N LYS EA 91 -66.89 -71.84 38.41
CA LYS EA 91 -67.76 -70.87 39.10
C LYS EA 91 -67.05 -69.53 39.27
N SER EA 92 -65.74 -69.55 39.48
CA SER EA 92 -64.92 -68.35 39.44
C SER EA 92 -63.70 -68.65 38.58
N ASN EA 93 -63.18 -67.60 37.94
CA ASN EA 93 -62.00 -67.77 37.10
C ASN EA 93 -60.85 -68.35 37.92
N LEU EA 94 -60.20 -69.37 37.38
CA LEU EA 94 -59.11 -69.99 38.09
C LEU EA 94 -57.96 -69.00 38.26
N PRO EA 95 -57.26 -69.01 39.39
CA PRO EA 95 -56.13 -68.10 39.56
C PRO EA 95 -54.96 -68.52 38.69
N PRO EA 96 -54.10 -67.58 38.27
CA PRO EA 96 -52.91 -67.97 37.51
C PRO EA 96 -52.02 -68.94 38.26
N LYS EA 97 -52.07 -68.94 39.59
CA LYS EA 97 -51.29 -69.88 40.38
C LYS EA 97 -51.61 -71.33 40.03
N SER EA 98 -52.81 -71.60 39.49
CA SER EA 98 -53.20 -72.96 39.17
C SER EA 98 -52.59 -73.49 37.87
N MET EA 99 -51.90 -72.64 37.11
CA MET EA 99 -51.25 -73.11 35.90
C MET EA 99 -50.25 -74.21 36.24
N GLY EA 100 -50.33 -75.31 35.50
CA GLY EA 100 -49.52 -76.48 35.79
C GLY EA 100 -50.08 -77.38 36.87
N ALA EA 101 -51.11 -76.96 37.59
CA ALA EA 101 -51.74 -77.80 38.58
C ALA EA 101 -52.66 -78.82 37.91
N LYS EA 102 -53.18 -79.74 38.71
CA LYS EA 102 -54.03 -80.81 38.23
C LYS EA 102 -55.46 -80.61 38.72
N VAL EA 103 -56.42 -81.03 37.90
CA VAL EA 103 -57.84 -81.01 38.26
C VAL EA 103 -58.40 -82.41 38.04
N ARG EA 104 -59.49 -82.70 38.72
CA ARG EA 104 -60.16 -83.98 38.63
C ARG EA 104 -61.31 -83.87 37.63
N VAL EA 105 -61.30 -84.74 36.62
CA VAL EA 105 -62.35 -84.80 35.62
C VAL EA 105 -63.23 -86.00 35.97
N PHE EA 106 -64.40 -85.72 36.53
CA PHE EA 106 -65.29 -86.77 36.97
C PHE EA 106 -66.07 -87.35 35.79
N MET EA 107 -66.71 -88.49 36.02
CA MET EA 107 -67.47 -89.19 35.00
C MET EA 107 -68.96 -88.84 35.03
N TYR EA 108 -69.37 -87.90 35.86
CA TYR EA 108 -70.75 -87.43 35.90
C TYR EA 108 -70.81 -85.95 35.56
N PRO EA 109 -71.95 -85.44 35.05
CA PRO EA 109 -73.19 -86.20 34.78
C PRO EA 109 -73.03 -87.17 33.63
N SER EA 110 -73.68 -88.33 33.74
CA SER EA 110 -73.45 -89.45 32.84
C SER EA 110 -74.53 -89.51 31.78
N ASN EA 111 -74.12 -89.65 30.53
CA ASN EA 111 -75.03 -89.90 29.42
C ASN EA 111 -75.04 -91.35 28.97
N ILE EA 112 -74.28 -92.22 29.63
CA ILE EA 112 -74.21 -93.63 29.26
C ILE EA 112 -74.73 -94.50 30.39
N VAL FA 2 14.16 1.47 73.70
CA VAL FA 2 14.16 2.89 74.03
C VAL FA 2 12.73 3.39 74.12
N GLN FA 3 12.50 4.39 74.96
CA GLN FA 3 11.17 4.96 75.11
C GLN FA 3 10.73 5.66 73.83
N ARG FA 4 9.50 5.41 73.42
CA ARG FA 4 8.90 6.05 72.26
C ARG FA 4 7.76 6.96 72.72
N LEU FA 5 7.59 8.07 71.99
CA LEU FA 5 6.72 9.15 72.41
C LEU FA 5 5.44 9.18 71.61
N THR FA 6 4.52 10.03 72.04
CA THR FA 6 3.28 10.30 71.33
C THR FA 6 2.96 11.79 71.45
N TYR FA 7 2.16 12.27 70.51
CA TYR FA 7 1.66 13.64 70.59
C TYR FA 7 0.84 13.82 71.87
N ARG FA 8 1.00 14.97 72.50
CA ARG FA 8 0.27 15.29 73.72
C ARG FA 8 -1.07 15.95 73.46
N LYS FA 9 -1.35 16.32 72.23
CA LYS FA 9 -2.62 16.89 71.82
C LYS FA 9 -3.29 15.96 70.82
N ARG FA 10 -4.42 16.38 70.28
CA ARG FA 10 -5.12 15.63 69.25
C ARG FA 10 -4.67 16.02 67.84
N HIS FA 11 -3.55 16.73 67.71
CA HIS FA 11 -2.94 17.03 66.43
C HIS FA 11 -2.05 15.85 66.03
N SER FA 12 -2.47 15.10 65.02
CA SER FA 12 -1.80 13.86 64.64
C SER FA 12 -0.94 13.99 63.39
N TYR FA 13 -0.80 15.19 62.84
CA TYR FA 13 -0.06 15.40 61.60
C TYR FA 13 1.10 16.35 61.84
N ALA FA 14 2.23 16.06 61.20
CA ALA FA 14 3.49 16.77 61.44
C ALA FA 14 3.52 18.07 60.62
N THR FA 15 2.62 18.98 60.98
CA THR FA 15 2.59 20.29 60.36
C THR FA 15 3.60 21.23 61.02
N LYS FA 16 3.84 22.36 60.35
CA LYS FA 16 4.80 23.33 60.89
C LYS FA 16 4.40 23.82 62.26
N SER FA 17 3.10 23.95 62.53
CA SER FA 17 2.62 24.39 63.82
C SER FA 17 2.59 23.27 64.85
N ASN FA 18 2.91 22.04 64.47
CA ASN FA 18 2.93 20.90 65.38
C ASN FA 18 4.36 20.44 65.65
N GLN FA 19 5.30 21.37 65.66
CA GLN FA 19 6.69 21.03 65.98
C GLN FA 19 6.86 20.84 67.48
N HIS FA 20 7.90 20.10 67.84
CA HIS FA 20 8.09 19.68 69.22
C HIS FA 20 9.57 19.47 69.51
N ARG FA 21 9.89 19.44 70.80
CA ARG FA 21 11.21 19.05 71.28
C ARG FA 21 11.03 17.99 72.35
N VAL FA 22 12.06 17.17 72.53
CA VAL FA 22 12.04 16.10 73.52
C VAL FA 22 12.69 16.60 74.79
N VAL FA 23 11.96 16.49 75.91
CA VAL FA 23 12.42 16.97 77.21
C VAL FA 23 12.39 15.80 78.19
N LYS FA 24 13.42 15.69 79.00
CA LYS FA 24 13.49 14.69 80.07
C LYS FA 24 13.04 15.37 81.37
N THR FA 25 11.99 14.83 81.98
CA THR FA 25 11.40 15.42 83.17
C THR FA 25 12.10 14.92 84.41
N PRO FA 26 11.88 15.58 85.55
CA PRO FA 26 12.42 15.07 86.82
C PRO FA 26 11.95 13.68 87.17
N GLY FA 27 10.86 13.20 86.56
CA GLY FA 27 10.40 11.84 86.76
C GLY FA 27 11.16 10.79 85.99
N GLY FA 28 12.15 11.20 85.19
CA GLY FA 28 12.97 10.24 84.46
C GLY FA 28 12.38 9.73 83.17
N LYS FA 29 11.44 10.46 82.57
CA LYS FA 29 10.79 10.03 81.34
C LYS FA 29 10.88 11.14 80.30
N LEU FA 30 10.90 10.74 79.03
CA LEU FA 30 10.89 11.68 77.94
C LEU FA 30 9.45 12.09 77.62
N ILE FA 31 9.28 13.34 77.17
CA ILE FA 31 7.97 13.87 76.85
C ILE FA 31 8.15 15.00 75.85
N TYR FA 32 7.13 15.21 75.02
CA TYR FA 32 7.16 16.28 74.04
C TYR FA 32 6.71 17.60 74.66
N GLN FA 33 7.22 18.69 74.11
CA GLN FA 33 6.74 20.03 74.40
C GLN FA 33 6.71 20.81 73.10
N THR FA 34 5.52 21.24 72.69
CA THR FA 34 5.39 21.94 71.42
C THR FA 34 6.25 23.20 71.41
N THR FA 35 6.97 23.39 70.30
CA THR FA 35 7.86 24.53 70.12
C THR FA 35 7.29 25.45 69.04
N LYS FA 36 7.30 26.75 69.32
CA LYS FA 36 6.78 27.72 68.36
C LYS FA 36 7.70 27.79 67.14
N LYS FA 37 7.09 28.16 66.01
CA LYS FA 37 7.81 28.23 64.74
C LYS FA 37 8.84 29.36 64.78
N ARG FA 38 9.85 29.23 63.92
CA ARG FA 38 10.86 30.26 63.76
C ARG FA 38 10.24 31.54 63.21
N ALA FA 39 10.70 32.68 63.72
CA ALA FA 39 10.23 33.99 63.28
C ALA FA 39 11.38 34.77 62.66
N ASN FA 40 11.05 35.57 61.65
CA ASN FA 40 12.08 36.31 60.93
C ASN FA 40 12.60 37.49 61.75
N GLY FA 41 11.69 38.22 62.41
CA GLY FA 41 12.05 39.45 63.07
C GLY FA 41 12.01 40.62 62.10
N PRO FA 42 12.18 41.84 62.61
CA PRO FA 42 12.11 43.02 61.74
C PRO FA 42 13.18 42.99 60.66
N LYS FA 43 12.85 43.54 59.50
CA LYS FA 43 13.75 43.56 58.35
C LYS FA 43 13.59 44.87 57.61
N CYS FA 44 14.62 45.24 56.86
CA CYS FA 44 14.61 46.49 56.11
C CYS FA 44 13.60 46.41 54.97
N PRO FA 45 12.99 47.54 54.59
CA PRO FA 45 11.94 47.50 53.55
C PRO FA 45 12.42 46.99 52.20
N VAL FA 46 13.66 47.29 51.81
CA VAL FA 46 14.16 46.99 50.47
C VAL FA 46 15.27 45.93 50.51
N THR FA 47 16.37 46.23 51.20
CA THR FA 47 17.51 45.30 51.19
C THR FA 47 17.16 43.98 51.85
N GLY FA 48 16.23 43.98 52.80
CA GLY FA 48 15.84 42.76 53.48
C GLY FA 48 16.72 42.35 54.64
N LYS FA 49 17.79 43.09 54.91
CA LYS FA 49 18.65 42.78 56.04
C LYS FA 49 17.89 43.02 57.35
N ARG FA 50 18.28 42.29 58.38
CA ARG FA 50 17.60 42.40 59.66
C ARG FA 50 17.91 43.72 60.33
N ILE FA 51 16.96 44.20 61.13
CA ILE FA 51 17.13 45.40 61.94
C ILE FA 51 17.81 44.98 63.24
N GLN FA 52 18.97 45.56 63.51
CA GLN FA 52 19.75 45.19 64.68
C GLN FA 52 19.06 45.64 65.96
N GLY FA 53 19.33 44.90 67.03
CA GLY FA 53 18.87 45.28 68.36
C GLY FA 53 17.49 44.83 68.75
N ILE FA 54 16.81 44.05 67.91
CA ILE FA 54 15.45 43.60 68.17
C ILE FA 54 15.45 42.07 68.09
N PRO FA 55 14.92 41.37 69.10
CA PRO FA 55 14.91 39.90 69.04
C PRO FA 55 13.88 39.39 68.03
N HIS FA 56 14.08 38.14 67.62
CA HIS FA 56 13.21 37.48 66.65
C HIS FA 56 12.16 36.69 67.41
N LEU FA 57 10.90 37.11 67.32
CA LEU FA 57 9.82 36.55 68.10
C LEU FA 57 8.56 36.46 67.24
N ARG FA 58 7.61 35.63 67.69
CA ARG FA 58 6.32 35.59 67.03
C ARG FA 58 5.62 36.93 67.23
N PRO FA 59 4.70 37.30 66.33
CA PRO FA 59 4.08 38.64 66.44
C PRO FA 59 3.44 38.91 67.80
N ALA FA 60 2.78 37.92 68.39
CA ALA FA 60 2.14 38.13 69.68
C ALA FA 60 3.13 38.32 70.80
N GLU FA 61 4.36 37.81 70.65
CA GLU FA 61 5.39 37.96 71.67
C GLU FA 61 5.99 39.36 71.69
N TYR FA 62 5.72 40.20 70.70
CA TYR FA 62 6.14 41.59 70.71
C TYR FA 62 5.15 42.50 71.44
N LYS FA 63 4.04 41.96 71.91
CA LYS FA 63 3.02 42.79 72.55
C LYS FA 63 3.62 43.56 73.72
N ARG FA 64 3.24 44.83 73.83
CA ARG FA 64 3.85 45.70 74.84
C ARG FA 64 3.75 45.10 76.23
N SER FA 65 2.62 44.46 76.55
CA SER FA 65 2.46 43.87 77.87
C SER FA 65 3.41 42.71 78.12
N ARG FA 66 3.95 42.10 77.06
CA ARG FA 66 4.78 40.92 77.20
C ARG FA 66 6.26 41.17 76.93
N LEU FA 67 6.63 42.35 76.44
CA LEU FA 67 8.02 42.63 76.09
C LEU FA 67 8.38 44.04 76.55
N SER FA 68 9.56 44.17 77.16
CA SER FA 68 10.00 45.47 77.64
C SER FA 68 10.24 46.42 76.46
N ARG FA 69 10.07 47.71 76.74
CA ARG FA 69 10.13 48.71 75.67
C ARG FA 69 11.50 48.75 75.02
N ASN FA 70 12.57 48.62 75.80
CA ASN FA 70 13.91 48.72 75.26
C ASN FA 70 14.21 47.63 74.23
N ARG FA 71 13.54 46.48 74.32
CA ARG FA 71 13.82 45.37 73.42
C ARG FA 71 13.11 45.50 72.07
N ARG FA 72 12.16 46.42 71.93
CA ARG FA 72 11.40 46.58 70.70
C ARG FA 72 11.55 47.99 70.12
N THR FA 73 12.66 48.65 70.42
CA THR FA 73 12.90 50.00 69.90
C THR FA 73 14.39 50.19 69.71
N VAL FA 74 14.73 51.14 68.84
CA VAL FA 74 16.11 51.58 68.63
C VAL FA 74 16.13 53.10 68.74
N ASN FA 75 17.06 53.62 69.55
CA ASN FA 75 17.13 55.05 69.84
C ASN FA 75 17.78 55.77 68.67
N ARG FA 76 16.97 56.01 67.64
CA ARG FA 76 17.40 56.75 66.45
C ARG FA 76 16.18 56.99 65.58
N ALA FA 77 16.25 58.03 64.77
CA ALA FA 77 15.17 58.32 63.82
C ALA FA 77 14.96 57.11 62.91
N TYR FA 78 13.70 56.74 62.72
CA TYR FA 78 13.33 55.53 61.97
C TYR FA 78 13.90 54.27 62.64
N GLY FA 79 14.13 54.34 63.94
CA GLY FA 79 14.66 53.20 64.68
C GLY FA 79 13.72 52.01 64.66
N GLY FA 80 14.24 50.85 64.30
CA GLY FA 80 13.43 49.66 64.16
C GLY FA 80 12.76 49.51 62.81
N VAL FA 81 12.85 50.52 61.95
CA VAL FA 81 12.27 50.48 60.61
C VAL FA 81 13.34 50.54 59.53
N LEU FA 82 14.33 51.41 59.70
CA LEU FA 82 15.44 51.55 58.78
C LEU FA 82 16.76 51.31 59.51
N SER FA 83 17.69 50.70 58.80
CA SER FA 83 19.03 50.50 59.35
C SER FA 83 19.74 51.85 59.49
N GLY FA 84 20.88 51.82 60.20
CA GLY FA 84 21.65 53.04 60.35
C GLY FA 84 22.16 53.56 59.03
N SER FA 85 22.63 52.66 58.16
CA SER FA 85 23.11 53.08 56.85
C SER FA 85 22.00 53.71 56.02
N ALA FA 86 20.81 53.12 56.05
CA ALA FA 86 19.70 53.68 55.29
C ALA FA 86 19.32 55.06 55.80
N VAL FA 87 19.30 55.25 57.11
CA VAL FA 87 18.99 56.56 57.67
C VAL FA 87 20.04 57.58 57.24
N ARG FA 88 21.31 57.19 57.28
CA ARG FA 88 22.37 58.09 56.84
C ARG FA 88 22.19 58.49 55.38
N GLU FA 89 21.85 57.51 54.52
CA GLU FA 89 21.66 57.81 53.11
C GLU FA 89 20.52 58.81 52.91
N ARG FA 90 19.42 58.65 53.64
CA ARG FA 90 18.28 59.54 53.48
C ARG FA 90 18.60 60.96 53.95
N ILE FA 91 19.32 61.08 55.07
CA ILE FA 91 19.63 62.41 55.60
C ILE FA 91 20.49 63.18 54.61
N ILE FA 92 21.53 62.53 54.07
CA ILE FA 92 22.39 63.20 53.10
C ILE FA 92 21.60 63.54 51.84
N ARG FA 93 20.76 62.62 51.38
CA ARG FA 93 19.96 62.88 50.20
C ARG FA 93 19.01 64.05 50.41
N ALA FA 94 18.36 64.10 51.58
CA ALA FA 94 17.44 65.20 51.86
C ALA FA 94 18.16 66.54 51.87
N PHE FA 95 19.34 66.59 52.49
CA PHE FA 95 20.07 67.85 52.56
C PHE FA 95 20.60 68.26 51.19
N LEU FA 96 21.25 67.34 50.48
CA LEU FA 96 21.84 67.69 49.19
C LEU FA 96 20.79 68.07 48.16
N VAL FA 97 19.68 67.32 48.12
CA VAL FA 97 18.62 67.63 47.15
C VAL FA 97 18.01 68.99 47.45
N GLU FA 98 17.79 69.29 48.74
CA GLU FA 98 17.25 70.59 49.10
C GLU FA 98 18.22 71.72 48.73
N GLU FA 99 19.52 71.49 48.93
CA GLU FA 99 20.50 72.50 48.55
C GLU FA 99 20.47 72.75 47.05
N GLN FA 100 20.35 71.68 46.26
CA GLN FA 100 20.30 71.84 44.80
C GLN FA 100 19.09 72.65 44.37
N LYS FA 101 17.95 72.51 45.06
CA LYS FA 101 16.79 73.30 44.73
C LYS FA 101 17.06 74.79 44.93
N ILE FA 102 17.80 75.13 45.99
CA ILE FA 102 18.15 76.53 46.22
C ILE FA 102 19.01 77.05 45.08
N VAL FA 103 19.96 76.24 44.61
CA VAL FA 103 20.79 76.64 43.49
C VAL FA 103 19.95 76.86 42.24
N LYS FA 104 19.02 75.95 41.97
CA LYS FA 104 18.14 76.12 40.81
C LYS FA 104 17.30 77.39 40.94
N LYS FA 105 16.76 77.64 42.13
CA LYS FA 105 15.93 78.83 42.33
C LYS FA 105 16.74 80.10 42.08
N VAL FA 106 17.94 80.19 42.66
CA VAL FA 106 18.77 81.37 42.48
C VAL FA 106 19.22 81.51 41.04
N LEU FA 107 19.51 80.38 40.38
CA LEU FA 107 20.03 80.42 39.03
C LEU FA 107 19.02 81.05 38.07
N LYS FA 108 17.74 80.72 38.22
CA LYS FA 108 16.73 81.26 37.32
C LYS FA 108 16.41 82.72 37.60
N ILE FA 109 16.67 83.21 38.82
CA ILE FA 109 16.45 84.61 39.11
C ILE FA 109 17.43 85.48 38.32
N GLN FA 110 18.68 85.03 38.20
CA GLN FA 110 19.67 85.79 37.43
C GLN FA 110 19.28 85.86 35.97
N LYS FA 111 18.76 84.76 35.40
CA LYS FA 111 18.33 84.76 34.02
C LYS FA 111 17.00 85.49 33.84
N ALA FA 112 16.16 85.52 34.87
CA ALA FA 112 14.87 86.19 34.76
C ALA FA 112 15.04 87.68 34.53
N LYS FA 113 15.98 88.30 35.24
CA LYS FA 113 16.20 89.74 35.10
C LYS FA 113 16.82 90.12 33.77
N GLU FA 114 17.29 89.15 32.99
CA GLU FA 114 17.92 89.44 31.70
C GLU FA 114 16.87 89.98 30.74
N LYS FA 115 16.90 91.30 30.50
CA LYS FA 115 15.95 91.94 29.61
C LYS FA 115 16.28 93.43 29.46
N ALA GA 2 -55.14 19.62 105.84
CA ALA GA 2 -54.39 18.46 105.35
C ALA GA 2 -53.68 18.78 104.04
N ARG GA 3 -54.40 18.67 102.94
CA ARG GA 3 -53.86 18.97 101.62
C ARG GA 3 -54.24 20.38 101.20
N ILE GA 4 -53.76 20.78 100.02
CA ILE GA 4 -54.00 22.12 99.51
C ILE GA 4 -55.37 22.17 98.86
N LYS GA 5 -56.17 23.17 99.21
CA LYS GA 5 -57.47 23.41 98.62
C LYS GA 5 -57.41 24.70 97.81
N VAL GA 6 -57.82 24.61 96.54
CA VAL GA 6 -57.63 25.74 95.62
C VAL GA 6 -58.46 26.93 96.07
N HIS GA 7 -59.71 26.69 96.48
CA HIS GA 7 -60.57 27.81 96.87
C HIS GA 7 -60.00 28.56 98.06
N GLU GA 8 -59.21 27.89 98.90
CA GLU GA 8 -58.55 28.58 100.00
C GLU GA 8 -57.37 29.43 99.50
N LEU GA 9 -56.69 28.98 98.46
CA LEU GA 9 -55.57 29.74 97.92
C LEU GA 9 -56.03 31.09 97.37
N ARG GA 10 -57.19 31.10 96.71
CA ARG GA 10 -57.66 32.33 96.08
C ARG GA 10 -57.96 33.42 97.10
N ASN GA 11 -58.15 33.07 98.37
CA ASN GA 11 -58.39 34.05 99.42
C ASN GA 11 -57.10 34.61 100.01
N LYS GA 12 -55.95 34.03 99.68
CA LYS GA 12 -54.68 34.50 100.20
C LYS GA 12 -54.19 35.70 99.40
N SER GA 13 -53.29 36.48 100.02
CA SER GA 13 -52.69 37.62 99.36
C SER GA 13 -51.55 37.16 98.45
N LYS GA 14 -51.07 38.10 97.63
CA LYS GA 14 -50.02 37.77 96.67
C LYS GA 14 -48.74 37.34 97.39
N THR GA 15 -48.38 38.03 98.48
CA THR GA 15 -47.17 37.68 99.21
C THR GA 15 -47.27 36.28 99.81
N GLU GA 16 -48.44 35.93 100.36
CA GLU GA 16 -48.60 34.62 100.98
C GLU GA 16 -48.42 33.50 99.96
N LEU GA 17 -48.97 33.67 98.76
CA LEU GA 17 -48.81 32.63 97.74
C LEU GA 17 -47.34 32.41 97.40
N LEU GA 18 -46.57 33.49 97.24
CA LEU GA 18 -45.15 33.35 96.98
C LEU GA 18 -44.43 32.65 98.13
N ALA GA 19 -44.78 33.01 99.37
CA ALA GA 19 -44.19 32.36 100.52
C ALA GA 19 -44.51 30.88 100.55
N GLN GA 20 -45.77 30.52 100.31
CA GLN GA 20 -46.14 29.12 100.26
C GLN GA 20 -45.46 28.41 99.10
N LEU GA 21 -45.36 29.08 97.95
CA LEU GA 21 -44.66 28.48 96.81
C LEU GA 21 -43.20 28.21 97.15
N LYS GA 22 -42.56 29.13 97.88
CA LYS GA 22 -41.17 28.94 98.27
C LYS GA 22 -41.03 27.70 99.17
N ASP GA 23 -41.96 27.52 100.11
CA ASP GA 23 -41.91 26.37 101.00
C ASP GA 23 -42.11 25.07 100.23
N LEU GA 24 -43.05 25.05 99.29
CA LEU GA 24 -43.33 23.83 98.55
C LEU GA 24 -42.12 23.38 97.73
N LYS GA 25 -41.44 24.33 97.09
CA LYS GA 25 -40.26 23.96 96.29
C LYS GA 25 -39.16 23.42 97.18
N ALA GA 26 -38.95 24.02 98.36
CA ALA GA 26 -37.96 23.51 99.28
C ALA GA 26 -38.32 22.10 99.75
N GLU GA 27 -39.60 21.85 100.02
CA GLU GA 27 -40.04 20.52 100.41
C GLU GA 27 -39.80 19.52 99.30
N LEU GA 28 -40.08 19.90 98.05
CA LEU GA 28 -39.85 18.99 96.93
C LEU GA 28 -38.37 18.69 96.75
N ALA GA 29 -37.50 19.65 97.07
CA ALA GA 29 -36.07 19.41 96.96
C ALA GA 29 -35.63 18.30 97.91
N LEU GA 30 -36.15 18.30 99.15
CA LEU GA 30 -35.81 17.24 100.09
C LEU GA 30 -36.28 15.88 99.59
N LEU GA 31 -37.49 15.83 99.01
CA LEU GA 31 -37.99 14.56 98.50
C LEU GA 31 -37.12 14.03 97.36
N ARG GA 32 -36.61 14.93 96.52
CA ARG GA 32 -35.69 14.50 95.46
C ARG GA 32 -34.43 13.89 96.05
N VAL GA 33 -33.91 14.47 97.13
CA VAL GA 33 -32.75 13.90 97.80
C VAL GA 33 -33.09 12.51 98.34
N ALA GA 34 -34.27 12.36 98.95
CA ALA GA 34 -34.68 11.07 99.47
C ALA GA 34 -34.82 10.04 98.36
N LYS GA 35 -35.20 10.47 97.16
CA LYS GA 35 -35.38 9.53 96.05
C LYS GA 35 -34.06 8.89 95.63
N VAL GA 36 -32.95 9.62 95.77
CA VAL GA 36 -31.63 9.10 95.39
C VAL GA 36 -30.89 8.49 96.57
N THR GA 37 -31.32 8.72 97.80
CA THR GA 37 -30.70 8.15 98.99
C THR GA 37 -31.47 6.96 99.53
N GLY GA 38 -32.22 6.27 98.68
CA GLY GA 38 -32.98 5.11 99.11
C GLY GA 38 -34.06 5.45 100.12
N GLY GA 39 -34.83 6.50 99.86
CA GLY GA 39 -35.88 6.89 100.77
C GLY GA 39 -36.98 5.86 100.84
N ALA GA 40 -37.77 5.96 101.92
CA ALA GA 40 -38.82 4.98 102.16
C ALA GA 40 -39.89 5.09 101.07
N PRO GA 41 -40.55 3.98 100.72
CA PRO GA 41 -41.57 4.05 99.66
C PRO GA 41 -42.68 5.05 99.97
N ASN GA 42 -43.06 5.20 101.24
CA ASN GA 42 -44.10 6.15 101.58
C ASN GA 42 -43.66 7.57 101.25
N LYS GA 43 -42.40 7.90 101.50
CA LYS GA 43 -41.90 9.24 101.22
C LYS GA 43 -41.80 9.50 99.72
N LEU GA 44 -41.57 8.46 98.93
CA LEU GA 44 -41.52 8.62 97.48
C LEU GA 44 -42.89 8.91 96.89
N SER GA 45 -43.96 8.48 97.57
CA SER GA 45 -45.31 8.79 97.10
C SER GA 45 -45.68 10.25 97.35
N LYS GA 46 -44.95 10.93 98.24
CA LYS GA 46 -45.23 12.32 98.54
C LYS GA 46 -44.76 13.26 97.43
N ILE GA 47 -43.88 12.80 96.54
CA ILE GA 47 -43.41 13.64 95.45
C ILE GA 47 -44.57 14.05 94.56
N LYS GA 48 -45.46 13.10 94.24
CA LYS GA 48 -46.61 13.41 93.40
C LYS GA 48 -47.50 14.46 94.06
N VAL GA 49 -47.72 14.34 95.37
CA VAL GA 49 -48.59 15.28 96.07
C VAL GA 49 -47.99 16.69 96.04
N VAL GA 50 -46.69 16.79 96.31
CA VAL GA 50 -46.04 18.10 96.35
C VAL GA 50 -45.99 18.73 94.97
N ARG GA 51 -45.76 17.91 93.94
CA ARG GA 51 -45.77 18.44 92.57
C ARG GA 51 -47.13 19.02 92.22
N LEU GA 52 -48.20 18.35 92.64
CA LEU GA 52 -49.54 18.89 92.41
C LEU GA 52 -49.73 20.22 93.14
N SER GA 53 -49.23 20.33 94.37
CA SER GA 53 -49.39 21.55 95.14
C SER GA 53 -48.69 22.73 94.46
N ILE GA 54 -47.47 22.51 93.97
CA ILE GA 54 -46.74 23.59 93.32
C ILE GA 54 -47.49 24.08 92.09
N ALA GA 55 -48.01 23.16 91.28
CA ALA GA 55 -48.75 23.55 90.10
C ALA GA 55 -50.00 24.34 90.47
N GLN GA 56 -50.70 23.91 91.53
CA GLN GA 56 -51.91 24.62 91.95
C GLN GA 56 -51.59 26.05 92.39
N VAL GA 57 -50.53 26.23 93.15
CA VAL GA 57 -50.16 27.58 93.60
C VAL GA 57 -49.78 28.45 92.42
N LEU GA 58 -48.99 27.91 91.49
CA LEU GA 58 -48.61 28.68 90.31
C LEU GA 58 -49.83 29.04 89.47
N THR GA 59 -50.78 28.11 89.34
CA THR GA 59 -51.99 28.37 88.57
C THR GA 59 -52.77 29.53 89.17
N VAL GA 60 -52.93 29.54 90.50
CA VAL GA 60 -53.67 30.61 91.14
C VAL GA 60 -52.96 31.94 90.96
N ILE GA 61 -51.64 31.94 91.09
CA ILE GA 61 -50.87 33.18 90.92
C ILE GA 61 -51.04 33.71 89.50
N SER GA 62 -50.90 32.83 88.50
CA SER GA 62 -51.02 33.27 87.11
C SER GA 62 -52.42 33.76 86.80
N GLN GA 63 -53.44 33.07 87.29
CA GLN GA 63 -54.82 33.48 87.02
C GLN GA 63 -55.10 34.85 87.61
N LYS GA 64 -54.66 35.09 88.85
CA LYS GA 64 -54.87 36.41 89.46
C LYS GA 64 -54.11 37.49 88.68
N GLN GA 65 -52.87 37.21 88.29
CA GLN GA 65 -52.10 38.20 87.55
C GLN GA 65 -52.75 38.53 86.22
N LYS GA 66 -53.21 37.52 85.48
CA LYS GA 66 -53.87 37.77 84.21
C LYS GA 66 -55.17 38.53 84.41
N ALA GA 67 -55.94 38.18 85.44
CA ALA GA 67 -57.21 38.86 85.66
C ALA GA 67 -56.99 40.34 85.97
N ALA GA 68 -56.00 40.66 86.79
CA ALA GA 68 -55.72 42.06 87.10
C ALA GA 68 -55.29 42.83 85.86
N LEU GA 69 -54.44 42.21 85.02
CA LEU GA 69 -53.99 42.88 83.81
C LEU GA 69 -55.15 43.17 82.86
N ARG GA 70 -56.06 42.21 82.70
CA ARG GA 70 -57.21 42.44 81.83
C ARG GA 70 -58.07 43.58 82.32
N GLU GA 71 -58.15 43.77 83.65
CA GLU GA 71 -58.91 44.89 84.19
C GLU GA 71 -58.21 46.22 83.94
N VAL GA 72 -56.87 46.22 83.98
CA VAL GA 72 -56.12 47.47 83.75
C VAL GA 72 -56.34 47.96 82.33
N TYR GA 73 -56.30 47.05 81.35
CA TYR GA 73 -56.44 47.40 79.95
C TYR GA 73 -57.89 47.40 79.47
N LYS GA 74 -58.84 47.18 80.38
CA LYS GA 74 -60.25 47.27 80.00
C LYS GA 74 -60.57 48.69 79.54
N ASN GA 75 -61.29 48.78 78.43
CA ASN GA 75 -61.71 50.04 77.81
C ASN GA 75 -60.56 50.80 77.17
N LYS GA 76 -59.39 50.18 77.02
CA LYS GA 76 -58.30 50.78 76.27
C LYS GA 76 -58.37 50.34 74.81
N LYS GA 77 -57.87 51.20 73.92
CA LYS GA 77 -57.94 50.90 72.50
C LYS GA 77 -56.98 49.78 72.12
N TYR GA 78 -55.74 49.83 72.62
CA TYR GA 78 -54.72 48.86 72.26
C TYR GA 78 -54.37 48.01 73.47
N LEU GA 79 -54.43 46.69 73.29
CA LEU GA 79 -54.14 45.73 74.34
C LEU GA 79 -52.92 44.90 73.97
N PRO GA 80 -52.20 44.36 74.96
CA PRO GA 80 -51.10 43.45 74.64
C PRO GA 80 -51.61 42.23 73.88
N LEU GA 81 -50.78 41.75 72.94
CA LEU GA 81 -51.21 40.67 72.06
C LEU GA 81 -51.67 39.44 72.83
N ASP GA 82 -51.04 39.17 73.97
CA ASP GA 82 -51.42 37.99 74.75
C ASP GA 82 -52.82 38.11 75.32
N LEU GA 83 -53.29 39.33 75.59
CA LEU GA 83 -54.62 39.55 76.15
C LEU GA 83 -55.69 39.75 75.09
N ARG GA 84 -55.31 39.90 73.82
CA ARG GA 84 -56.32 40.06 72.78
C ARG GA 84 -56.97 38.71 72.47
N PRO GA 85 -58.20 38.71 71.98
CA PRO GA 85 -58.86 37.45 71.64
C PRO GA 85 -58.06 36.67 70.60
N LYS GA 86 -58.00 35.35 70.78
CA LYS GA 86 -57.27 34.50 69.85
C LYS GA 86 -58.11 34.16 68.63
N LYS GA 87 -59.23 33.46 68.84
CA LYS GA 87 -60.11 32.99 67.77
C LYS GA 87 -59.24 32.33 66.70
N THR GA 88 -59.34 32.74 65.43
CA THR GA 88 -58.48 32.23 64.38
C THR GA 88 -57.94 33.41 63.58
N ARG GA 89 -56.90 33.14 62.79
CA ARG GA 89 -56.33 34.19 61.95
C ARG GA 89 -57.38 34.76 61.01
N ALA GA 90 -58.12 33.88 60.33
CA ALA GA 90 -59.11 34.35 59.37
C ALA GA 90 -60.21 35.19 60.05
N ILE GA 91 -60.67 34.75 61.22
CA ILE GA 91 -61.74 35.47 61.90
C ILE GA 91 -61.28 36.87 62.31
N ARG GA 92 -60.01 37.00 62.71
CA ARG GA 92 -59.53 38.31 63.15
C ARG GA 92 -59.42 39.30 62.01
N LYS GA 93 -59.15 38.83 60.79
CA LYS GA 93 -59.03 39.71 59.63
C LYS GA 93 -60.38 40.10 59.04
N ARG GA 94 -61.48 39.52 59.52
CA ARG GA 94 -62.78 39.77 58.93
C ARG GA 94 -63.22 41.22 59.14
N LEU GA 95 -64.02 41.72 58.21
CA LEU GA 95 -64.70 42.99 58.41
C LEU GA 95 -65.66 42.88 59.58
N THR GA 96 -65.78 43.97 60.35
CA THR GA 96 -66.70 43.97 61.47
C THR GA 96 -68.14 43.81 60.98
N LYS GA 97 -69.04 43.57 61.94
CA LYS GA 97 -70.44 43.39 61.58
C LYS GA 97 -71.01 44.63 60.91
N HIS GA 98 -70.68 45.81 61.44
CA HIS GA 98 -71.15 47.05 60.85
C HIS GA 98 -70.59 47.25 59.43
N GLN GA 99 -69.30 46.95 59.25
CA GLN GA 99 -68.68 47.15 57.94
C GLN GA 99 -69.30 46.25 56.88
N SER GA 100 -69.57 44.99 57.24
CA SER GA 100 -70.13 44.06 56.26
C SER GA 100 -71.52 44.49 55.79
N SER GA 101 -72.24 45.26 56.61
CA SER GA 101 -73.60 45.68 56.28
C SER GA 101 -73.67 47.06 55.66
N LEU GA 102 -72.52 47.70 55.38
CA LEU GA 102 -72.53 49.03 54.78
C LEU GA 102 -73.05 48.95 53.36
N LYS GA 103 -73.83 49.95 52.97
CA LYS GA 103 -74.43 50.01 51.64
C LYS GA 103 -74.47 51.46 51.17
N THR GA 104 -74.60 51.63 49.87
CA THR GA 104 -74.68 52.97 49.30
C THR GA 104 -76.02 53.61 49.63
N GLU GA 105 -76.10 54.93 49.42
CA GLU GA 105 -77.31 55.66 49.77
C GLU GA 105 -78.50 55.16 48.96
N ARG GA 106 -78.32 54.90 47.67
CA ARG GA 106 -79.43 54.41 46.86
C ARG GA 106 -79.93 53.06 47.35
N GLU GA 107 -79.00 52.18 47.74
CA GLU GA 107 -79.41 50.89 48.29
C GLU GA 107 -80.20 51.08 49.58
N LYS GA 108 -79.80 52.02 50.44
CA LYS GA 108 -80.57 52.30 51.64
C LYS GA 108 -81.97 52.78 51.29
N LYS GA 109 -82.09 53.66 50.29
CA LYS GA 109 -83.40 54.19 49.93
C LYS GA 109 -84.28 53.10 49.34
N LYS GA 110 -83.70 52.16 48.59
CA LYS GA 110 -84.50 51.07 48.04
C LYS GA 110 -85.12 50.23 49.14
N GLU GA 111 -84.35 49.96 50.20
CA GLU GA 111 -84.89 49.18 51.32
C GLU GA 111 -86.07 49.90 51.97
N MET GA 112 -85.95 51.21 52.16
CA MET GA 112 -87.03 51.96 52.80
C MET GA 112 -88.22 52.14 51.87
N TYR GA 113 -87.97 52.52 50.61
CA TYR GA 113 -89.06 52.81 49.70
C TYR GA 113 -89.80 51.55 49.26
N PHE GA 114 -89.06 50.53 48.87
CA PHE GA 114 -89.64 49.32 48.26
C PHE GA 114 -89.07 48.07 48.92
N PRO GA 115 -89.38 47.85 50.19
CA PRO GA 115 -89.01 46.60 50.84
C PRO GA 115 -89.93 45.46 50.42
N LEU GA 116 -89.47 44.23 50.65
CA LEU GA 116 -90.31 43.07 50.41
C LEU GA 116 -91.58 43.18 51.25
N ARG GA 117 -92.72 42.96 50.62
CA ARG GA 117 -94.01 43.09 51.29
C ARG GA 117 -94.58 41.72 51.64
N LYS GA 118 -95.36 41.69 52.70
CA LYS GA 118 -96.08 40.48 53.10
C LYS GA 118 -97.41 40.42 52.35
N TYR GA 119 -97.65 39.31 51.67
CA TYR GA 119 -98.84 39.18 50.83
C TYR GA 119 -99.22 37.71 50.73
N ALA GA 120 -100.45 37.48 50.30
CA ALA GA 120 -100.97 36.13 50.13
C ALA GA 120 -101.94 36.12 48.95
N ILE GA 121 -102.15 34.93 48.40
CA ILE GA 121 -103.04 34.73 47.26
C ILE GA 121 -104.34 34.09 47.77
N LYS GA 122 -105.47 34.73 47.47
CA LYS GA 122 -106.75 34.19 47.89
C LYS GA 122 -107.01 32.83 47.25
N VAL GA 123 -107.51 31.91 48.05
CA VAL GA 123 -107.83 30.57 47.56
C VAL GA 123 -109.18 30.58 46.84
N LYS HA 4 -91.86 45.55 5.46
CA LYS HA 4 -92.25 44.84 6.68
C LYS HA 4 -93.77 44.84 6.83
N GLN HA 5 -94.45 44.19 5.88
CA GLN HA 5 -95.90 44.13 5.87
C GLN HA 5 -96.39 43.12 6.91
N PRO HA 6 -97.67 43.18 7.27
CA PRO HA 6 -98.24 42.14 8.14
C PRO HA 6 -98.16 40.77 7.48
N ASN HA 7 -98.02 39.74 8.31
CA ASN HA 7 -97.90 38.38 7.79
C ASN HA 7 -99.15 37.99 7.01
N THR HA 8 -98.95 37.23 5.94
CA THR HA 8 -100.06 36.81 5.08
C THR HA 8 -100.88 35.68 5.69
N GLY HA 9 -100.35 35.00 6.69
CA GLY HA 9 -101.02 33.84 7.27
C GLY HA 9 -100.70 32.53 6.59
N ILE HA 10 -99.84 32.52 5.58
CA ILE HA 10 -99.43 31.29 4.91
C ILE HA 10 -98.02 30.96 5.38
N SER HA 11 -97.68 29.67 5.30
CA SER HA 11 -96.39 29.19 5.80
C SER HA 11 -95.25 29.37 4.81
N VAL HA 12 -95.55 29.74 3.56
CA VAL HA 12 -94.53 29.95 2.54
C VAL HA 12 -94.78 31.30 1.86
N GLY HA 13 -93.84 31.69 1.01
CA GLY HA 13 -93.97 32.91 0.26
C GLY HA 13 -93.47 34.13 1.01
N LEU HA 14 -93.59 35.27 0.34
CA LEU HA 14 -93.20 36.53 0.94
C LEU HA 14 -94.15 36.91 2.07
N ASN HA 15 -93.60 37.51 3.12
CA ASN HA 15 -94.38 37.93 4.28
C ASN HA 15 -95.13 36.76 4.92
N LYS HA 16 -94.51 35.58 4.91
CA LYS HA 16 -95.12 34.41 5.51
C LYS HA 16 -95.12 34.53 7.03
N GLY HA 17 -96.04 33.79 7.66
CA GLY HA 17 -96.07 33.71 9.11
C GLY HA 17 -97.46 33.78 9.71
N HIS HA 18 -97.55 33.49 11.00
CA HIS HA 18 -98.82 33.53 11.71
C HIS HA 18 -99.36 34.95 11.73
N VAL HA 19 -100.66 35.09 11.50
CA VAL HA 19 -101.28 36.42 11.48
C VAL HA 19 -101.29 36.98 12.88
N VAL HA 20 -100.80 38.22 13.03
CA VAL HA 20 -100.71 38.87 14.33
C VAL HA 20 -100.71 40.36 14.10
N THR HA 21 -101.24 41.11 15.07
CA THR HA 21 -101.29 42.57 14.99
C THR HA 21 -99.96 43.12 15.45
N LYS HA 22 -99.13 43.53 14.50
CA LYS HA 22 -97.82 44.07 14.83
C LYS HA 22 -97.94 45.50 15.35
N LYS HA 23 -97.06 45.83 16.30
CA LYS HA 23 -96.99 47.18 16.86
C LYS HA 23 -95.54 47.59 16.96
N GLU HA 24 -95.31 48.91 16.91
CA GLU HA 24 -93.97 49.45 17.04
C GLU HA 24 -93.45 49.21 18.46
N LEU HA 25 -92.16 48.85 18.55
CA LEU HA 25 -91.55 48.67 19.86
C LEU HA 25 -91.52 50.00 20.61
N ALA HA 26 -91.73 49.93 21.93
CA ALA HA 26 -91.73 51.13 22.73
C ALA HA 26 -90.35 51.79 22.69
N PRO HA 27 -90.28 53.12 22.70
CA PRO HA 27 -88.96 53.77 22.68
C PRO HA 27 -88.13 53.39 23.90
N ARG HA 28 -86.83 53.26 23.68
CA ARG HA 28 -85.90 52.87 24.72
C ARG HA 28 -84.77 53.90 24.83
N PRO HA 29 -84.19 54.06 26.02
CA PRO HA 29 -83.03 54.97 26.12
C PRO HA 29 -81.88 54.57 25.23
N SER HA 30 -81.68 53.28 24.99
CA SER HA 30 -80.57 52.82 24.16
C SER HA 30 -80.76 53.14 22.69
N ASP HA 31 -81.95 53.62 22.29
CA ASP HA 31 -82.16 53.98 20.90
C ASP HA 31 -81.20 55.07 20.44
N ARG HA 32 -80.81 55.97 21.35
CA ARG HA 32 -79.87 57.04 21.02
C ARG HA 32 -78.42 56.66 21.30
N LYS HA 33 -78.11 55.36 21.32
CA LYS HA 33 -76.73 54.93 21.41
C LYS HA 33 -75.97 55.41 20.18
N GLY HA 34 -74.73 55.87 20.39
CA GLY HA 34 -73.95 56.48 19.34
C GLY HA 34 -74.14 57.97 19.19
N LYS HA 35 -75.06 58.55 19.94
CA LYS HA 35 -75.26 60.00 19.97
C LYS HA 35 -74.75 60.54 21.30
N THR HA 36 -73.97 61.61 21.25
CA THR HA 36 -73.42 62.25 22.44
C THR HA 36 -74.06 63.62 22.63
N SER HA 37 -73.77 64.21 23.79
CA SER HA 37 -74.28 65.54 24.09
C SER HA 37 -73.53 66.60 23.29
N LYS HA 38 -74.07 67.82 23.31
CA LYS HA 38 -73.40 68.93 22.63
C LYS HA 38 -72.04 69.21 23.24
N ARG HA 39 -71.90 69.03 24.56
CA ARG HA 39 -70.62 69.28 25.20
C ARG HA 39 -69.54 68.34 24.68
N ILE HA 40 -69.88 67.06 24.51
CA ILE HA 40 -68.89 66.09 24.05
C ILE HA 40 -68.38 66.47 22.67
N HIS HA 41 -69.28 66.88 21.77
CA HIS HA 41 -68.86 67.35 20.46
C HIS HA 41 -67.97 68.58 20.60
N PHE HA 42 -68.33 69.49 21.51
CA PHE HA 42 -67.50 70.67 21.75
C PHE HA 42 -66.12 70.29 22.26
N VAL HA 43 -66.04 69.32 23.19
CA VAL HA 43 -64.75 68.93 23.74
C VAL HA 43 -63.89 68.29 22.66
N ARG HA 44 -64.47 67.39 21.87
CA ARG HA 44 -63.70 66.70 20.84
C ARG HA 44 -63.22 67.67 19.77
N SER HA 45 -64.04 68.66 19.42
CA SER HA 45 -63.62 69.66 18.45
C SER HA 45 -62.44 70.47 18.97
N LEU HA 46 -62.47 70.87 20.23
CA LEU HA 46 -61.37 71.66 20.79
C LEU HA 46 -60.09 70.84 20.82
N ILE HA 47 -60.16 69.58 21.25
CA ILE HA 47 -58.97 68.76 21.35
C ILE HA 47 -58.35 68.53 19.97
N ARG HA 48 -59.18 68.41 18.94
CA ARG HA 48 -58.65 68.27 17.59
C ARG HA 48 -57.77 69.45 17.22
N GLU HA 49 -58.19 70.67 17.59
CA GLU HA 49 -57.36 71.84 17.33
C GLU HA 49 -56.04 71.76 18.07
N VAL HA 50 -56.06 71.35 19.34
CA VAL HA 50 -54.84 71.26 20.13
C VAL HA 50 -53.95 70.12 19.65
N ALA HA 51 -54.55 68.95 19.42
CA ALA HA 51 -53.76 67.78 19.08
C ALA HA 51 -53.31 67.79 17.63
N GLY HA 52 -54.16 68.25 16.72
CA GLY HA 52 -53.87 68.18 15.30
C GLY HA 52 -54.27 66.84 14.71
N PHE HA 53 -53.61 66.50 13.61
CA PHE HA 53 -53.89 65.27 12.88
C PHE HA 53 -52.69 64.33 12.93
N ALA HA 54 -52.98 63.04 12.82
CA ALA HA 54 -51.94 62.02 12.87
C ALA HA 54 -51.17 61.95 11.56
N PRO HA 55 -49.97 61.36 11.57
CA PRO HA 55 -49.16 61.32 10.34
C PRO HA 55 -49.86 60.66 9.17
N TYR HA 56 -50.60 59.58 9.40
CA TYR HA 56 -51.27 58.90 8.29
C TYR HA 56 -52.46 59.70 7.79
N GLU HA 57 -53.13 60.45 8.67
CA GLU HA 57 -54.21 61.32 8.23
C GLU HA 57 -53.67 62.43 7.33
N LYS HA 58 -52.48 62.94 7.64
CA LYS HA 58 -51.85 63.91 6.76
C LYS HA 58 -51.59 63.31 5.38
N ARG HA 59 -51.18 62.04 5.34
CA ARG HA 59 -50.97 61.39 4.05
C ARG HA 59 -52.26 61.28 3.25
N ILE HA 60 -53.38 61.00 3.92
CA ILE HA 60 -54.65 60.88 3.23
C ILE HA 60 -55.03 62.21 2.59
N THR HA 61 -54.94 63.30 3.35
CA THR HA 61 -55.36 64.59 2.82
C THR HA 61 -54.47 65.06 1.69
N GLU HA 62 -53.18 64.74 1.74
CA GLU HA 62 -52.28 65.10 0.64
C GLU HA 62 -52.72 64.41 -0.66
N LEU HA 63 -53.10 63.13 -0.57
CA LEU HA 63 -53.58 62.43 -1.77
C LEU HA 63 -54.87 63.07 -2.28
N LEU HA 64 -55.77 63.47 -1.38
CA LEU HA 64 -57.01 64.09 -1.81
C LEU HA 64 -56.77 65.43 -2.50
N LYS HA 65 -55.72 66.15 -2.13
CA LYS HA 65 -55.41 67.41 -2.80
C LYS HA 65 -55.03 67.19 -4.26
N VAL HA 66 -54.28 66.12 -4.55
CA VAL HA 66 -53.90 65.82 -5.92
C VAL HA 66 -54.96 65.01 -6.68
N GLY HA 67 -56.12 64.77 -6.06
CA GLY HA 67 -57.20 64.07 -6.72
C GLY HA 67 -57.06 62.56 -6.77
N LYS HA 68 -56.12 61.98 -6.02
CA LYS HA 68 -55.94 60.53 -5.99
C LYS HA 68 -56.88 59.93 -4.94
N ASP HA 69 -58.19 60.03 -5.23
CA ASP HA 69 -59.19 59.51 -4.30
C ASP HA 69 -59.05 58.00 -4.12
N LYS HA 70 -58.84 57.27 -5.22
CA LYS HA 70 -58.74 55.82 -5.11
C LYS HA 70 -57.55 55.41 -4.26
N ARG HA 71 -56.39 56.04 -4.48
CA ARG HA 71 -55.22 55.71 -3.68
C ARG HA 71 -55.41 56.12 -2.22
N ALA HA 72 -56.10 57.24 -1.97
CA ALA HA 72 -56.33 57.67 -0.61
C ALA HA 72 -57.14 56.63 0.17
N LEU HA 73 -58.17 56.07 -0.45
CA LEU HA 73 -58.98 55.04 0.21
C LEU HA 73 -58.15 53.79 0.50
N LYS HA 74 -57.31 53.37 -0.46
CA LYS HA 74 -56.50 52.18 -0.23
C LYS HA 74 -55.54 52.38 0.93
N VAL HA 75 -54.94 53.57 1.04
CA VAL HA 75 -54.08 53.86 2.17
C VAL HA 75 -54.89 53.82 3.47
N ALA HA 76 -56.10 54.36 3.44
CA ALA HA 76 -56.94 54.35 4.64
C ALA HA 76 -57.30 52.92 5.05
N LYS HA 77 -57.64 52.07 4.08
CA LYS HA 77 -57.99 50.70 4.42
C LYS HA 77 -56.80 49.93 4.96
N ARG HA 78 -55.62 50.14 4.39
CA ARG HA 78 -54.42 49.47 4.91
C ARG HA 78 -54.15 49.89 6.35
N LYS HA 79 -54.34 51.17 6.66
CA LYS HA 79 -54.10 51.66 8.02
C LYS HA 79 -55.21 51.23 8.97
N LEU HA 80 -56.44 51.66 8.69
CA LEU HA 80 -57.55 51.37 9.61
C LEU HA 80 -57.92 49.90 9.59
N GLY HA 81 -57.93 49.28 8.40
CA GLY HA 81 -58.14 47.84 8.31
C GLY HA 81 -59.38 47.42 7.55
N THR HA 82 -60.48 48.14 7.71
CA THR HA 82 -61.74 47.77 7.09
C THR HA 82 -62.16 48.82 6.06
N HIS HA 83 -62.86 48.36 5.02
CA HIS HA 83 -63.37 49.27 4.00
C HIS HA 83 -64.36 50.25 4.61
N LYS HA 84 -65.21 49.77 5.52
CA LYS HA 84 -66.22 50.64 6.13
C LYS HA 84 -65.57 51.81 6.87
N ARG HA 85 -64.54 51.52 7.67
CA ARG HA 85 -63.84 52.60 8.37
C ARG HA 85 -63.00 53.43 7.42
N ALA HA 86 -62.45 52.81 6.37
CA ALA HA 86 -61.58 53.53 5.45
C ALA HA 86 -62.34 54.64 4.72
N LYS HA 87 -63.53 54.32 4.20
CA LYS HA 87 -64.27 55.31 3.44
C LYS HA 87 -64.86 56.38 4.36
N LYS HA 88 -65.21 56.02 5.59
CA LYS HA 88 -65.65 57.03 6.55
C LYS HA 88 -64.51 57.99 6.89
N LYS HA 89 -63.30 57.44 7.05
CA LYS HA 89 -62.14 58.30 7.33
C LYS HA 89 -61.85 59.23 6.16
N ARG HA 90 -61.95 58.72 4.93
CA ARG HA 90 -61.68 59.55 3.76
C ARG HA 90 -62.66 60.71 3.67
N GLU HA 91 -63.94 60.45 3.96
CA GLU HA 91 -64.93 61.52 3.95
C GLU HA 91 -64.61 62.56 5.01
N GLU HA 92 -64.15 62.12 6.18
CA GLU HA 92 -63.76 63.07 7.22
C GLU HA 92 -62.64 63.98 6.75
N MET HA 93 -61.62 63.41 6.11
CA MET HA 93 -60.52 64.23 5.59
C MET HA 93 -61.01 65.17 4.49
N SER HA 94 -61.92 64.70 3.63
CA SER HA 94 -62.47 65.56 2.59
C SER HA 94 -63.22 66.74 3.20
N SER HA 95 -64.01 66.48 4.26
CA SER HA 95 -64.73 67.56 4.92
C SER HA 95 -63.76 68.58 5.50
N VAL HA 96 -62.68 68.12 6.14
CA VAL HA 96 -61.68 69.03 6.68
C VAL HA 96 -61.06 69.87 5.56
N LEU HA 97 -60.71 69.22 4.46
CA LEU HA 97 -60.11 69.94 3.33
C LEU HA 97 -61.13 70.83 2.64
N ARG HA 98 -62.39 70.37 2.57
CA ARG HA 98 -63.40 71.13 1.83
C ARG HA 98 -63.62 72.50 2.44
N LYS HA 99 -63.71 72.58 3.76
CA LYS HA 99 -63.91 73.85 4.45
C LYS HA 99 -62.61 74.57 4.76
N MET HA 100 -61.46 73.93 4.50
CA MET HA 100 -60.17 74.60 4.64
C MET HA 100 -59.80 75.41 3.40
N ARG HA 101 -60.04 74.84 2.21
CA ARG HA 101 -59.80 75.59 0.98
C ARG HA 101 -60.74 76.78 0.85
N ALA HA 102 -61.87 76.77 1.55
CA ALA HA 102 -62.82 77.88 1.53
C ALA HA 102 -62.52 78.92 2.60
N THR HA 103 -61.29 78.99 3.08
CA THR HA 103 -60.90 79.95 4.11
C THR HA 103 -59.52 80.52 3.81
N GLY IA 2 -11.08 -3.56 41.76
CA GLY IA 2 -11.07 -2.68 42.91
C GLY IA 2 -12.36 -1.90 43.09
N LYS IA 3 -13.21 -1.92 42.06
CA LYS IA 3 -14.46 -1.17 42.10
C LYS IA 3 -15.41 -1.69 43.17
N GLY IA 4 -15.24 -2.93 43.62
CA GLY IA 4 -16.16 -3.53 44.56
C GLY IA 4 -15.74 -3.38 46.01
N THR IA 5 -15.37 -4.50 46.63
CA THR IA 5 -15.12 -4.51 48.07
C THR IA 5 -14.08 -3.47 48.46
N GLY IA 6 -12.98 -3.38 47.71
CA GLY IA 6 -11.93 -2.44 48.06
C GLY IA 6 -12.41 -0.99 48.04
N SER IA 7 -13.25 -0.64 47.07
CA SER IA 7 -13.76 0.72 46.98
C SER IA 7 -14.64 1.07 48.18
N PHE IA 8 -15.42 0.11 48.68
CA PHE IA 8 -16.28 0.37 49.82
C PHE IA 8 -15.50 0.69 51.09
N GLY IA 9 -14.20 0.42 51.12
CA GLY IA 9 -13.38 0.74 52.28
C GLY IA 9 -13.22 2.21 52.53
N LYS IA 10 -13.47 3.06 51.52
CA LYS IA 10 -13.31 4.51 51.64
C LYS IA 10 -14.68 5.14 51.80
N ARG IA 11 -15.17 5.14 53.04
CA ARG IA 11 -16.51 5.63 53.37
C ARG IA 11 -16.48 6.46 54.64
N ARG IA 12 -15.58 7.44 54.73
CA ARG IA 12 -15.44 8.24 55.93
C ARG IA 12 -15.69 9.73 55.70
N ASN IA 13 -16.42 10.10 54.64
CA ASN IA 13 -16.81 11.48 54.39
C ASN IA 13 -18.31 11.54 54.19
N LYS IA 14 -19.00 12.34 54.99
CA LYS IA 14 -20.46 12.39 54.97
C LYS IA 14 -20.94 13.38 53.90
N THR IA 15 -21.73 12.88 52.95
CA THR IA 15 -22.41 13.78 52.02
C THR IA 15 -23.55 14.51 52.71
N HIS IA 16 -24.36 13.80 53.48
CA HIS IA 16 -25.53 14.35 54.14
C HIS IA 16 -25.38 14.32 55.65
N THR IA 17 -25.98 15.29 56.31
CA THR IA 17 -26.09 15.37 57.76
C THR IA 17 -27.57 15.50 58.12
N LEU IA 18 -27.84 15.67 59.42
CA LEU IA 18 -29.23 15.80 59.87
C LEU IA 18 -29.78 17.18 59.51
N CYS IA 19 -30.98 17.20 58.95
CA CYS IA 19 -31.63 18.45 58.56
C CYS IA 19 -32.21 19.14 59.80
N VAL IA 20 -31.94 20.45 59.91
CA VAL IA 20 -32.47 21.22 61.03
C VAL IA 20 -33.99 21.24 61.01
N ARG IA 21 -34.59 21.15 59.82
CA ARG IA 21 -36.03 21.33 59.70
C ARG IA 21 -36.81 20.02 59.74
N CYS IA 22 -36.39 19.02 58.96
CA CYS IA 22 -37.13 17.77 58.88
C CYS IA 22 -36.49 16.63 59.66
N GLY IA 23 -35.23 16.76 60.06
CA GLY IA 23 -34.59 15.79 60.91
C GLY IA 23 -34.07 14.55 60.21
N ARG IA 24 -34.28 14.41 58.91
CA ARG IA 24 -33.72 13.30 58.16
C ARG IA 24 -32.23 13.52 57.92
N ARG IA 25 -31.50 12.43 57.79
CA ARG IA 25 -30.09 12.48 57.40
C ARG IA 25 -30.04 12.73 55.89
N SER IA 26 -30.45 13.94 55.52
CA SER IA 26 -30.60 14.30 54.11
C SER IA 26 -30.11 15.71 53.80
N PHE IA 27 -29.44 16.38 54.72
CA PHE IA 27 -28.95 17.75 54.47
C PHE IA 27 -27.61 17.67 53.76
N HIS IA 28 -27.63 17.86 52.45
CA HIS IA 28 -26.41 17.84 51.66
C HIS IA 28 -25.49 18.98 52.10
N LEU IA 29 -24.30 18.63 52.60
CA LEU IA 29 -23.45 19.62 53.26
C LEU IA 29 -22.91 20.63 52.25
N GLN IA 30 -22.36 20.16 51.14
CA GLN IA 30 -21.73 21.08 50.19
C GLN IA 30 -22.76 21.93 49.45
N LYS IA 31 -23.94 21.38 49.16
CA LYS IA 31 -25.01 22.15 48.56
C LYS IA 31 -25.76 23.00 49.57
N SER IA 32 -25.56 22.77 50.86
CA SER IA 32 -26.30 23.49 51.90
C SER IA 32 -27.81 23.38 51.67
N ARG IA 33 -28.25 22.18 51.26
CA ARG IA 33 -29.62 21.96 50.83
C ARG IA 33 -30.07 20.59 51.25
N CYS IA 34 -31.28 20.50 51.80
CA CYS IA 34 -31.86 19.23 52.22
C CYS IA 34 -32.54 18.57 51.03
N SER IA 35 -32.14 17.33 50.73
CA SER IA 35 -32.75 16.59 49.63
C SER IA 35 -34.16 16.09 49.97
N ALA IA 36 -34.55 16.13 51.24
CA ALA IA 36 -35.86 15.65 51.66
C ALA IA 36 -36.90 16.75 51.73
N CYS IA 37 -36.57 17.90 52.32
CA CYS IA 37 -37.52 18.99 52.49
C CYS IA 37 -37.10 20.28 51.81
N ALA IA 38 -35.94 20.31 51.15
CA ALA IA 38 -35.43 21.48 50.43
C ALA IA 38 -35.11 22.65 51.34
N TYR IA 39 -34.99 22.42 52.64
CA TYR IA 39 -34.48 23.45 53.53
C TYR IA 39 -33.09 23.86 53.04
N PRO IA 40 -32.74 25.16 53.06
CA PRO IA 40 -33.42 26.32 53.66
C PRO IA 40 -34.43 27.04 52.77
N ALA IA 41 -34.88 26.44 51.67
CA ALA IA 41 -35.93 27.05 50.86
C ALA IA 41 -37.18 27.24 51.72
N ALA IA 42 -37.83 28.40 51.55
CA ALA IA 42 -38.96 28.73 52.41
C ALA IA 42 -40.09 27.71 52.27
N ARG IA 43 -40.35 27.24 51.06
CA ARG IA 43 -41.42 26.28 50.82
C ARG IA 43 -40.88 24.86 50.95
N LEU IA 44 -41.72 23.96 51.48
CA LEU IA 44 -41.34 22.57 51.61
C LEU IA 44 -41.29 21.89 50.25
N ARG IA 45 -40.52 20.79 50.19
CA ARG IA 45 -40.39 20.00 48.99
C ARG IA 45 -41.50 18.95 48.95
N SER IA 46 -42.36 19.05 47.94
CA SER IA 46 -43.46 18.11 47.77
C SER IA 46 -43.68 17.87 46.28
N TYR IA 47 -43.98 16.62 45.92
CA TYR IA 47 -44.21 16.26 44.54
C TYR IA 47 -45.39 15.31 44.44
N ASN IA 48 -46.26 15.56 43.47
CA ASN IA 48 -47.44 14.72 43.28
C ASN IA 48 -47.10 13.36 42.68
N TRP IA 49 -45.88 13.16 42.20
CA TRP IA 49 -45.51 11.87 41.65
C TRP IA 49 -45.06 10.86 42.70
N SER IA 50 -45.10 11.21 43.98
CA SER IA 50 -44.82 10.29 45.08
C SER IA 50 -45.96 10.38 46.09
N VAL IA 51 -47.00 9.57 45.87
CA VAL IA 51 -48.12 9.55 46.81
C VAL IA 51 -47.66 9.11 48.19
N LYS IA 52 -46.81 8.08 48.25
CA LYS IA 52 -46.32 7.60 49.54
C LYS IA 52 -45.54 8.67 50.27
N ALA IA 53 -44.67 9.40 49.58
CA ALA IA 53 -43.88 10.43 50.23
C ALA IA 53 -44.78 11.51 50.83
N ILE IA 54 -45.84 11.88 50.12
CA ILE IA 54 -46.75 12.91 50.62
C ILE IA 54 -47.38 12.46 51.93
N ARG IA 55 -47.87 11.22 52.00
CA ARG IA 55 -48.59 10.78 53.19
C ARG IA 55 -47.67 10.45 54.35
N ARG IA 56 -46.37 10.24 54.10
CA ARG IA 56 -45.43 10.08 55.20
C ARG IA 56 -45.27 11.37 56.00
N LYS IA 57 -45.34 12.52 55.34
CA LYS IA 57 -44.99 13.79 55.95
C LYS IA 57 -46.15 14.77 56.04
N THR IA 58 -47.36 14.38 55.61
CA THR IA 58 -48.47 15.32 55.55
C THR IA 58 -48.97 15.64 56.96
N THR IA 59 -49.93 16.56 57.03
CA THR IA 59 -50.54 16.92 58.29
C THR IA 59 -51.19 15.70 58.92
N GLY IA 60 -51.07 15.59 60.24
CA GLY IA 60 -51.62 14.48 61.00
C GLY IA 60 -50.63 13.37 61.28
N THR IA 61 -49.52 13.31 60.53
CA THR IA 61 -48.50 12.32 60.81
C THR IA 61 -47.71 12.67 62.07
N GLY IA 62 -47.81 13.91 62.53
CA GLY IA 62 -47.07 14.35 63.70
C GLY IA 62 -47.96 14.58 64.90
N ARG IA 63 -47.66 15.64 65.66
CA ARG IA 63 -48.32 15.87 66.94
C ARG IA 63 -49.60 16.70 66.81
N MET IA 64 -49.72 17.54 65.79
CA MET IA 64 -50.85 18.45 65.65
C MET IA 64 -51.07 19.22 66.94
N ARG IA 65 -49.99 19.82 67.43
CA ARG IA 65 -49.97 20.40 68.77
C ARG IA 65 -51.09 21.43 68.94
N TYR IA 66 -51.26 22.31 67.96
CA TYR IA 66 -52.25 23.37 68.03
C TYR IA 66 -53.52 23.05 67.24
N LEU IA 67 -53.38 22.47 66.04
CA LEU IA 67 -54.53 22.23 65.18
C LEU IA 67 -55.51 21.22 65.75
N ARG IA 68 -55.08 20.36 66.68
CA ARG IA 68 -55.97 19.35 67.23
C ARG IA 68 -57.07 19.96 68.09
N ASN IA 69 -56.85 21.15 68.65
CA ASN IA 69 -57.82 21.78 69.54
C ASN IA 69 -58.75 22.76 68.82
N VAL IA 70 -58.52 23.03 67.53
CA VAL IA 70 -59.40 23.96 66.81
C VAL IA 70 -60.83 23.43 66.75
N PRO IA 71 -61.10 22.17 66.43
CA PRO IA 71 -62.50 21.72 66.37
C PRO IA 71 -63.25 21.92 67.67
N ARG IA 72 -62.60 21.71 68.82
CA ARG IA 72 -63.27 21.93 70.10
C ARG IA 72 -63.67 23.39 70.27
N ARG IA 73 -62.77 24.30 69.93
CA ARG IA 73 -63.07 25.72 70.07
C ARG IA 73 -64.13 26.18 69.07
N PHE IA 74 -64.17 25.55 67.89
CA PHE IA 74 -65.21 25.89 66.93
C PHE IA 74 -66.60 25.53 67.47
N LYS IA 75 -66.73 24.38 68.13
CA LYS IA 75 -68.03 23.97 68.64
C LYS IA 75 -68.59 24.98 69.62
N THR IA 76 -67.73 25.66 70.37
CA THR IA 76 -68.15 26.70 71.31
C THR IA 76 -68.16 28.08 70.68
N ASN IA 77 -67.99 28.17 69.36
CA ASN IA 77 -67.92 29.45 68.65
C ASN IA 77 -66.74 30.29 69.13
N PHE IA 78 -65.64 29.63 69.49
CA PHE IA 78 -64.42 30.31 69.93
C PHE IA 78 -64.71 31.28 71.07
N ARG IA 79 -65.54 30.86 72.02
CA ARG IA 79 -65.85 31.69 73.17
C ARG IA 79 -64.61 31.90 74.03
N GLU IA 80 -64.47 33.10 74.57
CA GLU IA 80 -63.29 33.45 75.37
C GLU IA 80 -63.69 34.49 76.40
N GLY IA 81 -62.88 34.59 77.45
CA GLY IA 81 -63.10 35.59 78.47
C GLY IA 81 -64.26 35.32 79.39
N THR IA 82 -64.68 34.07 79.53
CA THR IA 82 -65.77 33.70 80.42
C THR IA 82 -65.45 32.36 81.06
N GLU IA 83 -66.28 31.99 82.04
CA GLU IA 83 -66.10 30.73 82.75
C GLU IA 83 -67.47 30.22 83.20
N ALA IA 84 -67.51 28.94 83.52
CA ALA IA 84 -68.73 28.34 84.03
C ALA IA 84 -69.11 28.97 85.37
N ALA IA 85 -70.42 29.07 85.61
CA ALA IA 85 -70.88 29.64 86.86
C ALA IA 85 -70.43 28.76 88.03
N PRO IA 86 -70.00 29.35 89.14
CA PRO IA 86 -69.55 28.53 90.27
C PRO IA 86 -70.66 27.62 90.78
N ARG IA 87 -70.27 26.41 91.20
CA ARG IA 87 -71.24 25.44 91.67
C ARG IA 87 -71.91 25.93 92.95
N LYS IA 88 -73.19 25.60 93.09
CA LYS IA 88 -73.97 26.00 94.26
C LYS IA 88 -74.10 24.85 95.24
N PRO JA 2 9.54 31.69 90.03
CA PRO JA 2 10.42 31.82 91.19
C PRO JA 2 11.61 32.74 90.92
N LYS JA 3 11.91 33.63 91.86
CA LYS JA 3 13.02 34.56 91.75
C LYS JA 3 13.97 34.36 92.92
N GLN JA 4 15.23 34.72 92.72
CA GLN JA 4 16.28 34.56 93.71
C GLN JA 4 16.68 35.94 94.24
N ILE JA 5 16.70 36.07 95.56
CA ILE JA 5 17.18 37.28 96.22
C ILE JA 5 18.63 37.08 96.59
N HIS JA 6 19.48 38.05 96.21
CA HIS JA 6 20.92 37.93 96.42
C HIS JA 6 21.40 38.64 97.68
N GLU JA 7 20.66 39.61 98.19
CA GLU JA 7 21.05 40.39 99.35
C GLU JA 7 20.13 40.10 100.52
N ILE JA 8 20.71 39.90 101.70
CA ILE JA 8 19.91 39.66 102.90
C ILE JA 8 19.05 40.87 103.21
N LYS JA 9 19.57 42.07 102.97
CA LYS JA 9 18.78 43.28 103.20
C LYS JA 9 17.53 43.29 102.32
N ASP JA 10 17.68 42.91 101.06
CA ASP JA 10 16.52 42.85 100.17
C ASP JA 10 15.52 41.80 100.64
N PHE JA 11 16.00 40.67 101.14
CA PHE JA 11 15.10 39.62 101.61
C PHE JA 11 14.26 40.12 102.78
N LEU JA 12 14.86 40.86 103.69
CA LEU JA 12 14.11 41.40 104.82
C LEU JA 12 13.01 42.36 104.34
N LEU JA 13 13.31 43.20 103.35
CA LEU JA 13 12.32 44.13 102.85
C LEU JA 13 11.11 43.40 102.28
N THR JA 14 11.34 42.34 101.50
CA THR JA 14 10.23 41.57 100.94
C THR JA 14 9.53 40.73 102.01
N ALA JA 15 10.23 40.38 103.10
CA ALA JA 15 9.59 39.63 104.17
C ALA JA 15 8.58 40.48 104.94
N ARG JA 16 8.70 41.80 104.89
CA ARG JA 16 7.78 42.70 105.56
C ARG JA 16 6.59 43.09 104.70
N ARG JA 17 6.54 42.62 103.45
CA ARG JA 17 5.39 42.92 102.59
C ARG JA 17 4.12 42.34 103.19
N LYS JA 18 3.01 43.05 103.00
CA LYS JA 18 1.74 42.61 103.55
C LYS JA 18 1.21 41.36 102.87
N ASP JA 19 1.68 41.06 101.65
CA ASP JA 19 1.24 39.88 100.92
C ASP JA 19 2.15 38.67 101.15
N ALA JA 20 3.19 38.81 101.98
CA ALA JA 20 4.05 37.68 102.30
C ALA JA 20 3.29 36.72 103.20
N ARG JA 21 2.91 35.55 102.65
CA ARG JA 21 2.05 34.63 103.39
C ARG JA 21 2.83 33.81 104.40
N THR JA 22 4.00 33.31 104.01
CA THR JA 22 4.76 32.44 104.90
C THR JA 22 6.23 32.43 104.48
N VAL JA 23 7.07 31.98 105.38
CA VAL JA 23 8.50 31.81 105.14
C VAL JA 23 8.89 30.39 105.52
N LYS JA 24 9.66 29.73 104.67
CA LYS JA 24 10.11 28.36 104.90
C LYS JA 24 11.63 28.30 104.90
N ILE JA 25 12.18 27.56 105.85
CA ILE JA 25 13.61 27.42 106.01
C ILE JA 25 14.01 26.03 105.54
N LYS JA 26 14.83 25.98 104.50
CA LYS JA 26 15.36 24.72 103.96
C LYS JA 26 16.85 24.67 104.24
N LYS JA 27 17.27 23.66 105.00
CA LYS JA 27 18.67 23.50 105.40
C LYS JA 27 19.27 22.35 104.61
N ASN JA 28 20.13 22.68 103.66
CA ASN JA 28 20.84 21.68 102.87
C ASN JA 28 22.16 21.34 103.55
N LYS JA 29 22.94 20.47 102.90
CA LYS JA 29 24.22 20.04 103.46
C LYS JA 29 25.33 21.06 103.25
N ASP JA 30 25.08 22.12 102.49
CA ASP JA 30 26.11 23.14 102.26
C ASP JA 30 25.60 24.56 102.33
N MET JA 31 24.33 24.79 102.67
CA MET JA 31 23.80 26.14 102.80
C MET JA 31 22.38 26.05 103.33
N VAL JA 32 21.82 27.21 103.62
CA VAL JA 32 20.44 27.34 104.10
C VAL JA 32 19.69 28.26 103.15
N LYS JA 33 18.52 27.83 102.71
CA LYS JA 33 17.69 28.58 101.78
C LYS JA 33 16.49 29.16 102.53
N PHE JA 34 16.31 30.47 102.41
CA PHE JA 34 15.16 31.16 102.97
C PHE JA 34 14.17 31.46 101.86
N LYS JA 35 12.98 30.89 101.94
CA LYS JA 35 11.96 31.02 100.90
C LYS JA 35 10.75 31.72 101.49
N VAL JA 36 10.33 32.81 100.84
CA VAL JA 36 9.17 33.60 101.28
C VAL JA 36 8.14 33.58 100.15
N ARG JA 37 6.91 33.20 100.49
CA ARG JA 37 5.83 33.09 99.52
C ARG JA 37 5.10 34.42 99.43
N CYS JA 38 5.19 35.08 98.28
CA CYS JA 38 4.50 36.32 98.03
C CYS JA 38 3.33 36.08 97.07
N SER JA 39 2.63 37.16 96.72
CA SER JA 39 1.44 37.03 95.90
C SER JA 39 1.77 36.46 94.53
N LYS JA 40 2.82 36.98 93.89
CA LYS JA 40 3.15 36.62 92.51
C LYS JA 40 4.32 35.66 92.40
N TYR JA 41 5.33 35.79 93.25
CA TYR JA 41 6.55 35.00 93.12
C TYR JA 41 6.96 34.42 94.47
N LEU JA 42 7.70 33.32 94.40
CA LEU JA 42 8.34 32.72 95.55
C LEU JA 42 9.81 33.15 95.53
N TYR JA 43 10.18 34.03 96.46
CA TYR JA 43 11.53 34.55 96.54
C TYR JA 43 12.38 33.65 97.43
N THR JA 44 13.58 33.32 96.96
CA THR JA 44 14.49 32.43 97.68
C THR JA 44 15.81 33.16 97.93
N LEU JA 45 16.32 33.03 99.15
CA LEU JA 45 17.61 33.58 99.55
C LEU JA 45 18.50 32.45 100.01
N CYS JA 46 19.71 32.39 99.47
CA CYS JA 46 20.69 31.36 99.84
C CYS JA 46 21.75 31.96 100.74
N VAL JA 47 22.00 31.31 101.87
CA VAL JA 47 22.99 31.74 102.84
C VAL JA 47 23.93 30.58 103.09
N SER JA 48 25.14 30.66 102.55
CA SER JA 48 26.10 29.56 102.69
C SER JA 48 26.52 29.37 104.15
N ASP JA 49 26.75 30.47 104.86
CA ASP JA 49 27.22 30.40 106.23
C ASP JA 49 26.07 30.05 107.16
N PHE JA 50 26.17 28.90 107.82
CA PHE JA 50 25.10 28.47 108.73
C PHE JA 50 24.95 29.44 109.88
N GLU JA 51 26.06 29.88 110.47
CA GLU JA 51 25.97 30.80 111.60
C GLU JA 51 25.30 32.10 111.20
N LYS JA 52 25.64 32.64 110.02
CA LYS JA 52 25.02 33.86 109.54
C LYS JA 52 23.54 33.68 109.26
N ALA JA 53 23.10 32.44 109.00
CA ALA JA 53 21.68 32.19 108.74
C ALA JA 53 20.84 32.25 110.00
N ASP JA 54 21.40 31.84 111.14
CA ASP JA 54 20.64 31.88 112.39
C ASP JA 54 20.26 33.31 112.76
N LYS JA 55 21.18 34.26 112.56
CA LYS JA 55 20.88 35.65 112.88
C LYS JA 55 19.68 36.15 112.09
N LEU JA 56 19.62 35.82 110.79
CA LEU JA 56 18.48 36.21 109.98
C LEU JA 56 17.21 35.49 110.42
N LYS JA 57 17.33 34.27 110.93
CA LYS JA 57 16.15 33.49 111.29
C LYS JA 57 15.34 34.17 112.38
N GLN JA 58 16.01 34.73 113.39
CA GLN JA 58 15.33 35.39 114.49
C GLN JA 58 15.02 36.86 114.20
N SER JA 59 15.42 37.38 113.05
CA SER JA 59 15.17 38.76 112.69
C SER JA 59 13.91 38.92 111.84
N LEU JA 60 13.19 37.83 111.58
CA LEU JA 60 11.99 37.91 110.77
C LEU JA 60 10.88 38.64 111.53
N PRO JA 61 9.99 39.35 110.82
CA PRO JA 61 8.93 40.10 111.51
C PRO JA 61 8.00 39.16 112.25
N PRO JA 62 7.49 39.57 113.41
CA PRO JA 62 6.51 38.73 114.12
C PRO JA 62 5.23 38.58 113.31
N GLY JA 63 4.58 37.42 113.47
CA GLY JA 63 3.33 37.14 112.81
C GLY JA 63 3.45 36.45 111.47
N LEU JA 64 4.66 36.35 110.92
CA LEU JA 64 4.87 35.68 109.65
C LEU JA 64 5.16 34.20 109.90
N SER JA 65 4.39 33.33 109.25
CA SER JA 65 4.48 31.89 109.48
C SER JA 65 5.85 31.39 109.03
N VAL JA 66 6.68 31.01 110.00
CA VAL JA 66 8.01 30.48 109.74
C VAL JA 66 7.95 28.96 109.90
N GLN JA 67 8.49 28.24 108.91
CA GLN JA 67 8.50 26.79 108.91
C GLN JA 67 9.90 26.29 108.62
N ASP JA 68 10.24 25.13 109.17
CA ASP JA 68 11.54 24.49 109.00
C ASP JA 68 11.37 23.24 108.16
N LEU JA 69 12.16 23.14 107.09
CA LEU JA 69 12.09 22.01 106.18
C LEU JA 69 13.35 21.15 106.27
N PRO KA 2 -16.82 10.17 66.80
CA PRO KA 2 -15.48 10.44 67.30
C PRO KA 2 -15.48 11.26 68.59
N SER KA 3 -14.30 11.44 69.19
CA SER KA 3 -14.21 12.25 70.40
C SER KA 3 -14.70 13.66 70.15
N HIS KA 4 -14.26 14.26 69.03
CA HIS KA 4 -14.81 15.54 68.58
C HIS KA 4 -16.23 15.32 68.07
N LYS KA 5 -17.22 15.76 68.83
CA LYS KA 5 -18.62 15.63 68.44
C LYS KA 5 -19.36 16.88 68.82
N SER KA 6 -20.44 17.16 68.09
CA SER KA 6 -21.26 18.33 68.36
C SER KA 6 -22.18 18.06 69.55
N PHE KA 7 -22.69 19.14 70.14
CA PHE KA 7 -23.66 19.00 71.22
C PHE KA 7 -24.92 18.30 70.73
N MET KA 8 -25.39 18.66 69.53
CA MET KA 8 -26.63 18.10 69.01
C MET KA 8 -26.52 16.58 68.85
N ILE KA 9 -25.42 16.11 68.27
CA ILE KA 9 -25.25 14.68 68.06
C ILE KA 9 -25.16 13.95 69.40
N LYS KA 10 -24.40 14.51 70.34
CA LYS KA 10 -24.26 13.86 71.64
C LYS KA 10 -25.60 13.73 72.34
N LYS KA 11 -26.46 14.75 72.22
CA LYS KA 11 -27.79 14.67 72.80
C LYS KA 11 -28.61 13.55 72.16
N LYS KA 12 -28.55 13.43 70.83
CA LYS KA 12 -29.28 12.36 70.15
C LYS KA 12 -28.78 10.99 70.60
N LEU KA 13 -27.47 10.83 70.73
CA LEU KA 13 -26.93 9.56 71.18
C LEU KA 13 -27.37 9.24 72.61
N ALA KA 14 -27.50 10.26 73.46
CA ALA KA 14 -27.95 10.03 74.82
C ALA KA 14 -29.37 9.46 74.84
N LYS KA 15 -30.25 10.01 74.01
CA LYS KA 15 -31.62 9.51 73.96
C LYS KA 15 -31.66 8.06 73.49
N LYS KA 16 -30.87 7.73 72.47
CA LYS KA 16 -30.87 6.36 71.95
C LYS KA 16 -30.44 5.37 73.04
N GLN KA 17 -29.46 5.74 73.87
CA GLN KA 17 -29.06 4.86 74.95
C GLN KA 17 -30.20 4.62 75.93
N ARG KA 18 -30.96 5.66 76.25
CA ARG KA 18 -32.09 5.49 77.17
C ARG KA 18 -33.12 4.55 76.59
N GLN KA 19 -33.39 4.64 75.28
CA GLN KA 19 -34.37 3.79 74.64
C GLN KA 19 -33.90 2.35 74.48
N ASN KA 20 -32.62 2.07 74.69
CA ASN KA 20 -32.07 0.74 74.45
C ASN KA 20 -32.01 -0.04 75.77
N ARG KA 21 -33.19 -0.33 76.29
CA ARG KA 21 -33.33 -1.05 77.55
C ARG KA 21 -34.45 -2.08 77.41
N PRO KA 22 -34.46 -3.11 78.26
CA PRO KA 22 -35.61 -4.02 78.29
C PRO KA 22 -36.83 -3.33 78.87
N ILE KA 23 -38.00 -3.84 78.49
CA ILE KA 23 -39.26 -3.32 79.02
C ILE KA 23 -39.36 -3.69 80.50
N PRO KA 24 -39.98 -2.87 81.34
CA PRO KA 24 -40.17 -3.27 82.74
C PRO KA 24 -40.99 -4.55 82.84
N TYR KA 25 -40.68 -5.37 83.85
CA TYR KA 25 -41.35 -6.64 84.01
C TYR KA 25 -42.83 -6.47 84.31
N TRP KA 26 -43.18 -5.43 85.07
CA TRP KA 26 -44.58 -5.25 85.46
C TRP KA 26 -45.46 -4.81 84.30
N ILE KA 27 -44.87 -4.47 83.14
CA ILE KA 27 -45.68 -4.12 81.98
C ILE KA 27 -46.44 -5.34 81.47
N ARG KA 28 -45.81 -6.52 81.52
CA ARG KA 28 -46.43 -7.72 80.99
C ARG KA 28 -47.54 -8.26 81.87
N MET KA 29 -47.69 -7.74 83.09
CA MET KA 29 -48.73 -8.20 84.00
C MET KA 29 -49.97 -7.30 84.00
N ARG KA 30 -50.01 -6.28 83.15
CA ARG KA 30 -51.17 -5.42 83.08
C ARG KA 30 -52.35 -6.16 82.45
N THR KA 31 -53.54 -5.61 82.64
CA THR KA 31 -54.74 -6.20 82.08
C THR KA 31 -54.79 -5.93 80.58
N ASP KA 32 -55.02 -7.00 79.80
CA ASP KA 32 -55.12 -6.89 78.34
C ASP KA 32 -53.81 -6.43 77.72
N ASN KA 33 -52.71 -7.01 78.18
CA ASN KA 33 -51.39 -6.65 77.69
C ASN KA 33 -50.99 -7.54 76.52
N THR KA 34 -50.41 -6.93 75.49
CA THR KA 34 -49.88 -7.64 74.34
C THR KA 34 -48.41 -7.34 74.07
N ILE KA 35 -47.78 -6.51 74.90
CA ILE KA 35 -46.37 -6.17 74.73
C ILE KA 35 -45.55 -7.31 75.32
N ARG KA 36 -44.82 -8.04 74.47
CA ARG KA 36 -44.02 -9.18 74.92
C ARG KA 36 -42.59 -8.78 75.26
N TYR KA 37 -42.00 -7.87 74.48
CA TYR KA 37 -40.62 -7.45 74.67
C TYR KA 37 -40.44 -6.14 73.91
N ASN KA 38 -39.23 -5.58 73.99
CA ASN KA 38 -38.91 -4.36 73.28
C ASN KA 38 -38.55 -4.73 71.83
N ALA KA 39 -39.42 -4.35 70.90
CA ALA KA 39 -39.22 -4.67 69.49
C ALA KA 39 -38.26 -3.71 68.80
N LYS KA 40 -37.81 -2.67 69.48
CA LYS KA 40 -36.93 -1.67 68.88
C LYS KA 40 -35.54 -1.67 69.52
N ARG KA 41 -35.11 -2.81 70.06
CA ARG KA 41 -33.77 -2.90 70.62
C ARG KA 41 -32.72 -2.76 69.52
N ARG KA 42 -31.64 -2.06 69.84
CA ARG KA 42 -30.58 -1.77 68.89
C ARG KA 42 -29.23 -2.18 69.51
N HIS KA 43 -28.40 -2.84 68.71
CA HIS KA 43 -27.05 -3.17 69.11
C HIS KA 43 -26.07 -2.38 68.24
N TRP KA 44 -25.05 -1.80 68.88
CA TRP KA 44 -24.15 -0.88 68.19
C TRP KA 44 -23.46 -1.55 67.00
N ARG KA 45 -23.28 -2.86 67.04
CA ARG KA 45 -22.52 -3.55 66.01
C ARG KA 45 -23.39 -4.17 64.93
N ARG KA 46 -24.69 -4.33 65.18
CA ARG KA 46 -25.58 -4.99 64.24
C ARG KA 46 -26.31 -4.01 63.33
N THR KA 47 -26.89 -2.95 63.92
CA THR KA 47 -27.62 -1.94 63.18
C THR KA 47 -27.07 -0.57 63.55
N LYS KA 48 -26.74 0.23 62.54
CA LYS KA 48 -26.16 1.54 62.74
C LYS KA 48 -27.24 2.61 62.82
N LEU KA 49 -26.91 3.71 63.51
CA LEU KA 49 -27.88 4.77 63.74
C LEU KA 49 -28.14 5.61 62.50
N GLY KA 50 -27.26 5.56 61.50
CA GLY KA 50 -27.46 6.32 60.29
C GLY KA 50 -27.15 7.80 60.39
N PHE KA 51 -26.57 8.24 61.49
CA PHE KA 51 -26.10 9.62 61.61
C PHE KA 51 -24.84 9.68 62.45
N ILE LA 77 23.77 -81.52 -12.54
CA ILE LA 77 23.15 -82.14 -13.69
C ILE LA 77 22.16 -83.20 -13.23
N ILE LA 78 21.03 -83.31 -13.92
CA ILE LA 78 19.99 -84.27 -13.61
C ILE LA 78 19.77 -85.15 -14.83
N GLU LA 79 19.59 -86.45 -14.61
CA GLU LA 79 19.41 -87.37 -15.72
C GLU LA 79 18.13 -87.02 -16.47
N PRO LA 80 18.11 -87.19 -17.80
CA PRO LA 80 16.88 -86.85 -18.54
C PRO LA 80 15.65 -87.58 -18.05
N SER LA 81 15.79 -88.86 -17.68
CA SER LA 81 14.64 -89.61 -17.18
C SER LA 81 14.16 -89.07 -15.85
N LEU LA 82 15.09 -88.74 -14.94
CA LEU LA 82 14.69 -88.26 -13.62
C LEU LA 82 14.07 -86.88 -13.70
N MET LA 83 14.66 -85.98 -14.50
CA MET LA 83 14.10 -84.64 -14.59
C MET LA 83 12.74 -84.64 -15.28
N ALA LA 84 12.50 -85.60 -16.18
CA ALA LA 84 11.15 -85.76 -16.73
C ALA LA 84 10.18 -86.18 -15.65
N LEU LA 85 10.60 -87.07 -14.75
CA LEU LA 85 9.75 -87.44 -13.63
C LEU LA 85 9.48 -86.25 -12.72
N ALA LA 86 10.51 -85.44 -12.44
CA ALA LA 86 10.34 -84.29 -11.56
C ALA LA 86 9.38 -83.28 -12.16
N ARG LA 87 9.49 -83.00 -13.46
CA ARG LA 87 8.62 -82.04 -14.11
C ARG LA 87 7.17 -82.53 -14.21
N LYS LA 88 6.93 -83.83 -14.00
CA LYS LA 88 5.56 -84.32 -13.94
C LYS LA 88 4.82 -83.72 -12.74
N TYR LA 89 5.54 -83.34 -11.70
CA TYR LA 89 4.94 -82.79 -10.49
C TYR LA 89 5.06 -81.28 -10.39
N ASN LA 90 6.09 -80.67 -10.98
CA ASN LA 90 6.36 -79.26 -10.81
C ASN LA 90 6.08 -78.42 -12.06
N GLN LA 91 6.03 -79.03 -13.24
CA GLN LA 91 5.88 -78.29 -14.49
C GLN LA 91 4.59 -78.62 -15.21
N GLU LA 92 4.27 -79.90 -15.39
CA GLU LA 92 3.11 -80.30 -16.18
C GLU LA 92 1.83 -80.06 -15.39
N LYS LA 93 1.32 -78.82 -15.44
CA LYS LA 93 0.16 -78.44 -14.64
C LYS LA 93 -0.63 -77.38 -15.41
N MET LA 94 -1.89 -77.23 -15.00
CA MET LA 94 -2.75 -76.15 -15.48
C MET LA 94 -2.99 -75.17 -14.34
N ILE LA 95 -3.02 -73.88 -14.68
CA ILE LA 95 -3.16 -72.82 -13.69
C ILE LA 95 -4.48 -72.11 -13.92
N CYS LA 96 -5.27 -71.95 -12.86
CA CYS LA 96 -6.49 -71.17 -12.94
C CYS LA 96 -6.14 -69.70 -13.08
N ARG LA 97 -6.79 -69.02 -14.02
CA ARG LA 97 -6.53 -67.60 -14.25
C ARG LA 97 -7.15 -66.70 -13.19
N LYS LA 98 -8.02 -67.24 -12.33
CA LYS LA 98 -8.67 -66.45 -11.29
C LYS LA 98 -8.04 -66.64 -9.91
N CYS LA 99 -7.62 -67.86 -9.56
CA CYS LA 99 -7.09 -68.15 -8.24
C CYS LA 99 -5.69 -68.74 -8.26
N TYR LA 100 -5.10 -68.98 -9.43
CA TYR LA 100 -3.74 -69.47 -9.57
C TYR LA 100 -3.54 -70.88 -9.04
N ALA LA 101 -4.62 -71.63 -8.83
CA ALA LA 101 -4.49 -72.97 -8.28
C ALA LA 101 -3.79 -73.90 -9.26
N ARG LA 102 -3.03 -74.84 -8.72
CA ARG LA 102 -2.38 -75.86 -9.54
C ARG LA 102 -3.35 -77.00 -9.82
N LEU LA 103 -3.52 -77.34 -11.09
CA LEU LA 103 -4.46 -78.35 -11.52
C LEU LA 103 -3.75 -79.36 -12.40
N HIS LA 104 -4.34 -80.55 -12.50
CA HIS LA 104 -3.77 -81.61 -13.32
C HIS LA 104 -3.80 -81.19 -14.80
N PRO LA 105 -2.89 -81.73 -15.62
CA PRO LA 105 -2.78 -81.24 -17.00
C PRO LA 105 -4.07 -81.35 -17.80
N ARG LA 106 -4.90 -82.35 -17.53
CA ARG LA 106 -6.14 -82.55 -18.26
C ARG LA 106 -7.32 -81.82 -17.65
N ALA LA 107 -7.08 -80.94 -16.68
CA ALA LA 107 -8.17 -80.23 -16.02
C ALA LA 107 -8.92 -79.36 -17.00
N VAL LA 108 -10.24 -79.26 -16.81
CA VAL LA 108 -11.09 -78.40 -17.63
C VAL LA 108 -11.69 -77.31 -16.74
N ASN LA 109 -11.85 -77.61 -15.45
CA ASN LA 109 -12.40 -76.68 -14.49
C ASN LA 109 -11.55 -76.67 -13.24
N CYS LA 110 -11.45 -75.50 -12.60
CA CYS LA 110 -10.74 -75.38 -11.34
C CYS LA 110 -11.58 -75.98 -10.21
N ARG LA 111 -10.90 -76.64 -9.27
CA ARG LA 111 -11.58 -77.26 -8.14
C ARG LA 111 -11.85 -76.30 -7.00
N LYS LA 112 -11.39 -75.06 -7.09
CA LYS LA 112 -11.52 -74.12 -5.98
C LYS LA 112 -12.90 -73.47 -5.98
N ARG LA 113 -13.47 -73.34 -4.78
CA ARG LA 113 -14.76 -72.71 -4.60
C ARG LA 113 -14.70 -71.20 -4.68
N LYS LA 114 -13.54 -70.60 -4.42
CA LYS LA 114 -13.43 -69.14 -4.39
C LYS LA 114 -13.63 -68.53 -5.77
N CYS LA 115 -13.20 -69.21 -6.82
CA CYS LA 115 -13.32 -68.72 -8.19
C CYS LA 115 -14.61 -69.20 -8.87
N GLY LA 116 -15.44 -69.95 -8.16
CA GLY LA 116 -16.65 -70.47 -8.77
C GLY LA 116 -16.41 -71.61 -9.75
N HIS LA 117 -15.33 -72.37 -9.56
CA HIS LA 117 -14.99 -73.47 -10.45
C HIS LA 117 -14.82 -72.98 -11.88
N SER LA 118 -14.02 -71.92 -12.02
CA SER LA 118 -13.83 -71.30 -13.33
C SER LA 118 -13.22 -72.28 -14.32
N ASN LA 119 -13.63 -72.18 -15.57
CA ASN LA 119 -13.07 -72.98 -16.65
C ASN LA 119 -11.99 -72.24 -17.43
N GLN LA 120 -11.60 -71.04 -16.97
CA GLN LA 120 -10.54 -70.26 -17.63
C GLN LA 120 -9.21 -70.73 -17.08
N LEU LA 121 -8.60 -71.69 -17.79
CA LEU LA 121 -7.34 -72.29 -17.37
C LEU LA 121 -6.28 -72.06 -18.43
N ARG LA 122 -5.03 -71.95 -17.96
CA ARG LA 122 -3.87 -71.79 -18.84
C ARG LA 122 -2.80 -72.78 -18.44
N PRO LA 123 -1.95 -73.19 -19.38
CA PRO LA 123 -0.81 -74.04 -19.01
C PRO LA 123 0.18 -73.29 -18.12
N LYS LA 124 0.87 -74.04 -17.28
CA LYS LA 124 1.92 -73.45 -16.46
C LYS LA 124 3.12 -73.14 -17.34
N LYS LA 125 3.54 -71.87 -17.34
CA LYS LA 125 4.60 -71.44 -18.24
C LYS LA 125 5.91 -72.17 -17.94
N LYS LA 126 6.62 -72.54 -18.99
CA LYS LA 126 7.90 -73.21 -18.88
C LYS LA 126 9.04 -72.17 -18.89
N ILE LA 127 10.27 -72.66 -18.79
CA ILE LA 127 11.44 -71.79 -18.81
C ILE LA 127 11.79 -71.49 -20.26
N LYS LA 128 11.21 -70.43 -20.81
CA LYS LA 128 11.41 -70.06 -22.21
C LYS LA 128 10.97 -71.18 -23.15
N VAL MA 2 -48.55 9.54 -32.82
CA VAL MA 2 -49.99 9.66 -33.04
C VAL MA 2 -50.31 11.02 -33.67
N ASN MA 3 -51.06 10.99 -34.76
CA ASN MA 3 -51.49 12.18 -35.47
C ASN MA 3 -53.01 12.26 -35.46
N VAL MA 4 -53.54 13.42 -35.14
CA VAL MA 4 -54.99 13.63 -35.06
C VAL MA 4 -55.36 14.77 -35.99
N PRO MA 5 -56.44 14.66 -36.76
CA PRO MA 5 -56.81 15.76 -37.66
C PRO MA 5 -57.24 17.00 -36.91
N LYS MA 6 -57.06 18.16 -37.55
CA LYS MA 6 -57.43 19.42 -36.93
C LYS MA 6 -58.93 19.49 -36.66
N THR MA 7 -59.74 19.01 -37.61
CA THR MA 7 -61.19 19.04 -37.50
C THR MA 7 -61.72 17.62 -37.43
N LYS MA 8 -62.88 17.49 -36.79
CA LYS MA 8 -63.51 16.19 -36.59
C LYS MA 8 -65.02 16.37 -36.50
N LYS MA 9 -65.76 15.54 -37.22
CA LYS MA 9 -67.22 15.60 -37.25
C LYS MA 9 -67.75 14.53 -36.29
N THR MA 10 -68.26 14.97 -35.14
CA THR MA 10 -68.71 14.06 -34.09
C THR MA 10 -70.04 14.54 -33.54
N TYR MA 11 -70.63 13.70 -32.68
CA TYR MA 11 -71.91 14.02 -32.08
C TYR MA 11 -71.77 15.17 -31.09
N CYS MA 12 -72.78 16.03 -31.07
CA CYS MA 12 -72.84 17.17 -30.15
C CYS MA 12 -73.98 16.95 -29.18
N LYS MA 13 -73.68 16.99 -27.88
CA LYS MA 13 -74.69 16.75 -26.85
C LYS MA 13 -75.56 17.96 -26.57
N SER MA 14 -75.18 19.14 -27.05
CA SER MA 14 -75.97 20.34 -26.78
C SER MA 14 -77.39 20.16 -27.28
N LYS MA 15 -78.36 20.59 -26.46
CA LYS MA 15 -79.75 20.48 -26.85
C LYS MA 15 -80.06 21.23 -28.14
N GLU MA 16 -79.25 22.23 -28.48
CA GLU MA 16 -79.43 22.94 -29.74
C GLU MA 16 -79.19 22.02 -30.93
N CYS MA 17 -78.14 21.19 -30.87
CA CYS MA 17 -77.74 20.37 -32.00
C CYS MA 17 -78.22 18.93 -31.87
N LYS MA 18 -77.83 18.24 -30.79
CA LYS MA 18 -78.13 16.82 -30.62
C LYS MA 18 -77.92 16.06 -31.94
N LYS MA 19 -76.81 16.34 -32.62
CA LYS MA 19 -76.54 15.72 -33.90
C LYS MA 19 -75.04 15.83 -34.17
N HIS MA 20 -74.61 15.22 -35.28
CA HIS MA 20 -73.21 15.29 -35.68
C HIS MA 20 -72.92 16.66 -36.28
N THR MA 21 -71.86 17.29 -35.81
CA THR MA 21 -71.45 18.61 -36.28
C THR MA 21 -69.93 18.67 -36.34
N LEU MA 22 -69.43 19.68 -37.06
CA LEU MA 22 -67.99 19.88 -37.17
C LEU MA 22 -67.43 20.38 -35.85
N HIS MA 23 -66.27 19.84 -35.46
CA HIS MA 23 -65.58 20.23 -34.24
C HIS MA 23 -64.13 20.54 -34.53
N LYS MA 24 -63.58 21.47 -33.78
CA LYS MA 24 -62.16 21.82 -33.85
C LYS MA 24 -61.42 21.09 -32.75
N VAL MA 25 -60.28 20.48 -33.10
CA VAL MA 25 -59.53 19.62 -32.19
C VAL MA 25 -58.38 20.42 -31.60
N THR MA 26 -58.33 20.49 -30.27
CA THR MA 26 -57.20 21.05 -29.56
C THR MA 26 -56.90 20.18 -28.34
N GLN MA 27 -55.67 20.28 -27.85
CA GLN MA 27 -55.21 19.45 -26.74
C GLN MA 27 -55.57 20.12 -25.41
N TYR MA 28 -56.09 19.33 -24.48
CA TYR MA 28 -56.42 19.83 -23.16
C TYR MA 28 -55.15 20.02 -22.34
N LYS MA 29 -55.11 21.11 -21.57
CA LYS MA 29 -54.01 21.40 -20.66
C LYS MA 29 -54.58 21.75 -19.29
N LYS MA 30 -54.06 21.09 -18.25
CA LYS MA 30 -54.55 21.35 -16.91
C LYS MA 30 -54.31 22.80 -16.52
N GLY MA 31 -55.33 23.41 -15.92
CA GLY MA 31 -55.24 24.81 -15.52
C GLY MA 31 -54.42 25.03 -14.27
N LYS MA 32 -54.20 26.30 -13.96
CA LYS MA 32 -53.41 26.66 -12.79
C LYS MA 32 -54.20 26.43 -11.52
N ASP MA 33 -53.52 25.90 -10.50
CA ASP MA 33 -54.16 25.63 -9.22
C ASP MA 33 -54.48 26.95 -8.52
N SER MA 34 -55.71 27.08 -8.05
CA SER MA 34 -56.14 28.30 -7.36
C SER MA 34 -55.78 28.23 -5.88
N LEU MA 35 -55.37 29.38 -5.33
CA LEU MA 35 -55.11 29.46 -3.91
C LEU MA 35 -56.38 29.48 -3.08
N ALA MA 36 -57.51 29.86 -3.67
CA ALA MA 36 -58.77 29.97 -2.94
C ALA MA 36 -59.55 28.66 -2.87
N ALA MA 37 -59.10 27.61 -3.56
CA ALA MA 37 -59.79 26.33 -3.49
C ALA MA 37 -59.76 25.79 -2.07
N GLN MA 38 -60.91 25.25 -1.63
CA GLN MA 38 -61.03 24.79 -0.24
C GLN MA 38 -59.91 23.83 0.12
N GLY MA 39 -59.58 22.89 -0.77
CA GLY MA 39 -58.51 21.97 -0.48
C GLY MA 39 -57.17 22.66 -0.29
N LYS MA 40 -56.90 23.68 -1.10
CA LYS MA 40 -55.68 24.46 -0.91
C LYS MA 40 -55.74 25.28 0.37
N ARG MA 41 -56.92 25.83 0.69
CA ARG MA 41 -57.05 26.60 1.92
C ARG MA 41 -56.80 25.74 3.14
N ARG MA 42 -57.36 24.51 3.15
CA ARG MA 42 -57.13 23.60 4.27
C ARG MA 42 -55.66 23.20 4.36
N TYR MA 43 -55.05 22.88 3.23
CA TYR MA 43 -53.66 22.44 3.24
C TYR MA 43 -52.74 23.52 3.79
N ASP MA 44 -52.92 24.77 3.35
CA ASP MA 44 -52.10 25.86 3.86
C ASP MA 44 -52.27 26.02 5.37
N ARG MA 45 -53.51 25.90 5.86
CA ARG MA 45 -53.74 25.96 7.30
C ARG MA 45 -53.05 24.81 8.02
N LYS MA 46 -53.14 23.59 7.47
CA LYS MA 46 -52.51 22.44 8.10
C LYS MA 46 -50.99 22.58 8.11
N GLN MA 47 -50.42 23.17 7.05
CA GLN MA 47 -48.97 23.31 6.93
C GLN MA 47 -48.41 24.41 7.81
N SER MA 48 -49.23 25.36 8.25
CA SER MA 48 -48.73 26.48 9.04
C SER MA 48 -48.26 26.00 10.41
N GLY MA 49 -47.37 26.78 11.01
CA GLY MA 49 -46.86 26.42 12.31
C GLY MA 49 -45.85 25.29 12.23
N TYR MA 50 -45.70 24.59 13.35
CA TYR MA 50 -44.71 23.54 13.48
C TYR MA 50 -45.34 22.17 13.25
N GLY MA 51 -44.53 21.23 12.80
CA GLY MA 51 -44.98 19.89 12.48
C GLY MA 51 -44.42 19.39 11.17
N GLY MA 52 -43.87 20.29 10.37
CA GLY MA 52 -43.28 19.90 9.10
C GLY MA 52 -44.33 19.49 8.08
N GLN MA 53 -43.88 18.73 7.09
CA GLN MA 53 -44.76 18.26 6.02
C GLN MA 53 -45.85 17.38 6.60
N THR MA 54 -47.10 17.80 6.44
CA THR MA 54 -48.24 17.11 7.03
C THR MA 54 -48.98 16.21 6.06
N LYS MA 55 -48.56 16.13 4.81
CA LYS MA 55 -49.23 15.33 3.80
C LYS MA 55 -48.21 14.51 3.03
N PRO MA 56 -48.64 13.40 2.43
CA PRO MA 56 -47.71 12.60 1.60
C PRO MA 56 -47.25 13.39 0.40
N VAL MA 57 -46.05 13.06 -0.08
CA VAL MA 57 -45.49 13.61 -1.30
C VAL MA 57 -45.07 12.44 -2.18
N PHE MA 58 -45.76 12.24 -3.29
CA PHE MA 58 -45.50 11.09 -4.14
C PHE MA 58 -44.10 11.20 -4.74
N HIS MA 59 -43.37 10.07 -4.72
CA HIS MA 59 -42.00 10.05 -5.20
C HIS MA 59 -41.78 8.96 -6.25
N LYS MA 60 -42.51 7.86 -6.14
CA LYS MA 60 -42.25 6.67 -6.96
C LYS MA 60 -43.01 6.74 -8.29
N LYS MA 61 -42.64 7.75 -9.08
CA LYS MA 61 -43.21 7.89 -10.41
C LYS MA 61 -42.89 6.67 -11.26
N ALA MA 62 -43.89 6.18 -11.98
CA ALA MA 62 -43.73 4.99 -12.83
C ALA MA 62 -44.17 5.22 -14.26
N LYS MA 63 -45.22 6.00 -14.48
CA LYS MA 63 -45.71 6.23 -15.85
C LYS MA 63 -44.72 7.08 -16.63
N THR MA 64 -44.52 6.71 -17.90
CA THR MA 64 -43.69 7.48 -18.82
C THR MA 64 -44.53 8.26 -19.83
N THR MA 65 -45.85 8.24 -19.70
CA THR MA 65 -46.74 8.92 -20.63
C THR MA 65 -47.96 9.41 -19.85
N LYS MA 66 -48.83 10.12 -20.56
CA LYS MA 66 -50.09 10.59 -19.99
C LYS MA 66 -51.21 10.37 -21.00
N LYS MA 67 -52.43 10.28 -20.49
CA LYS MA 67 -53.61 10.15 -21.34
C LYS MA 67 -53.95 11.52 -21.90
N ILE MA 68 -53.60 11.75 -23.16
CA ILE MA 68 -53.89 13.02 -23.80
C ILE MA 68 -55.39 13.14 -24.04
N VAL MA 69 -55.94 14.32 -23.73
CA VAL MA 69 -57.37 14.58 -23.86
C VAL MA 69 -57.58 15.57 -25.00
N LEU MA 70 -58.43 15.21 -25.94
CA LEU MA 70 -58.78 16.08 -27.06
C LEU MA 70 -59.94 16.99 -26.66
N ARG MA 71 -59.77 18.28 -26.91
CA ARG MA 71 -60.80 19.28 -26.62
C ARG MA 71 -61.51 19.59 -27.94
N LEU MA 72 -62.76 19.15 -28.05
CA LEU MA 72 -63.55 19.30 -29.26
C LEU MA 72 -64.58 20.40 -29.06
N GLN MA 73 -64.41 21.51 -29.78
CA GLN MA 73 -65.32 22.65 -29.68
C GLN MA 73 -66.27 22.63 -30.87
N CYS MA 74 -67.56 22.45 -30.58
CA CYS MA 74 -68.56 22.45 -31.63
C CYS MA 74 -68.65 23.83 -32.28
N GLN MA 75 -68.71 23.84 -33.62
CA GLN MA 75 -68.78 25.11 -34.34
C GLN MA 75 -70.19 25.68 -34.39
N GLY MA 76 -71.21 24.87 -34.10
CA GLY MA 76 -72.57 25.35 -34.10
C GLY MA 76 -72.95 26.05 -32.80
N CYS MA 77 -72.84 25.32 -31.69
CA CYS MA 77 -73.21 25.85 -30.38
C CYS MA 77 -72.02 26.41 -29.60
N LYS MA 78 -70.80 26.29 -30.12
CA LYS MA 78 -69.61 26.83 -29.45
C LYS MA 78 -69.39 26.19 -28.08
N HIS MA 79 -69.82 24.95 -27.92
CA HIS MA 79 -69.62 24.20 -26.69
C HIS MA 79 -68.51 23.18 -26.87
N VAL MA 80 -67.94 22.74 -25.76
CA VAL MA 80 -66.76 21.89 -25.74
C VAL MA 80 -67.12 20.51 -25.20
N SER MA 81 -66.47 19.49 -25.74
CA SER MA 81 -66.55 18.13 -25.22
C SER MA 81 -65.14 17.56 -25.15
N GLN MA 82 -64.93 16.64 -24.21
CA GLN MA 82 -63.62 16.08 -23.94
C GLN MA 82 -63.60 14.60 -24.31
N HIS MA 83 -62.56 14.19 -25.05
CA HIS MA 83 -62.43 12.82 -25.53
C HIS MA 83 -61.00 12.34 -25.28
N PRO MA 84 -60.77 11.55 -24.24
CA PRO MA 84 -59.42 11.02 -24.02
C PRO MA 84 -59.06 9.97 -25.07
N ILE MA 85 -57.76 9.83 -25.31
CA ILE MA 85 -57.22 8.82 -26.21
C ILE MA 85 -56.21 7.98 -25.43
N LYS MA 86 -55.73 6.91 -26.06
CA LYS MA 86 -54.79 6.01 -25.41
C LYS MA 86 -53.46 6.70 -25.17
N ARG MA 87 -52.67 6.10 -24.29
CA ARG MA 87 -51.36 6.64 -23.97
C ARG MA 87 -50.47 6.66 -25.21
N CYS MA 88 -49.69 7.72 -25.35
CA CYS MA 88 -48.74 7.85 -26.44
C CYS MA 88 -47.63 8.81 -26.03
N LYS MA 89 -46.43 8.57 -26.55
CA LYS MA 89 -45.29 9.41 -26.24
C LYS MA 89 -45.20 10.61 -27.17
N HIS MA 90 -45.53 10.43 -28.45
CA HIS MA 90 -45.49 11.50 -29.44
C HIS MA 90 -46.91 11.78 -29.92
N PHE MA 91 -47.32 13.05 -29.85
CA PHE MA 91 -48.67 13.45 -30.22
C PHE MA 91 -48.63 14.80 -30.91
N GLU MA 92 -49.46 14.93 -31.94
CA GLU MA 92 -49.57 16.20 -32.68
C GLU MA 92 -50.97 16.29 -33.27
N ILE MA 93 -51.38 17.52 -33.57
CA ILE MA 93 -52.67 17.82 -34.17
C ILE MA 93 -52.43 18.50 -35.51
N GLY MA 94 -53.04 17.98 -36.56
CA GLY MA 94 -52.92 18.57 -37.87
C GLY MA 94 -51.60 18.30 -38.57
N GLY MA 95 -50.89 17.24 -38.19
CA GLY MA 95 -49.65 16.90 -38.86
C GLY MA 95 -49.90 16.35 -40.25
N ASP MA 96 -48.82 16.31 -41.03
CA ASP MA 96 -48.91 15.81 -42.39
C ASP MA 96 -49.34 14.35 -42.40
N LYS MA 97 -50.30 14.01 -43.24
CA LYS MA 97 -50.81 12.66 -43.33
C LYS MA 97 -49.82 11.75 -44.04
N LYS MA 98 -49.97 10.45 -43.79
CA LYS MA 98 -49.08 9.46 -44.40
C LYS MA 98 -49.18 9.52 -45.92
N GLY MA 99 -48.04 9.42 -46.58
CA GLY MA 99 -48.00 9.48 -48.03
C GLY MA 99 -47.99 10.88 -48.61
N LYS MA 100 -48.87 11.74 -48.12
CA LYS MA 100 -48.93 13.13 -48.57
C LYS MA 100 -47.74 13.92 -48.05
N THR NA 2 40.77 17.96 33.97
CA THR NA 2 40.82 17.48 32.60
C THR NA 2 39.58 17.89 31.83
N LYS NA 3 39.56 17.58 30.53
CA LYS NA 3 38.42 17.86 29.68
C LYS NA 3 37.42 16.72 29.84
N ARG NA 4 36.32 16.99 30.54
CA ARG NA 4 35.36 15.94 30.84
C ARG NA 4 34.47 15.60 29.65
N THR NA 5 34.12 16.58 28.83
CA THR NA 5 33.31 16.36 27.63
C THR NA 5 33.98 17.04 26.44
N LYS NA 6 33.94 16.37 25.29
CA LYS NA 6 34.57 16.93 24.10
C LYS NA 6 33.83 18.18 23.63
N LYS NA 7 32.51 18.09 23.47
CA LYS NA 7 31.72 19.23 22.98
C LYS NA 7 30.42 19.45 23.72
N ALA NA 8 29.87 18.47 24.43
CA ALA NA 8 28.52 18.61 25.00
C ALA NA 8 28.45 19.79 25.96
N GLY NA 9 29.44 19.93 26.83
CA GLY NA 9 29.41 21.04 27.78
C GLY NA 9 28.24 20.94 28.72
N ILE NA 10 27.56 22.07 28.92
CA ILE NA 10 26.51 22.15 29.94
C ILE NA 10 25.29 21.30 29.58
N VAL NA 11 25.10 20.94 28.31
CA VAL NA 11 23.92 20.18 27.92
C VAL NA 11 24.17 18.69 28.12
N GLY NA 12 25.28 18.34 28.77
CA GLY NA 12 25.51 16.96 29.14
C GLY NA 12 24.54 16.43 30.18
N LYS NA 13 23.83 17.32 30.87
CA LYS NA 13 22.85 16.91 31.86
C LYS NA 13 21.62 16.26 31.24
N TYR NA 14 21.45 16.35 29.93
CA TYR NA 14 20.32 15.74 29.24
C TYR NA 14 20.64 14.34 28.72
N GLY NA 15 21.86 13.85 28.93
CA GLY NA 15 22.19 12.52 28.48
C GLY NA 15 22.03 12.37 26.97
N THR NA 16 21.35 11.31 26.57
CA THR NA 16 21.16 10.99 25.16
C THR NA 16 19.77 11.36 24.66
N ARG NA 17 19.05 12.21 25.38
CA ARG NA 17 17.65 12.50 25.09
C ARG NA 17 17.50 13.76 24.26
N TYR NA 18 16.38 13.84 23.53
CA TYR NA 18 15.85 15.02 22.85
C TYR NA 18 16.53 15.33 21.51
N GLY NA 19 17.55 14.59 21.11
CA GLY NA 19 18.17 14.84 19.81
C GLY NA 19 19.30 15.85 19.88
N ALA NA 20 20.28 15.67 19.00
CA ALA NA 20 21.46 16.52 19.03
C ALA NA 20 21.12 17.96 18.67
N SER NA 21 20.27 18.18 17.66
CA SER NA 21 19.97 19.54 17.22
C SER NA 21 19.30 20.35 18.33
N LEU NA 22 18.34 19.75 19.03
CA LEU NA 22 17.70 20.46 20.13
C LEU NA 22 18.68 20.74 21.25
N ARG NA 23 19.56 19.79 21.57
CA ARG NA 23 20.59 20.05 22.58
C ARG NA 23 21.53 21.16 22.12
N LYS NA 24 21.94 21.14 20.86
CA LYS NA 24 22.76 22.21 20.33
C LYS NA 24 22.01 23.54 20.38
N GLN NA 25 20.73 23.53 20.00
CA GLN NA 25 19.95 24.76 19.99
C GLN NA 25 19.81 25.35 21.39
N ILE NA 26 19.55 24.51 22.39
CA ILE NA 26 19.32 25.01 23.73
C ILE NA 26 20.61 25.39 24.44
N LYS NA 27 21.77 24.93 23.93
CA LYS NA 27 23.03 25.22 24.61
C LYS NA 27 23.31 26.71 24.67
N LYS NA 28 23.03 27.43 23.58
CA LYS NA 28 23.28 28.87 23.57
C LYS NA 28 22.56 29.56 24.73
N MET NA 29 21.26 29.31 24.87
CA MET NA 29 20.49 29.96 25.91
C MET NA 29 20.82 29.39 27.30
N GLU NA 30 21.14 28.10 27.36
CA GLU NA 30 21.51 27.50 28.64
C GLU NA 30 22.78 28.15 29.20
N VAL NA 31 23.76 28.42 28.34
CA VAL NA 31 24.99 29.06 28.78
C VAL NA 31 24.73 30.52 29.16
N SER NA 32 23.98 31.24 28.33
CA SER NA 32 23.79 32.67 28.55
C SER NA 32 23.00 32.95 29.82
N GLN NA 33 21.92 32.21 30.07
CA GLN NA 33 21.07 32.51 31.21
C GLN NA 33 21.72 32.16 32.54
N HIS NA 34 22.78 31.34 32.53
CA HIS NA 34 23.47 30.94 33.74
C HIS NA 34 24.79 31.66 33.95
N SER NA 35 25.09 32.66 33.12
CA SER NA 35 26.37 33.36 33.20
C SER NA 35 26.22 34.68 33.93
N LYS NA 36 27.36 35.19 34.40
CA LYS NA 36 27.40 36.49 35.07
C LYS NA 36 27.56 37.60 34.04
N TYR NA 37 26.94 38.74 34.32
CA TYR NA 37 26.94 39.87 33.40
C TYR NA 37 27.46 41.11 34.11
N PHE NA 38 28.08 41.98 33.33
CA PHE NA 38 28.65 43.23 33.86
C PHE NA 38 27.54 44.14 34.35
N CYS NA 39 27.69 44.67 35.55
CA CYS NA 39 26.75 45.63 36.12
C CYS NA 39 27.22 47.04 35.79
N GLU NA 40 26.45 47.76 34.99
CA GLU NA 40 26.80 49.13 34.64
C GLU NA 40 26.82 50.05 35.86
N PHE NA 41 26.08 49.71 36.91
CA PHE NA 41 25.96 50.61 38.05
C PHE NA 41 27.18 50.51 38.96
N CYS NA 42 27.53 49.30 39.40
CA CYS NA 42 28.64 49.12 40.33
C CYS NA 42 29.95 48.73 39.65
N GLY NA 43 29.89 48.22 38.43
CA GLY NA 43 31.10 47.85 37.71
C GLY NA 43 31.61 46.45 37.99
N LYS NA 44 30.78 45.55 38.48
CA LYS NA 44 31.18 44.19 38.82
C LYS NA 44 30.43 43.19 37.94
N TYR NA 45 31.08 42.05 37.70
CA TYR NA 45 30.43 40.93 37.01
C TYR NA 45 29.65 40.10 38.02
N ALA NA 46 28.55 40.68 38.49
CA ALA NA 46 27.75 40.08 39.55
C ALA NA 46 26.26 40.15 39.23
N VAL NA 47 25.90 40.13 37.96
CA VAL NA 47 24.50 40.16 37.54
C VAL NA 47 24.11 38.75 37.09
N LYS NA 48 23.09 38.18 37.75
CA LYS NA 48 22.58 36.87 37.41
C LYS NA 48 21.06 36.93 37.33
N ARG NA 49 20.48 36.02 36.56
CA ARG NA 49 19.05 36.01 36.34
C ARG NA 49 18.32 35.47 37.57
N LYS NA 50 17.32 36.21 38.04
CA LYS NA 50 16.41 35.73 39.06
C LYS NA 50 15.28 34.91 38.47
N ALA NA 51 14.56 35.49 37.50
CA ALA NA 51 13.55 34.79 36.73
C ALA NA 51 13.65 35.29 35.29
N VAL NA 52 12.87 34.67 34.41
CA VAL NA 52 12.88 35.03 33.00
C VAL NA 52 12.62 36.53 32.87
N GLY NA 53 13.59 37.24 32.29
CA GLY NA 53 13.46 38.67 32.07
C GLY NA 53 13.88 39.56 33.23
N ILE NA 54 14.28 38.98 34.36
CA ILE NA 54 14.65 39.74 35.55
C ILE NA 54 16.11 39.43 35.88
N TRP NA 55 16.90 40.48 36.06
CA TRP NA 55 18.34 40.36 36.29
C TRP NA 55 18.73 41.26 37.45
N GLY NA 56 19.25 40.67 38.51
CA GLY NA 56 19.62 41.40 39.72
C GLY NA 56 21.11 41.30 39.99
N CYS NA 57 21.68 42.41 40.43
CA CYS NA 57 23.10 42.46 40.81
C CYS NA 57 23.26 42.02 42.25
N LYS NA 58 24.16 41.07 42.49
CA LYS NA 58 24.40 40.58 43.84
C LYS NA 58 24.97 41.67 44.74
N ASP NA 59 25.85 42.50 44.21
CA ASP NA 59 26.61 43.43 45.03
C ASP NA 59 25.80 44.68 45.38
N CYS NA 60 25.38 45.44 44.36
CA CYS NA 60 24.68 46.69 44.61
C CYS NA 60 23.18 46.54 44.77
N GLY NA 61 22.62 45.37 44.45
CA GLY NA 61 21.20 45.14 44.62
C GLY NA 61 20.31 45.73 43.55
N LYS NA 62 20.87 46.29 42.48
CA LYS NA 62 20.05 46.81 41.40
C LYS NA 62 19.41 45.66 40.63
N VAL NA 63 18.10 45.74 40.43
CA VAL NA 63 17.34 44.75 39.68
C VAL NA 63 16.92 45.38 38.35
N LYS NA 64 17.21 44.70 37.26
CA LYS NA 64 17.02 45.23 35.92
C LYS NA 64 16.15 44.28 35.11
N ALA NA 65 15.26 44.86 34.29
CA ALA NA 65 14.43 44.09 33.38
C ALA NA 65 15.16 43.96 32.04
N GLY NA 66 15.47 42.72 31.66
CA GLY NA 66 16.21 42.44 30.46
C GLY NA 66 15.53 41.36 29.63
N GLY NA 67 16.36 40.66 28.86
CA GLY NA 67 15.86 39.60 28.00
C GLY NA 67 15.54 38.33 28.76
N ALA NA 68 14.89 37.40 28.06
CA ALA NA 68 14.48 36.14 28.68
C ALA NA 68 15.68 35.34 29.14
N TYR NA 69 16.75 35.31 28.34
CA TYR NA 69 17.92 34.50 28.64
C TYR NA 69 19.23 35.27 28.57
N THR NA 70 19.19 36.55 28.20
CA THR NA 70 20.36 37.42 28.21
C THR NA 70 19.98 38.74 28.84
N LEU NA 71 20.96 39.41 29.45
CA LEU NA 71 20.69 40.70 30.09
C LEU NA 71 20.21 41.72 29.07
N ASN NA 72 20.87 41.78 27.90
CA ASN NA 72 20.53 42.73 26.85
C ASN NA 72 20.28 41.98 25.56
N THR NA 73 19.08 42.15 25.00
CA THR NA 73 18.76 41.58 23.71
C THR NA 73 19.28 42.48 22.59
N ALA NA 74 19.42 41.92 21.40
CA ALA NA 74 19.91 42.69 20.27
C ALA NA 74 18.96 43.84 19.94
N SER NA 75 17.65 43.58 19.96
CA SER NA 75 16.69 44.64 19.67
C SER NA 75 16.69 45.71 20.76
N ALA NA 76 17.07 45.34 21.99
CA ALA NA 76 17.10 46.32 23.07
C ALA NA 76 18.11 47.42 22.77
N VAL NA 77 19.28 47.06 22.25
CA VAL NA 77 20.29 48.05 21.89
C VAL NA 77 19.77 48.94 20.76
N THR NA 78 19.14 48.35 19.76
CA THR NA 78 18.63 49.12 18.63
C THR NA 78 17.55 50.10 19.09
N VAL NA 79 16.67 49.67 19.99
CA VAL NA 79 15.61 50.55 20.47
C VAL NA 79 16.19 51.74 21.20
N ARG NA 80 17.20 51.51 22.04
CA ARG NA 80 17.80 52.62 22.79
C ARG NA 80 18.40 53.65 21.85
N SER NA 81 19.12 53.20 20.81
CA SER NA 81 19.68 54.14 19.85
C SER NA 81 18.59 54.84 19.05
N THR NA 82 17.54 54.11 18.68
CA THR NA 82 16.44 54.70 17.94
C THR NA 82 15.74 55.78 18.77
N ILE NA 83 15.46 55.46 20.04
CA ILE NA 83 14.81 56.44 20.92
C ILE NA 83 15.74 57.64 21.14
N ARG NA 84 17.03 57.38 21.34
CA ARG NA 84 17.97 58.49 21.55
C ARG NA 84 18.01 59.42 20.35
N ARG NA 85 18.04 58.86 19.14
CA ARG NA 85 18.07 59.70 17.95
C ARG NA 85 16.81 60.56 17.86
N LEU NA 86 15.65 59.99 18.15
CA LEU NA 86 14.40 60.75 18.08
C LEU NA 86 14.38 61.85 19.13
N ARG NA 87 14.88 61.56 20.34
CA ARG NA 87 14.86 62.56 21.40
C ARG NA 87 15.70 63.78 21.03
N GLU NA 88 16.87 63.56 20.43
CA GLU NA 88 17.74 64.68 20.07
C GLU NA 88 17.07 65.61 19.06
N GLN NA 89 16.40 65.04 18.06
CA GLN NA 89 15.70 65.86 17.08
C GLN NA 89 14.61 66.71 17.73
N THR NA 90 13.81 66.08 18.60
CA THR NA 90 12.73 66.81 19.25
C THR NA 90 13.26 67.85 20.22
N GLU NA 91 14.35 67.52 20.93
CA GLU NA 91 14.93 68.43 21.91
C GLU NA 91 15.87 69.46 21.29
N SER NA 92 16.07 69.42 19.98
CA SER NA 92 16.93 70.39 19.31
C SER NA 92 16.43 71.80 19.54
N THR OA 3 -110.06 -21.93 44.86
CA THR OA 3 -111.12 -21.11 44.29
C THR OA 3 -110.97 -20.96 42.78
N VAL OA 4 -109.79 -21.30 42.28
CA VAL OA 4 -109.53 -21.32 40.84
C VAL OA 4 -109.48 -22.78 40.40
N PRO OA 5 -109.49 -23.07 39.10
CA PRO OA 5 -109.46 -24.47 38.66
C PRO OA 5 -108.23 -25.20 39.19
N GLY OA 6 -108.43 -26.46 39.54
CA GLY OA 6 -107.35 -27.25 40.10
C GLY OA 6 -106.18 -27.43 39.14
N GLN OA 7 -106.49 -27.56 37.85
CA GLN OA 7 -105.43 -27.71 36.86
C GLN OA 7 -104.50 -26.50 36.86
N LEU OA 8 -105.06 -25.30 37.00
CA LEU OA 8 -104.24 -24.10 37.09
C LEU OA 8 -103.37 -24.13 38.33
N VAL OA 9 -103.92 -24.55 39.48
CA VAL OA 9 -103.14 -24.59 40.71
C VAL OA 9 -101.97 -25.54 40.57
N TRP OA 10 -102.18 -26.69 39.92
CA TRP OA 10 -101.09 -27.64 39.76
C TRP OA 10 -99.94 -27.04 38.96
N GLU OA 11 -100.25 -26.24 37.94
CA GLU OA 11 -99.20 -25.59 37.15
C GLU OA 11 -98.35 -24.68 38.02
N ILE OA 12 -98.93 -24.09 39.07
CA ILE OA 12 -98.22 -23.12 39.90
C ILE OA 12 -97.41 -23.82 40.99
N VAL OA 13 -98.02 -24.81 41.67
CA VAL OA 13 -97.38 -25.40 42.84
C VAL OA 13 -96.55 -26.64 42.53
N LYS OA 14 -96.59 -27.14 41.29
CA LYS OA 14 -95.85 -28.35 40.97
C LYS OA 14 -94.34 -28.13 41.01
N LYS OA 15 -93.88 -26.88 40.85
CA LYS OA 15 -92.45 -26.59 40.88
C LYS OA 15 -91.94 -26.30 42.27
N ASN OA 16 -92.74 -25.65 43.11
CA ASN OA 16 -92.27 -25.23 44.43
C ASN OA 16 -93.47 -24.96 45.34
N ASN OA 17 -93.49 -25.61 46.48
CA ASN OA 17 -94.45 -25.31 47.53
C ASN OA 17 -93.88 -25.79 48.85
N SER OA 18 -94.45 -25.29 49.95
CA SER OA 18 -93.91 -25.57 51.27
C SER OA 18 -93.98 -27.03 51.64
N PHE OA 19 -94.84 -27.82 50.98
CA PHE OA 19 -94.98 -29.24 51.28
C PHE OA 19 -94.14 -30.13 50.38
N LEU OA 20 -93.41 -29.57 49.43
CA LEU OA 20 -92.62 -30.36 48.49
C LEU OA 20 -91.30 -30.75 49.14
N VAL OA 21 -91.04 -32.06 49.23
CA VAL OA 21 -89.80 -32.59 49.78
C VAL OA 21 -89.02 -33.25 48.66
N LYS OA 22 -87.86 -32.69 48.34
CA LYS OA 22 -86.98 -33.21 47.31
C LYS OA 22 -85.63 -33.54 47.92
N GLU OA 23 -85.04 -34.66 47.51
CA GLU OA 23 -83.73 -35.08 48.00
C GLU OA 23 -82.90 -35.63 46.85
N PHE OA 24 -81.58 -35.52 47.00
CA PHE OA 24 -80.61 -36.08 46.06
C PHE OA 24 -80.62 -35.35 44.72
N GLY OA 25 -80.85 -34.05 44.73
CA GLY OA 25 -80.68 -33.25 43.53
C GLY OA 25 -81.74 -33.50 42.48
N ASN OA 26 -81.43 -33.04 41.26
CA ASN OA 26 -82.35 -33.11 40.14
C ASN OA 26 -81.86 -34.06 39.04
N GLY OA 27 -80.96 -34.97 39.38
CA GLY OA 27 -80.50 -36.00 38.46
C GLY OA 27 -81.30 -37.27 38.58
N THR OA 28 -80.65 -38.39 38.28
CA THR OA 28 -81.32 -39.69 38.41
C THR OA 28 -81.63 -40.02 39.86
N ALA OA 29 -80.77 -39.60 40.79
CA ALA OA 29 -80.96 -39.91 42.20
C ALA OA 29 -82.13 -39.16 42.82
N GLY OA 30 -82.71 -38.19 42.12
CA GLY OA 30 -83.77 -37.37 42.67
C GLY OA 30 -84.97 -38.15 43.16
N VAL OA 31 -85.41 -37.85 44.38
CA VAL OA 31 -86.60 -38.44 44.98
C VAL OA 31 -87.49 -37.30 45.46
N VAL OA 32 -88.78 -37.37 45.15
CA VAL OA 32 -89.72 -36.29 45.43
C VAL OA 32 -90.90 -36.85 46.20
N PHE OA 33 -91.28 -36.16 47.28
CA PHE OA 33 -92.46 -36.49 48.06
C PHE OA 33 -93.20 -35.22 48.41
N SER OA 34 -94.48 -35.37 48.74
CA SER OA 34 -95.32 -34.27 49.20
C SER OA 34 -95.94 -34.66 50.53
N LYS OA 35 -95.98 -33.71 51.47
CA LYS OA 35 -96.35 -34.00 52.85
C LYS OA 35 -97.56 -33.19 53.31
N GLU OA 36 -98.43 -32.79 52.40
CA GLU OA 36 -99.66 -32.13 52.84
C GLU OA 36 -100.60 -33.18 53.45
N PRO OA 37 -101.36 -32.81 54.48
CA PRO OA 37 -102.14 -33.82 55.21
C PRO OA 37 -103.19 -34.53 54.37
N ASN OA 38 -103.65 -33.93 53.27
CA ASN OA 38 -104.70 -34.51 52.43
C ASN OA 38 -104.13 -35.17 51.18
N ASN OA 39 -102.92 -35.71 51.26
CA ASN OA 39 -102.31 -36.48 50.17
C ASN OA 39 -102.15 -37.91 50.67
N LEU OA 40 -102.96 -38.82 50.10
CA LEU OA 40 -103.02 -40.19 50.63
C LEU OA 40 -101.67 -40.88 50.55
N TYR OA 41 -101.04 -40.84 49.38
CA TYR OA 41 -99.76 -41.51 49.17
C TYR OA 41 -98.56 -40.59 49.33
N ASN OA 42 -98.78 -39.32 49.68
CA ASN OA 42 -97.69 -38.36 49.84
C ASN OA 42 -96.87 -38.23 48.56
N LEU OA 43 -97.50 -38.47 47.41
CA LEU OA 43 -96.83 -38.38 46.13
C LEU OA 43 -97.02 -36.99 45.53
N HIS OA 44 -95.98 -36.47 44.89
CA HIS OA 44 -96.03 -35.17 44.22
C HIS OA 44 -96.56 -35.37 42.81
N SER OA 45 -97.88 -35.49 42.71
CA SER OA 45 -98.53 -35.67 41.42
C SER OA 45 -99.87 -34.96 41.46
N TYR OA 46 -100.36 -34.59 40.27
CA TYR OA 46 -101.67 -33.96 40.17
C TYR OA 46 -102.77 -34.88 40.68
N LYS OA 47 -102.63 -36.19 40.50
CA LYS OA 47 -103.64 -37.12 40.97
C LYS OA 47 -103.80 -37.05 42.48
N HIS OA 48 -102.71 -37.16 43.23
CA HIS OA 48 -102.75 -37.23 44.68
C HIS OA 48 -102.60 -35.87 45.35
N SER OA 49 -102.40 -34.80 44.59
CA SER OA 49 -102.14 -33.50 45.20
C SER OA 49 -103.31 -33.07 46.06
N GLY OA 50 -103.01 -32.64 47.29
CA GLY OA 50 -103.99 -32.07 48.18
C GLY OA 50 -104.22 -30.59 47.99
N LEU OA 51 -103.45 -29.95 47.12
CA LEU OA 51 -103.59 -28.52 46.85
C LEU OA 51 -104.33 -28.22 45.56
N ALA OA 52 -104.21 -29.08 44.54
CA ALA OA 52 -104.74 -28.81 43.21
C ALA OA 52 -106.04 -29.56 42.93
N ASN OA 53 -106.69 -30.11 43.96
CA ASN OA 53 -107.93 -30.85 43.79
C ASN OA 53 -108.97 -30.35 44.78
N LYS OA 54 -110.16 -30.03 44.27
CA LYS OA 54 -111.26 -29.65 45.15
C LYS OA 54 -111.69 -30.81 46.04
N LYS OA 55 -111.75 -32.01 45.48
CA LYS OA 55 -112.18 -33.20 46.21
C LYS OA 55 -110.93 -34.00 46.61
N THR OA 56 -110.65 -34.03 47.91
CA THR OA 56 -109.49 -34.70 48.45
C THR OA 56 -109.88 -35.52 49.67
N VAL OA 57 -109.08 -36.54 49.97
CA VAL OA 57 -109.35 -37.47 51.05
C VAL OA 57 -108.21 -37.38 52.06
N THR OA 58 -108.57 -37.28 53.35
CA THR OA 58 -107.62 -37.27 54.44
C THR OA 58 -107.93 -38.43 55.38
N ILE OA 59 -106.90 -39.24 55.66
CA ILE OA 59 -107.01 -40.36 56.58
C ILE OA 59 -105.76 -40.36 57.45
N GLN OA 60 -105.93 -40.13 58.75
CA GLN OA 60 -104.81 -40.05 59.67
C GLN OA 60 -105.31 -40.34 61.07
N PRO OA 61 -104.41 -40.66 62.01
CA PRO OA 61 -104.83 -40.90 63.39
C PRO OA 61 -105.51 -39.68 63.99
N ASP OA 62 -106.50 -39.93 64.84
CA ASP OA 62 -107.30 -38.88 65.47
C ASP OA 62 -107.17 -39.01 66.98
N GLY OA 63 -106.48 -38.07 67.61
CA GLY OA 63 -106.42 -38.01 69.06
C GLY OA 63 -105.88 -39.26 69.71
N LYS OA 64 -106.76 -40.00 70.39
CA LYS OA 64 -106.38 -41.17 71.17
C LYS OA 64 -107.35 -42.31 70.87
N ASP OA 65 -107.14 -43.43 71.57
CA ASP OA 65 -108.06 -44.56 71.53
C ASP OA 65 -108.21 -45.13 70.13
N LYS OA 66 -107.11 -45.16 69.38
CA LYS OA 66 -107.07 -45.81 68.07
C LYS OA 66 -108.14 -45.25 67.13
N SER OA 67 -108.53 -44.00 67.33
CA SER OA 67 -109.52 -43.38 66.46
C SER OA 67 -108.86 -42.92 65.16
N VAL OA 68 -109.57 -43.10 64.05
CA VAL OA 68 -109.10 -42.73 62.73
C VAL OA 68 -110.01 -41.64 62.17
N LEU OA 69 -109.41 -40.54 61.74
CA LEU OA 69 -110.16 -39.43 61.16
C LEU OA 69 -110.31 -39.63 59.66
N LEU OA 70 -111.54 -39.53 59.17
CA LEU OA 70 -111.85 -39.57 57.75
C LEU OA 70 -112.48 -38.23 57.38
N ALA OA 71 -111.70 -37.37 56.74
CA ALA OA 71 -112.14 -36.03 56.36
C ALA OA 71 -112.08 -35.87 54.86
N THR OA 72 -113.12 -35.28 54.29
CA THR OA 72 -113.17 -34.96 52.87
C THR OA 72 -113.48 -33.48 52.70
N SER OA 73 -112.81 -32.85 51.73
CA SER OA 73 -112.99 -31.42 51.50
C SER OA 73 -114.38 -31.17 50.92
N LYS OA 74 -115.06 -30.16 51.46
CA LYS OA 74 -116.38 -29.79 50.99
C LYS OA 74 -116.28 -28.99 49.69
N THR OA 75 -117.11 -29.34 48.72
CA THR OA 75 -117.00 -28.71 47.40
C THR OA 75 -117.42 -27.24 47.42
N LYS OA 76 -118.38 -26.87 48.27
CA LYS OA 76 -118.88 -25.51 48.31
C LYS OA 76 -118.17 -24.63 49.33
N LYS OA 77 -117.16 -25.15 50.02
CA LYS OA 77 -116.47 -24.40 51.07
C LYS OA 77 -114.99 -24.23 50.73
N GLN OA 78 -114.66 -24.16 49.44
CA GLN OA 78 -113.26 -24.06 49.03
C GLN OA 78 -112.61 -22.75 49.50
N ASN OA 79 -113.41 -21.73 49.79
CA ASN OA 79 -112.89 -20.45 50.23
C ASN OA 79 -113.00 -20.25 51.74
N LYS OA 80 -113.31 -21.30 52.49
CA LYS OA 80 -113.46 -21.23 53.94
C LYS OA 80 -112.57 -22.31 54.57
N PRO OA 81 -111.30 -21.99 54.81
CA PRO OA 81 -110.39 -23.04 55.33
C PRO OA 81 -110.86 -23.66 56.63
N SER OA 82 -111.44 -22.88 57.54
CA SER OA 82 -111.84 -23.41 58.83
C SER OA 82 -113.01 -24.38 58.73
N ARG OA 83 -113.75 -24.37 57.62
CA ARG OA 83 -114.90 -25.25 57.43
C ARG OA 83 -114.77 -26.07 56.16
N LEU OA 84 -113.57 -26.22 55.63
CA LEU OA 84 -113.39 -26.96 54.38
C LEU OA 84 -113.50 -28.47 54.58
N LEU OA 85 -113.14 -28.98 55.76
CA LEU OA 85 -113.06 -30.41 56.00
C LEU OA 85 -114.36 -30.91 56.64
N ASN OA 86 -114.86 -32.04 56.14
CA ASN OA 86 -116.00 -32.74 56.71
C ASN OA 86 -115.44 -33.93 57.49
N LYS OA 87 -115.09 -33.68 58.75
CA LYS OA 87 -114.42 -34.70 59.55
C LYS OA 87 -115.40 -35.77 60.03
N SER OA 88 -114.90 -37.00 60.14
CA SER OA 88 -115.69 -38.12 60.65
C SER OA 88 -114.73 -39.04 61.40
N VAL OA 89 -114.77 -38.97 62.72
CA VAL OA 89 -113.91 -39.80 63.56
C VAL OA 89 -114.51 -41.19 63.68
N MET OA 90 -113.73 -42.21 63.34
CA MET OA 90 -114.18 -43.59 63.37
C MET OA 90 -113.38 -44.35 64.41
N LYS OA 91 -114.08 -45.09 65.27
CA LYS OA 91 -113.44 -45.88 66.32
C LYS OA 91 -114.10 -47.25 66.43
N LYS OA 92 -114.34 -47.89 65.29
CA LYS OA 92 -114.94 -49.21 65.23
C LYS OA 92 -113.95 -50.18 64.57
N GLU OA 93 -114.41 -51.41 64.32
CA GLU OA 93 -113.57 -52.41 63.70
C GLU OA 93 -113.08 -51.94 62.33
N PHE OA 94 -112.04 -52.60 61.83
CA PHE OA 94 -111.50 -52.25 60.53
C PHE OA 94 -112.52 -52.45 59.43
N SER OA 95 -113.28 -53.54 59.49
CA SER OA 95 -114.28 -53.80 58.45
C SER OA 95 -115.31 -52.68 58.37
N ARG OA 96 -115.79 -52.21 59.52
CA ARG OA 96 -116.73 -51.09 59.52
C ARG OA 96 -116.08 -49.84 58.94
N MET OA 97 -114.83 -49.56 59.33
CA MET OA 97 -114.13 -48.39 58.79
C MET OA 97 -113.89 -48.54 57.29
N ALA OA 98 -113.58 -49.74 56.83
CA ALA OA 98 -113.34 -49.95 55.41
C ALA OA 98 -114.60 -49.64 54.60
N LYS OA 99 -115.76 -50.07 55.08
CA LYS OA 99 -117.01 -49.76 54.39
C LYS OA 99 -117.28 -48.27 54.37
N ALA OA 100 -116.99 -47.57 55.47
CA ALA OA 100 -117.22 -46.14 55.52
C ALA OA 100 -116.36 -45.40 54.50
N VAL OA 101 -115.09 -45.79 54.37
CA VAL OA 101 -114.22 -45.16 53.39
C VAL OA 101 -114.73 -45.41 51.98
N THR OA 102 -115.13 -46.66 51.69
CA THR OA 102 -115.66 -46.96 50.37
C THR OA 102 -116.94 -46.17 50.09
N ASN OA 103 -117.75 -45.94 51.13
CA ASN OA 103 -119.00 -45.21 50.93
C ASN OA 103 -118.75 -43.73 50.65
N GLN OA 104 -117.76 -43.14 51.32
CA GLN OA 104 -117.51 -41.71 51.23
C GLN OA 104 -116.51 -41.33 50.14
N VAL OA 105 -115.96 -42.31 49.42
CA VAL OA 105 -114.96 -42.06 48.39
C VAL OA 105 -115.40 -42.58 47.03
N GLY OA 106 -115.90 -43.82 46.99
CA GLY OA 106 -116.24 -44.44 45.72
C GLY OA 106 -117.73 -44.50 45.43
N ASP OA 107 -118.53 -44.82 46.44
CA ASP OA 107 -119.96 -45.03 46.21
C ASP OA 107 -120.65 -43.74 45.78
N ASN OA 108 -120.28 -42.61 46.37
CA ASN OA 108 -120.87 -41.32 46.03
C ASN OA 108 -120.16 -40.64 44.88
N TYR OA 109 -119.20 -41.31 44.23
CA TYR OA 109 -118.47 -40.75 43.11
C TYR OA 109 -117.73 -39.48 43.52
N TYR OA 110 -117.18 -39.47 44.72
CA TYR OA 110 -116.40 -38.33 45.19
C TYR OA 110 -115.01 -38.35 44.55
N ARG OA 111 -114.23 -39.40 44.81
CA ARG OA 111 -112.94 -39.62 44.15
C ARG OA 111 -112.75 -41.11 43.94
N PRO OA 112 -113.47 -41.69 42.98
CA PRO OA 112 -113.32 -43.14 42.74
C PRO OA 112 -111.89 -43.54 42.40
N ASP OA 113 -111.12 -42.65 41.79
CA ASP OA 113 -109.73 -42.96 41.45
C ASP OA 113 -108.85 -43.08 42.69
N LEU OA 114 -109.31 -42.63 43.85
CA LEU OA 114 -108.55 -42.71 45.09
C LEU OA 114 -109.07 -43.78 46.04
N LYS OA 115 -109.98 -44.64 45.59
CA LYS OA 115 -110.53 -45.67 46.47
C LYS OA 115 -109.44 -46.63 46.93
N LYS OA 116 -108.60 -47.11 46.01
CA LYS OA 116 -107.53 -48.02 46.39
C LYS OA 116 -106.55 -47.36 47.34
N ALA OA 117 -106.17 -46.10 47.05
CA ALA OA 117 -105.22 -45.41 47.91
C ALA OA 117 -105.81 -45.18 49.30
N ALA OA 118 -107.09 -44.81 49.37
CA ALA OA 118 -107.71 -44.54 50.66
C ALA OA 118 -107.76 -45.81 51.52
N LEU OA 119 -108.16 -46.94 50.93
CA LEU OA 119 -108.22 -48.18 51.70
C LEU OA 119 -106.83 -48.59 52.16
N ALA OA 120 -105.83 -48.49 51.29
CA ALA OA 120 -104.46 -48.76 51.72
C ALA OA 120 -104.01 -47.78 52.79
N ARG OA 121 -104.36 -46.50 52.64
CA ARG OA 121 -104.04 -45.51 53.66
C ARG OA 121 -104.72 -45.86 54.98
N LEU OA 122 -105.99 -46.26 54.93
CA LEU OA 122 -106.68 -46.69 56.13
C LEU OA 122 -106.02 -47.92 56.73
N SER OA 123 -105.63 -48.87 55.88
CA SER OA 123 -104.99 -50.08 56.36
C SER OA 123 -103.67 -49.77 57.05
N ALA OA 124 -102.86 -48.88 56.48
CA ALA OA 124 -101.59 -48.51 57.09
C ALA OA 124 -101.80 -47.78 58.41
N VAL OA 125 -102.72 -46.82 58.44
CA VAL OA 125 -102.96 -46.06 59.67
C VAL OA 125 -103.50 -46.98 60.76
N HIS OA 126 -104.44 -47.86 60.42
CA HIS OA 126 -105.01 -48.75 61.41
C HIS OA 126 -103.96 -49.68 62.00
N ARG OA 127 -103.09 -50.24 61.16
CA ARG OA 127 -102.06 -51.15 61.64
C ARG OA 127 -101.11 -50.44 62.59
N SER OA 128 -100.73 -49.20 62.27
CA SER OA 128 -99.80 -48.46 63.14
C SER OA 128 -100.41 -48.20 64.51
N LEU OA 129 -101.72 -47.94 64.56
CA LEU OA 129 -102.38 -47.72 65.85
C LEU OA 129 -102.31 -48.98 66.71
N LYS OA 130 -102.53 -50.14 66.11
CA LYS OA 130 -102.45 -51.38 66.87
C LYS OA 130 -101.06 -51.59 67.45
N VAL OA 131 -100.02 -51.36 66.64
CA VAL OA 131 -98.65 -51.55 67.12
C VAL OA 131 -98.32 -50.58 68.24
N THR OA 132 -98.80 -49.34 68.13
CA THR OA 132 -98.52 -48.35 69.16
C THR OA 132 -99.10 -48.79 70.51
N LYS OA 133 -100.32 -49.31 70.50
CA LYS OA 133 -100.96 -49.71 71.75
C LYS OA 133 -100.19 -50.84 72.43
N SER OA 134 -99.75 -51.83 71.66
CA SER OA 134 -99.11 -53.03 72.21
C SER OA 134 -97.61 -53.07 71.97
N GLY OA 135 -97.16 -52.64 70.80
CA GLY OA 135 -95.75 -52.70 70.44
C GLY OA 135 -95.49 -53.73 69.35
N ALA OA 136 -94.33 -53.59 68.73
CA ALA OA 136 -93.95 -54.50 67.65
C ALA OA 136 -93.83 -55.93 68.19
N LYS OA 137 -94.40 -56.88 67.45
CA LYS OA 137 -94.33 -58.29 67.81
C LYS OA 137 -93.85 -59.19 66.68
N LYS OA 138 -93.97 -58.76 65.43
CA LYS OA 138 -93.45 -59.50 64.29
C LYS OA 138 -92.66 -58.55 63.41
N ARG OA 139 -91.59 -59.07 62.79
CA ARG OA 139 -90.72 -58.24 61.97
C ARG OA 139 -91.25 -58.06 60.55
N ASN OA 140 -92.23 -58.86 60.13
CA ASN OA 140 -92.83 -58.73 58.80
C ASN OA 140 -91.80 -58.84 57.69
N ARG OA 141 -90.78 -59.68 57.88
CA ARG OA 141 -89.73 -59.85 56.89
C ARG OA 141 -89.90 -61.10 56.03
N GLN OA 142 -90.76 -62.03 56.42
CA GLN OA 142 -90.92 -63.24 55.64
C GLN OA 142 -91.66 -62.95 54.34
N ALA OA 143 -91.42 -63.80 53.35
CA ALA OA 143 -92.00 -63.66 52.01
C ALA OA 143 -91.33 -62.51 51.26
N GLN UA 7 40.02 7.52 -113.17
CA GLN UA 7 39.96 8.91 -112.76
C GLN UA 7 39.06 9.09 -111.54
N MET UA 8 39.54 9.86 -110.57
CA MET UA 8 38.80 10.13 -109.35
C MET UA 8 38.83 11.63 -109.07
N SER UA 9 37.81 12.09 -108.34
CA SER UA 9 37.66 13.51 -108.08
C SER UA 9 38.84 14.04 -107.26
N LYS UA 10 38.96 15.37 -107.24
CA LYS UA 10 40.06 15.99 -106.50
C LYS UA 10 39.97 15.70 -105.01
N LYS UA 11 38.76 15.73 -104.46
CA LYS UA 11 38.60 15.51 -103.02
C LYS UA 11 39.18 14.17 -102.61
N ARG UA 12 38.85 13.11 -103.34
CA ARG UA 12 39.36 11.79 -102.99
C ARG UA 12 40.84 11.65 -103.30
N LYS UA 13 41.31 12.28 -104.38
CA LYS UA 13 42.71 12.16 -104.75
C LYS UA 13 43.63 12.72 -103.67
N PHE UA 14 43.29 13.91 -103.15
CA PHE UA 14 44.10 14.48 -102.08
C PHE UA 14 44.01 13.63 -100.82
N VAL UA 15 42.82 13.14 -100.49
CA VAL UA 15 42.67 12.25 -99.34
C VAL UA 15 43.47 10.97 -99.56
N ALA UA 16 43.41 10.41 -100.77
CA ALA UA 16 44.19 9.20 -101.06
C ALA UA 16 45.68 9.46 -100.91
N ASP UA 17 46.15 10.62 -101.38
CA ASP UA 17 47.56 10.96 -101.20
C ASP UA 17 47.91 11.09 -99.72
N GLY UA 18 47.03 11.71 -98.94
CA GLY UA 18 47.28 11.80 -97.51
C GLY UA 18 47.32 10.45 -96.83
N VAL UA 19 46.42 9.55 -97.22
CA VAL UA 19 46.41 8.21 -96.63
C VAL UA 19 47.68 7.45 -97.00
N PHE UA 20 48.16 7.64 -98.22
CA PHE UA 20 49.40 6.98 -98.63
C PHE UA 20 50.58 7.44 -97.77
N PHE UA 21 50.67 8.75 -97.52
CA PHE UA 21 51.75 9.27 -96.69
C PHE UA 21 51.65 8.73 -95.27
N ALA UA 22 50.45 8.70 -94.71
CA ALA UA 22 50.29 8.20 -93.35
C ALA UA 22 50.63 6.71 -93.26
N GLU UA 23 50.18 5.92 -94.23
CA GLU UA 23 50.47 4.50 -94.22
C GLU UA 23 51.94 4.23 -94.46
N LEU UA 24 52.56 4.96 -95.39
CA LEU UA 24 53.97 4.77 -95.68
C LEU UA 24 54.82 5.07 -94.45
N ASN UA 25 54.50 6.14 -93.73
CA ASN UA 25 55.27 6.48 -92.54
C ASN UA 25 55.17 5.39 -91.48
N GLU UA 26 53.97 4.84 -91.30
CA GLU UA 26 53.79 3.79 -90.30
C GLU UA 26 54.60 2.54 -90.66
N VAL UA 27 54.60 2.16 -91.94
CA VAL UA 27 55.35 0.99 -92.37
C VAL UA 27 56.84 1.20 -92.12
N LEU UA 28 57.36 2.38 -92.48
CA LEU UA 28 58.77 2.65 -92.23
C LEU UA 28 59.05 2.85 -90.75
N THR UA 29 58.09 3.36 -89.99
CA THR UA 29 58.29 3.56 -88.55
C THR UA 29 58.56 2.25 -87.84
N ARG UA 30 57.99 1.14 -88.33
CA ARG UA 30 58.19 -0.16 -87.72
C ARG UA 30 59.33 -0.94 -88.37
N GLU UA 31 59.44 -0.88 -89.70
CA GLU UA 31 60.53 -1.56 -90.38
C GLU UA 31 61.88 -0.98 -89.98
N LEU UA 32 61.96 0.34 -89.89
CA LEU UA 32 63.20 1.05 -89.55
C LEU UA 32 63.15 1.60 -88.12
N ALA UA 33 62.52 0.85 -87.21
CA ALA UA 33 62.39 1.32 -85.84
C ALA UA 33 63.76 1.47 -85.17
N GLU UA 34 64.65 0.50 -85.38
CA GLU UA 34 65.96 0.50 -84.76
C GLU UA 34 67.05 1.06 -85.68
N ASP UA 35 66.66 1.89 -86.65
CA ASP UA 35 67.61 2.53 -87.55
C ASP UA 35 67.58 4.05 -87.44
N GLY UA 36 66.98 4.59 -86.39
CA GLY UA 36 66.90 6.03 -86.22
C GLY UA 36 65.91 6.73 -87.13
N TYR UA 37 64.90 6.01 -87.62
CA TYR UA 37 63.93 6.62 -88.52
C TYR UA 37 63.30 7.85 -87.88
N SER UA 38 63.29 8.95 -88.63
CA SER UA 38 62.81 10.23 -88.12
C SER UA 38 61.73 10.85 -88.98
N GLY UA 39 61.43 10.29 -90.15
CA GLY UA 39 60.40 10.84 -91.01
C GLY UA 39 60.61 10.39 -92.44
N VAL UA 40 59.73 10.91 -93.30
CA VAL UA 40 59.78 10.59 -94.72
C VAL UA 40 59.13 11.74 -95.49
N GLU UA 41 59.63 11.97 -96.70
CA GLU UA 41 59.07 12.97 -97.60
C GLU UA 41 58.71 12.31 -98.92
N VAL UA 42 57.48 12.50 -99.36
CA VAL UA 42 56.98 11.93 -100.61
C VAL UA 42 56.97 13.05 -101.65
N ARG UA 43 57.79 12.90 -102.68
CA ARG UA 43 57.94 13.90 -103.75
C ARG UA 43 57.46 13.26 -105.05
N VAL UA 44 56.16 13.38 -105.32
CA VAL UA 44 55.59 12.82 -106.54
C VAL UA 44 55.89 13.75 -107.69
N THR UA 45 56.49 13.22 -108.75
CA THR UA 45 56.86 13.98 -109.92
C THR UA 45 56.47 13.17 -111.16
N PRO UA 46 56.33 13.82 -112.31
CA PRO UA 46 56.03 13.08 -113.53
C PRO UA 46 57.09 12.03 -113.82
N MET UA 47 56.63 10.83 -114.17
CA MET UA 47 57.45 9.69 -114.56
C MET UA 47 58.18 9.05 -113.39
N ARG UA 48 58.12 9.62 -112.19
CA ARG UA 48 58.86 9.08 -111.06
C ARG UA 48 58.35 9.71 -109.77
N THR UA 49 58.17 8.89 -108.74
CA THR UA 49 57.84 9.34 -107.40
C THR UA 49 59.02 9.06 -106.49
N GLU UA 50 59.51 10.10 -105.83
CA GLU UA 50 60.70 10.00 -105.00
C GLU UA 50 60.31 9.99 -103.53
N ILE UA 51 60.81 9.01 -102.78
CA ILE UA 51 60.58 8.89 -101.35
C ILE UA 51 61.93 9.06 -100.66
N ILE UA 52 62.02 10.05 -99.78
CA ILE UA 52 63.24 10.38 -99.06
C ILE UA 52 63.06 9.95 -97.60
N ILE UA 53 63.90 9.02 -97.16
CA ILE UA 53 63.84 8.49 -95.81
C ILE UA 53 64.89 9.20 -94.96
N ARG UA 54 64.46 9.78 -93.85
CA ARG UA 54 65.35 10.46 -92.92
C ARG UA 54 65.63 9.54 -91.74
N ALA UA 55 66.90 9.28 -91.48
CA ALA UA 55 67.31 8.41 -90.39
C ALA UA 55 68.64 8.88 -89.85
N THR UA 56 68.80 8.80 -88.53
CA THR UA 56 70.07 9.22 -87.92
C THR UA 56 71.21 8.34 -88.38
N ARG UA 57 70.98 7.02 -88.47
CA ARG UA 57 71.99 6.06 -88.91
C ARG UA 57 71.58 5.55 -90.29
N THR UA 58 72.02 6.27 -91.33
CA THR UA 58 71.67 5.87 -92.68
C THR UA 58 72.41 4.62 -93.13
N GLN UA 59 73.58 4.35 -92.56
CA GLN UA 59 74.35 3.18 -92.97
C GLN UA 59 73.58 1.89 -92.74
N ASN UA 60 72.73 1.84 -91.71
CA ASN UA 60 71.93 0.66 -91.44
C ASN UA 60 70.69 0.57 -92.31
N VAL UA 61 70.12 1.71 -92.69
CA VAL UA 61 68.95 1.69 -93.56
C VAL UA 61 69.31 1.18 -94.95
N LEU UA 62 70.46 1.63 -95.48
CA LEU UA 62 70.86 1.19 -96.81
C LEU UA 62 71.26 -0.28 -96.83
N GLY UA 63 71.84 -0.78 -95.75
CA GLY UA 63 72.30 -2.15 -95.72
C GLY UA 63 73.63 -2.31 -96.43
N ASP UA 64 73.99 -3.58 -96.65
CA ASP UA 64 75.24 -3.90 -97.32
C ASP UA 64 75.10 -3.67 -98.83
N LYS UA 65 75.88 -2.73 -99.36
CA LYS UA 65 75.84 -2.40 -100.78
C LYS UA 65 74.43 -2.06 -101.23
N GLY UA 66 73.70 -1.34 -100.37
CA GLY UA 66 72.35 -0.93 -100.69
C GLY UA 66 71.38 -2.08 -100.89
N ARG UA 67 71.56 -3.17 -100.15
CA ARG UA 67 70.65 -4.30 -100.30
C ARG UA 67 69.28 -4.00 -99.68
N ARG UA 68 69.27 -3.44 -98.48
CA ARG UA 68 68.01 -3.23 -97.77
C ARG UA 68 67.18 -2.15 -98.45
N ILE UA 69 67.81 -1.09 -98.94
CA ILE UA 69 67.06 0.00 -99.57
C ILE UA 69 66.34 -0.51 -100.81
N ARG UA 70 66.96 -1.41 -101.56
CA ARG UA 70 66.28 -2.00 -102.72
C ARG UA 70 65.08 -2.84 -102.29
N GLU UA 71 65.22 -3.58 -101.19
CA GLU UA 71 64.09 -4.38 -100.70
C GLU UA 71 62.91 -3.48 -100.34
N LEU UA 72 63.18 -2.36 -99.66
CA LEU UA 72 62.11 -1.43 -99.32
C LEU UA 72 61.45 -0.87 -100.56
N THR UA 73 62.25 -0.52 -101.57
CA THR UA 73 61.68 -0.01 -102.82
C THR UA 73 60.82 -1.05 -103.50
N SER UA 74 61.27 -2.30 -103.54
CA SER UA 74 60.53 -3.35 -104.22
C SER UA 74 59.20 -3.62 -103.54
N VAL UA 75 59.22 -3.76 -102.21
CA VAL UA 75 57.99 -4.10 -101.49
C VAL UA 75 57.02 -2.91 -101.53
N VAL UA 76 57.53 -1.69 -101.42
CA VAL UA 76 56.67 -0.52 -101.49
C VAL UA 76 56.01 -0.43 -102.86
N GLN UA 77 56.77 -0.68 -103.92
CA GLN UA 77 56.21 -0.60 -105.27
C GLN UA 77 55.07 -1.61 -105.45
N LYS UA 78 55.28 -2.84 -105.01
CA LYS UA 78 54.23 -3.86 -105.14
C LYS UA 78 53.03 -3.56 -104.25
N ARG UA 79 53.30 -3.15 -103.00
CA ARG UA 79 52.21 -2.93 -102.05
C ARG UA 79 51.26 -1.83 -102.54
N PHE UA 80 51.81 -0.72 -103.04
CA PHE UA 80 51.01 0.44 -103.40
C PHE UA 80 50.74 0.54 -104.89
N ASN UA 81 50.81 -0.58 -105.61
CA ASN UA 81 50.41 -0.64 -107.01
C ASN UA 81 51.15 0.39 -107.86
N PHE UA 82 52.46 0.52 -107.62
CA PHE UA 82 53.30 1.39 -108.44
C PHE UA 82 53.88 0.61 -109.61
N ASP UA 83 54.02 1.28 -110.75
CA ASP UA 83 54.67 0.66 -111.90
C ASP UA 83 56.14 0.41 -111.59
N GLU UA 84 56.65 -0.71 -112.08
CA GLU UA 84 58.02 -1.08 -111.79
C GLU UA 84 58.99 -0.03 -112.33
N ASN UA 85 60.05 0.24 -111.56
CA ASN UA 85 61.05 1.23 -111.94
C ASN UA 85 60.43 2.61 -112.11
N THR UA 86 59.48 2.94 -111.23
CA THR UA 86 58.86 4.26 -111.23
C THR UA 86 58.86 4.91 -109.85
N VAL UA 87 59.36 4.24 -108.82
CA VAL UA 87 59.45 4.79 -107.47
C VAL UA 87 60.83 4.50 -106.93
N GLU UA 88 61.44 5.49 -106.31
CA GLU UA 88 62.80 5.38 -105.77
C GLU UA 88 62.81 5.82 -104.31
N LEU UA 89 63.58 5.09 -103.50
CA LEU UA 89 63.77 5.41 -102.10
C LEU UA 89 65.19 5.88 -101.89
N TYR UA 90 65.35 7.03 -101.24
CA TYR UA 90 66.66 7.61 -100.97
C TYR UA 90 66.79 7.86 -99.47
N ALA UA 91 67.88 7.38 -98.89
CA ALA UA 91 68.15 7.61 -97.48
C ALA UA 91 68.81 8.95 -97.27
N GLU UA 92 68.57 9.55 -96.10
CA GLU UA 92 69.14 10.84 -95.77
C GLU UA 92 69.41 10.88 -94.28
N LYS UA 93 70.38 11.72 -93.90
CA LYS UA 93 70.82 11.85 -92.52
C LYS UA 93 70.30 13.16 -91.93
N VAL UA 94 69.89 13.11 -90.66
CA VAL UA 94 69.38 14.30 -90.00
C VAL UA 94 70.53 15.25 -89.70
N ASN UA 95 70.39 16.50 -90.13
CA ASN UA 95 71.48 17.46 -89.95
C ASN UA 95 71.76 17.72 -88.48
N ASN UA 96 70.71 17.88 -87.68
CA ASN UA 96 70.85 18.13 -86.24
C ASN UA 96 69.98 17.10 -85.51
N ARG UA 97 70.62 16.00 -85.09
CA ARG UA 97 69.88 14.93 -84.44
C ARG UA 97 69.26 15.38 -83.11
N GLY UA 98 69.85 16.38 -82.47
CA GLY UA 98 69.39 16.82 -81.17
C GLY UA 98 68.15 17.68 -81.20
N LEU UA 99 67.76 18.20 -82.36
CA LEU UA 99 66.57 19.05 -82.49
C LEU UA 99 65.36 18.28 -83.02
N CYS UA 100 65.47 16.97 -83.22
CA CYS UA 100 64.37 16.15 -83.72
C CYS UA 100 63.77 15.38 -82.54
N ALA UA 101 62.51 15.68 -82.21
CA ALA UA 101 61.86 14.99 -81.11
C ALA UA 101 61.69 13.50 -81.40
N ILE UA 102 61.37 13.16 -82.64
CA ILE UA 102 61.16 11.75 -83.00
C ILE UA 102 62.45 10.98 -82.80
N ALA UA 103 63.58 11.53 -83.25
CA ALA UA 103 64.86 10.85 -83.07
C ALA UA 103 65.20 10.70 -81.60
N GLN UA 104 64.98 11.74 -80.80
CA GLN UA 104 65.29 11.67 -79.38
C GLN UA 104 64.33 10.72 -78.66
N ALA UA 105 63.06 10.70 -79.07
CA ALA UA 105 62.10 9.78 -78.45
C ALA UA 105 62.51 8.33 -78.70
N GLU UA 106 62.94 8.01 -79.92
CA GLU UA 106 63.42 6.67 -80.21
C GLU UA 106 64.74 6.39 -79.51
N SER UA 107 65.60 7.41 -79.41
CA SER UA 107 66.86 7.22 -78.70
C SER UA 107 66.62 6.89 -77.23
N LEU UA 108 65.68 7.58 -76.59
CA LEU UA 108 65.34 7.26 -75.21
C LEU UA 108 64.68 5.90 -75.10
N ARG UA 109 63.94 5.49 -76.13
CA ARG UA 109 63.23 4.22 -76.07
C ARG UA 109 64.18 3.05 -75.90
N TYR UA 110 65.28 3.05 -76.67
CA TYR UA 110 66.22 1.93 -76.62
C TYR UA 110 67.11 1.98 -75.38
N LYS UA 111 67.35 3.17 -74.83
CA LYS UA 111 68.09 3.24 -73.58
C LYS UA 111 67.32 2.56 -72.44
N LEU UA 112 66.01 2.80 -72.38
CA LEU UA 112 65.20 2.12 -71.36
C LEU UA 112 65.14 0.62 -71.61
N LEU UA 113 65.02 0.21 -72.87
CA LEU UA 113 65.00 -1.21 -73.18
C LEU UA 113 66.30 -1.89 -72.77
N GLY UA 114 67.43 -1.23 -73.01
CA GLY UA 114 68.71 -1.82 -72.64
C GLY UA 114 68.81 -2.10 -71.15
N GLY UA 115 68.30 -1.19 -70.33
CA GLY UA 115 68.34 -1.36 -68.89
C GLY UA 115 68.75 -0.11 -68.14
N LEU UA 116 69.07 0.95 -68.89
CA LEU UA 116 69.49 2.20 -68.26
C LEU UA 116 68.37 2.76 -67.39
N ALA UA 117 68.75 3.35 -66.26
CA ALA UA 117 67.77 3.91 -65.34
C ALA UA 117 67.01 5.05 -65.99
N VAL UA 118 65.73 5.18 -65.62
CA VAL UA 118 64.88 6.21 -66.21
C VAL UA 118 65.42 7.59 -65.86
N ARG UA 119 65.80 7.80 -64.60
CA ARG UA 119 66.32 9.10 -64.19
C ARG UA 119 67.56 9.48 -64.99
N ARG UA 120 68.48 8.52 -65.15
CA ARG UA 120 69.73 8.82 -65.85
C ARG UA 120 69.50 8.96 -67.34
N ALA UA 121 68.67 8.10 -67.93
CA ALA UA 121 68.42 8.15 -69.36
C ALA UA 121 67.73 9.45 -69.76
N CYS UA 122 66.73 9.88 -68.97
CA CYS UA 122 65.97 11.07 -69.33
C CYS UA 122 66.86 12.32 -69.28
N TYR UA 123 67.73 12.42 -68.26
CA TYR UA 123 68.63 13.56 -68.18
C TYR UA 123 69.65 13.56 -69.32
N GLY UA 124 70.08 12.37 -69.75
CA GLY UA 124 71.00 12.32 -70.89
C GLY UA 124 70.39 12.91 -72.14
N VAL UA 125 69.13 12.58 -72.42
CA VAL UA 125 68.44 13.17 -73.57
C VAL UA 125 68.18 14.65 -73.32
N LEU UA 126 67.75 15.00 -72.11
CA LEU UA 126 67.47 16.40 -71.80
C LEU UA 126 68.73 17.25 -71.94
N ARG UA 127 69.86 16.76 -71.43
CA ARG UA 127 71.10 17.51 -71.54
C ARG UA 127 71.57 17.60 -72.98
N PHE UA 128 71.45 16.51 -73.73
CA PHE UA 128 71.92 16.51 -75.12
C PHE UA 128 71.12 17.50 -75.98
N ILE UA 129 69.81 17.56 -75.78
CA ILE UA 129 68.97 18.44 -76.60
C ILE UA 129 69.35 19.89 -76.37
N MET UA 130 69.54 20.29 -75.11
CA MET UA 130 69.93 21.67 -74.82
C MET UA 130 71.29 22.00 -75.42
N GLU UA 131 72.24 21.07 -75.36
CA GLU UA 131 73.55 21.31 -75.95
C GLU UA 131 73.48 21.45 -77.45
N SER UA 132 72.44 20.94 -78.10
CA SER UA 132 72.32 21.01 -79.55
C SER UA 132 71.80 22.37 -80.03
N GLY UA 133 71.40 23.25 -79.12
CA GLY UA 133 70.93 24.57 -79.50
C GLY UA 133 69.43 24.68 -79.49
N ALA UA 134 68.79 24.01 -78.52
CA ALA UA 134 67.34 24.05 -78.36
C ALA UA 134 66.96 25.07 -77.32
N LYS UA 135 65.92 25.87 -77.62
CA LYS UA 135 65.47 26.89 -76.67
C LYS UA 135 64.96 26.25 -75.38
N GLY UA 136 64.53 25.00 -75.45
CA GLY UA 136 64.06 24.30 -74.27
C GLY UA 136 63.66 22.88 -74.62
N CYS UA 137 63.36 22.12 -73.58
CA CYS UA 137 62.99 20.72 -73.77
C CYS UA 137 62.14 20.27 -72.58
N GLU UA 138 61.45 19.14 -72.78
CA GLU UA 138 60.64 18.54 -71.72
C GLU UA 138 60.47 17.07 -72.03
N VAL UA 139 60.86 16.20 -71.10
CA VAL UA 139 60.74 14.76 -71.26
C VAL UA 139 59.84 14.23 -70.15
N ILE UA 140 58.83 13.44 -70.54
CA ILE UA 140 57.87 12.87 -69.60
C ILE UA 140 57.87 11.36 -69.79
N VAL UA 141 58.00 10.63 -68.69
CA VAL UA 141 57.93 9.18 -68.68
C VAL UA 141 56.83 8.77 -67.69
N SER UA 142 55.90 7.94 -68.16
CA SER UA 142 54.77 7.50 -67.36
C SER UA 142 54.63 5.99 -67.46
N GLY UA 143 54.23 5.36 -66.36
CA GLY UA 143 54.00 3.94 -66.32
C GLY UA 143 54.50 3.35 -65.02
N LYS UA 144 54.70 2.04 -65.03
CA LYS UA 144 55.15 1.31 -63.84
C LYS UA 144 56.67 1.38 -63.81
N LEU UA 145 57.19 2.38 -63.10
CA LEU UA 145 58.63 2.60 -63.03
C LEU UA 145 59.30 1.57 -62.14
N ARG UA 146 58.90 1.54 -60.86
CA ARG UA 146 59.46 0.58 -59.92
C ARG UA 146 58.36 -0.08 -59.11
N ALA UA 147 57.33 0.69 -58.76
CA ALA UA 147 56.23 0.18 -57.96
C ALA UA 147 55.10 -0.31 -58.85
N GLN UA 148 54.16 -1.04 -58.24
CA GLN UA 148 53.01 -1.53 -58.98
C GLN UA 148 52.17 -0.40 -59.52
N ARG UA 149 51.97 0.64 -58.72
CA ARG UA 149 51.15 1.77 -59.13
C ARG UA 149 51.94 2.69 -60.05
N ALA UA 150 51.29 3.20 -61.09
CA ALA UA 150 51.95 4.02 -62.08
C ALA UA 150 52.08 5.46 -61.61
N LYS UA 151 53.12 6.13 -62.10
CA LYS UA 151 53.35 7.54 -61.80
C LYS UA 151 54.13 8.16 -62.94
N SER UA 152 54.12 9.49 -62.99
CA SER UA 152 54.73 10.26 -64.07
C SER UA 152 55.90 11.06 -63.54
N MET UA 153 57.02 11.02 -64.26
CA MET UA 153 58.19 11.83 -63.97
C MET UA 153 58.40 12.81 -65.11
N LYS UA 154 58.51 14.10 -64.78
CA LYS UA 154 58.64 15.17 -65.76
C LYS UA 154 60.00 15.82 -65.63
N PHE UA 155 60.76 15.85 -66.72
CA PHE UA 155 62.07 16.49 -66.77
C PHE UA 155 61.98 17.65 -67.74
N LYS UA 156 62.07 18.87 -67.22
CA LYS UA 156 61.92 20.08 -68.01
C LYS UA 156 63.13 20.99 -67.82
N ASP UA 157 63.44 21.74 -68.87
CA ASP UA 157 64.57 22.67 -68.84
C ASP UA 157 64.43 23.68 -69.98
N GLY UA 158 64.62 24.95 -69.67
CA GLY UA 158 64.59 25.98 -70.67
C GLY UA 158 63.20 26.54 -70.90
N TYR UA 159 63.03 27.16 -72.07
CA TYR UA 159 61.77 27.76 -72.47
C TYR UA 159 60.79 26.70 -72.95
N MET UA 160 59.51 27.06 -72.96
CA MET UA 160 58.47 26.17 -73.46
C MET UA 160 57.17 26.94 -73.55
N ILE UA 161 56.37 26.60 -74.57
CA ILE UA 161 55.05 27.18 -74.75
C ILE UA 161 54.05 26.05 -74.97
N SER UA 162 52.79 26.33 -74.65
CA SER UA 162 51.75 25.31 -74.69
C SER UA 162 50.57 25.74 -75.57
N SER UA 163 50.24 27.02 -75.55
CA SER UA 163 49.01 27.53 -76.15
C SER UA 163 49.33 28.46 -77.31
N GLY UA 164 48.43 28.46 -78.29
CA GLY UA 164 48.49 29.39 -79.40
C GLY UA 164 49.01 28.75 -80.67
N GLN UA 165 48.89 29.51 -81.76
CA GLN UA 165 49.41 29.06 -83.05
C GLN UA 165 50.91 28.79 -83.01
N PRO UA 166 51.75 29.61 -82.36
CA PRO UA 166 53.20 29.37 -82.42
C PRO UA 166 53.60 27.97 -81.98
N VAL UA 167 52.76 27.26 -81.24
CA VAL UA 167 53.10 25.90 -80.80
C VAL UA 167 53.34 25.02 -82.01
N LYS UA 168 52.54 25.16 -83.06
CA LYS UA 168 52.68 24.31 -84.24
C LYS UA 168 54.03 24.52 -84.90
N GLU UA 169 54.56 25.74 -84.89
CA GLU UA 169 55.81 26.04 -85.57
C GLU UA 169 57.03 25.89 -84.67
N TYR UA 170 56.90 26.18 -83.38
CA TYR UA 170 58.06 26.21 -82.49
C TYR UA 170 58.22 24.96 -81.64
N ILE UA 171 57.20 24.12 -81.52
CA ILE UA 171 57.23 22.93 -80.69
C ILE UA 171 57.30 21.71 -81.59
N ASP UA 172 58.27 20.84 -81.32
CA ASP UA 172 58.40 19.55 -81.99
C ASP UA 172 58.20 18.47 -80.94
N SER UA 173 57.11 17.70 -81.06
CA SER UA 173 56.72 16.74 -80.06
C SER UA 173 56.60 15.34 -80.67
N ALA UA 174 56.89 14.33 -79.86
CA ALA UA 174 56.79 12.95 -80.28
C ALA UA 174 56.35 12.10 -79.09
N VAL UA 175 55.62 11.02 -79.39
CA VAL UA 175 55.13 10.10 -78.37
C VAL UA 175 55.48 8.68 -78.81
N ARG UA 176 56.07 7.92 -77.90
CA ARG UA 176 56.46 6.54 -78.19
C ARG UA 176 56.16 5.66 -76.99
N HIS UA 177 56.00 4.36 -77.27
CA HIS UA 177 55.69 3.36 -76.26
C HIS UA 177 56.88 2.44 -76.07
N VAL UA 178 57.21 2.15 -74.82
CA VAL UA 178 58.30 1.25 -74.47
C VAL UA 178 57.68 -0.01 -73.87
N LEU UA 179 57.87 -1.14 -74.55
CA LEU UA 179 57.28 -2.41 -74.12
C LEU UA 179 58.26 -3.11 -73.19
N LEU UA 180 58.15 -2.82 -71.89
CA LEU UA 180 59.02 -3.42 -70.90
C LEU UA 180 58.40 -4.71 -70.36
N ARG UA 181 59.06 -5.32 -69.39
CA ARG UA 181 58.62 -6.60 -68.86
C ARG UA 181 57.41 -6.47 -67.95
N GLN UA 182 57.28 -5.36 -67.23
CA GLN UA 182 56.17 -5.16 -66.31
C GLN UA 182 55.03 -4.34 -66.89
N GLY UA 183 55.13 -3.95 -68.14
CA GLY UA 183 54.08 -3.16 -68.77
C GLY UA 183 54.66 -2.27 -69.85
N VAL UA 184 53.97 -1.15 -70.09
CA VAL UA 184 54.32 -0.21 -71.14
C VAL UA 184 54.60 1.14 -70.51
N LEU UA 185 55.73 1.73 -70.86
CA LEU UA 185 56.07 3.09 -70.47
C LEU UA 185 55.77 4.05 -71.62
N GLY UA 186 55.37 5.26 -71.27
CA GLY UA 186 55.07 6.27 -72.26
C GLY UA 186 56.10 7.38 -72.31
N ILE UA 187 56.80 7.50 -73.44
CA ILE UA 187 57.81 8.54 -73.64
C ILE UA 187 57.17 9.68 -74.39
N LYS UA 188 57.34 10.91 -73.87
CA LYS UA 188 56.89 12.12 -74.53
C LYS UA 188 58.05 13.11 -74.53
N VAL UA 189 58.56 13.42 -75.71
CA VAL UA 189 59.66 14.37 -75.88
C VAL UA 189 59.09 15.62 -76.53
N LYS UA 190 59.27 16.76 -75.88
CA LYS UA 190 58.76 18.05 -76.36
C LYS UA 190 59.92 19.02 -76.41
N ILE UA 191 60.29 19.45 -77.63
CA ILE UA 191 61.43 20.31 -77.85
C ILE UA 191 60.94 21.62 -78.47
N MET UA 192 61.33 22.74 -77.87
CA MET UA 192 61.01 24.05 -78.38
C MET UA 192 62.18 24.55 -79.22
N LEU UA 193 61.93 24.85 -80.49
CA LEU UA 193 62.98 25.27 -81.40
C LEU UA 193 63.29 26.75 -81.20
N ASP UA 194 64.40 27.18 -81.80
CA ASP UA 194 64.84 28.56 -81.74
C ASP UA 194 64.61 29.24 -83.08
N TRP UA 195 64.33 30.54 -83.03
CA TRP UA 195 64.06 31.29 -84.26
C TRP UA 195 65.28 31.29 -85.15
N ASP UA 196 65.15 30.69 -86.33
CA ASP UA 196 66.22 30.61 -87.31
C ASP UA 196 65.81 31.37 -88.58
N PRO UA 197 66.37 32.54 -88.86
CA PRO UA 197 65.93 33.27 -90.06
C PRO UA 197 66.13 32.48 -91.35
N LYS UA 198 67.17 31.66 -91.43
CA LYS UA 198 67.38 30.83 -92.61
C LYS UA 198 66.31 29.74 -92.74
N GLY UA 199 65.61 29.42 -91.66
CA GLY UA 199 64.56 28.43 -91.70
C GLY UA 199 65.02 26.99 -91.64
N LYS UA 200 66.29 26.75 -91.29
CA LYS UA 200 66.83 25.39 -91.23
C LYS UA 200 66.70 24.79 -89.84
N GLN UA 201 67.31 25.44 -88.84
CA GLN UA 201 67.25 24.91 -87.47
C GLN UA 201 65.88 25.08 -86.86
N GLY UA 202 65.16 26.15 -87.20
CA GLY UA 202 63.86 26.41 -86.63
C GLY UA 202 63.00 27.26 -87.54
N PRO UA 203 61.78 27.58 -87.09
CA PRO UA 203 60.88 28.38 -87.92
C PRO UA 203 61.46 29.76 -88.21
N THR UA 204 61.22 30.24 -89.43
CA THR UA 204 61.70 31.56 -89.82
C THR UA 204 60.85 32.67 -89.21
N THR UA 205 59.55 32.45 -89.06
CA THR UA 205 58.68 33.48 -88.49
C THR UA 205 58.98 33.63 -87.00
N PRO UA 206 59.04 34.87 -86.50
CA PRO UA 206 59.31 35.07 -85.07
C PRO UA 206 58.05 34.85 -84.22
N LEU UA 207 58.26 34.86 -82.91
CA LEU UA 207 57.15 34.73 -81.99
C LEU UA 207 56.26 35.97 -82.06
N PRO UA 208 54.94 35.83 -81.94
CA PRO UA 208 54.07 37.01 -82.08
C PRO UA 208 54.38 38.10 -81.08
N ASP UA 209 54.74 37.75 -79.85
CA ASP UA 209 54.96 38.72 -78.79
C ASP UA 209 56.39 39.22 -78.71
N LEU UA 210 57.27 38.78 -79.62
CA LEU UA 210 58.65 39.22 -79.65
C LEU UA 210 58.77 40.46 -80.52
N VAL UA 211 59.13 41.59 -79.91
CA VAL UA 211 59.28 42.86 -80.60
C VAL UA 211 60.74 43.27 -80.53
N THR UA 212 61.32 43.57 -81.69
CA THR UA 212 62.72 43.97 -81.79
C THR UA 212 62.80 45.41 -82.28
N ILE UA 213 63.57 46.23 -81.57
CA ILE UA 213 63.75 47.63 -81.92
C ILE UA 213 65.14 47.79 -82.53
N HIS UA 214 65.20 48.31 -83.75
CA HIS UA 214 66.48 48.51 -84.40
C HIS UA 214 67.26 49.61 -83.66
N PRO UA 215 68.56 49.43 -83.44
CA PRO UA 215 69.35 50.46 -82.78
C PRO UA 215 69.54 51.67 -83.68
N PRO UA 216 69.40 52.88 -83.15
CA PRO UA 216 69.58 54.07 -83.99
C PRO UA 216 71.03 54.21 -84.46
N LYS UA 217 71.18 54.83 -85.62
CA LYS UA 217 72.49 55.09 -86.20
C LYS UA 217 72.89 56.54 -86.00
N GLU UA 218 74.19 56.77 -85.83
CA GLU UA 218 74.75 58.11 -85.65
C GLU UA 218 75.64 58.41 -86.85
N GLU UA 219 75.07 59.10 -87.84
CA GLU UA 219 75.81 59.48 -89.05
C GLU UA 219 75.58 60.94 -89.38
N PRO VA 19 4.75 70.64 -84.96
CA PRO VA 19 5.37 70.60 -86.28
C PRO VA 19 4.57 69.78 -87.29
N HIS VA 20 5.03 69.75 -88.53
CA HIS VA 20 4.36 69.03 -89.61
C HIS VA 20 5.35 68.11 -90.30
N THR VA 21 4.88 66.94 -90.71
CA THR VA 21 5.69 65.97 -91.44
C THR VA 21 4.85 65.34 -92.53
N ASP VA 22 5.51 64.94 -93.61
CA ASP VA 22 4.85 64.29 -94.73
C ASP VA 22 4.77 62.77 -94.56
N VAL VA 23 5.40 62.22 -93.53
CA VAL VA 23 5.39 60.77 -93.31
C VAL VA 23 4.06 60.40 -92.65
N LEU VA 24 3.34 59.46 -93.26
CA LEU VA 24 2.09 58.94 -92.72
C LEU VA 24 2.25 57.44 -92.48
N LEU VA 25 1.88 56.99 -91.28
CA LEU VA 25 1.97 55.58 -90.96
C LEU VA 25 1.04 54.78 -91.86
N PHE VA 26 1.59 53.74 -92.49
CA PHE VA 26 0.88 52.95 -93.50
C PHE VA 26 0.37 53.81 -94.65
N ASN VA 27 0.89 55.03 -94.80
CA ASN VA 27 0.39 55.99 -95.78
C ASN VA 27 -1.09 56.26 -95.57
N ARG VA 28 -1.56 56.11 -94.34
CA ARG VA 28 -2.97 56.28 -94.00
C ARG VA 28 -3.18 57.20 -92.80
N TRP VA 29 -2.31 57.15 -91.81
CA TRP VA 29 -2.48 57.89 -90.56
C TRP VA 29 -1.39 58.95 -90.43
N SER VA 30 -1.81 60.16 -90.05
CA SER VA 30 -0.91 61.30 -89.94
C SER VA 30 -0.42 61.46 -88.51
N TYR VA 31 0.88 61.75 -88.37
CA TYR VA 31 1.46 62.01 -87.06
C TYR VA 31 1.15 63.39 -86.54
N ASP VA 32 0.68 64.30 -87.39
CA ASP VA 32 0.34 65.65 -86.95
C ASP VA 32 -0.83 65.61 -85.98
N GLY VA 33 -0.72 66.38 -84.91
CA GLY VA 33 -1.75 66.43 -83.89
C GLY VA 33 -1.62 65.38 -82.80
N VAL VA 34 -0.67 64.46 -82.93
CA VAL VA 34 -0.45 63.45 -81.90
C VAL VA 34 0.41 64.05 -80.80
N GLN VA 35 -0.09 63.99 -79.56
CA GLN VA 35 0.59 64.55 -78.41
C GLN VA 35 0.60 63.54 -77.28
N ILE VA 36 1.65 63.60 -76.46
CA ILE VA 36 1.83 62.71 -75.32
C ILE VA 36 1.61 63.56 -74.07
N ALA VA 37 0.38 63.54 -73.55
CA ALA VA 37 0.03 64.35 -72.39
C ALA VA 37 0.36 63.62 -71.08
N ASP VA 38 1.65 63.38 -70.90
CA ASP VA 38 2.13 62.76 -69.66
C ASP VA 38 3.63 63.05 -69.56
N MET VA 39 4.01 63.82 -68.54
CA MET VA 39 5.41 64.25 -68.43
C MET VA 39 6.34 63.06 -68.19
N SER VA 40 5.90 62.10 -67.38
CA SER VA 40 6.78 61.01 -66.98
C SER VA 40 7.24 60.18 -68.19
N VAL VA 41 6.32 59.84 -69.08
CA VAL VA 41 6.59 58.92 -70.17
C VAL VA 41 6.66 59.64 -71.51
N GLU VA 42 6.75 60.97 -71.52
CA GLU VA 42 6.81 61.71 -72.78
C GLU VA 42 8.08 61.38 -73.55
N ASP VA 43 9.21 61.25 -72.84
CA ASP VA 43 10.49 61.04 -73.50
C ASP VA 43 10.76 59.56 -73.82
N TYR VA 44 9.87 58.65 -73.46
CA TYR VA 44 10.05 57.23 -73.72
C TYR VA 44 8.99 56.67 -74.67
N ILE VA 45 8.17 57.52 -75.27
CA ILE VA 45 7.20 57.11 -76.27
C ILE VA 45 7.50 57.88 -77.54
N THR VA 46 7.70 57.16 -78.64
CA THR VA 46 8.05 57.74 -79.94
C THR VA 46 6.84 57.60 -80.85
N ALA VA 47 5.95 58.59 -80.78
CA ALA VA 47 4.74 58.58 -81.61
C ALA VA 47 4.42 59.95 -82.19
N THR VA 48 5.32 60.91 -82.07
CA THR VA 48 5.09 62.27 -82.53
C THR VA 48 5.79 62.50 -83.86
N ALA VA 49 5.40 63.59 -84.52
CA ALA VA 49 5.98 63.92 -85.83
C ALA VA 49 7.42 64.36 -85.71
N ASN VA 50 7.81 64.95 -84.58
CA ASN VA 50 9.17 65.43 -84.42
C ASN VA 50 10.17 64.32 -84.14
N LYS VA 51 9.73 63.21 -83.52
CA LYS VA 51 10.62 62.12 -83.15
C LYS VA 51 10.51 60.98 -84.16
N HIS VA 52 11.22 61.15 -85.28
CA HIS VA 52 11.43 60.11 -86.27
C HIS VA 52 10.16 59.35 -86.61
N PRO VA 53 9.20 59.98 -87.29
CA PRO VA 53 8.05 59.22 -87.78
C PRO VA 53 8.46 58.21 -88.84
N THR VA 54 7.74 57.09 -88.88
CA THR VA 54 8.06 56.00 -89.78
C THR VA 54 6.83 55.62 -90.60
N TYR VA 55 7.06 55.31 -91.88
CA TYR VA 55 5.96 54.89 -92.74
C TYR VA 55 5.38 53.56 -92.30
N MET VA 56 6.22 52.63 -91.87
CA MET VA 56 5.79 51.29 -91.50
C MET VA 56 6.41 50.91 -90.16
N PRO VA 57 5.68 50.13 -89.33
CA PRO VA 57 6.23 49.65 -88.06
C PRO VA 57 7.07 48.38 -88.19
N HIS VA 58 7.99 48.38 -89.16
CA HIS VA 58 8.88 47.24 -89.40
C HIS VA 58 10.24 47.79 -89.80
N THR VA 59 11.14 47.91 -88.81
CA THR VA 59 12.50 48.36 -89.05
C THR VA 59 13.45 47.34 -88.46
N ALA VA 60 14.45 46.94 -89.24
CA ALA VA 60 15.45 46.00 -88.76
C ALA VA 60 16.48 46.74 -87.91
N GLY VA 61 16.01 47.44 -86.89
CA GLY VA 61 16.90 48.24 -86.06
C GLY VA 61 17.62 47.42 -85.02
N ARG VA 62 18.63 48.04 -84.42
CA ARG VA 62 19.44 47.44 -83.37
C ARG VA 62 19.23 48.28 -82.11
N TYR VA 63 18.16 47.96 -81.38
CA TYR VA 63 17.74 48.74 -80.22
C TYR VA 63 18.23 48.15 -78.90
N GLN VA 64 18.84 46.96 -78.91
CA GLN VA 64 19.34 46.34 -77.69
C GLN VA 64 20.83 46.51 -77.53
N ALA VA 65 21.48 47.28 -78.40
CA ALA VA 65 22.92 47.47 -78.30
C ALA VA 65 23.32 48.24 -77.06
N LYS VA 66 22.42 49.07 -76.50
CA LYS VA 66 22.76 49.89 -75.35
C LYS VA 66 21.51 50.16 -74.52
N ARG VA 67 21.75 50.51 -73.26
CA ARG VA 67 20.66 50.78 -72.33
C ARG VA 67 19.87 52.01 -72.76
N PHE VA 68 18.56 51.96 -72.53
CA PHE VA 68 17.61 53.03 -72.87
C PHE VA 68 17.53 53.27 -74.38
N ARG VA 69 18.14 52.42 -75.19
CA ARG VA 69 18.15 52.64 -76.64
C ARG VA 69 16.82 52.29 -77.27
N LYS VA 70 16.08 51.34 -76.71
CA LYS VA 70 14.80 50.94 -77.27
C LYS VA 70 13.71 51.97 -77.01
N ALA VA 71 13.96 52.99 -76.18
CA ALA VA 71 13.00 54.05 -76.01
C ALA VA 71 12.79 54.85 -77.30
N GLN VA 72 13.78 54.83 -78.19
CA GLN VA 72 13.66 55.52 -79.48
C GLN VA 72 12.85 54.72 -80.49
N CYS VA 73 12.63 53.43 -80.25
CA CYS VA 73 11.84 52.64 -81.18
C CYS VA 73 10.40 53.15 -81.21
N PRO VA 74 9.76 53.21 -82.38
CA PRO VA 74 8.37 53.68 -82.43
C PRO VA 74 7.46 52.83 -81.56
N ILE VA 75 6.51 53.48 -80.90
CA ILE VA 75 5.61 52.77 -79.99
C ILE VA 75 4.78 51.75 -80.76
N VAL VA 76 4.39 52.09 -81.99
CA VAL VA 76 3.61 51.16 -82.81
C VAL VA 76 4.41 49.90 -83.08
N GLU VA 77 5.71 50.06 -83.40
CA GLU VA 77 6.54 48.88 -83.66
C GLU VA 77 6.75 48.06 -82.40
N ARG VA 78 6.85 48.71 -81.24
CA ARG VA 78 6.99 47.95 -79.99
C ARG VA 78 5.76 47.08 -79.75
N LEU VA 79 4.57 47.60 -80.06
CA LEU VA 79 3.37 46.77 -79.99
C LEU VA 79 3.45 45.61 -80.97
N THR VA 80 3.99 45.85 -82.17
CA THR VA 80 4.11 44.79 -83.15
C THR VA 80 4.99 43.66 -82.65
N ASN VA 81 6.12 44.00 -82.02
CA ASN VA 81 7.03 42.97 -81.53
C ASN VA 81 6.37 42.13 -80.44
N SER VA 82 5.62 42.76 -79.54
CA SER VA 82 4.98 42.03 -78.46
C SER VA 82 3.87 41.10 -78.92
N LEU VA 83 3.44 41.22 -80.17
CA LEU VA 83 2.43 40.31 -80.71
C LEU VA 83 3.00 38.99 -81.21
N MET VA 84 4.33 38.87 -81.29
CA MET VA 84 4.95 37.64 -81.77
C MET VA 84 5.10 36.62 -80.63
N MET VA 85 4.00 36.33 -79.96
CA MET VA 85 3.94 35.34 -78.90
C MET VA 85 2.63 34.58 -79.03
N HIS VA 86 2.60 33.33 -78.57
CA HIS VA 86 3.72 32.62 -77.94
C HIS VA 86 4.59 31.92 -78.97
N GLY VA 87 5.36 30.94 -78.52
CA GLY VA 87 6.32 30.24 -79.35
C GLY VA 87 5.88 29.96 -80.78
N ARG VA 88 4.61 29.63 -80.98
CA ARG VA 88 4.13 29.35 -82.32
C ARG VA 88 4.18 30.57 -83.23
N ASN VA 89 4.25 31.78 -82.66
CA ASN VA 89 4.22 33.01 -83.44
C ASN VA 89 5.57 33.73 -83.45
N ASN VA 90 6.62 33.13 -82.91
CA ASN VA 90 7.92 33.79 -82.88
C ASN VA 90 8.44 34.04 -84.29
N GLY VA 91 8.88 35.26 -84.55
CA GLY VA 91 9.50 35.61 -85.81
C GLY VA 91 8.53 35.91 -86.94
N LYS VA 92 7.22 35.81 -86.70
CA LYS VA 92 6.22 36.07 -87.74
C LYS VA 92 5.79 37.53 -87.66
N LYS VA 93 6.74 38.41 -87.98
CA LYS VA 93 6.49 39.84 -87.82
C LYS VA 93 5.58 40.39 -88.92
N LEU VA 94 5.59 39.78 -90.10
CA LEU VA 94 4.69 40.24 -91.16
C LEU VA 94 3.24 40.10 -90.74
N MET VA 95 2.89 38.97 -90.11
CA MET VA 95 1.53 38.81 -89.59
C MET VA 95 1.24 39.84 -88.50
N ALA VA 96 2.22 40.10 -87.63
CA ALA VA 96 2.01 41.06 -86.55
C ALA VA 96 1.74 42.46 -87.09
N VAL VA 97 2.49 42.88 -88.11
CA VAL VA 97 2.26 44.20 -88.70
C VAL VA 97 0.85 44.27 -89.30
N ARG VA 98 0.41 43.19 -89.92
CA ARG VA 98 -0.94 43.15 -90.47
C ARG VA 98 -1.99 43.32 -89.38
N ILE VA 99 -1.80 42.65 -88.24
CA ILE VA 99 -2.78 42.71 -87.16
C ILE VA 99 -2.94 44.14 -86.67
N ILE VA 100 -1.83 44.83 -86.44
CA ILE VA 100 -1.91 46.22 -86.00
C ILE VA 100 -2.46 47.11 -87.11
N LYS VA 101 -2.11 46.80 -88.36
CA LYS VA 101 -2.66 47.57 -89.47
C LYS VA 101 -4.18 47.46 -89.52
N HIS VA 102 -4.71 46.25 -89.33
CA HIS VA 102 -6.15 46.06 -89.29
C HIS VA 102 -6.73 46.68 -88.01
N ALA VA 103 -6.04 46.53 -86.88
CA ALA VA 103 -6.56 47.04 -85.62
C ALA VA 103 -6.72 48.55 -85.67
N MET VA 104 -5.74 49.26 -86.23
CA MET VA 104 -5.84 50.71 -86.31
C MET VA 104 -7.00 51.14 -87.21
N GLU VA 105 -7.26 50.39 -88.28
CA GLU VA 105 -8.42 50.67 -89.11
C GLU VA 105 -9.71 50.50 -88.32
N ILE VA 106 -9.79 49.45 -87.50
CA ILE VA 106 -10.97 49.24 -86.67
C ILE VA 106 -11.12 50.37 -85.64
N ILE VA 107 -9.99 50.79 -85.05
CA ILE VA 107 -10.04 51.86 -84.04
C ILE VA 107 -10.62 53.14 -84.64
N HIS VA 108 -10.23 53.45 -85.88
CA HIS VA 108 -10.73 54.66 -86.52
C HIS VA 108 -12.25 54.62 -86.68
N LEU VA 109 -12.78 53.46 -87.08
CA LEU VA 109 -14.23 53.35 -87.28
C LEU VA 109 -14.98 53.53 -85.97
N LEU VA 110 -14.56 52.83 -84.92
CA LEU VA 110 -15.31 52.83 -83.68
C LEU VA 110 -15.19 54.16 -82.94
N THR VA 111 -13.99 54.71 -82.86
CA THR VA 111 -13.74 55.91 -82.08
C THR VA 111 -13.81 57.20 -82.89
N ASP VA 112 -13.69 57.12 -84.22
CA ASP VA 112 -13.65 58.31 -85.07
C ASP VA 112 -12.51 59.25 -84.66
N GLN VA 113 -11.39 58.67 -84.22
CA GLN VA 113 -10.23 59.43 -83.80
C GLN VA 113 -9.00 58.89 -84.50
N ASN VA 114 -7.89 59.59 -84.33
CA ASN VA 114 -6.63 59.15 -84.92
C ASN VA 114 -6.15 57.90 -84.18
N PRO VA 115 -5.98 56.75 -84.86
CA PRO VA 115 -5.58 55.54 -84.14
C PRO VA 115 -4.25 55.68 -83.41
N ILE VA 116 -3.32 56.48 -83.95
CA ILE VA 116 -2.05 56.69 -83.25
C ILE VA 116 -2.28 57.37 -81.91
N GLN VA 117 -3.17 58.36 -81.88
CA GLN VA 117 -3.48 59.03 -80.62
C GLN VA 117 -4.11 58.07 -79.62
N VAL VA 118 -4.97 57.18 -80.11
CA VAL VA 118 -5.60 56.20 -79.22
C VAL VA 118 -4.55 55.26 -78.63
N ILE VA 119 -3.59 54.83 -79.44
CA ILE VA 119 -2.58 53.89 -78.97
C ILE VA 119 -1.76 54.50 -77.84
N VAL VA 120 -1.32 55.75 -78.02
CA VAL VA 120 -0.51 56.39 -77.00
C VAL VA 120 -1.32 56.59 -75.72
N ASP VA 121 -2.61 56.91 -75.86
CA ASP VA 121 -3.46 57.06 -74.68
C ASP VA 121 -3.59 55.73 -73.94
N ALA VA 122 -3.73 54.63 -74.67
CA ALA VA 122 -3.82 53.33 -74.03
C ALA VA 122 -2.54 52.99 -73.27
N VAL VA 123 -1.39 53.29 -73.87
CA VAL VA 123 -0.11 53.01 -73.21
C VAL VA 123 0.02 53.83 -71.94
N ILE VA 124 -0.35 55.10 -71.99
CA ILE VA 124 -0.23 55.96 -70.80
C ILE VA 124 -1.13 55.47 -69.69
N ASN VA 125 -2.38 55.11 -70.03
CA ASN VA 125 -3.33 54.74 -68.99
C ASN VA 125 -3.05 53.36 -68.42
N SER VA 126 -2.46 52.46 -69.19
CA SER VA 126 -2.25 51.08 -68.77
C SER VA 126 -0.89 50.86 -68.11
N GLY VA 127 -0.09 51.90 -67.93
CA GLY VA 127 1.21 51.75 -67.32
C GLY VA 127 1.15 51.94 -65.81
N PRO VA 128 1.46 50.88 -65.05
CA PRO VA 128 1.45 51.03 -63.59
C PRO VA 128 2.52 52.00 -63.12
N ARG VA 129 2.19 52.74 -62.06
CA ARG VA 129 3.07 53.77 -61.53
C ARG VA 129 3.68 53.41 -60.19
N GLU VA 130 3.35 52.25 -59.63
CA GLU VA 130 3.91 51.80 -58.36
C GLU VA 130 3.87 50.28 -58.31
N ASP VA 131 4.82 49.70 -57.57
CA ASP VA 131 4.93 48.25 -57.49
C ASP VA 131 5.58 47.89 -56.16
N ALA VA 132 5.47 46.61 -55.81
CA ALA VA 132 6.04 46.07 -54.58
C ALA VA 132 7.22 45.16 -54.93
N THR VA 133 8.29 45.27 -54.13
CA THR VA 133 9.50 44.48 -54.35
C THR VA 133 10.03 44.03 -53.00
N ARG VA 134 10.87 42.99 -53.05
CA ARG VA 134 11.44 42.40 -51.84
C ARG VA 134 10.34 41.85 -50.93
N ARG VA 143 8.17 42.66 -48.83
CA ARG VA 143 7.51 43.45 -49.86
C ARG VA 143 7.22 44.86 -49.37
N GLN VA 144 7.72 45.86 -50.11
CA GLN VA 144 7.43 47.26 -49.81
C GLN VA 144 7.24 48.00 -51.12
N ALA VA 145 6.49 49.10 -51.05
CA ALA VA 145 6.15 49.86 -52.23
C ALA VA 145 7.36 50.61 -52.77
N VAL VA 146 7.54 50.55 -54.10
CA VAL VA 146 8.59 51.28 -54.78
C VAL VA 146 8.01 51.90 -56.04
N ASP VA 147 8.66 52.95 -56.52
CA ASP VA 147 8.24 53.62 -57.74
C ASP VA 147 8.74 52.86 -58.96
N ILE VA 148 8.06 53.09 -60.08
CA ILE VA 148 8.39 52.46 -61.35
C ILE VA 148 8.96 53.52 -62.28
N SER VA 149 10.10 53.21 -62.90
CA SER VA 149 10.71 54.15 -63.83
C SER VA 149 9.83 54.30 -65.07
N PRO VA 150 9.89 55.46 -65.72
CA PRO VA 150 9.01 55.65 -66.90
C PRO VA 150 9.25 54.63 -68.00
N LEU VA 151 10.49 54.19 -68.21
CA LEU VA 151 10.76 53.21 -69.26
C LEU VA 151 10.07 51.88 -68.96
N ARG VA 152 10.20 51.40 -67.71
CA ARG VA 152 9.51 50.16 -67.35
C ARG VA 152 8.00 50.33 -67.38
N ARG VA 153 7.51 51.53 -67.05
CA ARG VA 153 6.08 51.79 -67.13
C ARG VA 153 5.57 51.60 -68.54
N VAL VA 154 6.30 52.10 -69.53
CA VAL VA 154 5.92 51.89 -70.93
C VAL VA 154 6.01 50.40 -71.27
N ASN VA 155 7.07 49.73 -70.82
CA ASN VA 155 7.21 48.32 -71.11
C ASN VA 155 6.05 47.51 -70.53
N GLN VA 156 5.66 47.81 -69.29
CA GLN VA 156 4.54 47.09 -68.69
C GLN VA 156 3.24 47.36 -69.43
N ALA VA 157 3.02 48.61 -69.85
CA ALA VA 157 1.81 48.94 -70.58
C ALA VA 157 1.71 48.15 -71.87
N ILE VA 158 2.81 48.07 -72.62
CA ILE VA 158 2.81 47.31 -73.87
C ILE VA 158 2.56 45.84 -73.58
N TYR VA 159 3.21 45.30 -72.55
CA TYR VA 159 3.02 43.89 -72.22
C TYR VA 159 1.58 43.59 -71.82
N LEU VA 160 0.98 44.46 -71.00
CA LEU VA 160 -0.38 44.22 -70.55
C LEU VA 160 -1.38 44.31 -71.69
N LEU VA 161 -1.21 45.29 -72.58
CA LEU VA 161 -2.16 45.45 -73.67
C LEU VA 161 -2.19 44.24 -74.59
N THR VA 162 -1.00 43.72 -74.95
CA THR VA 162 -0.96 42.57 -75.84
C THR VA 162 -1.37 41.28 -75.15
N THR VA 163 -1.06 41.16 -73.85
CA THR VA 163 -1.47 39.96 -73.12
C THR VA 163 -3.00 39.85 -73.06
N GLY VA 164 -3.69 40.97 -72.82
CA GLY VA 164 -5.13 40.94 -72.78
C GLY VA 164 -5.75 40.58 -74.13
N ALA VA 165 -5.22 41.16 -75.20
CA ALA VA 165 -5.73 40.84 -76.53
C ALA VA 165 -5.49 39.37 -76.87
N ARG VA 166 -4.31 38.86 -76.53
CA ARG VA 166 -4.01 37.45 -76.81
C ARG VA 166 -4.94 36.52 -76.05
N GLU VA 167 -5.20 36.82 -74.78
CA GLU VA 167 -6.05 35.95 -73.97
C GLU VA 167 -7.48 35.93 -74.48
N SER VA 168 -8.01 37.10 -74.86
CA SER VA 168 -9.39 37.16 -75.33
C SER VA 168 -9.56 36.48 -76.68
N ALA VA 169 -8.54 36.54 -77.54
CA ALA VA 169 -8.63 35.92 -78.86
C ALA VA 169 -8.54 34.41 -78.80
N PHE VA 170 -7.88 33.87 -77.79
CA PHE VA 170 -7.67 32.43 -77.71
C PHE VA 170 -9.00 31.70 -77.54
N ARG VA 171 -9.22 30.68 -78.37
CA ARG VA 171 -10.45 29.89 -78.34
C ARG VA 171 -11.69 30.77 -78.39
N ASN VA 172 -11.70 31.69 -79.34
CA ASN VA 172 -12.81 32.62 -79.51
C ASN VA 172 -12.98 32.92 -80.99
N ILE VA 173 -14.24 33.12 -81.40
CA ILE VA 173 -14.52 33.47 -82.79
C ILE VA 173 -13.91 34.82 -83.12
N LYS VA 174 -13.91 35.74 -82.16
CA LYS VA 174 -13.36 37.07 -82.37
C LYS VA 174 -11.89 36.99 -82.79
N THR VA 175 -11.54 37.79 -83.80
CA THR VA 175 -10.18 37.78 -84.33
C THR VA 175 -9.24 38.56 -83.41
N ILE VA 176 -7.94 38.31 -83.60
CA ILE VA 176 -6.94 38.98 -82.78
C ILE VA 176 -6.97 40.49 -83.01
N ALA VA 177 -7.11 40.91 -84.27
CA ALA VA 177 -7.14 42.34 -84.55
C ALA VA 177 -8.32 43.02 -83.87
N GLU VA 178 -9.50 42.40 -83.92
CA GLU VA 178 -10.66 42.97 -83.25
C GLU VA 178 -10.46 43.02 -81.75
N CYS VA 179 -9.90 41.96 -81.16
CA CYS VA 179 -9.62 41.96 -79.73
C CYS VA 179 -8.61 43.03 -79.35
N LEU VA 180 -7.57 43.20 -80.17
CA LEU VA 180 -6.58 44.23 -79.90
C LEU VA 180 -7.21 45.62 -79.97
N ALA VA 181 -8.09 45.85 -80.94
CA ALA VA 181 -8.72 47.16 -81.08
C ALA VA 181 -9.57 47.49 -79.85
N ASP VA 182 -10.37 46.52 -79.39
CA ASP VA 182 -11.21 46.77 -78.22
C ASP VA 182 -10.36 46.99 -76.97
N GLU VA 183 -9.28 46.21 -76.83
CA GLU VA 183 -8.39 46.39 -75.68
C GLU VA 183 -7.78 47.79 -75.67
N LEU VA 184 -7.31 48.25 -76.83
CA LEU VA 184 -6.72 49.58 -76.91
C LEU VA 184 -7.78 50.66 -76.68
N ILE VA 185 -8.98 50.49 -77.25
CA ILE VA 185 -10.02 51.48 -77.09
C ILE VA 185 -10.43 51.61 -75.62
N ASN VA 186 -10.63 50.47 -74.96
CA ASN VA 186 -10.98 50.51 -73.53
C ASN VA 186 -9.83 51.05 -72.71
N ALA VA 187 -8.60 50.63 -72.99
CA ALA VA 187 -7.45 51.12 -72.24
C ALA VA 187 -7.27 52.63 -72.43
N ALA VA 188 -7.40 53.09 -73.68
CA ALA VA 188 -7.27 54.52 -73.93
C ALA VA 188 -8.36 55.32 -73.23
N LYS VA 189 -9.57 54.77 -73.16
CA LYS VA 189 -10.68 55.43 -72.50
C LYS VA 189 -10.62 55.33 -70.99
N GLY VA 190 -9.76 54.48 -70.44
CA GLY VA 190 -9.65 54.29 -69.01
C GLY VA 190 -10.69 53.36 -68.41
N SER VA 191 -11.55 52.77 -69.23
CA SER VA 191 -12.59 51.88 -68.72
C SER VA 191 -11.98 50.64 -68.08
N SER VA 192 -12.62 50.17 -67.01
CA SER VA 192 -12.16 48.97 -66.32
C SER VA 192 -12.36 47.71 -67.15
N ASN VA 193 -13.17 47.76 -68.21
CA ASN VA 193 -13.37 46.59 -69.05
C ASN VA 193 -12.07 46.10 -69.66
N SER VA 194 -11.07 46.96 -69.82
CA SER VA 194 -9.81 46.57 -70.38
C SER VA 194 -9.07 45.61 -69.45
N TYR VA 195 -8.45 44.59 -70.03
CA TYR VA 195 -7.63 43.67 -69.25
C TYR VA 195 -6.44 44.40 -68.63
N ALA VA 196 -5.79 45.27 -69.39
CA ALA VA 196 -4.61 45.98 -68.89
C ALA VA 196 -4.97 46.90 -67.73
N ILE VA 197 -6.11 47.58 -67.81
CA ILE VA 197 -6.52 48.49 -66.75
C ILE VA 197 -6.74 47.73 -65.45
N LYS VA 198 -7.40 46.57 -65.51
CA LYS VA 198 -7.61 45.79 -64.30
C LYS VA 198 -6.29 45.36 -63.68
N LYS VA 199 -5.34 44.90 -64.50
CA LYS VA 199 -4.04 44.49 -63.98
C LYS VA 199 -3.30 45.66 -63.38
N LYS VA 200 -3.38 46.84 -64.01
CA LYS VA 200 -2.73 48.01 -63.45
C LYS VA 200 -3.28 48.34 -62.07
N ASP VA 201 -4.60 48.28 -61.92
CA ASP VA 201 -5.20 48.54 -60.60
C ASP VA 201 -4.74 47.52 -59.58
N GLU VA 202 -4.69 46.24 -59.97
CA GLU VA 202 -4.23 45.21 -59.06
C GLU VA 202 -2.79 45.43 -58.64
N ILE VA 203 -1.93 45.80 -59.59
CA ILE VA 203 -0.52 46.03 -59.27
C ILE VA 203 -0.39 47.19 -58.30
N GLU VA 204 -1.12 48.28 -58.55
CA GLU VA 204 -1.06 49.44 -57.67
C GLU VA 204 -1.82 49.21 -56.37
N ARG VA 205 -2.83 48.34 -56.37
CA ARG VA 205 -3.54 48.03 -55.13
C ARG VA 205 -2.63 47.28 -54.16
N VAL VA 206 -1.86 46.32 -54.66
CA VAL VA 206 -0.95 45.58 -53.81
C VAL VA 206 0.18 46.48 -53.31
N ALA VA 207 0.66 47.38 -54.17
CA ALA VA 207 1.73 48.28 -53.76
C ALA VA 207 1.30 49.15 -52.59
N LYS VA 208 0.08 49.68 -52.64
CA LYS VA 208 -0.40 50.54 -51.57
C LYS VA 208 -0.47 49.77 -50.25
N ALA VA 209 -0.92 48.52 -50.30
CA ALA VA 209 -1.03 47.72 -49.08
C ALA VA 209 0.32 47.44 -48.44
N ASN VA 210 1.41 47.56 -49.20
CA ASN VA 210 2.75 47.26 -48.70
C ASN VA 210 3.53 48.53 -48.36
N ARG VA 211 2.88 49.69 -48.34
CA ARG VA 211 3.54 50.92 -47.98
C ARG VA 211 4.02 50.87 -46.53
N MET WA 1 49.29 -26.89 -91.85
CA MET WA 1 48.84 -26.25 -93.12
C MET WA 1 49.30 -27.08 -94.31
N ILE WA 2 48.34 -27.76 -94.95
CA ILE WA 2 48.64 -28.65 -96.07
C ILE WA 2 48.52 -27.82 -97.35
N ILE WA 3 49.61 -27.17 -97.73
CA ILE WA 3 49.65 -26.41 -98.98
C ILE WA 3 49.94 -27.37 -100.12
N PRO WA 4 49.17 -27.33 -101.21
CA PRO WA 4 49.48 -28.20 -102.36
C PRO WA 4 50.90 -27.95 -102.86
N GLU WA 5 51.55 -29.04 -103.28
CA GLU WA 5 52.94 -28.92 -103.74
C GLU WA 5 53.06 -27.95 -104.89
N LYS WA 6 52.09 -27.94 -105.80
CA LYS WA 6 52.13 -27.00 -106.91
C LYS WA 6 52.07 -25.56 -106.41
N ASN WA 7 51.19 -25.28 -105.46
CA ASN WA 7 51.10 -23.93 -104.89
C ASN WA 7 52.36 -23.59 -104.10
N ARG WA 8 52.94 -24.56 -103.41
CA ARG WA 8 54.14 -24.30 -102.61
C ARG WA 8 55.27 -23.81 -103.49
N ARG WA 9 55.44 -24.42 -104.66
CA ARG WA 9 56.52 -24.00 -105.57
C ARG WA 9 56.31 -22.56 -106.02
N GLU WA 10 55.07 -22.17 -106.30
CA GLU WA 10 54.81 -20.82 -106.78
C GLU WA 10 55.24 -19.77 -105.76
N ILE WA 11 54.93 -20.01 -104.48
CA ILE WA 11 55.33 -19.06 -103.44
C ILE WA 11 56.84 -19.00 -103.34
N SER WA 12 57.49 -20.16 -103.30
CA SER WA 12 58.95 -20.20 -103.24
C SER WA 12 59.56 -19.60 -104.50
N LYS WA 13 58.99 -19.92 -105.67
CA LYS WA 13 59.48 -19.34 -106.91
C LYS WA 13 59.38 -17.82 -106.89
N TYR WA 14 58.21 -17.30 -106.53
CA TYR WA 14 58.03 -15.85 -106.46
C TYR WA 14 58.91 -15.24 -105.38
N LEU WA 15 58.97 -15.87 -104.21
CA LEU WA 15 59.78 -15.34 -103.12
C LEU WA 15 61.26 -15.34 -103.49
N PHE WA 16 61.74 -16.41 -104.13
CA PHE WA 16 63.13 -16.44 -104.55
C PHE WA 16 63.38 -15.52 -105.73
N GLN WA 17 62.43 -15.43 -106.65
CA GLN WA 17 62.59 -14.54 -107.80
C GLN WA 17 62.72 -13.09 -107.35
N GLU WA 18 61.89 -12.66 -106.41
CA GLU WA 18 61.94 -11.32 -105.85
C GLU WA 18 62.03 -11.44 -104.34
N GLY WA 19 63.05 -10.82 -103.75
CA GLY WA 19 63.37 -11.02 -102.35
C GLY WA 19 62.34 -10.51 -101.37
N VAL WA 20 61.23 -9.92 -101.83
CA VAL WA 20 60.22 -9.37 -100.93
C VAL WA 20 58.84 -9.85 -101.39
N CYS WA 21 57.91 -9.83 -100.44
CA CYS WA 21 56.52 -10.17 -100.72
C CYS WA 21 55.64 -9.52 -99.67
N PHE WA 22 54.35 -9.39 -99.99
CA PHE WA 22 53.38 -8.79 -99.09
C PHE WA 22 52.05 -9.53 -99.24
N ALA WA 23 51.20 -9.36 -98.24
CA ALA WA 23 49.88 -9.99 -98.26
C ALA WA 23 48.94 -9.23 -97.35
N LYS WA 24 47.73 -8.99 -97.85
CA LYS WA 24 46.68 -8.41 -97.01
C LYS WA 24 46.20 -9.45 -96.00
N LYS WA 25 45.98 -9.00 -94.76
CA LYS WA 25 45.47 -9.89 -93.71
C LYS WA 25 43.98 -10.09 -93.93
N ASP WA 26 43.67 -10.87 -94.97
CA ASP WA 26 42.29 -11.19 -95.34
C ASP WA 26 42.27 -12.66 -95.77
N TYR WA 27 41.96 -13.55 -94.83
CA TYR WA 27 41.95 -14.98 -95.11
C TYR WA 27 40.88 -15.37 -96.12
N ASN WA 28 39.86 -14.53 -96.31
CA ASN WA 28 38.79 -14.83 -97.24
C ASN WA 28 39.11 -14.48 -98.68
N LEU WA 29 40.20 -13.73 -98.92
CA LEU WA 29 40.55 -13.36 -100.28
C LEU WA 29 40.81 -14.61 -101.12
N ALA WA 30 40.21 -14.64 -102.31
CA ALA WA 30 40.28 -15.85 -103.14
C ALA WA 30 41.67 -16.04 -103.73
N LYS WA 31 42.26 -14.98 -104.26
CA LYS WA 31 43.54 -15.06 -104.96
C LYS WA 31 44.47 -13.97 -104.47
N HIS WA 32 45.74 -14.33 -104.28
CA HIS WA 32 46.75 -13.34 -103.94
C HIS WA 32 46.95 -12.40 -105.13
N PRO WA 33 47.06 -11.09 -104.91
CA PRO WA 33 47.15 -10.16 -106.03
C PRO WA 33 48.33 -10.42 -106.96
N ASN WA 34 49.42 -10.99 -106.45
CA ASN WA 34 50.61 -11.25 -107.26
C ASN WA 34 50.83 -12.72 -107.57
N ILE WA 35 50.08 -13.62 -106.94
CA ILE WA 35 50.24 -15.06 -107.14
C ILE WA 35 48.87 -15.70 -107.23
N ASP WA 36 48.74 -16.70 -108.11
CA ASP WA 36 47.46 -17.41 -108.25
C ASP WA 36 47.10 -18.20 -106.99
N VAL WA 37 48.06 -18.42 -106.10
CA VAL WA 37 47.82 -19.18 -104.87
C VAL WA 37 46.83 -18.41 -104.01
N PRO WA 38 45.97 -19.07 -103.25
CA PRO WA 38 45.05 -18.33 -102.37
C PRO WA 38 45.81 -17.50 -101.35
N ASN WA 39 45.21 -16.37 -100.97
CA ASN WA 39 45.88 -15.43 -100.08
C ASN WA 39 46.22 -16.10 -98.74
N LEU WA 40 45.32 -16.94 -98.24
CA LEU WA 40 45.57 -17.59 -96.95
C LEU WA 40 46.83 -18.44 -96.99
N GLN WA 41 46.99 -19.22 -98.06
CA GLN WA 41 48.16 -20.09 -98.16
C GLN WA 41 49.45 -19.29 -98.20
N VAL WA 42 49.43 -18.10 -98.79
CA VAL WA 42 50.62 -17.25 -98.79
C VAL WA 42 50.98 -16.83 -97.38
N ILE WA 43 49.98 -16.43 -96.59
CA ILE WA 43 50.24 -15.97 -95.23
C ILE WA 43 50.77 -17.10 -94.37
N LYS WA 44 50.14 -18.28 -94.46
CA LYS WA 44 50.54 -19.39 -93.61
C LYS WA 44 51.88 -19.96 -94.02
N LEU WA 45 52.15 -20.06 -95.32
CA LEU WA 45 53.41 -20.63 -95.78
C LEU WA 45 54.60 -19.79 -95.31
N MET WA 46 54.49 -18.47 -95.42
CA MET WA 46 55.56 -17.59 -94.97
C MET WA 46 55.61 -17.44 -93.46
N GLN WA 47 54.56 -17.85 -92.75
CA GLN WA 47 54.67 -17.97 -91.30
C GLN WA 47 55.68 -19.06 -90.93
N SER WA 48 55.70 -20.15 -91.68
CA SER WA 48 56.70 -21.20 -91.47
C SER WA 48 58.11 -20.66 -91.70
N PHE WA 49 58.28 -19.85 -92.75
CA PHE WA 49 59.58 -19.25 -93.01
C PHE WA 49 59.98 -18.32 -91.87
N LYS WA 50 59.02 -17.56 -91.34
CA LYS WA 50 59.33 -16.65 -90.23
C LYS WA 50 59.84 -17.42 -89.02
N SER WA 51 59.22 -18.55 -88.71
CA SER WA 51 59.65 -19.35 -87.56
C SER WA 51 61.05 -19.91 -87.77
N LYS WA 52 61.40 -20.26 -89.02
CA LYS WA 52 62.71 -20.78 -89.34
C LYS WA 52 63.70 -19.69 -89.72
N GLU WA 53 63.31 -18.42 -89.59
CA GLU WA 53 64.18 -17.28 -89.84
C GLU WA 53 64.60 -17.17 -91.30
N TYR WA 54 63.87 -17.83 -92.21
CA TYR WA 54 64.15 -17.68 -93.63
C TYR WA 54 63.68 -16.33 -94.16
N VAL WA 55 62.73 -15.68 -93.49
CA VAL WA 55 62.23 -14.37 -93.90
C VAL WA 55 62.11 -13.49 -92.67
N ARG WA 56 62.05 -12.18 -92.90
CA ARG WA 56 61.85 -11.19 -91.86
C ARG WA 56 60.51 -10.53 -92.07
N GLU WA 57 59.69 -10.52 -91.03
CA GLU WA 57 58.28 -10.13 -91.12
C GLU WA 57 58.05 -8.76 -90.49
N THR WA 58 57.26 -7.94 -91.19
CA THR WA 58 56.80 -6.66 -90.68
C THR WA 58 55.31 -6.53 -90.98
N PHE WA 59 54.56 -5.98 -90.02
CA PHE WA 59 53.11 -5.86 -90.14
C PHE WA 59 52.72 -4.42 -89.84
N ALA WA 60 51.81 -3.88 -90.66
CA ALA WA 60 51.33 -2.52 -90.46
C ALA WA 60 50.13 -2.28 -91.36
N TRP WA 61 49.10 -1.64 -90.82
CA TRP WA 61 47.90 -1.27 -91.57
C TRP WA 61 47.30 -2.48 -92.29
N MET WA 62 47.21 -3.59 -91.55
CA MET WA 62 46.54 -4.80 -92.03
C MET WA 62 47.25 -5.41 -93.24
N HIS WA 63 48.57 -5.27 -93.31
CA HIS WA 63 49.35 -5.83 -94.39
C HIS WA 63 50.63 -6.45 -93.86
N TYR WA 64 51.00 -7.60 -94.40
CA TYR WA 64 52.26 -8.25 -94.08
C TYR WA 64 53.35 -7.81 -95.05
N TYR WA 65 54.57 -7.79 -94.55
CA TYR WA 65 55.75 -7.46 -95.36
C TYR WA 65 56.86 -8.44 -95.00
N TRP WA 66 57.25 -9.27 -95.97
CA TRP WA 66 58.27 -10.29 -95.76
C TRP WA 66 59.48 -9.99 -96.61
N TYR WA 67 60.66 -10.14 -96.01
CA TYR WA 67 61.93 -9.92 -96.69
C TYR WA 67 62.79 -11.16 -96.55
N LEU WA 68 63.34 -11.63 -97.66
CA LEU WA 68 64.20 -12.81 -97.63
C LEU WA 68 65.51 -12.50 -96.91
N THR WA 69 66.01 -13.50 -96.19
CA THR WA 69 67.28 -13.41 -95.49
C THR WA 69 68.31 -14.29 -96.18
N ASN WA 70 69.56 -14.19 -95.70
CA ASN WA 70 70.63 -14.99 -96.28
C ASN WA 70 70.34 -16.48 -96.15
N ASP WA 71 69.87 -16.91 -94.98
CA ASP WA 71 69.54 -18.32 -94.80
C ASP WA 71 68.39 -18.73 -95.71
N GLY WA 72 67.38 -17.86 -95.86
CA GLY WA 72 66.26 -18.18 -96.72
C GLY WA 72 66.68 -18.43 -98.16
N ILE WA 73 67.59 -17.59 -98.68
CA ILE WA 73 68.04 -17.76 -100.05
C ILE WA 73 68.73 -19.11 -100.22
N GLU WA 74 69.57 -19.49 -99.26
CA GLU WA 74 70.24 -20.78 -99.34
C GLU WA 74 69.25 -21.93 -99.36
N PHE WA 75 68.22 -21.87 -98.50
CA PHE WA 75 67.23 -22.94 -98.45
C PHE WA 75 66.44 -23.02 -99.75
N LEU WA 76 66.03 -21.88 -100.29
CA LEU WA 76 65.19 -21.89 -101.48
C LEU WA 76 65.94 -22.44 -102.69
N ARG WA 77 67.24 -22.13 -102.80
CA ARG WA 77 68.02 -22.64 -103.93
C ARG WA 77 68.03 -24.16 -103.94
N THR WA 78 68.27 -24.78 -102.79
CA THR WA 78 68.24 -26.23 -102.72
C THR WA 78 66.84 -26.77 -102.99
N TYR WA 79 65.82 -26.12 -102.43
CA TYR WA 79 64.45 -26.56 -102.65
C TYR WA 79 64.07 -26.43 -104.12
N LEU WA 80 64.41 -25.31 -104.75
CA LEU WA 80 64.09 -25.10 -106.16
C LEU WA 80 65.09 -25.74 -107.10
N ASN WA 81 66.24 -26.18 -106.60
CA ASN WA 81 67.26 -26.83 -107.44
C ASN WA 81 67.64 -25.95 -108.62
N LEU WA 82 68.22 -24.80 -108.29
CA LEU WA 82 68.65 -23.81 -109.28
C LEU WA 82 70.15 -23.58 -109.17
N PRO WA 83 70.78 -23.09 -110.24
CA PRO WA 83 72.23 -22.83 -110.18
C PRO WA 83 72.57 -21.85 -109.07
N SER WA 84 73.75 -22.07 -108.46
CA SER WA 84 74.18 -21.25 -107.34
C SER WA 84 74.48 -19.81 -107.73
N GLU WA 85 74.59 -19.50 -109.02
CA GLU WA 85 74.90 -18.15 -109.46
C GLU WA 85 73.66 -17.27 -109.57
N ILE WA 86 72.47 -17.84 -109.45
CA ILE WA 86 71.22 -17.07 -109.53
C ILE WA 86 70.89 -16.55 -108.14
N VAL WA 87 70.53 -15.27 -108.06
CA VAL WA 87 70.23 -14.62 -106.79
C VAL WA 87 68.93 -13.84 -106.94
N PRO WA 88 68.28 -13.50 -105.83
CA PRO WA 88 67.05 -12.72 -105.91
C PRO WA 88 67.29 -11.36 -106.55
N ALA WA 89 66.24 -10.82 -107.17
CA ALA WA 89 66.36 -9.57 -107.89
C ALA WA 89 66.80 -8.42 -107.01
N THR WA 90 66.62 -8.54 -105.69
CA THR WA 90 67.03 -7.47 -104.78
C THR WA 90 68.55 -7.41 -104.61
N LEU WA 91 69.27 -8.46 -105.00
CA LEU WA 91 70.73 -8.51 -104.86
C LEU WA 91 71.45 -8.14 -106.15
N LYS WA 92 70.81 -7.36 -107.01
CA LYS WA 92 71.43 -6.94 -108.26
C LYS WA 92 71.00 -5.52 -108.61
N LYS XA 19 -19.76 -24.38 -96.68
CA LYS XA 19 -18.92 -23.29 -96.19
C LYS XA 19 -17.45 -23.64 -96.39
N LYS XA 20 -17.13 -24.13 -97.59
CA LYS XA 20 -15.78 -24.56 -97.89
C LYS XA 20 -14.83 -23.36 -97.94
N PHE XA 21 -13.55 -23.64 -97.72
CA PHE XA 21 -12.53 -22.60 -97.77
C PHE XA 21 -12.36 -22.09 -99.20
N SER XA 22 -12.21 -20.78 -99.33
CA SER XA 22 -11.95 -20.15 -100.62
C SER XA 22 -10.94 -19.02 -100.42
N TYR XA 23 -9.97 -18.95 -101.33
CA TYR XA 23 -8.93 -17.93 -101.29
C TYR XA 23 -9.09 -17.02 -102.50
N ARG XA 24 -9.41 -15.75 -102.25
CA ARG XA 24 -9.61 -14.77 -103.32
C ARG XA 24 -10.73 -15.21 -104.27
N GLY XA 25 -11.74 -15.89 -103.74
CA GLY XA 25 -12.84 -16.37 -104.54
C GLY XA 25 -12.59 -17.70 -105.23
N VAL XA 26 -11.42 -18.31 -105.05
CA VAL XA 26 -11.08 -19.57 -105.67
C VAL XA 26 -11.15 -20.66 -104.62
N ASP XA 27 -11.88 -21.74 -104.93
CA ASP XA 27 -12.04 -22.83 -103.98
C ASP XA 27 -10.72 -23.60 -103.81
N LEU XA 28 -10.62 -24.31 -102.69
CA LEU XA 28 -9.39 -25.03 -102.38
C LEU XA 28 -9.08 -26.07 -103.45
N ASP XA 29 -10.10 -26.67 -104.07
CA ASP XA 29 -9.87 -27.68 -105.09
C ASP XA 29 -9.12 -27.09 -106.28
N SER XA 30 -9.48 -25.88 -106.70
CA SER XA 30 -8.81 -25.27 -107.84
C SER XA 30 -7.42 -24.77 -107.49
N LEU XA 31 -7.20 -24.37 -106.23
CA LEU XA 31 -5.90 -23.84 -105.84
C LEU XA 31 -4.80 -24.87 -106.06
N LEU XA 32 -5.09 -26.15 -105.75
CA LEU XA 32 -4.08 -27.18 -105.91
C LEU XA 32 -3.67 -27.34 -107.37
N ASP XA 33 -4.63 -27.28 -108.29
CA ASP XA 33 -4.35 -27.46 -109.71
C ASP XA 33 -3.88 -26.18 -110.40
N MET XA 34 -3.95 -25.04 -109.73
CA MET XA 34 -3.53 -23.79 -110.35
C MET XA 34 -2.01 -23.75 -110.51
N SER XA 35 -1.56 -23.10 -111.57
CA SER XA 35 -0.14 -22.95 -111.84
C SER XA 35 0.47 -21.89 -110.93
N THR XA 36 1.81 -21.91 -110.85
CA THR XA 36 2.50 -20.94 -110.01
C THR XA 36 2.27 -19.52 -110.50
N ASP XA 37 2.27 -19.31 -111.82
CA ASP XA 37 2.05 -17.97 -112.35
C ASP XA 37 0.66 -17.46 -112.00
N GLU XA 38 -0.34 -18.34 -112.03
CA GLU XA 38 -1.69 -17.92 -111.65
C GLU XA 38 -1.79 -17.71 -110.15
N LEU XA 39 -1.08 -18.51 -109.36
CA LEU XA 39 -1.16 -18.40 -107.90
C LEU XA 39 -0.61 -17.06 -107.42
N VAL XA 40 0.50 -16.60 -107.99
CA VAL XA 40 1.14 -15.38 -107.50
C VAL XA 40 0.21 -14.19 -107.61
N LYS XA 41 -0.68 -14.20 -108.61
CA LYS XA 41 -1.64 -13.10 -108.74
C LYS XA 41 -2.60 -13.07 -107.56
N LEU XA 42 -2.91 -14.23 -106.98
CA LEU XA 42 -3.80 -14.28 -105.82
C LEU XA 42 -3.10 -13.85 -104.54
N TYR XA 43 -1.80 -14.10 -104.43
CA TYR XA 43 -1.08 -13.77 -103.22
C TYR XA 43 -0.94 -12.25 -103.05
N PRO XA 44 -0.73 -11.78 -101.83
CA PRO XA 44 -0.48 -10.34 -101.64
C PRO XA 44 0.85 -9.89 -102.20
N ALA XA 45 1.20 -8.62 -102.03
CA ALA XA 45 2.36 -8.04 -102.70
C ALA XA 45 3.65 -8.72 -102.27
N ARG XA 46 3.83 -8.91 -100.96
CA ARG XA 46 5.10 -9.43 -100.47
C ARG XA 46 5.41 -10.84 -100.98
N PRO XA 47 4.51 -11.82 -100.88
CA PRO XA 47 4.82 -13.13 -101.47
C PRO XA 47 5.06 -13.08 -102.97
N ARG XA 48 4.34 -12.21 -103.69
CA ARG XA 48 4.54 -12.13 -105.14
C ARG XA 48 5.94 -11.66 -105.48
N ARG XA 49 6.45 -10.67 -104.76
CA ARG XA 49 7.82 -10.23 -104.98
C ARG XA 49 8.82 -11.33 -104.65
N ARG XA 50 8.55 -12.08 -103.57
CA ARG XA 50 9.45 -13.15 -103.16
C ARG XA 50 9.61 -14.19 -104.27
N PHE XA 51 8.49 -14.60 -104.88
CA PHE XA 51 8.56 -15.59 -105.94
C PHE XA 51 9.08 -14.99 -107.24
N GLN XA 52 8.76 -13.73 -107.51
CA GLN XA 52 9.26 -13.08 -108.72
C GLN XA 52 10.78 -12.97 -108.69
N ARG XA 53 11.34 -12.64 -107.53
CA ARG XA 53 12.80 -12.62 -107.37
C ARG XA 53 13.41 -14.01 -107.39
N GLY XA 54 12.59 -15.06 -107.32
CA GLY XA 54 13.08 -16.42 -107.36
C GLY XA 54 13.30 -16.99 -105.97
N LEU XA 55 13.45 -18.31 -105.93
CA LEU XA 55 13.70 -19.04 -104.70
C LEU XA 55 15.09 -19.67 -104.76
N LYS XA 56 15.77 -19.69 -103.61
CA LYS XA 56 17.11 -20.25 -103.54
C LYS XA 56 17.05 -21.78 -103.47
N ARG XA 57 18.22 -22.39 -103.34
CA ARG XA 57 18.30 -23.85 -103.29
C ARG XA 57 17.59 -24.40 -102.06
N LYS XA 58 17.79 -23.77 -100.90
CA LYS XA 58 17.25 -24.31 -99.65
C LYS XA 58 15.73 -24.36 -99.66
N PRO XA 59 15.00 -23.30 -100.05
CA PRO XA 59 13.54 -23.43 -100.11
C PRO XA 59 13.06 -24.56 -101.02
N MET XA 60 13.76 -24.81 -102.12
CA MET XA 60 13.34 -25.88 -103.03
C MET XA 60 13.40 -27.24 -102.34
N ALA XA 61 14.45 -27.48 -101.56
CA ALA XA 61 14.62 -28.78 -100.92
C ALA XA 61 13.49 -29.06 -99.95
N LEU XA 62 13.05 -28.05 -99.21
CA LEU XA 62 11.97 -28.25 -98.24
C LEU XA 62 10.68 -28.69 -98.93
N ILE XA 63 10.34 -28.06 -100.05
CA ILE XA 63 9.14 -28.46 -100.78
C ILE XA 63 9.28 -29.89 -101.27
N LYS XA 64 10.47 -30.28 -101.69
CA LYS XA 64 10.68 -31.65 -102.16
C LYS XA 64 10.44 -32.66 -101.04
N LYS XA 65 10.92 -32.35 -99.83
CA LYS XA 65 10.73 -33.27 -98.72
C LYS XA 65 9.30 -33.27 -98.21
N LEU XA 66 8.65 -32.10 -98.20
CA LEU XA 66 7.29 -32.01 -97.65
C LEU XA 66 6.34 -32.90 -98.42
N ARG XA 67 6.40 -32.86 -99.76
CA ARG XA 67 5.55 -33.72 -100.56
C ARG XA 67 6.09 -35.13 -100.68
N LYS XA 68 7.36 -35.35 -100.36
CA LYS XA 68 7.88 -36.71 -100.27
C LYS XA 68 7.28 -37.45 -99.09
N ALA XA 69 7.09 -36.76 -97.96
CA ALA XA 69 6.49 -37.39 -96.78
C ALA XA 69 5.05 -37.81 -97.05
N LYS XA 70 4.31 -37.03 -97.84
CA LYS XA 70 2.93 -37.39 -98.14
C LYS XA 70 2.85 -38.71 -98.89
N ARG XA 71 3.75 -38.92 -99.85
CA ARG XA 71 3.75 -40.17 -100.59
C ARG XA 71 4.03 -41.35 -99.68
N GLU XA 72 4.98 -41.20 -98.75
CA GLU XA 72 5.32 -42.26 -97.82
C GLU XA 72 4.28 -42.46 -96.74
N ALA XA 73 3.39 -41.49 -96.54
CA ALA XA 73 2.39 -41.61 -95.48
C ALA XA 73 1.36 -42.68 -95.86
N PRO XA 74 1.06 -43.63 -94.97
CA PRO XA 74 0.01 -44.60 -95.28
C PRO XA 74 -1.34 -43.93 -95.42
N GLN XA 75 -2.20 -44.50 -96.25
CA GLN XA 75 -3.49 -43.89 -96.55
C GLN XA 75 -4.30 -43.71 -95.27
N GLY XA 76 -4.79 -42.50 -95.05
CA GLY XA 76 -5.58 -42.18 -93.89
C GLY XA 76 -4.82 -41.63 -92.71
N GLU XA 77 -3.48 -41.57 -92.79
CA GLU XA 77 -2.66 -41.05 -91.71
C GLU XA 77 -1.93 -39.80 -92.17
N LYS XA 78 -1.68 -38.90 -91.21
CA LYS XA 78 -0.96 -37.68 -91.52
C LYS XA 78 0.51 -37.98 -91.83
N PRO XA 79 1.16 -37.13 -92.61
CA PRO XA 79 2.58 -37.37 -92.94
C PRO XA 79 3.48 -37.16 -91.73
N GLU XA 80 4.65 -37.76 -91.80
CA GLU XA 80 5.63 -37.64 -90.73
C GLU XA 80 6.15 -36.21 -90.64
N VAL XA 81 6.65 -35.86 -89.46
CA VAL XA 81 7.12 -34.51 -89.22
C VAL XA 81 8.34 -34.21 -90.08
N VAL XA 82 8.41 -32.98 -90.58
CA VAL XA 82 9.57 -32.49 -91.33
C VAL XA 82 10.08 -31.26 -90.60
N ARG XA 83 11.31 -31.34 -90.09
CA ARG XA 83 11.91 -30.25 -89.35
C ARG XA 83 12.75 -29.37 -90.28
N THR XA 84 12.72 -28.07 -90.04
CA THR XA 84 13.44 -27.13 -90.89
C THR XA 84 13.72 -25.85 -90.13
N HIS XA 85 14.81 -25.19 -90.49
CA HIS XA 85 15.11 -23.85 -89.99
C HIS XA 85 14.56 -22.75 -90.88
N LEU XA 86 13.96 -23.10 -92.02
CA LEU XA 86 13.46 -22.12 -92.98
C LEU XA 86 12.13 -21.58 -92.49
N ARG XA 87 12.21 -20.62 -91.56
CA ARG XA 87 11.02 -19.95 -91.05
C ARG XA 87 10.67 -18.71 -91.86
N ASN XA 88 11.46 -18.37 -92.87
CA ASN XA 88 11.08 -17.37 -93.86
C ASN XA 88 10.36 -17.98 -95.06
N MET XA 89 10.12 -19.28 -95.04
CA MET XA 89 9.43 -19.94 -96.13
C MET XA 89 7.99 -19.49 -96.21
N ILE XA 90 7.48 -19.35 -97.43
CA ILE XA 90 6.09 -18.95 -97.66
C ILE XA 90 5.24 -20.20 -97.81
N ILE XA 91 4.11 -20.24 -97.11
CA ILE XA 91 3.21 -21.37 -97.16
C ILE XA 91 2.41 -21.30 -98.46
N VAL XA 92 2.39 -22.40 -99.20
CA VAL XA 92 1.70 -22.47 -100.49
C VAL XA 92 0.68 -23.58 -100.41
N PRO XA 93 -0.31 -23.59 -101.32
CA PRO XA 93 -1.36 -24.62 -101.25
C PRO XA 93 -0.81 -26.04 -101.28
N GLU XA 94 0.31 -26.27 -101.97
CA GLU XA 94 0.88 -27.60 -102.01
C GLU XA 94 1.33 -28.07 -100.62
N MET XA 95 1.56 -27.15 -99.70
CA MET XA 95 1.99 -27.48 -98.34
C MET XA 95 0.83 -27.75 -97.39
N ILE XA 96 -0.41 -27.62 -97.85
CA ILE XA 96 -1.56 -27.86 -96.98
C ILE XA 96 -1.58 -29.33 -96.57
N GLY XA 97 -1.80 -29.58 -95.28
CA GLY XA 97 -1.86 -30.92 -94.76
C GLY XA 97 -0.54 -31.49 -94.28
N SER XA 98 0.56 -30.79 -94.51
CA SER XA 98 1.87 -31.26 -94.06
C SER XA 98 2.09 -30.95 -92.59
N VAL XA 99 2.92 -31.77 -91.96
CA VAL XA 99 3.34 -31.56 -90.57
C VAL XA 99 4.77 -31.04 -90.61
N ILE XA 100 4.98 -29.84 -90.09
CA ILE XA 100 6.27 -29.17 -90.18
C ILE XA 100 6.72 -28.78 -88.78
N GLY XA 101 7.95 -29.14 -88.44
CA GLY XA 101 8.57 -28.70 -87.20
C GLY XA 101 9.39 -27.44 -87.43
N ILE XA 102 8.89 -26.31 -86.96
CA ILE XA 102 9.48 -25.00 -87.25
C ILE XA 102 10.43 -24.64 -86.11
N TYR XA 103 11.68 -24.38 -86.46
CA TYR XA 103 12.68 -24.01 -85.47
C TYR XA 103 12.47 -22.57 -85.03
N ASN XA 104 12.41 -22.36 -83.71
CA ASN XA 104 12.24 -21.03 -83.15
C ASN XA 104 13.53 -20.47 -82.55
N GLY XA 105 14.66 -21.12 -82.82
CA GLY XA 105 15.93 -20.77 -82.24
C GLY XA 105 16.36 -21.70 -81.11
N LYS XA 106 15.41 -22.38 -80.48
CA LYS XA 106 15.68 -23.32 -79.41
C LYS XA 106 15.09 -24.69 -79.66
N THR XA 107 13.85 -24.76 -80.15
CA THR XA 107 13.15 -26.02 -80.35
C THR XA 107 12.34 -25.96 -81.64
N PHE XA 108 11.99 -27.13 -82.15
CA PHE XA 108 11.17 -27.26 -83.35
C PHE XA 108 9.71 -27.34 -82.94
N ASN XA 109 8.95 -26.28 -83.22
CA ASN XA 109 7.53 -26.25 -82.92
C ASN XA 109 6.76 -26.90 -84.08
N GLN XA 110 5.97 -27.93 -83.76
CA GLN XA 110 5.25 -28.68 -84.76
C GLN XA 110 3.87 -28.07 -85.00
N ILE XA 111 3.51 -27.88 -86.26
CA ILE XA 111 2.20 -27.36 -86.64
C ILE XA 111 1.65 -28.19 -87.79
N GLU XA 112 0.33 -28.08 -87.99
CA GLU XA 112 -0.35 -28.67 -89.12
C GLU XA 112 -0.80 -27.55 -90.04
N VAL XA 113 -0.38 -27.61 -91.30
CA VAL XA 113 -0.69 -26.54 -92.24
C VAL XA 113 -2.17 -26.61 -92.60
N LYS XA 114 -2.86 -25.48 -92.49
CA LYS XA 114 -4.27 -25.36 -92.78
C LYS XA 114 -4.49 -24.38 -93.94
N PRO XA 115 -5.64 -24.46 -94.60
CA PRO XA 115 -5.86 -23.58 -95.77
C PRO XA 115 -5.77 -22.10 -95.43
N GLU XA 116 -6.12 -21.70 -94.21
CA GLU XA 116 -6.06 -20.30 -93.83
C GLU XA 116 -4.64 -19.78 -93.62
N MET XA 117 -3.65 -20.67 -93.61
CA MET XA 117 -2.26 -20.27 -93.43
C MET XA 117 -1.58 -19.88 -94.75
N ILE XA 118 -2.29 -19.95 -95.87
CA ILE XA 118 -1.68 -19.65 -97.16
C ILE XA 118 -1.23 -18.19 -97.18
N SER XA 119 -0.07 -17.95 -97.79
CA SER XA 119 0.56 -16.64 -97.97
C SER XA 119 1.18 -16.13 -96.68
N HIS XA 120 1.38 -16.97 -95.67
CA HIS XA 120 2.01 -16.58 -94.42
C HIS XA 120 3.37 -17.26 -94.30
N TYR XA 121 4.27 -16.60 -93.56
CA TYR XA 121 5.56 -17.18 -93.27
C TYR XA 121 5.45 -18.24 -92.17
N LEU XA 122 6.33 -19.24 -92.25
CA LEU XA 122 6.36 -20.25 -91.19
C LEU XA 122 6.78 -19.64 -89.86
N ALA XA 123 7.52 -18.53 -89.89
CA ALA XA 123 7.92 -17.88 -88.65
C ALA XA 123 6.72 -17.38 -87.86
N GLU XA 124 5.61 -17.09 -88.54
CA GLU XA 124 4.43 -16.55 -87.87
C GLU XA 124 3.71 -17.59 -87.02
N PHE XA 125 4.08 -18.86 -87.11
CA PHE XA 125 3.42 -19.93 -86.36
C PHE XA 125 4.37 -20.62 -85.38
N SER XA 126 5.57 -20.09 -85.17
CA SER XA 126 6.54 -20.64 -84.22
C SER XA 126 7.12 -19.46 -83.45
N ILE XA 127 6.47 -19.11 -82.34
CA ILE XA 127 6.88 -17.93 -81.59
C ILE XA 127 8.28 -18.14 -81.02
N SER XA 128 9.13 -17.13 -81.21
CA SER XA 128 10.53 -17.21 -80.79
C SER XA 128 10.77 -16.71 -79.38
N TYR XA 129 9.75 -16.18 -78.71
CA TYR XA 129 9.87 -15.66 -77.36
C TYR XA 129 8.71 -16.18 -76.51
N LYS XA 130 8.95 -16.29 -75.22
CA LYS XA 130 7.91 -16.69 -74.29
C LYS XA 130 7.09 -15.48 -73.86
N PRO XA 131 5.76 -15.55 -73.87
CA PRO XA 131 4.96 -14.39 -73.43
C PRO XA 131 5.31 -13.99 -72.01
N VAL XA 132 5.30 -12.68 -71.77
CA VAL XA 132 5.77 -12.13 -70.50
C VAL XA 132 4.66 -12.22 -69.46
N LYS XA 133 4.99 -12.80 -68.31
CA LYS XA 133 4.11 -12.81 -67.14
C LYS XA 133 4.88 -12.14 -66.01
N HIS XA 134 4.53 -10.90 -65.71
CA HIS XA 134 5.37 -10.07 -64.85
C HIS XA 134 5.38 -10.57 -63.40
N GLY XA 135 6.56 -10.52 -62.79
CA GLY XA 135 6.70 -10.73 -61.36
C GLY XA 135 6.78 -9.39 -60.62
N ARG XA 136 6.95 -9.50 -59.30
CA ARG XA 136 6.99 -8.31 -58.47
C ARG XA 136 8.24 -7.51 -58.78
N PRO XA 137 8.15 -6.17 -58.84
CA PRO XA 137 9.34 -5.36 -59.15
C PRO XA 137 10.43 -5.57 -58.11
N GLY XA 138 11.68 -5.57 -58.58
CA GLY XA 138 12.82 -5.71 -57.70
C GLY XA 138 13.34 -4.38 -57.20
N ILE XA 139 14.43 -4.45 -56.44
CA ILE XA 139 15.06 -3.25 -55.91
C ILE XA 139 15.65 -2.44 -57.06
N GLY XA 140 15.38 -1.14 -57.07
CA GLY XA 140 15.83 -0.26 -58.12
C GLY XA 140 14.81 0.02 -59.20
N ALA XA 141 13.59 -0.47 -59.05
CA ALA XA 141 12.53 -0.23 -60.04
C ALA XA 141 11.84 1.11 -59.86
N THR XA 142 12.08 1.80 -58.75
CA THR XA 142 11.45 3.09 -58.48
C THR XA 142 12.51 4.04 -57.95
N HIS XA 143 12.08 5.20 -57.46
CA HIS XA 143 12.97 6.24 -56.99
C HIS XA 143 13.98 6.62 -58.08
N SER XA 144 13.50 6.64 -59.32
CA SER XA 144 14.37 6.89 -60.47
C SER XA 144 14.44 8.37 -60.80
N VAL YA 8 27.15 57.35 -122.03
CA VAL YA 8 26.55 56.33 -121.18
C VAL YA 8 26.68 56.74 -119.72
N GLU YA 9 25.76 57.59 -119.26
CA GLU YA 9 25.76 58.08 -117.88
C GLU YA 9 24.99 57.07 -117.03
N SER YA 10 25.69 56.03 -116.58
CA SER YA 10 25.08 54.98 -115.79
C SER YA 10 25.97 54.64 -114.60
N VAL YA 11 25.33 54.16 -113.53
CA VAL YA 11 26.02 53.69 -112.34
C VAL YA 11 25.40 52.36 -111.93
N GLN YA 12 26.16 51.60 -111.13
CA GLN YA 12 25.70 50.32 -110.61
C GLN YA 12 26.11 50.23 -109.15
N CYS YA 13 25.15 50.41 -108.26
CA CYS YA 13 25.36 50.33 -106.81
C CYS YA 13 24.61 49.14 -106.24
N PHE YA 14 25.18 48.53 -105.21
CA PHE YA 14 24.61 47.34 -104.60
C PHE YA 14 24.11 47.64 -103.19
N GLY YA 15 23.23 46.77 -102.72
CA GLY YA 15 22.78 46.80 -101.34
C GLY YA 15 22.82 45.42 -100.75
N ARG YA 16 23.10 45.35 -99.45
CA ARG YA 16 23.28 44.08 -98.77
C ARG YA 16 22.41 44.02 -97.51
N LYS YA 17 21.89 42.82 -97.24
CA LYS YA 17 21.18 42.54 -95.99
C LYS YA 17 21.29 41.04 -95.77
N LYS YA 18 22.03 40.64 -94.74
CA LYS YA 18 22.35 39.24 -94.53
C LYS YA 18 23.01 38.67 -95.79
N THR YA 19 22.39 37.68 -96.43
CA THR YA 19 22.92 37.09 -97.65
C THR YA 19 22.24 37.64 -98.90
N ALA YA 20 21.41 38.66 -98.78
CA ALA YA 20 20.72 39.26 -99.91
C ALA YA 20 21.60 40.34 -100.54
N VAL YA 21 21.74 40.27 -101.86
CA VAL YA 21 22.51 41.25 -102.62
C VAL YA 21 21.64 41.75 -103.76
N ALA YA 22 21.38 43.06 -103.79
CA ALA YA 22 20.62 43.70 -104.85
C ALA YA 22 21.48 44.77 -105.50
N VAL YA 23 21.55 44.75 -106.82
CA VAL YA 23 22.32 45.71 -107.60
C VAL YA 23 21.36 46.51 -108.47
N THR YA 24 21.41 47.84 -108.34
CA THR YA 24 20.54 48.73 -109.11
C THR YA 24 21.36 49.37 -110.22
N HIS YA 25 20.91 49.20 -111.46
CA HIS YA 25 21.54 49.82 -112.62
C HIS YA 25 20.79 51.10 -112.93
N CYS YA 26 21.33 52.23 -112.49
CA CYS YA 26 20.72 53.54 -112.67
C CYS YA 26 21.36 54.24 -113.87
N LYS YA 27 20.53 54.65 -114.82
CA LYS YA 27 21.01 55.29 -116.04
C LYS YA 27 20.06 56.44 -116.38
N ARG YA 28 20.56 57.36 -117.21
CA ARG YA 28 19.72 58.45 -117.68
C ARG YA 28 18.51 57.90 -118.40
N GLY YA 29 17.32 58.39 -118.04
CA GLY YA 29 16.09 57.86 -118.60
C GLY YA 29 14.88 58.74 -118.37
N ARG YA 30 13.74 58.11 -118.07
CA ARG YA 30 12.48 58.82 -117.95
C ARG YA 30 11.74 58.53 -116.64
N GLY YA 31 12.23 57.60 -115.82
CA GLY YA 31 11.61 57.33 -114.53
C GLY YA 31 11.23 55.88 -114.32
N LEU YA 32 11.69 55.00 -115.20
CA LEU YA 32 11.39 53.59 -115.05
C LEU YA 32 12.08 53.02 -113.81
N ILE YA 33 11.34 52.19 -113.07
CA ILE YA 33 11.86 51.50 -111.90
C ILE YA 33 11.28 50.10 -111.91
N LYS YA 34 12.12 49.09 -112.16
CA LYS YA 34 11.68 47.71 -112.24
C LYS YA 34 12.66 46.81 -111.51
N ILE YA 35 12.14 45.75 -110.92
CA ILE YA 35 12.93 44.75 -110.20
C ILE YA 35 12.80 43.44 -110.97
N ASN YA 36 13.90 42.98 -111.55
CA ASN YA 36 13.90 41.75 -112.35
C ASN YA 36 12.83 41.81 -113.43
N GLY YA 37 12.68 42.97 -114.04
CA GLY YA 37 11.71 43.16 -115.11
C GLY YA 37 10.30 43.44 -114.66
N VAL YA 38 10.04 43.51 -113.36
CA VAL YA 38 8.69 43.74 -112.84
C VAL YA 38 8.64 45.15 -112.25
N PRO YA 39 7.57 45.92 -112.49
CA PRO YA 39 7.50 47.25 -111.89
C PRO YA 39 7.54 47.18 -110.38
N ILE YA 40 8.19 48.18 -109.77
CA ILE YA 40 8.36 48.17 -108.31
C ILE YA 40 7.02 48.33 -107.60
N GLU YA 41 5.98 48.78 -108.30
CA GLU YA 41 4.66 48.87 -107.69
C GLU YA 41 4.06 47.50 -107.37
N LEU YA 42 4.64 46.42 -107.89
CA LEU YA 42 4.16 45.07 -107.65
C LEU YA 42 5.10 44.28 -106.75
N VAL YA 43 5.90 44.97 -105.92
CA VAL YA 43 6.82 44.28 -105.03
C VAL YA 43 6.03 43.41 -104.05
N GLN YA 44 6.53 42.20 -103.82
CA GLN YA 44 5.93 41.27 -102.89
C GLN YA 44 6.90 40.96 -101.74
N PRO YA 45 6.40 40.79 -100.51
CA PRO YA 45 4.99 40.87 -100.10
C PRO YA 45 4.46 42.30 -100.07
N GLU YA 46 3.14 42.44 -100.17
CA GLU YA 46 2.54 43.79 -100.28
C GLU YA 46 2.78 44.60 -99.02
N ILE YA 47 2.79 43.96 -97.84
CA ILE YA 47 2.93 44.72 -96.60
C ILE YA 47 4.33 45.33 -96.50
N LEU YA 48 5.33 44.67 -97.06
CA LEU YA 48 6.68 45.22 -97.08
C LEU YA 48 6.90 46.20 -98.23
N ARG YA 49 5.88 46.41 -99.07
CA ARG YA 49 6.03 47.32 -100.20
C ARG YA 49 6.35 48.73 -99.74
N TYR YA 50 5.92 49.11 -98.54
CA TYR YA 50 6.22 50.44 -98.03
C TYR YA 50 7.73 50.63 -97.86
N LYS YA 51 8.42 49.62 -97.35
CA LYS YA 51 9.85 49.75 -97.11
C LYS YA 51 10.61 50.00 -98.42
N ALA YA 52 10.26 49.26 -99.47
CA ALA YA 52 10.95 49.45 -100.75
C ALA YA 52 10.70 50.82 -101.35
N PHE YA 53 9.54 51.42 -101.05
CA PHE YA 53 9.18 52.72 -101.60
C PHE YA 53 9.65 53.89 -100.74
N GLU YA 54 10.28 53.62 -99.60
CA GLU YA 54 10.71 54.72 -98.72
C GLU YA 54 11.66 55.67 -99.44
N PRO YA 55 12.68 55.22 -100.16
CA PRO YA 55 13.54 56.18 -100.87
C PRO YA 55 12.76 57.08 -101.83
N ILE YA 56 11.77 56.52 -102.53
CA ILE YA 56 10.97 57.32 -103.45
C ILE YA 56 10.07 58.27 -102.69
N LEU YA 57 9.42 57.79 -101.63
CA LEU YA 57 8.52 58.64 -100.86
C LEU YA 57 9.27 59.78 -100.18
N LEU YA 58 10.44 59.48 -99.59
CA LEU YA 58 11.20 60.52 -98.90
C LEU YA 58 11.68 61.59 -99.87
N LEU YA 59 12.18 61.17 -101.03
CA LEU YA 59 12.75 62.11 -101.99
C LEU YA 59 11.73 62.63 -103.00
N GLY YA 60 10.77 61.81 -103.38
CA GLY YA 60 9.75 62.21 -104.33
C GLY YA 60 10.05 61.69 -105.73
N ARG YA 61 8.97 61.48 -106.50
CA ARG YA 61 9.12 60.95 -107.85
C ARG YA 61 9.86 61.93 -108.76
N HIS YA 62 9.74 63.23 -108.51
CA HIS YA 62 10.41 64.21 -109.36
C HIS YA 62 11.92 64.05 -109.34
N ARG YA 63 12.48 63.47 -108.27
CA ARG YA 63 13.91 63.21 -108.24
C ARG YA 63 14.29 62.08 -109.19
N PHE YA 64 13.41 61.10 -109.37
CA PHE YA 64 13.67 59.95 -110.22
C PHE YA 64 13.18 60.15 -111.65
N ALA YA 65 12.60 61.31 -111.97
CA ALA YA 65 12.02 61.52 -113.29
C ALA YA 65 13.05 61.43 -114.41
N GLY YA 66 14.32 61.70 -114.11
CA GLY YA 66 15.36 61.71 -115.11
C GLY YA 66 16.26 60.49 -115.14
N VAL YA 67 15.87 59.39 -114.49
CA VAL YA 67 16.68 58.18 -114.46
C VAL YA 67 15.79 56.97 -114.66
N ASP YA 68 16.39 55.88 -115.12
CA ASP YA 68 15.75 54.58 -115.23
C ASP YA 68 16.53 53.59 -114.38
N MET YA 69 15.84 52.94 -113.45
CA MET YA 69 16.47 52.01 -112.51
C MET YA 69 15.99 50.59 -112.83
N ARG YA 70 16.93 49.69 -113.06
CA ARG YA 70 16.65 48.27 -113.22
C ARG YA 70 17.44 47.51 -112.16
N ILE YA 71 16.73 46.77 -111.32
CA ILE YA 71 17.28 46.17 -110.12
C ILE YA 71 17.29 44.66 -110.26
N ARG YA 72 18.43 44.04 -109.96
CA ARG YA 72 18.55 42.59 -109.89
C ARG YA 72 18.94 42.20 -108.48
N VAL YA 73 18.22 41.25 -107.90
CA VAL YA 73 18.41 40.82 -106.52
C VAL YA 73 18.56 39.31 -106.49
N LYS YA 74 19.46 38.83 -105.62
CA LYS YA 74 19.72 37.41 -105.52
C LYS YA 74 20.08 37.07 -104.07
N GLY YA 75 19.77 35.84 -103.67
CA GLY YA 75 20.10 35.38 -102.34
C GLY YA 75 19.14 35.90 -101.28
N GLY YA 76 19.46 35.56 -100.03
CA GLY YA 76 18.68 36.02 -98.90
C GLY YA 76 17.26 35.44 -98.88
N GLY YA 77 16.34 36.23 -98.34
CA GLY YA 77 14.96 35.82 -98.23
C GLY YA 77 14.01 36.94 -98.61
N HIS YA 78 12.71 36.74 -98.35
CA HIS YA 78 11.72 37.73 -98.75
C HIS YA 78 11.95 39.07 -98.08
N THR YA 79 12.21 39.06 -96.77
CA THR YA 79 12.39 40.31 -96.05
C THR YA 79 13.74 40.94 -96.36
N SER YA 80 14.81 40.15 -96.40
CA SER YA 80 16.14 40.70 -96.58
C SER YA 80 16.33 41.27 -97.98
N GLN YA 81 15.69 40.68 -98.99
CA GLN YA 81 15.81 41.20 -100.34
C GLN YA 81 15.21 42.61 -100.45
N ILE YA 82 14.10 42.85 -99.76
CA ILE YA 82 13.49 44.17 -99.77
C ILE YA 82 14.46 45.22 -99.23
N TYR YA 83 15.12 44.90 -98.11
CA TYR YA 83 16.09 45.83 -97.55
C TYR YA 83 17.28 46.01 -98.48
N ALA YA 84 17.75 44.94 -99.11
CA ALA YA 84 18.83 45.06 -100.09
C ALA YA 84 18.42 45.93 -101.26
N ILE YA 85 17.21 45.71 -101.79
CA ILE YA 85 16.69 46.58 -102.85
C ILE YA 85 16.50 48.00 -102.32
N ARG YA 86 15.96 48.11 -101.10
CA ARG YA 86 15.76 49.42 -100.49
C ARG YA 86 17.07 50.19 -100.38
N GLN YA 87 18.14 49.50 -100.00
CA GLN YA 87 19.44 50.15 -99.86
C GLN YA 87 20.08 50.43 -101.21
N SER YA 88 19.95 49.50 -102.17
CA SER YA 88 20.59 49.69 -103.48
C SER YA 88 20.02 50.89 -104.20
N ILE YA 89 18.71 51.11 -104.12
CA ILE YA 89 18.08 52.23 -104.79
C ILE YA 89 18.63 53.54 -104.24
N ALA YA 90 18.72 53.65 -102.91
CA ALA YA 90 19.22 54.88 -102.30
C ALA YA 90 20.65 55.17 -102.72
N LYS YA 91 21.51 54.14 -102.68
CA LYS YA 91 22.91 54.35 -103.06
C LYS YA 91 23.03 54.71 -104.54
N ALA YA 92 22.25 54.06 -105.40
CA ALA YA 92 22.36 54.33 -106.83
C ALA YA 92 22.01 55.78 -107.16
N LEU YA 93 20.94 56.30 -106.55
CA LEU YA 93 20.57 57.69 -106.81
C LEU YA 93 21.64 58.66 -106.31
N VAL YA 94 22.19 58.39 -105.12
CA VAL YA 94 23.23 59.25 -104.59
C VAL YA 94 24.46 59.21 -105.48
N ALA YA 95 24.86 58.02 -105.92
CA ALA YA 95 26.02 57.91 -106.80
C ALA YA 95 25.77 58.62 -108.13
N PHE YA 96 24.55 58.47 -108.67
CA PHE YA 96 24.24 59.10 -109.94
C PHE YA 96 24.29 60.62 -109.84
N TYR YA 97 23.71 61.18 -108.78
CA TYR YA 97 23.73 62.63 -108.61
C TYR YA 97 25.15 63.14 -108.43
N GLN YA 98 25.96 62.42 -107.65
CA GLN YA 98 27.33 62.85 -107.42
C GLN YA 98 28.13 62.88 -108.72
N LYS YA 99 27.93 61.90 -109.59
CA LYS YA 99 28.77 61.72 -110.75
C LYS YA 99 28.24 62.39 -112.01
N TYR YA 100 26.94 62.67 -112.09
CA TYR YA 100 26.34 63.18 -113.32
C TYR YA 100 25.39 64.35 -113.15
N VAL YA 101 25.15 64.82 -111.92
CA VAL YA 101 24.23 65.93 -111.71
C VAL YA 101 24.94 67.10 -111.03
N ASP YA 102 25.34 66.91 -109.77
CA ASP YA 102 25.97 67.96 -109.00
C ASP YA 102 26.37 67.40 -107.65
N GLU YA 103 27.25 68.13 -106.95
CA GLU YA 103 27.68 67.72 -105.62
C GLU YA 103 26.73 68.24 -104.55
N GLN YA 104 26.22 69.46 -104.71
CA GLN YA 104 25.29 70.00 -103.72
C GLN YA 104 23.97 69.25 -103.73
N GLN YA 105 23.47 68.90 -104.92
CA GLN YA 105 22.25 68.11 -104.98
C GLN YA 105 22.42 66.76 -104.32
N LYS YA 106 23.58 66.13 -104.51
CA LYS YA 106 23.88 64.90 -103.79
C LYS YA 106 23.89 65.13 -102.28
N LYS YA 107 24.43 66.27 -101.85
CA LYS YA 107 24.44 66.59 -100.43
C LYS YA 107 23.02 66.69 -99.88
N GLU YA 108 22.12 67.32 -100.63
CA GLU YA 108 20.77 67.53 -100.14
C GLU YA 108 20.03 66.21 -99.96
N ILE YA 109 20.06 65.35 -100.99
CA ILE YA 109 19.30 64.10 -100.92
C ILE YA 109 19.91 63.17 -99.88
N LYS YA 110 21.24 63.15 -99.77
CA LYS YA 110 21.89 62.24 -98.83
C LYS YA 110 21.50 62.58 -97.40
N ASP YA 111 21.40 63.87 -97.07
CA ASP YA 111 20.99 64.26 -95.73
C ASP YA 111 19.58 63.78 -95.42
N ILE YA 112 18.67 63.87 -96.41
CA ILE YA 112 17.30 63.42 -96.20
C ILE YA 112 17.27 61.93 -95.90
N LEU YA 113 18.02 61.15 -96.69
CA LEU YA 113 18.05 59.70 -96.49
C LEU YA 113 18.64 59.36 -95.13
N ILE YA 114 19.73 60.03 -94.74
CA ILE YA 114 20.40 59.72 -93.48
C ILE YA 114 19.50 60.08 -92.30
N ARG YA 115 18.82 61.22 -92.37
CA ARG YA 115 17.97 61.65 -91.25
C ARG YA 115 16.85 60.65 -90.99
N TYR YA 116 16.25 60.10 -92.05
CA TYR YA 116 15.16 59.14 -91.87
C TYR YA 116 15.67 57.80 -91.37
N ASP YA 117 16.71 57.27 -92.01
CA ASP YA 117 17.23 55.95 -91.66
C ASP YA 117 18.65 55.82 -92.19
N ARG YA 118 19.58 55.45 -91.32
CA ARG YA 118 20.97 55.30 -91.73
C ARG YA 118 21.21 54.01 -92.52
N THR YA 119 20.33 53.01 -92.39
CA THR YA 119 20.49 51.77 -93.13
C THR YA 119 20.17 51.93 -94.61
N LEU YA 120 19.59 53.06 -95.02
CA LEU YA 120 19.36 53.29 -96.44
C LEU YA 120 20.66 53.36 -97.22
N LEU YA 121 21.75 53.77 -96.57
CA LEU YA 121 23.03 53.92 -97.22
C LEU YA 121 24.15 53.10 -96.59
N VAL YA 122 23.97 52.60 -95.37
CA VAL YA 122 24.99 51.83 -94.66
C VAL YA 122 24.44 50.43 -94.42
N ALA YA 123 25.18 49.41 -94.85
CA ALA YA 123 24.73 48.04 -94.72
C ALA YA 123 24.74 47.59 -93.26
N ASP YA 124 23.87 46.64 -92.94
CA ASP YA 124 23.82 46.06 -91.61
C ASP YA 124 24.85 44.94 -91.53
N PRO YA 125 25.81 45.01 -90.61
CA PRO YA 125 26.87 43.98 -90.57
C PRO YA 125 26.45 42.67 -89.91
N ARG YA 126 25.25 42.59 -89.35
CA ARG YA 126 24.84 41.39 -88.62
C ARG YA 126 24.78 40.19 -89.55
N ARG YA 127 25.28 39.06 -89.07
CA ARG YA 127 25.23 37.78 -89.78
C ARG YA 127 24.86 36.69 -88.79
N CYS YA 128 24.51 35.52 -89.32
CA CYS YA 128 24.16 34.39 -88.47
C CYS YA 128 25.38 33.88 -87.73
N GLU YA 129 25.24 33.70 -86.42
CA GLU YA 129 26.32 33.14 -85.61
C GLU YA 129 26.41 31.63 -85.84
N PRO YA 130 27.61 31.08 -85.99
CA PRO YA 130 27.75 29.64 -86.23
C PRO YA 130 27.27 28.82 -85.04
N LYS YA 131 26.77 27.63 -85.33
CA LYS YA 131 26.33 26.70 -84.31
C LYS YA 131 27.54 26.04 -83.64
N LYS YA 132 27.44 25.86 -82.32
CA LYS YA 132 28.45 25.16 -81.54
C LYS YA 132 27.86 23.87 -80.99
N PHE YA 133 28.67 22.82 -80.93
CA PHE YA 133 28.18 21.54 -80.42
C PHE YA 133 27.77 21.67 -78.95
N GLY YA 134 27.00 20.70 -78.49
CA GLY YA 134 26.40 20.76 -77.18
C GLY YA 134 25.07 21.49 -77.13
N GLY YA 135 24.51 21.85 -78.27
CA GLY YA 135 23.23 22.51 -78.33
C GLY YA 135 22.76 22.60 -79.76
N ARG YA 136 21.52 23.05 -79.93
CA ARG YA 136 20.93 23.19 -81.26
C ARG YA 136 21.04 24.60 -81.83
N GLY YA 137 21.30 25.59 -81.00
CA GLY YA 137 21.50 26.95 -81.47
C GLY YA 137 22.92 27.43 -81.22
N ALA YA 138 23.19 28.69 -81.57
CA ALA YA 138 24.50 29.26 -81.28
C ALA YA 138 24.73 29.37 -79.78
N ARG YA 139 23.71 29.81 -79.04
CA ARG YA 139 23.79 29.94 -77.58
C ARG YA 139 23.04 28.85 -76.84
N SER YA 140 21.88 28.44 -77.37
CA SER YA 140 21.05 27.44 -76.68
C SER YA 140 21.83 26.15 -76.46
N ARG YA 141 21.70 25.60 -75.26
CA ARG YA 141 22.36 24.35 -74.89
C ARG YA 141 21.33 23.26 -74.68
N PHE YA 142 21.77 22.02 -74.80
CA PHE YA 142 20.90 20.88 -74.54
C PHE YA 142 20.42 20.89 -73.10
N GLN YA 143 19.18 20.48 -72.89
CA GLN YA 143 18.61 20.46 -71.55
C GLN YA 143 19.45 19.58 -70.63
N LYS YA 144 19.71 20.08 -69.43
CA LYS YA 144 20.57 19.40 -68.46
C LYS YA 144 19.71 18.73 -67.40
N SER YA 145 19.99 17.45 -67.14
CA SER YA 145 19.30 16.68 -66.12
C SER YA 145 20.32 16.08 -65.17
N TYR YA 146 19.98 16.04 -63.89
CA TYR YA 146 20.87 15.54 -62.84
C TYR YA 146 20.47 14.16 -62.34
N ARG YA 147 19.19 13.88 -62.20
CA ARG YA 147 18.72 12.58 -61.71
C ARG YA 147 17.86 11.89 -62.76
N SER ZA 2 -27.66 34.92 -95.60
CA SER ZA 2 -27.88 34.73 -97.03
C SER ZA 2 -29.29 34.24 -97.32
N LEU ZA 3 -29.48 32.93 -97.23
CA LEU ZA 3 -30.76 32.30 -97.49
C LEU ZA 3 -31.44 31.90 -96.17
N VAL ZA 4 -32.76 31.91 -96.19
CA VAL ZA 4 -33.57 31.56 -95.03
C VAL ZA 4 -33.93 30.08 -95.11
N ALA ZA 5 -33.71 29.36 -94.02
CA ALA ZA 5 -34.02 27.94 -93.99
C ALA ZA 5 -35.52 27.72 -94.13
N ASN ZA 6 -35.89 26.73 -94.94
CA ASN ZA 6 -37.29 26.38 -95.12
C ASN ZA 6 -37.70 25.31 -94.10
N GLU ZA 7 -39.00 25.00 -94.08
CA GLU ZA 7 -39.52 24.03 -93.14
C GLU ZA 7 -38.97 22.63 -93.38
N GLU ZA 8 -38.49 22.34 -94.59
CA GLU ZA 8 -37.95 21.02 -94.90
C GLU ZA 8 -36.57 20.78 -94.29
N PHE ZA 9 -35.92 21.81 -93.76
CA PHE ZA 9 -34.61 21.64 -93.16
C PHE ZA 9 -34.67 20.67 -92.00
N GLN ZA 10 -33.75 19.71 -91.97
CA GLN ZA 10 -33.70 18.67 -90.96
C GLN ZA 10 -32.41 18.81 -90.16
N HIS ZA 11 -32.53 18.76 -88.84
CA HIS ZA 11 -31.36 18.88 -87.96
C HIS ZA 11 -30.69 17.54 -87.70
N ILE ZA 12 -31.40 16.42 -87.84
CA ILE ZA 12 -30.84 15.10 -87.62
C ILE ZA 12 -31.29 14.19 -88.76
N LEU ZA 13 -30.34 13.47 -89.34
CA LEU ZA 13 -30.61 12.50 -90.40
C LEU ZA 13 -30.13 11.12 -89.97
N ARG ZA 14 -30.76 10.09 -90.53
CA ARG ZA 14 -30.43 8.70 -90.23
C ARG ZA 14 -29.96 8.04 -91.52
N VAL ZA 15 -28.69 7.62 -91.55
CA VAL ZA 15 -28.10 6.94 -92.69
C VAL ZA 15 -27.36 5.71 -92.18
N GLN ZA 16 -27.75 4.53 -92.67
CA GLN ZA 16 -27.09 3.28 -92.32
C GLN ZA 16 -26.93 3.15 -90.80
N ASN ZA 17 -28.03 3.38 -90.08
CA ASN ZA 17 -28.06 3.20 -88.64
C ASN ZA 17 -27.06 4.11 -87.94
N THR ZA 18 -26.92 5.35 -88.44
CA THR ZA 18 -26.05 6.33 -87.83
C THR ZA 18 -26.75 7.69 -87.84
N ASN ZA 19 -26.43 8.51 -86.85
CA ASN ZA 19 -26.99 9.86 -86.75
C ASN ZA 19 -26.08 10.84 -87.47
N VAL ZA 20 -26.60 11.45 -88.53
CA VAL ZA 20 -25.87 12.41 -89.35
C VAL ZA 20 -26.39 13.79 -89.01
N ASP ZA 21 -25.49 14.69 -88.62
CA ASP ZA 21 -25.88 16.04 -88.24
C ASP ZA 21 -26.30 16.82 -89.47
N GLY ZA 22 -27.46 17.49 -89.39
CA GLY ZA 22 -27.96 18.25 -90.51
C GLY ZA 22 -27.37 19.64 -90.65
N LYS ZA 23 -26.66 20.13 -89.64
CA LYS ZA 23 -26.03 21.44 -89.68
C LYS ZA 23 -24.62 21.40 -90.26
N GLN ZA 24 -24.11 20.21 -90.58
CA GLN ZA 24 -22.78 20.08 -91.15
C GLN ZA 24 -22.86 20.07 -92.67
N LYS ZA 25 -21.76 20.46 -93.31
CA LYS ZA 25 -21.66 20.37 -94.75
C LYS ZA 25 -21.80 18.92 -95.18
N ILE ZA 26 -22.43 18.71 -96.34
CA ILE ZA 26 -22.76 17.34 -96.76
C ILE ZA 26 -21.50 16.49 -96.87
N MET ZA 27 -20.40 17.07 -97.35
CA MET ZA 27 -19.16 16.30 -97.49
C MET ZA 27 -18.69 15.80 -96.14
N PHE ZA 28 -18.72 16.65 -95.12
CA PHE ZA 28 -18.25 16.28 -93.79
C PHE ZA 28 -19.35 15.69 -92.92
N ALA ZA 29 -20.61 15.73 -93.36
CA ALA ZA 29 -21.67 15.06 -92.64
C ALA ZA 29 -21.64 13.55 -92.87
N LEU ZA 30 -21.20 13.11 -94.04
CA LEU ZA 30 -21.13 11.68 -94.35
C LEU ZA 30 -19.97 10.98 -93.66
N THR ZA 31 -18.99 11.74 -93.18
CA THR ZA 31 -17.83 11.13 -92.53
C THR ZA 31 -18.21 10.45 -91.22
N SER ZA 32 -19.35 10.80 -90.62
CA SER ZA 32 -19.79 10.14 -89.40
C SER ZA 32 -20.06 8.66 -89.62
N ILE ZA 33 -20.33 8.25 -90.87
CA ILE ZA 33 -20.52 6.84 -91.18
C ILE ZA 33 -19.17 6.15 -91.19
N LYS ZA 34 -19.09 5.02 -90.48
CA LYS ZA 34 -17.87 4.24 -90.49
C LYS ZA 34 -17.60 3.71 -91.89
N GLY ZA 35 -16.32 3.74 -92.30
CA GLY ZA 35 -15.93 3.33 -93.63
C GLY ZA 35 -15.96 4.43 -94.66
N ILE ZA 36 -16.46 5.60 -94.32
CA ILE ZA 36 -16.49 6.75 -95.22
C ILE ZA 36 -15.68 7.87 -94.60
N GLY ZA 37 -14.61 8.27 -95.28
CA GLY ZA 37 -13.78 9.38 -94.84
C GLY ZA 37 -13.96 10.60 -95.72
N ARG ZA 38 -13.14 11.61 -95.44
CA ARG ZA 38 -13.24 12.86 -96.20
C ARG ZA 38 -12.94 12.64 -97.67
N ARG ZA 39 -11.93 11.82 -97.98
CA ARG ZA 39 -11.60 11.54 -99.38
C ARG ZA 39 -12.74 10.81 -100.08
N PHE ZA 40 -13.32 9.80 -99.44
CA PHE ZA 40 -14.40 9.06 -100.06
C PHE ZA 40 -15.72 9.82 -100.02
N ALA ZA 41 -15.95 10.63 -98.99
CA ALA ZA 41 -17.15 11.46 -98.96
C ALA ZA 41 -17.13 12.47 -100.10
N ASN ZA 42 -15.95 13.05 -100.39
CA ASN ZA 42 -15.85 14.05 -101.45
C ASN ZA 42 -16.15 13.44 -102.82
N ILE ZA 43 -15.57 12.27 -103.11
CA ILE ZA 43 -15.78 11.66 -104.42
C ILE ZA 43 -17.23 11.20 -104.57
N ALA ZA 44 -17.83 10.71 -103.49
CA ALA ZA 44 -19.21 10.25 -103.57
C ALA ZA 44 -20.14 11.39 -103.95
N CYS ZA 45 -19.94 12.57 -103.36
CA CYS ZA 45 -20.78 13.72 -103.70
C CYS ZA 45 -20.61 14.11 -105.16
N LYS ZA 46 -19.37 14.08 -105.66
CA LYS ZA 46 -19.13 14.44 -107.06
C LYS ZA 46 -19.81 13.45 -108.00
N LYS ZA 47 -19.73 12.15 -107.69
CA LYS ZA 47 -20.38 11.14 -108.53
C LYS ZA 47 -21.89 11.18 -108.41
N ALA ZA 48 -22.42 11.75 -107.33
CA ALA ZA 48 -23.85 11.86 -107.14
C ALA ZA 48 -24.42 13.18 -107.65
N ASP ZA 49 -23.58 14.04 -108.23
CA ASP ZA 49 -24.03 15.33 -108.76
C ASP ZA 49 -24.74 16.16 -107.68
N ILE ZA 50 -24.17 16.13 -106.48
CA ILE ZA 50 -24.72 16.85 -105.33
C ILE ZA 50 -23.81 18.03 -105.02
N ASP ZA 51 -24.41 19.21 -104.90
CA ASP ZA 51 -23.65 20.40 -104.54
C ASP ZA 51 -23.09 20.24 -103.13
N MET ZA 52 -21.76 20.33 -103.00
CA MET ZA 52 -21.11 20.20 -101.71
C MET ZA 52 -21.09 21.50 -100.93
N ASN ZA 53 -21.62 22.58 -101.49
CA ASN ZA 53 -21.66 23.88 -100.82
C ASN ZA 53 -22.89 24.04 -99.92
N LYS ZA 54 -23.76 23.05 -99.87
CA LYS ZA 54 -24.96 23.10 -99.05
C LYS ZA 54 -24.85 22.15 -97.86
N ARG ZA 55 -25.68 22.40 -96.85
CA ARG ZA 55 -25.67 21.60 -95.63
C ARG ZA 55 -26.41 20.29 -95.85
N ALA ZA 56 -26.11 19.32 -94.98
CA ALA ZA 56 -26.74 18.01 -95.09
C ALA ZA 56 -28.24 18.09 -94.92
N GLY ZA 57 -28.71 18.92 -93.98
CA GLY ZA 57 -30.13 19.04 -93.72
C GLY ZA 57 -30.93 19.58 -94.89
N GLU ZA 58 -30.29 20.33 -95.79
CA GLU ZA 58 -30.98 20.88 -96.94
C GLU ZA 58 -31.25 19.84 -98.02
N LEU ZA 59 -30.50 18.74 -98.04
CA LEU ZA 59 -30.71 17.72 -99.05
C LEU ZA 59 -32.07 17.05 -98.89
N THR ZA 60 -32.70 16.73 -100.02
CA THR ZA 60 -33.95 16.00 -100.01
C THR ZA 60 -33.69 14.52 -99.76
N ALA ZA 61 -34.77 13.78 -99.51
CA ALA ZA 61 -34.64 12.35 -99.25
C ALA ZA 61 -34.06 11.63 -100.46
N ALA ZA 62 -34.50 11.99 -101.67
CA ALA ZA 62 -33.98 11.35 -102.87
C ALA ZA 62 -32.48 11.60 -103.04
N GLU ZA 63 -32.04 12.85 -102.81
CA GLU ZA 63 -30.63 13.16 -102.95
C GLU ZA 63 -29.79 12.38 -101.96
N LEU ZA 64 -30.24 12.27 -100.72
CA LEU ZA 64 -29.48 11.54 -99.71
C LEU ZA 64 -29.33 10.08 -100.10
N ASP ZA 65 -30.39 9.48 -100.66
CA ASP ZA 65 -30.31 8.07 -101.06
C ASP ZA 65 -29.29 7.87 -102.17
N SER ZA 66 -29.22 8.81 -103.12
CA SER ZA 66 -28.29 8.66 -104.24
C SER ZA 66 -26.85 8.56 -103.76
N LEU ZA 67 -26.52 9.19 -102.63
CA LEU ZA 67 -25.17 9.08 -102.10
C LEU ZA 67 -24.85 7.65 -101.70
N MET ZA 68 -25.80 6.95 -101.07
CA MET ZA 68 -25.55 5.59 -100.62
C MET ZA 68 -25.48 4.61 -101.80
N VAL ZA 69 -26.12 4.93 -102.92
CA VAL ZA 69 -25.98 4.10 -104.11
C VAL ZA 69 -24.55 4.14 -104.61
N VAL ZA 70 -23.93 5.32 -104.59
CA VAL ZA 70 -22.53 5.43 -105.01
C VAL ZA 70 -21.63 4.62 -104.09
N VAL ZA 71 -21.86 4.71 -102.78
CA VAL ZA 71 -21.03 3.97 -101.83
C VAL ZA 71 -21.21 2.47 -102.01
N ALA ZA 72 -22.44 2.03 -102.32
CA ALA ZA 72 -22.72 0.61 -102.45
C ALA ZA 72 -22.16 0.03 -103.74
N ASN ZA 73 -22.04 0.83 -104.80
CA ASN ZA 73 -21.57 0.36 -106.10
C ASN ZA 73 -20.50 1.32 -106.62
N PRO ZA 74 -19.34 1.38 -105.96
CA PRO ZA 74 -18.29 2.30 -106.42
C PRO ZA 74 -17.83 2.04 -107.84
N ARG ZA 75 -17.74 0.78 -108.24
CA ARG ZA 75 -17.24 0.46 -109.57
C ARG ZA 75 -18.23 0.87 -110.66
N GLN ZA 76 -19.53 0.83 -110.36
CA GLN ZA 76 -20.52 1.26 -111.35
C GLN ZA 76 -20.34 2.73 -111.70
N PHE ZA 77 -19.91 3.55 -110.74
CA PHE ZA 77 -19.66 4.96 -110.97
C PHE ZA 77 -18.21 5.24 -111.37
N LYS ZA 78 -17.44 4.20 -111.69
CA LYS ZA 78 -16.07 4.30 -112.18
C LYS ZA 78 -15.09 4.74 -111.10
N ILE ZA 79 -15.41 4.51 -109.83
CA ILE ZA 79 -14.45 4.75 -108.76
C ILE ZA 79 -13.37 3.68 -108.81
N PRO ZA 80 -12.09 4.02 -108.88
CA PRO ZA 80 -11.05 3.00 -109.08
C PRO ZA 80 -10.92 2.09 -107.87
N ASP ZA 81 -10.35 0.91 -108.12
CA ASP ZA 81 -10.21 -0.10 -107.08
C ASP ZA 81 -9.28 0.38 -105.96
N TRP ZA 82 -8.21 1.09 -106.32
CA TRP ZA 82 -7.25 1.53 -105.31
C TRP ZA 82 -7.83 2.54 -104.32
N PHE ZA 83 -9.02 3.06 -104.59
CA PHE ZA 83 -9.66 4.05 -103.73
C PHE ZA 83 -10.57 3.43 -102.69
N LEU ZA 84 -10.67 2.10 -102.63
CA LEU ZA 84 -11.62 1.42 -101.75
C LEU ZA 84 -10.91 0.87 -100.52
N ASN ZA 85 -11.64 0.81 -99.41
CA ASN ZA 85 -11.07 0.36 -98.15
C ASN ZA 85 -11.07 -1.16 -98.00
N ARG ZA 86 -11.67 -1.89 -98.93
CA ARG ZA 86 -11.67 -3.36 -98.92
C ARG ZA 86 -11.30 -3.80 -100.33
N GLN ZA 87 -10.00 -3.96 -100.57
CA GLN ZA 87 -9.47 -4.31 -101.89
C GLN ZA 87 -9.03 -5.77 -101.89
N LYS ZA 88 -9.51 -6.53 -102.87
CA LYS ZA 88 -9.08 -7.92 -103.06
C LYS ZA 88 -9.35 -8.73 -101.79
N ASP ZA 89 -10.65 -8.85 -101.49
CA ASP ZA 89 -11.09 -9.49 -100.25
C ASP ZA 89 -10.50 -10.90 -100.15
N TYR ZA 90 -10.22 -11.31 -98.91
CA TYR ZA 90 -9.58 -12.61 -98.68
C TYR ZA 90 -10.45 -13.75 -99.17
N LYS ZA 91 -11.76 -13.68 -98.90
CA LYS ZA 91 -12.66 -14.78 -99.25
C LYS ZA 91 -13.13 -14.67 -100.69
N ASP ZA 92 -13.76 -13.56 -101.04
CA ASP ZA 92 -14.37 -13.41 -102.36
C ASP ZA 92 -13.40 -12.85 -103.41
N GLY ZA 93 -12.42 -12.08 -102.98
CA GLY ZA 93 -11.51 -11.43 -103.92
C GLY ZA 93 -12.06 -10.20 -104.59
N LYS ZA 94 -13.22 -9.72 -104.16
CA LYS ZA 94 -13.86 -8.56 -104.77
C LYS ZA 94 -13.40 -7.28 -104.11
N PHE ZA 95 -13.61 -6.17 -104.83
CA PHE ZA 95 -13.30 -4.83 -104.34
C PHE ZA 95 -14.59 -4.11 -104.00
N SER ZA 96 -14.66 -3.56 -102.79
CA SER ZA 96 -15.89 -2.91 -102.34
C SER ZA 96 -15.55 -1.94 -101.20
N GLN ZA 97 -16.52 -1.09 -100.89
CA GLN ZA 97 -16.42 -0.16 -99.77
C GLN ZA 97 -17.39 -0.63 -98.68
N VAL ZA 98 -16.84 -1.11 -97.57
CA VAL ZA 98 -17.63 -1.64 -96.46
C VAL ZA 98 -17.81 -0.53 -95.43
N THR ZA 99 -19.03 -0.35 -94.95
CA THR ZA 99 -19.36 0.74 -94.04
C THR ZA 99 -20.25 0.23 -92.93
N SER ZA 100 -20.22 0.95 -91.81
CA SER ZA 100 -21.10 0.71 -90.65
C SER ZA 100 -20.85 -0.70 -90.14
N ASN ZA 101 -21.89 -1.49 -89.87
CA ASN ZA 101 -21.68 -2.81 -89.26
C ASN ZA 101 -20.90 -3.75 -90.16
N ALA ZA 102 -21.01 -3.58 -91.48
CA ALA ZA 102 -20.24 -4.43 -92.39
C ALA ZA 102 -18.75 -4.26 -92.15
N LEU ZA 103 -18.30 -3.02 -91.95
CA LEU ZA 103 -16.89 -2.80 -91.63
C LEU ZA 103 -16.52 -3.45 -90.30
N ASP ZA 104 -17.39 -3.36 -89.31
CA ASP ZA 104 -17.12 -4.00 -88.02
C ASP ZA 104 -17.04 -5.52 -88.18
N MET ZA 105 -17.93 -6.11 -88.97
CA MET ZA 105 -17.88 -7.54 -89.20
C MET ZA 105 -16.58 -7.94 -89.90
N LYS ZA 106 -16.14 -7.14 -90.86
CA LYS ZA 106 -14.89 -7.46 -91.56
C LYS ZA 106 -13.71 -7.48 -90.59
N LEU ZA 107 -13.64 -6.50 -89.69
CA LEU ZA 107 -12.55 -6.46 -88.73
C LEU ZA 107 -12.60 -7.67 -87.80
N ARG ZA 108 -13.80 -8.07 -87.37
CA ARG ZA 108 -13.93 -9.24 -86.51
C ARG ZA 108 -13.44 -10.49 -87.21
N ASP ZA 109 -13.80 -10.66 -88.48
CA ASP ZA 109 -13.38 -11.85 -89.21
C ASP ZA 109 -11.86 -11.91 -89.36
N ASP ZA 110 -11.22 -10.77 -89.62
CA ASP ZA 110 -9.77 -10.76 -89.80
C ASP ZA 110 -9.06 -11.25 -88.55
N LEU ZA 111 -9.47 -10.74 -87.37
CA LEU ZA 111 -8.80 -11.12 -86.13
C LEU ZA 111 -9.11 -12.58 -85.77
N GLU ZA 112 -10.36 -13.00 -85.98
CA GLU ZA 112 -10.72 -14.39 -85.68
C GLU ZA 112 -9.93 -15.34 -86.57
N ARG ZA 113 -9.75 -15.00 -87.85
CA ARG ZA 113 -9.00 -15.85 -88.75
C ARG ZA 113 -7.56 -16.03 -88.27
N LEU ZA 114 -6.92 -14.93 -87.88
CA LEU ZA 114 -5.53 -15.02 -87.42
C LEU ZA 114 -5.42 -15.79 -86.11
N LYS ZA 115 -6.35 -15.56 -85.18
CA LYS ZA 115 -6.31 -16.29 -83.91
C LYS ZA 115 -6.59 -17.77 -84.12
N LYS ZA 116 -7.48 -18.10 -85.06
CA LYS ZA 116 -7.84 -19.49 -85.28
C LYS ZA 116 -6.63 -20.32 -85.70
N ILE ZA 117 -5.79 -19.78 -86.57
CA ILE ZA 117 -4.59 -20.49 -87.03
C ILE ZA 117 -3.44 -20.22 -86.07
N ARG ZA 118 -3.73 -19.54 -84.96
CA ARG ZA 118 -2.69 -19.18 -83.98
C ARG ZA 118 -1.56 -18.40 -84.63
N ASN ZA 119 -1.92 -17.49 -85.54
CA ASN ZA 119 -0.95 -16.61 -86.14
C ASN ZA 119 -0.36 -15.68 -85.09
N HIS ZA 120 0.92 -15.32 -85.26
CA HIS ZA 120 1.58 -14.49 -84.28
C HIS ZA 120 0.87 -13.16 -84.12
N ARG ZA 121 0.48 -12.53 -85.24
CA ARG ZA 121 -0.27 -11.28 -85.15
C ARG ZA 121 -1.61 -11.49 -84.45
N GLY ZA 122 -2.27 -12.61 -84.74
CA GLY ZA 122 -3.52 -12.90 -84.07
C GLY ZA 122 -3.35 -13.11 -82.58
N LEU ZA 123 -2.26 -13.78 -82.17
CA LEU ZA 123 -2.02 -14.00 -80.75
C LEU ZA 123 -1.84 -12.68 -80.00
N ARG ZA 124 -1.09 -11.75 -80.59
CA ARG ZA 124 -0.88 -10.46 -79.92
C ARG ZA 124 -2.16 -9.65 -79.86
N HIS ZA 125 -3.04 -9.80 -80.85
CA HIS ZA 125 -4.36 -9.20 -80.75
C HIS ZA 125 -5.12 -9.78 -79.56
N TYR ZA 126 -5.05 -11.10 -79.38
CA TYR ZA 126 -5.73 -11.74 -78.27
C TYR ZA 126 -5.15 -11.29 -76.93
N TRP ZA 127 -3.83 -11.14 -76.86
CA TRP ZA 127 -3.17 -10.72 -75.63
C TRP ZA 127 -3.28 -9.22 -75.38
N GLY ZA 128 -3.81 -8.45 -76.33
CA GLY ZA 128 -3.94 -7.02 -76.14
C GLY ZA 128 -2.65 -6.25 -76.31
N LEU ZA 129 -1.66 -6.82 -76.99
CA LEU ZA 129 -0.37 -6.18 -77.20
C LEU ZA 129 -0.32 -5.53 -78.58
N ARG ZA 130 0.69 -4.69 -78.78
CA ARG ZA 130 0.90 -4.05 -80.07
C ARG ZA 130 1.35 -5.10 -81.09
N VAL ZA 131 0.90 -4.93 -82.33
CA VAL ZA 131 1.09 -5.92 -83.38
C VAL ZA 131 1.94 -5.41 -84.53
N ARG ZA 132 2.32 -4.13 -84.54
CA ARG ZA 132 3.04 -3.54 -85.66
C ARG ZA 132 4.50 -3.24 -85.32
N GLY ZA 133 5.10 -4.04 -84.43
CA GLY ZA 133 6.52 -3.97 -84.19
C GLY ZA 133 6.97 -2.86 -83.26
N GLN ZA 134 6.05 -2.12 -82.65
CA GLN ZA 134 6.45 -1.03 -81.77
C GLN ZA 134 7.09 -1.58 -80.50
N HIS ZA 135 8.07 -0.85 -79.99
CA HIS ZA 135 8.60 -1.15 -78.66
C HIS ZA 135 7.54 -0.92 -77.61
N THR ZA 136 7.44 -1.85 -76.66
CA THR ZA 136 6.43 -1.80 -75.61
C THR ZA 136 7.02 -1.56 -74.23
N LYS ZA 137 8.34 -1.37 -74.13
CA LYS ZA 137 8.96 -1.22 -72.81
C LYS ZA 137 8.48 0.04 -72.10
N THR ZA 138 8.36 1.15 -72.83
CA THR ZA 138 8.11 2.45 -72.22
C THR ZA 138 6.79 3.09 -72.60
N THR ZA 139 6.22 2.75 -73.76
CA THR ZA 139 5.00 3.37 -74.23
C THR ZA 139 3.83 2.40 -74.14
N GLY ZA 140 2.62 2.95 -74.29
CA GLY ZA 140 1.42 2.14 -74.23
C GLY ZA 140 1.05 1.66 -72.85
N ARG ZA 141 1.51 2.36 -71.80
CA ARG ZA 141 1.21 1.99 -70.42
C ARG ZA 141 -0.13 2.60 -70.05
N ARG ZA 142 -1.18 1.77 -70.06
CA ARG ZA 142 -2.53 2.23 -69.73
C ARG ZA 142 -3.26 1.22 -68.86
N GLY ZA 143 -2.52 0.44 -68.07
CA GLY ZA 143 -3.11 -0.56 -67.20
C GLY ZA 143 -2.25 -0.85 -65.99
N PRO AB 3 0.31 53.00 -121.28
CA PRO AB 3 1.34 51.95 -121.32
C PRO AB 3 0.82 50.63 -121.86
N ALA AB 4 1.73 49.74 -122.25
CA ALA AB 4 1.39 48.42 -122.78
C ALA AB 4 1.83 47.38 -121.76
N ARG AB 5 0.86 46.68 -121.17
CA ARG AB 5 1.13 45.73 -120.11
C ARG AB 5 1.37 44.33 -120.67
N SER AB 6 2.36 43.66 -120.12
CA SER AB 6 2.67 42.27 -120.44
C SER AB 6 2.51 41.44 -119.17
N VAL AB 7 2.92 40.16 -119.26
CA VAL AB 7 2.77 39.26 -118.12
C VAL AB 7 3.47 39.83 -116.89
N LYS AB 8 4.70 40.33 -117.07
CA LYS AB 8 5.45 40.88 -115.95
C LYS AB 8 4.83 42.16 -115.39
N ASP AB 9 4.00 42.85 -116.17
CA ASP AB 9 3.43 44.12 -115.75
C ASP AB 9 2.11 43.97 -115.02
N VAL AB 10 1.62 42.76 -114.81
CA VAL AB 10 0.35 42.52 -114.14
C VAL AB 10 0.58 41.60 -112.95
N SER AB 11 -0.34 41.67 -111.99
CA SER AB 11 -0.24 40.86 -110.79
C SER AB 11 -0.33 39.39 -111.16
N PRO AB 12 0.56 38.54 -110.64
CA PRO AB 12 0.47 37.10 -110.98
C PRO AB 12 -0.88 36.48 -110.61
N HIS AB 13 -1.46 36.90 -109.48
CA HIS AB 13 -2.74 36.33 -109.06
C HIS AB 13 -3.84 36.66 -110.07
N ASP AB 14 -3.90 37.91 -110.51
CA ASP AB 14 -4.92 38.32 -111.46
C ASP AB 14 -4.74 37.62 -112.81
N PHE AB 15 -3.49 37.50 -113.27
CA PHE AB 15 -3.24 36.91 -114.58
C PHE AB 15 -3.68 35.46 -114.64
N VAL AB 16 -3.38 34.69 -113.60
CA VAL AB 16 -3.72 33.27 -113.61
C VAL AB 16 -5.24 33.09 -113.68
N LYS AB 17 -5.98 33.88 -112.91
CA LYS AB 17 -7.44 33.81 -112.99
C LYS AB 17 -7.94 34.17 -114.38
N ALA AB 18 -7.39 35.25 -114.96
CA ALA AB 18 -7.84 35.67 -116.28
C ALA AB 18 -7.46 34.64 -117.35
N TYR AB 19 -6.24 34.12 -117.28
CA TYR AB 19 -5.80 33.16 -118.28
C TYR AB 19 -6.43 31.79 -118.09
N ALA AB 20 -6.72 31.41 -116.84
CA ALA AB 20 -7.39 30.13 -116.59
C ALA AB 20 -8.77 30.12 -117.24
N ALA AB 21 -9.53 31.20 -117.12
CA ALA AB 21 -10.81 31.29 -117.81
C ALA AB 21 -10.64 31.29 -119.31
N HIS AB 22 -9.55 31.86 -119.81
CA HIS AB 22 -9.29 31.87 -121.24
C HIS AB 22 -9.11 30.44 -121.77
N LEU AB 23 -8.34 29.62 -121.07
CA LEU AB 23 -8.13 28.24 -121.52
C LEU AB 23 -9.44 27.45 -121.48
N LYS AB 24 -10.20 27.58 -120.40
CA LYS AB 24 -11.49 26.90 -120.32
C LYS AB 24 -12.44 27.41 -121.39
N ARG AB 25 -12.42 28.72 -121.64
CA ARG AB 25 -13.31 29.31 -122.64
C ARG AB 25 -13.00 28.77 -124.03
N SER AB 26 -11.73 28.58 -124.36
CA SER AB 26 -11.37 28.09 -125.69
C SER AB 26 -11.91 26.68 -125.92
N GLY AB 27 -11.89 25.84 -124.88
CA GLY AB 27 -12.36 24.48 -125.02
C GLY AB 27 -11.41 23.56 -125.74
N LYS AB 28 -10.12 23.90 -125.81
CA LYS AB 28 -9.14 23.08 -126.49
C LYS AB 28 -8.50 22.05 -125.56
N LEU AB 29 -8.43 22.34 -124.27
CA LEU AB 29 -7.87 21.39 -123.32
C LEU AB 29 -8.82 20.22 -123.11
N GLU AB 30 -8.27 19.01 -123.12
CA GLU AB 30 -9.03 17.78 -122.92
C GLU AB 30 -8.68 17.24 -121.54
N LEU AB 31 -9.55 17.47 -120.57
CA LEU AB 31 -9.27 17.04 -119.21
C LEU AB 31 -9.27 15.52 -119.12
N PRO AB 32 -8.42 14.94 -118.28
CA PRO AB 32 -8.38 13.48 -118.15
C PRO AB 32 -9.57 12.96 -117.35
N GLU AB 33 -9.72 11.63 -117.38
CA GLU AB 33 -10.84 11.00 -116.68
C GLU AB 33 -10.72 11.13 -115.17
N TRP AB 34 -9.50 11.30 -114.65
CA TRP AB 34 -9.24 11.29 -113.23
C TRP AB 34 -9.11 12.69 -112.63
N THR AB 35 -9.65 13.71 -113.30
CA THR AB 35 -9.53 15.07 -112.79
C THR AB 35 -10.19 15.23 -111.43
N ASP AB 36 -11.37 14.64 -111.25
CA ASP AB 36 -12.15 14.82 -110.04
C ASP AB 36 -11.78 13.85 -108.92
N ILE AB 37 -10.85 12.93 -109.16
CA ILE AB 37 -10.54 11.87 -108.21
C ILE AB 37 -9.19 12.09 -107.53
N VAL AB 38 -8.19 12.53 -108.28
CA VAL AB 38 -6.82 12.51 -107.76
C VAL AB 38 -6.55 13.77 -106.95
N LYS AB 39 -5.47 13.71 -106.17
CA LYS AB 39 -4.91 14.86 -105.49
C LYS AB 39 -3.76 15.42 -106.33
N THR AB 40 -3.17 16.52 -105.87
CA THR AB 40 -2.02 17.14 -106.53
C THR AB 40 -0.71 16.72 -105.89
N GLY AB 41 -0.64 15.51 -105.36
CA GLY AB 41 0.57 14.99 -104.73
C GLY AB 41 0.23 14.26 -103.45
N LYS AB 42 1.13 13.36 -103.06
CA LYS AB 42 0.92 12.59 -101.84
C LYS AB 42 1.04 13.46 -100.59
N LEU AB 43 1.65 14.64 -100.70
CA LEU AB 43 1.72 15.54 -99.56
C LEU AB 43 0.38 16.14 -99.21
N LYS AB 44 -0.60 16.11 -100.12
CA LYS AB 44 -1.91 16.67 -99.87
C LYS AB 44 -2.77 15.70 -99.08
N GLU AB 45 -3.73 16.24 -98.34
CA GLU AB 45 -4.70 15.43 -97.63
C GLU AB 45 -5.98 15.23 -98.43
N LEU AB 46 -6.43 16.26 -99.13
CA LEU AB 46 -7.68 16.23 -99.87
C LEU AB 46 -7.45 16.72 -101.29
N ALA AB 47 -8.43 16.45 -102.15
CA ALA AB 47 -8.39 16.92 -103.52
C ALA AB 47 -8.64 18.44 -103.57
N PRO AB 48 -8.27 19.09 -104.66
CA PRO AB 48 -8.46 20.54 -104.74
C PRO AB 48 -9.93 20.93 -104.59
N TYR AB 49 -10.15 22.06 -103.92
CA TYR AB 49 -11.52 22.53 -103.71
C TYR AB 49 -12.11 23.12 -104.99
N ASP AB 50 -11.29 23.83 -105.78
CA ASP AB 50 -11.81 24.52 -106.95
C ASP AB 50 -12.21 23.52 -108.02
N PRO AB 51 -13.44 23.57 -108.54
CA PRO AB 51 -13.80 22.64 -109.63
C PRO AB 51 -12.92 22.79 -110.86
N ASP AB 52 -12.46 24.00 -111.17
CA ASP AB 52 -11.64 24.26 -112.33
C ASP AB 52 -10.15 24.30 -112.00
N TRP AB 53 -9.72 23.50 -111.02
CA TRP AB 53 -8.32 23.51 -110.62
C TRP AB 53 -7.40 23.14 -111.78
N TYR AB 54 -7.86 22.26 -112.67
CA TYR AB 54 -7.02 21.84 -113.79
C TYR AB 54 -6.66 23.01 -114.69
N TYR AB 55 -7.64 23.85 -115.02
CA TYR AB 55 -7.37 25.02 -115.84
C TYR AB 55 -6.47 26.01 -115.10
N ILE AB 56 -6.69 26.18 -113.79
CA ILE AB 56 -5.86 27.09 -113.01
C ILE AB 56 -4.41 26.61 -113.01
N ARG AB 57 -4.20 25.31 -112.80
CA ARG AB 57 -2.84 24.78 -112.83
C ARG AB 57 -2.22 24.95 -114.21
N ALA AB 58 -2.99 24.70 -115.27
CA ALA AB 58 -2.46 24.86 -116.62
C ALA AB 58 -2.04 26.30 -116.88
N ALA AB 59 -2.87 27.26 -116.46
CA ALA AB 59 -2.51 28.66 -116.63
C ALA AB 59 -1.25 29.01 -115.85
N SER AB 60 -1.13 28.50 -114.62
CA SER AB 60 0.06 28.76 -113.82
C SER AB 60 1.31 28.17 -114.48
N MET AB 61 1.21 26.95 -114.98
CA MET AB 61 2.37 26.33 -115.62
C MET AB 61 2.77 27.07 -116.88
N ALA AB 62 1.79 27.54 -117.66
CA ALA AB 62 2.11 28.29 -118.87
C ALA AB 62 2.85 29.58 -118.54
N ARG AB 63 2.44 30.27 -117.47
CA ARG AB 63 3.11 31.51 -117.08
C ARG AB 63 4.56 31.24 -116.69
N LYS AB 64 4.81 30.14 -115.96
CA LYS AB 64 6.17 29.84 -115.54
C LYS AB 64 7.06 29.47 -116.73
N ILE AB 65 6.51 28.74 -117.70
CA ILE AB 65 7.27 28.45 -118.91
C ILE AB 65 7.54 29.72 -119.68
N TYR AB 66 6.59 30.66 -119.67
CA TYR AB 66 6.80 31.95 -120.30
C TYR AB 66 7.97 32.70 -119.66
N LEU AB 67 8.04 32.67 -118.33
CA LEU AB 67 9.10 33.39 -117.63
C LEU AB 67 10.44 32.69 -117.71
N ARG AB 68 10.44 31.36 -117.78
CA ARG AB 68 11.68 30.59 -117.81
C ARG AB 68 11.48 29.36 -118.69
N GLY AB 69 12.43 29.13 -119.60
CA GLY AB 69 12.40 27.98 -120.46
C GLY AB 69 13.30 26.86 -119.98
N GLY AB 70 12.95 25.64 -120.37
CA GLY AB 70 13.72 24.47 -120.02
C GLY AB 70 13.22 23.70 -118.81
N ILE AB 71 12.06 24.05 -118.28
CA ILE AB 71 11.52 23.34 -117.11
C ILE AB 71 10.85 22.06 -117.58
N GLY AB 72 11.25 20.94 -116.98
CA GLY AB 72 10.66 19.65 -117.27
C GLY AB 72 9.61 19.25 -116.25
N VAL AB 73 9.15 18.00 -116.37
CA VAL AB 73 8.14 17.48 -115.46
C VAL AB 73 8.70 17.44 -114.04
N GLY AB 74 9.93 16.96 -113.89
CA GLY AB 74 10.53 16.92 -112.56
C GLY AB 74 10.64 18.30 -111.94
N GLY AB 75 10.94 19.31 -112.76
CA GLY AB 75 10.99 20.67 -112.23
C GLY AB 75 9.65 21.14 -111.71
N PHE AB 76 8.57 20.83 -112.43
CA PHE AB 76 7.25 21.24 -112.00
C PHE AB 76 6.80 20.51 -110.74
N ARG AB 77 7.24 19.26 -110.57
CA ARG AB 77 6.92 18.54 -109.34
C ARG AB 77 7.49 19.26 -108.12
N ARG AB 78 8.72 19.75 -108.22
CA ARG AB 78 9.30 20.54 -107.14
C ARG AB 78 8.57 21.87 -106.98
N ILE AB 79 8.20 22.50 -108.08
CA ILE AB 79 7.61 23.84 -108.02
C ILE AB 79 6.30 23.81 -107.24
N TYR AB 80 5.47 22.79 -107.48
CA TYR AB 80 4.18 22.66 -106.82
C TYR AB 80 4.22 21.71 -105.63
N GLY AB 81 5.40 21.29 -105.20
CA GLY AB 81 5.55 20.52 -103.99
C GLY AB 81 5.45 21.40 -102.76
N GLY AB 82 5.79 20.80 -101.61
CA GLY AB 82 5.75 21.53 -100.37
C GLY AB 82 6.00 20.62 -99.19
N ASN AB 83 5.56 21.06 -98.02
CA ASN AB 83 5.75 20.31 -96.79
C ASN AB 83 4.76 19.15 -96.71
N GLN AB 84 5.26 17.98 -96.35
CA GLN AB 84 4.43 16.82 -96.08
C GLN AB 84 4.45 16.54 -94.58
N ARG AB 85 3.27 16.41 -93.99
CA ARG AB 85 3.15 16.10 -92.57
C ARG AB 85 3.18 14.59 -92.38
N ASN AB 86 3.95 14.13 -91.40
CA ASN AB 86 4.17 12.71 -91.15
C ASN AB 86 3.69 12.33 -89.74
N GLY AB 87 2.54 12.84 -89.35
CA GLY AB 87 1.97 12.52 -88.05
C GLY AB 87 2.79 13.09 -86.91
N SER AB 88 3.41 12.20 -86.13
CA SER AB 88 4.22 12.60 -84.99
C SER AB 88 5.68 12.86 -85.35
N ARG AB 89 6.02 12.79 -86.64
CA ARG AB 89 7.38 13.01 -87.10
C ARG AB 89 7.51 14.38 -87.76
N PRO AB 90 8.73 14.91 -87.87
CA PRO AB 90 8.90 16.25 -88.47
C PRO AB 90 8.48 16.27 -89.93
N ARG AB 91 8.07 17.46 -90.38
CA ARG AB 91 7.71 17.66 -91.77
C ARG AB 91 8.94 17.71 -92.65
N HIS AB 92 8.77 17.33 -93.92
CA HIS AB 92 9.85 17.36 -94.89
C HIS AB 92 9.28 17.67 -96.27
N PHE AB 93 10.14 18.13 -97.16
CA PHE AB 93 9.72 18.50 -98.50
C PHE AB 93 9.29 17.27 -99.28
N CYS AB 94 8.22 17.42 -100.07
CA CYS AB 94 7.70 16.35 -100.89
C CYS AB 94 7.36 16.90 -102.27
N LYS AB 95 7.49 16.05 -103.28
CA LYS AB 95 7.16 16.43 -104.65
C LYS AB 95 5.68 16.23 -104.93
N SER AB 96 5.19 16.93 -105.95
CA SER AB 96 3.79 16.85 -106.36
C SER AB 96 3.63 15.80 -107.46
N SER AB 97 2.41 15.66 -107.97
CA SER AB 97 2.11 14.64 -108.94
C SER AB 97 2.80 14.92 -110.28
N GLY AB 98 3.36 13.88 -110.88
CA GLY AB 98 3.98 13.99 -112.18
C GLY AB 98 3.00 13.81 -113.31
N SER AB 99 1.96 12.99 -113.08
CA SER AB 99 0.95 12.77 -114.11
C SER AB 99 0.18 14.05 -114.40
N VAL AB 100 -0.17 14.81 -113.36
CA VAL AB 100 -0.86 16.07 -113.57
C VAL AB 100 0.01 17.04 -114.36
N ALA AB 101 1.28 17.14 -113.99
CA ALA AB 101 2.19 18.04 -114.70
C ALA AB 101 2.42 17.58 -116.13
N ARG AB 102 2.68 16.28 -116.32
CA ARG AB 102 2.97 15.78 -117.66
C ARG AB 102 1.76 15.93 -118.58
N HIS AB 103 0.56 15.61 -118.07
CA HIS AB 103 -0.63 15.72 -118.90
C HIS AB 103 -0.89 17.16 -119.32
N ILE AB 104 -0.72 18.10 -118.39
CA ILE AB 104 -0.95 19.51 -118.70
C ILE AB 104 0.04 19.98 -119.77
N LEU AB 105 1.31 19.60 -119.63
CA LEU AB 105 2.31 20.03 -120.60
C LEU AB 105 1.99 19.50 -121.99
N GLN AB 106 1.56 18.23 -122.08
CA GLN AB 106 1.23 17.66 -123.38
C GLN AB 106 0.04 18.36 -124.01
N GLN AB 107 -0.95 18.78 -123.20
CA GLN AB 107 -2.10 19.49 -123.74
C GLN AB 107 -1.72 20.88 -124.23
N LEU AB 108 -0.92 21.61 -123.45
CA LEU AB 108 -0.49 22.94 -123.89
C LEU AB 108 0.34 22.86 -125.16
N GLN AB 109 1.14 21.80 -125.32
CA GLN AB 109 1.94 21.65 -126.53
C GLN AB 109 1.07 21.42 -127.75
N THR AB 110 -0.03 20.67 -127.61
CA THR AB 110 -0.95 20.49 -128.71
C THR AB 110 -1.59 21.81 -129.11
N MET AB 111 -1.88 22.68 -128.14
CA MET AB 111 -2.41 24.01 -128.43
C MET AB 111 -1.35 24.92 -129.05
N ASN AB 112 -0.09 24.48 -129.11
CA ASN AB 112 1.00 25.27 -129.68
C ASN AB 112 1.36 26.46 -128.79
N ILE AB 113 1.17 26.31 -127.47
CA ILE AB 113 1.62 27.34 -126.54
C ILE AB 113 3.05 27.09 -126.10
N ILE AB 114 3.48 25.82 -126.04
CA ILE AB 114 4.84 25.46 -125.66
C ILE AB 114 5.34 24.39 -126.62
N ASP AB 115 6.65 24.21 -126.65
CA ASP AB 115 7.28 23.19 -127.48
C ASP AB 115 8.49 22.64 -126.74
N PHE AB 116 9.15 21.66 -127.36
CA PHE AB 116 10.31 21.03 -126.78
C PHE AB 116 11.53 21.93 -126.93
N ASP AB 117 12.14 22.28 -125.81
CA ASP AB 117 13.39 23.04 -125.86
C ASP AB 117 14.52 22.11 -126.31
N PRO AB 118 15.38 22.54 -127.25
CA PRO AB 118 16.46 21.64 -127.69
C PRO AB 118 17.35 21.17 -126.56
N LYS AB 119 17.56 21.98 -125.53
CA LYS AB 119 18.39 21.61 -124.40
C LYS AB 119 17.64 20.77 -123.36
N GLY AB 120 16.34 20.54 -123.55
CA GLY AB 120 15.56 19.77 -122.62
C GLY AB 120 14.44 20.58 -121.98
N GLY AB 121 13.35 19.91 -121.62
CA GLY AB 121 12.23 20.60 -121.03
C GLY AB 121 11.32 21.21 -122.07
N ARG AB 122 10.50 22.17 -121.60
CA ARG AB 122 9.53 22.86 -122.43
C ARG AB 122 9.93 24.32 -122.60
N ARG AB 123 9.58 24.87 -123.77
CA ARG AB 123 9.87 26.26 -124.10
C ARG AB 123 8.63 26.92 -124.66
N ILE AB 124 8.48 28.21 -124.37
CA ILE AB 124 7.35 28.98 -124.86
C ILE AB 124 7.54 29.28 -126.34
N THR AB 125 6.47 29.13 -127.11
CA THR AB 125 6.51 29.40 -128.54
C THR AB 125 6.11 30.84 -128.81
N SER AB 126 6.26 31.26 -130.07
CA SER AB 126 5.84 32.60 -130.47
C SER AB 126 4.34 32.78 -130.28
N ASN AB 127 3.55 31.78 -130.66
CA ASN AB 127 2.10 31.86 -130.45
C ASN AB 127 1.78 31.90 -128.96
N GLY AB 128 2.49 31.12 -128.16
CA GLY AB 128 2.26 31.16 -126.71
C GLY AB 128 2.52 32.53 -126.12
N GLN AB 129 3.61 33.18 -126.55
CA GLN AB 129 3.89 34.52 -126.05
C GLN AB 129 2.79 35.50 -126.42
N ARG AB 130 2.29 35.43 -127.65
CA ARG AB 130 1.20 36.31 -128.06
C ARG AB 130 -0.04 36.07 -127.23
N ASP AB 131 -0.40 34.80 -127.02
CA ASP AB 131 -1.63 34.48 -126.29
C ASP AB 131 -1.57 35.00 -124.87
N LEU AB 132 -0.45 34.75 -124.17
CA LEU AB 132 -0.33 35.21 -122.80
C LEU AB 132 -0.28 36.73 -122.73
N ASP AB 133 0.46 37.38 -123.63
CA ASP AB 133 0.56 38.83 -123.60
C ASP AB 133 -0.79 39.50 -123.87
N GLN AB 134 -1.54 38.96 -124.82
CA GLN AB 134 -2.84 39.56 -125.15
C GLN AB 134 -3.79 39.48 -123.95
N VAL AB 135 -3.81 38.35 -123.25
CA VAL AB 135 -4.67 38.21 -122.09
C VAL AB 135 -4.27 39.21 -121.01
N ALA AB 136 -2.96 39.36 -120.77
CA ALA AB 136 -2.50 40.29 -119.75
C ALA AB 136 -2.89 41.72 -120.09
N GLY AB 137 -2.89 42.08 -121.38
CA GLY AB 137 -3.23 43.44 -121.77
C GLY AB 137 -4.70 43.76 -121.54
N ARG AB 138 -5.57 42.75 -121.57
CA ARG AB 138 -6.99 42.97 -121.38
C ARG AB 138 -7.41 43.01 -119.91
N ILE AB 139 -6.49 42.71 -118.99
CA ILE AB 139 -6.81 42.77 -117.57
C ILE AB 139 -6.98 44.23 -117.15
N SER AB 140 -8.09 44.52 -116.47
CA SER AB 140 -8.33 45.88 -116.01
C SER AB 140 -7.29 46.29 -114.97
N ALA AB 141 -6.87 47.55 -115.02
CA ALA AB 141 -5.89 48.06 -114.08
C ALA AB 141 -6.43 47.96 -112.66
N ALA AB 142 -5.61 47.46 -111.75
CA ALA AB 142 -6.02 47.31 -110.36
C ALA AB 142 -4.82 47.01 -109.46
N MET BB 20 47.54 26.97 -135.75
CA MET BB 20 48.91 27.09 -135.28
C MET BB 20 48.93 27.39 -133.79
N ILE BB 21 48.11 28.35 -133.36
CA ILE BB 21 48.01 28.74 -131.96
C ILE BB 21 46.74 28.13 -131.38
N HIS BB 22 46.90 27.44 -130.25
CA HIS BB 22 45.79 26.76 -129.60
C HIS BB 22 45.71 27.19 -128.14
N LYS BB 23 44.49 27.16 -127.61
CA LYS BB 23 44.25 27.53 -126.22
C LYS BB 23 44.49 26.32 -125.33
N ILE BB 24 45.62 26.33 -124.61
CA ILE BB 24 46.01 25.22 -123.74
C ILE BB 24 45.63 25.59 -122.31
N ARG BB 25 45.00 24.65 -121.61
CA ARG BB 25 44.54 24.85 -120.25
C ARG BB 25 45.46 24.13 -119.28
N ILE BB 26 45.92 24.85 -118.26
CA ILE BB 26 46.76 24.28 -117.21
C ILE BB 26 46.02 24.42 -115.89
N THR BB 27 45.88 23.30 -115.18
CA THR BB 27 45.17 23.26 -113.91
C THR BB 27 46.15 22.91 -112.80
N LEU BB 28 46.13 23.72 -111.74
CA LEU BB 28 47.01 23.53 -110.58
C LEU BB 28 46.15 23.33 -109.34
N SER BB 29 46.50 22.32 -108.55
CA SER BB 29 45.82 22.04 -107.29
C SER BB 29 46.87 21.82 -106.20
N SER BB 30 46.55 22.25 -104.98
CA SER BB 30 47.49 22.12 -103.87
C SER BB 30 46.78 22.48 -102.58
N LYS BB 31 47.32 21.98 -101.47
CA LYS BB 31 46.84 22.33 -100.15
C LYS BB 31 47.51 23.58 -99.59
N ASN BB 32 48.67 23.94 -100.09
CA ASN BB 32 49.43 25.10 -99.62
C ASN BB 32 49.18 26.27 -100.58
N VAL BB 33 48.67 27.38 -100.04
CA VAL BB 33 48.36 28.54 -100.87
C VAL BB 33 49.63 29.17 -101.41
N LYS BB 34 50.63 29.37 -100.55
CA LYS BB 34 51.85 30.05 -100.98
C LYS BB 34 52.56 29.28 -102.09
N ASN BB 35 52.67 27.96 -101.94
CA ASN BB 35 53.29 27.15 -102.98
C ASN BB 35 52.48 27.22 -104.27
N LEU BB 36 51.15 27.13 -104.16
CA LEU BB 36 50.31 27.22 -105.35
C LEU BB 36 50.44 28.57 -106.03
N GLU BB 37 50.43 29.66 -105.24
CA GLU BB 37 50.59 30.98 -105.82
C GLU BB 37 51.98 31.15 -106.42
N LYS BB 38 53.00 30.59 -105.78
CA LYS BB 38 54.36 30.72 -106.31
C LYS BB 38 54.48 30.07 -107.68
N VAL BB 39 53.90 28.88 -107.86
CA VAL BB 39 53.98 28.21 -109.16
C VAL BB 39 53.18 28.98 -110.20
N CYS BB 40 52.02 29.51 -109.81
CA CYS BB 40 51.21 30.27 -110.76
C CYS BB 40 51.96 31.48 -111.28
N ALA BB 41 52.64 32.20 -110.38
CA ALA BB 41 53.41 33.36 -110.81
C ALA BB 41 54.53 32.96 -111.76
N ASP BB 42 55.21 31.84 -111.48
CA ASP BB 42 56.29 31.41 -112.34
C ASP BB 42 55.79 31.08 -113.75
N LEU BB 43 54.64 30.39 -113.84
CA LEU BB 43 54.12 30.04 -115.16
C LEU BB 43 53.68 31.28 -115.92
N VAL BB 44 52.92 32.17 -115.27
CA VAL BB 44 52.49 33.40 -115.92
C VAL BB 44 53.69 34.25 -116.29
N ARG BB 45 54.62 34.43 -115.34
CA ARG BB 45 55.83 35.19 -115.62
C ARG BB 45 56.70 34.49 -116.65
N GLY BB 46 56.72 33.16 -116.64
CA GLY BB 46 57.46 32.42 -117.64
C GLY BB 46 56.85 32.48 -119.03
N ALA BB 47 55.55 32.76 -119.13
CA ALA BB 47 54.89 32.91 -120.41
C ALA BB 47 54.96 34.33 -120.94
N LYS BB 48 54.97 35.33 -120.05
CA LYS BB 48 55.11 36.71 -120.49
C LYS BB 48 56.46 36.93 -121.15
N ASP BB 49 57.48 36.19 -120.76
CA ASP BB 49 58.78 36.31 -121.40
C ASP BB 49 58.72 35.91 -122.87
N LYS BB 50 57.90 34.93 -123.21
CA LYS BB 50 57.71 34.50 -124.59
C LYS BB 50 56.63 35.30 -125.31
N ARG BB 51 56.04 36.29 -124.65
CA ARG BB 51 55.05 37.17 -125.27
C ARG BB 51 53.80 36.40 -125.69
N LEU BB 52 53.49 35.33 -124.97
CA LEU BB 52 52.29 34.55 -125.24
C LEU BB 52 51.09 35.16 -124.52
N ARG BB 53 49.92 35.04 -125.15
CA ARG BB 53 48.69 35.49 -124.52
C ARG BB 53 48.35 34.56 -123.36
N VAL BB 54 48.06 35.15 -122.20
CA VAL BB 54 47.80 34.40 -120.98
C VAL BB 54 46.46 34.84 -120.42
N LYS BB 55 45.59 33.86 -120.12
CA LYS BB 55 44.32 34.10 -119.45
C LYS BB 55 44.38 33.42 -118.09
N GLY BB 56 44.41 34.21 -117.02
CA GLY BB 56 44.47 33.68 -115.68
C GLY BB 56 45.53 34.36 -114.84
N PRO BB 57 45.82 33.80 -113.66
CA PRO BB 57 45.20 32.57 -113.14
C PRO BB 57 43.77 32.80 -112.65
N VAL BB 58 42.92 31.80 -112.83
CA VAL BB 58 41.54 31.84 -112.36
C VAL BB 58 41.45 30.95 -111.13
N ARG BB 59 40.98 31.52 -110.03
CA ARG BB 59 40.94 30.83 -108.74
C ARG BB 59 39.54 30.27 -108.53
N MET BB 60 39.41 28.95 -108.59
CA MET BB 60 38.15 28.31 -108.30
C MET BB 60 37.83 28.41 -106.81
N PRO BB 61 36.55 28.31 -106.43
CA PRO BB 61 36.21 28.35 -105.01
C PRO BB 61 36.94 27.25 -104.24
N THR BB 62 37.39 27.59 -103.04
CA THR BB 62 38.17 26.66 -102.24
C THR BB 62 37.27 25.51 -101.77
N LYS BB 63 37.75 24.29 -101.96
CA LYS BB 63 37.04 23.10 -101.50
C LYS BB 63 37.49 22.78 -100.08
N VAL BB 64 36.54 22.75 -99.16
CA VAL BB 64 36.84 22.51 -97.75
C VAL BB 64 36.31 21.14 -97.34
N LEU BB 65 37.16 20.12 -97.41
CA LEU BB 65 36.79 18.81 -96.88
C LEU BB 65 36.72 18.88 -95.37
N ASN BB 66 35.61 18.43 -94.80
CA ASN BB 66 35.36 18.55 -93.37
C ASN BB 66 35.03 17.19 -92.79
N ILE BB 67 35.72 16.84 -91.70
CA ILE BB 67 35.45 15.63 -90.94
C ILE BB 67 35.29 16.03 -89.48
N THR BB 68 34.12 15.77 -88.91
CA THR BB 68 33.83 16.06 -87.50
C THR BB 68 33.67 14.74 -86.78
N THR BB 69 34.44 14.54 -85.72
CA THR BB 69 34.49 13.27 -85.01
C THR BB 69 34.55 13.51 -83.52
N ARG BB 70 34.07 12.53 -82.75
CA ARG BB 70 34.14 12.59 -81.31
C ARG BB 70 35.59 12.50 -80.84
N LYS BB 71 35.98 13.42 -79.95
CA LYS BB 71 37.35 13.40 -79.43
C LYS BB 71 37.60 12.15 -78.60
N SER BB 72 36.67 11.78 -77.74
CA SER BB 72 36.89 10.67 -76.83
C SER BB 72 36.99 9.35 -77.60
N PRO BB 73 37.97 8.51 -77.30
CA PRO BB 73 37.96 7.15 -77.88
C PRO BB 73 36.82 6.29 -77.37
N CYS BB 74 36.20 6.67 -76.25
CA CYS BB 74 35.03 6.00 -75.71
C CYS BB 74 33.87 7.01 -75.68
N GLY BB 75 32.80 6.64 -75.00
CA GLY BB 75 31.61 7.48 -74.90
C GLY BB 75 31.42 8.20 -73.58
N GLU BB 76 32.42 8.25 -72.72
CA GLU BB 76 32.27 8.86 -71.41
C GLU BB 76 32.74 10.31 -71.44
N GLY BB 77 32.10 11.13 -70.61
CA GLY BB 77 32.46 12.53 -70.48
C GLY BB 77 31.60 13.42 -71.36
N THR BB 78 31.89 14.72 -71.27
CA THR BB 78 31.20 15.68 -72.12
C THR BB 78 31.49 15.38 -73.59
N ASN BB 79 30.45 15.46 -74.42
CA ASN BB 79 30.55 15.13 -75.83
C ASN BB 79 31.22 16.29 -76.56
N THR BB 80 32.54 16.21 -76.67
CA THR BB 80 33.33 17.20 -77.38
C THR BB 80 33.69 16.70 -78.76
N TRP BB 81 33.74 17.61 -79.73
CA TRP BB 81 33.94 17.27 -81.12
C TRP BB 81 35.12 18.06 -81.69
N ASP BB 82 35.90 17.40 -82.55
CA ASP BB 82 36.99 18.04 -83.29
C ASP BB 82 36.54 18.22 -84.73
N ARG BB 83 36.62 19.46 -85.22
CA ARG BB 83 36.28 19.77 -86.60
C ARG BB 83 37.58 19.82 -87.40
N PHE BB 84 37.77 18.85 -88.29
CA PHE BB 84 38.97 18.73 -89.10
C PHE BB 84 38.69 19.23 -90.51
N GLU BB 85 39.57 20.08 -91.02
CA GLU BB 85 39.42 20.67 -92.34
C GLU BB 85 40.65 20.38 -93.19
N LEU BB 86 40.41 20.04 -94.45
CA LEU BB 86 41.48 19.87 -95.45
C LEU BB 86 41.09 20.70 -96.66
N ARG BB 87 41.71 21.87 -96.82
CA ARG BB 87 41.35 22.82 -97.85
C ARG BB 87 42.13 22.53 -99.13
N VAL BB 88 41.42 22.51 -100.26
CA VAL BB 88 42.02 22.29 -101.57
C VAL BB 88 41.83 23.56 -102.39
N HIS BB 89 42.93 24.12 -102.87
CA HIS BB 89 42.91 25.33 -103.69
C HIS BB 89 43.23 24.95 -105.13
N LYS BB 90 42.42 25.44 -106.07
CA LYS BB 90 42.52 25.08 -107.47
C LYS BB 90 42.72 26.33 -108.31
N ARG BB 91 43.67 26.28 -109.23
CA ARG BB 91 43.97 27.38 -110.14
C ARG BB 91 43.91 26.87 -111.57
N VAL BB 92 43.43 27.73 -112.46
CA VAL BB 92 43.31 27.42 -113.88
C VAL BB 92 43.98 28.52 -114.68
N ILE BB 93 44.90 28.14 -115.56
CA ILE BB 93 45.63 29.08 -116.42
C ILE BB 93 45.49 28.61 -117.86
N ASP BB 94 45.13 29.55 -118.74
CA ASP BB 94 44.96 29.27 -120.16
C ASP BB 94 46.08 29.98 -120.94
N LEU BB 95 46.83 29.20 -121.73
CA LEU BB 95 47.92 29.72 -122.54
C LEU BB 95 47.60 29.49 -124.00
N PHE BB 96 47.72 30.54 -124.81
CA PHE BB 96 47.49 30.46 -126.25
C PHE BB 96 48.83 30.25 -126.94
N SER BB 97 49.16 28.98 -127.19
CA SER BB 97 50.42 28.63 -127.85
C SER BB 97 50.35 27.15 -128.21
N SER BB 98 51.39 26.67 -128.89
CA SER BB 98 51.44 25.27 -129.28
C SER BB 98 51.77 24.39 -128.08
N PRO BB 99 51.42 23.10 -128.14
CA PRO BB 99 51.74 22.22 -127.01
C PRO BB 99 53.22 22.17 -126.67
N ASP BB 100 54.09 22.22 -127.68
CA ASP BB 100 55.52 22.13 -127.43
C ASP BB 100 56.01 23.29 -126.57
N VAL BB 101 55.55 24.51 -126.88
CA VAL BB 101 55.96 25.67 -126.10
C VAL BB 101 55.44 25.55 -124.67
N VAL BB 102 54.19 25.13 -124.50
CA VAL BB 102 53.63 24.95 -123.16
C VAL BB 102 54.40 23.89 -122.40
N LYS BB 103 54.76 22.80 -123.08
CA LYS BB 103 55.55 21.75 -122.44
C LYS BB 103 56.86 22.31 -121.90
N GLN BB 104 57.51 23.19 -122.66
CA GLN BB 104 58.76 23.78 -122.21
C GLN BB 104 58.56 24.63 -120.95
N ILE BB 105 57.49 25.42 -120.92
CA ILE BB 105 57.25 26.28 -119.76
C ILE BB 105 56.95 25.44 -118.53
N THR BB 106 56.11 24.42 -118.67
CA THR BB 106 55.73 23.59 -117.53
C THR BB 106 56.79 22.58 -117.14
N SER BB 107 57.83 22.40 -117.95
CA SER BB 107 58.89 21.45 -117.61
C SER BB 107 59.72 21.89 -116.41
N ILE BB 108 59.62 23.16 -116.01
CA ILE BB 108 60.39 23.64 -114.87
C ILE BB 108 59.98 22.88 -113.62
N THR BB 109 60.92 22.76 -112.68
CA THR BB 109 60.64 22.08 -111.42
C THR BB 109 59.51 22.77 -110.68
N ILE BB 110 58.58 21.98 -110.15
CA ILE BB 110 57.41 22.48 -109.45
C ILE BB 110 57.59 22.26 -107.95
N GLU BB 111 57.01 23.15 -107.17
CA GLU BB 111 57.14 23.07 -105.72
C GLU BB 111 56.43 21.82 -105.20
N PRO BB 112 56.87 21.27 -104.07
CA PRO BB 112 56.21 20.07 -103.53
C PRO BB 112 54.76 20.34 -103.19
N GLY BB 113 53.92 19.32 -103.40
CA GLY BB 113 52.51 19.41 -103.06
C GLY BB 113 51.64 20.09 -104.09
N VAL BB 114 52.21 20.55 -105.20
CA VAL BB 114 51.46 21.21 -106.27
C VAL BB 114 51.33 20.23 -107.43
N GLU BB 115 50.10 19.95 -107.83
CA GLU BB 115 49.82 19.01 -108.91
C GLU BB 115 49.53 19.80 -110.19
N VAL BB 116 50.34 19.58 -111.21
CA VAL BB 116 50.21 20.28 -112.49
C VAL BB 116 49.59 19.32 -113.49
N GLU BB 117 48.52 19.76 -114.13
CA GLU BB 117 47.81 18.95 -115.12
C GLU BB 117 47.59 19.80 -116.37
N VAL BB 118 48.19 19.40 -117.48
CA VAL BB 118 48.12 20.13 -118.74
C VAL BB 118 47.21 19.37 -119.69
N THR BB 119 46.19 20.04 -120.20
CA THR BB 119 45.26 19.46 -121.15
C THR BB 119 44.95 20.46 -122.24
N ILE BB 120 44.63 19.94 -123.43
CA ILE BB 120 44.24 20.78 -124.55
C ILE BB 120 42.77 21.12 -124.42
N ALA BB 121 42.47 22.41 -124.26
CA ALA BB 121 41.09 22.84 -124.07
C ALA BB 121 40.23 22.41 -125.26
N GLU BB 122 39.07 21.83 -124.96
CA GLU BB 122 38.15 21.40 -126.01
C GLU BB 122 37.40 22.57 -126.65
N SER BB 123 37.39 23.73 -125.99
CA SER BB 123 36.72 24.92 -126.51
C SER BB 123 35.22 24.70 -126.64
N GLU CB 2 -4.20 62.67 -46.79
CA GLU CB 2 -4.40 61.89 -48.05
C GLU CB 2 -3.18 61.99 -48.94
N SER CB 3 -3.17 61.19 -50.01
CA SER CB 3 -2.05 61.15 -50.94
C SER CB 3 -2.38 61.96 -52.18
N VAL CB 4 -1.45 62.81 -52.60
CA VAL CB 4 -1.60 63.66 -53.78
C VAL CB 4 -0.50 63.31 -54.75
N THR CB 5 -0.87 63.01 -56.00
CA THR CB 5 0.11 62.66 -57.01
C THR CB 5 1.06 63.83 -57.27
N LYS CB 6 2.35 63.53 -57.34
CA LYS CB 6 3.38 64.53 -57.57
C LYS CB 6 4.36 64.02 -58.63
N HIS CB 7 5.00 64.96 -59.31
CA HIS CB 7 6.00 64.67 -60.32
C HIS CB 7 7.34 65.23 -59.87
N ALA CB 8 8.38 64.41 -59.94
CA ALA CB 8 9.72 64.80 -59.55
C ALA CB 8 10.71 64.31 -60.59
N ILE CB 9 11.83 65.01 -60.69
CA ILE CB 9 12.86 64.72 -61.68
C ILE CB 9 14.08 64.15 -60.96
N VAL CB 10 14.63 63.07 -61.52
CA VAL CB 10 15.79 62.42 -60.91
C VAL CB 10 17.00 63.33 -61.03
N ILE CB 11 17.70 63.52 -59.92
CA ILE CB 11 18.89 64.38 -59.87
C ILE CB 11 20.16 63.55 -59.95
N LYS CB 12 20.29 62.52 -59.12
CA LYS CB 12 21.46 61.66 -59.13
C LYS CB 12 21.04 60.22 -58.82
N ILE CB 13 21.85 59.29 -59.26
CA ILE CB 13 21.64 57.86 -59.02
C ILE CB 13 22.51 57.45 -57.84
N MET CB 14 21.89 57.22 -56.69
CA MET CB 14 22.67 56.85 -55.51
C MET CB 14 23.36 55.51 -55.70
N GLY CB 15 22.67 54.55 -56.27
CA GLY CB 15 23.24 53.23 -56.52
C GLY CB 15 22.17 52.16 -56.44
N ARG CB 16 22.49 51.01 -57.03
CA ARG CB 16 21.55 49.89 -57.03
C ARG CB 16 21.48 49.27 -55.65
N THR CB 17 20.25 49.04 -55.18
CA THR CB 17 20.04 48.44 -53.85
C THR CB 17 19.13 47.23 -53.96
N GLY CB 18 18.70 46.70 -52.81
CA GLY CB 18 17.88 45.51 -52.78
C GLY CB 18 18.72 44.25 -52.67
N SER CB 19 18.04 43.16 -52.28
CA SER CB 19 18.73 41.89 -52.09
C SER CB 19 19.35 41.40 -53.39
N ARG CB 20 18.61 41.51 -54.49
CA ARG CB 20 19.08 41.06 -55.80
C ARG CB 20 19.49 42.21 -56.70
N GLY CB 21 19.59 43.42 -56.16
CA GLY CB 21 19.99 44.56 -56.97
C GLY CB 21 18.95 45.02 -57.95
N GLN CB 22 17.68 44.68 -57.74
CA GLN CB 22 16.61 45.06 -58.65
C GLN CB 22 16.05 46.45 -58.38
N VAL CB 23 16.47 47.10 -57.30
CA VAL CB 23 15.97 48.41 -56.93
C VAL CB 23 17.10 49.43 -57.07
N THR CB 24 16.72 50.66 -57.42
CA THR CB 24 17.66 51.76 -57.56
C THR CB 24 17.19 52.91 -56.68
N GLN CB 25 18.10 53.46 -55.88
CA GLN CB 25 17.82 54.60 -55.03
C GLN CB 25 18.31 55.86 -55.73
N VAL CB 26 17.44 56.87 -55.82
CA VAL CB 26 17.72 58.09 -56.55
C VAL CB 26 17.30 59.29 -55.70
N ARG CB 27 17.88 60.44 -56.03
CA ARG CB 27 17.53 61.71 -55.43
C ARG CB 27 16.66 62.48 -56.42
N VAL CB 28 15.47 62.90 -55.99
CA VAL CB 28 14.48 63.49 -56.87
C VAL CB 28 14.15 64.89 -56.37
N LYS CB 29 13.91 65.80 -57.30
CA LYS CB 29 13.49 67.16 -57.01
C LYS CB 29 12.07 67.36 -57.50
N PHE CB 30 11.19 67.80 -56.59
CA PHE CB 30 9.80 68.02 -56.96
C PHE CB 30 9.68 69.18 -57.94
N LEU CB 31 8.85 68.99 -58.98
CA LEU CB 31 8.69 70.02 -59.99
C LEU CB 31 7.85 71.18 -59.48
N ASP CB 32 6.77 70.90 -58.75
CA ASP CB 32 5.94 71.98 -58.22
C ASP CB 32 6.73 72.86 -57.26
N ASP CB 33 7.50 72.25 -56.38
CA ASP CB 33 8.40 72.96 -55.47
C ASP CB 33 9.80 72.41 -55.69
N GLN CB 34 10.67 73.22 -56.29
CA GLN CB 34 12.01 72.79 -56.66
C GLN CB 34 13.03 72.97 -55.55
N ASN CB 35 12.59 73.41 -54.36
CA ASN CB 35 13.47 73.54 -53.21
C ASN CB 35 13.32 72.38 -52.23
N ARG CB 36 12.62 71.32 -52.63
CA ARG CB 36 12.42 70.14 -51.80
C ARG CB 36 13.10 68.94 -52.45
N PHE CB 37 13.84 68.18 -51.65
CA PHE CB 37 14.54 66.99 -52.13
C PHE CB 37 14.27 65.83 -51.19
N ILE CB 38 14.17 64.63 -51.77
CA ILE CB 38 13.98 63.40 -51.01
C ILE CB 38 14.62 62.24 -51.79
N MET CB 39 14.71 61.09 -51.14
CA MET CB 39 15.24 59.88 -51.74
C MET CB 39 14.11 58.89 -51.98
N ARG CB 40 14.10 58.27 -53.15
CA ARG CB 40 13.06 57.34 -53.54
C ARG CB 40 13.69 56.07 -54.11
N ASN CB 41 13.01 54.94 -53.90
CA ASN CB 41 13.40 53.68 -54.50
C ASN CB 41 12.61 53.46 -55.78
N VAL CB 42 13.33 53.14 -56.86
CA VAL CB 42 12.75 53.03 -58.20
C VAL CB 42 13.03 51.64 -58.74
N LYS CB 43 12.00 50.99 -59.27
CA LYS CB 43 12.13 49.70 -59.94
C LYS CB 43 12.12 49.90 -61.44
N GLY CB 44 13.05 49.23 -62.12
CA GLY CB 44 13.18 49.36 -63.55
C GLY CB 44 14.30 50.32 -63.93
N PRO CB 45 14.71 50.29 -65.19
CA PRO CB 45 15.83 51.16 -65.62
C PRO CB 45 15.48 52.63 -65.45
N VAL CB 46 16.42 53.38 -64.88
CA VAL CB 46 16.23 54.80 -64.61
C VAL CB 46 17.57 55.50 -64.80
N ARG CB 47 17.51 56.73 -65.30
CA ARG CB 47 18.70 57.54 -65.52
C ARG CB 47 18.42 58.98 -65.09
N GLU CB 48 19.50 59.72 -64.85
CA GLU CB 48 19.37 61.11 -64.45
C GLU CB 48 18.64 61.90 -65.51
N GLY CB 49 17.67 62.71 -65.08
CA GLY CB 49 16.94 63.57 -65.99
C GLY CB 49 15.49 63.19 -66.18
N ASP CB 50 15.19 61.89 -66.16
CA ASP CB 50 13.83 61.43 -66.41
C ASP CB 50 12.94 61.74 -65.20
N ILE CB 51 11.64 61.86 -65.48
CA ILE CB 51 10.65 62.27 -64.49
C ILE CB 51 9.96 61.03 -63.94
N LEU CB 52 9.53 61.13 -62.69
CA LEU CB 52 8.83 60.05 -62.01
C LEU CB 52 7.50 60.57 -61.46
N THR CB 53 6.53 59.67 -61.36
CA THR CB 53 5.22 59.97 -60.79
C THR CB 53 5.14 59.33 -59.42
N LEU CB 54 4.88 60.14 -58.39
CA LEU CB 54 4.85 59.68 -57.01
C LEU CB 54 3.40 59.72 -56.53
N LEU CB 55 2.83 58.55 -56.25
CA LEU CB 55 1.48 58.49 -55.72
C LEU CB 55 1.40 59.16 -54.35
N GLU CB 56 2.40 58.92 -53.50
CA GLU CB 56 2.50 59.59 -52.21
C GLU CB 56 3.91 60.14 -52.07
N SER CB 57 4.00 61.42 -51.70
CA SER CB 57 5.27 62.12 -51.58
C SER CB 57 5.74 62.25 -50.14
N GLU CB 58 4.99 61.72 -49.17
CA GLU CB 58 5.37 61.88 -47.77
C GLU CB 58 6.52 60.96 -47.38
N ARG CB 59 6.53 59.74 -47.92
CA ARG CB 59 7.57 58.78 -47.55
C ARG CB 59 8.93 59.21 -48.08
N GLU CB 60 9.97 58.77 -47.39
CA GLU CB 60 11.35 59.00 -47.84
C GLU CB 60 12.15 57.73 -47.55
N ALA CB 61 12.92 57.28 -48.54
CA ALA CB 61 13.70 56.05 -48.40
C ALA CB 61 14.98 56.32 -47.63
N ARG CB 62 15.32 55.40 -46.73
CA ARG CB 62 16.56 55.52 -45.97
C ARG CB 62 17.76 55.23 -46.86
N ARG CB 63 18.86 55.93 -46.59
CA ARG CB 63 20.07 55.74 -47.38
C ARG CB 63 20.55 54.30 -47.25
N LEU CB 64 20.97 53.73 -48.38
CA LEU CB 64 21.43 52.34 -48.43
C LEU CB 64 20.36 51.41 -47.85
N ARG CB 65 19.11 51.65 -48.22
CA ARG CB 65 17.99 50.86 -47.70
C ARG CB 65 18.14 49.39 -48.05
N TRP DB 7 31.90 -22.29 -95.36
CA TRP DB 7 32.86 -21.41 -94.70
C TRP DB 7 32.88 -20.04 -95.36
N ASN DB 8 32.51 -19.02 -94.60
CA ASN DB 8 32.38 -17.65 -95.12
C ASN DB 8 31.41 -17.60 -96.29
N ALA DB 9 30.37 -18.45 -96.25
CA ALA DB 9 29.40 -18.50 -97.34
C ALA DB 9 28.43 -17.34 -97.29
N HIS DB 10 28.20 -16.76 -96.11
CA HIS DB 10 27.21 -15.70 -96.00
C HIS DB 10 27.64 -14.49 -96.82
N PRO DB 11 26.72 -13.84 -97.54
CA PRO DB 11 27.11 -12.68 -98.35
C PRO DB 11 27.69 -11.57 -97.49
N LYS DB 12 28.69 -10.89 -98.03
CA LYS DB 12 29.33 -9.75 -97.39
C LYS DB 12 29.48 -8.60 -98.37
N ASN DB 13 28.43 -8.34 -99.13
CA ASN DB 13 28.44 -7.27 -100.13
C ASN DB 13 28.06 -5.91 -99.56
N TYR DB 14 27.45 -5.88 -98.38
CA TYR DB 14 27.06 -4.62 -97.76
C TYR DB 14 26.92 -4.81 -96.27
N GLY DB 15 26.84 -3.70 -95.55
CA GLY DB 15 26.68 -3.73 -94.11
C GLY DB 15 28.00 -3.58 -93.38
N PRO DB 16 27.93 -3.39 -92.06
CA PRO DB 16 29.17 -3.23 -91.27
C PRO DB 16 30.13 -4.40 -91.41
N GLY DB 17 29.61 -5.63 -91.56
CA GLY DB 17 30.49 -6.78 -91.65
C GLY DB 17 31.43 -6.73 -92.85
N SER DB 18 30.96 -6.16 -93.96
CA SER DB 18 31.80 -6.09 -95.16
C SER DB 18 32.92 -5.08 -95.02
N ARG DB 19 32.70 -3.99 -94.30
CA ARG DB 19 33.67 -2.91 -94.18
C ARG DB 19 34.42 -3.00 -92.86
N THR DB 20 35.72 -2.73 -92.90
CA THR DB 20 36.55 -2.71 -91.71
C THR DB 20 37.57 -1.57 -91.84
N CYS DB 21 38.07 -1.12 -90.70
CA CYS DB 21 39.08 -0.08 -90.69
C CYS DB 21 40.33 -0.55 -91.40
N ARG DB 22 40.88 0.30 -92.27
CA ARG DB 22 42.08 -0.06 -93.03
C ARG DB 22 43.33 -0.02 -92.17
N VAL DB 23 43.30 0.69 -91.05
CA VAL DB 23 44.47 0.79 -90.17
C VAL DB 23 44.49 -0.34 -89.16
N CYS DB 24 43.40 -0.53 -88.42
CA CYS DB 24 43.34 -1.48 -87.33
C CYS DB 24 42.47 -2.70 -87.62
N GLY DB 25 41.57 -2.62 -88.60
CA GLY DB 25 40.69 -3.72 -88.92
C GLY DB 25 39.40 -3.78 -88.14
N ASN DB 26 39.20 -2.86 -87.19
CA ASN DB 26 37.96 -2.85 -86.42
C ASN DB 26 36.79 -2.45 -87.32
N PRO DB 27 35.61 -3.02 -87.11
CA PRO DB 27 34.46 -2.71 -87.97
C PRO DB 27 33.55 -1.60 -87.48
N HIS DB 28 33.89 -0.88 -86.42
CA HIS DB 28 33.00 0.08 -85.79
C HIS DB 28 33.47 1.50 -86.06
N ALA DB 29 32.50 2.42 -86.21
CA ALA DB 29 32.76 3.84 -86.35
C ALA DB 29 33.65 4.14 -87.56
N ILE DB 30 33.40 3.43 -88.66
CA ILE DB 30 34.18 3.65 -89.88
C ILE DB 30 33.80 4.98 -90.49
N ILE DB 31 34.80 5.74 -90.91
CA ILE DB 31 34.61 7.01 -91.61
C ILE DB 31 34.75 6.71 -93.09
N ARG DB 32 33.63 6.64 -93.80
CA ARG DB 32 33.62 6.36 -95.22
C ARG DB 32 33.67 7.61 -96.08
N LYS DB 33 33.57 8.80 -95.48
CA LYS DB 33 33.57 10.03 -96.25
C LYS DB 33 34.90 10.21 -96.97
N TYR DB 34 34.83 10.56 -98.25
CA TYR DB 34 35.98 10.77 -99.11
C TYR DB 34 36.81 9.50 -99.31
N GLY DB 35 36.28 8.34 -98.95
CA GLY DB 35 37.02 7.11 -99.08
C GLY DB 35 38.10 6.89 -98.05
N LEU DB 36 38.02 7.56 -96.90
CA LEU DB 36 39.04 7.38 -95.87
C LEU DB 36 39.09 5.94 -95.38
N MET DB 37 37.92 5.35 -95.13
CA MET DB 37 37.81 3.96 -94.66
C MET DB 37 38.65 3.72 -93.42
N CYS DB 38 38.60 4.67 -92.47
CA CYS DB 38 39.28 4.56 -91.21
C CYS DB 38 38.28 4.75 -90.07
N CYS DB 39 38.51 4.04 -88.97
CA CYS DB 39 37.66 4.22 -87.81
C CYS DB 39 37.93 5.58 -87.16
N ARG DB 40 36.95 6.06 -86.41
CA ARG DB 40 37.06 7.41 -85.85
C ARG DB 40 38.26 7.55 -84.92
N GLN DB 41 38.61 6.49 -84.21
CA GLN DB 41 39.78 6.56 -83.33
C GLN DB 41 41.07 6.65 -84.12
N CYS DB 42 41.21 5.80 -85.14
CA CYS DB 42 42.43 5.81 -85.94
C CYS DB 42 42.58 7.11 -86.72
N PHE DB 43 41.48 7.63 -87.27
CA PHE DB 43 41.56 8.87 -88.04
C PHE DB 43 42.08 10.02 -87.19
N ARG DB 44 41.56 10.15 -85.96
CA ARG DB 44 41.99 11.26 -85.11
C ARG DB 44 43.48 11.17 -84.81
N SER DB 45 43.99 9.96 -84.60
CA SER DB 45 45.43 9.79 -84.38
C SER DB 45 46.23 10.19 -85.60
N ASN DB 46 45.75 9.83 -86.80
CA ASN DB 46 46.47 10.09 -88.04
C ASN DB 46 45.94 11.29 -88.79
N ALA DB 47 45.08 12.10 -88.17
CA ALA DB 47 44.46 13.22 -88.89
C ALA DB 47 45.50 14.20 -89.38
N LYS DB 48 46.46 14.56 -88.53
CA LYS DB 48 47.48 15.53 -88.92
C LYS DB 48 48.31 15.01 -90.08
N GLU DB 49 48.72 13.74 -90.02
CA GLU DB 49 49.56 13.19 -91.07
C GLU DB 49 48.81 13.11 -92.40
N ILE DB 50 47.53 12.75 -92.35
CA ILE DB 50 46.73 12.67 -93.58
C ILE DB 50 46.62 14.05 -94.24
N GLY DB 51 46.71 15.12 -93.45
CA GLY DB 51 46.60 16.47 -93.97
C GLY DB 51 45.45 17.27 -93.39
N PHE DB 52 44.64 16.71 -92.49
CA PHE DB 52 43.57 17.46 -91.87
C PHE DB 52 44.09 18.29 -90.71
N ILE DB 53 43.55 19.50 -90.57
CA ILE DB 53 44.01 20.45 -89.57
C ILE DB 53 42.80 21.06 -88.88
N LYS DB 54 43.01 21.50 -87.64
CA LYS DB 54 41.98 22.15 -86.84
C LYS DB 54 42.18 23.66 -86.90
N TYR DB 55 41.16 24.38 -87.34
CA TYR DB 55 41.19 25.84 -87.43
C TYR DB 55 40.23 26.51 -86.47
N ARG DB 56 39.00 26.01 -86.36
CA ARG DB 56 38.02 26.56 -85.43
C ARG DB 56 37.01 25.50 -85.03
N GLN EB 3 54.03 96.27 -97.24
CA GLN EB 3 53.83 95.65 -95.95
C GLN EB 3 52.36 95.31 -95.72
N GLU EB 4 51.67 94.96 -96.80
CA GLU EB 4 50.24 94.65 -96.71
C GLU EB 4 50.02 93.40 -95.88
N SER EB 5 48.98 93.42 -95.06
CA SER EB 5 48.59 92.27 -94.25
C SER EB 5 47.46 91.51 -94.94
N LEU EB 6 47.10 90.37 -94.35
CA LEU EB 6 46.04 89.52 -94.89
C LEU EB 6 44.95 89.34 -93.85
N VAL EB 7 43.72 89.20 -94.34
CA VAL EB 7 42.54 89.00 -93.51
C VAL EB 7 41.76 87.81 -94.05
N LEU EB 8 40.91 87.26 -93.19
CA LEU EB 8 40.16 86.05 -93.52
C LEU EB 8 39.02 86.41 -94.47
N ARG EB 9 39.13 86.00 -95.73
CA ARG EB 9 38.06 86.24 -96.69
C ARG EB 9 36.87 85.33 -96.42
N GLY EB 10 37.12 84.06 -96.13
CA GLY EB 10 36.03 83.13 -95.90
C GLY EB 10 36.57 81.75 -95.61
N THR EB 11 35.64 80.79 -95.51
CA THR EB 11 35.99 79.42 -95.20
C THR EB 11 35.23 78.48 -96.12
N MET EB 12 35.82 77.31 -96.36
CA MET EB 12 35.22 76.26 -97.19
C MET EB 12 35.27 74.96 -96.40
N LYS EB 13 34.14 74.26 -96.35
CA LYS EB 13 33.90 73.23 -95.34
C LYS EB 13 33.35 71.96 -95.97
N ALA EB 14 34.02 71.45 -97.02
CA ALA EB 14 33.59 70.20 -97.63
C ALA EB 14 34.34 68.99 -97.07
N HIS EB 15 35.66 69.10 -96.91
CA HIS EB 15 36.46 67.98 -96.44
C HIS EB 15 36.10 67.64 -94.99
N THR EB 16 36.31 66.38 -94.63
CA THR EB 16 36.00 65.87 -93.30
C THR EB 16 37.23 65.24 -92.65
N ASP EB 17 38.42 65.71 -93.00
CA ASP EB 17 39.67 65.22 -92.42
C ASP EB 17 40.76 66.23 -92.76
N TRP EB 18 42.01 65.88 -92.49
CA TRP EB 18 43.12 66.78 -92.76
C TRP EB 18 43.14 67.16 -94.24
N VAL EB 19 43.38 68.45 -94.50
CA VAL EB 19 43.56 68.95 -95.86
C VAL EB 19 45.04 68.83 -96.17
N THR EB 20 45.41 67.79 -96.93
CA THR EB 20 46.82 67.47 -97.13
C THR EB 20 47.50 68.46 -98.06
N ALA EB 21 46.83 68.87 -99.14
CA ALA EB 21 47.46 69.73 -100.13
C ALA EB 21 46.40 70.59 -100.82
N ILE EB 22 46.86 71.69 -101.40
CA ILE EB 22 46.02 72.59 -102.17
C ILE EB 22 46.77 72.97 -103.46
N ALA EB 23 46.04 72.99 -104.56
CA ALA EB 23 46.60 73.35 -105.86
C ALA EB 23 45.74 74.41 -106.51
N THR EB 24 46.38 75.47 -107.01
CA THR EB 24 45.67 76.55 -107.68
C THR EB 24 46.02 76.58 -109.17
N PRO EB 25 45.09 77.00 -110.02
CA PRO EB 25 45.39 77.07 -111.45
C PRO EB 25 46.41 78.16 -111.77
N ILE EB 26 47.13 77.95 -112.86
CA ILE EB 26 48.05 78.97 -113.37
C ILE EB 26 47.33 80.05 -114.16
N ASP EB 27 46.08 79.81 -114.55
CA ASP EB 27 45.30 80.77 -115.32
C ASP EB 27 44.48 81.71 -114.43
N ASN EB 28 44.62 81.61 -113.11
CA ASN EB 28 43.89 82.48 -112.18
C ASN EB 28 42.38 82.31 -112.37
N SER EB 29 41.94 81.07 -112.47
CA SER EB 29 40.53 80.76 -112.62
C SER EB 29 39.84 80.76 -111.26
N ASP EB 30 38.55 80.46 -111.26
CA ASP EB 30 37.75 80.40 -110.04
C ASP EB 30 37.59 78.97 -109.54
N MET EB 31 38.60 78.12 -109.76
CA MET EB 31 38.57 76.72 -109.35
C MET EB 31 39.88 76.36 -108.68
N ILE EB 32 39.80 75.58 -107.60
CA ILE EB 32 40.97 75.01 -106.94
C ILE EB 32 40.69 73.55 -106.64
N VAL EB 33 41.76 72.78 -106.51
CA VAL EB 33 41.69 71.35 -106.22
C VAL EB 33 42.47 71.09 -104.94
N THR EB 34 41.86 70.36 -104.02
CA THR EB 34 42.46 70.05 -102.74
C THR EB 34 42.35 68.56 -102.47
N SER EB 35 43.32 68.04 -101.71
CA SER EB 35 43.34 66.65 -101.29
C SER EB 35 43.21 66.59 -99.77
N SER EB 36 42.78 65.43 -99.28
CA SER EB 36 42.55 65.26 -97.85
C SER EB 36 42.73 63.80 -97.48
N ARG EB 37 42.85 63.56 -96.17
CA ARG EB 37 43.00 62.21 -95.65
C ARG EB 37 41.71 61.38 -95.78
N ASP EB 38 40.60 62.01 -96.14
CA ASP EB 38 39.36 61.27 -96.39
C ASP EB 38 39.42 60.43 -97.66
N LYS EB 39 40.56 60.40 -98.35
CA LYS EB 39 40.75 59.58 -99.54
C LYS EB 39 39.97 60.12 -100.73
N SER EB 40 39.77 61.45 -100.79
CA SER EB 40 39.02 62.07 -101.85
C SER EB 40 39.71 63.35 -102.29
N ILE EB 41 39.46 63.74 -103.53
CA ILE EB 41 39.94 64.99 -104.09
C ILE EB 41 38.73 65.80 -104.54
N ILE EB 42 38.67 67.06 -104.15
CA ILE EB 42 37.52 67.92 -104.38
C ILE EB 42 37.93 69.03 -105.32
N VAL EB 43 37.17 69.21 -106.40
CA VAL EB 43 37.33 70.34 -107.31
C VAL EB 43 36.33 71.41 -106.88
N TRP EB 44 36.83 72.63 -106.68
CA TRP EB 44 36.05 73.70 -106.09
C TRP EB 44 35.61 74.71 -107.15
N SER EB 45 34.50 75.40 -106.84
CA SER EB 45 34.03 76.54 -107.61
C SER EB 45 34.07 77.75 -106.70
N LEU EB 46 34.92 78.72 -107.03
CA LEU EB 46 35.17 79.88 -106.18
C LEU EB 46 34.10 80.93 -106.45
N THR EB 47 33.15 81.05 -105.54
CA THR EB 47 32.12 82.10 -105.57
C THR EB 47 32.44 83.05 -104.42
N LYS EB 48 33.17 84.13 -104.72
CA LYS EB 48 33.62 85.03 -103.67
C LYS EB 48 32.45 85.62 -102.91
N ASP EB 49 31.40 86.04 -103.61
CA ASP EB 49 30.21 86.58 -102.97
C ASP EB 49 29.23 85.47 -102.64
N GLY EB 50 28.73 85.49 -101.41
CA GLY EB 50 27.78 84.51 -100.94
C GLY EB 50 28.10 84.08 -99.52
N SER EB 51 27.32 83.10 -99.05
CA SER EB 51 27.50 82.59 -97.70
C SER EB 51 28.88 81.94 -97.54
N GLN EB 52 29.32 81.18 -98.54
CA GLN EB 52 30.58 80.46 -98.49
C GLN EB 52 31.46 80.91 -99.66
N TYR EB 53 32.76 81.05 -99.39
CA TYR EB 53 33.67 81.52 -100.43
C TYR EB 53 33.69 80.59 -101.63
N GLY EB 54 33.48 79.29 -101.41
CA GLY EB 54 33.45 78.34 -102.50
C GLY EB 54 32.64 77.12 -102.14
N VAL EB 55 32.28 76.35 -103.17
CA VAL EB 55 31.48 75.14 -102.99
C VAL EB 55 32.15 73.99 -103.75
N PRO EB 56 31.99 72.75 -103.32
CA PRO EB 56 32.61 71.62 -104.04
C PRO EB 56 31.86 71.33 -105.34
N ARG EB 57 32.61 71.29 -106.45
CA ARG EB 57 32.05 70.97 -107.74
C ARG EB 57 32.08 69.47 -108.03
N ARG EB 58 33.21 68.83 -107.75
CA ARG EB 58 33.40 67.41 -108.00
C ARG EB 58 34.10 66.78 -106.81
N ARG EB 59 33.92 65.47 -106.66
CA ARG EB 59 34.60 64.70 -105.63
C ARG EB 59 35.10 63.41 -106.27
N LEU EB 60 36.41 63.23 -106.29
CA LEU EB 60 37.05 62.06 -106.88
C LEU EB 60 37.58 61.17 -105.76
N THR EB 61 37.19 59.90 -105.77
CA THR EB 61 37.46 58.97 -104.68
C THR EB 61 38.04 57.67 -105.21
N GLY EB 62 39.00 57.78 -106.12
CA GLY EB 62 39.60 56.60 -106.70
C GLY EB 62 40.70 55.99 -105.86
N HIS EB 63 41.30 56.77 -104.97
CA HIS EB 63 42.39 56.28 -104.14
C HIS EB 63 41.86 55.41 -103.02
N GLY EB 64 42.70 54.47 -102.58
CA GLY EB 64 42.38 53.55 -101.50
C GLY EB 64 42.92 53.94 -100.15
N HIS EB 65 43.70 55.00 -100.05
CA HIS EB 65 44.26 55.44 -98.77
C HIS EB 65 44.31 56.97 -98.79
N PHE EB 66 45.04 57.55 -97.83
CA PHE EB 66 45.13 59.00 -97.74
C PHE EB 66 45.76 59.57 -99.00
N VAL EB 67 45.26 60.72 -99.43
CA VAL EB 67 45.84 61.47 -100.53
C VAL EB 67 46.72 62.55 -99.93
N GLU EB 68 48.02 62.47 -100.20
CA GLU EB 68 48.99 63.34 -99.55
C GLU EB 68 49.29 64.61 -100.32
N ASP EB 69 49.23 64.57 -101.65
CA ASP EB 69 49.58 65.73 -102.45
C ASP EB 69 48.73 65.75 -103.71
N VAL EB 70 48.55 66.95 -104.26
CA VAL EB 70 47.80 67.14 -105.49
C VAL EB 70 48.36 68.36 -106.21
N VAL EB 71 48.52 68.24 -107.52
CA VAL EB 71 49.06 69.32 -108.35
C VAL EB 71 48.26 69.38 -109.64
N LEU EB 72 48.12 70.58 -110.18
CA LEU EB 72 47.40 70.82 -111.43
C LEU EB 72 48.39 71.06 -112.57
N SER EB 73 48.00 70.62 -113.76
CA SER EB 73 48.80 70.84 -114.96
C SER EB 73 48.63 72.29 -115.44
N SER EB 74 49.48 72.66 -116.40
CA SER EB 74 49.40 74.02 -116.94
C SER EB 74 48.07 74.29 -117.61
N ASP EB 75 47.55 73.32 -118.36
CA ASP EB 75 46.25 73.48 -119.00
C ASP EB 75 45.15 73.67 -117.97
N GLY EB 76 45.30 73.05 -116.79
CA GLY EB 76 44.31 73.16 -115.74
C GLY EB 76 43.17 72.17 -115.83
N MET EB 77 43.13 71.34 -116.88
CA MET EB 77 42.08 70.36 -117.06
C MET EB 77 42.47 68.97 -116.55
N PHE EB 78 43.67 68.83 -115.97
CA PHE EB 78 44.11 67.56 -115.42
C PHE EB 78 44.76 67.79 -114.07
N ALA EB 79 44.68 66.78 -113.21
CA ALA EB 79 45.25 66.84 -111.87
C ALA EB 79 46.02 65.56 -111.59
N LEU EB 80 47.13 65.70 -110.87
CA LEU EB 80 47.96 64.58 -110.45
C LEU EB 80 48.00 64.55 -108.93
N SER EB 81 47.83 63.36 -108.36
CA SER EB 81 47.77 63.21 -106.91
C SER EB 81 48.59 61.99 -106.49
N GLY EB 82 49.09 62.05 -105.26
CA GLY EB 82 49.77 60.92 -104.65
C GLY EB 82 48.99 60.41 -103.45
N SER EB 83 49.20 59.14 -103.09
CA SER EB 83 48.44 58.54 -102.00
C SER EB 83 49.32 57.54 -101.27
N TRP EB 84 48.90 57.21 -100.04
CA TRP EB 84 49.65 56.26 -99.22
C TRP EB 84 49.54 54.83 -99.74
N ASP EB 85 48.68 54.57 -100.72
CA ASP EB 85 48.60 53.24 -101.32
C ASP EB 85 49.78 52.97 -102.25
N GLY EB 86 50.62 53.96 -102.52
CA GLY EB 86 51.77 53.77 -103.38
C GLY EB 86 51.48 53.93 -104.85
N GLU EB 87 50.43 54.66 -105.21
CA GLU EB 87 50.03 54.84 -106.60
C GLU EB 87 49.77 56.31 -106.89
N LEU EB 88 50.03 56.70 -108.14
CA LEU EB 88 49.73 58.04 -108.63
C LEU EB 88 48.58 57.94 -109.64
N ARG EB 89 47.66 58.90 -109.56
CA ARG EB 89 46.49 58.93 -110.44
C ARG EB 89 46.43 60.27 -111.15
N LEU EB 90 46.26 60.23 -112.47
CA LEU EB 90 46.02 61.42 -113.27
C LEU EB 90 44.52 61.56 -113.48
N TRP EB 91 43.97 62.68 -113.03
CA TRP EB 91 42.52 62.87 -112.99
C TRP EB 91 42.07 63.77 -114.13
N ASP EB 92 41.07 63.31 -114.87
CA ASP EB 92 40.41 64.13 -115.89
C ASP EB 92 39.33 64.93 -115.18
N LEU EB 93 39.63 66.20 -114.87
CA LEU EB 93 38.71 67.01 -114.09
C LEU EB 93 37.38 67.20 -114.81
N GLN EB 94 37.43 67.40 -116.13
CA GLN EB 94 36.20 67.58 -116.88
C GLN EB 94 35.31 66.34 -116.79
N ALA EB 95 35.89 65.16 -116.94
CA ALA EB 95 35.14 63.91 -116.86
C ALA EB 95 35.11 63.33 -115.45
N GLY EB 96 35.90 63.86 -114.52
CA GLY EB 96 35.90 63.35 -113.17
C GLY EB 96 36.26 61.88 -113.08
N THR EB 97 37.25 61.45 -113.86
CA THR EB 97 37.66 60.04 -113.90
C THR EB 97 39.18 59.96 -113.97
N THR EB 98 39.71 58.78 -113.67
CA THR EB 98 41.14 58.52 -113.72
C THR EB 98 41.53 58.19 -115.15
N ALA EB 99 42.50 58.94 -115.69
CA ALA EB 99 42.96 58.73 -117.05
C ALA EB 99 44.23 57.89 -117.13
N ARG EB 100 45.11 57.99 -116.13
CA ARG EB 100 46.38 57.27 -116.14
C ARG EB 100 46.71 56.85 -114.71
N ARG EB 101 47.32 55.67 -114.59
CA ARG EB 101 47.75 55.13 -113.30
C ARG EB 101 49.22 54.76 -113.39
N PHE EB 102 50.02 55.29 -112.46
CA PHE EB 102 51.45 55.03 -112.41
C PHE EB 102 51.74 54.10 -111.24
N VAL EB 103 52.47 53.02 -111.51
CA VAL EB 103 52.79 52.02 -110.51
C VAL EB 103 54.30 51.86 -110.43
N GLY EB 104 54.78 51.37 -109.28
CA GLY EB 104 56.19 51.17 -109.08
C GLY EB 104 56.65 51.53 -107.68
N HIS EB 105 55.98 52.49 -107.04
CA HIS EB 105 56.32 52.83 -105.66
C HIS EB 105 55.84 51.74 -104.72
N THR EB 106 56.75 51.28 -103.86
CA THR EB 106 56.46 50.17 -102.95
C THR EB 106 55.90 50.64 -101.60
N LYS EB 107 55.83 51.95 -101.36
CA LYS EB 107 55.32 52.47 -100.11
C LYS EB 107 54.56 53.77 -100.38
N ASP EB 108 54.19 54.46 -99.32
CA ASP EB 108 53.38 55.66 -99.44
C ASP EB 108 54.10 56.71 -100.29
N VAL EB 109 53.33 57.39 -101.14
CA VAL EB 109 53.83 58.50 -101.93
C VAL EB 109 53.55 59.78 -101.15
N LEU EB 110 54.61 60.55 -100.86
CA LEU EB 110 54.49 61.72 -100.01
C LEU EB 110 54.43 63.04 -100.77
N SER EB 111 54.84 63.06 -102.04
CA SER EB 111 54.84 64.31 -102.79
C SER EB 111 54.95 64.00 -104.27
N VAL EB 112 54.27 64.81 -105.08
CA VAL EB 112 54.35 64.74 -106.54
C VAL EB 112 54.47 66.15 -107.07
N ALA EB 113 55.00 66.27 -108.29
CA ALA EB 113 55.20 67.57 -108.91
C ALA EB 113 55.19 67.42 -110.42
N PHE EB 114 54.63 68.42 -111.10
CA PHE EB 114 54.65 68.46 -112.56
C PHE EB 114 55.83 69.28 -113.05
N SER EB 115 56.37 68.87 -114.21
CA SER EB 115 57.42 69.64 -114.85
C SER EB 115 56.84 70.92 -115.43
N VAL EB 116 57.73 71.86 -115.76
CA VAL EB 116 57.29 73.13 -116.34
C VAL EB 116 56.56 72.89 -117.65
N ASP EB 117 57.04 71.95 -118.45
CA ASP EB 117 56.39 71.58 -119.71
C ASP EB 117 55.28 70.54 -119.51
N ASN EB 118 55.12 70.02 -118.29
CA ASN EB 118 54.16 68.95 -118.01
C ASN EB 118 54.48 67.67 -118.78
N ARG EB 119 55.74 67.50 -119.19
CA ARG EB 119 56.16 66.31 -119.92
C ARG EB 119 56.70 65.22 -119.01
N GLN EB 120 57.07 65.55 -117.76
CA GLN EB 120 57.60 64.59 -116.82
C GLN EB 120 56.96 64.78 -115.46
N ILE EB 121 56.91 63.69 -114.70
CA ILE EB 121 56.35 63.67 -113.36
C ILE EB 121 57.38 63.09 -112.40
N VAL EB 122 57.56 63.74 -111.26
CA VAL EB 122 58.48 63.28 -110.22
C VAL EB 122 57.68 63.06 -108.95
N SER EB 123 57.95 61.95 -108.27
CA SER EB 123 57.23 61.57 -107.07
C SER EB 123 58.21 61.18 -105.97
N ALA EB 124 57.79 61.40 -104.72
CA ALA EB 124 58.55 61.01 -103.54
C ALA EB 124 57.74 60.04 -102.72
N SER EB 125 58.43 59.09 -102.09
CA SER EB 125 57.77 58.05 -101.32
C SER EB 125 58.62 57.67 -100.12
N ARG EB 126 57.98 56.99 -99.17
CA ARG EB 126 58.67 56.51 -97.98
C ARG EB 126 59.69 55.42 -98.29
N ASP EB 127 59.66 54.84 -99.49
CA ASP EB 127 60.62 53.82 -99.87
C ASP EB 127 62.02 54.36 -100.11
N LYS EB 128 62.27 55.65 -99.85
CA LYS EB 128 63.61 56.24 -99.96
C LYS EB 128 64.05 56.37 -101.41
N THR EB 129 63.11 56.55 -102.33
CA THR EB 129 63.42 56.64 -103.75
C THR EB 129 62.62 57.76 -104.39
N ILE EB 130 63.17 58.30 -105.48
CA ILE EB 130 62.50 59.30 -106.30
C ILE EB 130 62.42 58.75 -107.73
N LYS EB 131 61.22 58.76 -108.30
CA LYS EB 131 60.97 58.18 -109.61
C LYS EB 131 60.48 59.27 -110.57
N LEU EB 132 60.96 59.19 -111.81
CA LEU EB 132 60.55 60.09 -112.88
C LEU EB 132 59.67 59.34 -113.87
N TRP EB 133 58.54 59.94 -114.23
CA TRP EB 133 57.56 59.32 -115.12
C TRP EB 133 57.34 60.20 -116.34
N ASN EB 134 56.70 59.60 -117.35
CA ASN EB 134 56.22 60.33 -118.52
C ASN EB 134 54.71 60.42 -118.45
N THR EB 135 54.17 61.63 -118.66
CA THR EB 135 52.74 61.83 -118.51
C THR EB 135 51.95 60.96 -119.48
N LEU EB 136 52.39 60.88 -120.74
CA LEU EB 136 51.70 60.09 -121.75
C LEU EB 136 52.43 58.82 -122.13
N GLY EB 137 53.70 58.67 -121.77
CA GLY EB 137 54.47 57.49 -122.09
C GLY EB 137 54.37 56.43 -121.02
N GLU EB 138 55.19 55.39 -121.18
CA GLU EB 138 55.26 54.29 -120.23
C GLU EB 138 56.63 54.15 -119.59
N CYS EB 139 57.61 54.96 -119.97
CA CYS EB 139 58.94 54.84 -119.43
C CYS EB 139 58.99 55.33 -117.98
N LYS EB 140 59.96 54.80 -117.24
CA LYS EB 140 60.17 55.17 -115.85
C LYS EB 140 61.66 55.09 -115.55
N TYR EB 141 62.14 56.02 -114.72
CA TYR EB 141 63.55 56.09 -114.36
C TYR EB 141 63.65 56.41 -112.88
N THR EB 142 63.83 55.38 -112.05
CA THR EB 142 64.02 55.59 -110.62
C THR EB 142 65.38 56.21 -110.37
N ILE EB 143 65.43 57.21 -109.50
CA ILE EB 143 66.67 57.91 -109.18
C ILE EB 143 67.28 57.17 -107.99
N GLN EB 144 68.04 56.11 -108.29
CA GLN EB 144 68.76 55.34 -107.30
C GLN EB 144 70.24 55.38 -107.62
N GLU EB 145 71.05 55.76 -106.62
CA GLU EB 145 72.49 55.85 -106.78
C GLU EB 145 73.13 55.59 -105.42
N GLN EB 146 74.46 55.56 -105.42
CA GLN EB 146 75.18 55.36 -104.15
C GLN EB 146 74.90 56.51 -103.19
N ASP EB 147 74.87 57.74 -103.69
CA ASP EB 147 74.58 58.92 -102.87
C ASP EB 147 73.10 59.27 -103.09
N SER EB 148 72.25 58.81 -102.18
CA SER EB 148 70.82 59.05 -102.27
C SER EB 148 70.24 59.09 -100.86
N HIS EB 149 69.03 59.63 -100.75
CA HIS EB 149 68.39 59.76 -99.45
C HIS EB 149 68.31 58.42 -98.76
N SER EB 150 68.67 58.39 -97.48
CA SER EB 150 68.67 57.18 -96.67
C SER EB 150 67.40 57.02 -95.85
N ASP EB 151 66.43 57.92 -95.98
CA ASP EB 151 65.18 57.85 -95.24
C ASP EB 151 64.06 58.36 -96.14
N TRP EB 152 62.90 58.61 -95.53
CA TRP EB 152 61.73 59.03 -96.29
C TRP EB 152 62.03 60.32 -97.06
N VAL EB 153 61.59 60.35 -98.31
CA VAL EB 153 61.66 61.55 -99.13
C VAL EB 153 60.33 62.29 -98.96
N SER EB 154 60.35 63.39 -98.22
CA SER EB 154 59.13 64.05 -97.79
C SER EB 154 58.60 65.08 -98.78
N CYS EB 155 59.41 65.52 -99.75
CA CYS EB 155 58.95 66.52 -100.69
C CYS EB 155 59.93 66.62 -101.85
N VAL EB 156 59.40 66.79 -103.05
CA VAL EB 156 60.19 67.00 -104.26
C VAL EB 156 59.56 68.13 -105.05
N ARG EB 157 60.39 69.06 -105.53
CA ARG EB 157 59.92 70.21 -106.29
C ARG EB 157 60.81 70.41 -107.50
N PHE EB 158 60.20 70.85 -108.60
CA PHE EB 158 60.93 71.17 -109.82
C PHE EB 158 61.39 72.62 -109.79
N SER EB 159 62.63 72.85 -110.19
CA SER EB 159 63.15 74.21 -110.27
C SER EB 159 62.52 74.92 -111.47
N PRO EB 160 62.05 76.18 -111.31
CA PRO EB 160 61.45 76.92 -112.44
C PRO EB 160 62.50 77.52 -113.38
N ASN EB 161 63.45 76.70 -113.81
CA ASN EB 161 64.52 77.13 -114.71
C ASN EB 161 64.62 76.11 -115.84
N ASN EB 162 64.25 76.54 -117.05
CA ASN EB 162 64.23 75.61 -118.19
C ASN EB 162 65.64 75.29 -118.67
N LEU EB 163 66.53 76.30 -118.70
CA LEU EB 163 67.86 76.08 -119.24
C LEU EB 163 68.64 75.06 -118.41
N GLN EB 164 68.46 75.09 -117.08
CA GLN EB 164 69.17 74.20 -116.16
C GLN EB 164 68.14 73.50 -115.29
N PRO EB 165 67.47 72.48 -115.82
CA PRO EB 165 66.46 71.77 -115.02
C PRO EB 165 67.09 71.17 -113.77
N THR EB 166 66.36 71.24 -112.66
CA THR EB 166 66.88 70.80 -111.38
C THR EB 166 65.73 70.31 -110.51
N ILE EB 167 66.02 69.29 -109.71
CA ILE EB 167 65.05 68.70 -108.77
C ILE EB 167 65.60 68.86 -107.37
N VAL EB 168 64.81 69.47 -106.49
CA VAL EB 168 65.17 69.66 -105.09
C VAL EB 168 64.27 68.76 -104.26
N SER EB 169 64.85 67.84 -103.50
CA SER EB 169 64.11 66.84 -102.75
C SER EB 169 64.51 66.92 -101.28
N GLY EB 170 63.53 67.12 -100.40
CA GLY EB 170 63.76 67.00 -98.99
C GLY EB 170 63.60 65.56 -98.53
N SER EB 171 64.02 65.32 -97.28
CA SER EB 171 63.95 63.97 -96.73
C SER EB 171 64.07 64.05 -95.21
N TRP EB 172 63.73 62.93 -94.56
CA TRP EB 172 63.81 62.84 -93.12
C TRP EB 172 65.22 62.53 -92.62
N ASP EB 173 66.17 62.27 -93.52
CA ASP EB 173 67.55 62.05 -93.13
C ASP EB 173 68.30 63.36 -92.87
N ARG EB 174 67.59 64.48 -92.83
CA ARG EB 174 68.18 65.79 -92.50
C ARG EB 174 69.07 66.30 -93.62
N THR EB 175 68.75 65.94 -94.87
CA THR EB 175 69.51 66.40 -96.03
C THR EB 175 68.54 66.88 -97.10
N VAL EB 176 68.92 67.94 -97.80
CA VAL EB 176 68.13 68.50 -98.89
C VAL EB 176 69.00 68.42 -100.14
N LYS EB 177 68.85 67.33 -100.90
CA LYS EB 177 69.69 67.10 -102.06
C LYS EB 177 69.16 67.84 -103.28
N ILE EB 178 70.07 68.16 -104.19
CA ILE EB 178 69.76 68.85 -105.44
C ILE EB 178 70.23 67.96 -106.59
N TRP EB 179 69.30 67.59 -107.46
CA TRP EB 179 69.57 66.66 -108.55
C TRP EB 179 69.54 67.39 -109.88
N ASN EB 180 70.42 66.96 -110.79
CA ASN EB 180 70.51 67.53 -112.13
C ASN EB 180 69.73 66.60 -113.07
N LEU EB 181 68.60 67.10 -113.58
CA LEU EB 181 67.72 66.25 -114.39
C LEU EB 181 68.35 65.85 -115.72
N THR EB 182 69.34 66.60 -116.19
CA THR EB 182 69.95 66.26 -117.49
C THR EB 182 70.57 64.88 -117.47
N ASN EB 183 71.30 64.55 -116.41
CA ASN EB 183 71.95 63.25 -116.27
C ASN EB 183 71.36 62.41 -115.15
N CYS EB 184 70.37 62.92 -114.42
CA CYS EB 184 69.77 62.19 -113.30
C CYS EB 184 70.83 61.78 -112.28
N LYS EB 185 71.74 62.71 -111.99
CA LYS EB 185 72.81 62.48 -111.02
C LYS EB 185 72.78 63.58 -109.97
N LEU EB 186 73.20 63.23 -108.76
CA LEU EB 186 73.22 64.19 -107.66
C LEU EB 186 74.20 65.32 -107.96
N ARG EB 187 73.80 66.55 -107.61
CA ARG EB 187 74.64 67.72 -107.82
C ARG EB 187 75.25 68.23 -106.52
N SER EB 188 74.43 68.46 -105.50
CA SER EB 188 74.92 68.95 -104.22
C SER EB 188 74.01 68.44 -103.11
N THR EB 189 74.55 68.41 -101.90
CA THR EB 189 73.82 67.96 -100.71
C THR EB 189 73.89 69.06 -99.66
N LEU EB 190 72.74 69.38 -99.09
CA LEU EB 190 72.62 70.42 -98.07
C LEU EB 190 72.28 69.78 -96.74
N ALA EB 191 73.08 70.08 -95.71
CA ALA EB 191 72.90 69.51 -94.38
C ALA EB 191 73.04 70.63 -93.35
N GLY EB 192 71.91 71.17 -92.91
CA GLY EB 192 71.92 72.21 -91.89
C GLY EB 192 70.76 72.10 -90.91
N HIS EB 193 69.99 71.02 -91.00
CA HIS EB 193 68.82 70.82 -90.17
C HIS EB 193 69.13 69.82 -89.06
N SER EB 194 68.75 70.17 -87.83
CA SER EB 194 68.94 69.25 -86.71
C SER EB 194 67.93 68.11 -86.76
N GLY EB 195 66.71 68.38 -87.20
CA GLY EB 195 65.68 67.37 -87.27
C GLY EB 195 65.27 67.05 -88.69
N TYR EB 196 64.24 66.20 -88.84
CA TYR EB 196 63.80 65.80 -90.17
C TYR EB 196 63.20 66.98 -90.92
N VAL EB 197 63.37 66.98 -92.24
CA VAL EB 197 62.81 67.99 -93.12
C VAL EB 197 61.59 67.39 -93.80
N ASN EB 198 60.45 68.08 -93.67
CA ASN EB 198 59.19 67.60 -94.21
C ASN EB 198 58.63 68.50 -95.32
N THR EB 199 59.41 69.45 -95.82
CA THR EB 199 58.92 70.32 -96.88
C THR EB 199 60.09 71.14 -97.44
N VAL EB 200 60.06 71.36 -98.75
CA VAL EB 200 61.01 72.24 -99.42
C VAL EB 200 60.23 73.11 -100.40
N ALA EB 201 60.81 74.26 -100.73
CA ALA EB 201 60.18 75.19 -101.64
C ALA EB 201 61.25 75.81 -102.54
N VAL EB 202 60.82 76.27 -103.72
CA VAL EB 202 61.69 76.92 -104.68
C VAL EB 202 61.07 78.25 -105.07
N SER EB 203 61.89 79.30 -105.07
CA SER EB 203 61.39 80.62 -105.40
C SER EB 203 60.95 80.67 -106.86
N PRO EB 204 60.00 81.55 -107.21
CA PRO EB 204 59.56 81.62 -108.61
C PRO EB 204 60.70 81.86 -109.58
N ASP EB 205 61.67 82.69 -109.20
CA ASP EB 205 62.83 82.92 -110.05
C ASP EB 205 63.79 81.73 -110.05
N GLY EB 206 63.67 80.83 -109.07
CA GLY EB 206 64.53 79.67 -109.01
C GLY EB 206 65.88 79.90 -108.38
N SER EB 207 66.14 81.09 -107.84
CA SER EB 207 67.41 81.42 -107.23
C SER EB 207 67.43 81.23 -105.71
N LEU EB 208 66.33 80.74 -105.13
CA LEU EB 208 66.23 80.58 -103.69
C LEU EB 208 65.49 79.29 -103.36
N CYS EB 209 65.74 78.79 -102.15
CA CYS EB 209 65.07 77.61 -101.62
C CYS EB 209 64.66 77.88 -100.18
N ALA EB 210 63.78 77.04 -99.67
CA ALA EB 210 63.31 77.17 -98.28
C ALA EB 210 62.98 75.78 -97.75
N SER EB 211 63.67 75.38 -96.68
CA SER EB 211 63.49 74.07 -96.08
C SER EB 211 63.17 74.21 -94.60
N GLY EB 212 62.23 73.40 -94.13
CA GLY EB 212 61.86 73.41 -92.73
C GLY EB 212 61.35 72.05 -92.30
N GLY EB 213 61.18 71.89 -91.00
CA GLY EB 213 60.73 70.61 -90.46
C GLY EB 213 60.69 70.56 -88.95
N LYS EB 214 61.23 69.48 -88.38
CA LYS EB 214 61.13 69.26 -86.94
C LYS EB 214 61.78 70.39 -86.16
N ASP EB 215 62.98 70.81 -86.56
CA ASP EB 215 63.71 71.82 -85.81
C ASP EB 215 62.98 73.15 -85.76
N GLY EB 216 62.02 73.37 -86.65
CA GLY EB 216 61.30 74.63 -86.66
C GLY EB 216 62.12 75.80 -87.15
N VAL EB 217 63.16 75.54 -87.93
CA VAL EB 217 64.05 76.58 -88.45
C VAL EB 217 64.01 76.51 -89.97
N ILE EB 218 63.75 77.66 -90.60
CA ILE EB 218 63.70 77.75 -92.05
C ILE EB 218 65.09 78.15 -92.54
N LEU EB 219 65.70 77.31 -93.36
CA LEU EB 219 67.02 77.55 -93.93
C LEU EB 219 66.85 77.84 -95.41
N LEU EB 220 67.19 79.06 -95.82
CA LEU EB 220 67.11 79.45 -97.22
C LEU EB 220 68.46 79.22 -97.88
N TRP EB 221 68.48 78.35 -98.89
CA TRP EB 221 69.69 77.99 -99.60
C TRP EB 221 69.76 78.71 -100.94
N ASP EB 222 70.95 78.69 -101.53
CA ASP EB 222 71.18 79.21 -102.88
C ASP EB 222 71.23 78.03 -103.84
N LEU EB 223 70.24 77.93 -104.73
CA LEU EB 223 70.15 76.78 -105.60
C LEU EB 223 71.36 76.65 -106.50
N ALA EB 224 71.82 77.78 -107.07
CA ALA EB 224 72.94 77.73 -107.99
C ALA EB 224 74.21 77.22 -107.33
N GLU EB 225 74.51 77.71 -106.12
CA GLU EB 225 75.73 77.35 -105.41
C GLU EB 225 75.51 76.41 -104.24
N GLY EB 226 74.27 76.17 -103.84
CA GLY EB 226 74.00 75.31 -102.70
C GLY EB 226 74.62 75.83 -101.41
N LYS EB 227 74.43 77.12 -101.15
CA LYS EB 227 74.99 77.78 -99.98
C LYS EB 227 73.87 78.33 -99.11
N LYS EB 228 74.10 78.32 -97.80
CA LYS EB 228 73.13 78.81 -96.84
C LYS EB 228 73.26 80.33 -96.72
N LEU EB 229 72.33 81.06 -97.31
CA LEU EB 229 72.38 82.52 -97.26
C LEU EB 229 72.06 83.03 -95.86
N TYR EB 230 71.01 82.52 -95.25
CA TYR EB 230 70.59 82.94 -93.91
C TYR EB 230 69.51 81.96 -93.43
N SER EB 231 69.01 82.20 -92.22
CA SER EB 231 68.04 81.32 -91.60
C SER EB 231 66.96 82.15 -90.91
N LEU EB 232 65.74 81.61 -90.90
CA LEU EB 232 64.61 82.20 -90.20
C LEU EB 232 64.11 81.24 -89.13
N ASP EB 233 63.74 81.80 -87.99
CA ASP EB 233 63.31 81.01 -86.83
C ASP EB 233 61.78 81.00 -86.79
N ALA EB 234 61.19 79.87 -87.17
CA ALA EB 234 59.74 79.74 -87.10
C ALA EB 234 59.26 79.51 -85.68
N GLY EB 235 60.03 78.76 -84.88
CA GLY EB 235 59.68 78.49 -83.51
C GLY EB 235 58.74 77.32 -83.31
N SER EB 236 58.33 76.65 -84.37
CA SER EB 236 57.41 75.51 -84.25
C SER EB 236 57.60 74.62 -85.46
N ILE EB 237 57.04 73.40 -85.36
CA ILE EB 237 57.17 72.44 -86.44
C ILE EB 237 56.60 73.02 -87.72
N ILE EB 238 57.34 72.89 -88.82
CA ILE EB 238 56.96 73.43 -90.11
C ILE EB 238 56.44 72.29 -90.98
N HIS EB 239 55.32 72.53 -91.66
CA HIS EB 239 54.67 71.52 -92.49
C HIS EB 239 54.77 71.80 -93.97
N THR EB 240 54.68 73.06 -94.38
CA THR EB 240 54.78 73.40 -95.80
C THR EB 240 55.31 74.82 -95.94
N LEU EB 241 55.95 75.07 -97.09
CA LEU EB 241 56.52 76.38 -97.41
C LEU EB 241 56.12 76.76 -98.82
N CYS EB 242 55.95 78.05 -99.07
CA CYS EB 242 55.58 78.54 -100.39
C CYS EB 242 55.93 80.01 -100.50
N PHE EB 243 56.62 80.37 -101.58
CA PHE EB 243 56.95 81.77 -101.85
C PHE EB 243 55.77 82.48 -102.51
N SER EB 244 55.56 83.73 -102.14
CA SER EB 244 54.49 84.51 -102.76
C SER EB 244 54.82 84.76 -104.23
N PRO EB 245 53.84 84.62 -105.12
CA PRO EB 245 54.15 84.76 -106.56
C PRO EB 245 54.69 86.13 -106.94
N ASN EB 246 54.25 87.20 -106.28
CA ASN EB 246 54.58 88.54 -106.73
C ASN EB 246 55.25 89.38 -105.65
N ARG EB 247 54.85 89.18 -104.39
CA ARG EB 247 55.30 90.06 -103.31
C ARG EB 247 56.61 89.62 -102.67
N TYR EB 248 57.23 88.56 -103.18
CA TYR EB 248 58.56 88.14 -102.72
C TYR EB 248 58.55 87.86 -101.21
N TRP EB 249 57.54 87.14 -100.76
CA TRP EB 249 57.41 86.72 -99.37
C TRP EB 249 57.70 85.23 -99.26
N LEU EB 250 57.62 84.72 -98.03
CA LEU EB 250 57.80 83.30 -97.75
C LEU EB 250 56.84 82.92 -96.64
N CYS EB 251 55.86 82.08 -96.95
CA CYS EB 251 54.85 81.66 -95.98
C CYS EB 251 55.19 80.26 -95.47
N ALA EB 252 55.09 80.09 -94.15
CA ALA EB 252 55.34 78.83 -93.49
C ALA EB 252 54.13 78.44 -92.66
N ALA EB 253 53.66 77.20 -92.83
CA ALA EB 253 52.52 76.69 -92.09
C ALA EB 253 53.05 75.96 -90.86
N THR EB 254 53.08 76.65 -89.73
CA THR EB 254 53.56 76.10 -88.48
C THR EB 254 52.38 75.64 -87.62
N GLU EB 255 52.67 74.72 -86.70
CA GLU EB 255 51.62 74.25 -85.80
C GLU EB 255 51.08 75.38 -84.93
N SER EB 256 51.95 76.34 -84.57
CA SER EB 256 51.50 77.47 -83.76
C SER EB 256 50.62 78.41 -84.58
N SER EB 257 51.03 78.73 -85.79
CA SER EB 257 50.29 79.66 -86.64
C SER EB 257 50.95 79.67 -88.02
N ILE EB 258 50.40 80.49 -88.92
CA ILE EB 258 50.97 80.72 -90.23
C ILE EB 258 51.75 82.02 -90.18
N LYS EB 259 53.04 81.96 -90.49
CA LYS EB 259 53.95 83.09 -90.39
C LYS EB 259 54.51 83.42 -91.76
N ILE EB 260 54.48 84.69 -92.13
CA ILE EB 260 54.99 85.17 -93.40
C ILE EB 260 56.15 86.11 -93.12
N TRP EB 261 57.30 85.83 -93.70
CA TRP EB 261 58.52 86.63 -93.51
C TRP EB 261 58.83 87.40 -94.78
N ASP EB 262 59.09 88.69 -94.62
CA ASP EB 262 59.57 89.52 -95.72
C ASP EB 262 61.05 89.23 -95.92
N LEU EB 263 61.40 88.62 -97.06
CA LEU EB 263 62.77 88.17 -97.27
C LEU EB 263 63.75 89.34 -97.25
N GLU EB 264 63.37 90.46 -97.87
CA GLU EB 264 64.27 91.62 -97.88
C GLU EB 264 64.52 92.14 -96.47
N SER EB 265 63.47 92.22 -95.66
CA SER EB 265 63.59 92.73 -94.30
C SER EB 265 63.78 91.62 -93.26
N LYS EB 266 63.53 90.36 -93.62
CA LYS EB 266 63.66 89.24 -92.70
C LYS EB 266 62.83 89.46 -91.43
N SER EB 267 61.64 90.02 -91.60
CA SER EB 267 60.73 90.28 -90.50
C SER EB 267 59.36 89.71 -90.84
N ILE EB 268 58.63 89.29 -89.79
CA ILE EB 268 57.31 88.70 -89.98
C ILE EB 268 56.35 89.78 -90.43
N VAL EB 269 55.80 89.62 -91.64
CA VAL EB 269 54.81 90.57 -92.13
C VAL EB 269 53.54 90.51 -91.29
N VAL EB 270 53.05 89.31 -91.03
CA VAL EB 270 51.85 89.11 -90.22
C VAL EB 270 51.77 87.66 -89.79
N ASP EB 271 51.18 87.41 -88.62
CA ASP EB 271 50.95 86.07 -88.11
C ASP EB 271 49.45 85.79 -88.14
N LEU EB 272 49.07 84.72 -88.83
CA LEU EB 272 47.67 84.34 -88.98
C LEU EB 272 47.36 83.17 -88.05
N LYS EB 273 46.49 83.40 -87.08
CA LYS EB 273 46.11 82.40 -86.10
C LYS EB 273 44.63 82.07 -86.24
N VAL EB 274 44.32 80.78 -86.24
CA VAL EB 274 42.93 80.35 -86.33
C VAL EB 274 42.17 80.87 -85.12
N ASP EB 275 40.99 81.45 -85.36
CA ASP EB 275 40.15 82.00 -84.30
C ASP EB 275 38.71 81.60 -84.63
N LEU EB 276 38.26 80.50 -84.03
CA LEU EB 276 36.91 80.01 -84.30
C LEU EB 276 35.86 81.03 -83.87
N LYS EB 277 36.17 81.87 -82.89
CA LYS EB 277 35.24 82.90 -82.47
C LYS EB 277 34.94 83.86 -83.63
N GLN EB 278 35.99 84.30 -84.33
CA GLN EB 278 35.78 85.16 -85.50
C GLN EB 278 35.02 84.43 -86.59
N GLU EB 279 35.39 83.17 -86.85
CA GLU EB 279 34.74 82.41 -87.91
C GLU EB 279 33.29 82.11 -87.58
N SER EB 280 32.97 81.91 -86.30
CA SER EB 280 31.59 81.60 -85.91
C SER EB 280 30.65 82.74 -86.28
N GLU EB 281 31.09 83.98 -86.11
CA GLU EB 281 30.25 85.14 -86.39
C GLU EB 281 30.47 85.71 -87.78
N MET EB 282 31.71 85.76 -88.26
CA MET EB 282 31.97 86.36 -89.56
C MET EB 282 31.30 85.58 -90.69
N PHE EB 283 31.38 84.25 -90.65
CA PHE EB 283 30.85 83.44 -91.74
C PHE EB 283 30.11 82.20 -91.24
N GLY EB 284 29.63 82.20 -90.01
CA GLY EB 284 28.91 81.06 -89.47
C GLY EB 284 27.41 81.17 -89.67
N LYS EB 291 35.38 70.67 -81.66
CA LYS EB 291 35.71 69.50 -82.47
C LYS EB 291 37.09 68.97 -82.12
N THR EB 292 38.11 69.83 -82.23
CA THR EB 292 39.47 69.45 -81.89
C THR EB 292 40.20 70.69 -81.37
N LYS EB 293 40.83 70.56 -80.19
CA LYS EB 293 41.59 71.68 -79.65
C LYS EB 293 42.77 72.03 -80.55
N VAL EB 294 43.48 71.03 -81.05
CA VAL EB 294 44.70 71.24 -81.82
C VAL EB 294 44.31 71.31 -83.29
N ILE EB 295 44.22 72.53 -83.81
CA ILE EB 295 43.95 72.78 -85.23
C ILE EB 295 45.10 73.64 -85.76
N TYR EB 296 45.76 73.16 -86.81
CA TYR EB 296 46.86 73.90 -87.41
C TYR EB 296 46.85 73.67 -88.92
N CYS EB 297 47.45 74.62 -89.63
CA CYS EB 297 47.52 74.54 -91.09
C CYS EB 297 48.47 73.44 -91.52
N THR EB 298 48.04 72.64 -92.50
CA THR EB 298 48.86 71.57 -93.05
C THR EB 298 49.25 71.79 -94.50
N SER EB 299 48.59 72.72 -95.20
CA SER EB 299 48.89 72.97 -96.60
C SER EB 299 48.67 74.44 -96.91
N LEU EB 300 49.49 74.97 -97.82
CA LEU EB 300 49.38 76.35 -98.26
C LEU EB 300 49.50 76.39 -99.78
N SER EB 301 48.88 77.41 -100.37
CA SER EB 301 48.96 77.60 -101.81
C SER EB 301 48.52 79.01 -102.15
N TRP EB 302 49.37 79.74 -102.86
CA TRP EB 302 49.05 81.10 -103.29
C TRP EB 302 48.26 81.08 -104.59
N SER EB 303 47.40 82.09 -104.75
CA SER EB 303 46.67 82.24 -105.99
C SER EB 303 47.63 82.65 -107.11
N ALA EB 304 47.17 82.49 -108.35
CA ALA EB 304 48.01 82.84 -109.49
C ALA EB 304 48.37 84.32 -109.47
N ASP EB 305 47.41 85.18 -109.16
CA ASP EB 305 47.67 86.61 -109.05
C ASP EB 305 48.23 87.01 -107.69
N GLY EB 306 48.25 86.10 -106.72
CA GLY EB 306 48.76 86.41 -105.40
C GLY EB 306 47.83 87.21 -104.53
N SER EB 307 46.58 87.40 -104.94
CA SER EB 307 45.65 88.20 -104.15
C SER EB 307 45.18 87.47 -102.91
N THR EB 308 45.00 86.14 -103.00
CA THR EB 308 44.46 85.35 -101.90
C THR EB 308 45.37 84.17 -101.61
N LEU EB 309 45.38 83.75 -100.36
CA LEU EB 309 46.14 82.60 -99.89
C LEU EB 309 45.19 81.55 -99.34
N PHE EB 310 45.34 80.31 -99.77
CA PHE EB 310 44.51 79.21 -99.33
C PHE EB 310 45.28 78.35 -98.33
N SER EB 311 44.63 78.03 -97.21
CA SER EB 311 45.25 77.26 -96.14
C SER EB 311 44.38 76.06 -95.81
N GLY EB 312 45.00 74.88 -95.74
CA GLY EB 312 44.32 73.67 -95.34
C GLY EB 312 44.68 73.31 -93.91
N TYR EB 313 43.66 72.96 -93.13
CA TYR EB 313 43.82 72.70 -91.71
C TYR EB 313 43.42 71.27 -91.37
N THR EB 314 43.88 70.81 -90.21
CA THR EB 314 43.63 69.43 -89.79
C THR EB 314 42.15 69.17 -89.53
N ASP EB 315 41.34 70.22 -89.36
CA ASP EB 315 39.92 70.05 -89.11
C ASP EB 315 39.10 69.92 -90.38
N GLY EB 316 39.74 69.93 -91.55
CA GLY EB 316 39.03 69.82 -92.81
C GLY EB 316 38.41 71.10 -93.30
N LEU EB 317 38.77 72.23 -92.71
CA LEU EB 317 38.24 73.53 -93.10
C LEU EB 317 39.33 74.31 -93.83
N ILE EB 318 39.00 74.81 -95.02
CA ILE EB 318 39.92 75.60 -95.82
C ILE EB 318 39.61 77.07 -95.59
N ARG EB 319 40.62 77.81 -95.12
CA ARG EB 319 40.49 79.22 -94.83
C ARG EB 319 41.20 80.03 -95.91
N VAL EB 320 40.50 81.01 -96.46
CA VAL EB 320 41.03 81.85 -97.53
C VAL EB 320 41.46 83.18 -96.92
N TRP EB 321 42.72 83.53 -97.12
CA TRP EB 321 43.28 84.78 -96.61
C TRP EB 321 43.58 85.68 -97.80
N GLY EB 322 43.04 86.90 -97.77
CA GLY EB 322 43.23 87.86 -98.84
C GLY EB 322 44.00 89.09 -98.35
N ILE EB 323 44.83 89.63 -99.22
CA ILE EB 323 45.62 90.80 -98.86
C ILE EB 323 44.69 91.98 -98.63
N GLY EB 324 44.93 92.72 -97.56
CA GLY EB 324 44.10 93.86 -97.23
C GLY EB 324 44.31 94.27 -95.78
N ARG EB 325 43.33 95.01 -95.26
CA ARG EB 325 43.38 95.48 -93.88
C ARG EB 325 42.10 95.12 -93.14
N LYS FB 34 -18.74 26.02 -68.67
CA LYS FB 34 -18.65 26.48 -70.06
C LYS FB 34 -19.75 25.87 -70.90
N GLU FB 35 -20.72 26.70 -71.31
CA GLU FB 35 -21.82 26.26 -72.15
C GLU FB 35 -21.44 26.36 -73.62
N LYS FB 36 -21.96 25.43 -74.41
CA LYS FB 36 -21.68 25.40 -75.84
C LYS FB 36 -22.59 26.38 -76.57
N VAL FB 37 -22.01 27.19 -77.43
CA VAL FB 37 -22.80 28.11 -78.24
C VAL FB 37 -23.57 27.33 -79.30
N ASN FB 38 -24.77 27.79 -79.60
CA ASN FB 38 -25.64 27.18 -80.61
C ASN FB 38 -25.91 28.23 -81.67
N ASN FB 39 -25.03 28.29 -82.67
CA ASN FB 39 -25.14 29.27 -83.75
C ASN FB 39 -25.88 28.64 -84.93
N MET FB 40 -26.94 29.31 -85.37
CA MET FB 40 -27.73 28.80 -86.49
C MET FB 40 -26.91 28.85 -87.76
N VAL FB 41 -27.03 27.78 -88.57
CA VAL FB 41 -26.30 27.71 -89.83
C VAL FB 41 -27.05 28.44 -90.94
N LEU FB 42 -28.35 28.59 -90.81
CA LEU FB 42 -29.18 29.29 -91.78
C LEU FB 42 -30.12 30.25 -91.07
N PHE FB 43 -30.39 31.37 -91.71
CA PHE FB 43 -31.26 32.38 -91.12
C PHE FB 43 -32.70 31.89 -91.06
N ASP FB 44 -33.43 32.42 -90.07
CA ASP FB 44 -34.88 32.31 -90.02
C ASP FB 44 -35.49 33.68 -90.31
N LYS FB 45 -36.80 33.70 -90.53
CA LYS FB 45 -37.46 34.95 -90.88
C LYS FB 45 -37.24 36.01 -89.82
N GLY FB 46 -37.27 35.63 -88.55
CA GLY FB 46 -37.09 36.60 -87.49
C GLY FB 46 -35.70 37.22 -87.50
N THR FB 47 -34.67 36.39 -87.64
CA THR FB 47 -33.30 36.89 -87.60
C THR FB 47 -32.92 37.58 -88.90
N TYR FB 48 -33.40 37.06 -90.04
CA TYR FB 48 -33.04 37.66 -91.33
C TYR FB 48 -33.53 39.10 -91.41
N ASP FB 49 -34.76 39.37 -90.95
CA ASP FB 49 -35.26 40.74 -90.94
C ASP FB 49 -34.42 41.63 -90.04
N LYS FB 50 -33.97 41.08 -88.90
CA LYS FB 50 -33.11 41.85 -88.00
C LYS FB 50 -31.80 42.24 -88.68
N LEU FB 51 -31.24 41.33 -89.47
CA LEU FB 51 -30.00 41.63 -90.18
C LEU FB 51 -30.19 42.80 -91.14
N ILE FB 52 -31.29 42.79 -91.90
CA ILE FB 52 -31.49 43.83 -92.92
C ILE FB 52 -31.72 45.19 -92.28
N THR FB 53 -32.26 45.23 -91.06
CA THR FB 53 -32.61 46.48 -90.40
C THR FB 53 -31.55 46.96 -89.42
N GLU FB 54 -31.02 46.06 -88.58
CA GLU FB 54 -30.09 46.45 -87.53
C GLU FB 54 -28.65 46.51 -88.00
N ALA FB 55 -28.20 45.49 -88.72
CA ALA FB 55 -26.80 45.44 -89.14
C ALA FB 55 -26.36 46.67 -89.93
N PRO FB 56 -27.14 47.19 -90.89
CA PRO FB 56 -26.67 48.36 -91.65
C PRO FB 56 -26.23 49.52 -90.76
N LYS FB 57 -26.78 49.61 -89.55
CA LYS FB 57 -26.47 50.71 -88.64
C LYS FB 57 -25.19 50.50 -87.84
N TYR FB 58 -24.60 49.31 -87.87
CA TYR FB 58 -23.40 49.06 -87.09
C TYR FB 58 -22.23 49.84 -87.67
N LYS FB 59 -21.45 50.47 -86.78
CA LYS FB 59 -20.23 51.15 -87.21
C LYS FB 59 -19.21 50.15 -87.76
N LEU FB 60 -19.04 49.03 -87.05
CA LEU FB 60 -18.11 47.98 -87.45
C LEU FB 60 -18.89 46.72 -87.78
N ILE FB 61 -18.66 46.17 -88.97
CA ILE FB 61 -19.33 44.95 -89.42
C ILE FB 61 -18.26 43.97 -89.86
N THR FB 62 -18.16 42.85 -89.15
CA THR FB 62 -17.24 41.78 -89.46
C THR FB 62 -17.95 40.45 -89.24
N PRO FB 63 -17.44 39.36 -89.81
CA PRO FB 63 -18.09 38.06 -89.61
C PRO FB 63 -18.25 37.70 -88.13
N SER FB 64 -17.27 38.04 -87.29
CA SER FB 64 -17.39 37.71 -85.87
C SER FB 64 -18.37 38.62 -85.15
N VAL FB 65 -18.44 39.90 -85.55
CA VAL FB 65 -19.39 40.82 -84.92
C VAL FB 65 -20.81 40.36 -85.18
N LEU FB 66 -21.12 40.01 -86.42
CA LEU FB 66 -22.46 39.52 -86.74
C LEU FB 66 -22.71 38.17 -86.08
N SER FB 67 -21.69 37.32 -86.02
CA SER FB 67 -21.87 36.00 -85.43
C SER FB 67 -22.28 36.09 -83.97
N ASP FB 68 -21.65 36.99 -83.20
CA ASP FB 68 -21.96 37.11 -81.79
C ASP FB 68 -23.32 37.78 -81.58
N ARG FB 69 -23.59 38.87 -82.30
CA ARG FB 69 -24.83 39.60 -82.07
C ARG FB 69 -26.04 38.83 -82.57
N LEU FB 70 -25.95 38.25 -83.76
CA LEU FB 70 -27.06 37.52 -84.35
C LEU FB 70 -27.03 36.04 -84.03
N ARG FB 71 -26.05 35.57 -83.26
CA ARG FB 71 -25.94 34.16 -82.90
C ARG FB 71 -25.91 33.27 -84.14
N ILE FB 72 -25.17 33.71 -85.16
CA ILE FB 72 -25.04 32.98 -86.41
C ILE FB 72 -23.61 32.49 -86.55
N SER FB 73 -23.43 31.41 -87.30
CA SER FB 73 -22.10 30.87 -87.52
C SER FB 73 -21.28 31.81 -88.39
N GLY FB 74 -19.95 31.69 -88.28
CA GLY FB 74 -19.08 32.51 -89.10
C GLY FB 74 -19.29 32.28 -90.58
N SER FB 75 -19.58 31.04 -90.96
CA SER FB 75 -19.83 30.74 -92.37
C SER FB 75 -21.06 31.47 -92.88
N LEU FB 76 -22.14 31.49 -92.08
CA LEU FB 76 -23.34 32.21 -92.49
C LEU FB 76 -23.09 33.72 -92.50
N ALA FB 77 -22.29 34.21 -91.56
CA ALA FB 77 -21.99 35.64 -91.52
C ALA FB 77 -21.26 36.09 -92.78
N ARG FB 78 -20.32 35.27 -93.26
CA ARG FB 78 -19.59 35.64 -94.47
C ARG FB 78 -20.52 35.74 -95.67
N LYS FB 79 -21.45 34.79 -95.82
CA LYS FB 79 -22.43 34.89 -96.90
C LYS FB 79 -23.33 36.10 -96.71
N ALA FB 80 -23.73 36.36 -95.46
CA ALA FB 80 -24.63 37.49 -95.20
C ALA FB 80 -23.98 38.81 -95.58
N ILE FB 81 -22.69 38.97 -95.27
CA ILE FB 81 -21.99 40.22 -95.60
C ILE FB 81 -21.97 40.43 -97.10
N ARG FB 82 -21.80 39.35 -97.87
CA ARG FB 82 -21.83 39.48 -99.33
C ARG FB 82 -23.18 39.97 -99.81
N GLU FB 83 -24.26 39.45 -99.21
CA GLU FB 83 -25.60 39.92 -99.60
C GLU FB 83 -25.78 41.39 -99.30
N LEU FB 84 -25.31 41.85 -98.13
CA LEU FB 84 -25.40 43.26 -97.80
C LEU FB 84 -24.59 44.10 -98.78
N MET FB 85 -23.43 43.62 -99.19
CA MET FB 85 -22.64 44.32 -100.20
C MET FB 85 -23.40 44.41 -101.51
N ALA FB 86 -24.06 43.32 -101.92
CA ALA FB 86 -24.83 43.35 -103.16
C ALA FB 86 -25.96 44.37 -103.08
N LYS FB 87 -26.67 44.42 -101.95
CA LYS FB 87 -27.73 45.40 -101.77
C LYS FB 87 -27.20 46.82 -101.58
N GLY FB 88 -25.90 46.99 -101.36
CA GLY FB 88 -25.33 48.30 -101.14
C GLY FB 88 -25.57 48.88 -99.76
N LEU FB 89 -26.02 48.07 -98.80
CA LEU FB 89 -26.31 48.57 -97.46
C LEU FB 89 -25.05 48.85 -96.66
N ILE FB 90 -23.93 48.20 -96.99
CA ILE FB 90 -22.68 48.36 -96.26
C ILE FB 90 -21.55 48.53 -97.26
N ARG FB 91 -20.59 49.38 -96.92
CA ARG FB 91 -19.41 49.60 -97.74
C ARG FB 91 -18.20 48.91 -97.12
N MET FB 92 -17.21 48.62 -97.96
CA MET FB 92 -16.00 47.93 -97.54
C MET FB 92 -14.96 48.93 -97.06
N VAL FB 93 -14.23 48.55 -96.02
CA VAL FB 93 -13.13 49.34 -95.49
C VAL FB 93 -11.79 48.66 -95.77
N SER FB 94 -11.69 47.37 -95.45
CA SER FB 94 -10.48 46.60 -95.68
C SER FB 94 -10.85 45.18 -96.10
N ALA FB 95 -10.04 44.61 -96.99
CA ALA FB 95 -10.27 43.26 -97.48
C ALA FB 95 -9.00 42.44 -97.24
N HIS FB 96 -9.15 41.31 -96.55
CA HIS FB 96 -8.04 40.39 -96.32
C HIS FB 96 -8.63 39.02 -96.04
N ALA FB 97 -7.92 37.99 -96.48
CA ALA FB 97 -8.42 36.62 -96.31
C ALA FB 97 -8.63 36.30 -94.84
N SER FB 98 -7.81 36.85 -93.95
CA SER FB 98 -7.91 36.55 -92.52
C SER FB 98 -8.81 37.53 -91.78
N GLN FB 99 -8.94 38.76 -92.27
CA GLN FB 99 -9.73 39.78 -91.59
C GLN FB 99 -10.47 40.62 -92.63
N GLN FB 100 -11.79 40.68 -92.53
CA GLN FB 100 -12.62 41.50 -93.40
C GLN FB 100 -13.30 42.56 -92.54
N ILE FB 101 -13.20 43.82 -92.97
CA ILE FB 101 -13.74 44.95 -92.24
C ILE FB 101 -14.75 45.67 -93.12
N TYR FB 102 -15.94 45.90 -92.59
CA TYR FB 102 -17.01 46.60 -93.31
C TYR FB 102 -17.62 47.64 -92.38
N THR FB 103 -18.38 48.56 -92.98
CA THR FB 103 -19.01 49.62 -92.23
C THR FB 103 -20.27 50.08 -92.96
N ARG FB 104 -21.11 50.80 -92.23
CA ARG FB 104 -22.35 51.31 -92.82
C ARG FB 104 -22.05 52.21 -94.01
N ALA FB 105 -22.87 52.06 -95.06
CA ALA FB 105 -22.65 52.84 -96.28
C ALA FB 105 -22.80 54.33 -96.01
N THR FB 106 -23.81 54.71 -95.24
CA THR FB 106 -24.07 56.10 -94.89
C THR FB 106 -23.97 56.27 -93.38
N ASN FB 107 -23.28 57.32 -92.96
CA ASN FB 107 -23.05 57.57 -91.53
C ASN FB 107 -24.32 58.10 -90.88
N THR FB 108 -24.78 57.41 -89.84
CA THR FB 108 -25.96 57.81 -89.10
C THR FB 108 -27.18 57.96 -90.02
N MET IB 1 33.14 14.32 -22.27
CA MET IB 1 32.19 14.94 -21.31
C MET IB 1 32.85 16.11 -20.58
N ARG IB 2 32.12 17.20 -20.44
CA ARG IB 2 32.66 18.38 -19.77
C ARG IB 2 33.11 18.01 -18.36
N ALA IB 3 34.29 18.49 -17.97
CA ALA IB 3 34.88 18.08 -16.70
C ALA IB 3 33.98 18.45 -15.53
N LYS IB 4 33.30 19.59 -15.60
CA LYS IB 4 32.41 19.99 -14.52
C LYS IB 4 31.29 18.98 -14.32
N TRP IB 5 30.70 18.50 -15.41
CA TRP IB 5 29.60 17.54 -15.28
C TRP IB 5 30.11 16.16 -14.90
N LYS IB 6 31.30 15.78 -15.35
CA LYS IB 6 31.89 14.54 -14.90
C LYS IB 6 32.16 14.59 -13.39
N LYS IB 7 32.61 15.74 -12.90
CA LYS IB 7 32.75 15.93 -11.47
C LYS IB 7 31.41 15.80 -10.76
N LYS IB 8 30.35 16.36 -11.36
CA LYS IB 8 29.02 16.23 -10.78
C LYS IB 8 28.56 14.78 -10.77
N ARG IB 9 28.87 14.03 -11.83
CA ARG IB 9 28.48 12.62 -11.88
C ARG IB 9 29.15 11.82 -10.77
N MET IB 10 30.45 12.05 -10.55
CA MET IB 10 31.16 11.31 -9.52
C MET IB 10 30.61 11.61 -8.13
N ARG IB 11 30.29 12.89 -7.87
CA ARG IB 11 29.76 13.24 -6.56
C ARG IB 11 28.43 12.54 -6.30
N ARG IB 12 27.56 12.47 -7.31
CA ARG IB 12 26.32 11.71 -7.17
C ARG IB 12 26.61 10.25 -6.89
N LEU IB 13 27.58 9.68 -7.60
CA LEU IB 13 27.91 8.27 -7.42
C LEU IB 13 28.46 8.01 -6.02
N LYS IB 14 29.10 9.00 -5.41
CA LYS IB 14 29.63 8.80 -4.06
C LYS IB 14 28.53 8.82 -3.02
N ARG IB 15 27.45 9.58 -3.24
CA ARG IB 15 26.33 9.56 -2.31
C ARG IB 15 25.69 8.18 -2.26
N LYS IB 16 25.48 7.55 -3.42
CA LYS IB 16 24.86 6.24 -3.45
C LYS IB 16 25.70 5.20 -2.72
N ARG IB 17 27.02 5.22 -2.93
CA ARG IB 17 27.90 4.33 -2.18
C ARG IB 17 27.86 4.64 -0.70
N ARG IB 18 27.87 5.93 -0.35
CA ARG IB 18 27.80 6.32 1.06
C ARG IB 18 26.51 5.82 1.68
N LYS IB 19 25.40 5.95 0.97
CA LYS IB 19 24.11 5.48 1.48
C LYS IB 19 23.99 3.97 1.38
N MET IB 20 24.58 3.35 0.35
CA MET IB 20 24.50 1.91 0.20
C MET IB 20 25.41 1.18 1.18
N ARG IB 21 26.45 1.83 1.69
CA ARG IB 21 27.34 1.21 2.65
C ARG IB 21 26.85 1.41 4.07
N GLN IB 22 26.31 2.59 4.38
CA GLN IB 22 25.70 2.83 5.68
C GLN IB 22 24.40 2.05 5.85
N ARG IB 23 23.85 1.50 4.78
CA ARG IB 23 22.67 0.66 4.90
C ARG IB 23 22.98 -0.61 5.67
N SER IB 24 24.20 -1.13 5.53
CA SER IB 24 24.66 -2.28 6.30
C SER IB 24 25.66 -1.91 7.39
N LYS IB 25 26.13 -0.68 7.42
CA LYS IB 25 27.06 -0.22 8.45
C LYS IB 25 28.36 -1.02 8.44
N ARG JB 7 88.78 91.42 -36.08
CA ARG JB 7 90.03 90.66 -36.22
C ARG JB 7 89.82 89.44 -37.10
N THR JB 8 90.91 88.83 -37.54
CA THR JB 8 90.84 87.64 -38.36
C THR JB 8 90.24 86.47 -37.57
N LEU JB 9 89.38 85.71 -38.24
CA LEU JB 9 88.70 84.57 -37.63
C LEU JB 9 89.38 83.28 -38.07
N SER JB 10 89.68 82.41 -37.12
CA SER JB 10 90.28 81.13 -37.44
C SER JB 10 89.32 80.28 -38.27
N THR JB 11 89.83 79.15 -38.77
CA THR JB 11 89.00 78.28 -39.59
C THR JB 11 87.82 77.74 -38.80
N LYS JB 12 88.05 77.34 -37.55
CA LYS JB 12 86.96 76.82 -36.74
C LYS JB 12 85.91 77.88 -36.45
N GLU JB 13 86.35 79.10 -36.10
CA GLU JB 13 85.40 80.16 -35.79
C GLU JB 13 84.55 80.52 -36.99
N ALA JB 14 85.16 80.60 -38.17
CA ALA JB 14 84.41 80.94 -39.38
C ALA JB 14 83.35 79.89 -39.68
N ASP JB 15 83.71 78.61 -39.57
CA ASP JB 15 82.74 77.55 -39.83
C ASP JB 15 81.60 77.60 -38.82
N ILE JB 16 81.92 77.81 -37.54
CA ILE JB 16 80.88 77.87 -36.52
C ILE JB 16 79.95 79.05 -36.79
N GLN JB 17 80.52 80.19 -37.20
CA GLN JB 17 79.68 81.32 -37.58
C GLN JB 17 78.77 80.98 -38.75
N MET JB 18 79.30 80.28 -39.75
CA MET JB 18 78.49 79.86 -40.89
C MET JB 18 77.41 78.89 -40.45
N MET JB 19 77.74 77.94 -39.57
CA MET JB 19 76.76 76.97 -39.11
C MET JB 19 75.65 77.62 -38.30
N LEU JB 20 75.98 78.65 -37.52
CA LEU JB 20 74.95 79.35 -36.75
C LEU JB 20 73.90 79.98 -37.66
N ALA JB 21 74.35 80.60 -38.76
CA ALA JB 21 73.41 81.23 -39.68
C ALA JB 21 72.47 80.21 -40.32
N ALA JB 22 72.92 78.96 -40.45
CA ALA JB 22 72.12 77.90 -41.05
C ALA JB 22 71.30 77.13 -40.01
N GLU JB 23 71.31 77.55 -38.76
CA GLU JB 23 70.56 76.88 -37.70
C GLU JB 23 70.97 75.42 -37.56
N VAL JB 24 72.27 75.14 -37.74
CA VAL JB 24 72.78 73.79 -37.56
C VAL JB 24 72.74 73.38 -36.10
N HIS JB 25 72.73 74.33 -35.17
CA HIS JB 25 72.76 74.04 -33.75
C HIS JB 25 71.37 73.74 -33.17
N LEU JB 26 70.31 73.99 -33.92
CA LEU JB 26 68.95 73.78 -33.41
C LEU JB 26 68.59 72.31 -33.57
N GLY JB 27 68.44 71.61 -32.44
CA GLY JB 27 68.10 70.20 -32.44
C GLY JB 27 66.60 69.98 -32.24
N THR JB 28 66.25 68.70 -32.12
CA THR JB 28 64.87 68.32 -31.88
C THR JB 28 64.52 68.47 -30.41
N LYS JB 29 63.21 68.50 -30.13
CA LYS JB 29 62.74 68.60 -28.75
C LYS JB 29 63.05 67.36 -27.92
N ASN JB 30 63.43 66.26 -28.55
CA ASN JB 30 63.83 65.04 -27.86
C ASN JB 30 65.28 64.74 -28.17
N CYS JB 31 65.99 64.21 -27.18
CA CYS JB 31 67.41 63.88 -27.31
C CYS JB 31 67.64 62.41 -26.97
N ASP JB 32 68.24 61.68 -27.89
CA ASP JB 32 68.58 60.29 -27.63
C ASP JB 32 69.67 60.20 -26.56
N PHE JB 33 69.62 59.12 -25.76
CA PHE JB 33 70.55 58.98 -24.66
C PHE JB 33 71.99 58.90 -25.13
N GLN JB 34 72.22 58.45 -26.36
CA GLN JB 34 73.57 58.39 -26.92
C GLN JB 34 73.96 59.66 -27.67
N MET JB 35 73.07 60.66 -27.71
CA MET JB 35 73.39 61.97 -28.26
C MET JB 35 73.48 63.04 -27.19
N GLU JB 36 73.27 62.69 -25.92
CA GLU JB 36 73.37 63.69 -24.86
C GLU JB 36 74.78 64.25 -24.74
N ARG JB 37 75.79 63.44 -25.06
CA ARG JB 37 77.17 63.90 -24.92
C ARG JB 37 77.49 65.04 -25.88
N TYR JB 38 76.70 65.23 -26.92
CA TYR JB 38 76.91 66.32 -27.87
C TYR JB 38 76.02 67.52 -27.61
N ALA JB 39 74.85 67.32 -27.00
CA ALA JB 39 73.98 68.43 -26.66
C ALA JB 39 74.60 69.29 -25.57
N PHE JB 40 74.43 70.60 -25.68
CA PHE JB 40 74.99 71.53 -24.70
C PHE JB 40 73.98 71.85 -23.60
N LYS JB 41 72.83 72.40 -23.98
CA LYS JB 41 71.83 72.81 -23.01
C LYS JB 41 70.46 72.76 -23.64
N ARG JB 42 69.43 72.67 -22.79
CA ARG JB 42 68.05 72.66 -23.22
C ARG JB 42 67.38 73.94 -22.74
N ARG JB 43 66.74 74.65 -23.65
CA ARG JB 43 66.07 75.90 -23.33
C ARG JB 43 64.62 75.64 -22.92
N ASN JB 44 63.99 76.67 -22.34
CA ASN JB 44 62.63 76.52 -21.85
C ASN JB 44 61.68 76.10 -22.95
N ASP JB 45 61.99 76.43 -24.20
CA ASP JB 45 61.17 75.99 -25.32
C ASP JB 45 61.16 74.47 -25.46
N GLY JB 46 62.10 73.78 -24.84
CA GLY JB 46 62.23 72.35 -24.96
C GLY JB 46 63.14 71.89 -26.08
N ILE JB 47 63.65 72.81 -26.90
CA ILE JB 47 64.55 72.45 -27.99
C ILE JB 47 65.97 72.35 -27.45
N TYR JB 48 66.65 71.27 -27.82
CA TYR JB 48 68.05 71.08 -27.45
C TYR JB 48 68.95 71.84 -28.41
N ILE JB 49 70.05 72.36 -27.87
CA ILE JB 49 71.03 73.12 -28.64
C ILE JB 49 72.28 72.26 -28.77
N ILE JB 50 72.67 71.98 -30.01
CA ILE JB 50 73.84 71.16 -30.27
C ILE JB 50 75.10 72.00 -30.10
N ASN JB 51 76.09 71.44 -29.42
CA ASN JB 51 77.37 72.12 -29.22
C ASN JB 51 78.12 72.15 -30.54
N LEU JB 52 78.11 73.31 -31.20
CA LEU JB 52 78.77 73.43 -32.50
C LEU JB 52 80.27 73.20 -32.39
N GLY JB 53 80.84 73.42 -31.21
CA GLY JB 53 82.26 73.14 -31.03
C GLY JB 53 82.59 71.67 -31.26
N LYS JB 54 81.75 70.78 -30.72
CA LYS JB 54 81.95 69.36 -30.94
C LYS JB 54 81.57 68.95 -32.35
N THR JB 55 80.58 69.62 -32.95
CA THR JB 55 80.20 69.29 -34.32
C THR JB 55 81.36 69.52 -35.28
N TRP JB 56 82.09 70.63 -35.10
CA TRP JB 56 83.24 70.90 -35.96
C TRP JB 56 84.32 69.84 -35.77
N GLU JB 57 84.54 69.41 -34.53
CA GLU JB 57 85.56 68.39 -34.28
C GLU JB 57 85.22 67.08 -34.98
N LYS JB 58 83.95 66.66 -34.92
CA LYS JB 58 83.55 65.43 -35.59
C LYS JB 58 83.66 65.56 -37.11
N LEU JB 59 83.42 66.76 -37.64
CA LEU JB 59 83.63 66.97 -39.07
C LEU JB 59 85.09 66.74 -39.45
N GLN JB 60 86.02 67.24 -38.64
CA GLN JB 60 87.43 66.99 -38.89
C GLN JB 60 87.76 65.51 -38.82
N MET JB 61 87.21 64.82 -37.82
CA MET JB 61 87.46 63.38 -37.71
C MET JB 61 86.90 62.63 -38.91
N ALA JB 62 85.70 63.01 -39.36
CA ALA JB 62 85.13 62.38 -40.54
C ALA JB 62 85.99 62.64 -41.78
N ALA JB 63 86.50 63.87 -41.91
CA ALA JB 63 87.35 64.19 -43.05
C ALA JB 63 88.62 63.35 -43.06
N ARG JB 64 89.22 63.14 -41.88
CA ARG JB 64 90.41 62.30 -41.80
C ARG JB 64 90.14 60.90 -42.31
N VAL JB 65 88.97 60.35 -41.99
CA VAL JB 65 88.62 59.02 -42.48
C VAL JB 65 88.43 59.04 -43.99
N ILE JB 66 87.80 60.09 -44.51
CA ILE JB 66 87.51 60.15 -45.94
C ILE JB 66 88.81 60.21 -46.76
N VAL JB 67 89.76 61.05 -46.33
CA VAL JB 67 91.00 61.19 -47.09
C VAL JB 67 91.79 59.89 -47.06
N ALA JB 68 91.66 59.10 -46.00
CA ALA JB 68 92.40 57.84 -45.90
C ALA JB 68 91.94 56.83 -46.95
N ILE JB 69 90.81 57.06 -47.61
CA ILE JB 69 90.34 56.16 -48.65
C ILE JB 69 91.12 56.45 -49.92
N GLU JB 70 91.88 55.45 -50.39
CA GLU JB 70 92.71 55.65 -51.57
C GLU JB 70 91.88 55.94 -52.81
N ASN JB 71 90.79 55.19 -53.00
CA ASN JB 71 89.93 55.36 -54.15
C ASN JB 71 88.63 56.03 -53.72
N PRO JB 72 88.38 57.29 -54.08
CA PRO JB 72 87.13 57.94 -53.65
C PRO JB 72 85.89 57.24 -54.15
N GLN JB 73 85.96 56.49 -55.25
CA GLN JB 73 84.78 55.80 -55.76
C GLN JB 73 84.24 54.77 -54.77
N ASP JB 74 85.07 54.30 -53.84
CA ASP JB 74 84.61 53.35 -52.83
C ASP JB 74 83.71 54.00 -51.79
N ILE JB 75 83.65 55.32 -51.75
CA ILE JB 75 82.79 56.03 -50.80
C ILE JB 75 81.44 56.28 -51.44
N ILE JB 76 80.38 55.90 -50.74
CA ILE JB 76 79.02 56.11 -51.19
C ILE JB 76 78.32 57.04 -50.21
N VAL JB 77 77.77 58.13 -50.72
CA VAL JB 77 77.01 59.10 -49.94
C VAL JB 77 75.61 59.17 -50.52
N GLN JB 78 74.60 59.03 -49.66
CA GLN JB 78 73.22 59.00 -50.13
C GLN JB 78 72.32 59.66 -49.08
N SER JB 79 71.17 60.12 -49.56
CA SER JB 79 70.13 60.70 -48.71
C SER JB 79 68.78 60.24 -49.21
N ALA JB 80 67.83 60.08 -48.28
CA ALA JB 80 66.49 59.66 -48.62
C ALA JB 80 65.53 60.84 -48.78
N ARG JB 81 65.63 61.83 -47.89
CA ARG JB 81 64.73 62.97 -47.95
C ARG JB 81 65.14 63.91 -49.09
N PRO JB 82 64.17 64.61 -49.69
CA PRO JB 82 64.49 65.47 -50.84
C PRO JB 82 65.47 66.58 -50.51
N TYR JB 83 65.45 67.12 -49.30
CA TYR JB 83 66.32 68.26 -48.97
C TYR JB 83 67.79 67.90 -49.12
N GLY JB 84 68.15 66.65 -48.88
CA GLY JB 84 69.54 66.24 -48.94
C GLY JB 84 69.94 65.66 -50.28
N GLN JB 85 68.98 65.46 -51.18
CA GLN JB 85 69.28 64.88 -52.48
C GLN JB 85 70.18 65.78 -53.32
N ARG JB 86 70.17 67.09 -53.06
CA ARG JB 86 71.02 68.00 -53.82
C ARG JB 86 72.43 68.07 -53.26
N ALA JB 87 72.56 68.10 -51.92
CA ALA JB 87 73.88 68.21 -51.31
C ALA JB 87 74.74 67.00 -51.62
N VAL JB 88 74.15 65.80 -51.57
CA VAL JB 88 74.93 64.58 -51.79
C VAL JB 88 75.50 64.57 -53.20
N LEU JB 89 74.70 64.98 -54.19
CA LEU JB 89 75.19 65.00 -55.56
C LEU JB 89 76.36 65.97 -55.72
N LYS JB 90 76.27 67.15 -55.11
CA LYS JB 90 77.38 68.10 -55.18
C LYS JB 90 78.56 67.64 -54.36
N PHE JB 91 78.31 67.00 -53.21
CA PHE JB 91 79.41 66.50 -52.40
C PHE JB 91 80.23 65.47 -53.15
N ALA JB 92 79.56 64.56 -53.86
CA ALA JB 92 80.28 63.56 -54.64
C ALA JB 92 80.95 64.17 -55.86
N GLN JB 93 80.41 65.27 -56.38
CA GLN JB 93 81.00 65.89 -57.57
C GLN JB 93 82.40 66.41 -57.28
N TYR JB 94 82.60 67.06 -56.12
CA TYR JB 94 83.89 67.65 -55.80
C TYR JB 94 84.83 66.67 -55.12
N THR JB 95 84.31 65.77 -54.28
CA THR JB 95 85.13 64.82 -53.57
C THR JB 95 85.37 63.52 -54.33
N GLY JB 96 84.72 63.33 -55.47
CA GLY JB 96 84.90 62.13 -56.25
C GLY JB 96 84.17 60.91 -55.76
N ALA JB 97 83.28 61.08 -54.78
CA ALA JB 97 82.54 59.94 -54.24
C ALA JB 97 81.45 59.51 -55.22
N HIS JB 98 80.67 58.52 -54.80
CA HIS JB 98 79.56 57.98 -55.59
C HIS JB 98 78.25 58.34 -54.88
N ALA JB 99 77.42 59.13 -55.53
CA ALA JB 99 76.18 59.60 -54.94
C ALA JB 99 75.00 58.74 -55.40
N ILE JB 100 74.11 58.43 -54.46
CA ILE JB 100 72.90 57.67 -54.73
C ILE JB 100 71.75 58.44 -54.10
N ALA JB 101 71.06 59.25 -54.90
CA ALA JB 101 69.93 60.03 -54.43
C ALA JB 101 68.62 59.33 -54.80
N GLY JB 102 67.70 59.25 -53.83
CA GLY JB 102 66.41 58.62 -54.02
C GLY JB 102 66.21 57.48 -53.05
N ARG JB 103 65.61 56.40 -53.53
CA ARG JB 103 65.31 55.23 -52.72
C ARG JB 103 66.40 54.18 -52.89
N HIS JB 104 66.85 53.62 -51.76
CA HIS JB 104 67.82 52.55 -51.78
C HIS JB 104 67.15 51.24 -52.15
N THR JB 105 67.73 50.52 -53.10
CA THR JB 105 67.18 49.23 -53.51
C THR JB 105 67.68 48.15 -52.55
N PRO JB 106 66.79 47.44 -51.86
CA PRO JB 106 67.26 46.37 -50.98
C PRO JB 106 68.03 45.30 -51.76
N GLY JB 107 69.05 44.75 -51.12
CA GLY JB 107 69.92 43.80 -51.77
C GLY JB 107 71.07 44.42 -52.53
N THR JB 108 71.25 45.73 -52.46
CA THR JB 108 72.36 46.37 -53.14
C THR JB 108 73.70 45.87 -52.61
N PHE JB 109 73.81 45.75 -51.29
CA PHE JB 109 75.06 45.36 -50.65
C PHE JB 109 75.15 43.87 -50.36
N THR JB 110 74.11 43.10 -50.66
CA THR JB 110 74.11 41.67 -50.34
C THR JB 110 73.84 40.78 -51.54
N ASN JB 111 72.99 41.21 -52.47
CA ASN JB 111 72.65 40.39 -53.63
C ASN JB 111 73.70 40.61 -54.71
N GLN JB 112 74.58 39.64 -54.90
CA GLN JB 112 75.71 39.78 -55.81
C GLN JB 112 75.34 39.58 -57.27
N LEU JB 113 74.12 39.13 -57.57
CA LEU JB 113 73.72 38.84 -58.94
C LEU JB 113 72.83 39.92 -59.55
N GLN JB 114 72.49 40.96 -58.82
CA GLN JB 114 71.72 42.07 -59.39
C GLN JB 114 72.66 43.15 -59.90
N THR JB 115 72.14 43.95 -60.84
CA THR JB 115 72.99 44.92 -61.53
C THR JB 115 73.56 45.96 -60.58
N SER JB 116 72.75 46.44 -59.63
CA SER JB 116 73.14 47.53 -58.74
C SER JB 116 74.10 47.10 -57.63
N TYR JB 117 74.61 45.87 -57.66
CA TYR JB 117 75.47 45.40 -56.59
C TYR JB 117 76.70 46.28 -56.45
N SER JB 118 77.07 46.57 -55.20
CA SER JB 118 78.23 47.41 -54.92
C SER JB 118 78.84 46.99 -53.59
N GLU JB 119 80.12 47.31 -53.42
CA GLU JB 119 80.88 46.98 -52.21
C GLU JB 119 81.69 48.20 -51.77
N PRO JB 120 81.03 49.20 -51.18
CA PRO JB 120 81.76 50.39 -50.75
C PRO JB 120 82.68 50.10 -49.56
N ARG JB 121 83.73 50.90 -49.46
CA ARG JB 121 84.60 50.86 -48.28
C ARG JB 121 84.11 51.79 -47.18
N LEU JB 122 83.40 52.85 -47.53
CA LEU JB 122 82.85 53.80 -46.57
C LEU JB 122 81.45 54.19 -47.02
N LEU JB 123 80.60 54.51 -46.05
CA LEU JB 123 79.22 54.90 -46.31
C LEU JB 123 78.92 56.20 -45.57
N ILE JB 124 78.33 57.15 -46.26
CA ILE JB 124 77.95 58.44 -45.70
C ILE JB 124 76.45 58.61 -45.86
N LEU JB 125 75.78 59.01 -44.78
CA LEU JB 125 74.33 59.18 -44.78
C LEU JB 125 73.97 60.51 -44.13
N THR JB 126 72.78 61.00 -44.48
CA THR JB 126 72.31 62.29 -43.99
C THR JB 126 71.48 62.17 -42.72
N ASP JB 127 70.76 61.08 -42.54
CA ASP JB 127 69.91 60.90 -41.37
C ASP JB 127 69.74 59.41 -41.08
N PRO JB 128 70.25 58.91 -39.95
CA PRO JB 128 70.09 57.48 -39.67
C PRO JB 128 68.63 57.03 -39.61
N ARG JB 129 67.74 57.88 -39.11
CA ARG JB 129 66.35 57.48 -38.95
C ARG JB 129 65.69 57.20 -40.31
N THR JB 130 65.96 58.06 -41.29
CA THR JB 130 65.37 57.88 -42.62
C THR JB 130 66.16 56.92 -43.50
N ASP JB 131 67.46 56.78 -43.22
CA ASP JB 131 68.34 55.88 -43.98
C ASP JB 131 68.59 54.57 -43.23
N HIS JB 132 67.57 54.07 -42.53
CA HIS JB 132 67.75 52.85 -41.75
C HIS JB 132 68.10 51.65 -42.63
N GLN JB 133 67.50 51.57 -43.82
CA GLN JB 133 67.74 50.42 -44.69
C GLN JB 133 69.20 50.27 -45.07
N PRO JB 134 69.86 51.28 -45.65
CA PRO JB 134 71.29 51.13 -45.96
C PRO JB 134 72.15 50.90 -44.72
N ILE JB 135 71.81 51.53 -43.60
CA ILE JB 135 72.57 51.32 -42.37
C ILE JB 135 72.40 49.88 -41.89
N LYS JB 136 71.17 49.36 -41.91
CA LYS JB 136 70.94 47.98 -41.53
C LYS JB 136 71.65 47.02 -42.47
N GLU JB 137 71.61 47.31 -43.77
CA GLU JB 137 72.24 46.42 -44.73
C GLU JB 137 73.76 46.53 -44.72
N ALA JB 138 74.28 47.70 -44.33
CA ALA JB 138 75.73 47.88 -44.25
C ALA JB 138 76.35 47.04 -43.15
N ALA JB 139 75.58 46.62 -42.16
CA ALA JB 139 76.08 45.80 -41.07
C ALA JB 139 76.27 44.34 -41.46
N LEU JB 140 75.99 43.99 -42.71
CA LEU JB 140 76.19 42.64 -43.22
C LEU JB 140 77.41 42.54 -44.14
N GLY JB 141 78.20 43.60 -44.25
CA GLY JB 141 79.33 43.60 -45.16
C GLY JB 141 80.55 44.33 -44.64
N ASN JB 142 80.64 44.53 -43.33
CA ASN JB 142 81.79 45.17 -42.71
C ASN JB 142 82.04 46.55 -43.31
N ILE JB 143 80.98 47.32 -43.50
CA ILE JB 143 81.03 48.63 -44.12
C ILE JB 143 80.89 49.68 -43.02
N PRO JB 144 81.94 50.43 -42.68
CA PRO JB 144 81.77 51.52 -41.72
C PRO JB 144 80.90 52.64 -42.29
N THR JB 145 80.20 53.32 -41.40
CA THR JB 145 79.21 54.32 -41.80
C THR JB 145 79.46 55.64 -41.07
N ILE JB 146 79.30 56.73 -41.80
CA ILE JB 146 79.32 58.08 -41.23
C ILE JB 146 77.95 58.70 -41.48
N ALA JB 147 77.37 59.29 -40.45
CA ALA JB 147 76.02 59.84 -40.56
C ALA JB 147 75.91 61.13 -39.76
N PHE JB 148 75.18 62.09 -40.31
CA PHE JB 148 74.83 63.30 -39.58
C PHE JB 148 73.64 62.98 -38.69
N CYS JB 149 73.85 63.03 -37.38
CA CYS JB 149 72.86 62.58 -36.41
C CYS JB 149 72.30 63.76 -35.64
N ASP JB 150 70.98 63.86 -35.58
CA ASP JB 150 70.31 64.90 -34.80
C ASP JB 150 70.18 64.43 -33.35
N THR JB 151 69.56 65.27 -32.52
CA THR JB 151 69.43 64.93 -31.11
C THR JB 151 68.64 63.64 -30.90
N ASP JB 152 67.61 63.41 -31.71
CA ASP JB 152 66.74 62.25 -31.59
C ASP JB 152 67.06 61.21 -32.67
N SER JB 153 68.34 61.07 -33.02
CA SER JB 153 68.76 60.13 -34.05
C SER JB 153 69.33 58.87 -33.41
N PRO JB 154 68.88 57.68 -33.80
CA PRO JB 154 69.48 56.46 -33.26
C PRO JB 154 70.92 56.30 -33.71
N MET JB 155 71.75 55.75 -32.82
CA MET JB 155 73.17 55.59 -33.08
C MET JB 155 73.55 54.15 -33.42
N ARG JB 156 72.57 53.29 -33.66
CA ARG JB 156 72.88 51.89 -33.96
C ARG JB 156 73.62 51.79 -35.29
N TYR JB 157 74.73 51.04 -35.28
CA TYR JB 157 75.53 50.81 -36.48
C TYR JB 157 76.01 52.12 -37.09
N VAL JB 158 76.37 53.09 -36.24
CA VAL JB 158 76.94 54.35 -36.67
C VAL JB 158 78.30 54.50 -36.02
N ASP JB 159 79.35 54.55 -36.84
CA ASP JB 159 80.71 54.63 -36.31
C ASP JB 159 81.08 56.05 -35.93
N ILE JB 160 80.85 57.01 -36.84
CA ILE JB 160 81.13 58.41 -36.59
C ILE JB 160 79.82 59.16 -36.76
N GLY JB 161 79.31 59.73 -35.67
CA GLY JB 161 78.10 60.52 -35.71
C GLY JB 161 78.38 61.99 -35.55
N ILE JB 162 78.03 62.79 -36.56
CA ILE JB 162 78.27 64.22 -36.54
C ILE JB 162 77.04 64.90 -35.95
N PRO JB 163 77.14 65.50 -34.76
CA PRO JB 163 75.94 66.13 -34.17
C PRO JB 163 75.55 67.41 -34.88
N ALA JB 164 74.47 67.38 -35.63
CA ALA JB 164 74.02 68.53 -36.41
C ALA JB 164 72.55 68.38 -36.71
N ASN JB 165 71.96 69.46 -37.20
CA ASN JB 165 70.54 69.47 -37.60
C ASN JB 165 70.45 68.99 -39.04
N ASN JB 166 70.03 67.74 -39.22
CA ASN JB 166 69.91 67.13 -40.54
C ASN JB 166 68.51 67.25 -41.12
N LYS JB 167 67.76 68.28 -40.73
CA LYS JB 167 66.39 68.48 -41.19
C LYS JB 167 66.25 69.69 -42.10
N GLY JB 168 66.71 70.86 -41.66
CA GLY JB 168 66.59 72.05 -42.47
C GLY JB 168 67.40 71.96 -43.76
N LYS JB 169 66.88 72.57 -44.82
CA LYS JB 169 67.58 72.54 -46.10
C LYS JB 169 68.92 73.25 -46.02
N HIS JB 170 68.96 74.40 -45.35
CA HIS JB 170 70.23 75.12 -45.22
C HIS JB 170 71.23 74.32 -44.40
N SER JB 171 70.79 73.69 -43.32
CA SER JB 171 71.70 72.95 -42.46
C SER JB 171 72.35 71.79 -43.22
N ILE JB 172 71.56 71.06 -44.01
CA ILE JB 172 72.10 69.92 -44.76
C ILE JB 172 73.14 70.41 -45.77
N GLY JB 173 72.82 71.49 -46.49
CA GLY JB 173 73.75 71.97 -47.50
C GLY JB 173 75.06 72.46 -46.90
N VAL JB 174 74.99 73.21 -45.81
CA VAL JB 174 76.20 73.75 -45.20
C VAL JB 174 77.09 72.62 -44.70
N LEU JB 175 76.48 71.61 -44.06
CA LEU JB 175 77.27 70.51 -43.49
C LEU JB 175 78.07 69.80 -44.57
N PHE JB 176 77.45 69.50 -45.71
CA PHE JB 176 78.17 68.86 -46.80
C PHE JB 176 79.17 69.80 -47.45
N TRP JB 177 78.83 71.09 -47.54
CA TRP JB 177 79.78 72.06 -48.10
C TRP JB 177 81.04 72.13 -47.26
N ILE JB 178 80.89 72.19 -45.94
CA ILE JB 178 82.05 72.22 -45.05
C ILE JB 178 82.82 70.90 -45.15
N LEU JB 179 82.11 69.78 -45.14
CA LEU JB 179 82.78 68.48 -45.20
C LEU JB 179 83.53 68.32 -46.52
N ALA JB 180 82.92 68.74 -47.63
CA ALA JB 180 83.61 68.65 -48.91
C ALA JB 180 84.86 69.52 -48.93
N ARG JB 181 84.78 70.72 -48.35
CA ARG JB 181 85.95 71.59 -48.28
C ARG JB 181 87.06 70.95 -47.46
N MET JB 182 86.72 70.37 -46.31
CA MET JB 182 87.73 69.77 -45.46
C MET JB 182 88.44 68.62 -46.16
N VAL JB 183 87.69 67.78 -46.89
CA VAL JB 183 88.30 66.66 -47.58
C VAL JB 183 89.30 67.16 -48.63
N LEU JB 184 88.88 68.17 -49.40
CA LEU JB 184 89.77 68.71 -50.43
C LEU JB 184 90.99 69.39 -49.82
N GLN JB 185 90.78 70.14 -48.73
CA GLN JB 185 91.91 70.82 -48.08
C GLN JB 185 92.92 69.81 -47.55
N MET JB 186 92.44 68.72 -46.95
CA MET JB 186 93.34 67.69 -46.45
C MET JB 186 94.06 66.96 -47.57
N ARG JB 187 93.55 67.03 -48.79
CA ARG JB 187 94.23 66.46 -49.96
C ARG JB 187 95.23 67.43 -50.58
N GLY JB 188 95.23 68.70 -50.16
CA GLY JB 188 96.09 69.69 -50.78
C GLY JB 188 95.58 70.21 -52.11
N ALA JB 189 94.37 69.83 -52.52
CA ALA JB 189 93.83 70.29 -53.79
C ALA JB 189 93.49 71.77 -53.77
N ILE JB 190 93.06 72.29 -52.62
CA ILE JB 190 92.67 73.68 -52.48
C ILE JB 190 93.42 74.30 -51.32
N ASN JB 191 93.52 75.62 -51.34
CA ASN JB 191 94.24 76.34 -50.29
C ASN JB 191 93.50 76.24 -48.96
N GLN JB 192 94.27 76.24 -47.88
CA GLN JB 192 93.70 76.19 -46.54
C GLN JB 192 92.88 77.44 -46.25
N GLY JB 193 92.17 77.42 -45.13
CA GLY JB 193 91.36 78.54 -44.71
C GLY JB 193 89.88 78.23 -44.77
N PRO JB 194 89.06 79.12 -44.22
CA PRO JB 194 87.61 78.89 -44.20
C PRO JB 194 86.89 79.26 -45.48
N LYS JB 195 87.60 79.72 -46.51
CA LYS JB 195 86.98 80.16 -47.75
C LYS JB 195 87.18 79.12 -48.84
N TRP JB 196 86.19 79.04 -49.74
CA TRP JB 196 86.24 78.11 -50.86
C TRP JB 196 85.61 78.78 -52.07
N ASP JB 197 86.22 78.59 -53.24
CA ASP JB 197 85.73 79.23 -54.45
C ASP JB 197 84.30 78.79 -54.78
N VAL JB 198 83.91 77.60 -54.34
CA VAL JB 198 82.57 77.09 -54.60
C VAL JB 198 81.59 77.78 -53.66
N MET JB 199 80.40 78.07 -54.19
CA MET JB 199 79.36 78.75 -53.41
C MET JB 199 78.49 77.72 -52.71
N VAL JB 200 78.14 78.02 -51.45
CA VAL JB 200 77.36 77.06 -50.66
C VAL JB 200 75.97 76.89 -51.25
N ASP JB 201 75.43 77.90 -51.92
CA ASP JB 201 74.06 77.82 -52.43
C ASP JB 201 73.90 76.70 -53.44
N LEU JB 202 74.98 76.21 -54.04
CA LEU JB 202 74.89 75.07 -54.95
C LEU JB 202 74.43 73.80 -54.23
N PHE JB 203 74.54 73.75 -52.91
CA PHE JB 203 74.15 72.58 -52.14
C PHE JB 203 72.73 72.65 -51.62
N PHE JB 204 72.13 73.83 -51.54
CA PHE JB 204 70.79 73.98 -51.01
C PHE JB 204 69.77 73.35 -51.95
N TYR JB 205 68.66 72.89 -51.37
CA TYR JB 205 67.62 72.25 -52.15
C TYR JB 205 66.93 73.26 -53.06
N ARG JB 206 66.74 72.89 -54.32
CA ARG JB 206 66.10 73.73 -55.32
C ARG JB 206 64.71 73.16 -55.60
N GLU JB 207 63.69 73.77 -55.00
CA GLU JB 207 62.33 73.30 -55.21
C GLU JB 207 61.89 73.55 -56.66
N PRO JB 208 60.96 72.75 -57.18
CA PRO JB 208 60.47 72.95 -58.55
C PRO JB 208 59.97 74.37 -58.80
N ASP KB 22 -17.59 64.69 -26.19
CA ASP KB 22 -18.67 64.84 -25.23
C ASP KB 22 -18.16 65.23 -23.83
N PRO KB 23 -17.29 64.39 -23.25
CA PRO KB 23 -16.77 64.74 -21.91
C PRO KB 23 -16.03 66.06 -21.88
N TYR KB 24 -15.36 66.43 -22.97
CA TYR KB 24 -14.64 67.70 -23.03
C TYR KB 24 -15.58 68.89 -23.19
N ALA KB 25 -16.84 68.67 -23.55
CA ALA KB 25 -17.79 69.76 -23.68
C ALA KB 25 -18.21 70.33 -22.33
N LYS KB 26 -17.87 69.67 -21.23
CA LYS KB 26 -18.21 70.13 -19.89
C LYS KB 26 -16.98 70.50 -19.08
N LYS KB 27 -15.96 71.06 -19.74
CA LYS KB 27 -14.73 71.48 -19.09
C LYS KB 27 -14.50 72.96 -19.32
N ASP KB 28 -14.09 73.64 -18.25
CA ASP KB 28 -13.84 75.09 -18.28
C ASP KB 28 -12.35 75.35 -18.23
N TRP KB 29 -11.86 76.17 -19.16
CA TRP KB 29 -10.45 76.53 -19.19
C TRP KB 29 -10.14 77.62 -18.18
N TYR KB 30 -8.94 77.54 -17.60
CA TYR KB 30 -8.48 78.51 -16.61
C TYR KB 30 -7.06 78.93 -16.95
N ASP KB 31 -6.74 80.19 -16.62
CA ASP KB 31 -5.42 80.73 -16.88
C ASP KB 31 -4.52 80.55 -15.67
N ILE KB 32 -3.25 80.31 -15.92
CA ILE KB 32 -2.26 80.06 -14.88
C ILE KB 32 -1.45 81.33 -14.69
N LYS KB 33 -1.32 81.78 -13.44
CA LYS KB 33 -0.61 82.99 -13.09
C LYS KB 33 0.61 82.65 -12.25
N ALA KB 34 1.75 83.25 -12.58
CA ALA KB 34 2.99 83.03 -11.85
C ALA KB 34 3.22 84.14 -10.83
N PRO KB 35 4.04 83.89 -9.82
CA PRO KB 35 4.34 84.94 -8.84
C PRO KB 35 4.95 86.17 -9.48
N SER KB 36 4.99 87.25 -8.71
CA SER KB 36 5.54 88.51 -9.18
C SER KB 36 7.04 88.46 -9.39
N VAL KB 37 7.72 87.41 -8.90
CA VAL KB 37 9.17 87.34 -9.04
C VAL KB 37 9.56 87.28 -10.51
N PHE KB 38 8.84 86.47 -11.30
CA PHE KB 38 9.14 86.33 -12.71
C PHE KB 38 8.53 87.48 -13.50
N GLU KB 39 8.97 87.62 -14.75
CA GLU KB 39 8.50 88.71 -15.60
C GLU KB 39 7.16 88.39 -16.22
N VAL KB 40 7.09 87.32 -17.02
CA VAL KB 40 5.86 86.94 -17.69
C VAL KB 40 5.01 86.09 -16.74
N ARG KB 41 3.75 86.51 -16.55
CA ARG KB 41 2.84 85.82 -15.65
C ARG KB 41 1.83 84.93 -16.38
N ASN KB 42 1.74 85.03 -17.70
CA ASN KB 42 0.82 84.20 -18.47
C ASN KB 42 1.49 82.85 -18.74
N VAL KB 43 1.46 81.99 -17.72
CA VAL KB 43 2.12 80.70 -17.83
C VAL KB 43 1.46 79.84 -18.90
N GLY KB 44 0.13 79.79 -18.89
CA GLY KB 44 -0.58 78.97 -19.86
C GLY KB 44 -2.04 78.83 -19.46
N LYS KB 45 -2.67 77.77 -19.97
CA LYS KB 45 -4.07 77.48 -19.71
C LYS KB 45 -4.24 76.02 -19.33
N THR KB 46 -5.22 75.77 -18.47
CA THR KB 46 -5.56 74.42 -18.04
C THR KB 46 -7.06 74.32 -17.84
N LEU KB 47 -7.62 73.17 -18.15
CA LEU KB 47 -9.06 72.93 -18.06
C LEU KB 47 -9.38 71.95 -16.93
N VAL KB 48 -10.67 71.89 -16.59
CA VAL KB 48 -11.16 71.00 -15.55
C VAL KB 48 -12.66 70.87 -15.72
N THR KB 49 -13.21 69.75 -15.26
CA THR KB 49 -14.65 69.54 -15.36
C THR KB 49 -15.40 70.60 -14.58
N ARG KB 50 -16.54 71.02 -15.10
CA ARG KB 50 -17.32 72.09 -14.49
C ARG KB 50 -17.81 71.66 -13.12
N THR KB 51 -18.03 72.65 -12.25
CA THR KB 51 -18.45 72.38 -10.88
C THR KB 51 -19.73 71.56 -10.87
N GLN KB 52 -19.77 70.53 -10.03
CA GLN KB 52 -20.94 69.67 -9.90
C GLN KB 52 -20.97 69.11 -8.49
N GLY KB 53 -22.15 68.62 -8.10
CA GLY KB 53 -22.34 68.08 -6.77
C GLY KB 53 -21.33 67.03 -6.38
N THR KB 54 -20.69 67.21 -5.23
CA THR KB 54 -19.67 66.34 -4.65
C THR KB 54 -18.32 66.51 -5.35
N LYS KB 55 -18.23 67.32 -6.42
CA LYS KB 55 -16.98 67.56 -7.13
C LYS KB 55 -16.89 69.06 -7.42
N ILE KB 56 -16.23 69.79 -6.52
CA ILE KB 56 -16.03 71.23 -6.70
C ILE KB 56 -14.87 71.45 -7.66
N ALA KB 57 -15.06 72.37 -8.60
CA ALA KB 57 -14.04 72.64 -9.61
C ALA KB 57 -12.76 73.16 -8.96
N SER KB 58 -12.89 74.05 -7.97
CA SER KB 58 -11.71 74.61 -7.32
C SER KB 58 -10.88 73.53 -6.66
N GLU KB 59 -11.52 72.53 -6.06
CA GLU KB 59 -10.77 71.45 -5.42
C GLU KB 59 -9.94 70.67 -6.44
N GLY KB 60 -10.51 70.41 -7.62
CA GLY KB 60 -9.78 69.67 -8.63
C GLY KB 60 -8.54 70.39 -9.13
N LEU KB 61 -8.59 71.72 -9.18
CA LEU KB 61 -7.46 72.51 -9.66
C LEU KB 61 -6.44 72.80 -8.58
N LYS KB 62 -6.80 72.66 -7.31
CA LYS KB 62 -5.88 73.00 -6.23
C LYS KB 62 -4.72 72.02 -6.17
N HIS KB 63 -3.53 72.56 -5.90
CA HIS KB 63 -2.32 71.76 -5.73
C HIS KB 63 -1.91 71.05 -7.01
N ARG KB 64 -2.39 71.51 -8.17
CA ARG KB 64 -1.92 70.99 -9.44
C ARG KB 64 -0.54 71.56 -9.74
N VAL KB 65 0.40 70.68 -10.08
CA VAL KB 65 1.78 71.08 -10.30
C VAL KB 65 2.00 71.31 -11.79
N PHE KB 66 2.51 72.49 -12.14
CA PHE KB 66 2.82 72.86 -13.51
C PHE KB 66 4.32 73.03 -13.65
N GLU KB 67 4.91 72.34 -14.62
CA GLU KB 67 6.34 72.43 -14.90
C GLU KB 67 6.51 73.24 -16.20
N VAL KB 68 7.14 74.40 -16.08
CA VAL KB 68 7.34 75.30 -17.20
C VAL KB 68 8.77 75.82 -17.18
N SER KB 69 9.38 75.92 -18.35
CA SER KB 69 10.77 76.37 -18.43
C SER KB 69 10.92 77.79 -17.93
N LEU KB 70 12.05 78.07 -17.28
CA LEU KB 70 12.31 79.42 -16.80
C LEU KB 70 12.45 80.42 -17.94
N ALA KB 71 12.76 79.95 -19.15
CA ALA KB 71 12.83 80.85 -20.28
C ALA KB 71 11.49 81.50 -20.57
N ASP KB 72 10.40 80.72 -20.49
CA ASP KB 72 9.07 81.29 -20.69
C ASP KB 72 8.73 82.30 -19.60
N LEU KB 73 9.00 81.96 -18.35
CA LEU KB 73 8.69 82.87 -17.25
C LEU KB 73 9.54 84.13 -17.33
N GLN KB 74 10.84 83.98 -17.62
CA GLN KB 74 11.74 85.11 -17.68
C GLN KB 74 11.88 85.69 -19.08
N ASN KB 75 11.28 85.06 -20.10
CA ASN KB 75 11.38 85.53 -21.47
C ASN KB 75 12.84 85.71 -21.89
N ASP KB 76 13.68 84.77 -21.47
CA ASP KB 76 15.10 84.78 -21.80
C ASP KB 76 15.51 83.38 -22.21
N GLU KB 77 16.07 83.25 -23.42
CA GLU KB 77 16.47 81.93 -23.92
C GLU KB 77 17.68 81.39 -23.19
N ASP KB 78 18.45 82.24 -22.52
CA ASP KB 78 19.61 81.77 -21.77
C ASP KB 78 19.23 80.91 -20.58
N HIS KB 79 17.97 80.99 -20.12
CA HIS KB 79 17.49 80.20 -18.99
C HIS KB 79 16.70 78.98 -19.42
N SER KB 80 16.79 78.60 -20.70
CA SER KB 80 16.04 77.44 -21.18
C SER KB 80 16.45 76.15 -20.48
N PHE KB 81 17.62 76.12 -19.85
CA PHE KB 81 18.12 74.91 -19.20
C PHE KB 81 17.48 74.66 -17.85
N ARG KB 82 16.72 75.61 -17.30
CA ARG KB 82 16.16 75.50 -15.97
C ARG KB 82 14.64 75.40 -16.04
N LYS KB 83 14.09 74.51 -15.22
CA LYS KB 83 12.65 74.29 -15.13
C LYS KB 83 12.16 74.71 -13.76
N ILE KB 84 10.97 75.31 -13.71
CA ILE KB 84 10.39 75.83 -12.49
C ILE KB 84 9.11 75.05 -12.20
N ARG KB 85 8.97 74.57 -10.97
CA ARG KB 85 7.79 73.84 -10.53
C ARG KB 85 6.81 74.81 -9.87
N LEU KB 86 5.62 74.95 -10.45
CA LEU KB 86 4.60 75.84 -9.94
C LEU KB 86 3.38 75.02 -9.56
N ARG KB 87 2.89 75.20 -8.33
CA ARG KB 87 1.70 74.54 -7.85
C ARG KB 87 0.61 75.56 -7.57
N ALA KB 88 -0.62 75.21 -7.95
CA ALA KB 88 -1.74 76.11 -7.72
C ALA KB 88 -2.02 76.25 -6.23
N GLU KB 89 -2.23 77.48 -5.78
CA GLU KB 89 -2.59 77.75 -4.39
C GLU KB 89 -4.06 78.16 -4.27
N ASP KB 90 -4.48 79.17 -5.02
CA ASP KB 90 -5.86 79.63 -5.02
C ASP KB 90 -6.42 79.84 -6.43
N VAL KB 91 -7.74 79.77 -6.53
CA VAL KB 91 -8.44 79.95 -7.80
C VAL KB 91 -9.40 81.13 -7.60
N GLN KB 92 -8.92 82.32 -7.95
CA GLN KB 92 -9.74 83.53 -7.86
C GLN KB 92 -10.40 83.74 -9.21
N GLY KB 93 -11.70 83.45 -9.29
CA GLY KB 93 -12.42 83.57 -10.54
C GLY KB 93 -11.94 82.57 -11.58
N ARG KB 94 -11.38 83.07 -12.68
CA ARG KB 94 -10.86 82.23 -13.74
C ARG KB 94 -9.35 82.09 -13.72
N ASN KB 95 -8.65 82.83 -12.87
CA ASN KB 95 -7.21 82.78 -12.79
C ASN KB 95 -6.78 81.86 -11.66
N VAL KB 96 -5.81 80.99 -11.95
CA VAL KB 96 -5.24 80.07 -10.97
C VAL KB 96 -3.93 80.66 -10.48
N LEU KB 97 -3.86 80.97 -9.19
CA LEU KB 97 -2.68 81.57 -8.59
C LEU KB 97 -1.73 80.46 -8.14
N THR KB 98 -0.53 80.45 -8.70
CA THR KB 98 0.47 79.44 -8.40
C THR KB 98 1.59 80.06 -7.55
N ASN KB 99 2.52 79.22 -7.13
CA ASN KB 99 3.67 79.67 -6.35
C ASN KB 99 4.85 78.76 -6.64
N PHE KB 100 6.04 79.27 -6.36
CA PHE KB 100 7.26 78.49 -6.59
C PHE KB 100 7.22 77.20 -5.80
N HIS KB 101 7.51 76.09 -6.48
CA HIS KB 101 7.44 74.78 -5.86
C HIS KB 101 8.67 73.93 -6.22
N GLY KB 102 9.82 74.57 -6.36
CA GLY KB 102 11.06 73.90 -6.68
C GLY KB 102 11.49 74.12 -8.12
N MET KB 103 12.73 73.72 -8.40
CA MET KB 103 13.30 73.86 -9.73
C MET KB 103 14.29 72.73 -9.95
N ASP KB 104 14.57 72.46 -11.23
CA ASP KB 104 15.50 71.40 -11.58
C ASP KB 104 16.03 71.67 -12.99
N PHE KB 105 17.15 71.04 -13.31
CA PHE KB 105 17.73 71.13 -14.63
C PHE KB 105 17.00 70.22 -15.61
N THR KB 106 17.11 70.55 -16.89
CA THR KB 106 16.67 69.64 -17.93
C THR KB 106 17.65 68.49 -18.08
N THR KB 107 17.16 67.38 -18.63
CA THR KB 107 18.02 66.20 -18.79
C THR KB 107 19.20 66.50 -19.69
N ASP KB 108 18.98 67.24 -20.78
CA ASP KB 108 20.06 67.54 -21.70
C ASP KB 108 21.12 68.41 -21.02
N LYS KB 109 20.70 69.37 -20.21
CA LYS KB 109 21.65 70.28 -19.57
C LYS KB 109 22.64 69.51 -18.70
N LEU KB 110 22.13 68.68 -17.79
CA LEU KB 110 23.02 67.95 -16.88
C LEU KB 110 23.93 67.02 -17.65
N ARG KB 111 23.40 66.31 -18.65
CA ARG KB 111 24.20 65.37 -19.41
C ARG KB 111 25.30 66.08 -20.19
N SER KB 112 25.12 67.36 -20.52
CA SER KB 112 26.16 68.10 -21.23
C SER KB 112 27.29 68.51 -20.30
N LEU KB 113 26.99 68.78 -19.03
CA LEU KB 113 28.03 69.22 -18.09
C LEU KB 113 28.91 68.07 -17.63
N VAL KB 114 28.38 66.87 -17.53
CA VAL KB 114 29.13 65.71 -17.03
C VAL KB 114 30.03 65.21 -18.16
N LYS KB 115 31.33 65.39 -18.00
CA LYS KB 115 32.31 65.00 -19.01
C LYS KB 115 33.42 64.19 -18.35
N LYS KB 116 34.09 63.39 -19.17
CA LYS KB 116 35.21 62.59 -18.69
C LYS KB 116 36.43 63.48 -18.43
N TRP KB 117 37.39 62.91 -17.71
CA TRP KB 117 38.68 63.56 -17.43
C TRP KB 117 38.54 64.78 -16.53
N GLN KB 118 37.44 64.88 -15.78
CA GLN KB 118 37.28 65.95 -14.81
C GLN KB 118 36.51 65.42 -13.61
N SER KB 119 36.66 66.11 -12.48
CA SER KB 119 36.03 65.70 -11.24
C SER KB 119 34.65 66.34 -11.10
N LEU KB 120 33.69 65.56 -10.62
CA LEU KB 120 32.34 66.01 -10.34
C LEU KB 120 32.16 66.14 -8.84
N ILE KB 121 31.68 67.30 -8.39
CA ILE KB 121 31.46 67.58 -6.98
C ILE KB 121 29.99 67.95 -6.79
N GLU KB 122 29.33 67.27 -5.86
CA GLU KB 122 27.92 67.49 -5.57
C GLU KB 122 27.73 67.66 -4.07
N ALA KB 123 26.74 68.45 -3.69
CA ALA KB 123 26.44 68.71 -2.30
C ALA KB 123 24.95 68.99 -2.15
N HIS KB 124 24.41 68.62 -0.99
CA HIS KB 124 23.02 68.89 -0.66
C HIS KB 124 22.95 69.37 0.79
N VAL KB 125 21.91 70.14 1.09
CA VAL KB 125 21.72 70.67 2.43
C VAL KB 125 20.25 70.96 2.64
N ASP KB 126 19.77 70.71 3.85
CA ASP KB 126 18.40 71.03 4.25
C ASP KB 126 18.42 72.31 5.07
N VAL KB 127 17.68 73.32 4.61
CA VAL KB 127 17.67 74.63 5.26
C VAL KB 127 16.22 75.10 5.36
N LYS KB 128 15.97 75.98 6.32
CA LYS KB 128 14.66 76.57 6.55
C LYS KB 128 14.75 78.07 6.36
N THR KB 129 13.84 78.62 5.54
CA THR KB 129 13.81 80.05 5.28
C THR KB 129 13.06 80.77 6.39
N THR KB 130 12.99 82.10 6.27
CA THR KB 130 12.26 82.91 7.24
C THR KB 130 10.75 82.74 7.12
N ASP KB 131 10.27 82.13 6.03
CA ASP KB 131 8.85 81.89 5.82
C ASP KB 131 8.43 80.48 6.24
N SER KB 132 9.26 79.79 7.02
CA SER KB 132 9.00 78.44 7.50
C SER KB 132 8.97 77.43 6.35
N TYR KB 133 9.55 77.77 5.20
CA TYR KB 133 9.69 76.82 4.11
C TYR KB 133 10.93 75.97 4.33
N THR KB 134 10.77 74.66 4.23
CA THR KB 134 11.88 73.72 4.36
C THR KB 134 12.33 73.31 2.96
N LEU KB 135 13.57 73.64 2.63
CA LEU KB 135 14.13 73.37 1.31
C LEU KB 135 15.25 72.34 1.40
N ARG KB 136 15.58 71.76 0.25
CA ARG KB 136 16.71 70.84 0.12
C ARG KB 136 17.43 71.21 -1.18
N MET KB 137 18.42 72.09 -1.07
CA MET KB 137 19.14 72.58 -2.23
C MET KB 137 20.25 71.61 -2.62
N PHE KB 138 20.36 71.35 -3.92
CA PHE KB 138 21.41 70.50 -4.48
C PHE KB 138 22.35 71.35 -5.31
N CYS KB 139 23.65 71.24 -5.02
CA CYS KB 139 24.68 71.98 -5.72
C CYS KB 139 25.53 71.03 -6.55
N ILE KB 140 26.10 71.57 -7.62
CA ILE KB 140 26.96 70.79 -8.52
C ILE KB 140 28.06 71.69 -9.05
N ALA KB 141 29.24 71.12 -9.22
CA ALA KB 141 30.38 71.86 -9.76
C ALA KB 141 31.35 70.88 -10.39
N PHE KB 142 32.25 71.42 -11.22
CA PHE KB 142 33.25 70.63 -11.92
C PHE KB 142 34.58 71.35 -11.86
N THR KB 143 35.66 70.56 -11.85
CA THR KB 143 36.99 71.13 -11.87
C THR KB 143 37.28 71.78 -13.22
N LYS KB 144 38.06 72.86 -13.18
CA LYS KB 144 38.35 73.68 -14.35
C LYS KB 144 39.86 73.65 -14.64
N LYS KB 145 40.19 73.51 -15.91
CA LYS KB 145 41.59 73.56 -16.33
C LYS KB 145 42.09 75.00 -16.38
N ARG KB 146 43.39 75.17 -16.18
CA ARG KB 146 44.02 76.47 -16.36
C ARG KB 146 44.36 76.69 -17.83
N PRO KB 147 44.49 77.95 -18.26
CA PRO KB 147 44.79 78.19 -19.68
C PRO KB 147 46.06 77.52 -20.17
N ASN KB 148 47.09 77.45 -19.33
CA ASN KB 148 48.37 76.88 -19.72
C ASN KB 148 48.53 75.42 -19.31
N GLN KB 149 47.49 74.81 -18.77
CA GLN KB 149 47.59 73.43 -18.32
C GLN KB 149 47.89 72.49 -19.48
N GLN KB 150 48.80 71.55 -19.24
CA GLN KB 150 49.23 70.59 -20.25
C GLN KB 150 48.65 69.20 -20.04
N LYS KB 151 48.55 68.73 -18.80
CA LYS KB 151 48.00 67.41 -18.55
C LYS KB 151 46.52 67.37 -18.93
N ARG KB 152 46.08 66.20 -19.39
CA ARG KB 152 44.75 66.09 -19.99
C ARG KB 152 43.65 66.12 -18.93
N THR KB 153 43.95 65.69 -17.71
CA THR KB 153 42.94 65.61 -16.65
C THR KB 153 43.07 66.78 -15.69
N CYS KB 154 41.97 67.07 -15.01
CA CYS KB 154 41.91 68.11 -13.97
C CYS KB 154 41.25 67.56 -12.72
N TYR KB 155 41.67 66.36 -12.31
CA TYR KB 155 41.11 65.72 -11.13
C TYR KB 155 41.54 66.45 -9.86
N ALA KB 156 40.67 66.40 -8.85
CA ALA KB 156 40.94 66.96 -7.54
C ALA KB 156 41.04 65.83 -6.52
N GLN KB 157 41.93 65.99 -5.55
CA GLN KB 157 42.09 64.98 -4.51
C GLN KB 157 40.84 64.91 -3.64
N SER KB 158 40.58 63.73 -3.09
CA SER KB 158 39.38 63.53 -2.28
C SER KB 158 39.35 64.50 -1.10
N SER KB 159 40.51 64.78 -0.51
CA SER KB 159 40.55 65.77 0.56
C SER KB 159 40.14 67.14 0.06
N GLN KB 160 40.59 67.53 -1.13
CA GLN KB 160 40.17 68.80 -1.71
C GLN KB 160 38.68 68.79 -2.02
N ILE KB 161 38.15 67.66 -2.49
CA ILE KB 161 36.72 67.56 -2.77
C ILE KB 161 35.91 67.78 -1.51
N ARG KB 162 36.34 67.18 -0.40
CA ARG KB 162 35.62 67.36 0.87
C ARG KB 162 35.67 68.82 1.32
N GLN KB 163 36.83 69.47 1.15
CA GLN KB 163 36.91 70.88 1.49
C GLN KB 163 35.98 71.71 0.62
N ILE KB 164 35.92 71.41 -0.68
CA ILE KB 164 35.02 72.13 -1.57
C ILE KB 164 33.57 71.87 -1.19
N ARG KB 165 33.23 70.61 -0.92
CA ARG KB 165 31.87 70.27 -0.56
C ARG KB 165 31.47 70.95 0.75
N ARG KB 166 32.41 71.08 1.69
CA ARG KB 166 32.11 71.73 2.95
C ARG KB 166 31.73 73.19 2.74
N LYS KB 167 32.45 73.89 1.85
CA LYS KB 167 32.13 75.29 1.59
C LYS KB 167 30.82 75.44 0.83
N MET KB 168 30.49 74.49 -0.05
CA MET KB 168 29.20 74.52 -0.72
C MET KB 168 28.06 74.50 0.28
N VAL KB 169 28.13 73.60 1.27
CA VAL KB 169 27.07 73.50 2.27
C VAL KB 169 27.01 74.78 3.10
N GLU KB 170 28.16 75.30 3.52
CA GLU KB 170 28.16 76.48 4.37
C GLU KB 170 27.56 77.68 3.66
N ILE KB 171 27.90 77.88 2.39
CA ILE KB 171 27.38 79.03 1.65
C ILE KB 171 25.89 78.87 1.40
N MET KB 172 25.45 77.66 1.08
CA MET KB 172 24.02 77.44 0.81
C MET KB 172 23.18 77.72 2.05
N ARG KB 173 23.65 77.30 3.23
CA ARG KB 173 22.91 77.56 4.45
C ARG KB 173 22.75 79.07 4.68
N ASN KB 174 23.84 79.82 4.52
CA ASN KB 174 23.80 81.24 4.83
C ASN KB 174 22.83 81.98 3.91
N GLN KB 175 22.83 81.65 2.62
CA GLN KB 175 22.00 82.38 1.67
C GLN KB 175 20.52 82.08 1.87
N ALA KB 176 20.18 80.89 2.38
CA ALA KB 176 18.80 80.49 2.54
C ALA KB 176 18.27 80.69 3.96
N GLN KB 177 19.12 80.58 4.98
CA GLN KB 177 18.67 80.71 6.36
C GLN KB 177 18.28 82.14 6.70
N SER KB 178 18.72 83.12 5.92
CA SER KB 178 18.46 84.53 6.20
C SER KB 178 17.31 85.08 5.37
N CYS KB 179 17.27 84.78 4.07
CA CYS KB 179 16.28 85.35 3.18
C CYS KB 179 15.01 84.49 3.17
N ASP KB 180 13.92 85.10 2.73
CA ASP KB 180 12.64 84.42 2.61
C ASP KB 180 12.56 83.70 1.27
N LEU KB 181 11.46 82.98 1.05
CA LEU KB 181 11.31 82.22 -0.18
C LEU KB 181 11.30 83.14 -1.40
N LYS KB 182 10.58 84.27 -1.30
CA LYS KB 182 10.52 85.19 -2.42
C LYS KB 182 11.91 85.73 -2.78
N ASP KB 183 12.66 86.18 -1.78
CA ASP KB 183 13.98 86.70 -2.03
C ASP KB 183 14.96 85.61 -2.46
N LEU KB 184 14.81 84.41 -1.89
CA LEU KB 184 15.71 83.32 -2.25
C LEU KB 184 15.55 82.94 -3.72
N VAL KB 185 14.32 82.90 -4.21
CA VAL KB 185 14.09 82.56 -5.60
C VAL KB 185 14.71 83.62 -6.50
N LEU KB 186 14.68 84.89 -6.08
CA LEU KB 186 15.28 85.95 -6.87
C LEU KB 186 16.77 85.74 -7.06
N LYS KB 187 17.43 85.00 -6.17
CA LYS KB 187 18.85 84.71 -6.32
C LYS KB 187 19.11 83.57 -7.30
N PHE KB 188 18.13 82.69 -7.52
CA PHE KB 188 18.34 81.57 -8.44
C PHE KB 188 18.37 82.04 -9.89
N ILE KB 189 17.57 83.04 -10.24
CA ILE KB 189 17.51 83.50 -11.64
C ILE KB 189 18.86 83.99 -12.11
N PRO KB 190 19.57 84.87 -11.40
CA PRO KB 190 20.92 85.25 -11.81
C PRO KB 190 22.02 84.30 -11.36
N GLU KB 191 21.67 83.26 -10.60
CA GLU KB 191 22.65 82.32 -10.06
C GLU KB 191 23.72 83.05 -9.23
N SER KB 192 23.25 83.93 -8.35
CA SER KB 192 24.16 84.63 -7.44
C SER KB 192 24.85 83.65 -6.50
N ILE KB 193 24.12 82.64 -6.02
CA ILE KB 193 24.71 81.67 -5.10
C ILE KB 193 25.83 80.91 -5.80
N GLY KB 194 25.63 80.54 -7.06
CA GLY KB 194 26.67 79.81 -7.77
C GLY KB 194 27.97 80.59 -7.88
N ARG KB 195 27.87 81.89 -8.18
CA ARG KB 195 29.07 82.72 -8.28
C ARG KB 195 29.80 82.81 -6.95
N GLU KB 196 29.06 82.97 -5.85
CA GLU KB 196 29.69 83.05 -4.54
C GLU KB 196 30.42 81.76 -4.20
N ILE KB 197 29.82 80.62 -4.51
CA ILE KB 197 30.47 79.34 -4.25
C ILE KB 197 31.75 79.22 -5.06
N GLU KB 198 31.70 79.61 -6.33
CA GLU KB 198 32.89 79.55 -7.17
C GLU KB 198 33.98 80.47 -6.65
N LYS KB 199 33.62 81.68 -6.21
CA LYS KB 199 34.60 82.61 -5.69
C LYS KB 199 35.26 82.09 -4.42
N ALA KB 200 34.46 81.50 -3.52
CA ALA KB 200 35.00 81.05 -2.25
C ALA KB 200 35.87 79.81 -2.40
N THR KB 201 35.53 78.92 -3.32
CA THR KB 201 36.25 77.67 -3.48
C THR KB 201 37.43 77.78 -4.44
N SER KB 202 37.64 78.93 -5.06
CA SER KB 202 38.75 79.08 -5.99
C SER KB 202 40.10 78.89 -5.30
N SER KB 203 40.20 79.28 -4.03
CA SER KB 203 41.44 79.09 -3.30
C SER KB 203 41.77 77.62 -3.08
N ILE KB 204 40.78 76.74 -3.14
CA ILE KB 204 41.02 75.31 -3.00
C ILE KB 204 41.28 74.66 -4.35
N PHE KB 205 40.41 74.90 -5.32
CA PHE KB 205 40.56 74.34 -6.65
C PHE KB 205 39.64 75.10 -7.61
N PRO KB 206 40.13 75.57 -8.75
CA PRO KB 206 39.24 76.28 -9.68
C PRO KB 206 38.09 75.40 -10.14
N LEU KB 207 36.90 76.00 -10.23
CA LEU KB 207 35.68 75.28 -10.57
C LEU KB 207 34.98 75.97 -11.73
N GLN KB 208 34.19 75.19 -12.47
CA GLN KB 208 33.40 75.71 -13.57
C GLN KB 208 32.00 75.11 -13.50
N ASN KB 209 31.03 75.84 -14.05
CA ASN KB 209 29.64 75.38 -14.12
C ASN KB 209 29.10 75.07 -12.73
N VAL KB 210 29.24 76.04 -11.82
CA VAL KB 210 28.73 75.92 -10.46
C VAL KB 210 27.28 76.38 -10.47
N PHE KB 211 26.35 75.46 -10.25
CA PHE KB 211 24.93 75.75 -10.28
C PHE KB 211 24.24 75.10 -9.10
N ILE KB 212 23.06 75.64 -8.77
CA ILE KB 212 22.13 74.98 -7.86
C ILE KB 212 21.29 74.05 -8.71
N ARG KB 213 21.66 72.76 -8.74
CA ARG KB 213 21.06 71.84 -9.69
C ARG KB 213 19.55 71.68 -9.46
N LYS KB 214 19.15 71.54 -8.20
CA LYS KB 214 17.76 71.23 -7.90
C LYS KB 214 17.39 71.78 -6.53
N VAL KB 215 16.12 72.14 -6.38
CA VAL KB 215 15.57 72.61 -5.11
C VAL KB 215 14.26 71.88 -4.87
N LYS KB 216 14.10 71.31 -3.68
CA LYS KB 216 12.90 70.59 -3.30
C LYS KB 216 12.19 71.32 -2.17
N ILE KB 217 10.86 71.28 -2.20
CA ILE KB 217 10.04 71.83 -1.13
C ILE KB 217 9.55 70.65 -0.30
N LEU KB 218 10.20 70.44 0.85
CA LEU KB 218 9.83 69.32 1.71
C LEU KB 218 8.57 69.64 2.51
N LYS KB 219 8.63 70.69 3.34
CA LYS KB 219 7.51 71.11 4.16
C LYS KB 219 7.22 72.58 3.86
N ALA KB 220 5.97 72.88 3.52
CA ALA KB 220 5.54 74.25 3.28
C ALA KB 220 4.54 74.68 4.34
N PRO KB 221 4.56 75.96 4.74
CA PRO KB 221 3.59 76.42 5.74
C PRO KB 221 2.16 76.34 5.20
N LYS KB 222 1.23 76.12 6.11
CA LYS KB 222 -0.17 76.03 5.72
C LYS KB 222 -0.58 77.26 4.93
N PHE KB 223 -1.62 77.10 4.10
CA PHE KB 223 -2.01 78.15 3.18
C PHE KB 223 -2.36 79.43 3.94
N ASP KB 224 -1.96 80.56 3.37
CA ASP KB 224 -2.29 81.89 3.92
C ASP KB 224 -2.55 82.81 2.74
N LEU KB 225 -3.83 83.13 2.51
CA LEU KB 225 -4.18 83.95 1.36
C LEU KB 225 -3.52 85.33 1.42
N GLY KB 226 -3.34 85.87 2.63
CA GLY KB 226 -2.74 87.19 2.75
C GLY KB 226 -1.35 87.25 2.15
N ARG KB 227 -0.52 86.24 2.41
CA ARG KB 227 0.82 86.21 1.86
C ARG KB 227 0.83 85.82 0.39
N LEU KB 228 -0.15 85.03 -0.06
CA LEU KB 228 -0.21 84.65 -1.47
C LEU KB 228 -0.39 85.87 -2.37
N MET KB 229 -1.27 86.80 -1.97
CA MET KB 229 -1.54 87.98 -2.78
C MET KB 229 -0.39 88.97 -2.76
N GLU KB 230 0.59 88.80 -1.88
CA GLU KB 230 1.74 89.71 -1.87
C GLU KB 230 2.51 89.64 -3.18
N VAL KB 231 2.67 88.43 -3.72
CA VAL KB 231 3.41 88.22 -4.97
C VAL KB 231 2.49 88.12 -6.17
N HIS KB 232 1.21 88.43 -6.01
CA HIS KB 232 0.24 88.40 -7.10
C HIS KB 232 -0.54 89.70 -7.12
N GLY KB 233 -0.73 90.25 -8.33
CA GLY KB 233 -1.48 91.47 -8.49
C GLY KB 233 -2.95 91.22 -8.74
N ASP KB 234 -3.67 92.31 -9.01
CA ASP KB 234 -5.10 92.25 -9.29
C ASP KB 234 -5.29 91.90 -10.75
N TYR KB 235 -5.57 90.63 -11.03
CA TYR KB 235 -5.75 90.16 -12.40
C TYR KB 235 -7.15 90.41 -12.94
N SER KB 236 -8.06 90.94 -12.12
CA SER KB 236 -9.43 91.22 -12.57
C SER KB 236 -9.42 92.12 -13.80
N ALA LB 2 81.30 -19.02 19.11
CA ALA LB 2 81.89 -20.34 19.45
C ALA LB 2 81.66 -20.68 20.92
N ARG LB 3 81.71 -21.96 21.25
CA ARG LB 3 81.54 -22.44 22.62
C ARG LB 3 82.87 -22.59 23.36
N GLY LB 4 83.98 -22.20 22.74
CA GLY LB 4 85.27 -22.28 23.39
C GLY LB 4 86.42 -21.76 22.56
N LEU LB 5 87.54 -22.47 22.56
CA LEU LB 5 88.75 -22.02 21.90
C LEU LB 5 88.85 -22.58 20.49
N LYS LB 6 89.26 -21.72 19.56
CA LYS LB 6 89.48 -22.12 18.18
C LYS LB 6 90.85 -22.78 18.03
N LYS LB 7 90.88 -23.94 17.39
CA LYS LB 7 92.10 -24.70 17.22
C LYS LB 7 92.64 -24.66 15.80
N HIS LB 8 91.96 -23.99 14.88
CA HIS LB 8 92.36 -23.94 13.48
C HIS LB 8 92.62 -22.50 13.07
N LEU LB 9 93.52 -22.34 12.10
CA LEU LB 9 93.83 -21.04 11.51
C LEU LB 9 93.70 -21.17 10.00
N LYS LB 10 92.72 -20.49 9.42
CA LYS LB 10 92.57 -20.51 7.97
C LYS LB 10 93.73 -19.78 7.32
N ARG LB 11 94.18 -20.31 6.17
CA ARG LB 11 95.42 -19.84 5.58
C ARG LB 11 95.36 -18.36 5.24
N LEU LB 12 94.23 -17.89 4.71
CA LEU LB 12 94.10 -16.48 4.39
C LEU LB 12 94.04 -15.60 5.63
N ASN LB 13 93.74 -16.17 6.79
CA ASN LB 13 93.69 -15.42 8.04
C ASN LB 13 95.02 -15.38 8.76
N ALA LB 14 96.04 -16.09 8.26
CA ALA LB 14 97.34 -16.08 8.89
C ALA LB 14 98.03 -14.73 8.69
N PRO LB 15 98.99 -14.39 9.55
CA PRO LB 15 99.70 -13.11 9.38
C PRO LB 15 100.37 -13.02 8.03
N LYS LB 16 100.32 -11.82 7.43
CA LYS LB 16 100.85 -11.65 6.09
C LYS LB 16 102.37 -11.82 6.04
N HIS LB 17 103.06 -11.46 7.12
CA HIS LB 17 104.52 -11.54 7.11
C HIS LB 17 105.03 -12.98 7.06
N TRP LB 18 104.17 -13.97 7.27
CA TRP LB 18 104.58 -15.35 7.06
C TRP LB 18 104.81 -15.65 5.59
N MET LB 19 104.18 -14.90 4.68
CA MET LB 19 104.36 -15.08 3.24
C MET LB 19 103.96 -16.50 2.81
N LEU LB 20 102.75 -16.89 3.18
CA LEU LB 20 102.22 -18.20 2.81
C LEU LB 20 101.40 -18.08 1.53
N ASP LB 21 101.68 -18.95 0.56
CA ASP LB 21 100.92 -18.95 -0.68
C ASP LB 21 99.46 -19.27 -0.41
N LYS LB 22 98.56 -18.52 -1.05
CA LYS LB 22 97.14 -18.66 -0.74
C LYS LB 22 96.57 -19.98 -1.24
N LEU LB 23 97.14 -20.55 -2.30
CA LEU LB 23 96.68 -21.82 -2.85
C LEU LB 23 97.42 -23.01 -2.27
N GLY LB 24 98.29 -22.81 -1.29
CA GLY LB 24 99.02 -23.92 -0.70
C GLY LB 24 98.16 -24.84 0.14
N GLY LB 25 97.00 -24.38 0.58
CA GLY LB 25 96.11 -25.19 1.37
C GLY LB 25 95.05 -24.34 2.03
N ALA LB 26 94.10 -25.03 2.67
CA ALA LB 26 93.01 -24.35 3.35
C ALA LB 26 93.38 -23.90 4.76
N PHE LB 27 94.50 -24.35 5.30
CA PHE LB 27 94.87 -24.07 6.69
C PHE LB 27 96.32 -23.62 6.76
N ALA LB 28 96.63 -22.91 7.83
CA ALA LB 28 97.97 -22.48 8.18
C ALA LB 28 98.29 -22.96 9.59
N PRO LB 29 99.56 -23.09 9.94
CA PRO LB 29 99.90 -23.56 11.29
C PRO LB 29 99.34 -22.63 12.36
N LYS LB 30 98.54 -23.20 13.25
CA LYS LB 30 97.97 -22.44 14.35
C LYS LB 30 99.02 -22.29 15.44
N PRO LB 31 99.52 -21.08 15.71
CA PRO LB 31 100.58 -20.94 16.72
C PRO LB 31 100.13 -21.43 18.08
N SER LB 32 100.99 -22.21 18.72
CA SER LB 32 100.72 -22.65 20.09
C SER LB 32 100.91 -21.50 21.06
N SER LB 33 100.28 -21.64 22.22
CA SER LB 33 100.52 -20.67 23.29
C SER LB 33 101.98 -20.71 23.71
N GLY LB 34 102.53 -19.54 24.06
CA GLY LB 34 103.92 -19.45 24.41
C GLY LB 34 104.34 -18.02 24.72
N PRO LB 35 105.66 -17.79 24.75
CA PRO LB 35 106.15 -16.47 25.17
C PRO LB 35 105.66 -15.32 24.31
N HIS LB 36 105.46 -15.54 23.01
CA HIS LB 36 105.10 -14.48 22.08
C HIS LB 36 103.67 -14.65 21.59
N LYS LB 37 103.06 -13.54 21.18
CA LYS LB 37 101.70 -13.57 20.67
C LYS LB 37 101.66 -14.27 19.31
N SER LB 38 100.48 -14.81 18.98
CA SER LB 38 100.35 -15.58 17.75
C SER LB 38 100.55 -14.71 16.52
N ARG LB 39 100.21 -13.42 16.61
CA ARG LB 39 100.35 -12.50 15.49
C ARG LB 39 101.75 -11.87 15.39
N GLU LB 40 102.61 -12.12 16.36
CA GLU LB 40 103.95 -11.53 16.41
C GLU LB 40 104.99 -12.62 16.65
N CYS LB 41 104.88 -13.74 15.95
CA CYS LB 41 105.76 -14.87 16.14
C CYS LB 41 106.04 -15.53 14.80
N LEU LB 42 106.86 -16.57 14.84
CA LEU LB 42 107.18 -17.37 13.66
C LEU LB 42 107.25 -18.83 14.08
N PRO LB 43 106.21 -19.63 13.83
CA PRO LB 43 106.22 -21.02 14.27
C PRO LB 43 107.40 -21.79 13.69
N LEU LB 44 107.91 -22.74 14.48
CA LEU LB 44 109.08 -23.50 14.06
C LEU LB 44 108.84 -24.23 12.75
N VAL LB 45 107.59 -24.62 12.47
CA VAL LB 45 107.29 -25.31 11.21
C VAL LB 45 107.60 -24.41 10.03
N ILE LB 46 107.24 -23.12 10.13
CA ILE LB 46 107.56 -22.18 9.06
C ILE LB 46 109.07 -22.03 8.93
N ILE LB 47 109.77 -21.93 10.06
CA ILE LB 47 111.22 -21.70 10.03
C ILE LB 47 111.92 -22.87 9.36
N LEU LB 48 111.58 -24.09 9.76
CA LEU LB 48 112.31 -25.27 9.29
C LEU LB 48 111.94 -25.65 7.85
N ARG LB 49 110.70 -25.39 7.44
CA ARG LB 49 110.21 -25.83 6.14
C ARG LB 49 110.20 -24.71 5.11
N ASN LB 50 109.67 -23.53 5.47
CA ASN LB 50 109.49 -22.46 4.51
C ASN LB 50 110.68 -21.52 4.42
N ARG LB 51 111.44 -21.37 5.51
CA ARG LB 51 112.58 -20.45 5.54
C ARG LB 51 113.91 -21.16 5.30
N LEU LB 52 114.17 -22.26 6.00
CA LEU LB 52 115.45 -22.95 5.92
C LEU LB 52 115.44 -24.11 4.93
N LYS LB 53 114.28 -24.61 4.53
CA LYS LB 53 114.12 -25.67 3.54
C LYS LB 53 114.64 -27.02 4.04
N TYR LB 54 114.97 -27.14 5.33
CA TYR LB 54 115.42 -28.44 5.84
C TYR LB 54 114.33 -29.49 5.71
N ALA LB 55 113.09 -29.12 6.00
CA ALA LB 55 111.94 -30.00 5.86
C ALA LB 55 111.18 -29.66 4.60
N LEU LB 56 110.72 -30.69 3.89
CA LEU LB 56 109.92 -30.49 2.69
C LEU LB 56 108.42 -30.60 2.93
N THR LB 57 108.00 -31.13 4.07
CA THR LB 57 106.59 -31.32 4.35
C THR LB 57 106.33 -31.11 5.83
N TYR LB 58 105.04 -30.99 6.17
CA TYR LB 58 104.63 -30.88 7.56
C TYR LB 58 105.13 -32.07 8.37
N ARG LB 59 105.11 -33.26 7.78
CA ARG LB 59 105.55 -34.46 8.50
C ARG LB 59 107.03 -34.40 8.82
N GLU LB 60 107.86 -33.93 7.89
CA GLU LB 60 109.30 -33.94 8.09
C GLU LB 60 109.71 -32.99 9.21
N VAL LB 61 108.95 -31.92 9.43
CA VAL LB 61 109.26 -31.01 10.54
C VAL LB 61 109.15 -31.74 11.87
N ILE LB 62 108.11 -32.57 12.01
CA ILE LB 62 107.92 -33.32 13.25
C ILE LB 62 109.11 -34.24 13.49
N SER LB 63 109.60 -34.89 12.43
CA SER LB 63 110.75 -35.78 12.58
C SER LB 63 111.97 -35.03 13.10
N ILE LB 64 112.23 -33.83 12.56
CA ILE LB 64 113.39 -33.06 12.97
C ILE LB 64 113.26 -32.68 14.45
N LEU LB 65 112.09 -32.18 14.85
CA LEU LB 65 111.91 -31.71 16.21
C LEU LB 65 111.89 -32.87 17.20
N MET LB 66 111.29 -33.99 16.82
CA MET LB 66 111.21 -35.13 17.73
C MET LB 66 112.55 -35.81 17.95
N GLN LB 67 113.57 -35.49 17.14
CA GLN LB 67 114.92 -35.94 17.40
C GLN LB 67 115.67 -35.03 18.36
N ARG LB 68 115.05 -33.94 18.81
CA ARG LB 68 115.67 -33.01 19.75
C ARG LB 68 116.86 -32.29 19.11
N GLN LB 69 116.73 -31.95 17.83
CA GLN LB 69 117.79 -31.31 17.07
C GLN LB 69 117.65 -29.79 16.98
N VAL LB 70 116.59 -29.23 17.56
CA VAL LB 70 116.34 -27.79 17.50
C VAL LB 70 116.16 -27.25 18.90
N MET LB 71 116.78 -26.11 19.19
CA MET LB 71 116.70 -25.47 20.48
C MET LB 71 116.31 -24.01 20.31
N VAL LB 72 115.45 -23.52 21.21
CA VAL LB 72 115.02 -22.13 21.21
C VAL LB 72 115.37 -21.55 22.58
N ASP LB 73 116.15 -20.47 22.58
CA ASP LB 73 116.60 -19.83 23.82
C ASP LB 73 117.34 -20.82 24.71
N GLY LB 74 118.10 -21.72 24.09
CA GLY LB 74 118.92 -22.66 24.82
C GLY LB 74 118.22 -23.91 25.28
N LYS LB 75 116.92 -24.06 25.02
CA LYS LB 75 116.16 -25.22 25.45
C LYS LB 75 115.58 -25.93 24.24
N VAL LB 76 115.60 -27.27 24.28
CA VAL LB 76 115.03 -28.06 23.21
C VAL LB 76 113.52 -27.88 23.16
N ARG LB 77 112.99 -27.66 21.97
CA ARG LB 77 111.55 -27.52 21.74
C ARG LB 77 111.10 -28.56 20.74
N THR LB 78 110.05 -29.30 21.08
CA THR LB 78 109.49 -30.33 20.23
C THR LB 78 108.13 -29.95 19.65
N ASP LB 79 107.59 -28.78 19.99
CA ASP LB 79 106.30 -28.36 19.50
C ASP LB 79 106.46 -27.75 18.11
N LYS LB 80 105.71 -28.27 17.13
CA LYS LB 80 105.83 -27.78 15.76
C LYS LB 80 105.41 -26.32 15.66
N THR LB 81 104.35 -25.93 16.35
CA THR LB 81 103.83 -24.57 16.30
C THR LB 81 104.32 -23.71 17.45
N TYR LB 82 105.51 -23.99 17.96
CA TYR LB 82 106.05 -23.19 19.07
C TYR LB 82 106.24 -21.75 18.60
N PRO LB 83 105.74 -20.75 19.35
CA PRO LB 83 105.81 -19.35 18.87
C PRO LB 83 107.16 -18.68 19.13
N ALA LB 84 108.11 -18.92 18.24
CA ALA LB 84 109.38 -18.21 18.29
C ALA LB 84 109.19 -16.78 17.80
N GLY LB 85 109.73 -15.82 18.54
CA GLY LB 85 109.48 -14.42 18.25
C GLY LB 85 110.73 -13.55 18.21
N PHE LB 86 110.51 -12.23 18.35
CA PHE LB 86 111.59 -11.28 18.22
C PHE LB 86 112.67 -11.53 19.27
N MET LB 87 113.93 -11.49 18.84
CA MET LB 87 115.14 -11.66 19.65
C MET LB 87 115.37 -13.10 20.08
N ASP LB 88 114.47 -14.03 19.77
CA ASP LB 88 114.69 -15.42 20.13
C ASP LB 88 115.89 -15.98 19.37
N VAL LB 89 116.64 -16.85 20.03
CA VAL LB 89 117.82 -17.48 19.47
C VAL LB 89 117.47 -18.93 19.16
N VAL LB 90 117.61 -19.32 17.90
CA VAL LB 90 117.35 -20.67 17.44
C VAL LB 90 118.68 -21.31 17.09
N THR LB 91 118.95 -22.47 17.69
CA THR LB 91 120.21 -23.18 17.53
C THR LB 91 119.95 -24.59 17.01
N ILE LB 92 120.77 -25.01 16.05
CA ILE LB 92 120.69 -26.36 15.49
C ILE LB 92 122.07 -26.99 15.59
N PRO LB 93 122.38 -27.72 16.67
CA PRO LB 93 123.76 -28.18 16.87
C PRO LB 93 124.33 -29.00 15.72
N LYS LB 94 123.51 -29.85 15.08
CA LYS LB 94 124.05 -30.71 14.02
C LYS LB 94 124.60 -29.88 12.87
N THR LB 95 123.87 -28.84 12.46
CA THR LB 95 124.32 -27.97 11.38
C THR LB 95 125.26 -26.86 11.86
N ASN LB 96 125.51 -26.78 13.16
CA ASN LB 96 126.38 -25.74 13.74
C ASN LB 96 125.86 -24.34 13.44
N GLU LB 97 124.57 -24.21 13.17
CA GLU LB 97 123.96 -22.93 12.85
C GLU LB 97 123.26 -22.35 14.07
N SER LB 98 123.17 -21.03 14.10
CA SER LB 98 122.48 -20.33 15.17
C SER LB 98 121.96 -19.01 14.62
N PHE LB 99 120.66 -18.77 14.77
CA PHE LB 99 120.00 -17.61 14.19
C PHE LB 99 119.30 -16.80 15.27
N ARG LB 100 119.13 -15.51 15.00
CA ARG LB 100 118.33 -14.63 15.83
C ARG LB 100 117.19 -14.07 14.98
N LEU LB 101 115.98 -14.10 15.53
CA LEU LB 101 114.81 -13.63 14.81
C LEU LB 101 114.75 -12.11 14.89
N LEU LB 102 115.06 -11.44 13.78
CA LEU LB 102 114.99 -9.99 13.68
C LEU LB 102 114.19 -9.60 12.45
N TYR LB 103 113.45 -8.51 12.56
CA TYR LB 103 112.66 -8.02 11.45
C TYR LB 103 113.56 -7.37 10.41
N ASP LB 104 113.36 -7.71 9.15
CA ASP LB 104 114.00 -6.98 8.08
C ASP LB 104 113.29 -5.64 7.87
N THR LB 105 113.88 -4.80 7.03
CA THR LB 105 113.34 -3.45 6.86
C THR LB 105 111.95 -3.44 6.26
N LYS LB 106 111.49 -4.54 5.69
CA LYS LB 106 110.14 -4.64 5.14
C LYS LB 106 109.14 -5.25 6.12
N GLY LB 107 109.55 -5.47 7.37
CA GLY LB 107 108.63 -5.90 8.40
C GLY LB 107 108.42 -7.40 8.52
N ARG LB 108 109.34 -8.21 8.00
CA ARG LB 108 109.21 -9.65 8.05
C ARG LB 108 110.39 -10.23 8.82
N PHE LB 109 110.12 -11.34 9.53
CA PHE LB 109 111.17 -11.98 10.32
C PHE LB 109 112.29 -12.48 9.42
N ARG LB 110 113.53 -12.22 9.82
CA ARG LB 110 114.72 -12.64 9.11
C ARG LB 110 115.56 -13.51 10.04
N LEU LB 111 116.03 -14.65 9.54
CA LEU LB 111 116.89 -15.55 10.30
C LEU LB 111 118.32 -15.05 10.17
N HIS LB 112 118.72 -14.18 11.10
CA HIS LB 112 120.05 -13.57 11.06
C HIS LB 112 121.05 -14.54 11.68
N SER LB 113 121.97 -15.05 10.85
CA SER LB 113 122.98 -15.98 11.35
C SER LB 113 123.84 -15.30 12.40
N LEU LB 114 124.14 -16.04 13.47
CA LEU LB 114 124.93 -15.53 14.59
C LEU LB 114 126.21 -16.35 14.73
N ARG LB 115 127.22 -15.73 15.33
CA ARG LB 115 128.41 -16.43 15.75
C ARG LB 115 128.15 -17.17 17.06
N ASP LB 116 129.03 -18.11 17.38
CA ASP LB 116 128.84 -18.92 18.58
C ASP LB 116 128.86 -18.04 19.83
N GLU LB 117 129.76 -17.06 19.87
CA GLU LB 117 129.86 -16.19 21.05
C GLU LB 117 128.59 -15.39 21.26
N GLU LB 118 128.02 -14.85 20.18
CA GLU LB 118 126.85 -13.97 20.29
C GLU LB 118 125.55 -14.72 20.55
N ALA LB 119 125.54 -16.04 20.40
CA ALA LB 119 124.34 -16.83 20.58
C ALA LB 119 124.09 -17.22 22.03
N LYS LB 120 124.82 -16.63 22.98
CA LYS LB 120 124.70 -16.98 24.38
C LYS LB 120 123.86 -15.99 25.18
N PHE LB 121 123.18 -15.06 24.51
CA PHE LB 121 122.38 -14.07 25.21
C PHE LB 121 121.26 -13.58 24.28
N LYS LB 122 120.35 -12.80 24.85
CA LYS LB 122 119.28 -12.19 24.09
C LYS LB 122 118.82 -10.94 24.82
N LEU LB 123 118.08 -10.10 24.10
CA LEU LB 123 117.53 -8.87 24.65
C LEU LB 123 116.03 -9.03 24.89
N CYS LB 124 115.57 -8.53 26.02
CA CYS LB 124 114.16 -8.58 26.39
C CYS LB 124 113.69 -7.20 26.84
N LYS LB 125 112.45 -6.88 26.53
CA LYS LB 125 111.84 -5.62 26.93
C LYS LB 125 111.04 -5.83 28.21
N VAL LB 126 111.29 -4.98 29.20
CA VAL LB 126 110.62 -5.10 30.48
C VAL LB 126 109.18 -4.60 30.35
N ARG LB 127 108.24 -5.43 30.79
CA ARG LB 127 106.83 -5.04 30.75
C ARG LB 127 106.46 -4.19 31.97
N SER LB 128 106.75 -4.70 33.17
CA SER LB 128 106.43 -3.98 34.40
C SER LB 128 107.28 -4.53 35.53
N VAL LB 129 107.35 -3.77 36.61
CA VAL LB 129 108.04 -4.16 37.83
C VAL LB 129 107.09 -3.93 39.00
N GLN LB 130 106.89 -4.95 39.82
CA GLN LB 130 105.99 -4.86 40.94
C GLN LB 130 106.38 -5.88 42.00
N PHE LB 131 105.85 -5.69 43.20
CA PHE LB 131 106.11 -6.62 44.30
C PHE LB 131 105.26 -7.86 44.16
N GLY LB 132 105.88 -9.02 44.39
CA GLY LB 132 105.19 -10.29 44.40
C GLY LB 132 104.84 -10.73 45.80
N GLN LB 133 104.59 -12.02 45.95
CA GLN LB 133 104.29 -12.58 47.25
C GLN LB 133 105.49 -12.40 48.18
N LYS LB 134 105.21 -12.15 49.46
CA LYS LB 134 106.22 -11.90 50.48
C LYS LB 134 106.95 -10.58 50.25
N GLY LB 135 106.38 -9.69 49.45
CA GLY LB 135 107.02 -8.40 49.20
C GLY LB 135 108.27 -8.48 48.35
N ILE LB 136 108.48 -9.58 47.65
CA ILE LB 136 109.68 -9.75 46.83
C ILE LB 136 109.45 -9.08 45.48
N PRO LB 137 110.25 -8.07 45.11
CA PRO LB 137 110.07 -7.45 43.80
C PRO LB 137 110.42 -8.40 42.65
N TYR LB 138 109.72 -8.21 41.54
CA TYR LB 138 109.99 -8.99 40.34
C TYR LB 138 109.60 -8.17 39.12
N LEU LB 139 110.14 -8.55 37.97
CA LEU LB 139 109.79 -7.92 36.71
C LEU LB 139 109.47 -9.01 35.69
N ASN LB 140 108.52 -8.70 34.81
CA ASN LB 140 108.16 -9.57 33.71
C ASN LB 140 108.39 -8.84 32.40
N THR LB 141 108.78 -9.60 31.38
CA THR LB 141 109.12 -9.04 30.08
C THR LB 141 108.00 -9.32 29.08
N TYR LB 142 108.22 -8.91 27.83
CA TYR LB 142 107.28 -9.14 26.75
C TYR LB 142 107.50 -10.48 26.07
N ASP LB 143 108.47 -11.28 26.52
CA ASP LB 143 108.66 -12.63 26.03
C ASP LB 143 108.26 -13.68 27.06
N GLY LB 144 107.39 -13.31 28.01
CA GLY LB 144 106.83 -14.25 28.95
C GLY LB 144 107.73 -14.63 30.12
N ARG LB 145 108.89 -14.01 30.25
CA ARG LB 145 109.84 -14.36 31.29
C ARG LB 145 109.60 -13.52 32.54
N THR LB 146 109.80 -14.15 33.71
CA THR LB 146 109.69 -13.48 34.99
C THR LB 146 111.02 -13.61 35.72
N ILE LB 147 111.56 -12.47 36.17
CA ILE LB 147 112.85 -12.43 36.87
C ILE LB 147 112.61 -11.83 38.25
N ARG LB 148 113.02 -12.55 39.28
CA ARG LB 148 112.90 -12.06 40.65
C ARG LB 148 114.17 -11.34 41.08
N TYR LB 149 114.02 -10.49 42.07
CA TYR LB 149 115.12 -9.67 42.59
C TYR LB 149 115.85 -8.94 41.47
N PRO LB 150 115.14 -8.16 40.66
CA PRO LB 150 115.80 -7.36 39.63
C PRO LB 150 116.50 -6.14 40.22
N ASP LB 151 117.38 -5.55 39.42
CA ASP LB 151 118.06 -4.34 39.84
C ASP LB 151 117.02 -3.25 40.12
N PRO LB 152 117.11 -2.53 41.24
CA PRO LB 152 116.10 -1.50 41.52
C PRO LB 152 116.02 -0.43 40.46
N LEU LB 153 117.10 -0.17 39.72
CA LEU LB 153 117.08 0.87 38.69
C LEU LB 153 116.24 0.49 37.48
N ILE LB 154 115.98 -0.80 37.28
CA ILE LB 154 115.22 -1.24 36.11
C ILE LB 154 113.76 -0.82 36.28
N LYS LB 155 113.18 -0.27 35.22
CA LYS LB 155 111.79 0.19 35.21
C LYS LB 155 111.11 -0.32 33.95
N ALA LB 156 109.82 -0.02 33.83
CA ALA LB 156 109.06 -0.47 32.68
C ALA LB 156 109.60 0.13 31.39
N ASN LB 157 109.52 -0.65 30.32
CA ASN LB 157 109.92 -0.30 28.96
C ASN LB 157 111.44 -0.37 28.78
N ASP LB 158 112.20 -0.68 29.83
CA ASP LB 158 113.64 -0.82 29.67
C ASP LB 158 113.97 -2.15 29.00
N THR LB 159 115.20 -2.26 28.52
CA THR LB 159 115.70 -3.47 27.88
C THR LB 159 116.78 -4.10 28.77
N ILE LB 160 116.72 -5.42 28.90
CA ILE LB 160 117.64 -6.17 29.74
C ILE LB 160 118.36 -7.19 28.87
N LYS LB 161 119.67 -7.33 29.09
CA LYS LB 161 120.47 -8.35 28.42
C LYS LB 161 120.43 -9.62 29.25
N LEU LB 162 119.84 -10.67 28.69
CA LEU LB 162 119.63 -11.93 29.39
C LEU LB 162 120.61 -12.97 28.88
N ASP LB 163 121.31 -13.63 29.79
CA ASP LB 163 122.24 -14.70 29.44
C ASP LB 163 121.49 -16.02 29.43
N LEU LB 164 121.54 -16.73 28.31
CA LEU LB 164 120.79 -17.97 28.16
C LEU LB 164 121.39 -19.11 28.97
N ASP LB 165 122.60 -18.97 29.50
CA ASP LB 165 123.23 -20.00 30.31
C ASP LB 165 122.94 -19.79 31.79
N SER LB 166 123.33 -18.64 32.33
CA SER LB 166 123.09 -18.33 33.74
C SER LB 166 121.65 -17.90 34.00
N ASN LB 167 120.89 -17.56 32.95
CA ASN LB 167 119.50 -17.14 33.10
C ASN LB 167 119.39 -15.97 34.08
N LYS LB 168 120.30 -15.01 33.95
CA LYS LB 168 120.33 -13.85 34.83
C LYS LB 168 120.51 -12.59 33.99
N ILE LB 169 120.09 -11.46 34.56
CA ILE LB 169 120.23 -10.17 33.89
C ILE LB 169 121.68 -9.73 33.97
N VAL LB 170 122.33 -9.62 32.81
CA VAL LB 170 123.72 -9.20 32.76
C VAL LB 170 123.82 -7.68 32.77
N ASP LB 171 123.04 -7.02 31.93
CA ASP LB 171 123.04 -5.57 31.87
C ASP LB 171 121.68 -5.12 31.32
N PHE LB 172 121.37 -3.84 31.55
CA PHE LB 172 120.11 -3.28 31.12
C PHE LB 172 120.31 -1.88 30.57
N ILE LB 173 119.37 -1.44 29.74
CA ILE LB 173 119.39 -0.11 29.13
C ILE LB 173 118.12 0.60 29.55
N LYS LB 174 118.27 1.80 30.12
CA LYS LB 174 117.11 2.61 30.46
C LYS LB 174 116.50 3.19 29.20
N PHE LB 175 115.17 3.29 29.19
CA PHE LB 175 114.45 3.84 28.04
C PHE LB 175 114.49 5.36 28.13
N ASP LB 176 115.25 5.99 27.24
CA ASP LB 176 115.41 7.44 27.27
C ASP LB 176 115.75 7.92 25.87
N VAL LB 177 115.55 9.22 25.65
CA VAL LB 177 115.83 9.81 24.34
C VAL LB 177 117.33 9.80 24.09
N GLY LB 178 117.72 9.42 22.87
CA GLY LB 178 119.10 9.36 22.47
C GLY LB 178 119.62 7.95 22.22
N ASN LB 179 118.89 6.93 22.61
CA ASN LB 179 119.29 5.55 22.39
C ASN LB 179 118.80 5.06 21.03
N VAL LB 180 119.45 4.01 20.53
CA VAL LB 180 119.09 3.38 19.28
C VAL LB 180 118.02 2.34 19.55
N VAL LB 181 116.91 2.40 18.80
CA VAL LB 181 115.77 1.53 19.02
C VAL LB 181 115.33 0.95 17.67
N MET LB 182 114.60 -0.15 17.76
CA MET LB 182 113.99 -0.78 16.59
C MET LB 182 112.48 -0.84 16.79
N VAL LB 183 111.75 -0.69 15.69
CA VAL LB 183 110.30 -0.76 15.70
C VAL LB 183 109.87 -2.21 15.50
N THR LB 184 109.08 -2.72 16.43
CA THR LB 184 108.68 -4.13 16.43
C THR LB 184 107.23 -4.34 16.02
N GLY LB 185 106.56 -3.30 15.54
CA GLY LB 185 105.18 -3.45 15.12
C GLY LB 185 104.71 -2.25 14.33
N GLY LB 186 103.65 -2.46 13.57
CA GLY LB 186 103.03 -1.40 12.81
C GLY LB 186 103.64 -1.22 11.43
N ARG LB 187 103.35 -0.05 10.85
CA ARG LB 187 103.84 0.25 9.51
C ARG LB 187 105.36 0.31 9.46
N ASN LB 188 105.98 0.90 10.48
CA ASN LB 188 107.42 1.11 10.51
C ASN LB 188 108.18 -0.08 11.09
N ARG LB 189 107.56 -1.26 11.12
CA ARG LB 189 108.20 -2.43 11.71
C ARG LB 189 109.53 -2.72 11.00
N GLY LB 190 110.56 -3.00 11.79
CA GLY LB 190 111.87 -3.34 11.27
C GLY LB 190 112.80 -2.17 11.07
N ARG LB 191 112.36 -0.94 11.30
CA ARG LB 191 113.19 0.24 11.09
C ARG LB 191 113.95 0.57 12.36
N VAL LB 192 115.22 0.97 12.20
CA VAL LB 192 116.11 1.29 13.30
C VAL LB 192 116.46 2.76 13.23
N GLY LB 193 116.42 3.43 14.38
CA GLY LB 193 116.76 4.84 14.46
C GLY LB 193 117.05 5.24 15.88
N ILE LB 194 117.27 6.54 16.08
CA ILE LB 194 117.59 7.10 17.38
C ILE LB 194 116.33 7.75 17.94
N LEU LB 195 115.96 7.36 19.16
CA LEU LB 195 114.81 7.96 19.83
C LEU LB 195 115.07 9.44 20.08
N LYS LB 196 114.30 10.30 19.42
CA LYS LB 196 114.50 11.74 19.50
C LYS LB 196 113.56 12.44 20.46
N ASN LB 197 112.35 11.92 20.66
CA ASN LB 197 111.37 12.61 21.49
C ASN LB 197 110.37 11.59 22.03
N ARG LB 198 109.71 11.98 23.11
CA ARG LB 198 108.67 11.19 23.75
C ARG LB 198 107.51 12.12 24.09
N GLU LB 199 106.38 11.94 23.41
CA GLU LB 199 105.18 12.75 23.63
C GLU LB 199 104.19 11.95 24.46
N LYS LB 200 103.96 12.39 25.69
CA LYS LB 200 103.03 11.72 26.59
C LYS LB 200 101.67 12.39 26.54
N HIS LB 201 100.62 11.57 26.53
CA HIS LB 201 99.23 12.04 26.57
C HIS LB 201 98.52 11.29 27.67
N LYS LB 202 98.12 12.01 28.72
CA LYS LB 202 97.49 11.37 29.86
C LYS LB 202 96.26 10.61 29.43
N GLY LB 203 96.17 9.35 29.86
CA GLY LB 203 95.03 8.50 29.53
C GLY LB 203 95.04 7.94 28.13
N SER LB 204 96.08 8.19 27.35
CA SER LB 204 96.18 7.75 25.97
C SER LB 204 97.56 7.15 25.71
N PHE LB 205 97.74 6.62 24.50
CA PHE LB 205 99.02 6.03 24.13
C PHE LB 205 100.09 7.12 24.03
N GLU LB 206 101.33 6.71 24.34
CA GLU LB 206 102.47 7.62 24.25
C GLU LB 206 103.13 7.47 22.89
N THR LB 207 103.38 8.60 22.24
CA THR LB 207 104.00 8.63 20.92
C THR LB 207 105.48 8.93 21.04
N VAL LB 208 106.29 8.25 20.23
CA VAL LB 208 107.74 8.39 20.24
C VAL LB 208 108.20 8.69 18.82
N HIS LB 209 109.03 9.73 18.68
CA HIS LB 209 109.57 10.13 17.39
C HIS LB 209 110.97 9.57 17.24
N ILE LB 210 111.19 8.84 16.14
CA ILE LB 210 112.45 8.17 15.88
C ILE LB 210 113.03 8.72 14.58
N GLN LB 211 114.30 9.09 14.60
CA GLN LB 211 114.99 9.63 13.44
C GLN LB 211 115.98 8.60 12.92
N ASP LB 212 115.89 8.30 11.62
CA ASP LB 212 116.79 7.34 11.01
C ASP LB 212 118.19 7.94 10.85
N SER LB 213 119.16 7.07 10.60
CA SER LB 213 120.53 7.53 10.41
C SER LB 213 120.67 8.45 9.20
N GLN LB 214 119.74 8.36 8.24
CA GLN LB 214 119.76 9.20 7.05
C GLN LB 214 118.88 10.44 7.21
N GLY LB 215 118.39 10.71 8.42
CA GLY LB 215 117.59 11.88 8.68
C GLY LB 215 116.09 11.68 8.55
N HIS LB 216 115.65 10.53 8.04
CA HIS LB 216 114.22 10.27 7.95
C HIS LB 216 113.62 10.09 9.33
N GLU LB 217 112.53 10.81 9.60
CA GLU LB 217 111.89 10.79 10.90
C GLU LB 217 110.52 10.12 10.77
N PHE LB 218 110.24 9.20 11.69
CA PHE LB 218 108.97 8.50 11.72
C PHE LB 218 108.52 8.34 13.17
N ALA LB 219 107.22 8.29 13.37
CA ALA LB 219 106.61 8.15 14.69
C ALA LB 219 106.00 6.76 14.85
N THR LB 220 105.67 6.43 16.08
CA THR LB 220 105.06 5.14 16.41
C THR LB 220 104.66 5.19 17.88
N ARG LB 221 104.02 4.11 18.34
CA ARG LB 221 103.59 4.02 19.72
C ARG LB 221 104.69 3.40 20.58
N LEU LB 222 104.64 3.72 21.88
CA LEU LB 222 105.65 3.22 22.80
C LEU LB 222 105.70 1.70 22.82
N GLY LB 223 104.55 1.04 22.65
CA GLY LB 223 104.50 -0.41 22.70
C GLY LB 223 105.22 -1.08 21.55
N ASN LB 224 105.51 -0.35 20.48
CA ASN LB 224 106.16 -0.91 19.30
C ASN LB 224 107.66 -0.63 19.27
N VAL LB 225 108.21 -0.05 20.33
CA VAL LB 225 109.62 0.32 20.38
C VAL LB 225 110.39 -0.72 21.19
N PHE LB 226 111.63 -1.00 20.79
CA PHE LB 226 112.48 -1.95 21.47
C PHE LB 226 113.91 -1.40 21.43
N THR LB 227 114.41 -0.96 22.58
CA THR LB 227 115.76 -0.41 22.64
C THR LB 227 116.79 -1.50 22.36
N LEU LB 228 117.76 -1.18 21.49
CA LEU LB 228 118.79 -2.14 21.11
C LEU LB 228 120.16 -1.83 21.70
N GLY LB 229 120.40 -0.60 22.12
CA GLY LB 229 121.70 -0.25 22.68
C GLY LB 229 121.66 1.13 23.29
N LYS LB 230 122.69 1.42 24.08
CA LYS LB 230 122.83 2.73 24.72
C LYS LB 230 123.65 3.63 23.81
N GLY LB 231 123.14 4.83 23.58
CA GLY LB 231 123.79 5.78 22.66
C GLY LB 231 123.35 5.56 21.22
N SER LB 232 124.27 5.06 20.38
CA SER LB 232 123.98 4.83 18.98
C SER LB 232 124.41 3.46 18.49
N LYS LB 233 125.07 2.67 19.32
CA LYS LB 233 125.56 1.35 18.91
C LYS LB 233 124.68 0.27 19.50
N PRO LB 234 123.97 -0.52 18.69
CA PRO LB 234 123.16 -1.60 19.26
C PRO LB 234 124.03 -2.70 19.86
N TRP LB 235 123.47 -3.40 20.84
CA TRP LB 235 124.16 -4.49 21.50
C TRP LB 235 124.04 -5.82 20.75
N VAL LB 236 123.29 -5.85 19.65
CA VAL LB 236 123.12 -7.07 18.87
C VAL LB 236 123.45 -6.78 17.42
N SER LB 237 123.82 -7.84 16.70
CA SER LB 237 124.13 -7.71 15.27
C SER LB 237 122.85 -7.53 14.47
N LEU LB 238 122.85 -6.55 13.57
CA LEU LB 238 121.72 -6.25 12.72
C LEU LB 238 121.94 -6.80 11.33
N PRO LB 239 120.86 -7.01 10.55
CA PRO LB 239 121.03 -7.50 9.17
C PRO LB 239 121.67 -6.46 8.26
N LYS LB 240 121.83 -6.79 6.98
CA LYS LB 240 122.54 -5.91 6.07
C LYS LB 240 121.88 -4.53 5.98
N GLY LB 241 120.55 -4.49 5.92
CA GLY LB 241 119.87 -3.22 5.81
C GLY LB 241 120.10 -2.32 7.00
N LYS LB 242 120.34 -2.90 8.18
CA LYS LB 242 120.56 -2.14 9.40
C LYS LB 242 119.39 -1.22 9.73
N GLY LB 243 118.17 -1.66 9.39
CA GLY LB 243 116.99 -0.88 9.70
C GLY LB 243 116.79 0.34 8.84
N ILE LB 244 117.51 0.44 7.72
CA ILE LB 244 117.36 1.58 6.81
C ILE LB 244 116.33 1.21 5.76
N LYS LB 245 115.22 1.94 5.75
CA LYS LB 245 114.14 1.68 4.81
C LYS LB 245 114.33 2.56 3.58
N LEU LB 246 114.49 1.92 2.42
CA LEU LB 246 114.68 2.62 1.17
C LEU LB 246 113.35 2.80 0.45
N SER LB 247 113.22 3.91 -0.26
CA SER LB 247 112.03 4.16 -1.06
C SER LB 247 111.97 3.17 -2.23
N ILE LB 248 110.76 3.00 -2.76
CA ILE LB 248 110.59 2.09 -3.90
C ILE LB 248 111.43 2.57 -5.08
N ILE LB 249 111.53 3.89 -5.27
CA ILE LB 249 112.37 4.43 -6.33
C ILE LB 249 113.83 4.05 -6.09
N GLU LB 250 114.30 4.21 -4.86
CA GLU LB 250 115.67 3.85 -4.54
C GLU LB 250 115.88 2.34 -4.69
N GLU LB 251 114.93 1.54 -4.23
CA GLU LB 251 115.05 0.09 -4.37
C GLU LB 251 115.08 -0.32 -5.83
N ALA LB 252 114.22 0.30 -6.65
CA ALA LB 252 114.23 0.01 -8.08
C ALA LB 252 115.56 0.39 -8.71
N ARG LB 253 116.15 1.50 -8.26
CA ARG LB 253 117.44 1.93 -8.79
C ARG LB 253 118.51 0.88 -8.52
N LYS LB 254 118.53 0.32 -7.32
CA LYS LB 254 119.50 -0.72 -7.02
C LYS LB 254 119.29 -1.95 -7.89
N ARG LB 255 118.03 -2.35 -8.09
CA ARG LB 255 117.76 -3.52 -8.92
C ARG LB 255 118.26 -3.33 -10.34
N MET LB 256 118.02 -2.14 -10.91
CA MET LB 256 118.50 -1.87 -12.26
C MET LB 256 120.01 -1.97 -12.34
N ALA LB 257 120.72 -1.41 -11.35
CA ALA LB 257 122.17 -1.50 -11.36
C ALA LB 257 122.66 -2.94 -11.23
N ALA LB 258 121.96 -3.74 -10.41
CA ALA LB 258 122.37 -5.12 -10.21
C ALA LB 258 122.34 -5.90 -11.52
N GLN LB 259 121.30 -5.70 -12.33
CA GLN LB 259 121.22 -6.43 -13.61
C GLN LB 259 122.37 -6.04 -14.52
N SER LB 260 122.74 -4.76 -14.55
CA SER LB 260 123.86 -4.33 -15.39
C SER LB 260 125.16 -4.99 -14.95
N ALA LB 261 125.40 -5.07 -13.65
CA ALA LB 261 126.62 -5.69 -13.15
C ALA LB 261 126.50 -7.21 -13.14
N THR LB 262 125.40 -7.73 -12.60
CA THR LB 262 125.17 -9.17 -12.54
C THR LB 262 124.59 -9.68 -13.85
N THR MB 3 114.56 72.30 36.16
CA THR MB 3 113.11 72.20 35.98
C THR MB 3 112.76 71.94 34.53
N SER MB 4 113.71 72.16 33.63
CA SER MB 4 113.47 71.91 32.21
C SER MB 4 113.16 70.45 31.93
N LYS MB 5 113.64 69.53 32.78
CA LYS MB 5 113.36 68.11 32.61
C LYS MB 5 111.99 67.73 33.15
N GLN MB 6 111.28 68.64 33.82
CA GLN MB 6 109.94 68.37 34.31
C GLN MB 6 108.89 68.45 33.21
N LYS MB 7 109.25 68.93 32.02
CA LYS MB 7 108.35 68.98 30.88
C LYS MB 7 108.38 67.70 30.05
N ILE MB 8 109.20 66.73 30.42
CA ILE MB 8 109.32 65.47 29.70
C ILE MB 8 109.08 64.34 30.69
N HIS MB 9 108.18 63.41 30.34
CA HIS MB 9 107.91 62.21 31.13
C HIS MB 9 107.99 61.02 30.17
N LYS MB 10 109.20 60.51 29.97
CA LYS MB 10 109.40 59.39 29.08
C LYS MB 10 108.96 58.10 29.75
N ASP MB 11 108.41 57.18 28.96
CA ASP MB 11 107.90 55.93 29.50
C ASP MB 11 109.03 55.14 30.18
N LYS MB 12 108.70 54.50 31.29
CA LYS MB 12 109.64 53.73 32.10
C LYS MB 12 110.69 54.62 32.75
N ALA MB 13 110.45 55.92 32.84
CA ALA MB 13 111.39 56.86 33.46
C ALA MB 13 112.76 56.78 32.79
N ALA MB 14 112.77 56.61 31.47
CA ALA MB 14 114.02 56.53 30.73
C ALA MB 14 114.65 57.91 30.62
N GLU MB 15 115.97 57.92 30.43
CA GLU MB 15 116.71 59.16 30.34
C GLU MB 15 116.47 59.81 28.98
N PRO MB 16 116.01 61.07 28.94
CA PRO MB 16 115.83 61.73 27.64
C PRO MB 16 117.13 61.80 26.86
N SER MB 17 117.02 61.68 25.54
CA SER MB 17 118.18 61.73 24.68
C SER MB 17 118.63 63.19 24.48
N GLU MB 18 119.70 63.36 23.70
CA GLU MB 18 120.23 64.71 23.49
C GLU MB 18 119.26 65.61 22.74
N HIS MB 19 118.31 65.03 22.00
CA HIS MB 19 117.34 65.83 21.27
C HIS MB 19 116.11 66.17 22.10
N GLU MB 20 115.68 65.25 22.97
CA GLU MB 20 114.51 65.50 23.81
C GLU MB 20 114.76 66.68 24.74
N VAL MB 21 115.95 66.76 25.32
CA VAL MB 21 116.26 67.86 26.23
C VAL MB 21 116.16 69.20 25.49
N SER MB 22 116.61 69.24 24.24
CA SER MB 22 116.50 70.47 23.46
C SER MB 22 115.03 70.85 23.26
N VAL MB 23 114.19 69.88 22.93
CA VAL MB 23 112.76 70.15 22.78
C VAL MB 23 112.17 70.58 24.12
N GLY MB 24 112.52 69.87 25.19
CA GLY MB 24 112.03 70.25 26.50
C GLY MB 24 112.51 71.62 26.93
N GLN MB 25 113.79 71.90 26.70
CA GLN MB 25 114.33 73.21 27.04
C GLN MB 25 113.64 74.31 26.25
N ALA MB 26 113.41 74.09 24.95
CA ALA MB 26 112.68 75.06 24.15
C ALA MB 26 111.26 75.21 24.65
N PHE MB 27 110.62 74.11 25.03
CA PHE MB 27 109.26 74.18 25.54
C PHE MB 27 109.20 75.00 26.82
N PHE MB 28 110.18 74.82 27.71
CA PHE MB 28 110.19 75.56 28.97
C PHE MB 28 110.31 77.06 28.73
N ASP MB 29 111.13 77.46 27.75
CA ASP MB 29 111.33 78.88 27.49
C ASP MB 29 110.03 79.56 27.10
N LEU MB 30 109.25 78.93 26.23
CA LEU MB 30 107.98 79.52 25.83
C LEU MB 30 107.00 79.64 27.00
N GLU MB 31 107.18 78.84 28.05
CA GLU MB 31 106.28 78.90 29.19
C GLU MB 31 106.33 80.27 29.86
N ASN MB 32 107.52 80.85 30.00
CA ASN MB 32 107.70 82.12 30.66
C ASN MB 32 107.93 83.27 29.70
N THR MB 33 108.67 83.06 28.62
CA THR MB 33 108.98 84.16 27.70
C THR MB 33 107.72 84.70 27.04
N ASN MB 34 106.83 83.82 26.60
CA ASN MB 34 105.61 84.23 25.90
C ASN MB 34 104.49 84.38 26.92
N GLN MB 35 104.03 85.62 27.12
CA GLN MB 35 102.96 85.87 28.09
C GLN MB 35 101.67 85.19 27.67
N GLU MB 36 101.37 85.16 26.38
CA GLU MB 36 100.11 84.58 25.92
C GLU MB 36 100.02 83.10 26.30
N LEU MB 37 101.12 82.36 26.16
CA LEU MB 37 101.14 80.94 26.44
C LEU MB 37 101.52 80.62 27.89
N LYS MB 38 101.66 81.63 28.74
CA LYS MB 38 102.07 81.38 30.13
C LYS MB 38 101.08 80.47 30.84
N SER MB 39 99.79 80.81 30.79
CA SER MB 39 98.81 80.07 31.57
C SER MB 39 98.63 78.65 31.06
N GLU MB 40 98.56 78.48 29.74
CA GLU MB 40 98.20 77.18 29.18
C GLU MB 40 99.32 76.17 29.34
N LEU MB 41 100.57 76.58 29.09
CA LEU MB 41 101.68 75.63 29.03
C LEU MB 41 102.07 75.08 30.40
N LYS MB 42 101.52 75.60 31.49
CA LYS MB 42 101.91 75.13 32.82
C LYS MB 42 101.67 73.64 32.97
N ASP MB 43 100.45 73.19 32.64
CA ASP MB 43 100.10 71.78 32.83
C ASP MB 43 100.69 70.89 31.75
N LEU MB 44 100.80 71.40 30.52
CA LEU MB 44 101.19 70.56 29.40
C LEU MB 44 102.62 70.05 29.56
N TYR MB 45 102.84 68.81 29.15
CA TYR MB 45 104.17 68.23 29.10
C TYR MB 45 104.18 67.12 28.05
N ILE MB 46 105.38 66.75 27.60
CA ILE MB 46 105.53 65.78 26.53
C ILE MB 46 106.19 64.52 27.09
N ASN MB 47 106.35 63.51 26.23
CA ASN MB 47 106.98 62.26 26.65
C ASN MB 47 107.95 61.69 25.62
N SER MB 48 108.18 62.37 24.49
CA SER MB 48 109.13 61.90 23.50
C SER MB 48 109.23 62.95 22.40
N ALA MB 49 110.23 62.78 21.54
CA ALA MB 49 110.45 63.68 20.40
C ALA MB 49 111.50 63.06 19.50
N THR MB 50 111.33 63.22 18.19
CA THR MB 50 112.23 62.61 17.23
C THR MB 50 112.24 63.44 15.95
N GLN MB 51 113.32 63.30 15.18
CA GLN MB 51 113.48 63.98 13.90
C GLN MB 51 113.28 62.99 12.76
N ILE MB 52 112.54 63.41 11.74
CA ILE MB 52 112.28 62.59 10.57
C ILE MB 52 112.66 63.40 9.33
N ASP MB 53 113.50 62.82 8.48
CA ASP MB 53 113.87 63.47 7.23
C ASP MB 53 112.72 63.37 6.23
N VAL MB 54 112.40 64.50 5.59
CA VAL MB 54 111.30 64.54 4.64
C VAL MB 54 111.85 64.54 3.22
N SER MB 55 112.63 65.57 2.90
CA SER MB 55 113.24 65.72 1.58
C SER MB 55 114.09 66.98 1.57
N GLY MB 56 115.07 67.01 0.68
CA GLY MB 56 115.88 68.21 0.52
C GLY MB 56 116.53 68.67 1.80
N ASN MB 57 117.09 67.75 2.57
CA ASN MB 57 117.73 68.08 3.84
C ASN MB 57 116.78 68.84 4.76
N ARG MB 58 115.52 68.38 4.82
CA ARG MB 58 114.51 68.97 5.68
C ARG MB 58 114.15 67.98 6.79
N LYS MB 59 113.92 68.50 7.99
CA LYS MB 59 113.62 67.70 9.15
C LYS MB 59 112.26 68.07 9.71
N ALA MB 60 111.56 67.06 10.25
CA ALA MB 60 110.27 67.24 10.89
C ALA MB 60 110.36 66.75 12.33
N VAL MB 61 109.91 67.58 13.26
CA VAL MB 61 109.96 67.27 14.68
C VAL MB 61 108.62 66.67 15.08
N VAL MB 62 108.59 65.37 15.33
CA VAL MB 62 107.39 64.66 15.74
C VAL MB 62 107.47 64.50 17.26
N ILE MB 63 106.58 65.19 17.96
CA ILE MB 63 106.56 65.19 19.42
C ILE MB 63 105.33 64.40 19.88
N HIS MB 64 105.58 63.37 20.68
CA HIS MB 64 104.49 62.58 21.25
C HIS MB 64 104.00 63.23 22.54
N VAL MB 65 102.69 63.09 22.79
CA VAL MB 65 102.04 63.76 23.90
C VAL MB 65 101.25 62.73 24.70
N PRO MB 66 101.11 62.88 26.02
CA PRO MB 66 100.23 61.99 26.76
C PRO MB 66 98.80 62.05 26.26
N TYR MB 67 98.12 60.90 26.29
CA TYR MB 67 96.76 60.85 25.78
C TYR MB 67 95.84 61.78 26.57
N ARG MB 68 96.01 61.82 27.90
CA ARG MB 68 95.14 62.68 28.71
C ARG MB 68 95.26 64.14 28.33
N LEU MB 69 96.44 64.56 27.87
CA LEU MB 69 96.69 65.96 27.52
C LEU MB 69 96.50 66.24 26.03
N ARG MB 70 96.09 65.24 25.25
CA ARG MB 70 95.95 65.45 23.81
C ARG MB 70 94.93 66.53 23.50
N LYS MB 71 93.86 66.60 24.28
CA LYS MB 71 92.82 67.60 24.03
C LYS MB 71 93.30 69.01 24.39
N ALA MB 72 94.12 69.13 25.44
CA ALA MB 72 94.61 70.44 25.85
C ALA MB 72 95.50 71.06 24.76
N PHE MB 73 96.36 70.25 24.14
CA PHE MB 73 97.26 70.78 23.12
C PHE MB 73 96.51 71.35 21.93
N ARG MB 74 95.33 70.79 21.62
CA ARG MB 74 94.57 71.27 20.47
C ARG MB 74 94.18 72.74 20.65
N LYS MB 75 93.77 73.12 21.86
CA LYS MB 75 93.37 74.50 22.10
C LYS MB 75 94.51 75.49 21.90
N VAL MB 76 95.76 75.02 21.95
CA VAL MB 76 96.92 75.89 21.78
C VAL MB 76 97.83 75.32 20.70
N HIS MB 77 97.31 74.39 19.89
CA HIS MB 77 98.14 73.76 18.87
C HIS MB 77 98.60 74.77 17.83
N VAL MB 78 97.68 75.63 17.36
CA VAL MB 78 98.02 76.55 16.29
C VAL MB 78 99.09 77.54 16.74
N ARG MB 79 98.93 78.10 17.95
CA ARG MB 79 99.88 79.08 18.42
C ARG MB 79 101.19 78.44 18.86
N LEU MB 80 101.12 77.29 19.52
CA LEU MB 80 102.32 76.65 20.03
C LEU MB 80 103.26 76.25 18.90
N VAL MB 81 102.71 75.73 17.80
CA VAL MB 81 103.54 75.28 16.69
C VAL MB 81 104.31 76.46 16.10
N ARG MB 82 103.66 77.61 15.95
CA ARG MB 82 104.34 78.77 15.41
C ARG MB 82 105.53 79.18 16.27
N GLU MB 83 105.34 79.19 17.59
CA GLU MB 83 106.44 79.55 18.49
C GLU MB 83 107.56 78.53 18.43
N LEU MB 84 107.23 77.25 18.33
CA LEU MB 84 108.25 76.21 18.27
C LEU MB 84 108.94 76.17 16.92
N GLU MB 85 108.21 76.42 15.82
CA GLU MB 85 108.82 76.36 14.50
C GLU MB 85 109.91 77.41 14.34
N LYS MB 86 109.67 78.63 14.84
CA LYS MB 86 110.68 79.68 14.73
C LYS MB 86 111.93 79.30 15.52
N LYS MB 87 111.76 78.74 16.72
CA LYS MB 87 112.92 78.29 17.48
C LYS MB 87 113.66 77.17 16.76
N PHE MB 88 112.91 76.22 16.18
CA PHE MB 88 113.50 75.14 15.39
C PHE MB 88 113.38 75.54 13.92
N SER MB 89 114.28 76.43 13.50
CA SER MB 89 114.23 76.96 12.15
C SER MB 89 114.34 75.85 11.12
N GLY MB 90 113.54 75.96 10.07
CA GLY MB 90 113.55 74.96 9.00
C GLY MB 90 113.04 73.61 9.43
N LYS MB 91 112.03 73.56 10.29
CA LYS MB 91 111.47 72.31 10.75
C LYS MB 91 109.98 72.49 11.04
N ASP MB 92 109.25 71.38 11.01
CA ASP MB 92 107.82 71.36 11.27
C ASP MB 92 107.54 70.57 12.55
N VAL MB 93 106.66 71.11 13.38
CA VAL MB 93 106.31 70.51 14.66
C VAL MB 93 104.98 69.80 14.52
N ILE MB 94 104.94 68.52 14.90
CA ILE MB 94 103.74 67.70 14.82
C ILE MB 94 103.53 67.04 16.17
N PHE MB 95 102.30 67.13 16.69
CA PHE MB 95 101.94 66.53 17.96
C PHE MB 95 101.02 65.34 17.73
N ILE MB 96 101.39 64.19 18.28
CA ILE MB 96 100.61 62.96 18.16
C ILE MB 96 100.48 62.34 19.55
N ALA MB 97 99.25 62.13 19.98
CA ALA MB 97 99.01 61.52 21.28
C ALA MB 97 99.49 60.06 21.28
N THR MB 98 100.13 59.67 22.38
CA THR MB 98 100.61 58.30 22.50
C THR MB 98 99.44 57.33 22.65
N ARG MB 99 99.53 56.19 21.97
CA ARG MB 99 98.50 55.17 22.02
C ARG MB 99 99.14 53.80 21.95
N ARG MB 100 98.57 52.85 22.68
CA ARG MB 100 99.05 51.47 22.66
C ARG MB 100 98.31 50.67 21.61
N ILE MB 101 99.02 49.71 21.02
CA ILE MB 101 98.47 48.83 19.99
C ILE MB 101 98.55 47.41 20.54
N VAL MB 102 97.47 46.94 21.13
CA VAL MB 102 97.43 45.59 21.70
C VAL MB 102 97.26 44.59 20.55
N ARG MB 103 98.08 43.56 20.55
CA ARG MB 103 97.98 42.53 19.52
C ARG MB 103 96.69 41.74 19.69
N PRO MB 104 96.14 41.21 18.59
CA PRO MB 104 94.88 40.45 18.69
C PRO MB 104 95.06 39.22 19.57
N PRO MB 105 94.03 38.84 20.33
CA PRO MB 105 94.15 37.64 21.16
C PRO MB 105 94.35 36.39 20.31
N LYS MB 106 95.05 35.41 20.89
CA LYS MB 106 95.28 34.16 20.21
C LYS MB 106 93.97 33.39 20.00
N ARG MB 107 94.05 32.33 19.22
CA ARG MB 107 92.88 31.48 18.97
C ARG MB 107 92.34 30.93 20.28
N GLY MB 108 91.03 31.00 20.44
CA GLY MB 108 90.39 30.46 21.63
C GLY MB 108 90.83 31.12 22.91
N SER MB 109 90.95 32.44 22.91
CA SER MB 109 91.36 33.20 24.09
C SER MB 109 90.20 34.05 24.58
N ALA MB 110 89.90 33.94 25.87
CA ALA MB 110 88.81 34.70 26.47
C ALA MB 110 89.16 36.17 26.67
N ALA MB 111 90.45 36.50 26.67
CA ALA MB 111 90.85 37.89 26.88
C ALA MB 111 90.28 38.79 25.80
N GLN MB 112 89.72 39.92 26.21
CA GLN MB 112 89.14 40.89 25.30
C GLN MB 112 90.11 42.03 25.06
N ARG MB 113 89.92 42.73 23.94
CA ARG MB 113 90.75 43.86 23.56
C ARG MB 113 89.86 45.03 23.14
N PRO MB 114 89.98 46.20 23.76
CA PRO MB 114 89.19 47.34 23.32
C PRO MB 114 89.49 47.68 21.88
N ARG MB 115 88.46 48.12 21.15
CA ARG MB 115 88.62 48.43 19.73
C ARG MB 115 89.62 49.57 19.52
N THR MB 116 89.69 50.50 20.46
CA THR MB 116 90.61 51.62 20.32
C THR MB 116 92.07 51.18 20.32
N ARG MB 117 92.36 50.01 20.90
CA ARG MB 117 93.72 49.47 20.92
C ARG MB 117 94.07 48.70 19.66
N THR MB 118 93.13 48.54 18.73
CA THR MB 118 93.42 47.85 17.49
C THR MB 118 94.38 48.66 16.63
N LEU MB 119 95.17 47.96 15.81
CA LEU MB 119 96.15 48.63 14.96
C LEU MB 119 95.47 49.58 13.99
N THR MB 120 94.37 49.14 13.36
CA THR MB 120 93.67 49.99 12.41
C THR MB 120 93.13 51.25 13.09
N SER MB 121 92.55 51.10 14.28
CA SER MB 121 91.99 52.24 14.98
C SER MB 121 93.07 53.25 15.35
N VAL MB 122 94.23 52.77 15.81
CA VAL MB 122 95.31 53.67 16.20
C VAL MB 122 95.85 54.40 14.97
N HIS MB 123 96.05 53.68 13.87
CA HIS MB 123 96.58 54.32 12.66
C HIS MB 123 95.64 55.41 12.17
N ASP MB 124 94.33 55.16 12.19
CA ASP MB 124 93.37 56.18 11.81
C ASP MB 124 93.44 57.37 12.78
N ALA MB 125 93.57 57.09 14.08
CA ALA MB 125 93.66 58.18 15.05
C ALA MB 125 94.94 59.00 14.84
N ILE MB 126 96.05 58.34 14.53
CA ILE MB 126 97.29 59.07 14.29
C ILE MB 126 97.14 59.98 13.08
N LEU MB 127 96.47 59.50 12.03
CA LEU MB 127 96.28 60.31 10.83
C LEU MB 127 95.48 61.57 11.15
N GLU MB 128 94.44 61.45 11.98
CA GLU MB 128 93.63 62.62 12.32
C GLU MB 128 94.46 63.65 13.08
N ASP MB 129 95.29 63.20 14.02
CA ASP MB 129 96.13 64.12 14.78
C ASP MB 129 97.28 64.68 13.94
N LEU MB 130 97.60 64.03 12.82
CA LEU MB 130 98.70 64.48 11.99
C LEU MB 130 98.35 65.70 11.17
N VAL MB 131 97.08 65.86 10.81
CA VAL MB 131 96.64 66.93 9.92
C VAL MB 131 95.98 68.07 10.68
N VAL MB 132 96.25 68.19 11.97
CA VAL MB 132 95.68 69.32 12.72
C VAL MB 132 96.23 70.62 12.15
N PRO MB 133 95.41 71.68 12.01
CA PRO MB 133 93.98 71.78 12.34
C PRO MB 133 93.05 71.27 11.24
N ALA MB 134 93.61 70.86 10.10
CA ALA MB 134 92.78 70.41 9.00
C ALA MB 134 91.99 69.17 9.40
N GLU MB 135 90.74 69.11 8.94
CA GLU MB 135 89.84 68.00 9.23
C GLU MB 135 89.67 67.15 7.99
N ILE MB 136 89.78 65.83 8.16
CA ILE MB 136 89.64 64.92 7.04
C ILE MB 136 88.18 64.84 6.63
N VAL MB 137 87.92 64.96 5.33
CA VAL MB 137 86.57 64.89 4.79
C VAL MB 137 86.36 63.68 3.90
N GLY MB 138 87.40 62.93 3.58
CA GLY MB 138 87.25 61.74 2.76
C GLY MB 138 88.54 60.97 2.69
N LYS MB 139 88.41 59.68 2.38
CA LYS MB 139 89.56 58.80 2.25
C LYS MB 139 89.35 57.88 1.06
N ARG MB 140 90.41 57.70 0.28
CA ARG MB 140 90.42 56.79 -0.85
C ARG MB 140 91.67 55.93 -0.77
N THR MB 141 91.52 54.64 -1.06
CA THR MB 141 92.64 53.71 -1.08
C THR MB 141 92.68 53.06 -2.46
N ARG MB 142 93.78 53.28 -3.18
CA ARG MB 142 93.95 52.80 -4.54
C ARG MB 142 94.91 51.62 -4.54
N TYR MB 143 94.46 50.50 -5.10
CA TYR MB 143 95.25 49.27 -5.16
C TYR MB 143 95.86 49.16 -6.55
N ARG MB 144 97.15 49.46 -6.66
CA ARG MB 144 97.83 49.45 -7.94
C ARG MB 144 98.04 48.01 -8.41
N VAL MB 145 98.21 47.87 -9.72
CA VAL MB 145 98.35 46.54 -10.31
C VAL MB 145 99.63 45.87 -9.84
N ASP MB 146 100.69 46.65 -9.64
CA ASP MB 146 101.96 46.07 -9.22
C ASP MB 146 101.82 45.32 -7.90
N GLY MB 147 101.03 45.85 -6.98
CA GLY MB 147 100.82 45.21 -5.70
C GLY MB 147 100.75 46.19 -4.55
N SER MB 148 101.35 47.36 -4.73
CA SER MB 148 101.33 48.38 -3.69
C SER MB 148 99.98 49.10 -3.67
N LYS MB 149 99.67 49.71 -2.54
CA LYS MB 149 98.46 50.49 -2.37
C LYS MB 149 98.81 51.86 -1.77
N ILE MB 150 98.08 52.88 -2.19
CA ILE MB 150 98.31 54.25 -1.76
C ILE MB 150 96.98 54.84 -1.33
N MET MB 151 96.99 55.51 -0.18
CA MET MB 151 95.78 56.13 0.37
C MET MB 151 95.78 57.62 0.08
N LYS MB 152 94.63 58.14 -0.34
CA LYS MB 152 94.45 59.56 -0.61
C LYS MB 152 93.49 60.14 0.43
N VAL MB 153 93.91 61.21 1.09
CA VAL MB 153 93.16 61.84 2.16
C VAL MB 153 92.72 63.22 1.71
N TYR MB 154 91.43 63.50 1.84
CA TYR MB 154 90.87 64.80 1.49
C TYR MB 154 90.76 65.66 2.74
N LEU MB 155 91.28 66.88 2.68
CA LEU MB 155 91.29 67.80 3.80
C LEU MB 155 90.36 68.97 3.53
N ASP MB 156 89.75 69.47 4.60
CA ASP MB 156 88.84 70.61 4.48
C ASP MB 156 89.61 71.82 3.94
N PRO MB 157 89.17 72.42 2.83
CA PRO MB 157 89.90 73.58 2.29
C PRO MB 157 89.89 74.80 3.21
N LYS MB 158 89.04 74.83 4.23
CA LYS MB 158 89.00 75.99 5.12
C LYS MB 158 90.35 76.20 5.80
N GLU MB 159 90.94 75.13 6.33
CA GLU MB 159 92.25 75.19 6.96
C GLU MB 159 93.35 74.82 5.97
N ARG MB 160 93.37 75.50 4.83
CA ARG MB 160 94.34 75.20 3.78
C ARG MB 160 95.63 76.00 3.93
N ASN MB 161 95.56 77.21 4.50
CA ASN MB 161 96.75 78.03 4.64
C ASN MB 161 97.71 77.46 5.69
N ASN MB 162 97.19 76.74 6.68
CA ASN MB 162 98.00 76.19 7.75
C ASN MB 162 98.49 74.77 7.48
N THR MB 163 98.08 74.17 6.36
CA THR MB 163 98.49 72.80 6.06
C THR MB 163 98.95 72.60 4.61
N GLU MB 164 98.83 73.60 3.75
CA GLU MB 164 99.21 73.40 2.35
C GLU MB 164 100.70 73.11 2.22
N TYR MB 165 101.54 73.77 3.02
CA TYR MB 165 102.97 73.58 2.95
C TYR MB 165 103.47 72.40 3.77
N LYS MB 166 102.60 71.77 4.56
CA LYS MB 166 102.99 70.64 5.39
C LYS MB 166 102.60 69.30 4.78
N LEU MB 167 102.04 69.28 3.56
CA LEU MB 167 101.60 68.02 2.98
C LEU MB 167 102.76 67.05 2.81
N GLU MB 168 103.92 67.54 2.37
CA GLU MB 168 105.07 66.67 2.23
C GLU MB 168 105.50 66.09 3.58
N THR MB 169 105.48 66.92 4.63
CA THR MB 169 105.84 66.44 5.95
C THR MB 169 104.87 65.38 6.45
N PHE MB 170 103.57 65.58 6.22
CA PHE MB 170 102.58 64.60 6.66
C PHE MB 170 102.82 63.25 6.01
N SER MB 171 103.07 63.24 4.70
CA SER MB 171 103.27 61.97 4.01
C SER MB 171 104.50 61.24 4.53
N ALA MB 172 105.59 61.97 4.77
CA ALA MB 172 106.81 61.33 5.26
C ALA MB 172 106.65 60.89 6.70
N VAL MB 173 106.05 61.73 7.55
CA VAL MB 173 105.89 61.39 8.95
C VAL MB 173 104.97 60.18 9.10
N TYR MB 174 103.86 60.16 8.36
CA TYR MB 174 102.91 59.07 8.49
C TYR MB 174 103.51 57.74 8.08
N ARG MB 175 104.31 57.73 7.02
CA ARG MB 175 104.90 56.49 6.55
C ARG MB 175 105.79 55.86 7.62
N LYS MB 176 106.60 56.68 8.30
CA LYS MB 176 107.48 56.13 9.33
C LYS MB 176 106.67 55.56 10.48
N LEU MB 177 105.58 56.22 10.87
CA LEU MB 177 104.79 55.78 12.00
C LEU MB 177 103.78 54.69 11.65
N SER MB 178 103.48 54.50 10.36
CA SER MB 178 102.48 53.53 9.95
C SER MB 178 102.99 52.61 8.85
N GLY MB 179 103.94 53.07 8.06
CA GLY MB 179 104.44 52.29 6.95
C GLY MB 179 103.49 52.22 5.78
N LYS MB 180 102.69 53.26 5.55
CA LYS MB 180 101.70 53.29 4.49
C LYS MB 180 101.84 54.59 3.69
N ASP MB 181 101.77 54.48 2.37
CA ASP MB 181 101.85 55.66 1.51
C ASP MB 181 100.56 56.46 1.59
N VAL MB 182 100.70 57.77 1.77
CA VAL MB 182 99.55 58.67 1.88
C VAL MB 182 99.85 59.95 1.12
N VAL MB 183 98.84 60.44 0.41
CA VAL MB 183 98.91 61.71 -0.31
C VAL MB 183 97.67 62.52 0.04
N PHE MB 184 97.86 63.82 0.30
CA PHE MB 184 96.79 64.69 0.76
C PHE MB 184 96.36 65.61 -0.37
N GLU MB 185 95.06 65.87 -0.45
CA GLU MB 185 94.49 66.71 -1.50
C GLU MB 185 93.34 67.50 -0.92
N TYR MB 186 93.04 68.63 -1.57
CA TYR MB 186 91.94 69.50 -1.17
C TYR MB 186 90.84 69.42 -2.21
N PRO MB 187 89.64 68.93 -1.89
CA PRO MB 187 88.58 68.86 -2.89
C PRO MB 187 88.14 70.25 -3.33
N ILE MB 188 87.71 70.34 -4.59
CA ILE MB 188 87.27 71.61 -5.16
C ILE MB 188 86.02 72.08 -4.43
N THR MB 189 85.95 73.38 -4.17
CA THR MB 189 84.80 73.98 -3.49
C THR MB 189 84.49 75.35 -4.08
N GLY NB 2 67.22 -21.39 33.39
CA GLY NB 2 67.07 -20.99 34.82
C GLY NB 2 67.16 -19.49 35.01
N ILE NB 3 67.56 -19.08 36.22
CA ILE NB 3 67.74 -17.65 36.49
C ILE NB 3 68.81 -17.11 35.58
N SER NB 4 68.55 -15.95 34.99
CA SER NB 4 69.45 -15.34 34.02
C SER NB 4 69.68 -13.88 34.39
N ARG NB 5 70.89 -13.40 34.11
CA ARG NB 5 71.27 -12.01 34.34
C ARG NB 5 71.38 -11.22 33.04
N ASP NB 6 70.87 -11.75 31.94
CA ASP NB 6 70.94 -11.06 30.67
C ASP NB 6 69.98 -9.87 30.63
N SER NB 7 70.27 -8.94 29.73
CA SER NB 7 69.43 -7.76 29.53
C SER NB 7 68.46 -7.91 28.38
N MET NB 8 68.40 -9.09 27.74
CA MET NB 8 67.54 -9.25 26.57
C MET NB 8 66.07 -9.10 26.94
N HIS NB 9 65.66 -9.64 28.08
CA HIS NB 9 64.27 -9.56 28.49
C HIS NB 9 63.86 -8.15 28.92
N LYS NB 10 64.81 -7.26 29.14
CA LYS NB 10 64.51 -5.91 29.59
C LYS NB 10 64.07 -5.04 28.43
N ARG NB 11 63.32 -3.98 28.76
CA ARG NB 11 62.96 -2.96 27.79
C ARG NB 11 64.14 -2.04 27.52
N ARG NB 12 64.16 -1.47 26.33
CA ARG NB 12 65.18 -0.49 26.00
C ARG NB 12 64.98 0.79 26.81
N ALA NB 13 66.04 1.60 26.90
CA ALA NB 13 65.94 2.86 27.62
C ALA NB 13 64.85 3.75 27.05
N THR NB 14 64.54 3.61 25.76
CA THR NB 14 63.44 4.34 25.16
C THR NB 14 62.08 3.78 25.53
N GLY NB 15 62.04 2.54 26.04
CA GLY NB 15 60.80 1.87 26.39
C GLY NB 15 60.38 0.80 25.42
N GLY NB 16 60.97 0.75 24.23
CA GLY NB 16 60.61 -0.28 23.27
C GLY NB 16 61.08 -1.65 23.70
N LYS NB 17 60.40 -2.67 23.16
CA LYS NB 17 60.73 -4.05 23.47
C LYS NB 17 61.95 -4.50 22.66
N LYS NB 18 62.60 -5.54 23.16
CA LYS NB 18 63.74 -6.17 22.49
C LYS NB 18 63.30 -7.55 22.01
N LYS NB 19 63.26 -7.74 20.69
CA LYS NB 19 62.97 -9.04 20.14
C LYS NB 19 64.13 -10.00 20.41
N SER NB 20 63.80 -11.22 20.81
CA SER NB 20 64.84 -12.20 21.12
C SER NB 20 65.58 -12.60 19.85
N TRP NB 21 66.90 -12.69 19.96
CA TRP NB 21 67.73 -13.11 18.85
C TRP NB 21 68.67 -14.26 19.20
N ARG NB 22 68.64 -14.74 20.44
CA ARG NB 22 69.43 -15.92 20.81
C ARG NB 22 68.87 -16.49 22.11
N LYS NB 23 69.23 -17.73 22.39
CA LYS NB 23 68.80 -18.42 23.60
C LYS NB 23 69.65 -17.97 24.79
N LYS NB 24 69.20 -18.35 25.99
CA LYS NB 24 69.94 -18.03 27.20
C LYS NB 24 71.30 -18.71 27.19
N ARG NB 25 72.30 -18.04 27.74
CA ARG NB 25 73.67 -18.54 27.81
C ARG NB 25 73.98 -19.00 29.23
N LYS NB 26 74.81 -20.04 29.32
CA LYS NB 26 75.22 -20.54 30.62
C LYS NB 26 76.10 -19.55 31.36
N TYR NB 27 76.85 -18.72 30.64
CA TYR NB 27 77.78 -17.78 31.26
C TYR NB 27 77.07 -16.55 31.81
N GLU NB 28 75.75 -16.48 31.76
CA GLU NB 28 75.00 -15.36 32.30
C GLU NB 28 73.88 -15.84 33.23
N LEU NB 29 74.10 -16.95 33.91
CA LEU NB 29 73.09 -17.57 34.74
C LEU NB 29 73.09 -16.98 36.15
N GLY NB 30 72.01 -17.26 36.88
CA GLY NB 30 71.92 -17.00 38.29
C GLY NB 30 71.58 -18.28 39.04
N ARG NB 31 71.54 -18.16 40.37
CA ARG NB 31 71.24 -19.29 41.22
C ARG NB 31 70.32 -18.85 42.35
N GLN NB 32 69.70 -19.84 42.99
CA GLN NB 32 68.74 -19.57 44.05
C GLN NB 32 69.45 -18.90 45.23
N PRO NB 33 68.78 -17.98 45.93
CA PRO NB 33 69.40 -17.36 47.11
C PRO NB 33 69.62 -18.38 48.22
N ALA NB 34 70.66 -18.13 49.02
CA ALA NB 34 70.97 -19.04 50.12
C ALA NB 34 69.90 -18.98 51.22
N ASN NB 35 69.45 -17.77 51.56
CA ASN NB 35 68.52 -17.58 52.66
C ASN NB 35 69.07 -18.19 53.95
N THR NB 36 70.29 -17.78 54.30
CA THR NB 36 70.94 -18.29 55.51
C THR NB 36 70.13 -17.90 56.74
N LYS NB 37 69.96 -18.86 57.64
CA LYS NB 37 69.20 -18.67 58.86
C LYS NB 37 70.08 -18.97 60.07
N ILE NB 38 69.70 -18.39 61.21
CA ILE NB 38 70.40 -18.65 62.47
C ILE NB 38 69.87 -19.95 63.05
N SER NB 39 70.75 -20.94 63.21
CA SER NB 39 70.37 -22.24 63.75
C SER NB 39 71.62 -22.98 64.16
N SER NB 40 71.51 -23.76 65.25
CA SER NB 40 72.63 -24.54 65.74
C SER NB 40 73.01 -25.69 64.81
N ASN NB 41 72.16 -26.04 63.86
CA ASN NB 41 72.45 -27.11 62.91
C ASN NB 41 73.17 -26.51 61.71
N LYS NB 42 74.47 -26.32 61.87
CA LYS NB 42 75.27 -25.72 60.81
C LYS NB 42 75.20 -26.55 59.54
N THR NB 43 75.06 -25.87 58.40
CA THR NB 43 74.96 -26.55 57.11
C THR NB 43 75.48 -25.60 56.04
N VAL NB 44 76.60 -25.96 55.41
CA VAL NB 44 77.17 -25.20 54.30
C VAL NB 44 77.43 -26.18 53.16
N ARG NB 45 76.87 -25.90 52.00
CA ARG NB 45 76.98 -26.79 50.84
C ARG NB 45 77.95 -26.20 49.82
N ARG NB 46 78.86 -27.05 49.35
CA ARG NB 46 79.86 -26.65 48.37
C ARG NB 46 79.23 -26.53 46.99
N ILE NB 47 79.51 -25.42 46.31
CA ILE NB 47 78.96 -25.13 44.99
C ILE NB 47 80.11 -24.96 44.01
N ARG NB 48 80.05 -25.68 42.89
CA ARG NB 48 81.04 -25.58 41.84
C ARG NB 48 80.62 -24.48 40.87
N VAL NB 49 81.51 -23.50 40.66
CA VAL NB 49 81.17 -22.31 39.87
C VAL NB 49 82.08 -22.24 38.66
N ARG NB 50 81.90 -21.19 37.85
CA ARG NB 50 82.65 -21.06 36.61
C ARG NB 50 84.14 -21.11 36.86
N GLY NB 51 84.86 -21.79 35.96
CA GLY NB 51 86.30 -21.94 36.09
C GLY NB 51 86.73 -23.06 37.00
N GLY NB 52 85.80 -23.87 37.50
CA GLY NB 52 86.14 -24.91 38.44
C GLY NB 52 86.38 -24.43 39.85
N ASN NB 53 86.09 -23.17 40.13
CA ASN NB 53 86.28 -22.61 41.46
C ASN NB 53 85.15 -23.06 42.39
N VAL NB 54 85.20 -22.60 43.63
CA VAL NB 54 84.29 -23.06 44.68
C VAL NB 54 83.63 -21.86 45.34
N LYS NB 55 82.33 -21.97 45.58
CA LYS NB 55 81.59 -21.05 46.43
C LYS NB 55 80.96 -21.85 47.57
N TRP NB 56 80.90 -21.26 48.75
CA TRP NB 56 80.34 -21.88 49.94
C TRP NB 56 79.02 -21.22 50.27
N ARG NB 57 77.93 -21.98 50.20
CA ARG NB 57 76.59 -21.48 50.43
C ARG NB 57 76.13 -21.97 51.80
N ALA NB 58 76.05 -21.05 52.76
CA ALA NB 58 75.65 -21.39 54.12
C ALA NB 58 74.13 -21.35 54.23
N LEU NB 59 73.53 -22.48 54.60
CA LEU NB 59 72.09 -22.53 54.83
C LEU NB 59 71.73 -22.21 56.28
N ARG NB 60 72.58 -22.63 57.22
CA ARG NB 60 72.36 -22.35 58.64
C ARG NB 60 73.70 -22.10 59.31
N LEU NB 61 73.76 -21.06 60.14
CA LEU NB 61 74.95 -20.71 60.89
C LEU NB 61 74.56 -20.32 62.31
N ASP NB 62 75.49 -20.52 63.24
CA ASP NB 62 75.27 -20.18 64.63
C ASP NB 62 76.40 -19.38 65.27
N THR NB 63 77.60 -19.41 64.72
CA THR NB 63 78.74 -18.68 65.25
C THR NB 63 79.40 -17.87 64.14
N GLY NB 64 80.10 -16.82 64.55
CA GLY NB 64 80.78 -15.96 63.60
C GLY NB 64 82.04 -15.37 64.21
N ASN NB 65 82.89 -14.86 63.32
CA ASN NB 65 84.13 -14.20 63.72
C ASN NB 65 83.88 -12.68 63.68
N PHE NB 66 83.83 -12.06 64.85
CA PHE NB 66 83.49 -10.65 64.98
C PHE NB 66 84.64 -9.89 65.60
N SER NB 67 84.86 -8.66 65.11
CA SER NB 67 86.01 -7.86 65.48
C SER NB 67 85.55 -6.61 66.23
N TRP NB 68 86.23 -6.32 67.34
CA TRP NB 68 86.00 -5.10 68.10
C TRP NB 68 86.99 -4.06 67.58
N GLY NB 69 86.50 -3.15 66.74
CA GLY NB 69 87.41 -2.28 66.01
C GLY NB 69 88.25 -1.39 66.91
N SER NB 70 87.60 -0.75 67.89
CA SER NB 70 88.34 0.17 68.75
C SER NB 70 89.42 -0.56 69.53
N GLU NB 71 89.14 -1.75 70.02
CA GLU NB 71 90.10 -2.54 70.77
C GLU NB 71 91.01 -3.38 69.88
N ALA NB 72 90.72 -3.46 68.58
CA ALA NB 72 91.53 -4.23 67.64
C ALA NB 72 91.67 -5.68 68.07
N VAL NB 73 90.57 -6.27 68.55
CA VAL NB 73 90.54 -7.65 68.98
C VAL NB 73 89.40 -8.35 68.25
N THR NB 74 89.68 -9.53 67.70
CA THR NB 74 88.71 -10.33 66.99
C THR NB 74 88.54 -11.68 67.69
N ARG NB 75 87.29 -12.06 67.94
CA ARG NB 75 86.98 -13.30 68.63
C ARG NB 75 85.82 -14.00 67.95
N LYS NB 76 85.84 -15.33 68.00
CA LYS NB 76 84.70 -16.12 67.57
C LYS NB 76 83.63 -16.10 68.64
N THR NB 77 82.38 -15.82 68.24
CA THR NB 77 81.28 -15.68 69.17
C THR NB 77 80.01 -16.23 68.54
N ARG NB 78 79.06 -16.57 69.41
CA ARG NB 78 77.79 -17.12 68.96
C ARG NB 78 76.85 -16.01 68.54
N ILE NB 79 76.15 -16.22 67.42
CA ILE NB 79 75.14 -15.29 66.93
C ILE NB 79 73.83 -15.60 67.64
N LEU NB 80 73.23 -14.58 68.24
CA LEU NB 80 72.05 -14.77 69.09
C LEU NB 80 70.75 -14.44 68.37
N ASP NB 81 70.67 -13.28 67.71
CA ASP NB 81 69.41 -12.85 67.12
C ASP NB 81 69.68 -11.75 66.09
N VAL NB 82 68.80 -11.68 65.09
CA VAL NB 82 68.80 -10.58 64.13
C VAL NB 82 67.80 -9.55 64.61
N VAL NB 83 68.24 -8.28 64.69
CA VAL NB 83 67.43 -7.23 65.27
C VAL NB 83 67.02 -6.17 64.25
N TYR NB 84 67.79 -5.94 63.19
CA TYR NB 84 67.47 -4.91 62.22
C TYR NB 84 68.03 -5.29 60.86
N ASN NB 85 67.27 -4.94 59.82
CA ASN NB 85 67.70 -5.16 58.44
C ASN NB 85 67.21 -3.98 57.61
N ALA NB 86 68.14 -3.29 56.95
CA ALA NB 86 67.79 -2.08 56.21
C ALA NB 86 67.08 -2.37 54.89
N SER NB 87 67.20 -3.59 54.35
CA SER NB 87 66.61 -3.90 53.06
C SER NB 87 65.15 -4.30 53.18
N ASN NB 88 64.84 -5.22 54.11
CA ASN NB 88 63.49 -5.76 54.23
C ASN NB 88 63.27 -6.19 55.67
N ASN NB 89 62.30 -5.58 56.34
CA ASN NB 89 62.02 -5.95 57.73
C ASN NB 89 61.55 -7.39 57.85
N GLU NB 90 61.01 -7.97 56.78
CA GLU NB 90 60.58 -9.37 56.82
C GLU NB 90 61.77 -10.31 57.02
N LEU NB 91 62.98 -9.89 56.65
CA LEU NB 91 64.16 -10.69 56.90
C LEU NB 91 64.55 -10.71 58.37
N VAL NB 92 63.98 -9.84 59.19
CA VAL NB 92 64.31 -9.81 60.61
C VAL NB 92 63.54 -10.90 61.36
N ARG NB 93 62.23 -10.99 61.15
CA ARG NB 93 61.44 -12.00 61.85
C ARG NB 93 61.73 -13.40 61.35
N THR NB 94 62.27 -13.55 60.15
CA THR NB 94 62.72 -14.85 59.65
C THR NB 94 64.14 -15.17 60.08
N GLN NB 95 64.84 -14.25 60.74
CA GLN NB 95 66.20 -14.48 61.23
C GLN NB 95 67.13 -14.88 60.08
N THR NB 96 67.13 -14.07 59.03
CA THR NB 96 67.98 -14.32 57.87
C THR NB 96 69.31 -13.60 58.04
N LEU NB 97 70.40 -14.30 57.74
CA LEU NB 97 71.75 -13.76 57.85
C LEU NB 97 72.20 -13.26 56.49
N VAL NB 98 72.28 -11.94 56.34
CA VAL NB 98 72.77 -11.31 55.13
C VAL NB 98 73.75 -10.21 55.50
N LYS NB 99 74.56 -9.82 54.52
CA LYS NB 99 75.53 -8.76 54.74
C LYS NB 99 74.83 -7.47 55.18
N SER NB 100 75.46 -6.76 56.11
CA SER NB 100 74.99 -5.49 56.66
C SER NB 100 73.78 -5.64 57.56
N ALA NB 101 73.41 -6.86 57.92
CA ALA NB 101 72.34 -7.06 58.89
C ALA NB 101 72.85 -6.83 60.30
N ILE NB 102 72.02 -6.20 61.14
CA ILE NB 102 72.39 -5.93 62.52
C ILE NB 102 71.95 -7.11 63.38
N VAL NB 103 72.90 -7.68 64.11
CA VAL NB 103 72.64 -8.86 64.94
C VAL NB 103 73.22 -8.65 66.32
N GLN NB 104 72.79 -9.47 67.26
CA GLN NB 104 73.31 -9.49 68.62
C GLN NB 104 74.19 -10.73 68.78
N VAL NB 105 75.39 -10.53 69.32
CA VAL NB 105 76.36 -11.60 69.51
C VAL NB 105 76.66 -11.71 70.99
N ASP NB 106 77.09 -12.90 71.41
CA ASP NB 106 77.46 -13.13 72.80
C ASP NB 106 78.65 -12.26 73.18
N ALA NB 107 78.56 -11.62 74.34
CA ALA NB 107 79.62 -10.74 74.82
C ALA NB 107 80.66 -11.46 75.66
N ALA NB 108 80.46 -12.74 75.96
CA ALA NB 108 81.39 -13.44 76.85
C ALA NB 108 82.81 -13.48 76.30
N PRO NB 109 83.04 -13.82 75.03
CA PRO NB 109 84.43 -13.87 74.54
C PRO NB 109 85.17 -12.55 74.70
N PHE NB 110 84.48 -11.43 74.51
CA PHE NB 110 85.13 -10.13 74.63
C PHE NB 110 85.35 -9.73 76.08
N LYS NB 111 84.45 -10.16 76.99
CA LYS NB 111 84.65 -9.87 78.41
C LYS NB 111 85.92 -10.54 78.92
N GLN NB 112 86.17 -11.78 78.50
CA GLN NB 112 87.37 -12.47 78.96
C GLN NB 112 88.63 -11.74 78.51
N TRP NB 113 88.66 -11.27 77.27
CA TRP NB 113 89.81 -10.52 76.80
C TRP NB 113 89.95 -9.20 77.55
N TYR NB 114 88.84 -8.51 77.79
CA TYR NB 114 88.90 -7.24 78.49
C TYR NB 114 89.46 -7.41 79.90
N LEU NB 115 89.00 -8.44 80.61
CA LEU NB 115 89.55 -8.73 81.93
C LEU NB 115 91.02 -9.13 81.84
N GLN NB 116 91.37 -9.94 80.85
CA GLN NB 116 92.75 -10.38 80.71
C GLN NB 116 93.66 -9.24 80.25
N HIS NB 117 93.10 -8.24 79.58
CA HIS NB 117 93.90 -7.15 79.01
C HIS NB 117 93.99 -5.96 79.96
N TYR NB 118 92.86 -5.50 80.47
CA TYR NB 118 92.82 -4.34 81.36
C TYR NB 118 92.68 -4.72 82.83
N GLY NB 119 92.47 -6.00 83.14
CA GLY NB 119 92.26 -6.39 84.52
C GLY NB 119 91.02 -5.79 85.14
N ILE NB 120 89.95 -5.63 84.35
CA ILE NB 120 88.71 -5.01 84.81
C ILE NB 120 87.54 -5.88 84.36
N ASP NB 121 86.47 -5.86 85.15
CA ASP NB 121 85.27 -6.62 84.88
C ASP NB 121 84.17 -5.68 84.41
N ILE NB 122 83.53 -6.03 83.30
CA ILE NB 122 82.45 -5.22 82.74
C ILE NB 122 81.26 -6.10 82.40
N SER NB 148 102.55 -12.67 90.37
CA SER NB 148 102.26 -11.83 89.21
C SER NB 148 102.69 -10.40 89.46
N ASN NB 149 104.00 -10.18 89.52
CA ASN NB 149 104.54 -8.84 89.75
C ASN NB 149 104.73 -8.08 88.45
N HIS NB 150 105.29 -8.73 87.43
CA HIS NB 150 105.48 -8.07 86.14
C HIS NB 150 104.17 -7.92 85.39
N VAL NB 151 103.23 -8.85 85.58
CA VAL NB 151 101.95 -8.76 84.89
C VAL NB 151 101.19 -7.53 85.34
N VAL NB 152 101.13 -7.29 86.65
CA VAL NB 152 100.44 -6.11 87.17
C VAL NB 152 101.13 -4.85 86.72
N ARG NB 153 102.43 -4.92 86.42
CA ARG NB 153 103.17 -3.74 85.99
C ARG NB 153 102.62 -3.20 84.67
N LYS NB 154 102.31 -4.09 83.73
CA LYS NB 154 101.82 -3.66 82.42
C LYS NB 154 100.31 -3.44 82.41
N ILE NB 155 99.55 -4.18 83.20
CA ILE NB 155 98.09 -4.00 83.21
C ILE NB 155 97.74 -2.59 83.65
N GLU NB 156 98.38 -2.11 84.72
CA GLU NB 156 98.13 -0.75 85.16
C GLU NB 156 98.62 0.26 84.14
N ASN NB 157 99.71 -0.04 83.43
CA ASN NB 157 100.20 0.86 82.39
C ASN NB 157 99.17 1.01 81.28
N ARG NB 158 98.55 -0.09 80.86
CA ARG NB 158 97.52 -0.03 79.82
C ARG NB 158 96.24 0.60 80.31
N GLN NB 159 96.01 0.64 81.63
CA GLN NB 159 94.79 1.20 82.17
C GLN NB 159 94.77 2.73 82.12
N ALA NB 160 95.94 3.36 81.96
CA ALA NB 160 95.98 4.82 81.90
C ALA NB 160 95.21 5.35 80.70
N ASP NB 161 95.36 4.71 79.54
CA ASP NB 161 94.71 5.14 78.30
C ASP NB 161 93.49 4.30 77.99
N ARG NB 162 92.76 3.86 79.01
CA ARG NB 162 91.58 3.02 78.83
C ARG NB 162 90.34 3.90 78.80
N LYS NB 163 89.57 3.81 77.71
CA LYS NB 163 88.31 4.52 77.58
C LYS NB 163 87.29 3.58 76.97
N LEU NB 164 86.11 3.51 77.59
CA LEU NB 164 85.03 2.64 77.13
C LEU NB 164 83.77 3.47 76.95
N ASP NB 165 83.19 3.39 75.75
CA ASP NB 165 81.97 4.13 75.47
C ASP NB 165 80.86 3.72 76.42
N SER NB 166 80.12 4.71 76.92
CA SER NB 166 79.04 4.42 77.85
C SER NB 166 77.98 3.53 77.21
N HIS NB 167 77.59 3.84 75.98
CA HIS NB 167 76.59 3.02 75.29
C HIS NB 167 77.08 1.60 75.10
N LEU NB 168 78.36 1.45 74.71
CA LEU NB 168 78.92 0.12 74.52
C LEU NB 168 78.97 -0.65 75.83
N GLU NB 169 79.33 0.03 76.92
CA GLU NB 169 79.42 -0.64 78.22
C GLU NB 169 78.04 -1.03 78.75
N GLU NB 170 77.02 -0.23 78.46
CA GLU NB 170 75.69 -0.51 79.00
C GLU NB 170 75.17 -1.86 78.54
N GLN NB 171 75.51 -2.28 77.32
CA GLN NB 171 75.01 -3.54 76.78
C GLN NB 171 75.90 -4.72 77.13
N PHE NB 172 77.03 -4.50 77.81
CA PHE NB 172 77.82 -5.62 78.30
C PHE NB 172 77.13 -6.31 79.48
N ALA NB 173 76.35 -5.56 80.25
CA ALA NB 173 75.65 -6.16 81.38
C ALA NB 173 74.67 -7.22 80.92
N SER NB 174 73.93 -6.95 79.84
CA SER NB 174 72.98 -7.92 79.30
C SER NB 174 73.68 -9.09 78.61
N GLY NB 175 74.98 -9.00 78.36
CA GLY NB 175 75.70 -10.07 77.71
C GLY NB 175 75.55 -10.14 76.22
N ARG NB 176 74.99 -9.10 75.59
CA ARG NB 176 74.80 -9.07 74.15
C ARG NB 176 75.38 -7.78 73.59
N LEU NB 177 76.05 -7.88 72.45
CA LEU NB 177 76.62 -6.74 71.75
C LEU NB 177 75.99 -6.63 70.37
N LEU NB 178 75.55 -5.43 70.01
CA LEU NB 178 75.06 -5.19 68.67
C LEU NB 178 76.21 -5.24 67.66
N ALA NB 179 76.02 -6.00 66.59
CA ALA NB 179 77.07 -6.19 65.59
C ALA NB 179 76.46 -6.13 64.21
N CYS NB 180 77.30 -5.81 63.22
CA CYS NB 180 76.90 -5.72 61.83
C CYS NB 180 77.66 -6.77 61.03
N ILE NB 181 76.95 -7.54 60.23
CA ILE NB 181 77.56 -8.58 59.40
C ILE NB 181 78.26 -7.92 58.22
N SER NB 182 79.55 -8.18 58.07
CA SER NB 182 80.33 -7.61 56.99
C SER NB 182 80.66 -8.60 55.88
N SER NB 183 80.40 -9.89 56.09
CA SER NB 183 80.64 -10.90 55.07
C SER NB 183 79.33 -11.26 54.38
N ARG NB 184 79.43 -12.12 53.36
CA ARG NB 184 78.27 -12.57 52.60
C ARG NB 184 78.07 -14.06 52.83
N PRO NB 185 77.18 -14.46 53.75
CA PRO NB 185 77.05 -15.90 54.05
C PRO NB 185 76.71 -16.75 52.84
N GLY NB 186 75.94 -16.23 51.90
CA GLY NB 186 75.59 -16.99 50.72
C GLY NB 186 76.71 -17.15 49.70
N GLN NB 187 77.79 -16.38 49.85
CA GLN NB 187 78.93 -16.44 48.95
C GLN NB 187 80.13 -17.15 49.57
N CYS NB 188 80.53 -16.75 50.78
CA CYS NB 188 81.68 -17.32 51.45
C CYS NB 188 81.32 -18.37 52.49
N GLY NB 189 80.05 -18.50 52.85
CA GLY NB 189 79.63 -19.50 53.82
C GLY NB 189 79.87 -19.12 55.25
N ARG NB 190 80.26 -17.88 55.54
CA ARG NB 190 80.58 -17.45 56.89
C ARG NB 190 79.80 -16.18 57.20
N ALA NB 191 79.62 -15.94 58.50
CA ALA NB 191 78.93 -14.75 59.00
C ALA NB 191 79.88 -14.02 59.94
N ASP NB 192 80.71 -13.14 59.37
CA ASP NB 192 81.64 -12.33 60.12
C ASP NB 192 81.15 -10.89 60.15
N GLY NB 193 81.65 -10.13 61.12
CA GLY NB 193 81.22 -8.76 61.26
C GLY NB 193 82.08 -8.00 62.24
N TYR NB 194 81.57 -6.86 62.67
CA TYR NB 194 82.25 -5.99 63.61
C TYR NB 194 81.25 -5.46 64.63
N ILE NB 195 81.78 -5.10 65.80
CA ILE NB 195 80.94 -4.58 66.88
C ILE NB 195 80.59 -3.12 66.57
N LEU NB 196 79.30 -2.81 66.64
CA LEU NB 196 78.87 -1.44 66.41
C LEU NB 196 79.37 -0.53 67.52
N GLU NB 197 79.78 0.68 67.14
CA GLU NB 197 80.26 1.67 68.10
C GLU NB 197 80.28 3.01 67.41
N GLY NB 198 80.42 4.07 68.21
CA GLY NB 198 80.43 5.42 67.66
C GLY NB 198 79.04 5.84 67.21
N LYS NB 199 79.00 6.75 66.25
CA LYS NB 199 77.73 7.25 65.73
C LYS NB 199 76.95 6.16 65.00
N GLU NB 200 77.63 5.14 64.46
CA GLU NB 200 76.91 4.04 63.83
C GLU NB 200 76.06 3.30 64.84
N LEU NB 201 76.59 3.06 66.04
CA LEU NB 201 75.80 2.44 67.09
C LEU NB 201 74.61 3.31 67.47
N GLU NB 202 74.83 4.62 67.58
CA GLU NB 202 73.74 5.54 67.92
C GLU NB 202 72.65 5.49 66.86
N PHE NB 203 73.04 5.44 65.59
CA PHE NB 203 72.06 5.44 64.50
C PHE NB 203 71.14 4.22 64.60
N TYR NB 204 71.72 3.04 64.79
CA TYR NB 204 70.92 1.81 64.78
C TYR NB 204 70.12 1.64 66.07
N MET NB 205 70.69 1.97 67.22
CA MET NB 205 69.95 1.82 68.46
C MET NB 205 68.74 2.74 68.50
N LYS NB 206 68.82 3.90 67.84
CA LYS NB 206 67.65 4.77 67.72
C LYS NB 206 66.55 4.09 66.90
N LYS NB 207 66.95 3.38 65.83
CA LYS NB 207 65.96 2.65 65.04
C LYS NB 207 65.25 1.58 65.86
N LEU NB 208 65.94 1.00 66.83
CA LEU NB 208 65.38 -0.05 67.67
C LEU NB 208 64.62 0.49 68.87
N GLN NB 209 64.66 1.80 69.11
CA GLN NB 209 64.02 2.41 70.27
C GLN NB 209 62.57 2.68 69.93
N LYS NB 210 61.69 1.73 70.27
CA LYS NB 210 60.26 1.87 70.02
C LYS NB 210 59.45 1.32 71.18
N ALA OB 2 71.30 15.58 58.95
CA ALA OB 2 72.61 15.13 58.41
C ALA OB 2 72.41 14.30 57.15
N GLU OB 3 73.52 13.81 56.59
CA GLU OB 3 73.46 13.00 55.38
C GLU OB 3 72.81 11.65 55.60
N GLN OB 4 72.63 11.22 56.85
CA GLN OB 4 72.02 9.93 57.15
C GLN OB 4 70.51 10.05 56.95
N THR OB 5 70.06 9.75 55.73
CA THR OB 5 68.66 9.80 55.38
C THR OB 5 68.09 8.46 54.94
N GLU OB 6 68.92 7.44 54.74
CA GLU OB 6 68.46 6.13 54.31
C GLU OB 6 68.17 5.25 55.52
N LYS OB 7 67.63 4.07 55.25
CA LYS OB 7 67.38 3.11 56.34
C LYS OB 7 68.67 2.58 56.93
N ALA OB 8 69.71 2.43 56.11
CA ALA OB 8 71.01 1.98 56.58
C ALA OB 8 71.89 3.18 56.92
N PHE OB 9 72.96 2.91 57.66
CA PHE OB 9 73.93 3.93 58.03
C PHE OB 9 74.97 4.04 56.92
N LEU OB 10 75.12 5.23 56.36
CA LEU OB 10 76.00 5.47 55.23
C LEU OB 10 77.36 5.95 55.70
N LYS OB 11 78.41 5.30 55.21
CA LYS OB 11 79.77 5.66 55.59
C LYS OB 11 80.72 5.23 54.47
N GLN OB 12 81.88 5.86 54.45
CA GLN OB 12 82.90 5.48 53.47
C GLN OB 12 83.55 4.17 53.88
N PRO OB 13 83.73 3.22 52.96
CA PRO OB 13 84.40 1.97 53.32
C PRO OB 13 85.86 2.19 53.65
N GLY OB 14 86.34 1.48 54.67
CA GLY OB 14 87.73 1.55 55.07
C GLY OB 14 88.09 2.70 55.97
N VAL OB 15 87.14 3.58 56.31
CA VAL OB 15 87.38 4.71 57.18
C VAL OB 15 86.80 4.37 58.55
N PHE OB 16 87.66 4.16 59.53
CA PHE OB 16 87.23 3.76 60.87
C PHE OB 16 86.99 5.01 61.71
N LEU OB 17 85.75 5.20 62.14
CA LEU OB 17 85.33 6.41 62.84
C LEU OB 17 85.38 6.28 64.36
N SER OB 18 85.76 5.13 64.88
CA SER OB 18 85.76 4.88 66.33
C SER OB 18 87.15 4.51 66.82
N SER OB 19 88.17 5.22 66.33
CA SER OB 19 89.55 4.97 66.73
C SER OB 19 89.91 5.81 67.94
N LYS OB 20 90.60 5.19 68.90
CA LYS OB 20 91.02 5.91 70.10
C LYS OB 20 91.97 7.05 69.74
N LYS OB 21 92.90 6.80 68.82
CA LYS OB 21 93.82 7.85 68.39
C LYS OB 21 93.11 8.88 67.53
N THR OB 22 93.75 10.02 67.36
CA THR OB 22 93.21 11.12 66.56
C THR OB 22 93.77 11.07 65.15
N GLY OB 23 92.96 11.52 64.19
CA GLY OB 23 93.33 11.55 62.81
C GLY OB 23 94.14 12.76 62.37
N LYS OB 24 94.44 13.66 63.30
CA LYS OB 24 95.22 14.84 62.96
C LYS OB 24 96.59 14.44 62.44
N GLY OB 25 97.00 15.05 61.33
CA GLY OB 25 98.30 14.77 60.75
C GLY OB 25 98.36 13.48 59.95
N LYS OB 26 97.24 12.99 59.43
CA LYS OB 26 97.20 11.77 58.65
C LYS OB 26 96.51 12.05 57.31
N ARG OB 27 96.83 11.21 56.34
CA ARG OB 27 96.31 11.38 54.98
C ARG OB 27 94.81 11.08 54.95
N PRO OB 28 94.12 11.54 53.91
CA PRO OB 28 92.68 11.27 53.81
C PRO OB 28 92.40 9.78 53.84
N GLY OB 29 91.30 9.41 54.50
CA GLY OB 29 90.91 8.02 54.63
C GLY OB 29 91.61 7.27 55.74
N LYS OB 30 92.45 7.94 56.53
CA LYS OB 30 93.15 7.31 57.65
C LYS OB 30 92.95 8.15 58.90
N GLY OB 31 92.86 7.47 60.04
CA GLY OB 31 92.59 8.15 61.28
C GLY OB 31 91.20 8.71 61.40
N GLY OB 32 90.26 8.20 60.61
CA GLY OB 32 88.90 8.72 60.59
C GLY OB 32 88.69 9.92 59.69
N ASN OB 33 89.74 10.40 59.02
CA ASN OB 33 89.61 11.54 58.13
C ASN OB 33 88.82 11.16 56.88
N ARG OB 34 88.06 12.13 56.38
CA ARG OB 34 87.29 11.90 55.15
C ARG OB 34 88.22 11.52 54.00
N TYR OB 35 87.79 10.57 53.20
CA TYR OB 35 88.60 10.07 52.09
C TYR OB 35 88.23 10.77 50.80
N PHE OB 36 89.26 11.19 50.06
CA PHE OB 36 89.08 11.78 48.75
C PHE OB 36 90.34 11.52 47.93
N LYS OB 37 90.22 11.66 46.62
CA LYS OB 37 91.33 11.37 45.72
C LYS OB 37 91.24 12.26 44.49
N SER OB 38 92.35 12.31 43.76
CA SER OB 38 92.42 13.03 42.50
C SER OB 38 92.21 12.05 41.35
N ILE OB 39 91.35 12.40 40.40
CA ILE OB 39 91.05 11.52 39.28
C ILE OB 39 92.05 11.63 38.15
N GLY OB 40 92.99 12.57 38.22
CA GLY OB 40 93.96 12.74 37.17
C GLY OB 40 93.38 13.44 35.95
N LEU OB 41 94.12 13.35 34.85
CA LEU OB 41 93.74 13.95 33.57
C LEU OB 41 93.61 15.46 33.66
N GLY OB 42 94.21 16.08 34.68
CA GLY OB 42 94.17 17.52 34.82
C GLY OB 42 92.93 18.08 35.46
N PHE OB 43 92.03 17.23 35.96
CA PHE OB 43 90.81 17.70 36.61
C PHE OB 43 91.08 17.97 38.09
N LYS OB 44 90.49 19.05 38.59
CA LYS OB 44 90.67 19.46 39.98
C LYS OB 44 89.58 18.87 40.85
N THR OB 45 89.95 18.55 42.10
CA THR OB 45 88.99 18.05 43.07
C THR OB 45 88.20 19.22 43.65
N PRO OB 46 86.87 19.28 43.49
CA PRO OB 46 86.12 20.40 44.05
C PRO OB 46 86.26 20.47 45.57
N ARG OB 47 86.24 21.71 46.07
CA ARG OB 47 86.32 21.91 47.52
C ARG OB 47 85.12 21.29 48.23
N GLU OB 48 83.98 21.23 47.55
CA GLU OB 48 82.78 20.67 48.17
C GLU OB 48 82.91 19.18 48.44
N ALA OB 49 83.77 18.48 47.70
CA ALA OB 49 83.98 17.05 47.91
C ALA OB 49 85.02 16.77 48.99
N THR OB 50 86.07 17.59 49.06
CA THR OB 50 87.09 17.39 50.08
C THR OB 50 86.58 17.73 51.46
N GLU OB 51 85.80 18.81 51.57
CA GLU OB 51 85.30 19.30 52.86
C GLU OB 51 83.82 18.98 53.07
N GLY OB 52 83.22 18.18 52.19
CA GLY OB 52 81.82 17.85 52.33
C GLY OB 52 81.58 16.72 53.32
N THR OB 53 80.31 16.48 53.61
CA THR OB 53 79.89 15.42 54.50
C THR OB 53 78.99 14.39 53.82
N TYR OB 54 78.70 14.56 52.54
CA TYR OB 54 77.85 13.62 51.83
C TYR OB 54 78.57 12.29 51.63
N ILE OB 55 77.78 11.23 51.47
CA ILE OB 55 78.28 9.89 51.20
C ILE OB 55 77.75 9.47 49.84
N ASP OB 56 78.67 9.15 48.92
CA ASP OB 56 78.29 8.74 47.57
C ASP OB 56 79.38 7.81 47.05
N LYS OB 57 79.09 6.51 47.06
CA LYS OB 57 80.06 5.53 46.58
C LYS OB 57 80.30 5.63 45.08
N LYS OB 58 79.43 6.33 44.36
CA LYS OB 58 79.60 6.55 42.93
C LYS OB 58 80.28 7.88 42.62
N CYS OB 59 80.65 8.65 43.64
CA CYS OB 59 81.33 9.92 43.41
C CYS OB 59 82.72 9.66 42.83
N PRO OB 60 83.11 10.36 41.76
CA PRO OB 60 84.47 10.14 41.21
C PRO OB 60 85.58 10.57 42.13
N PHE OB 61 85.30 11.44 43.11
CA PHE OB 61 86.34 11.97 43.99
C PHE OB 61 86.37 11.32 45.37
N THR OB 62 85.21 10.97 45.91
CA THR OB 62 85.13 10.35 47.23
C THR OB 62 84.49 8.97 47.22
N GLY OB 63 84.14 8.45 46.05
CA GLY OB 63 83.49 7.17 45.92
C GLY OB 63 84.47 6.06 45.60
N ASN OB 64 83.96 5.01 44.94
CA ASN OB 64 84.74 3.83 44.59
C ASN OB 64 84.63 3.56 43.08
N VAL OB 65 84.78 4.62 42.29
CA VAL OB 65 84.70 4.54 40.83
C VAL OB 65 85.89 5.27 40.24
N SER OB 66 86.51 4.64 39.24
CA SER OB 66 87.64 5.24 38.54
C SER OB 66 87.18 5.76 37.17
N ILE OB 67 87.87 6.79 36.70
CA ILE OB 67 87.57 7.40 35.41
C ILE OB 67 88.60 6.88 34.40
N ARG OB 68 88.11 6.20 33.36
CA ARG OB 68 88.97 5.69 32.31
C ARG OB 68 88.12 5.43 31.07
N GLY OB 69 88.65 5.79 29.91
CA GLY OB 69 87.93 5.64 28.67
C GLY OB 69 87.81 6.95 27.91
N ARG OB 70 86.58 7.34 27.57
CA ARG OB 70 86.33 8.52 26.76
C ARG OB 70 85.87 9.67 27.65
N ILE OB 71 86.43 10.85 27.42
CA ILE OB 71 86.01 12.09 28.07
C ILE OB 71 85.17 12.87 27.07
N LEU OB 72 83.93 13.17 27.44
CA LEU OB 72 82.98 13.83 26.56
C LEU OB 72 82.49 15.12 27.21
N ALA OB 73 81.90 15.99 26.38
CA ALA OB 73 81.35 17.25 26.83
C ALA OB 73 79.96 17.43 26.23
N GLY OB 74 79.13 18.18 26.94
CA GLY OB 74 77.78 18.42 26.48
C GLY OB 74 77.08 19.41 27.38
N THR OB 75 75.77 19.55 27.15
CA THR OB 75 74.93 20.46 27.90
C THR OB 75 73.90 19.68 28.70
N CYS OB 76 73.68 20.11 29.94
CA CYS OB 76 72.72 19.45 30.80
C CYS OB 76 71.32 19.57 30.21
N HIS OB 77 70.70 18.44 29.90
CA HIS OB 77 69.36 18.39 29.32
C HIS OB 77 68.28 18.12 30.36
N SER OB 78 68.56 17.26 31.34
CA SER OB 78 67.61 16.96 32.40
C SER OB 78 68.36 16.77 33.71
N ALA OB 79 67.83 17.38 34.76
CA ALA OB 79 68.39 17.28 36.11
C ALA OB 79 67.30 16.99 37.12
N LYS OB 80 66.42 16.05 36.78
CA LYS OB 80 65.28 15.69 37.62
C LYS OB 80 65.49 14.40 38.39
N MET OB 81 66.42 13.55 37.98
CA MET OB 81 66.71 12.32 38.71
C MET OB 81 67.57 12.63 39.94
N ASN OB 82 67.69 11.62 40.80
CA ASN OB 82 68.48 11.75 42.03
C ASN OB 82 69.93 11.42 41.71
N ARG OB 83 70.79 12.44 41.73
CA ARG OB 83 72.22 12.30 41.48
C ARG OB 83 72.51 11.81 40.06
N THR OB 84 71.56 11.94 39.15
CA THR OB 84 71.75 11.58 37.75
C THR OB 84 71.18 12.67 36.87
N ILE OB 85 71.88 12.96 35.77
CA ILE OB 85 71.44 13.95 34.80
C ILE OB 85 71.53 13.35 33.41
N ILE OB 86 70.81 13.96 32.47
CA ILE OB 86 70.88 13.62 31.07
C ILE OB 86 71.71 14.69 30.37
N VAL OB 87 72.76 14.28 29.69
CA VAL OB 87 73.66 15.19 28.99
C VAL OB 87 73.36 15.07 27.49
N ARG OB 88 73.06 16.20 26.86
CA ARG OB 88 72.81 16.24 25.42
C ARG OB 88 74.11 16.62 24.71
N ARG OB 89 74.53 15.79 23.78
CA ARG OB 89 75.73 16.02 22.99
C ARG OB 89 75.30 16.33 21.55
N ASN OB 90 75.71 17.49 21.05
CA ASN OB 90 75.34 17.95 19.72
C ASN OB 90 76.52 17.76 18.77
N TYR OB 91 76.24 17.18 17.61
CA TYR OB 91 77.29 16.92 16.62
C TYR OB 91 76.65 16.94 15.23
N LEU OB 92 77.51 17.05 14.22
CA LEU OB 92 77.08 17.09 12.83
C LEU OB 92 77.37 15.75 12.16
N HIS OB 93 76.38 15.19 11.48
CA HIS OB 93 76.55 13.98 10.71
C HIS OB 93 76.69 14.32 9.24
N TYR OB 94 77.73 13.78 8.61
CA TYR OB 94 78.04 14.08 7.22
C TYR OB 94 77.24 13.16 6.30
N VAL OB 95 76.49 13.76 5.38
CA VAL OB 95 75.74 13.02 4.37
C VAL OB 95 76.60 13.01 3.11
N LYS OB 96 77.08 11.82 2.73
CA LYS OB 96 78.10 11.73 1.68
C LYS OB 96 77.54 12.16 0.32
N LYS OB 97 76.35 11.65 -0.04
CA LYS OB 97 75.84 11.88 -1.39
C LYS OB 97 75.66 13.36 -1.68
N TYR OB 98 75.15 14.12 -0.71
CA TYR OB 98 74.89 15.53 -0.90
C TYR OB 98 76.02 16.42 -0.42
N GLN OB 99 77.10 15.84 0.12
CA GLN OB 99 78.28 16.61 0.53
C GLN OB 99 77.91 17.71 1.53
N ARG OB 100 76.96 17.41 2.40
CA ARG OB 100 76.46 18.37 3.38
C ARG OB 100 76.30 17.66 4.73
N TYR OB 101 75.93 18.45 5.73
CA TYR OB 101 75.81 17.95 7.10
C TYR OB 101 74.37 18.07 7.59
N GLU OB 102 74.05 17.28 8.62
CA GLU OB 102 72.77 17.34 9.30
C GLU OB 102 73.03 17.30 10.80
N LYS OB 103 72.26 18.08 11.55
CA LYS OB 103 72.42 18.13 13.00
C LYS OB 103 71.83 16.88 13.64
N ARG OB 104 72.61 16.23 14.49
CA ARG OB 104 72.17 15.08 15.27
C ARG OB 104 72.52 15.31 16.74
N HIS OB 105 72.02 14.42 17.59
CA HIS OB 105 72.25 14.55 19.03
C HIS OB 105 72.19 13.17 19.66
N SER OB 106 72.67 13.09 20.89
CA SER OB 106 72.61 11.86 21.68
C SER OB 106 72.51 12.22 23.15
N ASN OB 107 71.60 11.55 23.86
CA ASN OB 107 71.40 11.76 25.28
C ASN OB 107 72.20 10.72 26.06
N ILE OB 108 73.17 11.18 26.84
CA ILE OB 108 74.06 10.31 27.60
C ILE OB 108 73.73 10.48 29.09
N PRO OB 109 73.11 9.48 29.73
CA PRO OB 109 72.94 9.56 31.18
C PRO OB 109 74.28 9.62 31.89
N ALA OB 110 74.35 10.39 32.97
CA ALA OB 110 75.59 10.56 33.71
C ALA OB 110 75.28 10.78 35.19
N HIS OB 111 76.13 10.24 36.04
CA HIS OB 111 76.00 10.43 37.47
C HIS OB 111 76.68 11.73 37.88
N ILE OB 112 76.00 12.50 38.74
CA ILE OB 112 76.52 13.76 39.25
C ILE OB 112 76.58 13.66 40.78
N SER OB 113 77.75 13.89 41.33
CA SER OB 113 77.92 13.84 42.78
C SER OB 113 77.35 15.09 43.43
N PRO OB 114 77.04 15.02 44.73
CA PRO OB 114 76.48 16.21 45.41
C PRO OB 114 77.41 17.42 45.39
N CYS OB 115 78.71 17.22 45.20
CA CYS OB 115 79.64 18.33 45.16
C CYS OB 115 79.44 19.25 43.96
N PHE OB 116 78.68 18.82 42.96
CA PHE OB 116 78.43 19.61 41.77
C PHE OB 116 77.02 20.20 41.80
N ARG OB 117 76.90 21.46 41.42
CA ARG OB 117 75.64 22.13 41.23
C ARG OB 117 75.41 22.31 39.73
N VAL OB 118 74.27 21.84 39.24
CA VAL OB 118 73.98 21.85 37.81
C VAL OB 118 72.53 22.27 37.58
N LYS OB 119 72.31 22.92 36.45
CA LYS OB 119 70.97 23.31 36.02
C LYS OB 119 70.86 23.07 34.51
N GLU OB 120 69.62 22.93 34.03
CA GLU OB 120 69.42 22.73 32.61
C GLU OB 120 70.04 23.88 31.82
N GLY OB 121 70.81 23.52 30.78
CA GLY OB 121 71.51 24.48 29.96
C GLY OB 121 72.97 24.65 30.33
N ASP OB 122 73.39 24.21 31.50
CA ASP OB 122 74.79 24.33 31.90
C ASP OB 122 75.64 23.35 31.10
N HIS OB 123 76.90 23.74 30.89
CA HIS OB 123 77.86 22.90 30.19
C HIS OB 123 78.57 21.99 31.18
N VAL OB 124 78.66 20.70 30.86
CA VAL OB 124 79.24 19.71 31.75
C VAL OB 124 80.24 18.87 30.97
N THR OB 125 81.23 18.33 31.69
CA THR OB 125 82.20 17.39 31.15
C THR OB 125 82.04 16.07 31.89
N ILE OB 126 81.95 14.97 31.14
CA ILE OB 126 81.68 13.65 31.68
C ILE OB 126 82.81 12.71 31.31
N GLY OB 127 83.27 11.93 32.28
CA GLY OB 127 84.29 10.92 32.06
C GLY OB 127 83.69 9.53 32.19
N GLN OB 128 84.17 8.61 31.35
CA GLN OB 128 83.62 7.26 31.35
C GLN OB 128 84.05 6.50 32.60
N CYS OB 129 83.14 5.65 33.10
CA CYS OB 129 83.40 4.80 34.24
C CYS OB 129 82.67 3.48 34.03
N ARG OB 130 82.83 2.56 34.96
CA ARG OB 130 82.17 1.27 34.85
C ARG OB 130 80.67 1.46 34.95
N PRO OB 131 79.88 0.51 34.42
CA PRO OB 131 78.42 0.64 34.52
C PRO OB 131 77.95 0.91 35.94
N LEU OB 132 77.26 2.03 36.13
CA LEU OB 132 76.68 2.37 37.42
C LEU OB 132 75.21 2.02 37.52
N SER OB 133 74.52 1.87 36.41
CA SER OB 133 73.12 1.50 36.38
C SER OB 133 72.82 0.91 35.00
N LYS OB 134 71.53 0.75 34.69
CA LYS OB 134 71.15 0.16 33.42
C LYS OB 134 71.65 0.99 32.24
N THR OB 135 71.69 2.31 32.38
CA THR OB 135 72.06 3.20 31.29
C THR OB 135 73.23 4.11 31.58
N VAL OB 136 73.62 4.28 32.85
CA VAL OB 136 74.65 5.24 33.22
C VAL OB 136 76.02 4.58 33.08
N ARG OB 137 76.89 5.22 32.30
CA ARG OB 137 78.29 4.80 32.17
C ARG OB 137 79.25 5.96 32.29
N PHE OB 138 78.78 7.13 32.74
CA PHE OB 138 79.60 8.33 32.79
C PHE OB 138 79.38 9.05 34.11
N ASN OB 139 80.39 9.83 34.50
CA ASN OB 139 80.35 10.59 35.74
C ASN OB 139 80.72 12.04 35.44
N VAL OB 140 79.95 12.97 35.99
CA VAL OB 140 80.23 14.38 35.78
C VAL OB 140 81.55 14.74 36.44
N LEU OB 141 82.42 15.43 35.70
CA LEU OB 141 83.71 15.85 36.21
C LEU OB 141 83.84 17.35 36.39
N LYS OB 142 83.07 18.15 35.65
CA LYS OB 142 83.15 19.60 35.75
C LYS OB 142 81.85 20.20 35.24
N VAL OB 143 81.41 21.28 35.87
CA VAL OB 143 80.19 21.98 35.50
C VAL OB 143 80.52 23.45 35.30
N ILE OB 144 80.12 23.99 34.15
CA ILE OB 144 80.27 25.40 33.83
C ILE OB 144 78.88 26.01 33.76
N PRO OB 145 78.52 26.94 34.65
CA PRO OB 145 77.18 27.53 34.60
C PRO OB 145 76.91 28.20 33.26
N ALA OB 146 75.67 28.11 32.80
CA ALA OB 146 75.29 28.74 31.56
C ALA OB 146 75.47 30.25 31.63
N GLY OB 147 75.95 30.84 30.54
CA GLY OB 147 76.20 32.26 30.51
C GLY OB 147 77.46 32.69 31.22
N SER OB 148 78.39 31.77 31.44
CA SER OB 148 79.65 32.09 32.12
C SER OB 148 80.83 31.84 31.19
N GLY PB 2 37.59 45.36 -71.23
CA GLY PB 2 38.60 46.41 -70.92
C GLY PB 2 39.60 46.60 -72.04
N ARG PB 3 40.38 47.68 -71.95
CA ARG PB 3 41.39 48.01 -72.95
C ARG PB 3 42.70 48.41 -72.27
N VAL PB 4 43.15 47.57 -71.34
CA VAL PB 4 44.42 47.79 -70.66
C VAL PB 4 45.54 47.20 -71.51
N ARG PB 5 46.54 48.01 -71.81
CA ARG PB 5 47.69 47.52 -72.56
C ARG PB 5 48.55 46.62 -71.69
N THR PB 6 49.03 45.52 -72.27
CA THR PB 6 49.86 44.58 -71.55
C THR PB 6 51.31 45.05 -71.53
N LYS PB 7 52.16 44.29 -70.84
CA LYS PB 7 53.57 44.63 -70.77
C LYS PB 7 54.22 44.68 -72.14
N THR PB 8 53.79 43.81 -73.06
CA THR PB 8 54.36 43.79 -74.39
C THR PB 8 54.15 45.12 -75.10
N VAL PB 9 52.93 45.65 -75.02
CA VAL PB 9 52.63 46.93 -75.67
C VAL PB 9 53.33 48.08 -74.95
N LYS PB 10 53.22 48.10 -73.62
CA LYS PB 10 53.80 49.21 -72.85
C LYS PB 10 55.32 49.18 -72.92
N LYS PB 11 55.92 48.01 -72.74
CA LYS PB 11 57.38 47.93 -72.74
C LYS PB 11 57.95 48.33 -74.10
N SER PB 12 57.34 47.85 -75.18
CA SER PB 12 57.83 48.19 -76.52
C SER PB 12 57.68 49.69 -76.79
N SER PB 13 56.56 50.27 -76.37
CA SER PB 13 56.32 51.68 -76.64
C SER PB 13 57.36 52.56 -75.97
N ARG PB 14 57.71 52.26 -74.72
CA ARG PB 14 58.71 53.07 -74.03
C ARG PB 14 60.07 52.99 -74.72
N GLN PB 15 60.46 51.79 -75.15
CA GLN PB 15 61.76 51.63 -75.79
C GLN PB 15 61.84 52.44 -77.07
N VAL PB 16 60.76 52.47 -77.86
CA VAL PB 16 60.76 53.23 -79.11
C VAL PB 16 60.96 54.71 -78.82
N ILE PB 17 60.24 55.22 -77.82
CA ILE PB 17 60.32 56.65 -77.51
C ILE PB 17 61.69 57.01 -76.94
N GLU PB 18 62.32 56.08 -76.22
CA GLU PB 18 63.61 56.39 -75.60
C GLU PB 18 64.67 56.71 -76.63
N ARG PB 19 64.71 55.95 -77.73
CA ARG PB 19 65.77 56.08 -78.72
C ARG PB 19 65.29 56.63 -80.06
N TYR PB 20 64.02 57.03 -80.17
CA TYR PB 20 63.52 57.65 -81.39
C TYR PB 20 62.58 58.81 -81.06
N TYR PB 21 62.82 59.50 -79.94
CA TYR PB 21 61.93 60.60 -79.55
C TYR PB 21 61.86 61.66 -80.64
N SER PB 22 62.98 61.93 -81.30
CA SER PB 22 62.99 62.95 -82.36
C SER PB 22 62.07 62.56 -83.51
N LYS PB 23 62.11 61.30 -83.93
CA LYS PB 23 61.29 60.87 -85.06
C LYS PB 23 59.81 60.86 -84.71
N MET PB 24 59.47 60.43 -83.50
CA MET PB 24 58.07 60.26 -83.14
C MET PB 24 57.33 61.60 -83.17
N THR PB 25 56.06 61.54 -83.55
CA THR PB 25 55.18 62.70 -83.64
C THR PB 25 53.93 62.45 -82.81
N LEU PB 26 53.01 63.40 -82.85
CA LEU PB 26 51.76 63.31 -82.10
C LEU PB 26 50.62 62.71 -82.93
N ASP PB 27 50.89 62.26 -84.14
CA ASP PB 27 49.87 61.69 -85.02
C ASP PB 27 50.00 60.17 -85.04
N PHE PB 28 48.89 59.48 -84.77
CA PHE PB 28 48.92 58.02 -84.76
C PHE PB 28 49.27 57.47 -86.13
N HIS PB 29 48.68 58.02 -87.19
CA HIS PB 29 48.90 57.48 -88.53
C HIS PB 29 50.36 57.61 -88.95
N THR PB 30 50.99 58.74 -88.62
CA THR PB 30 52.41 58.89 -88.92
C THR PB 30 53.26 57.99 -88.03
N ASN PB 31 52.88 57.86 -86.75
CA ASN PB 31 53.68 57.06 -85.83
C ASN PB 31 53.71 55.59 -86.23
N LYS PB 32 52.57 55.04 -86.66
CA LYS PB 32 52.53 53.63 -87.00
C LYS PB 32 53.39 53.32 -88.21
N LYS PB 33 53.59 54.30 -89.10
CA LYS PB 33 54.50 54.10 -90.22
C LYS PB 33 55.95 54.17 -89.76
N ILE PB 34 56.23 54.92 -88.70
CA ILE PB 34 57.59 54.98 -88.15
C ILE PB 34 57.97 53.65 -87.52
N LEU PB 35 57.02 53.00 -86.84
CA LEU PB 35 57.33 51.73 -86.19
C LEU PB 35 57.75 50.68 -87.20
N GLU PB 36 57.09 50.64 -88.36
CA GLU PB 36 57.49 49.71 -89.41
C GLU PB 36 58.93 49.94 -89.84
N GLU PB 37 59.36 51.20 -89.84
CA GLU PB 37 60.70 51.53 -90.31
C GLU PB 37 61.76 51.20 -89.27
N VAL PB 38 61.45 51.40 -87.98
CA VAL PB 38 62.45 51.33 -86.92
C VAL PB 38 62.22 50.12 -86.01
N ALA PB 39 61.29 49.23 -86.35
CA ALA PB 39 61.02 48.08 -85.50
C ALA PB 39 60.44 46.96 -86.34
N ILE PB 40 60.50 45.75 -85.79
CA ILE PB 40 59.94 44.55 -86.42
C ILE PB 40 58.81 44.08 -85.50
N ILE PB 41 57.57 44.38 -85.89
CA ILE PB 41 56.39 43.99 -85.13
C ILE PB 41 55.70 42.87 -85.90
N PRO PB 42 55.62 41.65 -85.36
CA PRO PB 42 55.10 40.53 -86.16
C PRO PB 42 53.71 40.74 -86.71
N SER PB 43 52.81 41.36 -85.94
CA SER PB 43 51.41 41.46 -86.31
C SER PB 43 50.99 42.90 -86.49
N LYS PB 44 50.07 43.14 -87.42
CA LYS PB 44 49.53 44.48 -87.64
C LYS PB 44 48.80 44.99 -86.40
N ARG PB 45 47.99 44.14 -85.78
CA ARG PB 45 47.20 44.58 -84.63
C ARG PB 45 48.10 45.00 -83.48
N LEU PB 46 49.18 44.26 -83.24
CA LEU PB 46 50.14 44.66 -82.22
C LEU PB 46 50.79 45.99 -82.57
N ARG PB 47 51.10 46.19 -83.85
CA ARG PB 47 51.72 47.44 -84.27
C ARG PB 47 50.80 48.63 -84.03
N ASN PB 48 49.51 48.48 -84.31
CA ASN PB 48 48.56 49.57 -84.07
C ASN PB 48 48.49 49.92 -82.59
N LYS PB 49 48.45 48.90 -81.72
CA LYS PB 49 48.38 49.15 -80.29
C LYS PB 49 49.63 49.89 -79.80
N ILE PB 50 50.81 49.47 -80.27
CA ILE PB 50 52.04 50.12 -79.87
C ILE PB 50 52.06 51.57 -80.37
N ALA PB 51 51.65 51.78 -81.61
CA ALA PB 51 51.63 53.13 -82.17
C ALA PB 51 50.68 54.03 -81.40
N GLY PB 52 49.50 53.51 -81.06
CA GLY PB 52 48.54 54.32 -80.32
C GLY PB 52 49.01 54.65 -78.92
N PHE PB 53 49.57 53.67 -78.21
CA PHE PB 53 50.06 53.93 -76.86
C PHE PB 53 51.28 54.84 -76.89
N SER PB 54 52.16 54.67 -77.87
CA SER PB 54 53.30 55.57 -78.00
C SER PB 54 52.84 56.99 -78.26
N THR PB 55 51.82 57.16 -79.11
CA THR PB 55 51.26 58.49 -79.33
C THR PB 55 50.70 59.06 -78.04
N HIS PB 56 50.08 58.21 -77.22
CA HIS PB 56 49.61 58.65 -75.92
C HIS PB 56 50.77 59.10 -75.04
N LEU PB 57 51.88 58.34 -75.07
CA LEU PB 57 53.05 58.72 -74.28
C LEU PB 57 53.67 60.02 -74.78
N MET PB 58 53.66 60.26 -76.09
CA MET PB 58 54.19 61.51 -76.61
C MET PB 58 53.42 62.71 -76.06
N LYS PB 59 52.09 62.58 -75.99
CA LYS PB 59 51.29 63.64 -75.37
C LYS PB 59 51.65 63.82 -73.90
N ARG PB 60 51.92 62.72 -73.20
CA ARG PB 60 52.34 62.81 -71.81
C ARG PB 60 53.65 63.57 -71.68
N ILE PB 61 54.61 63.30 -72.57
CA ILE PB 61 55.91 63.96 -72.48
C ILE PB 61 55.79 65.46 -72.74
N GLN PB 62 54.87 65.86 -73.63
CA GLN PB 62 54.73 67.28 -73.95
C GLN PB 62 54.39 68.09 -72.70
N LYS PB 63 53.45 67.60 -71.89
CA LYS PB 63 53.03 68.35 -70.71
C LYS PB 63 54.06 68.26 -69.58
N GLY PB 64 54.77 67.14 -69.46
CA GLY PB 64 55.76 66.99 -68.43
C GLY PB 64 56.50 65.66 -68.52
N PRO PB 65 57.41 65.42 -67.58
CA PRO PB 65 58.18 64.18 -67.60
C PRO PB 65 57.32 62.98 -67.19
N VAL PB 66 57.78 61.81 -67.61
CA VAL PB 66 57.10 60.56 -67.29
C VAL PB 66 58.04 59.68 -66.48
N ARG PB 67 57.57 58.50 -66.08
CA ARG PB 67 58.30 57.67 -65.13
C ARG PB 67 59.28 56.73 -65.84
N GLY PB 68 58.77 55.89 -66.74
CA GLY PB 68 59.56 54.84 -67.34
C GLY PB 68 60.33 55.20 -68.58
N ILE PB 69 60.33 56.46 -69.00
CA ILE PB 69 61.03 56.89 -70.21
C ILE PB 69 62.17 57.82 -69.80
N SER PB 70 63.37 57.52 -70.30
CA SER PB 70 64.57 58.30 -70.01
C SER PB 70 65.03 58.96 -71.30
N LEU PB 71 64.78 60.27 -71.41
CA LEU PB 71 65.21 61.07 -72.56
C LEU PB 71 66.47 61.83 -72.16
N LYS PB 72 67.59 61.45 -72.78
CA LYS PB 72 68.87 62.02 -72.37
C LYS PB 72 68.92 63.52 -72.60
N LEU PB 73 68.42 63.99 -73.75
CA LEU PB 73 68.43 65.42 -74.03
C LEU PB 73 67.56 66.19 -73.02
N GLN PB 74 66.40 65.63 -72.68
CA GLN PB 74 65.55 66.29 -71.70
C GLN PB 74 66.23 66.38 -70.34
N GLU PB 75 66.95 65.33 -69.94
CA GLU PB 75 67.62 65.34 -68.64
C GLU PB 75 68.65 66.46 -68.56
N GLU PB 76 69.37 66.72 -69.66
CA GLU PB 76 70.39 67.75 -69.64
C GLU PB 76 69.79 69.11 -69.34
N GLU PB 77 68.60 69.39 -69.85
CA GLU PB 77 67.95 70.68 -69.59
C GLU PB 77 67.72 70.88 -68.10
N ARG PB 78 67.26 69.84 -67.40
CA ARG PB 78 66.99 69.94 -65.98
C ARG PB 78 68.27 70.20 -65.19
N GLU PB 79 69.39 69.59 -65.60
CA GLU PB 79 70.64 69.79 -64.89
C GLU PB 79 71.06 71.26 -64.92
N ARG PB 80 70.93 71.92 -66.07
CA ARG PB 80 71.36 73.30 -66.19
C ARG PB 80 70.56 74.21 -65.25
N ARG PB 81 69.24 73.98 -65.16
CA ARG PB 81 68.41 74.83 -64.31
C ARG PB 81 68.84 74.72 -62.84
N MET PB 82 69.12 73.51 -62.37
CA MET PB 82 69.53 73.35 -60.98
C MET PB 82 70.85 74.04 -60.71
N ASP PB 83 71.79 73.95 -61.65
CA ASP PB 83 73.09 74.59 -61.45
C ASP PB 83 72.99 76.10 -61.32
N PHE PB 84 71.90 76.69 -61.80
CA PHE PB 84 71.73 78.14 -61.68
C PHE PB 84 71.43 78.52 -60.24
N VAL PB 85 72.20 79.47 -59.71
CA VAL PB 85 72.01 79.95 -58.35
C VAL PB 85 72.16 81.46 -58.31
N PRO PB 86 71.49 82.12 -57.37
CA PRO PB 86 71.60 83.57 -57.28
C PRO PB 86 73.00 84.01 -56.89
N GLU PB 87 73.37 85.21 -57.36
CA GLU PB 87 74.68 85.76 -57.04
C GLU PB 87 74.81 86.10 -55.56
N GLU PB 88 73.70 86.33 -54.87
CA GLU PB 88 73.71 86.66 -53.45
C GLU PB 88 73.44 85.38 -52.66
N SER PB 89 74.33 85.08 -51.70
CA SER PB 89 74.17 83.89 -50.88
C SER PB 89 72.97 84.05 -49.95
N ALA PB 90 72.27 82.93 -49.72
CA ALA PB 90 71.13 82.93 -48.81
C ALA PB 90 71.54 82.88 -47.34
N ILE PB 91 72.82 82.63 -47.05
CA ILE PB 91 73.32 82.58 -45.68
C ILE PB 91 73.99 83.92 -45.40
N LYS PB 92 73.43 84.68 -44.47
CA LYS PB 92 73.94 86.00 -44.10
C LYS PB 92 74.87 85.85 -42.91
N THR PB 93 76.17 86.06 -43.15
CA THR PB 93 77.14 85.98 -42.06
C THR PB 93 76.91 87.04 -41.00
N ASP PB 94 76.33 88.17 -41.38
CA ASP PB 94 76.05 89.26 -40.46
C ASP PB 94 74.59 89.20 -39.99
N LEU PB 95 74.34 89.80 -38.83
CA LEU PB 95 73.01 89.84 -38.24
C LEU PB 95 72.47 88.42 -38.02
N ILE PB 96 73.16 87.68 -37.18
CA ILE PB 96 72.77 86.32 -36.82
C ILE PB 96 71.97 86.38 -35.53
N GLU PB 97 70.73 85.93 -35.58
CA GLU PB 97 69.85 85.93 -34.42
C GLU PB 97 70.07 84.64 -33.62
N VAL PB 98 70.38 84.80 -32.33
CA VAL PB 98 70.64 83.67 -31.45
C VAL PB 98 69.90 83.90 -30.13
N ASP PB 99 69.70 82.81 -29.40
CA ASP PB 99 68.99 82.84 -28.14
C ASP PB 99 69.98 82.98 -26.98
N LYS PB 100 69.42 83.14 -25.78
CA LYS PB 100 70.26 83.25 -24.58
C LYS PB 100 71.10 82.00 -24.38
N GLU PB 101 70.50 80.83 -24.56
CA GLU PB 101 71.24 79.59 -24.39
C GLU PB 101 72.34 79.46 -25.44
N THR PB 102 72.06 79.86 -26.67
CA THR PB 102 73.06 79.78 -27.73
C THR PB 102 74.25 80.66 -27.42
N LEU PB 103 74.01 81.87 -26.90
CA LEU PB 103 75.11 82.76 -26.54
C LEU PB 103 75.99 82.14 -25.48
N ASP PB 104 75.38 81.52 -24.47
CA ASP PB 104 76.16 80.84 -23.44
C ASP PB 104 76.93 79.66 -24.02
N MET PB 105 76.34 78.98 -25.02
CA MET PB 105 77.05 77.87 -25.66
C MET PB 105 78.32 78.35 -26.34
N LEU PB 106 78.26 79.50 -27.00
CA LEU PB 106 79.46 80.05 -27.63
C LEU PB 106 80.46 80.55 -26.59
N SER PB 107 79.97 81.03 -25.45
CA SER PB 107 80.88 81.49 -24.40
C SER PB 107 81.78 80.36 -23.90
N ALA PB 108 81.21 79.17 -23.74
CA ALA PB 108 82.02 78.02 -23.32
C ALA PB 108 83.13 77.75 -24.32
N LEU PB 109 82.89 77.99 -25.60
CA LEU PB 109 83.92 77.81 -26.63
C LEU PB 109 84.86 79.00 -26.74
N GLY PB 110 84.61 80.07 -26.00
CA GLY PB 110 85.45 81.25 -26.11
C GLY PB 110 85.23 82.05 -27.38
N MET PB 111 84.07 81.90 -28.01
CA MET PB 111 83.75 82.56 -29.26
C MET PB 111 82.57 83.51 -29.10
N SER PB 112 82.57 84.27 -28.01
CA SER PB 112 81.51 85.25 -27.75
C SER PB 112 81.76 86.57 -28.46
N ASP PB 113 82.86 86.71 -29.18
CA ASP PB 113 83.21 87.96 -29.87
C ASP PB 113 82.89 87.90 -31.36
N LEU PB 114 82.11 86.93 -31.80
CA LEU PB 114 81.79 86.83 -33.22
C LEU PB 114 81.00 88.07 -33.65
N PRO PB 115 81.25 88.60 -34.86
CA PRO PB 115 80.51 89.80 -35.29
C PRO PB 115 79.03 89.57 -35.47
N GLY PB 116 78.67 88.52 -36.21
CA GLY PB 116 77.28 88.33 -36.58
C GLY PB 116 76.36 88.05 -35.41
N VAL PB 117 76.85 87.28 -34.43
CA VAL PB 117 75.99 86.82 -33.35
C VAL PB 117 75.47 88.03 -32.57
N VAL PB 118 74.15 88.10 -32.41
CA VAL PB 118 73.50 89.15 -31.64
C VAL PB 118 72.24 88.58 -31.01
N LYS PB 119 71.95 88.99 -29.79
CA LYS PB 119 70.77 88.51 -29.09
C LYS PB 119 69.50 89.03 -29.75
N GLN PB 120 68.46 88.20 -29.71
CA GLN PB 120 67.17 88.58 -30.28
C GLN PB 120 66.54 89.71 -29.47
N MET QB 1 98.48 27.54 -28.71
CA MET QB 1 99.07 28.55 -29.63
C MET QB 1 100.47 28.13 -30.08
N GLN QB 2 101.41 28.13 -29.14
CA GLN QB 2 102.80 27.76 -29.42
C GLN QB 2 103.08 26.38 -28.85
N ASN QB 3 103.63 25.50 -29.69
CA ASN QB 3 104.02 24.18 -29.26
C ASN QB 3 105.15 24.28 -28.23
N ASP QB 4 105.41 23.16 -27.54
CA ASP QB 4 106.48 23.15 -26.55
C ASP QB 4 107.81 23.59 -27.16
N GLU QB 5 108.05 23.23 -28.43
CA GLU QB 5 109.26 23.69 -29.10
C GLU QB 5 109.23 25.20 -29.32
N GLY QB 6 108.08 25.73 -29.77
CA GLY QB 6 107.95 27.15 -30.01
C GLY QB 6 107.15 27.47 -31.27
N GLN QB 7 106.98 26.48 -32.14
CA GLN QB 7 106.26 26.71 -33.39
C GLN QB 7 104.81 27.10 -33.11
N ASN QB 8 104.32 28.08 -33.87
CA ASN QB 8 102.93 28.50 -33.76
C ASN QB 8 102.00 27.40 -34.26
N MET QB 9 100.87 27.23 -33.57
CA MET QB 9 99.89 26.20 -33.91
C MET QB 9 98.50 26.79 -34.13
N ASP QB 10 98.41 28.08 -34.47
CA ASP QB 10 97.14 28.73 -34.75
C ASP QB 10 97.07 29.12 -36.22
N LEU QB 11 95.88 28.96 -36.81
CA LEU QB 11 95.70 29.37 -38.19
C LEU QB 11 95.93 30.87 -38.35
N TYR QB 12 95.41 31.66 -37.42
CA TYR QB 12 95.60 33.11 -37.44
C TYR QB 12 95.29 33.65 -36.06
N ILE QB 13 95.61 34.92 -35.85
CA ILE QB 13 95.37 35.61 -34.59
C ILE QB 13 94.22 36.59 -34.83
N PRO QB 14 93.01 36.31 -34.35
CA PRO QB 14 91.90 37.24 -34.58
C PRO QB 14 92.15 38.60 -33.94
N ARG QB 15 91.60 39.62 -34.58
CA ARG QB 15 91.70 40.98 -34.04
C ARG QB 15 90.86 41.09 -32.77
N LYS QB 16 91.22 42.07 -31.94
CA LYS QB 16 90.49 42.40 -30.72
C LYS QB 16 89.88 43.78 -30.86
N CYS QB 17 88.62 43.91 -30.45
CA CYS QB 17 87.94 45.20 -30.53
C CYS QB 17 88.72 46.25 -29.74
N SER QB 18 88.91 47.41 -30.34
CA SER QB 18 89.67 48.47 -29.68
C SER QB 18 88.96 49.05 -28.48
N ALA QB 19 87.64 48.82 -28.36
CA ALA QB 19 86.85 49.37 -27.27
C ALA QB 19 86.56 48.35 -26.19
N THR QB 20 86.11 47.14 -26.56
CA THR QB 20 85.73 46.12 -25.60
C THR QB 20 86.78 45.02 -25.45
N ASN QB 21 87.78 44.98 -26.32
CA ASN QB 21 88.84 43.97 -26.29
C ASN QB 21 88.35 42.59 -26.70
N ARG QB 22 87.12 42.48 -27.19
CA ARG QB 22 86.60 41.19 -27.62
C ARG QB 22 87.22 40.74 -28.92
N LEU QB 23 87.42 39.44 -29.05
CA LEU QB 23 87.90 38.86 -30.30
C LEU QB 23 86.84 39.03 -31.39
N ILE QB 24 87.32 39.20 -32.62
CA ILE QB 24 86.46 39.37 -33.80
C ILE QB 24 86.55 38.09 -34.61
N THR QB 25 85.43 37.39 -34.74
CA THR QB 25 85.40 36.11 -35.44
C THR QB 25 85.27 36.33 -36.94
N SER QB 26 85.52 35.25 -37.70
CA SER QB 26 85.52 35.34 -39.15
C SER QB 26 84.14 35.65 -39.73
N LYS QB 27 83.07 35.39 -38.99
CA LYS QB 27 81.71 35.63 -39.46
C LYS QB 27 81.08 36.87 -38.84
N ASP QB 28 81.85 37.68 -38.12
CA ASP QB 28 81.34 38.91 -37.52
C ASP QB 28 81.36 39.99 -38.60
N HIS QB 29 80.35 39.92 -39.48
CA HIS QB 29 80.26 40.83 -40.61
C HIS QB 29 79.82 42.24 -40.21
N ALA QB 30 79.36 42.44 -38.97
CA ALA QB 30 79.04 43.77 -38.50
C ALA QB 30 80.26 44.52 -37.98
N SER QB 31 81.40 43.85 -37.84
CA SER QB 31 82.62 44.51 -37.40
C SER QB 31 83.23 45.31 -38.53
N VAL QB 32 83.80 46.47 -38.20
CA VAL QB 32 84.39 47.37 -39.17
C VAL QB 32 85.76 47.79 -38.68
N GLN QB 33 86.72 47.88 -39.61
CA GLN QB 33 88.06 48.37 -39.33
C GLN QB 33 88.19 49.75 -39.95
N LEU QB 34 88.50 50.75 -39.12
CA LEU QB 34 88.49 52.14 -39.53
C LEU QB 34 89.90 52.72 -39.46
N ASN QB 35 90.19 53.64 -40.38
CA ASN QB 35 91.48 54.31 -40.45
C ASN QB 35 91.26 55.82 -40.35
N VAL QB 36 92.04 56.46 -39.47
CA VAL QB 36 92.00 57.91 -39.30
C VAL QB 36 93.31 58.48 -39.80
N GLY QB 37 93.23 59.36 -40.80
CA GLY QB 37 94.43 59.87 -41.41
C GLY QB 37 95.19 60.84 -40.52
N HIS QB 38 96.48 60.97 -40.80
CA HIS QB 38 97.36 61.88 -40.09
C HIS QB 38 97.66 63.10 -40.96
N LEU QB 39 97.69 64.27 -40.33
CA LEU QB 39 97.94 65.52 -41.02
C LEU QB 39 99.30 66.09 -40.60
N ASP QB 40 99.81 66.99 -41.42
CA ASP QB 40 101.07 67.68 -41.17
C ASP QB 40 100.79 69.07 -40.62
N GLU QB 41 101.86 69.87 -40.49
CA GLU QB 41 101.69 71.23 -39.97
C GLU QB 41 100.72 72.03 -40.84
N SER QB 42 100.85 71.90 -42.16
CA SER QB 42 99.93 72.60 -43.06
C SER QB 42 98.52 72.05 -42.96
N GLY QB 43 98.38 70.74 -42.72
CA GLY QB 43 97.07 70.12 -42.62
C GLY QB 43 96.71 69.29 -43.82
N VAL QB 44 97.70 68.57 -44.37
CA VAL QB 44 97.52 67.75 -45.55
C VAL QB 44 97.83 66.29 -45.18
N TYR QB 45 97.03 65.38 -45.72
CA TYR QB 45 97.22 63.96 -45.44
C TYR QB 45 98.63 63.53 -45.81
N THR QB 46 99.29 62.81 -44.90
CA THR QB 46 100.68 62.42 -45.06
C THR QB 46 100.86 60.93 -45.33
N GLY QB 47 99.78 60.20 -45.58
CA GLY QB 47 99.88 58.77 -45.82
C GLY QB 47 99.92 57.92 -44.56
N GLN QB 48 99.89 58.53 -43.38
CA GLN QB 48 99.91 57.81 -42.12
C GLN QB 48 98.53 57.88 -41.47
N PHE QB 49 98.18 56.81 -40.76
CA PHE QB 49 96.86 56.72 -40.13
C PHE QB 49 96.94 55.78 -38.95
N THR QB 50 95.93 55.87 -38.09
CA THR QB 50 95.74 54.97 -36.95
C THR QB 50 94.53 54.09 -37.21
N THR QB 51 94.67 52.80 -36.96
CA THR QB 51 93.63 51.82 -37.24
C THR QB 51 92.84 51.50 -35.99
N TYR QB 52 91.52 51.40 -36.14
CA TYR QB 52 90.62 51.00 -35.07
C TYR QB 52 89.71 49.90 -35.57
N ALA QB 53 89.52 48.87 -34.75
CA ALA QB 53 88.64 47.76 -35.06
C ALA QB 53 87.51 47.72 -34.04
N LEU QB 54 86.28 47.59 -34.52
CA LEU QB 54 85.10 47.54 -33.67
C LEU QB 54 84.35 46.25 -33.96
N CYS QB 55 83.97 45.54 -32.89
CA CYS QB 55 83.20 44.32 -33.05
C CYS QB 55 81.73 44.65 -33.32
N GLY QB 56 81.00 43.67 -33.85
CA GLY QB 56 79.59 43.87 -34.10
C GLY QB 56 78.80 44.11 -32.83
N PHE QB 57 79.25 43.56 -31.71
CA PHE QB 57 78.53 43.70 -30.45
C PHE QB 57 78.41 45.18 -30.06
N ILE QB 58 79.54 45.90 -30.05
CA ILE QB 58 79.51 47.29 -29.61
C ILE QB 58 78.79 48.16 -30.63
N ARG QB 59 78.99 47.90 -31.92
CA ARG QB 59 78.32 48.69 -32.94
C ARG QB 59 76.81 48.48 -32.89
N ALA QB 60 76.37 47.24 -32.64
CA ALA QB 60 74.94 46.97 -32.51
C ALA QB 60 74.35 47.69 -31.30
N GLN QB 61 75.13 47.86 -30.24
CA GLN QB 61 74.66 48.58 -29.06
C GLN QB 61 74.55 50.08 -29.29
N GLY QB 62 75.09 50.60 -30.38
CA GLY QB 62 75.09 52.02 -30.62
C GLY QB 62 76.17 52.79 -29.91
N ASP QB 63 77.09 52.10 -29.24
CA ASP QB 63 78.17 52.75 -28.50
C ASP QB 63 79.44 52.94 -29.32
N ALA QB 64 79.41 52.60 -30.61
CA ALA QB 64 80.60 52.78 -31.44
C ALA QB 64 81.01 54.24 -31.53
N ASP QB 65 80.02 55.14 -31.69
CA ASP QB 65 80.33 56.56 -31.83
C ASP QB 65 81.06 57.09 -30.61
N SER QB 66 80.52 56.82 -29.42
CA SER QB 66 81.18 57.28 -28.20
C SER QB 66 82.54 56.62 -28.02
N ALA QB 67 82.63 55.32 -28.31
CA ALA QB 67 83.89 54.61 -28.17
C ALA QB 67 84.96 55.19 -29.10
N MET QB 68 84.60 55.45 -30.36
CA MET QB 68 85.56 56.01 -31.29
C MET QB 68 86.02 57.40 -30.85
N ASP QB 69 85.08 58.21 -30.35
CA ASP QB 69 85.45 59.56 -29.92
C ASP QB 69 86.46 59.52 -28.78
N ARG QB 70 86.23 58.67 -27.78
CA ARG QB 70 87.16 58.59 -26.66
C ARG QB 70 88.51 58.08 -27.10
N LEU QB 71 88.54 57.04 -27.95
CA LEU QB 71 89.80 56.48 -28.39
C LEU QB 71 90.61 57.50 -29.19
N TRP QB 72 89.95 58.25 -30.07
CA TRP QB 72 90.66 59.25 -30.87
C TRP QB 72 91.15 60.40 -30.00
N GLN QB 73 90.36 60.80 -29.00
CA GLN QB 73 90.76 61.89 -28.13
C GLN QB 73 92.05 61.58 -27.39
N LYS QB 74 92.33 60.29 -27.15
CA LYS QB 74 93.56 59.89 -26.48
C LYS QB 74 94.69 59.65 -27.47
N LYS QB 75 94.42 58.95 -28.58
CA LYS QB 75 95.47 58.61 -29.53
C LYS QB 75 96.10 59.85 -30.14
N LYS QB 76 95.28 60.83 -30.53
CA LYS QB 76 95.80 62.02 -31.19
C LYS QB 76 96.79 62.77 -30.31
N ALA QB 77 96.53 62.81 -28.99
CA ALA QB 77 97.44 63.47 -28.08
C ALA QB 77 98.77 62.74 -27.94
N GLU QB 78 98.85 61.49 -28.38
CA GLU QB 78 100.09 60.72 -28.27
C GLU QB 78 100.95 60.81 -29.51
N VAL QB 79 100.34 60.90 -30.69
CA VAL QB 79 101.07 60.98 -31.95
C VAL QB 79 101.24 62.42 -32.43
N GLY QB 80 100.80 63.39 -31.64
CA GLY QB 80 100.95 64.79 -31.98
C GLY QB 80 99.83 65.36 -32.82
N GLN QB 81 98.90 64.53 -33.28
CA GLN QB 81 97.78 65.03 -34.08
C GLN QB 81 96.85 65.89 -33.22
N GLN QB 82 96.39 66.99 -33.79
CA GLN QB 82 95.49 67.90 -33.08
C GLN QB 82 94.83 68.86 -34.06
N GLY RB 2 63.57 27.45 -5.44
CA GLY RB 2 64.64 26.58 -6.03
C GLY RB 2 65.18 25.56 -5.05
N LYS RB 3 66.31 24.94 -5.41
CA LYS RB 3 66.92 23.92 -4.57
C LYS RB 3 67.41 24.53 -3.25
N THR RB 4 67.34 23.73 -2.20
CA THR RB 4 67.97 24.09 -0.95
C THR RB 4 69.49 23.89 -1.07
N ARG RB 5 70.25 24.91 -0.67
CA ARG RB 5 71.69 24.92 -0.88
C ARG RB 5 72.50 24.93 0.40
N GLY RB 6 71.88 25.08 1.56
CA GLY RB 6 72.64 25.27 2.79
C GLY RB 6 73.58 24.11 3.06
N MET RB 7 74.77 24.45 3.59
CA MET RB 7 75.73 23.42 3.96
C MET RB 7 75.18 22.50 5.04
N GLY RB 8 74.27 23.01 5.88
CA GLY RB 8 73.62 22.22 6.90
C GLY RB 8 72.30 21.62 6.50
N ALA RB 9 71.95 21.64 5.21
CA ALA RB 9 70.68 21.13 4.72
C ALA RB 9 70.79 19.69 4.22
N GLY RB 10 71.70 18.91 4.79
CA GLY RB 10 71.87 17.54 4.33
C GLY RB 10 70.64 16.68 4.53
N ARG RB 11 69.98 16.84 5.68
CA ARG RB 11 68.81 16.01 5.97
C ARG RB 11 67.68 16.29 4.99
N LYS RB 12 67.39 17.57 4.74
CA LYS RB 12 66.26 17.91 3.89
C LYS RB 12 66.44 17.39 2.47
N LEU RB 13 67.65 17.55 1.92
CA LEU RB 13 67.90 17.06 0.56
C LEU RB 13 67.73 15.55 0.48
N LYS RB 14 68.26 14.83 1.47
CA LYS RB 14 68.13 13.37 1.47
C LYS RB 14 66.67 12.94 1.64
N SER RB 15 65.94 13.60 2.54
CA SER RB 15 64.55 13.21 2.77
C SER RB 15 63.67 13.61 1.59
N HIS RB 16 63.96 14.75 0.96
CA HIS RB 16 63.18 15.18 -0.19
C HIS RB 16 63.29 14.17 -1.32
N ARG RB 17 64.51 13.73 -1.63
CA ARG RB 17 64.70 12.75 -2.70
C ARG RB 17 64.01 11.43 -2.36
N ARG RB 18 64.02 11.05 -1.09
CA ARG RB 18 63.38 9.79 -0.70
C ARG RB 18 61.89 9.81 -1.02
N ARG RB 19 61.20 10.92 -0.72
CA ARG RB 19 59.78 11.02 -1.03
C ARG RB 19 59.55 11.05 -2.54
N GLN RB 20 60.38 11.77 -3.28
CA GLN RB 20 60.14 11.99 -4.70
C GLN RB 20 60.44 10.77 -5.56
N ARG RB 21 61.26 9.84 -5.08
CA ARG RB 21 61.54 8.64 -5.88
C ARG RB 21 60.28 7.82 -6.11
N TRP RB 22 59.32 7.88 -5.19
CA TRP RB 22 58.08 7.14 -5.37
C TRP RB 22 57.31 7.62 -6.59
N ALA RB 23 57.49 8.88 -6.97
CA ALA RB 23 56.82 9.40 -8.16
C ALA RB 23 57.30 8.72 -9.43
N ASP RB 24 58.46 8.07 -9.40
CA ASP RB 24 58.98 7.35 -10.55
C ASP RB 24 58.31 5.99 -10.66
N LYS RB 25 57.70 5.71 -11.81
CA LYS RB 25 56.97 4.45 -11.98
C LYS RB 25 57.89 3.25 -11.87
N SER RB 26 59.09 3.33 -12.45
CA SER RB 26 60.02 2.21 -12.39
C SER RB 26 60.42 1.92 -10.94
N TYR RB 27 60.73 2.97 -10.18
CA TYR RB 27 61.11 2.78 -8.78
C TYR RB 27 59.96 2.17 -7.98
N LYS RB 28 58.75 2.69 -8.17
CA LYS RB 28 57.62 2.24 -7.36
C LYS RB 28 57.21 0.82 -7.72
N LYS RB 29 57.45 0.39 -8.96
CA LYS RB 29 57.08 -0.96 -9.35
C LYS RB 29 57.89 -2.01 -8.62
N SER RB 30 59.17 -1.73 -8.36
CA SER RB 30 60.04 -2.71 -7.71
C SER RB 30 59.94 -2.66 -6.19
N HIS RB 31 59.74 -1.49 -5.60
CA HIS RB 31 59.73 -1.32 -4.16
C HIS RB 31 58.33 -1.39 -3.55
N LEU RB 32 57.28 -1.55 -4.36
CA LEU RB 32 55.94 -1.67 -3.82
C LEU RB 32 55.70 -3.04 -3.20
N GLY RB 33 56.32 -4.08 -3.76
CA GLY RB 33 56.07 -5.44 -3.31
C GLY RB 33 54.92 -6.14 -4.01
N ASN RB 34 54.26 -5.47 -4.95
CA ASN RB 34 53.16 -6.09 -5.69
C ASN RB 34 53.65 -7.09 -6.74
N GLU RB 35 54.95 -7.16 -7.00
CA GLU RB 35 55.46 -8.13 -7.96
C GLU RB 35 55.22 -9.55 -7.49
N TRP RB 36 55.31 -9.80 -6.18
CA TRP RB 36 55.10 -11.14 -5.66
C TRP RB 36 53.66 -11.62 -5.86
N LYS RB 37 52.72 -10.71 -6.09
CA LYS RB 37 51.34 -11.08 -6.35
C LYS RB 37 51.09 -11.42 -7.82
N LYS RB 38 52.08 -11.25 -8.68
CA LYS RB 38 51.95 -11.63 -10.08
C LYS RB 38 51.89 -13.15 -10.20
N PRO RB 39 51.33 -13.67 -11.31
CA PRO RB 39 51.25 -15.13 -11.46
C PRO RB 39 52.60 -15.83 -11.35
N PHE RB 40 53.66 -15.24 -11.90
CA PHE RB 40 54.99 -15.82 -11.76
C PHE RB 40 55.61 -15.54 -10.39
N ALA RB 41 55.12 -14.54 -9.67
CA ALA RB 41 55.62 -14.22 -8.33
C ALA RB 41 57.13 -13.98 -8.36
N GLY RB 42 57.59 -13.21 -9.35
CA GLY RB 42 59.00 -12.86 -9.45
C GLY RB 42 59.87 -13.89 -10.12
N SER RB 43 59.30 -14.91 -10.73
CA SER RB 43 60.07 -15.95 -11.41
C SER RB 43 60.15 -15.68 -12.90
N SER RB 44 61.23 -16.14 -13.52
CA SER RB 44 61.42 -15.93 -14.95
C SER RB 44 60.50 -16.85 -15.75
N HIS RB 45 60.35 -18.10 -15.33
CA HIS RB 45 59.52 -19.08 -16.01
C HIS RB 45 58.57 -19.71 -15.00
N ALA RB 46 57.70 -20.59 -15.49
CA ALA RB 46 56.76 -21.30 -14.62
C ALA RB 46 56.11 -22.41 -15.42
N LYS RB 47 55.90 -23.55 -14.77
CA LYS RB 47 55.20 -24.66 -15.38
C LYS RB 47 53.71 -24.59 -15.04
N GLY RB 48 52.90 -25.13 -15.94
CA GLY RB 48 51.46 -25.11 -15.75
C GLY RB 48 50.80 -26.23 -16.54
N ILE RB 49 49.50 -26.35 -16.35
CA ILE RB 49 48.68 -27.36 -17.01
C ILE RB 49 47.77 -26.65 -17.99
N VAL RB 50 47.75 -27.12 -19.24
CA VAL RB 50 46.91 -26.52 -20.26
C VAL RB 50 45.46 -26.88 -19.99
N LEU RB 51 44.64 -25.87 -19.72
CA LEU RB 51 43.22 -26.11 -19.46
C LEU RB 51 42.44 -26.28 -20.75
N GLU RB 52 42.63 -25.38 -21.71
CA GLU RB 52 41.94 -25.47 -23.00
C GLU RB 52 42.74 -24.70 -24.03
N LYS RB 53 42.47 -25.02 -25.30
CA LYS RB 53 43.09 -24.34 -26.43
C LYS RB 53 42.11 -23.30 -26.96
N ILE RB 54 42.53 -22.05 -27.00
CA ILE RB 54 41.66 -20.93 -27.37
C ILE RB 54 42.32 -20.08 -28.43
N GLY RB 55 41.51 -19.27 -29.09
CA GLY RB 55 41.99 -18.29 -30.05
C GLY RB 55 41.52 -16.90 -29.65
N ILE RB 56 42.40 -15.92 -29.84
CA ILE RB 56 42.13 -14.54 -29.46
C ILE RB 56 42.18 -13.69 -30.72
N GLU RB 57 41.14 -12.87 -30.91
CA GLU RB 57 41.10 -11.99 -32.07
C GLU RB 57 42.23 -10.96 -31.99
N ALA RB 58 42.96 -10.80 -33.10
CA ALA RB 58 44.03 -9.83 -33.14
C ALA RB 58 43.46 -8.41 -33.07
N LYS RB 59 44.18 -7.52 -32.39
CA LYS RB 59 43.74 -6.15 -32.24
C LYS RB 59 43.90 -5.40 -33.56
N GLN RB 60 43.06 -4.37 -33.74
CA GLN RB 60 43.07 -3.60 -34.97
C GLN RB 60 44.36 -2.78 -35.07
N PRO RB 61 44.76 -2.40 -36.29
CA PRO RB 61 44.07 -2.67 -37.56
C PRO RB 61 44.36 -4.05 -38.16
N ASN RB 62 45.03 -4.90 -37.40
CA ASN RB 62 45.29 -6.26 -37.86
C ASN RB 62 44.02 -7.09 -37.76
N SER RB 63 44.03 -8.23 -38.47
CA SER RB 63 42.89 -9.14 -38.49
C SER RB 63 43.42 -10.56 -38.55
N ALA RB 64 43.32 -11.28 -37.44
CA ALA RB 64 43.77 -12.67 -37.37
C ALA RB 64 43.24 -13.28 -36.08
N ILE RB 65 43.47 -14.57 -35.93
CA ILE RB 65 43.11 -15.32 -34.74
C ILE RB 65 44.40 -15.84 -34.12
N ARG RB 66 44.83 -15.21 -33.04
CA ARG RB 66 46.07 -15.59 -32.37
C ARG RB 66 45.83 -16.84 -31.52
N LYS RB 67 46.58 -17.90 -31.80
CA LYS RB 67 46.40 -19.17 -31.11
C LYS RB 67 47.07 -19.11 -29.74
N CYS RB 68 46.28 -19.20 -28.69
CA CYS RB 68 46.78 -19.18 -27.32
C CYS RB 68 46.27 -20.41 -26.58
N ALA RB 69 46.54 -20.47 -25.28
CA ALA RB 69 46.13 -21.60 -24.46
C ALA RB 69 46.06 -21.16 -23.01
N ARG RB 70 44.91 -21.36 -22.38
CA ARG RB 70 44.78 -21.06 -20.96
C ARG RB 70 45.54 -22.08 -20.14
N VAL RB 71 46.39 -21.60 -19.24
CA VAL RB 71 47.28 -22.45 -18.44
C VAL RB 71 47.10 -22.11 -16.98
N GLN RB 72 46.99 -23.14 -16.15
CA GLN RB 72 46.93 -22.98 -14.70
C GLN RB 72 48.30 -23.30 -14.12
N LEU RB 73 48.89 -22.34 -13.41
CA LEU RB 73 50.23 -22.52 -12.87
C LEU RB 73 50.22 -23.52 -11.72
N ILE RB 74 51.20 -24.43 -11.73
CA ILE RB 74 51.23 -25.51 -10.75
C ILE RB 74 51.56 -24.98 -9.37
N LYS RB 75 52.49 -24.01 -9.28
CA LYS RB 75 53.02 -23.62 -7.98
C LYS RB 75 52.02 -22.80 -7.17
N ASN RB 76 51.12 -22.07 -7.84
CA ASN RB 76 50.14 -21.23 -7.15
C ASN RB 76 48.73 -21.38 -7.67
N GLY RB 77 48.51 -22.13 -8.75
CA GLY RB 77 47.16 -22.39 -9.22
C GLY RB 77 46.48 -21.22 -9.89
N LYS RB 78 47.24 -20.26 -10.39
CA LYS RB 78 46.66 -19.12 -11.09
C LYS RB 78 46.56 -19.42 -12.58
N LYS RB 79 45.50 -18.91 -13.20
CA LYS RB 79 45.21 -19.18 -14.60
C LYS RB 79 45.65 -18.00 -15.46
N ILE RB 80 46.38 -18.29 -16.53
CA ILE RB 80 46.91 -17.29 -17.42
C ILE RB 80 46.68 -17.73 -18.87
N ALA RB 81 46.84 -16.77 -19.78
CA ALA RB 81 46.75 -17.02 -21.21
C ALA RB 81 48.16 -16.94 -21.79
N ALA RB 82 48.63 -18.03 -22.40
CA ALA RB 82 49.96 -18.11 -22.97
C ALA RB 82 49.85 -18.24 -24.49
N PHE RB 83 50.52 -17.33 -25.20
CA PHE RB 83 50.52 -17.38 -26.66
C PHE RB 83 51.42 -18.50 -27.16
N VAL RB 84 50.98 -19.17 -28.21
CA VAL RB 84 51.74 -20.26 -28.82
C VAL RB 84 52.35 -19.71 -30.12
N PRO RB 85 53.65 -19.52 -30.19
CA PRO RB 85 54.25 -18.90 -31.38
C PRO RB 85 54.43 -19.88 -32.52
N ASN RB 86 54.88 -19.35 -33.65
CA ASN RB 86 55.19 -20.12 -34.86
C ASN RB 86 53.92 -20.68 -35.49
N ASP RB 87 54.06 -21.22 -36.70
CA ASP RB 87 52.91 -21.64 -37.50
C ASP RB 87 52.61 -23.11 -37.23
N GLY RB 88 51.36 -23.40 -36.86
CA GLY RB 88 50.93 -24.77 -36.67
C GLY RB 88 51.44 -25.43 -35.42
N CYS RB 89 51.96 -24.66 -34.46
CA CYS RB 89 52.45 -25.24 -33.22
C CYS RB 89 51.33 -25.55 -32.23
N LEU RB 90 50.13 -25.00 -32.45
CA LEU RB 90 49.01 -25.33 -31.57
C LEU RB 90 48.66 -26.81 -31.67
N ASN RB 91 48.95 -27.44 -32.82
CA ASN RB 91 48.69 -28.87 -32.97
C ASN RB 91 49.58 -29.72 -32.08
N TYR RB 92 50.69 -29.16 -31.60
CA TYR RB 92 51.59 -29.88 -30.71
C TYR RB 92 51.16 -29.79 -29.25
N ILE RB 93 50.11 -29.06 -28.93
CA ILE RB 93 49.67 -28.83 -27.56
C ILE RB 93 48.32 -29.52 -27.36
N GLU RB 94 48.22 -30.32 -26.31
CA GLU RB 94 46.98 -30.99 -25.94
C GLU RB 94 46.56 -30.55 -24.56
N GLU RB 95 45.25 -30.60 -24.30
CA GLU RB 95 44.73 -30.17 -23.01
C GLU RB 95 45.23 -31.09 -21.91
N ASN RB 96 45.34 -30.53 -20.71
CA ASN RB 96 45.86 -31.25 -19.54
C ASN RB 96 47.27 -31.75 -19.80
N ASP RB 97 48.13 -30.84 -20.29
CA ASP RB 97 49.51 -31.14 -20.59
C ASP RB 97 50.41 -30.15 -19.88
N GLU RB 98 51.61 -30.61 -19.52
CA GLU RB 98 52.56 -29.78 -18.78
C GLU RB 98 53.35 -28.93 -19.77
N VAL RB 99 53.29 -27.61 -19.60
CA VAL RB 99 53.95 -26.67 -20.48
C VAL RB 99 54.73 -25.66 -19.65
N LEU RB 100 55.95 -25.35 -20.09
CA LEU RB 100 56.76 -24.32 -19.46
C LEU RB 100 56.43 -22.97 -20.07
N ILE RB 101 56.13 -21.99 -19.22
CA ILE RB 101 55.70 -20.67 -19.66
C ILE RB 101 56.80 -19.66 -19.35
N ALA RB 102 56.88 -18.63 -20.18
CA ALA RB 102 57.82 -17.55 -19.99
C ALA RB 102 57.14 -16.22 -20.30
N GLY RB 103 57.82 -15.13 -19.99
CA GLY RB 103 57.31 -13.81 -20.30
C GLY RB 103 57.32 -13.55 -21.79
N PHE RB 104 56.59 -12.51 -22.19
CA PHE RB 104 56.46 -12.16 -23.59
C PHE RB 104 57.52 -11.16 -24.05
N GLY RB 105 58.37 -10.67 -23.16
CA GLY RB 105 59.48 -9.82 -23.51
C GLY RB 105 59.35 -8.37 -23.06
N ARG RB 106 58.20 -7.95 -22.56
CA ARG RB 106 57.99 -6.57 -22.13
C ARG RB 106 57.71 -6.48 -20.64
N LYS RB 107 58.19 -7.46 -19.86
CA LYS RB 107 58.15 -7.41 -18.40
C LYS RB 107 56.72 -7.21 -17.90
N GLY RB 108 55.85 -8.15 -18.26
CA GLY RB 108 54.47 -8.12 -17.82
C GLY RB 108 53.54 -7.23 -18.61
N HIS RB 109 54.01 -6.67 -19.72
CA HIS RB 109 53.18 -5.82 -20.58
C HIS RB 109 52.76 -6.60 -21.82
N ALA RB 110 51.60 -6.24 -22.37
CA ALA RB 110 51.12 -6.86 -23.58
C ALA RB 110 52.04 -6.55 -24.76
N VAL RB 111 52.13 -7.49 -25.69
CA VAL RB 111 53.05 -7.39 -26.82
C VAL RB 111 52.27 -7.52 -28.12
N GLY RB 112 52.59 -6.65 -29.08
CA GLY RB 112 52.02 -6.75 -30.40
C GLY RB 112 50.53 -6.46 -30.41
N ASP RB 113 49.82 -7.11 -31.33
CA ASP RB 113 48.38 -6.93 -31.49
C ASP RB 113 47.57 -7.91 -30.66
N ILE RB 114 48.22 -8.77 -29.89
CA ILE RB 114 47.52 -9.76 -29.07
C ILE RB 114 46.96 -9.03 -27.85
N PRO RB 115 45.64 -9.02 -27.62
CA PRO RB 115 45.08 -8.24 -26.51
C PRO RB 115 45.21 -8.99 -25.19
N GLY RB 116 45.76 -8.31 -24.18
CA GLY RB 116 45.81 -8.85 -22.84
C GLY RB 116 46.54 -10.17 -22.72
N VAL RB 117 47.64 -10.33 -23.46
CA VAL RB 117 48.47 -11.52 -23.39
C VAL RB 117 49.89 -11.10 -23.09
N ARG RB 118 50.49 -11.69 -22.04
CA ARG RB 118 51.83 -11.33 -21.61
C ARG RB 118 52.70 -12.56 -21.35
N PHE RB 119 52.28 -13.74 -21.81
CA PHE RB 119 53.06 -14.95 -21.62
C PHE RB 119 53.07 -15.74 -22.93
N LYS RB 120 54.09 -16.58 -23.08
CA LYS RB 120 54.22 -17.44 -24.24
C LYS RB 120 54.68 -18.82 -23.78
N VAL RB 121 54.43 -19.82 -24.62
CA VAL RB 121 54.76 -21.21 -24.31
C VAL RB 121 56.15 -21.52 -24.86
N VAL RB 122 57.00 -22.08 -24.01
CA VAL RB 122 58.36 -22.43 -24.39
C VAL RB 122 58.50 -23.94 -24.61
N LYS RB 123 58.02 -24.74 -23.67
CA LYS RB 123 58.08 -26.19 -23.75
C LYS RB 123 56.69 -26.79 -23.66
N VAL RB 124 56.53 -27.98 -24.24
CA VAL RB 124 55.34 -28.79 -24.09
C VAL RB 124 55.77 -30.22 -23.83
N SER RB 125 55.27 -30.80 -22.74
CA SER RB 125 55.62 -32.16 -22.34
C SER RB 125 57.14 -32.32 -22.22
N GLY RB 126 57.80 -31.29 -21.73
CA GLY RB 126 59.23 -31.33 -21.53
C GLY RB 126 60.06 -31.16 -22.79
N VAL RB 127 59.44 -30.77 -23.90
CA VAL RB 127 60.14 -30.59 -25.18
C VAL RB 127 59.86 -29.18 -25.67
N SER RB 128 60.91 -28.50 -26.13
CA SER RB 128 60.75 -27.13 -26.61
C SER RB 128 59.95 -27.11 -27.90
N LEU RB 129 59.08 -26.11 -28.04
CA LEU RB 129 58.31 -25.95 -29.27
C LEU RB 129 59.22 -25.73 -30.46
N LEU RB 130 60.37 -25.09 -30.25
CA LEU RB 130 61.30 -24.86 -31.35
C LEU RB 130 61.78 -26.17 -31.95
N ALA RB 131 62.13 -27.14 -31.09
CA ALA RB 131 62.56 -28.44 -31.58
C ALA RB 131 61.44 -29.14 -32.36
N LEU RB 132 60.21 -29.09 -31.83
CA LEU RB 132 59.09 -29.69 -32.53
C LEU RB 132 58.82 -28.99 -33.85
N PHE RB 133 58.91 -27.65 -33.86
CA PHE RB 133 58.65 -26.90 -35.08
C PHE RB 133 59.64 -27.27 -36.18
N LYS RB 134 60.92 -27.44 -35.81
CA LYS RB 134 61.96 -27.80 -36.77
C LYS RB 134 62.11 -29.30 -36.93
N GLU RB 135 61.21 -30.09 -36.33
CA GLU RB 135 61.25 -31.54 -36.42
C GLU RB 135 62.54 -32.11 -35.83
N LYS RB 136 63.15 -31.39 -34.89
CA LYS RB 136 64.33 -31.91 -34.21
C LYS RB 136 63.95 -33.05 -33.26
N LYS RB 137 62.84 -32.90 -32.54
CA LYS RB 137 62.37 -33.91 -31.60
C LYS RB 137 60.87 -34.10 -31.77
N GLU RB 138 60.33 -35.07 -31.03
CA GLU RB 138 58.91 -35.37 -31.04
C GLU RB 138 58.42 -35.52 -29.60
N LYS RB 139 57.14 -35.25 -29.40
CA LYS RB 139 56.57 -35.33 -28.06
C LYS RB 139 56.62 -36.77 -27.57
N PRO RB 140 56.86 -37.00 -26.27
CA PRO RB 140 56.95 -38.37 -25.73
C PRO RB 140 55.59 -39.02 -25.45
N ARG RB 141 54.97 -39.54 -26.51
CA ARG RB 141 53.71 -40.26 -26.39
C ARG RB 141 53.40 -40.91 -27.73
N SER RB 142 52.33 -41.70 -27.74
CA SER RB 142 51.89 -42.39 -28.94
C SER RB 142 52.96 -43.37 -29.45
N THR SB 2 47.57 29.25 -25.61
CA THR SB 2 48.15 30.48 -26.23
C THR SB 2 47.46 31.72 -25.68
N PHE SB 3 48.26 32.69 -25.24
CA PHE SB 3 47.75 33.93 -24.68
C PHE SB 3 47.57 34.95 -25.81
N LYS SB 4 46.34 35.42 -25.99
CA LYS SB 4 46.04 36.24 -27.15
C LYS SB 4 46.38 37.72 -26.92
N ARG SB 5 46.18 38.22 -25.70
CA ARG SB 5 46.37 39.63 -25.40
C ARG SB 5 47.16 39.79 -24.11
N ARG SB 6 48.02 40.80 -24.08
CA ARG SB 6 48.78 41.11 -22.87
C ARG SB 6 47.85 41.55 -21.74
N ASN SB 7 46.80 42.30 -22.07
CA ASN SB 7 45.84 42.78 -21.08
C ASN SB 7 44.78 41.73 -20.74
N GLY SB 8 44.80 40.57 -21.40
CA GLY SB 8 43.83 39.54 -21.10
C GLY SB 8 42.43 39.86 -21.58
N GLY SB 9 42.27 40.82 -22.47
CA GLY SB 9 40.97 41.22 -22.95
C GLY SB 9 40.26 42.24 -22.09
N ARG SB 10 40.88 42.72 -21.02
CA ARG SB 10 40.27 43.68 -20.13
C ARG SB 10 41.31 44.72 -19.74
N ASN SB 11 40.94 45.62 -18.83
CA ASN SB 11 41.80 46.71 -18.38
C ASN SB 11 41.78 46.71 -16.85
N LYS SB 12 42.60 45.87 -16.24
CA LYS SB 12 42.65 45.73 -14.79
C LYS SB 12 44.09 45.55 -14.35
N HIS SB 13 44.61 46.50 -13.57
CA HIS SB 13 45.95 46.43 -13.04
C HIS SB 13 45.93 46.88 -11.59
N GLY SB 14 46.60 46.11 -10.72
CA GLY SB 14 46.69 46.48 -9.32
C GLY SB 14 45.37 46.52 -8.59
N ARG SB 15 44.44 45.63 -8.94
CA ARG SB 15 43.18 45.51 -8.22
C ARG SB 15 42.61 44.12 -8.47
N GLY SB 16 41.89 43.61 -7.48
CA GLY SB 16 41.36 42.27 -7.56
C GLY SB 16 40.05 42.15 -8.33
N HIS SB 17 39.02 42.86 -7.88
CA HIS SB 17 37.67 42.70 -8.40
C HIS SB 17 37.14 44.02 -8.94
N VAL SB 18 36.42 43.93 -10.06
CA VAL SB 18 35.71 45.05 -10.65
C VAL SB 18 34.25 44.67 -10.80
N LYS SB 19 33.36 45.51 -10.29
CA LYS SB 19 31.94 45.24 -10.40
C LYS SB 19 31.51 45.26 -11.87
N PHE SB 20 30.59 44.37 -12.21
CA PHE SB 20 30.17 44.22 -13.60
C PHE SB 20 29.08 45.23 -13.95
N ILE SB 21 28.88 45.42 -15.25
CA ILE SB 21 27.75 46.15 -15.79
C ILE SB 21 26.95 45.19 -16.65
N ARG SB 22 25.75 45.62 -17.03
CA ARG SB 22 24.82 44.80 -17.80
C ARG SB 22 24.80 45.32 -19.23
N CYS SB 23 24.99 44.41 -20.19
CA CYS SB 23 25.07 44.79 -21.59
C CYS SB 23 23.80 45.52 -22.01
N SER SB 24 23.96 46.65 -22.70
CA SER SB 24 22.82 47.43 -23.15
C SER SB 24 21.95 46.67 -24.14
N ASN SB 25 22.50 45.66 -24.81
CA ASN SB 25 21.76 44.92 -25.83
C ASN SB 25 21.06 43.71 -25.23
N CYS SB 26 21.81 42.79 -24.63
CA CYS SB 26 21.27 41.54 -24.12
C CYS SB 26 21.20 41.47 -22.60
N GLY SB 27 21.84 42.40 -21.89
CA GLY SB 27 21.83 42.37 -20.44
C GLY SB 27 22.85 41.46 -19.81
N LYS SB 28 23.77 40.90 -20.60
CA LYS SB 28 24.78 40.01 -20.06
C LYS SB 28 25.69 40.76 -19.08
N CYS SB 29 26.05 40.08 -18.00
CA CYS SB 29 26.98 40.67 -17.03
C CYS SB 29 28.40 40.65 -17.60
N CYS SB 30 29.07 41.80 -17.51
CA CYS SB 30 30.43 41.92 -17.99
C CYS SB 30 31.18 42.91 -17.12
N PRO SB 31 32.42 42.64 -16.74
CA PRO SB 31 33.18 43.63 -15.96
C PRO SB 31 33.26 44.95 -16.70
N LYS SB 32 33.16 46.04 -15.93
CA LYS SB 32 33.12 47.36 -16.55
C LYS SB 32 34.38 47.63 -17.36
N ASP SB 33 35.54 47.20 -16.84
CA ASP SB 33 36.80 47.44 -17.55
C ASP SB 33 36.91 46.62 -18.82
N LYS SB 34 36.10 45.58 -18.98
CA LYS SB 34 36.13 44.74 -20.18
C LYS SB 34 35.07 45.13 -21.20
N ALA SB 35 33.96 45.73 -20.76
CA ALA SB 35 32.89 46.08 -21.68
C ALA SB 35 33.33 47.13 -22.68
N ILE SB 36 32.81 47.03 -23.90
CA ILE SB 36 33.06 48.03 -24.93
C ILE SB 36 32.09 49.18 -24.70
N LYS SB 37 32.65 50.37 -24.46
CA LYS SB 37 31.86 51.55 -24.10
C LYS SB 37 31.90 52.56 -25.24
N ARG SB 38 30.72 53.05 -25.61
CA ARG SB 38 30.59 54.08 -26.63
C ARG SB 38 29.60 55.13 -26.14
N PHE SB 39 30.00 56.39 -26.22
CA PHE SB 39 29.17 57.52 -25.76
C PHE SB 39 28.62 58.22 -26.99
N LEU SB 40 27.33 58.02 -27.26
CA LEU SB 40 26.69 58.53 -28.46
C LEU SB 40 26.00 59.85 -28.14
N VAL SB 41 26.35 60.89 -28.90
CA VAL SB 41 25.71 62.20 -28.78
C VAL SB 41 25.15 62.56 -30.15
N ARG SB 42 23.84 62.78 -30.21
CA ARG SB 42 23.19 63.15 -31.46
C ARG SB 42 21.96 63.99 -31.15
N ASN SB 43 21.51 64.75 -32.14
CA ASN SB 43 20.33 65.56 -31.98
C ASN SB 43 19.12 64.69 -31.69
N ILE SB 44 18.25 65.17 -30.79
CA ILE SB 44 17.04 64.44 -30.45
C ILE SB 44 16.12 64.32 -31.66
N VAL SB 45 16.29 65.16 -32.66
CA VAL SB 45 15.52 65.12 -33.90
C VAL SB 45 16.46 64.73 -35.04
N GLU SB 46 16.07 63.70 -35.80
CA GLU SB 46 16.91 63.23 -36.89
C GLU SB 46 17.02 64.30 -37.97
N GLN SB 47 18.15 64.26 -38.70
CA GLN SB 47 18.39 65.27 -39.72
C GLN SB 47 17.29 65.29 -40.78
N ALA SB 48 16.63 64.15 -40.99
CA ALA SB 48 15.54 64.08 -41.98
C ALA SB 48 14.30 64.83 -41.53
N ALA SB 49 14.22 65.24 -40.27
CA ALA SB 49 13.06 65.95 -39.75
C ALA SB 49 13.40 67.31 -39.15
N VAL SB 50 14.66 67.74 -39.20
CA VAL SB 50 15.04 69.03 -38.63
C VAL SB 50 14.32 70.16 -39.35
N ARG SB 51 14.27 70.10 -40.69
CA ARG SB 51 13.65 71.18 -41.46
C ARG SB 51 12.18 71.35 -41.08
N ASP SB 52 11.45 70.23 -41.02
CA ASP SB 52 10.03 70.33 -40.69
C ASP SB 52 9.81 70.84 -39.27
N VAL SB 53 10.57 70.32 -38.31
CA VAL SB 53 10.41 70.75 -36.92
C VAL SB 53 10.77 72.22 -36.76
N GLN SB 54 11.86 72.66 -37.40
CA GLN SB 54 12.26 74.05 -37.30
C GLN SB 54 11.21 74.98 -37.86
N GLU SB 55 10.60 74.61 -39.00
CA GLU SB 55 9.57 75.45 -39.58
C GLU SB 55 8.36 75.57 -38.66
N ALA SB 56 8.05 74.52 -37.90
CA ALA SB 56 6.91 74.53 -36.99
C ALA SB 56 7.26 75.04 -35.61
N CYS SB 57 8.49 75.50 -35.39
CA CYS SB 57 8.88 75.99 -34.08
C CYS SB 57 7.99 77.14 -33.63
N ALA SB 58 7.62 77.13 -32.36
CA ALA SB 58 6.77 78.17 -31.78
C ALA SB 58 7.58 79.31 -31.16
N PHE SB 59 8.91 79.28 -31.26
CA PHE SB 59 9.77 80.30 -30.69
C PHE SB 59 10.65 80.87 -31.79
N GLU SB 60 10.96 82.17 -31.69
CA GLU SB 60 11.83 82.80 -32.67
C GLU SB 60 13.22 82.17 -32.67
N LEU SB 61 13.74 81.86 -31.48
CA LEU SB 61 15.03 81.21 -31.34
C LEU SB 61 14.90 80.02 -30.41
N TYR SB 62 15.41 78.87 -30.83
CA TYR SB 62 15.37 77.67 -30.00
C TYR SB 62 16.38 76.66 -30.55
N THR SB 63 17.23 76.16 -29.67
CA THR SB 63 18.23 75.16 -30.04
C THR SB 63 17.70 73.77 -29.69
N LEU SB 64 17.66 72.89 -30.67
CA LEU SB 64 17.17 71.54 -30.45
C LEU SB 64 18.10 70.80 -29.49
N PRO SB 65 17.59 70.27 -28.37
CA PRO SB 65 18.47 69.53 -27.46
C PRO SB 65 19.02 68.27 -28.10
N LYS SB 66 20.17 67.86 -27.59
CA LYS SB 66 20.85 66.64 -28.05
C LYS SB 66 20.53 65.47 -27.12
N LEU SB 67 20.67 64.27 -27.66
CA LEU SB 67 20.39 63.03 -26.94
C LEU SB 67 21.72 62.38 -26.58
N TYR SB 68 22.00 62.30 -25.28
CA TYR SB 68 23.22 61.69 -24.78
C TYR SB 68 22.89 60.29 -24.27
N LEU SB 69 23.56 59.28 -24.84
CA LEU SB 69 23.35 57.89 -24.45
C LEU SB 69 24.70 57.20 -24.39
N LYS SB 70 25.01 56.60 -23.24
CA LYS SB 70 26.23 55.83 -23.06
C LYS SB 70 25.89 54.35 -23.20
N MET SB 71 26.50 53.70 -24.18
CA MET SB 71 26.21 52.31 -24.50
C MET SB 71 27.36 51.43 -24.04
N GLN SB 72 27.03 50.37 -23.30
CA GLN SB 72 28.00 49.42 -22.79
C GLN SB 72 27.63 48.04 -23.34
N TYR SB 73 28.50 47.50 -24.19
CA TYR SB 73 28.24 46.24 -24.87
C TYR SB 73 29.14 45.14 -24.30
N CYS SB 74 28.62 43.92 -24.31
CA CYS SB 74 29.47 42.76 -24.09
C CYS SB 74 30.24 42.45 -25.38
N VAL SB 75 31.17 41.51 -25.28
CA VAL SB 75 32.01 41.19 -26.43
C VAL SB 75 31.17 40.64 -27.57
N SER SB 76 30.25 39.71 -27.27
CA SER SB 76 29.46 39.09 -28.31
C SER SB 76 28.60 40.10 -29.06
N CYS SB 77 27.95 41.02 -28.32
CA CYS SB 77 27.08 41.99 -28.96
C CYS SB 77 27.87 43.02 -29.76
N ALA SB 78 29.03 43.43 -29.25
CA ALA SB 78 29.84 44.41 -29.97
C ALA SB 78 30.29 43.86 -31.32
N ILE SB 79 30.71 42.59 -31.36
CA ILE SB 79 31.14 41.99 -32.62
C ILE SB 79 29.95 41.81 -33.56
N HIS SB 80 28.84 41.30 -33.03
CA HIS SB 80 27.67 41.05 -33.88
C HIS SB 80 27.10 42.35 -34.43
N SER SB 81 27.04 43.40 -33.60
CA SER SB 81 26.53 44.70 -34.01
C SER SB 81 27.53 45.48 -34.85
N LYS SB 82 28.75 44.96 -35.04
CA LYS SB 82 29.79 45.61 -35.82
C LYS SB 82 30.31 46.88 -35.15
N VAL SB 83 30.07 47.05 -33.85
CA VAL SB 83 30.71 48.14 -33.12
C VAL SB 83 32.22 47.99 -33.17
N VAL SB 84 32.70 46.75 -33.05
CA VAL SB 84 34.11 46.42 -33.25
C VAL SB 84 34.18 45.26 -34.23
N ARG SB 85 35.32 45.13 -34.88
CA ARG SB 85 35.55 44.09 -35.87
C ARG SB 85 36.80 43.29 -35.51
N VAL SB 86 36.84 42.05 -36.01
CA VAL SB 86 38.02 41.22 -35.83
C VAL SB 86 39.16 41.79 -36.66
N ARG SB 87 40.30 42.03 -36.01
CA ARG SB 87 41.46 42.62 -36.65
C ARG SB 87 42.58 41.60 -36.75
N SER SB 88 43.54 41.88 -37.63
CA SER SB 88 44.70 41.02 -37.79
C SER SB 88 45.58 41.09 -36.55
N ARG SB 89 46.47 40.11 -36.43
CA ARG SB 89 47.30 40.01 -35.23
C ARG SB 89 48.09 41.29 -35.00
N THR SB 90 48.60 41.90 -36.08
CA THR SB 90 49.37 43.13 -35.94
C THR SB 90 48.48 44.29 -35.53
N ASP SB 91 47.27 44.37 -36.09
CA ASP SB 91 46.38 45.50 -35.86
C ASP SB 91 45.68 45.45 -34.51
N ARG SB 92 45.74 44.32 -33.79
CA ARG SB 92 45.08 44.24 -32.49
C ARG SB 92 45.72 45.18 -31.48
N ARG SB 93 47.01 45.47 -31.61
CA ARG SB 93 47.71 46.30 -30.64
C ARG SB 93 47.36 47.78 -30.77
N VAL SB 94 46.88 48.22 -31.93
CA VAL SB 94 46.55 49.63 -32.12
C VAL SB 94 45.40 50.00 -31.19
N ARG SB 95 45.68 50.89 -30.23
CA ARG SB 95 44.69 51.33 -29.27
C ARG SB 95 44.05 52.67 -29.61
N GLU SB 96 44.67 53.45 -30.49
CA GLU SB 96 44.11 54.74 -30.85
C GLU SB 96 42.79 54.56 -31.58
N PRO SB 97 41.79 55.41 -31.35
CA PRO SB 97 40.51 55.26 -32.04
C PRO SB 97 40.69 55.52 -33.53
N PRO SB 98 39.85 54.91 -34.37
CA PRO SB 98 40.01 55.10 -35.83
C PRO SB 98 39.57 56.47 -36.30
N GLN SB 99 39.62 56.70 -37.61
CA GLN SB 99 39.23 57.98 -38.18
C GLN SB 99 37.77 57.96 -38.64
N LYS TB 44 83.08 29.22 -67.72
CA LYS TB 44 84.13 29.38 -66.72
C LYS TB 44 83.64 30.28 -65.58
N TRP TB 45 84.58 30.78 -64.78
CA TRP TB 45 84.25 31.63 -63.64
C TRP TB 45 84.51 33.08 -63.98
N VAL TB 46 83.49 33.92 -63.80
CA VAL TB 46 83.63 35.36 -63.97
C VAL TB 46 83.31 36.01 -62.63
N PRO TB 47 84.31 36.31 -61.80
CA PRO TB 47 84.01 36.83 -60.45
C PRO TB 47 83.21 38.13 -60.50
N VAL TB 48 82.29 38.28 -59.56
CA VAL TB 48 81.45 39.45 -59.45
C VAL TB 48 81.69 40.22 -58.16
N THR TB 49 82.57 39.74 -57.29
CA THR TB 49 82.89 40.40 -56.03
C THR TB 49 84.38 40.74 -55.99
N LYS TB 50 84.74 41.65 -55.08
CA LYS TB 50 86.12 42.08 -54.97
C LYS TB 50 87.04 40.92 -54.60
N LEU TB 51 86.62 40.08 -53.65
CA LEU TB 51 87.43 38.93 -53.26
C LEU TB 51 87.61 37.97 -54.43
N GLY TB 52 86.56 37.76 -55.23
CA GLY TB 52 86.67 36.86 -56.36
C GLY TB 52 87.76 37.28 -57.34
N ARG TB 53 87.85 38.58 -57.63
CA ARG TB 53 88.90 39.06 -58.52
C ARG TB 53 90.28 38.89 -57.89
N LEU TB 54 90.42 39.24 -56.62
CA LEU TB 54 91.69 39.08 -55.94
C LEU TB 54 92.10 37.61 -55.89
N VAL TB 55 91.15 36.73 -55.56
CA VAL TB 55 91.42 35.30 -55.57
C VAL TB 55 91.67 34.82 -57.00
N LYS TB 56 90.87 35.31 -57.96
CA LYS TB 56 91.10 34.98 -59.35
C LYS TB 56 92.46 35.47 -59.82
N ASP TB 57 92.81 36.72 -59.49
CA ASP TB 57 94.13 37.24 -59.84
C ASP TB 57 95.23 36.49 -59.11
N GLY TB 58 95.02 36.17 -57.84
CA GLY TB 58 96.02 35.50 -57.03
C GLY TB 58 96.60 36.32 -55.91
N LYS TB 59 96.10 37.53 -55.67
CA LYS TB 59 96.63 38.35 -54.57
C LYS TB 59 96.39 37.67 -53.23
N ILE TB 60 95.20 37.11 -53.03
CA ILE TB 60 94.87 36.38 -51.81
C ILE TB 60 95.10 34.90 -52.07
N ARG TB 61 95.88 34.25 -51.21
CA ARG TB 61 96.26 32.86 -51.40
C ARG TB 61 95.96 32.00 -50.17
N SER TB 62 95.25 32.53 -49.18
CA SER TB 62 94.92 31.77 -47.98
C SER TB 62 93.61 32.27 -47.40
N LEU TB 63 92.81 31.34 -46.88
CA LEU TB 63 91.56 31.72 -46.24
C LEU TB 63 91.79 32.51 -44.96
N GLU TB 64 92.91 32.27 -44.27
CA GLU TB 64 93.19 32.99 -43.03
C GLU TB 64 93.28 34.49 -43.27
N GLN TB 65 93.80 34.91 -44.43
CA GLN TB 65 93.84 36.33 -44.76
C GLN TB 65 92.44 36.90 -44.88
N ILE TB 66 91.46 36.09 -45.28
CA ILE TB 66 90.08 36.55 -45.33
C ILE TB 66 89.45 36.50 -43.95
N TYR TB 67 89.68 35.41 -43.20
CA TYR TB 67 89.10 35.30 -41.86
C TYR TB 67 89.59 36.42 -40.95
N LEU TB 68 90.80 36.92 -41.17
CA LEU TB 68 91.35 37.94 -40.29
C LEU TB 68 90.48 39.19 -40.29
N HIS TB 69 90.00 39.60 -41.46
CA HIS TB 69 89.19 40.80 -41.60
C HIS TB 69 87.70 40.51 -41.62
N SER TB 70 87.30 39.24 -41.41
CA SER TB 70 85.89 38.87 -41.32
C SER TB 70 85.12 39.32 -42.56
N LEU TB 71 85.68 39.04 -43.73
CA LEU TB 71 85.04 39.41 -44.99
C LEU TB 71 84.10 38.30 -45.44
N PRO TB 72 82.83 38.59 -45.75
CA PRO TB 72 81.93 37.53 -46.21
C PRO TB 72 82.38 36.94 -47.54
N ILE TB 73 82.11 35.65 -47.70
CA ILE TB 73 82.45 34.91 -48.92
C ILE TB 73 81.14 34.46 -49.55
N LYS TB 74 80.90 34.87 -50.79
CA LYS TB 74 79.64 34.59 -51.48
C LYS TB 74 79.80 33.68 -52.69
N GLU TB 75 81.02 33.46 -53.18
CA GLU TB 75 81.26 32.64 -54.36
C GLU TB 75 82.01 31.40 -53.96
N PHE TB 76 81.47 30.23 -54.33
CA PHE TB 76 82.11 28.98 -53.96
C PHE TB 76 83.39 28.71 -54.72
N GLN TB 77 83.62 29.42 -55.84
CA GLN TB 77 84.87 29.26 -56.57
C GLN TB 77 86.05 29.76 -55.75
N ILE TB 78 85.82 30.73 -54.85
CA ILE TB 78 86.90 31.20 -53.98
C ILE TB 78 87.38 30.06 -53.09
N ILE TB 79 86.44 29.31 -52.51
CA ILE TB 79 86.82 28.21 -51.63
C ILE TB 79 87.51 27.11 -52.43
N ASP TB 80 87.05 26.85 -53.65
CA ASP TB 80 87.68 25.84 -54.50
C ASP TB 80 89.06 26.25 -54.96
N THR TB 81 89.39 27.54 -54.90
CA THR TB 81 90.69 28.02 -55.33
C THR TB 81 91.73 28.04 -54.23
N LEU TB 82 91.30 28.07 -52.96
CA LEU TB 82 92.22 28.16 -51.83
C LEU TB 82 92.44 26.81 -51.14
N ILE TB 83 91.35 26.08 -50.85
CA ILE TB 83 91.46 24.78 -50.20
C ILE TB 83 90.68 23.74 -51.00
N GLY TB 84 90.48 24.00 -52.29
CA GLY TB 84 89.72 23.13 -53.14
C GLY TB 84 90.15 21.68 -53.09
N PRO TB 85 91.40 21.40 -53.48
CA PRO TB 85 91.83 20.00 -53.57
C PRO TB 85 91.77 19.25 -52.25
N SER TB 86 91.92 19.93 -51.12
CA SER TB 86 91.94 19.28 -49.82
C SER TB 86 90.56 19.07 -49.23
N LEU TB 87 89.52 19.64 -49.82
CA LEU TB 87 88.18 19.51 -49.27
C LEU TB 87 87.61 18.12 -49.53
N LYS TB 88 86.55 17.79 -48.80
CA LYS TB 88 85.89 16.49 -48.94
C LYS TB 88 84.45 16.65 -48.45
N ASP TB 89 83.50 16.55 -49.37
CA ASP TB 89 82.09 16.68 -49.04
C ASP TB 89 81.49 15.34 -48.65
N GLU TB 90 80.38 15.40 -47.94
CA GLU TB 90 79.68 14.18 -47.50
C GLU TB 90 78.26 14.55 -47.13
N VAL TB 91 77.29 13.84 -47.73
CA VAL TB 91 75.89 14.11 -47.48
C VAL TB 91 75.49 13.48 -46.14
N MET TB 92 74.96 14.30 -45.24
CA MET TB 92 74.60 13.80 -43.92
C MET TB 92 73.24 13.09 -43.94
N LYS TB 93 72.26 13.66 -44.63
CA LYS TB 93 70.92 13.09 -44.63
C LYS TB 93 70.09 13.77 -45.70
N ILE TB 94 69.09 13.05 -46.21
CA ILE TB 94 68.09 13.58 -47.12
C ILE TB 94 66.78 13.62 -46.38
N MET TB 95 66.23 14.81 -46.19
CA MET TB 95 65.04 15.02 -45.38
C MET TB 95 63.89 15.52 -46.26
N PRO TB 96 62.90 14.69 -46.58
CA PRO TB 96 61.75 15.18 -47.35
C PRO TB 96 60.83 16.02 -46.48
N VAL TB 97 60.39 17.16 -47.03
CA VAL TB 97 59.43 18.03 -46.36
C VAL TB 97 58.25 18.23 -47.29
N GLN TB 98 57.07 18.38 -46.70
CA GLN TB 98 55.82 18.40 -47.45
C GLN TB 98 55.02 19.66 -47.12
N LYS TB 99 54.40 20.23 -48.15
CA LYS TB 99 53.51 21.38 -48.01
C LYS TB 99 52.13 20.97 -48.52
N GLN TB 100 51.12 21.11 -47.66
CA GLN TB 100 49.77 20.73 -48.03
C GLN TB 100 49.23 21.64 -49.13
N THR TB 101 48.61 21.03 -50.14
CA THR TB 101 48.07 21.77 -51.28
C THR TB 101 46.72 21.19 -51.65
N ARG TB 102 45.96 21.95 -52.44
CA ARG TB 102 44.61 21.53 -52.80
C ARG TB 102 44.61 20.21 -53.56
N ALA TB 103 45.52 20.07 -54.53
CA ALA TB 103 45.60 18.84 -55.29
C ALA TB 103 46.28 17.72 -54.51
N GLY TB 104 47.24 18.05 -53.65
CA GLY TB 104 47.94 17.05 -52.88
C GLY TB 104 48.92 17.66 -51.91
N GLN TB 105 50.10 17.07 -51.77
CA GLN TB 105 51.14 17.56 -50.87
C GLN TB 105 52.44 17.73 -51.66
N ARG TB 106 52.97 18.95 -51.64
CA ARG TB 106 54.19 19.26 -52.39
C ARG TB 106 55.39 18.72 -51.62
N THR TB 107 56.05 17.71 -52.18
CA THR TB 107 57.19 17.08 -51.53
C THR TB 107 58.48 17.70 -52.05
N ARG TB 108 59.24 18.32 -51.14
CA ARG TB 108 60.55 18.85 -51.45
C ARG TB 108 61.59 18.12 -50.61
N PHE TB 109 62.80 18.00 -51.17
CA PHE TB 109 63.88 17.24 -50.54
C PHE TB 109 64.90 18.20 -49.97
N LYS TB 110 65.27 17.97 -48.70
CA LYS TB 110 66.21 18.82 -47.98
C LYS TB 110 67.47 18.01 -47.72
N ALA TB 111 68.61 18.54 -48.16
CA ALA TB 111 69.89 17.83 -48.09
C ALA TB 111 70.83 18.55 -47.14
N PHE TB 112 71.44 17.80 -46.23
CA PHE TB 112 72.43 18.32 -45.29
C PHE TB 112 73.80 17.85 -45.74
N VAL TB 113 74.70 18.79 -45.98
CA VAL TB 113 76.03 18.50 -46.51
C VAL TB 113 77.08 19.14 -45.60
N VAL TB 114 78.12 18.37 -45.30
CA VAL TB 114 79.24 18.83 -44.48
C VAL TB 114 80.51 18.70 -45.30
N VAL TB 115 81.32 19.75 -45.30
CA VAL TB 115 82.60 19.77 -46.01
C VAL TB 115 83.69 20.14 -45.03
N GLY TB 116 84.90 19.67 -45.32
CA GLY TB 116 86.05 19.98 -44.49
C GLY TB 116 87.30 19.28 -44.96
N ASP TB 117 88.45 19.91 -44.76
CA ASP TB 117 89.73 19.34 -45.17
C ASP TB 117 90.37 18.47 -44.09
N GLY TB 118 89.78 18.39 -42.90
CA GLY TB 118 90.37 17.64 -41.83
C GLY TB 118 91.57 18.29 -41.17
N ASN TB 119 91.82 19.56 -41.44
CA ASN TB 119 92.98 20.27 -40.89
C ASN TB 119 92.57 21.65 -40.40
N GLY TB 120 91.43 21.73 -39.71
CA GLY TB 120 90.99 22.97 -39.10
C GLY TB 120 89.97 23.76 -39.88
N HIS TB 121 89.44 23.23 -40.97
CA HIS TB 121 88.42 23.91 -41.77
C HIS TB 121 87.24 22.96 -41.96
N VAL TB 122 86.03 23.47 -41.70
CA VAL TB 122 84.82 22.68 -41.85
C VAL TB 122 83.68 23.62 -42.24
N GLY TB 123 82.74 23.10 -43.02
CA GLY TB 123 81.59 23.88 -43.44
C GLY TB 123 80.34 23.03 -43.45
N LEU TB 124 79.20 23.70 -43.24
CA LEU TB 124 77.90 23.04 -43.20
C LEU TB 124 76.94 23.79 -44.10
N GLY TB 125 76.26 23.05 -44.99
CA GLY TB 125 75.31 23.65 -45.89
C GLY TB 125 74.05 22.81 -46.06
N VAL TB 126 72.89 23.47 -46.05
CA VAL TB 126 71.60 22.81 -46.19
C VAL TB 126 70.81 23.52 -47.27
N LYS TB 127 70.28 22.76 -48.23
CA LYS TB 127 69.44 23.32 -49.27
C LYS TB 127 68.23 22.44 -49.50
N CYS TB 128 67.10 23.07 -49.79
CA CYS TB 128 65.85 22.38 -50.11
C CYS TB 128 65.56 22.57 -51.58
N SER TB 129 65.24 21.48 -52.27
CA SER TB 129 64.98 21.53 -53.70
C SER TB 129 63.99 20.43 -54.08
N LYS TB 130 63.41 20.59 -55.27
CA LYS TB 130 62.42 19.62 -55.74
C LYS TB 130 63.04 18.31 -56.17
N GLU TB 131 64.34 18.29 -56.45
CA GLU TB 131 65.05 17.09 -56.86
C GLU TB 131 66.15 16.77 -55.87
N VAL TB 132 66.36 15.48 -55.61
CA VAL TB 132 67.41 15.07 -54.68
C VAL TB 132 68.77 15.49 -55.19
N ALA TB 133 69.02 15.26 -56.48
CA ALA TB 133 70.32 15.62 -57.06
C ALA TB 133 70.55 17.12 -57.00
N THR TB 134 69.53 17.92 -57.31
CA THR TB 134 69.68 19.36 -57.26
C THR TB 134 69.94 19.84 -55.84
N ALA TB 135 69.27 19.24 -54.85
CA ALA TB 135 69.49 19.64 -53.47
C ALA TB 135 70.92 19.34 -53.03
N ILE TB 136 71.44 18.18 -53.41
CA ILE TB 136 72.81 17.81 -53.01
C ILE TB 136 73.81 18.79 -53.60
N ARG TB 137 73.68 19.09 -54.89
CA ARG TB 137 74.62 19.99 -55.54
C ARG TB 137 74.59 21.37 -54.90
N GLY TB 138 73.38 21.88 -54.61
CA GLY TB 138 73.29 23.17 -53.95
C GLY TB 138 73.79 23.13 -52.52
N GLY TB 139 73.56 22.02 -51.82
CA GLY TB 139 74.05 21.89 -50.46
C GLY TB 139 75.56 21.92 -50.39
N ILE TB 140 76.23 21.31 -51.38
CA ILE TB 140 77.68 21.35 -51.43
C ILE TB 140 78.17 22.79 -51.59
N ILE TB 141 77.51 23.57 -52.44
CA ILE TB 141 77.89 24.96 -52.63
C ILE TB 141 77.72 25.75 -51.34
N LEU TB 142 76.59 25.55 -50.65
CA LEU TB 142 76.35 26.28 -49.41
C LEU TB 142 77.36 25.89 -48.34
N ALA TB 143 77.72 24.61 -48.28
CA ALA TB 143 78.69 24.17 -47.27
C ALA TB 143 80.02 24.88 -47.44
N LYS TB 144 80.49 25.02 -48.68
CA LYS TB 144 81.76 25.70 -48.91
C LYS TB 144 81.70 27.16 -48.48
N LEU TB 145 80.58 27.83 -48.76
CA LEU TB 145 80.47 29.25 -48.43
C LEU TB 145 80.48 29.51 -46.94
N SER TB 146 80.21 28.51 -46.11
CA SER TB 146 80.14 28.68 -44.67
C SER TB 146 81.37 28.12 -43.95
N VAL TB 147 82.43 27.79 -44.68
CA VAL TB 147 83.60 27.19 -44.05
C VAL TB 147 84.17 28.15 -43.01
N ILE TB 148 84.57 27.60 -41.87
CA ILE TB 148 85.08 28.39 -40.75
C ILE TB 148 86.42 27.82 -40.32
N PRO TB 149 87.26 28.64 -39.67
CA PRO TB 149 88.47 28.11 -39.04
C PRO TB 149 88.16 27.53 -37.67
N VAL TB 150 88.71 26.36 -37.41
CA VAL TB 150 88.51 25.66 -36.14
C VAL TB 150 89.82 25.66 -35.37
N ARG TB 151 89.82 26.29 -34.20
CA ARG TB 151 91.00 26.33 -33.36
C ARG TB 151 91.16 25.01 -32.62
N ARG TB 152 92.39 24.53 -32.53
CA ARG TB 152 92.71 23.27 -31.88
C ARG TB 152 93.81 23.50 -30.85
N GLY TB 153 93.73 22.76 -29.75
CA GLY TB 153 94.70 22.90 -28.67
C GLY TB 153 95.20 21.56 -28.15
N TYR TB 154 95.81 21.58 -26.97
CA TYR TB 154 96.37 20.39 -26.35
C TYR TB 154 95.71 20.16 -24.99
N TRP TB 155 95.39 18.90 -24.71
CA TRP TB 155 94.79 18.55 -23.43
C TRP TB 155 95.77 18.82 -22.29
N GLY TB 156 96.98 18.28 -22.40
CA GLY TB 156 98.01 18.50 -21.39
C GLY TB 156 99.24 19.17 -21.94
N ASN TB 157 100.33 18.42 -22.03
CA ASN TB 157 101.57 18.96 -22.59
C ASN TB 157 101.43 19.18 -24.09
N LYS TB 158 102.08 20.23 -24.57
CA LYS TB 158 102.02 20.60 -25.99
C LYS TB 158 103.06 19.79 -26.75
N ILE TB 159 102.72 18.54 -27.02
CA ILE TB 159 103.58 17.60 -27.74
C ILE TB 159 102.83 17.15 -28.98
N GLY TB 160 103.49 17.27 -30.14
CA GLY TB 160 102.86 16.93 -31.39
C GLY TB 160 101.92 18.04 -31.87
N LYS TB 161 101.12 17.68 -32.86
CA LYS TB 161 100.16 18.62 -33.41
C LYS TB 161 98.91 18.70 -32.53
N PRO TB 162 98.19 19.82 -32.58
CA PRO TB 162 96.95 19.92 -31.80
C PRO TB 162 95.97 18.82 -32.17
N HIS TB 163 95.28 18.30 -31.15
CA HIS TB 163 94.41 17.15 -31.33
C HIS TB 163 93.02 17.31 -30.73
N THR TB 164 92.81 18.31 -29.87
CA THR TB 164 91.52 18.49 -29.21
C THR TB 164 91.19 19.98 -29.17
N VAL TB 165 89.98 20.29 -28.73
CA VAL TB 165 89.54 21.67 -28.61
C VAL TB 165 90.36 22.35 -27.53
N PRO TB 166 90.65 23.65 -27.65
CA PRO TB 166 91.49 24.31 -26.65
C PRO TB 166 90.81 24.53 -25.31
N CYS TB 167 89.48 24.61 -25.29
CA CYS TB 167 88.75 24.90 -24.06
C CYS TB 167 87.38 24.25 -24.14
N LYS TB 168 86.65 24.33 -23.03
CA LYS TB 168 85.26 23.88 -23.02
C LYS TB 168 84.41 24.84 -23.84
N VAL TB 169 83.67 24.30 -24.80
CA VAL TB 169 82.86 25.10 -25.72
C VAL TB 169 81.52 24.42 -25.89
N THR TB 170 80.46 25.22 -25.93
CA THR TB 170 79.09 24.72 -26.08
C THR TB 170 78.39 25.47 -27.20
N GLY TB 171 77.53 24.76 -27.91
CA GLY TB 171 76.74 25.36 -28.98
C GLY TB 171 75.30 24.95 -28.86
N LYS TB 172 74.40 25.88 -29.19
CA LYS TB 172 72.97 25.67 -29.06
C LYS TB 172 72.27 25.96 -30.37
N CYS TB 173 71.32 25.11 -30.74
CA CYS TB 173 70.43 25.34 -31.86
C CYS TB 173 69.09 24.69 -31.55
N GLY TB 174 68.03 25.49 -31.54
CA GLY TB 174 66.76 24.98 -31.06
C GLY TB 174 66.89 24.56 -29.61
N SER TB 175 66.45 23.34 -29.31
CA SER TB 175 66.60 22.78 -27.97
C SER TB 175 67.88 21.98 -27.80
N VAL TB 176 68.64 21.77 -28.87
CA VAL TB 176 69.82 20.91 -28.83
C VAL TB 176 71.01 21.73 -28.35
N THR TB 177 71.71 21.22 -27.33
CA THR TB 177 72.95 21.80 -26.84
C THR TB 177 74.03 20.74 -26.88
N VAL TB 178 75.15 21.05 -27.53
CA VAL TB 178 76.29 20.15 -27.65
C VAL TB 178 77.46 20.77 -26.91
N ARG TB 179 78.08 19.99 -26.03
CA ARG TB 179 79.23 20.44 -25.26
C ARG TB 179 80.46 19.65 -25.68
N MET TB 180 81.61 20.33 -25.73
CA MET TB 180 82.88 19.70 -26.06
C MET TB 180 83.89 20.02 -24.97
N VAL TB 181 84.52 18.99 -24.43
CA VAL TB 181 85.51 19.14 -23.37
C VAL TB 181 86.83 18.60 -23.88
N PRO TB 182 87.96 19.26 -23.62
CA PRO TB 182 89.24 18.71 -24.08
C PRO TB 182 89.48 17.33 -23.51
N ALA TB 183 90.04 16.45 -24.36
CA ALA TB 183 90.28 15.06 -23.99
C ALA TB 183 91.74 14.71 -24.26
N PRO TB 184 92.29 13.77 -23.49
CA PRO TB 184 93.69 13.38 -23.71
C PRO TB 184 93.88 12.66 -25.03
N ARG TB 185 95.12 12.67 -25.50
CA ARG TB 185 95.45 12.05 -26.78
C ARG TB 185 95.09 10.57 -26.74
N GLY TB 186 94.55 10.08 -27.86
CA GLY TB 186 94.15 8.70 -27.98
C GLY TB 186 92.77 8.37 -27.45
N ALA TB 187 92.12 9.32 -26.75
CA ALA TB 187 90.79 9.06 -26.23
C ALA TB 187 89.76 8.89 -27.34
N GLY TB 188 90.04 9.41 -28.54
CA GLY TB 188 89.10 9.33 -29.63
C GLY TB 188 88.00 10.36 -29.51
N ILE TB 189 87.11 10.35 -30.50
CA ILE TB 189 85.96 11.24 -30.53
C ILE TB 189 84.81 10.51 -29.84
N VAL TB 190 84.54 10.90 -28.59
CA VAL TB 190 83.45 10.31 -27.82
C VAL TB 190 82.22 11.16 -28.12
N ALA TB 191 81.53 10.82 -29.19
CA ALA TB 191 80.36 11.57 -29.63
C ALA TB 191 79.49 10.69 -30.50
N ALA TB 192 78.26 11.13 -30.70
CA ALA TB 192 77.33 10.42 -31.58
C ALA TB 192 77.80 10.54 -33.04
N ARG TB 193 77.09 9.85 -33.93
CA ARG TB 193 77.52 9.79 -35.32
C ARG TB 193 77.55 11.18 -35.95
N VAL TB 194 76.49 11.97 -35.75
CA VAL TB 194 76.41 13.27 -36.42
C VAL TB 194 77.53 14.21 -35.96
N PRO TB 195 77.73 14.45 -34.65
CA PRO TB 195 78.89 15.26 -34.26
C PRO TB 195 80.22 14.65 -34.66
N LYS TB 196 80.33 13.32 -34.63
CA LYS TB 196 81.60 12.67 -34.92
C LYS TB 196 82.02 12.95 -36.36
N LYS TB 197 81.09 12.90 -37.30
CA LYS TB 197 81.43 13.16 -38.69
C LYS TB 197 81.94 14.58 -38.88
N VAL TB 198 81.28 15.56 -38.23
CA VAL TB 198 81.71 16.94 -38.35
C VAL TB 198 83.10 17.12 -37.72
N LEU TB 199 83.32 16.54 -36.54
CA LEU TB 199 84.60 16.70 -35.86
C LEU TB 199 85.73 16.10 -36.68
N GLN TB 200 85.49 14.96 -37.33
CA GLN TB 200 86.52 14.35 -38.15
C GLN TB 200 86.93 15.27 -39.30
N PHE TB 201 85.96 15.88 -39.97
CA PHE TB 201 86.27 16.81 -41.06
C PHE TB 201 86.93 18.08 -40.55
N ALA TB 202 86.74 18.43 -39.27
CA ALA TB 202 87.38 19.61 -38.70
C ALA TB 202 88.79 19.36 -38.20
N GLY TB 203 89.27 18.12 -38.26
CA GLY TB 203 90.60 17.79 -37.80
C GLY TB 203 90.72 17.47 -36.33
N ILE TB 204 89.61 17.43 -35.59
CA ILE TB 204 89.63 17.08 -34.18
C ILE TB 204 89.83 15.57 -34.05
N GLU TB 205 90.79 15.18 -33.22
CA GLU TB 205 91.15 13.78 -33.04
C GLU TB 205 90.58 13.18 -31.75
N ASP TB 206 90.57 13.94 -30.66
CA ASP TB 206 90.13 13.43 -29.37
C ASP TB 206 89.36 14.52 -28.63
N VAL TB 207 88.14 14.19 -28.19
CA VAL TB 207 87.30 15.15 -27.48
C VAL TB 207 86.19 14.38 -26.79
N PHE TB 208 85.77 14.88 -25.64
CA PHE TB 208 84.60 14.37 -24.92
C PHE TB 208 83.41 15.27 -25.21
N THR TB 209 82.26 14.65 -25.45
CA THR TB 209 81.05 15.39 -25.80
C THR TB 209 79.87 14.91 -24.97
N SER TB 210 78.96 15.84 -24.70
CA SER TB 210 77.67 15.53 -24.08
C SER TB 210 76.60 16.38 -24.75
N SER TB 211 75.38 15.85 -24.79
CA SER TB 211 74.28 16.49 -25.49
C SER TB 211 73.04 16.53 -24.60
N ARG TB 212 72.26 17.59 -24.77
CA ARG TB 212 70.95 17.72 -24.14
C ARG TB 212 69.98 18.27 -25.16
N GLY TB 213 68.75 17.79 -25.11
CA GLY TB 213 67.71 18.20 -26.03
C GLY TB 213 67.39 17.10 -27.03
N SER TB 214 66.62 17.49 -28.05
CA SER TB 214 66.16 16.55 -29.08
C SER TB 214 67.25 16.40 -30.12
N THR TB 215 68.22 15.52 -29.82
CA THR TB 215 69.29 15.24 -30.76
C THR TB 215 68.80 14.50 -32.00
N LYS TB 216 67.63 13.86 -31.93
CA LYS TB 216 67.07 13.21 -33.10
C LYS TB 216 66.68 14.20 -34.19
N THR TB 217 66.55 15.48 -33.85
CA THR TB 217 66.39 16.53 -34.85
C THR TB 217 67.76 16.79 -35.46
N LEU TB 218 68.06 16.08 -36.54
CA LEU TB 218 69.41 16.11 -37.10
C LEU TB 218 69.80 17.52 -37.51
N GLY TB 219 68.86 18.29 -38.07
CA GLY TB 219 69.19 19.64 -38.49
C GLY TB 219 69.75 20.48 -37.37
N ASN TB 220 69.12 20.43 -36.20
CA ASN TB 220 69.60 21.19 -35.06
C ASN TB 220 70.83 20.53 -34.42
N PHE TB 221 70.91 19.21 -34.46
CA PHE TB 221 72.05 18.52 -33.87
C PHE TB 221 73.34 18.87 -34.60
N VAL TB 222 73.32 18.82 -35.93
CA VAL TB 222 74.52 19.13 -36.70
C VAL TB 222 74.85 20.62 -36.61
N LYS TB 223 73.83 21.48 -36.66
CA LYS TB 223 74.07 22.92 -36.55
C LYS TB 223 74.62 23.28 -35.18
N ALA TB 224 74.12 22.65 -34.11
CA ALA TB 224 74.66 22.90 -32.78
C ALA TB 224 76.11 22.49 -32.69
N THR TB 225 76.47 21.35 -33.29
CA THR TB 225 77.88 20.95 -33.34
C THR TB 225 78.70 21.99 -34.11
N PHE TB 226 78.19 22.46 -35.25
CA PHE TB 226 78.88 23.48 -36.00
C PHE TB 226 78.92 24.80 -35.25
N ASP TB 227 77.96 25.03 -34.35
CA ASP TB 227 77.92 26.29 -33.61
C ASP TB 227 79.05 26.39 -32.61
N CYS TB 228 79.38 25.29 -31.92
CA CYS TB 228 80.46 25.33 -30.94
C CYS TB 228 81.83 25.34 -31.60
N LEU TB 229 81.95 24.78 -32.80
CA LEU TB 229 83.24 24.78 -33.49
C LEU TB 229 83.67 26.20 -33.84
N MET TB 230 82.73 27.05 -34.26
CA MET TB 230 83.09 28.43 -34.58
C MET TB 230 83.40 29.26 -33.35
N LYS TB 231 82.94 28.82 -32.17
CA LYS TB 231 83.24 29.54 -30.94
C LYS TB 231 84.62 29.22 -30.39
N THR TB 232 85.36 28.30 -31.00
CA THR TB 232 86.69 27.99 -30.53
C THR TB 232 87.62 29.19 -30.66
N TYR TB 233 87.37 30.06 -31.63
CA TYR TB 233 88.16 31.28 -31.80
C TYR TB 233 87.55 32.49 -31.11
N GLY TB 234 86.41 32.34 -30.44
CA GLY TB 234 85.77 33.46 -29.80
C GLY TB 234 86.12 33.62 -28.34
N PHE TB 235 86.74 32.61 -27.75
CA PHE TB 235 87.08 32.61 -26.33
C PHE TB 235 88.45 33.24 -26.15
N LEU TB 236 88.50 34.30 -25.33
CA LEU TB 236 89.73 35.08 -25.15
C LEU TB 236 90.59 34.40 -24.09
N THR TB 237 91.52 33.56 -24.53
CA THR TB 237 92.47 32.92 -23.63
C THR TB 237 93.61 33.89 -23.30
N PRO TB 238 94.38 33.59 -22.25
CA PRO TB 238 95.50 34.50 -21.90
C PRO TB 238 96.50 34.67 -23.01
N ASP TB 239 96.68 33.66 -23.87
CA ASP TB 239 97.65 33.78 -24.96
C ASP TB 239 97.24 34.82 -25.99
N PHE TB 240 95.98 35.24 -26.00
CA PHE TB 240 95.51 36.28 -26.91
C PHE TB 240 95.53 37.66 -26.28
N TRP TB 241 96.04 37.81 -25.06
CA TRP TB 241 96.06 39.11 -24.41
C TRP TB 241 97.00 40.10 -25.10
N LYS TB 242 97.90 39.61 -25.95
CA LYS TB 242 98.82 40.50 -26.64
C LYS TB 242 98.05 41.51 -27.48
N GLU TB 243 98.51 42.76 -27.46
CA GLU TB 243 97.80 43.82 -28.17
C GLU TB 243 97.78 43.54 -29.67
N THR TB 244 96.67 43.91 -30.31
CA THR TB 244 96.49 43.63 -31.72
C THR TB 244 97.41 44.51 -32.57
N ARG TB 245 97.95 43.92 -33.63
CA ARG TB 245 98.75 44.64 -34.62
C ARG TB 245 97.97 44.63 -35.93
N PHE TB 246 97.30 45.73 -36.22
CA PHE TB 246 96.42 45.79 -37.39
C PHE TB 246 97.22 45.80 -38.68
N THR TB 247 96.61 45.26 -39.73
CA THR TB 247 97.20 45.24 -41.07
C THR TB 247 96.14 45.67 -42.07
N LYS TB 248 96.61 46.24 -43.18
CA LYS TB 248 95.69 46.74 -44.19
C LYS TB 248 94.82 45.62 -44.74
N SER TB 249 93.54 45.93 -44.93
CA SER TB 249 92.61 44.96 -45.50
C SER TB 249 92.95 44.72 -46.97
N PRO TB 250 92.57 43.56 -47.51
CA PRO TB 250 92.85 43.31 -48.93
C PRO TB 250 92.28 44.37 -49.85
N PHE TB 251 91.11 44.92 -49.53
CA PHE TB 251 90.53 45.96 -50.36
C PHE TB 251 91.39 47.22 -50.34
N GLN TB 252 91.91 47.59 -49.18
CA GLN TB 252 92.79 48.76 -49.08
C GLN TB 252 94.15 48.48 -49.69
N GLU TB 253 94.69 47.28 -49.48
CA GLU TB 253 96.03 46.97 -49.97
C GLU TB 253 96.08 46.98 -51.50
N TYR TB 254 95.03 46.48 -52.15
CA TYR TB 254 94.98 46.34 -53.60
C TYR TB 254 93.91 47.22 -54.20
N PHE TB 255 93.82 48.47 -53.73
CA PHE TB 255 92.79 49.38 -54.23
C PHE TB 255 92.97 49.65 -55.71
N ASP TB 256 94.21 49.83 -56.16
CA ASP TB 256 94.45 50.13 -57.58
C ASP TB 256 93.99 48.99 -58.48
N ILE TB 257 94.28 47.75 -58.08
CA ILE TB 257 93.84 46.60 -58.88
C ILE TB 257 92.32 46.54 -58.93
N LEU TB 258 91.66 46.75 -57.79
CA LEU TB 258 90.21 46.70 -57.74
C LEU TB 258 89.59 47.88 -58.47
N ALA TB 259 90.23 49.05 -58.43
CA ALA TB 259 89.67 50.21 -59.11
C ALA TB 259 89.60 49.98 -60.63
N LYS TB 260 90.63 49.38 -61.20
CA LYS TB 260 90.64 49.15 -62.64
C LYS TB 260 89.58 48.11 -62.99
N PRO TB 261 88.68 48.40 -63.93
CA PRO TB 261 87.68 47.40 -64.31
C PRO TB 261 88.32 46.20 -64.98
N ALA TB 262 87.69 45.04 -64.79
CA ALA TB 262 88.18 43.78 -65.32
C ALA TB 262 87.43 43.44 -66.61
N ASN TB 263 88.18 43.21 -67.68
CA ASN TB 263 87.60 42.86 -68.97
C ASN TB 263 88.35 41.69 -69.61
N MET UB 1 58.81 -69.64 37.90
CA MET UB 1 59.88 -68.61 38.09
C MET UB 1 61.22 -69.28 38.34
N LYS UB 2 62.23 -68.85 37.59
CA LYS UB 2 63.57 -69.42 37.74
C LYS UB 2 64.27 -68.80 38.95
N PHE UB 3 65.31 -69.49 39.41
CA PHE UB 3 66.11 -69.05 40.55
C PHE UB 3 67.58 -69.22 40.22
N ASN UB 4 68.36 -68.15 40.42
CA ASN UB 4 69.81 -68.19 40.28
C ASN UB 4 70.40 -68.28 41.69
N ILE UB 5 70.85 -69.48 42.06
CA ILE UB 5 71.39 -69.74 43.39
C ILE UB 5 72.91 -69.73 43.29
N ALA UB 6 73.54 -68.92 44.14
CA ALA UB 6 74.99 -68.81 44.18
C ALA UB 6 75.47 -69.05 45.61
N ASN UB 7 76.64 -69.68 45.73
CA ASN UB 7 77.24 -69.98 47.02
C ASN UB 7 78.55 -69.20 47.13
N PRO UB 8 78.56 -68.04 47.80
CA PRO UB 8 79.80 -67.25 47.86
C PRO UB 8 80.96 -68.01 48.47
N THR UB 9 80.71 -68.80 49.52
CA THR UB 9 81.80 -69.51 50.18
C THR UB 9 82.45 -70.52 49.24
N THR UB 10 81.65 -71.24 48.46
CA THR UB 10 82.16 -72.26 47.55
C THR UB 10 82.49 -71.72 46.17
N GLY UB 11 81.87 -70.60 45.77
CA GLY UB 11 82.11 -70.04 44.46
C GLY UB 11 81.31 -70.66 43.34
N CYS UB 12 80.45 -71.63 43.63
CA CYS UB 12 79.63 -72.30 42.63
C CYS UB 12 78.24 -71.68 42.58
N GLN UB 13 77.61 -71.81 41.43
CA GLN UB 13 76.27 -71.28 41.22
C GLN UB 13 75.50 -72.18 40.26
N LYS UB 14 74.18 -72.16 40.39
CA LYS UB 14 73.32 -73.04 39.60
C LYS UB 14 71.95 -72.39 39.46
N LYS UB 15 71.26 -72.71 38.37
CA LYS UB 15 69.93 -72.18 38.10
C LYS UB 15 68.88 -73.23 38.44
N LEU UB 16 67.87 -72.83 39.20
CA LEU UB 16 66.79 -73.70 39.61
C LEU UB 16 65.47 -73.13 39.10
N GLU UB 17 64.65 -73.98 38.50
CA GLU UB 17 63.35 -73.57 37.96
C GLU UB 17 62.25 -74.25 38.77
N ILE UB 18 61.34 -73.44 39.32
CA ILE UB 18 60.24 -73.91 40.14
C ILE UB 18 58.95 -73.35 39.58
N ASP UB 19 57.95 -74.22 39.39
CA ASP UB 19 56.66 -73.81 38.86
C ASP UB 19 55.52 -73.98 39.85
N ASP UB 20 55.76 -74.57 41.01
CA ASP UB 20 54.70 -74.76 42.01
C ASP UB 20 54.44 -73.44 42.73
N ASP UB 21 53.22 -72.93 42.60
CA ASP UB 21 52.89 -71.66 43.23
C ASP UB 21 52.98 -71.75 44.74
N GLN UB 22 52.52 -72.86 45.32
CA GLN UB 22 52.55 -73.01 46.77
C GLN UB 22 53.97 -72.91 47.31
N LYS UB 23 54.96 -73.41 46.57
CA LYS UB 23 56.34 -73.33 47.03
C LYS UB 23 56.88 -71.91 46.91
N LEU UB 24 56.39 -71.13 45.95
CA LEU UB 24 56.85 -69.77 45.75
C LEU UB 24 56.21 -68.77 46.70
N ARG UB 25 55.22 -69.20 47.50
CA ARG UB 25 54.58 -68.29 48.43
C ARG UB 25 55.54 -67.72 49.45
N ALA UB 26 56.61 -68.45 49.78
CA ALA UB 26 57.58 -67.95 50.75
C ALA UB 26 58.28 -66.69 50.24
N PHE UB 27 58.65 -66.68 48.95
CA PHE UB 27 59.38 -65.54 48.40
C PHE UB 27 58.47 -64.34 48.14
N PHE UB 28 57.20 -64.58 47.82
CA PHE UB 28 56.30 -63.47 47.51
C PHE UB 28 56.18 -62.54 48.70
N ASP UB 29 56.08 -61.24 48.41
CA ASP UB 29 55.97 -60.14 49.38
C ASP UB 29 57.31 -59.83 50.04
N LYS UB 30 58.37 -60.58 49.74
CA LYS UB 30 59.68 -60.28 50.30
C LYS UB 30 60.36 -59.16 49.51
N ARG UB 31 61.33 -58.53 50.15
CA ARG UB 31 62.10 -57.45 49.55
C ARG UB 31 63.55 -57.87 49.35
N ILE UB 32 64.31 -57.01 48.67
CA ILE UB 32 65.71 -57.30 48.42
C ILE UB 32 66.48 -57.27 49.74
N SER UB 33 67.51 -58.10 49.83
CA SER UB 33 68.42 -58.23 50.97
C SER UB 33 67.78 -58.99 52.12
N GLN UB 34 66.51 -59.38 52.03
CA GLN UB 34 65.86 -60.15 53.08
C GLN UB 34 66.12 -61.64 52.89
N GLU UB 35 66.17 -62.36 54.01
CA GLU UB 35 66.49 -63.77 54.01
C GLU UB 35 65.22 -64.61 53.98
N VAL UB 36 65.24 -65.67 53.18
CA VAL UB 36 64.11 -66.59 53.02
C VAL UB 36 64.60 -68.00 53.28
N SER UB 37 63.86 -68.74 54.10
CA SER UB 37 64.22 -70.11 54.41
C SER UB 37 63.85 -71.02 53.24
N GLY UB 38 64.72 -71.98 52.95
CA GLY UB 38 64.53 -72.92 51.87
C GLY UB 38 63.78 -74.18 52.24
N ASP UB 39 63.25 -74.27 53.45
CA ASP UB 39 62.54 -75.48 53.87
C ASP UB 39 61.33 -75.74 52.97
N SER UB 40 60.55 -74.69 52.69
CA SER UB 40 59.38 -74.83 51.83
C SER UB 40 59.73 -74.90 50.35
N LEU UB 41 60.95 -74.47 49.97
CA LEU UB 41 61.35 -74.51 48.57
C LEU UB 41 61.58 -75.93 48.08
N GLY UB 42 61.76 -76.88 48.99
CA GLY UB 42 61.99 -78.26 48.59
C GLY UB 42 62.48 -79.08 49.76
N GLU UB 43 62.66 -80.38 49.49
CA GLU UB 43 63.14 -81.27 50.52
C GLU UB 43 64.66 -81.22 50.66
N GLU UB 44 65.37 -81.16 49.53
CA GLU UB 44 66.82 -81.11 49.57
C GLU UB 44 67.35 -79.78 50.10
N PHE UB 45 66.50 -78.77 50.25
CA PHE UB 45 66.91 -77.46 50.73
C PHE UB 45 66.63 -77.27 52.22
N LYS UB 46 66.35 -78.34 52.95
CA LYS UB 46 66.12 -78.23 54.38
C LYS UB 46 67.34 -77.64 55.06
N GLY UB 47 67.10 -76.68 55.95
CA GLY UB 47 68.17 -76.04 56.69
C GLY UB 47 68.91 -74.96 55.94
N TYR UB 48 68.51 -74.64 54.72
CA TYR UB 48 69.16 -73.62 53.92
C TYR UB 48 68.45 -72.28 54.06
N VAL UB 49 69.24 -71.20 54.14
CA VAL UB 49 68.73 -69.84 54.20
C VAL UB 49 69.25 -69.09 52.98
N PHE UB 50 68.35 -68.47 52.24
CA PHE UB 50 68.68 -67.75 51.02
C PHE UB 50 68.43 -66.27 51.21
N LYS UB 51 69.34 -65.45 50.68
CA LYS UB 51 69.21 -64.00 50.71
C LYS UB 51 68.84 -63.51 49.30
N ILE UB 52 67.81 -62.67 49.23
CA ILE UB 52 67.34 -62.16 47.95
C ILE UB 52 68.23 -60.99 47.53
N MET UB 53 68.89 -61.13 46.38
CA MET UB 53 69.80 -60.10 45.89
C MET UB 53 69.21 -59.29 44.75
N GLY UB 54 68.27 -59.85 44.00
CA GLY UB 54 67.66 -59.15 42.89
C GLY UB 54 67.04 -60.12 41.91
N GLY UB 55 66.53 -59.56 40.82
CA GLY UB 55 65.90 -60.36 39.80
C GLY UB 55 65.45 -59.49 38.64
N CYS UB 56 64.82 -60.14 37.67
CA CYS UB 56 64.32 -59.47 36.47
C CYS UB 56 62.88 -59.89 36.23
N ASP UB 57 62.09 -58.97 35.69
CA ASP UB 57 60.68 -59.25 35.41
C ASP UB 57 60.55 -59.98 34.07
N LYS UB 58 59.31 -60.25 33.68
CA LYS UB 58 59.06 -60.97 32.43
C LYS UB 58 59.46 -60.15 31.21
N GLN UB 59 59.64 -58.85 31.35
CA GLN UB 59 60.13 -58.00 30.28
C GLN UB 59 61.64 -57.77 30.36
N GLY UB 60 62.32 -58.40 31.31
CA GLY UB 60 63.76 -58.29 31.44
C GLY UB 60 64.24 -57.10 32.26
N PHE UB 61 63.33 -56.27 32.76
CA PHE UB 61 63.75 -55.11 33.54
C PHE UB 61 64.21 -55.54 34.92
N PRO UB 62 65.35 -55.02 35.40
CA PRO UB 62 65.85 -55.44 36.71
C PRO UB 62 65.11 -54.78 37.87
N MET UB 63 65.26 -55.39 39.04
CA MET UB 63 64.72 -54.85 40.27
C MET UB 63 65.73 -53.90 40.89
N LYS UB 64 65.23 -52.80 41.46
CA LYS UB 64 66.07 -51.77 42.06
C LYS UB 64 65.76 -51.66 43.54
N GLN UB 65 66.80 -51.69 44.37
CA GLN UB 65 66.63 -51.54 45.80
C GLN UB 65 66.09 -50.15 46.13
N GLY UB 66 65.15 -50.09 47.06
CA GLY UB 66 64.59 -48.84 47.54
C GLY UB 66 63.28 -48.46 46.87
N VAL UB 67 62.93 -49.08 45.75
CA VAL UB 67 61.66 -48.82 45.07
C VAL UB 67 60.60 -49.68 45.75
N LEU UB 68 59.88 -49.10 46.71
CA LEU UB 68 58.95 -49.84 47.56
C LEU UB 68 57.59 -50.00 46.86
N THR UB 69 57.63 -50.65 45.71
CA THR UB 69 56.42 -50.96 44.95
C THR UB 69 56.61 -52.31 44.28
N PRO UB 70 55.52 -52.98 43.91
CA PRO UB 70 55.64 -54.21 43.13
C PRO UB 70 55.64 -54.02 41.62
N GLY UB 71 55.35 -52.82 41.13
CA GLY UB 71 55.26 -52.55 39.72
C GLY UB 71 56.55 -51.96 39.15
N ARG UB 72 56.44 -51.44 37.93
CA ARG UB 72 57.55 -50.81 37.23
C ARG UB 72 57.40 -49.30 37.28
N VAL UB 73 58.54 -48.62 37.46
CA VAL UB 73 58.60 -47.16 37.47
C VAL UB 73 59.78 -46.73 36.58
N ARG UB 74 59.77 -45.46 36.22
CA ARG UB 74 60.83 -44.86 35.41
C ARG UB 74 61.61 -43.89 36.27
N LEU UB 75 62.92 -44.09 36.35
CA LEU UB 75 63.80 -43.29 37.18
C LEU UB 75 64.93 -42.71 36.35
N LEU UB 76 65.40 -41.52 36.74
CA LEU UB 76 66.55 -40.88 36.11
C LEU UB 76 67.80 -41.37 36.84
N LEU UB 77 68.55 -42.27 36.19
CA LEU UB 77 69.66 -42.96 36.83
C LEU UB 77 70.99 -42.39 36.36
N TYR UB 78 72.01 -42.56 37.21
CA TYR UB 78 73.37 -42.17 36.91
C TYR UB 78 74.14 -43.37 36.37
N ARG UB 79 75.15 -43.09 35.55
CA ARG UB 79 75.96 -44.15 34.96
C ARG UB 79 76.74 -44.90 36.04
N GLY UB 80 76.81 -46.22 35.88
CA GLY UB 80 77.55 -47.06 36.80
C GLY UB 80 76.72 -47.59 37.96
N THR UB 81 75.58 -46.99 38.25
CA THR UB 81 74.71 -47.48 39.30
C THR UB 81 73.93 -48.70 38.81
N PRO UB 82 73.39 -49.51 39.72
CA PRO UB 82 72.61 -50.67 39.29
C PRO UB 82 71.44 -50.24 38.41
N CYS UB 83 71.17 -51.04 37.38
CA CYS UB 83 70.12 -50.87 36.39
C CYS UB 83 70.50 -49.83 35.32
N PHE UB 84 71.72 -49.30 35.34
CA PHE UB 84 72.17 -48.39 34.29
C PHE UB 84 73.69 -48.54 34.18
N ARG UB 85 74.13 -49.37 33.24
CA ARG UB 85 75.57 -49.54 33.02
C ARG UB 85 76.17 -48.33 32.31
N GLY UB 86 75.48 -47.83 31.29
CA GLY UB 86 75.92 -46.62 30.61
C GLY UB 86 77.26 -46.76 29.91
N TYR UB 87 77.54 -47.93 29.34
CA TYR UB 87 78.80 -48.11 28.62
C TYR UB 87 78.82 -47.26 27.36
N GLY UB 88 79.96 -46.63 27.10
CA GLY UB 88 80.10 -45.81 25.91
C GLY UB 88 79.20 -44.60 25.89
N ARG UB 89 79.03 -43.94 27.04
CA ARG UB 89 78.20 -42.75 27.15
C ARG UB 89 78.99 -41.65 27.85
N ARG UB 90 78.54 -40.41 27.63
CA ARG UB 90 79.26 -39.27 28.16
C ARG UB 90 79.29 -39.28 29.68
N ASN UB 91 80.40 -38.82 30.24
CA ASN UB 91 80.49 -38.64 31.69
C ASN UB 91 79.49 -37.58 32.14
N GLY UB 92 78.78 -37.88 33.22
CA GLY UB 92 77.73 -37.01 33.69
C GLY UB 92 76.41 -37.18 32.98
N GLU UB 93 76.33 -38.10 32.02
CA GLU UB 93 75.09 -38.33 31.29
C GLU UB 93 74.13 -39.15 32.14
N ARG UB 94 72.88 -38.72 32.19
CA ARG UB 94 71.83 -39.42 32.90
C ARG UB 94 70.77 -39.91 31.91
N ARG UB 95 70.23 -41.10 32.18
CA ARG UB 95 69.24 -41.71 31.32
C ARG UB 95 68.05 -42.17 32.15
N ARG UB 96 66.85 -41.99 31.61
CA ARG UB 96 65.64 -42.46 32.26
C ARG UB 96 65.33 -43.87 31.76
N LYS UB 97 65.30 -44.83 32.69
CA LYS UB 97 65.10 -46.23 32.37
C LYS UB 97 64.01 -46.81 33.26
N SER UB 98 63.41 -47.90 32.79
CA SER UB 98 62.37 -48.59 33.54
C SER UB 98 63.00 -49.63 34.45
N VAL UB 99 62.60 -49.63 35.71
CA VAL UB 99 63.10 -50.56 36.71
C VAL UB 99 61.93 -51.15 37.48
N ARG UB 100 61.97 -52.46 37.70
CA ARG UB 100 60.99 -53.11 38.57
C ARG UB 100 61.29 -52.78 40.02
N GLY UB 101 60.26 -52.83 40.85
CA GLY UB 101 60.41 -52.54 42.25
C GLY UB 101 61.15 -53.63 42.98
N CYS UB 102 61.51 -53.33 44.24
CA CYS UB 102 62.29 -54.27 45.05
C CYS UB 102 61.43 -55.33 45.73
N ILE UB 103 60.11 -55.22 45.67
CA ILE UB 103 59.22 -56.18 46.32
C ILE UB 103 59.02 -57.37 45.39
N VAL UB 104 59.27 -58.56 45.90
CA VAL UB 104 59.09 -59.78 45.11
C VAL UB 104 57.61 -59.98 44.81
N SER UB 105 57.32 -60.45 43.60
CA SER UB 105 55.96 -60.65 43.14
C SER UB 105 55.98 -61.73 42.08
N PRO UB 106 54.83 -62.36 41.79
CA PRO UB 106 54.80 -63.36 40.73
C PRO UB 106 55.16 -62.81 39.36
N ASP UB 107 55.10 -61.49 39.18
CA ASP UB 107 55.47 -60.88 37.91
C ASP UB 107 56.94 -61.07 37.57
N LEU UB 108 57.78 -61.44 38.54
CA LEU UB 108 59.19 -61.64 38.27
C LEU UB 108 59.40 -62.89 37.42
N SER UB 109 60.47 -62.87 36.62
CA SER UB 109 60.84 -64.00 35.78
C SER UB 109 62.03 -64.78 36.31
N VAL UB 110 62.81 -64.20 37.23
CA VAL UB 110 63.97 -64.88 37.79
C VAL UB 110 64.37 -64.14 39.06
N LEU UB 111 64.90 -64.89 40.02
CA LEU UB 111 65.40 -64.34 41.27
C LEU UB 111 66.82 -64.81 41.51
N ASN UB 112 67.67 -63.88 41.95
CA ASN UB 112 69.05 -64.20 42.30
C ASN UB 112 69.14 -64.39 43.80
N LEU UB 113 69.59 -65.58 44.21
CA LEU UB 113 69.66 -65.95 45.61
C LEU UB 113 71.10 -66.25 46.01
N VAL UB 114 71.43 -65.94 47.26
CA VAL UB 114 72.74 -66.20 47.82
C VAL UB 114 72.56 -67.05 49.07
N ILE UB 115 73.31 -68.15 49.14
CA ILE UB 115 73.23 -69.06 50.27
C ILE UB 115 74.01 -68.43 51.43
N VAL UB 116 73.29 -67.95 52.44
CA VAL UB 116 73.94 -67.37 53.61
C VAL UB 116 74.20 -68.38 54.71
N LYS UB 117 73.56 -69.55 54.65
CA LYS UB 117 73.77 -70.59 55.65
C LYS UB 117 73.28 -71.91 55.09
N LYS UB 118 74.17 -72.90 55.01
CA LYS UB 118 73.79 -74.20 54.46
C LYS UB 118 73.06 -75.03 55.51
N GLY UB 119 72.35 -76.05 55.02
CA GLY UB 119 71.52 -76.90 55.85
C GLY UB 119 72.19 -78.22 56.17
N GLU UB 120 71.38 -79.28 56.18
CA GLU UB 120 71.89 -80.60 56.57
C GLU UB 120 72.62 -81.27 55.42
N ASN UB 121 71.93 -81.50 54.30
CA ASN UB 121 72.49 -82.20 53.16
C ASN UB 121 73.04 -81.19 52.15
N ASP UB 122 74.29 -81.40 51.75
CA ASP UB 122 74.93 -80.51 50.79
C ASP UB 122 74.29 -80.67 49.42
N LEU UB 123 73.91 -79.55 48.80
CA LEU UB 123 73.31 -79.60 47.49
C LEU UB 123 74.35 -80.01 46.44
N PRO UB 124 73.93 -80.73 45.41
CA PRO UB 124 74.89 -81.13 44.36
C PRO UB 124 75.28 -79.95 43.49
N GLY UB 125 76.58 -79.78 43.28
CA GLY UB 125 77.07 -78.71 42.44
C GLY UB 125 77.06 -77.33 43.06
N LEU UB 126 76.79 -77.22 44.36
CA LEU UB 126 76.77 -75.93 45.03
C LEU UB 126 77.69 -75.92 46.24
N THR UB 127 77.75 -77.06 46.95
CA THR UB 127 78.56 -77.17 48.16
C THR UB 127 79.43 -78.41 48.17
N ASP UB 128 79.62 -79.07 47.02
CA ASP UB 128 80.42 -80.28 46.95
C ASP UB 128 81.88 -79.99 46.59
N THR UB 129 82.11 -79.14 45.60
CA THR UB 129 83.45 -78.81 45.13
C THR UB 129 83.64 -77.30 45.18
N GLU UB 130 84.83 -76.87 45.60
CA GLU UB 130 85.16 -75.46 45.74
C GLU UB 130 86.01 -75.03 44.55
N LYS UB 131 85.57 -73.97 43.88
CA LYS UB 131 86.31 -73.45 42.73
C LYS UB 131 87.39 -72.50 43.21
N PRO UB 132 88.67 -72.77 42.91
CA PRO UB 132 89.73 -71.88 43.42
C PRO UB 132 89.67 -70.51 42.75
N ARG UB 133 90.18 -69.51 43.47
CA ARG UB 133 90.26 -68.16 42.93
C ARG UB 133 91.21 -68.11 41.74
N MET UB 134 90.84 -67.33 40.74
CA MET UB 134 91.64 -67.27 39.51
C MET UB 134 92.97 -66.57 39.74
N ARG UB 135 92.99 -65.55 40.59
CA ARG UB 135 94.17 -64.71 40.77
C ARG UB 135 94.45 -64.53 42.25
N GLY UB 136 95.74 -64.45 42.59
CA GLY UB 136 96.16 -64.21 43.95
C GLY UB 136 96.42 -62.75 44.21
N PRO UB 137 96.78 -62.41 45.44
CA PRO UB 137 97.00 -61.01 45.78
C PRO UB 137 98.13 -60.40 44.97
N LYS UB 138 98.00 -59.12 44.67
CA LYS UB 138 98.97 -58.38 43.88
C LYS UB 138 99.64 -57.25 44.65
N ARG UB 139 98.93 -56.61 45.59
CA ARG UB 139 99.51 -55.57 46.42
C ARG UB 139 100.43 -56.19 47.47
N ALA UB 140 101.53 -55.49 47.76
CA ALA UB 140 102.53 -56.03 48.68
C ALA UB 140 101.94 -56.27 50.06
N SER UB 141 101.15 -55.31 50.56
CA SER UB 141 100.58 -55.45 51.90
C SER UB 141 99.66 -56.66 51.99
N LYS UB 142 98.84 -56.89 50.95
CA LYS UB 142 97.92 -58.02 50.98
C LYS UB 142 98.68 -59.35 50.98
N ILE UB 143 99.79 -59.43 50.26
CA ILE UB 143 100.56 -60.67 50.23
C ILE UB 143 101.09 -61.00 51.62
N ARG UB 144 101.62 -60.00 52.33
CA ARG UB 144 102.10 -60.24 53.69
C ARG UB 144 100.96 -60.67 54.60
N LYS UB 145 99.80 -60.02 54.47
CA LYS UB 145 98.65 -60.39 55.29
C LYS UB 145 98.20 -61.82 55.01
N LEU UB 146 98.22 -62.24 53.75
CA LEU UB 146 97.78 -63.58 53.41
C LEU UB 146 98.64 -64.64 54.07
N PHE UB 147 99.96 -64.45 54.07
CA PHE UB 147 100.90 -65.41 54.63
C PHE UB 147 101.39 -65.00 56.02
N ASN UB 148 100.77 -64.00 56.64
CA ASN UB 148 101.14 -63.56 57.98
C ASN UB 148 102.63 -63.22 58.06
N LEU UB 149 103.14 -62.56 57.03
CA LEU UB 149 104.55 -62.18 57.00
C LEU UB 149 104.79 -60.98 57.92
N SER UB 150 106.06 -60.75 58.24
CA SER UB 150 106.49 -59.68 59.11
C SER UB 150 107.18 -58.58 58.30
N LYS UB 151 107.59 -57.52 59.00
CA LYS UB 151 108.25 -56.41 58.33
C LYS UB 151 109.57 -56.86 57.69
N GLU UB 152 110.35 -57.67 58.40
CA GLU UB 152 111.64 -58.10 57.89
C GLU UB 152 111.50 -59.19 56.82
N ASP UB 153 110.49 -60.05 56.94
CA ASP UB 153 110.34 -61.16 56.01
C ASP UB 153 110.12 -60.65 54.60
N ASP UB 154 110.82 -61.24 53.64
CA ASP UB 154 110.66 -60.86 52.24
C ASP UB 154 109.31 -61.32 51.71
N VAL UB 155 108.77 -60.55 50.77
CA VAL UB 155 107.43 -60.81 50.25
C VAL UB 155 107.53 -61.45 48.87
N ARG UB 156 108.55 -61.09 48.10
CA ARG UB 156 108.66 -61.60 46.74
C ARG UB 156 109.01 -63.08 46.67
N LYS UB 157 109.38 -63.69 47.79
CA LYS UB 157 109.68 -65.12 47.82
C LYS UB 157 108.43 -65.98 48.03
N TYR UB 158 107.30 -65.38 48.36
CA TYR UB 158 106.06 -66.12 48.59
C TYR UB 158 105.10 -66.07 47.42
N VAL UB 159 105.25 -65.10 46.52
CA VAL UB 159 104.36 -65.04 45.34
C VAL UB 159 104.54 -66.29 44.49
N ASN UB 160 105.71 -66.92 44.54
CA ASN UB 160 105.92 -68.16 43.81
C ASN UB 160 105.02 -69.28 44.31
N THR UB 161 104.43 -69.13 45.50
CA THR UB 161 103.57 -70.17 46.03
C THR UB 161 102.37 -70.40 45.13
N TYR UB 162 101.73 -69.32 44.66
CA TYR UB 162 100.58 -69.41 43.77
C TYR UB 162 100.94 -69.09 42.33
N ARG UB 163 102.20 -69.28 41.95
CA ARG UB 163 102.60 -69.12 40.57
C ARG UB 163 101.84 -70.10 39.69
N ARG UB 164 101.37 -69.62 38.54
CA ARG UB 164 100.54 -70.42 37.64
C ARG UB 164 101.42 -70.97 36.52
N ASN UB 165 101.43 -72.29 36.38
CA ASN UB 165 102.19 -72.99 35.35
C ASN UB 165 101.23 -73.67 34.38
N PHE UB 166 101.55 -73.62 33.10
CA PHE UB 166 100.71 -74.21 32.07
C PHE UB 166 101.54 -74.40 30.81
N THR UB 167 100.96 -75.13 29.85
CA THR UB 167 101.58 -75.39 28.57
C THR UB 167 100.73 -74.79 27.47
N THR UB 168 101.36 -74.07 26.55
CA THR UB 168 100.65 -73.46 25.44
C THR UB 168 100.50 -74.45 24.30
N LYS UB 169 99.48 -74.20 23.46
CA LYS UB 169 99.23 -75.09 22.32
C LYS UB 169 100.42 -75.09 21.36
N THR UB 170 100.99 -73.91 21.08
CA THR UB 170 102.14 -73.80 20.21
C THR UB 170 103.46 -73.95 20.94
N GLY UB 171 103.44 -74.00 22.28
CA GLY UB 171 104.66 -74.16 23.06
C GLY UB 171 104.60 -75.37 23.96
N LYS UB 172 105.47 -75.41 24.96
CA LYS UB 172 105.52 -76.54 25.89
C LYS UB 172 105.45 -76.12 27.35
N ASN UB 173 106.09 -75.01 27.71
CA ASN UB 173 106.13 -74.56 29.10
C ASN UB 173 105.96 -73.06 29.17
N ALA UB 174 105.28 -72.59 30.21
CA ALA UB 174 105.08 -71.17 30.43
C ALA UB 174 104.58 -70.92 31.84
N SER UB 175 105.20 -69.98 32.56
CA SER UB 175 104.81 -69.64 33.91
C SER UB 175 104.64 -68.14 34.03
N LYS UB 176 103.61 -67.71 34.76
CA LYS UB 176 103.30 -66.30 34.95
C LYS UB 176 103.06 -66.01 36.42
N ALA UB 177 103.63 -64.92 36.91
CA ALA UB 177 103.43 -64.45 38.26
C ALA UB 177 103.09 -62.98 38.25
N PRO UB 178 102.33 -62.50 39.23
CA PRO UB 178 101.95 -61.08 39.26
C PRO UB 178 103.12 -60.19 39.63
N LYS UB 179 103.02 -58.93 39.21
CA LYS UB 179 103.96 -57.89 39.59
C LYS UB 179 103.51 -57.27 40.90
N ILE UB 180 104.39 -57.27 41.90
CA ILE UB 180 104.03 -56.74 43.21
C ILE UB 180 103.98 -55.22 43.16
N GLN UB 181 102.87 -54.66 43.60
CA GLN UB 181 102.70 -53.21 43.67
C GLN UB 181 102.92 -52.72 45.10
N ARG UB 182 103.27 -51.45 45.21
CA ARG UB 182 103.58 -50.83 46.50
C ARG UB 182 104.71 -51.54 47.22
N LEU UB 183 105.65 -52.11 46.45
CA LEU UB 183 106.80 -52.81 47.00
C LEU UB 183 107.95 -51.82 47.17
N VAL UB 184 108.48 -51.74 48.38
CA VAL UB 184 109.60 -50.83 48.65
C VAL UB 184 110.87 -51.46 48.11
N THR UB 185 111.49 -50.78 47.15
CA THR UB 185 112.71 -51.23 46.48
C THR UB 185 113.74 -50.12 46.56
N PRO UB 186 115.00 -50.43 46.22
CA PRO UB 186 116.02 -49.36 46.25
C PRO UB 186 115.66 -48.18 45.37
N LEU UB 187 115.00 -48.42 44.23
CA LEU UB 187 114.62 -47.31 43.36
C LEU UB 187 113.62 -46.39 44.06
N THR UB 188 112.65 -46.96 44.76
CA THR UB 188 111.65 -46.14 45.46
C THR UB 188 112.32 -45.24 46.49
N LEU UB 189 113.27 -45.78 47.26
CA LEU UB 189 113.99 -44.98 48.22
C LEU UB 189 114.80 -43.88 47.54
N GLN UB 190 115.37 -44.20 46.36
CA GLN UB 190 116.13 -43.19 45.63
C GLN UB 190 115.25 -42.03 45.22
N ARG UB 191 114.02 -42.32 44.75
CA ARG UB 191 113.11 -41.25 44.38
C ARG UB 191 112.79 -40.36 45.58
N LYS UB 192 112.57 -40.96 46.75
CA LYS UB 192 112.26 -40.17 47.94
C LYS UB 192 113.42 -39.26 48.32
N ARG UB 193 114.65 -39.77 48.23
CA ARG UB 193 115.81 -38.93 48.53
C ARG UB 193 115.91 -37.77 47.54
N ALA UB 194 115.70 -38.05 46.25
CA ALA UB 194 115.78 -37.00 45.24
C ALA UB 194 114.73 -35.92 45.48
N ARG UB 195 113.50 -36.33 45.81
CA ARG UB 195 112.45 -35.36 46.05
C ARG UB 195 112.77 -34.48 47.25
N ILE UB 196 113.30 -35.08 48.31
CA ILE UB 196 113.72 -34.29 49.47
C ILE UB 196 114.91 -33.41 49.12
N ALA UB 197 115.82 -33.92 48.29
CA ALA UB 197 116.98 -33.13 47.89
C ALA UB 197 116.56 -31.89 47.11
N ASP UB 198 115.55 -32.02 46.25
CA ASP UB 198 115.09 -30.89 45.47
C ASP UB 198 114.60 -29.76 46.37
N LYS UB 199 113.88 -30.10 47.45
CA LYS UB 199 113.38 -29.08 48.35
C LYS UB 199 114.52 -28.27 48.97
N LYS UB 200 115.58 -28.96 49.39
CA LYS UB 200 116.72 -28.25 49.98
C LYS UB 200 117.40 -27.34 48.96
N LYS UB 201 117.51 -27.80 47.70
CA LYS UB 201 118.18 -27.00 46.69
C LYS UB 201 117.44 -25.68 46.46
N ARG UB 202 116.12 -25.72 46.36
CA ARG UB 202 115.37 -24.50 46.09
C ARG UB 202 115.31 -23.60 47.33
N ILE UB 203 115.25 -24.19 48.53
CA ILE UB 203 115.29 -23.37 49.74
C ILE UB 203 116.62 -22.65 49.84
N ALA UB 204 117.72 -23.35 49.55
CA ALA UB 204 119.02 -22.69 49.55
C ALA UB 204 119.09 -21.61 48.49
N LYS UB 205 118.57 -21.88 47.29
CA LYS UB 205 118.60 -20.89 46.23
C LYS UB 205 117.83 -19.63 46.62
N ALA UB 206 116.64 -19.81 47.20
CA ALA UB 206 115.86 -18.64 47.61
C ALA UB 206 116.58 -17.87 48.70
N LYS UB 207 117.15 -18.57 49.69
CA LYS UB 207 117.88 -17.90 50.75
C LYS UB 207 119.12 -17.20 50.22
N SER UB 208 119.85 -17.84 49.31
CA SER UB 208 121.05 -17.23 48.75
C SER UB 208 120.70 -15.96 47.97
N GLU UB 209 119.67 -16.04 47.13
CA GLU UB 209 119.28 -14.87 46.33
C GLU UB 209 118.78 -13.74 47.23
N ALA UB 210 118.05 -14.07 48.29
CA ALA UB 210 117.56 -13.04 49.20
C ALA UB 210 118.72 -12.31 49.87
N ALA UB 211 119.75 -13.05 50.29
CA ALA UB 211 120.90 -12.42 50.93
C ALA UB 211 121.61 -11.47 49.96
N ASP UB 212 121.79 -11.89 48.71
CA ASP UB 212 122.48 -11.03 47.75
C ASP UB 212 121.71 -9.73 47.51
N TYR UB 213 120.39 -9.82 47.40
CA TYR UB 213 119.59 -8.62 47.16
C TYR UB 213 119.71 -7.64 48.31
N GLN UB 214 119.70 -8.13 49.54
CA GLN UB 214 119.83 -7.25 50.69
C GLN UB 214 121.19 -6.55 50.68
N LYS UB 215 122.25 -7.29 50.32
CA LYS UB 215 123.57 -6.67 50.24
C LYS UB 215 123.59 -5.58 49.18
N LEU UB 216 122.96 -5.82 48.03
CA LEU UB 216 122.91 -4.81 46.98
C LEU UB 216 122.22 -3.55 47.47
N LEU UB 217 121.07 -3.70 48.14
CA LEU UB 217 120.36 -2.55 48.67
C LEU UB 217 121.17 -1.85 49.74
N ALA UB 218 121.76 -2.62 50.66
CA ALA UB 218 122.58 -2.02 51.71
C ALA UB 218 123.78 -1.30 51.13
N SER UB 219 124.39 -1.87 50.08
CA SER UB 219 125.55 -1.23 49.46
C SER UB 219 125.17 0.12 48.87
N ARG UB 220 124.01 0.21 48.22
CA ARG UB 220 123.58 1.44 47.59
C ARG UB 220 123.03 2.46 48.58
N LEU UB 221 122.67 2.05 49.80
CA LEU UB 221 122.24 3.01 50.79
C LEU UB 221 123.38 3.94 51.20
N LYS UB 222 124.62 3.43 51.22
CA LYS UB 222 125.76 4.27 51.51
C LYS UB 222 125.92 5.35 50.45
N GLU UB 223 125.72 5.00 49.18
CA GLU UB 223 125.84 5.98 48.11
C GLU UB 223 124.84 7.11 48.29
N GLN UB 224 123.59 6.78 48.65
CA GLN UB 224 122.59 7.82 48.85
C GLN UB 224 122.99 8.78 49.96
N ARG UB 225 123.63 8.27 51.03
CA ARG UB 225 124.10 9.12 52.11
C ARG UB 225 125.43 9.79 51.77
N GLU UB 226 126.39 9.02 51.26
CA GLU UB 226 127.68 9.61 50.89
C GLU UB 226 127.51 10.66 49.79
N ARG UB 227 126.70 10.35 48.77
CA ARG UB 227 126.42 11.34 47.74
C ARG UB 227 125.69 12.54 48.32
N ARG UB 228 124.76 12.30 49.25
CA ARG UB 228 124.06 13.39 49.90
C ARG UB 228 125.02 14.28 50.68
N SER UB 229 125.98 13.68 51.38
CA SER UB 229 126.92 14.46 52.18
C SER UB 229 127.71 15.42 51.30
N GLU UB 230 128.21 14.94 50.16
CA GLU UB 230 128.92 15.83 49.24
C GLU UB 230 127.98 16.81 48.58
N SER UB 231 126.72 16.44 48.38
CA SER UB 231 125.75 17.35 47.79
C SER UB 231 125.50 18.57 48.69
N LEU UB 232 125.46 18.34 50.01
CA LEU UB 232 125.22 19.44 50.94
C LEU UB 232 126.33 20.50 50.89
N ALA UB 233 127.51 20.15 50.37
CA ALA UB 233 128.58 21.13 50.26
C ALA UB 233 128.20 22.29 49.36
N LYS UB 234 127.38 22.03 48.34
CA LYS UB 234 126.97 23.11 47.44
C LYS UB 234 126.12 24.13 48.18
N LYS UB 235 125.30 23.68 49.14
CA LYS UB 235 124.45 24.61 49.88
C LYS UB 235 125.28 25.65 50.63
N ARG UB 236 126.36 25.20 51.29
CA ARG UB 236 127.21 26.14 52.00
C ARG UB 236 127.85 27.14 51.06
N SER UB 237 128.33 26.69 49.90
CA SER UB 237 128.96 27.57 48.92
C SER UB 237 127.91 28.42 48.22
N VAL VB 2 85.05 -25.40 2.62
CA VAL VB 2 85.89 -24.51 1.77
C VAL VB 2 86.70 -25.33 0.78
N HIS VB 3 86.82 -24.81 -0.44
CA HIS VB 3 87.68 -25.36 -1.46
C HIS VB 3 88.78 -24.36 -1.78
N VAL VB 4 90.03 -24.83 -1.79
CA VAL VB 4 91.15 -23.95 -2.08
C VAL VB 4 91.05 -23.41 -3.50
N SER VB 5 90.55 -24.23 -4.44
CA SER VB 5 90.43 -23.79 -5.82
C SER VB 5 89.54 -22.56 -5.96
N PHE VB 6 88.66 -22.30 -4.99
CA PHE VB 6 87.78 -21.14 -5.06
C PHE VB 6 88.56 -19.83 -5.01
N TYR VB 7 89.78 -19.83 -4.49
CA TYR VB 7 90.58 -18.62 -4.38
C TYR VB 7 91.39 -18.32 -5.64
N ARG VB 8 91.38 -19.21 -6.62
CA ARG VB 8 92.03 -18.93 -7.89
C ARG VB 8 91.32 -17.76 -8.59
N ASN VB 9 92.10 -16.80 -9.06
CA ASN VB 9 91.56 -15.63 -9.73
C ASN VB 9 91.42 -15.88 -11.23
N TYR VB 10 90.48 -15.17 -11.83
CA TYR VB 10 90.34 -15.16 -13.28
C TYR VB 10 89.57 -13.90 -13.68
N GLY VB 11 89.75 -13.48 -14.93
CA GLY VB 11 89.14 -12.26 -15.41
C GLY VB 11 88.89 -12.32 -16.90
N LYS VB 12 88.24 -11.27 -17.40
CA LYS VB 12 87.90 -11.17 -18.81
C LYS VB 12 89.00 -10.42 -19.56
N THR VB 13 89.10 -10.71 -20.86
CA THR VB 13 90.14 -10.16 -21.71
C THR VB 13 89.63 -9.32 -22.86
N PHE VB 14 88.32 -9.15 -23.01
CA PHE VB 14 87.79 -8.34 -24.10
C PHE VB 14 86.39 -7.88 -23.76
N LYS VB 15 85.95 -6.84 -24.47
CA LYS VB 15 84.59 -6.32 -24.38
C LYS VB 15 84.03 -6.16 -25.79
N LYS VB 16 82.76 -6.50 -25.96
CA LYS VB 16 82.13 -6.38 -27.25
C LYS VB 16 81.74 -4.94 -27.54
N PRO VB 17 81.64 -4.55 -28.82
CA PRO VB 17 81.30 -3.17 -29.14
C PRO VB 17 79.92 -2.79 -28.62
N ARG VB 18 79.77 -1.50 -28.28
CA ARG VB 18 78.47 -1.01 -27.85
C ARG VB 18 77.49 -0.96 -29.00
N ARG VB 19 77.96 -0.58 -30.19
CA ARG VB 19 77.11 -0.54 -31.39
C ARG VB 19 77.46 -1.73 -32.27
N PRO VB 20 76.61 -2.75 -32.38
CA PRO VB 20 77.02 -3.97 -33.08
C PRO VB 20 77.05 -3.87 -34.59
N TYR VB 21 76.32 -2.94 -35.20
CA TYR VB 21 76.17 -2.89 -36.65
C TYR VB 21 76.53 -1.51 -37.19
N GLU VB 22 77.67 -0.99 -36.76
CA GLU VB 22 78.22 0.25 -37.31
C GLU VB 22 79.05 -0.09 -38.53
N LYS VB 23 78.63 0.38 -39.70
CA LYS VB 23 79.27 -0.03 -40.94
C LYS VB 23 80.73 0.41 -40.99
N GLU VB 24 81.01 1.62 -40.52
CA GLU VB 24 82.39 2.11 -40.53
C GLU VB 24 83.28 1.22 -39.65
N ARG VB 25 82.81 0.87 -38.45
CA ARG VB 25 83.61 0.01 -37.58
C ARG VB 25 83.81 -1.37 -38.19
N LEU VB 26 82.77 -1.93 -38.81
CA LEU VB 26 82.90 -3.24 -39.42
C LEU VB 26 83.95 -3.24 -40.51
N ASP VB 27 83.98 -2.18 -41.33
CA ASP VB 27 84.97 -2.08 -42.40
C ASP VB 27 86.39 -2.01 -41.83
N ALA VB 28 86.59 -1.15 -40.83
CA ALA VB 28 87.93 -0.98 -40.27
C ALA VB 28 88.40 -2.26 -39.57
N GLU VB 29 87.51 -2.90 -38.80
CA GLU VB 29 87.92 -4.11 -38.07
C GLU VB 29 88.27 -5.24 -39.02
N LEU VB 30 87.48 -5.41 -40.08
CA LEU VB 30 87.76 -6.49 -41.03
C LEU VB 30 89.09 -6.27 -41.73
N LYS VB 31 89.47 -5.03 -41.98
CA LYS VB 31 90.76 -4.76 -42.62
C LYS VB 31 91.91 -5.20 -41.75
N LEU VB 32 91.84 -4.91 -40.44
CA LEU VB 32 92.88 -5.38 -39.52
C LEU VB 32 92.87 -6.90 -39.39
N VAL VB 33 91.69 -7.50 -39.36
CA VAL VB 33 91.60 -8.95 -39.21
C VAL VB 33 92.25 -9.65 -40.39
N GLY VB 34 91.96 -9.19 -41.60
CA GLY VB 34 92.54 -9.81 -42.78
C GLY VB 34 94.01 -9.46 -42.97
N GLU VB 35 94.41 -8.25 -42.58
CA GLU VB 35 95.81 -7.86 -42.72
C GLU VB 35 96.72 -8.71 -41.85
N TYR VB 36 96.32 -8.98 -40.61
CA TYR VB 36 97.13 -9.73 -39.66
C TYR VB 36 96.65 -11.17 -39.50
N GLY VB 37 95.72 -11.63 -40.33
CA GLY VB 37 95.30 -13.02 -40.29
C GLY VB 37 94.73 -13.46 -38.96
N LEU VB 38 93.89 -12.63 -38.34
CA LEU VB 38 93.29 -12.97 -37.07
C LEU VB 38 92.18 -14.00 -37.26
N ARG VB 39 91.90 -14.75 -36.18
CA ARG VB 39 90.87 -15.78 -36.25
C ARG VB 39 89.47 -15.18 -36.31
N CYS VB 40 89.22 -14.14 -35.52
CA CYS VB 40 87.90 -13.52 -35.45
C CYS VB 40 88.04 -12.17 -34.79
N LYS VB 41 86.90 -11.49 -34.61
CA LYS VB 41 86.91 -10.17 -34.00
C LYS VB 41 87.35 -10.21 -32.55
N ARG VB 42 87.25 -11.37 -31.89
CA ARG VB 42 87.65 -11.47 -30.49
C ARG VB 42 89.13 -11.17 -30.31
N GLU VB 43 89.97 -11.66 -31.22
CA GLU VB 43 91.41 -11.41 -31.10
C GLU VB 43 91.71 -9.93 -31.23
N LEU VB 44 91.03 -9.23 -32.13
CA LEU VB 44 91.22 -7.79 -32.25
C LEU VB 44 90.69 -7.06 -31.02
N TRP VB 45 89.56 -7.52 -30.48
CA TRP VB 45 88.94 -6.83 -29.35
C TRP VB 45 89.78 -6.93 -28.08
N ARG VB 46 90.43 -8.07 -27.84
CA ARG VB 46 91.26 -8.19 -26.66
C ARG VB 46 92.51 -7.31 -26.75
N VAL VB 47 93.07 -7.14 -27.95
CA VAL VB 47 94.19 -6.22 -28.12
C VAL VB 47 93.74 -4.80 -27.80
N GLN VB 48 92.56 -4.41 -28.28
CA GLN VB 48 92.02 -3.10 -27.93
C GLN VB 48 91.78 -3.00 -26.42
N TYR VB 49 91.31 -4.08 -25.80
CA TYR VB 49 91.12 -4.08 -24.35
C TYR VB 49 92.44 -3.87 -23.63
N ALA VB 50 93.49 -4.58 -24.07
CA ALA VB 50 94.81 -4.40 -23.47
C ALA VB 50 95.32 -2.97 -23.69
N LEU VB 51 95.14 -2.44 -24.90
CA LEU VB 51 95.60 -1.09 -25.19
C LEU VB 51 94.88 -0.07 -24.31
N SER VB 52 93.58 -0.25 -24.10
CA SER VB 52 92.84 0.68 -23.26
C SER VB 52 93.38 0.70 -21.84
N ARG VB 53 93.75 -0.47 -21.32
CA ARG VB 53 94.31 -0.54 -19.97
C ARG VB 53 95.61 0.25 -19.87
N ILE VB 54 96.49 0.12 -20.87
CA ILE VB 54 97.76 0.82 -20.85
C ILE VB 54 97.54 2.32 -20.92
N ARG VB 55 96.67 2.76 -21.83
CA ARG VB 55 96.40 4.20 -21.94
C ARG VB 55 95.76 4.75 -20.66
N ASN VB 56 94.85 3.99 -20.06
CA ASN VB 56 94.20 4.46 -18.85
C ASN VB 56 95.20 4.68 -17.73
N ALA VB 57 96.17 3.77 -17.58
CA ALA VB 57 97.20 3.94 -16.56
C ALA VB 57 98.01 5.21 -16.83
N ALA VB 58 98.36 5.45 -18.09
CA ALA VB 58 99.15 6.64 -18.41
C ALA VB 58 98.38 7.92 -18.10
N ARG VB 59 97.09 7.96 -18.40
CA ARG VB 59 96.31 9.17 -18.17
C ARG VB 59 96.28 9.53 -16.69
N MET VB 60 96.10 8.53 -15.82
CA MET VB 60 96.08 8.80 -14.39
C MET VB 60 97.41 9.39 -13.91
N LEU VB 61 98.52 8.82 -14.39
CA LEU VB 61 99.82 9.34 -14.01
C LEU VB 61 100.03 10.76 -14.50
N LEU VB 62 99.63 11.04 -15.75
CA LEU VB 62 99.81 12.37 -16.29
C LEU VB 62 98.99 13.41 -15.53
N THR VB 63 97.84 13.01 -14.98
CA THR VB 63 97.03 13.95 -14.22
C THR VB 63 97.69 14.36 -12.92
N LEU VB 64 98.62 13.56 -12.40
CA LEU VB 64 99.31 13.89 -11.17
C LEU VB 64 100.46 14.86 -11.43
N ASP VB 65 100.95 15.47 -10.35
CA ASP VB 65 102.12 16.33 -10.45
C ASP VB 65 103.32 15.52 -10.89
N GLU VB 66 104.17 16.13 -11.72
CA GLU VB 66 105.35 15.43 -12.23
C GLU VB 66 106.35 15.12 -11.13
N LYS VB 67 106.25 15.79 -9.98
CA LYS VB 67 107.11 15.50 -8.84
C LYS VB 67 106.52 14.48 -7.89
N ASP VB 68 105.31 14.00 -8.14
CA ASP VB 68 104.70 13.00 -7.28
C ASP VB 68 105.50 11.71 -7.33
N PRO VB 69 105.93 11.16 -6.19
CA PRO VB 69 106.74 9.92 -6.24
C PRO VB 69 106.05 8.78 -6.98
N ARG VB 70 104.73 8.64 -6.82
CA ARG VB 70 104.03 7.58 -7.54
C ARG VB 70 104.06 7.82 -9.04
N ARG VB 71 103.96 9.08 -9.46
CA ARG VB 71 104.10 9.41 -10.87
C ARG VB 71 105.47 9.01 -11.40
N ILE VB 72 106.53 9.28 -10.63
CA ILE VB 72 107.88 8.97 -11.09
C ILE VB 72 108.10 7.46 -11.13
N PHE VB 73 107.67 6.75 -10.09
CA PHE VB 73 107.97 5.32 -10.01
C PHE VB 73 107.18 4.52 -11.04
N GLU VB 74 105.85 4.63 -10.99
CA GLU VB 74 105.03 3.85 -11.92
C GLU VB 74 105.18 4.35 -13.35
N GLY VB 75 105.47 5.63 -13.54
CA GLY VB 75 105.69 6.14 -14.89
C GLY VB 75 106.91 5.50 -15.54
N GLU VB 76 108.00 5.37 -14.79
CA GLU VB 76 109.19 4.72 -15.33
C GLU VB 76 108.93 3.25 -15.64
N ALA VB 77 108.20 2.57 -14.75
CA ALA VB 77 107.91 1.16 -14.96
C ALA VB 77 107.08 0.95 -16.21
N LEU VB 78 106.08 1.81 -16.43
CA LEU VB 78 105.26 1.69 -17.64
C LEU VB 78 106.10 1.91 -18.90
N LEU VB 79 106.96 2.93 -18.89
CA LEU VB 79 107.81 3.17 -20.05
C LEU VB 79 108.76 2.01 -20.28
N ARG VB 80 109.33 1.46 -19.21
CA ARG VB 80 110.23 0.32 -19.35
C ARG VB 80 109.51 -0.87 -19.96
N ARG VB 81 108.28 -1.12 -19.54
CA ARG VB 81 107.53 -2.25 -20.07
C ARG VB 81 107.28 -2.10 -21.57
N MET VB 82 106.91 -0.88 -22.00
CA MET VB 82 106.67 -0.66 -23.43
C MET VB 82 107.94 -0.85 -24.24
N ASN VB 83 109.07 -0.36 -23.72
CA ASN VB 83 110.33 -0.50 -24.45
C ASN VB 83 110.73 -1.96 -24.61
N ARG VB 84 110.53 -2.77 -23.56
CA ARG VB 84 110.96 -4.16 -23.63
C ARG VB 84 110.21 -4.96 -24.68
N TYR VB 85 109.03 -4.50 -25.09
CA TYR VB 85 108.27 -5.17 -26.13
C TYR VB 85 108.35 -4.46 -27.48
N GLY VB 86 109.13 -3.39 -27.58
CA GLY VB 86 109.31 -2.70 -28.84
C GLY VB 86 108.22 -1.73 -29.20
N LEU VB 87 107.22 -1.53 -28.33
CA LEU VB 87 106.15 -0.60 -28.64
C LEU VB 87 106.66 0.83 -28.75
N LEU VB 88 107.54 1.23 -27.84
CA LEU VB 88 108.10 2.57 -27.82
C LEU VB 88 109.59 2.53 -28.14
N ASP VB 89 110.16 3.72 -28.32
CA ASP VB 89 111.57 3.89 -28.63
C ASP VB 89 112.24 4.67 -27.51
N GLU VB 90 113.56 4.50 -27.41
CA GLU VB 90 114.31 5.19 -26.37
C GLU VB 90 114.19 6.72 -26.48
N SER VB 91 113.83 7.22 -27.66
CA SER VB 91 113.62 8.66 -27.85
C SER VB 91 112.21 9.11 -27.48
N GLN VB 92 111.35 8.18 -27.05
CA GLN VB 92 109.97 8.48 -26.69
C GLN VB 92 109.73 8.19 -25.21
N ASN VB 93 110.68 8.55 -24.36
CA ASN VB 93 110.61 8.25 -22.93
C ASN VB 93 109.79 9.33 -22.23
N LYS VB 94 108.49 9.35 -22.53
CA LYS VB 94 107.54 10.20 -21.85
C LYS VB 94 106.17 9.53 -21.88
N LEU VB 95 105.41 9.76 -20.82
CA LEU VB 95 104.07 9.16 -20.74
C LEU VB 95 103.14 9.66 -21.84
N ASP VB 96 103.41 10.85 -22.39
CA ASP VB 96 102.57 11.36 -23.46
C ASP VB 96 102.63 10.49 -24.69
N TYR VB 97 103.81 9.94 -25.02
CA TYR VB 97 103.93 9.05 -26.16
C TYR VB 97 103.19 7.74 -25.95
N VAL VB 98 102.95 7.34 -24.70
CA VAL VB 98 102.15 6.14 -24.45
C VAL VB 98 100.73 6.34 -24.95
N LEU VB 99 100.18 7.53 -24.72
CA LEU VB 99 98.82 7.82 -25.17
C LEU VB 99 98.69 7.80 -26.69
N ALA VB 100 99.81 7.87 -27.41
CA ALA VB 100 99.81 7.87 -28.86
C ALA VB 100 99.89 6.47 -29.47
N LEU VB 101 99.92 5.42 -28.65
CA LEU VB 101 99.97 4.07 -29.16
C LEU VB 101 98.66 3.69 -29.83
N THR VB 102 98.73 2.75 -30.76
CA THR VB 102 97.57 2.30 -31.52
C THR VB 102 97.54 0.78 -31.52
N VAL VB 103 96.44 0.23 -32.06
CA VAL VB 103 96.27 -1.21 -32.12
C VAL VB 103 97.32 -1.83 -33.04
N GLU VB 104 97.68 -1.13 -34.11
CA GLU VB 104 98.64 -1.68 -35.06
C GLU VB 104 99.99 -1.96 -34.39
N ASN VB 105 100.38 -1.11 -33.45
CA ASN VB 105 101.65 -1.31 -32.77
C ASN VB 105 101.69 -2.64 -32.03
N PHE VB 106 100.59 -2.97 -31.32
CA PHE VB 106 100.55 -4.23 -30.60
C PHE VB 106 100.45 -5.42 -31.55
N LEU VB 107 99.67 -5.29 -32.62
CA LEU VB 107 99.55 -6.38 -33.57
C LEU VB 107 100.85 -6.65 -34.32
N GLU VB 108 101.73 -5.66 -34.43
CA GLU VB 108 103.01 -5.84 -35.08
C GLU VB 108 104.01 -6.61 -34.22
N ARG VB 109 103.78 -6.67 -32.91
CA ARG VB 109 104.65 -7.42 -32.01
C ARG VB 109 104.21 -8.86 -31.83
N ARG VB 110 103.11 -9.28 -32.46
CA ARG VB 110 102.67 -10.65 -32.37
C ARG VB 110 103.69 -11.59 -33.02
N LEU VB 111 103.76 -12.82 -32.50
CA LEU VB 111 104.64 -13.81 -33.10
C LEU VB 111 104.24 -14.11 -34.54
N GLN VB 112 102.93 -14.10 -34.82
CA GLN VB 112 102.47 -14.34 -36.18
C GLN VB 112 102.98 -13.26 -37.14
N THR VB 113 102.91 -12.00 -36.72
CA THR VB 113 103.37 -10.92 -37.60
C THR VB 113 104.87 -10.97 -37.81
N LEU VB 114 105.64 -11.19 -36.74
CA LEU VB 114 107.10 -11.20 -36.86
C LEU VB 114 107.59 -12.38 -37.66
N VAL VB 115 106.94 -13.54 -37.55
CA VAL VB 115 107.33 -14.69 -38.35
C VAL VB 115 107.18 -14.38 -39.84
N PHE VB 116 106.08 -13.71 -40.21
CA PHE VB 116 105.87 -13.35 -41.61
C PHE VB 116 106.83 -12.26 -42.06
N LYS VB 117 107.03 -11.24 -41.23
CA LYS VB 117 107.84 -10.09 -41.62
C LYS VB 117 109.34 -10.34 -41.50
N THR VB 118 109.75 -11.47 -40.91
CA THR VB 118 111.15 -11.84 -40.86
C THR VB 118 111.56 -12.77 -42.01
N GLY VB 119 110.65 -13.06 -42.93
CA GLY VB 119 110.96 -13.90 -44.07
C GLY VB 119 110.76 -15.39 -43.84
N MET VB 120 110.42 -15.80 -42.61
CA MET VB 120 110.24 -17.22 -42.33
C MET VB 120 108.98 -17.78 -42.97
N ALA VB 121 107.99 -16.94 -43.26
CA ALA VB 121 106.73 -17.38 -43.83
C ALA VB 121 106.42 -16.58 -45.09
N LYS VB 122 105.71 -17.21 -46.02
CA LYS VB 122 105.37 -16.57 -47.28
C LYS VB 122 104.24 -15.56 -47.11
N SER VB 123 103.29 -15.84 -46.23
CA SER VB 123 102.15 -14.96 -46.00
C SER VB 123 101.84 -14.93 -44.51
N ILE VB 124 101.07 -13.91 -44.12
CA ILE VB 124 100.65 -13.80 -42.72
C ILE VB 124 99.84 -15.01 -42.31
N HIS VB 125 99.01 -15.53 -43.21
CA HIS VB 125 98.24 -16.74 -42.90
C HIS VB 125 99.12 -17.96 -42.85
N HIS VB 126 100.19 -18.00 -43.64
CA HIS VB 126 101.12 -19.13 -43.58
C HIS VB 126 101.82 -19.18 -42.23
N ALA VB 127 102.18 -18.02 -41.69
CA ALA VB 127 102.83 -17.99 -40.38
C ALA VB 127 101.91 -18.54 -39.30
N ARG VB 128 100.61 -18.29 -39.42
CA ARG VB 128 99.66 -18.80 -38.44
C ARG VB 128 99.72 -20.32 -38.34
N VAL VB 129 99.73 -20.99 -39.50
CA VAL VB 129 99.75 -22.45 -39.51
C VAL VB 129 101.08 -22.98 -38.98
N LEU VB 130 102.18 -22.32 -39.35
CA LEU VB 130 103.49 -22.79 -38.90
C LEU VB 130 103.60 -22.72 -37.38
N ILE VB 131 103.11 -21.64 -36.77
CA ILE VB 131 103.21 -21.49 -35.32
C ILE VB 131 102.41 -22.58 -34.63
N ARG VB 132 101.15 -22.76 -35.02
CA ARG VB 132 100.30 -23.74 -34.35
C ARG VB 132 100.73 -25.17 -34.64
N GLN VB 133 101.58 -25.38 -35.65
CA GLN VB 133 102.04 -26.72 -36.01
C GLN VB 133 103.39 -27.06 -35.40
N ARG VB 134 103.87 -26.28 -34.43
CA ARG VB 134 105.08 -26.59 -33.68
C ARG VB 134 106.32 -26.52 -34.57
N HIS VB 135 106.41 -25.48 -35.40
CA HIS VB 135 107.55 -25.27 -36.27
C HIS VB 135 108.39 -24.07 -35.88
N ILE VB 136 107.97 -23.30 -34.88
CA ILE VB 136 108.65 -22.07 -34.49
C ILE VB 136 109.07 -22.19 -33.03
N ARG VB 137 110.17 -21.51 -32.69
CA ARG VB 137 110.67 -21.45 -31.33
C ARG VB 137 111.20 -20.06 -31.06
N VAL VB 138 110.99 -19.57 -29.84
CA VAL VB 138 111.54 -18.29 -29.41
C VAL VB 138 112.68 -18.55 -28.46
N GLY VB 139 113.90 -18.60 -28.99
CA GLY VB 139 115.05 -19.00 -28.19
C GLY VB 139 115.18 -20.50 -28.13
N ARG VB 140 115.02 -21.07 -26.95
CA ARG VB 140 115.06 -22.52 -26.77
C ARG VB 140 113.66 -23.14 -26.65
N GLN VB 141 112.64 -22.34 -26.42
CA GLN VB 141 111.29 -22.84 -26.16
C GLN VB 141 110.45 -22.82 -27.43
N VAL VB 142 109.78 -23.93 -27.70
CA VAL VB 142 108.83 -23.98 -28.81
C VAL VB 142 107.55 -23.25 -28.41
N VAL VB 143 107.09 -22.37 -29.28
CA VAL VB 143 105.88 -21.58 -29.04
C VAL VB 143 104.86 -21.93 -30.12
N ASN VB 144 103.67 -22.33 -29.69
CA ASN VB 144 102.58 -22.68 -30.60
C ASN VB 144 101.39 -21.75 -30.43
N VAL VB 145 101.63 -20.53 -29.95
CA VAL VB 145 100.60 -19.53 -29.74
C VAL VB 145 100.89 -18.36 -30.67
N ALA VB 146 99.96 -18.06 -31.57
CA ALA VB 146 100.16 -16.97 -32.52
C ALA VB 146 100.12 -15.61 -31.83
N SER VB 147 99.43 -15.51 -30.70
CA SER VB 147 99.30 -14.24 -29.99
C SER VB 147 100.48 -13.93 -29.09
N PHE VB 148 101.47 -14.83 -29.02
CA PHE VB 148 102.68 -14.59 -28.23
C PHE VB 148 103.28 -13.23 -28.60
N MET VB 149 103.40 -12.35 -27.61
CA MET VB 149 103.95 -11.02 -27.81
C MET VB 149 105.46 -11.07 -27.60
N VAL VB 150 106.22 -10.91 -28.67
CA VAL VB 150 107.67 -11.05 -28.63
C VAL VB 150 108.28 -9.79 -28.02
N ARG VB 151 109.38 -9.98 -27.30
CA ARG VB 151 110.16 -8.89 -26.73
C ARG VB 151 111.31 -8.52 -27.65
N VAL VB 152 111.83 -7.31 -27.47
CA VAL VB 152 112.92 -6.84 -28.31
C VAL VB 152 114.14 -7.74 -28.15
N ASP VB 153 114.47 -8.11 -26.91
CA ASP VB 153 115.60 -8.98 -26.66
C ASP VB 153 115.40 -10.39 -27.20
N SER VB 154 114.17 -10.78 -27.55
CA SER VB 154 113.88 -12.12 -28.04
C SER VB 154 113.55 -12.14 -29.53
N GLN VB 155 113.43 -10.98 -30.17
CA GLN VB 155 113.04 -10.96 -31.58
C GLN VB 155 114.09 -11.61 -32.47
N LYS VB 156 115.37 -11.46 -32.11
CA LYS VB 156 116.45 -12.00 -32.94
C LYS VB 156 116.67 -13.49 -32.74
N HIS VB 157 116.00 -14.12 -31.79
CA HIS VB 157 116.15 -15.54 -31.52
C HIS VB 157 115.02 -16.38 -32.12
N ILE VB 158 114.17 -15.79 -32.94
CA ILE VB 158 113.08 -16.54 -33.56
C ILE VB 158 113.67 -17.42 -34.65
N ASP VB 159 113.39 -18.71 -34.59
CA ASP VB 159 113.94 -19.68 -35.53
C ASP VB 159 113.06 -20.91 -35.51
N PHE VB 160 113.25 -21.78 -36.51
CA PHE VB 160 112.51 -23.02 -36.58
C PHE VB 160 112.94 -23.96 -35.45
N SER VB 161 111.97 -24.72 -34.94
CA SER VB 161 112.25 -25.65 -33.86
C SER VB 161 113.17 -26.77 -34.34
N LEU VB 162 114.02 -27.25 -33.41
CA LEU VB 162 114.96 -28.30 -33.76
C LEU VB 162 114.26 -29.59 -34.18
N THR VB 163 113.08 -29.85 -33.62
CA THR VB 163 112.33 -31.06 -33.94
C THR VB 163 111.54 -30.94 -35.23
N SER VB 164 111.37 -29.73 -35.76
CA SER VB 164 110.60 -29.53 -36.97
C SER VB 164 111.39 -29.99 -38.20
N PRO VB 165 110.70 -30.44 -39.26
CA PRO VB 165 111.41 -30.74 -40.51
C PRO VB 165 112.13 -29.54 -41.10
N PHE VB 166 111.67 -28.33 -40.81
CA PHE VB 166 112.27 -27.11 -41.34
C PHE VB 166 113.42 -26.60 -40.48
N GLY VB 167 113.75 -27.29 -39.39
CA GLY VB 167 114.80 -26.84 -38.50
C GLY VB 167 115.78 -27.94 -38.13
N GLY VB 168 115.99 -28.88 -39.04
CA GLY VB 168 116.93 -29.97 -38.83
C GLY VB 168 116.29 -31.28 -38.42
N GLY VB 169 115.02 -31.29 -38.07
CA GLY VB 169 114.35 -32.52 -37.69
C GLY VB 169 114.05 -33.41 -38.88
N ARG VB 170 113.58 -34.61 -38.57
CA ARG VB 170 113.23 -35.57 -39.60
C ARG VB 170 111.99 -35.11 -40.36
N PRO VB 171 111.81 -35.56 -41.60
CA PRO VB 171 110.63 -35.15 -42.36
C PRO VB 171 109.34 -35.67 -41.72
N GLY VB 172 108.26 -34.92 -41.94
CA GLY VB 172 106.96 -35.27 -41.38
C GLY VB 172 106.46 -36.60 -41.89
N ARG VB 173 105.27 -37.01 -41.44
CA ARG VB 173 104.75 -38.33 -41.80
C ARG VB 173 104.27 -38.39 -43.24
N VAL VB 174 103.91 -37.25 -43.85
CA VAL VB 174 103.48 -37.28 -45.24
C VAL VB 174 104.64 -37.66 -46.15
N LYS VB 175 105.79 -37.00 -45.97
CA LYS VB 175 106.95 -37.34 -46.78
C LYS VB 175 107.47 -38.74 -46.47
N ARG VB 176 107.50 -39.10 -45.18
CA ARG VB 176 108.01 -40.41 -44.80
C ARG VB 176 107.15 -41.53 -45.39
N LYS VB 177 105.82 -41.37 -45.36
CA LYS VB 177 104.96 -42.36 -45.98
C LYS VB 177 105.17 -42.40 -47.49
N ASN VB 178 105.32 -41.24 -48.12
CA ASN VB 178 105.58 -41.22 -49.56
C ASN VB 178 106.91 -41.89 -49.89
N GLN VB 179 107.94 -41.64 -49.09
CA GLN VB 179 109.22 -42.32 -49.29
C GLN VB 179 109.04 -43.83 -49.11
N LYS VB 180 108.27 -44.24 -48.11
CA LYS VB 180 108.00 -45.67 -47.93
C LYS VB 180 107.29 -46.25 -49.14
N SER VB 181 106.31 -45.52 -49.68
CA SER VB 181 105.61 -46.02 -50.86
C SER VB 181 106.54 -46.14 -52.05
N ALA VB 182 107.41 -45.15 -52.25
CA ALA VB 182 108.36 -45.21 -53.36
C ALA VB 182 109.31 -46.40 -53.21
N ALA VB 183 109.77 -46.66 -51.99
CA ALA VB 183 110.67 -47.79 -51.76
C ALA VB 183 110.00 -49.11 -52.10
N LYS VB 184 108.73 -49.26 -51.72
CA LYS VB 184 108.02 -50.50 -52.01
C LYS VB 184 107.93 -50.77 -53.51
N LYS VB 185 107.90 -49.72 -54.32
CA LYS VB 185 107.86 -49.88 -55.77
C LYS VB 185 109.17 -50.47 -56.29
N GLY WB 2 62.21 44.34 2.35
CA GLY WB 2 61.30 45.50 2.60
C GLY WB 2 60.69 45.47 3.99
N ARG WB 3 59.44 45.90 4.10
CA ARG WB 3 58.77 45.93 5.39
C ARG WB 3 58.60 44.52 5.93
N MET WB 4 58.63 44.40 7.25
CA MET WB 4 58.49 43.09 7.88
C MET WB 4 57.11 42.49 7.63
N HIS WB 5 56.06 43.30 7.72
CA HIS WB 5 54.68 42.83 7.66
C HIS WB 5 53.89 43.56 6.58
N SER WB 6 54.48 43.73 5.41
CA SER WB 6 53.78 44.27 4.26
C SER WB 6 54.68 44.12 3.05
N ARG WB 7 54.22 44.62 1.90
CA ARG WB 7 55.00 44.59 0.67
C ARG WB 7 55.70 45.92 0.39
N GLY WB 8 55.67 46.86 1.33
CA GLY WB 8 56.30 48.14 1.11
C GLY WB 8 57.80 48.00 0.92
N LYS WB 9 58.35 48.88 0.08
CA LYS WB 9 59.77 48.89 -0.24
C LYS WB 9 60.38 50.27 -0.06
N GLY WB 10 59.85 51.05 0.87
CA GLY WB 10 60.37 52.38 1.09
C GLY WB 10 61.79 52.35 1.63
N ILE WB 11 62.56 53.38 1.26
CA ILE WB 11 63.94 53.52 1.68
C ILE WB 11 64.21 54.81 2.44
N SER WB 12 63.18 55.63 2.68
CA SER WB 12 63.39 56.88 3.38
C SER WB 12 64.02 56.65 4.75
N ALA WB 13 65.04 57.43 5.06
CA ALA WB 13 65.75 57.30 6.32
C ALA WB 13 66.72 58.47 6.45
N SER WB 14 67.32 58.60 7.62
CA SER WB 14 68.32 59.63 7.85
C SER WB 14 69.65 59.24 7.21
N ALA WB 15 70.44 60.24 6.85
CA ALA WB 15 71.76 60.06 6.27
C ALA WB 15 72.78 60.82 7.12
N LEU WB 16 73.50 60.10 7.97
CA LEU WB 16 74.45 60.74 8.86
C LEU WB 16 75.59 61.35 8.05
N PRO WB 17 76.09 62.52 8.44
CA PRO WB 17 77.21 63.13 7.71
C PRO WB 17 78.51 62.39 7.97
N TYR WB 18 79.45 62.58 7.05
CA TYR WB 18 80.76 61.95 7.18
C TYR WB 18 81.55 62.53 8.36
N LYS WB 19 81.26 63.77 8.73
CA LYS WB 19 81.98 64.44 9.82
C LYS WB 19 81.36 64.02 11.14
N ARG WB 20 82.10 63.22 11.92
CA ARG WB 20 81.62 62.76 13.21
C ARG WB 20 81.86 63.77 14.33
N THR WB 21 82.70 64.79 14.10
CA THR WB 21 82.98 65.79 15.13
C THR WB 21 81.89 66.85 15.15
N PRO WB 22 81.69 67.53 16.29
CA PRO WB 22 80.68 68.56 16.35
C PRO WB 22 81.08 69.77 15.52
N PRO WB 23 80.12 70.56 15.05
CA PRO WB 23 80.48 71.75 14.28
C PRO WB 23 81.22 72.77 15.14
N SER WB 24 82.05 73.58 14.49
CA SER WB 24 82.82 74.60 15.20
C SER WB 24 81.92 75.63 15.86
N TRP WB 25 80.70 75.80 15.39
CA TRP WB 25 79.77 76.76 15.96
C TRP WB 25 79.00 76.21 17.16
N LEU WB 26 79.18 74.94 17.50
CA LEU WB 26 78.53 74.34 18.66
C LEU WB 26 79.43 74.48 19.86
N LYS WB 27 79.01 75.30 20.83
CA LYS WB 27 79.83 75.62 21.99
C LYS WB 27 79.47 74.81 23.22
N ILE WB 28 78.30 74.18 23.26
CA ILE WB 28 77.90 73.43 24.44
C ILE WB 28 78.85 72.26 24.67
N SER WB 29 79.28 72.08 25.91
CA SER WB 29 80.21 71.03 26.27
C SER WB 29 79.47 69.74 26.60
N ALA WB 30 80.22 68.64 26.63
CA ALA WB 30 79.61 67.34 26.90
C ALA WB 30 78.92 67.30 28.26
N PRO WB 31 79.51 67.79 29.36
CA PRO WB 31 78.79 67.74 30.64
C PRO WB 31 77.46 68.47 30.59
N ASP WB 32 77.38 69.59 29.87
CA ASP WB 32 76.12 70.32 29.77
C ASP WB 32 75.07 69.49 29.03
N VAL WB 33 75.47 68.81 27.95
CA VAL WB 33 74.53 68.02 27.18
C VAL WB 33 73.96 66.89 28.03
N GLU WB 34 74.82 66.19 28.75
CA GLU WB 34 74.36 65.07 29.56
C GLU WB 34 73.44 65.54 30.68
N ASP WB 35 73.68 66.74 31.22
CA ASP WB 35 72.78 67.29 32.24
C ASP WB 35 71.38 67.49 31.66
N ASN WB 36 71.28 68.02 30.44
CA ASN WB 36 69.98 68.19 29.81
C ASN WB 36 69.31 66.85 29.54
N ILE WB 37 70.07 65.86 29.09
CA ILE WB 37 69.49 64.56 28.79
C ILE WB 37 68.88 63.94 30.04
N CYS WB 38 69.60 64.01 31.17
CA CYS WB 38 69.04 63.53 32.42
C CYS WB 38 67.83 64.36 32.82
N LYS WB 39 67.88 65.68 32.60
CA LYS WB 39 66.76 66.54 32.96
C LYS WB 39 65.51 66.16 32.17
N PHE WB 40 65.66 65.91 30.87
CA PHE WB 40 64.51 65.51 30.06
C PHE WB 40 64.00 64.13 30.44
N ALA WB 41 64.92 63.21 30.76
CA ALA WB 41 64.51 61.85 31.11
C ALA WB 41 63.63 61.85 32.35
N LYS WB 42 63.98 62.65 33.36
CA LYS WB 42 63.18 62.72 34.57
C LYS WB 42 61.78 63.27 34.31
N LYS WB 43 61.59 63.99 33.19
CA LYS WB 43 60.29 64.50 32.82
C LYS WB 43 59.43 63.47 32.09
N GLY WB 44 59.96 62.28 31.83
CA GLY WB 44 59.21 61.21 31.19
C GLY WB 44 59.52 61.01 29.72
N LEU WB 45 60.31 61.89 29.10
CA LEU WB 45 60.64 61.74 27.70
C LEU WB 45 61.50 60.51 27.46
N THR WB 46 61.38 59.95 26.29
CA THR WB 46 62.11 58.76 25.87
C THR WB 46 63.32 59.14 25.04
N PRO WB 47 64.26 58.22 24.84
CA PRO WB 47 65.46 58.56 24.06
C PRO WB 47 65.16 59.07 22.67
N SER WB 48 64.11 58.55 22.02
CA SER WB 48 63.80 58.98 20.65
C SER WB 48 63.43 60.46 20.61
N GLN WB 49 62.55 60.89 21.52
CA GLN WB 49 62.08 62.27 21.52
C GLN WB 49 62.98 63.21 22.31
N ILE WB 50 63.95 62.68 23.06
CA ILE WB 50 64.96 63.55 23.66
C ILE WB 50 65.89 64.09 22.58
N GLY WB 51 66.31 63.23 21.65
CA GLY WB 51 67.17 63.68 20.57
C GLY WB 51 66.51 64.68 19.65
N VAL WB 52 65.20 64.53 19.42
CA VAL WB 52 64.48 65.46 18.55
C VAL WB 52 64.52 66.87 19.13
N ILE WB 53 64.30 66.99 20.44
CA ILE WB 53 64.33 68.31 21.07
C ILE WB 53 65.72 68.93 20.95
N LEU WB 54 66.77 68.14 21.18
CA LEU WB 54 68.13 68.67 21.09
C LEU WB 54 68.43 69.15 19.67
N ARG WB 55 68.03 68.36 18.67
CA ARG WB 55 68.29 68.75 17.28
C ARG WB 55 67.53 70.02 16.92
N ASP WB 56 66.27 70.14 17.33
CA ASP WB 56 65.42 71.22 16.88
C ASP WB 56 65.51 72.47 17.76
N SER WB 57 65.84 72.31 19.05
CA SER WB 57 65.85 73.44 19.98
C SER WB 57 67.23 73.77 20.52
N HIS WB 58 68.24 72.95 20.26
CA HIS WB 58 69.57 73.19 20.81
C HIS WB 58 70.68 73.09 19.76
N GLY WB 59 70.37 72.70 18.54
CA GLY WB 59 71.38 72.61 17.50
C GLY WB 59 72.30 71.41 17.61
N ILE WB 60 71.99 70.45 18.48
CA ILE WB 60 72.80 69.26 18.65
C ILE WB 60 72.28 68.21 17.68
N ALA WB 61 72.95 68.09 16.53
CA ALA WB 61 72.51 67.13 15.52
C ALA WB 61 72.67 65.70 16.02
N GLN WB 62 73.82 65.38 16.60
CA GLN WB 62 74.09 64.05 17.13
C GLN WB 62 74.71 64.19 18.53
N VAL WB 63 74.09 63.53 19.50
CA VAL WB 63 74.61 63.56 20.87
C VAL WB 63 75.96 62.86 20.94
N LYS WB 64 76.14 61.79 20.17
CA LYS WB 64 77.40 61.05 20.22
C LYS WB 64 78.57 61.93 19.82
N SER WB 65 78.36 62.85 18.87
CA SER WB 65 79.45 63.72 18.43
C SER WB 65 79.94 64.59 19.58
N VAL WB 66 79.03 65.10 20.40
CA VAL WB 66 79.39 66.01 21.49
C VAL WB 66 79.83 65.23 22.72
N THR WB 67 79.08 64.20 23.11
CA THR WB 67 79.34 63.46 24.34
C THR WB 67 80.13 62.18 24.13
N GLY WB 68 80.11 61.62 22.92
CA GLY WB 68 80.79 60.38 22.67
C GLY WB 68 80.00 59.13 23.01
N SER WB 69 78.77 59.27 23.49
CA SER WB 69 77.93 58.13 23.84
C SER WB 69 76.51 58.40 23.37
N LYS WB 70 75.79 57.31 23.06
CA LYS WB 70 74.40 57.41 22.65
C LYS WB 70 73.52 57.77 23.84
N ILE WB 71 72.32 58.27 23.54
CA ILE WB 71 71.45 58.80 24.59
C ILE WB 71 71.07 57.71 25.57
N LEU WB 72 70.72 56.52 25.07
CA LEU WB 72 70.30 55.44 25.96
C LEU WB 72 71.43 55.05 26.91
N ARG WB 73 72.66 55.00 26.42
CA ARG WB 73 73.80 54.66 27.27
C ARG WB 73 73.95 55.69 28.39
N ILE WB 74 73.78 56.98 28.07
CA ILE WB 74 73.89 58.02 29.09
C ILE WB 74 72.84 57.82 30.17
N LEU WB 75 71.60 57.53 29.78
CA LEU WB 75 70.54 57.33 30.76
C LEU WB 75 70.83 56.14 31.65
N LYS WB 76 71.34 55.05 31.08
CA LYS WB 76 71.64 53.86 31.87
C LYS WB 76 72.69 54.17 32.94
N ALA WB 77 73.71 54.95 32.58
CA ALA WB 77 74.76 55.28 33.54
C ALA WB 77 74.20 56.03 34.73
N HIS WB 78 73.10 56.76 34.54
CA HIS WB 78 72.45 57.49 35.62
C HIS WB 78 71.24 56.76 36.19
N GLY WB 79 71.03 55.51 35.80
CA GLY WB 79 69.90 54.75 36.30
C GLY WB 79 68.56 55.33 35.93
N LEU WB 80 68.42 55.79 34.68
CA LEU WB 80 67.16 56.35 34.19
C LEU WB 80 66.60 55.57 33.01
N ALA WB 81 67.22 54.45 32.64
CA ALA WB 81 66.72 53.65 31.54
C ALA WB 81 65.44 52.93 31.96
N PRO WB 82 64.36 53.04 31.19
CA PRO WB 82 63.11 52.36 31.57
C PRO WB 82 63.28 50.85 31.58
N GLU WB 83 62.52 50.18 32.45
CA GLU WB 83 62.62 48.73 32.57
C GLU WB 83 62.27 48.06 31.24
N ILE WB 84 61.22 48.51 30.58
CA ILE WB 84 60.82 48.01 29.26
C ILE WB 84 61.41 48.94 28.21
N PRO WB 85 62.14 48.42 27.22
CA PRO WB 85 62.72 49.32 26.20
C PRO WB 85 61.64 50.10 25.47
N GLU WB 86 62.02 51.31 25.02
CA GLU WB 86 61.06 52.23 24.43
C GLU WB 86 60.32 51.59 23.26
N ASP WB 87 61.06 50.99 22.33
CA ASP WB 87 60.43 50.44 21.13
C ASP WB 87 59.44 49.33 21.49
N LEU WB 88 59.83 48.44 22.41
CA LEU WB 88 58.89 47.42 22.87
C LEU WB 88 57.71 48.04 23.60
N TYR WB 89 57.94 49.13 24.33
CA TYR WB 89 56.85 49.78 25.04
C TYR WB 89 55.78 50.29 24.08
N HIS WB 90 56.20 50.90 22.97
CA HIS WB 90 55.22 51.45 22.03
C HIS WB 90 54.43 50.36 21.32
N LEU WB 91 55.08 49.23 21.03
CA LEU WB 91 54.35 48.12 20.42
C LEU WB 91 53.26 47.59 21.33
N ILE WB 92 53.56 47.48 22.64
CA ILE WB 92 52.55 47.03 23.59
C ILE WB 92 51.40 48.02 23.64
N LYS WB 93 51.71 49.33 23.65
CA LYS WB 93 50.67 50.34 23.71
C LYS WB 93 49.75 50.24 22.49
N LYS WB 94 50.32 50.02 21.31
CA LYS WB 94 49.50 49.86 20.12
C LYS WB 94 48.62 48.62 20.22
N ALA WB 95 49.17 47.51 20.73
CA ALA WB 95 48.37 46.30 20.87
C ALA WB 95 47.21 46.52 21.83
N VAL WB 96 47.44 47.24 22.93
CA VAL WB 96 46.38 47.54 23.88
C VAL WB 96 45.29 48.37 23.21
N ALA WB 97 45.69 49.35 22.40
CA ALA WB 97 44.71 50.21 21.74
C ALA WB 97 43.84 49.40 20.78
N ILE WB 98 44.45 48.50 20.01
CA ILE WB 98 43.67 47.69 19.07
C ILE WB 98 42.69 46.80 19.83
N ARG WB 99 43.16 46.16 20.90
CA ARG WB 99 42.28 45.28 21.67
C ARG WB 99 41.11 46.06 22.27
N LYS WB 100 41.37 47.26 22.79
CA LYS WB 100 40.28 48.07 23.32
C LYS WB 100 39.29 48.43 22.24
N HIS WB 101 39.78 48.79 21.05
CA HIS WB 101 38.90 49.05 19.92
C HIS WB 101 38.19 47.77 19.49
N LEU WB 102 38.91 46.64 19.49
CA LEU WB 102 38.36 45.40 18.96
C LEU WB 102 37.26 44.82 19.86
N GLU WB 103 37.27 45.13 21.15
CA GLU WB 103 36.23 44.60 22.03
C GLU WB 103 34.87 45.19 21.71
N ARG WB 104 34.84 46.45 21.28
CA ARG WB 104 33.59 47.10 20.87
C ARG WB 104 33.23 46.85 19.42
N ASN WB 105 34.14 46.28 18.63
CA ASN WB 105 33.94 46.08 17.19
C ASN WB 105 34.33 44.64 16.87
N ARG WB 106 33.39 43.71 17.07
CA ARG WB 106 33.68 42.30 16.84
C ARG WB 106 33.77 41.95 15.36
N LYS WB 107 33.13 42.72 14.49
CA LYS WB 107 33.12 42.45 13.07
C LYS WB 107 34.24 43.15 12.32
N ASP WB 108 35.10 43.90 13.01
CA ASP WB 108 36.23 44.59 12.38
C ASP WB 108 37.35 43.58 12.19
N LYS WB 109 37.19 42.74 11.16
CA LYS WB 109 38.17 41.69 10.91
C LYS WB 109 39.51 42.27 10.47
N ASP WB 110 39.52 43.48 9.91
CA ASP WB 110 40.78 44.11 9.56
C ASP WB 110 41.62 44.39 10.80
N SER WB 111 41.00 44.91 11.85
CA SER WB 111 41.73 45.15 13.09
C SER WB 111 42.22 43.84 13.68
N LYS WB 112 41.40 42.80 13.63
CA LYS WB 112 41.83 41.49 14.12
C LYS WB 112 43.08 41.02 13.38
N PHE WB 113 43.14 41.25 12.06
CA PHE WB 113 44.32 40.88 11.29
C PHE WB 113 45.54 41.68 11.76
N ARG WB 114 45.38 42.97 11.98
CA ARG WB 114 46.51 43.80 12.39
C ARG WB 114 46.93 43.50 13.83
N LEU WB 115 45.99 43.09 14.68
CA LEU WB 115 46.35 42.74 16.05
C LEU WB 115 47.31 41.56 16.07
N ILE WB 116 47.10 40.58 15.19
CA ILE WB 116 48.00 39.44 15.11
C ILE WB 116 49.40 39.90 14.71
N LEU WB 117 49.49 40.81 13.73
CA LEU WB 117 50.79 41.29 13.30
C LEU WB 117 51.51 42.04 14.41
N VAL WB 118 50.79 42.91 15.13
CA VAL WB 118 51.42 43.69 16.19
C VAL WB 118 51.91 42.79 17.31
N GLU WB 119 51.08 41.82 17.73
CA GLU WB 119 51.46 40.94 18.82
C GLU WB 119 52.63 40.04 18.41
N SER WB 120 52.60 39.53 17.18
CA SER WB 120 53.73 38.73 16.71
C SER WB 120 55.01 39.56 16.67
N ARG WB 121 54.90 40.84 16.34
CA ARG WB 121 56.05 41.73 16.38
C ARG WB 121 56.52 41.95 17.81
N ILE WB 122 55.60 42.00 18.77
CA ILE WB 122 55.97 42.14 20.17
C ILE WB 122 56.79 40.93 20.62
N HIS WB 123 56.34 39.72 20.28
CA HIS WB 123 57.01 38.52 20.73
C HIS WB 123 58.41 38.41 20.12
N ARG WB 124 58.56 38.77 18.85
CA ARG WB 124 59.88 38.72 18.22
C ARG WB 124 60.84 39.69 18.88
N LEU WB 125 60.36 40.90 19.19
CA LEU WB 125 61.22 41.88 19.84
C LEU WB 125 61.51 41.49 21.29
N ALA WB 126 60.51 40.99 22.01
CA ALA WB 126 60.72 40.57 23.39
C ALA WB 126 61.71 39.42 23.46
N ARG WB 127 61.66 38.50 22.48
CA ARG WB 127 62.61 37.41 22.44
C ARG WB 127 64.05 37.93 22.35
N TYR WB 128 64.28 38.93 21.50
CA TYR WB 128 65.61 39.48 21.35
C TYR WB 128 66.10 40.13 22.65
N TYR WB 129 65.23 40.88 23.32
CA TYR WB 129 65.64 41.56 24.54
C TYR WB 129 65.95 40.57 25.66
N LYS WB 130 65.20 39.48 25.75
CA LYS WB 130 65.51 38.45 26.74
C LYS WB 130 66.86 37.83 26.49
N LYS WB 131 67.21 37.59 25.21
CA LYS WB 131 68.52 37.03 24.90
C LYS WB 131 69.63 38.00 25.29
N THR WB 132 69.43 39.29 25.05
CA THR WB 132 70.41 40.30 25.42
C THR WB 132 70.30 40.73 26.87
N LYS WB 133 69.35 40.17 27.62
CA LYS WB 133 69.20 40.43 29.05
C LYS WB 133 68.77 41.86 29.34
N LYS WB 134 68.02 42.47 28.44
CA LYS WB 134 67.41 43.77 28.70
C LYS WB 134 66.03 43.64 29.34
N LEU WB 135 65.51 42.44 29.48
CA LEU WB 135 64.26 42.16 30.17
C LEU WB 135 64.49 41.06 31.18
N PRO WB 136 63.65 40.96 32.20
CA PRO WB 136 63.76 39.87 33.17
C PRO WB 136 63.66 38.53 32.46
N PRO WB 137 64.42 37.52 32.91
CA PRO WB 137 64.35 36.22 32.22
C PRO WB 137 62.94 35.63 32.16
N VAL WB 138 62.12 35.87 33.19
CA VAL WB 138 60.77 35.33 33.21
C VAL WB 138 59.74 36.29 32.63
N TRP WB 139 60.18 37.44 32.11
CA TRP WB 139 59.25 38.41 31.54
C TRP WB 139 58.47 37.77 30.40
N LYS WB 140 57.16 38.01 30.39
CA LYS WB 140 56.29 37.47 29.36
C LYS WB 140 55.17 38.45 29.10
N TYR WB 141 54.81 38.58 27.82
CA TYR WB 141 53.72 39.49 27.44
C TYR WB 141 52.38 38.79 27.61
N GLU WB 142 51.48 39.41 28.37
CA GLU WB 142 50.16 38.87 28.65
C GLU WB 142 49.13 39.90 28.24
N SER WB 143 48.20 39.50 27.35
CA SER WB 143 47.18 40.42 26.88
C SER WB 143 46.31 40.89 28.04
N THR WB 144 46.03 40.02 29.00
CA THR WB 144 45.17 40.39 30.12
C THR WB 144 45.78 41.53 30.94
N THR WB 145 47.08 41.45 31.21
CA THR WB 145 47.77 42.43 32.05
C THR WB 145 48.64 43.39 31.26
N ALA WB 146 48.57 43.36 29.92
CA ALA WB 146 49.40 44.25 29.12
C ALA WB 146 49.03 45.71 29.37
N SER WB 147 47.73 45.99 29.49
CA SER WB 147 47.29 47.38 29.65
C SER WB 147 47.84 48.01 30.92
N THR WB 148 48.05 47.19 31.97
CA THR WB 148 48.59 47.73 33.21
C THR WB 148 50.03 48.22 33.02
N LEU WB 149 50.82 47.49 32.24
CA LEU WB 149 52.21 47.87 32.02
C LEU WB 149 52.30 49.25 31.37
N VAL WB 150 51.75 49.39 30.16
CA VAL WB 150 51.82 50.65 29.44
C VAL WB 150 50.72 51.58 29.92
N ALA WB 151 50.90 52.87 29.65
CA ALA WB 151 49.93 53.89 30.03
C ALA WB 151 49.72 53.94 31.54
N SER XB 19 -11.89 80.62 -25.43
CA SER XB 19 -11.59 81.98 -25.03
C SER XB 19 -10.17 82.37 -25.41
N VAL XB 20 -9.79 82.01 -26.64
CA VAL XB 20 -8.46 82.30 -27.16
C VAL XB 20 -8.61 83.17 -28.40
N ARG XB 21 -7.89 84.28 -28.44
CA ARG XB 21 -7.91 85.18 -29.58
C ARG XB 21 -6.96 84.68 -30.67
N GLU XB 22 -7.18 85.19 -31.88
CA GLU XB 22 -6.34 84.77 -33.01
C GLU XB 22 -4.89 85.15 -32.75
N GLY XB 23 -3.99 84.24 -33.12
CA GLY XB 23 -2.56 84.42 -32.94
C GLY XB 23 -2.02 83.83 -31.66
N GLU XB 24 -2.79 83.85 -30.58
CA GLU XB 24 -2.32 83.29 -29.32
C GLU XB 24 -2.16 81.78 -29.44
N LEU XB 25 -1.14 81.25 -28.76
CA LEU XB 25 -0.84 79.83 -28.78
C LEU XB 25 -1.31 79.19 -27.48
N VAL XB 26 -2.04 78.09 -27.59
CA VAL XB 26 -2.50 77.32 -26.45
C VAL XB 26 -1.62 76.07 -26.37
N PHE XB 27 -0.62 76.11 -25.50
CA PHE XB 27 0.37 75.03 -25.43
C PHE XB 27 -0.20 73.82 -24.71
N GLY XB 28 -0.05 72.64 -25.32
CA GLY XB 28 -0.28 71.38 -24.67
C GLY XB 28 1.02 70.62 -24.49
N VAL XB 29 0.91 69.48 -23.81
CA VAL XB 29 2.04 68.60 -23.57
C VAL XB 29 1.73 67.25 -24.20
N ALA XB 30 2.58 66.82 -25.14
CA ALA XB 30 2.42 65.54 -25.80
C ALA XB 30 3.47 64.58 -25.25
N HIS XB 31 3.02 63.56 -24.52
CA HIS XB 31 3.90 62.55 -23.97
C HIS XB 31 4.06 61.44 -25.00
N ILE XB 32 5.26 61.33 -25.57
CA ILE XB 32 5.55 60.33 -26.59
C ILE XB 32 6.39 59.24 -25.94
N PHE XB 33 5.83 58.03 -25.86
CA PHE XB 33 6.53 56.86 -25.33
C PHE XB 33 6.78 55.94 -26.52
N ALA XB 34 8.03 55.91 -26.97
CA ALA XB 34 8.42 55.14 -28.16
C ALA XB 34 9.20 53.91 -27.71
N SER XB 35 8.48 52.83 -27.43
CA SER XB 35 9.08 51.55 -27.10
C SER XB 35 9.41 50.80 -28.38
N PHE XB 36 9.95 49.60 -28.22
CA PHE XB 36 10.26 48.73 -29.36
C PHE XB 36 9.13 47.77 -29.68
N ASN XB 37 8.00 47.84 -28.97
CA ASN XB 37 6.84 47.01 -29.24
C ASN XB 37 5.57 47.81 -29.52
N ASP XB 38 5.52 49.08 -29.15
CA ASP XB 38 4.35 49.91 -29.39
C ASP XB 38 4.74 51.37 -29.22
N THR XB 39 3.90 52.25 -29.74
CA THR XB 39 4.11 53.69 -29.66
C THR XB 39 2.88 54.35 -29.06
N PHE XB 40 3.10 55.29 -28.14
CA PHE XB 40 2.03 56.04 -27.50
C PHE XB 40 2.19 57.51 -27.81
N ILE XB 41 1.08 58.16 -28.17
CA ILE XB 41 1.04 59.60 -28.36
C ILE XB 41 -0.06 60.12 -27.44
N HIS XB 42 0.35 60.59 -26.26
CA HIS XB 42 -0.58 61.02 -25.22
C HIS XB 42 -0.46 62.53 -25.06
N VAL XB 43 -1.57 63.24 -25.22
CA VAL XB 43 -1.62 64.69 -25.11
C VAL XB 43 -2.36 65.05 -23.82
N THR XB 44 -1.77 65.94 -23.04
CA THR XB 44 -2.33 66.37 -21.77
C THR XB 44 -2.20 67.89 -21.68
N ASP XB 45 -2.51 68.44 -20.50
CA ASP XB 45 -2.30 69.85 -20.24
C ASP XB 45 -0.89 70.07 -19.70
N LEU XB 46 -0.61 71.31 -19.29
CA LEU XB 46 0.71 71.62 -18.75
C LEU XB 46 0.98 70.83 -17.47
N SER XB 47 -0.05 70.56 -16.68
CA SER XB 47 0.10 69.77 -15.47
C SER XB 47 0.13 68.28 -15.73
N GLY XB 48 -0.27 67.84 -16.93
CA GLY XB 48 -0.29 66.42 -17.22
C GLY XB 48 -1.39 65.65 -16.53
N ARG XB 49 -2.34 66.35 -15.90
CA ARG XB 49 -3.39 65.73 -15.12
C ARG XB 49 -4.73 65.72 -15.85
N GLU XB 50 -4.76 66.16 -17.11
CA GLU XB 50 -5.99 66.22 -17.90
C GLU XB 50 -5.67 65.70 -19.31
N THR XB 51 -6.00 64.45 -19.57
CA THR XB 51 -5.74 63.85 -20.87
C THR XB 51 -6.67 64.45 -21.92
N MET XB 52 -6.10 64.83 -23.06
CA MET XB 52 -6.87 65.36 -24.19
C MET XB 52 -7.15 64.30 -25.24
N VAL XB 53 -6.11 63.64 -25.72
CA VAL XB 53 -6.23 62.56 -26.70
C VAL XB 53 -5.06 61.62 -26.51
N ARG XB 54 -5.31 60.33 -26.75
CA ARG XB 54 -4.30 59.29 -26.56
C ARG XB 54 -4.51 58.24 -27.63
N ILE XB 55 -3.61 58.20 -28.61
CA ILE XB 55 -3.66 57.25 -29.72
C ILE XB 55 -2.37 56.45 -29.71
N THR XB 56 -2.49 55.13 -29.84
CA THR XB 56 -1.34 54.24 -29.85
C THR XB 56 -1.21 53.57 -31.21
N GLY XB 57 0.03 53.20 -31.56
CA GLY XB 57 0.29 52.58 -32.84
C GLY XB 57 -0.47 51.28 -33.04
N GLY XB 58 -0.80 50.60 -31.93
CA GLY XB 58 -1.55 49.35 -32.03
C GLY XB 58 -2.99 49.54 -32.48
N MET XB 59 -3.52 50.76 -32.37
CA MET XB 59 -4.88 51.05 -32.77
C MET XB 59 -5.01 51.31 -34.27
N LYS XB 60 -3.90 51.35 -35.00
CA LYS XB 60 -3.92 51.67 -36.43
C LYS XB 60 -3.40 50.54 -37.31
N VAL XB 61 -3.00 49.40 -36.73
CA VAL XB 61 -2.49 48.28 -37.49
C VAL XB 61 -3.17 47.01 -37.00
N LYS XB 62 -3.08 45.96 -37.81
CA LYS XB 62 -3.70 44.69 -37.50
C LYS XB 62 -2.73 43.65 -36.94
N ALA XB 63 -1.46 43.74 -37.28
CA ALA XB 63 -0.46 42.78 -36.84
C ALA XB 63 0.32 43.33 -35.65
N ASP XB 64 0.69 42.45 -34.73
CA ASP XB 64 1.46 42.88 -33.56
C ASP XB 64 2.83 43.39 -33.95
N ARG XB 65 3.36 42.94 -35.09
CA ARG XB 65 4.71 43.32 -35.49
C ARG XB 65 4.78 44.77 -35.96
N ASP XB 66 3.67 45.35 -36.41
CA ASP XB 66 3.65 46.69 -36.97
C ASP XB 66 3.24 47.76 -35.97
N GLU XB 67 3.01 47.38 -34.71
CA GLU XB 67 2.54 48.36 -33.73
C GLU XB 67 3.60 49.42 -33.45
N SER XB 68 4.88 49.07 -33.56
CA SER XB 68 5.97 50.01 -33.32
C SER XB 68 6.57 50.58 -34.61
N SER XB 69 6.03 50.20 -35.76
CA SER XB 69 6.60 50.67 -37.01
C SER XB 69 6.39 52.17 -37.16
N PRO XB 70 7.28 52.86 -37.89
CA PRO XB 70 7.09 54.30 -38.10
C PRO XB 70 5.79 54.65 -38.80
N TYR XB 71 5.32 53.80 -39.71
CA TYR XB 71 4.07 54.07 -40.40
C TYR XB 71 2.89 54.13 -39.43
N ALA XB 72 2.84 53.19 -38.48
CA ALA XB 72 1.78 53.23 -37.47
C ALA XB 72 1.89 54.49 -36.62
N ALA XB 73 3.12 54.90 -36.28
CA ALA XB 73 3.30 56.12 -35.50
C ALA XB 73 2.81 57.34 -36.26
N MET XB 74 3.04 57.37 -37.57
CA MET XB 74 2.58 58.51 -38.37
C MET XB 74 1.06 58.62 -38.34
N LEU XB 75 0.36 57.50 -38.52
CA LEU XB 75 -1.10 57.54 -38.50
C LEU XB 75 -1.63 57.99 -37.15
N ALA XB 76 -1.03 57.49 -36.06
CA ALA XB 76 -1.45 57.90 -34.73
C ALA XB 76 -1.25 59.39 -34.53
N ALA XB 77 -0.13 59.92 -35.01
CA ALA XB 77 0.13 61.35 -34.87
C ALA XB 77 -0.90 62.18 -35.63
N GLN XB 78 -1.31 61.73 -36.82
CA GLN XB 78 -2.30 62.47 -37.59
C GLN XB 78 -3.62 62.55 -36.83
N ASP XB 79 -4.06 61.44 -36.25
CA ASP XB 79 -5.30 61.46 -35.48
C ASP XB 79 -5.18 62.37 -34.26
N VAL XB 80 -4.03 62.35 -33.59
CA VAL XB 80 -3.83 63.22 -32.43
C VAL XB 80 -3.87 64.68 -32.85
N SER XB 81 -3.22 65.02 -33.96
CA SER XB 81 -3.21 66.40 -34.41
C SER XB 81 -4.61 66.90 -34.74
N GLN XB 82 -5.41 66.08 -35.41
CA GLN XB 82 -6.76 66.48 -35.76
C GLN XB 82 -7.61 66.72 -34.51
N ARG XB 83 -7.49 65.82 -33.53
CA ARG XB 83 -8.29 65.97 -32.32
C ARG XB 83 -7.88 67.21 -31.53
N CYS XB 84 -6.59 67.53 -31.52
CA CYS XB 84 -6.12 68.69 -30.76
C CYS XB 84 -6.74 69.97 -31.28
N LYS XB 85 -6.86 70.11 -32.61
CA LYS XB 85 -7.45 71.31 -33.17
C LYS XB 85 -8.89 71.50 -32.73
N GLU XB 86 -9.64 70.41 -32.57
CA GLU XB 86 -11.03 70.52 -32.14
C GLU XB 86 -11.14 71.08 -30.73
N LEU XB 87 -10.15 70.86 -29.89
CA LEU XB 87 -10.15 71.35 -28.52
C LEU XB 87 -9.45 72.70 -28.37
N GLY XB 88 -9.02 73.31 -29.46
CA GLY XB 88 -8.34 74.59 -29.40
C GLY XB 88 -6.86 74.52 -29.10
N ILE XB 89 -6.27 73.33 -29.14
CA ILE XB 89 -4.84 73.16 -28.89
C ILE XB 89 -4.11 73.22 -30.23
N ASN XB 90 -3.16 74.14 -30.34
CA ASN XB 90 -2.38 74.32 -31.56
C ASN XB 90 -0.88 74.24 -31.34
N ALA XB 91 -0.41 74.21 -30.10
CA ALA XB 91 1.01 74.11 -29.80
C ALA XB 91 1.22 72.99 -28.78
N LEU XB 92 2.30 72.24 -28.95
CA LEU XB 92 2.59 71.08 -28.11
C LEU XB 92 4.03 71.12 -27.63
N HIS XB 93 4.21 70.83 -26.34
CA HIS XB 93 5.53 70.56 -25.79
C HIS XB 93 5.79 69.06 -25.89
N ILE XB 94 7.00 68.72 -26.34
CA ILE XB 94 7.35 67.33 -26.61
C ILE XB 94 8.17 66.79 -25.44
N LYS XB 95 7.73 65.68 -24.87
CA LYS XB 95 8.44 64.98 -23.80
C LYS XB 95 8.63 63.54 -24.25
N LEU XB 96 9.72 63.28 -24.97
CA LEU XB 96 10.00 61.95 -25.47
C LEU XB 96 10.67 61.11 -24.39
N ARG XB 97 10.39 59.81 -24.42
CA ARG XB 97 10.97 58.89 -23.45
C ARG XB 97 11.05 57.50 -24.07
N ALA XB 98 12.06 56.75 -23.63
CA ALA XB 98 12.19 55.34 -23.95
C ALA XB 98 11.60 54.53 -22.80
N THR XB 99 11.80 53.21 -22.83
CA THR XB 99 11.31 52.38 -21.73
C THR XB 99 11.95 52.78 -20.41
N GLY XB 100 13.25 53.03 -20.42
CA GLY XB 100 13.92 53.52 -19.22
C GLY XB 100 14.07 52.45 -18.15
N GLY XB 101 14.18 52.92 -16.92
CA GLY XB 101 14.45 52.02 -15.81
C GLY XB 101 15.76 51.28 -16.02
N ASN XB 102 15.73 49.98 -15.77
CA ASN XB 102 16.87 49.12 -16.06
C ASN XB 102 16.82 48.55 -17.46
N LYS XB 103 15.80 48.89 -18.24
CA LYS XB 103 15.66 48.41 -19.61
C LYS XB 103 16.32 49.38 -20.58
N THR XB 104 16.10 49.18 -21.87
CA THR XB 104 16.79 49.98 -22.89
C THR XB 104 16.45 51.46 -22.73
N LYS XB 105 17.47 52.29 -22.95
CA LYS XB 105 17.32 53.74 -22.93
C LYS XB 105 17.19 54.34 -24.33
N THR XB 106 17.19 53.51 -25.37
CA THR XB 106 17.13 53.99 -26.74
C THR XB 106 15.67 54.14 -27.18
N PRO XB 107 15.24 55.32 -27.61
CA PRO XB 107 13.86 55.45 -28.10
C PRO XB 107 13.60 54.54 -29.28
N GLY XB 108 12.36 54.08 -29.39
CA GLY XB 108 11.96 53.16 -30.42
C GLY XB 108 11.94 53.79 -31.80
N PRO XB 109 11.74 52.97 -32.84
CA PRO XB 109 11.76 53.50 -34.21
C PRO XB 109 10.64 54.46 -34.53
N GLY XB 110 9.58 54.50 -33.72
CA GLY XB 110 8.45 55.37 -33.97
C GLY XB 110 8.56 56.76 -33.38
N ALA XB 111 9.64 57.07 -32.68
CA ALA XB 111 9.78 58.39 -32.07
C ALA XB 111 9.94 59.47 -33.13
N GLN XB 112 10.85 59.26 -34.09
CA GLN XB 112 11.08 60.27 -35.11
C GLN XB 112 9.86 60.46 -35.99
N SER XB 113 9.22 59.36 -36.40
CA SER XB 113 8.06 59.47 -37.27
C SER XB 113 6.93 60.22 -36.60
N ALA XB 114 6.67 59.93 -35.33
CA ALA XB 114 5.57 60.61 -34.62
C ALA XB 114 5.85 62.10 -34.49
N LEU XB 115 7.08 62.48 -34.14
CA LEU XB 115 7.39 63.90 -33.96
C LEU XB 115 7.31 64.64 -35.29
N ARG XB 116 7.82 64.04 -36.37
CA ARG XB 116 7.76 64.69 -37.68
C ARG XB 116 6.32 64.85 -38.15
N ALA XB 117 5.48 63.84 -37.92
CA ALA XB 117 4.10 63.92 -38.36
C ALA XB 117 3.36 65.06 -37.67
N LEU XB 118 3.60 65.26 -36.38
CA LEU XB 118 2.95 66.36 -35.67
C LEU XB 118 3.35 67.71 -36.26
N ALA XB 119 4.63 67.86 -36.60
CA ALA XB 119 5.09 69.13 -37.16
C ALA XB 119 4.45 69.42 -38.51
N ARG XB 120 4.06 68.38 -39.25
CA ARG XB 120 3.45 68.53 -40.56
C ARG XB 120 1.92 68.47 -40.50
N SER XB 121 1.33 68.89 -39.38
CA SER XB 121 -0.12 68.88 -39.24
C SER XB 121 -0.65 70.18 -38.65
N GLY XB 122 0.10 71.28 -38.77
CA GLY XB 122 -0.32 72.56 -38.26
C GLY XB 122 0.02 72.80 -36.81
N MET XB 123 0.42 71.77 -36.07
CA MET XB 123 0.80 71.95 -34.67
C MET XB 123 2.19 72.58 -34.59
N LYS XB 124 2.32 73.61 -33.76
CA LYS XB 124 3.59 74.30 -33.58
C LYS XB 124 4.35 73.64 -32.44
N ILE XB 125 5.50 73.05 -32.76
CA ILE XB 125 6.28 72.32 -31.77
C ILE XB 125 6.93 73.29 -30.81
N GLY XB 126 6.78 73.03 -29.51
CA GLY XB 126 7.39 73.86 -28.49
C GLY XB 126 8.76 73.36 -28.07
N ARG XB 127 9.01 73.32 -26.77
CA ARG XB 127 10.29 72.85 -26.26
C ARG XB 127 10.30 71.33 -26.16
N ILE XB 128 11.31 70.72 -26.76
CA ILE XB 128 11.46 69.27 -26.77
C ILE XB 128 12.39 68.87 -25.62
N GLU XB 129 12.05 67.78 -24.94
CA GLU XB 129 12.84 67.29 -23.82
C GLU XB 129 12.78 65.78 -23.77
N ASP XB 130 13.83 65.17 -23.23
CA ASP XB 130 13.89 63.74 -23.01
C ASP XB 130 13.63 63.47 -21.53
N VAL XB 131 12.64 62.61 -21.25
CA VAL XB 131 12.20 62.38 -19.88
C VAL XB 131 12.25 60.88 -19.57
N THR XB 132 13.16 60.16 -20.22
CA THR XB 132 13.29 58.74 -19.95
C THR XB 132 13.70 58.55 -18.49
N PRO XB 133 13.07 57.61 -17.76
CA PRO XB 133 13.46 57.41 -16.35
C PRO XB 133 14.82 56.75 -16.26
N ILE XB 134 15.78 57.48 -15.70
CA ILE XB 134 17.17 57.04 -15.57
C ILE XB 134 17.43 56.74 -14.10
N PRO XB 135 17.66 55.48 -13.73
CA PRO XB 135 18.04 55.20 -12.34
C PRO XB 135 19.43 55.73 -12.03
N THR XB 136 19.62 56.14 -10.77
CA THR XB 136 20.92 56.63 -10.32
C THR XB 136 21.66 55.54 -9.56
N SER XB 138 20.30 50.82 -9.39
CA SER XB 138 19.10 50.29 -10.03
C SER XB 138 18.80 48.86 -9.59
N THR XB 139 17.55 48.44 -9.80
CA THR XB 139 17.19 47.05 -9.56
C THR XB 139 17.75 46.15 -10.65
N ARG XB 140 17.90 44.88 -10.32
CA ARG XB 140 18.54 43.94 -11.24
C ARG XB 140 17.71 43.77 -12.50
N ARG XB 141 18.39 43.77 -13.65
CA ARG XB 141 17.74 43.55 -14.93
C ARG XB 141 17.39 42.07 -15.10
N LYS XB 142 16.37 41.82 -15.91
CA LYS XB 142 15.93 40.46 -16.18
C LYS XB 142 16.87 39.77 -17.17
N GLY XB 143 16.73 38.45 -17.25
CA GLY XB 143 17.46 37.65 -18.21
C GLY XB 143 18.62 36.86 -17.65
N GLY XB 144 19.03 37.11 -16.40
CA GLY XB 144 20.16 36.43 -15.81
C GLY XB 144 21.48 37.07 -16.17
N ARG XB 145 22.54 36.56 -15.54
CA ARG XB 145 23.87 37.16 -15.73
C ARG XB 145 24.45 36.85 -17.11
N ARG XB 146 23.96 35.81 -17.78
CA ARG XB 146 24.41 35.50 -19.14
C ARG XB 146 23.64 36.27 -20.21
N GLY XB 147 22.56 36.96 -19.84
CA GLY XB 147 21.82 37.77 -20.78
C GLY XB 147 20.92 36.95 -21.69
N ARG XB 148 20.21 37.68 -22.55
CA ARG XB 148 19.31 37.05 -23.51
C ARG XB 148 20.13 36.43 -24.63
N ARG XB 149 20.04 35.12 -24.77
CA ARG XB 149 20.85 34.37 -25.72
C ARG XB 149 20.02 34.05 -26.95
N LEU XB 150 20.47 34.53 -28.11
CA LEU XB 150 19.79 34.28 -29.38
C LEU XB 150 20.70 33.55 -30.34
N ASP YB 3 118.78 -41.71 -30.48
CA ASP YB 3 119.77 -41.85 -29.41
C ASP YB 3 120.74 -40.67 -29.41
N LYS YB 4 120.77 -39.93 -28.32
CA LYS YB 4 121.65 -38.78 -28.16
C LYS YB 4 122.17 -38.74 -26.73
N ALA YB 5 122.96 -37.72 -26.43
CA ALA YB 5 123.52 -37.57 -25.09
C ALA YB 5 122.42 -37.19 -24.11
N VAL YB 6 122.62 -37.58 -22.85
CA VAL YB 6 121.67 -37.29 -21.77
C VAL YB 6 122.50 -36.68 -20.64
N THR YB 7 122.44 -35.36 -20.50
CA THR YB 7 123.17 -34.64 -19.47
C THR YB 7 122.23 -34.32 -18.32
N ILE YB 8 122.70 -34.59 -17.09
CA ILE YB 8 121.94 -34.34 -15.88
C ILE YB 8 122.61 -33.20 -15.12
N ARG YB 9 121.84 -32.16 -14.81
CA ARG YB 9 122.34 -31.00 -14.08
C ARG YB 9 121.50 -30.80 -12.82
N THR YB 10 122.18 -30.43 -11.73
CA THR YB 10 121.54 -30.21 -10.45
C THR YB 10 121.72 -28.77 -10.01
N ARG YB 11 120.73 -28.25 -9.30
CA ARG YB 11 120.76 -26.88 -8.80
C ARG YB 11 119.98 -26.82 -7.50
N LYS YB 12 120.17 -25.72 -6.78
CA LYS YB 12 119.59 -25.57 -5.44
C LYS YB 12 119.96 -26.75 -4.56
N PHE YB 13 121.22 -27.17 -4.67
CA PHE YB 13 121.73 -28.30 -3.89
C PHE YB 13 122.00 -27.88 -2.45
N MET YB 14 121.72 -28.79 -1.52
CA MET YB 14 122.03 -28.55 -0.12
C MET YB 14 122.10 -29.89 0.60
N THR YB 15 123.09 -30.00 1.49
CA THR YB 15 123.22 -31.19 2.33
C THR YB 15 122.43 -31.01 3.62
N ASN YB 16 121.56 -31.96 3.92
CA ASN YB 16 120.68 -31.90 5.07
C ASN YB 16 121.21 -32.87 6.13
N ARG YB 17 121.95 -32.34 7.11
CA ARG YB 17 122.44 -33.19 8.18
C ARG YB 17 121.32 -33.70 9.06
N LEU YB 18 120.27 -32.88 9.26
CA LEU YB 18 119.19 -33.27 10.16
C LEU YB 18 118.50 -34.53 9.68
N LEU YB 19 118.23 -34.64 8.38
CA LEU YB 19 117.65 -35.83 7.79
C LEU YB 19 118.68 -36.73 7.15
N ALA YB 20 119.96 -36.37 7.22
CA ALA YB 20 121.05 -37.18 6.69
C ALA YB 20 120.81 -37.54 5.23
N ARG YB 21 120.72 -36.50 4.41
CA ARG YB 21 120.43 -36.69 2.99
C ARG YB 21 120.91 -35.47 2.21
N LYS YB 22 120.96 -35.63 0.89
CA LYS YB 22 121.22 -34.54 -0.04
C LYS YB 22 119.98 -34.31 -0.89
N GLN YB 23 119.54 -33.06 -0.96
CA GLN YB 23 118.33 -32.69 -1.68
C GLN YB 23 118.65 -31.64 -2.73
N PHE YB 24 118.05 -31.78 -3.90
CA PHE YB 24 118.38 -30.92 -5.04
C PHE YB 24 117.29 -31.06 -6.10
N ILE YB 25 117.32 -30.14 -7.05
CA ILE YB 25 116.43 -30.17 -8.21
C ILE YB 25 117.19 -30.76 -9.39
N ILE YB 26 116.57 -31.70 -10.08
CA ILE YB 26 117.18 -32.41 -11.20
C ILE YB 26 116.75 -31.77 -12.50
N ASP YB 27 117.72 -31.36 -13.32
CA ASP YB 27 117.47 -30.90 -14.67
C ASP YB 27 118.04 -31.92 -15.64
N VAL YB 28 117.19 -32.44 -16.52
CA VAL YB 28 117.56 -33.51 -17.45
C VAL YB 28 117.38 -32.99 -18.86
N LEU YB 29 118.45 -33.03 -19.65
CA LEU YB 29 118.42 -32.71 -21.07
C LEU YB 29 118.48 -34.02 -21.84
N HIS YB 30 117.40 -34.34 -22.56
CA HIS YB 30 117.26 -35.60 -23.28
C HIS YB 30 116.78 -35.34 -24.70
N PRO YB 31 117.61 -34.72 -25.54
CA PRO YB 31 117.21 -34.52 -26.93
C PRO YB 31 116.94 -35.86 -27.62
N GLY YB 32 115.90 -35.87 -28.45
CA GLY YB 32 115.56 -37.06 -29.20
C GLY YB 32 114.96 -38.19 -28.40
N ARG YB 33 114.55 -37.94 -27.16
CA ARG YB 33 113.94 -38.94 -26.31
C ARG YB 33 112.68 -38.39 -25.68
N ALA YB 34 111.70 -39.28 -25.47
CA ALA YB 34 110.46 -38.88 -24.82
C ALA YB 34 110.72 -38.40 -23.40
N ASN YB 35 111.24 -39.27 -22.55
CA ASN YB 35 111.62 -38.92 -21.19
C ASN YB 35 112.82 -39.76 -20.79
N VAL YB 36 113.21 -39.62 -19.53
CA VAL YB 36 114.24 -40.46 -18.93
C VAL YB 36 113.60 -41.17 -17.73
N SER YB 37 113.62 -42.49 -17.75
CA SER YB 37 113.00 -43.25 -16.68
C SER YB 37 113.71 -42.97 -15.35
N LYS YB 38 112.92 -42.96 -14.27
CA LYS YB 38 113.49 -42.73 -12.95
C LYS YB 38 114.56 -43.77 -12.61
N ALA YB 39 114.40 -44.99 -13.11
CA ALA YB 39 115.41 -46.01 -12.86
C ALA YB 39 116.75 -45.62 -13.47
N GLU YB 40 116.73 -45.11 -14.71
CA GLU YB 40 117.97 -44.72 -15.37
C GLU YB 40 118.61 -43.53 -14.64
N LEU YB 41 117.80 -42.58 -14.19
CA LEU YB 41 118.35 -41.42 -13.48
C LEU YB 41 119.05 -41.85 -12.20
N LYS YB 42 118.47 -42.81 -11.47
CA LYS YB 42 119.11 -43.30 -10.26
C LYS YB 42 120.45 -43.95 -10.58
N GLU YB 43 120.52 -44.72 -11.67
CA GLU YB 43 121.78 -45.32 -12.07
C GLU YB 43 122.81 -44.28 -12.46
N LYS YB 44 122.38 -43.10 -12.90
CA LYS YB 44 123.31 -42.04 -13.29
C LYS YB 44 123.64 -41.12 -12.12
N LEU YB 45 122.69 -40.85 -11.23
CA LEU YB 45 123.00 -40.03 -10.07
C LEU YB 45 123.96 -40.71 -9.11
N SER YB 46 123.90 -42.05 -9.04
CA SER YB 46 124.84 -42.77 -8.18
C SER YB 46 126.28 -42.58 -8.63
N ARG YB 47 126.50 -42.51 -9.95
CA ARG YB 47 127.86 -42.32 -10.46
C ARG YB 47 128.31 -40.87 -10.32
N MET YB 48 127.39 -39.91 -10.45
CA MET YB 48 127.78 -38.51 -10.35
C MET YB 48 128.05 -38.08 -8.92
N TYR YB 49 127.52 -38.80 -7.93
CA TYR YB 49 127.77 -38.51 -6.53
C TYR YB 49 128.43 -39.66 -5.79
N GLU YB 50 128.81 -40.74 -6.48
CA GLU YB 50 129.50 -41.87 -5.86
C GLU YB 50 128.67 -42.46 -4.72
N VAL YB 51 127.49 -42.96 -5.08
CA VAL YB 51 126.58 -43.58 -4.13
C VAL YB 51 126.82 -45.09 -4.16
N LYS YB 52 127.21 -45.66 -3.03
CA LYS YB 52 127.52 -47.08 -2.98
C LYS YB 52 126.28 -47.92 -3.25
N ASP YB 53 125.15 -47.57 -2.66
CA ASP YB 53 123.90 -48.30 -2.85
C ASP YB 53 122.88 -47.40 -3.51
N PRO YB 54 122.45 -47.68 -4.76
CA PRO YB 54 121.48 -46.79 -5.41
C PRO YB 54 120.13 -46.73 -4.72
N ASN YB 55 119.81 -47.71 -3.87
CA ASN YB 55 118.52 -47.70 -3.19
C ASN YB 55 118.32 -46.48 -2.32
N ALA YB 56 119.41 -45.80 -1.93
CA ALA YB 56 119.31 -44.57 -1.16
C ALA YB 56 118.98 -43.35 -2.02
N ILE YB 57 118.63 -43.56 -3.29
CA ILE YB 57 118.34 -42.49 -4.23
C ILE YB 57 116.84 -42.46 -4.47
N PHE YB 58 116.24 -41.27 -4.34
CA PHE YB 58 114.82 -41.09 -4.58
C PHE YB 58 114.63 -39.89 -5.52
N VAL YB 59 113.92 -40.12 -6.62
CA VAL YB 59 113.62 -39.09 -7.61
C VAL YB 59 112.13 -39.10 -7.86
N PHE YB 60 111.51 -37.92 -7.87
CA PHE YB 60 110.06 -37.83 -7.94
C PHE YB 60 109.68 -36.45 -8.45
N LYS YB 61 108.40 -36.33 -8.86
CA LYS YB 61 107.82 -35.07 -9.31
C LYS YB 61 108.52 -34.55 -10.57
N PHE YB 62 108.51 -35.37 -11.61
CA PHE YB 62 109.12 -35.02 -12.88
C PHE YB 62 108.09 -34.41 -13.81
N ARG YB 63 108.47 -33.29 -14.44
CA ARG YB 63 107.60 -32.56 -15.36
C ARG YB 63 108.38 -32.25 -16.62
N THR YB 64 107.96 -32.83 -17.73
CA THR YB 64 108.59 -32.56 -19.02
C THR YB 64 108.13 -31.21 -19.54
N HIS YB 65 109.09 -30.37 -19.92
CA HIS YB 65 108.77 -29.04 -20.42
C HIS YB 65 108.02 -29.13 -21.74
N PHE YB 66 107.17 -28.13 -22.00
CA PHE YB 66 106.43 -28.07 -23.25
C PHE YB 66 107.41 -27.99 -24.42
N GLY YB 67 107.15 -28.81 -25.44
CA GLY YB 67 108.01 -28.92 -26.59
C GLY YB 67 109.00 -30.06 -26.54
N GLY YB 68 109.23 -30.63 -25.36
CA GLY YB 68 110.12 -31.77 -25.22
C GLY YB 68 111.58 -31.36 -25.13
N GLY YB 69 112.43 -32.38 -24.96
CA GLY YB 69 113.85 -32.19 -24.92
C GLY YB 69 114.41 -31.82 -23.56
N LYS YB 70 113.56 -31.66 -22.54
CA LYS YB 70 114.04 -31.31 -21.22
C LYS YB 70 112.98 -31.65 -20.19
N SER YB 71 113.44 -32.14 -19.03
CA SER YB 71 112.56 -32.47 -17.92
C SER YB 71 113.18 -31.97 -16.62
N THR YB 72 112.34 -31.67 -15.65
CA THR YB 72 112.76 -31.19 -14.35
C THR YB 72 112.13 -32.04 -13.25
N GLY YB 73 112.91 -32.35 -12.23
CA GLY YB 73 112.41 -33.14 -11.11
C GLY YB 73 113.14 -32.81 -9.82
N PHE YB 74 112.86 -33.58 -8.77
CA PHE YB 74 113.49 -33.40 -7.47
C PHE YB 74 114.13 -34.71 -7.04
N GLY YB 75 115.30 -34.62 -6.42
CA GLY YB 75 116.05 -35.79 -6.03
C GLY YB 75 116.47 -35.73 -4.58
N LEU YB 76 116.56 -36.92 -3.97
CA LEU YB 76 117.02 -37.08 -2.61
C LEU YB 76 118.05 -38.20 -2.56
N ILE YB 77 119.20 -37.93 -1.96
CA ILE YB 77 120.25 -38.92 -1.75
C ILE YB 77 120.42 -39.09 -0.25
N TYR YB 78 120.26 -40.32 0.23
CA TYR YB 78 120.41 -40.63 1.64
C TYR YB 78 121.77 -41.28 1.89
N ASP YB 79 122.33 -40.99 3.08
CA ASP YB 79 123.63 -41.56 3.42
C ASP YB 79 123.60 -43.07 3.42
N SER YB 80 122.48 -43.67 3.79
CA SER YB 80 122.35 -45.12 3.80
C SER YB 80 120.87 -45.48 3.67
N VAL YB 81 120.63 -46.73 3.29
CA VAL YB 81 119.25 -47.21 3.15
C VAL YB 81 118.55 -47.20 4.50
N GLU YB 82 119.30 -47.45 5.58
CA GLU YB 82 118.69 -47.45 6.91
C GLU YB 82 118.12 -46.09 7.25
N ASN YB 83 118.87 -45.01 6.95
CA ASN YB 83 118.36 -43.67 7.19
C ASN YB 83 117.14 -43.38 6.32
N ALA YB 84 117.13 -43.87 5.09
CA ALA YB 84 115.99 -43.63 4.21
C ALA YB 84 114.72 -44.23 4.77
N LYS YB 85 114.79 -45.47 5.29
CA LYS YB 85 113.62 -46.12 5.84
C LYS YB 85 113.07 -45.40 7.07
N LYS YB 86 113.85 -44.52 7.68
CA LYS YB 86 113.41 -43.79 8.87
C LYS YB 86 112.69 -42.50 8.51
N TYR YB 87 113.19 -41.77 7.51
CA TYR YB 87 112.65 -40.46 7.17
C TYR YB 87 111.83 -40.46 5.88
N GLU YB 88 112.04 -41.43 5.00
CA GLU YB 88 111.32 -41.44 3.74
C GLU YB 88 109.87 -41.85 3.96
N PRO YB 89 108.92 -41.22 3.26
CA PRO YB 89 107.52 -41.67 3.36
C PRO YB 89 107.35 -43.07 2.78
N LYS YB 90 106.32 -43.76 3.25
CA LYS YB 90 106.12 -45.16 2.88
C LYS YB 90 105.93 -45.31 1.39
N TYR YB 91 105.14 -44.42 0.76
CA TYR YB 91 104.80 -44.61 -0.64
C TYR YB 91 106.04 -44.50 -1.53
N ARG YB 92 107.00 -43.65 -1.16
CA ARG YB 92 108.23 -43.55 -1.93
C ARG YB 92 109.14 -44.74 -1.72
N LEU YB 93 109.04 -45.43 -0.58
CA LEU YB 93 109.81 -46.66 -0.39
C LEU YB 93 109.27 -47.80 -1.23
N ILE YB 94 107.96 -47.86 -1.44
CA ILE YB 94 107.38 -48.90 -2.28
C ILE YB 94 107.83 -48.74 -3.73
N ARG YB 95 107.96 -47.49 -4.19
CA ARG YB 95 108.39 -47.25 -5.56
C ARG YB 95 109.77 -47.83 -5.81
N ASN YB 96 110.69 -47.67 -4.86
CA ASN YB 96 112.05 -48.19 -5.00
C ASN YB 96 112.15 -49.66 -4.61
N GLY YB 97 111.07 -50.29 -4.17
CA GLY YB 97 111.09 -51.69 -3.81
C GLY YB 97 111.59 -51.99 -2.42
N LEU YB 98 111.81 -50.97 -1.60
CA LEU YB 98 112.31 -51.17 -0.24
C LEU YB 98 111.20 -51.56 0.74
N ASP YB 99 109.94 -51.54 0.30
CA ASP YB 99 108.84 -51.93 1.17
C ASP YB 99 107.71 -52.47 0.30
N THR YB 100 106.82 -53.23 0.93
CA THR YB 100 105.66 -53.80 0.27
C THR YB 100 104.42 -52.95 0.52
N LYS YB 101 103.37 -53.24 -0.23
CA LYS YB 101 102.11 -52.51 -0.15
C LYS YB 101 101.06 -53.40 0.50
N VAL YB 102 100.47 -52.91 1.59
CA VAL YB 102 99.41 -53.63 2.29
C VAL YB 102 98.08 -53.14 1.74
N GLU YB 103 97.38 -54.02 1.02
CA GLU YB 103 96.10 -53.64 0.41
C GLU YB 103 95.02 -53.61 1.47
N LYS YB 104 94.28 -52.50 1.52
CA LYS YB 104 93.22 -52.33 2.50
C LYS YB 104 92.16 -51.41 1.94
N SER YB 105 90.96 -51.50 2.51
CA SER YB 105 89.85 -50.63 2.16
C SER YB 105 89.51 -49.77 3.37
N ARG YB 106 89.62 -48.45 3.22
CA ARG YB 106 89.32 -47.55 4.32
C ARG YB 106 87.87 -47.66 4.75
N LYS YB 107 86.95 -47.77 3.78
CA LYS YB 107 85.53 -47.84 4.10
C LYS YB 107 85.22 -49.10 4.91
N GLN YB 108 85.83 -50.23 4.54
CA GLN YB 108 85.62 -51.46 5.30
C GLN YB 108 86.15 -51.32 6.72
N MET YB 109 87.30 -50.67 6.89
CA MET YB 109 87.85 -50.46 8.22
C MET YB 109 86.90 -49.64 9.08
N LYS YB 110 86.29 -48.60 8.50
CA LYS YB 110 85.34 -47.78 9.26
C LYS YB 110 84.14 -48.60 9.70
N GLU YB 111 83.60 -49.45 8.82
CA GLU YB 111 82.46 -50.26 9.19
C GLU YB 111 82.82 -51.27 10.27
N ARG YB 112 84.02 -51.84 10.22
CA ARG YB 112 84.47 -52.74 11.28
C ARG YB 112 84.59 -51.99 12.60
N LYS YB 113 85.07 -50.74 12.56
CA LYS YB 113 85.21 -49.95 13.78
C LYS YB 113 83.85 -49.73 14.45
N ASN YB 114 82.83 -49.39 13.66
CA ASN YB 114 81.52 -49.12 14.24
C ASN YB 114 80.86 -50.40 14.75
N ARG YB 115 81.06 -51.52 14.04
CA ARG YB 115 80.53 -52.80 14.52
C ARG YB 115 81.25 -53.26 15.77
N ALA YB 116 82.55 -52.97 15.89
CA ALA YB 116 83.34 -53.47 17.00
C ALA YB 116 83.05 -52.74 18.31
N LYS YB 117 82.51 -51.53 18.27
CA LYS YB 117 82.27 -50.76 19.48
C LYS YB 117 80.88 -51.00 20.07
N LYS YB 118 80.09 -51.89 19.48
CA LYS YB 118 78.83 -52.33 20.07
C LYS YB 118 79.01 -53.54 20.99
N VAL YB 119 80.22 -54.05 21.11
CA VAL YB 119 80.51 -55.22 21.94
C VAL YB 119 81.59 -54.84 22.95
N ARG YB 120 81.56 -55.50 24.11
CA ARG YB 120 82.47 -55.23 25.19
C ARG YB 120 83.32 -56.45 25.48
N GLY YB 121 84.58 -56.22 25.83
CA GLY YB 121 85.48 -57.29 26.20
C GLY YB 121 86.24 -57.87 25.03
N VAL YB 122 86.73 -59.09 25.23
CA VAL YB 122 87.52 -59.77 24.20
C VAL YB 122 86.70 -60.11 22.98
N LYS YB 123 85.37 -60.07 23.08
CA LYS YB 123 84.50 -60.40 21.95
C LYS YB 123 84.53 -59.34 20.86
N LYS YB 124 85.14 -58.19 21.09
CA LYS YB 124 85.20 -57.15 20.07
C LYS YB 124 85.86 -57.68 18.80
N THR YB 125 87.01 -58.36 18.95
CA THR YB 125 87.72 -58.86 17.79
C THR YB 125 86.92 -59.94 17.06
N LYS YB 126 86.27 -60.83 17.80
CA LYS YB 126 85.54 -61.93 17.18
C LYS YB 126 84.26 -61.47 16.50
N ALA YB 127 83.85 -60.22 16.69
CA ALA YB 127 82.63 -59.71 16.06
C ALA YB 127 82.83 -59.66 14.56
N GLY YB 128 82.16 -60.56 13.83
CA GLY YB 128 82.28 -60.62 12.39
C GLY YB 128 81.65 -59.43 11.69
N VAL ZB 2 73.90 60.48 -19.03
CA VAL ZB 2 75.30 60.27 -19.47
C VAL ZB 2 75.59 58.77 -19.60
N LEU ZB 3 76.35 58.40 -20.62
CA LEU ZB 3 76.69 57.01 -20.81
C LEU ZB 3 77.63 56.53 -19.72
N PRO ZB 4 77.62 55.23 -19.40
CA PRO ZB 4 78.51 54.75 -18.32
C PRO ZB 4 79.98 55.04 -18.57
N ASN ZB 5 80.44 54.96 -19.82
CA ASN ZB 5 81.84 55.15 -20.13
C ASN ZB 5 82.22 56.62 -20.30
N ASP ZB 6 81.26 57.53 -20.30
CA ASP ZB 6 81.53 58.97 -20.37
C ASP ZB 6 81.56 59.62 -19.00
N VAL ZB 7 81.46 58.84 -17.93
CA VAL ZB 7 81.42 59.36 -16.57
C VAL ZB 7 82.41 58.56 -15.72
N ASP ZB 8 83.02 59.25 -14.75
CA ASP ZB 8 83.95 58.64 -13.81
C ASP ZB 8 83.25 58.47 -12.47
N LEU ZB 9 83.19 57.23 -11.98
CA LEU ZB 9 82.48 56.96 -10.75
C LEU ZB 9 83.15 57.59 -9.54
N LEU ZB 10 84.48 57.68 -9.55
CA LEU ZB 10 85.20 58.22 -8.40
C LEU ZB 10 85.12 59.74 -8.31
N ASN ZB 11 84.99 60.42 -9.44
CA ASN ZB 11 84.96 61.88 -9.50
C ASN ZB 11 83.76 62.34 -10.31
N PRO ZB 12 82.55 62.10 -9.81
CA PRO ZB 12 81.36 62.56 -10.53
C PRO ZB 12 81.25 64.08 -10.46
N PRO ZB 13 80.59 64.71 -11.43
CA PRO ZB 13 80.40 66.16 -11.35
C PRO ZB 13 79.63 66.55 -10.09
N ALA ZB 14 79.99 67.71 -9.53
CA ALA ZB 14 79.34 68.17 -8.32
C ALA ZB 14 77.84 68.39 -8.55
N GLU ZB 15 77.46 68.81 -9.75
CA GLU ZB 15 76.04 69.02 -10.04
C GLU ZB 15 75.29 67.69 -10.08
N HIS ZB 16 75.92 66.64 -10.63
CA HIS ZB 16 75.26 65.35 -10.71
C HIS ZB 16 74.98 64.79 -9.33
N GLU ZB 17 75.96 64.87 -8.43
CA GLU ZB 17 75.76 64.38 -7.07
C GLU ZB 17 74.73 65.22 -6.32
N LYS ZB 18 74.56 66.48 -6.71
CA LYS ZB 18 73.60 67.34 -6.03
C LYS ZB 18 72.18 66.80 -6.16
N LYS ZB 19 71.80 66.35 -7.36
CA LYS ZB 19 70.45 65.89 -7.61
C LYS ZB 19 70.24 64.41 -7.30
N LYS ZB 20 71.29 63.67 -6.99
CA LYS ZB 20 71.14 62.27 -6.63
C LYS ZB 20 70.52 62.16 -5.24
N HIS ZB 21 69.90 61.01 -4.99
CA HIS ZB 21 69.34 60.74 -3.68
C HIS ZB 21 70.44 60.76 -2.63
N LYS ZB 22 70.11 61.29 -1.45
CA LYS ZB 22 71.14 61.46 -0.42
C LYS ZB 22 71.82 60.15 -0.07
N LEU ZB 23 71.09 59.04 -0.12
CA LEU ZB 23 71.65 57.74 0.21
C LEU ZB 23 72.35 57.05 -0.96
N LYS ZB 24 72.15 57.54 -2.18
CA LYS ZB 24 72.72 56.90 -3.37
C LYS ZB 24 73.98 57.61 -3.87
N ARG ZB 25 74.43 58.65 -3.19
CA ARG ZB 25 75.67 59.30 -3.57
C ARG ZB 25 76.87 58.43 -3.19
N LEU ZB 26 78.02 58.75 -3.79
CA LEU ZB 26 79.22 57.98 -3.49
C LEU ZB 26 79.49 57.95 -1.99
N VAL ZB 27 79.23 59.05 -1.31
CA VAL ZB 27 79.27 59.12 0.15
C VAL ZB 27 77.98 59.77 0.62
N GLN ZB 28 77.28 59.11 1.53
CA GLN ZB 28 76.00 59.64 2.01
C GLN ZB 28 76.19 61.01 2.63
N SER ZB 29 75.30 61.93 2.28
CA SER ZB 29 75.35 63.29 2.79
C SER ZB 29 73.92 63.78 3.02
N PRO ZB 30 73.61 64.32 4.20
CA PRO ZB 30 72.26 64.81 4.44
C PRO ZB 30 71.98 66.08 3.63
N ASN ZB 31 70.70 66.27 3.30
CA ASN ZB 31 70.26 67.48 2.62
C ASN ZB 31 69.81 68.56 3.58
N SER ZB 32 69.77 68.29 4.88
CA SER ZB 32 69.31 69.25 5.87
C SER ZB 32 70.48 70.13 6.33
N PHE ZB 33 70.17 71.07 7.22
CA PHE ZB 33 71.15 72.02 7.72
C PHE ZB 33 70.50 72.81 8.86
N PHE ZB 34 71.34 73.53 9.59
CA PHE ZB 34 70.90 74.39 10.68
C PHE ZB 34 71.03 75.86 10.26
N MET ZB 35 70.29 76.71 10.96
CA MET ZB 35 70.28 78.13 10.65
C MET ZB 35 70.00 78.92 11.91
N ASP ZB 36 70.43 80.18 11.91
CA ASP ZB 36 70.19 81.10 13.01
C ASP ZB 36 68.95 81.94 12.75
N VAL ZB 37 68.52 82.65 13.78
CA VAL ZB 37 67.35 83.51 13.68
C VAL ZB 37 67.46 84.66 14.67
N THR ZB 46 70.07 80.88 18.79
CA THR ZB 46 68.83 80.19 18.51
C THR ZB 46 68.91 79.45 17.17
N THR ZB 47 69.45 78.24 17.20
CA THR ZB 47 69.58 77.43 16.00
C THR ZB 47 68.28 76.69 15.72
N VAL ZB 48 67.89 76.65 14.44
CA VAL ZB 48 66.67 75.99 14.00
C VAL ZB 48 67.03 74.98 12.93
N PHE ZB 49 66.53 73.75 13.07
CA PHE ZB 49 66.77 72.71 12.08
C PHE ZB 49 65.89 72.95 10.85
N SER ZB 50 66.48 72.76 9.67
CA SER ZB 50 65.76 73.06 8.44
C SER ZB 50 64.52 72.20 8.29
N HIS ZB 51 64.56 70.95 8.75
CA HIS ZB 51 63.43 70.04 8.70
C HIS ZB 51 62.86 69.81 10.10
N SER ZB 52 62.80 70.87 10.91
CA SER ZB 52 62.36 70.73 12.29
C SER ZB 52 60.95 70.17 12.36
N GLN ZB 53 60.76 69.19 13.26
CA GLN ZB 53 59.47 68.58 13.50
C GLN ZB 53 58.70 69.26 14.63
N THR ZB 54 59.27 70.31 15.24
CA THR ZB 54 58.69 70.98 16.38
C THR ZB 54 58.35 72.42 16.01
N VAL ZB 55 57.32 72.96 16.66
CA VAL ZB 55 56.91 74.34 16.45
C VAL ZB 55 57.80 75.24 17.29
N VAL ZB 56 58.52 76.15 16.63
CA VAL ZB 56 59.42 77.05 17.31
C VAL ZB 56 58.80 78.45 17.39
N VAL ZB 64 55.96 82.07 16.68
CA VAL ZB 64 55.99 81.00 15.69
C VAL ZB 64 57.00 81.32 14.61
N LEU ZB 65 58.22 80.80 14.77
CA LEU ZB 65 59.28 81.05 13.80
C LEU ZB 65 59.25 80.06 12.63
N CYS ZB 66 59.03 78.77 12.92
CA CYS ZB 66 58.97 77.74 11.90
C CYS ZB 66 57.77 76.83 12.17
N GLN ZB 67 57.08 76.45 11.10
CA GLN ZB 67 55.95 75.53 11.19
C GLN ZB 67 56.34 74.20 10.56
N PRO ZB 68 56.36 73.10 11.30
CA PRO ZB 68 56.76 71.81 10.70
C PRO ZB 68 55.80 71.39 9.61
N THR ZB 69 56.34 70.72 8.61
CA THR ZB 69 55.57 70.22 7.47
C THR ZB 69 56.11 68.84 7.12
N GLY ZB 70 55.69 68.33 5.96
CA GLY ZB 70 56.19 67.05 5.48
C GLY ZB 70 57.63 67.09 5.02
N GLY ZB 71 58.19 68.28 4.81
CA GLY ZB 71 59.59 68.43 4.46
C GLY ZB 71 60.25 69.51 5.29
N ARG ZB 72 60.87 70.48 4.64
CA ARG ZB 72 61.44 71.61 5.35
C ARG ZB 72 60.35 72.38 6.09
N ALA ZB 73 60.66 72.81 7.31
CA ALA ZB 73 59.69 73.57 8.09
C ALA ZB 73 59.44 74.92 7.43
N ARG ZB 74 58.18 75.34 7.43
CA ARG ZB 74 57.80 76.62 6.83
C ARG ZB 74 58.25 77.75 7.75
N LEU ZB 75 59.18 78.57 7.27
CA LEU ZB 75 59.68 79.69 8.05
C LEU ZB 75 58.75 80.89 7.91
N ILE ZB 76 58.95 81.87 8.78
CA ILE ZB 76 58.14 83.08 8.80
C ILE ZB 76 58.82 84.15 7.95
N GLU ZB 77 58.01 84.90 7.20
CA GLU ZB 77 58.56 85.93 6.33
C GLU ZB 77 59.26 87.03 7.14
N GLY ZB 78 58.68 87.41 8.27
CA GLY ZB 78 59.21 88.50 9.07
C GLY ZB 78 60.68 88.37 9.41
N CYS ZB 79 61.03 87.37 10.20
CA CYS ZB 79 62.41 87.18 10.62
C CYS ZB 79 63.27 86.69 9.47
N SER ZB 80 64.56 87.00 9.54
CA SER ZB 80 65.54 86.58 8.55
C SER ZB 80 66.44 85.51 9.15
N PHE ZB 81 66.64 84.43 8.41
CA PHE ZB 81 67.43 83.29 8.86
C PHE ZB 81 68.74 83.22 8.10
N ARG ZB 82 69.81 82.89 8.81
CA ARG ZB 82 71.14 82.77 8.22
C ARG ZB 82 71.60 81.32 8.32
N ARG ZB 83 71.95 80.73 7.20
CA ARG ZB 83 72.44 79.36 7.18
C ARG ZB 83 73.83 79.28 7.82
N LYS ZB 84 74.13 78.13 8.41
CA LYS ZB 84 75.41 77.94 9.08
C LYS ZB 84 75.91 76.51 8.87
N GLY AC 6 38.10 -17.81 -31.52
CA GLY AC 6 37.96 -18.00 -32.96
C GLY AC 6 38.21 -19.44 -33.38
N SER AC 7 37.92 -19.74 -34.63
CA SER AC 7 38.12 -21.09 -35.14
C SER AC 7 39.60 -21.48 -35.06
N LEU AC 8 39.86 -22.68 -34.54
CA LEU AC 8 41.21 -23.19 -34.38
C LEU AC 8 41.53 -24.29 -35.39
N ALA AC 9 40.67 -24.50 -36.39
CA ALA AC 9 40.88 -25.57 -37.35
C ALA AC 9 41.88 -25.21 -38.43
N ARG AC 10 42.19 -23.93 -38.60
CA ARG AC 10 43.10 -23.48 -39.65
C ARG AC 10 44.55 -23.38 -39.18
N ALA AC 11 44.85 -23.74 -37.93
CA ALA AC 11 46.21 -23.69 -37.45
C ALA AC 11 47.11 -24.58 -38.29
N GLY AC 12 48.27 -24.05 -38.70
CA GLY AC 12 49.16 -24.79 -39.56
C GLY AC 12 48.73 -24.86 -41.01
N LYS AC 13 47.84 -23.97 -41.44
CA LYS AC 13 47.33 -24.02 -42.80
C LYS AC 13 48.43 -23.82 -43.83
N VAL AC 14 49.05 -22.64 -43.82
CA VAL AC 14 49.99 -22.29 -44.89
C VAL AC 14 51.20 -23.20 -44.87
N ARG AC 15 51.74 -23.49 -43.68
CA ARG AC 15 52.95 -24.30 -43.62
C ARG AC 15 52.74 -25.68 -44.23
N GLY AC 16 51.55 -26.26 -44.06
CA GLY AC 16 51.25 -27.53 -44.69
C GLY AC 16 51.02 -27.42 -46.19
N GLN AC 17 50.55 -26.27 -46.66
CA GLN AC 17 50.32 -26.07 -48.08
C GLN AC 17 51.61 -25.87 -48.86
N THR AC 18 52.63 -25.32 -48.23
CA THR AC 18 53.88 -25.02 -48.94
C THR AC 18 54.50 -26.32 -49.45
N PRO AC 19 54.77 -26.43 -50.75
CA PRO AC 19 55.42 -27.65 -51.25
C PRO AC 19 56.83 -27.80 -50.68
N LYS AC 20 57.22 -29.05 -50.42
CA LYS AC 20 58.54 -29.32 -49.88
C LYS AC 20 59.60 -29.21 -50.97
N VAL AC 21 60.72 -28.58 -50.63
CA VAL AC 21 61.86 -28.43 -51.54
C VAL AC 21 63.11 -28.77 -50.75
N ALA AC 22 63.77 -29.86 -51.11
CA ALA AC 22 64.97 -30.28 -50.40
C ALA AC 22 66.11 -29.32 -50.66
N LYS AC 23 66.94 -29.10 -49.63
CA LYS AC 23 68.10 -28.24 -49.78
C LYS AC 23 69.14 -28.90 -50.68
N GLN AC 24 69.86 -28.07 -51.42
CA GLN AC 24 70.88 -28.54 -52.35
C GLN AC 24 72.23 -28.58 -51.62
N ASP AC 25 72.83 -29.77 -51.57
CA ASP AC 25 74.13 -29.92 -50.93
C ASP AC 25 75.21 -29.25 -51.77
N LYS AC 26 76.08 -28.51 -51.10
CA LYS AC 26 77.17 -27.81 -51.78
C LYS AC 26 78.43 -27.87 -50.91
N LYS AC 27 79.56 -27.57 -51.53
CA LYS AC 27 80.82 -27.55 -50.80
C LYS AC 27 80.77 -26.55 -49.67
N LYS AC 28 81.25 -26.96 -48.49
CA LYS AC 28 81.21 -26.09 -47.33
C LYS AC 28 82.24 -24.96 -47.47
N LYS AC 29 81.97 -23.87 -46.77
CA LYS AC 29 82.90 -22.75 -46.73
C LYS AC 29 83.98 -23.01 -45.68
N PRO AC 30 85.12 -22.31 -45.79
CA PRO AC 30 86.15 -22.44 -44.75
C PRO AC 30 85.64 -21.93 -43.42
N ARG AC 31 86.31 -22.35 -42.35
CA ARG AC 31 85.93 -22.02 -40.99
C ARG AC 31 87.00 -21.17 -40.33
N GLY AC 32 86.56 -20.30 -39.41
CA GLY AC 32 87.51 -19.55 -38.60
C GLY AC 32 88.32 -18.57 -39.43
N ARG AC 33 89.64 -18.65 -39.27
CA ARG AC 33 90.53 -17.69 -39.92
C ARG AC 33 90.37 -17.72 -41.44
N ALA AC 34 90.25 -18.92 -42.01
CA ALA AC 34 90.12 -19.03 -43.46
C ALA AC 34 88.87 -18.30 -43.96
N HIS AC 35 87.77 -18.39 -43.21
CA HIS AC 35 86.55 -17.70 -43.61
C HIS AC 35 86.77 -16.20 -43.68
N LYS AC 36 87.45 -15.63 -42.68
CA LYS AC 36 87.75 -14.21 -42.70
C LYS AC 36 88.71 -13.83 -43.80
N ARG AC 37 89.54 -14.77 -44.26
CA ARG AC 37 90.47 -14.47 -45.35
C ARG AC 37 89.73 -14.20 -46.64
N MET AC 38 88.80 -15.09 -47.01
CA MET AC 38 88.02 -14.88 -48.23
C MET AC 38 87.09 -13.67 -48.08
N GLN AC 39 86.51 -13.50 -46.89
CA GLN AC 39 85.67 -12.33 -46.65
C GLN AC 39 86.47 -11.04 -46.79
N TYR AC 40 87.77 -11.08 -46.48
CA TYR AC 40 88.61 -9.90 -46.62
C TYR AC 40 88.99 -9.65 -48.08
N ASN AC 41 89.23 -10.72 -48.84
CA ASN AC 41 89.59 -10.56 -50.25
C ASN AC 41 88.40 -10.12 -51.09
N ARG AC 42 87.19 -10.52 -50.71
CA ARG AC 42 86.00 -10.22 -51.48
C ARG AC 42 85.44 -8.83 -51.21
N ARG AC 43 86.01 -8.09 -50.25
CA ARG AC 43 85.52 -6.76 -49.90
C ARG AC 43 86.58 -5.68 -49.99
N PHE AC 44 87.85 -6.02 -50.02
CA PHE AC 44 88.92 -5.02 -50.08
C PHE AC 44 89.85 -5.27 -51.26
N VAL AC 45 90.07 -6.55 -51.59
CA VAL AC 45 91.00 -6.88 -52.67
C VAL AC 45 90.32 -7.03 -54.02
N THR AC 46 89.01 -7.26 -54.05
CA THR AC 46 88.28 -7.37 -55.30
C THR AC 46 86.93 -6.66 -55.21
N ARG AC 55 76.15 -1.39 -55.72
CA ARG AC 55 75.62 -2.74 -55.59
C ARG AC 55 75.99 -3.34 -54.23
N GLY AC 56 75.00 -3.92 -53.55
CA GLY AC 56 75.24 -4.55 -52.27
C GLY AC 56 75.77 -5.95 -52.42
N PRO AC 57 76.13 -6.56 -51.30
CA PRO AC 57 76.66 -7.94 -51.34
C PRO AC 57 75.70 -8.93 -51.96
N ASN AC 58 74.39 -8.76 -51.80
CA ASN AC 58 73.40 -9.71 -52.27
C ASN AC 58 72.47 -9.07 -53.30
N SER AC 59 72.98 -8.12 -54.08
CA SER AC 59 72.17 -7.47 -55.10
C SER AC 59 71.73 -8.48 -56.15
N SER AC 60 70.53 -8.28 -56.68
CA SER AC 60 69.97 -9.17 -57.70
C SER AC 60 70.40 -8.71 -59.10
N GLU AC 61 71.71 -8.65 -59.29
CA GLU AC 61 72.27 -8.24 -60.57
C GLU AC 61 72.15 -9.36 -61.60
N VAL BC 2 67.28 38.94 1.72
CA VAL BC 2 68.29 39.90 2.25
C VAL BC 2 69.66 39.58 1.67
N ARG BC 3 70.62 40.47 1.88
CA ARG BC 3 71.99 40.24 1.44
C ARG BC 3 72.58 39.07 2.21
N VAL BC 4 72.86 37.98 1.51
CA VAL BC 4 73.44 36.79 2.11
C VAL BC 4 74.93 36.71 1.85
N SER BC 5 75.35 36.86 0.59
CA SER BC 5 76.74 36.77 0.18
C SER BC 5 77.14 38.06 -0.52
N VAL BC 6 77.88 38.92 0.20
CA VAL BC 6 78.37 40.15 -0.41
C VAL BC 6 79.34 39.85 -1.53
N LEU BC 7 80.09 38.74 -1.42
CA LEU BC 7 81.02 38.36 -2.47
C LEU BC 7 80.27 38.05 -3.76
N ASN BC 8 79.12 37.38 -3.67
CA ASN BC 8 78.35 37.06 -4.86
C ASN BC 8 77.88 38.33 -5.58
N ASP BC 9 77.40 39.31 -4.82
CA ASP BC 9 76.98 40.57 -5.44
C ASP BC 9 78.14 41.26 -6.10
N ALA BC 10 79.31 41.27 -5.45
CA ALA BC 10 80.48 41.92 -6.03
C ALA BC 10 80.90 41.25 -7.34
N LEU BC 11 80.98 39.92 -7.34
CA LEU BC 11 81.42 39.23 -8.55
C LEU BC 11 80.34 39.25 -9.63
N LYS BC 12 79.07 39.14 -9.22
CA LYS BC 12 78.00 39.20 -10.20
C LYS BC 12 77.95 40.56 -10.89
N SER BC 13 78.14 41.65 -10.12
CA SER BC 13 78.16 42.97 -10.72
C SER BC 13 79.31 43.12 -11.71
N MET BC 14 80.50 42.63 -11.34
CA MET BC 14 81.63 42.71 -12.26
C MET BC 14 81.38 41.91 -13.52
N TYR BC 15 80.83 40.70 -13.38
CA TYR BC 15 80.59 39.86 -14.55
C TYR BC 15 79.58 40.51 -15.50
N ASN BC 16 78.50 41.06 -14.96
CA ASN BC 16 77.52 41.75 -15.81
C ASN BC 16 78.13 42.98 -16.47
N ALA BC 17 78.90 43.77 -15.72
CA ALA BC 17 79.53 44.96 -16.28
C ALA BC 17 80.53 44.58 -17.37
N GLU BC 18 81.32 43.53 -17.16
CA GLU BC 18 82.31 43.13 -18.14
C GLU BC 18 81.66 42.73 -19.45
N LYS BC 19 80.56 41.97 -19.38
CA LYS BC 19 79.86 41.58 -20.60
C LYS BC 19 79.27 42.78 -21.32
N ALA BC 20 78.76 43.76 -20.59
CA ALA BC 20 78.22 44.96 -21.20
C ALA BC 20 79.31 45.86 -21.79
N GLY BC 21 80.58 45.56 -21.52
CA GLY BC 21 81.66 46.36 -22.05
C GLY BC 21 81.98 47.61 -21.27
N LYS BC 22 81.57 47.70 -20.01
CA LYS BC 22 81.88 48.86 -19.19
C LYS BC 22 83.34 48.85 -18.78
N ALA BC 23 83.88 50.06 -18.54
CA ALA BC 23 85.24 50.21 -18.08
C ALA BC 23 85.35 50.23 -16.57
N GLN BC 24 84.33 50.73 -15.88
CA GLN BC 24 84.31 50.79 -14.42
C GLN BC 24 83.04 50.17 -13.89
N VAL BC 25 83.09 49.72 -12.65
CA VAL BC 25 81.93 49.15 -11.96
C VAL BC 25 82.11 49.40 -10.48
N GLU BC 26 81.00 49.71 -9.81
CA GLU BC 26 81.01 49.98 -8.38
C GLU BC 26 80.49 48.77 -7.62
N LEU BC 27 81.21 48.39 -6.56
CA LEU BC 27 80.83 47.26 -5.71
C LEU BC 27 80.46 47.79 -4.34
N ARG BC 28 79.25 47.43 -3.88
CA ARG BC 28 78.76 47.85 -2.58
C ARG BC 28 77.88 46.73 -2.05
N PRO BC 29 78.07 46.30 -0.79
CA PRO BC 29 79.07 46.77 0.17
C PRO BC 29 80.46 46.21 -0.10
N SER BC 30 81.47 46.73 0.60
CA SER BC 30 82.83 46.24 0.52
C SER BC 30 83.15 45.36 1.72
N SER BC 31 84.09 44.44 1.53
CA SER BC 31 84.55 43.58 2.61
C SER BC 31 85.99 43.19 2.35
N LYS BC 32 86.69 42.80 3.41
CA LYS BC 32 88.07 42.35 3.26
C LYS BC 32 88.17 41.06 2.47
N VAL BC 33 87.10 40.26 2.42
CA VAL BC 33 87.09 39.08 1.57
C VAL BC 33 87.04 39.48 0.11
N ILE BC 34 86.22 40.48 -0.22
CA ILE BC 34 86.15 40.95 -1.60
C ILE BC 34 87.48 41.54 -2.04
N ILE BC 35 88.10 42.35 -1.17
CA ILE BC 35 89.36 42.98 -1.52
C ILE BC 35 90.43 41.94 -1.80
N LYS BC 36 90.53 40.93 -0.94
CA LYS BC 36 91.52 39.89 -1.15
C LYS BC 36 91.22 39.07 -2.40
N PHE BC 37 89.93 38.85 -2.69
CA PHE BC 37 89.57 38.16 -3.93
C PHE BC 37 90.00 38.96 -5.15
N LEU BC 38 89.79 40.29 -5.10
CA LEU BC 38 90.21 41.13 -6.21
C LEU BC 38 91.72 41.11 -6.40
N ILE BC 39 92.46 41.12 -5.29
CA ILE BC 39 93.93 41.13 -5.38
C ILE BC 39 94.41 39.89 -6.13
N VAL BC 40 93.79 38.75 -5.89
CA VAL BC 40 94.18 37.54 -6.61
C VAL BC 40 93.93 37.71 -8.11
N MET BC 41 92.77 38.27 -8.47
CA MET BC 41 92.49 38.53 -9.88
C MET BC 41 93.47 39.57 -10.44
N GLN BC 42 93.77 40.60 -9.66
CA GLN BC 42 94.66 41.65 -10.14
C GLN BC 42 96.07 41.12 -10.40
N LYS BC 43 96.56 40.25 -9.52
CA LYS BC 43 97.91 39.72 -9.67
C LYS BC 43 98.06 38.91 -10.96
N HIS BC 44 96.99 38.29 -11.42
CA HIS BC 44 97.01 37.50 -12.65
C HIS BC 44 96.59 38.30 -13.87
N GLY BC 45 96.47 39.62 -13.74
CA GLY BC 45 96.14 40.47 -14.87
C GLY BC 45 94.75 40.26 -15.44
N TYR BC 46 93.74 40.08 -14.57
CA TYR BC 46 92.37 39.98 -15.00
C TYR BC 46 91.55 41.22 -14.72
N ILE BC 47 92.02 42.09 -13.83
CA ILE BC 47 91.40 43.39 -13.59
C ILE BC 47 92.52 44.43 -13.49
N GLY BC 48 92.13 45.68 -13.68
CA GLY BC 48 93.09 46.77 -13.59
C GLY BC 48 93.28 47.26 -12.17
N ASP BC 49 93.18 48.57 -11.98
CA ASP BC 49 93.31 49.19 -10.67
C ASP BC 49 91.93 49.41 -10.09
N PHE BC 50 91.74 48.98 -8.84
CA PHE BC 50 90.49 49.21 -8.13
C PHE BC 50 90.76 50.06 -6.89
N GLN BC 51 89.81 50.92 -6.56
CA GLN BC 51 89.97 51.91 -5.51
C GLN BC 51 88.86 51.74 -4.48
N TYR BC 52 89.23 51.76 -3.21
CA TYR BC 52 88.29 51.63 -2.11
C TYR BC 52 87.90 53.01 -1.60
N VAL BC 53 86.60 53.26 -1.48
CA VAL BC 53 86.07 54.53 -1.01
C VAL BC 53 85.55 54.33 0.40
N ASP BC 54 85.97 55.18 1.32
CA ASP BC 54 85.54 55.12 2.71
C ASP BC 54 84.31 55.99 2.90
N ASP BC 55 83.20 55.37 3.29
CA ASP BC 55 81.96 56.08 3.57
C ASP BC 55 81.53 55.97 5.02
N HIS BC 56 82.41 55.50 5.90
CA HIS BC 56 82.19 55.35 7.34
C HIS BC 56 81.18 54.27 7.69
N ARG BC 57 80.60 53.56 6.72
CA ARG BC 57 79.65 52.50 7.03
C ARG BC 57 80.15 51.12 6.63
N VAL BC 58 80.39 50.88 5.35
CA VAL BC 58 80.99 49.62 4.91
C VAL BC 58 82.04 49.88 3.84
N GLY BC 59 82.02 51.07 3.25
CA GLY BC 59 82.91 51.40 2.16
C GLY BC 59 82.38 50.93 0.82
N LYS BC 60 83.06 51.35 -0.24
CA LYS BC 60 82.69 50.99 -1.60
C LYS BC 60 83.97 50.81 -2.42
N ILE BC 61 83.86 50.03 -3.49
CA ILE BC 61 84.99 49.74 -4.36
C ILE BC 61 84.60 50.03 -5.80
N VAL BC 62 85.47 50.74 -6.52
CA VAL BC 62 85.32 50.96 -7.95
C VAL BC 62 86.45 50.20 -8.62
N VAL BC 63 86.10 49.32 -9.56
CA VAL BC 63 87.05 48.41 -10.19
C VAL BC 63 87.17 48.79 -11.67
N GLU BC 64 88.41 48.95 -12.13
CA GLU BC 64 88.68 49.20 -13.53
C GLU BC 64 88.80 47.88 -14.28
N LEU BC 65 88.03 47.73 -15.36
CA LEU BC 65 88.02 46.53 -16.16
C LEU BC 65 88.86 46.71 -17.41
N ASN BC 66 89.50 45.62 -17.85
CA ASN BC 66 90.38 45.64 -19.01
C ASN BC 66 89.92 44.70 -20.11
N GLY BC 67 88.77 44.06 -19.98
CA GLY BC 67 88.24 43.21 -21.02
C GLY BC 67 88.83 41.81 -21.08
N ARG BC 68 89.69 41.44 -20.13
CA ARG BC 68 90.30 40.12 -20.12
C ARG BC 68 89.50 39.09 -19.34
N LEU BC 69 88.47 39.52 -18.60
CA LEU BC 69 87.74 38.63 -17.70
C LEU BC 69 86.57 38.00 -18.44
N ASN BC 70 86.61 36.68 -18.60
CA ASN BC 70 85.50 35.96 -19.23
C ASN BC 70 84.34 35.80 -18.26
N LYS BC 71 84.60 35.22 -17.09
CA LYS BC 71 83.56 35.04 -16.09
C LYS BC 71 84.20 34.94 -14.71
N CYS BC 72 83.44 35.37 -13.70
CA CYS BC 72 83.86 35.26 -12.32
C CYS BC 72 82.61 35.04 -11.46
N GLY BC 73 82.64 34.01 -10.62
CA GLY BC 73 81.51 33.70 -9.78
C GLY BC 73 81.93 32.98 -8.51
N VAL BC 74 81.04 33.02 -7.52
CA VAL BC 74 81.25 32.36 -6.25
C VAL BC 74 80.81 30.90 -6.35
N ILE BC 75 81.24 30.08 -5.40
CA ILE BC 75 80.72 28.74 -5.20
C ILE BC 75 80.06 28.72 -3.84
N SER BC 76 78.75 28.47 -3.81
CA SER BC 76 77.99 28.46 -2.57
C SER BC 76 77.22 27.15 -2.48
N PRO BC 77 77.28 26.44 -1.34
CA PRO BC 77 78.01 26.79 -0.12
C PRO BC 77 79.53 26.61 -0.29
N ARG BC 78 80.30 27.08 0.69
CA ARG BC 78 81.75 27.01 0.63
C ARG BC 78 82.19 25.63 1.10
N PHE BC 79 82.27 24.70 0.15
CA PHE BC 79 82.65 23.33 0.46
C PHE BC 79 84.11 23.26 0.90
N ASP BC 80 84.40 22.29 1.76
CA ASP BC 80 85.78 22.00 2.12
C ASP BC 80 86.51 21.33 0.97
N VAL BC 81 87.76 21.72 0.75
CA VAL BC 81 88.57 21.18 -0.34
C VAL BC 81 89.96 20.90 0.19
N GLY BC 82 90.31 19.62 0.35
CA GLY BC 82 91.68 19.26 0.64
C GLY BC 82 92.54 19.32 -0.60
N VAL BC 83 93.85 19.21 -0.38
CA VAL BC 83 94.81 19.32 -1.49
C VAL BC 83 94.53 18.23 -2.52
N ALA BC 84 94.21 17.02 -2.06
CA ALA BC 84 93.99 15.91 -2.98
C ALA BC 84 92.75 16.13 -3.84
N THR BC 85 91.77 16.90 -3.36
CA THR BC 85 90.52 17.10 -4.08
C THR BC 85 90.53 18.36 -4.95
N ILE BC 86 91.64 19.09 -4.99
CA ILE BC 86 91.70 20.29 -5.83
C ILE BC 86 91.59 19.91 -7.30
N GLU BC 87 92.18 18.78 -7.69
CA GLU BC 87 92.17 18.39 -9.09
C GLU BC 87 90.75 18.19 -9.61
N GLY BC 88 89.89 17.57 -8.80
CA GLY BC 88 88.52 17.35 -9.23
C GLY BC 88 87.76 18.64 -9.45
N TRP BC 89 87.95 19.62 -8.56
CA TRP BC 89 87.25 20.89 -8.70
C TRP BC 89 87.68 21.64 -9.96
N THR BC 90 88.98 21.62 -10.27
CA THR BC 90 89.46 22.31 -11.47
C THR BC 90 88.86 21.70 -12.73
N ALA BC 91 88.74 20.38 -12.77
CA ALA BC 91 88.15 19.71 -13.92
C ALA BC 91 86.69 20.08 -14.11
N ARG BC 92 86.03 20.60 -13.08
CA ARG BC 92 84.62 20.97 -13.14
C ARG BC 92 84.39 22.44 -13.45
N LEU BC 93 85.18 23.34 -12.85
CA LEU BC 93 84.90 24.76 -12.90
C LEU BC 93 85.72 25.53 -13.93
N LEU BC 94 86.84 24.96 -14.41
CA LEU BC 94 87.75 25.74 -15.25
C LEU BC 94 87.64 25.30 -16.71
N PRO BC 95 87.85 26.23 -17.66
CA PRO BC 95 87.73 25.85 -19.08
C PRO BC 95 88.69 24.76 -19.50
N SER BC 96 89.91 24.76 -18.97
CA SER BC 96 90.90 23.78 -19.36
C SER BC 96 91.95 23.67 -18.27
N ARG BC 97 92.95 22.83 -18.49
CA ARG BC 97 94.05 22.60 -17.56
C ARG BC 97 95.21 23.57 -17.78
N GLN BC 98 94.97 24.71 -18.42
CA GLN BC 98 96.03 25.64 -18.76
C GLN BC 98 95.80 27.06 -18.26
N PHE BC 99 94.57 27.46 -17.95
CA PHE BC 99 94.31 28.78 -17.42
C PHE BC 99 93.03 28.75 -16.61
N GLY BC 100 92.82 29.78 -15.81
CA GLY BC 100 91.69 29.85 -14.91
C GLY BC 100 92.07 29.45 -13.49
N TYR BC 101 91.57 30.17 -12.50
CA TYR BC 101 91.96 29.99 -11.11
C TYR BC 101 90.73 29.83 -10.23
N ILE BC 102 90.82 28.91 -9.28
CA ILE BC 102 89.82 28.73 -8.24
C ILE BC 102 90.37 29.37 -6.97
N VAL BC 103 89.64 30.31 -6.40
CA VAL BC 103 90.08 31.02 -5.21
C VAL BC 103 89.62 30.26 -3.97
N LEU BC 104 90.57 29.94 -3.10
CA LEU BC 104 90.30 29.20 -1.87
C LEU BC 104 90.65 30.07 -0.68
N THR BC 105 89.91 29.87 0.40
CA THR BC 105 90.23 30.49 1.70
C THR BC 105 90.83 29.40 2.58
N THR BC 106 92.10 29.56 2.93
CA THR BC 106 92.84 28.60 3.73
C THR BC 106 93.36 29.27 4.99
N SER BC 107 93.86 28.46 5.92
CA SER BC 107 94.44 29.01 7.13
C SER BC 107 95.63 29.91 6.84
N ALA BC 108 96.25 29.76 5.67
CA ALA BC 108 97.36 30.60 5.26
C ALA BC 108 96.91 31.85 4.51
N GLY BC 109 95.61 32.04 4.32
CA GLY BC 109 95.07 33.19 3.63
C GLY BC 109 94.35 32.80 2.35
N ILE BC 110 93.75 33.81 1.72
CA ILE BC 110 93.01 33.62 0.48
C ILE BC 110 94.01 33.56 -0.68
N MET BC 111 93.91 32.51 -1.48
CA MET BC 111 94.86 32.29 -2.57
C MET BC 111 94.20 31.43 -3.64
N ASP BC 112 94.82 31.41 -4.82
CA ASP BC 112 94.36 30.57 -5.91
C ASP BC 112 94.80 29.13 -5.69
N HIS BC 113 94.18 28.22 -6.45
CA HIS BC 113 94.44 26.79 -6.24
C HIS BC 113 95.87 26.42 -6.59
N GLU BC 114 96.48 27.11 -7.56
CA GLU BC 114 97.88 26.82 -7.90
C GLU BC 114 98.79 27.12 -6.73
N GLU BC 115 98.57 28.25 -6.05
CA GLU BC 115 99.37 28.57 -4.88
C GLU BC 115 99.11 27.59 -3.74
N ALA BC 116 97.87 27.12 -3.62
CA ALA BC 116 97.55 26.17 -2.55
C ALA BC 116 98.33 24.87 -2.71
N ARG BC 117 98.47 24.39 -3.94
CA ARG BC 117 99.26 23.18 -4.18
C ARG BC 117 100.71 23.38 -3.81
N ARG BC 118 101.28 24.54 -4.15
CA ARG BC 118 102.68 24.81 -3.81
C ARG BC 118 102.88 24.80 -2.30
N LYS BC 119 101.97 25.42 -1.56
CA LYS BC 119 102.05 25.42 -0.10
C LYS BC 119 101.45 24.16 0.53
N ASN BC 120 100.77 23.34 -0.27
CA ASN BC 120 100.17 22.09 0.23
C ASN BC 120 99.22 22.38 1.39
N VAL BC 121 98.30 23.32 1.17
CA VAL BC 121 97.32 23.72 2.18
C VAL BC 121 95.94 23.65 1.55
N GLY BC 122 94.99 23.06 2.29
CA GLY BC 122 93.61 23.02 1.86
C GLY BC 122 92.76 24.10 2.53
N GLY BC 123 91.49 24.12 2.18
CA GLY BC 123 90.57 25.08 2.75
C GLY BC 123 89.16 24.98 2.18
N LYS BC 124 88.57 26.14 1.89
CA LYS BC 124 87.21 26.20 1.36
C LYS BC 124 87.19 27.04 0.08
N VAL BC 125 86.25 26.74 -0.80
CA VAL BC 125 86.14 27.42 -2.08
C VAL BC 125 85.37 28.71 -1.89
N LEU BC 126 85.96 29.83 -2.35
CA LEU BC 126 85.26 31.10 -2.40
C LEU BC 126 84.63 31.33 -3.77
N GLY BC 127 85.40 31.13 -4.83
CA GLY BC 127 84.88 31.37 -6.17
C GLY BC 127 85.89 30.95 -7.22
N PHE BC 128 85.72 31.52 -8.41
CA PHE BC 128 86.60 31.20 -9.52
C PHE BC 128 86.53 32.34 -10.54
N PHE BC 129 87.51 32.37 -11.42
CA PHE BC 129 87.52 33.34 -12.51
C PHE BC 129 88.45 32.86 -13.61
N TYR BC 130 88.18 33.32 -14.83
CA TYR BC 130 88.99 32.97 -15.98
C TYR BC 130 88.59 33.81 -17.18
#